data_7DR2
#
_entry.id   7DR2
#
_cell.length_a   1.00
_cell.length_b   1.00
_cell.length_c   1.00
_cell.angle_alpha   90.00
_cell.angle_beta   90.00
_cell.angle_gamma   90.00
#
_symmetry.space_group_name_H-M   'P 1'
#
loop_
_entity.id
_entity.type
_entity.pdbx_description
1 polymer 'Photosystem I P700 chlorophyll a apoprotein A1'
2 polymer 'Photosystem I P700 chlorophyll a apoprotein A2'
3 polymer 'Photosystem I iron-sulfur center'
4 polymer 'Photosystem I reaction center subunit II, cyanelle'
5 polymer 'Photosystem I reaction center subunit IV'
6 polymer 'Photosystem I reaction center subunit III'
7 polymer 'Photosystem I reaction center subunit VIII'
8 polymer 'Photosystem I reaction center subunit IX'
9 polymer 'Photosystem I reaction center subunit PsaK 1'
10 polymer 'Photosystem I reaction center subunit XI'
11 polymer 'Photosystem I reaction center subunit XII'
12 non-polymer 'CHLOROPHYLL A ISOMER'
13 non-polymer 'CHLOROPHYLL A'
14 non-polymer PHYLLOQUINONE
15 non-polymer BETA-CAROTENE
16 non-polymer 1,2-DIPALMITOYL-PHOSPHATIDYL-GLYCEROLE
17 non-polymer 'IRON/SULFUR CLUSTER'
18 non-polymer 1,2-DISTEAROYL-MONOGALACTOSYL-DIGLYCERIDE
#
loop_
_entity_poly.entity_id
_entity_poly.type
_entity_poly.pdbx_seq_one_letter_code
_entity_poly.pdbx_strand_id
1 'polypeptide(L)'
;MRISPPEREAKKVKIVIDKDPVSTSFDKWAVPGHFSRTLAKGPKTTTWIWNLHADVHDFDSYTSDLEEVSRKIFSAHFGH
LAVVFIWLSGAYFHGARFSNYEAWLSNPTTIKPSAQVVWPIVGQEILNGDVGGGFQGIQITSGLFQMWRASGITTELQLY
VTAIGALVMAALMLFAGWFHYHKAAPKLEWFQNAESMMNHHLGGLFGLGSLSWAGHQIHVSLPVNKLLDSGVSPQEIPLP
HEFILNKDLIAQLYPSFGQGLTPFFTLNWNEYSDFLTFKGGLNPVTGGLWLSDSAHHHLAIAVLFIVAGHMYRTNWGIGH
SMKEMYDSHKGPFTGEGHKGVYEIFTNSWHAQLSLNLALFGSLSIIVAHHMYSMPPYPYLATDYATSLCLFTHHVWIGGF
LIVGAGAHAAIFMVRDYDPAQNYNNLVDRVLRHRDAIISHLNWVCIFLGFHSFGLYIHNDTMRALGRPQDMFSDAAIQLQ
PVFAQWVQGVNSAAAGNTAPNALANASYAFGGDIVSVGGKVAMMPISLGTADFLVHHIHAFTIHVTVLILLKGVLFARNS
RLIPDKANLGFRFPCDGPGRGGTCQVSAWDHVFLGLFWMYNSLSVVLFHFSWKMQSDVWGNVTADGAVSHITGNNFAQGA
ITINGWLRDFLWAQASQVIQSYGSALSAYGLMFLGAHFIWAFSLMFLFSGRGYWQELIESIVWAHNKLKFAPSIQPRALS
ITQGRAVGVAHYLLGGIATTWSFFHARIISVG
;
aA,bA,cA,dA
2 'polypeptide(L)'
;MGTKFPKASQALAQDPTTRRIWYGIATANDFETNDGITEENLYQKIFASHFGHLAIIFLWTSGNLFHVAWQGNFEQWVKD
PLNTRPIAHAISDPHFGQRAIEAFSQAGASSPVNISYSGVYQWWYTQGMRTNEELYNGAIFLLILSALSLFAGWLHLQPK
FRPNLSWFKNAESRLNHHLGGLFGTSSLAWTGHIVHVAIPESRGQHVGWDNFLQVAPHPAGLQPFFTGNWGVYTENPDTA
NHVFGSSDGAGTAILTFLGGFHPQTQSLWLTDIAHHHLAIAVLFIVAGHMYRTNFGIGHSIKEILNGHRPPGGRLGAGHV
GLYDTVNNSLHFQLGLALAALGVITSLVAQHMYSIPPYAYLARDFTTQAALYTHHQYIAGFLMVGAFAHGAIFLVRDYDA
EQNKNNVLARIIDHKEAIISHLSWVSLFLGFHTLGLYVHNDVVQAFGTPEKQILIEPVFAQWIQSVHGKSLYGFEVLLNN
ADSITRVAPGSAQPIWLPGWLDAINSGNNSLFLTIGPGDFLVHHAIALGLHTTTLILVKGALDARGSKLMPDKKDFGYSF
PCDGPGRGGTCDISAWDAFYLAVFWMLNTIGWTTFYWHWKHLGVWQGNVAQFNESSTYLMGWFRDYLWLNSSQLINGYNP
FGMNNLSVWAWMFLFGHLIWATGFMFLISWRGYWQELIETLVWAHERTPLANLVRWKDKPVALSIVQARLVGLAHFAVGY
IVTYAAFLIASTASKFG
;
aB,bB,cB,dB
3 'polypeptide(L)'
;MAHTVKIYDTCIGCTQCVRACPTDVLEMVPWDGCRANQIASAPRTEDCVGCKRCESACPTDFLSIRVYLGAETTRSMGLG
Y
;
aC,bC,cC,dC
4 'polypeptide(L)'
;MNAFVASVAPIAVAGSATLSSAVCAQKKAFFGAQVAAKKTTFEAAPARFIVRAEEEEAAPAEKVEKKAAAPKPFSVPTLN
LNAPTPIFGGSTGGLLRKAEVEEFYSITWTGKSETVFELPTGGAAIMRAGENLLRLARKEQCIALGAQLKDKFKITDYKI
YRVYPSGEVQFLHPKDGVFPEKVNPGRVAVGSNKRRIGQNPDPAKLKFKGQETFDSDLKL
;
aD,bD,cD,dD
5 'polypeptide(L)' MVQRGSKVRILRKESYWYQEIGTVASIDQSGIKYPVIVRFEKVNYSNVNSNNFSLDEVVEVEPPPSKKKA aE,bE,cE,dE
6 'polypeptide(L)'
;MRKLFLLMFCLSGLILTTDIRPVRADVAGLIPCSQSDAFERRLKNTTQRLENRLKKYEPGSAPAEALQKQIDKTQQRFDK
YRNSGLLCGADGLPHLITDGRWSHAGEFTIPGLLFLYIAGFIGWSGRSYLQAVAASDNSTEKEIIIDIPVALQSVSKGFV
WPLAALQEFSSGKLTARDEEITISPR
;
aF,bF,cF,dF
7 'polypeptide(L)' MVSNLPSILVPMVGIVLPAIVMALLFVYIETDEIA aI,bI,cI,dI
8 'polypeptide(L)' MSFSKYLSTAPVIGTLTAFFLAGLLIEINRFNPDLLVYPF aJ,bJ,cJ,dJ
9 'polypeptide(L)'
;MAFVAPAPLAPARKFDAAQARNVCIRGAAVRPAAKPAAQPAVSFEVEAADKKAKFVAAASVASAIFLAHTGAAHAAEMVP
VIAGAMTQSVGEAAEKSFVMLASVLFAGAVGGPGIKMKGQGPAWPFNAQIPFTPSEFLAVTALGHIIGTGVILGIGL
;
aK,cK
10 'polypeptide(L)'
;MAKDAVKPFYDDAFIGHLSTPISNSSAVNGLLANLPAYRKGLTPRLRGLEIGMAHGYFLTGPFVELGPLRNTDGGILYGS
LSAVGLVVILTACLALYGKANFSGSSKSKDATLWESGEGWSDFVSGWLIGGAGSVGFAYLLLQYIL
;
aL,bL,cL,dL
11 'polypeptide(L)' MLADGQIFTALAVALVPGILALRLALELYKF aM,bM,cM,dM
#
loop_
_chem_comp.id
_chem_comp.type
_chem_comp.name
_chem_comp.formula
BCR non-polymer BETA-CAROTENE 'C40 H56'
CL0 non-polymer 'CHLOROPHYLL A ISOMER' 'C55 H72 Mg N4 O5 2'
CLA non-polymer 'CHLOROPHYLL A' 'C55 H72 Mg N4 O5'
LHG non-polymer 1,2-DIPALMITOYL-PHOSPHATIDYL-GLYCEROLE 'C38 H75 O10 P'
LMG non-polymer 1,2-DISTEAROYL-MONOGALACTOSYL-DIGLYCERIDE 'C45 H86 O10'
PQN non-polymer PHYLLOQUINONE 'C31 H46 O2'
SF4 non-polymer 'IRON/SULFUR CLUSTER' 'Fe4 S4'
#
# COMPACT_ATOMS: atom_id res chain seq x y z
N LYS A 14 -28.86 3.77 17.27
CA LYS A 14 -29.65 4.67 16.43
C LYS A 14 -30.25 5.82 17.25
N ILE A 15 -30.28 7.02 16.68
CA ILE A 15 -30.70 8.22 17.37
C ILE A 15 -32.15 8.51 17.01
N VAL A 16 -33.02 8.58 18.02
CA VAL A 16 -34.46 8.81 17.84
C VAL A 16 -34.95 9.75 18.93
N ILE A 17 -35.35 10.95 18.53
CA ILE A 17 -35.66 12.06 19.43
C ILE A 17 -36.87 12.82 18.89
N ASP A 18 -37.82 13.13 19.78
CA ASP A 18 -38.92 14.04 19.48
C ASP A 18 -38.58 15.43 20.04
N LYS A 19 -39.20 16.46 19.50
CA LYS A 19 -38.87 17.85 19.84
C LYS A 19 -39.90 18.42 20.82
N ASP A 20 -39.42 19.28 21.75
CA ASP A 20 -40.08 20.00 22.83
C ASP A 20 -41.21 19.26 23.56
N PRO A 21 -40.93 18.14 24.22
CA PRO A 21 -42.02 17.44 24.91
C PRO A 21 -42.47 18.11 26.21
N VAL A 22 -41.61 18.94 26.81
CA VAL A 22 -41.91 19.59 28.08
C VAL A 22 -41.64 21.08 27.96
N SER A 23 -42.66 21.89 28.20
CA SER A 23 -42.58 23.34 28.07
C SER A 23 -42.03 23.95 29.35
N THR A 24 -41.25 25.03 29.18
CA THR A 24 -40.52 25.65 30.28
C THR A 24 -41.36 26.78 30.89
N SER A 25 -42.58 26.43 31.28
CA SER A 25 -43.53 27.38 31.84
C SER A 25 -43.64 27.16 33.34
N PHE A 26 -43.68 28.28 34.08
CA PHE A 26 -43.58 28.28 35.53
C PHE A 26 -44.91 27.96 36.22
N ASP A 27 -45.95 27.56 35.47
CA ASP A 27 -47.27 27.38 36.06
C ASP A 27 -47.32 26.17 36.99
N LYS A 28 -46.50 25.17 36.72
CA LYS A 28 -46.43 23.98 37.57
C LYS A 28 -45.39 24.10 38.67
N TRP A 29 -44.69 25.24 38.76
CA TRP A 29 -43.88 25.50 39.93
C TRP A 29 -44.70 25.83 41.15
N ALA A 30 -45.68 26.74 41.01
CA ALA A 30 -46.40 27.29 42.15
C ALA A 30 -47.31 26.26 42.80
N VAL A 31 -48.26 25.72 42.04
CA VAL A 31 -49.20 24.73 42.57
C VAL A 31 -48.51 23.38 42.67
N PRO A 32 -48.31 22.85 43.87
CA PRO A 32 -47.58 21.60 44.02
C PRO A 32 -48.49 20.40 43.77
N GLY A 33 -47.88 19.22 43.69
CA GLY A 33 -48.64 18.02 43.48
C GLY A 33 -49.28 17.89 42.11
N HIS A 34 -48.65 18.46 41.09
CA HIS A 34 -49.22 18.41 39.75
C HIS A 34 -49.11 17.03 39.14
N PHE A 35 -48.14 16.21 39.57
CA PHE A 35 -47.81 15.01 38.84
C PHE A 35 -48.73 13.83 39.12
N SER A 36 -49.42 13.82 40.26
CA SER A 36 -50.29 12.72 40.62
C SER A 36 -51.74 13.06 40.32
N ARG A 37 -52.57 12.01 40.22
CA ARG A 37 -54.00 12.21 40.19
C ARG A 37 -54.61 12.02 41.57
N THR A 38 -53.83 11.57 42.54
CA THR A 38 -54.23 11.72 43.94
C THR A 38 -54.02 13.15 44.40
N LEU A 39 -52.91 13.75 44.00
CA LEU A 39 -52.56 15.11 44.38
C LEU A 39 -53.20 16.10 43.41
N ALA A 40 -52.74 17.35 43.46
CA ALA A 40 -53.33 18.56 42.85
C ALA A 40 -54.76 18.77 43.29
N LYS A 41 -55.11 18.45 44.54
CA LYS A 41 -56.46 18.65 45.02
C LYS A 41 -56.51 19.57 46.24
N GLY A 42 -55.54 19.48 47.13
CA GLY A 42 -55.55 20.28 48.34
C GLY A 42 -55.51 19.42 49.58
N PRO A 43 -54.64 19.80 50.52
CA PRO A 43 -54.56 19.04 51.78
C PRO A 43 -55.72 19.29 52.70
N LYS A 44 -56.63 18.32 52.79
CA LYS A 44 -57.65 18.36 53.81
C LYS A 44 -57.12 17.78 55.11
N THR A 45 -56.00 17.08 55.02
CA THR A 45 -55.25 16.54 56.15
C THR A 45 -53.78 16.88 55.96
N THR A 46 -52.98 16.65 57.01
CA THR A 46 -51.55 16.90 56.96
C THR A 46 -50.79 15.74 56.34
N THR A 47 -51.48 14.64 56.03
CA THR A 47 -50.85 13.53 55.33
C THR A 47 -50.45 13.93 53.91
N TRP A 48 -51.18 14.86 53.30
CA TRP A 48 -50.88 15.33 51.96
C TRP A 48 -49.53 16.03 51.88
N ILE A 49 -49.09 16.67 52.97
CA ILE A 49 -47.79 17.31 52.99
C ILE A 49 -46.68 16.27 52.89
N TRP A 50 -46.86 15.15 53.57
CA TRP A 50 -45.92 14.04 53.48
C TRP A 50 -46.14 13.17 52.26
N ASN A 51 -47.40 12.94 51.87
CA ASN A 51 -47.72 12.17 50.66
C ASN A 51 -47.18 12.84 49.41
N LEU A 52 -47.03 14.17 49.43
CA LEU A 52 -46.33 14.84 48.36
C LEU A 52 -44.84 14.49 48.39
N HIS A 53 -44.15 14.84 49.47
CA HIS A 53 -42.71 14.64 49.60
C HIS A 53 -42.26 13.18 49.57
N ALA A 54 -43.15 12.22 49.81
CA ALA A 54 -42.72 10.83 49.77
C ALA A 54 -42.73 10.30 48.35
N ASP A 55 -43.78 10.58 47.60
CA ASP A 55 -43.98 10.03 46.27
C ASP A 55 -43.64 11.02 45.17
N VAL A 56 -42.64 11.86 45.38
CA VAL A 56 -42.19 12.78 44.35
C VAL A 56 -41.46 12.03 43.23
N HIS A 57 -40.37 11.38 43.55
CA HIS A 57 -39.42 11.00 42.51
C HIS A 57 -39.70 9.64 41.91
N ASP A 58 -40.47 8.77 42.56
CA ASP A 58 -40.81 7.46 41.98
C ASP A 58 -41.80 7.71 40.86
N PHE A 59 -41.27 8.02 39.67
CA PHE A 59 -42.10 8.41 38.55
C PHE A 59 -42.98 7.28 38.02
N ASP A 60 -42.71 6.04 38.41
CA ASP A 60 -43.54 4.94 37.96
C ASP A 60 -44.87 4.89 38.69
N SER A 61 -45.03 5.67 39.76
CA SER A 61 -46.26 5.65 40.52
C SER A 61 -47.40 6.34 39.77
N TYR A 62 -47.09 7.43 39.06
CA TYR A 62 -48.15 8.21 38.45
C TYR A 62 -48.01 8.30 36.93
N THR A 63 -46.80 8.49 36.42
CA THR A 63 -46.59 8.35 34.98
C THR A 63 -46.72 6.89 34.63
N SER A 64 -47.81 6.53 33.96
CA SER A 64 -48.09 5.16 33.57
C SER A 64 -47.60 4.89 32.16
N ASP A 65 -46.53 5.57 31.75
CA ASP A 65 -46.06 5.58 30.37
C ASP A 65 -44.57 5.32 30.37
N LEU A 66 -44.17 4.16 29.85
CA LEU A 66 -42.79 3.71 29.93
C LEU A 66 -41.83 4.60 29.16
N GLU A 67 -42.28 5.23 28.08
CA GLU A 67 -41.46 6.23 27.40
C GLU A 67 -41.28 7.47 28.27
N GLU A 68 -42.37 7.95 28.87
CA GLU A 68 -42.33 9.21 29.61
C GLU A 68 -41.53 9.09 30.90
N VAL A 69 -41.61 7.95 31.58
CA VAL A 69 -40.87 7.80 32.84
C VAL A 69 -39.38 7.72 32.57
N SER A 70 -38.98 7.07 31.47
CA SER A 70 -37.57 6.88 31.16
C SER A 70 -36.90 8.17 30.73
N ARG A 71 -37.68 9.20 30.40
CA ARG A 71 -37.11 10.52 30.15
C ARG A 71 -36.96 11.29 31.45
N LYS A 72 -37.90 11.12 32.37
CA LYS A 72 -37.81 11.78 33.67
C LYS A 72 -36.63 11.22 34.47
N ILE A 73 -36.39 9.93 34.35
CA ILE A 73 -35.22 9.32 34.96
C ILE A 73 -33.94 9.85 34.32
N PHE A 74 -33.97 10.05 33.00
CA PHE A 74 -32.75 10.38 32.28
C PHE A 74 -32.28 11.80 32.58
N SER A 75 -33.22 12.75 32.61
CA SER A 75 -32.87 14.13 32.92
C SER A 75 -32.51 14.32 34.39
N ALA A 76 -33.14 13.58 35.29
CA ALA A 76 -32.85 13.74 36.71
C ALA A 76 -31.47 13.21 37.08
N HIS A 77 -30.94 12.29 36.26
CA HIS A 77 -29.56 11.87 36.44
C HIS A 77 -28.59 12.99 36.14
N PHE A 78 -28.93 13.88 35.20
CA PHE A 78 -28.10 15.06 34.96
C PHE A 78 -28.14 16.02 36.13
N GLY A 79 -29.31 16.15 36.75
CA GLY A 79 -29.41 16.97 37.95
C GLY A 79 -28.59 16.41 39.08
N HIS A 80 -28.54 15.08 39.19
CA HIS A 80 -27.65 14.48 40.18
C HIS A 80 -26.21 14.55 39.72
N LEU A 81 -25.97 14.64 38.41
CA LEU A 81 -24.61 14.95 37.97
C LEU A 81 -24.24 16.38 38.33
N ALA A 82 -25.23 17.27 38.42
CA ALA A 82 -24.95 18.66 38.75
C ALA A 82 -24.54 18.81 40.22
N VAL A 83 -25.31 18.21 41.13
CA VAL A 83 -25.10 18.44 42.56
C VAL A 83 -23.83 17.77 43.07
N VAL A 84 -23.29 16.79 42.34
CA VAL A 84 -21.94 16.35 42.64
C VAL A 84 -20.93 17.42 42.25
N PHE A 85 -21.12 18.00 41.06
CA PHE A 85 -20.18 18.98 40.55
C PHE A 85 -20.26 20.30 41.32
N ILE A 86 -21.41 20.57 41.94
CA ILE A 86 -21.48 21.67 42.91
C ILE A 86 -20.70 21.29 44.16
N TRP A 87 -20.89 20.07 44.63
CA TRP A 87 -20.19 19.60 45.82
C TRP A 87 -18.71 19.33 45.54
N LEU A 88 -18.37 18.93 44.32
CA LEU A 88 -16.95 18.81 43.97
C LEU A 88 -16.30 20.18 43.82
N SER A 89 -17.11 21.22 43.57
CA SER A 89 -16.58 22.57 43.61
C SER A 89 -16.23 22.98 45.04
N GLY A 90 -17.12 22.67 45.99
CA GLY A 90 -16.86 23.02 47.37
C GLY A 90 -15.72 22.25 47.99
N ALA A 91 -15.39 21.09 47.44
CA ALA A 91 -14.18 20.39 47.85
C ALA A 91 -12.96 21.03 47.22
N TYR A 92 -13.13 21.75 46.13
CA TYR A 92 -11.97 22.30 45.41
C TYR A 92 -11.80 23.80 45.65
N PHE A 93 -12.88 24.52 45.93
CA PHE A 93 -12.75 25.94 46.21
C PHE A 93 -12.32 26.17 47.66
N HIS A 94 -12.89 25.42 48.59
CA HIS A 94 -12.51 25.53 50.00
C HIS A 94 -11.12 24.96 50.27
N GLY A 95 -10.52 24.24 49.31
CA GLY A 95 -9.16 23.79 49.46
C GLY A 95 -8.16 24.73 48.82
N ALA A 96 -8.57 25.45 47.79
CA ALA A 96 -7.70 26.48 47.21
C ALA A 96 -7.64 27.72 48.10
N ARG A 97 -8.77 28.02 48.75
CA ARG A 97 -8.90 29.27 49.48
C ARG A 97 -8.52 29.24 50.95
N PHE A 98 -8.97 28.21 51.67
CA PHE A 98 -8.91 28.22 53.13
C PHE A 98 -8.19 27.02 53.71
N SER A 99 -7.08 26.61 53.11
CA SER A 99 -6.41 25.38 53.52
C SER A 99 -4.96 25.65 53.85
N ASN A 100 -4.33 24.70 54.53
CA ASN A 100 -2.89 24.72 54.76
C ASN A 100 -2.17 23.83 53.76
N TYR A 101 -2.66 23.82 52.53
CA TYR A 101 -2.18 22.88 51.53
C TYR A 101 -0.73 23.15 51.15
N GLU A 102 -0.35 24.42 50.92
CA GLU A 102 1.05 24.73 50.67
C GLU A 102 1.89 24.51 51.93
N ALA A 103 1.31 24.81 53.09
CA ALA A 103 1.90 24.36 54.35
C ALA A 103 1.94 22.85 54.46
N TRP A 104 0.99 22.14 53.85
CA TRP A 104 1.06 20.68 53.86
C TRP A 104 2.05 20.17 52.83
N LEU A 105 2.25 20.90 51.74
CA LEU A 105 3.23 20.47 50.75
C LEU A 105 4.67 20.69 51.21
N SER A 106 4.88 21.62 52.16
CA SER A 106 6.22 21.85 52.69
C SER A 106 6.69 20.72 53.59
N ASN A 107 5.84 20.28 54.52
CA ASN A 107 6.17 19.15 55.40
C ASN A 107 4.97 18.22 55.45
N PRO A 108 4.97 17.17 54.61
CA PRO A 108 3.79 16.31 54.52
C PRO A 108 3.60 15.39 55.71
N THR A 109 4.68 14.91 56.33
CA THR A 109 4.57 13.93 57.40
C THR A 109 3.95 14.52 58.66
N THR A 110 4.60 15.52 59.25
CA THR A 110 4.23 16.00 60.57
C THR A 110 2.94 16.80 60.54
N ILE A 111 2.79 17.68 59.56
CA ILE A 111 1.67 18.61 59.53
C ILE A 111 0.40 17.88 59.13
N LYS A 112 -0.59 17.90 60.00
CA LYS A 112 -1.89 17.36 59.63
C LYS A 112 -2.60 18.32 58.68
N PRO A 113 -3.48 17.82 57.81
CA PRO A 113 -4.24 18.73 56.95
C PRO A 113 -5.29 19.49 57.74
N SER A 114 -5.65 20.67 57.23
CA SER A 114 -6.81 21.40 57.72
C SER A 114 -7.38 22.26 56.61
N ALA A 115 -8.69 22.10 56.39
CA ALA A 115 -9.46 23.06 55.64
C ALA A 115 -10.60 23.49 56.55
N GLN A 116 -11.49 24.33 56.01
CA GLN A 116 -12.62 24.93 56.73
C GLN A 116 -12.13 25.66 57.98
N VAL A 117 -11.49 26.81 57.74
CA VAL A 117 -11.30 27.76 58.84
C VAL A 117 -12.67 28.25 59.27
N VAL A 118 -12.85 28.41 60.57
CA VAL A 118 -14.14 28.73 61.15
C VAL A 118 -14.19 30.23 61.40
N TRP A 119 -15.40 30.79 61.42
CA TRP A 119 -15.55 32.24 61.50
C TRP A 119 -15.32 32.73 62.93
N PRO A 120 -14.94 34.00 63.13
CA PRO A 120 -14.77 34.51 64.50
C PRO A 120 -16.09 34.91 65.15
N ILE A 121 -16.77 33.93 65.73
CA ILE A 121 -17.96 34.12 66.55
C ILE A 121 -17.72 33.21 67.75
N VAL A 122 -18.75 32.97 68.58
CA VAL A 122 -18.74 32.77 70.03
C VAL A 122 -17.58 31.97 70.64
N GLY A 123 -16.91 31.14 69.86
CA GLY A 123 -15.97 30.21 70.43
C GLY A 123 -15.95 28.95 69.61
N GLN A 124 -16.79 28.95 68.56
CA GLN A 124 -16.60 28.00 67.47
C GLN A 124 -15.32 28.27 66.70
N GLU A 125 -14.73 29.46 66.82
CA GLU A 125 -13.38 29.65 66.33
C GLU A 125 -12.31 29.01 67.20
N ILE A 126 -12.61 28.35 68.34
CA ILE A 126 -11.57 27.56 69.00
C ILE A 126 -11.36 26.23 68.28
N LEU A 127 -12.28 25.85 67.39
CA LEU A 127 -12.05 24.71 66.50
C LEU A 127 -10.91 24.97 65.53
N ASN A 128 -10.61 26.22 65.25
CA ASN A 128 -9.39 26.57 64.52
C ASN A 128 -8.18 26.41 65.43
N GLY A 129 -7.82 25.17 65.77
CA GLY A 129 -6.69 24.91 66.63
C GLY A 129 -5.41 24.75 65.84
N ASP A 130 -4.30 24.73 66.57
CA ASP A 130 -2.98 24.66 65.96
C ASP A 130 -2.76 23.30 65.29
N VAL A 131 -2.58 23.33 63.97
CA VAL A 131 -2.39 22.10 63.22
C VAL A 131 -0.94 21.94 62.77
N GLY A 132 -0.14 23.00 62.78
CA GLY A 132 1.20 22.96 62.22
C GLY A 132 1.33 23.94 61.09
N GLY A 133 2.50 24.57 60.97
CA GLY A 133 2.65 25.68 60.04
C GLY A 133 2.06 26.92 60.67
N GLY A 134 1.78 27.93 59.84
CA GLY A 134 1.16 29.14 60.32
C GLY A 134 -0.33 29.15 60.07
N PHE A 135 -0.98 28.01 60.29
CA PHE A 135 -2.37 27.81 59.92
C PHE A 135 -3.13 27.12 61.05
N GLN A 136 -4.39 27.50 61.21
CA GLN A 136 -5.24 26.97 62.27
C GLN A 136 -6.61 26.66 61.70
N GLY A 137 -7.06 25.42 61.85
CA GLY A 137 -8.34 25.04 61.31
C GLY A 137 -8.78 23.67 61.78
N ILE A 138 -9.92 23.22 61.24
CA ILE A 138 -10.47 21.90 61.54
C ILE A 138 -9.67 20.86 60.77
N GLN A 139 -9.15 19.87 61.48
CA GLN A 139 -8.37 18.80 60.87
C GLN A 139 -9.27 17.97 59.97
N ILE A 140 -8.99 17.98 58.67
CA ILE A 140 -9.86 17.29 57.75
C ILE A 140 -9.41 15.84 57.61
N THR A 141 -10.39 14.97 57.45
CA THR A 141 -10.18 13.53 57.34
C THR A 141 -10.70 13.04 56.00
N SER A 142 -10.73 13.93 55.01
CA SER A 142 -11.24 13.62 53.68
C SER A 142 -10.17 13.15 52.72
N GLY A 143 -8.89 13.23 53.08
CA GLY A 143 -7.84 12.70 52.25
C GLY A 143 -7.56 13.45 50.97
N LEU A 144 -8.14 14.63 50.78
CA LEU A 144 -7.93 15.38 49.55
C LEU A 144 -6.51 15.90 49.44
N PHE A 145 -5.82 16.03 50.57
CA PHE A 145 -4.45 16.54 50.52
C PHE A 145 -3.50 15.47 50.02
N GLN A 146 -3.70 14.22 50.45
CA GLN A 146 -2.93 13.10 49.92
C GLN A 146 -3.42 12.68 48.55
N MET A 147 -4.65 13.03 48.19
CA MET A 147 -5.16 12.77 46.85
C MET A 147 -4.59 13.74 45.82
N TRP A 148 -4.65 15.04 46.12
CA TRP A 148 -4.15 16.04 45.20
C TRP A 148 -2.64 16.03 45.08
N ARG A 149 -1.92 15.55 46.10
CA ARG A 149 -0.47 15.49 46.02
C ARG A 149 -0.01 14.47 44.99
N ALA A 150 -0.71 13.34 44.91
CA ALA A 150 -0.41 12.36 43.87
C ALA A 150 -0.74 12.89 42.49
N SER A 151 -1.82 13.65 42.37
CA SER A 151 -2.21 14.26 41.11
C SER A 151 -1.26 15.36 40.66
N GLY A 152 -0.45 15.91 41.57
CA GLY A 152 0.56 16.88 41.21
C GLY A 152 0.22 18.33 41.50
N ILE A 153 -0.88 18.59 42.19
CA ILE A 153 -1.32 19.95 42.41
C ILE A 153 -0.44 20.62 43.47
N THR A 154 0.36 21.60 43.05
CA THR A 154 1.39 22.18 43.89
C THR A 154 1.09 23.60 44.35
N THR A 155 0.25 24.34 43.63
CA THR A 155 -0.11 25.69 44.04
C THR A 155 -1.63 25.79 44.09
N GLU A 156 -2.12 26.71 44.91
CA GLU A 156 -3.55 26.88 45.10
C GLU A 156 -4.23 27.31 43.81
N LEU A 157 -3.48 27.99 42.95
CA LEU A 157 -4.03 28.56 41.74
C LEU A 157 -4.59 27.50 40.79
N GLN A 158 -3.90 26.38 40.67
CA GLN A 158 -4.32 25.34 39.75
C GLN A 158 -5.71 24.84 40.13
N LEU A 159 -5.93 24.67 41.43
CA LEU A 159 -7.23 24.26 41.94
C LEU A 159 -8.30 25.31 41.65
N TYR A 160 -7.89 26.57 41.61
CA TYR A 160 -8.83 27.68 41.56
C TYR A 160 -9.72 27.58 40.32
N VAL A 161 -9.13 27.26 39.17
CA VAL A 161 -9.90 27.09 37.95
C VAL A 161 -10.88 25.94 38.07
N THR A 162 -10.42 24.85 38.67
CA THR A 162 -11.21 23.64 38.80
C THR A 162 -12.60 23.92 39.37
N ALA A 163 -12.67 24.37 40.62
CA ALA A 163 -13.97 24.67 41.18
C ALA A 163 -14.83 25.45 40.19
N ILE A 164 -14.17 26.26 39.37
CA ILE A 164 -14.84 26.94 38.28
C ILE A 164 -15.26 25.91 37.22
N GLY A 165 -14.34 24.99 36.92
CA GLY A 165 -14.63 23.91 35.99
C GLY A 165 -15.61 22.89 36.55
N ALA A 166 -15.68 22.79 37.88
CA ALA A 166 -16.74 22.00 38.49
C ALA A 166 -18.05 22.79 38.57
N LEU A 167 -17.98 24.12 38.57
CA LEU A 167 -19.20 24.90 38.52
C LEU A 167 -19.77 24.95 37.11
N VAL A 168 -18.92 25.11 36.10
CA VAL A 168 -19.45 25.29 34.75
C VAL A 168 -19.94 23.95 34.20
N MET A 169 -19.32 22.85 34.63
CA MET A 169 -19.83 21.54 34.24
C MET A 169 -21.10 21.20 35.00
N ALA A 170 -21.27 21.75 36.20
CA ALA A 170 -22.55 21.66 36.88
C ALA A 170 -23.63 22.40 36.13
N ALA A 171 -23.26 23.55 35.54
CA ALA A 171 -24.22 24.28 34.73
C ALA A 171 -24.48 23.55 33.41
N LEU A 172 -23.48 22.87 32.88
CA LEU A 172 -23.63 22.19 31.59
C LEU A 172 -24.50 20.96 31.74
N MET A 173 -24.35 20.22 32.85
CA MET A 173 -25.20 19.08 33.11
C MET A 173 -26.63 19.51 33.43
N LEU A 174 -26.76 20.61 34.17
CA LEU A 174 -28.10 21.12 34.50
C LEU A 174 -28.81 21.62 33.25
N PHE A 175 -28.06 22.17 32.29
CA PHE A 175 -28.64 22.50 31.00
C PHE A 175 -28.92 21.25 30.19
N ALA A 176 -28.09 20.22 30.36
CA ALA A 176 -28.31 18.98 29.64
C ALA A 176 -29.51 18.23 30.18
N GLY A 177 -29.77 18.36 31.49
CA GLY A 177 -31.04 17.88 32.00
C GLY A 177 -32.20 18.69 31.49
N TRP A 178 -31.98 19.98 31.23
CA TRP A 178 -32.99 20.79 30.58
C TRP A 178 -33.14 20.38 29.13
N PHE A 179 -32.04 20.35 28.38
CA PHE A 179 -32.10 20.16 26.93
C PHE A 179 -32.61 18.78 26.57
N HIS A 180 -32.16 17.75 27.28
CA HIS A 180 -32.58 16.39 26.99
C HIS A 180 -33.91 16.03 27.64
N TYR A 181 -34.63 17.02 28.21
CA TYR A 181 -36.03 16.80 28.53
C TYR A 181 -36.93 17.93 28.04
N HIS A 182 -36.51 19.18 28.14
CA HIS A 182 -37.42 20.25 27.75
C HIS A 182 -37.45 20.43 26.24
N LYS A 183 -36.32 20.20 25.56
CA LYS A 183 -36.29 20.34 24.11
C LYS A 183 -36.21 18.99 23.40
N ALA A 184 -35.18 18.18 23.67
CA ALA A 184 -34.89 17.00 22.85
C ALA A 184 -34.76 15.77 23.74
N ALA A 185 -35.89 15.13 24.03
CA ALA A 185 -35.90 13.98 24.92
C ALA A 185 -36.11 12.71 24.12
N PRO A 186 -35.31 11.66 24.33
CA PRO A 186 -35.23 10.56 23.37
C PRO A 186 -36.45 9.65 23.39
N LYS A 187 -36.43 8.69 22.46
CA LYS A 187 -37.47 7.69 22.34
C LYS A 187 -37.23 6.56 23.34
N LEU A 188 -38.29 5.79 23.61
CA LEU A 188 -38.18 4.58 24.42
C LEU A 188 -37.20 3.58 23.82
N GLU A 189 -37.19 3.46 22.49
CA GLU A 189 -36.30 2.52 21.83
C GLU A 189 -34.84 2.97 21.87
N TRP A 190 -34.58 4.24 22.17
CA TRP A 190 -33.23 4.67 22.44
C TRP A 190 -32.74 4.18 23.80
N PHE A 191 -33.66 3.92 24.73
CA PHE A 191 -33.26 3.41 26.04
C PHE A 191 -33.13 1.89 26.04
N GLN A 192 -33.88 1.20 25.21
CA GLN A 192 -33.80 -0.25 25.16
C GLN A 192 -32.63 -0.77 24.33
N ASN A 193 -31.75 0.13 23.85
CA ASN A 193 -30.60 -0.28 23.07
C ASN A 193 -29.45 -0.57 24.04
N ALA A 194 -29.56 -1.71 24.70
CA ALA A 194 -28.65 -2.07 25.77
C ALA A 194 -27.26 -2.38 25.28
N GLU A 195 -27.13 -3.07 24.16
CA GLU A 195 -25.80 -3.48 23.70
C GLU A 195 -24.98 -2.30 23.21
N SER A 196 -25.62 -1.29 22.65
CA SER A 196 -24.88 -0.09 22.28
C SER A 196 -24.59 0.76 23.50
N MET A 197 -25.35 0.58 24.57
CA MET A 197 -25.06 1.28 25.83
C MET A 197 -23.94 0.59 26.58
N MET A 198 -23.98 -0.74 26.63
CA MET A 198 -22.92 -1.50 27.28
C MET A 198 -21.60 -1.34 26.54
N ASN A 199 -21.64 -1.22 25.21
CA ASN A 199 -20.42 -1.04 24.45
C ASN A 199 -19.80 0.32 24.71
N HIS A 200 -20.62 1.33 24.89
CA HIS A 200 -20.08 2.67 25.03
C HIS A 200 -19.60 2.92 26.46
N HIS A 201 -20.35 2.44 27.46
CA HIS A 201 -19.93 2.65 28.84
C HIS A 201 -18.69 1.84 29.17
N LEU A 202 -18.55 0.64 28.61
CA LEU A 202 -17.32 -0.11 28.79
C LEU A 202 -16.17 0.57 28.04
N GLY A 203 -16.39 0.84 26.75
CA GLY A 203 -15.33 1.42 25.95
C GLY A 203 -15.05 2.86 26.33
N GLY A 204 -16.05 3.71 26.32
CA GLY A 204 -15.78 5.12 26.48
C GLY A 204 -15.63 5.54 27.92
N LEU A 205 -16.59 5.19 28.76
CA LEU A 205 -16.60 5.69 30.13
C LEU A 205 -15.50 5.07 30.97
N PHE A 206 -15.51 3.75 31.12
CA PHE A 206 -14.47 3.10 31.91
C PHE A 206 -13.16 2.96 31.15
N GLY A 207 -13.22 2.74 29.84
CA GLY A 207 -12.01 2.54 29.09
C GLY A 207 -11.22 3.80 28.85
N LEU A 208 -11.79 4.75 28.10
CA LEU A 208 -11.09 5.99 27.83
C LEU A 208 -10.95 6.83 29.08
N GLY A 209 -11.92 6.74 29.99
CA GLY A 209 -11.85 7.51 31.22
C GLY A 209 -10.75 7.06 32.14
N SER A 210 -10.30 5.82 32.01
CA SER A 210 -9.08 5.40 32.68
C SER A 210 -7.87 5.53 31.78
N LEU A 211 -8.06 5.50 30.46
CA LEU A 211 -6.97 5.78 29.53
C LEU A 211 -6.52 7.22 29.64
N SER A 212 -7.47 8.14 29.69
CA SER A 212 -7.15 9.54 29.91
C SER A 212 -6.56 9.78 31.29
N TRP A 213 -7.02 9.06 32.32
CA TRP A 213 -6.37 9.17 33.61
C TRP A 213 -4.99 8.52 33.59
N ALA A 214 -4.80 7.50 32.76
CA ALA A 214 -3.45 6.98 32.56
C ALA A 214 -2.57 8.00 31.87
N GLY A 215 -3.15 8.82 30.98
CA GLY A 215 -2.41 9.90 30.38
C GLY A 215 -2.04 10.98 31.36
N HIS A 216 -3.01 11.42 32.19
CA HIS A 216 -2.76 12.41 33.21
C HIS A 216 -1.79 11.91 34.26
N GLN A 217 -1.73 10.60 34.47
CA GLN A 217 -0.84 10.10 35.49
C GLN A 217 0.61 10.15 35.05
N ILE A 218 0.89 10.07 33.76
CA ILE A 218 2.26 10.12 33.28
C ILE A 218 2.66 11.53 32.90
N HIS A 219 1.77 12.25 32.23
CA HIS A 219 2.09 13.59 31.75
C HIS A 219 2.12 14.62 32.86
N VAL A 220 1.38 14.38 33.93
CA VAL A 220 1.18 15.37 34.99
C VAL A 220 1.61 14.82 36.35
N SER A 221 1.19 13.61 36.68
CA SER A 221 1.24 13.16 38.07
C SER A 221 2.52 12.39 38.39
N LEU A 222 3.02 11.61 37.43
CA LEU A 222 4.34 10.97 37.59
C LEU A 222 5.51 11.93 37.79
N PRO A 223 5.77 12.96 36.96
CA PRO A 223 7.11 13.57 36.97
C PRO A 223 7.40 14.42 38.19
N VAL A 224 6.39 15.08 38.75
CA VAL A 224 6.62 15.91 39.91
C VAL A 224 6.80 15.04 41.14
N ASN A 225 6.22 13.84 41.15
CA ASN A 225 6.41 12.95 42.28
C ASN A 225 7.73 12.19 42.16
N LYS A 226 8.37 12.25 40.99
CA LYS A 226 9.78 11.91 40.95
C LYS A 226 10.61 12.95 41.69
N LEU A 227 10.16 14.21 41.69
CA LEU A 227 10.94 15.30 42.27
C LEU A 227 10.58 15.60 43.71
N LEU A 228 9.28 15.61 44.06
CA LEU A 228 8.88 15.82 45.45
C LEU A 228 9.45 14.74 46.37
N ASP A 229 9.58 13.52 45.84
CA ASP A 229 10.17 12.42 46.59
C ASP A 229 11.70 12.38 46.49
N SER A 230 12.31 13.35 45.81
CA SER A 230 13.74 13.56 45.97
C SER A 230 14.05 14.53 47.10
N GLY A 231 13.02 15.15 47.68
CA GLY A 231 13.15 15.94 48.89
C GLY A 231 13.55 17.38 48.68
N VAL A 232 13.12 18.00 47.58
CA VAL A 232 13.68 19.30 47.25
C VAL A 232 12.79 20.46 47.70
N SER A 233 11.57 20.61 47.14
CA SER A 233 10.73 21.76 47.41
C SER A 233 9.35 21.63 46.82
N PRO A 234 8.38 22.43 47.29
CA PRO A 234 7.22 22.76 46.45
C PRO A 234 7.42 24.03 45.62
N GLN A 235 8.64 24.55 45.52
CA GLN A 235 8.90 25.82 44.84
C GLN A 235 9.83 25.70 43.63
N GLU A 236 10.96 25.00 43.75
CA GLU A 236 11.87 24.94 42.62
C GLU A 236 11.51 23.83 41.65
N ILE A 237 10.47 23.06 41.94
CA ILE A 237 9.99 22.05 41.00
C ILE A 237 9.24 22.73 39.86
N PRO A 238 9.22 22.17 38.66
CA PRO A 238 8.55 22.84 37.53
C PRO A 238 7.04 22.77 37.60
N LEU A 239 6.40 23.24 36.52
CA LEU A 239 4.95 23.22 36.41
C LEU A 239 4.55 22.16 35.36
N PRO A 240 3.29 21.68 35.40
CA PRO A 240 2.90 20.56 34.52
C PRO A 240 2.98 20.83 33.03
N HIS A 241 2.73 22.05 32.58
CA HIS A 241 2.77 22.33 31.14
C HIS A 241 4.17 22.28 30.56
N GLU A 242 5.19 22.49 31.40
CA GLU A 242 6.57 22.38 30.94
C GLU A 242 6.97 20.94 30.64
N PHE A 243 6.33 19.98 31.31
CA PHE A 243 6.70 18.57 31.17
C PHE A 243 6.41 18.04 29.77
N ILE A 244 5.36 18.50 29.12
CA ILE A 244 5.05 18.14 27.75
C ILE A 244 5.97 18.86 26.77
N LEU A 245 6.23 20.14 27.01
CA LEU A 245 6.96 20.96 26.05
C LEU A 245 8.46 20.75 26.13
N ASN A 246 9.04 21.00 27.31
CA ASN A 246 10.48 20.80 27.50
C ASN A 246 10.71 19.30 27.59
N LYS A 247 10.95 18.69 26.43
CA LYS A 247 11.07 17.24 26.36
C LYS A 247 12.40 16.70 26.89
N ASP A 248 13.31 17.57 27.35
CA ASP A 248 14.52 17.07 27.98
C ASP A 248 14.51 17.29 29.49
N LEU A 249 13.58 18.11 29.97
CA LEU A 249 13.21 18.07 31.38
C LEU A 249 12.52 16.76 31.71
N ILE A 250 11.65 16.29 30.82
CA ILE A 250 10.95 15.03 31.00
C ILE A 250 11.82 13.83 30.63
N ALA A 251 12.96 14.07 29.99
CA ALA A 251 13.89 12.99 29.68
C ALA A 251 15.01 12.87 30.70
N GLN A 252 15.10 13.81 31.65
CA GLN A 252 16.03 13.61 32.74
C GLN A 252 15.49 12.65 33.79
N LEU A 253 14.21 12.76 34.13
CA LEU A 253 13.56 11.85 35.04
C LEU A 253 12.94 10.74 34.20
N TYR A 254 13.25 9.47 34.58
CA TYR A 254 12.98 8.23 33.85
C TYR A 254 13.33 8.38 32.36
N PRO A 255 14.62 8.31 32.00
CA PRO A 255 15.04 8.67 30.65
C PRO A 255 14.59 7.73 29.54
N SER A 256 13.27 7.63 29.36
CA SER A 256 12.70 6.81 28.31
C SER A 256 11.80 7.62 27.39
N PHE A 257 11.58 8.90 27.68
CA PHE A 257 10.84 9.73 26.75
C PHE A 257 11.71 10.28 25.64
N GLY A 258 12.98 9.88 25.57
CA GLY A 258 13.77 10.18 24.40
C GLY A 258 13.30 9.48 23.15
N GLN A 259 12.68 8.30 23.29
CA GLN A 259 12.19 7.53 22.17
C GLN A 259 10.74 7.86 21.81
N GLY A 260 9.92 8.26 22.77
CA GLY A 260 8.64 8.81 22.42
C GLY A 260 7.58 7.75 22.13
N LEU A 261 6.65 8.10 21.24
CA LEU A 261 5.54 7.24 20.89
C LEU A 261 5.90 6.15 19.90
N THR A 262 7.15 6.05 19.49
CA THR A 262 7.56 5.00 18.57
C THR A 262 7.72 3.62 19.23
N PRO A 263 8.25 3.46 20.46
CA PRO A 263 8.16 2.13 21.11
C PRO A 263 6.76 1.64 21.41
N PHE A 264 5.78 2.55 21.52
CA PHE A 264 4.40 2.11 21.65
C PHE A 264 3.89 1.52 20.35
N PHE A 265 4.50 1.88 19.22
CA PHE A 265 3.93 1.45 17.95
C PHE A 265 4.74 0.35 17.26
N THR A 266 6.03 0.20 17.59
CA THR A 266 6.76 -0.96 17.09
C THR A 266 6.75 -2.10 18.08
N LEU A 267 5.89 -2.02 19.10
CA LEU A 267 5.59 -3.10 20.06
C LEU A 267 6.79 -3.56 20.85
N ASN A 268 7.85 -2.77 20.91
CA ASN A 268 8.95 -3.00 21.85
C ASN A 268 8.64 -2.27 23.14
N TRP A 269 7.60 -2.75 23.83
CA TRP A 269 7.08 -2.11 25.02
C TRP A 269 8.00 -2.26 26.22
N ASN A 270 8.99 -3.14 26.13
CA ASN A 270 9.93 -3.35 27.22
C ASN A 270 10.87 -2.16 27.39
N GLU A 271 10.89 -1.24 26.41
CA GLU A 271 11.63 0.01 26.52
C GLU A 271 10.84 1.10 27.25
N TYR A 272 9.80 0.74 27.99
CA TYR A 272 9.18 1.62 28.97
C TYR A 272 9.43 1.15 30.40
N SER A 273 10.63 0.66 30.69
CA SER A 273 10.93 -0.08 31.90
C SER A 273 11.32 0.81 33.08
N ASP A 274 10.97 2.08 33.07
CA ASP A 274 11.25 2.94 34.21
C ASP A 274 10.06 3.74 34.69
N PHE A 275 9.10 4.05 33.82
CA PHE A 275 7.89 4.76 34.20
C PHE A 275 6.64 3.92 34.02
N LEU A 276 6.76 2.75 33.39
CA LEU A 276 5.72 1.73 33.37
C LEU A 276 6.34 0.53 34.06
N THR A 277 5.85 0.21 35.25
CA THR A 277 6.50 -0.77 36.09
C THR A 277 5.51 -1.81 36.58
N PHE A 278 6.06 -2.86 37.18
CA PHE A 278 5.33 -3.82 37.99
C PHE A 278 6.10 -4.04 39.29
N LYS A 279 6.43 -2.96 39.98
CA LYS A 279 7.02 -3.09 41.31
C LYS A 279 6.07 -3.79 42.26
N GLY A 280 4.93 -3.19 42.54
CA GLY A 280 3.96 -3.83 43.40
C GLY A 280 4.45 -3.89 44.83
N GLY A 281 4.48 -2.75 45.48
CA GLY A 281 4.79 -2.70 46.90
C GLY A 281 4.12 -1.49 47.45
N LEU A 282 4.85 -0.77 48.30
CA LEU A 282 4.45 0.57 48.72
C LEU A 282 5.66 1.47 48.62
N ASN A 283 5.42 2.69 48.13
CA ASN A 283 6.49 3.66 47.92
C ASN A 283 7.08 4.05 49.27
N PRO A 284 8.29 3.62 49.60
CA PRO A 284 8.76 3.69 51.00
C PRO A 284 9.04 5.10 51.47
N VAL A 285 9.09 6.08 50.58
CA VAL A 285 9.34 7.45 50.97
C VAL A 285 8.01 8.16 51.18
N THR A 286 6.92 7.51 50.82
CA THR A 286 5.57 8.03 51.03
C THR A 286 4.62 7.03 51.67
N GLY A 287 5.00 5.77 51.74
CA GLY A 287 4.13 4.75 52.30
C GLY A 287 2.95 4.36 51.44
N GLY A 288 2.78 4.97 50.27
CA GLY A 288 1.63 4.76 49.43
C GLY A 288 2.00 4.04 48.14
N LEU A 289 1.06 4.06 47.22
CA LEU A 289 1.25 3.33 45.97
C LEU A 289 2.25 4.04 45.07
N TRP A 290 3.11 3.26 44.44
CA TRP A 290 3.95 3.75 43.36
C TRP A 290 3.07 4.23 42.22
N LEU A 291 3.26 5.48 41.81
CA LEU A 291 2.41 6.03 40.76
C LEU A 291 2.78 5.47 39.40
N SER A 292 4.01 4.98 39.24
CA SER A 292 4.37 4.26 38.03
C SER A 292 3.71 2.89 37.97
N ASP A 293 3.28 2.37 39.11
CA ASP A 293 2.46 1.16 39.11
C ASP A 293 1.01 1.50 38.78
N SER A 294 0.48 2.57 39.36
CA SER A 294 -0.89 2.96 39.10
C SER A 294 -1.07 3.53 37.71
N ALA A 295 -0.01 4.03 37.09
CA ALA A 295 -0.08 4.43 35.69
C ALA A 295 -0.19 3.21 34.78
N HIS A 296 0.70 2.23 34.97
CA HIS A 296 0.62 0.97 34.24
C HIS A 296 -0.63 0.19 34.59
N HIS A 297 -1.16 0.41 35.79
CA HIS A 297 -2.47 -0.11 36.14
C HIS A 297 -3.53 0.44 35.22
N HIS A 298 -3.80 1.76 35.28
CA HIS A 298 -4.90 2.37 34.54
C HIS A 298 -4.69 2.32 33.04
N LEU A 299 -3.46 2.09 32.59
CA LEU A 299 -3.24 1.71 31.21
C LEU A 299 -3.84 0.34 30.92
N ALA A 300 -3.52 -0.66 31.74
CA ALA A 300 -4.01 -2.02 31.49
C ALA A 300 -5.50 -2.13 31.74
N ILE A 301 -6.05 -1.30 32.62
CA ILE A 301 -7.49 -1.30 32.83
C ILE A 301 -8.19 -0.73 31.61
N ALA A 302 -7.57 0.26 30.97
CA ALA A 302 -8.15 0.88 29.80
C ALA A 302 -8.23 -0.09 28.64
N VAL A 303 -7.11 -0.74 28.33
CA VAL A 303 -7.03 -1.63 27.18
C VAL A 303 -7.89 -2.87 27.41
N LEU A 304 -8.04 -3.29 28.67
CA LEU A 304 -9.00 -4.35 28.96
C LEU A 304 -10.44 -3.88 28.75
N PHE A 305 -10.73 -2.64 29.12
CA PHE A 305 -12.11 -2.16 29.04
C PHE A 305 -12.52 -1.77 27.63
N ILE A 306 -11.60 -1.20 26.85
CA ILE A 306 -11.94 -0.81 25.49
C ILE A 306 -12.11 -2.05 24.63
N VAL A 307 -11.25 -3.06 24.85
CA VAL A 307 -11.42 -4.35 24.17
C VAL A 307 -12.73 -5.01 24.60
N ALA A 308 -13.06 -4.93 25.89
CA ALA A 308 -14.37 -5.37 26.33
C ALA A 308 -15.49 -4.47 25.87
N GLY A 309 -15.16 -3.28 25.37
CA GLY A 309 -16.18 -2.42 24.82
C GLY A 309 -16.69 -2.84 23.48
N HIS A 310 -16.07 -3.83 22.83
CA HIS A 310 -16.48 -4.30 21.52
C HIS A 310 -17.08 -5.69 21.58
N MET A 311 -17.64 -6.07 22.72
CA MET A 311 -18.17 -7.41 22.90
C MET A 311 -19.59 -7.56 22.42
N TYR A 312 -20.37 -6.49 22.38
CA TYR A 312 -21.79 -6.62 22.17
C TYR A 312 -22.20 -6.17 20.78
N ARG A 313 -23.33 -6.71 20.31
CA ARG A 313 -23.72 -6.55 18.93
C ARG A 313 -24.58 -5.32 18.71
N THR A 314 -24.19 -4.53 17.72
CA THR A 314 -24.94 -3.37 17.31
C THR A 314 -25.21 -3.62 15.83
N ASN A 315 -25.57 -2.59 15.08
CA ASN A 315 -26.02 -2.77 13.70
C ASN A 315 -24.88 -3.01 12.70
N TRP A 316 -23.70 -3.45 13.16
CA TRP A 316 -22.65 -3.94 12.29
C TRP A 316 -22.44 -5.44 12.41
N GLY A 317 -23.49 -6.21 12.75
CA GLY A 317 -23.40 -7.66 12.71
C GLY A 317 -22.59 -8.32 13.80
N ILE A 318 -21.32 -7.92 13.96
CA ILE A 318 -20.43 -8.56 14.91
C ILE A 318 -20.83 -8.19 16.33
N GLY A 319 -20.46 -9.03 17.29
CA GLY A 319 -20.79 -8.77 18.68
C GLY A 319 -21.72 -9.79 19.31
N HIS A 320 -21.60 -10.01 20.61
CA HIS A 320 -22.50 -10.90 21.31
C HIS A 320 -23.84 -10.22 21.56
N SER A 321 -24.92 -10.88 21.18
CA SER A 321 -26.25 -10.44 21.55
C SER A 321 -26.61 -11.10 22.86
N MET A 322 -27.10 -10.33 23.82
CA MET A 322 -27.43 -10.89 25.13
C MET A 322 -28.68 -11.75 25.09
N LYS A 323 -29.68 -11.37 24.28
CA LYS A 323 -30.90 -12.15 24.14
C LYS A 323 -30.63 -13.52 23.55
N GLU A 324 -29.67 -13.63 22.65
CA GLU A 324 -29.26 -14.91 22.09
C GLU A 324 -28.38 -15.69 23.05
N MET A 325 -27.91 -15.08 24.14
CA MET A 325 -27.03 -15.74 25.09
C MET A 325 -27.76 -16.37 26.25
N TYR A 326 -29.01 -15.97 26.49
CA TYR A 326 -29.77 -16.52 27.60
C TYR A 326 -30.55 -17.75 27.20
N ASP A 327 -31.32 -17.65 26.13
CA ASP A 327 -31.64 -18.82 25.35
C ASP A 327 -30.32 -19.48 24.95
N SER A 328 -30.24 -20.80 25.16
CA SER A 328 -28.99 -21.57 25.21
C SER A 328 -28.05 -21.07 26.30
N HIS A 329 -28.62 -20.70 27.45
CA HIS A 329 -28.07 -20.99 28.77
C HIS A 329 -29.22 -21.56 29.58
N LYS A 330 -29.48 -22.85 29.45
CA LYS A 330 -30.57 -23.51 30.14
C LYS A 330 -30.10 -24.89 30.57
N GLY A 331 -30.54 -25.32 31.74
CA GLY A 331 -30.07 -26.58 32.25
C GLY A 331 -31.17 -27.51 32.69
N PRO A 332 -30.81 -28.74 33.01
CA PRO A 332 -31.80 -29.70 33.50
C PRO A 332 -32.35 -29.35 34.87
N PHE A 333 -31.56 -28.68 35.70
CA PHE A 333 -32.11 -28.22 36.98
C PHE A 333 -33.02 -27.03 36.79
N THR A 334 -32.77 -26.23 35.76
CA THR A 334 -33.24 -24.86 35.70
C THR A 334 -34.31 -24.65 34.64
N GLY A 335 -34.62 -25.66 33.85
CA GLY A 335 -35.71 -25.56 32.91
C GLY A 335 -35.45 -24.64 31.73
N GLU A 336 -36.10 -23.48 31.72
CA GLU A 336 -36.00 -22.58 30.59
C GLU A 336 -34.75 -21.72 30.64
N GLY A 337 -34.00 -21.77 31.73
CA GLY A 337 -32.79 -20.97 31.80
C GLY A 337 -33.13 -19.50 31.99
N HIS A 338 -32.31 -18.65 31.41
CA HIS A 338 -32.47 -17.22 31.60
C HIS A 338 -33.38 -16.58 30.56
N LYS A 339 -34.33 -17.31 29.98
CA LYS A 339 -35.21 -16.73 28.97
C LYS A 339 -36.19 -15.77 29.63
N GLY A 340 -36.25 -14.55 29.11
CA GLY A 340 -37.06 -13.49 29.68
C GLY A 340 -36.27 -12.53 30.53
N VAL A 341 -35.10 -12.94 31.01
CA VAL A 341 -34.32 -12.12 31.93
C VAL A 341 -33.68 -10.94 31.21
N TYR A 342 -33.36 -11.08 29.92
CA TYR A 342 -32.95 -9.90 29.14
C TYR A 342 -34.11 -8.94 28.96
N GLU A 343 -35.32 -9.46 28.87
CA GLU A 343 -36.48 -8.58 28.76
C GLU A 343 -36.82 -7.93 30.09
N ILE A 344 -36.33 -8.49 31.19
CA ILE A 344 -36.55 -7.88 32.50
C ILE A 344 -35.77 -6.56 32.61
N PHE A 345 -34.49 -6.58 32.26
CA PHE A 345 -33.68 -5.39 32.37
C PHE A 345 -33.76 -4.49 31.13
N THR A 346 -34.79 -4.64 30.32
CA THR A 346 -35.11 -3.69 29.26
C THR A 346 -36.54 -3.20 29.34
N ASN A 347 -37.25 -3.55 30.41
CA ASN A 347 -38.59 -3.04 30.64
C ASN A 347 -38.74 -2.48 32.05
N SER A 348 -38.00 -3.05 32.99
CA SER A 348 -38.09 -2.64 34.39
C SER A 348 -36.87 -1.82 34.77
N TRP A 349 -37.08 -0.56 35.11
CA TRP A 349 -35.99 0.22 35.66
C TRP A 349 -35.66 -0.18 37.09
N HIS A 350 -36.65 -0.70 37.83
CA HIS A 350 -36.50 -1.07 39.23
C HIS A 350 -35.56 -2.26 39.41
N ALA A 351 -35.76 -3.31 38.62
CA ALA A 351 -34.83 -4.44 38.62
C ALA A 351 -33.46 -4.02 38.12
N GLN A 352 -33.42 -3.07 37.20
CA GLN A 352 -32.15 -2.50 36.81
C GLN A 352 -31.51 -1.70 37.93
N LEU A 353 -32.31 -1.13 38.83
CA LEU A 353 -31.73 -0.36 39.92
C LEU A 353 -31.09 -1.26 40.97
N SER A 354 -31.81 -2.32 41.35
CA SER A 354 -31.34 -3.21 42.41
C SER A 354 -30.08 -3.95 42.01
N LEU A 355 -30.02 -4.41 40.78
CA LEU A 355 -28.83 -5.10 40.29
C LEU A 355 -27.66 -4.14 40.18
N ASN A 356 -27.91 -2.90 39.77
CA ASN A 356 -26.82 -1.93 39.72
C ASN A 356 -26.44 -1.44 41.10
N LEU A 357 -27.37 -1.43 42.05
CA LEU A 357 -27.06 -1.00 43.41
C LEU A 357 -26.22 -2.02 44.16
N ALA A 358 -26.59 -3.30 44.02
CA ALA A 358 -25.91 -4.39 44.72
C ALA A 358 -24.43 -4.43 44.39
N LEU A 359 -24.08 -4.28 43.12
CA LEU A 359 -22.69 -4.28 42.73
C LEU A 359 -22.10 -2.87 42.74
N PHE A 360 -22.83 -1.90 43.26
CA PHE A 360 -22.24 -0.60 43.55
C PHE A 360 -21.87 -0.52 45.02
N GLY A 361 -22.77 -0.97 45.89
CA GLY A 361 -22.47 -1.06 47.30
C GLY A 361 -21.41 -2.08 47.65
N SER A 362 -21.48 -3.26 47.02
CA SER A 362 -20.46 -4.28 47.31
C SER A 362 -19.11 -3.89 46.75
N LEU A 363 -19.10 -3.06 45.71
CA LEU A 363 -17.85 -2.46 45.26
C LEU A 363 -17.32 -1.47 46.30
N SER A 364 -18.24 -0.74 46.94
CA SER A 364 -17.87 0.27 47.92
C SER A 364 -17.28 -0.33 49.19
N ILE A 365 -17.55 -1.60 49.47
CA ILE A 365 -16.85 -2.28 50.56
C ILE A 365 -15.55 -2.89 50.07
N ILE A 366 -15.44 -3.16 48.77
CA ILE A 366 -14.22 -3.73 48.21
C ILE A 366 -13.11 -2.69 48.16
N VAL A 367 -13.47 -1.45 47.81
CA VAL A 367 -12.48 -0.37 47.78
C VAL A 367 -11.99 -0.04 49.19
N ALA A 368 -12.89 -0.14 50.18
CA ALA A 368 -12.50 0.13 51.55
C ALA A 368 -11.52 -0.92 52.06
N HIS A 369 -11.63 -2.14 51.55
CA HIS A 369 -10.66 -3.16 51.94
C HIS A 369 -9.36 -3.03 51.19
N HIS A 370 -9.41 -2.48 49.99
CA HIS A 370 -8.23 -2.39 49.16
C HIS A 370 -7.46 -1.09 49.35
N MET A 371 -7.97 -0.18 50.18
CA MET A 371 -7.25 1.04 50.50
C MET A 371 -6.33 0.95 51.70
N TYR A 372 -6.70 0.21 52.75
CA TYR A 372 -5.82 0.17 53.90
C TYR A 372 -4.66 -0.79 53.70
N SER A 373 -4.89 -1.90 53.01
CA SER A 373 -3.81 -2.85 52.74
C SER A 373 -2.90 -2.34 51.64
N MET A 374 -3.45 -1.58 50.69
CA MET A 374 -2.68 -0.93 49.64
C MET A 374 -3.04 0.55 49.67
N PRO A 375 -2.30 1.37 50.41
CA PRO A 375 -2.50 2.80 50.38
C PRO A 375 -2.20 3.38 49.01
N PRO A 376 -3.19 4.02 48.39
CA PRO A 376 -2.98 4.54 47.03
C PRO A 376 -2.23 5.87 47.00
N TYR A 377 -2.19 6.58 48.10
CA TYR A 377 -1.77 7.96 48.07
C TYR A 377 -0.51 8.19 48.90
N PRO A 378 0.29 9.20 48.57
CA PRO A 378 1.43 9.57 49.42
C PRO A 378 0.97 10.14 50.75
N TYR A 379 1.49 9.56 51.83
CA TYR A 379 1.27 9.99 53.22
C TYR A 379 -0.20 9.92 53.63
N LEU A 380 -0.97 9.04 52.98
CA LEU A 380 -2.27 8.66 53.50
C LEU A 380 -2.15 7.50 54.48
N ALA A 381 -1.13 6.66 54.27
CA ALA A 381 -0.89 5.49 55.10
C ALA A 381 -0.58 5.88 56.54
N THR A 382 0.30 6.85 56.75
CA THR A 382 0.62 7.25 58.11
C THR A 382 -0.42 8.20 58.69
N ASP A 383 -1.20 8.87 57.85
CA ASP A 383 -2.22 9.78 58.37
C ASP A 383 -3.40 8.93 58.84
N TYR A 384 -3.28 8.45 60.08
CA TYR A 384 -4.29 7.54 60.64
C TYR A 384 -5.60 8.26 60.92
N ALA A 385 -5.59 9.60 60.95
CA ALA A 385 -6.82 10.36 61.05
C ALA A 385 -7.73 10.15 59.85
N THR A 386 -7.14 10.00 58.67
CA THR A 386 -7.92 9.84 57.45
C THR A 386 -8.04 8.38 57.03
N SER A 387 -6.97 7.60 57.14
CA SER A 387 -6.97 6.23 56.63
C SER A 387 -7.85 5.30 57.46
N LEU A 388 -8.30 5.74 58.64
CA LEU A 388 -9.39 5.04 59.30
C LEU A 388 -10.73 5.57 58.83
N CYS A 389 -10.83 6.86 58.52
CA CYS A 389 -12.12 7.42 58.13
C CYS A 389 -12.47 7.07 56.70
N LEU A 390 -11.46 6.90 55.83
CA LEU A 390 -11.73 6.55 54.44
C LEU A 390 -12.25 5.14 54.31
N PHE A 391 -11.85 4.26 55.23
CA PHE A 391 -12.48 2.96 55.34
C PHE A 391 -13.94 3.10 55.72
N THR A 392 -14.18 3.71 56.88
CA THR A 392 -15.49 3.65 57.54
C THR A 392 -16.57 4.39 56.78
N HIS A 393 -16.20 5.30 55.88
CA HIS A 393 -17.21 5.99 55.10
C HIS A 393 -17.80 5.06 54.05
N HIS A 394 -16.94 4.50 53.20
CA HIS A 394 -17.38 3.66 52.09
C HIS A 394 -17.96 2.34 52.56
N VAL A 395 -17.59 1.87 53.75
CA VAL A 395 -18.27 0.70 54.33
C VAL A 395 -19.72 1.05 54.64
N TRP A 396 -19.96 2.26 55.13
CA TRP A 396 -21.33 2.67 55.38
C TRP A 396 -22.06 2.97 54.10
N ILE A 397 -21.37 3.59 53.14
CA ILE A 397 -21.98 3.83 51.82
C ILE A 397 -22.21 2.50 51.12
N GLY A 398 -21.32 1.53 51.34
CA GLY A 398 -21.51 0.20 50.78
C GLY A 398 -22.72 -0.50 51.35
N GLY A 399 -22.86 -0.50 52.68
CA GLY A 399 -24.00 -1.15 53.30
C GLY A 399 -25.30 -0.43 53.05
N PHE A 400 -25.26 0.85 52.71
CA PHE A 400 -26.51 1.56 52.48
C PHE A 400 -27.09 1.24 51.12
N LEU A 401 -26.24 1.19 50.09
CA LEU A 401 -26.73 0.87 48.75
C LEU A 401 -27.20 -0.58 48.64
N ILE A 402 -26.65 -1.46 49.47
CA ILE A 402 -27.00 -2.87 49.41
C ILE A 402 -28.41 -3.10 49.94
N VAL A 403 -28.81 -2.38 50.99
CA VAL A 403 -30.20 -2.46 51.44
C VAL A 403 -31.11 -1.78 50.42
N GLY A 404 -30.59 -0.81 49.67
CA GLY A 404 -31.30 -0.32 48.51
C GLY A 404 -31.46 -1.37 47.43
N ALA A 405 -30.50 -2.29 47.31
CA ALA A 405 -30.64 -3.36 46.34
C ALA A 405 -31.69 -4.36 46.78
N GLY A 406 -31.80 -4.59 48.08
CA GLY A 406 -32.92 -5.38 48.57
C GLY A 406 -34.23 -4.65 48.48
N ALA A 407 -34.18 -3.32 48.43
CA ALA A 407 -35.41 -2.54 48.33
C ALA A 407 -36.00 -2.64 46.95
N HIS A 408 -35.26 -2.18 45.93
CA HIS A 408 -35.80 -2.07 44.59
C HIS A 408 -35.88 -3.41 43.88
N ALA A 409 -35.33 -4.47 44.45
CA ALA A 409 -35.66 -5.80 43.97
C ALA A 409 -37.11 -6.14 44.30
N ALA A 410 -37.57 -5.73 45.48
CA ALA A 410 -38.93 -6.00 45.89
C ALA A 410 -39.93 -5.15 45.12
N ILE A 411 -39.51 -3.94 44.72
CA ILE A 411 -40.39 -3.07 43.95
C ILE A 411 -40.61 -3.61 42.55
N PHE A 412 -39.57 -4.21 41.95
CA PHE A 412 -39.75 -4.90 40.68
C PHE A 412 -40.69 -6.09 40.85
N MET A 413 -40.57 -6.79 41.98
CA MET A 413 -41.41 -7.95 42.22
C MET A 413 -42.86 -7.57 42.46
N VAL A 414 -43.12 -6.36 42.95
CA VAL A 414 -44.49 -5.99 43.29
C VAL A 414 -45.32 -5.76 42.04
N ARG A 415 -44.82 -4.97 41.10
CA ARG A 415 -45.59 -4.67 39.91
C ARG A 415 -44.93 -5.02 38.59
N ASP A 416 -43.64 -4.75 38.44
CA ASP A 416 -42.98 -5.02 37.17
C ASP A 416 -42.63 -6.48 36.96
N TYR A 417 -42.82 -7.32 37.98
CA TYR A 417 -42.80 -8.76 37.79
C TYR A 417 -43.96 -9.15 36.88
N ASP A 418 -43.68 -9.99 35.90
CA ASP A 418 -44.70 -10.51 35.02
C ASP A 418 -44.66 -12.02 35.07
N PRO A 419 -45.75 -12.70 35.40
CA PRO A 419 -45.75 -14.17 35.30
C PRO A 419 -45.94 -14.65 33.87
N ALA A 420 -46.42 -13.78 32.97
CA ALA A 420 -46.57 -14.19 31.58
C ALA A 420 -45.22 -14.36 30.90
N GLN A 421 -44.31 -13.40 31.06
CA GLN A 421 -42.96 -13.57 30.58
C GLN A 421 -42.17 -14.59 31.38
N ASN A 422 -42.55 -14.86 32.62
CA ASN A 422 -41.79 -15.74 33.49
C ASN A 422 -42.60 -16.99 33.78
N TYR A 423 -42.50 -17.97 32.90
CA TYR A 423 -43.06 -19.31 33.14
C TYR A 423 -41.90 -20.30 33.06
N ASN A 424 -41.57 -20.89 34.22
CA ASN A 424 -40.54 -21.93 34.37
C ASN A 424 -39.15 -21.45 33.96
N ASN A 425 -38.90 -20.16 33.98
CA ASN A 425 -37.55 -19.64 33.82
C ASN A 425 -36.94 -19.46 35.20
N LEU A 426 -35.83 -18.75 35.28
CA LEU A 426 -35.07 -18.65 36.52
C LEU A 426 -35.71 -17.72 37.55
N VAL A 427 -36.50 -16.74 37.14
CA VAL A 427 -37.19 -15.92 38.13
C VAL A 427 -38.33 -16.70 38.77
N ASP A 428 -39.01 -17.55 37.99
CA ASP A 428 -40.20 -18.23 38.49
C ASP A 428 -39.84 -19.35 39.44
N ARG A 429 -38.84 -20.16 39.11
CA ARG A 429 -38.48 -21.31 39.93
C ARG A 429 -37.86 -20.92 41.26
N VAL A 430 -37.22 -19.77 41.35
CA VAL A 430 -36.74 -19.27 42.64
C VAL A 430 -37.92 -18.95 43.55
N LEU A 431 -38.98 -18.37 43.00
CA LEU A 431 -40.23 -18.19 43.73
C LEU A 431 -40.98 -19.51 43.92
N ARG A 432 -40.61 -20.57 43.22
CA ARG A 432 -41.28 -21.85 43.39
C ARG A 432 -40.54 -22.79 44.34
N HIS A 433 -39.40 -22.40 44.88
CA HIS A 433 -38.80 -23.11 46.00
C HIS A 433 -38.34 -22.12 47.07
N ARG A 434 -39.06 -21.00 47.16
CA ARG A 434 -38.68 -19.88 48.02
C ARG A 434 -38.72 -20.21 49.50
N ASP A 435 -39.49 -21.22 49.91
CA ASP A 435 -39.40 -21.66 51.29
C ASP A 435 -38.10 -22.39 51.55
N ALA A 436 -37.68 -23.27 50.63
CA ALA A 436 -36.43 -23.99 50.78
C ALA A 436 -35.23 -23.07 50.72
N ILE A 437 -35.34 -21.95 50.00
CA ILE A 437 -34.29 -20.94 50.04
C ILE A 437 -34.25 -20.28 51.40
N ILE A 438 -35.42 -19.88 51.91
CA ILE A 438 -35.47 -19.09 53.14
C ILE A 438 -35.18 -19.96 54.36
N SER A 439 -35.84 -21.12 54.45
CA SER A 439 -35.74 -21.95 55.64
C SER A 439 -34.35 -22.58 55.78
N HIS A 440 -33.64 -22.74 54.67
CA HIS A 440 -32.24 -23.12 54.77
C HIS A 440 -31.37 -21.94 55.14
N LEU A 441 -31.69 -20.76 54.63
CA LEU A 441 -31.01 -19.55 55.06
C LEU A 441 -31.42 -19.16 56.47
N ASN A 442 -32.61 -19.57 56.89
CA ASN A 442 -33.04 -19.39 58.28
C ASN A 442 -32.18 -20.19 59.24
N TRP A 443 -31.87 -21.43 58.88
CA TRP A 443 -31.11 -22.30 59.77
C TRP A 443 -29.69 -21.79 59.94
N VAL A 444 -29.06 -21.33 58.87
CA VAL A 444 -27.66 -20.92 58.92
C VAL A 444 -27.49 -19.65 59.73
N CYS A 445 -28.54 -18.86 59.91
CA CYS A 445 -28.45 -17.73 60.82
C CYS A 445 -28.45 -18.21 62.27
N ILE A 446 -29.26 -19.22 62.57
CA ILE A 446 -29.32 -19.74 63.93
C ILE A 446 -28.14 -20.66 64.19
N PHE A 447 -27.58 -21.24 63.14
CA PHE A 447 -26.28 -21.91 63.29
C PHE A 447 -25.20 -20.89 63.61
N LEU A 448 -25.13 -19.82 62.84
CA LEU A 448 -24.05 -18.87 63.01
C LEU A 448 -24.31 -17.90 64.14
N GLY A 449 -25.47 -17.95 64.78
CA GLY A 449 -25.65 -17.16 65.97
C GLY A 449 -25.10 -17.85 67.18
N PHE A 450 -25.39 -19.14 67.32
CA PHE A 450 -24.81 -19.90 68.40
C PHE A 450 -23.32 -20.10 68.19
N HIS A 451 -22.93 -20.63 67.06
CA HIS A 451 -21.54 -20.96 66.86
C HIS A 451 -20.67 -19.79 66.45
N SER A 452 -21.16 -18.56 66.48
CA SER A 452 -20.26 -17.41 66.45
C SER A 452 -20.45 -16.47 67.62
N PHE A 453 -21.69 -16.05 67.89
CA PHE A 453 -21.90 -15.11 69.00
C PHE A 453 -21.87 -15.84 70.33
N GLY A 454 -22.43 -17.05 70.38
CA GLY A 454 -22.44 -17.81 71.63
C GLY A 454 -21.07 -18.24 72.08
N LEU A 455 -20.10 -18.30 71.18
CA LEU A 455 -18.71 -18.47 71.56
C LEU A 455 -18.19 -17.31 72.38
N TYR A 456 -18.67 -16.09 72.11
CA TYR A 456 -18.31 -14.96 72.97
C TYR A 456 -18.96 -15.10 74.35
N ILE A 457 -20.13 -15.72 74.40
CA ILE A 457 -20.83 -15.92 75.66
C ILE A 457 -20.13 -17.02 76.46
N HIS A 458 -19.67 -18.06 75.78
CA HIS A 458 -18.79 -19.04 76.40
C HIS A 458 -17.48 -18.41 76.82
N ASN A 459 -17.03 -17.38 76.11
CA ASN A 459 -15.82 -16.71 76.51
C ASN A 459 -16.05 -15.78 77.70
N ASP A 460 -17.30 -15.42 77.98
CA ASP A 460 -17.58 -14.66 79.19
C ASP A 460 -17.77 -15.59 80.38
N THR A 461 -18.55 -16.65 80.20
CA THR A 461 -18.85 -17.54 81.32
C THR A 461 -17.70 -18.49 81.61
N MET A 462 -16.64 -18.49 80.81
CA MET A 462 -15.43 -19.18 81.23
C MET A 462 -14.43 -18.20 81.85
N ARG A 463 -14.42 -16.96 81.38
CA ARG A 463 -13.48 -15.99 81.94
C ARG A 463 -13.95 -15.42 83.27
N ALA A 464 -15.24 -15.10 83.40
CA ALA A 464 -15.74 -14.54 84.65
C ALA A 464 -15.75 -15.59 85.75
N LEU A 465 -15.83 -16.87 85.39
CA LEU A 465 -15.76 -17.94 86.37
C LEU A 465 -14.33 -18.33 86.70
N GLY A 466 -13.35 -17.56 86.25
CA GLY A 466 -11.97 -17.82 86.62
C GLY A 466 -11.38 -19.04 85.97
N ARG A 467 -11.79 -19.36 84.76
CA ARG A 467 -11.23 -20.48 84.00
C ARG A 467 -10.81 -19.99 82.62
N PRO A 468 -9.69 -19.25 82.53
CA PRO A 468 -9.23 -18.80 81.20
C PRO A 468 -8.49 -19.86 80.41
N GLN A 469 -8.49 -21.12 80.86
CA GLN A 469 -8.02 -22.24 80.08
C GLN A 469 -9.14 -22.96 79.36
N ASP A 470 -10.38 -22.61 79.64
CA ASP A 470 -11.53 -23.34 79.14
C ASP A 470 -12.38 -22.53 78.17
N MET A 471 -11.92 -21.35 77.77
CA MET A 471 -12.59 -20.56 76.77
C MET A 471 -12.00 -20.87 75.39
N PHE A 472 -12.33 -20.04 74.42
CA PHE A 472 -11.74 -20.12 73.08
C PHE A 472 -10.79 -18.95 72.92
N SER A 473 -9.50 -19.21 73.03
CA SER A 473 -8.50 -18.18 72.84
C SER A 473 -7.23 -18.84 72.30
N ASP A 474 -6.13 -18.11 72.38
CA ASP A 474 -4.82 -18.68 72.08
C ASP A 474 -4.33 -19.62 73.16
N ALA A 475 -4.42 -19.21 74.43
CA ALA A 475 -3.89 -19.99 75.55
C ALA A 475 -4.93 -20.95 76.11
N ALA A 476 -5.85 -21.39 75.26
CA ALA A 476 -6.98 -22.22 75.64
C ALA A 476 -7.29 -23.08 74.43
N ILE A 477 -8.53 -23.58 74.33
CA ILE A 477 -9.04 -24.20 73.10
C ILE A 477 -8.85 -23.23 71.96
N GLN A 478 -8.08 -23.63 70.95
CA GLN A 478 -7.72 -22.71 69.89
C GLN A 478 -8.64 -22.86 68.70
N LEU A 479 -9.24 -21.75 68.30
CA LEU A 479 -10.05 -21.70 67.09
C LEU A 479 -9.21 -21.01 66.04
N GLN A 480 -8.39 -21.77 65.40
CA GLN A 480 -7.43 -21.20 64.48
C GLN A 480 -8.05 -21.08 63.09
N PRO A 481 -7.85 -19.95 62.43
CA PRO A 481 -8.33 -19.80 61.06
C PRO A 481 -7.33 -20.42 60.07
N VAL A 482 -7.42 -21.74 59.90
CA VAL A 482 -6.40 -22.46 59.16
C VAL A 482 -6.50 -22.19 57.67
N PHE A 483 -7.66 -21.72 57.20
CA PHE A 483 -7.79 -21.40 55.78
C PHE A 483 -7.19 -20.05 55.46
N ALA A 484 -7.59 -19.01 56.17
CA ALA A 484 -7.11 -17.66 55.91
C ALA A 484 -5.64 -17.47 56.26
N GLN A 485 -5.10 -18.30 57.14
CA GLN A 485 -3.64 -18.29 57.33
C GLN A 485 -2.94 -18.94 56.15
N TRP A 486 -3.62 -19.82 55.43
CA TRP A 486 -3.03 -20.43 54.25
C TRP A 486 -3.18 -19.52 53.04
N VAL A 487 -4.24 -18.72 53.00
CA VAL A 487 -4.44 -17.79 51.90
C VAL A 487 -3.41 -16.68 51.93
N GLN A 488 -3.01 -16.25 53.13
CA GLN A 488 -1.81 -15.43 53.26
C GLN A 488 -0.56 -16.18 52.83
N GLY A 489 -0.53 -17.50 52.99
CA GLY A 489 0.63 -18.28 52.63
C GLY A 489 0.79 -18.42 51.13
N VAL A 490 -0.27 -18.18 50.36
CA VAL A 490 -0.13 -18.25 48.91
C VAL A 490 -0.20 -16.86 48.28
N ASN A 491 -0.76 -15.87 48.96
CA ASN A 491 -0.71 -14.50 48.44
C ASN A 491 0.57 -13.77 48.82
N SER A 492 1.42 -14.37 49.64
CA SER A 492 2.70 -13.76 49.98
C SER A 492 3.87 -14.51 49.38
N ALA A 493 3.68 -15.79 49.05
CA ALA A 493 4.69 -16.53 48.31
C ALA A 493 4.45 -16.37 46.82
N ALA A 494 3.36 -15.69 46.47
CA ALA A 494 2.97 -15.51 45.09
C ALA A 494 3.99 -14.73 44.27
N ALA A 495 4.56 -13.69 44.88
CA ALA A 495 5.44 -12.81 44.11
C ALA A 495 6.82 -13.44 43.93
N GLY A 496 7.18 -13.62 42.67
CA GLY A 496 8.46 -14.20 42.29
C GLY A 496 8.43 -15.71 42.29
N ASN A 497 7.34 -16.27 42.81
CA ASN A 497 7.19 -17.72 42.84
C ASN A 497 6.08 -18.17 41.89
N THR A 498 5.25 -17.22 41.52
CA THR A 498 4.17 -17.45 40.58
C THR A 498 4.02 -16.18 39.80
N ALA A 499 4.09 -15.06 40.52
CA ALA A 499 4.06 -13.75 39.88
C ALA A 499 5.49 -13.24 39.81
N PRO A 500 6.29 -13.75 38.87
CA PRO A 500 7.75 -13.55 38.94
C PRO A 500 8.22 -12.17 38.54
N ASN A 501 7.40 -11.36 37.86
CA ASN A 501 7.87 -10.05 37.44
C ASN A 501 7.65 -8.98 38.48
N ALA A 502 6.90 -9.27 39.54
CA ALA A 502 6.70 -8.29 40.60
C ALA A 502 7.96 -8.13 41.44
N LEU A 503 8.09 -6.99 42.10
CA LEU A 503 9.10 -6.85 43.13
C LEU A 503 8.65 -7.47 44.43
N ALA A 504 7.55 -6.97 45.00
CA ALA A 504 6.99 -7.51 46.21
C ALA A 504 5.57 -7.99 45.93
N ASN A 505 4.87 -8.39 46.98
CA ASN A 505 3.51 -8.90 46.87
C ASN A 505 2.56 -7.75 46.56
N ALA A 506 1.27 -8.10 46.40
CA ALA A 506 0.25 -7.10 46.15
C ALA A 506 0.09 -6.14 47.33
N SER A 507 0.31 -6.64 48.54
CA SER A 507 0.33 -5.79 49.71
C SER A 507 1.27 -6.40 50.74
N TYR A 508 1.57 -5.63 51.76
CA TYR A 508 2.42 -6.07 52.85
C TYR A 508 1.65 -6.77 53.94
N ALA A 509 0.31 -6.80 53.84
CA ALA A 509 -0.50 -7.37 54.91
C ALA A 509 -0.34 -8.88 55.00
N PHE A 510 -0.05 -9.54 53.87
CA PHE A 510 0.16 -10.97 53.90
C PHE A 510 1.51 -11.33 54.51
N GLY A 511 2.46 -10.41 54.45
CA GLY A 511 3.79 -10.66 54.99
C GLY A 511 4.84 -9.81 54.35
N GLY A 512 5.94 -9.59 55.05
CA GLY A 512 7.02 -8.78 54.54
C GLY A 512 7.54 -7.86 55.62
N ASP A 513 8.34 -6.89 55.20
CA ASP A 513 8.88 -5.94 56.15
C ASP A 513 7.85 -4.86 56.49
N ILE A 514 7.95 -4.37 57.73
CA ILE A 514 7.20 -3.20 58.16
C ILE A 514 7.71 -1.99 57.40
N VAL A 515 6.83 -1.35 56.65
CA VAL A 515 7.17 -0.12 55.96
C VAL A 515 6.68 1.06 56.78
N SER A 516 7.54 2.05 56.97
CA SER A 516 7.24 3.20 57.82
C SER A 516 7.69 4.47 57.12
N VAL A 517 6.95 5.55 57.34
CA VAL A 517 7.34 6.89 56.94
C VAL A 517 7.59 7.68 58.21
N GLY A 518 8.87 7.93 58.51
CA GLY A 518 9.18 8.45 59.81
C GLY A 518 8.97 7.37 60.87
N GLY A 519 8.28 7.76 61.94
CA GLY A 519 7.98 6.83 63.00
C GLY A 519 6.61 6.22 62.96
N LYS A 520 5.79 6.55 61.95
CA LYS A 520 4.45 6.01 61.84
C LYS A 520 4.45 4.89 60.81
N VAL A 521 3.75 3.81 61.14
CA VAL A 521 3.71 2.65 60.26
C VAL A 521 2.82 2.96 59.07
N ALA A 522 3.36 2.76 57.87
CA ALA A 522 2.51 2.75 56.69
C ALA A 522 1.61 1.53 56.68
N MET A 523 2.22 0.34 56.77
CA MET A 523 1.50 -0.92 56.68
C MET A 523 2.39 -2.00 57.27
N MET A 524 1.75 -2.98 57.92
CA MET A 524 2.48 -4.07 58.54
C MET A 524 1.65 -5.34 58.38
N PRO A 525 2.29 -6.53 58.41
CA PRO A 525 1.52 -7.76 58.16
C PRO A 525 0.49 -8.09 59.22
N ILE A 526 -0.79 -7.96 58.87
CA ILE A 526 -1.88 -8.19 59.81
C ILE A 526 -2.01 -9.68 60.08
N SER A 527 -1.69 -10.08 61.30
CA SER A 527 -1.82 -11.47 61.68
C SER A 527 -3.29 -11.82 61.85
N LEU A 528 -3.59 -13.11 61.70
CA LEU A 528 -4.89 -13.64 62.06
C LEU A 528 -4.69 -14.70 63.13
N GLY A 529 -5.40 -14.55 64.24
CA GLY A 529 -5.29 -15.47 65.33
C GLY A 529 -6.61 -16.12 65.68
N THR A 530 -6.76 -16.52 66.95
CA THR A 530 -7.96 -17.23 67.37
C THR A 530 -9.14 -16.29 67.49
N ALA A 531 -8.87 -15.01 67.78
CA ALA A 531 -9.95 -14.04 67.89
C ALA A 531 -10.48 -13.65 66.52
N ASP A 532 -9.62 -13.72 65.51
CA ASP A 532 -10.04 -13.33 64.16
C ASP A 532 -10.95 -14.37 63.53
N PHE A 533 -10.88 -15.62 63.96
CA PHE A 533 -11.85 -16.62 63.54
C PHE A 533 -13.23 -16.27 64.06
N LEU A 534 -13.31 -15.76 65.27
CA LEU A 534 -14.59 -15.46 65.89
C LEU A 534 -15.27 -14.29 65.20
N VAL A 535 -14.55 -13.17 65.07
CA VAL A 535 -15.17 -11.94 64.62
C VAL A 535 -15.49 -11.99 63.14
N HIS A 536 -14.72 -12.77 62.36
CA HIS A 536 -15.10 -13.01 60.98
C HIS A 536 -16.34 -13.85 60.88
N HIS A 537 -16.55 -14.80 61.80
CA HIS A 537 -17.78 -15.57 61.82
C HIS A 537 -18.94 -14.81 62.42
N ILE A 538 -18.67 -13.73 63.16
CA ILE A 538 -19.73 -12.78 63.47
C ILE A 538 -20.21 -12.11 62.20
N HIS A 539 -19.26 -11.69 61.37
CA HIS A 539 -19.60 -11.03 60.10
C HIS A 539 -20.33 -11.97 59.17
N ALA A 540 -19.92 -13.23 59.14
CA ALA A 540 -20.66 -14.23 58.40
C ALA A 540 -22.05 -14.42 58.95
N PHE A 541 -22.22 -14.21 60.25
CA PHE A 541 -23.52 -14.36 60.86
C PHE A 541 -24.43 -13.19 60.52
N THR A 542 -23.96 -11.96 60.73
CA THR A 542 -24.85 -10.82 60.61
C THR A 542 -25.12 -10.44 59.17
N ILE A 543 -24.21 -10.77 58.24
CA ILE A 543 -24.51 -10.57 56.83
C ILE A 543 -25.57 -11.57 56.38
N HIS A 544 -25.49 -12.80 56.89
CA HIS A 544 -26.46 -13.81 56.52
C HIS A 544 -27.84 -13.53 57.10
N VAL A 545 -27.93 -12.75 58.17
CA VAL A 545 -29.24 -12.29 58.62
C VAL A 545 -29.71 -11.14 57.75
N THR A 546 -28.81 -10.21 57.42
CA THR A 546 -29.15 -9.05 56.59
C THR A 546 -29.58 -9.47 55.21
N VAL A 547 -29.00 -10.56 54.70
CA VAL A 547 -29.49 -11.19 53.48
C VAL A 547 -30.88 -11.76 53.70
N LEU A 548 -31.10 -12.39 54.86
CA LEU A 548 -32.32 -13.17 55.10
C LEU A 548 -33.55 -12.28 55.18
N ILE A 549 -33.44 -11.12 55.82
CA ILE A 549 -34.59 -10.23 55.94
C ILE A 549 -34.91 -9.60 54.59
N LEU A 550 -33.87 -9.30 53.81
CA LEU A 550 -34.10 -8.71 52.49
C LEU A 550 -34.56 -9.76 51.49
N LEU A 551 -34.05 -10.98 51.60
CA LEU A 551 -34.50 -12.02 50.68
C LEU A 551 -35.89 -12.50 51.02
N LYS A 552 -36.27 -12.50 52.31
CA LYS A 552 -37.65 -12.82 52.66
C LYS A 552 -38.60 -11.74 52.18
N GLY A 553 -38.12 -10.50 52.11
CA GLY A 553 -38.96 -9.43 51.59
C GLY A 553 -39.17 -9.53 50.10
N VAL A 554 -38.21 -10.09 49.38
CA VAL A 554 -38.30 -10.14 47.93
C VAL A 554 -39.01 -11.41 47.49
N LEU A 555 -38.69 -12.54 48.11
CA LEU A 555 -39.30 -13.80 47.70
C LEU A 555 -40.76 -13.89 48.08
N PHE A 556 -41.15 -13.26 49.20
CA PHE A 556 -42.54 -13.19 49.60
C PHE A 556 -43.16 -11.83 49.29
N ALA A 557 -42.66 -11.13 48.27
CA ALA A 557 -43.15 -9.78 47.98
C ALA A 557 -44.57 -9.80 47.45
N ARG A 558 -44.95 -10.86 46.74
CA ARG A 558 -46.26 -10.91 46.12
C ARG A 558 -47.27 -11.69 46.96
N ASN A 559 -46.85 -12.82 47.49
CA ASN A 559 -47.80 -13.74 48.11
C ASN A 559 -47.06 -14.63 49.10
N SER A 560 -47.82 -15.26 49.98
CA SER A 560 -47.29 -16.24 50.92
C SER A 560 -48.45 -17.12 51.36
N ARG A 561 -48.20 -17.96 52.37
CA ARG A 561 -49.30 -18.69 52.98
C ARG A 561 -50.17 -17.76 53.82
N LEU A 562 -49.62 -16.61 54.22
CA LEU A 562 -50.39 -15.67 55.01
C LEU A 562 -51.25 -14.78 54.12
N ILE A 563 -50.62 -13.98 53.26
CA ILE A 563 -51.34 -13.02 52.44
C ILE A 563 -51.04 -13.34 50.98
N PRO A 564 -52.04 -13.75 50.18
CA PRO A 564 -51.80 -13.97 48.75
C PRO A 564 -51.89 -12.71 47.92
N ASP A 565 -52.26 -11.56 48.50
CA ASP A 565 -52.36 -10.35 47.71
C ASP A 565 -51.52 -9.23 48.28
N LYS A 566 -50.29 -9.55 48.69
CA LYS A 566 -49.38 -8.55 49.23
C LYS A 566 -48.96 -7.52 48.19
N ALA A 567 -48.67 -7.95 46.96
CA ALA A 567 -48.34 -6.99 45.92
C ALA A 567 -49.57 -6.38 45.28
N ASN A 568 -50.76 -6.95 45.52
CA ASN A 568 -51.98 -6.21 45.23
C ASN A 568 -52.15 -5.03 46.17
N LEU A 569 -51.66 -5.15 47.40
CA LEU A 569 -51.64 -4.06 48.35
C LEU A 569 -50.43 -3.16 48.18
N GLY A 570 -49.57 -3.47 47.21
CA GLY A 570 -48.52 -2.57 46.79
C GLY A 570 -47.17 -2.93 47.38
N PHE A 571 -46.23 -2.04 47.16
CA PHE A 571 -44.89 -2.21 47.73
C PHE A 571 -44.85 -1.71 49.16
N ARG A 572 -45.52 -0.60 49.45
CA ARG A 572 -45.39 0.09 50.72
C ARG A 572 -46.78 0.30 51.29
N PHE A 573 -47.26 -0.72 51.99
CA PHE A 573 -48.51 -0.62 52.73
C PHE A 573 -48.20 -1.09 54.15
N PRO A 574 -48.82 -0.49 55.17
CA PRO A 574 -48.31 -0.69 56.53
C PRO A 574 -48.54 -2.07 57.10
N CYS A 575 -49.76 -2.60 56.98
CA CYS A 575 -50.08 -3.87 57.60
C CYS A 575 -51.33 -4.41 56.94
N ASP A 576 -51.67 -5.64 57.29
CA ASP A 576 -52.99 -6.18 56.99
C ASP A 576 -53.84 -6.27 58.23
N GLY A 577 -53.42 -5.60 59.31
CA GLY A 577 -54.26 -5.41 60.47
C GLY A 577 -54.11 -6.46 61.54
N PRO A 578 -55.11 -6.57 62.42
CA PRO A 578 -55.11 -7.59 63.46
C PRO A 578 -55.63 -8.95 63.01
N GLY A 579 -55.72 -9.18 61.70
CA GLY A 579 -56.23 -10.43 61.20
C GLY A 579 -55.15 -11.46 60.96
N ARG A 580 -55.62 -12.69 60.72
CA ARG A 580 -54.79 -13.89 60.59
C ARG A 580 -53.89 -14.06 61.81
N GLY A 581 -54.45 -13.76 62.98
CA GLY A 581 -53.70 -13.68 64.22
C GLY A 581 -53.06 -12.34 64.49
N GLY A 582 -53.10 -11.40 63.55
CA GLY A 582 -52.35 -10.18 63.66
C GLY A 582 -51.25 -10.19 62.62
N THR A 583 -51.25 -9.21 61.73
CA THR A 583 -50.28 -9.13 60.64
C THR A 583 -49.73 -7.73 60.50
N CYS A 584 -48.65 -7.41 61.21
CA CYS A 584 -48.01 -6.12 61.07
C CYS A 584 -46.57 -6.28 60.64
N GLN A 585 -46.08 -5.29 59.88
CA GLN A 585 -44.78 -5.32 59.18
C GLN A 585 -44.68 -6.52 58.26
N VAL A 586 -45.66 -6.66 57.37
CA VAL A 586 -45.67 -7.80 56.46
C VAL A 586 -45.18 -7.40 55.08
N SER A 587 -45.16 -6.11 54.77
CA SER A 587 -44.93 -5.65 53.42
C SER A 587 -43.48 -5.80 52.99
N ALA A 588 -43.26 -5.55 51.71
CA ALA A 588 -41.91 -5.51 51.18
C ALA A 588 -41.15 -4.29 51.67
N TRP A 589 -41.86 -3.24 52.08
CA TRP A 589 -41.19 -2.07 52.60
C TRP A 589 -40.65 -2.30 54.00
N ASP A 590 -41.44 -2.98 54.84
CA ASP A 590 -41.05 -3.19 56.23
C ASP A 590 -39.85 -4.13 56.37
N HIS A 591 -39.66 -5.02 55.41
CA HIS A 591 -38.45 -5.84 55.39
C HIS A 591 -37.22 -5.00 55.13
N VAL A 592 -37.35 -3.96 54.30
CA VAL A 592 -36.25 -3.02 54.13
C VAL A 592 -36.07 -2.20 55.41
N PHE A 593 -37.18 -1.82 56.04
CA PHE A 593 -37.15 -1.17 57.33
C PHE A 593 -36.51 -2.03 58.40
N LEU A 594 -36.83 -3.33 58.40
CA LEU A 594 -36.17 -4.25 59.32
C LEU A 594 -34.71 -4.44 58.96
N GLY A 595 -34.40 -4.47 57.67
CA GLY A 595 -33.04 -4.73 57.24
C GLY A 595 -32.13 -3.52 57.35
N LEU A 596 -32.67 -2.35 57.70
CA LEU A 596 -31.79 -1.20 57.87
C LEU A 596 -31.07 -1.25 59.22
N PHE A 597 -31.77 -1.70 60.26
CA PHE A 597 -31.12 -1.83 61.56
C PHE A 597 -30.11 -2.95 61.58
N TRP A 598 -30.42 -4.05 60.90
CA TRP A 598 -29.48 -5.16 60.87
C TRP A 598 -28.24 -4.82 60.08
N MET A 599 -28.41 -4.06 59.00
CA MET A 599 -27.27 -3.48 58.30
C MET A 599 -26.51 -2.53 59.21
N TYR A 600 -27.21 -1.77 60.05
CA TYR A 600 -26.53 -0.98 61.06
C TYR A 600 -25.81 -1.87 62.05
N ASN A 601 -26.45 -2.99 62.44
CA ASN A 601 -25.81 -3.89 63.38
C ASN A 601 -24.70 -4.67 62.72
N SER A 602 -24.79 -4.88 61.40
CA SER A 602 -23.77 -5.62 60.69
C SER A 602 -22.48 -4.81 60.59
N LEU A 603 -22.55 -3.63 59.97
CA LEU A 603 -21.34 -2.89 59.64
C LEU A 603 -20.68 -2.28 60.86
N SER A 604 -21.46 -2.04 61.92
CA SER A 604 -20.88 -1.52 63.15
C SER A 604 -19.91 -2.49 63.80
N VAL A 605 -20.16 -3.79 63.70
CA VAL A 605 -19.16 -4.75 64.13
C VAL A 605 -18.00 -4.76 63.15
N VAL A 606 -18.27 -4.57 61.85
CA VAL A 606 -17.21 -4.56 60.85
C VAL A 606 -16.32 -3.34 61.04
N LEU A 607 -16.91 -2.20 61.40
CA LEU A 607 -16.12 -1.03 61.75
C LEU A 607 -15.38 -1.20 63.05
N PHE A 608 -15.98 -1.86 64.03
CA PHE A 608 -15.33 -2.07 65.31
C PHE A 608 -14.15 -3.03 65.17
N HIS A 609 -14.34 -4.09 64.38
CA HIS A 609 -13.26 -5.02 64.08
C HIS A 609 -12.12 -4.32 63.36
N PHE A 610 -12.44 -3.31 62.56
CA PHE A 610 -11.41 -2.51 61.92
C PHE A 610 -10.69 -1.63 62.93
N SER A 611 -11.42 -0.73 63.59
CA SER A 611 -10.84 0.38 64.35
C SER A 611 -10.04 -0.08 65.58
N TRP A 612 -10.23 -1.31 66.03
CA TRP A 612 -9.37 -1.86 67.05
C TRP A 612 -8.18 -2.61 66.48
N LYS A 613 -8.40 -3.51 65.52
CA LYS A 613 -7.30 -4.28 64.94
C LYS A 613 -6.33 -3.38 64.19
N MET A 614 -6.84 -2.31 63.58
CA MET A 614 -5.93 -1.34 62.97
C MET A 614 -5.17 -0.54 64.03
N GLN A 615 -5.79 -0.26 65.17
CA GLN A 615 -5.08 0.42 66.24
C GLN A 615 -4.16 -0.54 66.98
N SER A 616 -4.66 -1.72 67.34
CA SER A 616 -3.91 -2.64 68.17
C SER A 616 -2.84 -3.40 67.42
N ASP A 617 -3.15 -3.87 66.21
CA ASP A 617 -2.26 -4.81 65.53
C ASP A 617 -1.61 -4.26 64.28
N VAL A 618 -1.90 -3.03 63.88
CA VAL A 618 -1.34 -2.44 62.66
C VAL A 618 -0.54 -1.19 62.97
N TRP A 619 -1.19 -0.16 63.50
CA TRP A 619 -0.61 1.17 63.55
C TRP A 619 0.16 1.38 64.84
N GLY A 620 1.15 2.27 64.79
CA GLY A 620 1.86 2.64 66.00
C GLY A 620 3.13 3.41 65.70
N ASN A 621 3.93 3.58 66.75
CA ASN A 621 5.13 4.39 66.69
C ASN A 621 6.37 3.50 66.54
N VAL A 622 7.23 3.88 65.61
CA VAL A 622 8.42 3.13 65.25
C VAL A 622 9.64 3.86 65.78
N THR A 623 10.46 3.16 66.54
CA THR A 623 11.76 3.68 66.97
C THR A 623 12.77 3.53 65.84
N ALA A 624 13.98 4.05 66.07
CA ALA A 624 15.02 4.16 65.06
C ALA A 624 15.50 2.82 64.53
N ASP A 625 15.62 1.79 65.36
CA ASP A 625 16.03 0.49 64.87
C ASP A 625 14.90 -0.20 64.11
N GLY A 626 13.65 0.16 64.41
CA GLY A 626 12.53 -0.40 63.68
C GLY A 626 11.60 -1.21 64.55
N ALA A 627 11.89 -1.26 65.85
CA ALA A 627 11.04 -2.00 66.77
C ALA A 627 9.72 -1.25 66.96
N VAL A 628 8.66 -1.84 66.40
CA VAL A 628 7.34 -1.20 66.39
C VAL A 628 6.73 -1.33 67.78
N SER A 629 6.04 -0.28 68.19
CA SER A 629 5.16 -0.29 69.36
C SER A 629 3.82 0.23 68.89
N HIS A 630 2.76 -0.53 69.12
CA HIS A 630 1.48 -0.16 68.56
C HIS A 630 0.78 0.87 69.44
N ILE A 631 -0.44 1.23 69.03
CA ILE A 631 -1.15 2.31 69.70
C ILE A 631 -1.72 1.85 71.03
N THR A 632 -2.62 0.88 71.00
CA THR A 632 -3.04 0.23 72.24
C THR A 632 -2.10 -0.89 72.65
N GLY A 633 -1.19 -1.28 71.76
CA GLY A 633 -0.16 -2.22 72.12
C GLY A 633 -0.58 -3.66 72.19
N ASN A 634 -1.23 -4.17 71.13
CA ASN A 634 -1.57 -5.59 70.95
C ASN A 634 -2.46 -6.13 72.08
N ASN A 635 -3.68 -5.60 72.15
CA ASN A 635 -4.67 -6.09 73.10
C ASN A 635 -5.94 -6.59 72.43
N PHE A 636 -5.93 -6.78 71.11
CA PHE A 636 -7.03 -7.43 70.41
C PHE A 636 -6.99 -8.95 70.61
N ALA A 637 -5.81 -9.50 70.89
CA ALA A 637 -5.63 -10.94 70.80
C ALA A 637 -6.27 -11.67 71.96
N GLN A 638 -6.57 -10.96 73.04
CA GLN A 638 -7.26 -11.54 74.18
C GLN A 638 -8.39 -10.68 74.71
N GLY A 639 -8.45 -9.41 74.35
CA GLY A 639 -9.56 -8.58 74.76
C GLY A 639 -10.76 -8.86 73.89
N ALA A 640 -10.55 -8.97 72.59
CA ALA A 640 -11.64 -9.04 71.63
C ALA A 640 -12.30 -10.39 71.56
N ILE A 641 -11.93 -11.37 72.39
CA ILE A 641 -12.65 -12.65 72.37
C ILE A 641 -13.87 -12.63 73.26
N THR A 642 -14.04 -11.61 74.09
CA THR A 642 -15.14 -11.54 75.04
C THR A 642 -16.02 -10.34 74.75
N ILE A 643 -17.24 -10.38 75.30
CA ILE A 643 -18.10 -9.21 75.22
C ILE A 643 -17.56 -8.11 76.13
N ASN A 644 -17.05 -8.48 77.30
CA ASN A 644 -16.51 -7.50 78.24
C ASN A 644 -15.29 -6.79 77.67
N GLY A 645 -14.40 -7.54 77.02
CA GLY A 645 -13.23 -6.91 76.43
C GLY A 645 -13.57 -6.05 75.24
N TRP A 646 -14.70 -6.31 74.59
CA TRP A 646 -15.21 -5.39 73.60
C TRP A 646 -15.76 -4.13 74.25
N LEU A 647 -16.12 -4.20 75.52
CA LEU A 647 -16.64 -3.03 76.23
C LEU A 647 -15.56 -2.37 77.06
N ARG A 648 -14.76 -3.15 77.78
CA ARG A 648 -13.72 -2.62 78.65
C ARG A 648 -12.53 -2.10 77.86
N ASP A 649 -11.86 -3.00 77.13
CA ASP A 649 -10.59 -2.71 76.49
C ASP A 649 -10.74 -1.85 75.25
N PHE A 650 -11.93 -1.82 74.66
CA PHE A 650 -12.16 -1.10 73.43
C PHE A 650 -13.11 0.07 73.62
N LEU A 651 -14.31 -0.16 74.16
CA LEU A 651 -15.32 0.89 74.15
C LEU A 651 -15.14 1.84 75.32
N TRP A 652 -14.74 1.32 76.48
CA TRP A 652 -14.48 2.22 77.60
C TRP A 652 -13.16 2.97 77.41
N ALA A 653 -12.15 2.28 76.88
CA ALA A 653 -10.83 2.88 76.69
C ALA A 653 -10.84 3.99 75.66
N GLN A 654 -11.59 3.82 74.57
CA GLN A 654 -11.52 4.75 73.44
C GLN A 654 -12.59 5.81 73.45
N ALA A 655 -13.60 5.70 74.32
CA ALA A 655 -14.57 6.77 74.46
C ALA A 655 -14.04 7.93 75.29
N SER A 656 -12.85 7.79 75.86
CA SER A 656 -12.22 8.83 76.67
C SER A 656 -11.89 10.08 75.88
N GLN A 657 -11.40 9.91 74.65
CA GLN A 657 -10.91 11.00 73.81
C GLN A 657 -11.98 11.99 73.41
N VAL A 658 -13.26 11.63 73.55
CA VAL A 658 -14.36 12.48 73.09
C VAL A 658 -15.13 13.07 74.26
N ILE A 659 -14.87 12.63 75.49
CA ILE A 659 -15.51 13.21 76.66
C ILE A 659 -14.54 14.05 77.49
N GLN A 660 -13.25 14.02 77.20
CA GLN A 660 -12.29 14.97 77.75
C GLN A 660 -11.90 16.01 76.72
N SER A 661 -12.83 16.46 75.89
CA SER A 661 -12.54 17.31 74.75
C SER A 661 -13.29 18.63 74.76
N TYR A 662 -13.98 18.97 75.85
CA TYR A 662 -14.65 20.26 75.89
C TYR A 662 -13.63 21.35 76.18
N GLY A 663 -13.71 22.44 75.42
CA GLY A 663 -12.68 23.45 75.46
C GLY A 663 -11.50 23.17 74.55
N SER A 664 -11.66 22.29 73.57
CA SER A 664 -10.62 21.93 72.63
C SER A 664 -11.01 22.37 71.23
N ALA A 665 -10.09 22.19 70.29
CA ALA A 665 -10.42 22.27 68.87
C ALA A 665 -11.15 21.04 68.38
N LEU A 666 -11.12 19.96 69.17
CA LEU A 666 -11.79 18.70 68.87
C LEU A 666 -13.15 18.62 69.55
N SER A 667 -13.82 19.75 69.74
CA SER A 667 -14.88 19.80 70.74
C SER A 667 -16.24 19.54 70.15
N ALA A 668 -16.47 19.88 68.89
CA ALA A 668 -17.72 19.52 68.23
C ALA A 668 -17.84 18.02 68.03
N TYR A 669 -16.71 17.32 67.96
CA TYR A 669 -16.69 15.87 68.09
C TYR A 669 -17.31 15.42 69.41
N GLY A 670 -16.95 16.10 70.51
CA GLY A 670 -17.60 15.82 71.77
C GLY A 670 -19.08 16.19 71.77
N LEU A 671 -19.45 17.16 70.94
CA LEU A 671 -20.85 17.54 70.84
C LEU A 671 -21.65 16.57 70.00
N MET A 672 -21.11 16.16 68.85
CA MET A 672 -21.80 15.20 68.00
C MET A 672 -21.87 13.82 68.62
N PHE A 673 -20.87 13.43 69.41
CA PHE A 673 -20.95 12.22 70.22
C PHE A 673 -22.10 12.31 71.22
N LEU A 674 -22.29 13.49 71.78
CA LEU A 674 -23.43 13.72 72.66
C LEU A 674 -24.70 13.88 71.86
N GLY A 675 -24.64 14.67 70.77
CA GLY A 675 -25.82 15.00 70.01
C GLY A 675 -26.44 13.83 69.27
N ALA A 676 -25.64 12.82 68.93
CA ALA A 676 -26.18 11.66 68.23
C ALA A 676 -26.67 10.58 69.17
N HIS A 677 -26.17 10.55 70.41
CA HIS A 677 -26.80 9.74 71.45
C HIS A 677 -28.23 10.20 71.71
N PHE A 678 -28.50 11.48 71.49
CA PHE A 678 -29.84 12.04 71.66
C PHE A 678 -30.81 11.50 70.61
N ILE A 679 -30.49 11.71 69.34
CA ILE A 679 -31.44 11.47 68.25
C ILE A 679 -31.71 9.98 68.07
N TRP A 680 -30.75 9.14 68.46
CA TRP A 680 -30.96 7.69 68.51
C TRP A 680 -32.09 7.32 69.45
N ALA A 681 -32.06 7.86 70.67
CA ALA A 681 -33.14 7.62 71.61
C ALA A 681 -34.42 8.32 71.17
N PHE A 682 -34.28 9.39 70.38
CA PHE A 682 -35.45 10.11 69.88
C PHE A 682 -36.20 9.29 68.83
N SER A 683 -35.53 8.31 68.22
CA SER A 683 -36.20 7.36 67.33
C SER A 683 -37.20 6.50 68.07
N LEU A 684 -36.86 6.11 69.29
CA LEU A 684 -37.62 5.11 70.01
C LEU A 684 -39.00 5.61 70.40
N MET A 685 -39.18 6.93 70.44
CA MET A 685 -40.50 7.54 70.55
C MET A 685 -41.37 7.19 69.36
N PHE A 686 -40.78 7.00 68.18
CA PHE A 686 -41.51 6.65 66.97
C PHE A 686 -41.53 5.16 66.74
N LEU A 687 -40.40 4.49 66.99
CA LEU A 687 -40.25 3.06 66.74
C LEU A 687 -41.09 2.21 67.67
N PHE A 688 -40.95 2.40 68.98
CA PHE A 688 -41.63 1.53 69.93
C PHE A 688 -43.11 1.84 70.03
N SER A 689 -43.55 2.98 69.48
CA SER A 689 -44.91 3.44 69.62
C SER A 689 -45.69 3.22 68.32
N GLY A 690 -46.93 3.70 68.31
CA GLY A 690 -47.79 3.55 67.16
C GLY A 690 -48.51 4.86 66.85
N ARG A 691 -49.40 4.77 65.86
CA ARG A 691 -50.09 5.98 65.39
C ARG A 691 -51.24 6.34 66.31
N GLY A 692 -52.21 5.43 66.47
CA GLY A 692 -53.52 5.70 67.04
C GLY A 692 -53.53 6.22 68.47
N TYR A 693 -52.41 6.14 69.17
CA TYR A 693 -52.24 6.95 70.37
C TYR A 693 -52.21 8.43 70.00
N TRP A 694 -51.41 8.79 69.01
CA TRP A 694 -51.08 10.20 68.78
C TRP A 694 -52.18 10.94 68.03
N GLN A 695 -52.82 10.29 67.06
CA GLN A 695 -53.92 10.91 66.35
C GLN A 695 -55.13 11.08 67.26
N GLU A 696 -55.23 10.26 68.30
CA GLU A 696 -56.12 10.48 69.42
C GLU A 696 -55.66 11.62 70.31
N LEU A 697 -54.35 11.86 70.41
CA LEU A 697 -53.84 12.90 71.28
C LEU A 697 -53.98 14.28 70.64
N ILE A 698 -54.03 14.34 69.32
CA ILE A 698 -54.18 15.64 68.65
C ILE A 698 -55.61 16.15 68.81
N GLU A 699 -56.58 15.24 69.03
CA GLU A 699 -57.94 15.61 69.45
C GLU A 699 -57.95 16.52 70.66
N SER A 700 -57.05 16.28 71.60
CA SER A 700 -56.79 17.19 72.69
C SER A 700 -56.03 18.44 72.27
N ILE A 701 -55.06 18.33 71.36
CA ILE A 701 -54.28 19.50 70.97
C ILE A 701 -55.03 20.37 69.97
N VAL A 702 -55.88 19.80 69.12
CA VAL A 702 -56.71 20.62 68.25
C VAL A 702 -57.87 21.23 69.04
N TRP A 703 -58.15 20.67 70.22
CA TRP A 703 -59.17 21.25 71.08
C TRP A 703 -58.70 22.59 71.63
N ALA A 704 -57.40 22.72 71.90
CA ALA A 704 -56.84 23.96 72.39
C ALA A 704 -56.90 25.08 71.36
N HIS A 705 -57.00 24.75 70.07
CA HIS A 705 -57.14 25.75 69.03
C HIS A 705 -58.57 25.83 68.51
N ASN A 706 -59.45 24.92 68.90
CA ASN A 706 -60.89 25.10 68.69
C ASN A 706 -61.59 25.72 69.89
N LYS A 707 -61.03 25.59 71.10
CA LYS A 707 -61.53 26.36 72.23
C LYS A 707 -61.32 27.85 71.99
N LEU A 708 -60.21 28.21 71.35
CA LEU A 708 -59.90 29.59 71.04
C LEU A 708 -60.16 29.92 69.58
N LYS A 709 -60.86 29.04 68.86
CA LYS A 709 -61.46 29.31 67.55
C LYS A 709 -60.44 29.56 66.43
N PHE A 710 -59.29 28.89 66.44
CA PHE A 710 -58.42 28.96 65.26
C PHE A 710 -57.81 27.59 64.93
N ALA A 711 -58.58 26.51 65.08
CA ALA A 711 -58.13 25.21 64.62
C ALA A 711 -58.01 25.20 63.10
N PRO A 712 -56.85 24.84 62.55
CA PRO A 712 -56.55 25.18 61.16
C PRO A 712 -57.30 24.34 60.16
N SER A 713 -57.45 24.92 58.94
CA SER A 713 -58.11 24.22 57.84
C SER A 713 -57.32 23.01 57.38
N ILE A 714 -55.99 23.11 57.36
CA ILE A 714 -55.16 21.91 57.33
C ILE A 714 -55.40 21.21 58.66
N GLN A 715 -56.03 20.05 58.60
CA GLN A 715 -56.27 19.32 59.83
C GLN A 715 -54.96 18.73 60.33
N PRO A 716 -54.55 19.05 61.56
CA PRO A 716 -53.25 18.59 62.06
C PRO A 716 -53.28 17.10 62.31
N ARG A 717 -52.46 16.37 61.55
CA ARG A 717 -52.56 14.92 61.55
C ARG A 717 -51.34 14.27 62.18
N ALA A 718 -51.51 12.98 62.46
CA ALA A 718 -50.40 12.14 62.85
C ALA A 718 -49.63 11.68 61.62
N LEU A 719 -48.59 10.89 61.86
CA LEU A 719 -47.89 10.25 60.77
C LEU A 719 -48.55 8.92 60.44
N SER A 720 -48.39 8.48 59.19
CA SER A 720 -48.83 7.15 58.85
C SER A 720 -47.88 6.11 59.45
N ILE A 721 -48.32 4.85 59.42
CA ILE A 721 -47.60 3.79 60.14
C ILE A 721 -46.26 3.51 59.48
N THR A 722 -46.23 3.45 58.15
CA THR A 722 -44.95 3.34 57.44
C THR A 722 -44.09 4.55 57.66
N GLN A 723 -44.69 5.73 57.79
CA GLN A 723 -43.93 6.94 58.04
C GLN A 723 -43.31 6.92 59.42
N GLY A 724 -44.09 6.54 60.44
CA GLY A 724 -43.54 6.42 61.78
C GLY A 724 -42.42 5.41 61.88
N ARG A 725 -42.51 4.33 61.10
CA ARG A 725 -41.36 3.45 60.91
C ARG A 725 -40.24 4.18 60.19
N ALA A 726 -40.57 4.95 59.15
CA ALA A 726 -39.55 5.54 58.30
C ALA A 726 -38.79 6.65 59.01
N VAL A 727 -39.50 7.54 59.70
CA VAL A 727 -38.85 8.55 60.53
C VAL A 727 -38.03 7.92 61.65
N GLY A 728 -38.53 6.84 62.24
CA GLY A 728 -37.85 6.20 63.34
C GLY A 728 -36.57 5.51 62.92
N VAL A 729 -36.52 4.95 61.72
CA VAL A 729 -35.25 4.37 61.31
C VAL A 729 -34.31 5.45 60.79
N ALA A 730 -34.85 6.49 60.13
CA ALA A 730 -34.00 7.52 59.55
C ALA A 730 -33.38 8.41 60.63
N HIS A 731 -34.00 8.44 61.81
CA HIS A 731 -33.33 9.08 62.94
C HIS A 731 -32.45 8.08 63.70
N TYR A 732 -32.74 6.79 63.61
CA TYR A 732 -31.90 5.78 64.25
C TYR A 732 -30.53 5.73 63.61
N LEU A 733 -30.50 5.63 62.28
CA LEU A 733 -29.23 5.64 61.57
C LEU A 733 -28.59 7.02 61.62
N LEU A 734 -29.40 8.06 61.84
CA LEU A 734 -28.85 9.40 62.05
C LEU A 734 -28.00 9.46 63.30
N GLY A 735 -28.34 8.67 64.33
CA GLY A 735 -27.56 8.69 65.54
C GLY A 735 -26.35 7.78 65.52
N GLY A 736 -26.56 6.48 65.33
CA GLY A 736 -25.52 5.49 65.53
C GLY A 736 -24.34 5.57 64.59
N ILE A 737 -24.54 6.18 63.42
CA ILE A 737 -23.43 6.45 62.53
C ILE A 737 -22.72 7.73 62.97
N ALA A 738 -23.49 8.77 63.30
CA ALA A 738 -22.89 10.03 63.74
C ALA A 738 -22.31 9.93 65.13
N THR A 739 -22.79 8.99 65.95
CA THR A 739 -22.12 8.71 67.21
C THR A 739 -20.73 8.18 66.97
N THR A 740 -20.61 7.23 66.05
CA THR A 740 -19.31 6.66 65.70
C THR A 740 -18.47 7.65 64.91
N TRP A 741 -19.13 8.53 64.14
CA TRP A 741 -18.43 9.44 63.24
C TRP A 741 -17.52 10.40 64.00
N SER A 742 -18.03 10.94 65.10
CA SER A 742 -17.20 11.77 65.96
C SER A 742 -16.29 10.93 66.85
N PHE A 743 -16.79 9.80 67.33
CA PHE A 743 -15.98 8.90 68.16
C PHE A 743 -14.78 8.36 67.42
N PHE A 744 -14.92 8.07 66.13
CA PHE A 744 -13.75 7.67 65.37
C PHE A 744 -12.84 8.86 65.11
N HIS A 745 -13.41 10.05 64.94
CA HIS A 745 -12.61 11.22 64.59
C HIS A 745 -11.72 11.65 65.75
N ALA A 746 -12.29 11.77 66.95
CA ALA A 746 -11.54 12.28 68.08
C ALA A 746 -10.46 11.32 68.56
N ARG A 747 -10.70 10.01 68.50
CA ARG A 747 -9.77 9.04 69.08
C ARG A 747 -8.53 8.90 68.21
N ILE A 748 -8.70 8.83 66.90
CA ILE A 748 -7.55 8.60 66.03
C ILE A 748 -6.78 9.88 65.75
N ILE A 749 -7.36 11.05 66.03
CA ILE A 749 -6.60 12.28 65.87
C ILE A 749 -5.55 12.39 66.98
N SER A 750 -5.94 12.05 68.21
CA SER A 750 -5.06 12.25 69.35
C SER A 750 -3.96 11.21 69.42
N VAL A 751 -4.32 9.93 69.58
CA VAL A 751 -3.34 8.90 69.85
C VAL A 751 -2.83 8.28 68.56
N GLY A 752 -3.55 8.49 67.46
CA GLY A 752 -3.12 7.98 66.16
C GLY A 752 -2.36 9.00 65.35
N GLY B 2 -60.13 -27.92 71.36
CA GLY B 2 -61.06 -28.53 72.29
C GLY B 2 -60.38 -29.33 73.39
N THR B 3 -59.36 -28.74 74.00
CA THR B 3 -58.61 -29.36 75.08
C THR B 3 -59.12 -28.81 76.42
N LYS B 4 -58.75 -29.49 77.51
CA LYS B 4 -59.12 -29.07 78.86
C LYS B 4 -58.34 -27.85 79.34
N PHE B 5 -57.12 -27.65 78.85
CA PHE B 5 -56.33 -26.51 79.28
C PHE B 5 -56.46 -25.39 78.25
N PRO B 6 -56.69 -24.14 78.69
CA PRO B 6 -56.87 -23.63 80.06
C PRO B 6 -58.29 -23.70 80.64
N LYS B 7 -58.34 -24.04 81.93
CA LYS B 7 -59.61 -24.14 82.65
C LYS B 7 -60.34 -22.80 82.71
N ALA B 8 -59.62 -21.73 83.09
CA ALA B 8 -60.28 -20.48 83.44
C ALA B 8 -60.81 -19.76 82.20
N SER B 9 -60.19 -20.01 81.05
CA SER B 9 -60.64 -19.42 79.80
C SER B 9 -61.16 -20.52 78.89
N GLN B 10 -62.48 -20.56 78.72
CA GLN B 10 -63.12 -21.56 77.88
C GLN B 10 -62.80 -21.38 76.39
N ALA B 11 -62.71 -20.14 75.91
CA ALA B 11 -62.49 -19.85 74.50
C ALA B 11 -61.10 -20.25 74.01
N LEU B 12 -60.06 -19.80 74.72
CA LEU B 12 -58.68 -20.24 74.60
C LEU B 12 -58.53 -21.76 74.51
N ALA B 13 -59.29 -22.52 75.31
CA ALA B 13 -59.22 -23.98 75.31
C ALA B 13 -59.55 -24.61 73.95
N GLN B 14 -60.18 -23.89 73.02
CA GLN B 14 -60.47 -24.49 71.73
C GLN B 14 -59.47 -24.08 70.67
N ASP B 15 -58.56 -23.18 71.01
CA ASP B 15 -57.51 -22.73 70.12
C ASP B 15 -56.50 -23.85 69.91
N PRO B 16 -56.30 -24.35 68.70
CA PRO B 16 -55.36 -25.44 68.46
C PRO B 16 -53.90 -25.04 68.31
N THR B 17 -53.57 -23.77 68.43
CA THR B 17 -52.21 -23.30 68.22
C THR B 17 -51.50 -23.03 69.54
N THR B 18 -50.23 -22.62 69.44
CA THR B 18 -49.39 -22.27 70.57
C THR B 18 -49.86 -21.04 71.33
N ARG B 19 -50.65 -20.16 70.71
CA ARG B 19 -51.21 -18.97 71.38
C ARG B 19 -51.98 -19.35 72.66
N ARG B 20 -52.62 -20.53 72.65
CA ARG B 20 -53.40 -21.04 73.76
C ARG B 20 -52.61 -21.05 75.07
N ILE B 21 -51.40 -21.62 75.04
CA ILE B 21 -50.56 -21.73 76.24
C ILE B 21 -50.18 -20.36 76.78
N TRP B 22 -49.65 -19.48 75.92
CA TRP B 22 -49.27 -18.13 76.31
C TRP B 22 -50.42 -17.35 76.95
N TYR B 23 -51.53 -17.20 76.22
CA TYR B 23 -52.70 -16.51 76.73
C TYR B 23 -53.37 -17.23 77.89
N GLY B 24 -53.27 -18.55 77.96
CA GLY B 24 -53.79 -19.28 79.11
C GLY B 24 -53.05 -18.94 80.38
N ILE B 25 -51.78 -18.56 80.27
CA ILE B 25 -51.05 -18.00 81.40
C ILE B 25 -51.46 -16.55 81.64
N ALA B 26 -51.60 -15.75 80.58
CA ALA B 26 -51.96 -14.34 80.68
C ALA B 26 -53.38 -14.08 81.15
N THR B 27 -54.28 -15.05 81.04
CA THR B 27 -55.65 -14.87 81.51
C THR B 27 -56.00 -15.79 82.66
N ALA B 28 -55.00 -16.35 83.35
CA ALA B 28 -55.28 -17.30 84.43
C ALA B 28 -55.78 -16.58 85.67
N ASN B 29 -54.95 -15.73 86.27
CA ASN B 29 -55.32 -14.98 87.45
C ASN B 29 -56.18 -13.75 87.13
N ASP B 30 -56.66 -13.64 85.89
CA ASP B 30 -57.56 -12.57 85.44
C ASP B 30 -58.98 -13.09 85.62
N PHE B 31 -59.33 -13.34 86.89
CA PHE B 31 -60.60 -13.88 87.39
C PHE B 31 -61.86 -13.26 86.80
N GLU B 32 -61.90 -11.94 86.55
CA GLU B 32 -63.08 -11.28 86.02
C GLU B 32 -63.57 -11.81 84.67
N THR B 33 -62.71 -12.48 83.89
CA THR B 33 -63.16 -13.19 82.71
C THR B 33 -62.93 -14.70 82.85
N ASN B 34 -63.30 -15.28 83.99
CA ASN B 34 -63.37 -16.73 84.09
C ASN B 34 -64.75 -17.20 83.66
N ASP B 35 -64.82 -18.43 83.16
CA ASP B 35 -66.05 -18.94 82.58
C ASP B 35 -67.06 -19.32 83.66
N GLY B 36 -68.29 -18.83 83.50
CA GLY B 36 -69.37 -19.14 84.42
C GLY B 36 -69.24 -18.53 85.78
N ILE B 37 -68.47 -17.44 85.89
CA ILE B 37 -68.11 -16.88 87.18
C ILE B 37 -69.29 -16.10 87.73
N THR B 38 -69.34 -15.94 89.06
CA THR B 38 -70.30 -15.12 89.73
C THR B 38 -69.58 -14.18 90.70
N GLU B 39 -70.28 -13.13 91.10
CA GLU B 39 -69.72 -12.14 92.02
C GLU B 39 -69.35 -12.73 93.37
N GLU B 40 -70.22 -13.58 93.95
CA GLU B 40 -69.92 -14.16 95.26
C GLU B 40 -68.69 -15.05 95.24
N ASN B 41 -68.53 -15.90 94.21
CA ASN B 41 -67.35 -16.74 94.15
C ASN B 41 -66.08 -15.93 93.95
N LEU B 42 -66.19 -14.82 93.22
CA LEU B 42 -65.05 -13.94 92.96
C LEU B 42 -64.42 -13.41 94.24
N TYR B 43 -65.23 -12.78 95.11
CA TYR B 43 -64.77 -12.19 96.36
C TYR B 43 -64.11 -13.21 97.29
N GLN B 44 -64.73 -14.38 97.45
CA GLN B 44 -64.20 -15.42 98.32
C GLN B 44 -62.86 -15.93 97.81
N LYS B 45 -62.69 -15.95 96.49
CA LYS B 45 -61.44 -16.37 95.87
C LYS B 45 -60.33 -15.35 96.10
N ILE B 46 -60.67 -14.05 96.01
CA ILE B 46 -59.71 -12.96 96.25
C ILE B 46 -59.08 -13.11 97.62
N PHE B 47 -59.92 -13.13 98.66
CA PHE B 47 -59.52 -13.30 100.06
C PHE B 47 -58.50 -14.42 100.22
N ALA B 48 -58.80 -15.60 99.66
CA ALA B 48 -57.89 -16.74 99.77
C ALA B 48 -56.61 -16.48 99.00
N SER B 49 -56.71 -15.82 97.84
CA SER B 49 -55.53 -15.48 97.05
C SER B 49 -54.59 -14.54 97.81
N HIS B 50 -55.17 -13.66 98.63
CA HIS B 50 -54.39 -12.71 99.43
C HIS B 50 -53.55 -13.44 100.47
N PHE B 51 -54.10 -14.51 101.06
CA PHE B 51 -53.37 -15.30 102.04
C PHE B 51 -52.13 -15.91 101.41
N GLY B 52 -52.25 -16.37 100.16
CA GLY B 52 -51.10 -16.94 99.47
C GLY B 52 -49.99 -15.92 99.32
N HIS B 53 -50.34 -14.69 98.95
CA HIS B 53 -49.33 -13.62 98.85
C HIS B 53 -48.73 -13.35 100.22
N LEU B 54 -49.60 -13.26 101.24
CA LEU B 54 -49.19 -13.05 102.63
C LEU B 54 -48.19 -14.10 103.05
N ALA B 55 -48.49 -15.37 102.76
CA ALA B 55 -47.56 -16.44 103.11
C ALA B 55 -46.20 -16.23 102.45
N ILE B 56 -46.19 -15.86 101.16
CA ILE B 56 -44.95 -15.66 100.41
C ILE B 56 -44.09 -14.56 101.01
N ILE B 57 -44.69 -13.41 101.40
CA ILE B 57 -43.91 -12.33 102.02
C ILE B 57 -43.29 -12.85 103.30
N PHE B 58 -44.08 -13.55 104.13
CA PHE B 58 -43.58 -14.13 105.37
C PHE B 58 -42.47 -15.13 105.09
N LEU B 59 -42.64 -15.97 104.05
CA LEU B 59 -41.60 -16.94 103.73
C LEU B 59 -40.35 -16.24 103.24
N TRP B 60 -40.54 -15.17 102.45
CA TRP B 60 -39.42 -14.36 101.97
C TRP B 60 -38.63 -13.78 103.13
N THR B 61 -39.34 -13.18 104.09
CA THR B 61 -38.70 -12.68 105.30
C THR B 61 -38.15 -13.84 106.14
N SER B 62 -38.83 -14.99 106.15
CA SER B 62 -38.23 -16.18 106.74
C SER B 62 -36.99 -16.60 105.97
N GLY B 63 -37.01 -16.43 104.65
CA GLY B 63 -35.84 -16.76 103.85
C GLY B 63 -34.75 -15.74 104.10
N ASN B 64 -35.17 -14.50 104.38
CA ASN B 64 -34.26 -13.44 104.80
C ASN B 64 -33.74 -13.68 106.21
N LEU B 65 -34.43 -14.49 107.00
CA LEU B 65 -34.00 -14.82 108.36
C LEU B 65 -33.23 -16.13 108.43
N PHE B 66 -33.76 -17.20 107.83
CA PHE B 66 -33.10 -18.50 107.90
C PHE B 66 -31.67 -18.47 107.35
N HIS B 67 -31.49 -17.86 106.17
CA HIS B 67 -30.14 -17.84 105.59
C HIS B 67 -29.16 -16.96 106.37
N VAL B 68 -29.61 -15.89 107.00
CA VAL B 68 -28.68 -15.07 107.77
C VAL B 68 -28.21 -15.82 109.02
N ALA B 69 -29.14 -16.42 109.77
CA ALA B 69 -28.79 -17.17 110.98
C ALA B 69 -27.86 -18.33 110.66
N TRP B 70 -28.09 -19.02 109.54
CA TRP B 70 -27.31 -20.20 109.19
C TRP B 70 -25.97 -19.85 108.53
N GLN B 71 -25.97 -18.93 107.56
CA GLN B 71 -24.72 -18.67 106.85
C GLN B 71 -24.21 -17.23 106.92
N GLY B 72 -24.88 -16.32 107.63
CA GLY B 72 -24.44 -14.96 107.72
C GLY B 72 -23.40 -14.77 108.81
N ASN B 73 -23.23 -13.52 109.21
CA ASN B 73 -22.28 -13.22 110.27
C ASN B 73 -22.81 -12.16 111.24
N PHE B 74 -24.11 -12.22 111.56
CA PHE B 74 -24.75 -11.25 112.46
C PHE B 74 -24.07 -11.19 113.83
N GLU B 75 -23.78 -12.35 114.42
CA GLU B 75 -23.13 -12.38 115.72
C GLU B 75 -21.75 -11.75 115.61
N GLN B 76 -21.07 -11.98 114.50
CA GLN B 76 -19.80 -11.35 114.25
C GLN B 76 -20.00 -9.87 113.93
N TRP B 77 -21.10 -9.54 113.26
CA TRP B 77 -21.45 -8.18 112.87
C TRP B 77 -21.76 -7.24 114.01
N VAL B 78 -22.56 -7.69 114.99
CA VAL B 78 -22.95 -6.87 116.14
C VAL B 78 -21.73 -6.30 116.90
N LYS B 79 -20.63 -7.04 116.93
CA LYS B 79 -19.46 -6.67 117.72
C LYS B 79 -18.77 -5.39 117.24
N ASP B 80 -18.46 -5.28 115.96
CA ASP B 80 -17.91 -4.03 115.44
C ASP B 80 -18.46 -3.85 114.03
N PRO B 81 -19.69 -3.32 113.91
CA PRO B 81 -20.34 -3.12 112.59
C PRO B 81 -19.58 -2.25 111.60
N LEU B 82 -18.60 -1.45 112.00
CA LEU B 82 -18.04 -0.42 111.13
C LEU B 82 -17.14 -0.96 110.03
N ASN B 83 -16.75 -2.23 110.08
CA ASN B 83 -15.86 -2.80 109.07
C ASN B 83 -16.28 -4.16 108.57
N THR B 84 -17.23 -4.82 109.24
CA THR B 84 -17.71 -6.13 108.82
C THR B 84 -18.77 -6.02 107.75
N ARG B 85 -18.60 -6.75 106.70
CA ARG B 85 -19.53 -6.85 105.59
C ARG B 85 -20.61 -7.89 105.88
N PRO B 86 -21.89 -7.49 105.89
CA PRO B 86 -22.98 -8.45 106.14
C PRO B 86 -23.05 -9.48 105.05
N ILE B 87 -23.19 -10.74 105.43
CA ILE B 87 -23.24 -11.85 104.49
C ILE B 87 -24.69 -12.24 104.22
N ALA B 88 -25.06 -12.28 102.93
CA ALA B 88 -26.40 -12.64 102.51
C ALA B 88 -26.66 -14.13 102.64
N HIS B 89 -25.80 -14.94 102.01
CA HIS B 89 -25.86 -16.40 102.00
C HIS B 89 -24.65 -16.92 101.24
N ALA B 90 -24.46 -18.24 101.35
CA ALA B 90 -23.35 -18.94 100.73
C ALA B 90 -23.51 -19.08 99.22
N ILE B 91 -22.39 -19.37 98.56
CA ILE B 91 -22.36 -19.54 97.12
C ILE B 91 -22.11 -21.01 96.85
N SER B 92 -23.10 -21.70 96.27
CA SER B 92 -22.95 -23.11 95.93
C SER B 92 -23.28 -23.24 94.45
N ASP B 93 -22.30 -22.96 93.60
CA ASP B 93 -22.50 -22.93 92.17
C ASP B 93 -21.43 -23.84 91.58
N PRO B 94 -21.80 -25.08 91.21
CA PRO B 94 -20.84 -26.06 90.65
C PRO B 94 -19.97 -25.59 89.50
N HIS B 95 -20.36 -24.55 88.77
CA HIS B 95 -19.57 -24.09 87.63
C HIS B 95 -18.41 -23.18 88.05
N PHE B 96 -18.28 -22.86 89.34
CA PHE B 96 -17.19 -22.02 89.77
C PHE B 96 -15.86 -22.76 89.67
N GLY B 97 -14.81 -22.00 89.36
CA GLY B 97 -13.47 -22.53 89.33
C GLY B 97 -12.75 -22.22 90.62
N GLN B 98 -11.45 -22.52 90.63
CA GLN B 98 -10.61 -22.22 91.78
C GLN B 98 -10.49 -20.72 92.03
N ARG B 99 -10.29 -19.93 90.97
CA ARG B 99 -10.04 -18.51 91.12
C ARG B 99 -11.31 -17.71 91.37
N ALA B 100 -12.48 -18.27 91.04
CA ALA B 100 -13.74 -17.63 91.36
C ALA B 100 -14.16 -17.89 92.80
N ILE B 101 -13.85 -19.08 93.31
CA ILE B 101 -14.01 -19.36 94.73
C ILE B 101 -13.08 -18.49 95.56
N GLU B 102 -11.81 -18.37 95.12
CA GLU B 102 -10.81 -17.51 95.74
C GLU B 102 -11.23 -16.05 95.82
N ALA B 103 -12.02 -15.56 94.87
CA ALA B 103 -12.43 -14.16 94.87
C ALA B 103 -13.68 -13.90 95.69
N PHE B 104 -14.63 -14.84 95.70
CA PHE B 104 -15.88 -14.64 96.44
C PHE B 104 -15.86 -15.24 97.84
N SER B 105 -14.78 -15.93 98.22
CA SER B 105 -14.51 -16.20 99.63
C SER B 105 -14.00 -14.90 100.27
N GLN B 106 -14.95 -14.04 100.60
CA GLN B 106 -14.70 -12.68 101.05
C GLN B 106 -15.45 -12.43 102.35
N ALA B 107 -15.48 -11.15 102.78
CA ALA B 107 -16.13 -10.69 104.03
C ALA B 107 -15.69 -11.48 105.27
N GLY B 108 -14.49 -12.06 105.21
CA GLY B 108 -13.87 -12.85 106.25
C GLY B 108 -14.37 -14.28 106.31
N ALA B 109 -15.03 -14.75 105.26
CA ALA B 109 -15.54 -16.11 105.17
C ALA B 109 -14.50 -17.00 104.51
N SER B 110 -14.65 -18.31 104.67
CA SER B 110 -13.71 -19.23 104.05
C SER B 110 -14.29 -19.90 102.82
N SER B 111 -15.59 -20.14 102.79
CA SER B 111 -16.34 -20.56 101.62
C SER B 111 -16.88 -19.32 100.92
N PRO B 112 -17.17 -19.38 99.63
CA PRO B 112 -17.70 -18.21 98.92
C PRO B 112 -19.10 -17.84 99.40
N VAL B 113 -19.32 -16.53 99.61
CA VAL B 113 -20.58 -15.96 100.06
C VAL B 113 -20.77 -14.59 99.42
N ASN B 114 -21.99 -14.07 99.59
CA ASN B 114 -22.35 -12.74 99.11
C ASN B 114 -22.08 -11.73 100.20
N ILE B 115 -21.85 -10.48 99.81
CA ILE B 115 -21.90 -9.38 100.75
C ILE B 115 -23.29 -8.76 100.66
N SER B 116 -24.07 -8.88 101.74
CA SER B 116 -25.46 -8.43 101.70
C SER B 116 -25.54 -6.91 101.66
N TYR B 117 -26.60 -6.40 101.01
CA TYR B 117 -26.80 -4.96 100.91
C TYR B 117 -28.24 -4.55 101.19
N SER B 118 -29.05 -5.43 101.77
CA SER B 118 -30.43 -5.10 102.04
C SER B 118 -30.63 -4.31 103.32
N GLY B 119 -29.60 -4.20 104.16
CA GLY B 119 -29.70 -3.46 105.41
C GLY B 119 -30.45 -4.13 106.53
N VAL B 120 -30.76 -5.42 106.37
CA VAL B 120 -31.47 -6.16 107.40
C VAL B 120 -30.66 -6.26 108.68
N TYR B 121 -29.32 -6.31 108.57
CA TYR B 121 -28.46 -6.37 109.74
C TYR B 121 -28.61 -5.12 110.60
N GLN B 122 -28.60 -3.95 109.95
CA GLN B 122 -28.75 -2.69 110.67
C GLN B 122 -30.16 -2.52 111.22
N TRP B 123 -31.15 -3.11 110.55
CA TRP B 123 -32.52 -3.00 111.02
C TRP B 123 -32.75 -3.90 112.21
N TRP B 124 -32.31 -5.16 112.12
CA TRP B 124 -32.45 -6.16 113.18
C TRP B 124 -31.68 -5.79 114.42
N TYR B 125 -30.50 -5.18 114.27
CA TYR B 125 -29.73 -4.73 115.42
C TYR B 125 -30.54 -3.75 116.24
N THR B 126 -31.02 -2.67 115.60
CA THR B 126 -31.86 -1.65 116.22
C THR B 126 -33.08 -2.23 116.93
N GLN B 127 -33.69 -3.27 116.35
CA GLN B 127 -34.88 -3.90 116.92
C GLN B 127 -34.58 -4.71 118.17
N GLY B 128 -33.32 -5.02 118.44
CA GLY B 128 -32.93 -5.72 119.64
C GLY B 128 -32.29 -7.07 119.40
N MET B 129 -32.16 -7.51 118.15
CA MET B 129 -31.55 -8.80 117.89
C MET B 129 -30.04 -8.65 118.07
N ARG B 130 -29.43 -9.63 118.73
CA ARG B 130 -28.00 -9.55 118.99
C ARG B 130 -27.27 -10.81 118.55
N THR B 131 -27.93 -11.97 118.66
CA THR B 131 -27.30 -13.23 118.31
C THR B 131 -28.05 -13.90 117.16
N ASN B 132 -27.33 -14.81 116.49
CA ASN B 132 -27.87 -15.61 115.40
C ASN B 132 -29.06 -16.47 115.81
N GLU B 133 -29.18 -16.80 117.11
CA GLU B 133 -30.27 -17.68 117.53
C GLU B 133 -31.59 -16.93 117.60
N GLU B 134 -31.55 -15.64 117.91
CA GLU B 134 -32.74 -14.79 117.86
C GLU B 134 -33.24 -14.63 116.43
N LEU B 135 -32.31 -14.64 115.48
CA LEU B 135 -32.66 -14.69 114.06
C LEU B 135 -33.40 -15.98 113.72
N TYR B 136 -32.83 -17.12 114.15
CA TYR B 136 -33.39 -18.45 113.93
C TYR B 136 -34.83 -18.60 114.43
N ASN B 137 -35.22 -17.82 115.46
CA ASN B 137 -36.60 -17.91 115.95
C ASN B 137 -37.59 -17.30 114.97
N GLY B 138 -37.23 -16.18 114.32
CA GLY B 138 -38.17 -15.50 113.45
C GLY B 138 -38.53 -16.31 112.22
N ALA B 139 -37.54 -16.96 111.61
CA ALA B 139 -37.77 -17.80 110.43
C ALA B 139 -38.72 -18.95 110.75
N ILE B 140 -38.51 -19.62 111.90
CA ILE B 140 -39.36 -20.74 112.28
C ILE B 140 -40.77 -20.24 112.57
N PHE B 141 -40.88 -19.07 113.20
CA PHE B 141 -42.16 -18.49 113.53
C PHE B 141 -42.95 -18.11 112.28
N LEU B 142 -42.25 -17.59 111.27
CA LEU B 142 -42.89 -17.21 110.02
C LEU B 142 -43.31 -18.42 109.22
N LEU B 143 -42.62 -19.56 109.39
CA LEU B 143 -42.99 -20.78 108.72
C LEU B 143 -44.37 -21.25 109.15
N ILE B 144 -44.66 -21.12 110.45
CA ILE B 144 -45.96 -21.49 110.98
C ILE B 144 -47.01 -20.50 110.50
N LEU B 145 -46.68 -19.19 110.56
CA LEU B 145 -47.60 -18.13 110.16
C LEU B 145 -47.94 -18.20 108.68
N SER B 146 -46.99 -18.64 107.85
CA SER B 146 -47.29 -18.85 106.44
C SER B 146 -48.22 -20.04 106.24
N ALA B 147 -47.98 -21.13 106.99
CA ALA B 147 -48.88 -22.28 106.92
C ALA B 147 -50.22 -21.96 107.58
N LEU B 148 -50.22 -21.06 108.56
CA LEU B 148 -51.48 -20.67 109.18
C LEU B 148 -52.29 -19.78 108.27
N SER B 149 -51.62 -18.95 107.47
CA SER B 149 -52.32 -18.16 106.45
C SER B 149 -52.84 -19.06 105.35
N LEU B 150 -52.02 -20.03 104.92
CA LEU B 150 -52.45 -21.04 103.97
C LEU B 150 -53.65 -21.83 104.47
N PHE B 151 -53.63 -22.29 105.72
CA PHE B 151 -54.76 -23.03 106.26
C PHE B 151 -56.00 -22.14 106.28
N ALA B 152 -55.83 -20.89 106.74
CA ALA B 152 -56.92 -19.91 106.79
C ALA B 152 -57.51 -19.65 105.42
N GLY B 153 -56.66 -19.56 104.39
CA GLY B 153 -57.17 -19.35 103.04
C GLY B 153 -58.01 -20.54 102.63
N TRP B 154 -57.53 -21.75 102.97
CA TRP B 154 -58.25 -22.97 102.69
C TRP B 154 -59.53 -22.99 103.52
N LEU B 155 -59.42 -22.53 104.77
CA LEU B 155 -60.53 -22.53 105.71
C LEU B 155 -61.67 -21.65 105.21
N HIS B 156 -61.38 -20.41 104.82
CA HIS B 156 -62.42 -19.51 104.37
C HIS B 156 -62.94 -19.83 102.96
N LEU B 157 -62.56 -20.97 102.38
CA LEU B 157 -63.09 -21.42 101.11
C LEU B 157 -64.03 -22.61 101.28
N GLN B 158 -64.05 -23.21 102.48
CA GLN B 158 -64.91 -24.34 102.76
C GLN B 158 -66.34 -23.85 103.00
N PRO B 159 -67.35 -24.61 102.51
CA PRO B 159 -68.79 -24.27 102.64
C PRO B 159 -69.23 -23.65 103.96
N LYS B 160 -68.95 -24.27 105.09
CA LYS B 160 -69.37 -23.75 106.38
C LYS B 160 -68.67 -22.43 106.75
N PHE B 161 -67.54 -22.10 106.13
CA PHE B 161 -66.84 -20.86 106.46
C PHE B 161 -66.77 -19.87 105.31
N ARG B 162 -67.48 -20.10 104.19
CA ARG B 162 -67.44 -19.13 103.09
C ARG B 162 -68.27 -17.90 103.42
N PRO B 163 -67.66 -16.72 103.51
CA PRO B 163 -68.41 -15.50 103.84
C PRO B 163 -69.49 -15.19 102.82
N ASN B 164 -70.46 -14.39 103.24
CA ASN B 164 -71.44 -13.88 102.30
C ASN B 164 -70.90 -12.65 101.59
N LEU B 165 -71.62 -12.22 100.56
CA LEU B 165 -71.23 -11.04 99.78
C LEU B 165 -71.22 -9.77 100.61
N SER B 166 -72.26 -9.56 101.43
CA SER B 166 -72.40 -8.37 102.27
C SER B 166 -71.18 -8.13 103.17
N TRP B 167 -70.58 -9.19 103.70
CA TRP B 167 -69.40 -9.04 104.55
C TRP B 167 -68.23 -8.44 103.78
N PHE B 168 -68.04 -8.88 102.54
CA PHE B 168 -66.94 -8.39 101.73
C PHE B 168 -67.13 -6.94 101.31
N LYS B 169 -68.37 -6.51 101.14
CA LYS B 169 -68.64 -5.15 100.68
C LYS B 169 -68.83 -4.14 101.81
N ASN B 170 -68.70 -4.55 103.07
CA ASN B 170 -68.85 -3.63 104.20
C ASN B 170 -67.56 -2.80 104.27
N ALA B 171 -67.48 -1.75 103.44
CA ALA B 171 -66.33 -0.86 103.37
C ALA B 171 -65.98 -0.13 104.66
N GLU B 172 -66.93 0.63 105.24
CA GLU B 172 -66.70 1.45 106.43
C GLU B 172 -66.17 0.64 107.62
N SER B 173 -66.66 -0.59 107.82
CA SER B 173 -66.22 -1.45 108.91
C SER B 173 -64.77 -1.87 108.73
N ARG B 174 -64.32 -2.05 107.49
CA ARG B 174 -62.95 -2.47 107.22
C ARG B 174 -61.97 -1.38 107.59
N LEU B 175 -62.25 -0.13 107.17
CA LEU B 175 -61.43 1.01 107.56
C LEU B 175 -61.37 1.14 109.08
N ASN B 176 -62.55 1.10 109.72
CA ASN B 176 -62.68 1.17 111.17
C ASN B 176 -61.87 0.08 111.85
N HIS B 177 -62.03 -1.16 111.42
CA HIS B 177 -61.30 -2.26 112.04
C HIS B 177 -59.81 -2.24 111.75
N HIS B 178 -59.39 -1.73 110.58
CA HIS B 178 -57.95 -1.75 110.33
C HIS B 178 -57.24 -0.59 111.06
N LEU B 179 -57.80 0.62 111.00
CA LEU B 179 -57.18 1.72 111.75
C LEU B 179 -57.30 1.48 113.25
N GLY B 180 -58.34 0.75 113.68
CA GLY B 180 -58.37 0.20 115.01
C GLY B 180 -57.31 -0.87 115.19
N GLY B 181 -57.48 -2.01 114.54
CA GLY B 181 -56.55 -3.13 114.68
C GLY B 181 -55.22 -3.03 113.97
N LEU B 182 -55.25 -3.25 112.65
CA LEU B 182 -54.07 -3.26 111.76
C LEU B 182 -53.13 -2.08 111.99
N PHE B 183 -53.66 -0.86 112.10
CA PHE B 183 -52.82 0.31 112.32
C PHE B 183 -52.65 0.67 113.79
N GLY B 184 -53.75 0.92 114.50
CA GLY B 184 -53.75 1.30 115.91
C GLY B 184 -53.03 0.40 116.88
N THR B 185 -53.42 -0.88 116.92
CA THR B 185 -52.85 -1.79 117.90
C THR B 185 -51.40 -2.13 117.58
N SER B 186 -51.07 -2.22 116.29
CA SER B 186 -49.71 -2.58 115.89
C SER B 186 -48.69 -1.49 116.18
N SER B 187 -49.00 -0.23 115.86
CA SER B 187 -48.09 0.88 116.13
C SER B 187 -47.83 1.07 117.62
N LEU B 188 -48.88 0.98 118.44
CA LEU B 188 -48.73 1.11 119.89
C LEU B 188 -47.86 -0.01 120.45
N ALA B 189 -48.09 -1.24 119.98
CA ALA B 189 -47.32 -2.41 120.41
C ALA B 189 -45.86 -2.28 120.02
N TRP B 190 -45.60 -1.71 118.84
CA TRP B 190 -44.22 -1.54 118.40
C TRP B 190 -43.45 -0.59 119.28
N THR B 191 -44.10 0.48 119.76
CA THR B 191 -43.55 1.29 120.84
C THR B 191 -43.24 0.44 122.07
N GLY B 192 -44.12 -0.50 122.40
CA GLY B 192 -43.87 -1.42 123.48
C GLY B 192 -42.69 -2.33 123.24
N HIS B 193 -42.53 -2.83 122.01
CA HIS B 193 -41.40 -3.71 121.72
C HIS B 193 -40.10 -2.92 121.77
N ILE B 194 -40.16 -1.63 121.41
CA ILE B 194 -39.00 -0.75 121.57
C ILE B 194 -38.65 -0.56 123.03
N VAL B 195 -39.65 -0.30 123.87
CA VAL B 195 -39.34 -0.01 125.27
C VAL B 195 -39.12 -1.30 126.07
N HIS B 196 -39.75 -2.42 125.70
CA HIS B 196 -39.56 -3.61 126.52
C HIS B 196 -38.37 -4.44 126.04
N VAL B 197 -37.93 -4.27 124.79
CA VAL B 197 -36.84 -5.12 124.28
C VAL B 197 -35.68 -4.32 123.68
N ALA B 198 -35.96 -3.59 122.60
CA ALA B 198 -34.98 -2.78 121.85
C ALA B 198 -34.11 -1.85 122.70
N ILE B 199 -34.72 -1.00 123.52
CA ILE B 199 -34.00 -0.03 124.35
C ILE B 199 -33.06 -0.74 125.35
N PRO B 200 -33.50 -1.74 126.16
CA PRO B 200 -32.54 -2.41 127.06
C PRO B 200 -31.31 -2.97 126.36
N GLU B 201 -31.48 -3.63 125.21
CA GLU B 201 -30.35 -4.20 124.50
C GLU B 201 -29.42 -3.12 123.95
N SER B 202 -29.93 -1.93 123.67
CA SER B 202 -29.06 -0.85 123.21
C SER B 202 -28.27 -0.25 124.36
N ARG B 203 -28.68 -0.56 125.58
CA ARG B 203 -28.05 -0.09 126.81
C ARG B 203 -27.31 -1.21 127.53
N GLY B 204 -26.95 -2.27 126.82
CA GLY B 204 -26.23 -3.39 127.40
C GLY B 204 -27.01 -4.36 128.27
N GLN B 205 -28.34 -4.27 128.29
CA GLN B 205 -29.15 -5.18 129.10
C GLN B 205 -29.84 -6.21 128.22
N HIS B 206 -29.64 -7.49 128.50
CA HIS B 206 -30.24 -8.57 127.73
C HIS B 206 -31.66 -8.84 128.21
N VAL B 207 -32.62 -8.77 127.29
CA VAL B 207 -34.01 -9.10 127.55
C VAL B 207 -34.44 -10.15 126.53
N GLY B 208 -34.84 -11.32 127.02
CA GLY B 208 -35.28 -12.40 126.15
C GLY B 208 -36.56 -13.01 126.67
N TRP B 209 -37.03 -14.10 126.04
CA TRP B 209 -38.26 -14.78 126.48
C TRP B 209 -38.12 -15.35 127.89
N ASP B 210 -36.90 -15.72 128.26
CA ASP B 210 -36.56 -16.29 129.55
C ASP B 210 -36.71 -15.30 130.70
N ASN B 211 -36.78 -13.99 130.40
CA ASN B 211 -36.86 -12.98 131.46
C ASN B 211 -37.80 -11.82 131.23
N PHE B 212 -38.34 -11.63 130.01
CA PHE B 212 -39.22 -10.50 129.66
C PHE B 212 -40.37 -10.22 130.63
N LEU B 213 -40.89 -11.23 131.35
CA LEU B 213 -41.97 -10.94 132.29
C LEU B 213 -41.44 -10.33 133.58
N GLN B 214 -40.13 -10.44 133.82
CA GLN B 214 -39.54 -10.08 135.11
C GLN B 214 -39.01 -8.65 135.08
N VAL B 215 -38.09 -8.36 134.16
CA VAL B 215 -37.49 -7.04 134.05
C VAL B 215 -38.50 -6.07 133.44
N ALA B 216 -38.75 -4.97 134.14
CA ALA B 216 -39.59 -3.89 133.70
C ALA B 216 -38.79 -2.90 132.86
N PRO B 217 -39.43 -2.19 131.93
CA PRO B 217 -38.68 -1.22 131.11
C PRO B 217 -38.24 0.03 131.86
N HIS B 218 -38.87 0.35 132.98
CA HIS B 218 -38.51 1.53 133.74
C HIS B 218 -38.59 1.20 135.22
N PRO B 219 -37.57 1.61 136.00
CA PRO B 219 -37.51 1.38 137.47
C PRO B 219 -38.82 1.36 138.26
N ALA B 220 -39.68 2.37 138.15
CA ALA B 220 -40.95 2.34 138.86
C ALA B 220 -42.10 2.74 137.96
N GLY B 221 -42.27 1.99 136.88
CA GLY B 221 -43.29 2.30 135.90
C GLY B 221 -44.61 1.67 136.32
N LEU B 222 -45.72 2.23 135.83
CA LEU B 222 -47.15 1.88 135.98
C LEU B 222 -47.80 2.44 137.25
N GLN B 223 -47.04 2.98 138.20
CA GLN B 223 -47.68 3.78 139.23
C GLN B 223 -47.89 5.23 138.77
N PRO B 224 -46.94 5.91 138.10
CA PRO B 224 -47.28 7.15 137.42
C PRO B 224 -48.23 7.06 136.23
N PHE B 225 -48.29 5.90 135.57
CA PHE B 225 -49.14 5.71 134.39
C PHE B 225 -50.62 5.92 134.70
N PHE B 226 -51.15 5.30 135.75
CA PHE B 226 -52.57 5.49 136.06
C PHE B 226 -52.83 6.85 136.66
N THR B 227 -51.95 7.33 137.54
CA THR B 227 -52.09 8.62 138.19
C THR B 227 -51.83 9.82 137.27
N GLY B 228 -51.62 9.61 135.96
CA GLY B 228 -51.41 10.72 135.05
C GLY B 228 -50.03 11.33 135.04
N ASN B 229 -49.11 10.88 135.89
CA ASN B 229 -47.76 11.45 135.93
C ASN B 229 -46.84 10.88 134.83
N TRP B 230 -47.24 11.16 133.59
CA TRP B 230 -46.54 10.72 132.38
C TRP B 230 -45.11 11.25 132.29
N GLY B 231 -44.82 12.37 132.94
CA GLY B 231 -43.52 13.03 132.93
C GLY B 231 -42.37 12.23 133.51
N VAL B 232 -42.62 11.16 134.27
CA VAL B 232 -41.54 10.36 134.84
C VAL B 232 -40.73 9.65 133.76
N TYR B 233 -41.34 9.38 132.60
CA TYR B 233 -40.66 8.70 131.50
C TYR B 233 -39.71 9.64 130.76
N THR B 234 -39.67 10.92 131.15
CA THR B 234 -38.71 11.89 130.67
C THR B 234 -37.52 11.96 131.62
N GLU B 235 -37.17 10.82 132.22
CA GLU B 235 -35.96 10.70 133.01
C GLU B 235 -34.73 10.63 132.11
N ASN B 236 -33.56 10.41 132.71
CA ASN B 236 -32.26 10.67 132.12
C ASN B 236 -31.95 9.93 130.82
N PRO B 237 -31.89 10.66 129.69
CA PRO B 237 -31.58 10.04 128.40
C PRO B 237 -30.13 9.61 128.28
N ASP B 238 -29.67 9.31 127.07
CA ASP B 238 -28.28 8.94 126.90
C ASP B 238 -27.44 10.17 126.60
N THR B 239 -26.22 10.16 127.12
CA THR B 239 -25.28 11.26 126.99
C THR B 239 -24.64 11.20 125.61
N ALA B 240 -24.05 12.31 125.16
CA ALA B 240 -23.39 12.35 123.85
C ALA B 240 -22.20 11.38 123.77
N ASN B 241 -21.65 10.96 124.91
CA ASN B 241 -20.50 10.05 124.93
C ASN B 241 -20.95 8.59 124.94
N HIS B 242 -22.26 8.33 124.80
CA HIS B 242 -22.80 6.98 124.95
C HIS B 242 -22.44 6.13 123.75
N VAL B 243 -22.04 4.88 124.01
CA VAL B 243 -21.71 3.93 122.95
C VAL B 243 -22.88 2.96 122.79
N PHE B 244 -23.53 3.06 121.63
CA PHE B 244 -24.72 2.29 121.27
C PHE B 244 -24.52 0.79 121.42
N GLY B 245 -25.48 0.13 122.07
CA GLY B 245 -25.41 -1.30 122.29
C GLY B 245 -24.74 -1.72 123.58
N SER B 246 -24.31 -0.76 124.41
CA SER B 246 -23.59 -1.08 125.64
C SER B 246 -23.78 0.05 126.64
N SER B 247 -23.42 -0.25 127.90
CA SER B 247 -23.83 0.56 129.04
C SER B 247 -22.77 1.56 129.51
N ASP B 248 -21.98 2.12 128.60
CA ASP B 248 -21.02 3.16 128.97
C ASP B 248 -21.56 4.50 128.46
N GLY B 249 -22.39 5.13 129.29
CA GLY B 249 -23.10 6.33 128.89
C GLY B 249 -24.60 6.09 128.75
N ALA B 250 -25.07 4.90 129.08
CA ALA B 250 -26.47 4.53 128.95
C ALA B 250 -27.35 5.22 130.02
N GLY B 251 -28.57 5.59 129.61
CA GLY B 251 -29.54 6.22 130.49
C GLY B 251 -30.61 5.22 130.90
N THR B 252 -31.79 5.75 131.21
CA THR B 252 -32.94 4.93 131.61
C THR B 252 -34.25 5.35 130.96
N ALA B 253 -34.26 6.43 130.17
CA ALA B 253 -35.46 6.89 129.50
C ALA B 253 -36.02 5.87 128.52
N ILE B 254 -37.34 5.88 128.36
CA ILE B 254 -38.03 4.98 127.44
C ILE B 254 -38.86 5.80 126.45
N LEU B 255 -39.07 7.09 126.75
CA LEU B 255 -39.83 8.01 125.91
C LEU B 255 -39.12 9.35 125.95
N THR B 256 -38.68 9.86 124.80
CA THR B 256 -37.99 11.13 124.77
C THR B 256 -38.41 11.95 123.57
N PHE B 257 -37.78 13.11 123.46
CA PHE B 257 -37.98 14.04 122.37
C PHE B 257 -36.66 14.78 122.16
N LEU B 258 -35.59 14.01 122.00
CA LEU B 258 -34.25 14.59 121.83
C LEU B 258 -34.11 15.32 120.50
N GLY B 259 -34.52 14.70 119.41
CA GLY B 259 -34.36 15.30 118.10
C GLY B 259 -32.97 15.04 117.56
N GLY B 260 -32.80 15.31 116.26
CA GLY B 260 -31.50 15.10 115.66
C GLY B 260 -31.13 13.63 115.59
N PHE B 261 -29.84 13.37 115.52
CA PHE B 261 -29.34 12.01 115.38
C PHE B 261 -28.35 11.72 116.50
N HIS B 262 -28.27 10.43 116.84
CA HIS B 262 -27.30 9.95 117.80
C HIS B 262 -25.91 10.23 117.22
N PRO B 263 -25.04 10.93 117.98
CA PRO B 263 -23.71 11.30 117.45
C PRO B 263 -22.81 10.17 116.98
N GLN B 264 -22.92 8.97 117.52
CA GLN B 264 -22.08 7.88 117.07
C GLN B 264 -22.66 7.17 115.85
N THR B 265 -23.88 6.66 115.95
CA THR B 265 -24.55 5.93 114.87
C THR B 265 -24.96 6.79 113.68
N GLN B 266 -25.19 8.10 113.90
CA GLN B 266 -25.86 8.99 112.95
C GLN B 266 -27.22 8.44 112.51
N SER B 267 -28.07 8.16 113.49
CA SER B 267 -29.45 7.76 113.26
C SER B 267 -30.30 8.11 114.46
N LEU B 268 -31.62 8.02 114.26
CA LEU B 268 -32.61 8.33 115.29
C LEU B 268 -32.43 7.59 116.61
N TRP B 269 -32.93 8.23 117.66
CA TRP B 269 -32.90 7.69 119.00
C TRP B 269 -34.01 6.66 119.12
N LEU B 270 -33.73 5.52 119.77
CA LEU B 270 -34.77 4.50 119.95
C LEU B 270 -35.98 5.05 120.70
N THR B 271 -35.73 5.82 121.78
CA THR B 271 -36.81 6.41 122.55
C THR B 271 -37.62 7.39 121.71
N ASP B 272 -36.97 8.05 120.75
CA ASP B 272 -37.65 8.98 119.85
C ASP B 272 -38.57 8.24 118.88
N ILE B 273 -38.14 7.08 118.39
CA ILE B 273 -38.98 6.29 117.50
C ILE B 273 -40.20 5.76 118.23
N ALA B 274 -40.06 5.46 119.53
CA ALA B 274 -41.15 4.84 120.27
C ALA B 274 -42.31 5.80 120.51
N HIS B 275 -42.00 7.04 120.94
CA HIS B 275 -43.02 8.04 121.20
C HIS B 275 -43.81 8.39 119.96
N HIS B 276 -43.13 8.48 118.80
CA HIS B 276 -43.77 8.77 117.52
C HIS B 276 -44.84 7.72 117.21
N HIS B 277 -44.49 6.43 117.29
CA HIS B 277 -45.44 5.35 117.02
C HIS B 277 -46.56 5.29 118.02
N LEU B 278 -46.28 5.60 119.29
CA LEU B 278 -47.32 5.60 120.30
C LEU B 278 -48.34 6.70 120.01
N ALA B 279 -47.86 7.88 119.62
CA ALA B 279 -48.72 9.01 119.31
C ALA B 279 -49.61 8.76 118.10
N ILE B 280 -49.02 8.32 116.97
CA ILE B 280 -49.78 8.01 115.74
C ILE B 280 -50.85 6.96 116.01
N ALA B 281 -50.55 5.95 116.84
CA ALA B 281 -51.47 4.88 117.21
C ALA B 281 -52.77 5.43 117.76
N VAL B 282 -52.67 6.38 118.70
CA VAL B 282 -53.81 7.05 119.31
C VAL B 282 -54.69 7.69 118.24
N LEU B 283 -54.09 8.42 117.29
CA LEU B 283 -54.79 9.06 116.17
C LEU B 283 -55.65 8.08 115.38
N PHE B 284 -55.12 6.93 115.01
CA PHE B 284 -55.89 5.97 114.23
C PHE B 284 -57.02 5.29 115.02
N ILE B 285 -56.81 4.97 116.31
CA ILE B 285 -57.85 4.31 117.09
C ILE B 285 -59.07 5.21 117.28
N VAL B 286 -58.87 6.52 117.45
CA VAL B 286 -60.03 7.41 117.59
C VAL B 286 -60.80 7.55 116.29
N ALA B 287 -60.13 7.84 115.17
CA ALA B 287 -60.78 7.95 113.87
C ALA B 287 -61.47 6.67 113.43
N GLY B 288 -61.00 5.51 113.89
CA GLY B 288 -61.56 4.21 113.57
C GLY B 288 -62.85 3.87 114.28
N HIS B 289 -63.44 4.82 115.01
CA HIS B 289 -64.70 4.61 115.71
C HIS B 289 -65.78 5.59 115.25
N MET B 290 -65.75 6.01 113.98
CA MET B 290 -66.71 6.98 113.48
C MET B 290 -67.89 6.35 112.75
N TYR B 291 -67.69 5.28 111.98
CA TYR B 291 -68.82 4.71 111.26
C TYR B 291 -69.42 3.59 112.10
N GLY B 321 -73.17 9.44 97.28
CA GLY B 321 -73.51 8.63 96.12
C GLY B 321 -72.32 7.94 95.50
N LEU B 322 -71.15 8.55 95.64
CA LEU B 322 -69.91 7.95 95.14
C LEU B 322 -69.54 6.68 95.89
N TYR B 323 -69.91 6.59 97.17
CA TYR B 323 -69.67 5.37 97.96
C TYR B 323 -70.35 4.15 97.34
N ASP B 324 -71.49 4.34 96.67
CA ASP B 324 -72.12 3.25 95.94
C ASP B 324 -71.38 2.88 94.66
N THR B 325 -70.37 3.65 94.26
CA THR B 325 -69.59 3.37 93.05
C THR B 325 -68.21 2.83 93.40
N VAL B 326 -67.60 3.35 94.47
CA VAL B 326 -66.27 2.88 94.89
C VAL B 326 -66.36 1.52 95.57
N ASN B 327 -67.57 1.04 95.85
CA ASN B 327 -67.75 -0.23 96.53
C ASN B 327 -68.05 -1.36 95.55
N ASN B 328 -68.62 -1.04 94.39
CA ASN B 328 -68.96 -2.09 93.44
C ASN B 328 -67.84 -2.37 92.44
N SER B 329 -66.81 -1.53 92.40
CA SER B 329 -65.71 -1.79 91.47
C SER B 329 -64.46 -2.17 92.24
N LEU B 330 -63.99 -3.40 92.01
CA LEU B 330 -62.78 -3.87 92.68
C LEU B 330 -61.55 -3.15 92.15
N HIS B 331 -61.60 -2.70 90.90
CA HIS B 331 -60.51 -1.97 90.27
C HIS B 331 -60.39 -0.55 90.78
N PHE B 332 -61.52 0.08 91.14
CA PHE B 332 -61.47 1.43 91.68
C PHE B 332 -60.79 1.40 93.04
N GLN B 333 -61.19 0.44 93.90
CA GLN B 333 -60.61 0.31 95.22
C GLN B 333 -59.11 0.05 95.13
N LEU B 334 -58.73 -0.92 94.30
CA LEU B 334 -57.34 -1.29 94.10
C LEU B 334 -56.59 -0.12 93.48
N GLY B 335 -57.21 0.52 92.49
CA GLY B 335 -56.60 1.66 91.83
C GLY B 335 -56.37 2.84 92.75
N LEU B 336 -57.16 2.93 93.83
CA LEU B 336 -56.83 3.88 94.89
C LEU B 336 -55.85 3.27 95.88
N ALA B 337 -55.89 1.94 96.05
CA ALA B 337 -54.99 1.28 96.99
C ALA B 337 -53.56 1.31 96.50
N LEU B 338 -53.34 1.07 95.21
CA LEU B 338 -52.05 1.36 94.60
C LEU B 338 -51.71 2.84 94.67
N ALA B 339 -52.72 3.71 94.48
CA ALA B 339 -52.46 5.15 94.56
C ALA B 339 -52.05 5.56 95.96
N ALA B 340 -52.61 4.90 96.97
CA ALA B 340 -52.11 5.09 98.32
C ALA B 340 -50.75 4.40 98.50
N LEU B 341 -50.60 3.17 97.99
CA LEU B 341 -49.32 2.48 98.09
C LEU B 341 -48.22 3.19 97.32
N GLY B 342 -48.54 3.69 96.12
CA GLY B 342 -47.55 4.42 95.34
C GLY B 342 -47.06 5.69 96.00
N VAL B 343 -47.95 6.40 96.67
CA VAL B 343 -47.58 7.63 97.36
C VAL B 343 -46.64 7.34 98.53
N ILE B 344 -47.03 6.41 99.41
CA ILE B 344 -46.20 6.12 100.57
C ILE B 344 -44.93 5.36 100.25
N THR B 345 -44.77 4.81 99.05
CA THR B 345 -43.54 4.12 98.70
C THR B 345 -42.46 5.14 98.34
N SER B 346 -42.88 6.23 97.72
CA SER B 346 -41.97 7.32 97.38
C SER B 346 -41.49 8.00 98.65
N LEU B 347 -42.40 8.18 99.61
CA LEU B 347 -42.11 8.78 100.90
C LEU B 347 -41.04 8.01 101.65
N VAL B 348 -41.17 6.67 101.67
CA VAL B 348 -40.20 5.80 102.33
C VAL B 348 -38.80 6.06 101.80
N ALA B 349 -38.66 6.25 100.48
CA ALA B 349 -37.34 6.53 99.93
C ALA B 349 -36.84 7.92 100.33
N GLN B 350 -37.70 8.94 100.22
CA GLN B 350 -37.32 10.30 100.56
C GLN B 350 -36.99 10.46 102.04
N HIS B 351 -37.81 9.91 102.92
CA HIS B 351 -37.55 10.07 104.34
C HIS B 351 -36.46 9.15 104.90
N MET B 352 -36.15 8.01 104.26
CA MET B 352 -35.11 7.17 104.85
C MET B 352 -33.70 7.67 104.53
N TYR B 353 -33.51 8.37 103.41
CA TYR B 353 -32.15 8.81 103.12
C TYR B 353 -31.83 10.09 103.89
N SER B 354 -32.84 10.93 104.15
CA SER B 354 -32.59 12.17 104.86
C SER B 354 -32.73 11.98 106.36
N ILE B 355 -33.56 11.05 106.78
CA ILE B 355 -33.72 10.72 108.19
C ILE B 355 -33.34 9.25 108.35
N PRO B 356 -32.07 8.92 108.58
CA PRO B 356 -31.67 7.53 108.81
C PRO B 356 -32.21 7.02 110.13
N PRO B 357 -32.98 5.94 110.13
CA PRO B 357 -33.53 5.42 111.39
C PRO B 357 -32.77 4.25 111.98
N TYR B 358 -31.80 3.67 111.25
CA TYR B 358 -31.07 2.52 111.75
C TYR B 358 -29.60 2.85 111.96
N ALA B 359 -29.07 2.40 113.10
CA ALA B 359 -27.67 2.62 113.49
C ALA B 359 -26.72 2.19 112.38
N TYR B 360 -25.82 3.10 112.00
CA TYR B 360 -24.77 2.92 110.98
C TYR B 360 -25.31 2.71 109.56
N LEU B 361 -26.63 2.80 109.36
CA LEU B 361 -27.18 2.69 108.01
C LEU B 361 -26.86 3.92 107.17
N ALA B 362 -26.65 5.06 107.81
CA ALA B 362 -26.17 6.24 107.11
C ALA B 362 -24.75 6.05 106.61
N ARG B 363 -23.98 5.14 107.24
CA ARG B 363 -22.58 4.95 106.92
C ARG B 363 -22.35 3.82 105.93
N ASP B 364 -23.31 2.90 105.78
CA ASP B 364 -23.19 1.85 104.77
C ASP B 364 -23.77 2.42 103.49
N PHE B 365 -22.90 2.92 102.61
CA PHE B 365 -23.32 3.82 101.55
C PHE B 365 -23.96 3.07 100.39
N THR B 366 -23.37 1.92 100.01
CA THR B 366 -24.02 0.99 99.09
C THR B 366 -25.39 0.56 99.61
N THR B 367 -25.51 0.34 100.91
CA THR B 367 -26.79 -0.06 101.48
C THR B 367 -27.74 1.13 101.51
N GLN B 368 -27.20 2.33 101.69
CA GLN B 368 -28.01 3.53 101.49
C GLN B 368 -28.44 3.66 100.04
N ALA B 369 -27.62 3.18 99.11
CA ALA B 369 -27.91 3.36 97.69
C ALA B 369 -28.96 2.37 97.19
N ALA B 370 -28.83 1.10 97.57
CA ALA B 370 -29.79 0.09 97.13
C ALA B 370 -31.22 0.32 97.62
N LEU B 371 -31.40 0.62 98.91
CA LEU B 371 -32.72 0.86 99.49
C LEU B 371 -33.44 2.05 98.89
N TYR B 372 -32.73 3.11 98.51
CA TYR B 372 -33.41 4.26 97.94
C TYR B 372 -33.89 3.97 96.53
N THR B 373 -33.02 3.41 95.72
CA THR B 373 -33.34 3.09 94.33
C THR B 373 -34.47 2.07 94.21
N HIS B 374 -34.37 0.97 94.96
CA HIS B 374 -35.35 -0.11 94.98
C HIS B 374 -36.75 0.41 95.27
N HIS B 375 -36.92 1.09 96.40
CA HIS B 375 -38.22 1.63 96.79
C HIS B 375 -38.72 2.72 95.85
N GLN B 376 -37.82 3.44 95.18
CA GLN B 376 -38.29 4.48 94.25
C GLN B 376 -38.85 3.87 92.99
N TYR B 377 -38.26 2.77 92.52
CA TYR B 377 -38.77 2.10 91.34
C TYR B 377 -40.12 1.49 91.62
N ILE B 378 -40.28 0.88 92.81
CA ILE B 378 -41.55 0.31 93.24
C ILE B 378 -42.63 1.37 93.23
N ALA B 379 -42.30 2.57 93.73
CA ALA B 379 -43.25 3.68 93.80
C ALA B 379 -43.73 4.05 92.41
N GLY B 380 -42.81 4.02 91.44
CA GLY B 380 -43.18 4.32 90.07
C GLY B 380 -44.14 3.28 89.49
N PHE B 381 -43.92 1.99 89.80
CA PHE B 381 -44.82 0.95 89.28
C PHE B 381 -46.22 1.07 89.84
N LEU B 382 -46.35 1.23 91.16
CA LEU B 382 -47.67 1.37 91.79
C LEU B 382 -48.44 2.57 91.25
N MET B 383 -47.80 3.76 91.19
CA MET B 383 -48.46 4.96 90.67
C MET B 383 -48.91 4.75 89.24
N VAL B 384 -48.05 4.12 88.41
CA VAL B 384 -48.44 3.81 87.03
C VAL B 384 -49.54 2.75 87.04
N GLY B 385 -49.42 1.77 87.95
CA GLY B 385 -50.40 0.71 88.10
C GLY B 385 -51.73 1.20 88.58
N ALA B 386 -51.72 2.21 89.46
CA ALA B 386 -52.94 2.81 89.98
C ALA B 386 -53.77 3.36 88.84
N PHE B 387 -53.11 4.05 87.92
CA PHE B 387 -53.80 4.62 86.78
C PHE B 387 -54.16 3.55 85.77
N ALA B 388 -53.44 2.42 85.79
CA ALA B 388 -53.71 1.35 84.84
C ALA B 388 -55.02 0.65 85.18
N HIS B 389 -55.19 0.32 86.47
CA HIS B 389 -56.40 -0.34 86.94
C HIS B 389 -57.58 0.61 86.95
N GLY B 390 -57.28 1.91 86.93
CA GLY B 390 -58.30 2.93 86.86
C GLY B 390 -58.92 2.92 85.49
N ALA B 391 -58.09 2.71 84.46
CA ALA B 391 -58.58 2.64 83.09
C ALA B 391 -59.42 1.38 82.89
N ILE B 392 -59.09 0.29 83.61
CA ILE B 392 -59.84 -0.94 83.51
C ILE B 392 -61.22 -0.71 84.10
N PHE B 393 -61.29 0.05 85.20
CA PHE B 393 -62.54 0.42 85.84
C PHE B 393 -63.44 1.18 84.88
N LEU B 394 -62.85 2.12 84.14
CA LEU B 394 -63.58 2.93 83.19
C LEU B 394 -64.15 2.11 82.04
N VAL B 395 -63.52 1.00 81.68
CA VAL B 395 -64.02 0.19 80.57
C VAL B 395 -65.02 -0.86 81.03
N ARG B 396 -64.81 -1.47 82.20
CA ARG B 396 -65.72 -2.56 82.59
C ARG B 396 -66.72 -2.15 83.67
N ASP B 397 -66.43 -1.13 84.46
CA ASP B 397 -67.36 -0.85 85.55
C ASP B 397 -68.00 0.54 85.52
N TYR B 398 -67.37 1.54 84.90
CA TYR B 398 -67.93 2.88 84.91
C TYR B 398 -69.21 2.90 84.12
N ASP B 399 -70.32 3.20 84.80
CA ASP B 399 -71.61 3.29 84.12
C ASP B 399 -71.98 4.76 84.03
N ALA B 400 -72.24 5.23 82.81
CA ALA B 400 -72.57 6.63 82.59
C ALA B 400 -73.93 7.01 83.16
N GLU B 401 -74.84 6.04 83.34
CA GLU B 401 -76.16 6.40 83.82
C GLU B 401 -76.33 6.20 85.32
N GLN B 402 -75.41 5.49 85.99
CA GLN B 402 -75.46 5.51 87.44
C GLN B 402 -74.44 6.49 88.00
N ASN B 403 -73.76 7.23 87.11
CA ASN B 403 -72.79 8.23 87.53
C ASN B 403 -73.09 9.47 86.72
N LYS B 404 -74.06 10.25 87.19
CA LYS B 404 -74.45 11.47 86.49
C LYS B 404 -74.61 12.58 87.50
N ASN B 405 -74.14 13.77 87.10
CA ASN B 405 -74.06 14.97 87.92
C ASN B 405 -73.27 14.75 89.21
N ASN B 406 -72.29 13.84 89.21
CA ASN B 406 -71.38 13.75 90.34
C ASN B 406 -69.97 14.15 89.90
N VAL B 407 -69.06 14.20 90.90
CA VAL B 407 -67.66 14.59 90.77
C VAL B 407 -66.90 13.83 89.69
N LEU B 408 -67.14 12.53 89.59
CA LEU B 408 -66.48 11.68 88.59
C LEU B 408 -66.79 12.07 87.16
N ALA B 409 -68.08 12.17 86.84
CA ALA B 409 -68.53 12.49 85.49
C ALA B 409 -68.31 13.95 85.12
N ARG B 410 -67.84 14.78 86.06
CA ARG B 410 -67.59 16.20 85.80
C ARG B 410 -66.15 16.46 85.41
N ILE B 411 -65.25 15.51 85.69
CA ILE B 411 -63.94 15.47 85.05
C ILE B 411 -64.07 15.04 83.59
N ILE B 412 -64.98 14.09 83.32
CA ILE B 412 -65.28 13.65 81.95
C ILE B 412 -65.95 14.78 81.16
N ASP B 413 -66.60 15.72 81.85
CA ASP B 413 -67.19 16.90 81.23
C ASP B 413 -66.14 17.74 80.49
N HIS B 414 -65.15 18.27 81.22
CA HIS B 414 -64.13 19.12 80.62
C HIS B 414 -62.87 18.30 80.36
N LYS B 415 -63.06 17.02 80.02
CA LYS B 415 -61.99 16.06 79.75
C LYS B 415 -60.99 16.54 78.71
N GLU B 416 -61.42 17.21 77.63
CA GLU B 416 -60.48 17.66 76.62
C GLU B 416 -59.63 18.81 77.12
N ALA B 417 -60.15 19.61 78.05
CA ALA B 417 -59.42 20.72 78.66
C ALA B 417 -58.22 20.27 79.49
N ILE B 418 -58.44 19.32 80.42
CA ILE B 418 -57.37 18.81 81.29
C ILE B 418 -56.20 18.23 80.51
N ILE B 419 -56.43 17.38 79.52
CA ILE B 419 -55.34 16.80 78.74
C ILE B 419 -54.60 17.89 77.96
N SER B 420 -55.36 18.79 77.31
CA SER B 420 -54.74 19.86 76.51
C SER B 420 -53.84 20.77 77.32
N HIS B 421 -54.23 21.13 78.55
CA HIS B 421 -53.36 21.97 79.36
C HIS B 421 -52.14 21.20 79.83
N LEU B 422 -52.35 19.96 80.27
CA LEU B 422 -51.28 19.07 80.70
C LEU B 422 -50.30 18.79 79.57
N SER B 423 -50.81 18.72 78.33
CA SER B 423 -49.96 18.52 77.17
C SER B 423 -49.00 19.69 77.00
N TRP B 424 -49.51 20.92 77.18
CA TRP B 424 -48.74 22.14 77.02
C TRP B 424 -47.58 22.22 78.02
N VAL B 425 -47.88 22.02 79.32
CA VAL B 425 -46.88 22.10 80.38
C VAL B 425 -45.71 21.17 80.11
N SER B 426 -45.98 19.96 79.60
CA SER B 426 -44.92 19.00 79.28
C SER B 426 -44.04 19.59 78.19
N LEU B 427 -44.66 20.08 77.10
CA LEU B 427 -43.97 20.72 75.98
C LEU B 427 -43.17 21.91 76.47
N PHE B 428 -43.79 22.72 77.34
CA PHE B 428 -43.18 23.89 77.93
C PHE B 428 -41.93 23.53 78.72
N LEU B 429 -42.10 22.63 79.69
CA LEU B 429 -41.01 22.14 80.53
C LEU B 429 -39.86 21.57 79.70
N GLY B 430 -40.18 20.71 78.74
CA GLY B 430 -39.13 20.05 77.95
C GLY B 430 -38.25 20.94 77.11
N PHE B 431 -38.85 21.81 76.29
CA PHE B 431 -38.10 22.72 75.43
C PHE B 431 -37.09 23.55 76.20
N HIS B 432 -37.48 24.10 77.33
CA HIS B 432 -36.64 24.97 78.15
C HIS B 432 -35.66 24.21 79.04
N THR B 433 -36.07 23.11 79.71
CA THR B 433 -35.11 22.37 80.54
C THR B 433 -33.98 21.77 79.71
N LEU B 434 -34.30 21.13 78.58
CA LEU B 434 -33.24 20.60 77.72
C LEU B 434 -32.41 21.75 77.19
N GLY B 435 -33.10 22.87 76.87
CA GLY B 435 -32.48 24.05 76.31
C GLY B 435 -31.41 24.64 77.20
N LEU B 436 -31.65 24.70 78.50
CA LEU B 436 -30.63 25.23 79.39
C LEU B 436 -29.40 24.32 79.46
N TYR B 437 -29.60 23.00 79.49
CA TYR B 437 -28.49 22.05 79.53
C TYR B 437 -27.60 22.12 78.29
N VAL B 438 -28.24 22.14 77.11
CA VAL B 438 -27.52 22.20 75.85
C VAL B 438 -26.78 23.54 75.72
N HIS B 439 -27.40 24.62 76.21
CA HIS B 439 -26.79 25.94 76.20
C HIS B 439 -25.46 25.90 76.94
N ASN B 440 -25.49 25.40 78.18
CA ASN B 440 -24.29 25.26 78.99
C ASN B 440 -23.24 24.38 78.32
N ASP B 441 -23.66 23.22 77.79
CA ASP B 441 -22.76 22.30 77.12
C ASP B 441 -21.97 22.94 75.99
N VAL B 442 -22.65 23.65 75.09
CA VAL B 442 -21.97 24.31 73.95
C VAL B 442 -20.94 25.32 74.43
N VAL B 443 -21.35 26.27 75.27
CA VAL B 443 -20.45 27.30 75.77
C VAL B 443 -19.29 26.68 76.57
N GLN B 444 -19.54 25.55 77.25
CA GLN B 444 -18.46 24.83 77.94
C GLN B 444 -17.57 24.12 76.93
N ALA B 445 -18.16 23.57 75.87
CA ALA B 445 -17.40 22.96 74.79
C ALA B 445 -16.46 23.94 74.12
N PHE B 446 -16.85 25.21 74.03
CA PHE B 446 -16.05 26.25 73.41
C PHE B 446 -15.04 26.89 74.36
N GLY B 447 -14.76 26.26 75.52
CA GLY B 447 -13.77 26.84 76.40
C GLY B 447 -14.22 28.00 77.23
N THR B 448 -15.52 28.26 77.32
CA THR B 448 -16.09 29.39 78.05
C THR B 448 -17.13 28.98 79.10
N PRO B 449 -16.71 28.32 80.19
CA PRO B 449 -17.70 27.90 81.22
C PRO B 449 -18.48 29.04 81.87
N GLU B 450 -17.95 30.26 81.86
CA GLU B 450 -18.59 31.44 82.43
C GLU B 450 -19.85 31.86 81.70
N LYS B 451 -20.06 31.38 80.47
CA LYS B 451 -21.25 31.71 79.69
C LYS B 451 -22.41 30.79 79.96
N GLN B 452 -22.25 29.82 80.86
CA GLN B 452 -23.33 28.89 81.18
C GLN B 452 -24.49 29.59 81.87
N ILE B 453 -25.68 29.02 81.74
CA ILE B 453 -26.85 29.55 82.41
C ILE B 453 -27.06 28.71 83.67
N LEU B 454 -26.80 29.31 84.83
CA LEU B 454 -26.92 28.61 86.10
C LEU B 454 -27.95 29.37 86.95
N ILE B 455 -29.08 28.76 87.20
CA ILE B 455 -30.13 29.39 87.98
C ILE B 455 -30.05 28.86 89.41
N GLU B 456 -30.01 29.77 90.39
CA GLU B 456 -29.98 29.34 91.78
C GLU B 456 -31.37 28.89 92.21
N PRO B 457 -31.50 27.77 92.91
CA PRO B 457 -32.80 27.25 93.42
C PRO B 457 -33.25 28.05 94.65
N VAL B 458 -33.45 29.37 94.45
CA VAL B 458 -33.76 30.29 95.53
C VAL B 458 -35.06 29.94 96.23
N PHE B 459 -36.10 29.46 95.53
CA PHE B 459 -37.31 29.09 96.25
C PHE B 459 -37.03 27.90 97.16
N ALA B 460 -36.19 26.97 96.72
CA ALA B 460 -35.83 25.83 97.55
C ALA B 460 -34.95 26.28 98.70
N GLN B 461 -33.92 27.07 98.39
CA GLN B 461 -33.00 27.63 99.38
C GLN B 461 -33.71 28.50 100.40
N TRP B 462 -34.84 29.11 100.02
CA TRP B 462 -35.74 29.73 100.98
C TRP B 462 -36.22 28.72 102.00
N ILE B 463 -36.69 27.55 101.54
CA ILE B 463 -37.44 26.62 102.40
C ILE B 463 -36.53 25.99 103.45
N GLN B 464 -35.31 25.60 103.07
CA GLN B 464 -34.35 25.06 104.04
C GLN B 464 -33.99 26.10 105.08
N SER B 465 -33.78 27.35 104.63
CA SER B 465 -33.62 28.48 105.52
C SER B 465 -34.85 28.72 106.39
N VAL B 466 -36.05 28.46 105.85
CA VAL B 466 -37.25 28.47 106.67
C VAL B 466 -37.25 27.27 107.61
N HIS B 467 -36.66 26.15 107.21
CA HIS B 467 -36.54 25.03 108.13
C HIS B 467 -35.40 25.18 109.14
N GLY B 468 -34.61 26.23 109.05
CA GLY B 468 -33.55 26.39 110.02
C GLY B 468 -32.14 26.27 109.48
N LYS B 469 -32.00 26.01 108.19
CA LYS B 469 -30.67 25.88 107.61
C LYS B 469 -30.10 27.28 107.38
N SER B 470 -29.17 27.69 108.25
CA SER B 470 -28.58 29.02 108.21
C SER B 470 -27.48 29.14 107.17
N LEU B 471 -27.31 28.12 106.33
CA LEU B 471 -26.29 28.14 105.28
C LEU B 471 -26.62 29.16 104.20
N TYR B 472 -27.88 29.22 103.75
CA TYR B 472 -28.18 30.15 102.66
C TYR B 472 -28.40 31.57 103.18
N GLY B 473 -28.55 31.71 104.51
CA GLY B 473 -28.71 33.03 105.10
C GLY B 473 -29.91 33.89 104.74
N PHE B 474 -31.09 33.30 104.57
CA PHE B 474 -32.25 34.13 104.25
C PHE B 474 -32.82 34.81 105.49
N GLU B 475 -32.47 34.29 106.68
CA GLU B 475 -32.53 35.00 107.96
C GLU B 475 -33.95 35.26 108.46
N VAL B 476 -34.93 34.48 108.01
CA VAL B 476 -36.29 34.52 108.53
C VAL B 476 -36.68 33.09 108.88
N LEU B 477 -37.57 32.94 109.88
CA LEU B 477 -38.18 31.65 110.25
C LEU B 477 -37.15 30.60 110.63
N LEU B 478 -36.71 30.62 111.89
CA LEU B 478 -35.76 29.75 112.56
C LEU B 478 -34.36 29.78 111.92
N ASN B 479 -34.10 30.68 110.99
CA ASN B 479 -32.85 31.43 111.02
C ASN B 479 -33.03 32.73 111.78
N ASN B 480 -34.27 33.20 111.87
CA ASN B 480 -34.64 34.28 112.78
C ASN B 480 -34.65 33.68 114.19
N ALA B 481 -33.77 34.20 115.05
CA ALA B 481 -33.61 33.65 116.39
C ALA B 481 -34.71 34.10 117.35
N ASP B 482 -35.60 35.00 116.92
CA ASP B 482 -36.58 35.59 117.81
C ASP B 482 -38.02 35.31 117.38
N SER B 483 -38.21 34.65 116.24
CA SER B 483 -39.54 34.31 115.74
C SER B 483 -40.29 33.39 116.70
N ILE B 484 -41.61 33.60 116.76
CA ILE B 484 -42.51 32.83 117.61
C ILE B 484 -42.50 31.32 117.31
N THR B 485 -42.08 30.90 116.12
CA THR B 485 -42.00 29.48 115.80
C THR B 485 -40.90 28.79 116.60
N ARG B 486 -39.70 29.37 116.63
CA ARG B 486 -38.57 28.81 117.35
C ARG B 486 -38.76 28.84 118.86
N VAL B 487 -39.36 29.91 119.38
CA VAL B 487 -39.53 30.06 120.82
C VAL B 487 -40.72 29.25 121.32
N ALA B 488 -41.86 29.28 120.57
CA ALA B 488 -43.16 28.72 120.90
C ALA B 488 -43.67 29.19 122.25
N PRO B 489 -44.13 30.44 122.36
CA PRO B 489 -44.60 30.97 123.65
C PRO B 489 -45.95 30.43 124.10
N GLY B 490 -46.57 29.51 123.36
CA GLY B 490 -47.85 28.97 123.72
C GLY B 490 -47.81 28.07 124.95
N SER B 491 -47.08 26.95 124.86
CA SER B 491 -46.99 26.06 126.02
C SER B 491 -45.60 25.46 126.21
N ALA B 492 -44.55 26.15 125.74
CA ALA B 492 -43.14 25.78 125.95
C ALA B 492 -42.81 24.38 125.43
N GLN B 493 -43.37 24.06 124.27
CA GLN B 493 -43.26 22.75 123.63
C GLN B 493 -41.98 22.40 122.87
N PRO B 494 -41.24 23.35 122.24
CA PRO B 494 -40.63 23.07 120.92
C PRO B 494 -39.36 22.22 120.92
N ILE B 495 -39.15 21.40 121.95
CA ILE B 495 -37.85 20.83 122.32
C ILE B 495 -37.19 19.91 121.30
N TRP B 496 -37.78 19.71 120.12
CA TRP B 496 -37.01 19.04 119.06
C TRP B 496 -35.90 19.92 118.51
N LEU B 497 -36.04 21.23 118.68
CA LEU B 497 -35.19 22.29 118.18
C LEU B 497 -33.68 22.24 118.48
N PRO B 498 -33.19 21.90 119.69
CA PRO B 498 -31.72 21.89 119.86
C PRO B 498 -31.01 20.86 119.00
N GLY B 499 -31.44 19.59 119.08
CA GLY B 499 -30.88 18.50 118.30
C GLY B 499 -30.97 18.74 116.80
N TRP B 500 -32.11 19.28 116.39
CA TRP B 500 -32.39 19.59 114.99
C TRP B 500 -31.47 20.68 114.43
N LEU B 501 -31.31 21.80 115.15
CA LEU B 501 -30.47 22.89 114.68
C LEU B 501 -29.00 22.50 114.53
N ASP B 502 -28.50 21.62 115.39
CA ASP B 502 -27.14 21.14 115.31
C ASP B 502 -26.90 20.37 114.00
N ALA B 503 -27.81 19.47 113.67
CA ALA B 503 -27.83 18.62 112.48
C ALA B 503 -28.06 19.39 111.18
N ILE B 504 -28.96 20.37 111.18
CA ILE B 504 -29.27 21.11 109.95
C ILE B 504 -28.12 22.03 109.53
N ASN B 505 -27.17 22.32 110.41
CA ASN B 505 -26.09 23.20 110.00
C ASN B 505 -24.80 22.42 109.76
N SER B 506 -24.70 21.20 110.28
CA SER B 506 -23.54 20.35 110.07
C SER B 506 -23.73 19.66 108.72
N GLY B 507 -22.67 19.63 107.91
CA GLY B 507 -22.77 19.02 106.60
C GLY B 507 -22.32 17.58 106.59
N ASN B 508 -22.38 16.91 107.74
CA ASN B 508 -21.93 15.55 107.89
C ASN B 508 -23.02 14.52 107.66
N ASN B 509 -24.20 14.92 107.18
CA ASN B 509 -25.28 13.99 106.92
C ASN B 509 -25.98 14.42 105.63
N SER B 510 -27.18 13.89 105.41
CA SER B 510 -27.98 14.17 104.23
C SER B 510 -29.27 14.89 104.59
N LEU B 511 -29.32 15.46 105.79
CA LEU B 511 -30.47 16.19 106.28
C LEU B 511 -30.49 17.59 105.64
N PHE B 512 -31.18 17.70 104.50
CA PHE B 512 -31.33 18.94 103.70
C PHE B 512 -30.01 19.35 103.05
N LEU B 513 -29.52 18.43 102.22
CA LEU B 513 -28.30 18.59 101.42
C LEU B 513 -28.21 19.91 100.67
N THR B 514 -26.97 20.42 100.56
CA THR B 514 -26.68 21.66 99.84
C THR B 514 -27.01 21.52 98.36
N ILE B 515 -27.57 22.58 97.79
CA ILE B 515 -27.98 22.56 96.38
C ILE B 515 -27.38 23.74 95.64
N GLY B 516 -27.31 23.58 94.33
CA GLY B 516 -26.79 24.61 93.45
C GLY B 516 -27.51 24.53 92.12
N PRO B 517 -26.88 25.08 91.07
CA PRO B 517 -27.48 25.05 89.72
C PRO B 517 -27.84 23.66 89.20
N GLY B 518 -27.02 22.64 89.51
CA GLY B 518 -27.29 21.28 89.07
C GLY B 518 -28.60 20.75 89.61
N ASP B 519 -28.87 20.99 90.89
CA ASP B 519 -30.08 20.55 91.55
C ASP B 519 -31.30 21.26 90.99
N PHE B 520 -31.13 22.49 90.49
CA PHE B 520 -32.24 23.25 89.91
C PHE B 520 -32.74 22.58 88.65
N LEU B 521 -31.83 22.37 87.68
CA LEU B 521 -32.15 21.76 86.39
C LEU B 521 -32.77 20.39 86.52
N VAL B 522 -32.15 19.48 87.28
CA VAL B 522 -32.71 18.14 87.46
C VAL B 522 -34.10 18.18 88.08
N HIS B 523 -34.33 19.04 89.10
CA HIS B 523 -35.65 19.13 89.73
C HIS B 523 -36.73 19.52 88.75
N HIS B 524 -36.38 20.30 87.73
CA HIS B 524 -37.35 20.68 86.73
C HIS B 524 -37.47 19.59 85.69
N ALA B 525 -36.41 18.78 85.57
CA ALA B 525 -36.42 17.63 84.68
C ALA B 525 -37.31 16.56 85.27
N ILE B 526 -37.21 16.39 86.60
CA ILE B 526 -38.02 15.41 87.31
C ILE B 526 -39.48 15.85 87.21
N ALA B 527 -39.71 17.18 87.29
CA ALA B 527 -41.05 17.72 87.16
C ALA B 527 -41.54 17.42 85.76
N LEU B 528 -40.66 17.62 84.78
CA LEU B 528 -40.95 17.30 83.40
C LEU B 528 -41.27 15.82 83.28
N GLY B 529 -40.52 15.00 84.03
CA GLY B 529 -40.76 13.57 84.00
C GLY B 529 -42.07 13.23 84.65
N LEU B 530 -42.35 13.85 85.80
CA LEU B 530 -43.62 13.61 86.48
C LEU B 530 -44.79 14.12 85.65
N HIS B 531 -44.61 15.21 84.90
CA HIS B 531 -45.73 15.74 84.13
C HIS B 531 -46.02 14.91 82.88
N THR B 532 -44.97 14.46 82.17
CA THR B 532 -45.21 13.66 80.98
C THR B 532 -45.75 12.27 81.33
N THR B 533 -45.26 11.68 82.43
CA THR B 533 -45.73 10.36 82.86
C THR B 533 -47.18 10.41 83.32
N THR B 534 -47.55 11.46 84.04
CA THR B 534 -48.92 11.58 84.51
C THR B 534 -49.91 11.84 83.37
N LEU B 535 -49.52 12.61 82.35
CA LEU B 535 -50.40 12.94 81.25
C LEU B 535 -50.88 11.71 80.50
N ILE B 536 -49.96 10.85 80.11
CA ILE B 536 -50.28 9.64 79.36
C ILE B 536 -51.20 8.72 80.18
N LEU B 537 -50.92 8.57 81.47
CA LEU B 537 -51.73 7.69 82.32
C LEU B 537 -53.12 8.27 82.52
N VAL B 538 -53.24 9.59 82.68
CA VAL B 538 -54.56 10.16 82.86
C VAL B 538 -55.29 10.12 81.52
N LYS B 539 -54.61 10.45 80.41
CA LYS B 539 -55.21 10.41 79.08
C LYS B 539 -55.62 8.98 78.74
N GLY B 540 -54.78 8.00 79.11
CA GLY B 540 -55.06 6.61 78.82
C GLY B 540 -56.35 6.15 79.47
N ALA B 541 -56.57 6.56 80.71
CA ALA B 541 -57.81 6.20 81.40
C ALA B 541 -58.95 6.98 80.76
N LEU B 542 -58.73 8.28 80.55
CA LEU B 542 -59.77 9.14 80.01
C LEU B 542 -60.08 8.83 78.55
N ASP B 543 -59.19 8.16 77.82
CA ASP B 543 -59.52 7.82 76.44
C ASP B 543 -59.85 6.35 76.27
N ALA B 544 -59.81 5.59 77.38
CA ALA B 544 -60.15 4.18 77.39
C ALA B 544 -61.53 3.89 76.83
N ARG B 545 -62.55 4.63 77.28
CA ARG B 545 -63.89 4.41 76.78
C ARG B 545 -64.13 4.91 75.36
N GLY B 546 -63.42 5.95 74.92
CA GLY B 546 -63.59 6.44 73.56
C GLY B 546 -63.01 7.79 73.19
N SER B 547 -62.81 7.99 71.89
CA SER B 547 -62.30 9.21 71.26
C SER B 547 -62.98 9.35 69.91
N LYS B 548 -62.62 10.39 69.15
CA LYS B 548 -63.18 10.50 67.81
C LYS B 548 -62.62 9.42 66.90
N LEU B 549 -61.34 9.07 67.08
CA LEU B 549 -60.73 8.05 66.25
C LEU B 549 -61.30 6.68 66.59
N MET B 550 -61.79 6.49 67.82
CA MET B 550 -62.40 5.21 68.21
C MET B 550 -63.50 5.41 69.26
N PRO B 551 -64.68 5.85 68.84
CA PRO B 551 -65.83 6.04 69.78
C PRO B 551 -66.29 4.82 70.56
N ASP B 552 -66.17 3.60 70.01
CA ASP B 552 -66.70 2.43 70.71
C ASP B 552 -65.65 1.53 71.32
N LYS B 553 -64.48 2.11 71.66
CA LYS B 553 -63.33 1.41 72.23
C LYS B 553 -63.70 0.49 73.39
N LYS B 554 -64.61 0.92 74.27
CA LYS B 554 -65.09 0.15 75.43
C LYS B 554 -65.67 -1.22 75.07
N ASP B 555 -66.20 -1.39 73.85
CA ASP B 555 -66.82 -2.64 73.41
C ASP B 555 -65.81 -3.74 73.12
N PHE B 556 -64.54 -3.40 72.97
CA PHE B 556 -63.48 -4.34 72.68
C PHE B 556 -62.70 -4.74 73.92
N GLY B 557 -63.06 -4.22 75.08
CA GLY B 557 -62.34 -4.52 76.30
C GLY B 557 -61.11 -3.66 76.42
N TYR B 558 -60.39 -3.86 77.53
CA TYR B 558 -59.18 -3.10 77.83
C TYR B 558 -58.08 -3.31 76.80
N SER B 559 -57.62 -4.54 76.62
CA SER B 559 -56.40 -4.83 75.89
C SER B 559 -56.76 -5.56 74.59
N PHE B 560 -56.70 -4.83 73.47
CA PHE B 560 -56.93 -5.45 72.18
C PHE B 560 -55.89 -4.86 71.23
N PRO B 561 -55.44 -5.62 70.16
CA PRO B 561 -54.40 -5.10 69.24
C PRO B 561 -54.48 -3.70 68.64
N CYS B 562 -55.59 -3.33 68.01
CA CYS B 562 -55.79 -2.08 67.28
C CYS B 562 -57.12 -2.17 66.56
N ASP B 563 -57.27 -1.34 65.52
CA ASP B 563 -58.50 -1.28 64.74
C ASP B 563 -58.20 -1.28 63.24
N GLY B 564 -57.10 -1.89 62.85
CA GLY B 564 -56.70 -2.02 61.47
C GLY B 564 -56.03 -0.80 60.88
N PRO B 565 -55.51 -0.94 59.65
CA PRO B 565 -54.84 0.17 58.97
C PRO B 565 -55.79 1.21 58.42
N GLY B 566 -57.10 1.02 58.56
CA GLY B 566 -58.07 1.97 58.08
C GLY B 566 -58.09 3.20 58.94
N ARG B 567 -58.81 4.21 58.45
CA ARG B 567 -58.97 5.53 59.09
C ARG B 567 -57.62 6.16 59.37
N GLY B 568 -56.64 5.89 58.50
CA GLY B 568 -55.30 6.41 58.64
C GLY B 568 -54.31 5.50 59.34
N GLY B 569 -54.79 4.61 60.21
CA GLY B 569 -53.91 3.71 60.94
C GLY B 569 -54.24 3.80 62.41
N THR B 570 -54.27 2.66 63.11
CA THR B 570 -54.68 2.71 64.50
C THR B 570 -53.77 2.02 65.51
N CYS B 571 -52.51 1.74 65.17
CA CYS B 571 -51.59 1.12 66.13
C CYS B 571 -51.49 1.93 67.42
N ASP B 572 -51.37 1.21 68.54
CA ASP B 572 -51.21 1.74 69.90
C ASP B 572 -52.40 2.60 70.32
N ILE B 573 -53.61 2.20 69.91
CA ILE B 573 -54.81 2.96 70.22
C ILE B 573 -55.52 2.42 71.45
N SER B 574 -55.10 1.27 71.98
CA SER B 574 -55.82 0.71 73.10
C SER B 574 -55.32 1.29 74.41
N ALA B 575 -56.19 1.28 75.41
CA ALA B 575 -55.88 1.76 76.75
C ALA B 575 -54.69 1.03 77.36
N TRP B 576 -54.51 -0.24 76.99
CA TRP B 576 -53.38 -1.02 77.51
C TRP B 576 -52.08 -0.42 77.02
N ASP B 577 -52.06 0.00 75.74
CA ASP B 577 -50.92 0.60 75.07
C ASP B 577 -50.50 1.90 75.73
N ALA B 578 -51.44 2.62 76.32
CA ALA B 578 -51.10 3.85 77.01
C ALA B 578 -50.32 3.53 78.26
N PHE B 579 -50.72 2.48 78.98
CA PHE B 579 -49.98 2.07 80.17
C PHE B 579 -48.58 1.66 79.76
N TYR B 580 -48.51 0.91 78.65
CA TYR B 580 -47.30 0.39 78.03
C TYR B 580 -46.31 1.47 77.65
N LEU B 581 -46.78 2.57 77.06
CA LEU B 581 -45.84 3.62 76.69
C LEU B 581 -45.36 4.35 77.93
N ALA B 582 -46.27 4.54 78.89
CA ALA B 582 -45.96 5.20 80.15
C ALA B 582 -44.93 4.45 80.98
N VAL B 583 -44.83 3.12 80.85
CA VAL B 583 -43.83 2.36 81.59
C VAL B 583 -42.43 2.74 81.11
N PHE B 584 -42.30 3.10 79.84
CA PHE B 584 -41.05 3.64 79.35
C PHE B 584 -40.74 5.00 79.99
N TRP B 585 -41.76 5.86 80.12
CA TRP B 585 -41.54 7.17 80.70
C TRP B 585 -41.24 7.17 82.18
N MET B 586 -41.88 6.28 82.95
CA MET B 586 -41.63 6.22 84.38
C MET B 586 -40.21 5.79 84.67
N LEU B 587 -39.72 4.75 83.96
CA LEU B 587 -38.34 4.28 84.15
C LEU B 587 -37.38 5.42 83.90
N ASN B 588 -37.62 6.19 82.85
CA ASN B 588 -36.80 7.35 82.58
C ASN B 588 -36.89 8.35 83.73
N THR B 589 -38.12 8.56 84.24
CA THR B 589 -38.30 9.52 85.32
C THR B 589 -37.69 9.02 86.62
N ILE B 590 -38.04 7.79 87.04
CA ILE B 590 -37.48 7.20 88.26
C ILE B 590 -35.98 6.99 88.10
N GLY B 591 -35.52 6.82 86.86
CA GLY B 591 -34.11 6.68 86.60
C GLY B 591 -33.38 7.97 86.88
N TRP B 592 -33.88 9.07 86.29
CA TRP B 592 -33.29 10.40 86.50
C TRP B 592 -33.27 10.79 87.98
N THR B 593 -34.28 10.39 88.75
CA THR B 593 -34.26 10.65 90.19
C THR B 593 -33.15 9.87 90.86
N THR B 594 -33.08 8.57 90.58
CA THR B 594 -32.02 7.74 91.12
C THR B 594 -30.65 8.13 90.56
N PHE B 595 -30.58 8.57 89.30
CA PHE B 595 -29.31 9.03 88.75
C PHE B 595 -28.81 10.24 89.51
N TYR B 596 -29.71 11.18 89.80
CA TYR B 596 -29.43 12.41 90.53
C TYR B 596 -28.99 12.10 91.96
N TRP B 597 -29.80 11.29 92.65
CA TRP B 597 -29.54 10.91 94.02
C TRP B 597 -28.20 10.19 94.14
N HIS B 598 -27.87 9.35 93.17
CA HIS B 598 -26.64 8.58 93.25
C HIS B 598 -25.41 9.45 93.08
N TRP B 599 -25.33 10.20 91.98
CA TRP B 599 -24.17 11.06 91.69
C TRP B 599 -23.91 12.06 92.81
N LYS B 600 -24.96 12.69 93.33
CA LYS B 600 -24.83 13.68 94.40
C LYS B 600 -24.19 13.04 95.63
N HIS B 601 -24.71 11.87 96.02
CA HIS B 601 -24.22 11.13 97.18
C HIS B 601 -22.78 10.66 97.05
N LEU B 602 -22.28 10.44 95.82
CA LEU B 602 -20.89 10.01 95.66
C LEU B 602 -19.90 11.02 96.20
N GLY B 603 -20.11 12.30 95.92
CA GLY B 603 -19.23 13.34 96.43
C GLY B 603 -19.32 13.52 97.94
N VAL B 604 -20.55 13.57 98.47
CA VAL B 604 -20.74 13.71 99.92
C VAL B 604 -20.08 12.55 100.68
N TRP B 605 -20.16 11.32 100.13
CA TRP B 605 -19.57 10.19 100.84
C TRP B 605 -18.07 10.19 100.69
N GLN B 606 -17.57 10.85 99.65
CA GLN B 606 -16.13 11.03 99.45
C GLN B 606 -15.66 12.43 99.84
N GLY B 607 -16.52 13.20 100.51
CA GLY B 607 -16.24 14.54 101.01
C GLY B 607 -15.77 15.56 99.99
N ASN B 608 -16.03 15.35 98.70
CA ASN B 608 -15.64 16.27 97.65
C ASN B 608 -16.90 16.60 96.85
N VAL B 609 -17.81 17.36 97.47
CA VAL B 609 -19.04 17.73 96.79
C VAL B 609 -18.80 18.66 95.57
N ALA B 610 -17.64 19.33 95.50
CA ALA B 610 -17.29 20.26 94.41
C ALA B 610 -17.32 19.69 92.99
N GLN B 611 -16.94 18.42 92.79
CA GLN B 611 -16.93 17.81 91.45
C GLN B 611 -18.33 17.84 90.83
N PHE B 612 -19.31 17.37 91.60
CA PHE B 612 -20.72 17.33 91.21
C PHE B 612 -21.30 18.72 90.98
N ASN B 613 -21.11 19.63 91.94
CA ASN B 613 -21.64 20.99 91.90
C ASN B 613 -21.36 21.74 90.59
N GLU B 614 -20.17 21.58 90.02
CA GLU B 614 -19.90 22.32 88.79
C GLU B 614 -20.20 21.56 87.50
N SER B 615 -20.05 20.23 87.49
CA SER B 615 -20.29 19.41 86.30
C SER B 615 -21.74 19.00 86.08
N SER B 616 -22.57 18.96 87.12
CA SER B 616 -23.96 18.52 86.97
C SER B 616 -24.86 19.51 86.24
N THR B 617 -24.38 20.71 85.91
CA THR B 617 -25.27 21.67 85.26
C THR B 617 -25.26 21.52 83.75
N TYR B 618 -24.39 20.66 83.21
CA TYR B 618 -24.38 20.34 81.79
C TYR B 618 -24.34 18.83 81.68
N LEU B 619 -24.94 18.31 80.60
CA LEU B 619 -25.08 16.87 80.41
C LEU B 619 -23.78 16.13 80.16
N MET B 620 -22.75 16.75 79.55
CA MET B 620 -21.47 16.05 79.35
C MET B 620 -20.84 15.66 80.69
N GLY B 621 -21.21 16.39 81.75
CA GLY B 621 -20.68 16.09 83.07
C GLY B 621 -21.27 14.81 83.59
N TRP B 622 -22.55 14.58 83.27
CA TRP B 622 -23.22 13.35 83.65
C TRP B 622 -22.68 12.19 82.84
N PHE B 623 -22.08 12.48 81.69
CA PHE B 623 -21.46 11.48 80.85
C PHE B 623 -20.01 11.26 81.25
N ARG B 624 -19.31 12.32 81.64
CA ARG B 624 -17.91 12.14 81.96
C ARG B 624 -17.70 11.80 83.43
N ASP B 625 -18.31 12.56 84.33
CA ASP B 625 -18.07 12.36 85.75
C ASP B 625 -19.07 11.43 86.42
N TYR B 626 -20.12 10.99 85.75
CA TYR B 626 -21.05 10.07 86.39
C TYR B 626 -21.03 8.68 85.77
N LEU B 627 -21.35 8.55 84.48
CA LEU B 627 -21.41 7.22 83.90
C LEU B 627 -20.05 6.63 83.60
N TRP B 628 -19.23 7.31 82.79
CA TRP B 628 -17.90 6.81 82.44
C TRP B 628 -16.97 6.68 83.65
N LEU B 629 -16.90 7.72 84.49
CA LEU B 629 -16.02 7.74 85.66
C LEU B 629 -16.31 6.61 86.64
N ASN B 630 -17.57 6.45 87.05
CA ASN B 630 -17.91 5.44 88.04
C ASN B 630 -18.00 4.02 87.49
N SER B 631 -17.77 3.81 86.21
CA SER B 631 -17.82 2.46 85.65
C SER B 631 -16.45 1.82 85.52
N SER B 632 -15.40 2.49 85.99
CA SER B 632 -14.02 1.99 85.91
C SER B 632 -13.84 0.61 86.54
N GLN B 633 -14.16 0.47 87.83
CA GLN B 633 -14.01 -0.81 88.50
C GLN B 633 -14.99 -1.87 88.05
N LEU B 634 -16.29 -1.53 87.99
CA LEU B 634 -17.35 -2.46 87.55
C LEU B 634 -17.00 -3.20 86.27
N ILE B 635 -16.60 -2.46 85.23
CA ILE B 635 -16.23 -3.02 83.94
C ILE B 635 -14.96 -3.86 83.99
N ASN B 636 -14.17 -3.76 85.05
CA ASN B 636 -12.96 -4.57 85.19
C ASN B 636 -13.10 -5.71 86.19
N GLY B 637 -14.34 -6.10 86.52
CA GLY B 637 -14.59 -7.22 87.41
C GLY B 637 -13.85 -8.49 87.03
N TYR B 638 -13.64 -8.70 85.73
CA TYR B 638 -12.84 -9.79 85.20
C TYR B 638 -12.23 -9.23 83.92
N ASN B 639 -11.05 -9.72 83.55
CA ASN B 639 -10.34 -9.25 82.37
C ASN B 639 -9.24 -10.27 81.97
N PRO B 640 -8.41 -10.03 80.94
CA PRO B 640 -7.36 -11.01 80.60
C PRO B 640 -6.29 -11.22 81.66
N PHE B 641 -6.27 -10.44 82.74
CA PHE B 641 -5.24 -10.55 83.74
C PHE B 641 -5.74 -11.21 85.01
N GLY B 642 -7.05 -11.36 85.17
CA GLY B 642 -7.58 -12.00 86.34
C GLY B 642 -9.04 -11.70 86.48
N MET B 643 -9.50 -11.65 87.73
CA MET B 643 -10.87 -11.34 88.07
C MET B 643 -10.93 -10.97 89.54
N ASN B 644 -11.95 -10.22 89.90
CA ASN B 644 -12.19 -9.85 91.30
C ASN B 644 -13.63 -10.16 91.67
N ASN B 645 -13.98 -9.79 92.91
CA ASN B 645 -15.28 -10.03 93.52
C ASN B 645 -16.43 -9.25 92.88
N LEU B 646 -16.20 -8.60 91.75
CA LEU B 646 -17.19 -7.83 91.02
C LEU B 646 -17.50 -8.47 89.68
N SER B 647 -17.00 -9.69 89.44
CA SER B 647 -17.28 -10.38 88.19
C SER B 647 -18.77 -10.65 88.01
N VAL B 648 -19.52 -10.92 89.09
CA VAL B 648 -20.95 -11.14 88.97
C VAL B 648 -21.57 -9.88 88.44
N TRP B 649 -21.33 -8.76 89.14
CA TRP B 649 -21.87 -7.45 88.79
C TRP B 649 -21.42 -7.05 87.39
N ALA B 650 -20.21 -7.49 87.01
CA ALA B 650 -19.71 -7.16 85.68
C ALA B 650 -20.45 -8.01 84.66
N TRP B 651 -20.71 -9.27 85.02
CA TRP B 651 -21.43 -10.17 84.13
C TRP B 651 -22.87 -9.72 84.03
N MET B 652 -23.49 -9.40 85.18
CA MET B 652 -24.88 -8.93 85.22
C MET B 652 -25.04 -7.64 84.43
N PHE B 653 -24.05 -6.75 84.47
CA PHE B 653 -24.11 -5.48 83.76
C PHE B 653 -24.24 -5.75 82.27
N LEU B 654 -23.44 -6.69 81.78
CA LEU B 654 -23.50 -7.07 80.38
C LEU B 654 -24.77 -7.84 80.12
N PHE B 655 -25.16 -8.69 81.08
CA PHE B 655 -26.39 -9.47 80.98
C PHE B 655 -27.57 -8.54 80.83
N GLY B 656 -27.61 -7.47 81.63
CA GLY B 656 -28.67 -6.49 81.56
C GLY B 656 -28.74 -5.80 80.22
N HIS B 657 -27.58 -5.42 79.67
CA HIS B 657 -27.51 -4.77 78.37
C HIS B 657 -28.10 -5.66 77.30
N LEU B 658 -27.84 -6.97 77.39
CA LEU B 658 -28.31 -7.90 76.38
C LEU B 658 -29.84 -8.05 76.44
N ILE B 659 -30.40 -8.13 77.65
CA ILE B 659 -31.84 -8.35 77.76
C ILE B 659 -32.61 -7.06 77.51
N TRP B 660 -32.01 -5.92 77.84
CA TRP B 660 -32.57 -4.62 77.46
C TRP B 660 -32.70 -4.56 75.95
N ALA B 661 -31.61 -4.88 75.25
CA ALA B 661 -31.57 -4.83 73.79
C ALA B 661 -32.48 -5.88 73.18
N THR B 662 -32.68 -6.99 73.87
CA THR B 662 -33.56 -8.04 73.37
C THR B 662 -34.99 -7.54 73.33
N GLY B 663 -35.33 -6.63 74.23
CA GLY B 663 -36.66 -6.06 74.23
C GLY B 663 -36.92 -5.20 73.01
N PHE B 664 -35.87 -4.57 72.48
CA PHE B 664 -36.01 -3.75 71.28
C PHE B 664 -36.47 -4.56 70.09
N MET B 665 -36.13 -5.85 70.07
CA MET B 665 -36.50 -6.73 68.97
C MET B 665 -38.01 -6.90 68.89
N PHE B 666 -38.65 -7.18 70.01
CA PHE B 666 -40.09 -7.36 70.03
C PHE B 666 -40.85 -6.05 69.81
N LEU B 667 -40.29 -4.92 70.23
CA LEU B 667 -40.94 -3.63 70.09
C LEU B 667 -40.84 -3.05 68.69
N ILE B 668 -39.79 -3.37 67.95
CA ILE B 668 -39.61 -2.79 66.62
C ILE B 668 -40.13 -3.72 65.55
N SER B 669 -39.82 -5.01 65.63
CA SER B 669 -40.31 -5.90 64.61
C SER B 669 -41.65 -6.42 65.09
N TRP B 670 -42.65 -6.42 64.21
CA TRP B 670 -44.00 -6.80 64.61
C TRP B 670 -44.38 -8.17 64.04
N ARG B 671 -45.53 -8.66 64.55
CA ARG B 671 -46.06 -10.02 64.34
C ARG B 671 -45.95 -10.59 62.93
N GLY B 672 -46.49 -9.89 61.92
CA GLY B 672 -46.51 -10.35 60.53
C GLY B 672 -45.22 -10.89 59.97
N TYR B 673 -44.11 -10.17 60.17
CA TYR B 673 -42.81 -10.62 59.70
C TYR B 673 -42.46 -12.01 60.21
N TRP B 674 -42.68 -12.21 61.50
CA TRP B 674 -42.35 -13.45 62.18
C TRP B 674 -43.28 -14.59 61.80
N GLN B 675 -44.59 -14.34 61.74
CA GLN B 675 -45.55 -15.37 61.35
C GLN B 675 -45.23 -15.95 59.97
N GLU B 676 -44.82 -15.11 59.02
CA GLU B 676 -44.48 -15.60 57.70
C GLU B 676 -43.17 -16.37 57.73
N LEU B 677 -42.24 -15.97 58.58
CA LEU B 677 -40.97 -16.63 58.74
C LEU B 677 -41.14 -18.03 59.32
N ILE B 678 -42.01 -18.14 60.33
CA ILE B 678 -42.34 -19.40 61.01
C ILE B 678 -42.89 -20.43 60.03
N GLU B 679 -43.68 -19.99 59.05
CA GLU B 679 -44.26 -20.87 58.03
C GLU B 679 -43.21 -21.62 57.23
N THR B 680 -42.09 -21.00 56.91
CA THR B 680 -41.05 -21.70 56.19
C THR B 680 -40.38 -22.75 57.06
N LEU B 681 -40.35 -22.52 58.38
CA LEU B 681 -39.78 -23.49 59.29
C LEU B 681 -40.70 -24.67 59.48
N VAL B 682 -42.01 -24.39 59.48
CA VAL B 682 -43.00 -25.44 59.58
C VAL B 682 -42.91 -26.34 58.35
N TRP B 683 -42.81 -25.74 57.17
CA TRP B 683 -42.66 -26.48 55.92
C TRP B 683 -41.42 -27.35 55.95
N ALA B 684 -40.29 -26.75 56.33
CA ALA B 684 -39.00 -27.44 56.38
C ALA B 684 -39.00 -28.63 57.33
N HIS B 685 -39.59 -28.49 58.51
CA HIS B 685 -39.67 -29.59 59.45
C HIS B 685 -40.44 -30.76 58.88
N GLU B 686 -41.66 -30.52 58.38
CA GLU B 686 -42.52 -31.54 57.80
C GLU B 686 -41.94 -32.22 56.57
N ARG B 687 -41.00 -31.59 55.89
CA ARG B 687 -40.38 -32.16 54.70
C ARG B 687 -38.98 -32.69 54.95
N THR B 688 -38.56 -32.80 56.21
CA THR B 688 -37.21 -33.28 56.48
C THR B 688 -37.27 -34.70 57.02
N PRO B 689 -36.76 -35.69 56.29
CA PRO B 689 -36.77 -37.07 56.79
C PRO B 689 -35.98 -37.19 58.08
N LEU B 690 -36.37 -38.18 58.89
CA LEU B 690 -35.87 -38.55 60.22
C LEU B 690 -36.34 -37.56 61.27
N ALA B 691 -37.00 -36.48 60.86
CA ALA B 691 -37.59 -35.46 61.72
C ALA B 691 -39.06 -35.29 61.44
N ASN B 692 -39.48 -35.41 60.16
CA ASN B 692 -40.88 -35.41 59.72
C ASN B 692 -41.75 -36.27 60.62
N LEU B 693 -41.21 -37.42 61.01
CA LEU B 693 -41.79 -38.47 61.84
C LEU B 693 -42.41 -37.93 63.14
N VAL B 694 -41.90 -36.81 63.66
CA VAL B 694 -42.37 -36.28 64.92
C VAL B 694 -43.13 -35.00 64.60
N ARG B 695 -44.14 -34.64 65.41
CA ARG B 695 -44.95 -33.45 65.21
C ARG B 695 -45.30 -32.71 66.50
N TRP B 696 -45.47 -31.40 66.35
CA TRP B 696 -45.88 -30.50 67.42
C TRP B 696 -47.33 -30.75 67.78
N LYS B 697 -47.67 -30.53 69.04
CA LYS B 697 -49.08 -30.70 69.38
C LYS B 697 -49.84 -29.39 69.19
N ASP B 698 -49.13 -28.28 69.39
CA ASP B 698 -49.66 -26.95 69.20
C ASP B 698 -49.01 -26.31 67.98
N LYS B 699 -49.83 -25.82 67.05
CA LYS B 699 -49.32 -25.24 65.83
C LYS B 699 -48.52 -23.98 66.16
N PRO B 700 -47.30 -23.85 65.66
CA PRO B 700 -46.48 -22.68 65.96
C PRO B 700 -46.99 -21.39 65.33
N VAL B 701 -47.07 -20.33 66.12
CA VAL B 701 -47.43 -19.00 65.64
C VAL B 701 -46.62 -17.98 66.41
N ALA B 702 -46.37 -16.85 65.74
CA ALA B 702 -45.69 -15.70 66.32
C ALA B 702 -46.47 -15.14 67.51
N LEU B 703 -45.74 -14.47 68.40
CA LEU B 703 -46.36 -13.84 69.56
C LEU B 703 -47.37 -12.81 69.07
N SER B 704 -48.37 -12.49 69.89
CA SER B 704 -49.37 -11.52 69.44
C SER B 704 -48.85 -10.09 69.46
N ILE B 705 -49.66 -9.20 68.89
CA ILE B 705 -49.34 -7.78 68.80
C ILE B 705 -49.21 -7.16 70.18
N VAL B 706 -50.22 -7.36 71.03
CA VAL B 706 -50.17 -6.86 72.40
C VAL B 706 -49.09 -7.61 73.17
N GLN B 707 -49.05 -8.94 73.00
CA GLN B 707 -48.08 -9.83 73.62
C GLN B 707 -46.65 -9.35 73.42
N ALA B 708 -46.29 -9.00 72.19
CA ALA B 708 -44.95 -8.50 71.86
C ALA B 708 -44.60 -7.22 72.58
N ARG B 709 -45.58 -6.31 72.69
CA ARG B 709 -45.36 -5.08 73.41
C ARG B 709 -45.01 -5.38 74.86
N LEU B 710 -45.80 -6.25 75.50
CA LEU B 710 -45.56 -6.64 76.89
C LEU B 710 -44.22 -7.38 77.03
N VAL B 711 -43.96 -8.33 76.13
CA VAL B 711 -42.72 -9.12 76.21
C VAL B 711 -41.52 -8.23 75.95
N GLY B 712 -41.62 -7.35 74.94
CA GLY B 712 -40.56 -6.41 74.67
C GLY B 712 -40.31 -5.48 75.84
N LEU B 713 -41.37 -4.88 76.37
CA LEU B 713 -41.28 -3.99 77.52
C LEU B 713 -40.71 -4.71 78.74
N ALA B 714 -41.11 -5.98 78.94
CA ALA B 714 -40.62 -6.73 80.09
C ALA B 714 -39.12 -6.95 80.01
N HIS B 715 -38.63 -7.27 78.81
CA HIS B 715 -37.19 -7.42 78.64
C HIS B 715 -36.52 -6.07 78.86
N PHE B 716 -37.04 -5.03 78.18
CA PHE B 716 -36.55 -3.66 78.30
C PHE B 716 -36.48 -3.24 79.77
N ALA B 717 -37.55 -3.50 80.53
CA ALA B 717 -37.63 -2.99 81.90
C ALA B 717 -36.73 -3.78 82.84
N VAL B 718 -36.73 -5.12 82.73
CA VAL B 718 -35.78 -5.96 83.46
C VAL B 718 -34.36 -5.53 83.12
N GLY B 719 -34.11 -5.28 81.84
CA GLY B 719 -32.80 -4.86 81.40
C GLY B 719 -32.45 -3.50 81.98
N TYR B 720 -33.42 -2.59 82.01
CA TYR B 720 -33.25 -1.25 82.56
C TYR B 720 -32.74 -1.34 84.00
N ILE B 721 -33.40 -2.15 84.82
CA ILE B 721 -33.07 -2.34 86.23
C ILE B 721 -31.78 -3.12 86.43
N VAL B 722 -31.62 -4.28 85.79
CA VAL B 722 -30.44 -5.12 86.06
C VAL B 722 -29.17 -4.50 85.47
N THR B 723 -29.29 -3.60 84.50
CA THR B 723 -28.16 -2.73 84.20
C THR B 723 -27.89 -1.76 85.33
N TYR B 724 -28.93 -1.10 85.84
CA TYR B 724 -28.72 -0.13 86.91
C TYR B 724 -28.36 -0.81 88.22
N ALA B 725 -28.93 -1.98 88.49
CA ALA B 725 -28.61 -2.66 89.75
C ALA B 725 -27.15 -3.09 89.79
N ALA B 726 -26.64 -3.64 88.69
CA ALA B 726 -25.25 -4.06 88.63
C ALA B 726 -24.27 -2.89 88.81
N PHE B 727 -24.51 -1.77 88.12
CA PHE B 727 -23.65 -0.60 88.19
C PHE B 727 -23.65 0.07 89.56
N LEU B 728 -24.84 0.38 90.08
CA LEU B 728 -25.02 1.05 91.36
C LEU B 728 -24.29 0.35 92.49
N ILE B 729 -24.49 -0.95 92.62
CA ILE B 729 -23.89 -1.74 93.69
C ILE B 729 -22.38 -1.84 93.53
N ALA B 730 -21.91 -2.22 92.35
CA ALA B 730 -20.47 -2.40 92.12
C ALA B 730 -19.66 -1.11 92.21
N SER B 731 -20.15 0.01 91.68
CA SER B 731 -19.39 1.26 91.72
C SER B 731 -19.13 1.75 93.13
N THR B 732 -20.11 1.65 94.02
CA THR B 732 -20.01 2.08 95.41
C THR B 732 -19.25 1.10 96.31
N ALA B 733 -19.43 -0.21 96.09
CA ALA B 733 -18.75 -1.21 96.90
C ALA B 733 -17.24 -1.24 96.71
N SER B 734 -16.72 -0.64 95.65
CA SER B 734 -15.28 -0.67 95.47
C SER B 734 -14.57 0.56 96.01
N LYS B 735 -15.25 1.69 96.10
CA LYS B 735 -14.57 2.91 96.54
C LYS B 735 -15.04 3.42 97.89
N PHE B 736 -16.29 3.12 98.27
CA PHE B 736 -16.92 3.55 99.53
C PHE B 736 -16.94 5.07 99.72
N ALA C 2 -64.70 -18.54 66.89
CA ALA C 2 -64.61 -17.71 65.70
C ALA C 2 -64.78 -16.24 66.04
N HIS C 3 -64.42 -15.37 65.10
CA HIS C 3 -64.59 -13.94 65.31
C HIS C 3 -66.05 -13.54 65.10
N THR C 4 -66.43 -12.43 65.72
CA THR C 4 -67.78 -11.91 65.61
C THR C 4 -67.80 -10.74 64.64
N VAL C 5 -68.72 -10.79 63.68
CA VAL C 5 -68.92 -9.75 62.69
C VAL C 5 -70.36 -9.27 62.78
N LYS C 6 -70.56 -8.02 63.21
CA LYS C 6 -71.90 -7.48 63.34
C LYS C 6 -72.14 -6.44 62.27
N ILE C 7 -73.36 -6.38 61.74
CA ILE C 7 -73.72 -5.38 60.74
C ILE C 7 -74.86 -4.55 61.30
N TYR C 8 -74.63 -3.25 61.48
CA TYR C 8 -75.63 -2.34 62.02
C TYR C 8 -76.51 -1.76 60.92
N ASP C 9 -77.65 -1.22 61.33
CA ASP C 9 -78.66 -0.67 60.42
C ASP C 9 -78.32 0.69 59.84
N THR C 10 -77.08 1.16 59.95
CA THR C 10 -76.69 2.44 59.37
C THR C 10 -76.08 2.22 57.99
N CYS C 11 -76.16 0.99 57.49
CA CYS C 11 -75.62 0.59 56.19
C CYS C 11 -76.34 1.34 55.08
N ILE C 12 -75.56 1.83 54.13
CA ILE C 12 -76.09 2.57 53.00
C ILE C 12 -76.10 1.72 51.73
N GLY C 13 -76.02 0.40 51.88
CA GLY C 13 -76.03 -0.57 50.80
C GLY C 13 -75.05 -0.31 49.70
N CYS C 14 -73.85 0.18 50.04
CA CYS C 14 -72.86 0.46 49.01
C CYS C 14 -72.19 -0.79 48.47
N THR C 15 -72.26 -1.92 49.20
CA THR C 15 -71.72 -3.23 48.86
C THR C 15 -70.18 -3.29 48.89
N GLN C 16 -69.47 -2.17 49.21
CA GLN C 16 -68.00 -2.12 49.24
C GLN C 16 -67.37 -3.12 50.21
N CYS C 17 -67.92 -3.20 51.42
CA CYS C 17 -67.45 -4.10 52.46
C CYS C 17 -67.42 -5.53 51.98
N VAL C 18 -68.54 -6.05 51.46
CA VAL C 18 -68.62 -7.41 50.92
C VAL C 18 -67.48 -7.70 49.94
N ARG C 19 -67.18 -6.74 49.07
CA ARG C 19 -66.15 -6.87 48.06
C ARG C 19 -64.77 -6.54 48.59
N ALA C 20 -64.64 -6.23 49.87
CA ALA C 20 -63.36 -5.94 50.49
C ALA C 20 -62.87 -7.16 51.26
N CYS C 21 -63.78 -7.98 51.77
CA CYS C 21 -63.48 -9.18 52.55
C CYS C 21 -62.64 -10.14 51.73
N PRO C 22 -61.45 -10.51 52.19
CA PRO C 22 -60.59 -11.42 51.45
C PRO C 22 -60.96 -12.88 51.54
N THR C 23 -61.93 -13.27 52.37
CA THR C 23 -62.30 -14.66 52.49
C THR C 23 -63.79 -14.88 52.18
N ASP C 24 -64.48 -13.85 51.67
CA ASP C 24 -65.91 -13.90 51.33
C ASP C 24 -66.75 -14.33 52.54
N VAL C 25 -66.71 -13.49 53.56
CA VAL C 25 -67.47 -13.72 54.79
C VAL C 25 -68.83 -13.01 54.75
N LEU C 26 -68.95 -11.97 53.94
CA LEU C 26 -70.13 -11.12 53.94
C LEU C 26 -70.91 -11.18 52.61
N GLU C 27 -72.20 -10.88 52.70
CA GLU C 27 -73.08 -10.80 51.54
C GLU C 27 -74.19 -9.80 51.84
N MET C 28 -74.79 -9.25 50.78
CA MET C 28 -75.89 -8.31 50.84
C MET C 28 -77.25 -8.99 50.90
N VAL C 29 -78.13 -8.49 51.78
CA VAL C 29 -79.48 -9.07 51.85
C VAL C 29 -80.48 -7.92 51.80
N PRO C 30 -81.69 -8.14 51.26
CA PRO C 30 -82.72 -7.08 51.23
C PRO C 30 -83.14 -6.48 52.57
N TRP C 31 -83.19 -5.15 52.62
CA TRP C 31 -83.62 -4.42 53.81
C TRP C 31 -85.14 -4.37 53.75
N ASP C 32 -85.80 -4.51 54.91
CA ASP C 32 -87.26 -4.48 54.89
C ASP C 32 -87.85 -3.13 55.30
N GLY C 33 -87.02 -2.17 55.69
CA GLY C 33 -87.64 -0.91 56.09
C GLY C 33 -88.18 -0.07 54.94
N CYS C 34 -87.81 -0.43 53.71
CA CYS C 34 -88.23 0.26 52.49
C CYS C 34 -88.36 -0.67 51.31
N ARG C 35 -87.81 -1.89 51.41
CA ARG C 35 -87.68 -2.89 50.34
C ARG C 35 -86.95 -2.35 49.11
N ALA C 36 -86.10 -1.35 49.29
CA ALA C 36 -85.24 -0.82 48.24
C ALA C 36 -83.80 -0.73 48.71
N ASN C 37 -83.57 -0.43 49.99
CA ASN C 37 -82.24 -0.55 50.56
C ASN C 37 -81.87 -2.01 50.70
N GLN C 38 -80.57 -2.25 50.89
CA GLN C 38 -80.00 -3.56 51.15
C GLN C 38 -78.98 -3.41 52.28
N ILE C 39 -78.85 -4.46 53.09
CA ILE C 39 -77.89 -4.45 54.19
C ILE C 39 -77.03 -5.69 54.06
N ALA C 40 -75.80 -5.61 54.58
CA ALA C 40 -74.89 -6.74 54.54
C ALA C 40 -75.24 -7.75 55.63
N SER C 41 -74.87 -9.01 55.38
CA SER C 41 -75.17 -10.08 56.30
C SER C 41 -73.98 -11.03 56.34
N ALA C 42 -73.85 -11.76 57.45
CA ALA C 42 -72.65 -12.55 57.74
C ALA C 42 -72.98 -14.01 57.96
N PRO C 43 -73.22 -14.78 56.89
CA PRO C 43 -73.51 -16.21 57.04
C PRO C 43 -72.28 -17.08 57.25
N ARG C 44 -71.08 -16.57 56.97
CA ARG C 44 -69.85 -17.35 57.06
C ARG C 44 -68.88 -16.73 58.05
N THR C 45 -69.33 -16.46 59.28
CA THR C 45 -68.44 -15.83 60.26
C THR C 45 -67.29 -16.76 60.68
N GLU C 46 -67.43 -18.07 60.41
CA GLU C 46 -66.38 -19.04 60.69
C GLU C 46 -65.16 -18.86 59.82
N ASP C 47 -65.23 -18.06 58.76
CA ASP C 47 -64.07 -17.80 57.91
C ASP C 47 -63.46 -16.43 58.11
N CYS C 48 -64.00 -15.60 59.01
CA CYS C 48 -63.45 -14.27 59.23
C CYS C 48 -62.10 -14.39 59.91
N VAL C 49 -61.08 -13.79 59.29
CA VAL C 49 -59.76 -13.78 59.90
C VAL C 49 -59.58 -12.55 60.76
N GLY C 50 -60.49 -11.60 60.66
CA GLY C 50 -60.38 -10.39 61.45
C GLY C 50 -59.45 -9.36 60.86
N CYS C 51 -59.18 -9.45 59.55
CA CYS C 51 -58.28 -8.52 58.86
C CYS C 51 -58.78 -7.10 58.91
N LYS C 52 -60.09 -6.91 59.04
CA LYS C 52 -60.79 -5.63 59.11
C LYS C 52 -60.73 -4.85 57.80
N ARG C 53 -60.43 -5.54 56.68
CA ARG C 53 -60.47 -4.88 55.38
C ARG C 53 -61.88 -4.39 55.07
N CYS C 54 -62.88 -5.12 55.57
CA CYS C 54 -64.29 -4.85 55.41
C CYS C 54 -64.67 -3.48 55.95
N GLU C 55 -64.46 -3.26 57.25
CA GLU C 55 -64.73 -1.98 57.91
C GLU C 55 -64.10 -0.78 57.23
N SER C 56 -62.95 -0.95 56.58
CA SER C 56 -62.32 0.14 55.85
C SER C 56 -63.12 0.57 54.62
N ALA C 57 -63.95 -0.31 54.08
CA ALA C 57 -64.68 -0.01 52.86
C ALA C 57 -65.98 0.74 53.08
N CYS C 58 -66.50 0.77 54.31
CA CYS C 58 -67.74 1.47 54.56
C CYS C 58 -67.50 2.99 54.48
N PRO C 59 -68.23 3.71 53.63
CA PRO C 59 -68.03 5.16 53.47
C PRO C 59 -68.63 6.02 54.58
N THR C 60 -69.66 5.52 55.25
CA THR C 60 -70.42 6.25 56.26
C THR C 60 -69.58 6.73 57.44
N ASP C 61 -69.91 7.94 57.89
CA ASP C 61 -69.26 8.58 59.01
C ASP C 61 -69.76 7.85 60.24
N PHE C 62 -68.92 6.94 60.73
CA PHE C 62 -69.15 5.94 61.76
C PHE C 62 -69.89 4.70 61.30
N LEU C 63 -69.03 3.85 60.74
CA LEU C 63 -69.14 2.53 60.14
C LEU C 63 -70.36 1.76 60.62
N SER C 64 -70.95 1.01 59.72
CA SER C 64 -72.10 0.20 60.04
C SER C 64 -71.72 -1.25 60.25
N ILE C 65 -70.56 -1.68 59.77
CA ILE C 65 -70.11 -3.04 60.03
C ILE C 65 -68.88 -2.95 60.92
N ARG C 66 -68.90 -3.71 62.01
CA ARG C 66 -67.82 -3.70 62.99
C ARG C 66 -67.42 -5.13 63.31
N VAL C 67 -66.12 -5.38 63.33
CA VAL C 67 -65.58 -6.70 63.61
C VAL C 67 -64.90 -6.71 64.97
N TYR C 68 -65.46 -7.47 65.90
CA TYR C 68 -64.91 -7.63 67.24
C TYR C 68 -64.28 -9.02 67.30
N LEU C 69 -62.95 -9.05 67.31
CA LEU C 69 -62.13 -10.27 67.34
C LEU C 69 -62.46 -11.10 68.59
N GLY C 70 -62.66 -12.39 68.39
CA GLY C 70 -62.97 -13.31 69.47
C GLY C 70 -62.08 -14.54 69.48
N ALA C 71 -62.61 -15.66 69.96
CA ALA C 71 -61.90 -16.95 70.06
C ALA C 71 -61.24 -17.33 68.73
N GLU C 72 -59.98 -17.70 68.82
CA GLU C 72 -59.18 -18.06 67.65
C GLU C 72 -59.30 -19.56 67.34
N THR C 73 -59.26 -19.87 66.06
CA THR C 73 -59.38 -21.20 65.50
C THR C 73 -58.38 -21.28 64.35
N THR C 74 -58.23 -22.48 63.78
CA THR C 74 -57.36 -22.69 62.62
C THR C 74 -57.67 -21.73 61.47
N ARG C 75 -58.94 -21.53 61.14
CA ARG C 75 -59.31 -20.64 60.06
C ARG C 75 -58.98 -19.19 60.35
N SER C 76 -59.35 -18.70 61.53
CA SER C 76 -59.09 -17.31 61.90
C SER C 76 -57.62 -16.95 62.05
N MET C 77 -56.76 -17.89 62.45
CA MET C 77 -55.35 -17.56 62.59
C MET C 77 -54.58 -17.58 61.28
N GLY C 78 -55.22 -17.97 60.18
CA GLY C 78 -54.57 -17.98 58.88
C GLY C 78 -53.40 -18.93 58.71
N LEU C 79 -53.45 -20.10 59.35
CA LEU C 79 -52.34 -21.04 59.27
C LEU C 79 -52.46 -21.86 58.00
N GLY C 80 -51.34 -22.02 57.30
CA GLY C 80 -51.27 -23.04 56.26
C GLY C 80 -50.96 -24.42 56.77
N TYR C 81 -51.04 -24.61 58.08
CA TYR C 81 -50.52 -25.77 58.76
C TYR C 81 -51.27 -26.04 60.06
N THR D 78 -71.28 -30.08 42.17
CA THR D 78 -70.45 -31.23 42.52
C THR D 78 -69.04 -31.00 41.97
N LEU D 79 -68.03 -31.51 42.69
CA LEU D 79 -66.65 -31.23 42.33
C LEU D 79 -66.15 -32.04 41.15
N ASN D 80 -66.82 -33.18 40.85
CA ASN D 80 -66.56 -34.03 39.68
C ASN D 80 -65.13 -34.56 39.66
N LEU D 81 -64.54 -34.77 40.84
CA LEU D 81 -63.15 -35.21 40.96
C LEU D 81 -63.02 -36.62 40.40
N ASN D 82 -62.09 -36.83 39.47
CA ASN D 82 -60.98 -35.91 39.16
C ASN D 82 -61.25 -34.95 38.01
N ALA D 83 -60.49 -33.86 37.99
CA ALA D 83 -60.43 -32.84 36.96
C ALA D 83 -58.97 -32.55 36.65
N PRO D 84 -58.65 -32.03 35.45
CA PRO D 84 -57.24 -31.80 35.12
C PRO D 84 -56.64 -30.65 35.93
N THR D 85 -55.56 -30.95 36.63
CA THR D 85 -54.77 -29.90 37.27
C THR D 85 -53.93 -29.19 36.21
N PRO D 86 -53.57 -27.93 36.44
CA PRO D 86 -52.69 -27.23 35.49
C PRO D 86 -51.30 -27.84 35.40
N ILE D 87 -50.57 -27.39 34.39
CA ILE D 87 -49.24 -27.90 34.10
C ILE D 87 -48.20 -27.11 34.89
N PHE D 88 -48.02 -27.46 36.16
CA PHE D 88 -47.40 -26.54 37.10
C PHE D 88 -46.02 -26.96 37.55
N GLY D 89 -45.87 -28.11 38.22
CA GLY D 89 -44.57 -28.62 38.63
C GLY D 89 -43.74 -27.78 39.58
N GLY D 90 -44.14 -27.66 40.84
CA GLY D 90 -43.32 -26.94 41.79
C GLY D 90 -43.91 -26.74 43.18
N SER D 91 -43.79 -25.51 43.69
CA SER D 91 -44.41 -25.06 44.94
C SER D 91 -43.97 -25.82 46.18
N THR D 92 -42.77 -25.52 46.69
CA THR D 92 -42.49 -25.82 48.10
C THR D 92 -43.51 -25.11 49.00
N GLY D 93 -43.97 -23.93 48.59
CA GLY D 93 -44.97 -23.20 49.33
C GLY D 93 -46.41 -23.67 49.15
N GLY D 94 -46.64 -24.97 49.08
CA GLY D 94 -47.99 -25.47 48.97
C GLY D 94 -48.30 -26.80 49.61
N LEU D 95 -49.34 -26.78 50.45
CA LEU D 95 -50.18 -27.94 50.77
C LEU D 95 -49.42 -29.06 51.47
N LEU D 96 -48.93 -28.71 52.65
CA LEU D 96 -48.29 -29.65 53.55
C LEU D 96 -49.36 -30.25 54.46
N ARG D 97 -48.95 -30.86 55.59
CA ARG D 97 -49.77 -31.79 56.36
C ARG D 97 -50.97 -31.15 57.08
N LYS D 98 -51.30 -29.88 56.79
CA LYS D 98 -52.63 -29.40 57.16
C LYS D 98 -53.72 -30.16 56.42
N ALA D 99 -53.49 -30.45 55.13
CA ALA D 99 -54.57 -30.85 54.22
C ALA D 99 -55.11 -32.23 54.55
N GLU D 100 -54.24 -33.24 54.62
CA GLU D 100 -54.67 -34.64 54.67
C GLU D 100 -55.38 -35.02 55.95
N VAL D 101 -55.22 -34.24 57.01
CA VAL D 101 -55.97 -34.52 58.24
C VAL D 101 -57.31 -33.79 58.26
N GLU D 102 -57.37 -32.57 57.72
CA GLU D 102 -58.57 -31.75 57.82
C GLU D 102 -58.49 -30.57 56.86
N GLU D 103 -59.60 -30.29 56.18
CA GLU D 103 -59.90 -28.99 55.58
C GLU D 103 -58.93 -28.49 54.53
N PHE D 104 -58.88 -29.11 53.35
CA PHE D 104 -58.28 -28.41 52.22
C PHE D 104 -59.34 -28.09 51.18
N TYR D 105 -58.89 -27.49 50.09
CA TYR D 105 -59.77 -26.75 49.20
C TYR D 105 -59.62 -27.23 47.77
N SER D 106 -60.52 -26.72 46.93
CA SER D 106 -60.51 -27.01 45.50
C SER D 106 -61.31 -25.93 44.78
N ILE D 107 -60.61 -25.10 44.01
CA ILE D 107 -61.24 -24.12 43.14
C ILE D 107 -61.51 -24.81 41.81
N THR D 108 -62.59 -24.43 41.14
CA THR D 108 -62.93 -24.92 39.82
C THR D 108 -63.34 -23.76 38.93
N TRP D 109 -62.80 -23.73 37.71
CA TRP D 109 -63.32 -22.82 36.70
C TRP D 109 -63.07 -23.40 35.32
N THR D 110 -63.56 -22.69 34.32
CA THR D 110 -63.36 -23.00 32.91
C THR D 110 -62.64 -21.83 32.27
N GLY D 111 -61.33 -21.94 32.10
CA GLY D 111 -60.51 -20.85 31.60
C GLY D 111 -60.64 -20.74 30.07
N LYS D 112 -60.96 -19.55 29.62
CA LYS D 112 -61.24 -19.38 28.18
C LYS D 112 -59.99 -18.97 27.41
N SER D 113 -58.87 -19.63 27.69
CA SER D 113 -57.61 -19.53 26.95
C SER D 113 -56.67 -20.62 27.47
N GLU D 114 -55.40 -20.53 27.08
CA GLU D 114 -54.31 -21.31 27.65
C GLU D 114 -53.23 -20.37 28.21
N THR D 115 -53.65 -19.36 28.97
CA THR D 115 -52.77 -18.33 29.48
C THR D 115 -51.98 -18.78 30.70
N VAL D 116 -51.04 -17.93 31.09
CA VAL D 116 -50.21 -18.12 32.27
C VAL D 116 -50.69 -17.12 33.32
N PHE D 117 -50.73 -17.55 34.58
CA PHE D 117 -51.35 -16.79 35.64
C PHE D 117 -50.59 -17.02 36.94
N GLU D 118 -50.57 -16.01 37.79
CA GLU D 118 -49.86 -16.13 39.06
C GLU D 118 -50.70 -16.89 40.08
N LEU D 119 -50.14 -17.95 40.62
CA LEU D 119 -50.75 -18.69 41.71
C LEU D 119 -50.50 -17.95 43.02
N PRO D 120 -51.18 -18.33 44.12
CA PRO D 120 -50.79 -17.78 45.43
C PRO D 120 -49.57 -18.45 46.04
N THR D 121 -49.18 -19.64 45.60
CA THR D 121 -48.09 -20.35 46.25
C THR D 121 -46.74 -19.84 45.76
N GLY D 122 -46.45 -20.06 44.49
CA GLY D 122 -45.43 -19.33 43.76
C GLY D 122 -46.23 -18.71 42.64
N GLY D 123 -45.64 -18.13 41.60
CA GLY D 123 -46.51 -17.84 40.49
C GLY D 123 -46.09 -18.19 39.07
N ALA D 124 -46.63 -19.30 38.55
CA ALA D 124 -47.13 -19.54 37.19
C ALA D 124 -47.68 -20.97 37.16
N ALA D 125 -48.89 -21.22 36.65
CA ALA D 125 -49.15 -22.64 36.42
C ALA D 125 -49.43 -23.01 34.97
N ILE D 126 -50.67 -22.86 34.50
CA ILE D 126 -51.20 -22.35 33.22
C ILE D 126 -52.70 -22.67 33.29
N MET D 127 -53.59 -21.79 32.86
CA MET D 127 -54.98 -22.19 32.86
C MET D 127 -55.28 -23.05 31.64
N ARG D 128 -56.15 -24.05 31.83
CA ARG D 128 -56.53 -24.95 30.75
C ARG D 128 -57.72 -24.37 29.99
N ALA D 129 -58.19 -25.10 28.97
CA ALA D 129 -59.54 -24.88 28.47
C ALA D 129 -60.55 -25.21 29.56
N GLY D 130 -60.54 -26.46 30.02
CA GLY D 130 -61.08 -26.87 31.29
C GLY D 130 -62.59 -26.77 31.48
N GLU D 131 -63.10 -27.20 32.66
CA GLU D 131 -62.58 -27.95 33.84
C GLU D 131 -61.17 -27.75 34.46
N ASN D 132 -60.87 -26.51 34.85
CA ASN D 132 -59.64 -26.23 35.60
C ASN D 132 -59.89 -26.51 37.07
N LEU D 133 -58.86 -27.00 37.77
CA LEU D 133 -59.00 -27.32 39.18
C LEU D 133 -57.65 -27.22 39.88
N LEU D 134 -57.65 -26.64 41.08
CA LEU D 134 -56.45 -26.44 41.88
C LEU D 134 -56.78 -26.68 43.34
N ARG D 135 -56.01 -27.56 43.99
CA ARG D 135 -56.24 -27.90 45.39
C ARG D 135 -55.38 -27.02 46.28
N LEU D 136 -56.00 -26.03 46.91
CA LEU D 136 -55.32 -25.05 47.73
C LEU D 136 -55.51 -25.36 49.21
N ALA D 137 -54.96 -24.49 50.05
CA ALA D 137 -54.87 -24.79 51.48
C ALA D 137 -55.81 -23.94 52.32
N ARG D 138 -56.03 -22.68 51.93
CA ARG D 138 -56.92 -21.80 52.67
C ARG D 138 -58.01 -21.27 51.77
N LYS D 139 -59.17 -20.98 52.37
CA LYS D 139 -60.23 -20.27 51.68
C LYS D 139 -59.77 -18.87 51.27
N GLU D 140 -58.89 -18.27 52.07
CA GLU D 140 -58.23 -17.03 51.69
C GLU D 140 -57.50 -17.17 50.36
N GLN D 141 -56.80 -18.28 50.17
CA GLN D 141 -56.01 -18.49 48.97
C GLN D 141 -56.88 -18.73 47.74
N CYS D 142 -58.08 -19.27 47.91
CA CYS D 142 -58.97 -19.48 46.77
C CYS D 142 -59.57 -18.16 46.29
N ILE D 143 -59.83 -17.23 47.19
CA ILE D 143 -60.49 -15.98 46.82
C ILE D 143 -59.55 -15.08 46.03
N ALA D 144 -58.29 -14.94 46.48
CA ALA D 144 -57.35 -14.05 45.80
C ALA D 144 -56.92 -14.62 44.46
N LEU D 145 -57.17 -15.91 44.21
CA LEU D 145 -56.97 -16.45 42.88
C LEU D 145 -58.04 -15.98 41.92
N GLY D 146 -59.31 -16.09 42.31
CA GLY D 146 -60.40 -15.77 41.42
C GLY D 146 -60.64 -14.28 41.25
N ALA D 147 -60.20 -13.47 42.21
CA ALA D 147 -60.20 -12.03 42.01
C ALA D 147 -59.24 -11.64 40.89
N GLN D 148 -58.12 -12.35 40.78
CA GLN D 148 -57.25 -12.21 39.62
C GLN D 148 -57.92 -12.74 38.36
N LEU D 149 -58.66 -13.85 38.49
CA LEU D 149 -59.42 -14.38 37.35
C LEU D 149 -60.53 -13.44 36.91
N LYS D 150 -61.03 -12.62 37.82
CA LYS D 150 -61.97 -11.57 37.44
C LYS D 150 -61.25 -10.38 36.83
N ASP D 151 -60.15 -9.94 37.43
CA ASP D 151 -59.47 -8.73 37.00
C ASP D 151 -58.65 -8.98 35.73
N LYS D 152 -57.81 -10.01 35.73
CA LYS D 152 -56.83 -10.14 34.66
C LYS D 152 -57.28 -11.05 33.54
N PHE D 153 -58.31 -11.87 33.77
CA PHE D 153 -58.72 -12.84 32.76
C PHE D 153 -60.22 -12.89 32.55
N LYS D 154 -61.00 -12.15 33.34
CA LYS D 154 -62.47 -12.04 33.25
C LYS D 154 -63.17 -13.40 33.40
N ILE D 155 -62.54 -14.36 34.06
CA ILE D 155 -63.15 -15.67 34.28
C ILE D 155 -64.07 -15.53 35.48
N THR D 156 -65.37 -15.44 35.19
CA THR D 156 -66.39 -15.24 36.20
C THR D 156 -66.84 -16.55 36.83
N ASP D 157 -66.38 -17.68 36.29
CA ASP D 157 -66.90 -18.98 36.66
C ASP D 157 -66.04 -19.71 37.69
N TYR D 158 -65.35 -18.97 38.56
CA TYR D 158 -64.53 -19.64 39.55
C TYR D 158 -65.39 -20.06 40.73
N LYS D 159 -65.39 -21.36 41.00
CA LYS D 159 -66.36 -22.01 41.89
C LYS D 159 -65.56 -22.77 42.95
N ILE D 160 -65.37 -22.13 44.10
CA ILE D 160 -64.54 -22.68 45.16
C ILE D 160 -65.39 -23.58 46.06
N TYR D 161 -64.71 -24.43 46.82
CA TYR D 161 -65.33 -25.55 47.50
C TYR D 161 -64.76 -25.70 48.90
N ARG D 162 -65.01 -26.88 49.47
CA ARG D 162 -64.25 -27.47 50.56
C ARG D 162 -64.53 -28.96 50.52
N VAL D 163 -63.49 -29.76 50.70
CA VAL D 163 -63.46 -31.15 50.26
C VAL D 163 -64.31 -32.07 51.14
N TYR D 164 -64.44 -33.33 50.71
CA TYR D 164 -65.10 -34.42 51.43
C TYR D 164 -64.08 -35.08 52.36
N PRO D 165 -64.37 -36.25 53.04
CA PRO D 165 -64.37 -36.32 54.52
C PRO D 165 -63.34 -35.49 55.27
N SER D 166 -62.14 -35.33 54.71
CA SER D 166 -61.09 -34.48 55.24
C SER D 166 -61.35 -32.99 55.01
N GLY D 167 -62.57 -32.58 54.67
CA GLY D 167 -63.01 -31.20 54.74
C GLY D 167 -64.42 -31.11 55.29
N GLU D 168 -65.03 -29.94 55.28
CA GLU D 168 -66.24 -29.73 56.07
C GLU D 168 -67.50 -29.49 55.25
N VAL D 169 -67.57 -28.43 54.43
CA VAL D 169 -68.81 -28.05 53.77
C VAL D 169 -68.51 -27.74 52.31
N GLN D 170 -69.06 -28.54 51.41
CA GLN D 170 -68.84 -28.36 49.98
C GLN D 170 -69.58 -27.13 49.46
N PHE D 171 -68.95 -26.45 48.50
CA PHE D 171 -69.53 -25.35 47.70
C PHE D 171 -69.97 -24.18 48.59
N LEU D 172 -68.97 -23.51 49.16
CA LEU D 172 -69.25 -22.34 49.97
C LEU D 172 -69.61 -21.12 49.13
N HIS D 173 -68.94 -20.93 47.98
CA HIS D 173 -69.18 -19.70 47.23
C HIS D 173 -69.39 -20.04 45.76
N PRO D 174 -70.44 -19.51 45.11
CA PRO D 174 -71.55 -18.72 45.66
C PRO D 174 -72.62 -19.55 46.38
N LYS D 175 -72.91 -19.20 47.64
CA LYS D 175 -73.81 -20.03 48.45
C LYS D 175 -75.26 -19.88 47.99
N ASP D 176 -75.58 -18.80 47.25
CA ASP D 176 -76.96 -18.53 46.87
C ASP D 176 -77.13 -18.44 45.35
N GLY D 177 -76.25 -19.11 44.59
CA GLY D 177 -76.37 -19.17 43.15
C GLY D 177 -75.95 -17.94 42.40
N VAL D 178 -75.94 -16.76 43.04
CA VAL D 178 -75.53 -15.51 42.41
C VAL D 178 -74.39 -14.91 43.23
N PHE D 179 -73.77 -13.87 42.68
CA PHE D 179 -72.59 -13.31 43.31
C PHE D 179 -72.94 -12.53 44.57
N PRO D 180 -72.13 -12.66 45.62
CA PRO D 180 -72.47 -12.01 46.89
C PRO D 180 -72.37 -10.50 46.89
N GLU D 181 -71.76 -9.88 45.87
CA GLU D 181 -71.89 -8.43 45.76
C GLU D 181 -73.24 -8.04 45.18
N LYS D 182 -73.89 -8.94 44.45
CA LYS D 182 -75.26 -8.75 44.02
C LYS D 182 -76.21 -9.21 45.11
N VAL D 183 -77.29 -8.47 45.27
CA VAL D 183 -78.21 -8.71 46.36
C VAL D 183 -79.18 -9.82 45.97
N ASN D 184 -79.37 -10.78 46.85
CA ASN D 184 -80.30 -11.87 46.59
C ASN D 184 -81.32 -11.94 47.73
N PRO D 185 -82.60 -11.82 47.44
CA PRO D 185 -83.61 -12.13 48.45
C PRO D 185 -83.71 -13.63 48.66
N GLY D 186 -84.19 -14.02 49.84
CA GLY D 186 -84.11 -15.38 50.29
C GLY D 186 -82.93 -15.65 51.20
N ARG D 187 -81.90 -14.81 51.12
CA ARG D 187 -80.86 -14.82 52.15
C ARG D 187 -81.43 -14.32 53.46
N VAL D 188 -80.75 -14.64 54.56
CA VAL D 188 -81.21 -14.28 55.89
C VAL D 188 -80.30 -13.19 56.45
N ALA D 189 -80.92 -12.13 56.97
CA ALA D 189 -80.19 -11.03 57.59
C ALA D 189 -79.74 -11.46 58.98
N VAL D 190 -78.65 -12.22 59.04
CA VAL D 190 -78.08 -12.63 60.32
C VAL D 190 -77.03 -11.61 60.72
N GLY D 191 -76.95 -11.35 62.03
CA GLY D 191 -76.10 -10.27 62.51
C GLY D 191 -76.70 -8.89 62.33
N SER D 192 -77.91 -8.78 61.79
CA SER D 192 -78.53 -7.50 61.56
C SER D 192 -79.03 -6.91 62.87
N ASN D 193 -78.60 -5.69 63.15
CA ASN D 193 -78.79 -5.05 64.45
C ASN D 193 -79.72 -3.87 64.33
N LYS D 194 -80.71 -3.82 65.21
CA LYS D 194 -81.69 -2.73 65.24
C LYS D 194 -81.33 -1.66 66.27
N ARG D 195 -80.10 -1.13 66.18
CA ARG D 195 -79.68 0.03 66.97
C ARG D 195 -78.46 0.64 66.30
N ARG D 196 -78.06 1.81 66.79
CA ARG D 196 -76.82 2.44 66.36
C ARG D 196 -75.68 1.94 67.26
N ILE D 197 -74.47 2.47 67.03
CA ILE D 197 -73.31 2.07 67.81
C ILE D 197 -73.00 3.21 68.76
N GLY D 198 -73.50 4.41 68.45
CA GLY D 198 -73.58 5.42 69.48
C GLY D 198 -74.58 5.11 70.57
N GLN D 199 -75.59 4.29 70.25
CA GLN D 199 -76.55 3.75 71.20
C GLN D 199 -76.08 2.45 71.83
N ASN D 200 -74.77 2.20 71.86
CA ASN D 200 -74.25 0.98 72.44
C ASN D 200 -74.31 1.06 73.96
N PRO D 201 -74.65 -0.03 74.65
CA PRO D 201 -74.60 -0.03 76.10
C PRO D 201 -73.17 -0.09 76.62
N ASP D 202 -73.00 0.35 77.86
CA ASP D 202 -71.78 0.08 78.57
C ASP D 202 -71.80 -1.36 79.09
N PRO D 203 -70.64 -1.99 79.28
CA PRO D 203 -70.61 -3.32 79.91
C PRO D 203 -71.07 -3.38 81.36
N ALA D 204 -71.31 -2.24 82.02
CA ALA D 204 -71.83 -2.31 83.39
C ALA D 204 -73.29 -2.74 83.41
N LYS D 205 -74.03 -2.53 82.32
CA LYS D 205 -75.39 -3.02 82.24
C LYS D 205 -75.44 -4.49 81.85
N LEU D 206 -74.29 -5.06 81.47
CA LEU D 206 -74.15 -6.49 81.20
C LEU D 206 -73.06 -7.14 82.04
N LYS D 207 -72.73 -6.55 83.20
CA LYS D 207 -71.58 -6.99 83.97
C LYS D 207 -71.91 -8.24 84.78
N PHE D 208 -70.93 -9.15 84.84
CA PHE D 208 -71.07 -10.50 85.44
C PHE D 208 -72.20 -11.29 84.79
N LYS D 209 -72.42 -11.07 83.50
CA LYS D 209 -73.52 -11.71 82.77
C LYS D 209 -73.00 -12.27 81.46
N GLY D 210 -73.64 -13.35 81.00
CA GLY D 210 -73.27 -14.00 79.76
C GLY D 210 -73.70 -13.31 78.49
N GLN D 211 -74.40 -12.19 78.59
CA GLN D 211 -74.70 -11.38 77.42
C GLN D 211 -73.43 -10.64 76.97
N GLU D 212 -73.28 -10.51 75.66
CA GLU D 212 -72.13 -9.83 75.09
C GLU D 212 -72.54 -8.44 74.65
N THR D 213 -71.67 -7.46 74.92
CA THR D 213 -71.79 -6.01 74.76
C THR D 213 -72.31 -5.56 73.37
N PHE D 214 -72.14 -6.34 72.29
CA PHE D 214 -72.70 -5.99 71.00
C PHE D 214 -73.80 -6.93 70.53
N ASP D 215 -74.28 -7.86 71.35
CA ASP D 215 -75.25 -8.83 70.91
C ASP D 215 -76.64 -8.23 70.80
N SER D 216 -77.58 -9.06 70.37
CA SER D 216 -78.92 -8.61 70.03
C SER D 216 -79.93 -9.74 70.15
N MET E 1 -87.74 19.78 60.82
CA MET E 1 -87.42 19.86 59.39
C MET E 1 -86.17 20.69 59.15
N VAL E 2 -85.25 20.15 58.36
CA VAL E 2 -84.06 20.87 57.92
C VAL E 2 -83.95 20.74 56.42
N GLN E 3 -83.81 21.87 55.74
CA GLN E 3 -83.98 21.96 54.30
C GLN E 3 -82.72 21.51 53.55
N ARG E 4 -82.70 21.83 52.27
CA ARG E 4 -81.46 21.79 51.52
C ARG E 4 -80.75 23.12 51.64
N GLY E 5 -79.42 23.09 51.61
CA GLY E 5 -78.64 24.24 52.01
C GLY E 5 -78.74 24.56 53.48
N SER E 6 -78.99 23.55 54.32
CA SER E 6 -79.25 23.79 55.73
C SER E 6 -78.00 23.52 56.56
N LYS E 7 -77.49 24.58 57.18
CA LYS E 7 -76.23 24.51 57.92
C LYS E 7 -76.53 24.02 59.34
N VAL E 8 -76.24 22.74 59.59
CA VAL E 8 -76.71 22.04 60.78
C VAL E 8 -75.53 21.62 61.64
N ARG E 9 -75.81 21.42 62.92
CA ARG E 9 -74.82 20.98 63.88
C ARG E 9 -75.18 19.61 64.40
N ILE E 10 -74.20 18.71 64.44
CA ILE E 10 -74.42 17.31 64.76
C ILE E 10 -74.68 17.16 66.25
N LEU E 11 -75.80 16.51 66.58
CA LEU E 11 -76.10 16.09 67.94
C LEU E 11 -75.76 14.62 68.17
N ARG E 12 -75.70 13.82 67.11
CA ARG E 12 -75.25 12.44 67.19
C ARG E 12 -73.77 12.42 67.57
N LYS E 13 -73.48 11.99 68.81
CA LYS E 13 -72.17 12.21 69.38
C LYS E 13 -71.10 11.26 68.83
N GLU E 14 -71.51 10.19 68.14
CA GLU E 14 -70.54 9.27 67.54
C GLU E 14 -69.84 9.86 66.34
N SER E 15 -70.37 10.94 65.76
CA SER E 15 -69.78 11.57 64.59
C SER E 15 -68.47 12.28 64.95
N TYR E 16 -67.57 12.33 63.97
CA TYR E 16 -66.32 13.06 64.15
C TYR E 16 -66.57 14.56 64.25
N TRP E 17 -67.52 15.09 63.49
CA TRP E 17 -67.88 16.50 63.55
C TRP E 17 -69.04 16.75 64.51
N TYR E 18 -69.14 15.98 65.60
CA TYR E 18 -70.08 16.29 66.65
C TYR E 18 -69.74 17.66 67.25
N GLN E 19 -70.79 18.47 67.47
CA GLN E 19 -70.69 19.88 67.87
C GLN E 19 -69.88 20.69 66.86
N GLU E 20 -70.18 20.49 65.58
CA GLU E 20 -69.58 21.25 64.49
C GLU E 20 -70.61 21.42 63.39
N ILE E 21 -70.38 22.40 62.51
CA ILE E 21 -71.39 22.84 61.54
C ILE E 21 -71.00 22.39 60.14
N GLY E 22 -71.98 21.81 59.45
CA GLY E 22 -71.88 21.61 58.01
C GLY E 22 -73.25 21.77 57.39
N THR E 23 -73.27 22.01 56.08
CA THR E 23 -74.52 22.28 55.37
C THR E 23 -75.11 20.97 54.85
N VAL E 24 -76.43 20.94 54.71
CA VAL E 24 -77.12 19.75 54.21
C VAL E 24 -77.27 19.87 52.70
N ALA E 25 -76.79 18.84 51.99
CA ALA E 25 -77.09 18.75 50.56
C ALA E 25 -78.58 18.47 50.33
N SER E 26 -79.07 17.36 50.87
CA SER E 26 -80.49 17.03 50.84
C SER E 26 -80.73 15.98 51.91
N ILE E 27 -81.99 15.55 52.01
CA ILE E 27 -82.35 14.35 52.75
C ILE E 27 -82.96 13.37 51.76
N ASP E 28 -83.22 12.16 52.21
CA ASP E 28 -84.00 11.21 51.45
C ASP E 28 -85.47 11.44 51.71
N GLN E 29 -86.26 11.51 50.63
CA GLN E 29 -87.66 11.89 50.71
C GLN E 29 -88.55 10.65 50.71
N SER E 30 -88.05 9.60 51.35
CA SER E 30 -88.68 8.29 51.27
C SER E 30 -89.03 7.83 52.67
N GLY E 31 -89.43 6.57 52.78
CA GLY E 31 -89.80 5.98 54.06
C GLY E 31 -88.62 5.36 54.79
N ILE E 32 -87.40 5.70 54.37
CA ILE E 32 -86.21 5.17 55.02
C ILE E 32 -85.88 6.02 56.24
N LYS E 33 -85.33 5.38 57.26
CA LYS E 33 -84.72 6.11 58.36
C LYS E 33 -83.32 6.55 57.96
N TYR E 34 -82.77 7.49 58.74
CA TYR E 34 -81.49 8.16 58.51
C TYR E 34 -81.38 8.77 57.11
N PRO E 35 -82.05 9.89 56.84
CA PRO E 35 -81.98 10.48 55.50
C PRO E 35 -80.96 11.59 55.23
N VAL E 36 -80.41 12.25 56.24
CA VAL E 36 -79.80 13.57 56.03
C VAL E 36 -78.35 13.43 55.57
N ILE E 37 -78.01 14.09 54.47
CA ILE E 37 -76.63 14.12 53.96
C ILE E 37 -76.05 15.50 54.24
N VAL E 38 -74.98 15.55 55.04
CA VAL E 38 -74.35 16.79 55.50
C VAL E 38 -72.89 16.81 55.04
N ARG E 39 -72.46 17.96 54.53
CA ARG E 39 -71.10 18.15 54.00
C ARG E 39 -70.33 19.13 54.89
N PHE E 40 -69.07 18.80 55.18
CA PHE E 40 -68.26 19.59 56.10
C PHE E 40 -66.96 20.04 55.44
N GLU E 41 -66.38 21.12 55.97
CA GLU E 41 -65.09 21.59 55.49
C GLU E 41 -63.94 20.79 56.09
N LYS E 42 -64.07 20.38 57.34
CA LYS E 42 -63.16 19.42 57.94
C LYS E 42 -63.52 18.03 57.44
N VAL E 43 -62.52 17.17 57.25
CA VAL E 43 -62.75 15.80 56.82
C VAL E 43 -62.44 14.86 57.97
N ASN E 44 -63.03 13.68 57.92
CA ASN E 44 -62.97 12.74 59.04
C ASN E 44 -61.64 11.97 59.00
N TYR E 45 -61.57 10.90 59.79
CA TYR E 45 -60.34 10.13 59.87
C TYR E 45 -60.11 9.24 58.65
N SER E 46 -61.15 8.93 57.89
CA SER E 46 -60.97 8.29 56.59
C SER E 46 -61.03 9.28 55.44
N ASN E 47 -60.99 10.59 55.75
CA ASN E 47 -60.98 11.69 54.78
C ASN E 47 -62.19 11.68 53.85
N VAL E 48 -63.37 11.47 54.44
CA VAL E 48 -64.63 11.65 53.73
C VAL E 48 -65.40 12.76 54.45
N ASN E 49 -66.58 13.10 53.91
CA ASN E 49 -67.28 14.31 54.34
C ASN E 49 -68.76 14.17 54.58
N SER E 50 -69.34 12.96 54.51
CA SER E 50 -70.79 12.83 54.57
C SER E 50 -71.21 11.48 55.13
N ASN E 51 -72.48 11.43 55.51
CA ASN E 51 -73.18 10.24 55.99
C ASN E 51 -74.66 10.52 55.82
N ASN E 52 -75.48 9.46 55.87
CA ASN E 52 -76.92 9.58 56.00
C ASN E 52 -77.29 9.80 57.46
N PHE E 53 -77.32 11.06 57.88
CA PHE E 53 -77.68 11.47 59.24
C PHE E 53 -79.20 11.50 59.39
N SER E 54 -79.67 11.87 60.58
CA SER E 54 -81.09 11.96 60.85
C SER E 54 -81.44 13.37 61.35
N LEU E 55 -82.75 13.61 61.54
CA LEU E 55 -83.23 14.94 61.89
C LEU E 55 -83.42 15.12 63.39
N ASP E 56 -83.38 14.04 64.17
CA ASP E 56 -83.31 14.17 65.61
C ASP E 56 -81.86 14.31 66.10
N GLU E 57 -80.92 14.52 65.17
CA GLU E 57 -79.51 14.62 65.47
C GLU E 57 -78.90 15.93 64.97
N VAL E 58 -79.73 16.89 64.53
CA VAL E 58 -79.26 18.14 63.95
C VAL E 58 -80.03 19.31 64.58
N VAL E 59 -79.47 20.52 64.39
CA VAL E 59 -80.10 21.76 64.83
C VAL E 59 -80.09 22.71 63.64
N GLU E 60 -80.81 23.84 63.74
CA GLU E 60 -81.03 24.76 62.63
C GLU E 60 -80.59 26.17 63.01
N VAL E 61 -79.35 26.29 63.48
CA VAL E 61 -78.71 27.59 63.62
C VAL E 61 -78.48 28.21 62.25
N GLU E 62 -79.10 29.36 62.01
CA GLU E 62 -78.97 30.07 60.74
C GLU E 62 -79.33 31.54 60.91
N ASP F 26 -25.72 38.79 98.14
CA ASP F 26 -25.50 37.76 99.14
C ASP F 26 -26.77 36.98 99.40
N VAL F 27 -27.47 36.63 98.31
CA VAL F 27 -28.82 36.09 98.44
C VAL F 27 -28.83 34.65 98.94
N ALA F 28 -27.78 33.87 98.68
CA ALA F 28 -27.65 32.51 99.20
C ALA F 28 -26.21 32.26 99.61
N GLY F 29 -25.57 33.25 100.22
CA GLY F 29 -24.15 33.15 100.48
C GLY F 29 -23.27 33.45 99.29
N LEU F 30 -23.85 33.87 98.17
CA LEU F 30 -23.10 34.18 96.95
C LEU F 30 -22.31 35.45 97.18
N ILE F 31 -21.04 35.45 96.77
CA ILE F 31 -20.21 36.63 96.92
C ILE F 31 -20.20 37.31 95.55
N PRO F 32 -20.17 38.64 95.45
CA PRO F 32 -20.21 39.29 94.14
C PRO F 32 -18.96 39.00 93.31
N CYS F 33 -19.13 39.14 91.99
CA CYS F 33 -18.09 38.78 91.03
C CYS F 33 -16.93 39.77 91.03
N SER F 34 -17.11 40.97 91.59
CA SER F 34 -15.99 41.86 91.81
C SER F 34 -15.03 41.30 92.86
N GLN F 35 -15.58 40.79 93.95
CA GLN F 35 -14.79 40.16 94.99
C GLN F 35 -14.88 38.64 94.97
N SER F 36 -15.24 38.05 93.84
CA SER F 36 -15.12 36.60 93.65
C SER F 36 -13.69 36.30 93.19
N ASP F 37 -12.96 35.53 93.98
CA ASP F 37 -11.56 35.29 93.68
C ASP F 37 -11.35 34.20 92.65
N ALA F 38 -12.22 33.20 92.60
CA ALA F 38 -12.07 32.15 91.59
C ALA F 38 -12.68 32.58 90.25
N PHE F 39 -13.53 33.60 90.26
CA PHE F 39 -14.05 34.11 88.99
C PHE F 39 -12.99 34.90 88.24
N GLU F 40 -12.19 35.69 88.96
CA GLU F 40 -11.08 36.39 88.33
C GLU F 40 -9.92 35.44 88.03
N ARG F 41 -9.95 34.23 88.57
CA ARG F 41 -9.01 33.17 88.24
C ARG F 41 -9.24 32.58 86.85
N ARG F 42 -10.49 32.56 86.39
CA ARG F 42 -10.80 32.01 85.07
C ARG F 42 -10.25 32.89 83.95
N LEU F 43 -10.07 34.19 84.21
CA LEU F 43 -9.47 35.07 83.21
C LEU F 43 -7.97 34.88 83.13
N LYS F 44 -7.34 34.46 84.22
CA LYS F 44 -5.91 34.17 84.21
C LYS F 44 -5.63 32.77 83.66
N ASN F 45 -6.68 31.98 83.44
CA ASN F 45 -6.55 30.60 82.99
C ASN F 45 -6.87 30.41 81.51
N THR F 46 -7.60 31.34 80.90
CA THR F 46 -7.97 31.15 79.50
C THR F 46 -6.94 31.78 78.55
N THR F 47 -6.44 32.99 78.87
CA THR F 47 -5.49 33.62 77.97
C THR F 47 -4.11 33.00 78.08
N GLN F 48 -3.79 32.40 79.23
CA GLN F 48 -2.56 31.64 79.38
C GLN F 48 -2.55 30.40 78.50
N ARG F 49 -3.70 29.75 78.33
CA ARG F 49 -3.86 28.70 77.33
C ARG F 49 -3.75 29.24 75.91
N LEU F 50 -4.22 30.46 75.67
CA LEU F 50 -3.97 31.13 74.40
C LEU F 50 -2.56 31.68 74.29
N GLU F 51 -1.88 31.89 75.41
CA GLU F 51 -0.50 32.37 75.37
C GLU F 51 0.46 31.24 75.00
N ASN F 52 0.22 30.04 75.56
CA ASN F 52 0.86 28.82 75.09
C ASN F 52 0.59 28.58 73.61
N ARG F 53 -0.58 28.98 73.12
CA ARG F 53 -0.91 28.96 71.71
C ARG F 53 -0.24 30.10 70.95
N LEU F 54 0.25 31.13 71.66
CA LEU F 54 0.81 32.33 71.03
C LEU F 54 2.33 32.40 71.13
N LYS F 55 2.94 31.74 72.11
CA LYS F 55 4.40 31.75 72.22
C LYS F 55 5.07 31.03 71.07
N LYS F 56 4.41 30.03 70.49
CA LYS F 56 5.01 29.19 69.47
C LYS F 56 4.89 29.77 68.07
N TYR F 57 4.02 30.75 67.86
CA TYR F 57 3.72 31.23 66.53
C TYR F 57 4.57 32.45 66.18
N GLU F 58 4.43 32.90 64.94
CA GLU F 58 4.93 34.21 64.56
C GLU F 58 3.95 35.28 65.03
N PRO F 59 4.40 36.29 65.78
CA PRO F 59 3.45 37.22 66.39
C PRO F 59 2.96 38.32 65.46
N GLY F 60 3.15 38.18 64.16
CA GLY F 60 2.47 39.00 63.18
C GLY F 60 1.57 38.24 62.24
N SER F 61 1.49 36.91 62.41
CA SER F 61 0.69 36.08 61.52
C SER F 61 -0.79 36.21 61.85
N ALA F 62 -1.63 35.86 60.89
CA ALA F 62 -3.08 35.81 61.04
C ALA F 62 -3.57 34.84 62.13
N PRO F 63 -2.83 33.77 62.50
CA PRO F 63 -3.07 33.18 63.83
C PRO F 63 -2.91 34.14 64.99
N ALA F 64 -1.90 35.02 64.96
CA ALA F 64 -1.66 35.89 66.11
C ALA F 64 -2.66 37.04 66.18
N GLU F 65 -3.13 37.54 65.03
CA GLU F 65 -4.25 38.47 65.06
C GLU F 65 -5.55 37.77 65.44
N ALA F 66 -5.64 36.46 65.26
CA ALA F 66 -6.71 35.69 65.86
C ALA F 66 -6.43 35.34 67.31
N LEU F 67 -5.17 35.47 67.75
CA LEU F 67 -4.82 35.13 69.13
C LEU F 67 -4.83 36.36 70.04
N GLN F 68 -4.71 37.57 69.46
CA GLN F 68 -4.92 38.77 70.26
C GLN F 68 -6.40 39.09 70.40
N LYS F 69 -7.21 38.67 69.41
CA LYS F 69 -8.65 38.87 69.50
C LYS F 69 -9.28 37.98 70.56
N GLN F 70 -8.87 36.71 70.61
CA GLN F 70 -9.48 35.74 71.50
C GLN F 70 -9.20 36.03 72.97
N ILE F 71 -8.15 36.78 73.27
CA ILE F 71 -7.97 37.28 74.63
C ILE F 71 -9.00 38.36 74.93
N ASP F 72 -9.12 39.34 74.03
CA ASP F 72 -9.88 40.55 74.32
C ASP F 72 -11.39 40.36 74.19
N LYS F 73 -11.85 39.42 73.37
CA LYS F 73 -13.27 39.09 73.38
C LYS F 73 -13.65 38.36 74.66
N THR F 74 -12.72 37.60 75.23
CA THR F 74 -12.94 37.02 76.54
C THR F 74 -12.92 38.09 77.63
N GLN F 75 -12.00 39.07 77.52
CA GLN F 75 -11.77 40.08 78.54
C GLN F 75 -13.02 40.92 78.84
N GLN F 76 -13.66 41.47 77.82
CA GLN F 76 -14.82 42.33 78.02
C GLN F 76 -16.05 41.56 78.48
N ARG F 77 -16.06 40.23 78.34
CA ARG F 77 -17.06 39.40 79.00
C ARG F 77 -16.82 39.31 80.50
N PHE F 78 -15.58 39.22 80.93
CA PHE F 78 -15.28 39.21 82.36
C PHE F 78 -15.49 40.60 82.95
N ASP F 79 -15.18 41.64 82.17
CA ASP F 79 -15.45 43.01 82.59
C ASP F 79 -16.89 43.42 82.30
N LYS F 80 -17.73 42.49 81.83
CA LYS F 80 -19.17 42.72 81.85
C LYS F 80 -19.80 42.19 83.12
N TYR F 81 -19.33 41.05 83.61
CA TYR F 81 -19.93 40.39 84.77
C TYR F 81 -19.27 40.81 86.07
N ARG F 82 -18.02 41.29 86.03
CA ARG F 82 -17.45 42.01 87.16
C ARG F 82 -18.24 43.28 87.45
N ASN F 83 -18.64 44.00 86.39
CA ASN F 83 -19.26 45.30 86.54
C ASN F 83 -20.78 45.23 86.70
N SER F 84 -21.40 44.10 86.36
CA SER F 84 -22.86 44.00 86.44
C SER F 84 -23.36 43.83 87.87
N GLY F 85 -22.48 43.67 88.85
CA GLY F 85 -22.91 43.34 90.19
C GLY F 85 -23.45 41.94 90.29
N LEU F 86 -22.99 41.04 89.43
CA LEU F 86 -23.47 39.67 89.43
C LEU F 86 -22.93 38.93 90.65
N LEU F 87 -23.56 37.81 90.95
CA LEU F 87 -23.21 37.00 92.10
C LEU F 87 -22.61 35.68 91.61
N CYS F 88 -21.28 35.61 91.57
CA CYS F 88 -20.55 34.41 91.20
C CYS F 88 -20.50 33.47 92.40
N GLY F 89 -20.33 32.18 92.13
CA GLY F 89 -20.28 31.18 93.18
C GLY F 89 -18.88 30.78 93.58
N ALA F 90 -18.80 29.69 94.36
CA ALA F 90 -17.52 29.15 94.77
C ALA F 90 -16.78 28.47 93.61
N ASP F 91 -17.52 28.14 92.54
CA ASP F 91 -16.89 27.66 91.32
C ASP F 91 -16.14 28.77 90.59
N GLY F 92 -16.49 30.03 90.85
CA GLY F 92 -16.00 31.13 90.07
C GLY F 92 -16.84 31.47 88.87
N LEU F 93 -18.13 31.12 88.88
CA LEU F 93 -18.99 31.27 87.74
C LEU F 93 -20.28 32.00 88.15
N PRO F 94 -20.78 32.92 87.33
CA PRO F 94 -21.95 33.73 87.71
C PRO F 94 -23.23 32.91 87.67
N HIS F 95 -24.08 33.10 88.68
CA HIS F 95 -25.36 32.42 88.73
C HIS F 95 -26.51 33.41 88.52
N LEU F 96 -27.70 32.85 88.32
CA LEU F 96 -28.89 33.64 88.03
C LEU F 96 -29.91 33.48 89.15
N ILE F 97 -30.52 34.60 89.54
CA ILE F 97 -31.39 34.68 90.70
C ILE F 97 -32.78 35.07 90.18
N THR F 98 -33.81 34.39 90.66
CA THR F 98 -35.19 34.69 90.26
C THR F 98 -36.14 34.40 91.43
N ASP F 99 -36.46 35.44 92.18
CA ASP F 99 -37.57 35.48 93.14
C ASP F 99 -38.31 36.79 92.97
N GLY F 100 -38.42 37.21 91.71
CA GLY F 100 -37.86 38.47 91.26
C GLY F 100 -37.96 39.71 92.12
N ARG F 101 -36.80 40.09 92.65
CA ARG F 101 -36.60 41.40 93.25
C ARG F 101 -36.13 42.36 92.17
N TRP F 102 -36.13 43.65 92.49
CA TRP F 102 -35.70 44.63 91.51
C TRP F 102 -34.25 45.03 91.70
N SER F 103 -33.53 44.38 92.61
CA SER F 103 -32.07 44.39 92.58
C SER F 103 -31.52 43.39 91.57
N HIS F 104 -32.22 42.28 91.38
CA HIS F 104 -31.80 41.26 90.43
C HIS F 104 -32.83 41.11 89.34
N ALA F 105 -33.44 42.23 88.93
CA ALA F 105 -34.41 42.23 87.85
C ALA F 105 -33.76 41.98 86.50
N GLY F 106 -32.52 42.43 86.31
CA GLY F 106 -31.78 42.29 85.08
C GLY F 106 -31.32 40.88 84.73
N GLU F 107 -31.51 39.92 85.63
CA GLU F 107 -31.22 38.53 85.31
C GLU F 107 -32.35 37.90 84.51
N PHE F 108 -33.60 38.13 84.92
CA PHE F 108 -34.69 37.35 84.34
C PHE F 108 -35.85 38.18 83.81
N THR F 109 -36.19 39.28 84.48
CA THR F 109 -37.50 39.90 84.24
C THR F 109 -37.54 40.62 82.90
N ILE F 110 -36.73 41.65 82.72
CA ILE F 110 -36.66 42.39 81.46
C ILE F 110 -36.09 41.55 80.30
N PRO F 111 -35.16 40.58 80.48
CA PRO F 111 -34.95 39.62 79.38
C PRO F 111 -36.08 38.61 79.21
N GLY F 112 -37.04 38.54 80.13
CA GLY F 112 -38.10 37.54 80.01
C GLY F 112 -39.34 38.09 79.33
N LEU F 113 -39.80 39.26 79.75
CA LEU F 113 -40.94 39.89 79.10
C LEU F 113 -40.59 40.36 77.69
N LEU F 114 -39.28 40.49 77.39
CA LEU F 114 -38.85 40.72 76.02
C LEU F 114 -39.19 39.54 75.11
N PHE F 115 -39.22 38.32 75.67
CA PHE F 115 -39.78 37.20 74.91
C PHE F 115 -41.29 37.35 74.75
N LEU F 116 -41.98 37.76 75.83
CA LEU F 116 -43.42 37.68 75.88
C LEU F 116 -44.09 38.64 74.90
N TYR F 117 -43.52 39.83 74.73
CA TYR F 117 -44.06 40.82 73.78
C TYR F 117 -44.01 40.30 72.35
N ILE F 118 -42.89 39.69 71.96
CA ILE F 118 -42.71 39.27 70.57
C ILE F 118 -43.39 37.93 70.34
N ALA F 119 -43.67 37.18 71.40
CA ALA F 119 -44.33 35.88 71.26
C ALA F 119 -45.81 36.07 70.93
N GLY F 120 -46.46 37.05 71.54
CA GLY F 120 -47.82 37.37 71.17
C GLY F 120 -47.94 38.08 69.84
N PHE F 121 -46.83 38.62 69.34
CA PHE F 121 -46.81 39.22 68.00
C PHE F 121 -47.05 38.17 66.94
N ILE F 122 -46.28 37.08 66.97
CA ILE F 122 -46.52 35.97 66.05
C ILE F 122 -47.73 35.16 66.53
N GLY F 123 -48.06 35.27 67.81
CA GLY F 123 -49.29 34.65 68.30
C GLY F 123 -50.54 35.33 67.77
N TRP F 124 -50.50 36.65 67.67
CA TRP F 124 -51.60 37.36 67.04
C TRP F 124 -51.40 37.48 65.53
N SER F 125 -50.34 36.90 65.00
CA SER F 125 -50.29 36.65 63.56
C SER F 125 -51.20 35.48 63.21
N GLY F 126 -50.95 34.32 63.82
CA GLY F 126 -51.73 33.13 63.52
C GLY F 126 -53.15 33.17 64.03
N ARG F 127 -53.41 33.93 65.10
CA ARG F 127 -54.78 34.12 65.57
C ARG F 127 -55.58 34.98 64.59
N SER F 128 -54.89 35.87 63.86
CA SER F 128 -55.58 36.83 63.00
C SER F 128 -55.50 36.46 61.53
N TYR F 129 -54.47 35.72 61.12
CA TYR F 129 -54.36 35.35 59.71
C TYR F 129 -55.44 34.36 59.31
N LEU F 130 -55.83 33.48 60.23
CA LEU F 130 -56.57 32.30 59.83
C LEU F 130 -58.07 32.54 59.79
N GLN F 131 -58.57 33.55 60.50
CA GLN F 131 -60.01 33.78 60.54
C GLN F 131 -60.54 34.36 59.23
N ALA F 132 -59.72 35.14 58.53
CA ALA F 132 -60.15 35.70 57.25
C ALA F 132 -59.95 34.71 56.11
N VAL F 133 -58.80 34.04 56.08
CA VAL F 133 -58.42 33.20 54.95
C VAL F 133 -59.25 31.92 54.93
N ALA F 134 -59.71 31.46 56.09
CA ALA F 134 -60.59 30.29 56.12
C ALA F 134 -61.98 30.61 55.57
N ALA F 135 -62.32 31.89 55.43
CA ALA F 135 -63.51 32.31 54.71
C ALA F 135 -63.18 32.62 53.25
N SER F 136 -62.63 31.62 52.56
CA SER F 136 -62.29 31.72 51.15
C SER F 136 -62.65 30.40 50.48
N ASP F 137 -62.46 30.34 49.16
CA ASP F 137 -62.84 29.15 48.39
C ASP F 137 -61.81 28.03 48.55
N ASN F 138 -60.56 28.30 48.19
CA ASN F 138 -59.43 27.43 48.51
C ASN F 138 -58.83 28.02 49.78
N SER F 139 -59.44 27.67 50.92
CA SER F 139 -59.04 28.24 52.19
C SER F 139 -57.74 27.63 52.71
N THR F 140 -57.29 26.54 52.08
CA THR F 140 -56.13 25.80 52.58
C THR F 140 -54.90 25.99 51.71
N GLU F 141 -55.08 26.38 50.44
CA GLU F 141 -53.91 26.66 49.59
C GLU F 141 -53.25 27.96 50.01
N LYS F 142 -54.01 28.87 50.59
CA LYS F 142 -53.40 30.07 51.15
C LYS F 142 -52.80 29.83 52.53
N GLU F 143 -52.88 28.61 53.04
CA GLU F 143 -51.95 28.15 54.07
C GLU F 143 -50.69 27.54 53.45
N ILE F 144 -50.80 27.03 52.23
CA ILE F 144 -49.63 26.58 51.48
C ILE F 144 -48.94 27.77 50.81
N ILE F 145 -49.65 28.40 49.87
CA ILE F 145 -49.16 29.60 49.21
C ILE F 145 -49.72 30.78 49.98
N ILE F 146 -49.02 31.19 51.04
CA ILE F 146 -49.48 32.23 51.94
C ILE F 146 -49.35 33.56 51.23
N ASP F 147 -50.42 34.34 51.26
CA ASP F 147 -50.47 35.63 50.57
C ASP F 147 -49.60 36.62 51.32
N ILE F 148 -48.65 37.22 50.62
CA ILE F 148 -47.85 38.33 51.15
C ILE F 148 -48.67 39.58 51.52
N PRO F 149 -49.92 39.87 50.99
CA PRO F 149 -50.71 40.90 51.65
C PRO F 149 -51.02 40.65 53.12
N VAL F 150 -51.70 39.53 53.41
CA VAL F 150 -52.34 39.36 54.71
C VAL F 150 -51.31 39.05 55.79
N ALA F 151 -50.16 38.48 55.40
CA ALA F 151 -49.12 38.13 56.36
C ALA F 151 -48.44 39.36 56.93
N LEU F 152 -48.07 40.32 56.07
CA LEU F 152 -47.50 41.58 56.55
C LEU F 152 -48.53 42.47 57.24
N GLN F 153 -49.83 42.24 56.98
CA GLN F 153 -50.86 42.87 57.80
C GLN F 153 -50.85 42.30 59.21
N SER F 154 -50.69 40.98 59.33
CA SER F 154 -50.62 40.34 60.64
C SER F 154 -49.29 40.63 61.32
N VAL F 155 -48.31 41.17 60.58
CA VAL F 155 -47.16 41.81 61.21
C VAL F 155 -47.59 43.12 61.86
N SER F 156 -48.38 43.92 61.15
CA SER F 156 -48.90 45.15 61.74
C SER F 156 -49.97 44.88 62.78
N LYS F 157 -50.86 43.92 62.54
CA LYS F 157 -51.85 43.50 63.51
C LYS F 157 -51.23 42.78 64.71
N GLY F 158 -50.02 42.27 64.58
CA GLY F 158 -49.35 41.59 65.67
C GLY F 158 -48.77 42.53 66.71
N PHE F 159 -48.52 43.78 66.33
CA PHE F 159 -47.93 44.73 67.24
C PHE F 159 -48.92 45.21 68.30
N VAL F 160 -50.21 45.06 68.05
CA VAL F 160 -51.24 45.51 68.98
C VAL F 160 -51.79 44.32 69.79
N TRP F 161 -50.99 43.27 69.92
CA TRP F 161 -51.43 42.04 70.58
C TRP F 161 -51.84 42.16 72.08
N PRO F 162 -51.19 42.93 72.96
CA PRO F 162 -51.64 42.87 74.37
C PRO F 162 -52.89 43.69 74.62
N LEU F 163 -53.22 44.61 73.70
CA LEU F 163 -54.35 45.50 73.89
C LEU F 163 -55.61 44.96 73.22
N ALA F 164 -55.45 44.32 72.05
CA ALA F 164 -56.59 43.94 71.24
C ALA F 164 -57.35 42.76 71.83
N ALA F 165 -56.67 41.84 72.52
CA ALA F 165 -57.32 40.66 73.06
C ALA F 165 -58.11 40.94 74.32
N LEU F 166 -58.05 42.16 74.86
CA LEU F 166 -58.83 42.49 76.04
C LEU F 166 -60.29 42.73 75.67
N GLN F 167 -60.54 43.41 74.54
CA GLN F 167 -61.90 43.52 74.05
C GLN F 167 -62.36 42.28 73.29
N GLU F 168 -61.48 41.31 73.05
CA GLU F 168 -61.89 40.02 72.54
C GLU F 168 -62.53 39.18 73.63
N PHE F 169 -61.84 39.03 74.77
CA PHE F 169 -62.33 38.15 75.82
C PHE F 169 -63.48 38.79 76.61
N SER F 170 -63.42 40.11 76.81
CA SER F 170 -64.50 40.78 77.55
C SER F 170 -65.79 40.80 76.75
N SER F 171 -65.70 40.77 75.42
CA SER F 171 -66.86 40.47 74.59
C SER F 171 -67.10 38.97 74.49
N GLY F 172 -66.05 38.17 74.59
CA GLY F 172 -66.17 36.72 74.57
C GLY F 172 -65.62 36.04 73.34
N LYS F 173 -65.11 36.79 72.35
CA LYS F 173 -64.66 36.22 71.09
C LYS F 173 -63.20 35.80 71.12
N LEU F 174 -62.62 35.61 72.30
CA LEU F 174 -61.36 34.90 72.44
C LEU F 174 -61.58 33.42 72.71
N THR F 175 -62.75 33.07 73.24
CA THR F 175 -63.17 31.69 73.45
C THR F 175 -64.43 31.42 72.63
N ALA F 176 -64.99 30.23 72.84
CA ALA F 176 -66.29 29.86 72.31
C ALA F 176 -67.14 29.26 73.41
N ARG F 177 -68.38 28.93 73.06
CA ARG F 177 -69.16 28.05 73.92
C ARG F 177 -68.84 26.60 73.56
N ASP F 178 -69.02 25.72 74.54
CA ASP F 178 -68.66 24.31 74.36
C ASP F 178 -69.66 23.53 73.52
N GLU F 179 -70.68 24.19 72.97
CA GLU F 179 -71.53 23.57 71.96
C GLU F 179 -70.98 23.83 70.55
N GLU F 180 -69.92 24.62 70.41
CA GLU F 180 -69.34 24.89 69.11
C GLU F 180 -68.07 24.09 68.83
N ILE F 181 -67.50 23.47 69.83
CA ILE F 181 -66.16 22.88 69.77
C ILE F 181 -66.28 21.38 69.70
N THR F 182 -65.46 20.75 68.86
CA THR F 182 -65.46 19.30 68.74
C THR F 182 -64.92 18.65 70.01
N ILE F 183 -65.70 17.73 70.55
CA ILE F 183 -65.52 17.23 71.92
C ILE F 183 -65.77 15.73 71.89
N SER F 184 -64.77 14.96 72.35
CA SER F 184 -64.72 13.50 72.30
C SER F 184 -65.90 12.90 73.05
N PRO F 185 -66.44 11.77 72.61
CA PRO F 185 -67.63 11.20 73.25
C PRO F 185 -67.33 10.65 74.64
N ARG F 186 -68.40 10.39 75.38
CA ARG F 186 -68.31 10.10 76.80
C ARG F 186 -68.77 8.68 77.13
N ASN G 4 -21.91 -30.24 103.41
CA ASN G 4 -22.47 -31.44 102.77
C ASN G 4 -23.93 -31.22 102.43
N LEU G 5 -24.47 -30.10 102.92
CA LEU G 5 -25.87 -29.79 102.65
C LEU G 5 -26.15 -29.14 101.29
N PRO G 6 -25.48 -28.07 100.84
CA PRO G 6 -25.91 -27.48 99.56
C PRO G 6 -25.44 -28.26 98.35
N SER G 7 -24.40 -29.08 98.51
CA SER G 7 -23.79 -29.80 97.40
C SER G 7 -24.72 -30.87 96.83
N ILE G 8 -25.68 -31.35 97.61
CA ILE G 8 -26.75 -32.17 97.05
C ILE G 8 -27.96 -31.31 96.70
N LEU G 9 -28.24 -30.29 97.51
CA LEU G 9 -29.54 -29.62 97.48
C LEU G 9 -29.74 -28.77 96.24
N VAL G 10 -28.73 -28.02 95.83
CA VAL G 10 -28.85 -27.11 94.68
C VAL G 10 -29.00 -27.88 93.36
N PRO G 11 -28.29 -28.99 93.09
CA PRO G 11 -28.68 -29.81 91.94
C PRO G 11 -29.93 -30.67 92.11
N MET G 12 -30.66 -30.54 93.22
CA MET G 12 -32.01 -31.10 93.25
C MET G 12 -33.03 -30.05 92.86
N VAL G 13 -32.95 -28.86 93.47
CA VAL G 13 -33.90 -27.79 93.22
C VAL G 13 -33.72 -27.17 91.84
N GLY G 14 -32.48 -27.07 91.34
CA GLY G 14 -32.25 -26.41 90.08
C GLY G 14 -32.29 -27.34 88.89
N ILE G 15 -31.98 -28.61 89.11
CA ILE G 15 -31.89 -29.56 88.01
C ILE G 15 -33.01 -30.58 88.10
N VAL G 16 -33.09 -31.27 89.24
CA VAL G 16 -34.00 -32.41 89.37
C VAL G 16 -35.45 -31.92 89.46
N LEU G 17 -35.68 -30.89 90.26
CA LEU G 17 -37.01 -30.31 90.46
C LEU G 17 -37.62 -29.76 89.16
N PRO G 18 -36.92 -28.99 88.30
CA PRO G 18 -37.58 -28.59 87.04
C PRO G 18 -37.75 -29.74 86.06
N ALA G 19 -36.99 -30.83 86.20
CA ALA G 19 -37.19 -31.99 85.35
C ALA G 19 -38.51 -32.71 85.65
N ILE G 20 -39.09 -32.47 86.81
CA ILE G 20 -40.37 -33.09 87.17
C ILE G 20 -41.51 -32.08 87.09
N VAL G 21 -41.27 -30.85 87.59
CA VAL G 21 -42.36 -29.89 87.64
C VAL G 21 -42.63 -29.28 86.27
N MET G 22 -41.72 -29.42 85.31
CA MET G 22 -42.10 -29.15 83.94
C MET G 22 -42.62 -30.41 83.26
N ALA G 23 -42.27 -31.59 83.79
CA ALA G 23 -42.86 -32.82 83.28
C ALA G 23 -44.31 -32.95 83.71
N LEU G 24 -44.63 -32.58 84.95
CA LEU G 24 -46.04 -32.48 85.34
C LEU G 24 -46.73 -31.35 84.60
N LEU G 25 -46.02 -30.26 84.35
CA LEU G 25 -46.63 -29.17 83.59
C LEU G 25 -46.29 -29.28 82.12
N PHE G 26 -45.96 -30.50 81.67
CA PHE G 26 -46.13 -30.83 80.26
C PHE G 26 -47.36 -31.72 80.07
N VAL G 27 -47.67 -32.56 81.04
CA VAL G 27 -48.85 -33.39 80.92
C VAL G 27 -50.09 -32.67 81.45
N TYR G 28 -49.93 -31.45 81.95
CA TYR G 28 -51.12 -30.69 82.28
C TYR G 28 -51.51 -29.71 81.17
N ILE G 29 -50.52 -29.19 80.43
CA ILE G 29 -50.86 -28.28 79.34
C ILE G 29 -51.43 -29.05 78.15
N GLU G 30 -50.89 -30.23 77.88
CA GLU G 30 -51.24 -30.99 76.69
C GLU G 30 -52.08 -32.22 76.96
N THR G 31 -52.98 -32.15 77.93
CA THR G 31 -54.01 -33.16 78.03
C THR G 31 -55.41 -32.53 77.96
N ASP G 32 -56.40 -33.37 77.67
CA ASP G 32 -57.76 -32.92 77.42
C ASP G 32 -58.71 -33.83 78.17
N GLU G 33 -59.97 -33.39 78.25
CA GLU G 33 -60.98 -34.14 78.98
C GLU G 33 -61.51 -35.29 78.14
N PHE H 3 -42.77 32.50 39.45
CA PHE H 3 -41.59 32.41 40.27
C PHE H 3 -41.77 33.18 41.58
N SER H 4 -42.30 34.40 41.50
CA SER H 4 -42.54 35.16 42.72
C SER H 4 -43.71 34.59 43.51
N LYS H 5 -44.68 33.98 42.82
CA LYS H 5 -45.72 33.22 43.50
C LYS H 5 -45.19 31.90 44.03
N TYR H 6 -44.17 31.33 43.37
CA TYR H 6 -43.48 30.16 43.86
C TYR H 6 -42.70 30.47 45.13
N LEU H 7 -42.29 31.73 45.29
CA LEU H 7 -41.66 32.16 46.54
C LEU H 7 -42.66 32.38 47.65
N SER H 8 -43.97 32.36 47.35
CA SER H 8 -44.98 32.53 48.38
C SER H 8 -45.48 31.21 48.94
N THR H 9 -45.04 30.08 48.39
CA THR H 9 -45.40 28.77 48.94
C THR H 9 -44.73 28.55 50.28
N ALA H 10 -45.22 27.53 50.99
CA ALA H 10 -44.84 27.33 52.40
C ALA H 10 -43.36 27.07 52.69
N PRO H 11 -42.60 26.23 51.96
CA PRO H 11 -41.20 26.02 52.39
C PRO H 11 -40.29 27.21 52.18
N VAL H 12 -40.37 27.87 51.02
CA VAL H 12 -39.49 29.00 50.73
C VAL H 12 -39.79 30.18 51.64
N ILE H 13 -41.06 30.36 52.00
CA ILE H 13 -41.40 31.42 52.94
C ILE H 13 -41.05 31.01 54.37
N GLY H 14 -40.88 29.72 54.64
CA GLY H 14 -40.45 29.27 55.95
C GLY H 14 -38.95 29.16 56.10
N THR H 15 -38.21 29.18 54.99
CA THR H 15 -36.75 29.22 55.01
C THR H 15 -36.21 30.64 54.86
N LEU H 16 -36.82 31.47 54.00
CA LEU H 16 -36.31 32.82 53.79
C LEU H 16 -36.61 33.72 54.98
N THR H 17 -37.72 33.46 55.68
CA THR H 17 -37.95 34.14 56.95
C THR H 17 -37.01 33.60 58.02
N ALA H 18 -36.65 32.32 57.92
CA ALA H 18 -35.64 31.76 58.81
C ALA H 18 -34.23 32.18 58.38
N PHE H 19 -34.07 32.60 57.12
CA PHE H 19 -32.78 33.10 56.67
C PHE H 19 -32.48 34.47 57.27
N PHE H 20 -33.53 35.24 57.59
CA PHE H 20 -33.34 36.63 57.99
C PHE H 20 -33.10 36.75 59.48
N LEU H 21 -34.02 36.21 60.30
CA LEU H 21 -33.96 36.36 61.74
C LEU H 21 -32.78 35.63 62.34
N ALA H 22 -32.36 34.51 61.74
CA ALA H 22 -31.16 33.83 62.18
C ALA H 22 -29.92 34.66 61.87
N GLY H 23 -29.88 35.28 60.69
CA GLY H 23 -28.77 36.15 60.35
C GLY H 23 -28.74 37.43 61.17
N LEU H 24 -29.90 37.81 61.73
CA LEU H 24 -29.92 38.90 62.71
C LEU H 24 -29.16 38.52 63.96
N LEU H 25 -29.29 37.28 64.40
CA LEU H 25 -28.63 36.85 65.62
C LEU H 25 -27.16 36.53 65.39
N ILE H 26 -26.76 36.32 64.14
CA ILE H 26 -25.35 36.09 63.85
C ILE H 26 -24.56 37.39 63.97
N GLU H 27 -25.07 38.47 63.38
CA GLU H 27 -24.42 39.77 63.49
C GLU H 27 -24.48 40.32 64.92
N ILE H 28 -25.61 40.18 65.61
CA ILE H 28 -25.78 40.82 66.91
C ILE H 28 -25.10 40.02 68.02
N ASN H 29 -24.70 38.79 67.73
CA ASN H 29 -23.84 38.09 68.68
C ASN H 29 -22.37 38.23 68.35
N ARG H 30 -22.03 38.75 67.17
CA ARG H 30 -20.70 39.30 66.93
C ARG H 30 -20.59 40.73 67.46
N PHE H 31 -21.65 41.52 67.27
CA PHE H 31 -21.68 42.90 67.73
C PHE H 31 -21.74 43.01 69.25
N ASN H 32 -22.74 42.40 69.88
CA ASN H 32 -22.94 42.45 71.32
C ASN H 32 -22.65 41.06 71.88
N PRO H 33 -21.41 40.79 72.26
CA PRO H 33 -21.05 39.42 72.65
C PRO H 33 -21.37 39.12 74.10
N ASP H 34 -21.80 37.89 74.34
CA ASP H 34 -21.88 37.26 75.66
C ASP H 34 -22.88 37.96 76.58
N LEU H 35 -24.14 37.94 76.15
CA LEU H 35 -25.22 38.65 76.83
C LEU H 35 -25.93 37.71 77.78
N LEU H 36 -25.47 37.66 79.03
CA LEU H 36 -26.24 37.00 80.08
C LEU H 36 -27.39 37.89 80.55
N VAL H 37 -27.05 39.04 81.12
CA VAL H 37 -27.99 39.82 81.91
C VAL H 37 -28.17 41.21 81.31
N TYR H 38 -29.34 41.78 81.54
CA TYR H 38 -29.59 43.18 81.20
C TYR H 38 -29.07 44.06 82.33
N PRO H 39 -28.28 45.10 82.03
CA PRO H 39 -27.68 45.95 83.07
C PRO H 39 -28.69 46.84 83.79
N THR I 87 15.17 -14.40 11.13
CA THR I 87 15.30 -13.06 10.50
C THR I 87 16.76 -12.87 10.04
N GLN I 88 17.33 -13.89 9.38
CA GLN I 88 18.76 -13.80 8.94
C GLN I 88 18.88 -12.99 7.65
N SER I 89 17.76 -12.80 6.93
CA SER I 89 17.80 -12.07 5.64
C SER I 89 16.93 -10.81 5.71
N VAL I 90 16.50 -10.43 6.92
CA VAL I 90 15.56 -9.27 7.05
C VAL I 90 15.91 -8.42 8.26
N GLY I 91 14.94 -7.60 8.71
CA GLY I 91 15.14 -6.69 9.83
C GLY I 91 14.53 -7.23 11.13
N GLU I 92 14.95 -6.64 12.25
CA GLU I 92 14.44 -7.08 13.55
C GLU I 92 13.06 -6.50 13.81
N ALA I 93 12.83 -5.25 13.37
CA ALA I 93 11.49 -4.69 13.43
C ALA I 93 10.77 -4.90 12.11
N ALA I 94 11.37 -5.68 11.20
CA ALA I 94 10.68 -6.05 9.98
C ALA I 94 10.03 -7.43 10.11
N GLU I 95 10.56 -8.26 11.00
CA GLU I 95 10.05 -9.62 11.12
C GLU I 95 8.84 -9.67 12.04
N LYS I 96 8.57 -8.57 12.74
CA LYS I 96 7.32 -8.46 13.49
C LYS I 96 6.13 -8.38 12.55
N SER I 97 6.35 -7.88 11.33
CA SER I 97 5.26 -7.71 10.39
C SER I 97 4.77 -9.03 9.85
N PHE I 98 5.62 -10.07 9.87
CA PHE I 98 5.12 -11.39 9.53
C PHE I 98 4.29 -11.95 10.68
N VAL I 99 4.65 -11.63 11.92
CA VAL I 99 3.88 -12.12 13.05
C VAL I 99 2.55 -11.40 13.14
N MET I 100 2.52 -10.11 12.79
CA MET I 100 1.27 -9.37 12.85
C MET I 100 0.34 -9.75 11.70
N LEU I 101 0.88 -9.96 10.51
CA LEU I 101 0.04 -10.24 9.36
C LEU I 101 -0.42 -11.69 9.31
N ALA I 102 0.35 -12.60 9.90
CA ALA I 102 -0.14 -13.96 10.08
C ALA I 102 -1.28 -13.98 11.07
N SER I 103 -1.19 -13.15 12.10
CA SER I 103 -2.20 -13.09 13.15
C SER I 103 -3.54 -12.61 12.61
N VAL I 104 -3.53 -11.77 11.57
CA VAL I 104 -4.78 -11.38 10.94
C VAL I 104 -5.33 -12.56 10.15
N LEU I 105 -4.46 -13.38 9.57
CA LEU I 105 -4.93 -14.57 8.88
C LEU I 105 -5.23 -15.68 9.88
N PHE I 106 -4.53 -15.70 11.00
CA PHE I 106 -4.84 -16.68 12.04
C PHE I 106 -6.17 -16.35 12.71
N ALA I 107 -6.48 -15.05 12.84
CA ALA I 107 -7.77 -14.66 13.38
C ALA I 107 -8.91 -15.03 12.45
N GLY I 108 -8.88 -14.52 11.21
CA GLY I 108 -10.05 -14.62 10.35
C GLY I 108 -10.31 -16.03 9.83
N ALA I 109 -9.34 -16.93 9.98
CA ALA I 109 -9.55 -18.31 9.57
C ALA I 109 -10.45 -19.04 10.56
N VAL I 110 -10.42 -18.63 11.83
CA VAL I 110 -11.26 -19.28 12.84
C VAL I 110 -12.07 -18.27 13.62
N GLY I 111 -11.84 -16.97 13.40
CA GLY I 111 -12.77 -15.99 13.90
C GLY I 111 -13.81 -15.60 12.87
N GLY I 112 -13.45 -15.75 11.58
CA GLY I 112 -14.36 -15.54 10.48
C GLY I 112 -15.57 -16.45 10.44
N PRO I 113 -15.41 -17.77 10.51
CA PRO I 113 -16.60 -18.64 10.52
C PRO I 113 -17.38 -18.63 11.82
N GLY I 114 -16.99 -17.83 12.80
CA GLY I 114 -17.76 -17.75 14.04
C GLY I 114 -18.75 -16.61 14.05
N ILE I 115 -18.66 -15.71 13.06
CA ILE I 115 -19.54 -14.56 13.04
C ILE I 115 -20.92 -14.99 12.55
N LYS I 116 -21.93 -14.78 13.40
CA LYS I 116 -23.23 -15.35 13.11
C LYS I 116 -24.01 -14.50 12.12
N MET I 117 -24.29 -13.25 12.47
CA MET I 117 -24.90 -12.31 11.54
C MET I 117 -23.80 -11.61 10.76
N LYS I 118 -23.62 -12.04 9.52
CA LYS I 118 -22.70 -11.42 8.59
C LYS I 118 -23.49 -10.69 7.51
N GLY I 119 -22.80 -9.85 6.75
CA GLY I 119 -23.42 -9.17 5.65
C GLY I 119 -24.08 -7.85 5.98
N GLN I 120 -24.08 -7.43 7.24
CA GLN I 120 -24.66 -6.14 7.56
C GLN I 120 -23.71 -5.02 7.14
N GLY I 121 -24.32 -3.92 6.68
CA GLY I 121 -23.60 -2.86 6.00
C GLY I 121 -22.57 -2.13 6.83
N PRO I 122 -21.74 -1.30 6.18
CA PRO I 122 -21.72 -0.95 4.75
C PRO I 122 -20.98 -1.96 3.87
N ALA I 123 -21.16 -1.84 2.56
CA ALA I 123 -20.41 -2.66 1.62
C ALA I 123 -19.08 -2.01 1.30
N TRP I 124 -18.33 -2.64 0.38
CA TRP I 124 -16.99 -2.24 -0.03
C TRP I 124 -17.03 -0.86 -0.70
N PRO I 125 -15.89 -0.09 -0.74
CA PRO I 125 -15.94 1.28 -1.27
C PRO I 125 -16.29 1.41 -2.74
N PHE I 126 -15.71 0.57 -3.60
CA PHE I 126 -15.97 0.65 -5.03
C PHE I 126 -16.92 -0.42 -5.50
N ASN I 127 -17.74 -0.97 -4.59
CA ASN I 127 -18.69 -2.05 -4.86
C ASN I 127 -18.02 -3.27 -5.45
N ALA I 128 -16.82 -3.57 -4.96
CA ALA I 128 -16.07 -4.77 -5.33
C ALA I 128 -16.75 -5.97 -4.70
N GLN I 129 -17.32 -6.85 -5.53
CA GLN I 129 -18.00 -8.02 -4.99
C GLN I 129 -16.98 -9.04 -4.49
N ILE I 130 -16.77 -9.02 -3.17
CA ILE I 130 -15.64 -9.67 -2.50
C ILE I 130 -16.21 -10.49 -1.35
N PRO I 131 -15.69 -11.70 -1.13
CA PRO I 131 -16.36 -12.63 -0.20
C PRO I 131 -16.09 -12.37 1.29
N PHE I 132 -16.18 -11.09 1.68
CA PHE I 132 -16.57 -10.66 3.02
C PHE I 132 -16.91 -9.18 2.98
N THR I 133 -17.29 -8.63 4.13
CA THR I 133 -17.70 -7.23 4.22
C THR I 133 -16.59 -6.43 4.87
N PRO I 134 -16.50 -5.13 4.60
CA PRO I 134 -15.50 -4.32 5.32
C PRO I 134 -15.81 -4.18 6.79
N SER I 135 -17.09 -4.25 7.18
CA SER I 135 -17.45 -4.26 8.59
C SER I 135 -16.88 -5.47 9.30
N GLU I 136 -17.03 -6.66 8.70
CA GLU I 136 -16.45 -7.87 9.27
C GLU I 136 -14.93 -7.84 9.21
N PHE I 137 -14.36 -7.40 8.08
CA PHE I 137 -12.92 -7.51 7.88
C PHE I 137 -12.17 -6.53 8.78
N LEU I 138 -12.80 -5.43 9.15
CA LEU I 138 -12.18 -4.51 10.11
C LEU I 138 -12.05 -5.16 11.49
N ALA I 139 -12.97 -6.04 11.84
CA ALA I 139 -12.90 -6.74 13.12
C ALA I 139 -11.76 -7.75 13.12
N VAL I 140 -11.55 -8.43 12.00
CA VAL I 140 -10.49 -9.43 11.89
C VAL I 140 -9.12 -8.76 12.00
N THR I 141 -8.97 -7.61 11.36
CA THR I 141 -7.75 -6.83 11.52
C THR I 141 -7.63 -6.27 12.92
N ALA I 142 -8.76 -6.06 13.59
CA ALA I 142 -8.72 -5.66 14.99
C ALA I 142 -8.41 -6.86 15.88
N LEU I 143 -8.99 -8.01 15.58
CA LEU I 143 -8.67 -9.21 16.34
C LEU I 143 -7.24 -9.66 16.07
N GLY I 144 -6.80 -9.52 14.81
CA GLY I 144 -5.42 -9.83 14.48
C GLY I 144 -4.43 -8.92 15.14
N HIS I 145 -4.81 -7.67 15.38
CA HIS I 145 -3.94 -6.74 16.08
C HIS I 145 -3.82 -7.05 17.56
N ILE I 146 -4.78 -7.78 18.13
CA ILE I 146 -4.70 -8.16 19.53
C ILE I 146 -3.94 -9.46 19.68
N ILE I 147 -4.21 -10.43 18.81
CA ILE I 147 -3.51 -11.70 18.85
C ILE I 147 -2.04 -11.50 18.52
N GLY I 148 -1.76 -10.66 17.50
CA GLY I 148 -0.40 -10.33 17.16
C GLY I 148 0.36 -9.60 18.25
N THR I 149 -0.33 -8.76 19.02
CA THR I 149 0.29 -8.16 20.19
C THR I 149 0.60 -9.22 21.24
N GLY I 150 -0.25 -10.25 21.32
CA GLY I 150 -0.01 -11.32 22.26
C GLY I 150 1.14 -12.23 21.86
N VAL I 151 1.34 -12.44 20.56
CA VAL I 151 2.40 -13.34 20.13
C VAL I 151 3.74 -12.61 20.12
N ILE I 152 3.76 -11.36 19.66
CA ILE I 152 5.00 -10.60 19.56
C ILE I 152 5.58 -10.33 20.95
N LEU I 153 4.75 -9.87 21.87
CA LEU I 153 5.18 -9.75 23.25
C LEU I 153 5.30 -11.10 23.93
N GLY I 154 4.70 -12.15 23.37
CA GLY I 154 4.85 -13.48 23.92
C GLY I 154 6.11 -14.17 23.49
N ILE I 155 6.75 -13.72 22.42
CA ILE I 155 8.05 -14.26 22.04
C ILE I 155 9.04 -13.12 21.90
N LEU J 18 -41.70 -30.31 45.80
CA LEU J 18 -40.35 -30.65 46.26
C LEU J 18 -39.79 -31.85 45.51
N SER J 19 -40.11 -31.98 44.23
CA SER J 19 -39.73 -33.16 43.47
C SER J 19 -38.66 -32.79 42.45
N THR J 20 -37.40 -32.70 42.93
CA THR J 20 -36.05 -32.89 42.39
C THR J 20 -35.09 -32.56 43.52
N PRO J 21 -33.85 -33.08 43.51
CA PRO J 21 -33.39 -34.38 43.01
C PRO J 21 -32.96 -35.32 44.13
N ILE J 22 -32.73 -34.78 45.34
CA ILE J 22 -32.21 -35.60 46.43
C ILE J 22 -33.33 -36.04 47.34
N SER J 23 -34.56 -35.62 47.03
CA SER J 23 -35.70 -36.27 47.64
C SER J 23 -36.10 -37.51 46.83
N ASN J 24 -35.52 -37.65 45.63
CA ASN J 24 -36.04 -38.63 44.68
C ASN J 24 -34.98 -39.62 44.26
N SER J 25 -33.73 -39.41 44.68
CA SER J 25 -32.64 -40.24 44.17
C SER J 25 -32.65 -41.63 44.81
N SER J 26 -32.06 -42.59 44.10
CA SER J 26 -32.04 -43.96 44.60
C SER J 26 -30.97 -44.13 45.67
N ALA J 27 -30.02 -43.19 45.72
CA ALA J 27 -28.99 -43.26 46.75
C ALA J 27 -29.55 -42.90 48.11
N VAL J 28 -30.56 -42.03 48.15
CA VAL J 28 -31.14 -41.67 49.44
C VAL J 28 -32.30 -42.60 49.78
N ASN J 29 -33.04 -43.06 48.78
CA ASN J 29 -34.22 -43.88 49.06
C ASN J 29 -33.80 -45.28 49.51
N GLY J 30 -32.58 -45.68 49.15
CA GLY J 30 -31.97 -46.80 49.83
C GLY J 30 -31.67 -46.49 51.29
N LEU J 31 -30.97 -45.37 51.54
CA LEU J 31 -30.49 -45.09 52.88
C LEU J 31 -31.62 -44.65 53.80
N LEU J 32 -32.62 -43.94 53.27
CA LEU J 32 -33.73 -43.50 54.10
C LEU J 32 -34.57 -44.68 54.57
N ALA J 33 -34.92 -45.58 53.66
CA ALA J 33 -35.81 -46.68 54.01
C ALA J 33 -35.11 -47.71 54.88
N ASN J 34 -33.82 -47.93 54.64
CA ASN J 34 -33.08 -48.96 55.37
C ASN J 34 -32.46 -48.46 56.67
N LEU J 35 -33.03 -47.40 57.25
CA LEU J 35 -32.71 -47.03 58.62
C LEU J 35 -33.85 -47.44 59.53
N PRO J 36 -33.57 -47.80 60.81
CA PRO J 36 -34.60 -48.35 61.71
C PRO J 36 -35.57 -47.33 62.30
N ALA J 37 -36.02 -46.39 61.47
CA ALA J 37 -37.16 -45.57 61.78
C ALA J 37 -38.11 -45.69 60.60
N TYR J 38 -37.55 -46.14 59.49
CA TYR J 38 -38.30 -46.35 58.26
C TYR J 38 -38.27 -47.80 57.81
N ARG J 39 -37.42 -48.64 58.42
CA ARG J 39 -37.41 -50.06 58.09
C ARG J 39 -38.70 -50.72 58.52
N LYS J 40 -39.16 -51.66 57.70
CA LYS J 40 -40.45 -52.27 57.91
C LYS J 40 -40.40 -53.43 58.89
N GLY J 41 -39.31 -54.21 58.86
CA GLY J 41 -39.29 -55.48 59.58
C GLY J 41 -39.06 -55.39 61.07
N LEU J 42 -38.41 -54.33 61.54
CA LEU J 42 -37.99 -54.26 62.94
C LEU J 42 -39.17 -54.00 63.87
N THR J 43 -38.94 -54.23 65.16
CA THR J 43 -39.92 -54.09 66.23
C THR J 43 -39.60 -52.86 67.07
N PRO J 44 -40.61 -52.26 67.72
CA PRO J 44 -40.38 -51.01 68.49
C PRO J 44 -39.38 -51.12 69.64
N ARG J 45 -39.21 -52.31 70.24
CA ARG J 45 -38.10 -52.46 71.18
C ARG J 45 -36.77 -52.55 70.44
N LEU J 46 -36.79 -53.06 69.20
CA LEU J 46 -35.53 -53.24 68.49
C LEU J 46 -35.24 -52.13 67.50
N ARG J 47 -36.28 -51.44 66.99
CA ARG J 47 -36.00 -50.28 66.15
C ARG J 47 -35.83 -49.02 66.98
N GLY J 48 -36.27 -49.03 68.24
CA GLY J 48 -35.82 -48.04 69.19
C GLY J 48 -34.46 -48.40 69.77
N LEU J 49 -33.98 -49.61 69.48
CA LEU J 49 -32.69 -50.04 69.98
C LEU J 49 -31.56 -49.58 69.08
N GLU J 50 -31.68 -49.82 67.77
CA GLU J 50 -30.62 -49.41 66.85
C GLU J 50 -30.59 -47.89 66.70
N ILE J 51 -31.75 -47.24 66.79
CA ILE J 51 -31.79 -45.79 66.98
C ILE J 51 -31.10 -45.43 68.29
N GLY J 52 -31.38 -46.18 69.35
CA GLY J 52 -30.72 -45.93 70.63
C GLY J 52 -29.24 -46.26 70.61
N MET J 53 -28.87 -47.34 69.92
CA MET J 53 -27.46 -47.70 69.84
C MET J 53 -26.66 -46.71 69.01
N ALA J 54 -27.30 -46.03 68.05
CA ALA J 54 -26.55 -45.14 67.17
C ALA J 54 -26.27 -43.80 67.83
N HIS J 55 -27.30 -43.11 68.32
CA HIS J 55 -27.12 -41.78 68.87
C HIS J 55 -26.35 -41.81 70.18
N GLY J 56 -26.48 -42.89 70.95
CA GLY J 56 -25.78 -42.98 72.21
C GLY J 56 -24.29 -43.20 72.06
N TYR J 57 -23.86 -43.81 70.96
CA TYR J 57 -22.47 -44.23 70.85
C TYR J 57 -21.52 -43.05 70.67
N PHE J 58 -21.89 -42.08 69.85
CA PHE J 58 -21.03 -40.92 69.66
C PHE J 58 -21.22 -39.85 70.71
N LEU J 59 -22.26 -39.98 71.56
CA LEU J 59 -22.55 -38.96 72.56
C LEU J 59 -21.49 -38.91 73.64
N THR J 60 -20.73 -39.98 73.83
CA THR J 60 -19.57 -39.91 74.70
C THR J 60 -18.44 -39.10 74.07
N GLY J 61 -18.44 -38.95 72.75
CA GLY J 61 -17.40 -38.27 72.01
C GLY J 61 -17.07 -36.84 72.40
N PRO J 62 -18.07 -35.94 72.44
CA PRO J 62 -17.79 -34.56 72.88
C PRO J 62 -17.28 -34.44 74.30
N PHE J 63 -17.90 -35.12 75.27
CA PHE J 63 -17.59 -34.89 76.68
C PHE J 63 -16.20 -35.38 77.05
N VAL J 64 -15.76 -36.52 76.51
CA VAL J 64 -14.45 -37.02 76.86
C VAL J 64 -13.33 -36.19 76.22
N GLU J 65 -13.64 -35.45 75.15
CA GLU J 65 -12.67 -34.52 74.60
C GLU J 65 -12.84 -33.12 75.15
N LEU J 66 -14.09 -32.63 75.24
CA LEU J 66 -14.39 -31.29 75.72
C LEU J 66 -15.45 -31.40 76.81
N GLY J 67 -15.07 -31.14 78.05
CA GLY J 67 -16.01 -31.12 79.14
C GLY J 67 -15.69 -30.00 80.10
N PRO J 68 -16.16 -30.12 81.35
CA PRO J 68 -15.69 -29.19 82.37
C PRO J 68 -14.28 -29.46 82.81
N LEU J 69 -13.82 -30.70 82.66
CA LEU J 69 -12.47 -31.11 83.03
C LEU J 69 -12.09 -32.24 82.09
N ARG J 70 -10.94 -32.10 81.43
CA ARG J 70 -10.56 -32.98 80.34
C ARG J 70 -9.19 -33.60 80.61
N ASN J 71 -8.29 -32.81 81.21
CA ASN J 71 -6.93 -33.25 81.51
C ASN J 71 -6.93 -33.89 82.89
N THR J 72 -7.63 -35.01 83.01
CA THR J 72 -7.73 -35.74 84.27
C THR J 72 -7.91 -37.22 83.95
N ASP J 73 -8.27 -38.00 84.98
CA ASP J 73 -8.00 -39.43 84.99
C ASP J 73 -8.92 -40.24 84.05
N GLY J 74 -10.26 -40.23 84.21
CA GLY J 74 -11.15 -39.37 84.99
C GLY J 74 -11.73 -38.32 84.07
N GLY J 75 -11.11 -38.18 82.90
CA GLY J 75 -11.67 -37.37 81.84
C GLY J 75 -12.54 -38.23 80.95
N ILE J 76 -12.27 -39.53 80.98
CA ILE J 76 -13.08 -40.46 80.21
C ILE J 76 -14.18 -41.05 81.07
N LEU J 77 -13.92 -41.25 82.37
CA LEU J 77 -14.97 -41.65 83.29
C LEU J 77 -16.04 -40.58 83.43
N TYR J 78 -15.63 -39.35 83.78
CA TYR J 78 -16.57 -38.26 83.93
C TYR J 78 -17.18 -37.85 82.59
N GLY J 79 -16.43 -38.00 81.51
CA GLY J 79 -16.98 -37.73 80.20
C GLY J 79 -18.05 -38.73 79.80
N SER J 80 -17.84 -40.01 80.13
CA SER J 80 -18.88 -40.99 79.88
C SER J 80 -20.01 -40.89 80.90
N LEU J 81 -19.73 -40.31 82.08
CA LEU J 81 -20.78 -40.14 83.07
C LEU J 81 -21.71 -39.00 82.71
N SER J 82 -21.19 -37.97 82.04
CA SER J 82 -22.05 -36.96 81.46
C SER J 82 -22.87 -37.54 80.31
N ALA J 83 -22.28 -38.49 79.58
CA ALA J 83 -22.90 -39.06 78.38
C ALA J 83 -24.18 -39.82 78.69
N VAL J 84 -24.22 -40.55 79.80
CA VAL J 84 -25.45 -41.21 80.20
C VAL J 84 -26.38 -40.21 80.89
N GLY J 85 -25.88 -39.02 81.22
CA GLY J 85 -26.73 -38.00 81.82
C GLY J 85 -27.73 -37.42 80.84
N LEU J 86 -27.30 -37.12 79.61
CA LEU J 86 -28.22 -36.64 78.59
C LEU J 86 -29.19 -37.73 78.18
N VAL J 87 -28.77 -38.99 78.25
CA VAL J 87 -29.61 -40.10 77.82
C VAL J 87 -30.82 -40.27 78.74
N VAL J 88 -30.61 -40.15 80.05
CA VAL J 88 -31.73 -40.32 80.98
C VAL J 88 -32.69 -39.13 80.92
N ILE J 89 -32.24 -37.97 80.45
CA ILE J 89 -33.18 -36.91 80.09
C ILE J 89 -33.87 -37.26 78.77
N LEU J 90 -33.17 -37.96 77.89
CA LEU J 90 -33.73 -38.27 76.59
C LEU J 90 -34.63 -39.49 76.63
N THR J 91 -34.55 -40.32 77.68
CA THR J 91 -35.65 -41.27 77.91
C THR J 91 -36.91 -40.53 78.31
N ALA J 92 -36.77 -39.45 79.09
CA ALA J 92 -37.92 -38.68 79.53
C ALA J 92 -38.51 -37.89 78.37
N CYS J 93 -37.68 -37.37 77.48
CA CYS J 93 -38.17 -36.63 76.32
C CYS J 93 -38.81 -37.58 75.32
N LEU J 94 -38.31 -38.81 75.22
CA LEU J 94 -38.95 -39.81 74.38
C LEU J 94 -40.22 -40.34 75.00
N ALA J 95 -40.38 -40.19 76.31
CA ALA J 95 -41.62 -40.59 76.96
C ALA J 95 -42.58 -39.42 77.12
N LEU J 96 -42.08 -38.19 77.05
CA LEU J 96 -42.99 -37.05 77.06
C LEU J 96 -43.43 -36.69 75.65
N TYR J 97 -42.76 -37.24 74.64
CA TYR J 97 -43.42 -37.30 73.34
C TYR J 97 -44.39 -38.48 73.30
N GLY J 98 -44.23 -39.43 74.21
CA GLY J 98 -45.25 -40.45 74.40
C GLY J 98 -46.41 -39.99 75.24
N LYS J 99 -46.15 -39.18 76.27
CA LYS J 99 -47.22 -38.78 77.18
C LYS J 99 -48.01 -37.60 76.65
N ALA J 100 -47.58 -36.97 75.57
CA ALA J 100 -48.29 -35.82 75.04
C ALA J 100 -48.92 -36.11 73.67
N ASN J 101 -48.11 -36.57 72.72
CA ASN J 101 -48.63 -36.87 71.39
C ASN J 101 -49.50 -38.11 71.39
N PHE J 102 -49.31 -39.01 72.35
CA PHE J 102 -50.14 -40.19 72.49
C PHE J 102 -50.83 -40.10 73.84
N SER J 103 -51.93 -39.34 73.86
CA SER J 103 -52.77 -39.17 75.03
C SER J 103 -54.11 -39.81 74.73
N GLY J 104 -54.34 -40.97 75.34
CA GLY J 104 -55.50 -41.76 74.96
C GLY J 104 -55.28 -42.64 73.76
N SER J 105 -54.04 -42.68 73.24
CA SER J 105 -53.58 -43.58 72.18
C SER J 105 -54.39 -43.38 70.89
N SER J 106 -54.55 -42.10 70.55
CA SER J 106 -55.34 -41.71 69.38
C SER J 106 -54.65 -42.14 68.08
N LYS J 107 -55.39 -42.83 67.21
CA LYS J 107 -54.81 -43.26 65.95
C LYS J 107 -54.80 -42.11 64.95
N SER J 108 -54.32 -42.41 63.75
CA SER J 108 -54.32 -41.44 62.66
C SER J 108 -54.55 -42.20 61.36
N LYS J 109 -54.29 -41.53 60.22
CA LYS J 109 -54.54 -42.12 58.91
C LYS J 109 -53.44 -43.07 58.45
N ASP J 110 -52.31 -43.16 59.16
CA ASP J 110 -51.23 -44.05 58.77
C ASP J 110 -50.93 -45.13 59.81
N ALA J 111 -50.71 -44.72 61.07
CA ALA J 111 -50.50 -45.59 62.23
C ALA J 111 -49.29 -46.53 62.03
N THR J 112 -48.13 -45.91 61.87
CA THR J 112 -46.82 -46.55 62.01
C THR J 112 -46.40 -46.43 63.47
N LEU J 113 -45.11 -46.66 63.76
CA LEU J 113 -44.63 -46.43 65.11
C LEU J 113 -44.70 -44.96 65.50
N TRP J 114 -44.51 -44.04 64.55
CA TRP J 114 -44.42 -42.63 64.89
C TRP J 114 -45.71 -41.87 64.64
N GLU J 115 -46.65 -42.44 63.90
CA GLU J 115 -47.91 -41.77 63.62
C GLU J 115 -48.86 -41.88 64.81
N SER J 116 -49.30 -43.09 65.12
CA SER J 116 -49.86 -43.45 66.41
C SER J 116 -48.81 -44.24 67.17
N GLY J 117 -49.05 -44.50 68.45
CA GLY J 117 -48.01 -45.12 69.23
C GLY J 117 -47.71 -46.58 68.93
N GLU J 118 -48.56 -47.49 69.40
CA GLU J 118 -48.61 -48.94 69.11
C GLU J 118 -47.36 -49.73 69.55
N GLY J 119 -46.27 -49.05 69.91
CA GLY J 119 -45.09 -49.72 70.42
C GLY J 119 -44.31 -48.85 71.38
N TRP J 120 -44.96 -47.80 71.87
CA TRP J 120 -44.21 -46.68 72.44
C TRP J 120 -43.72 -46.97 73.84
N SER J 121 -44.40 -47.86 74.57
CA SER J 121 -44.02 -48.11 75.95
C SER J 121 -42.71 -48.86 76.07
N ASP J 122 -42.33 -49.64 75.05
CA ASP J 122 -41.03 -50.29 75.05
C ASP J 122 -40.02 -49.53 74.20
N PHE J 123 -40.51 -48.64 73.35
CA PHE J 123 -39.63 -47.82 72.51
C PHE J 123 -38.85 -46.82 73.35
N VAL J 124 -39.44 -46.37 74.46
CA VAL J 124 -38.74 -45.45 75.34
C VAL J 124 -37.63 -46.17 76.11
N SER J 125 -37.76 -47.49 76.25
CA SER J 125 -36.75 -48.27 76.98
C SER J 125 -35.77 -48.93 76.03
N GLY J 126 -36.17 -49.16 74.78
CA GLY J 126 -35.23 -49.63 73.78
C GLY J 126 -34.14 -48.61 73.49
N TRP J 127 -34.49 -47.32 73.58
CA TRP J 127 -33.49 -46.27 73.66
C TRP J 127 -32.67 -46.39 74.93
N LEU J 128 -33.31 -46.69 76.06
CA LEU J 128 -32.59 -46.76 77.33
C LEU J 128 -31.65 -47.95 77.36
N ILE J 129 -32.07 -49.08 76.81
CA ILE J 129 -31.18 -50.22 76.69
C ILE J 129 -30.09 -49.93 75.65
N GLY J 130 -30.47 -49.32 74.54
CA GLY J 130 -29.52 -49.09 73.46
C GLY J 130 -28.60 -47.91 73.70
N GLY J 131 -29.10 -46.85 74.34
CA GLY J 131 -28.28 -45.66 74.52
C GLY J 131 -27.28 -45.80 75.65
N ALA J 132 -27.74 -46.19 76.84
CA ALA J 132 -26.83 -46.46 77.93
C ALA J 132 -26.04 -47.74 77.72
N GLY J 133 -26.52 -48.63 76.85
CA GLY J 133 -25.77 -49.79 76.44
C GLY J 133 -24.68 -49.43 75.44
N SER J 134 -24.81 -48.27 74.81
CA SER J 134 -23.74 -47.79 73.95
C SER J 134 -22.60 -47.19 74.74
N VAL J 135 -22.89 -46.37 75.74
CA VAL J 135 -21.83 -45.73 76.52
C VAL J 135 -21.17 -46.75 77.43
N GLY J 136 -21.92 -47.79 77.82
CA GLY J 136 -21.30 -48.91 78.51
C GLY J 136 -20.44 -49.74 77.58
N PHE J 137 -20.76 -49.73 76.29
CA PHE J 137 -19.90 -50.36 75.29
C PHE J 137 -18.70 -49.47 74.98
N ALA J 138 -18.95 -48.19 74.70
CA ALA J 138 -17.91 -47.30 74.20
C ALA J 138 -16.96 -46.79 75.27
N TYR J 139 -17.20 -47.11 76.55
CA TYR J 139 -16.26 -46.68 77.57
C TYR J 139 -14.98 -47.50 77.54
N LEU J 140 -15.06 -48.75 77.13
CA LEU J 140 -13.89 -49.63 77.20
C LEU J 140 -13.07 -49.57 75.93
N LEU J 141 -13.43 -48.68 75.00
CA LEU J 141 -12.62 -48.50 73.81
C LEU J 141 -11.58 -47.40 73.97
N LEU J 142 -11.95 -46.27 74.57
CA LEU J 142 -11.05 -45.14 74.77
C LEU J 142 -10.29 -45.24 76.09
N GLN J 143 -11.01 -45.40 77.19
CA GLN J 143 -10.38 -45.55 78.50
C GLN J 143 -9.63 -46.85 78.63
N TYR J 144 -10.16 -47.93 78.06
CA TYR J 144 -9.58 -49.25 78.20
C TYR J 144 -9.11 -49.76 76.84
N ILE J 145 -8.47 -50.94 76.88
CA ILE J 145 -8.04 -51.72 75.73
C ILE J 145 -7.16 -50.95 74.74
N LEU K 2 -24.72 -21.39 113.77
CA LEU K 2 -25.74 -22.24 114.39
C LEU K 2 -25.22 -23.65 114.58
N ALA K 3 -26.14 -24.61 114.61
CA ALA K 3 -25.82 -26.02 114.79
C ALA K 3 -26.15 -26.80 113.55
N ASP K 4 -25.98 -28.12 113.63
CA ASP K 4 -26.37 -28.99 112.53
C ASP K 4 -27.80 -29.52 112.72
N GLY K 5 -28.21 -29.75 113.97
CA GLY K 5 -29.52 -30.33 114.23
C GLY K 5 -30.67 -29.35 114.11
N GLN K 6 -30.44 -28.09 114.47
CA GLN K 6 -31.48 -27.06 114.34
C GLN K 6 -31.85 -26.79 112.89
N ILE K 7 -30.92 -27.04 111.96
CA ILE K 7 -31.21 -26.93 110.53
C ILE K 7 -32.26 -27.93 110.09
N PHE K 8 -32.18 -29.16 110.60
CA PHE K 8 -33.13 -30.19 110.19
C PHE K 8 -34.47 -30.09 110.92
N THR K 9 -34.48 -29.53 112.13
CA THR K 9 -35.78 -29.22 112.76
C THR K 9 -36.48 -28.12 112.00
N ALA K 10 -35.73 -27.18 111.43
CA ALA K 10 -36.30 -26.20 110.51
C ALA K 10 -36.85 -26.88 109.26
N LEU K 11 -36.11 -27.87 108.73
CA LEU K 11 -36.56 -28.53 107.52
C LEU K 11 -37.68 -29.52 107.80
N ALA K 12 -37.91 -29.87 109.06
CA ALA K 12 -39.02 -30.74 109.39
C ALA K 12 -40.32 -29.96 109.57
N VAL K 13 -40.21 -28.71 110.05
CA VAL K 13 -41.40 -27.88 110.23
C VAL K 13 -41.75 -27.13 108.95
N ALA K 14 -40.90 -27.21 107.93
CA ALA K 14 -41.24 -26.65 106.63
C ALA K 14 -42.19 -27.52 105.84
N LEU K 15 -42.40 -28.78 106.25
CA LEU K 15 -43.42 -29.60 105.62
C LEU K 15 -44.83 -29.17 106.00
N VAL K 16 -44.97 -28.38 107.06
CA VAL K 16 -46.28 -27.88 107.50
C VAL K 16 -46.76 -26.80 106.53
N PRO K 17 -45.90 -25.92 105.97
CA PRO K 17 -46.33 -25.23 104.73
C PRO K 17 -46.35 -26.15 103.52
N GLY K 18 -45.70 -27.31 103.58
CA GLY K 18 -45.48 -28.10 102.38
C GLY K 18 -46.70 -28.89 101.94
N ILE K 19 -47.68 -29.06 102.82
CA ILE K 19 -48.87 -29.82 102.45
C ILE K 19 -50.04 -28.90 102.18
N LEU K 20 -50.08 -27.74 102.85
CA LEU K 20 -51.23 -26.85 102.72
C LEU K 20 -51.22 -26.09 101.40
N ALA K 21 -50.06 -25.64 100.95
CA ALA K 21 -49.97 -25.02 99.62
C ALA K 21 -50.27 -26.02 98.52
N LEU K 22 -49.90 -27.29 98.74
CA LEU K 22 -50.33 -28.35 97.84
C LEU K 22 -51.85 -28.55 97.90
N ARG K 23 -52.46 -28.23 99.04
CA ARG K 23 -53.92 -28.32 99.16
C ARG K 23 -54.60 -27.02 98.74
N LEU K 24 -54.04 -25.86 99.07
CA LEU K 24 -54.71 -24.59 98.82
C LEU K 24 -54.72 -24.25 97.34
N ALA K 25 -53.62 -24.53 96.64
CA ALA K 25 -53.58 -24.29 95.20
C ALA K 25 -54.49 -25.25 94.47
N LEU K 26 -54.62 -26.48 94.96
CA LEU K 26 -55.69 -27.37 94.53
C LEU K 26 -57.06 -26.81 94.91
N GLU K 27 -57.21 -26.24 96.10
CA GLU K 27 -58.45 -25.61 96.52
C GLU K 27 -58.74 -24.30 95.79
N LEU K 28 -57.71 -23.52 95.46
CA LEU K 28 -57.91 -22.36 94.61
C LEU K 28 -58.25 -22.76 93.19
N TYR K 29 -57.81 -23.96 92.78
CA TYR K 29 -58.24 -24.50 91.49
C TYR K 29 -59.65 -25.06 91.56
N LYS K 30 -60.07 -25.52 92.72
CA LYS K 30 -61.33 -26.26 92.84
C LYS K 30 -62.54 -25.33 92.79
N LYS L 14 -24.56 -62.32 44.50
CA LYS L 14 -24.99 -63.71 44.43
C LYS L 14 -23.87 -64.55 43.88
N ILE L 15 -23.63 -65.71 44.48
CA ILE L 15 -22.54 -66.61 44.11
C ILE L 15 -23.12 -67.97 43.78
N VAL L 16 -23.13 -68.32 42.50
CA VAL L 16 -23.74 -69.56 42.02
C VAL L 16 -22.67 -70.42 41.35
N ILE L 17 -22.72 -71.72 41.63
CA ILE L 17 -21.59 -72.64 41.46
C ILE L 17 -22.12 -73.94 40.85
N ASP L 18 -21.35 -74.53 39.94
CA ASP L 18 -21.49 -75.95 39.66
C ASP L 18 -20.42 -76.74 40.41
N LYS L 19 -20.83 -77.83 41.04
CA LYS L 19 -19.95 -78.62 41.90
C LYS L 19 -19.41 -79.82 41.13
N ASP L 20 -18.09 -79.82 40.91
CA ASP L 20 -17.31 -80.85 40.21
C ASP L 20 -17.91 -81.17 38.84
N PRO L 21 -17.77 -80.28 37.84
CA PRO L 21 -18.27 -80.65 36.51
C PRO L 21 -17.35 -81.64 35.82
N VAL L 22 -16.05 -81.59 36.12
CA VAL L 22 -15.07 -82.53 35.58
C VAL L 22 -14.17 -83.00 36.73
N SER L 23 -14.04 -84.32 36.87
CA SER L 23 -13.31 -84.90 37.98
C SER L 23 -11.82 -85.01 37.66
N THR L 24 -11.11 -85.71 38.52
CA THR L 24 -9.65 -85.83 38.45
C THR L 24 -9.30 -87.12 37.72
N SER L 25 -8.97 -86.99 36.44
CA SER L 25 -8.61 -88.13 35.62
C SER L 25 -7.27 -87.88 34.93
N PHE L 26 -6.38 -88.86 35.03
CA PHE L 26 -5.18 -88.93 34.21
C PHE L 26 -5.44 -89.59 32.86
N ASP L 27 -6.71 -89.92 32.57
CA ASP L 27 -7.06 -90.68 31.38
C ASP L 27 -7.07 -89.80 30.13
N LYS L 28 -7.43 -88.53 30.27
CA LYS L 28 -7.42 -87.62 29.14
C LYS L 28 -6.03 -87.08 28.83
N TRP L 29 -5.05 -87.40 29.68
CA TRP L 29 -3.68 -86.94 29.46
C TRP L 29 -3.01 -87.73 28.34
N ALA L 30 -3.54 -88.89 27.99
CA ALA L 30 -2.98 -89.69 26.92
C ALA L 30 -3.48 -89.23 25.55
N VAL L 31 -4.58 -88.49 25.51
CA VAL L 31 -5.13 -87.97 24.26
C VAL L 31 -4.81 -86.48 24.21
N PRO L 32 -3.86 -86.05 23.37
CA PRO L 32 -3.65 -84.62 23.18
C PRO L 32 -4.58 -84.10 22.10
N GLY L 33 -5.22 -82.98 22.39
CA GLY L 33 -6.29 -82.49 21.53
C GLY L 33 -7.65 -82.95 21.97
N HIS L 34 -7.76 -83.48 23.18
CA HIS L 34 -9.05 -83.87 23.75
C HIS L 34 -9.97 -82.69 23.96
N PHE L 35 -9.42 -81.49 24.10
CA PHE L 35 -10.23 -80.29 24.21
C PHE L 35 -10.97 -79.96 22.94
N SER L 36 -10.45 -80.38 21.78
CA SER L 36 -10.93 -79.94 20.49
C SER L 36 -11.73 -81.04 19.82
N ARG L 37 -12.09 -80.78 18.55
CA ARG L 37 -12.85 -81.76 17.79
C ARG L 37 -12.00 -82.46 16.75
N THR L 38 -11.39 -81.70 15.84
CA THR L 38 -10.64 -82.29 14.74
C THR L 38 -9.34 -82.93 15.20
N LEU L 39 -8.82 -82.51 16.36
CA LEU L 39 -7.56 -83.04 16.84
C LEU L 39 -7.73 -84.14 17.88
N ALA L 40 -8.97 -84.46 18.27
CA ALA L 40 -9.19 -85.67 19.06
C ALA L 40 -9.53 -86.85 18.17
N LYS L 41 -8.76 -87.01 17.09
CA LYS L 41 -8.89 -88.13 16.17
C LYS L 41 -7.56 -88.74 15.77
N GLY L 42 -6.46 -88.01 15.87
CA GLY L 42 -5.17 -88.51 15.49
C GLY L 42 -4.52 -87.70 14.39
N PRO L 43 -3.18 -87.66 14.38
CA PRO L 43 -2.46 -86.95 13.32
C PRO L 43 -2.34 -87.77 12.05
N LYS L 44 -2.43 -87.12 10.89
CA LYS L 44 -2.16 -87.78 9.61
C LYS L 44 -0.96 -87.17 8.90
N THR L 45 -0.66 -85.91 9.19
CA THR L 45 0.54 -85.23 8.72
C THR L 45 1.32 -84.78 9.95
N THR L 46 2.47 -84.17 9.74
CA THR L 46 3.27 -83.67 10.85
C THR L 46 2.88 -82.27 11.27
N THR L 47 2.06 -81.57 10.49
CA THR L 47 1.59 -80.26 10.88
C THR L 47 0.58 -80.34 12.02
N TRP L 48 -0.03 -81.51 12.23
CA TRP L 48 -0.98 -81.70 13.33
C TRP L 48 -0.36 -81.42 14.69
N ILE L 49 0.96 -81.61 14.81
CA ILE L 49 1.66 -81.17 16.00
C ILE L 49 1.63 -79.64 16.09
N TRP L 50 1.93 -78.95 14.99
CA TRP L 50 1.84 -77.51 14.98
C TRP L 50 0.40 -77.02 14.92
N ASN L 51 -0.50 -77.82 14.34
CA ASN L 51 -1.92 -77.51 14.49
C ASN L 51 -2.38 -77.66 15.94
N LEU L 52 -1.84 -78.61 16.68
CA LEU L 52 -2.17 -78.74 18.09
C LEU L 52 -1.62 -77.59 18.90
N HIS L 53 -0.29 -77.44 18.91
CA HIS L 53 0.42 -76.61 19.88
C HIS L 53 0.18 -75.11 19.70
N ALA L 54 -0.48 -74.69 18.63
CA ALA L 54 -0.90 -73.31 18.52
C ALA L 54 -2.15 -73.05 19.35
N ASP L 55 -3.22 -73.80 19.08
CA ASP L 55 -4.54 -73.48 19.58
C ASP L 55 -4.86 -74.27 20.84
N VAL L 56 -3.85 -74.49 21.68
CA VAL L 56 -4.10 -75.09 22.98
C VAL L 56 -4.83 -74.14 23.90
N HIS L 57 -4.18 -73.01 24.21
CA HIS L 57 -4.76 -72.01 25.10
C HIS L 57 -5.57 -70.99 24.34
N ASP L 58 -6.10 -71.37 23.19
CA ASP L 58 -7.02 -70.55 22.41
C ASP L 58 -8.40 -71.08 22.72
N PHE L 59 -9.02 -70.50 23.73
CA PHE L 59 -10.10 -71.20 24.40
C PHE L 59 -11.43 -71.07 23.69
N ASP L 60 -11.67 -70.01 22.94
CA ASP L 60 -12.92 -69.92 22.22
C ASP L 60 -12.79 -70.46 20.81
N SER L 61 -11.66 -71.06 20.47
CA SER L 61 -11.51 -71.68 19.15
C SER L 61 -12.35 -72.93 19.03
N TYR L 62 -12.44 -73.70 20.12
CA TYR L 62 -13.24 -74.92 20.14
C TYR L 62 -14.49 -74.79 21.02
N THR L 63 -14.37 -74.20 22.19
CA THR L 63 -15.49 -74.11 23.12
C THR L 63 -16.47 -73.06 22.61
N SER L 64 -17.76 -73.41 22.61
CA SER L 64 -18.82 -72.48 22.22
C SER L 64 -19.49 -71.86 23.43
N ASP L 65 -19.28 -72.42 24.62
CA ASP L 65 -20.01 -72.05 25.82
C ASP L 65 -19.30 -70.88 26.47
N LEU L 66 -19.97 -69.72 26.50
CA LEU L 66 -19.39 -68.51 27.06
C LEU L 66 -19.15 -68.64 28.57
N GLU L 67 -19.95 -69.45 29.25
CA GLU L 67 -19.72 -69.72 30.66
C GLU L 67 -18.56 -70.69 30.86
N GLU L 68 -18.50 -71.76 30.07
CA GLU L 68 -17.45 -72.76 30.26
C GLU L 68 -16.10 -72.25 29.78
N VAL L 69 -16.09 -71.39 28.76
CA VAL L 69 -14.83 -70.83 28.27
C VAL L 69 -14.26 -69.87 29.30
N SER L 70 -15.11 -69.31 30.17
CA SER L 70 -14.65 -68.41 31.21
C SER L 70 -14.09 -69.18 32.40
N ARG L 71 -14.64 -70.36 32.68
CA ARG L 71 -14.21 -71.13 33.84
C ARG L 71 -12.82 -71.70 33.62
N LYS L 72 -12.44 -71.94 32.37
CA LYS L 72 -11.08 -72.34 32.07
C LYS L 72 -10.11 -71.21 32.35
N ILE L 73 -10.52 -69.98 32.01
CA ILE L 73 -9.64 -68.82 32.15
C ILE L 73 -9.45 -68.48 33.62
N PHE L 74 -10.52 -68.54 34.40
CA PHE L 74 -10.45 -68.32 35.85
C PHE L 74 -9.58 -69.37 36.52
N SER L 75 -9.55 -70.59 35.99
CA SER L 75 -8.66 -71.59 36.58
C SER L 75 -7.21 -71.35 36.18
N ALA L 76 -6.99 -71.04 34.91
CA ALA L 76 -5.62 -70.97 34.38
C ALA L 76 -4.86 -69.79 34.94
N HIS L 77 -5.56 -68.74 35.35
CA HIS L 77 -4.89 -67.61 36.00
C HIS L 77 -4.30 -68.00 37.32
N PHE L 78 -4.95 -68.92 38.05
CA PHE L 78 -4.43 -69.40 39.31
C PHE L 78 -3.12 -70.15 39.09
N GLY L 79 -3.07 -70.96 38.03
CA GLY L 79 -1.83 -71.61 37.66
C GLY L 79 -0.77 -70.62 37.25
N HIS L 80 -1.15 -69.55 36.56
CA HIS L 80 -0.18 -68.52 36.28
C HIS L 80 0.18 -67.74 37.52
N LEU L 81 -0.72 -67.67 38.49
CA LEU L 81 -0.34 -67.10 39.78
C LEU L 81 0.64 -68.01 40.50
N ALA L 82 0.55 -69.32 40.26
CA ALA L 82 1.45 -70.25 40.90
C ALA L 82 2.86 -70.13 40.35
N VAL L 83 3.00 -70.06 39.03
CA VAL L 83 4.31 -70.15 38.41
C VAL L 83 5.16 -68.90 38.67
N VAL L 84 4.53 -67.75 38.90
CA VAL L 84 5.26 -66.59 39.40
C VAL L 84 5.75 -66.85 40.81
N PHE L 85 4.89 -67.43 41.66
CA PHE L 85 5.25 -67.73 43.04
C PHE L 85 6.36 -68.77 43.12
N ILE L 86 6.35 -69.76 42.21
CA ILE L 86 7.49 -70.65 42.08
C ILE L 86 8.72 -69.87 41.65
N TRP L 87 8.55 -68.97 40.69
CA TRP L 87 9.67 -68.18 40.22
C TRP L 87 10.11 -67.16 41.25
N LEU L 88 9.16 -66.61 42.01
CA LEU L 88 9.53 -65.70 43.08
C LEU L 88 10.33 -66.40 44.16
N SER L 89 9.90 -67.59 44.58
CA SER L 89 10.65 -68.38 45.55
C SER L 89 12.03 -68.73 45.02
N GLY L 90 12.15 -68.97 43.72
CA GLY L 90 13.45 -69.17 43.08
C GLY L 90 14.36 -67.98 43.20
N ALA L 91 13.83 -66.78 43.18
CA ALA L 91 14.65 -65.63 43.51
C ALA L 91 14.95 -65.57 44.99
N TYR L 92 13.96 -65.84 45.83
CA TYR L 92 14.12 -65.73 47.27
C TYR L 92 14.97 -66.85 47.85
N PHE L 93 14.90 -68.06 47.27
CA PHE L 93 15.73 -69.16 47.75
C PHE L 93 17.19 -68.93 47.40
N HIS L 94 17.45 -68.60 46.14
CA HIS L 94 18.81 -68.34 45.67
C HIS L 94 19.38 -67.06 46.29
N GLY L 95 18.54 -66.21 46.86
CA GLY L 95 19.04 -65.04 47.56
C GLY L 95 19.67 -65.34 48.89
N ALA L 96 19.38 -66.50 49.47
CA ALA L 96 19.96 -66.82 50.77
C ALA L 96 21.21 -67.70 50.63
N ARG L 97 21.06 -68.85 50.00
CA ARG L 97 22.16 -69.80 49.94
C ARG L 97 23.23 -69.37 48.95
N PHE L 98 22.85 -69.08 47.71
CA PHE L 98 23.81 -68.85 46.66
C PHE L 98 23.99 -67.36 46.36
N SER L 99 24.00 -66.53 47.39
CA SER L 99 24.20 -65.11 47.19
C SER L 99 25.17 -64.57 48.22
N ASN L 100 25.75 -63.43 47.90
CA ASN L 100 26.60 -62.67 48.80
C ASN L 100 25.83 -61.56 49.47
N TYR L 101 24.56 -61.82 49.79
CA TYR L 101 23.66 -60.80 50.25
C TYR L 101 24.02 -60.28 51.63
N GLU L 102 24.34 -61.19 52.56
CA GLU L 102 24.69 -60.77 53.91
C GLU L 102 25.99 -59.98 53.91
N ALA L 103 26.91 -60.33 53.03
CA ALA L 103 28.10 -59.52 52.86
C ALA L 103 27.80 -58.21 52.17
N TRP L 104 26.78 -58.17 51.30
CA TRP L 104 26.51 -56.95 50.56
C TRP L 104 25.88 -55.88 51.45
N LEU L 105 25.17 -56.28 52.50
CA LEU L 105 24.61 -55.29 53.41
C LEU L 105 25.68 -54.62 54.26
N SER L 106 26.83 -55.26 54.43
CA SER L 106 27.94 -54.62 55.10
C SER L 106 28.56 -53.52 54.25
N ASN L 107 28.60 -53.73 52.93
CA ASN L 107 29.25 -52.80 52.01
C ASN L 107 28.45 -52.79 50.72
N PRO L 108 27.61 -51.77 50.52
CA PRO L 108 26.78 -51.73 49.32
C PRO L 108 27.45 -51.06 48.12
N THR L 109 28.62 -50.46 48.31
CA THR L 109 29.19 -49.61 47.27
C THR L 109 30.09 -50.39 46.32
N THR L 110 30.91 -51.32 46.82
CA THR L 110 31.90 -51.96 45.97
C THR L 110 31.44 -53.33 45.48
N ILE L 111 30.91 -54.16 46.38
CA ILE L 111 30.58 -55.55 46.04
C ILE L 111 29.36 -55.58 45.13
N LYS L 112 29.48 -56.30 44.02
CA LYS L 112 28.40 -56.45 43.08
C LYS L 112 27.43 -57.53 43.55
N PRO L 113 26.13 -57.32 43.34
CA PRO L 113 25.13 -58.35 43.69
C PRO L 113 25.32 -59.61 42.87
N SER L 114 25.55 -60.72 43.54
CA SER L 114 25.84 -61.96 42.83
C SER L 114 24.91 -63.07 43.31
N ALA L 115 24.31 -63.76 42.35
CA ALA L 115 23.59 -64.99 42.57
C ALA L 115 23.77 -65.85 41.34
N GLN L 116 23.09 -67.00 41.32
CA GLN L 116 23.22 -68.03 40.28
C GLN L 116 24.69 -68.47 40.14
N VAL L 117 25.17 -69.12 41.21
CA VAL L 117 26.52 -69.64 41.22
C VAL L 117 26.59 -70.81 40.25
N VAL L 118 27.69 -70.93 39.53
CA VAL L 118 27.86 -71.95 38.50
C VAL L 118 28.54 -73.16 39.14
N TRP L 119 28.16 -74.34 38.66
CA TRP L 119 28.77 -75.58 39.13
C TRP L 119 30.19 -75.72 38.61
N PRO L 120 31.10 -76.38 39.36
CA PRO L 120 32.51 -76.46 38.92
C PRO L 120 32.77 -77.54 37.88
N ILE L 121 32.44 -77.23 36.63
CA ILE L 121 32.45 -78.22 35.56
C ILE L 121 33.14 -77.57 34.36
N VAL L 122 33.00 -78.14 33.16
CA VAL L 122 33.90 -78.13 32.00
C VAL L 122 34.46 -76.79 31.52
N GLY L 123 34.21 -75.70 32.23
CA GLY L 123 34.88 -74.47 31.91
C GLY L 123 34.03 -73.27 32.23
N GLN L 124 32.82 -73.51 32.69
CA GLN L 124 31.96 -72.43 33.14
C GLN L 124 32.28 -71.96 34.55
N GLU L 125 33.33 -72.48 35.17
CA GLU L 125 33.73 -72.07 36.50
C GLU L 125 34.58 -70.80 36.50
N ILE L 126 34.82 -70.20 35.33
CA ILE L 126 35.35 -68.85 35.27
C ILE L 126 34.22 -67.82 35.29
N LEU L 127 32.97 -68.28 35.14
CA LEU L 127 31.83 -67.38 35.31
C LEU L 127 31.55 -67.09 36.78
N ASN L 128 32.15 -67.84 37.70
CA ASN L 128 32.09 -67.50 39.11
C ASN L 128 33.27 -66.62 39.45
N GLY L 129 33.31 -65.40 38.91
CA GLY L 129 34.48 -64.55 39.04
C GLY L 129 34.62 -63.91 40.40
N ASP L 130 35.69 -63.12 40.54
CA ASP L 130 35.98 -62.41 41.79
C ASP L 130 35.03 -61.23 41.97
N VAL L 131 33.83 -61.51 42.45
CA VAL L 131 32.79 -60.50 42.56
C VAL L 131 32.89 -59.69 43.86
N GLY L 132 33.36 -60.28 44.94
CA GLY L 132 33.51 -59.55 46.19
C GLY L 132 33.16 -60.40 47.40
N GLY L 133 33.20 -59.78 48.58
CA GLY L 133 32.84 -60.48 49.81
C GLY L 133 33.80 -61.60 50.11
N GLY L 134 33.25 -62.81 50.16
CA GLY L 134 34.03 -64.02 50.16
C GLY L 134 33.44 -64.96 49.15
N PHE L 135 33.01 -64.41 48.02
CA PHE L 135 32.00 -65.05 47.20
C PHE L 135 32.50 -65.22 45.78
N GLN L 136 31.94 -66.23 45.09
CA GLN L 136 32.19 -66.42 43.66
C GLN L 136 30.86 -66.76 43.00
N GLY L 137 30.47 -65.94 42.03
CA GLY L 137 29.27 -66.21 41.30
C GLY L 137 29.15 -65.28 40.11
N ILE L 138 27.99 -65.33 39.47
CA ILE L 138 27.66 -64.43 38.37
C ILE L 138 27.11 -63.15 38.99
N GLN L 139 27.65 -62.02 38.57
CA GLN L 139 27.12 -60.74 39.03
C GLN L 139 25.75 -60.52 38.41
N ILE L 140 24.75 -60.38 39.23
CA ILE L 140 23.40 -60.24 38.72
C ILE L 140 23.03 -58.77 38.72
N THR L 141 22.00 -58.45 37.96
CA THR L 141 21.58 -57.08 37.75
C THR L 141 20.07 -56.93 37.86
N SER L 142 19.42 -57.79 38.63
CA SER L 142 17.97 -57.75 38.73
C SER L 142 17.48 -56.88 39.87
N GLY L 143 18.35 -56.46 40.77
CA GLY L 143 17.94 -55.54 41.82
C GLY L 143 17.17 -56.16 42.94
N LEU L 144 17.27 -57.47 43.13
CA LEU L 144 16.61 -58.07 44.28
C LEU L 144 17.33 -57.69 45.57
N PHE L 145 18.63 -57.43 45.49
CA PHE L 145 19.40 -57.03 46.66
C PHE L 145 18.94 -55.69 47.19
N GLN L 146 18.64 -54.75 46.29
CA GLN L 146 18.11 -53.46 46.68
C GLN L 146 16.62 -53.51 46.91
N MET L 147 15.96 -54.59 46.50
CA MET L 147 14.56 -54.76 46.83
C MET L 147 14.40 -55.49 48.15
N TRP L 148 15.42 -56.23 48.57
CA TRP L 148 15.39 -56.84 49.89
C TRP L 148 15.99 -55.91 50.93
N ARG L 149 16.92 -55.05 50.54
CA ARG L 149 17.41 -54.02 51.45
C ARG L 149 16.34 -52.98 51.72
N ALA L 150 15.50 -52.71 50.71
CA ALA L 150 14.36 -51.82 50.92
C ALA L 150 13.31 -52.48 51.78
N SER L 151 13.10 -53.79 51.61
CA SER L 151 12.05 -54.49 52.34
C SER L 151 12.40 -54.68 53.80
N GLY L 152 13.65 -54.46 54.17
CA GLY L 152 14.07 -54.57 55.55
C GLY L 152 14.80 -55.85 55.89
N ILE L 153 15.13 -56.67 54.89
CA ILE L 153 15.77 -57.95 55.15
C ILE L 153 17.20 -57.73 55.61
N THR L 154 17.55 -58.29 56.76
CA THR L 154 18.90 -58.20 57.27
C THR L 154 19.62 -59.55 57.32
N THR L 155 18.97 -60.60 57.79
CA THR L 155 19.57 -61.92 57.89
C THR L 155 19.24 -62.70 56.64
N GLU L 156 19.98 -63.78 56.43
CA GLU L 156 19.68 -64.65 55.30
C GLU L 156 18.64 -65.70 55.61
N LEU L 157 18.26 -65.87 56.88
CA LEU L 157 17.16 -66.76 57.21
C LEU L 157 15.85 -66.22 56.65
N GLN L 158 15.68 -64.91 56.64
CA GLN L 158 14.44 -64.30 56.17
C GLN L 158 14.21 -64.57 54.70
N LEU L 159 15.29 -64.66 53.91
CA LEU L 159 15.15 -65.02 52.51
C LEU L 159 14.76 -66.47 52.33
N TYR L 160 15.15 -67.35 53.24
CA TYR L 160 14.77 -68.76 53.14
C TYR L 160 13.28 -68.94 53.41
N VAL L 161 12.77 -68.31 54.48
CA VAL L 161 11.41 -68.59 54.91
C VAL L 161 10.40 -67.95 53.94
N THR L 162 10.80 -66.89 53.25
CA THR L 162 10.00 -66.38 52.14
C THR L 162 9.84 -67.40 51.03
N ALA L 163 10.90 -68.13 50.70
CA ALA L 163 10.85 -69.05 49.57
C ALA L 163 9.88 -70.19 49.82
N ILE L 164 10.00 -70.83 50.99
CA ILE L 164 8.99 -71.80 51.40
C ILE L 164 7.65 -71.10 51.63
N GLY L 165 7.68 -69.90 52.21
CA GLY L 165 6.48 -69.09 52.31
C GLY L 165 5.88 -68.69 50.98
N ALA L 166 6.70 -68.61 49.93
CA ALA L 166 6.15 -68.47 48.59
C ALA L 166 5.75 -69.81 48.01
N LEU L 167 6.51 -70.86 48.32
CA LEU L 167 6.25 -72.18 47.74
C LEU L 167 4.94 -72.76 48.27
N VAL L 168 4.60 -72.45 49.51
CA VAL L 168 3.30 -72.86 49.99
C VAL L 168 2.20 -72.03 49.34
N MET L 169 2.47 -70.75 49.06
CA MET L 169 1.51 -69.96 48.29
C MET L 169 1.51 -70.38 46.82
N ALA L 170 2.67 -70.83 46.32
CA ALA L 170 2.72 -71.44 45.00
C ALA L 170 1.86 -72.69 44.93
N ALA L 171 1.92 -73.52 45.98
CA ALA L 171 1.07 -74.70 46.03
C ALA L 171 -0.38 -74.35 46.30
N LEU L 172 -0.62 -73.32 47.11
CA LEU L 172 -1.99 -72.92 47.42
C LEU L 172 -2.69 -72.33 46.22
N MET L 173 -1.95 -71.65 45.35
CA MET L 173 -2.54 -71.09 44.14
C MET L 173 -2.89 -72.18 43.15
N LEU L 174 -2.04 -73.21 43.06
CA LEU L 174 -2.26 -74.27 42.09
C LEU L 174 -3.41 -75.16 42.52
N PHE L 175 -3.58 -75.37 43.82
CA PHE L 175 -4.74 -76.09 44.32
C PHE L 175 -6.01 -75.28 44.11
N ALA L 176 -5.93 -73.96 44.21
CA ALA L 176 -7.11 -73.12 44.04
C ALA L 176 -7.60 -73.13 42.60
N GLY L 177 -6.70 -73.31 41.64
CA GLY L 177 -7.13 -73.49 40.26
C GLY L 177 -7.80 -74.82 40.04
N TRP L 178 -7.40 -75.83 40.80
CA TRP L 178 -8.12 -77.09 40.77
C TRP L 178 -9.47 -76.95 41.44
N PHE L 179 -9.51 -76.21 42.55
CA PHE L 179 -10.72 -76.11 43.36
C PHE L 179 -11.81 -75.34 42.64
N HIS L 180 -11.46 -74.48 41.70
CA HIS L 180 -12.46 -73.61 41.12
C HIS L 180 -12.86 -74.01 39.71
N TYR L 181 -12.25 -75.04 39.14
CA TYR L 181 -12.73 -75.61 37.88
C TYR L 181 -13.12 -77.07 38.01
N HIS L 182 -12.27 -77.90 38.61
CA HIS L 182 -12.56 -79.31 38.75
C HIS L 182 -13.47 -79.58 39.94
N LYS L 183 -13.63 -78.62 40.85
CA LYS L 183 -14.39 -78.85 42.07
C LYS L 183 -15.60 -77.92 42.18
N ALA L 184 -15.39 -76.61 42.04
CA ALA L 184 -16.43 -75.62 42.26
C ALA L 184 -16.39 -74.60 41.13
N ALA L 185 -17.09 -74.87 40.05
CA ALA L 185 -16.98 -73.96 38.92
C ALA L 185 -18.00 -72.84 39.03
N PRO L 186 -17.57 -71.58 39.00
CA PRO L 186 -18.53 -70.48 39.07
C PRO L 186 -19.31 -70.35 37.77
N LYS L 187 -20.38 -69.55 37.82
CA LYS L 187 -21.22 -69.38 36.66
C LYS L 187 -20.98 -68.03 36.00
N LEU L 188 -21.70 -67.78 34.90
CA LEU L 188 -21.43 -66.61 34.09
C LEU L 188 -22.05 -65.35 34.70
N GLU L 189 -23.16 -65.50 35.42
CA GLU L 189 -23.75 -64.35 36.08
C GLU L 189 -22.90 -63.87 37.24
N TRP L 190 -22.05 -64.73 37.79
CA TRP L 190 -21.05 -64.30 38.75
C TRP L 190 -19.91 -63.60 38.06
N PHE L 191 -19.46 -64.13 36.92
CA PHE L 191 -18.38 -63.55 36.14
C PHE L 191 -18.72 -62.16 35.62
N GLN L 192 -19.95 -61.96 35.15
CA GLN L 192 -20.33 -60.69 34.52
C GLN L 192 -20.51 -59.55 35.52
N ASN L 193 -20.38 -59.78 36.82
CA ASN L 193 -20.57 -58.71 37.79
C ASN L 193 -19.29 -57.89 37.87
N ALA L 194 -19.14 -57.00 36.90
CA ALA L 194 -17.94 -56.18 36.80
C ALA L 194 -17.91 -55.07 37.84
N GLU L 195 -19.07 -54.57 38.25
CA GLU L 195 -19.12 -53.46 39.18
C GLU L 195 -18.70 -53.90 40.57
N SER L 196 -19.15 -55.08 41.00
CA SER L 196 -18.69 -55.62 42.26
C SER L 196 -17.24 -56.08 42.17
N MET L 197 -16.78 -56.38 40.96
CA MET L 197 -15.41 -56.80 40.76
C MET L 197 -14.45 -55.62 40.86
N MET L 198 -14.87 -54.46 40.34
CA MET L 198 -14.05 -53.27 40.47
C MET L 198 -14.04 -52.78 41.90
N ASN L 199 -15.13 -52.99 42.63
CA ASN L 199 -15.22 -52.56 44.03
C ASN L 199 -14.20 -53.30 44.88
N HIS L 200 -14.03 -54.59 44.62
CA HIS L 200 -13.08 -55.38 45.40
C HIS L 200 -11.67 -55.19 44.92
N HIS L 201 -11.46 -55.19 43.61
CA HIS L 201 -10.10 -55.13 43.09
C HIS L 201 -9.45 -53.78 43.38
N LEU L 202 -10.25 -52.72 43.40
CA LEU L 202 -9.76 -51.45 43.93
C LEU L 202 -9.69 -51.49 45.44
N GLY L 203 -10.73 -52.02 46.09
CA GLY L 203 -10.79 -52.07 47.52
C GLY L 203 -9.83 -53.06 48.14
N GLY L 204 -10.03 -54.34 47.90
CA GLY L 204 -9.22 -55.36 48.53
C GLY L 204 -7.82 -55.43 47.98
N LEU L 205 -7.69 -55.57 46.67
CA LEU L 205 -6.37 -55.76 46.08
C LEU L 205 -5.57 -54.47 46.06
N PHE L 206 -6.18 -53.37 45.65
CA PHE L 206 -5.42 -52.14 45.47
C PHE L 206 -5.49 -51.20 46.65
N GLY L 207 -6.61 -51.14 47.35
CA GLY L 207 -6.67 -50.34 48.56
C GLY L 207 -5.84 -50.94 49.67
N LEU L 208 -6.15 -52.18 50.03
CA LEU L 208 -5.38 -52.86 51.07
C LEU L 208 -4.06 -53.39 50.55
N GLY L 209 -3.74 -53.18 49.28
CA GLY L 209 -2.40 -53.49 48.83
C GLY L 209 -1.37 -52.54 49.41
N SER L 210 -1.51 -51.26 49.14
CA SER L 210 -0.58 -50.27 49.63
C SER L 210 -0.74 -49.99 51.11
N LEU L 211 -1.92 -50.22 51.67
CA LEU L 211 -2.12 -50.07 53.11
C LEU L 211 -1.34 -51.13 53.87
N SER L 212 -1.42 -52.37 53.41
CA SER L 212 -0.62 -53.43 53.99
C SER L 212 0.86 -53.22 53.75
N TRP L 213 1.24 -52.68 52.59
CA TRP L 213 2.63 -52.32 52.42
C TRP L 213 2.99 -51.09 53.22
N ALA L 214 2.03 -50.20 53.47
CA ALA L 214 2.27 -49.19 54.49
C ALA L 214 2.38 -49.85 55.85
N GLY L 215 1.58 -50.90 56.08
CA GLY L 215 1.69 -51.64 57.33
C GLY L 215 3.00 -52.39 57.45
N HIS L 216 3.61 -52.75 56.33
CA HIS L 216 4.95 -53.29 56.40
C HIS L 216 5.96 -52.17 56.61
N GLN L 217 5.95 -51.16 55.73
CA GLN L 217 7.09 -50.27 55.58
C GLN L 217 7.32 -49.39 56.80
N ILE L 218 6.25 -49.00 57.50
CA ILE L 218 6.43 -48.21 58.71
C ILE L 218 7.00 -49.04 59.85
N HIS L 219 6.40 -50.17 60.16
CA HIS L 219 6.85 -50.93 61.32
C HIS L 219 8.10 -51.76 61.06
N VAL L 220 8.42 -52.07 59.81
CA VAL L 220 9.53 -52.97 59.48
C VAL L 220 10.63 -52.27 58.70
N SER L 221 10.29 -51.71 57.54
CA SER L 221 11.33 -51.20 56.64
C SER L 221 11.93 -49.90 57.16
N LEU L 222 11.07 -48.94 57.54
CA LEU L 222 11.54 -47.65 58.05
C LEU L 222 12.50 -47.67 59.24
N PRO L 223 12.38 -48.53 60.26
CA PRO L 223 13.43 -48.51 61.29
C PRO L 223 14.76 -49.02 60.79
N VAL L 224 14.77 -50.20 60.17
CA VAL L 224 16.03 -50.87 59.87
C VAL L 224 16.71 -50.28 58.64
N ASN L 225 16.00 -49.46 57.86
CA ASN L 225 16.65 -48.73 56.79
C ASN L 225 17.07 -47.35 57.20
N LYS L 226 16.45 -46.77 58.23
CA LYS L 226 16.97 -45.54 58.79
C LYS L 226 18.25 -45.80 59.58
N LEU L 227 18.33 -46.96 60.24
CA LEU L 227 19.56 -47.33 60.94
C LEU L 227 20.71 -47.60 59.98
N LEU L 228 20.45 -48.23 58.84
CA LEU L 228 21.51 -48.53 57.89
C LEU L 228 21.97 -47.29 57.12
N ASP L 229 21.20 -46.21 57.14
CA ASP L 229 21.74 -44.93 56.68
C ASP L 229 22.80 -44.39 57.63
N SER L 230 22.53 -44.46 58.93
CA SER L 230 23.60 -44.32 59.89
C SER L 230 24.57 -45.47 59.79
N GLY L 231 24.07 -46.66 59.47
CA GLY L 231 24.91 -47.82 59.22
C GLY L 231 25.64 -48.31 60.44
N VAL L 232 24.90 -48.72 61.47
CA VAL L 232 25.53 -49.24 62.67
C VAL L 232 26.16 -50.60 62.40
N SER L 233 25.33 -51.60 62.03
CA SER L 233 25.72 -52.90 61.49
C SER L 233 24.46 -53.64 61.04
N PRO L 234 24.57 -54.47 60.01
CA PRO L 234 23.50 -55.44 59.72
C PRO L 234 23.18 -56.38 60.88
N GLN L 235 24.17 -56.84 61.64
CA GLN L 235 23.89 -57.69 62.79
C GLN L 235 23.32 -56.92 63.97
N GLU L 236 23.78 -55.68 64.16
CA GLU L 236 23.40 -54.89 65.31
C GLU L 236 22.11 -54.12 65.09
N ILE L 237 21.48 -54.28 63.93
CA ILE L 237 20.09 -53.83 63.78
C ILE L 237 19.16 -54.88 64.37
N PRO L 238 18.17 -54.48 65.18
CA PRO L 238 17.27 -55.46 65.78
C PRO L 238 16.36 -56.10 64.74
N LEU L 239 15.84 -57.27 65.10
CA LEU L 239 14.96 -58.02 64.21
C LEU L 239 13.64 -57.27 63.99
N PRO L 240 12.98 -57.50 62.84
CA PRO L 240 11.78 -56.71 62.51
C PRO L 240 10.59 -56.92 63.42
N HIS L 241 10.47 -58.06 64.10
CA HIS L 241 9.37 -58.22 65.04
C HIS L 241 9.61 -57.49 66.36
N GLU L 242 10.86 -57.11 66.63
CA GLU L 242 11.21 -56.43 67.87
C GLU L 242 10.76 -54.98 67.90
N PHE L 243 10.35 -54.41 66.77
CA PHE L 243 9.86 -53.04 66.74
C PHE L 243 8.37 -52.95 66.96
N ILE L 244 7.69 -54.08 67.11
CA ILE L 244 6.30 -54.10 67.54
C ILE L 244 6.19 -54.48 69.01
N LEU L 245 7.03 -55.42 69.45
CA LEU L 245 7.07 -55.80 70.86
C LEU L 245 7.57 -54.65 71.71
N ASN L 246 8.78 -54.18 71.45
CA ASN L 246 9.37 -53.14 72.28
C ASN L 246 8.82 -51.79 71.85
N LYS L 247 8.17 -51.10 72.78
CA LYS L 247 7.66 -49.77 72.52
C LYS L 247 8.73 -48.70 72.62
N ASP L 248 9.74 -48.92 73.45
CA ASP L 248 10.81 -47.95 73.65
C ASP L 248 11.85 -48.00 72.54
N LEU L 249 12.10 -49.18 71.97
CA LEU L 249 13.17 -49.34 70.99
C LEU L 249 12.86 -48.61 69.70
N ILE L 250 11.59 -48.67 69.27
CA ILE L 250 11.19 -47.99 68.05
C ILE L 250 11.10 -46.48 68.25
N ALA L 251 10.57 -46.02 69.38
CA ALA L 251 10.34 -44.60 69.58
C ALA L 251 11.61 -43.83 69.92
N GLN L 252 12.77 -44.49 69.96
CA GLN L 252 14.04 -43.79 69.95
C GLN L 252 14.18 -42.94 68.70
N LEU L 253 13.82 -43.48 67.55
CA LEU L 253 13.91 -42.79 66.28
C LEU L 253 12.50 -42.48 65.79
N TYR L 254 12.29 -41.24 65.31
CA TYR L 254 11.02 -40.59 64.99
C TYR L 254 9.99 -40.86 66.08
N PRO L 255 10.05 -40.12 67.17
CA PRO L 255 9.45 -40.59 68.42
C PRO L 255 7.95 -40.39 68.56
N SER L 256 7.17 -40.71 67.53
CA SER L 256 5.73 -40.50 67.60
C SER L 256 5.02 -41.73 68.10
N PHE L 257 5.71 -42.87 68.20
CA PHE L 257 5.11 -44.09 68.67
C PHE L 257 4.84 -44.08 70.17
N GLY L 258 5.51 -43.19 70.90
CA GLY L 258 5.10 -42.93 72.26
C GLY L 258 3.74 -42.29 72.37
N GLN L 259 3.35 -41.52 71.37
CA GLN L 259 1.98 -41.04 71.28
C GLN L 259 1.03 -42.09 70.73
N GLY L 260 1.55 -43.18 70.15
CA GLY L 260 0.72 -44.29 69.77
C GLY L 260 -0.18 -43.96 68.60
N LEU L 261 -1.33 -44.62 68.57
CA LEU L 261 -2.37 -44.32 67.60
C LEU L 261 -3.26 -43.17 68.04
N THR L 262 -2.97 -42.52 69.15
CA THR L 262 -3.84 -41.48 69.67
C THR L 262 -3.85 -40.17 68.89
N PRO L 263 -2.76 -39.69 68.25
CA PRO L 263 -2.95 -38.60 67.29
C PRO L 263 -3.71 -39.03 66.04
N PHE L 264 -3.64 -40.30 65.68
CA PHE L 264 -4.39 -40.81 64.54
C PHE L 264 -5.86 -40.92 64.84
N PHE L 265 -6.24 -40.95 66.11
CA PHE L 265 -7.64 -41.14 66.44
C PHE L 265 -8.30 -39.91 67.04
N THR L 266 -7.61 -38.80 67.13
CA THR L 266 -8.27 -37.54 67.43
C THR L 266 -8.19 -36.58 66.24
N LEU L 267 -7.79 -37.08 65.07
CA LEU L 267 -7.58 -36.34 63.83
C LEU L 267 -6.51 -35.27 63.95
N ASN L 268 -5.57 -35.42 64.89
CA ASN L 268 -4.41 -34.55 64.96
C ASN L 268 -3.23 -35.25 64.28
N TRP L 269 -3.31 -35.29 62.95
CA TRP L 269 -2.40 -36.10 62.17
C TRP L 269 -1.03 -35.47 61.97
N ASN L 270 -0.86 -34.20 62.32
CA ASN L 270 0.43 -33.53 62.12
C ASN L 270 1.48 -34.00 63.11
N GLU L 271 1.10 -34.82 64.08
CA GLU L 271 2.08 -35.37 65.01
C GLU L 271 2.88 -36.50 64.39
N TYR L 272 2.51 -36.95 63.20
CA TYR L 272 3.30 -37.92 62.48
C TYR L 272 4.10 -37.28 61.36
N SER L 273 4.64 -36.09 61.59
CA SER L 273 5.47 -35.37 60.64
C SER L 273 6.91 -35.85 60.62
N ASP L 274 7.16 -37.04 61.17
CA ASP L 274 8.50 -37.56 61.37
C ASP L 274 8.79 -38.83 60.61
N PHE L 275 7.81 -39.71 60.42
CA PHE L 275 7.99 -40.90 59.62
C PHE L 275 7.05 -40.93 58.42
N LEU L 276 5.95 -40.19 58.46
CA LEU L 276 4.95 -40.15 57.40
C LEU L 276 5.03 -38.75 56.83
N THR L 277 5.97 -38.54 55.92
CA THR L 277 6.40 -37.20 55.57
C THR L 277 6.27 -36.95 54.08
N PHE L 278 6.80 -35.79 53.67
CA PHE L 278 6.85 -35.34 52.29
C PHE L 278 8.21 -34.77 51.99
N LYS L 279 9.26 -35.54 52.31
CA LYS L 279 10.62 -35.09 52.09
C LYS L 279 10.88 -34.79 50.62
N GLY L 280 10.75 -35.79 49.76
CA GLY L 280 10.75 -35.54 48.34
C GLY L 280 12.08 -35.14 47.75
N GLY L 281 13.02 -36.07 47.73
CA GLY L 281 14.28 -35.85 47.04
C GLY L 281 14.92 -37.18 46.78
N LEU L 282 16.23 -37.23 46.99
CA LEU L 282 16.93 -38.49 47.13
C LEU L 282 17.57 -38.52 48.50
N ASN L 283 17.51 -39.68 49.13
CA ASN L 283 18.24 -39.90 50.37
C ASN L 283 19.73 -39.88 50.08
N PRO L 284 20.45 -38.84 50.50
CA PRO L 284 21.78 -38.55 49.93
C PRO L 284 22.86 -39.56 50.31
N VAL L 285 22.66 -40.32 51.39
CA VAL L 285 23.55 -41.43 51.70
C VAL L 285 23.30 -42.63 50.78
N THR L 286 22.05 -42.89 50.38
CA THR L 286 21.72 -44.08 49.62
C THR L 286 21.29 -43.80 48.19
N GLY L 287 20.94 -42.56 47.86
CA GLY L 287 20.56 -42.22 46.50
C GLY L 287 19.16 -42.62 46.13
N GLY L 288 18.43 -43.27 47.02
CA GLY L 288 17.08 -43.71 46.75
C GLY L 288 16.06 -42.74 47.28
N LEU L 289 14.80 -43.05 46.99
CA LEU L 289 13.70 -42.28 47.55
C LEU L 289 13.63 -42.47 49.05
N TRP L 290 13.28 -41.39 49.74
CA TRP L 290 13.07 -41.45 51.17
C TRP L 290 11.90 -42.38 51.48
N LEU L 291 12.18 -43.46 52.23
CA LEU L 291 11.15 -44.45 52.51
C LEU L 291 10.08 -43.92 53.44
N SER L 292 10.36 -42.82 54.14
CA SER L 292 9.31 -42.09 54.82
C SER L 292 8.24 -41.61 53.86
N ASP L 293 8.65 -41.11 52.70
CA ASP L 293 7.70 -40.62 51.71
C ASP L 293 6.87 -41.75 51.13
N SER L 294 7.53 -42.87 50.81
CA SER L 294 6.82 -44.01 50.23
C SER L 294 5.88 -44.66 51.23
N ALA L 295 6.13 -44.46 52.52
CA ALA L 295 5.14 -44.84 53.52
C ALA L 295 3.95 -43.91 53.48
N HIS L 296 4.19 -42.61 53.32
CA HIS L 296 3.09 -41.66 53.18
C HIS L 296 2.45 -41.78 51.82
N HIS L 297 3.22 -42.19 50.81
CA HIS L 297 2.69 -42.43 49.48
C HIS L 297 1.67 -43.54 49.51
N HIS L 298 2.10 -44.73 49.93
CA HIS L 298 1.23 -45.89 50.00
C HIS L 298 0.11 -45.71 51.01
N LEU L 299 0.25 -44.80 51.96
CA LEU L 299 -0.88 -44.48 52.81
C LEU L 299 -1.90 -43.62 52.08
N ALA L 300 -1.42 -42.66 51.29
CA ALA L 300 -2.35 -41.86 50.51
C ALA L 300 -2.93 -42.66 49.36
N ILE L 301 -2.16 -43.59 48.81
CA ILE L 301 -2.67 -44.52 47.82
C ILE L 301 -3.70 -45.45 48.44
N ALA L 302 -3.54 -45.77 49.73
CA ALA L 302 -4.49 -46.63 50.42
C ALA L 302 -5.86 -46.00 50.50
N VAL L 303 -5.92 -44.77 51.00
CA VAL L 303 -7.20 -44.12 51.20
C VAL L 303 -7.81 -43.70 49.88
N LEU L 304 -6.97 -43.35 48.90
CA LEU L 304 -7.49 -43.01 47.59
C LEU L 304 -8.10 -44.22 46.88
N PHE L 305 -7.48 -45.39 47.00
CA PHE L 305 -8.03 -46.57 46.34
C PHE L 305 -9.20 -47.18 47.10
N ILE L 306 -9.22 -47.05 48.42
CA ILE L 306 -10.35 -47.56 49.18
C ILE L 306 -11.59 -46.74 48.92
N VAL L 307 -11.47 -45.40 48.90
CA VAL L 307 -12.62 -44.61 48.50
C VAL L 307 -12.86 -44.70 47.00
N ALA L 308 -11.91 -45.21 46.22
CA ALA L 308 -12.23 -45.51 44.84
C ALA L 308 -13.06 -46.77 44.72
N GLY L 309 -13.03 -47.63 45.71
CA GLY L 309 -13.70 -48.91 45.62
C GLY L 309 -15.09 -48.95 46.17
N HIS L 310 -15.59 -47.86 46.74
CA HIS L 310 -16.98 -47.77 47.16
C HIS L 310 -17.79 -46.98 46.17
N MET L 311 -17.52 -47.16 44.88
CA MET L 311 -18.08 -46.32 43.84
C MET L 311 -19.11 -47.04 42.97
N TYR L 312 -18.90 -48.32 42.71
CA TYR L 312 -19.76 -49.02 41.77
C TYR L 312 -20.90 -49.72 42.50
N ARG L 313 -21.95 -50.03 41.75
CA ARG L 313 -23.19 -50.52 42.34
C ARG L 313 -23.11 -52.02 42.63
N THR L 314 -23.70 -52.40 43.75
CA THR L 314 -23.73 -53.76 44.25
C THR L 314 -25.14 -53.99 44.78
N ASN L 315 -25.31 -54.99 45.64
CA ASN L 315 -26.62 -55.29 46.15
C ASN L 315 -27.02 -54.43 47.35
N TRP L 316 -26.48 -53.22 47.47
CA TRP L 316 -26.91 -52.27 48.47
C TRP L 316 -27.36 -50.96 47.84
N GLY L 317 -28.02 -51.03 46.69
CA GLY L 317 -28.72 -49.88 46.13
C GLY L 317 -27.86 -48.76 45.56
N ILE L 318 -26.93 -48.25 46.36
CA ILE L 318 -26.14 -47.09 45.97
C ILE L 318 -25.04 -47.53 45.01
N GLY L 319 -24.41 -46.54 44.38
CA GLY L 319 -23.28 -46.75 43.51
C GLY L 319 -23.55 -46.25 42.10
N HIS L 320 -22.47 -46.13 41.34
CA HIS L 320 -22.59 -45.88 39.92
C HIS L 320 -22.64 -47.20 39.18
N SER L 321 -23.61 -47.34 38.30
CA SER L 321 -23.72 -48.53 37.47
C SER L 321 -23.28 -48.18 36.05
N MET L 322 -22.41 -49.01 35.49
CA MET L 322 -21.68 -48.64 34.28
C MET L 322 -22.55 -48.67 33.04
N LYS L 323 -23.63 -49.46 33.04
CA LYS L 323 -24.56 -49.41 31.93
C LYS L 323 -25.37 -48.12 31.94
N GLU L 324 -25.47 -47.47 33.10
CA GLU L 324 -26.11 -46.16 33.21
C GLU L 324 -25.16 -45.02 32.88
N MET L 325 -23.86 -45.20 33.06
CA MET L 325 -22.92 -44.11 32.82
C MET L 325 -22.57 -43.93 31.37
N TYR L 326 -22.45 -45.02 30.63
CA TYR L 326 -22.09 -44.98 29.22
C TYR L 326 -23.20 -44.42 28.37
N ASP L 327 -24.40 -44.90 28.59
CA ASP L 327 -25.56 -44.17 28.15
C ASP L 327 -25.58 -42.83 28.86
N SER L 328 -26.04 -41.80 28.16
CA SER L 328 -25.87 -40.38 28.54
C SER L 328 -24.40 -40.01 28.79
N HIS L 329 -23.50 -40.60 28.01
CA HIS L 329 -22.24 -39.98 27.64
C HIS L 329 -22.25 -40.09 26.12
N LYS L 330 -22.96 -39.17 25.49
CA LYS L 330 -23.09 -39.16 24.04
C LYS L 330 -23.30 -37.72 23.60
N GLY L 331 -22.58 -37.33 22.54
CA GLY L 331 -22.63 -35.97 22.08
C GLY L 331 -22.99 -35.88 20.62
N PRO L 332 -23.03 -34.66 20.10
CA PRO L 332 -23.45 -34.47 18.71
C PRO L 332 -22.43 -34.93 17.69
N PHE L 333 -21.17 -35.11 18.07
CA PHE L 333 -20.18 -35.62 17.13
C PHE L 333 -19.98 -37.12 17.28
N THR L 334 -20.86 -37.79 18.01
CA THR L 334 -20.64 -39.17 18.38
C THR L 334 -21.91 -40.03 18.30
N GLY L 335 -23.05 -39.43 18.02
CA GLY L 335 -24.27 -40.20 17.85
C GLY L 335 -24.78 -40.88 19.10
N GLU L 336 -24.64 -42.20 19.15
CA GLU L 336 -25.08 -42.97 20.31
C GLU L 336 -24.08 -42.96 21.45
N GLY L 337 -22.85 -42.48 21.22
CA GLY L 337 -21.86 -42.48 22.27
C GLY L 337 -21.47 -43.88 22.67
N HIS L 338 -21.37 -44.11 23.96
CA HIS L 338 -20.90 -45.39 24.45
C HIS L 338 -22.03 -46.37 24.69
N LYS L 339 -23.12 -46.29 23.92
CA LYS L 339 -24.23 -47.23 24.02
C LYS L 339 -23.75 -48.61 23.61
N GLY L 340 -23.82 -49.56 24.53
CA GLY L 340 -23.47 -50.93 24.24
C GLY L 340 -22.03 -51.28 24.50
N VAL L 341 -21.19 -50.31 24.84
CA VAL L 341 -19.77 -50.59 25.04
C VAL L 341 -19.56 -51.28 26.39
N TYR L 342 -20.42 -51.02 27.37
CA TYR L 342 -20.46 -51.89 28.55
C TYR L 342 -20.86 -53.30 28.18
N GLU L 343 -21.78 -53.45 27.23
CA GLU L 343 -22.20 -54.78 26.82
C GLU L 343 -21.12 -55.52 26.04
N ILE L 344 -20.11 -54.82 25.56
CA ILE L 344 -18.95 -55.49 24.96
C ILE L 344 -18.10 -56.12 26.04
N PHE L 345 -17.69 -55.32 27.03
CA PHE L 345 -16.68 -55.74 27.99
C PHE L 345 -17.20 -56.70 29.06
N THR L 346 -18.48 -57.07 29.02
CA THR L 346 -18.99 -58.19 29.77
C THR L 346 -19.20 -59.43 28.90
N ASN L 347 -19.11 -59.28 27.59
CA ASN L 347 -19.44 -60.38 26.69
C ASN L 347 -18.27 -60.89 25.88
N SER L 348 -17.06 -60.37 26.08
CA SER L 348 -15.93 -60.72 25.23
C SER L 348 -14.66 -60.63 26.04
N TRP L 349 -14.01 -61.77 26.25
CA TRP L 349 -12.72 -61.80 26.92
C TRP L 349 -11.65 -61.12 26.10
N HIS L 350 -11.73 -61.23 24.77
CA HIS L 350 -10.68 -60.68 23.92
C HIS L 350 -10.69 -59.16 23.92
N ALA L 351 -11.88 -58.57 23.96
CA ALA L 351 -11.96 -57.12 24.12
C ALA L 351 -11.44 -56.69 25.48
N GLN L 352 -11.58 -57.54 26.49
CA GLN L 352 -11.04 -57.21 27.79
C GLN L 352 -9.53 -57.34 27.80
N LEU L 353 -8.99 -58.41 27.21
CA LEU L 353 -7.55 -58.64 27.23
C LEU L 353 -6.79 -57.55 26.49
N SER L 354 -7.35 -57.02 25.41
CA SER L 354 -6.66 -55.98 24.66
C SER L 354 -6.53 -54.70 25.47
N LEU L 355 -7.62 -54.27 26.10
CA LEU L 355 -7.54 -53.08 26.91
C LEU L 355 -6.79 -53.33 28.20
N ASN L 356 -6.87 -54.54 28.74
CA ASN L 356 -6.08 -54.85 29.91
C ASN L 356 -4.61 -54.91 29.58
N LEU L 357 -4.25 -55.27 28.35
CA LEU L 357 -2.85 -55.39 27.97
C LEU L 357 -2.21 -54.05 27.67
N ALA L 358 -2.96 -53.15 27.02
CA ALA L 358 -2.42 -51.87 26.59
C ALA L 358 -1.97 -51.04 27.77
N LEU L 359 -2.85 -50.86 28.73
CA LEU L 359 -2.54 -50.14 29.95
C LEU L 359 -1.73 -50.96 30.94
N PHE L 360 -1.27 -52.13 30.55
CA PHE L 360 -0.38 -52.91 31.39
C PHE L 360 1.05 -52.78 30.90
N GLY L 361 1.24 -52.79 29.59
CA GLY L 361 2.53 -52.52 29.00
C GLY L 361 2.89 -51.07 29.08
N SER L 362 1.93 -50.18 28.74
CA SER L 362 2.14 -48.74 28.87
C SER L 362 2.41 -48.34 30.30
N LEU L 363 1.81 -49.05 31.25
CA LEU L 363 2.13 -48.84 32.66
C LEU L 363 3.59 -49.16 32.95
N SER L 364 4.11 -50.24 32.38
CA SER L 364 5.47 -50.67 32.71
C SER L 364 6.52 -49.76 32.08
N ILE L 365 6.23 -49.14 30.94
CA ILE L 365 7.14 -48.14 30.40
C ILE L 365 7.18 -46.91 31.32
N ILE L 366 6.08 -46.61 31.99
CA ILE L 366 6.09 -45.56 32.98
C ILE L 366 6.93 -45.98 34.19
N VAL L 367 6.92 -47.27 34.53
CA VAL L 367 7.76 -47.78 35.62
C VAL L 367 9.23 -47.63 35.27
N ALA L 368 9.57 -47.92 34.02
CA ALA L 368 10.94 -47.75 33.57
C ALA L 368 11.37 -46.30 33.57
N HIS L 369 10.44 -45.39 33.28
CA HIS L 369 10.77 -43.98 33.31
C HIS L 369 10.83 -43.42 34.72
N HIS L 370 9.94 -43.87 35.59
CA HIS L 370 9.91 -43.30 36.91
C HIS L 370 10.90 -43.96 37.87
N MET L 371 11.64 -44.96 37.42
CA MET L 371 12.60 -45.61 38.30
C MET L 371 14.04 -45.17 38.09
N TYR L 372 14.39 -44.68 36.91
CA TYR L 372 15.75 -44.17 36.77
C TYR L 372 15.84 -42.70 37.17
N SER L 373 14.71 -41.98 37.15
CA SER L 373 14.74 -40.55 37.47
C SER L 373 14.33 -40.31 38.91
N MET L 374 13.52 -41.20 39.47
CA MET L 374 13.27 -41.24 40.90
C MET L 374 13.62 -42.65 41.37
N PRO L 375 14.89 -42.91 41.66
CA PRO L 375 15.29 -44.23 42.11
C PRO L 375 14.68 -44.56 43.45
N PRO L 376 13.94 -45.63 43.54
CA PRO L 376 13.15 -45.89 44.74
C PRO L 376 13.94 -46.58 45.83
N TYR L 377 15.03 -47.21 45.44
CA TYR L 377 15.73 -48.16 46.27
C TYR L 377 17.09 -47.64 46.71
N PRO L 378 17.55 -48.02 47.91
CA PRO L 378 18.90 -47.65 48.33
C PRO L 378 19.94 -48.42 47.54
N TYR L 379 20.91 -47.68 47.00
CA TYR L 379 22.07 -48.22 46.27
C TYR L 379 21.66 -48.98 45.01
N LEU L 380 20.54 -48.57 44.40
CA LEU L 380 20.18 -48.98 43.06
C LEU L 380 20.55 -47.92 42.04
N ALA L 381 20.49 -46.65 42.45
CA ALA L 381 20.78 -45.53 41.56
C ALA L 381 22.22 -45.55 41.09
N THR L 382 23.18 -45.61 42.01
CA THR L 382 24.57 -45.53 41.60
C THR L 382 25.08 -46.86 41.08
N ASP L 383 24.42 -47.96 41.41
CA ASP L 383 24.78 -49.23 40.79
C ASP L 383 24.26 -49.24 39.36
N TYR L 384 25.09 -48.76 38.42
CA TYR L 384 24.66 -48.61 37.04
C TYR L 384 24.39 -49.93 36.33
N ALA L 385 24.88 -51.04 36.89
CA ALA L 385 24.55 -52.36 36.37
C ALA L 385 23.07 -52.65 36.44
N THR L 386 22.38 -52.08 37.42
CA THR L 386 21.01 -52.45 37.70
C THR L 386 20.01 -51.36 37.32
N SER L 387 20.39 -50.10 37.50
CA SER L 387 19.48 -49.00 37.17
C SER L 387 19.23 -48.91 35.68
N LEU L 388 20.19 -49.37 34.87
CA LEU L 388 19.91 -49.54 33.46
C LEU L 388 18.95 -50.70 33.22
N CYS L 389 19.20 -51.85 33.85
CA CYS L 389 18.58 -53.07 33.38
C CYS L 389 17.14 -53.21 33.81
N LEU L 390 16.64 -52.32 34.66
CA LEU L 390 15.22 -52.34 34.97
C LEU L 390 14.44 -51.33 34.14
N PHE L 391 15.13 -50.33 33.60
CA PHE L 391 14.57 -49.56 32.51
C PHE L 391 14.30 -50.47 31.32
N THR L 392 15.36 -51.05 30.78
CA THR L 392 15.27 -51.70 29.50
C THR L 392 14.53 -53.02 29.53
N HIS L 393 14.37 -53.62 30.71
CA HIS L 393 13.55 -54.82 30.78
C HIS L 393 12.08 -54.45 30.69
N HIS L 394 11.63 -53.54 31.55
CA HIS L 394 10.23 -53.17 31.61
C HIS L 394 9.76 -52.42 30.39
N VAL L 395 10.65 -51.69 29.73
CA VAL L 395 10.36 -51.18 28.40
C VAL L 395 10.11 -52.33 27.45
N TRP L 396 10.96 -53.36 27.51
CA TRP L 396 10.83 -54.48 26.58
C TRP L 396 9.58 -55.29 26.84
N ILE L 397 9.27 -55.55 28.11
CA ILE L 397 7.99 -56.13 28.45
C ILE L 397 6.87 -55.22 27.97
N GLY L 398 7.06 -53.91 28.11
CA GLY L 398 6.00 -52.97 27.83
C GLY L 398 5.61 -52.90 26.38
N GLY L 399 6.55 -53.12 25.48
CA GLY L 399 6.21 -53.13 24.07
C GLY L 399 5.54 -54.41 23.64
N PHE L 400 5.88 -55.52 24.28
CA PHE L 400 5.31 -56.80 23.87
C PHE L 400 3.85 -56.89 24.29
N LEU L 401 3.49 -56.23 25.39
CA LEU L 401 2.10 -56.26 25.82
C LEU L 401 1.23 -55.38 24.95
N ILE L 402 1.79 -54.27 24.42
CA ILE L 402 1.01 -53.42 23.53
C ILE L 402 0.76 -54.12 22.20
N VAL L 403 1.71 -54.91 21.73
CA VAL L 403 1.48 -55.71 20.55
C VAL L 403 0.46 -56.79 20.83
N GLY L 404 0.47 -57.34 22.04
CA GLY L 404 -0.62 -58.21 22.45
C GLY L 404 -1.92 -57.47 22.62
N ALA L 405 -1.86 -56.19 22.95
CA ALA L 405 -3.07 -55.40 23.00
C ALA L 405 -3.62 -55.15 21.61
N GLY L 406 -2.74 -55.04 20.62
CA GLY L 406 -3.22 -54.92 19.27
C GLY L 406 -3.72 -56.22 18.70
N ALA L 407 -3.25 -57.34 19.22
CA ALA L 407 -3.67 -58.64 18.69
C ALA L 407 -5.09 -58.96 19.11
N HIS L 408 -5.34 -58.98 20.41
CA HIS L 408 -6.65 -59.34 20.92
C HIS L 408 -7.70 -58.28 20.65
N ALA L 409 -7.29 -57.06 20.32
CA ALA L 409 -8.24 -56.10 19.78
C ALA L 409 -8.71 -56.51 18.41
N ALA L 410 -7.83 -57.09 17.60
CA ALA L 410 -8.24 -57.57 16.29
C ALA L 410 -9.06 -58.84 16.40
N ILE L 411 -8.72 -59.71 17.35
CA ILE L 411 -9.47 -60.93 17.59
C ILE L 411 -10.88 -60.62 18.07
N PHE L 412 -11.06 -59.52 18.79
CA PHE L 412 -12.41 -59.07 19.13
C PHE L 412 -13.19 -58.70 17.88
N MET L 413 -12.52 -58.13 16.88
CA MET L 413 -13.24 -57.63 15.72
C MET L 413 -13.74 -58.76 14.84
N VAL L 414 -12.93 -59.81 14.66
CA VAL L 414 -13.36 -60.90 13.80
C VAL L 414 -14.41 -61.75 14.49
N ARG L 415 -14.16 -62.18 15.72
CA ARG L 415 -14.97 -63.23 16.32
C ARG L 415 -16.01 -62.73 17.29
N ASP L 416 -15.79 -61.60 17.96
CA ASP L 416 -16.70 -61.19 19.01
C ASP L 416 -17.52 -59.95 18.69
N TYR L 417 -17.07 -59.10 17.77
CA TYR L 417 -17.78 -57.86 17.49
C TYR L 417 -19.08 -58.15 16.74
N ASP L 418 -20.13 -57.42 17.12
CA ASP L 418 -21.45 -57.67 16.61
C ASP L 418 -22.02 -56.35 16.09
N PRO L 419 -22.29 -56.23 14.79
CA PRO L 419 -22.91 -55.02 14.27
C PRO L 419 -24.40 -54.95 14.55
N ALA L 420 -24.99 -56.01 15.08
CA ALA L 420 -26.40 -55.94 15.45
C ALA L 420 -26.59 -55.05 16.68
N GLN L 421 -25.83 -55.31 17.74
CA GLN L 421 -25.92 -54.46 18.91
C GLN L 421 -25.29 -53.09 18.67
N ASN L 422 -24.20 -53.02 17.92
CA ASN L 422 -23.41 -51.79 17.81
C ASN L 422 -23.82 -51.04 16.55
N TYR L 423 -24.98 -50.40 16.62
CA TYR L 423 -25.45 -49.51 15.58
C TYR L 423 -25.21 -48.08 16.01
N ASN L 424 -24.49 -47.32 15.17
CA ASN L 424 -24.35 -45.86 15.24
C ASN L 424 -23.65 -45.38 16.52
N ASN L 425 -23.08 -46.30 17.30
CA ASN L 425 -22.30 -45.97 18.48
C ASN L 425 -20.84 -45.88 18.07
N LEU L 426 -19.94 -45.91 19.04
CA LEU L 426 -18.57 -45.50 18.76
C LEU L 426 -17.73 -46.55 18.04
N VAL L 427 -17.99 -47.84 18.23
CA VAL L 427 -17.29 -48.81 17.39
C VAL L 427 -17.86 -48.77 15.99
N ASP L 428 -19.14 -48.43 15.86
CA ASP L 428 -19.72 -48.24 14.53
C ASP L 428 -19.13 -47.01 13.86
N ARG L 429 -19.03 -45.88 14.56
CA ARG L 429 -18.55 -44.68 13.92
C ARG L 429 -17.04 -44.64 13.76
N VAL L 430 -16.30 -45.50 14.48
CA VAL L 430 -14.88 -45.62 14.15
C VAL L 430 -14.71 -46.45 12.89
N LEU L 431 -15.41 -47.58 12.79
CA LEU L 431 -15.37 -48.40 11.59
C LEU L 431 -15.94 -47.71 10.37
N ARG L 432 -16.83 -46.74 10.55
CA ARG L 432 -17.40 -46.02 9.42
C ARG L 432 -16.61 -44.79 9.03
N HIS L 433 -15.41 -44.59 9.57
CA HIS L 433 -14.53 -43.55 9.05
C HIS L 433 -13.08 -44.02 9.04
N ARG L 434 -12.88 -45.35 8.97
CA ARG L 434 -11.57 -45.96 9.20
C ARG L 434 -10.52 -45.61 8.17
N ASP L 435 -10.91 -45.06 7.02
CA ASP L 435 -9.92 -44.57 6.09
C ASP L 435 -9.38 -43.22 6.52
N ALA L 436 -10.22 -42.36 7.09
CA ALA L 436 -9.77 -41.05 7.54
C ALA L 436 -8.81 -41.17 8.71
N ILE L 437 -8.98 -42.17 9.55
CA ILE L 437 -8.01 -42.45 10.60
C ILE L 437 -6.69 -42.87 9.98
N ILE L 438 -6.71 -43.90 9.15
CA ILE L 438 -5.49 -44.54 8.68
C ILE L 438 -4.74 -43.62 7.73
N SER L 439 -5.44 -42.96 6.80
CA SER L 439 -4.75 -42.13 5.82
C SER L 439 -4.18 -40.86 6.45
N HIS L 440 -4.84 -40.28 7.45
CA HIS L 440 -4.16 -39.23 8.20
C HIS L 440 -3.07 -39.80 9.08
N LEU L 441 -3.22 -41.03 9.55
CA LEU L 441 -2.13 -41.65 10.28
C LEU L 441 -1.01 -42.01 9.33
N ASN L 442 -1.34 -42.39 8.10
CA ASN L 442 -0.33 -42.67 7.10
C ASN L 442 0.48 -41.43 6.79
N TRP L 443 -0.17 -40.27 6.71
CA TRP L 443 0.55 -39.04 6.42
C TRP L 443 1.49 -38.67 7.55
N VAL L 444 1.01 -38.75 8.79
CA VAL L 444 1.82 -38.31 9.92
C VAL L 444 2.93 -39.31 10.19
N CYS L 445 2.81 -40.54 9.71
CA CYS L 445 3.96 -41.43 9.74
C CYS L 445 5.05 -40.96 8.79
N ILE L 446 4.68 -40.66 7.54
CA ILE L 446 5.67 -40.26 6.54
C ILE L 446 6.25 -38.89 6.86
N PHE L 447 5.40 -37.96 7.32
CA PHE L 447 5.85 -36.64 7.75
C PHE L 447 6.87 -36.74 8.87
N LEU L 448 6.65 -37.68 9.79
CA LEU L 448 7.58 -37.83 10.89
C LEU L 448 8.86 -38.49 10.47
N GLY L 449 8.81 -39.39 9.49
CA GLY L 449 10.03 -40.05 9.05
C GLY L 449 10.93 -39.11 8.28
N PHE L 450 10.34 -38.23 7.49
CA PHE L 450 11.12 -37.23 6.78
C PHE L 450 11.70 -36.22 7.75
N HIS L 451 10.88 -35.71 8.65
CA HIS L 451 11.37 -34.62 9.48
C HIS L 451 11.98 -35.10 10.77
N SER L 452 12.19 -36.39 10.98
CA SER L 452 13.08 -36.83 12.03
C SER L 452 14.26 -37.61 11.48
N PHE L 453 14.00 -38.66 10.71
CA PHE L 453 15.11 -39.45 10.21
C PHE L 453 15.84 -38.74 9.09
N GLY L 454 15.12 -38.03 8.22
CA GLY L 454 15.76 -37.24 7.20
C GLY L 454 16.59 -36.09 7.74
N LEU L 455 16.33 -35.67 8.97
CA LEU L 455 17.22 -34.73 9.62
C LEU L 455 18.51 -35.37 10.10
N TYR L 456 18.61 -36.69 10.07
CA TYR L 456 19.88 -37.34 10.32
C TYR L 456 20.65 -37.53 9.04
N ILE L 457 19.95 -37.82 7.96
CA ILE L 457 20.58 -38.00 6.66
C ILE L 457 21.07 -36.65 6.13
N HIS L 458 20.35 -35.57 6.44
CA HIS L 458 20.92 -34.25 6.27
C HIS L 458 22.14 -34.07 7.15
N ASN L 459 22.06 -34.50 8.40
CA ASN L 459 23.18 -34.35 9.30
C ASN L 459 24.33 -35.28 8.97
N ASP L 460 24.04 -36.42 8.32
CA ASP L 460 25.11 -37.31 7.89
C ASP L 460 25.92 -36.67 6.77
N THR L 461 25.24 -36.01 5.85
CA THR L 461 25.89 -35.53 4.64
C THR L 461 26.73 -34.29 4.93
N MET L 462 26.21 -33.36 5.73
CA MET L 462 26.93 -32.13 6.03
C MET L 462 28.16 -32.37 6.89
N ARG L 463 28.19 -33.49 7.61
CA ARG L 463 29.44 -33.87 8.24
C ARG L 463 30.35 -34.61 7.28
N ALA L 464 29.76 -35.39 6.36
CA ALA L 464 30.58 -36.07 5.37
C ALA L 464 31.17 -35.10 4.38
N LEU L 465 30.39 -34.09 3.97
CA LEU L 465 30.87 -33.04 3.09
C LEU L 465 31.64 -31.96 3.82
N GLY L 466 31.91 -32.12 5.11
CA GLY L 466 32.68 -31.15 5.86
C GLY L 466 32.05 -29.79 5.99
N ARG L 467 30.73 -29.73 6.13
CA ARG L 467 30.00 -28.46 6.26
C ARG L 467 29.23 -28.49 7.59
N PRO L 468 29.92 -28.35 8.72
CA PRO L 468 29.23 -28.42 10.01
C PRO L 468 28.43 -27.17 10.35
N GLN L 469 28.48 -26.13 9.51
CA GLN L 469 27.59 -24.98 9.60
C GLN L 469 26.25 -25.26 8.96
N ASP L 470 26.11 -26.38 8.28
CA ASP L 470 24.90 -26.73 7.56
C ASP L 470 24.13 -27.86 8.21
N MET L 471 24.71 -28.54 9.18
CA MET L 471 24.04 -29.66 9.84
C MET L 471 23.10 -29.10 10.90
N PHE L 472 22.34 -29.98 11.56
CA PHE L 472 21.44 -29.60 12.63
C PHE L 472 22.11 -29.99 13.94
N SER L 473 22.63 -28.99 14.65
CA SER L 473 23.37 -29.25 15.86
C SER L 473 23.12 -28.10 16.82
N ASP L 474 23.89 -28.07 17.90
CA ASP L 474 23.85 -26.94 18.83
C ASP L 474 24.68 -25.77 18.35
N ALA L 475 25.79 -26.01 17.66
CA ALA L 475 26.61 -24.95 17.11
C ALA L 475 26.29 -24.70 15.64
N ALA L 476 25.04 -24.91 15.26
CA ALA L 476 24.61 -24.99 13.87
C ALA L 476 23.16 -24.51 13.83
N ILE L 477 22.42 -24.94 12.81
CA ILE L 477 20.98 -24.70 12.77
C ILE L 477 20.35 -25.44 13.93
N GLN L 478 19.90 -24.71 14.94
CA GLN L 478 19.42 -25.34 16.15
C GLN L 478 17.95 -25.67 16.02
N LEU L 479 17.58 -26.83 16.54
CA LEU L 479 16.21 -27.28 16.64
C LEU L 479 15.93 -27.42 18.12
N GLN L 480 15.57 -26.34 18.76
CA GLN L 480 15.56 -26.36 20.21
C GLN L 480 14.25 -26.92 20.74
N PRO L 481 14.31 -27.90 21.62
CA PRO L 481 13.08 -28.39 22.26
C PRO L 481 12.58 -27.43 23.34
N VAL L 482 11.82 -26.42 22.92
CA VAL L 482 11.38 -25.40 23.85
C VAL L 482 10.22 -25.89 24.71
N PHE L 483 9.39 -26.80 24.22
CA PHE L 483 8.33 -27.33 25.06
C PHE L 483 8.87 -28.29 26.12
N ALA L 484 9.85 -29.10 25.79
CA ALA L 484 10.43 -29.98 26.78
C ALA L 484 11.44 -29.28 27.67
N GLN L 485 11.77 -28.03 27.40
CA GLN L 485 12.59 -27.27 28.33
C GLN L 485 11.74 -26.37 29.21
N TRP L 486 10.55 -26.01 28.75
CA TRP L 486 9.62 -25.28 29.61
C TRP L 486 8.96 -26.22 30.62
N VAL L 487 8.67 -27.45 30.19
CA VAL L 487 8.14 -28.46 31.09
C VAL L 487 9.19 -28.90 32.08
N GLN L 488 10.43 -29.05 31.62
CA GLN L 488 11.52 -29.36 32.53
C GLN L 488 11.82 -28.19 33.46
N GLY L 489 11.49 -26.98 33.06
CA GLY L 489 11.65 -25.84 33.93
C GLY L 489 10.59 -25.76 35.00
N VAL L 490 9.32 -25.87 34.61
CA VAL L 490 8.23 -25.65 35.56
C VAL L 490 8.10 -26.80 36.54
N ASN L 491 8.61 -27.99 36.21
CA ASN L 491 8.58 -29.07 37.17
C ASN L 491 9.74 -29.01 38.16
N SER L 492 10.83 -28.35 37.78
CA SER L 492 12.00 -28.18 38.64
C SER L 492 11.92 -26.97 39.54
N ALA L 493 10.97 -26.09 39.30
CA ALA L 493 10.71 -24.93 40.14
C ALA L 493 9.35 -25.03 40.78
N ALA L 494 9.03 -26.21 41.30
CA ALA L 494 7.74 -26.45 41.92
C ALA L 494 7.84 -26.73 43.41
N ALA L 495 8.98 -27.14 43.90
CA ALA L 495 9.14 -27.38 45.33
C ALA L 495 9.28 -26.05 46.05
N GLY L 496 8.17 -25.53 46.53
CA GLY L 496 8.16 -24.25 47.21
C GLY L 496 7.20 -23.24 46.64
N ASN L 497 6.90 -23.35 45.36
CA ASN L 497 5.92 -22.46 44.76
C ASN L 497 4.54 -23.11 44.72
N THR L 498 4.47 -24.24 44.01
CA THR L 498 3.22 -24.96 43.87
C THR L 498 3.18 -26.27 44.65
N ALA L 499 4.33 -26.80 45.04
CA ALA L 499 4.43 -27.89 45.99
C ALA L 499 5.26 -27.38 47.15
N PRO L 500 4.67 -26.65 48.09
CA PRO L 500 5.47 -26.01 49.14
C PRO L 500 5.99 -27.00 50.15
N ASN L 501 5.16 -27.97 50.52
CA ASN L 501 5.53 -28.92 51.55
C ASN L 501 6.55 -29.95 51.08
N ALA L 502 6.81 -30.02 49.79
CA ALA L 502 7.96 -30.75 49.31
C ALA L 502 9.24 -29.99 49.66
N LEU L 503 10.24 -30.70 50.19
CA LEU L 503 11.51 -30.04 50.50
C LEU L 503 12.32 -29.79 49.23
N ALA L 504 12.69 -30.83 48.50
CA ALA L 504 13.27 -30.70 47.19
C ALA L 504 12.21 -31.11 46.16
N ASN L 505 12.60 -31.14 44.89
CA ASN L 505 11.63 -31.35 43.81
C ASN L 505 11.19 -32.81 43.74
N ALA L 506 10.39 -33.08 42.72
CA ALA L 506 9.93 -34.44 42.46
C ALA L 506 11.09 -35.34 42.08
N SER L 507 12.03 -34.81 41.31
CA SER L 507 13.25 -35.54 40.99
C SER L 507 14.35 -34.52 40.74
N TYR L 508 15.58 -35.01 40.72
CA TYR L 508 16.69 -34.21 40.25
C TYR L 508 16.92 -34.37 38.76
N ALA L 509 15.96 -34.95 38.04
CA ALA L 509 16.12 -35.09 36.60
C ALA L 509 15.62 -33.84 35.87
N PHE L 510 14.77 -33.05 36.51
CA PHE L 510 14.29 -31.83 35.88
C PHE L 510 15.26 -30.68 36.11
N GLY L 511 15.69 -30.51 37.35
CA GLY L 511 16.61 -29.44 37.69
C GLY L 511 17.09 -29.55 39.11
N GLY L 512 18.17 -28.87 39.43
CA GLY L 512 18.68 -28.88 40.78
C GLY L 512 20.12 -29.37 40.80
N ASP L 513 20.62 -29.58 42.00
CA ASP L 513 22.00 -30.01 42.15
C ASP L 513 22.11 -31.51 41.91
N ILE L 514 23.32 -31.94 41.67
CA ILE L 514 23.64 -33.35 41.50
C ILE L 514 23.68 -33.99 42.88
N VAL L 515 23.63 -35.31 42.92
CA VAL L 515 23.75 -36.08 44.16
C VAL L 515 24.70 -37.25 43.91
N SER L 516 25.54 -37.53 44.90
CA SER L 516 26.53 -38.60 44.79
C SER L 516 26.33 -39.61 45.91
N VAL L 517 26.54 -40.87 45.60
CA VAL L 517 26.62 -41.93 46.59
C VAL L 517 27.89 -42.72 46.33
N GLY L 518 28.77 -42.78 47.32
CA GLY L 518 30.07 -43.36 47.08
C GLY L 518 30.97 -42.38 46.35
N GLY L 519 31.18 -42.61 45.06
CA GLY L 519 31.87 -41.65 44.23
C GLY L 519 31.16 -41.51 42.90
N LYS L 520 29.97 -42.08 42.82
CA LYS L 520 29.19 -42.13 41.60
C LYS L 520 27.92 -41.33 41.76
N VAL L 521 27.41 -40.83 40.64
CA VAL L 521 26.28 -39.91 40.69
C VAL L 521 24.97 -40.70 40.74
N ALA L 522 24.13 -40.35 41.72
CA ALA L 522 22.80 -40.91 41.78
C ALA L 522 21.89 -40.31 40.73
N MET L 523 21.82 -38.98 40.67
CA MET L 523 20.98 -38.32 39.69
C MET L 523 21.53 -36.94 39.43
N MET L 524 21.34 -36.48 38.20
CA MET L 524 21.65 -35.11 37.82
C MET L 524 20.68 -34.71 36.72
N PRO L 525 20.44 -33.41 36.54
CA PRO L 525 19.48 -32.98 35.51
C PRO L 525 19.88 -33.36 34.10
N ILE L 526 19.09 -34.26 33.52
CA ILE L 526 19.24 -34.71 32.14
C ILE L 526 18.81 -33.53 31.27
N SER L 527 19.73 -33.02 30.46
CA SER L 527 19.44 -31.83 29.68
C SER L 527 18.97 -32.20 28.28
N LEU L 528 18.14 -31.35 27.69
CA LEU L 528 17.53 -31.63 26.40
C LEU L 528 17.86 -30.53 25.39
N GLY L 529 18.78 -30.83 24.48
CA GLY L 529 19.22 -29.88 23.47
C GLY L 529 18.78 -30.34 22.12
N THR L 530 19.51 -29.91 21.09
CA THR L 530 19.15 -30.21 19.70
C THR L 530 19.27 -31.70 19.41
N ALA L 531 20.19 -32.37 20.08
CA ALA L 531 20.35 -33.80 19.86
C ALA L 531 19.29 -34.59 20.60
N ASP L 532 18.66 -34.00 21.60
CA ASP L 532 17.58 -34.68 22.30
C ASP L 532 16.25 -34.44 21.64
N PHE L 533 16.06 -33.27 21.03
CA PHE L 533 14.93 -33.05 20.15
C PHE L 533 14.96 -34.00 18.98
N LEU L 534 16.14 -34.30 18.47
CA LEU L 534 16.27 -35.08 17.24
C LEU L 534 15.92 -36.52 17.47
N VAL L 535 16.16 -37.02 18.68
CA VAL L 535 15.90 -38.43 18.92
C VAL L 535 14.46 -38.62 19.42
N HIS L 536 13.90 -37.63 20.13
CA HIS L 536 12.55 -37.77 20.65
C HIS L 536 11.51 -37.80 19.55
N HIS L 537 11.79 -37.24 18.38
CA HIS L 537 10.89 -37.38 17.26
C HIS L 537 11.04 -38.70 16.53
N ILE L 538 12.20 -39.35 16.62
CA ILE L 538 12.32 -40.71 16.10
C ILE L 538 11.46 -41.65 16.92
N HIS L 539 11.41 -41.45 18.23
CA HIS L 539 10.49 -42.20 19.07
C HIS L 539 9.06 -41.94 18.68
N ALA L 540 8.75 -40.67 18.42
CA ALA L 540 7.41 -40.32 18.01
C ALA L 540 7.08 -40.87 16.64
N PHE L 541 8.11 -41.06 15.81
CA PHE L 541 7.88 -41.63 14.49
C PHE L 541 7.59 -43.13 14.60
N THR L 542 8.47 -43.88 15.28
CA THR L 542 8.33 -45.33 15.28
C THR L 542 7.16 -45.79 16.12
N ILE L 543 6.69 -44.96 17.04
CA ILE L 543 5.50 -45.32 17.79
C ILE L 543 4.27 -45.15 16.91
N HIS L 544 4.25 -44.12 16.08
CA HIS L 544 3.12 -43.87 15.19
C HIS L 544 3.03 -44.90 14.08
N VAL L 545 4.15 -45.47 13.66
CA VAL L 545 4.10 -46.54 12.67
C VAL L 545 3.60 -47.82 13.31
N THR L 546 4.11 -48.13 14.51
CA THR L 546 3.65 -49.29 15.25
C THR L 546 2.18 -49.18 15.61
N VAL L 547 1.70 -47.96 15.84
CA VAL L 547 0.26 -47.75 15.91
C VAL L 547 -0.38 -48.06 14.57
N LEU L 548 0.20 -47.54 13.48
CA LEU L 548 -0.41 -47.62 12.16
C LEU L 548 -0.54 -49.05 11.67
N ILE L 549 0.47 -49.87 11.92
CA ILE L 549 0.35 -51.29 11.62
C ILE L 549 -0.70 -51.94 12.49
N LEU L 550 -0.66 -51.67 13.80
CA LEU L 550 -1.59 -52.32 14.70
C LEU L 550 -2.99 -51.78 14.58
N LEU L 551 -3.15 -50.48 14.32
CA LEU L 551 -4.48 -49.93 14.19
C LEU L 551 -5.17 -50.41 12.93
N LYS L 552 -4.43 -50.54 11.83
CA LYS L 552 -5.02 -51.01 10.59
C LYS L 552 -5.42 -52.48 10.70
N GLY L 553 -4.69 -53.26 11.48
CA GLY L 553 -5.05 -54.64 11.71
C GLY L 553 -6.36 -54.80 12.45
N VAL L 554 -6.62 -53.91 13.42
CA VAL L 554 -7.87 -53.98 14.16
C VAL L 554 -9.02 -53.48 13.31
N LEU L 555 -8.80 -52.40 12.56
CA LEU L 555 -9.92 -51.75 11.89
C LEU L 555 -10.37 -52.53 10.66
N PHE L 556 -9.43 -52.97 9.83
CA PHE L 556 -9.76 -53.74 8.64
C PHE L 556 -9.83 -55.24 8.91
N ALA L 557 -10.13 -55.64 10.14
CA ALA L 557 -10.08 -57.06 10.48
C ALA L 557 -11.28 -57.79 9.92
N ARG L 558 -12.39 -57.09 9.75
CA ARG L 558 -13.58 -57.76 9.25
C ARG L 558 -13.69 -57.72 7.74
N ASN L 559 -13.39 -56.58 7.14
CA ASN L 559 -13.51 -56.41 5.71
C ASN L 559 -12.59 -55.27 5.31
N SER L 560 -12.55 -54.99 4.02
CA SER L 560 -11.87 -53.83 3.47
C SER L 560 -12.55 -53.50 2.15
N ARG L 561 -11.91 -52.67 1.34
CA ARG L 561 -12.33 -52.61 -0.05
C ARG L 561 -11.90 -53.85 -0.80
N LEU L 562 -10.74 -54.41 -0.45
CA LEU L 562 -10.17 -55.51 -1.21
C LEU L 562 -10.93 -56.81 -0.97
N ILE L 563 -11.01 -57.23 0.29
CA ILE L 563 -11.80 -58.42 0.60
C ILE L 563 -13.01 -58.00 1.44
N PRO L 564 -14.22 -58.36 1.03
CA PRO L 564 -15.39 -58.02 1.84
C PRO L 564 -15.71 -59.01 2.93
N ASP L 565 -15.09 -60.19 2.92
CA ASP L 565 -15.33 -61.19 3.96
C ASP L 565 -14.03 -61.64 4.60
N LYS L 566 -13.19 -60.70 5.03
CA LYS L 566 -12.03 -61.05 5.83
C LYS L 566 -12.43 -61.57 7.19
N ALA L 567 -13.62 -61.20 7.68
CA ALA L 567 -14.16 -61.73 8.92
C ALA L 567 -14.51 -63.21 8.82
N ASN L 568 -14.82 -63.71 7.63
CA ASN L 568 -15.14 -65.12 7.49
C ASN L 568 -13.89 -66.00 7.46
N LEU L 569 -12.77 -65.47 6.96
CA LEU L 569 -11.56 -66.25 6.80
C LEU L 569 -10.79 -66.45 8.09
N GLY L 570 -11.22 -65.83 9.19
CA GLY L 570 -10.62 -66.03 10.48
C GLY L 570 -9.61 -64.94 10.81
N PHE L 571 -9.12 -64.99 12.05
CA PHE L 571 -8.11 -64.04 12.49
C PHE L 571 -6.75 -64.36 11.92
N ARG L 572 -6.44 -65.64 11.74
CA ARG L 572 -5.09 -66.09 11.44
C ARG L 572 -5.13 -67.01 10.23
N PHE L 573 -5.16 -66.41 9.04
CA PHE L 573 -5.14 -67.13 7.78
C PHE L 573 -4.06 -66.50 6.93
N PRO L 574 -3.28 -67.30 6.20
CA PRO L 574 -1.99 -66.78 5.70
C PRO L 574 -2.13 -65.78 4.58
N CYS L 575 -3.03 -66.00 3.63
CA CYS L 575 -3.27 -65.10 2.52
C CYS L 575 -4.59 -65.48 1.91
N ASP L 576 -5.02 -64.71 0.92
CA ASP L 576 -6.15 -65.05 0.09
C ASP L 576 -5.67 -65.48 -1.29
N GLY L 577 -4.39 -65.83 -1.38
CA GLY L 577 -3.82 -66.26 -2.63
C GLY L 577 -3.25 -65.11 -3.42
N PRO L 578 -2.74 -65.40 -4.61
CA PRO L 578 -2.16 -64.35 -5.46
C PRO L 578 -3.17 -63.55 -6.26
N GLY L 579 -4.45 -63.65 -5.94
CA GLY L 579 -5.47 -62.89 -6.61
C GLY L 579 -5.38 -61.41 -6.32
N ARG L 580 -6.01 -60.63 -7.19
CA ARG L 580 -6.04 -59.16 -7.15
C ARG L 580 -4.63 -58.57 -7.17
N GLY L 581 -3.73 -59.25 -7.88
CA GLY L 581 -2.34 -58.87 -7.88
C GLY L 581 -1.55 -59.60 -6.80
N GLY L 582 -2.26 -60.09 -5.79
CA GLY L 582 -1.62 -60.73 -4.66
C GLY L 582 -2.21 -60.25 -3.35
N THR L 583 -2.54 -61.18 -2.47
CA THR L 583 -3.12 -60.83 -1.20
C THR L 583 -2.35 -61.49 -0.06
N CYS L 584 -1.04 -61.57 -0.21
CA CYS L 584 -0.20 -62.15 0.81
C CYS L 584 -0.10 -61.19 1.98
N GLN L 585 -0.35 -61.71 3.19
CA GLN L 585 -0.50 -60.94 4.44
C GLN L 585 -1.62 -59.92 4.36
N VAL L 586 -2.86 -60.42 4.26
CA VAL L 586 -4.02 -59.56 4.47
C VAL L 586 -4.61 -59.73 5.85
N SER L 587 -4.19 -60.73 6.62
CA SER L 587 -4.92 -61.03 7.84
C SER L 587 -4.48 -60.11 8.97
N ALA L 588 -5.31 -60.08 10.00
CA ALA L 588 -4.99 -59.31 11.19
C ALA L 588 -3.79 -59.88 11.92
N TRP L 589 -3.60 -61.19 11.87
CA TRP L 589 -2.44 -61.80 12.52
C TRP L 589 -1.15 -61.36 11.86
N ASP L 590 -1.18 -61.12 10.56
CA ASP L 590 0.04 -60.69 9.89
C ASP L 590 0.37 -59.24 10.23
N HIS L 591 -0.64 -58.45 10.57
CA HIS L 591 -0.40 -57.12 11.10
C HIS L 591 0.27 -57.16 12.47
N VAL L 592 -0.17 -58.07 13.34
CA VAL L 592 0.53 -58.27 14.61
C VAL L 592 1.90 -58.84 14.37
N PHE L 593 2.04 -59.70 13.36
CA PHE L 593 3.35 -60.20 12.96
C PHE L 593 4.22 -59.07 12.44
N LEU L 594 3.65 -58.13 11.70
CA LEU L 594 4.43 -57.03 11.15
C LEU L 594 4.80 -56.02 12.22
N GLY L 595 3.87 -55.70 13.10
CA GLY L 595 4.14 -54.74 14.16
C GLY L 595 5.15 -55.19 15.19
N LEU L 596 5.43 -56.50 15.24
CA LEU L 596 6.39 -57.02 16.20
C LEU L 596 7.81 -56.54 15.90
N PHE L 597 8.20 -56.47 14.63
CA PHE L 597 9.51 -55.93 14.30
C PHE L 597 9.55 -54.42 14.50
N TRP L 598 8.43 -53.76 14.23
CA TRP L 598 8.43 -52.32 14.42
C TRP L 598 8.45 -51.95 15.88
N MET L 599 7.79 -52.74 16.71
CA MET L 599 7.98 -52.63 18.15
C MET L 599 9.39 -53.02 18.54
N TYR L 600 10.00 -53.97 17.82
CA TYR L 600 11.42 -54.22 18.02
C TYR L 600 12.22 -53.01 17.61
N ASN L 601 11.81 -52.34 16.53
CA ASN L 601 12.50 -51.14 16.11
C ASN L 601 12.18 -49.95 17.00
N SER L 602 10.92 -49.84 17.45
CA SER L 602 10.51 -48.73 18.31
C SER L 602 11.26 -48.74 19.62
N LEU L 603 11.38 -49.90 20.24
CA LEU L 603 11.93 -49.94 21.58
C LEU L 603 13.45 -49.94 21.57
N SER L 604 14.07 -50.59 20.59
CA SER L 604 15.53 -50.72 20.60
C SER L 604 16.22 -49.38 20.39
N VAL L 605 15.54 -48.43 19.75
CA VAL L 605 16.08 -47.08 19.67
C VAL L 605 15.77 -46.28 20.93
N VAL L 606 14.71 -46.65 21.66
CA VAL L 606 14.45 -46.02 22.95
C VAL L 606 15.53 -46.40 23.94
N LEU L 607 15.94 -47.66 23.94
CA LEU L 607 17.04 -48.10 24.76
C LEU L 607 18.36 -47.50 24.31
N PHE L 608 18.52 -47.34 23.01
CA PHE L 608 19.74 -46.75 22.49
C PHE L 608 19.79 -45.27 22.80
N HIS L 609 18.63 -44.62 22.87
CA HIS L 609 18.58 -43.27 23.39
C HIS L 609 18.93 -43.25 24.87
N PHE L 610 18.33 -44.14 25.65
CA PHE L 610 18.46 -44.07 27.10
C PHE L 610 19.86 -44.48 27.54
N SER L 611 20.34 -45.62 27.08
CA SER L 611 21.61 -46.16 27.58
C SER L 611 22.81 -45.35 27.12
N TRP L 612 22.67 -44.56 26.07
CA TRP L 612 23.73 -43.66 25.65
C TRP L 612 23.66 -42.29 26.29
N LYS L 613 22.45 -41.78 26.53
CA LYS L 613 22.28 -40.47 27.15
C LYS L 613 22.75 -40.48 28.60
N MET L 614 22.55 -41.61 29.30
CA MET L 614 22.97 -41.67 30.69
C MET L 614 24.48 -41.78 30.82
N GLN L 615 25.13 -42.57 29.96
CA GLN L 615 26.56 -42.77 30.08
C GLN L 615 27.36 -41.53 29.71
N SER L 616 26.85 -40.71 28.80
CA SER L 616 27.64 -39.57 28.36
C SER L 616 27.29 -38.31 29.14
N ASP L 617 26.05 -38.17 29.59
CA ASP L 617 25.61 -36.93 30.20
C ASP L 617 25.27 -37.05 31.68
N VAL L 618 24.76 -38.21 32.12
CA VAL L 618 24.15 -38.32 33.44
C VAL L 618 25.00 -39.15 34.39
N TRP L 619 25.17 -40.44 34.09
CA TRP L 619 26.02 -41.29 34.92
C TRP L 619 27.48 -40.91 34.77
N GLY L 620 28.27 -41.30 35.75
CA GLY L 620 29.70 -41.04 35.70
C GLY L 620 30.26 -40.90 37.10
N ASN L 621 31.55 -40.65 37.15
CA ASN L 621 32.25 -40.50 38.41
C ASN L 621 32.46 -39.03 38.73
N VAL L 622 32.10 -38.66 39.95
CA VAL L 622 32.19 -37.28 40.40
C VAL L 622 33.48 -37.16 41.21
N THR L 623 34.16 -36.03 41.02
CA THR L 623 35.34 -35.73 41.82
C THR L 623 34.93 -35.42 43.26
N ALA L 624 35.92 -35.49 44.16
CA ALA L 624 35.73 -34.90 45.47
C ALA L 624 35.93 -33.39 45.44
N ASP L 625 36.29 -32.83 44.30
CA ASP L 625 36.25 -31.39 44.10
C ASP L 625 34.84 -30.89 43.85
N GLY L 626 34.03 -31.62 43.08
CA GLY L 626 32.63 -31.28 42.88
C GLY L 626 32.10 -31.45 41.47
N ALA L 627 32.96 -31.62 40.47
CA ALA L 627 32.49 -31.78 39.10
C ALA L 627 32.41 -33.25 38.73
N VAL L 628 31.68 -33.54 37.65
CA VAL L 628 31.44 -34.90 37.20
C VAL L 628 32.11 -35.12 35.86
N SER L 629 32.93 -36.16 35.77
CA SER L 629 33.44 -36.67 34.51
C SER L 629 32.60 -37.91 34.19
N HIS L 630 31.86 -37.84 33.11
CA HIS L 630 30.92 -38.90 32.79
C HIS L 630 31.65 -40.04 32.08
N ILE L 631 30.91 -41.07 31.68
CA ILE L 631 31.56 -42.29 31.21
C ILE L 631 31.99 -42.13 29.74
N THR L 632 31.03 -41.92 28.85
CA THR L 632 31.38 -41.76 27.45
C THR L 632 31.58 -40.30 27.08
N GLY L 633 31.59 -39.41 28.07
CA GLY L 633 32.23 -38.11 27.95
C GLY L 633 31.53 -37.04 27.14
N ASN L 634 30.24 -36.84 27.40
CA ASN L 634 29.43 -35.76 26.82
C ASN L 634 29.42 -35.77 25.29
N ASN L 635 29.58 -36.93 24.68
CA ASN L 635 29.61 -37.04 23.23
C ASN L 635 28.22 -37.00 22.61
N PHE L 636 27.16 -37.08 23.43
CA PHE L 636 25.80 -37.08 22.91
C PHE L 636 25.39 -35.74 22.33
N ALA L 637 26.12 -34.67 22.62
CA ALA L 637 25.76 -33.39 22.04
C ALA L 637 26.12 -33.34 20.56
N GLN L 638 27.40 -33.42 20.25
CA GLN L 638 27.84 -33.23 18.87
C GLN L 638 28.13 -34.54 18.17
N GLY L 639 27.91 -35.67 18.82
CA GLY L 639 28.14 -36.94 18.16
C GLY L 639 26.87 -37.65 17.81
N ALA L 640 25.83 -37.47 18.61
CA ALA L 640 24.60 -38.21 18.45
C ALA L 640 23.69 -37.67 17.37
N ILE L 641 24.09 -36.61 16.67
CA ILE L 641 23.21 -36.02 15.67
C ILE L 641 23.33 -36.69 14.31
N THR L 642 24.32 -37.55 14.11
CA THR L 642 24.51 -38.25 12.85
C THR L 642 24.51 -39.74 13.10
N ILE L 643 24.33 -40.52 12.02
CA ILE L 643 24.34 -41.97 12.15
C ILE L 643 25.74 -42.49 12.39
N ASN L 644 26.74 -41.86 11.77
CA ASN L 644 28.12 -42.29 11.94
C ASN L 644 28.58 -42.08 13.38
N GLY L 645 28.14 -40.99 14.00
CA GLY L 645 28.36 -40.84 15.43
C GLY L 645 27.57 -41.85 16.25
N TRP L 646 26.37 -42.19 15.78
CA TRP L 646 25.61 -43.26 16.42
C TRP L 646 26.23 -44.62 16.21
N LEU L 647 26.93 -44.80 15.10
CA LEU L 647 27.57 -46.08 14.81
C LEU L 647 28.93 -46.19 15.47
N ARG L 648 29.77 -45.19 15.28
CA ARG L 648 31.09 -45.19 15.90
C ARG L 648 30.98 -45.06 17.41
N ASP L 649 30.47 -43.93 17.87
CA ASP L 649 30.68 -43.52 19.24
C ASP L 649 29.70 -44.16 20.20
N PHE L 650 28.73 -44.88 19.67
CA PHE L 650 27.83 -45.66 20.52
C PHE L 650 27.94 -47.15 20.25
N LEU L 651 27.72 -47.58 19.02
CA LEU L 651 27.65 -49.02 18.78
C LEU L 651 29.02 -49.65 18.69
N TRP L 652 29.90 -49.10 17.88
CA TRP L 652 31.23 -49.65 17.72
C TRP L 652 32.06 -49.48 18.98
N ALA L 653 31.99 -48.31 19.60
CA ALA L 653 32.86 -48.01 20.73
C ALA L 653 32.45 -48.74 21.99
N GLN L 654 31.17 -48.77 22.30
CA GLN L 654 30.73 -49.35 23.57
C GLN L 654 30.56 -50.85 23.51
N ALA L 655 30.74 -51.46 22.34
CA ALA L 655 30.80 -52.90 22.25
C ALA L 655 32.22 -53.43 22.32
N SER L 656 33.18 -52.57 22.66
CA SER L 656 34.56 -52.97 22.81
C SER L 656 34.77 -53.88 24.01
N GLN L 657 33.87 -53.87 24.98
CA GLN L 657 33.97 -54.71 26.16
C GLN L 657 33.21 -56.02 26.04
N VAL L 658 32.27 -56.14 25.10
CA VAL L 658 31.51 -57.38 24.98
C VAL L 658 32.24 -58.39 24.11
N ILE L 659 32.98 -57.95 23.09
CA ILE L 659 33.76 -58.88 22.29
C ILE L 659 35.16 -59.10 22.84
N GLN L 660 35.63 -58.24 23.74
CA GLN L 660 36.82 -58.51 24.54
C GLN L 660 36.48 -59.18 25.86
N SER L 661 35.36 -59.91 25.92
CA SER L 661 34.95 -60.54 27.16
C SER L 661 35.56 -61.90 27.36
N TYR L 662 36.32 -62.40 26.39
CA TYR L 662 36.85 -63.75 26.45
C TYR L 662 37.93 -63.87 27.52
N GLY L 663 37.93 -64.98 28.24
CA GLY L 663 38.87 -65.19 29.31
C GLY L 663 38.51 -64.53 30.63
N SER L 664 37.44 -63.74 30.67
CA SER L 664 37.00 -63.13 31.91
C SER L 664 35.69 -63.73 32.38
N ALA L 665 35.13 -63.18 33.46
CA ALA L 665 33.84 -63.67 33.95
C ALA L 665 32.68 -63.12 33.14
N LEU L 666 32.96 -62.26 32.15
CA LEU L 666 31.96 -61.80 31.21
C LEU L 666 31.90 -62.67 29.97
N SER L 667 32.63 -63.78 29.95
CA SER L 667 32.82 -64.50 28.70
C SER L 667 31.58 -65.26 28.27
N ALA L 668 30.62 -65.43 29.17
CA ALA L 668 29.33 -65.95 28.75
C ALA L 668 28.53 -64.91 28.00
N TYR L 669 28.77 -63.62 28.25
CA TYR L 669 28.05 -62.59 27.52
C TYR L 669 28.53 -62.48 26.09
N GLY L 670 29.84 -62.61 25.88
CA GLY L 670 30.39 -62.55 24.54
C GLY L 670 29.96 -63.71 23.66
N LEU L 671 29.70 -64.87 24.26
CA LEU L 671 29.16 -65.98 23.50
C LEU L 671 27.73 -65.70 23.06
N MET L 672 26.92 -65.13 23.96
CA MET L 672 25.55 -64.79 23.64
C MET L 672 25.47 -63.63 22.64
N PHE L 673 26.39 -62.68 22.73
CA PHE L 673 26.47 -61.59 21.76
C PHE L 673 26.80 -62.10 20.37
N LEU L 674 27.51 -63.23 20.30
CA LEU L 674 27.60 -63.97 19.05
C LEU L 674 26.43 -64.93 18.89
N GLY L 675 25.96 -65.50 19.99
CA GLY L 675 24.89 -66.48 19.90
C GLY L 675 23.57 -65.89 19.49
N ALA L 676 23.35 -64.63 19.81
CA ALA L 676 22.14 -63.99 19.33
C ALA L 676 22.31 -63.42 17.93
N HIS L 677 23.54 -63.12 17.52
CA HIS L 677 23.80 -62.83 16.12
C HIS L 677 23.51 -64.04 15.25
N PHE L 678 23.63 -65.25 15.80
CA PHE L 678 23.38 -66.45 15.03
C PHE L 678 21.90 -66.67 14.79
N ILE L 679 21.10 -66.60 15.85
CA ILE L 679 19.67 -66.89 15.75
C ILE L 679 18.97 -65.85 14.91
N TRP L 680 19.43 -64.59 15.01
CA TRP L 680 18.85 -63.52 14.21
C TRP L 680 19.08 -63.76 12.74
N ALA L 681 20.24 -64.31 12.39
CA ALA L 681 20.47 -64.70 11.01
C ALA L 681 19.59 -65.87 10.60
N PHE L 682 19.35 -66.79 11.53
CA PHE L 682 18.51 -67.95 11.27
C PHE L 682 17.06 -67.59 10.98
N SER L 683 16.60 -66.49 11.56
CA SER L 683 15.24 -66.06 11.35
C SER L 683 15.03 -65.49 9.96
N LEU L 684 16.08 -64.95 9.36
CA LEU L 684 16.00 -64.43 8.00
C LEU L 684 15.68 -65.51 7.00
N MET L 685 16.06 -66.77 7.30
CA MET L 685 15.75 -67.90 6.44
C MET L 685 14.25 -68.13 6.34
N PHE L 686 13.50 -67.81 7.38
CA PHE L 686 12.08 -68.08 7.38
C PHE L 686 11.25 -66.94 6.85
N LEU L 687 11.68 -65.71 7.11
CA LEU L 687 10.94 -64.55 6.60
C LEU L 687 11.17 -64.38 5.11
N PHE L 688 12.37 -64.69 4.62
CA PHE L 688 12.67 -64.44 3.22
C PHE L 688 12.23 -65.57 2.31
N SER L 689 11.89 -66.72 2.88
CA SER L 689 11.48 -67.87 2.09
C SER L 689 9.98 -68.08 2.21
N GLY L 690 9.49 -69.11 1.52
CA GLY L 690 8.09 -69.45 1.54
C GLY L 690 7.89 -70.94 1.72
N ARG L 691 6.63 -71.35 1.69
CA ARG L 691 6.30 -72.74 1.97
C ARG L 691 6.62 -73.65 0.79
N GLY L 692 6.12 -73.30 -0.40
CA GLY L 692 6.19 -74.17 -1.57
C GLY L 692 7.57 -74.44 -2.11
N TYR L 693 8.62 -73.81 -1.55
CA TYR L 693 9.95 -74.34 -1.74
C TYR L 693 10.23 -75.49 -0.79
N TRP L 694 10.10 -75.22 0.51
CA TRP L 694 10.50 -76.18 1.53
C TRP L 694 9.59 -77.39 1.60
N GLN L 695 8.39 -77.33 1.04
CA GLN L 695 7.59 -78.54 0.95
C GLN L 695 8.20 -79.53 -0.03
N GLU L 696 8.60 -79.05 -1.21
CA GLU L 696 9.11 -79.95 -2.24
C GLU L 696 10.51 -80.46 -1.95
N LEU L 697 11.19 -79.95 -0.93
CA LEU L 697 12.41 -80.59 -0.47
C LEU L 697 12.11 -81.74 0.48
N ILE L 698 10.91 -81.77 1.06
CA ILE L 698 10.51 -82.96 1.80
C ILE L 698 10.22 -84.11 0.83
N GLU L 699 9.68 -83.78 -0.35
CA GLU L 699 9.27 -84.81 -1.30
C GLU L 699 10.44 -85.59 -1.84
N SER L 700 11.58 -84.95 -2.04
CA SER L 700 12.79 -85.69 -2.36
C SER L 700 13.35 -86.41 -1.13
N ILE L 701 13.11 -85.89 0.06
CA ILE L 701 13.71 -86.50 1.25
C ILE L 701 12.83 -87.60 1.84
N VAL L 702 11.50 -87.44 1.80
CA VAL L 702 10.63 -88.55 2.18
C VAL L 702 10.62 -89.63 1.11
N TRP L 703 11.05 -89.31 -0.12
CA TRP L 703 11.43 -90.34 -1.07
C TRP L 703 12.57 -91.19 -0.52
N ALA L 704 13.59 -90.53 0.04
CA ALA L 704 14.76 -91.25 0.50
C ALA L 704 14.51 -92.03 1.79
N HIS L 705 13.56 -91.60 2.60
CA HIS L 705 13.23 -92.37 3.80
C HIS L 705 12.23 -93.47 3.51
N ASN L 706 11.48 -93.35 2.41
CA ASN L 706 10.76 -94.48 1.85
C ASN L 706 11.69 -95.43 1.12
N LYS L 707 12.83 -94.93 0.64
CA LYS L 707 13.75 -95.72 -0.15
C LYS L 707 14.38 -96.85 0.65
N LEU L 708 14.62 -96.62 1.94
CA LEU L 708 15.22 -97.64 2.79
C LEU L 708 14.23 -98.28 3.75
N LYS L 709 12.93 -98.21 3.44
CA LYS L 709 11.88 -99.04 4.05
C LYS L 709 11.70 -98.78 5.55
N PHE L 710 11.76 -97.52 5.96
CA PHE L 710 11.56 -97.18 7.36
C PHE L 710 10.71 -95.93 7.52
N ALA L 711 9.92 -95.60 6.49
CA ALA L 711 9.27 -94.29 6.37
C ALA L 711 8.25 -94.07 7.49
N PRO L 712 8.15 -92.85 8.01
CA PRO L 712 7.17 -92.60 9.07
C PRO L 712 5.76 -92.57 8.53
N SER L 713 4.86 -93.24 9.27
CA SER L 713 3.44 -93.27 8.92
C SER L 713 2.81 -91.90 9.00
N ILE L 714 3.21 -91.11 10.00
CA ILE L 714 2.93 -89.67 9.93
C ILE L 714 3.83 -89.13 8.82
N GLN L 715 3.22 -88.78 7.70
CA GLN L 715 3.99 -88.26 6.59
C GLN L 715 4.38 -86.81 6.89
N PRO L 716 5.61 -86.42 6.59
CA PRO L 716 6.03 -85.04 6.86
C PRO L 716 5.47 -84.10 5.81
N ARG L 717 5.17 -82.88 6.24
CA ARG L 717 4.77 -81.78 5.38
C ARG L 717 5.61 -80.57 5.74
N ALA L 718 5.43 -79.49 4.99
CA ALA L 718 6.07 -78.25 5.36
C ALA L 718 5.38 -77.61 6.56
N LEU L 719 6.02 -76.62 7.15
CA LEU L 719 5.32 -75.79 8.11
C LEU L 719 4.28 -74.96 7.37
N SER L 720 3.21 -74.61 8.08
CA SER L 720 2.26 -73.67 7.55
C SER L 720 2.91 -72.30 7.40
N ILE L 721 2.29 -71.48 6.53
CA ILE L 721 2.90 -70.21 6.13
C ILE L 721 2.96 -69.26 7.31
N THR L 722 1.89 -69.22 8.10
CA THR L 722 1.87 -68.45 9.33
C THR L 722 2.88 -68.99 10.33
N GLN L 723 3.02 -70.31 10.43
CA GLN L 723 4.05 -70.84 11.31
C GLN L 723 5.44 -70.58 10.75
N GLY L 724 5.57 -70.55 9.43
CA GLY L 724 6.79 -70.04 8.84
C GLY L 724 6.98 -68.56 9.13
N ARG L 725 5.89 -67.81 9.16
CA ARG L 725 5.98 -66.42 9.57
C ARG L 725 6.26 -66.30 11.06
N ALA L 726 5.59 -67.11 11.88
CA ALA L 726 5.69 -66.96 13.32
C ALA L 726 7.06 -67.38 13.83
N VAL L 727 7.67 -68.38 13.21
CA VAL L 727 9.00 -68.78 13.66
C VAL L 727 10.05 -67.82 13.11
N GLY L 728 9.69 -67.07 12.08
CA GLY L 728 10.61 -66.09 11.53
C GLY L 728 10.70 -64.85 12.38
N VAL L 729 9.60 -64.50 13.04
CA VAL L 729 9.63 -63.35 13.94
C VAL L 729 10.09 -63.77 15.33
N ALA L 730 9.77 -64.98 15.77
CA ALA L 730 10.13 -65.42 17.12
C ALA L 730 11.63 -65.64 17.25
N HIS L 731 12.29 -66.02 16.16
CA HIS L 731 13.74 -66.10 16.19
C HIS L 731 14.38 -64.76 15.89
N TYR L 732 13.65 -63.84 15.24
CA TYR L 732 14.15 -62.51 14.97
C TYR L 732 14.29 -61.72 16.27
N LEU L 733 13.23 -61.73 17.07
CA LEU L 733 13.24 -61.03 18.34
C LEU L 733 14.23 -61.67 19.30
N LEU L 734 14.26 -63.01 19.35
CA LEU L 734 15.21 -63.71 20.20
C LEU L 734 16.63 -63.45 19.74
N GLY L 735 16.84 -63.32 18.44
CA GLY L 735 18.15 -62.94 17.98
C GLY L 735 18.47 -61.48 18.15
N GLY L 736 17.46 -60.63 18.23
CA GLY L 736 17.73 -59.22 18.28
C GLY L 736 17.78 -58.65 19.68
N ILE L 737 16.88 -59.10 20.54
CA ILE L 737 16.85 -58.60 21.91
C ILE L 737 17.98 -59.18 22.72
N ALA L 738 18.24 -60.49 22.55
CA ALA L 738 19.34 -61.12 23.28
C ALA L 738 20.70 -60.65 22.81
N THR L 739 20.77 -59.99 21.65
CA THR L 739 21.98 -59.27 21.30
C THR L 739 22.10 -58.03 22.17
N THR L 740 21.01 -57.27 22.27
CA THR L 740 20.95 -56.08 23.09
C THR L 740 21.04 -56.44 24.57
N TRP L 741 20.50 -57.61 24.94
CA TRP L 741 20.64 -58.10 26.30
C TRP L 741 22.10 -58.36 26.64
N SER L 742 22.85 -58.89 25.68
CA SER L 742 24.25 -59.19 25.94
C SER L 742 25.11 -57.96 25.81
N PHE L 743 24.73 -57.04 24.92
CA PHE L 743 25.49 -55.80 24.76
C PHE L 743 25.34 -54.92 25.98
N PHE L 744 24.11 -54.78 26.49
CA PHE L 744 23.88 -53.87 27.60
C PHE L 744 24.50 -54.40 28.88
N HIS L 745 24.54 -55.73 29.03
CA HIS L 745 25.19 -56.34 30.18
C HIS L 745 26.69 -56.10 30.15
N ALA L 746 27.37 -56.61 29.12
CA ALA L 746 28.81 -56.56 29.11
C ALA L 746 29.37 -55.19 28.76
N ARG L 747 28.51 -54.18 28.55
CA ARG L 747 28.98 -52.81 28.59
C ARG L 747 28.99 -52.30 30.03
N ILE L 748 27.83 -52.28 30.68
CA ILE L 748 27.69 -51.56 31.94
C ILE L 748 28.22 -52.33 33.14
N ILE L 749 28.51 -53.62 33.00
CA ILE L 749 29.19 -54.32 34.07
C ILE L 749 30.66 -53.89 34.11
N SER L 750 31.23 -53.65 32.93
CA SER L 750 32.63 -53.22 32.85
C SER L 750 32.81 -51.76 33.28
N VAL L 751 32.12 -50.83 32.64
CA VAL L 751 32.30 -49.42 32.93
C VAL L 751 31.37 -48.92 34.03
N GLY L 752 30.71 -49.81 34.76
CA GLY L 752 29.87 -49.40 35.88
C GLY L 752 29.67 -50.53 36.86
N GLY M 2 -4.73 -51.19 -25.25
CA GLY M 2 -5.04 -49.90 -24.68
C GLY M 2 -3.99 -48.84 -24.98
N THR M 3 -2.92 -48.81 -24.17
CA THR M 3 -1.89 -47.81 -24.32
C THR M 3 -0.76 -48.35 -25.21
N LYS M 4 0.07 -47.44 -25.71
CA LYS M 4 1.19 -47.88 -26.52
C LYS M 4 2.32 -48.50 -25.70
N PHE M 5 2.49 -48.09 -24.47
CA PHE M 5 3.56 -48.68 -23.68
C PHE M 5 3.05 -49.77 -22.76
N PRO M 6 3.69 -50.95 -22.71
CA PRO M 6 4.87 -51.34 -23.48
C PRO M 6 4.48 -51.96 -24.83
N LYS M 7 5.22 -51.64 -25.89
CA LYS M 7 4.90 -52.22 -27.20
C LYS M 7 5.05 -53.74 -27.18
N ALA M 8 6.05 -54.24 -26.43
CA ALA M 8 6.42 -55.65 -26.47
C ALA M 8 5.54 -56.55 -25.62
N SER M 9 4.36 -56.08 -25.20
CA SER M 9 3.31 -56.93 -24.64
C SER M 9 1.98 -56.20 -24.74
N GLN M 10 1.10 -56.67 -25.64
CA GLN M 10 -0.20 -56.05 -25.81
C GLN M 10 -1.09 -56.24 -24.59
N ALA M 11 -0.92 -57.34 -23.86
CA ALA M 11 -1.75 -57.59 -22.69
C ALA M 11 -1.30 -56.75 -21.51
N LEU M 12 0.00 -56.46 -21.42
CA LEU M 12 0.49 -55.52 -20.41
C LEU M 12 0.08 -54.09 -20.75
N ALA M 13 0.20 -53.72 -22.04
CA ALA M 13 -0.13 -52.39 -22.52
C ALA M 13 -1.57 -51.95 -22.29
N GLN M 14 -2.49 -52.88 -21.99
CA GLN M 14 -3.89 -52.49 -21.76
C GLN M 14 -4.21 -52.40 -20.28
N ASP M 15 -3.27 -52.76 -19.43
CA ASP M 15 -3.41 -52.69 -17.98
C ASP M 15 -3.41 -51.23 -17.55
N PRO M 16 -4.47 -50.74 -16.91
CA PRO M 16 -4.52 -49.34 -16.49
C PRO M 16 -3.78 -49.02 -15.22
N THR M 17 -3.08 -49.96 -14.60
CA THR M 17 -2.44 -49.66 -13.34
C THR M 17 -0.95 -49.40 -13.49
N THR M 18 -0.32 -49.05 -12.36
CA THR M 18 1.12 -48.80 -12.29
C THR M 18 1.93 -50.06 -12.57
N ARG M 19 1.35 -51.24 -12.36
CA ARG M 19 2.00 -52.52 -12.66
C ARG M 19 2.51 -52.57 -14.09
N ARG M 20 1.77 -51.91 -15.01
CA ARG M 20 2.10 -51.83 -16.43
C ARG M 20 3.53 -51.35 -16.64
N ILE M 21 3.90 -50.25 -15.99
CA ILE M 21 5.23 -49.67 -16.13
C ILE M 21 6.28 -50.65 -15.65
N TRP M 22 6.11 -51.16 -14.43
CA TRP M 22 7.00 -52.15 -13.84
C TRP M 22 7.17 -53.37 -14.73
N TYR M 23 6.06 -54.04 -15.05
CA TYR M 23 6.10 -55.20 -15.93
C TYR M 23 6.56 -54.85 -17.34
N GLY M 24 6.32 -53.60 -17.78
CA GLY M 24 6.86 -53.14 -19.04
C GLY M 24 8.38 -53.01 -19.01
N ILE M 25 8.95 -52.84 -17.83
CA ILE M 25 10.40 -52.89 -17.70
C ILE M 25 10.90 -54.32 -17.83
N ALA M 26 10.21 -55.27 -17.21
CA ALA M 26 10.63 -56.67 -17.26
C ALA M 26 10.49 -57.28 -18.66
N THR M 27 9.33 -57.14 -19.27
CA THR M 27 8.99 -57.93 -20.44
C THR M 27 9.26 -57.17 -21.75
N ALA M 28 10.34 -56.40 -21.79
CA ALA M 28 10.81 -55.81 -23.04
C ALA M 28 12.07 -56.51 -23.53
N ASN M 29 13.09 -56.61 -22.68
CA ASN M 29 14.30 -57.36 -23.02
C ASN M 29 14.15 -58.85 -22.76
N ASP M 30 12.93 -59.34 -22.59
CA ASP M 30 12.57 -60.75 -22.70
C ASP M 30 11.95 -61.00 -24.08
N PHE M 31 12.77 -60.76 -25.11
CA PHE M 31 12.45 -60.88 -26.54
C PHE M 31 11.66 -62.12 -26.92
N GLU M 32 12.01 -63.25 -26.29
CA GLU M 32 11.36 -64.54 -26.54
C GLU M 32 9.87 -64.46 -26.30
N THR M 33 9.47 -63.72 -25.27
CA THR M 33 8.10 -63.46 -24.92
C THR M 33 7.66 -62.05 -25.32
N ASN M 34 8.07 -61.58 -26.49
CA ASN M 34 7.44 -60.41 -27.07
C ASN M 34 6.12 -60.80 -27.76
N ASP M 35 5.59 -59.88 -28.54
CA ASP M 35 4.35 -60.13 -29.25
C ASP M 35 4.60 -60.28 -30.75
N GLY M 36 4.08 -61.36 -31.33
CA GLY M 36 4.16 -61.58 -32.76
C GLY M 36 5.52 -61.88 -33.35
N ILE M 37 6.60 -61.89 -32.57
CA ILE M 37 7.93 -62.07 -33.13
C ILE M 37 8.13 -63.53 -33.47
N THR M 38 8.41 -63.80 -34.75
CA THR M 38 8.70 -65.12 -35.27
C THR M 38 10.04 -65.60 -34.73
N GLU M 39 10.26 -66.92 -34.83
CA GLU M 39 11.50 -67.51 -34.32
C GLU M 39 12.72 -66.95 -35.05
N GLU M 40 12.65 -66.83 -36.39
CA GLU M 40 13.78 -66.32 -37.15
C GLU M 40 14.09 -64.87 -36.80
N ASN M 41 13.06 -64.02 -36.67
CA ASN M 41 13.21 -62.60 -36.32
C ASN M 41 13.81 -62.41 -34.94
N LEU M 42 13.49 -63.34 -34.03
CA LEU M 42 13.99 -63.31 -32.66
C LEU M 42 15.51 -63.31 -32.66
N TYR M 43 16.11 -64.27 -33.37
CA TYR M 43 17.55 -64.45 -33.49
C TYR M 43 18.22 -63.20 -34.05
N GLN M 44 17.61 -62.59 -35.07
CA GLN M 44 18.14 -61.40 -35.71
C GLN M 44 18.21 -60.25 -34.73
N LYS M 45 17.25 -60.18 -33.80
CA LYS M 45 17.22 -59.15 -32.77
C LYS M 45 18.35 -59.37 -31.77
N ILE M 46 18.58 -60.64 -31.39
CA ILE M 46 19.64 -61.01 -30.46
C ILE M 46 20.97 -60.49 -30.99
N PHE M 47 21.29 -60.93 -32.22
CA PHE M 47 22.49 -60.55 -32.96
C PHE M 47 22.75 -59.05 -32.90
N ALA M 48 21.72 -58.25 -33.26
CA ALA M 48 21.87 -56.80 -33.27
C ALA M 48 22.05 -56.25 -31.86
N SER M 49 21.35 -56.83 -30.88
CA SER M 49 21.48 -56.40 -29.50
C SER M 49 22.89 -56.65 -28.97
N HIS M 50 23.52 -57.71 -29.47
CA HIS M 50 24.89 -58.05 -29.08
C HIS M 50 25.85 -56.97 -29.55
N PHE M 51 25.63 -56.44 -30.76
CA PHE M 51 26.46 -55.35 -31.26
C PHE M 51 26.35 -54.15 -30.35
N GLY M 52 25.12 -53.84 -29.91
CA GLY M 52 24.90 -52.72 -29.02
C GLY M 52 25.61 -52.86 -27.69
N HIS M 53 25.56 -54.06 -27.09
CA HIS M 53 26.23 -54.29 -25.81
C HIS M 53 27.73 -54.13 -25.94
N LEU M 54 28.30 -54.73 -26.99
CA LEU M 54 29.73 -54.61 -27.27
C LEU M 54 30.15 -53.15 -27.42
N ALA M 55 29.36 -52.38 -28.18
CA ALA M 55 29.64 -50.97 -28.40
C ALA M 55 29.72 -50.20 -27.09
N ILE M 56 28.78 -50.47 -26.18
CA ILE M 56 28.76 -49.82 -24.87
C ILE M 56 30.04 -50.14 -24.11
N ILE M 57 30.47 -51.41 -24.17
CA ILE M 57 31.70 -51.87 -23.51
C ILE M 57 32.88 -51.08 -24.05
N PHE M 58 32.95 -50.95 -25.38
CA PHE M 58 34.02 -50.20 -26.02
C PHE M 58 34.01 -48.75 -25.58
N LEU M 59 32.81 -48.16 -25.50
CA LEU M 59 32.67 -46.77 -25.06
C LEU M 59 33.06 -46.63 -23.61
N TRP M 60 32.70 -47.64 -22.81
CA TRP M 60 33.04 -47.67 -21.39
C TRP M 60 34.53 -47.58 -21.16
N THR M 61 35.30 -48.51 -21.75
CA THR M 61 36.73 -48.48 -21.57
C THR M 61 37.37 -47.30 -22.27
N SER M 62 36.73 -46.76 -23.32
CA SER M 62 37.14 -45.47 -23.85
C SER M 62 37.03 -44.39 -22.79
N GLY M 63 36.04 -44.50 -21.92
CA GLY M 63 35.88 -43.52 -20.86
C GLY M 63 36.92 -43.64 -19.77
N ASN M 64 37.44 -44.84 -19.54
CA ASN M 64 38.46 -45.04 -18.51
C ASN M 64 39.80 -44.47 -18.94
N LEU M 65 40.24 -44.80 -20.16
CA LEU M 65 41.41 -44.18 -20.76
C LEU M 65 41.30 -42.66 -20.84
N PHE M 66 40.17 -42.14 -21.35
CA PHE M 66 40.04 -40.69 -21.49
C PHE M 66 40.19 -39.95 -20.17
N HIS M 67 39.52 -40.41 -19.11
CA HIS M 67 39.63 -39.70 -17.84
C HIS M 67 41.00 -39.83 -17.20
N VAL M 68 41.69 -40.96 -17.39
CA VAL M 68 43.02 -41.08 -16.82
C VAL M 68 43.98 -40.14 -17.58
N ALA M 69 43.95 -40.17 -18.91
CA ALA M 69 44.80 -39.28 -19.69
C ALA M 69 44.50 -37.82 -19.37
N TRP M 70 43.21 -37.49 -19.21
CA TRP M 70 42.84 -36.10 -18.98
C TRP M 70 43.00 -35.70 -17.52
N GLN M 71 42.57 -36.54 -16.57
CA GLN M 71 42.60 -36.15 -15.16
C GLN M 71 43.40 -37.04 -14.24
N GLY M 72 44.03 -38.10 -14.73
CA GLY M 72 44.79 -39.01 -13.89
C GLY M 72 46.21 -38.53 -13.67
N ASN M 73 47.05 -39.47 -13.25
CA ASN M 73 48.45 -39.20 -13.02
C ASN M 73 49.30 -40.34 -13.56
N PHE M 74 48.89 -40.87 -14.73
CA PHE M 74 49.57 -42.00 -15.36
C PHE M 74 51.04 -41.68 -15.59
N GLU M 75 51.33 -40.49 -16.11
CA GLU M 75 52.70 -40.07 -16.38
C GLU M 75 53.48 -39.94 -15.09
N GLN M 76 52.82 -39.45 -14.03
CA GLN M 76 53.48 -39.35 -12.74
C GLN M 76 53.69 -40.73 -12.14
N TRP M 77 52.75 -41.64 -12.39
CA TRP M 77 52.83 -43.00 -11.86
C TRP M 77 53.98 -43.80 -12.46
N VAL M 78 54.18 -43.74 -13.79
CA VAL M 78 55.27 -44.47 -14.45
C VAL M 78 56.64 -44.13 -13.85
N LYS M 79 56.81 -42.88 -13.39
CA LYS M 79 58.12 -42.44 -12.92
C LYS M 79 58.45 -43.06 -11.58
N ASP M 80 57.44 -43.46 -10.81
CA ASP M 80 57.65 -44.05 -9.48
C ASP M 80 56.40 -44.85 -9.12
N PRO M 81 56.30 -46.09 -9.62
CA PRO M 81 55.13 -46.95 -9.30
C PRO M 81 54.91 -47.19 -7.80
N LEU M 82 55.96 -47.03 -6.98
CA LEU M 82 55.89 -47.33 -5.56
C LEU M 82 55.00 -46.34 -4.81
N ASN M 83 55.33 -45.05 -4.88
CA ASN M 83 54.84 -44.07 -3.92
C ASN M 83 53.73 -43.17 -4.46
N THR M 84 53.49 -43.17 -5.75
CA THR M 84 52.44 -42.37 -6.35
C THR M 84 51.10 -43.08 -6.27
N ARG M 85 50.09 -42.37 -5.78
CA ARG M 85 48.74 -42.89 -5.71
C ARG M 85 48.03 -42.67 -7.04
N PRO M 86 47.56 -43.73 -7.70
CA PRO M 86 46.88 -43.57 -9.00
C PRO M 86 45.58 -42.81 -8.84
N ILE M 87 45.37 -41.84 -9.72
CA ILE M 87 44.18 -41.00 -9.69
C ILE M 87 43.15 -41.55 -10.67
N ALA M 88 41.93 -41.76 -10.18
CA ALA M 88 40.85 -42.29 -11.00
C ALA M 88 40.32 -41.24 -11.96
N HIS M 89 39.92 -40.08 -11.43
CA HIS M 89 39.37 -38.95 -12.17
C HIS M 89 39.12 -37.82 -11.19
N ALA M 90 38.85 -36.64 -11.75
CA ALA M 90 38.60 -35.47 -10.94
C ALA M 90 37.23 -35.51 -10.28
N ILE M 91 37.10 -34.72 -9.23
CA ILE M 91 35.88 -34.60 -8.45
C ILE M 91 35.31 -33.21 -8.69
N SER M 92 34.06 -33.15 -9.14
CA SER M 92 33.34 -31.88 -9.26
C SER M 92 31.94 -32.07 -8.71
N ASP M 93 31.81 -31.89 -7.39
CA ASP M 93 30.56 -32.13 -6.68
C ASP M 93 30.23 -30.78 -6.06
N PRO M 94 29.30 -30.01 -6.67
CA PRO M 94 28.91 -28.68 -6.16
C PRO M 94 28.55 -28.59 -4.69
N HIS M 95 28.07 -29.68 -4.10
CA HIS M 95 27.69 -29.68 -2.71
C HIS M 95 28.88 -29.73 -1.76
N PHE M 96 30.10 -29.88 -2.28
CA PHE M 96 31.28 -29.92 -1.42
C PHE M 96 31.49 -28.61 -0.68
N GLY M 97 32.02 -28.73 0.53
CA GLY M 97 32.40 -27.59 1.34
C GLY M 97 33.87 -27.28 1.23
N GLN M 98 34.30 -26.34 2.07
CA GLN M 98 35.69 -25.87 2.06
C GLN M 98 36.66 -26.95 2.51
N ARG M 99 36.30 -27.72 3.53
CA ARG M 99 37.15 -28.83 3.96
C ARG M 99 36.97 -30.03 3.05
N ALA M 100 35.91 -30.06 2.25
CA ALA M 100 35.74 -31.18 1.33
C ALA M 100 36.68 -31.11 0.15
N ILE M 101 37.14 -29.91 -0.19
CA ILE M 101 38.10 -29.78 -1.26
C ILE M 101 39.48 -30.28 -0.82
N GLU M 102 39.93 -29.90 0.37
CA GLU M 102 41.29 -30.21 0.81
C GLU M 102 41.51 -31.68 1.10
N ALA M 103 40.49 -32.39 1.59
CA ALA M 103 40.66 -33.80 1.88
C ALA M 103 40.70 -34.64 0.61
N PHE M 104 39.93 -34.26 -0.41
CA PHE M 104 39.90 -35.02 -1.64
C PHE M 104 40.88 -34.52 -2.68
N SER M 105 41.54 -33.38 -2.43
CA SER M 105 42.70 -32.96 -3.23
C SER M 105 43.93 -33.65 -2.68
N GLN M 106 44.03 -34.93 -2.97
CA GLN M 106 45.07 -35.79 -2.44
C GLN M 106 46.03 -36.19 -3.55
N ALA M 107 46.93 -37.14 -3.25
CA ALA M 107 47.97 -37.67 -4.16
C ALA M 107 48.82 -36.57 -4.80
N GLY M 108 48.93 -35.42 -4.16
CA GLY M 108 49.72 -34.32 -4.68
C GLY M 108 49.05 -33.50 -5.76
N ALA M 109 47.73 -33.62 -5.88
CA ALA M 109 46.99 -32.88 -6.88
C ALA M 109 46.52 -31.55 -6.31
N SER M 110 46.15 -30.65 -7.20
CA SER M 110 45.64 -29.35 -6.80
C SER M 110 44.13 -29.26 -6.97
N SER M 111 43.53 -30.24 -7.65
CA SER M 111 42.11 -30.44 -7.77
C SER M 111 41.69 -31.63 -6.90
N PRO M 112 40.45 -31.64 -6.40
CA PRO M 112 39.92 -32.86 -5.79
C PRO M 112 39.83 -33.98 -6.80
N VAL M 113 40.26 -35.18 -6.38
CA VAL M 113 40.23 -36.38 -7.22
C VAL M 113 39.98 -37.60 -6.35
N ASN M 114 39.68 -38.72 -7.01
CA ASN M 114 39.54 -40.02 -6.38
C ASN M 114 40.77 -40.85 -6.67
N ILE M 115 41.34 -41.46 -5.63
CA ILE M 115 42.42 -42.41 -5.81
C ILE M 115 41.88 -43.64 -6.53
N SER M 116 42.48 -44.00 -7.66
CA SER M 116 42.03 -45.18 -8.38
C SER M 116 42.42 -46.45 -7.63
N TYR M 117 41.60 -47.49 -7.79
CA TYR M 117 41.86 -48.79 -7.20
C TYR M 117 41.50 -49.94 -8.12
N SER M 118 41.29 -49.67 -9.41
CA SER M 118 40.92 -50.76 -10.31
C SER M 118 42.11 -51.52 -10.84
N GLY M 119 43.33 -51.04 -10.63
CA GLY M 119 44.50 -51.72 -11.13
C GLY M 119 44.74 -51.56 -12.61
N VAL M 120 44.01 -50.66 -13.27
CA VAL M 120 44.14 -50.41 -14.70
C VAL M 120 45.53 -49.86 -15.04
N TYR M 121 46.14 -49.11 -14.11
CA TYR M 121 47.47 -48.55 -14.32
C TYR M 121 48.51 -49.65 -14.50
N GLN M 122 48.50 -50.65 -13.61
CA GLN M 122 49.44 -51.76 -13.70
C GLN M 122 49.21 -52.64 -14.91
N TRP M 123 48.00 -52.66 -15.46
CA TRP M 123 47.73 -53.44 -16.66
C TRP M 123 48.26 -52.70 -17.88
N TRP M 124 47.95 -51.41 -17.96
CA TRP M 124 48.37 -50.57 -19.07
C TRP M 124 49.89 -50.42 -19.14
N TYR M 125 50.54 -50.34 -17.97
CA TYR M 125 52.00 -50.25 -17.90
C TYR M 125 52.66 -51.43 -18.59
N THR M 126 52.32 -52.64 -18.15
CA THR M 126 52.87 -53.88 -18.73
C THR M 126 52.67 -53.94 -20.24
N GLN M 127 51.50 -53.49 -20.71
CA GLN M 127 51.19 -53.53 -22.12
C GLN M 127 52.07 -52.59 -22.94
N GLY M 128 52.53 -51.50 -22.34
CA GLY M 128 53.54 -50.67 -22.96
C GLY M 128 53.20 -49.20 -23.02
N MET M 129 52.05 -48.77 -22.52
CA MET M 129 51.73 -47.35 -22.58
C MET M 129 52.58 -46.67 -21.52
N ARG M 130 53.14 -45.52 -21.90
CA ARG M 130 54.03 -44.79 -21.02
C ARG M 130 53.67 -43.33 -20.86
N THR M 131 53.10 -42.74 -21.89
CA THR M 131 52.78 -41.32 -21.88
C THR M 131 51.28 -41.08 -21.98
N ASN M 132 50.91 -39.87 -21.57
CA ASN M 132 49.53 -39.39 -21.59
C ASN M 132 48.92 -39.41 -22.99
N GLU M 133 49.72 -39.21 -24.04
CA GLU M 133 49.13 -39.25 -25.37
C GLU M 133 48.98 -40.68 -25.88
N GLU M 134 49.71 -41.64 -25.31
CA GLU M 134 49.48 -43.04 -25.68
C GLU M 134 48.16 -43.54 -25.13
N LEU M 135 47.72 -42.99 -24.01
CA LEU M 135 46.38 -43.28 -23.48
C LEU M 135 45.30 -42.66 -24.36
N TYR M 136 45.46 -41.36 -24.67
CA TYR M 136 44.49 -40.67 -25.53
C TYR M 136 44.34 -41.38 -26.86
N ASN M 137 45.46 -41.89 -27.40
CA ASN M 137 45.42 -42.72 -28.59
C ASN M 137 44.70 -44.04 -28.35
N GLY M 138 44.68 -44.51 -27.10
CA GLY M 138 43.86 -45.68 -26.79
C GLY M 138 42.39 -45.33 -26.67
N ALA M 139 42.09 -44.18 -26.03
CA ALA M 139 40.71 -43.73 -25.86
C ALA M 139 40.01 -43.47 -27.19
N ILE M 140 40.70 -42.80 -28.12
CA ILE M 140 40.13 -42.49 -29.43
C ILE M 140 39.88 -43.76 -30.22
N PHE M 141 40.76 -44.75 -30.06
CA PHE M 141 40.66 -46.00 -30.80
C PHE M 141 39.38 -46.78 -30.45
N LEU M 142 38.99 -46.80 -29.16
CA LEU M 142 37.76 -47.52 -28.83
C LEU M 142 36.54 -46.75 -29.30
N LEU M 143 36.64 -45.42 -29.39
CA LEU M 143 35.52 -44.64 -29.92
C LEU M 143 35.28 -45.00 -31.37
N ILE M 144 36.36 -45.18 -32.11
CA ILE M 144 36.29 -45.58 -33.51
C ILE M 144 35.81 -47.02 -33.61
N LEU M 145 36.36 -47.90 -32.77
CA LEU M 145 35.99 -49.32 -32.79
C LEU M 145 34.51 -49.49 -32.43
N SER M 146 34.01 -48.67 -31.51
CA SER M 146 32.58 -48.66 -31.23
C SER M 146 31.81 -48.04 -32.38
N ALA M 147 32.43 -47.11 -33.12
CA ALA M 147 31.71 -46.38 -34.16
C ALA M 147 31.34 -47.28 -35.33
N LEU M 148 32.21 -48.23 -35.67
CA LEU M 148 31.80 -49.27 -36.62
C LEU M 148 30.92 -50.31 -35.95
N SER M 149 31.07 -50.51 -34.65
CA SER M 149 30.28 -51.54 -33.97
C SER M 149 28.83 -51.11 -33.81
N LEU M 150 28.59 -49.81 -33.67
CA LEU M 150 27.22 -49.31 -33.74
C LEU M 150 26.67 -49.40 -35.16
N PHE M 151 27.47 -49.02 -36.14
CA PHE M 151 27.04 -49.07 -37.54
C PHE M 151 26.72 -50.49 -37.97
N ALA M 152 27.58 -51.45 -37.59
CA ALA M 152 27.37 -52.86 -37.95
C ALA M 152 26.06 -53.40 -37.42
N GLY M 153 25.69 -53.02 -36.20
CA GLY M 153 24.42 -53.48 -35.65
C GLY M 153 23.23 -52.96 -36.44
N TRP M 154 23.26 -51.69 -36.84
CA TRP M 154 22.18 -51.11 -37.63
C TRP M 154 22.14 -51.77 -38.99
N LEU M 155 23.33 -52.00 -39.56
CA LEU M 155 23.48 -52.61 -40.87
C LEU M 155 22.92 -54.02 -40.92
N HIS M 156 23.29 -54.87 -39.96
CA HIS M 156 22.81 -56.25 -39.96
C HIS M 156 21.36 -56.40 -39.52
N LEU M 157 20.60 -55.31 -39.41
CA LEU M 157 19.18 -55.36 -39.08
C LEU M 157 18.32 -55.09 -40.30
N GLN M 158 18.92 -54.63 -41.35
CA GLN M 158 18.27 -54.32 -42.60
C GLN M 158 17.97 -55.60 -43.37
N PRO M 159 16.78 -55.67 -44.06
CA PRO M 159 16.34 -56.84 -44.85
C PRO M 159 17.36 -57.63 -45.65
N LYS M 160 18.12 -56.93 -46.50
CA LYS M 160 19.11 -57.57 -47.35
C LYS M 160 20.26 -58.20 -46.58
N PHE M 161 20.50 -57.82 -45.33
CA PHE M 161 21.62 -58.35 -44.56
C PHE M 161 21.16 -59.19 -43.37
N ARG M 162 19.88 -59.52 -43.27
CA ARG M 162 19.37 -60.34 -42.18
C ARG M 162 19.78 -61.79 -42.42
N PRO M 163 20.57 -62.40 -41.54
CA PRO M 163 20.99 -63.80 -41.72
C PRO M 163 19.81 -64.77 -41.77
N ASN M 164 20.08 -65.98 -42.25
CA ASN M 164 19.08 -67.03 -42.13
C ASN M 164 19.17 -67.68 -40.76
N LEU M 165 18.10 -68.41 -40.41
CA LEU M 165 18.11 -69.26 -39.22
C LEU M 165 19.24 -70.27 -39.29
N SER M 166 19.42 -70.91 -40.46
CA SER M 166 20.47 -71.91 -40.65
C SER M 166 21.85 -71.35 -40.32
N TRP M 167 22.08 -70.07 -40.66
CA TRP M 167 23.36 -69.46 -40.33
C TRP M 167 23.56 -69.41 -38.82
N PHE M 168 22.48 -69.06 -38.10
CA PHE M 168 22.58 -68.99 -36.65
C PHE M 168 22.71 -70.37 -36.06
N LYS M 169 22.13 -71.38 -36.71
CA LYS M 169 22.15 -72.75 -36.26
C LYS M 169 23.30 -73.54 -36.83
N ASN M 170 24.19 -72.91 -37.61
CA ASN M 170 25.34 -73.59 -38.19
C ASN M 170 26.33 -73.75 -37.03
N ALA M 171 26.10 -74.80 -36.24
CA ALA M 171 26.93 -75.11 -35.08
C ALA M 171 28.38 -75.37 -35.45
N GLU M 172 28.62 -76.30 -36.37
CA GLU M 172 29.98 -76.70 -36.77
C GLU M 172 30.85 -75.53 -37.23
N SER M 173 30.27 -74.58 -37.97
CA SER M 173 31.03 -73.42 -38.45
C SER M 173 31.45 -72.50 -37.31
N ARG M 174 30.61 -72.40 -36.28
CA ARG M 174 30.85 -71.50 -35.16
C ARG M 174 32.02 -71.94 -34.30
N LEU M 175 32.10 -73.23 -33.95
CA LEU M 175 33.26 -73.70 -33.18
C LEU M 175 34.56 -73.40 -33.93
N ASN M 176 34.62 -73.76 -35.21
CA ASN M 176 35.79 -73.50 -36.06
C ASN M 176 36.17 -72.02 -36.12
N HIS M 177 35.21 -71.15 -36.43
CA HIS M 177 35.52 -69.73 -36.56
C HIS M 177 35.86 -69.03 -35.25
N HIS M 178 35.26 -69.43 -34.13
CA HIS M 178 35.60 -68.72 -32.90
C HIS M 178 36.91 -69.21 -32.28
N LEU M 179 37.09 -70.54 -32.23
CA LEU M 179 38.32 -71.11 -31.70
C LEU M 179 39.50 -70.75 -32.59
N GLY M 180 39.23 -70.56 -33.87
CA GLY M 180 40.20 -70.03 -34.81
C GLY M 180 40.45 -68.55 -34.59
N GLY M 181 39.42 -67.71 -34.68
CA GLY M 181 39.69 -66.30 -34.51
C GLY M 181 39.96 -65.85 -33.08
N LEU M 182 38.87 -65.74 -32.32
CA LEU M 182 38.87 -65.30 -30.91
C LEU M 182 39.94 -65.98 -30.05
N PHE M 183 40.07 -67.29 -30.17
CA PHE M 183 41.06 -68.01 -29.38
C PHE M 183 42.39 -68.13 -30.10
N GLY M 184 42.39 -68.76 -31.28
CA GLY M 184 43.58 -68.97 -32.09
C GLY M 184 44.38 -67.72 -32.45
N THR M 185 43.77 -66.85 -33.27
CA THR M 185 44.51 -65.73 -33.85
C THR M 185 44.74 -64.61 -32.86
N SER M 186 43.76 -64.35 -31.99
CA SER M 186 43.87 -63.21 -31.07
C SER M 186 44.97 -63.44 -30.05
N SER M 187 45.03 -64.65 -29.48
CA SER M 187 46.10 -64.98 -28.53
C SER M 187 47.44 -64.90 -29.24
N LEU M 188 47.49 -65.39 -30.48
CA LEU M 188 48.68 -65.30 -31.31
C LEU M 188 49.05 -63.84 -31.54
N ALA M 189 48.03 -63.02 -31.82
CA ALA M 189 48.22 -61.59 -32.06
C ALA M 189 48.75 -60.90 -30.81
N TRP M 190 48.31 -61.35 -29.64
CA TRP M 190 48.79 -60.74 -28.40
C TRP M 190 50.27 -60.96 -28.17
N THR M 191 50.84 -62.04 -28.71
CA THR M 191 52.28 -62.17 -28.71
C THR M 191 52.91 -61.07 -29.54
N GLY M 192 52.25 -60.68 -30.64
CA GLY M 192 52.74 -59.60 -31.49
C GLY M 192 52.91 -58.29 -30.75
N HIS M 193 51.97 -57.99 -29.86
CA HIS M 193 52.05 -56.77 -29.08
C HIS M 193 53.22 -56.84 -28.10
N ILE M 194 53.41 -58.02 -27.49
CA ILE M 194 54.39 -58.16 -26.43
C ILE M 194 55.79 -58.16 -26.99
N VAL M 195 56.02 -58.91 -28.07
CA VAL M 195 57.38 -59.04 -28.56
C VAL M 195 57.86 -57.78 -29.28
N HIS M 196 56.96 -57.02 -29.91
CA HIS M 196 57.36 -55.83 -30.62
C HIS M 196 57.30 -54.56 -29.78
N VAL M 197 56.54 -54.55 -28.67
CA VAL M 197 56.36 -53.33 -27.88
C VAL M 197 56.68 -53.50 -26.39
N ALA M 198 55.91 -54.36 -25.70
CA ALA M 198 56.02 -54.59 -24.25
C ALA M 198 57.44 -54.84 -23.79
N ILE M 199 58.13 -55.81 -24.41
CA ILE M 199 59.51 -56.12 -24.01
C ILE M 199 60.42 -54.91 -24.25
N PRO M 200 60.43 -54.26 -25.45
CA PRO M 200 61.26 -53.04 -25.62
C PRO M 200 61.01 -51.96 -24.57
N GLU M 201 59.75 -51.66 -24.26
CA GLU M 201 59.44 -50.61 -23.29
C GLU M 201 59.91 -51.00 -21.90
N SER M 202 59.99 -52.30 -21.61
CA SER M 202 60.51 -52.72 -20.31
C SER M 202 62.02 -52.58 -20.29
N ARG M 203 62.63 -52.42 -21.45
CA ARG M 203 64.06 -52.27 -21.65
C ARG M 203 64.44 -50.85 -22.04
N GLY M 204 63.56 -49.88 -21.76
CA GLY M 204 63.87 -48.50 -22.09
C GLY M 204 63.76 -48.10 -23.55
N GLN M 205 63.19 -48.95 -24.42
CA GLN M 205 63.07 -48.62 -25.83
C GLN M 205 61.64 -48.25 -26.19
N HIS M 206 61.46 -47.06 -26.76
CA HIS M 206 60.14 -46.58 -27.16
C HIS M 206 59.79 -47.15 -28.54
N VAL M 207 58.66 -47.84 -28.63
CA VAL M 207 58.13 -48.39 -29.87
C VAL M 207 56.70 -47.89 -30.05
N GLY M 208 56.43 -47.18 -31.14
CA GLY M 208 55.07 -46.70 -31.37
C GLY M 208 54.55 -46.94 -32.78
N TRP M 209 53.36 -46.41 -33.06
CA TRP M 209 52.75 -46.54 -34.39
C TRP M 209 53.58 -45.85 -35.46
N ASP M 210 54.29 -44.80 -35.05
CA ASP M 210 55.14 -43.95 -35.88
C ASP M 210 56.37 -44.68 -36.43
N ASN M 211 56.74 -45.84 -35.89
CA ASN M 211 57.93 -46.55 -36.34
C ASN M 211 57.79 -48.06 -36.46
N PHE M 212 56.71 -48.65 -35.96
CA PHE M 212 56.48 -50.11 -35.97
C PHE M 212 56.76 -50.82 -37.31
N LEU M 213 56.62 -50.13 -38.44
CA LEU M 213 56.90 -50.79 -39.71
C LEU M 213 58.40 -50.91 -39.97
N GLN M 214 59.25 -50.28 -39.15
CA GLN M 214 60.70 -50.27 -39.36
C GLN M 214 61.42 -51.35 -38.56
N VAL M 215 61.36 -51.28 -37.23
CA VAL M 215 62.25 -52.05 -36.39
C VAL M 215 61.70 -53.45 -36.16
N ALA M 216 62.59 -54.35 -35.73
CA ALA M 216 62.34 -55.74 -35.42
C ALA M 216 62.65 -56.03 -33.95
N PRO M 217 61.96 -57.00 -33.35
CA PRO M 217 62.29 -57.40 -31.97
C PRO M 217 63.65 -58.07 -31.80
N HIS M 218 64.25 -58.60 -32.87
CA HIS M 218 65.55 -59.25 -32.76
C HIS M 218 66.43 -58.94 -33.95
N PRO M 219 67.75 -58.59 -33.69
CA PRO M 219 68.75 -58.27 -34.73
C PRO M 219 68.66 -58.96 -36.08
N ALA M 220 68.60 -60.29 -36.10
CA ALA M 220 68.49 -61.04 -37.35
C ALA M 220 67.41 -62.11 -37.20
N GLY M 221 66.22 -61.63 -36.89
CA GLY M 221 65.08 -62.48 -36.66
C GLY M 221 64.33 -62.84 -37.92
N LEU M 222 63.61 -63.97 -37.82
CA LEU M 222 62.72 -64.66 -38.74
C LEU M 222 63.44 -65.59 -39.72
N GLN M 223 64.74 -65.49 -39.88
CA GLN M 223 65.44 -66.52 -40.62
C GLN M 223 65.71 -67.76 -39.77
N PRO M 224 66.10 -67.66 -38.48
CA PRO M 224 65.96 -68.84 -37.60
C PRO M 224 64.54 -69.38 -37.47
N PHE M 225 63.52 -68.55 -37.64
CA PHE M 225 62.12 -68.99 -37.52
C PHE M 225 61.78 -70.06 -38.55
N PHE M 226 62.07 -69.81 -39.83
CA PHE M 226 61.75 -70.81 -40.85
C PHE M 226 62.74 -71.97 -40.84
N THR M 227 64.03 -71.70 -40.66
CA THR M 227 65.01 -72.80 -40.65
C THR M 227 64.94 -73.66 -39.34
N GLY M 228 63.99 -73.46 -38.43
CA GLY M 228 63.91 -74.25 -37.24
C GLY M 228 64.86 -73.91 -36.11
N ASN M 229 65.76 -72.94 -36.28
CA ASN M 229 66.68 -72.59 -35.18
C ASN M 229 66.00 -71.65 -34.17
N TRP M 230 64.94 -72.18 -33.58
CA TRP M 230 64.10 -71.51 -32.58
C TRP M 230 64.87 -71.14 -31.31
N GLY M 231 65.95 -71.85 -31.02
CA GLY M 231 66.75 -71.67 -29.82
C GLY M 231 67.44 -70.33 -29.66
N VAL M 232 67.55 -69.52 -30.73
CA VAL M 232 68.21 -68.22 -30.60
C VAL M 232 67.43 -67.28 -29.69
N TYR M 233 66.12 -67.48 -29.58
CA TYR M 233 65.28 -66.64 -28.73
C TYR M 233 65.43 -67.03 -27.26
N THR M 234 66.10 -68.14 -26.98
CA THR M 234 66.51 -68.55 -25.65
C THR M 234 67.92 -68.10 -25.36
N GLU M 235 68.33 -66.95 -25.89
CA GLU M 235 69.59 -66.33 -25.53
C GLU M 235 69.46 -65.73 -24.12
N ASN M 236 70.54 -65.06 -23.66
CA ASN M 236 70.73 -64.47 -22.33
C ASN M 236 69.51 -63.69 -21.86
N PRO M 237 68.80 -64.20 -20.83
CA PRO M 237 67.61 -63.50 -20.33
C PRO M 237 67.92 -62.22 -19.57
N ASP M 238 66.94 -61.68 -18.86
CA ASP M 238 67.25 -60.48 -18.09
C ASP M 238 67.71 -60.87 -16.70
N THR M 239 68.66 -60.10 -16.19
CA THR M 239 69.23 -60.37 -14.89
C THR M 239 68.29 -59.89 -13.80
N ALA M 240 68.50 -60.41 -12.59
CA ALA M 240 67.68 -59.96 -11.46
C ALA M 240 67.93 -58.48 -11.19
N ASN M 241 69.16 -58.04 -11.43
CA ASN M 241 69.63 -56.67 -11.36
C ASN M 241 68.96 -55.74 -12.37
N HIS M 242 68.31 -56.28 -13.41
CA HIS M 242 67.53 -55.45 -14.31
C HIS M 242 66.40 -54.79 -13.56
N VAL M 243 66.21 -53.51 -13.83
CA VAL M 243 65.15 -52.72 -13.24
C VAL M 243 64.07 -52.53 -14.28
N PHE M 244 62.90 -53.13 -14.04
CA PHE M 244 61.77 -53.07 -14.97
C PHE M 244 61.45 -51.63 -15.30
N GLY M 245 61.32 -51.34 -16.59
CA GLY M 245 61.03 -50.00 -17.03
C GLY M 245 62.27 -49.19 -17.28
N SER M 246 63.45 -49.77 -17.07
CA SER M 246 64.72 -49.11 -17.33
C SER M 246 65.48 -49.92 -18.36
N SER M 247 66.64 -49.41 -18.76
CA SER M 247 67.37 -49.92 -19.91
C SER M 247 68.59 -50.77 -19.56
N ASP M 248 69.18 -50.59 -18.38
CA ASP M 248 70.38 -51.33 -17.99
C ASP M 248 69.97 -52.68 -17.41
N GLY M 249 70.86 -53.66 -17.50
CA GLY M 249 70.55 -55.03 -17.15
C GLY M 249 69.66 -55.74 -18.14
N ALA M 250 69.30 -55.10 -19.24
CA ALA M 250 68.43 -55.70 -20.24
C ALA M 250 69.14 -56.77 -21.03
N GLY M 251 68.42 -57.82 -21.37
CA GLY M 251 68.94 -58.90 -22.18
C GLY M 251 68.39 -58.78 -23.58
N THR M 252 68.29 -59.90 -24.27
CA THR M 252 67.75 -59.85 -25.62
C THR M 252 66.78 -60.97 -25.93
N ALA M 253 66.58 -61.92 -25.01
CA ALA M 253 65.63 -63.01 -25.22
C ALA M 253 64.21 -62.47 -25.38
N ILE M 254 63.41 -63.17 -26.19
CA ILE M 254 62.03 -62.79 -26.40
C ILE M 254 61.06 -63.91 -26.03
N LEU M 255 61.55 -65.14 -25.89
CA LEU M 255 60.73 -66.30 -25.54
C LEU M 255 61.54 -67.16 -24.59
N THR M 256 61.03 -67.35 -23.37
CA THR M 256 61.71 -68.12 -22.35
C THR M 256 60.70 -68.95 -21.58
N PHE M 257 61.19 -69.63 -20.55
CA PHE M 257 60.39 -70.46 -19.67
C PHE M 257 61.05 -70.39 -18.30
N LEU M 258 61.27 -69.17 -17.80
CA LEU M 258 61.91 -68.98 -16.51
C LEU M 258 61.05 -69.46 -15.34
N GLY M 259 59.79 -69.07 -15.32
CA GLY M 259 58.94 -69.44 -14.20
C GLY M 259 59.13 -68.43 -13.10
N GLY M 260 58.23 -68.46 -12.12
CA GLY M 260 58.32 -67.55 -11.01
C GLY M 260 58.03 -66.10 -11.40
N PHE M 261 58.55 -65.18 -10.59
CA PHE M 261 58.29 -63.76 -10.78
C PHE M 261 59.57 -62.94 -10.88
N HIS M 262 59.43 -61.81 -11.58
CA HIS M 262 60.49 -60.82 -11.70
C HIS M 262 60.77 -60.34 -10.28
N PRO M 263 62.03 -60.41 -9.81
CA PRO M 263 62.34 -60.02 -8.42
C PRO M 263 61.97 -58.60 -7.98
N GLN M 264 61.94 -57.63 -8.89
CA GLN M 264 61.59 -56.28 -8.45
C GLN M 264 60.07 -56.07 -8.39
N THR M 265 59.37 -56.30 -9.52
CA THR M 265 57.93 -56.09 -9.55
C THR M 265 57.16 -57.13 -8.74
N GLN M 266 57.81 -58.24 -8.39
CA GLN M 266 57.21 -59.42 -7.76
C GLN M 266 56.05 -59.95 -8.60
N SER M 267 56.20 -59.87 -9.91
CA SER M 267 55.19 -60.37 -10.82
C SER M 267 55.89 -61.01 -12.00
N LEU M 268 55.12 -61.76 -12.80
CA LEU M 268 55.65 -62.45 -13.98
C LEU M 268 56.41 -61.55 -14.95
N TRP M 269 57.33 -62.17 -15.67
CA TRP M 269 58.13 -61.53 -16.69
C TRP M 269 57.29 -61.41 -17.94
N LEU M 270 57.34 -60.25 -18.62
CA LEU M 270 56.60 -60.09 -19.88
C LEU M 270 57.07 -61.13 -20.89
N THR M 271 58.39 -61.34 -20.95
CA THR M 271 59.00 -62.30 -21.86
C THR M 271 58.51 -63.72 -21.56
N ASP M 272 58.18 -64.01 -20.30
CA ASP M 272 57.62 -65.31 -19.95
C ASP M 272 56.22 -65.47 -20.51
N ILE M 273 55.50 -64.35 -20.62
CA ILE M 273 54.09 -64.35 -20.99
C ILE M 273 53.93 -64.57 -22.48
N ALA M 274 54.91 -64.14 -23.27
CA ALA M 274 54.80 -64.22 -24.72
C ALA M 274 54.80 -65.65 -25.20
N HIS M 275 55.71 -66.47 -24.66
CA HIS M 275 55.81 -67.88 -25.05
C HIS M 275 54.53 -68.65 -24.72
N HIS M 276 53.93 -68.40 -23.55
CA HIS M 276 52.69 -69.05 -23.14
C HIS M 276 51.57 -68.80 -24.15
N HIS M 277 51.34 -67.52 -24.50
CA HIS M 277 50.28 -67.17 -25.46
C HIS M 277 50.58 -67.72 -26.84
N LEU M 278 51.85 -67.75 -27.24
CA LEU M 278 52.19 -68.31 -28.54
C LEU M 278 51.87 -69.79 -28.55
N ALA M 279 52.20 -70.48 -27.45
CA ALA M 279 51.94 -71.90 -27.30
C ALA M 279 50.44 -72.18 -27.31
N ILE M 280 49.70 -71.42 -26.50
CA ILE M 280 48.25 -71.54 -26.39
C ILE M 280 47.59 -71.38 -27.77
N ALA M 281 48.09 -70.44 -28.60
CA ALA M 281 47.57 -70.19 -29.94
C ALA M 281 47.57 -71.44 -30.81
N VAL M 282 48.70 -72.16 -30.86
CA VAL M 282 48.85 -73.38 -31.65
C VAL M 282 47.80 -74.40 -31.27
N LEU M 283 47.63 -74.63 -29.96
CA LEU M 283 46.63 -75.55 -29.42
C LEU M 283 45.23 -75.19 -29.92
N PHE M 284 44.89 -73.91 -29.88
CA PHE M 284 43.57 -73.50 -30.31
C PHE M 284 43.40 -73.66 -31.82
N ILE M 285 44.45 -73.35 -32.60
CA ILE M 285 44.36 -73.49 -34.05
C ILE M 285 44.19 -74.95 -34.47
N VAL M 286 44.85 -75.89 -33.78
CA VAL M 286 44.69 -77.29 -34.15
C VAL M 286 43.27 -77.79 -33.84
N ALA M 287 42.77 -77.57 -32.61
CA ALA M 287 41.42 -77.99 -32.25
C ALA M 287 40.36 -77.32 -33.12
N GLY M 288 40.64 -76.11 -33.63
CA GLY M 288 39.73 -75.40 -34.48
C GLY M 288 39.65 -75.87 -35.92
N HIS M 289 40.31 -76.98 -36.26
CA HIS M 289 40.27 -77.53 -37.61
C HIS M 289 39.73 -78.95 -37.63
N MET M 290 38.85 -79.28 -36.68
CA MET M 290 38.27 -80.62 -36.57
C MET M 290 36.90 -80.70 -37.22
N TYR M 291 36.10 -79.64 -37.11
CA TYR M 291 34.74 -79.63 -37.63
C TYR M 291 34.70 -79.05 -39.04
N GLY M 321 20.40 -86.50 -31.39
CA GLY M 321 20.17 -86.92 -30.03
C GLY M 321 20.07 -85.74 -29.09
N LEU M 322 20.93 -85.72 -28.07
CA LEU M 322 20.98 -84.57 -27.17
C LEU M 322 21.55 -83.35 -27.88
N TYR M 323 22.40 -83.56 -28.88
CA TYR M 323 23.09 -82.45 -29.54
C TYR M 323 22.15 -81.70 -30.46
N ASP M 324 21.04 -82.33 -30.86
CA ASP M 324 19.98 -81.61 -31.54
C ASP M 324 19.19 -80.74 -30.57
N THR M 325 19.14 -81.13 -29.29
CA THR M 325 18.39 -80.34 -28.31
C THR M 325 19.11 -79.08 -27.89
N VAL M 326 20.44 -79.07 -27.94
CA VAL M 326 21.19 -77.86 -27.64
C VAL M 326 20.97 -76.81 -28.72
N ASN M 327 20.86 -77.25 -29.97
CA ASN M 327 20.79 -76.29 -31.07
C ASN M 327 19.45 -75.60 -31.18
N ASN M 328 18.37 -76.23 -30.72
CA ASN M 328 17.07 -75.58 -30.84
C ASN M 328 16.67 -74.78 -29.62
N SER M 329 17.38 -74.92 -28.49
CA SER M 329 17.05 -74.16 -27.29
C SER M 329 18.16 -73.17 -27.00
N LEU M 330 17.82 -71.88 -27.08
CA LEU M 330 18.76 -70.80 -26.80
C LEU M 330 19.13 -70.71 -25.34
N HIS M 331 18.24 -71.17 -24.46
CA HIS M 331 18.49 -71.13 -23.02
C HIS M 331 19.53 -72.13 -22.55
N PHE M 332 19.61 -73.29 -23.20
CA PHE M 332 20.61 -74.29 -22.83
C PHE M 332 22.01 -73.78 -23.14
N GLN M 333 22.18 -73.22 -24.34
CA GLN M 333 23.45 -72.70 -24.79
C GLN M 333 23.95 -71.60 -23.85
N LEU M 334 23.07 -70.67 -23.50
CA LEU M 334 23.47 -69.57 -22.61
C LEU M 334 23.86 -70.12 -21.23
N GLY M 335 23.07 -71.07 -20.73
CA GLY M 335 23.35 -71.66 -19.43
C GLY M 335 24.67 -72.41 -19.35
N LEU M 336 25.17 -72.89 -20.48
CA LEU M 336 26.51 -73.49 -20.46
C LEU M 336 27.57 -72.43 -20.73
N ALA M 337 27.25 -71.43 -21.55
CA ALA M 337 28.20 -70.36 -21.80
C ALA M 337 28.37 -69.47 -20.58
N LEU M 338 27.30 -69.28 -19.80
CA LEU M 338 27.44 -68.60 -18.52
C LEU M 338 28.23 -69.46 -17.54
N ALA M 339 27.99 -70.77 -17.57
CA ALA M 339 28.69 -71.70 -16.68
C ALA M 339 30.18 -71.75 -16.99
N ALA M 340 30.53 -71.76 -18.28
CA ALA M 340 31.94 -71.72 -18.65
C ALA M 340 32.56 -70.39 -18.30
N LEU M 341 31.86 -69.28 -18.58
CA LEU M 341 32.34 -67.97 -18.20
C LEU M 341 32.41 -67.82 -16.69
N GLY M 342 31.41 -68.35 -15.97
CA GLY M 342 31.41 -68.28 -14.52
C GLY M 342 32.59 -69.01 -13.90
N VAL M 343 32.95 -70.15 -14.50
CA VAL M 343 34.09 -70.92 -14.01
C VAL M 343 35.38 -70.14 -14.21
N ILE M 344 35.60 -69.65 -15.42
CA ILE M 344 36.82 -68.91 -15.73
C ILE M 344 36.86 -67.51 -15.13
N THR M 345 35.74 -67.01 -14.59
CA THR M 345 35.80 -65.68 -13.97
C THR M 345 36.43 -65.82 -12.60
N SER M 346 36.15 -66.94 -11.95
CA SER M 346 36.75 -67.28 -10.67
C SER M 346 38.22 -67.56 -10.88
N LEU M 347 38.51 -68.23 -11.99
CA LEU M 347 39.87 -68.59 -12.37
C LEU M 347 40.75 -67.37 -12.50
N VAL M 348 40.22 -66.32 -13.17
CA VAL M 348 40.94 -65.06 -13.34
C VAL M 348 41.34 -64.48 -11.99
N ALA M 349 40.43 -64.54 -11.01
CA ALA M 349 40.70 -64.01 -9.68
C ALA M 349 41.73 -64.84 -8.93
N GLN M 350 41.59 -66.17 -8.97
CA GLN M 350 42.52 -67.06 -8.26
C GLN M 350 43.93 -66.95 -8.81
N HIS M 351 44.08 -66.95 -10.12
CA HIS M 351 45.43 -66.90 -10.64
C HIS M 351 46.03 -65.50 -10.62
N MET M 352 45.24 -64.45 -10.57
CA MET M 352 45.86 -63.14 -10.56
C MET M 352 46.37 -62.76 -9.18
N TYR M 353 45.77 -63.28 -8.11
CA TYR M 353 46.29 -62.90 -6.80
C TYR M 353 47.49 -63.75 -6.42
N SER M 354 47.52 -65.01 -6.85
CA SER M 354 48.59 -65.94 -6.51
C SER M 354 49.74 -65.89 -7.49
N ILE M 355 49.44 -65.64 -8.75
CA ILE M 355 50.46 -65.44 -9.78
C ILE M 355 50.25 -64.05 -10.38
N PRO M 356 50.76 -62.98 -9.76
CA PRO M 356 50.56 -61.61 -10.25
C PRO M 356 51.11 -61.44 -11.66
N PRO M 357 50.28 -61.02 -12.61
CA PRO M 357 50.79 -60.86 -13.97
C PRO M 357 51.14 -59.43 -14.36
N TYR M 358 50.83 -58.46 -13.51
CA TYR M 358 51.12 -57.07 -13.84
C TYR M 358 52.13 -56.47 -12.88
N ALA M 359 53.10 -55.76 -13.48
CA ALA M 359 54.16 -55.07 -12.79
C ALA M 359 53.60 -54.16 -11.70
N TYR M 360 54.21 -54.25 -10.50
CA TYR M 360 53.88 -53.42 -9.34
C TYR M 360 52.42 -53.55 -8.91
N LEU M 361 51.80 -54.69 -9.18
CA LEU M 361 50.45 -54.94 -8.70
C LEU M 361 50.47 -55.43 -7.26
N ALA M 362 51.33 -56.40 -6.97
CA ALA M 362 51.37 -56.98 -5.63
C ALA M 362 52.00 -56.05 -4.60
N ARG M 363 52.64 -54.96 -5.03
CA ARG M 363 53.17 -53.98 -4.09
C ARG M 363 52.12 -52.96 -3.68
N ASP M 364 51.06 -52.82 -4.45
CA ASP M 364 49.94 -51.93 -4.12
C ASP M 364 48.81 -52.82 -3.62
N PHE M 365 48.63 -52.87 -2.29
CA PHE M 365 47.73 -53.84 -1.69
C PHE M 365 46.27 -53.46 -1.84
N THR M 366 45.93 -52.17 -1.72
CA THR M 366 44.54 -51.71 -1.75
C THR M 366 43.85 -52.04 -3.07
N THR M 367 44.55 -51.90 -4.19
CA THR M 367 43.91 -52.21 -5.46
C THR M 367 43.78 -53.71 -5.67
N GLN M 368 44.66 -54.53 -5.07
CA GLN M 368 44.61 -55.96 -5.31
C GLN M 368 43.47 -56.62 -4.56
N ALA M 369 43.14 -56.10 -3.37
CA ALA M 369 41.93 -56.50 -2.66
C ALA M 369 40.69 -56.30 -3.52
N ALA M 370 40.63 -55.16 -4.20
CA ALA M 370 39.53 -54.84 -5.09
C ALA M 370 39.45 -55.83 -6.24
N LEU M 371 40.59 -56.14 -6.85
CA LEU M 371 40.64 -57.04 -8.00
C LEU M 371 40.14 -58.45 -7.72
N TYR M 372 40.40 -58.98 -6.52
CA TYR M 372 39.93 -60.33 -6.24
C TYR M 372 38.44 -60.38 -5.98
N THR M 373 37.96 -59.46 -5.15
CA THR M 373 36.55 -59.40 -4.77
C THR M 373 35.64 -59.16 -5.95
N HIS M 374 35.96 -58.15 -6.77
CA HIS M 374 35.19 -57.79 -7.95
C HIS M 374 34.95 -59.00 -8.86
N HIS M 375 36.03 -59.63 -9.32
CA HIS M 375 35.89 -60.79 -10.19
C HIS M 375 35.29 -62.00 -9.48
N GLN M 376 35.46 -62.14 -8.16
CA GLN M 376 34.84 -63.28 -7.50
C GLN M 376 33.35 -63.12 -7.31
N TYR M 377 32.88 -61.90 -7.06
CA TYR M 377 31.45 -61.72 -6.93
C TYR M 377 30.75 -61.96 -8.27
N ILE M 378 31.35 -61.47 -9.36
CA ILE M 378 30.82 -61.66 -10.71
C ILE M 378 30.68 -63.15 -11.03
N ALA M 379 31.70 -63.94 -10.67
CA ALA M 379 31.70 -65.37 -10.94
C ALA M 379 30.53 -66.06 -10.24
N GLY M 380 30.22 -65.62 -9.02
CA GLY M 380 29.11 -66.19 -8.30
C GLY M 380 27.79 -65.87 -8.99
N PHE M 381 27.67 -64.64 -9.50
CA PHE M 381 26.47 -64.23 -10.23
C PHE M 381 26.29 -65.01 -11.52
N LEU M 382 27.37 -65.14 -12.30
CA LEU M 382 27.31 -65.89 -13.55
C LEU M 382 26.86 -67.33 -13.32
N MET M 383 27.49 -68.04 -12.37
CA MET M 383 27.13 -69.42 -12.10
C MET M 383 25.68 -69.59 -11.66
N VAL M 384 25.18 -68.71 -10.79
CA VAL M 384 23.77 -68.80 -10.41
C VAL M 384 22.91 -68.49 -11.61
N GLY M 385 23.35 -67.52 -12.43
CA GLY M 385 22.62 -67.16 -13.63
C GLY M 385 22.60 -68.28 -14.64
N ALA M 386 23.70 -69.05 -14.69
CA ALA M 386 23.80 -70.20 -15.59
C ALA M 386 22.70 -71.20 -15.30
N PHE M 387 22.44 -71.45 -14.03
CA PHE M 387 21.40 -72.37 -13.66
C PHE M 387 20.01 -71.75 -13.86
N ALA M 388 19.94 -70.42 -13.87
CA ALA M 388 18.66 -69.75 -14.03
C ALA M 388 18.15 -69.90 -15.44
N HIS M 389 19.02 -69.68 -16.43
CA HIS M 389 18.61 -69.81 -17.82
C HIS M 389 18.43 -71.28 -18.17
N GLY M 390 19.06 -72.15 -17.38
CA GLY M 390 18.92 -73.58 -17.56
C GLY M 390 17.55 -74.05 -17.13
N ALA M 391 17.04 -73.47 -16.04
CA ALA M 391 15.72 -73.80 -15.54
C ALA M 391 14.64 -73.31 -16.50
N ILE M 392 14.89 -72.21 -17.21
CA ILE M 392 13.91 -71.69 -18.16
C ILE M 392 13.78 -72.69 -19.32
N PHE M 393 14.93 -73.26 -19.72
CA PHE M 393 14.98 -74.28 -20.75
C PHE M 393 14.16 -75.49 -20.38
N LEU M 394 14.29 -75.95 -19.13
CA LEU M 394 13.55 -77.11 -18.69
C LEU M 394 12.04 -76.89 -18.69
N VAL M 395 11.58 -75.66 -18.47
CA VAL M 395 10.12 -75.44 -18.44
C VAL M 395 9.58 -75.10 -19.82
N ARG M 396 10.31 -74.34 -20.64
CA ARG M 396 9.80 -73.91 -21.92
C ARG M 396 10.36 -74.65 -23.12
N ASP M 397 11.54 -75.27 -23.03
CA ASP M 397 12.10 -75.90 -24.22
C ASP M 397 12.34 -77.39 -24.09
N TYR M 398 12.52 -77.92 -22.89
CA TYR M 398 12.79 -79.35 -22.74
C TYR M 398 11.58 -80.18 -23.15
N ASP M 399 11.73 -80.99 -24.19
CA ASP M 399 10.65 -81.87 -24.63
C ASP M 399 11.04 -83.28 -24.24
N ALA M 400 10.22 -83.91 -23.38
CA ALA M 400 10.48 -85.30 -23.03
C ALA M 400 10.17 -86.25 -24.17
N GLU M 401 9.29 -85.84 -25.09
CA GLU M 401 8.88 -86.71 -26.18
C GLU M 401 9.93 -86.79 -27.28
N GLN M 402 10.93 -85.91 -27.24
CA GLN M 402 12.10 -86.04 -28.11
C GLN M 402 13.38 -86.31 -27.33
N ASN M 403 13.28 -86.57 -26.02
CA ASN M 403 14.41 -86.86 -25.15
C ASN M 403 14.00 -88.10 -24.36
N LYS M 404 14.32 -89.27 -24.92
CA LYS M 404 13.99 -90.52 -24.29
C LYS M 404 15.25 -91.37 -24.21
N ASN M 405 15.62 -91.72 -22.98
CA ASN M 405 16.80 -92.52 -22.64
C ASN M 405 18.11 -91.90 -23.11
N ASN M 406 18.20 -90.59 -23.26
CA ASN M 406 19.51 -89.99 -23.44
C ASN M 406 20.05 -89.60 -22.06
N VAL M 407 21.28 -89.09 -22.06
CA VAL M 407 21.98 -88.69 -20.83
C VAL M 407 21.15 -87.74 -19.99
N LEU M 408 20.45 -86.82 -20.65
CA LEU M 408 19.58 -85.85 -19.97
C LEU M 408 18.43 -86.55 -19.25
N ALA M 409 17.54 -87.20 -20.01
CA ALA M 409 16.31 -87.76 -19.46
C ALA M 409 16.54 -88.92 -18.50
N ARG M 410 17.69 -89.57 -18.59
CA ARG M 410 18.05 -90.60 -17.63
C ARG M 410 18.39 -90.01 -16.26
N ILE M 411 18.88 -88.76 -16.21
CA ILE M 411 19.20 -88.13 -14.93
C ILE M 411 17.92 -87.78 -14.18
N ILE M 412 17.01 -87.05 -14.83
CA ILE M 412 15.78 -86.60 -14.17
C ILE M 412 14.77 -87.72 -13.98
N ASP M 413 15.05 -88.92 -14.51
CA ASP M 413 14.35 -90.12 -14.09
C ASP M 413 14.44 -90.32 -12.58
N HIS M 414 15.66 -90.37 -12.05
CA HIS M 414 15.93 -90.54 -10.63
C HIS M 414 16.18 -89.19 -9.95
N LYS M 415 15.46 -88.16 -10.40
CA LYS M 415 15.57 -86.79 -9.88
C LYS M 415 15.44 -86.72 -8.35
N GLU M 416 14.56 -87.54 -7.76
CA GLU M 416 14.43 -87.46 -6.30
C GLU M 416 15.66 -88.02 -5.59
N ALA M 417 16.37 -88.97 -6.21
CA ALA M 417 17.59 -89.52 -5.61
C ALA M 417 18.73 -88.51 -5.51
N ILE M 418 19.03 -87.83 -6.63
CA ILE M 418 20.10 -86.82 -6.69
C ILE M 418 19.89 -85.70 -5.68
N ILE M 419 18.68 -85.15 -5.62
CA ILE M 419 18.40 -84.04 -4.69
C ILE M 419 18.55 -84.52 -3.25
N SER M 420 18.00 -85.71 -2.94
CA SER M 420 18.09 -86.25 -1.57
C SER M 420 19.54 -86.44 -1.14
N HIS M 421 20.40 -86.88 -2.07
CA HIS M 421 21.81 -87.03 -1.72
C HIS M 421 22.46 -85.68 -1.55
N LEU M 422 22.16 -84.74 -2.46
CA LEU M 422 22.67 -83.38 -2.39
C LEU M 422 22.24 -82.69 -1.09
N SER M 423 21.03 -83.00 -0.63
CA SER M 423 20.55 -82.46 0.63
C SER M 423 21.41 -82.91 1.80
N TRP M 424 21.80 -84.18 1.78
CA TRP M 424 22.61 -84.76 2.85
C TRP M 424 23.97 -84.08 2.97
N VAL M 425 24.69 -83.93 1.85
CA VAL M 425 26.03 -83.32 1.84
C VAL M 425 26.01 -81.93 2.47
N SER M 426 24.97 -81.12 2.18
CA SER M 426 24.86 -79.79 2.78
C SER M 426 24.71 -79.94 4.29
N LEU M 427 23.76 -80.79 4.69
CA LEU M 427 23.50 -81.07 6.11
C LEU M 427 24.75 -81.60 6.80
N PHE M 428 25.46 -82.53 6.15
CA PHE M 428 26.68 -83.12 6.69
C PHE M 428 27.76 -82.08 6.93
N LEU M 429 28.15 -81.37 5.87
CA LEU M 429 29.17 -80.32 5.93
C LEU M 429 28.84 -79.25 6.97
N GLY M 430 27.62 -78.74 6.94
CA GLY M 430 27.23 -77.66 7.83
C GLY M 430 27.24 -77.99 9.31
N PHE M 431 26.58 -79.08 9.69
CA PHE M 431 26.45 -79.51 11.08
C PHE M 431 27.80 -79.65 11.80
N HIS M 432 28.77 -80.26 11.14
CA HIS M 432 30.07 -80.49 11.74
C HIS M 432 31.00 -79.28 11.71
N THR M 433 31.09 -78.58 10.58
CA THR M 433 31.96 -77.40 10.49
C THR M 433 31.50 -76.32 11.45
N LEU M 434 30.19 -76.03 11.47
CA LEU M 434 29.66 -75.04 12.40
C LEU M 434 29.89 -75.54 13.82
N GLY M 435 29.72 -76.84 14.00
CA GLY M 435 29.91 -77.47 15.30
C GLY M 435 31.30 -77.28 15.84
N LEU M 436 32.32 -77.43 14.98
CA LEU M 436 33.69 -77.24 15.44
C LEU M 436 33.96 -75.80 15.82
N TYR M 437 33.46 -74.84 15.03
CA TYR M 437 33.67 -73.43 15.35
C TYR M 437 33.07 -73.07 16.70
N VAL M 438 31.83 -73.50 16.94
CA VAL M 438 31.17 -73.19 18.21
C VAL M 438 31.89 -73.90 19.35
N HIS M 439 32.38 -75.14 19.10
CA HIS M 439 33.14 -75.90 20.08
C HIS M 439 34.36 -75.09 20.45
N ASN M 440 35.10 -74.68 19.43
CA ASN M 440 36.28 -73.85 19.61
C ASN M 440 35.92 -72.55 20.32
N ASP M 441 34.81 -71.91 19.89
CA ASP M 441 34.35 -70.64 20.46
C ASP M 441 34.16 -70.67 21.96
N VAL M 442 33.41 -71.65 22.49
CA VAL M 442 33.18 -71.72 23.94
C VAL M 442 34.49 -71.89 24.71
N VAL M 443 35.28 -72.92 24.38
CA VAL M 443 36.54 -73.20 25.04
C VAL M 443 37.54 -72.05 24.89
N GLN M 444 37.48 -71.30 23.79
CA GLN M 444 38.30 -70.10 23.67
C GLN M 444 37.81 -69.00 24.59
N ALA M 445 36.49 -68.91 24.78
CA ALA M 445 35.94 -67.92 25.70
C ALA M 445 36.20 -68.31 27.14
N PHE M 446 36.20 -69.60 27.45
CA PHE M 446 36.39 -70.02 28.83
C PHE M 446 37.85 -70.13 29.23
N GLY M 447 38.77 -69.56 28.48
CA GLY M 447 40.16 -69.59 28.86
C GLY M 447 40.89 -70.88 28.60
N THR M 448 40.32 -71.78 27.82
CA THR M 448 40.95 -73.08 27.54
C THR M 448 41.08 -73.37 26.04
N PRO M 449 41.95 -72.63 25.33
CA PRO M 449 42.12 -72.86 23.88
C PRO M 449 42.61 -74.26 23.51
N GLU M 450 43.24 -74.97 24.44
CA GLU M 450 43.76 -76.31 24.17
C GLU M 450 42.68 -77.35 23.89
N LYS M 451 41.43 -77.06 24.21
CA LYS M 451 40.33 -77.97 23.93
C LYS M 451 39.76 -77.77 22.54
N GLN M 452 40.30 -76.82 21.77
CA GLN M 452 39.80 -76.59 20.42
C GLN M 452 40.11 -77.76 19.49
N ILE M 453 39.29 -77.92 18.48
CA ILE M 453 39.49 -78.92 17.44
C ILE M 453 40.08 -78.18 16.25
N LEU M 454 41.37 -78.37 16.00
CA LEU M 454 42.04 -77.69 14.89
C LEU M 454 42.63 -78.74 13.98
N ILE M 455 42.10 -78.85 12.77
CA ILE M 455 42.57 -79.86 11.84
C ILE M 455 43.54 -79.24 10.84
N GLU M 456 44.71 -79.84 10.69
CA GLU M 456 45.72 -79.39 9.75
C GLU M 456 45.33 -79.74 8.31
N PRO M 457 45.49 -78.82 7.37
CA PRO M 457 45.17 -79.07 5.94
C PRO M 457 46.21 -79.95 5.26
N VAL M 458 46.39 -81.18 5.75
CA VAL M 458 47.42 -82.09 5.26
C VAL M 458 47.22 -82.45 3.79
N PHE M 459 45.98 -82.62 3.32
CA PHE M 459 45.80 -82.93 1.90
C PHE M 459 46.23 -81.76 1.04
N ALA M 460 45.96 -80.55 1.52
CA ALA M 460 46.37 -79.35 0.80
C ALA M 460 47.88 -79.20 0.84
N GLN M 461 48.46 -79.35 2.04
CA GLN M 461 49.91 -79.28 2.21
C GLN M 461 50.65 -80.36 1.41
N TRP M 462 50.02 -81.51 1.17
CA TRP M 462 50.68 -82.55 0.38
C TRP M 462 50.62 -82.21 -1.11
N ILE M 463 49.70 -81.33 -1.50
CA ILE M 463 49.75 -80.72 -2.83
C ILE M 463 50.91 -79.72 -2.88
N GLN M 464 51.08 -78.94 -1.80
CA GLN M 464 52.18 -77.99 -1.71
C GLN M 464 53.52 -78.70 -1.73
N SER M 465 53.57 -79.94 -1.22
CA SER M 465 54.71 -80.80 -1.44
C SER M 465 54.88 -81.13 -2.91
N VAL M 466 53.78 -81.50 -3.59
CA VAL M 466 53.79 -81.86 -5.01
C VAL M 466 54.24 -80.68 -5.87
N HIS M 467 53.91 -79.46 -5.48
CA HIS M 467 54.25 -78.33 -6.32
C HIS M 467 55.55 -77.63 -5.94
N GLY M 468 56.21 -78.07 -4.87
CA GLY M 468 57.47 -77.47 -4.51
C GLY M 468 57.53 -76.70 -3.21
N LYS M 469 56.45 -76.56 -2.46
CA LYS M 469 56.55 -75.80 -1.21
C LYS M 469 57.18 -76.73 -0.16
N SER M 470 58.50 -76.62 0.00
CA SER M 470 59.32 -77.63 0.66
C SER M 470 59.56 -77.32 2.14
N LEU M 471 58.57 -76.73 2.81
CA LEU M 471 58.61 -76.32 4.21
C LEU M 471 58.07 -77.39 5.15
N TYR M 472 56.96 -78.02 4.77
CA TYR M 472 56.25 -79.01 5.58
C TYR M 472 56.85 -80.41 5.49
N GLY M 473 57.75 -80.68 4.56
CA GLY M 473 58.38 -81.99 4.48
C GLY M 473 57.58 -83.25 4.19
N PHE M 474 56.61 -83.21 3.27
CA PHE M 474 55.89 -84.44 2.97
C PHE M 474 56.70 -85.35 2.04
N GLU M 475 57.72 -84.80 1.37
CA GLU M 475 58.92 -85.54 0.92
C GLU M 475 58.64 -86.54 -0.21
N VAL M 476 57.87 -86.12 -1.20
CA VAL M 476 57.73 -86.85 -2.47
C VAL M 476 57.25 -85.85 -3.52
N LEU M 477 57.68 -86.08 -4.77
CA LEU M 477 57.39 -85.32 -5.99
C LEU M 477 57.62 -83.82 -5.88
N LEU M 478 58.69 -83.33 -6.53
CA LEU M 478 59.11 -81.92 -6.62
C LEU M 478 59.37 -81.26 -5.25
N ASN M 479 59.37 -82.04 -4.17
CA ASN M 479 60.01 -81.71 -2.91
C ASN M 479 61.30 -82.47 -2.76
N ASN M 480 61.27 -83.77 -3.02
CA ASN M 480 62.45 -84.60 -3.12
C ASN M 480 62.87 -84.58 -4.58
N ALA M 481 64.18 -84.73 -4.84
CA ALA M 481 64.71 -84.48 -6.17
C ALA M 481 65.20 -85.74 -6.90
N ASP M 482 64.79 -86.94 -6.47
CA ASP M 482 65.00 -88.13 -7.29
C ASP M 482 63.74 -88.56 -8.02
N SER M 483 62.61 -87.90 -7.78
CA SER M 483 61.34 -88.20 -8.42
C SER M 483 61.42 -88.00 -9.93
N ILE M 484 60.69 -88.85 -10.66
CA ILE M 484 60.63 -88.84 -12.12
C ILE M 484 60.15 -87.49 -12.67
N THR M 485 59.33 -86.76 -11.90
CA THR M 485 58.87 -85.45 -12.34
C THR M 485 59.89 -84.36 -12.06
N ARG M 486 60.82 -84.59 -11.14
CA ARG M 486 61.85 -83.59 -10.86
C ARG M 486 63.17 -83.82 -11.61
N VAL M 487 63.72 -85.03 -11.56
CA VAL M 487 65.00 -85.26 -12.22
C VAL M 487 64.83 -85.36 -13.73
N ALA M 488 63.59 -85.68 -14.18
CA ALA M 488 63.17 -85.85 -15.57
C ALA M 488 64.08 -86.80 -16.35
N PRO M 489 63.98 -88.11 -16.13
CA PRO M 489 64.82 -89.05 -16.87
C PRO M 489 64.41 -89.26 -18.32
N GLY M 490 63.27 -88.73 -18.74
CA GLY M 490 62.87 -88.86 -20.13
C GLY M 490 63.66 -87.96 -21.05
N SER M 491 63.49 -86.64 -20.91
CA SER M 491 64.03 -85.72 -21.90
C SER M 491 65.02 -84.71 -21.34
N ALA M 492 65.34 -84.78 -20.04
CA ALA M 492 66.15 -83.78 -19.30
C ALA M 492 65.57 -82.37 -19.47
N GLN M 493 64.25 -82.28 -19.39
CA GLN M 493 63.40 -81.10 -19.53
C GLN M 493 63.32 -80.07 -18.38
N PRO M 494 63.61 -80.40 -17.07
CA PRO M 494 62.83 -79.78 -15.98
C PRO M 494 63.20 -78.35 -15.60
N ILE M 495 63.76 -77.58 -16.53
CA ILE M 495 64.35 -76.26 -16.34
C ILE M 495 63.51 -75.21 -15.60
N TRP M 496 62.18 -75.41 -15.50
CA TRP M 496 61.34 -74.35 -14.96
C TRP M 496 61.40 -74.30 -13.44
N LEU M 497 61.81 -75.40 -12.81
CA LEU M 497 61.82 -75.53 -11.36
C LEU M 497 62.59 -74.48 -10.53
N PRO M 498 63.77 -73.96 -10.89
CA PRO M 498 64.42 -72.96 -10.01
C PRO M 498 63.64 -71.67 -9.84
N GLY M 499 63.22 -71.01 -10.93
CA GLY M 499 62.43 -69.79 -10.79
C GLY M 499 61.15 -70.03 -10.01
N TRP M 500 60.50 -71.17 -10.26
CA TRP M 500 59.28 -71.56 -9.57
C TRP M 500 59.53 -71.81 -8.08
N LEU M 501 60.56 -72.60 -7.75
CA LEU M 501 60.88 -72.91 -6.36
C LEU M 501 61.27 -71.69 -5.54
N ASP M 502 61.94 -70.72 -6.14
CA ASP M 502 62.32 -69.52 -5.41
C ASP M 502 61.10 -68.75 -4.92
N ALA M 503 60.12 -68.55 -5.80
CA ALA M 503 58.91 -67.83 -5.45
C ALA M 503 58.04 -68.62 -4.46
N ILE M 504 57.93 -69.94 -4.65
CA ILE M 504 57.08 -70.76 -3.79
C ILE M 504 57.70 -70.94 -2.40
N ASN M 505 58.98 -70.62 -2.22
CA ASN M 505 59.61 -70.76 -0.92
C ASN M 505 59.85 -69.43 -0.22
N SER M 506 59.79 -68.32 -0.96
CA SER M 506 59.96 -67.01 -0.36
C SER M 506 58.62 -66.56 0.21
N GLY M 507 58.63 -66.17 1.49
CA GLY M 507 57.42 -65.76 2.15
C GLY M 507 57.14 -64.28 2.03
N ASN M 508 57.58 -63.68 0.91
CA ASN M 508 57.32 -62.29 0.61
C ASN M 508 56.38 -62.16 -0.58
N ASN M 509 55.75 -63.25 -1.00
CA ASN M 509 54.83 -63.18 -2.14
C ASN M 509 53.58 -64.01 -1.84
N SER M 510 52.80 -64.30 -2.89
CA SER M 510 51.56 -65.06 -2.76
C SER M 510 51.54 -66.38 -3.53
N LEU M 511 52.70 -66.91 -3.92
CA LEU M 511 52.73 -68.18 -4.63
C LEU M 511 52.57 -69.32 -3.62
N PHE M 512 51.30 -69.75 -3.39
CA PHE M 512 50.96 -70.84 -2.46
C PHE M 512 51.19 -70.45 -0.99
N LEU M 513 50.49 -69.42 -0.54
CA LEU M 513 50.54 -68.90 0.83
C LEU M 513 50.47 -70.00 1.89
N THR M 514 51.17 -69.77 3.00
CA THR M 514 51.16 -70.72 4.10
C THR M 514 49.77 -70.82 4.72
N ILE M 515 49.36 -72.05 5.04
CA ILE M 515 48.04 -72.31 5.60
C ILE M 515 48.15 -73.13 6.88
N GLY M 516 47.08 -73.05 7.69
CA GLY M 516 46.99 -73.77 8.93
C GLY M 516 45.55 -74.17 9.22
N PRO M 517 45.24 -74.43 10.50
CA PRO M 517 43.88 -74.85 10.90
C PRO M 517 42.74 -73.95 10.46
N GLY M 518 42.98 -72.63 10.47
CA GLY M 518 41.96 -71.67 10.07
C GLY M 518 41.52 -71.88 8.64
N ASP M 519 42.47 -72.11 7.76
CA ASP M 519 42.23 -72.34 6.34
C ASP M 519 41.45 -73.61 6.09
N PHE M 520 41.56 -74.59 7.00
CA PHE M 520 40.85 -75.85 6.84
C PHE M 520 39.34 -75.65 6.95
N LEU M 521 38.91 -75.07 8.08
CA LEU M 521 37.50 -74.82 8.37
C LEU M 521 36.81 -74.00 7.29
N VAL M 522 37.42 -72.87 6.93
CA VAL M 522 36.87 -71.99 5.90
C VAL M 522 36.75 -72.69 4.57
N HIS M 523 37.78 -73.48 4.19
CA HIS M 523 37.73 -74.21 2.91
C HIS M 523 36.55 -75.17 2.87
N HIS M 524 36.12 -75.67 4.02
CA HIS M 524 34.97 -76.54 4.07
C HIS M 524 33.70 -75.73 4.10
N ALA M 525 33.79 -74.48 4.56
CA ALA M 525 32.63 -73.60 4.56
C ALA M 525 32.29 -73.21 3.14
N ILE M 526 33.34 -72.91 2.35
CA ILE M 526 33.14 -72.54 0.96
C ILE M 526 32.60 -73.76 0.23
N ALA M 527 33.09 -74.95 0.60
CA ALA M 527 32.60 -76.18 0.00
C ALA M 527 31.15 -76.36 0.39
N LEU M 528 30.84 -76.08 1.67
CA LEU M 528 29.47 -76.12 2.17
C LEU M 528 28.61 -75.14 1.41
N GLY M 529 29.19 -73.98 1.12
CA GLY M 529 28.46 -72.99 0.38
C GLY M 529 28.26 -73.36 -1.07
N LEU M 530 29.30 -73.90 -1.70
CA LEU M 530 29.21 -74.32 -3.09
C LEU M 530 28.24 -75.48 -3.26
N HIS M 531 28.16 -76.38 -2.27
CA HIS M 531 27.26 -77.51 -2.38
C HIS M 531 25.84 -77.08 -2.13
N THR M 532 25.63 -76.20 -1.15
CA THR M 532 24.28 -75.73 -0.85
C THR M 532 23.75 -74.83 -1.96
N THR M 533 24.60 -74.00 -2.56
CA THR M 533 24.13 -73.12 -3.63
C THR M 533 23.71 -73.89 -4.88
N THR M 534 24.48 -74.92 -5.25
CA THR M 534 24.12 -75.72 -6.42
C THR M 534 22.85 -76.51 -6.14
N LEU M 535 22.67 -76.96 -4.88
CA LEU M 535 21.53 -77.75 -4.45
C LEU M 535 20.22 -77.00 -4.68
N ILE M 536 20.18 -75.75 -4.25
CA ILE M 536 18.99 -74.91 -4.40
C ILE M 536 18.66 -74.74 -5.87
N LEU M 537 19.70 -74.50 -6.69
CA LEU M 537 19.50 -74.29 -8.12
C LEU M 537 19.11 -75.57 -8.82
N VAL M 538 19.69 -76.71 -8.43
CA VAL M 538 19.36 -77.97 -9.09
C VAL M 538 17.96 -78.40 -8.69
N LYS M 539 17.60 -78.27 -7.40
CA LYS M 539 16.26 -78.65 -6.96
C LYS M 539 15.24 -77.79 -7.68
N GLY M 540 15.55 -76.50 -7.83
CA GLY M 540 14.64 -75.65 -8.56
C GLY M 540 14.51 -76.09 -10.01
N ALA M 541 15.64 -76.42 -10.65
CA ALA M 541 15.64 -76.85 -12.04
C ALA M 541 15.05 -78.24 -12.23
N LEU M 542 15.49 -79.23 -11.45
CA LEU M 542 14.97 -80.58 -11.65
C LEU M 542 13.51 -80.75 -11.23
N ASP M 543 12.97 -79.85 -10.41
CA ASP M 543 11.56 -79.93 -10.02
C ASP M 543 10.73 -78.88 -10.73
N ALA M 544 11.37 -78.09 -11.61
CA ALA M 544 10.74 -77.04 -12.38
C ALA M 544 9.52 -77.53 -13.15
N ARG M 545 9.64 -78.67 -13.84
CA ARG M 545 8.51 -79.18 -14.60
C ARG M 545 7.39 -79.69 -13.67
N GLY M 546 7.74 -80.15 -12.47
CA GLY M 546 6.73 -80.59 -11.53
C GLY M 546 7.22 -81.34 -10.30
N SER M 547 6.38 -81.33 -9.27
CA SER M 547 6.60 -82.00 -8.00
C SER M 547 5.25 -82.46 -7.48
N LYS M 548 5.24 -83.07 -6.29
CA LYS M 548 3.95 -83.50 -5.74
C LYS M 548 3.09 -82.32 -5.35
N LEU M 549 3.70 -81.25 -4.81
CA LEU M 549 2.89 -80.10 -4.41
C LEU M 549 2.35 -79.37 -5.63
N MET M 550 3.00 -79.46 -6.78
CA MET M 550 2.50 -78.79 -7.99
C MET M 550 2.92 -79.62 -9.21
N PRO M 551 2.17 -80.68 -9.50
CA PRO M 551 2.45 -81.55 -10.66
C PRO M 551 2.48 -80.88 -12.02
N ASP M 552 1.72 -79.81 -12.24
CA ASP M 552 1.66 -79.18 -13.55
C ASP M 552 2.40 -77.85 -13.61
N LYS M 553 3.42 -77.68 -12.74
CA LYS M 553 4.23 -76.45 -12.64
C LYS M 553 4.70 -75.91 -13.98
N LYS M 554 5.14 -76.80 -14.88
CA LYS M 554 5.62 -76.40 -16.21
C LYS M 554 4.59 -75.62 -17.03
N ASP M 555 3.30 -75.81 -16.76
CA ASP M 555 2.26 -75.12 -17.53
C ASP M 555 2.17 -73.64 -17.19
N PHE M 556 2.73 -73.21 -16.08
CA PHE M 556 2.67 -71.82 -15.64
C PHE M 556 3.94 -71.03 -15.93
N GLY M 557 4.93 -71.64 -16.55
CA GLY M 557 6.15 -70.93 -16.86
C GLY M 557 7.12 -70.84 -15.70
N TYR M 558 8.25 -70.21 -16.01
CA TYR M 558 9.36 -70.05 -15.06
C TYR M 558 8.98 -69.22 -13.83
N SER M 559 8.22 -68.15 -14.00
CA SER M 559 7.98 -67.23 -12.89
C SER M 559 6.50 -66.96 -12.74
N PHE M 560 5.95 -67.35 -11.59
CA PHE M 560 4.59 -67.00 -11.25
C PHE M 560 4.54 -66.78 -9.74
N PRO M 561 3.63 -65.90 -9.22
CA PRO M 561 3.57 -65.65 -7.76
C PRO M 561 3.56 -66.87 -6.84
N CYS M 562 2.65 -67.82 -7.07
CA CYS M 562 2.42 -69.01 -6.25
C CYS M 562 1.19 -69.75 -6.76
N ASP M 563 0.58 -70.57 -5.91
CA ASP M 563 -0.58 -71.35 -6.33
C ASP M 563 -1.69 -71.31 -5.28
N GLY M 564 -1.77 -70.22 -4.52
CA GLY M 564 -2.80 -70.05 -3.52
C GLY M 564 -2.59 -70.75 -2.19
N PRO M 565 -3.49 -70.47 -1.24
CA PRO M 565 -3.39 -71.06 0.10
C PRO M 565 -3.79 -72.53 0.16
N GLY M 566 -4.23 -73.10 -0.94
CA GLY M 566 -4.60 -74.50 -0.96
C GLY M 566 -3.37 -75.37 -0.92
N ARG M 567 -3.64 -76.67 -0.72
CA ARG M 567 -2.63 -77.73 -0.64
C ARG M 567 -1.58 -77.46 0.43
N GLY M 568 -1.98 -76.79 1.52
CA GLY M 568 -1.11 -76.48 2.62
C GLY M 568 -0.50 -75.09 2.54
N GLY M 569 -0.33 -74.58 1.32
CA GLY M 569 0.26 -73.29 1.08
C GLY M 569 1.35 -73.50 0.06
N THR M 570 1.46 -72.61 -0.92
CA THR M 570 2.43 -72.83 -1.99
C THR M 570 3.34 -71.64 -2.27
N CYS M 571 3.45 -70.66 -1.37
CA CYS M 571 4.36 -69.54 -1.58
C CYS M 571 5.77 -70.03 -1.89
N ASP M 572 6.46 -69.31 -2.79
CA ASP M 572 7.86 -69.61 -3.19
C ASP M 572 8.01 -70.99 -3.83
N ILE M 573 7.01 -71.39 -4.64
CA ILE M 573 7.03 -72.70 -5.31
C ILE M 573 7.58 -72.63 -6.72
N SER M 574 7.81 -71.45 -7.26
CA SER M 574 8.28 -71.38 -8.64
C SER M 574 9.78 -71.51 -8.73
N ALA M 575 10.23 -72.00 -9.89
CA ALA M 575 11.66 -72.14 -10.15
C ALA M 575 12.38 -70.81 -10.03
N TRP M 576 11.67 -69.72 -10.35
CA TRP M 576 12.27 -68.40 -10.26
C TRP M 576 12.54 -68.10 -8.80
N ASP M 577 11.56 -68.49 -7.95
CA ASP M 577 11.67 -68.31 -6.51
C ASP M 577 12.80 -69.17 -5.96
N ALA M 578 13.06 -70.31 -6.59
CA ALA M 578 14.13 -71.20 -6.18
C ALA M 578 15.49 -70.58 -6.47
N PHE M 579 15.61 -69.93 -7.64
CA PHE M 579 16.83 -69.23 -8.00
C PHE M 579 17.09 -68.13 -7.00
N TYR M 580 16.01 -67.43 -6.65
CA TYR M 580 15.98 -66.30 -5.75
C TYR M 580 16.56 -66.64 -4.38
N LEU M 581 16.25 -67.82 -3.85
CA LEU M 581 16.79 -68.18 -2.56
C LEU M 581 18.28 -68.47 -2.67
N ALA M 582 18.67 -69.12 -3.77
CA ALA M 582 20.08 -69.43 -4.03
C ALA M 582 20.95 -68.19 -4.20
N VAL M 583 20.36 -67.05 -4.61
CA VAL M 583 21.12 -65.81 -4.74
C VAL M 583 21.66 -65.40 -3.40
N PHE M 584 20.82 -65.45 -2.36
CA PHE M 584 21.22 -65.17 -0.99
C PHE M 584 22.41 -65.99 -0.58
N TRP M 585 22.42 -67.25 -0.99
CA TRP M 585 23.53 -68.12 -0.67
C TRP M 585 24.77 -67.71 -1.43
N MET M 586 24.61 -67.22 -2.66
CA MET M 586 25.76 -66.78 -3.46
C MET M 586 26.50 -65.63 -2.81
N LEU M 587 25.78 -64.61 -2.33
CA LEU M 587 26.42 -63.50 -1.62
C LEU M 587 27.17 -64.02 -0.40
N ASN M 588 26.52 -64.92 0.33
CA ASN M 588 27.11 -65.54 1.51
C ASN M 588 28.38 -66.32 1.20
N THR M 589 28.40 -67.06 0.09
CA THR M 589 29.57 -67.85 -0.25
C THR M 589 30.75 -66.97 -0.60
N ILE M 590 30.54 -66.05 -1.54
CA ILE M 590 31.58 -65.12 -1.96
C ILE M 590 31.92 -64.22 -0.80
N GLY M 591 30.97 -64.00 0.12
CA GLY M 591 31.28 -63.20 1.30
C GLY M 591 32.27 -63.94 2.15
N TRP M 592 31.97 -65.21 2.46
CA TRP M 592 32.87 -66.06 3.21
C TRP M 592 34.21 -66.21 2.50
N THR M 593 34.18 -66.28 1.17
CA THR M 593 35.39 -66.42 0.37
C THR M 593 36.23 -65.16 0.45
N THR M 594 35.60 -64.01 0.24
CA THR M 594 36.35 -62.76 0.26
C THR M 594 36.75 -62.36 1.68
N PHE M 595 35.93 -62.70 2.69
CA PHE M 595 36.29 -62.43 4.08
C PHE M 595 37.58 -63.16 4.42
N TYR M 596 37.66 -64.41 4.00
CA TYR M 596 38.83 -65.24 4.23
C TYR M 596 40.03 -64.66 3.51
N TRP M 597 39.87 -64.40 2.21
CA TRP M 597 40.94 -63.85 1.38
C TRP M 597 41.42 -62.51 1.91
N HIS M 598 40.48 -61.66 2.35
CA HIS M 598 40.87 -60.33 2.81
C HIS M 598 41.62 -60.37 4.12
N TRP M 599 41.01 -60.99 5.15
CA TRP M 599 41.63 -61.08 6.48
C TRP M 599 43.00 -61.74 6.43
N LYS M 600 43.11 -62.85 5.71
CA LYS M 600 44.38 -63.56 5.60
C LYS M 600 45.45 -62.66 4.98
N HIS M 601 45.11 -62.01 3.87
CA HIS M 601 46.05 -61.13 3.19
C HIS M 601 46.43 -59.92 4.04
N LEU M 602 45.54 -59.46 4.94
CA LEU M 602 45.88 -58.33 5.80
C LEU M 602 47.08 -58.66 6.67
N GLY M 603 47.05 -59.86 7.27
CA GLY M 603 48.16 -60.33 8.08
C GLY M 603 49.38 -60.61 7.22
N VAL M 604 49.16 -61.29 6.09
CA VAL M 604 50.23 -61.64 5.16
C VAL M 604 50.96 -60.40 4.64
N TRP M 605 50.22 -59.32 4.36
CA TRP M 605 50.90 -58.14 3.84
C TRP M 605 51.64 -57.38 4.93
N GLN M 606 51.05 -57.26 6.12
CA GLN M 606 51.77 -56.69 7.24
C GLN M 606 52.70 -57.68 7.91
N GLY M 607 52.88 -58.87 7.35
CA GLY M 607 53.88 -59.80 7.81
C GLY M 607 53.61 -60.42 9.16
N ASN M 608 52.37 -60.41 9.62
CA ASN M 608 52.00 -60.98 10.91
C ASN M 608 50.88 -62.00 10.69
N VAL M 609 51.24 -63.12 10.05
CA VAL M 609 50.30 -64.19 9.77
C VAL M 609 49.77 -64.87 11.04
N ALA M 610 50.48 -64.73 12.17
CA ALA M 610 50.07 -65.33 13.43
C ALA M 610 48.68 -64.88 13.87
N GLN M 611 48.33 -63.62 13.59
CA GLN M 611 47.03 -63.07 13.97
C GLN M 611 45.91 -63.85 13.32
N PHE M 612 45.98 -64.03 11.99
CA PHE M 612 44.98 -64.80 11.27
C PHE M 612 44.96 -66.26 11.69
N ASN M 613 46.13 -66.91 11.68
CA ASN M 613 46.28 -68.33 12.04
C ASN M 613 45.63 -68.71 13.37
N GLU M 614 45.74 -67.86 14.38
CA GLU M 614 45.16 -68.19 15.67
C GLU M 614 43.73 -67.69 15.87
N SER M 615 43.37 -66.53 15.31
CA SER M 615 42.03 -66.00 15.51
C SER M 615 40.98 -66.56 14.55
N SER M 616 41.36 -67.02 13.36
CA SER M 616 40.38 -67.51 12.40
C SER M 616 39.79 -68.86 12.75
N THR M 617 40.28 -69.51 13.81
CA THR M 617 39.77 -70.82 14.16
C THR M 617 38.56 -70.75 15.07
N TYR M 618 38.23 -69.55 15.52
CA TYR M 618 37.01 -69.30 16.29
C TYR M 618 36.33 -68.09 15.68
N LEU M 619 35.00 -68.05 15.75
CA LEU M 619 34.26 -66.98 15.08
C LEU M 619 34.45 -65.61 15.73
N MET M 620 34.71 -65.55 17.05
CA MET M 620 34.93 -64.24 17.67
C MET M 620 36.16 -63.53 17.09
N GLY M 621 37.10 -64.28 16.52
CA GLY M 621 38.26 -63.66 15.91
C GLY M 621 37.85 -62.96 14.64
N TRP M 622 36.92 -63.57 13.92
CA TRP M 622 36.39 -63.01 12.68
C TRP M 622 35.52 -61.80 12.96
N PHE M 623 35.04 -61.68 14.19
CA PHE M 623 34.16 -60.62 14.61
C PHE M 623 34.90 -59.51 15.35
N ARG M 624 35.68 -59.86 16.35
CA ARG M 624 36.43 -58.89 17.14
C ARG M 624 37.71 -58.42 16.46
N ASP M 625 38.51 -59.35 15.95
CA ASP M 625 39.80 -58.99 15.38
C ASP M 625 39.77 -58.72 13.89
N TYR M 626 38.64 -58.96 13.23
CA TYR M 626 38.51 -58.68 11.81
C TYR M 626 37.54 -57.55 11.51
N LEU M 627 36.28 -57.68 11.90
CA LEU M 627 35.29 -56.67 11.57
C LEU M 627 35.42 -55.43 12.43
N TRP M 628 35.37 -55.59 13.75
CA TRP M 628 35.48 -54.46 14.68
C TRP M 628 36.82 -53.74 14.55
N LEU M 629 37.91 -54.50 14.54
CA LEU M 629 39.25 -53.94 14.44
C LEU M 629 39.47 -53.13 13.17
N ASN M 630 39.18 -53.72 12.01
CA ASN M 630 39.44 -53.05 10.75
C ASN M 630 38.46 -51.95 10.38
N SER M 631 37.46 -51.66 11.19
CA SER M 631 36.54 -50.59 10.86
C SER M 631 36.90 -49.30 11.54
N SER M 632 38.02 -49.26 12.24
CA SER M 632 38.48 -48.07 12.96
C SER M 632 38.60 -46.85 12.05
N GLN M 633 39.38 -46.98 10.98
CA GLN M 633 39.55 -45.87 10.06
C GLN M 633 38.29 -45.54 9.24
N LEU M 634 37.67 -46.55 8.60
CA LEU M 634 36.47 -46.38 7.79
C LEU M 634 35.39 -45.57 8.49
N ILE M 635 35.02 -45.98 9.69
CA ILE M 635 34.00 -45.34 10.51
C ILE M 635 34.39 -43.95 10.99
N ASN M 636 35.67 -43.57 10.88
CA ASN M 636 36.08 -42.25 11.27
C ASN M 636 36.33 -41.34 10.08
N GLY M 637 35.79 -41.70 8.90
CA GLY M 637 35.90 -40.86 7.71
C GLY M 637 35.48 -39.43 7.96
N TYR M 638 34.51 -39.24 8.85
CA TYR M 638 34.07 -37.94 9.35
C TYR M 638 33.62 -38.18 10.77
N ASN M 639 33.73 -37.14 11.60
CA ASN M 639 33.35 -37.24 13.01
C ASN M 639 33.18 -35.81 13.53
N PRO M 640 32.90 -35.54 14.82
CA PRO M 640 32.75 -34.13 15.25
C PRO M 640 34.00 -33.25 15.14
N PHE M 641 35.16 -33.78 14.80
CA PHE M 641 36.35 -32.94 14.73
C PHE M 641 36.81 -32.66 13.31
N GLY M 642 36.29 -33.37 12.32
CA GLY M 642 36.70 -33.08 10.96
C GLY M 642 36.32 -34.22 10.04
N MET M 643 37.10 -34.33 8.97
CA MET M 643 36.92 -35.37 7.98
C MET M 643 38.23 -35.56 7.25
N ASN M 644 38.30 -36.61 6.45
CA ASN M 644 39.48 -36.95 5.69
C ASN M 644 39.04 -37.63 4.40
N ASN M 645 40.02 -38.10 3.65
CA ASN M 645 39.83 -38.72 2.33
C ASN M 645 39.07 -40.06 2.37
N LEU M 646 38.51 -40.47 3.50
CA LEU M 646 37.71 -41.69 3.62
C LEU M 646 36.28 -41.36 3.94
N SER M 647 35.90 -40.08 3.89
CA SER M 647 34.52 -39.69 4.14
C SER M 647 33.57 -40.28 3.13
N VAL M 648 34.02 -40.41 1.87
CA VAL M 648 33.18 -41.01 0.83
C VAL M 648 32.87 -42.45 1.21
N TRP M 649 33.92 -43.25 1.45
CA TRP M 649 33.80 -44.66 1.82
C TRP M 649 33.02 -44.81 3.11
N ALA M 650 33.11 -43.83 4.01
CA ALA M 650 32.39 -43.90 5.27
C ALA M 650 30.90 -43.67 5.04
N TRP M 651 30.61 -42.74 4.12
CA TRP M 651 29.23 -42.45 3.79
C TRP M 651 28.65 -43.63 3.03
N MET M 652 29.42 -44.16 2.08
CA MET M 652 29.00 -45.31 1.30
C MET M 652 28.75 -46.53 2.18
N PHE M 653 29.60 -46.72 3.20
CA PHE M 653 29.47 -47.87 4.10
C PHE M 653 28.13 -47.83 4.80
N LEU M 654 27.78 -46.64 5.30
CA LEU M 654 26.50 -46.46 5.97
C LEU M 654 25.38 -46.56 4.95
N PHE M 655 25.64 -46.02 3.75
CA PHE M 655 24.68 -46.04 2.64
C PHE M 655 24.30 -47.47 2.32
N GLY M 656 25.30 -48.34 2.25
CA GLY M 656 25.04 -49.73 1.97
C GLY M 656 24.18 -50.39 3.03
N HIS M 657 24.48 -50.11 4.31
CA HIS M 657 23.71 -50.67 5.41
C HIS M 657 22.25 -50.27 5.32
N LEU M 658 22.00 -49.02 4.95
CA LEU M 658 20.65 -48.50 4.88
C LEU M 658 19.89 -49.14 3.73
N ILE M 659 20.58 -49.44 2.63
CA ILE M 659 19.92 -49.99 1.47
C ILE M 659 19.93 -51.51 1.51
N TRP M 660 20.79 -52.09 2.35
CA TRP M 660 20.69 -53.51 2.67
C TRP M 660 19.39 -53.76 3.41
N ALA M 661 19.17 -52.96 4.46
CA ALA M 661 17.99 -53.09 5.32
C ALA M 661 16.71 -52.74 4.61
N THR M 662 16.77 -51.86 3.59
CA THR M 662 15.57 -51.49 2.86
C THR M 662 15.03 -52.69 2.09
N GLY M 663 15.91 -53.60 1.68
CA GLY M 663 15.47 -54.79 1.00
C GLY M 663 14.67 -55.71 1.89
N PHE M 664 14.99 -55.72 3.20
CA PHE M 664 14.29 -56.56 4.14
C PHE M 664 12.81 -56.23 4.21
N MET M 665 12.46 -54.97 3.94
CA MET M 665 11.07 -54.53 3.98
C MET M 665 10.24 -55.25 2.92
N PHE M 666 10.74 -55.28 1.68
CA PHE M 666 10.03 -55.94 0.61
C PHE M 666 10.03 -57.46 0.79
N LEU M 667 11.09 -58.00 1.39
CA LEU M 667 11.19 -59.44 1.58
C LEU M 667 10.38 -59.98 2.74
N ILE M 668 10.15 -59.19 3.79
CA ILE M 668 9.42 -59.66 4.96
C ILE M 668 7.96 -59.28 4.91
N SER M 669 7.64 -58.04 4.56
CA SER M 669 6.24 -57.66 4.49
C SER M 669 5.77 -57.94 3.08
N TRP M 670 4.61 -58.57 2.95
CA TRP M 670 4.11 -58.96 1.65
C TRP M 670 2.94 -58.09 1.21
N ARG M 671 2.55 -58.27 -0.05
CA ARG M 671 1.58 -57.45 -0.78
C ARG M 671 0.31 -56.97 -0.09
N GLY M 672 -0.47 -57.91 0.46
CA GLY M 672 -1.75 -57.60 1.10
C GLY M 672 -1.73 -56.42 2.03
N TYR M 673 -0.72 -56.37 2.91
CA TYR M 673 -0.57 -55.26 3.84
C TYR M 673 -0.52 -53.92 3.10
N TRP M 674 0.29 -53.87 2.05
CA TRP M 674 0.48 -52.65 1.27
C TRP M 674 -0.71 -52.26 0.42
N GLN M 675 -1.30 -53.22 -0.30
CA GLN M 675 -2.46 -52.95 -1.14
C GLN M 675 -3.61 -52.34 -0.35
N GLU M 676 -3.84 -52.82 0.87
CA GLU M 676 -4.92 -52.25 1.67
C GLU M 676 -4.57 -50.86 2.12
N LEU M 677 -3.29 -50.62 2.41
CA LEU M 677 -2.83 -49.30 2.80
C LEU M 677 -2.97 -48.31 1.65
N ILE M 678 -2.58 -48.76 0.44
CA ILE M 678 -2.66 -47.95 -0.76
C ILE M 678 -4.09 -47.48 -1.03
N GLU M 679 -5.08 -48.35 -0.77
CA GLU M 679 -6.48 -47.98 -0.96
C GLU M 679 -6.89 -46.79 -0.10
N THR M 680 -6.37 -46.73 1.13
CA THR M 680 -6.68 -45.59 1.99
C THR M 680 -6.01 -44.32 1.46
N LEU M 681 -4.88 -44.47 0.77
CA LEU M 681 -4.21 -43.31 0.20
C LEU M 681 -4.95 -42.83 -1.02
N VAL M 682 -5.51 -43.77 -1.78
CA VAL M 682 -6.31 -43.43 -2.94
C VAL M 682 -7.55 -42.68 -2.50
N TRP M 683 -8.20 -43.19 -1.45
CA TRP M 683 -9.38 -42.57 -0.87
C TRP M 683 -9.07 -41.15 -0.43
N ALA M 684 -7.97 -40.99 0.31
CA ALA M 684 -7.58 -39.68 0.82
C ALA M 684 -7.36 -38.69 -0.30
N HIS M 685 -6.69 -39.12 -1.37
CA HIS M 685 -6.45 -38.24 -2.52
C HIS M 685 -7.76 -37.79 -3.15
N GLU M 686 -8.64 -38.74 -3.45
CA GLU M 686 -9.92 -38.42 -4.07
C GLU M 686 -10.83 -37.54 -3.20
N ARG M 687 -10.63 -37.49 -1.89
CA ARG M 687 -11.49 -36.67 -1.05
C ARG M 687 -10.85 -35.37 -0.54
N THR M 688 -9.67 -34.97 -1.00
CA THR M 688 -9.06 -33.74 -0.50
C THR M 688 -9.09 -32.62 -1.52
N PRO M 689 -9.80 -31.53 -1.25
CA PRO M 689 -9.86 -30.42 -2.21
C PRO M 689 -8.47 -29.86 -2.48
N LEU M 690 -8.33 -29.28 -3.69
CA LEU M 690 -7.13 -28.70 -4.30
C LEU M 690 -6.21 -29.81 -4.77
N ALA M 691 -6.64 -31.05 -4.63
CA ALA M 691 -5.93 -32.23 -5.09
C ALA M 691 -6.84 -33.07 -5.96
N ASN M 692 -8.13 -33.14 -5.60
CA ASN M 692 -9.19 -33.77 -6.38
C ASN M 692 -9.10 -33.38 -7.85
N LEU M 693 -8.80 -32.09 -8.07
CA LEU M 693 -8.68 -31.43 -9.35
C LEU M 693 -7.76 -32.18 -10.31
N VAL M 694 -6.77 -32.89 -9.79
CA VAL M 694 -5.80 -33.56 -10.63
C VAL M 694 -6.08 -35.05 -10.46
N ARG M 695 -5.75 -35.82 -11.49
CA ARG M 695 -5.98 -37.25 -11.43
C ARG M 695 -4.84 -38.02 -12.04
N TRP M 696 -4.60 -39.22 -11.51
CA TRP M 696 -3.59 -40.12 -12.05
C TRP M 696 -4.07 -40.69 -13.37
N LYS M 697 -3.13 -40.97 -14.26
CA LYS M 697 -3.56 -41.61 -15.49
C LYS M 697 -3.56 -43.12 -15.30
N ASP M 698 -2.66 -43.62 -14.47
CA ASP M 698 -2.57 -45.03 -14.13
C ASP M 698 -3.02 -45.23 -12.69
N LYS M 699 -3.98 -46.12 -12.47
CA LYS M 699 -4.47 -46.35 -11.11
C LYS M 699 -3.38 -46.98 -10.25
N PRO M 700 -3.08 -46.43 -9.07
CA PRO M 700 -2.03 -47.01 -8.22
C PRO M 700 -2.43 -48.35 -7.62
N VAL M 701 -1.51 -49.32 -7.68
CA VAL M 701 -1.70 -50.64 -7.09
C VAL M 701 -0.36 -51.07 -6.51
N ALA M 702 -0.43 -51.92 -5.49
CA ALA M 702 0.76 -52.48 -4.86
C ALA M 702 1.60 -53.28 -5.85
N LEU M 703 2.91 -53.37 -5.57
CA LEU M 703 3.83 -54.16 -6.38
C LEU M 703 3.40 -55.62 -6.39
N SER M 704 3.76 -56.36 -7.43
CA SER M 704 3.33 -57.75 -7.44
C SER M 704 4.14 -58.60 -6.47
N ILE M 705 3.69 -59.85 -6.31
CA ILE M 705 4.34 -60.80 -5.42
C ILE M 705 5.76 -61.11 -5.88
N VAL M 706 5.91 -61.44 -7.16
CA VAL M 706 7.23 -61.73 -7.72
C VAL M 706 8.11 -60.48 -7.73
N GLN M 707 7.56 -59.33 -8.14
CA GLN M 707 8.27 -58.05 -8.16
C GLN M 707 8.96 -57.72 -6.84
N ALA M 708 8.23 -57.88 -5.74
CA ALA M 708 8.75 -57.58 -4.41
C ALA M 708 9.96 -58.44 -4.08
N ARG M 709 9.90 -59.71 -4.45
CA ARG M 709 11.03 -60.60 -4.25
C ARG M 709 12.24 -60.07 -4.99
N LEU M 710 12.01 -59.70 -6.25
CA LEU M 710 13.05 -59.13 -7.10
C LEU M 710 13.58 -57.81 -6.55
N VAL M 711 12.68 -56.90 -6.17
CA VAL M 711 13.11 -55.59 -5.67
C VAL M 711 13.80 -55.73 -4.33
N GLY M 712 13.25 -56.58 -3.46
CA GLY M 712 13.89 -56.83 -2.18
C GLY M 712 15.28 -57.45 -2.31
N LEU M 713 15.37 -58.50 -3.12
CA LEU M 713 16.66 -59.15 -3.36
C LEU M 713 17.65 -58.19 -4.00
N ALA M 714 17.18 -57.35 -4.92
CA ALA M 714 18.08 -56.40 -5.57
C ALA M 714 18.64 -55.39 -4.58
N HIS M 715 17.80 -54.90 -3.66
CA HIS M 715 18.30 -53.99 -2.64
C HIS M 715 19.28 -54.73 -1.75
N PHE M 716 18.86 -55.90 -1.25
CA PHE M 716 19.70 -56.75 -0.41
C PHE M 716 21.06 -57.01 -1.07
N ALA M 717 21.06 -57.21 -2.39
CA ALA M 717 22.29 -57.52 -3.09
C ALA M 717 23.17 -56.28 -3.28
N VAL M 718 22.59 -55.16 -3.71
CA VAL M 718 23.35 -53.92 -3.87
C VAL M 718 23.95 -53.48 -2.54
N GLY M 719 23.18 -53.60 -1.45
CA GLY M 719 23.68 -53.20 -0.14
C GLY M 719 24.84 -54.05 0.30
N TYR M 720 24.75 -55.35 0.04
CA TYR M 720 25.80 -56.31 0.39
C TYR M 720 27.13 -55.89 -0.22
N ILE M 721 27.11 -55.55 -1.50
CA ILE M 721 28.33 -55.17 -2.20
C ILE M 721 28.84 -53.82 -1.73
N VAL M 722 27.97 -52.78 -1.73
CA VAL M 722 28.41 -51.43 -1.39
C VAL M 722 28.88 -51.34 0.06
N THR M 723 28.34 -52.16 0.96
CA THR M 723 28.92 -52.24 2.30
C THR M 723 30.31 -52.85 2.28
N TYR M 724 30.46 -53.98 1.60
CA TYR M 724 31.76 -54.62 1.57
C TYR M 724 32.77 -53.84 0.75
N ALA M 725 32.32 -53.23 -0.36
CA ALA M 725 33.25 -52.46 -1.18
C ALA M 725 33.78 -51.26 -0.42
N ALA M 726 32.89 -50.55 0.27
CA ALA M 726 33.30 -49.39 1.06
C ALA M 726 34.29 -49.79 2.15
N PHE M 727 33.99 -50.89 2.87
CA PHE M 727 34.85 -51.36 3.95
C PHE M 727 36.21 -51.85 3.48
N LEU M 728 36.22 -52.74 2.50
CA LEU M 728 37.45 -53.31 1.97
C LEU M 728 38.47 -52.27 1.53
N ILE M 729 38.02 -51.32 0.74
CA ILE M 729 38.89 -50.29 0.19
C ILE M 729 39.42 -49.37 1.29
N ALA M 730 38.51 -48.85 2.13
CA ALA M 730 38.90 -47.92 3.19
C ALA M 730 39.79 -48.57 4.23
N SER M 731 39.52 -49.83 4.60
CA SER M 731 40.32 -50.50 5.61
C SER M 731 41.77 -50.66 5.18
N THR M 732 42.00 -51.01 3.92
CA THR M 732 43.36 -51.19 3.42
C THR M 732 44.05 -49.87 3.14
N ALA M 733 43.33 -48.88 2.62
CA ALA M 733 43.92 -47.59 2.29
C ALA M 733 44.39 -46.77 3.50
N SER M 734 44.22 -47.25 4.73
CA SER M 734 44.86 -46.56 5.84
C SER M 734 46.05 -47.34 6.40
N LYS M 735 46.03 -48.68 6.29
CA LYS M 735 47.10 -49.48 6.88
C LYS M 735 47.99 -50.18 5.88
N PHE M 736 47.46 -50.58 4.73
CA PHE M 736 48.17 -51.30 3.66
C PHE M 736 48.84 -52.58 4.15
N ALA N 2 -7.91 -61.12 -18.81
CA ALA N 2 -8.52 -61.88 -17.72
C ALA N 2 -7.81 -63.21 -17.52
N HIS N 3 -8.07 -63.83 -16.38
CA HIS N 3 -7.52 -65.15 -16.11
C HIS N 3 -8.29 -66.21 -16.87
N THR N 4 -7.62 -67.32 -17.10
CA THR N 4 -8.19 -68.47 -17.79
C THR N 4 -8.54 -69.50 -16.73
N VAL N 5 -9.77 -70.00 -16.78
CA VAL N 5 -10.24 -71.02 -15.85
C VAL N 5 -10.68 -72.21 -16.68
N LYS N 6 -9.97 -73.31 -16.54
CA LYS N 6 -10.24 -74.52 -17.29
C LYS N 6 -10.84 -75.55 -16.36
N ILE N 7 -11.77 -76.34 -16.87
CA ILE N 7 -12.39 -77.40 -16.09
C ILE N 7 -12.10 -78.73 -16.78
N TYR N 8 -11.41 -79.60 -16.07
CA TYR N 8 -11.02 -80.88 -16.62
C TYR N 8 -12.12 -81.92 -16.38
N ASP N 9 -12.06 -83.01 -17.14
CA ASP N 9 -13.07 -84.06 -17.12
C ASP N 9 -13.00 -84.98 -15.91
N THR N 10 -12.27 -84.64 -14.88
CA THR N 10 -12.21 -85.46 -13.68
C THR N 10 -13.20 -84.97 -12.63
N CYS N 11 -14.05 -84.01 -13.00
CA CYS N 11 -15.03 -83.43 -12.09
C CYS N 11 -16.04 -84.47 -11.66
N ILE N 12 -16.32 -84.51 -10.37
CA ILE N 12 -17.26 -85.45 -9.80
C ILE N 12 -18.58 -84.78 -9.43
N GLY N 13 -18.84 -83.60 -10.00
CA GLY N 13 -20.07 -82.84 -9.75
C GLY N 13 -20.40 -82.63 -8.29
N CYS N 14 -19.37 -82.40 -7.46
CA CYS N 14 -19.59 -82.19 -6.04
C CYS N 14 -20.13 -80.81 -5.69
N THR N 15 -20.02 -79.82 -6.60
CA THR N 15 -20.47 -78.42 -6.47
C THR N 15 -19.65 -77.61 -5.48
N GLN N 16 -18.62 -78.19 -4.87
CA GLN N 16 -17.81 -77.44 -3.90
C GLN N 16 -17.17 -76.19 -4.52
N CYS N 17 -16.56 -76.33 -5.71
CA CYS N 17 -15.90 -75.22 -6.39
C CYS N 17 -16.83 -74.02 -6.61
N VAL N 18 -17.97 -74.26 -7.25
CA VAL N 18 -18.98 -73.22 -7.53
C VAL N 18 -19.33 -72.42 -6.27
N ARG N 19 -19.45 -73.09 -5.13
CA ARG N 19 -19.82 -72.42 -3.90
C ARG N 19 -18.63 -71.78 -3.20
N ALA N 20 -17.44 -71.84 -3.79
CA ALA N 20 -16.24 -71.23 -3.22
C ALA N 20 -15.88 -69.90 -3.88
N CYS N 21 -16.22 -69.71 -5.15
CA CYS N 21 -15.90 -68.51 -5.91
C CYS N 21 -16.47 -67.25 -5.28
N PRO N 22 -15.65 -66.27 -4.92
CA PRO N 22 -16.15 -65.04 -4.30
C PRO N 22 -16.74 -64.03 -5.26
N THR N 23 -16.63 -64.22 -6.57
CA THR N 23 -17.17 -63.27 -7.52
C THR N 23 -18.16 -63.89 -8.49
N ASP N 24 -18.58 -65.13 -8.24
CA ASP N 24 -19.52 -65.91 -9.04
C ASP N 24 -19.05 -66.03 -10.50
N VAL N 25 -17.90 -66.67 -10.66
CA VAL N 25 -17.32 -66.91 -11.98
C VAL N 25 -17.71 -68.29 -12.49
N LEU N 26 -18.05 -69.21 -11.62
CA LEU N 26 -18.28 -70.59 -11.98
C LEU N 26 -19.72 -71.01 -11.75
N GLU N 27 -20.11 -72.03 -12.51
CA GLU N 27 -21.43 -72.63 -12.39
C GLU N 27 -21.34 -74.08 -12.82
N MET N 28 -22.26 -74.88 -12.30
CA MET N 28 -22.40 -76.29 -12.63
C MET N 28 -23.27 -76.43 -13.87
N VAL N 29 -22.87 -77.29 -14.82
CA VAL N 29 -23.73 -77.47 -15.98
C VAL N 29 -23.99 -78.96 -16.22
N PRO N 30 -25.13 -79.32 -16.83
CA PRO N 30 -25.44 -80.73 -17.11
C PRO N 30 -24.40 -81.45 -17.96
N TRP N 31 -24.02 -82.64 -17.51
CA TRP N 31 -23.06 -83.46 -18.24
C TRP N 31 -23.80 -84.49 -19.08
N ASP N 32 -23.26 -84.77 -20.26
CA ASP N 32 -23.89 -85.72 -21.16
C ASP N 32 -23.27 -87.12 -21.11
N GLY N 33 -22.20 -87.34 -20.37
CA GLY N 33 -21.67 -88.70 -20.38
C GLY N 33 -22.49 -89.70 -19.59
N CYS N 34 -23.45 -89.25 -18.78
CA CYS N 34 -24.27 -90.14 -17.98
C CYS N 34 -25.67 -89.55 -17.83
N ARG N 35 -25.78 -88.25 -18.14
CA ARG N 35 -27.02 -87.46 -18.01
C ARG N 35 -27.57 -87.46 -16.58
N ALA N 36 -26.71 -87.66 -15.59
CA ALA N 36 -27.07 -87.58 -14.19
C ALA N 36 -26.12 -86.70 -13.38
N ASN N 37 -24.83 -86.70 -13.73
CA ASN N 37 -23.88 -85.85 -13.05
C ASN N 37 -23.72 -84.53 -13.80
N GLN N 38 -22.91 -83.66 -13.24
CA GLN N 38 -22.79 -82.27 -13.63
C GLN N 38 -21.33 -81.87 -13.63
N ILE N 39 -20.96 -80.94 -14.49
CA ILE N 39 -19.57 -80.49 -14.50
C ILE N 39 -19.58 -78.98 -14.35
N ALA N 40 -18.49 -78.46 -13.78
CA ALA N 40 -18.36 -77.03 -13.58
C ALA N 40 -17.97 -76.34 -14.88
N SER N 41 -18.33 -75.08 -14.99
CA SER N 41 -18.05 -74.30 -16.18
C SER N 41 -17.67 -72.90 -15.73
N ALA N 42 -16.96 -72.20 -16.60
CA ALA N 42 -16.50 -70.85 -16.33
C ALA N 42 -17.00 -69.94 -17.43
N PRO N 43 -18.25 -69.48 -17.34
CA PRO N 43 -18.77 -68.57 -18.37
C PRO N 43 -18.38 -67.13 -18.16
N ARG N 44 -17.94 -66.77 -16.95
CA ARG N 44 -17.59 -65.41 -16.63
C ARG N 44 -16.14 -65.27 -16.17
N THR N 45 -15.19 -65.77 -16.98
CA THR N 45 -13.78 -65.71 -16.61
C THR N 45 -13.25 -64.27 -16.57
N GLU N 46 -13.96 -63.32 -17.18
CA GLU N 46 -13.56 -61.91 -17.13
C GLU N 46 -13.67 -61.33 -15.73
N ASP N 47 -14.33 -62.01 -14.80
CA ASP N 47 -14.44 -61.58 -13.42
C ASP N 47 -13.57 -62.38 -12.49
N CYS N 48 -12.81 -63.35 -13.00
CA CYS N 48 -11.97 -64.17 -12.15
C CYS N 48 -10.82 -63.31 -11.64
N VAL N 49 -10.68 -63.24 -10.32
CA VAL N 49 -9.59 -62.49 -9.72
C VAL N 49 -8.36 -63.35 -9.49
N GLY N 50 -8.48 -64.67 -9.62
CA GLY N 50 -7.34 -65.52 -9.41
C GLY N 50 -7.06 -65.79 -7.95
N CYS N 51 -8.06 -65.60 -7.09
CA CYS N 51 -7.90 -65.82 -5.66
C CYS N 51 -7.56 -67.27 -5.35
N LYS N 52 -7.97 -68.19 -6.23
CA LYS N 52 -7.78 -69.64 -6.17
C LYS N 52 -8.58 -70.30 -5.07
N ARG N 53 -9.62 -69.64 -4.55
CA ARG N 53 -10.48 -70.29 -3.57
C ARG N 53 -11.15 -71.53 -4.14
N CYS N 54 -11.44 -71.49 -5.46
CA CYS N 54 -12.07 -72.59 -6.18
C CYS N 54 -11.27 -73.88 -6.08
N GLU N 55 -10.04 -73.87 -6.59
CA GLU N 55 -9.14 -75.02 -6.53
C GLU N 55 -8.96 -75.59 -5.12
N SER N 56 -9.12 -74.77 -4.09
CA SER N 56 -9.07 -75.28 -2.73
C SER N 56 -10.32 -76.04 -2.34
N ALA N 57 -11.35 -76.06 -3.19
CA ALA N 57 -12.58 -76.77 -2.86
C ALA N 57 -12.74 -78.07 -3.62
N CYS N 58 -12.01 -78.29 -4.70
CA CYS N 58 -12.15 -79.53 -5.47
C CYS N 58 -11.57 -80.66 -4.62
N PRO N 59 -12.33 -81.70 -4.35
CA PRO N 59 -11.84 -82.81 -3.50
C PRO N 59 -10.89 -83.79 -4.15
N THR N 60 -11.00 -83.93 -5.47
CA THR N 60 -10.23 -84.89 -6.25
C THR N 60 -8.73 -84.70 -6.13
N ASP N 61 -8.00 -85.82 -6.07
CA ASP N 61 -6.55 -85.81 -5.99
C ASP N 61 -6.12 -85.42 -7.38
N PHE N 62 -5.80 -84.13 -7.46
CA PHE N 62 -5.51 -83.27 -8.59
C PHE N 62 -6.73 -82.77 -9.30
N LEU N 63 -6.85 -81.47 -9.10
CA LEU N 63 -7.83 -80.48 -9.52
C LEU N 63 -8.62 -80.83 -10.78
N SER N 64 -9.90 -80.50 -10.74
CA SER N 64 -10.70 -80.67 -11.93
C SER N 64 -10.88 -79.32 -12.57
N ILE N 65 -10.71 -78.28 -11.77
CA ILE N 65 -10.73 -76.87 -12.17
C ILE N 65 -9.35 -76.29 -11.91
N ARG N 66 -8.79 -75.58 -12.89
CA ARG N 66 -7.44 -75.04 -12.76
C ARG N 66 -7.40 -73.57 -13.17
N VAL N 67 -6.72 -72.73 -12.37
CA VAL N 67 -6.61 -71.29 -12.63
C VAL N 67 -5.18 -70.95 -13.06
N TYR N 68 -5.07 -70.53 -14.31
CA TYR N 68 -3.83 -70.09 -14.93
C TYR N 68 -3.92 -68.57 -15.05
N LEU N 69 -3.16 -67.86 -14.23
CA LEU N 69 -3.14 -66.40 -14.23
C LEU N 69 -2.75 -65.85 -15.60
N GLY N 70 -3.52 -64.89 -16.09
CA GLY N 70 -3.29 -64.27 -17.37
C GLY N 70 -3.29 -62.75 -17.24
N ALA N 71 -3.70 -62.09 -18.34
CA ALA N 71 -3.78 -60.62 -18.39
C ALA N 71 -4.56 -60.01 -17.25
N GLU N 72 -3.98 -59.02 -16.59
CA GLU N 72 -4.62 -58.38 -15.46
C GLU N 72 -5.45 -57.18 -15.93
N THR N 73 -6.57 -56.96 -15.23
CA THR N 73 -7.47 -55.87 -15.59
C THR N 73 -7.96 -55.25 -14.29
N THR N 74 -8.66 -54.11 -14.45
CA THR N 74 -9.27 -53.40 -13.32
C THR N 74 -10.19 -54.30 -12.51
N ARG N 75 -11.02 -55.09 -13.18
CA ARG N 75 -11.95 -56.01 -12.53
C ARG N 75 -11.21 -57.10 -11.77
N SER N 76 -10.23 -57.74 -12.43
CA SER N 76 -9.47 -58.82 -11.80
C SER N 76 -8.61 -58.34 -10.63
N MET N 77 -8.17 -57.07 -10.66
CA MET N 77 -7.35 -56.56 -9.56
C MET N 77 -8.19 -56.15 -8.36
N GLY N 78 -9.52 -56.22 -8.46
CA GLY N 78 -10.41 -55.89 -7.37
C GLY N 78 -10.37 -54.45 -6.93
N LEU N 79 -10.15 -53.53 -7.86
CA LEU N 79 -10.06 -52.13 -7.48
C LEU N 79 -11.43 -51.51 -7.36
N GLY N 80 -11.71 -50.94 -6.19
CA GLY N 80 -12.84 -50.06 -5.98
C GLY N 80 -12.58 -48.64 -6.39
N TYR N 81 -11.56 -48.41 -7.21
CA TYR N 81 -11.06 -47.09 -7.52
C TYR N 81 -10.39 -47.05 -8.88
N THR O 78 -34.52 -55.35 -14.40
CA THR O 78 -34.86 -53.94 -14.28
C THR O 78 -34.45 -53.46 -12.89
N LEU O 79 -33.70 -52.35 -12.84
CA LEU O 79 -33.08 -51.93 -11.61
C LEU O 79 -34.07 -51.33 -10.61
N ASN O 80 -35.07 -50.59 -11.10
CA ASN O 80 -35.90 -49.68 -10.30
C ASN O 80 -35.03 -48.70 -9.51
N LEU O 81 -34.25 -47.90 -10.23
CA LEU O 81 -33.51 -46.81 -9.62
C LEU O 81 -34.32 -45.51 -9.78
N ASN O 82 -34.69 -44.90 -8.65
CA ASN O 82 -34.16 -45.24 -7.34
C ASN O 82 -35.10 -46.06 -6.47
N ALA O 83 -34.60 -47.21 -6.03
CA ALA O 83 -35.19 -47.98 -4.94
C ALA O 83 -34.64 -47.43 -3.64
N PRO O 84 -35.45 -47.43 -2.56
CA PRO O 84 -35.04 -46.74 -1.33
C PRO O 84 -33.89 -47.44 -0.63
N THR O 85 -32.77 -46.73 -0.53
CA THR O 85 -31.57 -47.25 0.11
C THR O 85 -31.79 -47.39 1.61
N PRO O 86 -31.11 -48.32 2.28
CA PRO O 86 -31.24 -48.43 3.73
C PRO O 86 -30.64 -47.24 4.45
N ILE O 87 -31.27 -46.87 5.57
CA ILE O 87 -30.96 -45.63 6.28
C ILE O 87 -29.61 -45.74 6.97
N PHE O 88 -28.60 -45.09 6.38
CA PHE O 88 -27.22 -45.40 6.74
C PHE O 88 -26.43 -44.23 7.31
N GLY O 89 -26.18 -43.17 6.52
CA GLY O 89 -25.34 -42.05 6.92
C GLY O 89 -23.91 -42.31 7.38
N GLY O 90 -22.99 -42.69 6.48
CA GLY O 90 -21.61 -42.86 6.91
C GLY O 90 -20.57 -43.26 5.87
N SER O 91 -19.59 -44.07 6.29
CA SER O 91 -18.68 -44.81 5.40
C SER O 91 -17.82 -43.99 4.45
N THR O 92 -16.72 -43.44 4.93
CA THR O 92 -15.63 -43.05 4.04
C THR O 92 -15.18 -44.12 3.05
N GLY O 93 -15.34 -45.41 3.39
CA GLY O 93 -14.94 -46.48 2.51
C GLY O 93 -15.97 -47.06 1.56
N GLY O 94 -16.47 -46.27 0.59
CA GLY O 94 -17.37 -46.85 -0.40
C GLY O 94 -17.80 -45.94 -1.54
N LEU O 95 -17.75 -46.48 -2.77
CA LEU O 95 -18.29 -45.86 -3.99
C LEU O 95 -17.64 -44.50 -4.29
N LEU O 96 -16.34 -44.55 -4.58
CA LEU O 96 -15.59 -43.34 -4.88
C LEU O 96 -15.54 -43.12 -6.40
N ARG O 97 -14.63 -42.24 -6.86
CA ARG O 97 -14.56 -41.66 -8.20
C ARG O 97 -14.56 -42.67 -9.36
N LYS O 98 -14.26 -43.95 -9.12
CA LYS O 98 -14.41 -44.94 -10.20
C LYS O 98 -15.87 -45.06 -10.61
N ALA O 99 -16.78 -44.96 -9.65
CA ALA O 99 -18.20 -45.09 -9.91
C ALA O 99 -18.74 -43.94 -10.78
N GLU O 100 -18.03 -42.83 -10.83
CA GLU O 100 -18.46 -41.74 -11.69
C GLU O 100 -17.61 -41.60 -12.94
N VAL O 101 -16.77 -42.59 -13.24
CA VAL O 101 -16.15 -42.71 -14.56
C VAL O 101 -16.38 -44.09 -15.18
N GLU O 102 -16.26 -45.19 -14.42
CA GLU O 102 -16.59 -46.49 -15.00
C GLU O 102 -17.17 -47.45 -13.97
N GLU O 103 -18.36 -48.00 -14.29
CA GLU O 103 -18.79 -49.35 -13.88
C GLU O 103 -18.95 -49.51 -12.36
N PHE O 104 -20.00 -48.90 -11.82
CA PHE O 104 -20.38 -49.24 -10.45
C PHE O 104 -21.41 -50.36 -10.43
N TYR O 105 -21.81 -50.75 -9.23
CA TYR O 105 -22.61 -51.95 -9.01
C TYR O 105 -23.79 -51.63 -8.12
N SER O 106 -24.70 -52.60 -8.02
CA SER O 106 -25.88 -52.48 -7.18
C SER O 106 -26.45 -53.87 -6.94
N ILE O 107 -27.16 -54.01 -5.82
CA ILE O 107 -27.76 -55.28 -5.42
C ILE O 107 -29.17 -54.98 -4.92
N THR O 108 -30.13 -55.82 -5.31
CA THR O 108 -31.53 -55.66 -4.93
C THR O 108 -31.97 -56.88 -4.15
N TRP O 109 -32.67 -56.65 -3.03
CA TRP O 109 -33.32 -57.71 -2.27
C TRP O 109 -34.44 -57.10 -1.44
N THR O 110 -35.22 -57.96 -0.78
CA THR O 110 -36.36 -57.54 0.02
C THR O 110 -36.15 -58.00 1.46
N GLY O 111 -36.11 -57.05 2.38
CA GLY O 111 -35.91 -57.35 3.79
C GLY O 111 -37.17 -57.76 4.52
N LYS O 112 -37.12 -58.90 5.20
CA LYS O 112 -38.32 -59.47 5.82
C LYS O 112 -38.38 -59.19 7.32
N SER O 113 -37.66 -58.15 7.74
CA SER O 113 -37.65 -57.65 9.11
C SER O 113 -36.97 -56.28 9.13
N GLU O 114 -36.62 -55.79 10.31
CA GLU O 114 -35.82 -54.57 10.46
C GLU O 114 -34.47 -54.88 11.09
N THR O 115 -33.81 -55.93 10.62
CA THR O 115 -32.57 -56.37 11.21
C THR O 115 -31.37 -55.63 10.61
N VAL O 116 -30.29 -55.65 11.36
CA VAL O 116 -29.08 -54.88 11.05
C VAL O 116 -28.06 -55.86 10.48
N PHE O 117 -27.18 -55.37 9.60
CA PHE O 117 -26.18 -56.24 8.97
C PHE O 117 -24.92 -55.45 8.70
N GLU O 118 -23.79 -56.14 8.78
CA GLU O 118 -22.52 -55.53 8.42
C GLU O 118 -22.41 -55.34 6.91
N LEU O 119 -22.23 -54.10 6.52
CA LEU O 119 -21.92 -53.76 5.14
C LEU O 119 -20.51 -54.19 4.79
N PRO O 120 -20.15 -54.26 3.50
CA PRO O 120 -18.73 -54.40 3.15
C PRO O 120 -17.94 -53.13 3.37
N THR O 121 -18.59 -51.99 3.62
CA THR O 121 -17.90 -50.74 3.87
C THR O 121 -17.52 -50.58 5.34
N GLY O 122 -18.51 -50.48 6.22
CA GLY O 122 -18.34 -50.51 7.66
C GLY O 122 -19.44 -51.42 8.15
N GLY O 123 -19.89 -51.36 9.39
CA GLY O 123 -21.06 -52.17 9.66
C GLY O 123 -22.23 -51.52 10.33
N ALA O 124 -23.28 -51.25 9.54
CA ALA O 124 -24.72 -51.37 9.79
C ALA O 124 -25.43 -50.86 8.55
N ALA O 125 -26.62 -51.34 8.20
CA ALA O 125 -27.45 -50.35 7.51
C ALA O 125 -28.83 -50.17 8.13
N ILE O 126 -29.78 -51.01 7.71
CA ILE O 126 -30.86 -51.72 8.40
C ILE O 126 -31.66 -52.31 7.25
N MET O 127 -32.15 -53.55 7.32
CA MET O 127 -32.98 -54.00 6.20
C MET O 127 -34.39 -53.45 6.35
N ARG O 128 -34.88 -52.81 5.29
CA ARG O 128 -36.21 -52.24 5.28
C ARG O 128 -37.26 -53.32 5.05
N ALA O 129 -38.50 -52.90 4.80
CA ALA O 129 -39.46 -53.76 4.13
C ALA O 129 -38.95 -54.03 2.72
N GLY O 130 -38.92 -52.98 1.90
CA GLY O 130 -38.15 -52.91 0.68
C GLY O 130 -38.47 -53.86 -0.47
N GLU O 131 -37.85 -53.75 -1.67
CA GLU O 131 -37.08 -52.64 -2.28
C GLU O 131 -35.83 -52.05 -1.57
N ASN O 132 -34.80 -52.88 -1.44
CA ASN O 132 -33.60 -52.53 -0.69
C ASN O 132 -32.37 -52.56 -1.60
N LEU O 133 -31.92 -51.37 -1.99
CA LEU O 133 -30.84 -51.26 -2.96
C LEU O 133 -29.69 -50.51 -2.34
N LEU O 134 -28.47 -50.86 -2.73
CA LEU O 134 -27.28 -50.28 -2.15
C LEU O 134 -26.15 -50.35 -3.16
N ARG O 135 -25.72 -49.19 -3.64
CA ARG O 135 -24.69 -49.11 -4.67
C ARG O 135 -23.34 -49.45 -4.08
N LEU O 136 -22.96 -50.72 -4.17
CA LEU O 136 -21.69 -51.19 -3.65
C LEU O 136 -20.58 -50.87 -4.64
N ALA O 137 -19.38 -51.35 -4.32
CA ALA O 137 -18.22 -50.96 -5.10
C ALA O 137 -17.97 -51.89 -6.28
N ARG O 138 -17.88 -53.18 -6.02
CA ARG O 138 -17.41 -54.15 -7.00
C ARG O 138 -18.35 -55.33 -7.06
N LYS O 139 -17.97 -56.30 -7.90
CA LYS O 139 -18.73 -57.53 -7.99
C LYS O 139 -18.58 -58.36 -6.73
N GLU O 140 -17.36 -58.39 -6.18
CA GLU O 140 -17.05 -59.26 -5.04
C GLU O 140 -17.86 -58.88 -3.81
N GLN O 141 -18.20 -57.61 -3.68
CA GLN O 141 -18.96 -57.17 -2.52
C GLN O 141 -20.44 -57.46 -2.67
N CYS O 142 -20.96 -57.54 -3.90
CA CYS O 142 -22.36 -57.92 -4.08
C CYS O 142 -22.54 -59.43 -4.03
N ILE O 143 -21.46 -60.19 -4.23
CA ILE O 143 -21.52 -61.63 -4.05
C ILE O 143 -21.32 -62.00 -2.60
N ALA O 144 -20.39 -61.33 -1.91
CA ALA O 144 -20.11 -61.69 -0.52
C ALA O 144 -21.19 -61.17 0.42
N LEU O 145 -21.97 -60.18 -0.01
CA LEU O 145 -23.13 -59.78 0.76
C LEU O 145 -24.20 -60.87 0.74
N GLY O 146 -24.45 -61.45 -0.43
CA GLY O 146 -25.45 -62.50 -0.54
C GLY O 146 -25.10 -63.77 0.21
N ALA O 147 -23.82 -64.13 0.25
CA ALA O 147 -23.39 -65.25 1.08
C ALA O 147 -23.39 -64.90 2.55
N GLN O 148 -23.54 -63.62 2.89
CA GLN O 148 -23.75 -63.24 4.28
C GLN O 148 -25.23 -63.05 4.58
N LEU O 149 -26.01 -62.64 3.58
CA LEU O 149 -27.44 -62.46 3.78
C LEU O 149 -28.16 -63.78 3.98
N LYS O 150 -27.92 -64.74 3.08
CA LYS O 150 -28.65 -66.00 3.04
C LYS O 150 -28.40 -66.86 4.27
N ASP O 151 -27.19 -66.80 4.83
CA ASP O 151 -26.88 -67.57 6.03
C ASP O 151 -27.52 -66.95 7.27
N LYS O 152 -27.27 -65.66 7.50
CA LYS O 152 -27.75 -65.02 8.72
C LYS O 152 -29.26 -64.79 8.69
N PHE O 153 -29.78 -64.22 7.62
CA PHE O 153 -31.14 -63.71 7.61
C PHE O 153 -32.09 -64.55 6.76
N LYS O 154 -31.63 -65.69 6.24
CA LYS O 154 -32.44 -66.70 5.54
C LYS O 154 -33.18 -66.14 4.34
N ILE O 155 -32.63 -65.15 3.67
CA ILE O 155 -33.29 -64.49 2.55
C ILE O 155 -32.50 -64.81 1.29
N THR O 156 -33.12 -65.59 0.40
CA THR O 156 -32.52 -65.97 -0.87
C THR O 156 -33.27 -65.35 -2.05
N ASP O 157 -33.60 -64.06 -1.94
CA ASP O 157 -34.30 -63.32 -2.98
C ASP O 157 -33.43 -62.28 -3.66
N TYR O 158 -32.14 -62.26 -3.36
CA TYR O 158 -31.30 -61.13 -3.77
C TYR O 158 -30.94 -61.20 -5.24
N LYS O 159 -30.82 -60.02 -5.84
CA LYS O 159 -30.85 -59.85 -7.30
C LYS O 159 -29.84 -58.75 -7.63
N ILE O 160 -28.59 -59.14 -7.91
CA ILE O 160 -27.54 -58.15 -8.06
C ILE O 160 -27.62 -57.58 -9.45
N TYR O 161 -26.89 -56.49 -9.69
CA TYR O 161 -26.89 -55.82 -10.97
C TYR O 161 -25.48 -55.38 -11.31
N ARG O 162 -25.33 -54.84 -12.51
CA ARG O 162 -24.21 -53.99 -12.88
C ARG O 162 -24.74 -53.00 -13.88
N VAL O 163 -24.37 -51.74 -13.73
CA VAL O 163 -25.24 -50.63 -14.06
C VAL O 163 -25.32 -50.27 -15.55
N TYR O 164 -26.22 -49.34 -15.84
CA TYR O 164 -26.48 -48.62 -17.09
C TYR O 164 -25.53 -47.42 -17.09
N PRO O 165 -25.67 -46.41 -17.96
CA PRO O 165 -24.66 -46.14 -19.00
C PRO O 165 -23.21 -46.48 -18.69
N SER O 166 -22.71 -46.14 -17.49
CA SER O 166 -21.30 -46.32 -17.20
C SER O 166 -20.91 -47.78 -16.93
N GLY O 167 -21.87 -48.71 -16.82
CA GLY O 167 -21.56 -50.11 -16.58
C GLY O 167 -21.80 -51.02 -17.77
N GLU O 168 -21.83 -52.34 -17.57
CA GLU O 168 -21.88 -53.24 -18.72
C GLU O 168 -23.16 -54.08 -18.81
N VAL O 169 -23.45 -54.95 -17.83
CA VAL O 169 -24.55 -55.91 -17.97
C VAL O 169 -25.41 -55.84 -16.72
N GLN O 170 -26.70 -55.54 -16.88
CA GLN O 170 -27.61 -55.68 -15.76
C GLN O 170 -27.81 -57.16 -15.41
N PHE O 171 -28.15 -57.41 -14.14
CA PHE O 171 -28.60 -58.72 -13.64
C PHE O 171 -27.52 -59.78 -13.80
N LEU O 172 -26.41 -59.57 -13.09
CA LEU O 172 -25.26 -60.47 -13.21
C LEU O 172 -25.44 -61.75 -12.40
N HIS O 173 -26.34 -61.74 -11.42
CA HIS O 173 -26.61 -62.91 -10.58
C HIS O 173 -27.97 -62.72 -9.94
N PRO O 174 -28.81 -63.77 -9.90
CA PRO O 174 -28.61 -65.10 -10.49
C PRO O 174 -28.88 -65.14 -12.00
N LYS O 175 -27.85 -65.48 -12.78
CA LYS O 175 -27.87 -65.30 -14.23
C LYS O 175 -28.95 -66.12 -14.93
N ASP O 176 -29.34 -67.26 -14.34
CA ASP O 176 -30.33 -68.15 -14.92
C ASP O 176 -31.72 -67.94 -14.30
N GLY O 177 -31.84 -67.02 -13.34
CA GLY O 177 -33.01 -66.96 -12.48
C GLY O 177 -32.96 -67.91 -11.30
N VAL O 178 -32.34 -69.07 -11.47
CA VAL O 178 -32.03 -70.00 -10.39
C VAL O 178 -30.58 -69.72 -10.00
N PHE O 179 -30.21 -70.18 -8.81
CA PHE O 179 -28.87 -69.95 -8.32
C PHE O 179 -27.87 -70.85 -9.05
N PRO O 180 -26.81 -70.28 -9.62
CA PRO O 180 -25.91 -71.10 -10.45
C PRO O 180 -24.96 -72.00 -9.67
N GLU O 181 -25.10 -72.12 -8.34
CA GLU O 181 -24.50 -73.26 -7.67
C GLU O 181 -25.31 -74.53 -7.88
N LYS O 182 -26.59 -74.39 -8.21
CA LYS O 182 -27.44 -75.51 -8.57
C LYS O 182 -27.35 -75.74 -10.07
N VAL O 183 -27.70 -76.95 -10.51
CA VAL O 183 -27.55 -77.32 -11.92
C VAL O 183 -28.89 -77.16 -12.62
N ASN O 184 -28.85 -76.86 -13.91
CA ASN O 184 -30.05 -76.42 -14.62
C ASN O 184 -29.89 -76.69 -16.12
N PRO O 185 -30.93 -77.15 -16.81
CA PRO O 185 -30.78 -77.46 -18.24
C PRO O 185 -30.65 -76.21 -19.10
N GLY O 186 -29.77 -76.30 -20.10
CA GLY O 186 -29.62 -75.26 -21.10
C GLY O 186 -28.33 -74.48 -21.02
N ARG O 187 -27.52 -74.71 -19.99
CA ARG O 187 -26.29 -73.95 -19.83
C ARG O 187 -25.20 -74.48 -20.75
N VAL O 188 -24.15 -73.69 -20.90
CA VAL O 188 -23.09 -73.97 -21.85
C VAL O 188 -21.81 -74.28 -21.07
N ALA O 189 -21.03 -75.23 -21.57
CA ALA O 189 -19.84 -75.70 -20.89
C ALA O 189 -18.61 -74.96 -21.42
N VAL O 190 -18.52 -73.67 -21.13
CA VAL O 190 -17.42 -72.83 -21.61
C VAL O 190 -16.21 -73.08 -20.72
N GLY O 191 -15.06 -73.31 -21.34
CA GLY O 191 -13.85 -73.50 -20.59
C GLY O 191 -13.68 -74.89 -20.04
N SER O 192 -14.16 -75.89 -20.76
CA SER O 192 -13.91 -77.28 -20.39
C SER O 192 -12.78 -77.83 -21.22
N ASN O 193 -11.83 -78.48 -20.55
CA ASN O 193 -10.79 -79.25 -21.21
C ASN O 193 -11.10 -80.72 -21.01
N LYS O 194 -11.12 -81.47 -22.11
CA LYS O 194 -11.62 -82.85 -22.10
C LYS O 194 -10.49 -83.85 -21.80
N ARG O 195 -9.65 -83.53 -20.83
CA ARG O 195 -8.41 -84.25 -20.58
C ARG O 195 -8.11 -84.18 -19.09
N ARG O 196 -6.91 -84.64 -18.75
CA ARG O 196 -6.32 -84.40 -17.44
C ARG O 196 -5.27 -83.31 -17.59
N ILE O 197 -4.69 -82.83 -16.49
CA ILE O 197 -3.84 -81.66 -16.58
C ILE O 197 -2.40 -82.01 -16.90
N GLY O 198 -1.90 -83.17 -16.45
CA GLY O 198 -0.69 -83.73 -17.00
C GLY O 198 -0.84 -84.16 -18.45
N GLN O 199 -2.07 -84.45 -18.87
CA GLN O 199 -2.44 -84.69 -20.26
C GLN O 199 -2.55 -83.41 -21.08
N ASN O 200 -2.17 -82.26 -20.54
CA ASN O 200 -2.04 -81.08 -21.37
C ASN O 200 -0.80 -81.21 -22.23
N PRO O 201 -0.76 -80.53 -23.38
CA PRO O 201 0.46 -80.49 -24.19
C PRO O 201 1.58 -79.76 -23.45
N ASP O 202 2.80 -80.05 -23.87
CA ASP O 202 3.95 -79.43 -23.24
C ASP O 202 4.21 -78.05 -23.83
N PRO O 203 4.79 -77.12 -23.05
CA PRO O 203 5.20 -75.84 -23.63
C PRO O 203 6.47 -75.94 -24.46
N ALA O 204 7.12 -77.10 -24.46
CA ALA O 204 8.17 -77.36 -25.44
C ALA O 204 7.57 -77.71 -26.80
N LYS O 205 6.28 -78.05 -26.83
CA LYS O 205 5.67 -78.52 -28.06
C LYS O 205 4.96 -77.40 -28.80
N LEU O 206 4.67 -76.30 -28.13
CA LEU O 206 4.01 -75.16 -28.75
C LEU O 206 4.95 -73.97 -28.88
N LYS O 207 6.23 -74.23 -29.12
CA LYS O 207 7.20 -73.17 -29.28
C LYS O 207 6.94 -72.41 -30.57
N PHE O 208 6.75 -71.10 -30.43
CA PHE O 208 6.39 -70.17 -31.52
C PHE O 208 5.07 -70.57 -32.18
N LYS O 209 4.17 -71.17 -31.40
CA LYS O 209 2.83 -71.50 -31.87
C LYS O 209 1.82 -70.83 -30.95
N GLY O 210 0.87 -70.14 -31.58
CA GLY O 210 -0.12 -69.34 -30.87
C GLY O 210 -1.20 -70.11 -30.16
N GLN O 211 -1.18 -71.45 -30.23
CA GLN O 211 -2.12 -72.24 -29.46
C GLN O 211 -1.74 -72.20 -27.98
N GLU O 212 -2.72 -71.93 -27.14
CA GLU O 212 -2.51 -71.91 -25.70
C GLU O 212 -2.33 -73.34 -25.20
N THR O 213 -1.42 -73.49 -24.24
CA THR O 213 -1.03 -74.80 -23.74
C THR O 213 -2.18 -75.50 -23.04
N PHE O 214 -2.92 -74.77 -22.21
CA PHE O 214 -4.01 -75.32 -21.41
C PHE O 214 -5.35 -75.31 -22.13
N ASP O 215 -5.39 -74.86 -23.39
CA ASP O 215 -6.65 -74.69 -24.09
C ASP O 215 -6.86 -75.81 -25.10
N SER O 216 -8.12 -76.21 -25.26
CA SER O 216 -8.48 -77.23 -26.24
C SER O 216 -8.32 -76.74 -27.68
N MET P 1 -9.23 -107.34 -14.83
CA MET P 1 -10.33 -106.65 -14.17
C MET P 1 -10.03 -106.49 -12.69
N VAL P 2 -10.35 -105.32 -12.14
CA VAL P 2 -10.08 -105.00 -10.74
C VAL P 2 -11.40 -104.98 -9.99
N GLN P 3 -11.47 -105.71 -8.88
CA GLN P 3 -12.63 -105.73 -8.01
C GLN P 3 -12.32 -104.96 -6.72
N ARG P 4 -13.36 -104.74 -5.92
CA ARG P 4 -13.21 -104.06 -4.65
C ARG P 4 -12.39 -104.88 -3.66
N GLY P 5 -11.65 -104.19 -2.79
CA GLY P 5 -10.79 -104.85 -1.84
C GLY P 5 -9.48 -105.33 -2.38
N SER P 6 -8.90 -104.64 -3.36
CA SER P 6 -7.64 -105.02 -3.96
C SER P 6 -6.59 -103.95 -3.73
N LYS P 7 -5.32 -104.38 -3.71
CA LYS P 7 -4.20 -103.46 -3.57
C LYS P 7 -3.63 -103.12 -4.94
N VAL P 8 -3.38 -101.83 -5.18
CA VAL P 8 -3.03 -101.37 -6.51
C VAL P 8 -1.65 -100.71 -6.48
N ARG P 9 -1.22 -100.25 -7.65
CA ARG P 9 -0.18 -99.26 -7.80
C ARG P 9 -0.71 -98.18 -8.73
N ILE P 10 -0.04 -97.05 -8.77
CA ILE P 10 -0.58 -95.86 -9.41
C ILE P 10 0.27 -95.49 -10.62
N LEU P 11 -0.37 -95.41 -11.79
CA LEU P 11 0.28 -94.90 -13.00
C LEU P 11 -0.19 -93.51 -13.38
N ARG P 12 -1.15 -92.95 -12.65
CA ARG P 12 -1.50 -91.54 -12.82
C ARG P 12 -0.30 -90.72 -12.35
N LYS P 13 0.45 -90.17 -13.30
CA LYS P 13 1.72 -89.56 -12.92
C LYS P 13 1.53 -88.12 -12.46
N GLU P 14 0.34 -87.55 -12.69
CA GLU P 14 0.04 -86.21 -12.21
C GLU P 14 -0.47 -86.20 -10.77
N SER P 15 -0.38 -87.31 -10.05
CA SER P 15 -0.93 -87.41 -8.71
C SER P 15 0.16 -87.32 -7.64
N TYR P 16 -0.29 -87.13 -6.40
CA TYR P 16 0.62 -87.23 -5.26
C TYR P 16 0.92 -88.68 -4.92
N TRP P 17 -0.07 -89.56 -5.04
CA TRP P 17 0.07 -90.95 -4.66
C TRP P 17 0.71 -91.80 -5.75
N TYR P 18 1.46 -91.19 -6.68
CA TYR P 18 1.93 -91.90 -7.87
C TYR P 18 2.93 -92.99 -7.53
N GLN P 19 2.66 -94.19 -8.04
CA GLN P 19 3.38 -95.42 -7.75
C GLN P 19 3.42 -95.70 -6.25
N GLU P 20 2.26 -95.59 -5.61
CA GLU P 20 2.07 -95.99 -4.23
C GLU P 20 0.92 -96.98 -4.14
N ILE P 21 0.83 -97.63 -3.00
CA ILE P 21 -0.10 -98.72 -2.79
C ILE P 21 -1.44 -98.14 -2.34
N GLY P 22 -2.51 -98.51 -3.01
CA GLY P 22 -3.83 -98.13 -2.59
C GLY P 22 -4.74 -99.35 -2.46
N THR P 23 -5.52 -99.36 -1.40
CA THR P 23 -6.54 -100.36 -1.21
C THR P 23 -7.88 -99.76 -1.59
N VAL P 24 -8.45 -100.26 -2.68
CA VAL P 24 -9.59 -99.63 -3.33
C VAL P 24 -10.83 -99.76 -2.46
N ALA P 25 -11.83 -98.93 -2.74
CA ALA P 25 -13.07 -98.99 -1.99
C ALA P 25 -14.21 -99.56 -2.84
N SER P 26 -14.42 -99.01 -4.02
CA SER P 26 -15.59 -99.36 -4.81
C SER P 26 -15.33 -99.10 -6.29
N ILE P 27 -16.16 -99.73 -7.12
CA ILE P 27 -16.25 -99.43 -8.55
C ILE P 27 -17.68 -98.99 -8.83
N ASP P 28 -17.83 -97.87 -9.53
CA ASP P 28 -19.14 -97.48 -10.02
C ASP P 28 -19.48 -98.30 -11.25
N GLN P 29 -20.36 -99.28 -11.09
CA GLN P 29 -20.72 -100.20 -12.16
C GLN P 29 -21.76 -99.60 -13.12
N SER P 30 -21.47 -98.38 -13.58
CA SER P 30 -22.16 -97.72 -14.68
C SER P 30 -21.10 -96.96 -15.47
N GLY P 31 -21.51 -96.28 -16.53
CA GLY P 31 -20.56 -95.80 -17.51
C GLY P 31 -19.79 -94.54 -17.19
N ILE P 32 -19.84 -94.05 -15.94
CA ILE P 32 -19.15 -92.80 -15.62
C ILE P 32 -17.65 -93.05 -15.57
N LYS P 33 -16.90 -92.23 -16.32
CA LYS P 33 -15.48 -92.44 -16.49
C LYS P 33 -14.74 -92.15 -15.19
N TYR P 34 -13.54 -92.75 -15.07
CA TYR P 34 -12.70 -92.80 -13.88
C TYR P 34 -13.49 -93.35 -12.70
N PRO P 35 -13.80 -94.66 -12.66
CA PRO P 35 -14.69 -95.16 -11.59
C PRO P 35 -13.99 -95.80 -10.39
N VAL P 36 -12.68 -96.01 -10.43
CA VAL P 36 -11.99 -96.78 -9.39
C VAL P 36 -11.73 -95.87 -8.20
N ILE P 37 -12.51 -96.04 -7.15
CA ILE P 37 -12.38 -95.25 -5.92
C ILE P 37 -11.34 -95.94 -5.05
N VAL P 38 -10.14 -95.35 -4.97
CA VAL P 38 -9.00 -95.96 -4.31
C VAL P 38 -8.67 -95.21 -3.04
N ARG P 39 -8.97 -95.82 -1.91
CA ARG P 39 -8.53 -95.32 -0.61
C ARG P 39 -7.04 -95.61 -0.48
N PHE P 40 -6.34 -94.79 0.28
CA PHE P 40 -4.92 -94.96 0.52
C PHE P 40 -4.64 -94.96 2.03
N GLU P 41 -3.51 -95.55 2.40
CA GLU P 41 -3.00 -95.41 3.75
C GLU P 41 -2.56 -93.98 4.06
N LYS P 42 -1.94 -93.32 3.09
CA LYS P 42 -1.37 -91.99 3.27
C LYS P 42 -2.34 -90.92 2.77
N VAL P 43 -2.28 -89.77 3.38
CA VAL P 43 -3.16 -88.66 3.05
C VAL P 43 -2.37 -87.67 2.18
N ASN P 44 -3.06 -86.90 1.36
CA ASN P 44 -2.40 -85.98 0.44
C ASN P 44 -2.17 -84.64 1.13
N TYR P 45 -1.81 -83.64 0.32
CA TYR P 45 -1.69 -82.26 0.78
C TYR P 45 -2.98 -81.68 1.32
N SER P 46 -4.06 -81.70 0.54
CA SER P 46 -5.30 -81.04 0.92
C SER P 46 -6.21 -81.92 1.75
N ASN P 47 -5.66 -82.97 2.39
CA ASN P 47 -6.37 -83.87 3.30
C ASN P 47 -7.54 -84.60 2.63
N VAL P 48 -7.25 -85.39 1.60
CA VAL P 48 -8.16 -86.43 1.14
C VAL P 48 -7.40 -87.74 1.16
N ASN P 49 -8.14 -88.84 1.31
CA ASN P 49 -7.55 -90.17 1.40
C ASN P 49 -7.91 -91.04 0.20
N SER P 50 -8.97 -90.72 -0.54
CA SER P 50 -9.46 -91.55 -1.62
C SER P 50 -9.66 -90.72 -2.87
N ASN P 51 -9.68 -91.40 -4.01
CA ASN P 51 -9.72 -90.72 -5.29
C ASN P 51 -10.27 -91.66 -6.36
N ASN P 52 -10.92 -91.07 -7.35
CA ASN P 52 -11.37 -91.78 -8.54
C ASN P 52 -10.19 -92.00 -9.46
N PHE P 53 -9.97 -93.25 -9.84
CA PHE P 53 -8.98 -93.59 -10.84
C PHE P 53 -9.66 -94.30 -11.99
N SER P 54 -8.95 -94.46 -13.09
CA SER P 54 -9.47 -95.24 -14.20
C SER P 54 -9.13 -96.71 -13.99
N LEU P 55 -9.90 -97.59 -14.64
CA LEU P 55 -9.54 -99.00 -14.67
C LEU P 55 -8.26 -99.23 -15.46
N ASP P 56 -7.95 -98.33 -16.39
CA ASP P 56 -6.67 -98.33 -17.06
C ASP P 56 -5.56 -97.71 -16.22
N GLU P 57 -5.88 -97.17 -15.04
CA GLU P 57 -4.91 -96.52 -14.17
C GLU P 57 -4.55 -97.33 -12.93
N VAL P 58 -5.19 -98.47 -12.70
CA VAL P 58 -4.93 -99.26 -11.50
C VAL P 58 -4.39 -100.64 -11.89
N VAL P 59 -3.57 -101.20 -10.99
CA VAL P 59 -2.84 -102.44 -11.24
C VAL P 59 -3.31 -103.47 -10.22
N GLU P 60 -2.81 -104.70 -10.30
CA GLU P 60 -3.28 -105.81 -9.48
C GLU P 60 -2.12 -106.49 -8.75
N VAL P 61 -1.32 -105.72 -8.04
CA VAL P 61 -0.35 -106.28 -7.09
C VAL P 61 -1.13 -107.00 -5.98
N GLU P 62 -0.98 -108.33 -5.92
CA GLU P 62 -1.83 -109.15 -5.07
C GLU P 62 -1.16 -110.47 -4.69
N ASP Q 26 55.79 -84.23 12.97
CA ASP Q 26 56.72 -84.23 11.84
C ASP Q 26 56.00 -84.60 10.56
N VAL Q 27 54.71 -84.25 10.49
CA VAL Q 27 53.92 -84.46 9.28
C VAL Q 27 53.40 -83.17 8.68
N ALA Q 28 53.24 -82.11 9.47
CA ALA Q 28 52.75 -80.83 8.97
C ALA Q 28 53.50 -79.69 9.62
N GLY Q 29 54.73 -79.96 10.05
CA GLY Q 29 55.55 -78.92 10.63
C GLY Q 29 55.21 -78.56 12.06
N LEU Q 30 54.93 -79.54 12.90
CA LEU Q 30 54.66 -79.30 14.31
C LEU Q 30 55.61 -80.14 15.16
N ILE Q 31 56.15 -79.55 16.21
CA ILE Q 31 56.95 -80.29 17.18
C ILE Q 31 56.01 -81.17 17.99
N PRO Q 32 56.40 -82.41 18.30
CA PRO Q 32 55.75 -83.12 19.41
C PRO Q 32 55.97 -82.36 20.69
N CYS Q 33 54.88 -81.77 21.21
CA CYS Q 33 55.03 -80.64 22.11
C CYS Q 33 55.28 -81.04 23.57
N SER Q 34 55.92 -82.19 23.81
CA SER Q 34 56.56 -82.42 25.10
C SER Q 34 57.84 -81.61 25.24
N GLN Q 35 58.43 -81.18 24.12
CA GLN Q 35 59.67 -80.40 24.12
C GLN Q 35 59.44 -78.94 23.76
N SER Q 36 58.19 -78.51 23.58
CA SER Q 36 57.90 -77.23 22.96
C SER Q 36 57.94 -76.10 23.98
N ASP Q 37 58.49 -74.96 23.56
CA ASP Q 37 58.30 -73.71 24.29
C ASP Q 37 56.96 -73.05 23.96
N ALA Q 38 56.17 -73.65 23.06
CA ALA Q 38 54.90 -73.07 22.66
C ALA Q 38 53.75 -73.51 23.55
N PHE Q 39 53.63 -74.83 23.79
CA PHE Q 39 52.59 -75.34 24.68
C PHE Q 39 52.84 -74.95 26.13
N GLU Q 40 54.10 -74.68 26.48
CA GLU Q 40 54.43 -74.37 27.87
C GLU Q 40 54.21 -72.90 28.19
N ARG Q 41 54.23 -72.03 27.18
CA ARG Q 41 53.89 -70.63 27.39
C ARG Q 41 52.39 -70.38 27.45
N ARG Q 42 51.58 -71.43 27.58
CA ARG Q 42 50.20 -71.26 28.03
C ARG Q 42 50.09 -71.48 29.52
N LEU Q 43 50.84 -72.46 30.07
CA LEU Q 43 50.64 -72.93 31.44
C LEU Q 43 50.95 -71.86 32.45
N LYS Q 44 51.98 -71.04 32.21
CA LYS Q 44 52.33 -69.99 33.16
C LYS Q 44 51.26 -68.91 33.24
N ASN Q 45 50.75 -68.44 32.10
CA ASN Q 45 49.72 -67.41 32.12
C ASN Q 45 48.32 -67.97 32.24
N THR Q 46 48.15 -69.29 32.41
CA THR Q 46 46.94 -69.78 33.07
C THR Q 46 47.11 -69.75 34.57
N THR Q 47 48.23 -70.27 35.08
CA THR Q 47 48.40 -70.36 36.53
C THR Q 47 48.73 -69.01 37.15
N GLN Q 48 49.25 -68.05 36.39
CA GLN Q 48 49.50 -66.74 36.97
C GLN Q 48 48.24 -65.87 36.94
N ARG Q 49 47.32 -66.12 36.00
CA ARG Q 49 46.04 -65.42 36.05
C ARG Q 49 45.21 -65.83 37.24
N LEU Q 50 45.25 -67.10 37.61
CA LEU Q 50 44.41 -67.59 38.69
C LEU Q 50 45.04 -67.45 40.05
N GLU Q 51 46.37 -67.47 40.14
CA GLU Q 51 47.00 -67.14 41.41
C GLU Q 51 46.81 -65.68 41.74
N ASN Q 52 46.86 -64.79 40.74
CA ASN Q 52 46.53 -63.38 40.95
C ASN Q 52 45.03 -63.18 41.18
N ARG Q 53 44.22 -64.19 40.89
CA ARG Q 53 42.83 -64.25 41.33
C ARG Q 53 42.69 -64.91 42.70
N LEU Q 54 43.74 -65.62 43.16
CA LEU Q 54 43.70 -66.33 44.42
C LEU Q 54 44.47 -65.62 45.54
N LYS Q 55 45.34 -64.65 45.20
CA LYS Q 55 46.16 -63.97 46.20
C LYS Q 55 45.34 -63.24 47.26
N LYS Q 56 44.25 -62.60 46.88
CA LYS Q 56 43.54 -61.77 47.84
C LYS Q 56 42.47 -62.52 48.62
N TYR Q 57 42.41 -63.84 48.47
CA TYR Q 57 41.47 -64.68 49.18
C TYR Q 57 42.00 -65.10 50.55
N GLU Q 58 41.09 -65.67 51.33
CA GLU Q 58 41.48 -66.39 52.52
C GLU Q 58 41.92 -67.80 52.14
N PRO Q 59 43.02 -68.29 52.73
CA PRO Q 59 43.47 -69.66 52.42
C PRO Q 59 42.51 -70.74 52.89
N GLY Q 60 41.67 -70.43 53.88
CA GLY Q 60 40.60 -71.30 54.30
C GLY Q 60 39.23 -70.89 53.82
N SER Q 61 39.11 -70.35 52.61
CA SER Q 61 37.81 -69.97 52.07
C SER Q 61 37.31 -71.05 51.12
N ALA Q 62 36.03 -70.96 50.78
CA ALA Q 62 35.37 -71.82 49.82
C ALA Q 62 35.64 -71.47 48.35
N PRO Q 63 35.79 -70.20 47.94
CA PRO Q 63 36.34 -69.96 46.59
C PRO Q 63 37.79 -70.37 46.43
N ALA Q 64 38.56 -70.50 47.51
CA ALA Q 64 40.00 -70.78 47.39
C ALA Q 64 40.23 -72.19 46.89
N GLU Q 65 39.43 -73.15 47.33
CA GLU Q 65 39.50 -74.49 46.75
C GLU Q 65 38.94 -74.53 45.34
N ALA Q 66 38.17 -73.52 44.92
CA ALA Q 66 37.75 -73.43 43.54
C ALA Q 66 38.82 -72.78 42.68
N LEU Q 67 39.86 -72.23 43.30
CA LEU Q 67 40.99 -71.68 42.56
C LEU Q 67 42.28 -72.45 42.78
N GLN Q 68 42.30 -73.35 43.76
CA GLN Q 68 43.41 -74.29 43.85
C GLN Q 68 43.15 -75.53 43.02
N LYS Q 69 41.93 -76.05 43.04
CA LYS Q 69 41.60 -77.21 42.22
C LYS Q 69 41.51 -76.85 40.75
N GLN Q 70 41.27 -75.57 40.44
CA GLN Q 70 41.15 -75.14 39.05
C GLN Q 70 42.48 -75.27 38.32
N ILE Q 71 43.56 -74.80 38.94
CA ILE Q 71 44.90 -74.93 38.35
C ILE Q 71 45.28 -76.40 38.23
N ASP Q 72 44.84 -77.21 39.20
CA ASP Q 72 44.96 -78.66 39.09
C ASP Q 72 44.17 -79.23 37.93
N LYS Q 73 43.01 -78.64 37.60
CA LYS Q 73 42.28 -79.08 36.41
C LYS Q 73 43.01 -78.70 35.14
N THR Q 74 43.74 -77.59 35.14
CA THR Q 74 44.65 -77.31 34.03
C THR Q 74 45.92 -78.14 34.12
N GLN Q 75 46.22 -78.68 35.31
CA GLN Q 75 47.45 -79.45 35.47
C GLN Q 75 47.27 -80.89 35.02
N GLN Q 76 46.12 -81.50 35.29
CA GLN Q 76 45.84 -82.83 34.74
C GLN Q 76 45.68 -82.82 33.23
N ARG Q 77 45.24 -81.69 32.67
CA ARG Q 77 45.00 -81.59 31.24
C ARG Q 77 46.31 -81.56 30.47
N PHE Q 78 47.26 -80.76 30.96
CA PHE Q 78 48.53 -80.57 30.27
C PHE Q 78 49.42 -81.80 30.40
N ASP Q 79 49.36 -82.48 31.53
CA ASP Q 79 50.09 -83.73 31.70
C ASP Q 79 49.34 -84.94 31.16
N LYS Q 80 48.19 -84.72 30.52
CA LYS Q 80 47.59 -85.71 29.65
C LYS Q 80 48.02 -85.48 28.21
N TYR Q 81 48.39 -84.24 27.89
CA TYR Q 81 48.75 -83.86 26.53
C TYR Q 81 50.24 -84.03 26.25
N ARG Q 82 51.08 -83.90 27.27
CA ARG Q 82 52.52 -84.10 27.08
C ARG Q 82 52.83 -85.56 26.77
N ASN Q 83 52.05 -86.48 27.33
CA ASN Q 83 52.31 -87.89 27.17
C ASN Q 83 51.68 -88.50 25.92
N SER Q 84 50.58 -87.92 25.41
CA SER Q 84 49.86 -88.54 24.31
C SER Q 84 50.51 -88.32 22.96
N GLY Q 85 51.59 -87.55 22.88
CA GLY Q 85 52.27 -87.33 21.62
C GLY Q 85 51.58 -86.34 20.72
N LEU Q 86 51.11 -85.23 21.26
CA LEU Q 86 50.41 -84.24 20.46
C LEU Q 86 51.38 -83.36 19.71
N LEU Q 87 50.96 -82.95 18.52
CA LEU Q 87 51.73 -82.07 17.67
C LEU Q 87 51.22 -80.65 17.87
N CYS Q 88 52.02 -79.85 18.59
CA CYS Q 88 51.67 -78.48 18.90
C CYS Q 88 52.52 -77.55 18.03
N GLY Q 89 51.88 -76.54 17.46
CA GLY Q 89 52.54 -75.65 16.52
C GLY Q 89 53.39 -74.59 17.18
N ALA Q 90 53.52 -73.44 16.50
CA ALA Q 90 54.24 -72.31 17.08
C ALA Q 90 53.36 -71.56 18.07
N ASP Q 91 52.06 -71.83 18.02
CA ASP Q 91 51.13 -71.24 18.99
C ASP Q 91 51.13 -72.00 20.31
N GLY Q 92 51.11 -73.34 20.25
CA GLY Q 92 50.98 -74.16 21.43
C GLY Q 92 49.62 -74.82 21.48
N LEU Q 93 49.02 -74.99 20.31
CA LEU Q 93 47.71 -75.61 20.20
C LEU Q 93 47.83 -76.94 19.48
N PRO Q 94 47.31 -78.02 20.07
CA PRO Q 94 47.42 -79.34 19.44
C PRO Q 94 46.54 -79.44 18.21
N HIS Q 95 47.17 -79.57 17.05
CA HIS Q 95 46.47 -79.66 15.79
C HIS Q 95 46.29 -81.12 15.39
N LEU Q 96 45.27 -81.37 14.57
CA LEU Q 96 44.87 -82.73 14.22
C LEU Q 96 45.18 -83.04 12.77
N ILE Q 97 45.52 -84.30 12.53
CA ILE Q 97 46.09 -84.78 11.27
C ILE Q 97 45.27 -85.96 10.83
N THR Q 98 44.35 -85.75 9.90
CA THR Q 98 43.45 -86.81 9.46
C THR Q 98 43.77 -87.13 7.99
N ASP Q 99 44.79 -87.96 7.80
CA ASP Q 99 45.07 -88.64 6.54
C ASP Q 99 45.13 -90.13 6.83
N GLY Q 100 44.21 -90.56 7.69
CA GLY Q 100 44.53 -91.25 8.92
C GLY Q 100 45.62 -92.29 8.88
N ARG Q 101 46.75 -91.92 9.46
CA ARG Q 101 47.83 -92.85 9.73
C ARG Q 101 47.60 -93.43 11.11
N TRP Q 102 48.17 -94.62 11.33
CA TRP Q 102 48.00 -95.24 12.63
C TRP Q 102 48.87 -94.59 13.70
N SER Q 103 49.82 -93.73 13.31
CA SER Q 103 50.59 -92.94 14.26
C SER Q 103 49.78 -91.81 14.88
N HIS Q 104 48.72 -91.36 14.20
CA HIS Q 104 47.82 -90.32 14.71
C HIS Q 104 46.37 -90.80 14.66
N ALA Q 105 46.16 -92.10 14.85
CA ALA Q 105 44.83 -92.68 14.68
C ALA Q 105 43.90 -92.39 15.84
N GLY Q 106 44.43 -92.14 17.04
CA GLY Q 106 43.57 -91.85 18.17
C GLY Q 106 42.93 -90.48 18.15
N GLU Q 107 43.39 -89.60 17.26
CA GLU Q 107 42.85 -88.24 17.22
C GLU Q 107 41.45 -88.22 16.62
N PHE Q 108 41.27 -88.88 15.48
CA PHE Q 108 40.00 -88.84 14.76
C PHE Q 108 39.41 -90.22 14.57
N THR Q 109 40.26 -91.20 14.24
CA THR Q 109 39.76 -92.47 13.71
C THR Q 109 39.10 -93.31 14.79
N ILE Q 110 39.71 -93.39 15.98
CA ILE Q 110 39.14 -94.17 17.07
C ILE Q 110 37.95 -93.46 17.72
N PRO Q 111 37.89 -92.13 17.83
CA PRO Q 111 36.58 -91.49 18.06
C PRO Q 111 35.69 -91.45 16.85
N GLY Q 112 36.17 -91.87 15.69
CA GLY Q 112 35.27 -92.04 14.56
C GLY Q 112 34.51 -93.35 14.61
N LEU Q 113 35.20 -94.44 14.95
CA LEU Q 113 34.54 -95.73 15.08
C LEU Q 113 33.66 -95.78 16.31
N LEU Q 114 34.00 -94.99 17.33
CA LEU Q 114 33.11 -94.86 18.48
C LEU Q 114 31.84 -94.12 18.10
N PHE Q 115 31.93 -93.18 17.15
CA PHE Q 115 30.76 -92.44 16.72
C PHE Q 115 29.83 -93.33 15.91
N LEU Q 116 30.37 -94.03 14.91
CA LEU Q 116 29.51 -94.71 13.93
C LEU Q 116 28.79 -95.89 14.55
N TYR Q 117 29.39 -96.55 15.54
CA TYR Q 117 28.73 -97.69 16.17
C TYR Q 117 27.55 -97.24 17.02
N ILE Q 118 27.63 -96.05 17.61
CA ILE Q 118 26.48 -95.54 18.35
C ILE Q 118 25.47 -94.95 17.39
N ALA Q 119 25.94 -94.45 16.24
CA ALA Q 119 25.07 -93.74 15.30
C ALA Q 119 24.12 -94.70 14.60
N GLY Q 120 24.56 -95.92 14.32
CA GLY Q 120 23.66 -96.91 13.79
C GLY Q 120 22.73 -97.49 14.84
N PHE Q 121 23.12 -97.42 16.11
CA PHE Q 121 22.20 -97.79 17.18
C PHE Q 121 21.06 -96.79 17.26
N ILE Q 122 21.34 -95.52 17.02
CA ILE Q 122 20.26 -94.56 16.83
C ILE Q 122 19.70 -94.71 15.42
N GLY Q 123 20.50 -95.23 14.49
CA GLY Q 123 20.02 -95.44 13.14
C GLY Q 123 19.04 -96.60 13.05
N TRP Q 124 19.40 -97.76 13.59
CA TRP Q 124 18.55 -98.93 13.38
C TRP Q 124 17.38 -99.00 14.33
N SER Q 125 17.45 -98.32 15.49
CA SER Q 125 16.37 -98.42 16.48
C SER Q 125 15.06 -97.87 15.94
N GLY Q 126 15.09 -96.63 15.44
CA GLY Q 126 13.93 -96.09 14.77
C GLY Q 126 13.63 -96.79 13.45
N ARG Q 127 14.66 -97.36 12.82
CA ARG Q 127 14.45 -98.12 11.60
C ARG Q 127 13.71 -99.42 11.89
N SER Q 128 14.08 -100.09 12.98
CA SER Q 128 13.38 -101.29 13.40
C SER Q 128 12.07 -100.99 14.11
N TYR Q 129 11.94 -99.78 14.67
CA TYR Q 129 10.66 -99.39 15.26
C TYR Q 129 9.64 -99.09 14.18
N LEU Q 130 10.00 -98.24 13.21
CA LEU Q 130 9.07 -97.82 12.18
C LEU Q 130 8.82 -98.91 11.14
N GLN Q 131 9.54 -100.03 11.22
CA GLN Q 131 9.07 -101.22 10.56
C GLN Q 131 8.10 -102.00 11.43
N ALA Q 132 8.21 -101.88 12.75
CA ALA Q 132 7.41 -102.72 13.62
C ALA Q 132 6.10 -102.06 14.03
N VAL Q 133 6.00 -100.73 13.96
CA VAL Q 133 4.71 -100.11 14.26
C VAL Q 133 3.92 -99.86 12.99
N ALA Q 134 4.60 -99.62 11.87
CA ALA Q 134 3.91 -99.50 10.59
C ALA Q 134 3.33 -100.82 10.13
N ALA Q 135 3.86 -101.94 10.62
CA ALA Q 135 3.24 -103.25 10.44
C ALA Q 135 2.33 -103.57 11.63
N SER Q 136 1.36 -102.67 11.86
CA SER Q 136 0.36 -102.85 12.91
C SER Q 136 -0.92 -102.16 12.42
N ASP Q 137 -1.84 -101.91 13.34
CA ASP Q 137 -3.11 -101.28 12.96
C ASP Q 137 -2.92 -99.80 12.65
N ASN Q 138 -2.57 -99.01 13.67
CA ASN Q 138 -2.54 -97.56 13.57
C ASN Q 138 -1.19 -97.07 14.07
N SER Q 139 -0.27 -96.84 13.13
CA SER Q 139 1.05 -96.35 13.50
C SER Q 139 1.10 -94.85 13.63
N THR Q 140 0.07 -94.14 13.16
CA THR Q 140 0.06 -92.69 13.27
C THR Q 140 -0.05 -92.25 14.72
N GLU Q 141 -0.81 -93.00 15.51
CA GLU Q 141 -0.77 -92.79 16.95
C GLU Q 141 0.58 -93.23 17.53
N LYS Q 142 1.16 -94.29 16.99
CA LYS Q 142 2.35 -94.87 17.61
C LYS Q 142 3.62 -94.09 17.33
N GLU Q 143 3.55 -92.96 16.64
CA GLU Q 143 4.64 -92.01 16.65
C GLU Q 143 4.55 -91.04 17.82
N ILE Q 144 3.33 -90.72 18.25
CA ILE Q 144 3.10 -89.98 19.47
C ILE Q 144 3.51 -90.86 20.65
N ILE Q 145 2.85 -91.99 20.82
CA ILE Q 145 3.16 -92.87 21.94
C ILE Q 145 4.35 -93.75 21.59
N ILE Q 146 5.40 -93.68 22.40
CA ILE Q 146 6.60 -94.48 22.18
C ILE Q 146 6.44 -95.77 22.99
N ASP Q 147 6.16 -96.85 22.28
CA ASP Q 147 5.68 -98.08 22.89
C ASP Q 147 6.87 -98.89 23.38
N ILE Q 148 7.03 -98.95 24.71
CA ILE Q 148 8.06 -99.82 25.29
C ILE Q 148 7.86 -101.30 24.93
N PRO Q 149 6.63 -101.84 24.77
CA PRO Q 149 6.53 -103.17 24.11
C PRO Q 149 7.05 -103.22 22.68
N VAL Q 150 7.19 -102.09 21.99
CA VAL Q 150 7.81 -102.12 20.68
C VAL Q 150 9.23 -101.56 20.73
N ALA Q 151 9.48 -100.53 21.55
CA ALA Q 151 10.77 -99.83 21.50
C ALA Q 151 11.89 -100.66 22.11
N LEU Q 152 11.63 -101.35 23.22
CA LEU Q 152 12.62 -102.31 23.69
C LEU Q 152 12.73 -103.50 22.77
N GLN Q 153 11.64 -103.85 22.08
CA GLN Q 153 11.72 -104.83 21.00
C GLN Q 153 12.48 -104.28 19.80
N SER Q 154 12.50 -102.96 19.62
CA SER Q 154 13.11 -102.40 18.42
C SER Q 154 14.60 -102.12 18.59
N VAL Q 155 15.07 -101.86 19.80
CA VAL Q 155 16.51 -101.74 20.01
C VAL Q 155 17.16 -103.10 20.07
N SER Q 156 16.39 -104.15 20.35
CA SER Q 156 16.92 -105.50 20.30
C SER Q 156 17.29 -105.91 18.88
N LYS Q 157 16.59 -105.34 17.89
CA LYS Q 157 17.02 -105.46 16.50
C LYS Q 157 18.11 -104.46 16.16
N GLY Q 158 18.25 -103.39 16.92
CA GLY Q 158 19.24 -102.37 16.64
C GLY Q 158 20.59 -102.65 17.28
N PHE Q 159 20.66 -103.70 18.11
CA PHE Q 159 21.94 -104.08 18.69
C PHE Q 159 22.78 -104.93 17.77
N VAL Q 160 22.17 -105.56 16.76
CA VAL Q 160 22.89 -106.44 15.86
C VAL Q 160 22.95 -105.68 14.53
N TRP Q 161 22.83 -104.36 14.62
CA TRP Q 161 22.81 -103.50 13.43
C TRP Q 161 24.05 -103.54 12.51
N PRO Q 162 25.30 -103.80 12.94
CA PRO Q 162 26.33 -103.99 11.92
C PRO Q 162 26.29 -105.37 11.28
N LEU Q 163 25.48 -106.28 11.80
CA LEU Q 163 25.30 -107.58 11.18
C LEU Q 163 23.94 -107.72 10.51
N ALA Q 164 22.93 -106.99 10.99
CA ALA Q 164 21.58 -107.15 10.46
C ALA Q 164 21.43 -106.49 9.10
N ALA Q 165 22.02 -105.31 8.92
CA ALA Q 165 21.87 -104.60 7.66
C ALA Q 165 22.66 -105.24 6.54
N LEU Q 166 23.72 -105.98 6.86
CA LEU Q 166 24.48 -106.68 5.83
C LEU Q 166 23.68 -107.84 5.25
N GLN Q 167 22.96 -108.56 6.10
CA GLN Q 167 22.06 -109.59 5.59
C GLN Q 167 20.69 -109.03 5.24
N GLU Q 168 20.48 -107.71 5.38
CA GLU Q 168 19.25 -107.10 4.90
C GLU Q 168 19.42 -106.53 3.50
N PHE Q 169 20.63 -106.13 3.14
CA PHE Q 169 20.89 -105.69 1.77
C PHE Q 169 21.08 -106.88 0.83
N SER Q 170 21.76 -107.92 1.30
CA SER Q 170 21.94 -109.11 0.47
C SER Q 170 20.64 -109.87 0.29
N SER Q 171 19.73 -109.79 1.26
CA SER Q 171 18.38 -110.32 1.08
C SER Q 171 17.44 -109.30 0.45
N GLY Q 172 17.94 -108.12 0.09
CA GLY Q 172 17.18 -107.14 -0.66
C GLY Q 172 16.10 -106.40 0.10
N LYS Q 173 15.79 -106.80 1.34
CA LYS Q 173 14.71 -106.20 2.10
C LYS Q 173 15.17 -104.99 2.91
N LEU Q 174 16.27 -104.36 2.50
CA LEU Q 174 16.68 -103.08 3.06
C LEU Q 174 16.21 -101.92 2.21
N THR Q 175 16.31 -102.02 0.89
CA THR Q 175 15.84 -101.00 -0.02
C THR Q 175 14.61 -101.52 -0.75
N ALA Q 176 14.03 -100.67 -1.59
CA ALA Q 176 12.92 -101.06 -2.45
C ALA Q 176 13.15 -100.55 -3.86
N ARG Q 177 12.46 -101.17 -4.81
CA ARG Q 177 12.60 -100.81 -6.21
C ARG Q 177 11.90 -99.48 -6.48
N ASP Q 178 12.29 -98.85 -7.59
CA ASP Q 178 11.93 -97.46 -7.80
C ASP Q 178 10.58 -97.26 -8.48
N GLU Q 179 9.68 -98.24 -8.38
CA GLU Q 179 8.26 -98.02 -8.62
C GLU Q 179 7.43 -98.27 -7.38
N GLU Q 180 8.07 -98.62 -6.26
CA GLU Q 180 7.44 -98.59 -4.96
C GLU Q 180 7.53 -97.22 -4.32
N ILE Q 181 8.60 -96.48 -4.59
CA ILE Q 181 8.88 -95.19 -3.98
C ILE Q 181 8.23 -94.13 -4.84
N THR Q 182 7.57 -93.19 -4.18
CA THR Q 182 6.67 -92.26 -4.85
C THR Q 182 7.46 -91.23 -5.66
N ILE Q 183 7.08 -91.05 -6.93
CA ILE Q 183 7.87 -90.29 -7.87
C ILE Q 183 7.12 -89.02 -8.25
N SER Q 184 7.75 -87.87 -8.00
CA SER Q 184 7.21 -86.60 -8.45
C SER Q 184 7.25 -86.51 -9.97
N PRO Q 185 6.28 -85.81 -10.57
CA PRO Q 185 6.12 -85.88 -12.03
C PRO Q 185 7.18 -85.10 -12.78
N ARG Q 186 7.20 -85.29 -14.09
CA ARG Q 186 8.29 -84.81 -14.92
C ARG Q 186 7.74 -84.09 -16.14
N ASN R 4 35.27 -24.13 -18.21
CA ASN R 4 35.68 -25.40 -17.55
C ASN R 4 34.57 -26.44 -17.69
N LEU R 5 34.84 -27.54 -18.41
CA LEU R 5 33.84 -28.63 -18.54
C LEU R 5 33.43 -29.20 -17.18
N PRO R 6 34.34 -29.60 -16.25
CA PRO R 6 33.92 -30.07 -14.91
C PRO R 6 32.97 -29.13 -14.16
N SER R 7 33.00 -27.83 -14.46
CA SER R 7 32.15 -26.86 -13.71
C SER R 7 30.89 -26.51 -14.51
N ILE R 8 30.67 -27.16 -15.65
CA ILE R 8 29.51 -26.77 -16.51
C ILE R 8 28.76 -28.02 -16.99
N LEU R 9 29.47 -29.11 -17.28
CA LEU R 9 28.85 -30.32 -17.85
C LEU R 9 28.08 -31.13 -16.82
N VAL R 10 28.52 -31.16 -15.56
CA VAL R 10 27.87 -32.02 -14.59
C VAL R 10 26.47 -31.56 -14.15
N PRO R 11 26.09 -30.27 -14.13
CA PRO R 11 24.65 -30.00 -14.09
C PRO R 11 23.92 -30.34 -15.37
N MET R 12 24.57 -30.34 -16.53
CA MET R 12 23.86 -30.67 -17.76
C MET R 12 23.47 -32.14 -17.78
N VAL R 13 24.40 -33.02 -17.41
CA VAL R 13 24.19 -34.45 -17.51
C VAL R 13 23.77 -35.07 -16.18
N GLY R 14 23.83 -34.30 -15.09
CA GLY R 14 23.32 -34.79 -13.83
C GLY R 14 21.88 -34.34 -13.63
N ILE R 15 21.53 -33.19 -14.21
CA ILE R 15 20.20 -32.60 -14.04
C ILE R 15 19.51 -32.38 -15.38
N VAL R 16 20.13 -31.58 -16.26
CA VAL R 16 19.37 -30.98 -17.36
C VAL R 16 19.09 -32.00 -18.46
N LEU R 17 20.05 -32.85 -18.76
CA LEU R 17 19.74 -33.99 -19.63
C LEU R 17 18.89 -35.06 -18.94
N PRO R 18 19.06 -35.39 -17.64
CA PRO R 18 18.02 -36.20 -16.99
C PRO R 18 16.66 -35.55 -16.90
N ALA R 19 16.58 -34.22 -16.95
CA ALA R 19 15.27 -33.57 -16.95
C ALA R 19 14.55 -33.77 -18.28
N ILE R 20 15.29 -34.00 -19.35
CA ILE R 20 14.67 -34.12 -20.67
C ILE R 20 14.31 -35.58 -20.97
N VAL R 21 15.21 -36.51 -20.69
CA VAL R 21 14.94 -37.90 -21.03
C VAL R 21 13.87 -38.49 -20.12
N MET R 22 13.86 -38.15 -18.83
CA MET R 22 12.86 -38.69 -17.93
C MET R 22 11.52 -38.02 -18.15
N ALA R 23 11.53 -36.84 -18.74
CA ALA R 23 10.29 -36.29 -19.29
C ALA R 23 9.78 -37.15 -20.44
N LEU R 24 10.62 -37.31 -21.48
CA LEU R 24 10.17 -37.97 -22.69
C LEU R 24 10.02 -39.48 -22.52
N LEU R 25 10.64 -40.06 -21.49
CA LEU R 25 10.30 -41.43 -21.14
C LEU R 25 8.88 -41.54 -20.63
N PHE R 26 8.54 -40.73 -19.62
CA PHE R 26 7.19 -40.64 -19.06
C PHE R 26 6.18 -40.26 -20.12
N VAL R 27 6.57 -39.41 -21.08
CA VAL R 27 5.67 -38.99 -22.15
C VAL R 27 5.35 -40.18 -23.05
N TYR R 28 6.33 -41.06 -23.27
CA TYR R 28 6.07 -42.25 -24.07
C TYR R 28 5.17 -43.26 -23.34
N ILE R 29 5.18 -43.24 -22.00
CA ILE R 29 4.54 -44.32 -21.24
C ILE R 29 3.02 -44.20 -21.28
N GLU R 30 2.49 -43.04 -20.96
CA GLU R 30 1.05 -42.86 -20.80
C GLU R 30 0.31 -42.69 -22.13
N THR R 31 1.02 -42.75 -23.25
CA THR R 31 0.39 -42.54 -24.54
C THR R 31 -0.47 -43.74 -24.95
N ASP R 32 -1.64 -43.42 -25.49
CA ASP R 32 -2.55 -44.44 -25.98
C ASP R 32 -2.82 -44.16 -27.46
N GLU R 33 -3.27 -45.19 -28.16
CA GLU R 33 -3.51 -45.07 -29.59
C GLU R 33 -4.83 -44.37 -29.86
N PHE S 3 -1.94 -93.94 34.49
CA PHE S 3 -1.06 -92.78 34.62
C PHE S 3 0.16 -92.92 33.71
N SER S 4 0.70 -94.14 33.63
CA SER S 4 1.94 -94.36 32.89
C SER S 4 1.76 -94.22 31.38
N LYS S 5 0.51 -94.21 30.90
CA LYS S 5 0.28 -93.96 29.49
C LYS S 5 0.57 -92.51 29.13
N TYR S 6 0.49 -91.59 30.11
CA TYR S 6 0.92 -90.22 29.87
C TYR S 6 2.43 -90.13 29.68
N LEU S 7 3.19 -91.00 30.35
CA LEU S 7 4.64 -91.05 30.18
C LEU S 7 5.05 -91.58 28.82
N SER S 8 4.18 -92.30 28.13
CA SER S 8 4.48 -92.86 26.83
C SER S 8 4.38 -91.85 25.71
N THR S 9 3.74 -90.71 25.94
CA THR S 9 3.49 -89.74 24.88
C THR S 9 4.77 -89.06 24.43
N ALA S 10 4.70 -88.38 23.29
CA ALA S 10 5.88 -87.83 22.63
C ALA S 10 6.72 -86.85 23.45
N PRO S 11 6.19 -85.77 24.06
CA PRO S 11 7.13 -84.77 24.61
C PRO S 11 7.79 -85.16 25.91
N VAL S 12 7.13 -85.99 26.73
CA VAL S 12 7.70 -86.40 28.01
C VAL S 12 8.86 -87.36 27.77
N ILE S 13 8.79 -88.12 26.68
CA ILE S 13 9.86 -89.06 26.36
C ILE S 13 10.89 -88.39 25.47
N GLY S 14 10.55 -87.27 24.85
CA GLY S 14 11.52 -86.46 24.15
C GLY S 14 12.34 -85.56 25.05
N THR S 15 12.06 -85.56 26.35
CA THR S 15 12.89 -84.82 27.30
C THR S 15 13.54 -85.71 28.35
N LEU S 16 12.89 -86.80 28.77
CA LEU S 16 13.50 -87.65 29.79
C LEU S 16 14.57 -88.55 29.21
N THR S 17 14.46 -88.89 27.94
CA THR S 17 15.60 -89.53 27.29
C THR S 17 16.61 -88.49 26.85
N ALA S 18 16.17 -87.25 26.59
CA ALA S 18 17.11 -86.15 26.45
C ALA S 18 17.77 -85.80 27.77
N PHE S 19 17.20 -86.25 28.89
CA PHE S 19 17.75 -85.96 30.21
C PHE S 19 18.92 -86.87 30.56
N PHE S 20 18.72 -88.20 30.48
CA PHE S 20 19.76 -89.14 30.88
C PHE S 20 20.89 -89.19 29.85
N LEU S 21 20.57 -88.99 28.57
CA LEU S 21 21.60 -88.96 27.54
C LEU S 21 22.49 -87.73 27.68
N ALA S 22 21.91 -86.58 27.99
CA ALA S 22 22.73 -85.43 28.38
C ALA S 22 23.31 -85.64 29.75
N GLY S 23 22.59 -86.39 30.60
CA GLY S 23 23.09 -86.80 31.90
C GLY S 23 24.26 -87.75 31.86
N LEU S 24 24.47 -88.44 30.73
CA LEU S 24 25.61 -89.35 30.64
C LEU S 24 26.87 -88.60 30.25
N LEU S 25 26.73 -87.63 29.34
CA LEU S 25 27.86 -86.83 28.88
C LEU S 25 28.43 -85.91 29.96
N ILE S 26 27.65 -85.63 30.99
CA ILE S 26 28.00 -84.56 31.91
C ILE S 26 28.73 -85.12 33.12
N GLU S 27 28.43 -86.36 33.51
CA GLU S 27 29.10 -86.97 34.64
C GLU S 27 30.45 -87.53 34.22
N ILE S 28 30.53 -87.99 32.98
CA ILE S 28 31.76 -88.57 32.46
C ILE S 28 32.80 -87.49 32.19
N ASN S 29 32.35 -86.26 31.92
CA ASN S 29 33.28 -85.15 31.82
C ASN S 29 33.74 -84.66 33.19
N ARG S 30 32.85 -84.68 34.18
CA ARG S 30 33.23 -84.39 35.56
C ARG S 30 34.13 -85.50 36.11
N PHE S 31 33.82 -86.75 35.77
CA PHE S 31 34.73 -87.85 36.02
C PHE S 31 36.04 -87.70 35.27
N ASN S 32 35.98 -87.76 33.94
CA ASN S 32 37.15 -87.88 33.08
C ASN S 32 37.24 -86.61 32.25
N PRO S 33 37.98 -85.60 32.72
CA PRO S 33 38.03 -84.32 31.99
C PRO S 33 38.94 -84.38 30.78
N ASP S 34 38.53 -83.64 29.75
CA ASP S 34 39.28 -83.41 28.52
C ASP S 34 39.58 -84.71 27.77
N LEU S 35 38.50 -85.34 27.28
CA LEU S 35 38.59 -86.52 26.41
C LEU S 35 38.79 -86.04 24.98
N LEU S 36 39.98 -85.49 24.71
CA LEU S 36 40.26 -84.93 23.39
C LEU S 36 40.80 -86.00 22.45
N VAL S 37 41.75 -86.81 22.91
CA VAL S 37 42.35 -87.86 22.11
C VAL S 37 42.03 -89.19 22.78
N TYR S 38 41.92 -90.23 21.97
CA TYR S 38 41.77 -91.60 22.46
C TYR S 38 43.10 -92.08 23.02
N PRO S 39 43.23 -92.26 24.35
CA PRO S 39 44.54 -92.56 24.97
C PRO S 39 44.98 -94.02 24.77
N ILE T 15 -25.92 -43.37 1.14
CA ILE T 15 -25.33 -42.40 0.22
C ILE T 15 -23.93 -42.94 -0.09
N GLY T 16 -22.97 -42.06 -0.38
CA GLY T 16 -21.59 -42.44 -0.56
C GLY T 16 -20.69 -41.86 0.52
N HIS T 17 -21.01 -40.65 0.97
CA HIS T 17 -20.18 -39.92 1.92
C HIS T 17 -20.82 -39.96 3.30
N LEU T 18 -20.15 -39.35 4.27
CA LEU T 18 -20.58 -39.42 5.66
C LEU T 18 -21.09 -38.07 6.15
N SER T 19 -22.01 -38.13 7.12
CA SER T 19 -22.69 -36.96 7.66
C SER T 19 -22.17 -36.70 9.06
N THR T 20 -21.08 -35.97 9.16
CA THR T 20 -20.60 -35.44 10.42
C THR T 20 -21.32 -34.13 10.69
N PRO T 21 -21.12 -33.51 11.85
CA PRO T 21 -21.58 -32.12 12.00
C PRO T 21 -20.68 -31.09 11.31
N ILE T 22 -19.46 -31.44 10.89
CA ILE T 22 -18.62 -30.44 10.24
C ILE T 22 -18.33 -30.72 8.78
N SER T 23 -18.84 -31.81 8.23
CA SER T 23 -18.75 -31.97 6.78
C SER T 23 -19.63 -30.96 6.08
N ASN T 24 -19.09 -30.37 5.00
CA ASN T 24 -19.77 -29.40 4.15
C ASN T 24 -20.23 -28.18 4.94
N SER T 25 -19.35 -27.69 5.81
CA SER T 25 -19.63 -26.51 6.62
C SER T 25 -19.34 -25.26 5.80
N SER T 26 -20.07 -24.19 6.11
CA SER T 26 -20.09 -23.01 5.25
C SER T 26 -18.79 -22.23 5.26
N ALA T 27 -18.20 -21.99 6.44
CA ALA T 27 -17.10 -21.06 6.54
C ALA T 27 -15.81 -21.61 5.96
N VAL T 28 -15.73 -22.92 5.74
CA VAL T 28 -14.61 -23.51 5.02
C VAL T 28 -14.95 -23.66 3.54
N ASN T 29 -16.23 -23.75 3.22
CA ASN T 29 -16.65 -23.78 1.83
C ASN T 29 -16.51 -22.40 1.20
N GLY T 30 -16.58 -21.36 2.01
CA GLY T 30 -16.39 -20.01 1.50
C GLY T 30 -14.97 -19.77 1.04
N LEU T 31 -14.01 -20.48 1.62
CA LEU T 31 -12.66 -20.47 1.08
C LEU T 31 -12.53 -21.48 -0.04
N LEU T 32 -13.35 -22.54 -0.03
CA LEU T 32 -13.19 -23.60 -1.02
C LEU T 32 -13.70 -23.16 -2.39
N ALA T 33 -14.92 -22.63 -2.44
CA ALA T 33 -15.50 -22.25 -3.71
C ALA T 33 -15.15 -20.83 -4.12
N ASN T 34 -14.11 -20.25 -3.54
CA ASN T 34 -13.64 -18.93 -3.93
C ASN T 34 -12.14 -18.88 -4.11
N LEU T 35 -11.47 -20.01 -4.07
CA LEU T 35 -10.08 -20.08 -4.44
C LEU T 35 -9.97 -20.03 -5.96
N PRO T 36 -8.81 -19.56 -6.52
CA PRO T 36 -8.67 -19.46 -7.97
C PRO T 36 -8.28 -20.76 -8.63
N ALA T 37 -8.87 -21.85 -8.18
CA ALA T 37 -8.90 -23.08 -8.92
C ALA T 37 -10.28 -23.70 -8.98
N TYR T 38 -11.14 -23.44 -8.01
CA TYR T 38 -12.52 -23.86 -8.03
C TYR T 38 -13.47 -22.74 -8.41
N ARG T 39 -12.95 -21.59 -8.84
CA ARG T 39 -13.78 -20.41 -8.94
C ARG T 39 -14.68 -20.46 -10.16
N LYS T 40 -15.57 -19.48 -10.27
CA LYS T 40 -16.64 -19.55 -11.25
C LYS T 40 -16.23 -19.04 -12.61
N GLY T 41 -15.84 -17.78 -12.73
CA GLY T 41 -15.76 -17.16 -14.04
C GLY T 41 -14.40 -16.94 -14.64
N LEU T 42 -13.33 -17.40 -14.00
CA LEU T 42 -11.99 -17.03 -14.45
C LEU T 42 -11.57 -17.89 -15.63
N THR T 43 -10.95 -17.24 -16.59
CA THR T 43 -10.38 -17.84 -17.79
C THR T 43 -9.08 -18.54 -17.46
N PRO T 44 -8.80 -19.69 -18.09
CA PRO T 44 -7.67 -20.52 -17.65
C PRO T 44 -6.30 -19.91 -17.91
N ARG T 45 -6.21 -18.83 -18.70
CA ARG T 45 -5.00 -18.04 -18.67
C ARG T 45 -4.85 -17.32 -17.34
N LEU T 46 -5.97 -16.88 -16.76
CA LEU T 46 -5.89 -15.97 -15.63
C LEU T 46 -5.91 -16.69 -14.29
N ARG T 47 -6.64 -17.81 -14.18
CA ARG T 47 -6.70 -18.46 -12.88
C ARG T 47 -5.44 -19.24 -12.58
N GLY T 48 -4.62 -19.51 -13.59
CA GLY T 48 -3.28 -19.99 -13.33
C GLY T 48 -2.31 -18.91 -12.89
N LEU T 49 -2.64 -17.66 -13.18
CA LEU T 49 -1.80 -16.57 -12.68
C LEU T 49 -1.92 -16.41 -11.18
N GLU T 50 -3.15 -16.41 -10.66
CA GLU T 50 -3.37 -16.26 -9.23
C GLU T 50 -2.80 -17.42 -8.44
N ILE T 51 -2.74 -18.61 -9.04
CA ILE T 51 -2.00 -19.71 -8.44
C ILE T 51 -0.51 -19.43 -8.48
N GLY T 52 -0.01 -19.01 -9.64
CA GLY T 52 1.41 -18.75 -9.78
C GLY T 52 1.88 -17.54 -9.01
N MET T 53 1.00 -16.57 -8.82
CA MET T 53 1.33 -15.47 -7.92
C MET T 53 1.35 -15.94 -6.48
N ALA T 54 0.54 -16.93 -6.15
CA ALA T 54 0.48 -17.42 -4.78
C ALA T 54 1.68 -18.28 -4.42
N HIS T 55 1.89 -19.37 -5.15
CA HIS T 55 2.95 -20.31 -4.78
C HIS T 55 4.33 -19.73 -4.99
N GLY T 56 4.45 -18.71 -5.84
CA GLY T 56 5.76 -18.17 -6.10
C GLY T 56 6.29 -17.30 -5.00
N TYR T 57 5.42 -16.56 -4.32
CA TYR T 57 5.89 -15.52 -3.39
C TYR T 57 6.51 -16.12 -2.15
N PHE T 58 6.02 -17.28 -1.72
CA PHE T 58 6.56 -17.90 -0.53
C PHE T 58 7.71 -18.84 -0.81
N LEU T 59 7.86 -19.31 -2.06
CA LEU T 59 8.88 -20.32 -2.35
C LEU T 59 10.28 -19.77 -2.21
N THR T 60 10.46 -18.47 -2.36
CA THR T 60 11.71 -17.82 -2.03
C THR T 60 11.86 -17.54 -0.54
N GLY T 61 10.91 -17.96 0.27
CA GLY T 61 11.10 -18.03 1.70
C GLY T 61 12.22 -18.97 2.13
N PRO T 62 12.05 -20.28 1.91
CA PRO T 62 13.03 -21.23 2.46
C PRO T 62 14.41 -21.14 1.85
N PHE T 63 14.55 -20.67 0.62
CA PHE T 63 15.85 -20.72 -0.03
C PHE T 63 16.80 -19.66 0.49
N VAL T 64 16.29 -18.53 0.98
CA VAL T 64 17.16 -17.40 1.25
C VAL T 64 17.62 -17.32 2.71
N GLU T 65 16.92 -18.03 3.62
CA GLU T 65 17.29 -18.09 5.06
C GLU T 65 17.72 -19.51 5.39
N LEU T 66 17.46 -20.49 4.52
CA LEU T 66 17.95 -21.86 4.66
C LEU T 66 18.55 -22.23 3.32
N GLY T 67 19.83 -21.97 3.15
CA GLY T 67 20.50 -22.24 1.90
C GLY T 67 21.92 -22.68 2.13
N PRO T 68 22.67 -22.96 1.05
CA PRO T 68 24.09 -23.28 1.21
C PRO T 68 24.90 -22.08 1.63
N LEU T 69 24.67 -20.92 1.03
CA LEU T 69 25.22 -19.67 1.51
C LEU T 69 24.04 -18.85 1.99
N ARG T 70 24.10 -18.37 3.22
CA ARG T 70 23.01 -17.57 3.74
C ARG T 70 23.53 -16.21 4.14
N ASN T 71 24.79 -16.14 4.52
CA ASN T 71 25.37 -14.92 5.05
C ASN T 71 26.46 -14.44 4.08
N THR T 72 26.01 -13.83 2.99
CA THR T 72 26.86 -13.33 1.92
C THR T 72 26.20 -12.08 1.36
N ASP T 73 26.54 -11.72 0.13
CA ASP T 73 25.98 -10.53 -0.53
C ASP T 73 24.44 -10.57 -0.66
N GLY T 74 23.82 -11.61 -1.25
CA GLY T 74 24.31 -12.84 -1.88
C GLY T 74 23.46 -14.02 -1.49
N GLY T 75 22.75 -13.89 -0.38
CA GLY T 75 21.87 -14.95 0.04
C GLY T 75 20.46 -14.84 -0.51
N ILE T 76 19.91 -13.64 -0.53
CA ILE T 76 18.62 -13.43 -1.15
C ILE T 76 18.73 -13.54 -2.66
N LEU T 77 19.79 -12.99 -3.25
CA LEU T 77 19.94 -13.02 -4.74
C LEU T 77 20.02 -14.47 -5.22
N TYR T 78 21.06 -15.22 -4.79
CA TYR T 78 21.24 -16.61 -5.26
C TYR T 78 20.07 -17.46 -4.79
N GLY T 79 19.67 -17.28 -3.53
CA GLY T 79 18.51 -18.03 -3.00
C GLY T 79 17.30 -17.86 -3.89
N SER T 80 17.05 -16.66 -4.42
CA SER T 80 15.84 -16.45 -5.20
C SER T 80 15.98 -16.92 -6.64
N LEU T 81 17.19 -17.18 -7.11
CA LEU T 81 17.34 -17.85 -8.40
C LEU T 81 16.82 -19.28 -8.32
N SER T 82 16.97 -19.93 -7.18
CA SER T 82 16.49 -21.29 -7.06
C SER T 82 14.98 -21.35 -6.92
N ALA T 83 14.37 -20.26 -6.44
CA ALA T 83 12.91 -20.22 -6.32
C ALA T 83 12.24 -20.16 -7.69
N VAL T 84 12.72 -19.27 -8.57
CA VAL T 84 12.31 -19.34 -9.96
C VAL T 84 12.95 -20.55 -10.64
N GLY T 85 14.07 -21.03 -10.10
CA GLY T 85 14.62 -22.27 -10.60
C GLY T 85 13.84 -23.50 -10.18
N LEU T 86 13.00 -23.36 -9.17
CA LEU T 86 12.09 -24.45 -8.86
C LEU T 86 10.85 -24.42 -9.75
N VAL T 87 10.30 -23.22 -9.96
CA VAL T 87 9.06 -23.03 -10.71
C VAL T 87 9.20 -23.56 -12.13
N VAL T 88 10.39 -23.41 -12.72
CA VAL T 88 10.61 -23.91 -14.06
C VAL T 88 10.63 -25.44 -14.11
N ILE T 89 10.87 -26.10 -12.99
CA ILE T 89 10.70 -27.55 -12.95
C ILE T 89 9.24 -27.89 -12.70
N LEU T 90 8.47 -26.93 -12.18
CA LEU T 90 7.06 -27.16 -11.94
C LEU T 90 6.21 -26.98 -13.19
N THR T 91 6.46 -25.93 -13.97
CA THR T 91 5.74 -25.76 -15.23
C THR T 91 6.18 -26.79 -16.26
N ALA T 92 7.35 -27.39 -16.08
CA ALA T 92 7.68 -28.61 -16.80
C ALA T 92 6.77 -29.74 -16.36
N CYS T 93 6.64 -29.94 -15.04
CA CYS T 93 5.82 -31.02 -14.51
C CYS T 93 4.34 -30.78 -14.78
N LEU T 94 3.96 -29.52 -14.95
CA LEU T 94 2.60 -29.23 -15.38
C LEU T 94 2.38 -29.68 -16.81
N ALA T 95 3.36 -29.49 -17.69
CA ALA T 95 3.13 -29.82 -19.09
C ALA T 95 3.27 -31.31 -19.36
N LEU T 96 4.10 -32.02 -18.58
CA LEU T 96 4.13 -33.47 -18.71
C LEU T 96 2.84 -34.08 -18.17
N TYR T 97 2.20 -33.41 -17.22
CA TYR T 97 0.85 -33.77 -16.85
C TYR T 97 -0.11 -33.44 -17.98
N GLY T 98 0.18 -32.40 -18.75
CA GLY T 98 -0.68 -32.05 -19.87
C GLY T 98 -0.57 -33.03 -21.02
N LYS T 99 0.64 -33.53 -21.28
CA LYS T 99 0.79 -34.50 -22.36
C LYS T 99 0.21 -35.86 -21.98
N ALA T 100 0.14 -36.18 -20.69
CA ALA T 100 -0.17 -37.54 -20.29
C ALA T 100 -1.60 -37.68 -19.81
N ASN T 101 -2.17 -36.60 -19.26
CA ASN T 101 -3.59 -36.66 -18.91
C ASN T 101 -4.50 -36.20 -20.03
N PHE T 102 -4.07 -35.21 -20.81
CA PHE T 102 -4.84 -34.68 -21.92
C PHE T 102 -4.15 -35.14 -23.21
N SER T 103 -4.47 -36.35 -23.62
CA SER T 103 -4.08 -36.84 -24.94
C SER T 103 -5.11 -36.29 -25.92
N GLY T 104 -4.86 -35.08 -26.41
CA GLY T 104 -5.83 -34.40 -27.25
C GLY T 104 -6.93 -33.70 -26.48
N SER T 105 -6.79 -33.57 -25.15
CA SER T 105 -7.80 -33.06 -24.23
C SER T 105 -9.13 -33.82 -24.37
N SER T 106 -9.09 -35.11 -24.05
CA SER T 106 -10.23 -36.00 -24.26
C SER T 106 -11.40 -35.61 -23.36
N LYS T 107 -12.56 -35.41 -23.99
CA LYS T 107 -13.70 -34.75 -23.35
C LYS T 107 -14.33 -35.62 -22.27
N SER T 108 -14.61 -34.98 -21.14
CA SER T 108 -14.96 -35.69 -19.92
C SER T 108 -16.20 -35.01 -19.31
N LYS T 109 -16.50 -35.35 -18.05
CA LYS T 109 -17.82 -35.11 -17.49
C LYS T 109 -18.09 -33.64 -17.19
N ASP T 110 -17.06 -32.85 -16.91
CA ASP T 110 -17.31 -31.45 -16.54
C ASP T 110 -16.80 -30.45 -17.57
N ALA T 111 -15.66 -30.76 -18.21
CA ALA T 111 -14.88 -29.80 -19.00
C ALA T 111 -14.56 -28.55 -18.18
N THR T 112 -13.78 -28.78 -17.13
CA THR T 112 -13.23 -27.74 -16.28
C THR T 112 -11.94 -27.26 -16.95
N LEU T 113 -11.07 -26.58 -16.21
CA LEU T 113 -9.66 -26.58 -16.59
C LEU T 113 -9.04 -27.94 -16.33
N TRP T 114 -9.66 -28.74 -15.45
CA TRP T 114 -9.00 -29.88 -14.85
C TRP T 114 -9.54 -31.22 -15.34
N GLU T 115 -10.83 -31.34 -15.66
CA GLU T 115 -11.29 -32.61 -16.19
C GLU T 115 -10.90 -32.76 -17.66
N SER T 116 -11.47 -31.93 -18.52
CA SER T 116 -11.07 -31.85 -19.93
C SER T 116 -10.21 -30.62 -20.09
N GLY T 117 -9.13 -30.75 -20.85
CA GLY T 117 -8.09 -29.75 -20.72
C GLY T 117 -8.38 -28.36 -21.26
N GLU T 118 -8.31 -28.18 -22.58
CA GLU T 118 -8.88 -27.04 -23.32
C GLU T 118 -8.22 -25.69 -23.01
N GLY T 119 -7.47 -25.59 -21.92
CA GLY T 119 -6.81 -24.37 -21.54
C GLY T 119 -5.54 -24.68 -20.78
N TRP T 120 -5.01 -25.89 -20.96
CA TRP T 120 -3.93 -26.35 -20.10
C TRP T 120 -2.63 -25.60 -20.33
N SER T 121 -2.26 -25.37 -21.58
CA SER T 121 -1.08 -24.55 -21.83
C SER T 121 -1.39 -23.06 -21.66
N ASP T 122 -2.65 -22.70 -21.41
CA ASP T 122 -2.96 -21.40 -20.86
C ASP T 122 -2.92 -21.42 -19.34
N PHE T 123 -3.17 -22.57 -18.73
CA PHE T 123 -2.88 -22.72 -17.31
C PHE T 123 -1.36 -22.72 -17.09
N VAL T 124 -0.65 -23.50 -17.90
CA VAL T 124 0.79 -23.65 -17.78
C VAL T 124 1.50 -22.32 -17.99
N SER T 125 1.12 -21.58 -19.03
CA SER T 125 1.77 -20.31 -19.29
C SER T 125 1.33 -19.26 -18.29
N GLY T 126 0.10 -19.36 -17.79
CA GLY T 126 -0.35 -18.45 -16.74
C GLY T 126 0.38 -18.68 -15.43
N TRP T 127 0.73 -19.93 -15.13
CA TRP T 127 1.46 -20.24 -13.91
C TRP T 127 2.87 -19.69 -13.94
N LEU T 128 3.49 -19.66 -15.11
CA LEU T 128 4.90 -19.26 -15.18
C LEU T 128 5.06 -17.74 -15.09
N ILE T 129 3.98 -17.00 -15.34
CA ILE T 129 4.06 -15.54 -15.28
C ILE T 129 4.25 -15.07 -13.84
N GLY T 130 3.35 -15.47 -12.94
CA GLY T 130 3.53 -15.16 -11.54
C GLY T 130 4.61 -16.01 -10.89
N GLY T 131 4.90 -17.16 -11.45
CA GLY T 131 5.93 -18.04 -10.95
C GLY T 131 7.32 -17.54 -11.23
N ALA T 132 7.44 -16.51 -12.05
CA ALA T 132 8.63 -15.68 -12.08
C ALA T 132 8.36 -14.29 -11.56
N GLY T 133 7.11 -13.83 -11.66
CA GLY T 133 6.80 -12.46 -11.31
C GLY T 133 6.73 -12.23 -9.82
N SER T 134 5.99 -13.08 -9.12
CA SER T 134 5.91 -12.97 -7.66
C SER T 134 7.22 -13.36 -6.98
N VAL T 135 8.06 -14.16 -7.65
CA VAL T 135 9.28 -14.67 -7.04
C VAL T 135 10.28 -13.55 -6.82
N GLY T 136 10.53 -12.75 -7.86
CA GLY T 136 11.48 -11.66 -7.73
C GLY T 136 10.91 -10.47 -6.99
N PHE T 137 9.58 -10.37 -6.92
CA PHE T 137 8.93 -9.32 -6.13
C PHE T 137 9.30 -9.43 -4.67
N ALA T 138 9.36 -10.65 -4.15
CA ALA T 138 9.89 -10.84 -2.81
C ALA T 138 11.37 -10.55 -2.73
N TYR T 139 12.13 -10.91 -3.77
CA TYR T 139 13.54 -10.53 -3.82
C TYR T 139 13.69 -9.02 -3.86
N LEU T 140 12.75 -8.32 -4.49
CA LEU T 140 12.68 -6.87 -4.29
C LEU T 140 12.36 -6.54 -2.85
N LEU T 141 11.38 -7.21 -2.25
CA LEU T 141 10.98 -6.92 -0.89
C LEU T 141 11.94 -7.44 0.16
N LEU T 142 12.83 -8.36 -0.17
CA LEU T 142 13.79 -8.85 0.81
C LEU T 142 15.14 -8.16 0.70
N GLN T 143 15.72 -8.11 -0.50
CA GLN T 143 17.04 -7.49 -0.67
C GLN T 143 16.97 -5.98 -0.52
N TYR T 144 15.95 -5.35 -1.08
CA TYR T 144 15.61 -3.98 -0.78
C TYR T 144 14.43 -4.00 0.19
N ILE T 145 14.05 -2.84 0.70
CA ILE T 145 12.89 -2.64 1.59
C ILE T 145 12.92 -3.54 2.84
N LEU U 2 47.13 -33.60 -20.99
CA LEU U 2 46.63 -33.58 -22.37
C LEU U 2 46.46 -32.19 -22.94
N ALA U 3 45.72 -32.15 -24.04
CA ALA U 3 45.58 -30.98 -24.87
C ALA U 3 44.32 -30.20 -24.50
N ASP U 4 43.97 -29.27 -25.38
CA ASP U 4 42.71 -28.57 -25.26
C ASP U 4 41.85 -28.75 -26.51
N GLY U 5 42.48 -28.72 -27.68
CA GLY U 5 41.78 -29.05 -28.91
C GLY U 5 41.43 -30.51 -29.03
N GLN U 6 42.29 -31.40 -28.51
CA GLN U 6 42.01 -32.83 -28.53
C GLN U 6 40.86 -33.20 -27.60
N ILE U 7 40.66 -32.44 -26.53
CA ILE U 7 39.51 -32.63 -25.65
C ILE U 7 38.23 -32.35 -26.41
N PHE U 8 38.19 -31.22 -27.11
CA PHE U 8 37.07 -30.90 -27.96
C PHE U 8 36.96 -31.90 -29.11
N THR U 9 38.11 -32.40 -29.58
CA THR U 9 38.12 -33.32 -30.70
C THR U 9 37.46 -34.64 -30.34
N ALA U 10 37.83 -35.20 -29.19
CA ALA U 10 37.24 -36.48 -28.77
C ALA U 10 35.77 -36.32 -28.43
N LEU U 11 35.36 -35.13 -28.00
CA LEU U 11 33.93 -34.79 -27.93
C LEU U 11 33.27 -34.88 -29.30
N ALA U 12 33.98 -34.53 -30.36
CA ALA U 12 33.44 -34.65 -31.71
C ALA U 12 33.57 -36.08 -32.22
N VAL U 13 34.52 -36.85 -31.66
CA VAL U 13 34.56 -38.26 -32.01
C VAL U 13 33.39 -39.00 -31.40
N ALA U 14 33.02 -38.67 -30.15
CA ALA U 14 31.87 -39.28 -29.50
C ALA U 14 30.54 -38.90 -30.14
N LEU U 15 30.50 -37.83 -30.93
CA LEU U 15 29.30 -37.51 -31.69
C LEU U 15 29.03 -38.53 -32.79
N VAL U 16 30.03 -39.31 -33.19
CA VAL U 16 29.82 -40.36 -34.17
C VAL U 16 29.04 -41.51 -33.52
N PRO U 17 29.31 -41.92 -32.26
CA PRO U 17 28.29 -42.70 -31.55
C PRO U 17 27.08 -41.90 -31.08
N GLY U 18 27.00 -40.60 -31.38
CA GLY U 18 25.79 -39.87 -31.02
C GLY U 18 24.60 -40.30 -31.84
N ILE U 19 24.62 -40.01 -33.14
CA ILE U 19 23.43 -40.21 -33.96
C ILE U 19 23.32 -41.67 -34.39
N LEU U 20 24.45 -42.40 -34.39
CA LEU U 20 24.41 -43.79 -34.80
C LEU U 20 23.85 -44.71 -33.73
N ALA U 21 24.06 -44.39 -32.45
CA ALA U 21 23.45 -45.21 -31.41
C ALA U 21 21.95 -44.99 -31.33
N LEU U 22 21.51 -43.77 -31.61
CA LEU U 22 20.08 -43.52 -31.81
C LEU U 22 19.54 -44.32 -32.99
N ARG U 23 20.25 -44.32 -34.12
CA ARG U 23 19.76 -45.04 -35.30
C ARG U 23 19.78 -46.55 -35.08
N LEU U 24 20.69 -47.05 -34.24
CA LEU U 24 20.64 -48.46 -33.86
C LEU U 24 19.40 -48.73 -33.02
N ALA U 25 19.00 -47.76 -32.20
CA ALA U 25 17.94 -47.98 -31.24
C ALA U 25 16.56 -47.98 -31.89
N LEU U 26 16.20 -46.89 -32.57
CA LEU U 26 14.86 -46.73 -33.14
C LEU U 26 14.57 -47.70 -34.27
N GLU U 27 15.59 -48.36 -34.81
CA GLU U 27 15.39 -49.44 -35.76
C GLU U 27 15.32 -50.80 -35.07
N LEU U 28 16.07 -50.98 -33.98
CA LEU U 28 15.82 -52.14 -33.12
C LEU U 28 14.48 -52.03 -32.41
N TYR U 29 13.97 -50.80 -32.26
CA TYR U 29 12.59 -50.65 -31.80
C TYR U 29 11.61 -51.15 -32.85
N LYS U 30 11.98 -51.04 -34.13
CA LYS U 30 11.11 -51.45 -35.21
C LYS U 30 11.54 -52.78 -35.78
N LYS V 14 -2.52 -11.61 -31.81
CA LYS V 14 -3.23 -12.87 -31.67
C LYS V 14 -2.54 -14.00 -32.45
N ILE V 15 -2.51 -15.19 -31.87
CA ILE V 15 -1.78 -16.32 -32.43
C ILE V 15 -2.77 -17.21 -33.19
N VAL V 16 -2.51 -17.43 -34.48
CA VAL V 16 -3.37 -18.20 -35.36
C VAL V 16 -2.49 -19.07 -36.28
N ILE V 17 -2.55 -20.39 -36.08
CA ILE V 17 -1.66 -21.34 -36.72
C ILE V 17 -2.45 -22.59 -37.10
N ASP V 18 -2.24 -23.08 -38.33
CA ASP V 18 -2.71 -24.38 -38.75
C ASP V 18 -1.58 -25.40 -38.64
N LYS V 19 -1.94 -26.68 -38.56
CA LYS V 19 -0.97 -27.74 -38.29
C LYS V 19 -0.63 -28.48 -39.59
N ASP V 20 0.65 -28.92 -39.70
CA ASP V 20 1.33 -29.63 -40.78
C ASP V 20 0.93 -29.26 -42.22
N PRO V 21 1.15 -28.02 -42.65
CA PRO V 21 0.74 -27.68 -44.02
C PRO V 21 1.69 -28.24 -45.09
N VAL V 22 2.93 -28.55 -44.73
CA VAL V 22 3.92 -29.03 -45.68
C VAL V 22 4.58 -30.29 -45.14
N SER V 23 4.46 -31.37 -45.89
CA SER V 23 4.99 -32.68 -45.50
C SER V 23 6.47 -32.80 -45.84
N THR V 24 7.20 -33.50 -44.97
CA THR V 24 8.66 -33.59 -45.06
C THR V 24 9.05 -34.82 -45.88
N SER V 25 8.50 -34.91 -47.09
CA SER V 25 8.73 -36.03 -47.98
C SER V 25 9.67 -35.62 -49.10
N PHE V 26 10.61 -36.51 -49.43
CA PHE V 26 11.72 -36.22 -50.33
C PHE V 26 11.32 -36.30 -51.80
N ASP V 27 10.05 -36.48 -52.12
CA ASP V 27 9.64 -36.73 -53.51
C ASP V 27 9.83 -35.48 -54.38
N LYS V 28 9.70 -34.30 -53.78
CA LYS V 28 9.90 -33.05 -54.51
C LYS V 28 11.34 -32.57 -54.46
N TRP V 29 12.24 -33.31 -53.82
CA TRP V 29 13.66 -33.02 -53.96
C TRP V 29 14.20 -33.43 -55.31
N ALA V 30 13.89 -34.65 -55.76
CA ALA V 30 14.52 -35.22 -56.94
C ALA V 30 14.06 -34.52 -58.23
N VAL V 31 12.76 -34.54 -58.50
CA VAL V 31 12.23 -33.90 -59.71
C VAL V 31 12.17 -32.39 -59.51
N PRO V 32 12.95 -31.63 -60.27
CA PRO V 32 12.99 -30.18 -60.05
C PRO V 32 11.84 -29.50 -60.76
N GLY V 33 11.67 -28.21 -60.47
CA GLY V 33 10.62 -27.45 -61.10
C GLY V 33 9.22 -27.82 -60.67
N HIS V 34 9.06 -28.28 -59.43
CA HIS V 34 7.74 -28.69 -58.95
C HIS V 34 6.81 -27.50 -58.72
N PHE V 35 7.37 -26.33 -58.45
CA PHE V 35 6.58 -25.23 -57.92
C PHE V 35 5.79 -24.48 -58.99
N SER V 36 6.22 -24.52 -60.25
CA SER V 36 5.56 -23.79 -61.32
C SER V 36 4.65 -24.71 -62.11
N ARG V 37 3.69 -24.10 -62.82
CA ARG V 37 2.93 -24.83 -63.81
C ARG V 37 3.50 -24.66 -65.20
N THR V 38 4.48 -23.77 -65.36
CA THR V 38 5.32 -23.81 -66.56
C THR V 38 6.32 -24.94 -66.47
N LEU V 39 6.90 -25.14 -65.29
CA LEU V 39 7.91 -26.16 -65.05
C LEU V 39 7.21 -27.48 -64.70
N ALA V 40 8.00 -28.43 -64.17
CA ALA V 40 7.69 -29.84 -63.98
C ALA V 40 7.27 -30.52 -65.27
N LYS V 41 7.85 -30.14 -66.41
CA LYS V 41 7.50 -30.75 -67.68
C LYS V 41 8.70 -31.40 -68.36
N GLY V 42 9.88 -30.77 -68.27
CA GLY V 42 11.05 -31.29 -68.93
C GLY V 42 11.64 -30.28 -69.89
N PRO V 43 12.96 -30.11 -69.83
CA PRO V 43 13.63 -29.17 -70.73
C PRO V 43 13.73 -29.68 -72.15
N LYS V 44 12.89 -29.14 -73.03
CA LYS V 44 13.07 -29.39 -74.45
C LYS V 44 14.09 -28.43 -75.04
N THR V 45 14.40 -27.37 -74.29
CA THR V 45 15.43 -26.40 -74.60
C THR V 45 16.27 -26.17 -73.34
N THR V 46 17.39 -25.47 -73.49
CA THR V 46 18.27 -25.16 -72.38
C THR V 46 17.81 -23.92 -71.62
N THR V 47 16.78 -23.25 -72.12
CA THR V 47 16.20 -22.12 -71.39
C THR V 47 15.56 -22.58 -70.09
N TRP V 48 15.06 -23.82 -70.04
CA TRP V 48 14.43 -24.36 -68.84
C TRP V 48 15.42 -24.49 -67.69
N ILE V 49 16.70 -24.71 -67.99
CA ILE V 49 17.72 -24.79 -66.94
C ILE V 49 17.88 -23.43 -66.25
N TRP V 50 17.83 -22.37 -67.04
CA TRP V 50 17.88 -21.02 -66.50
C TRP V 50 16.54 -20.53 -65.99
N ASN V 51 15.44 -20.87 -66.68
CA ASN V 51 14.09 -20.52 -66.24
C ASN V 51 13.75 -21.15 -64.90
N LEU V 52 14.36 -22.28 -64.58
CA LEU V 52 14.25 -22.81 -63.23
C LEU V 52 14.97 -21.92 -62.24
N HIS V 53 16.30 -21.77 -62.40
CA HIS V 53 17.14 -21.01 -61.48
C HIS V 53 16.81 -19.52 -61.40
N ALA V 54 16.10 -18.95 -62.37
CA ALA V 54 15.78 -17.54 -62.28
C ALA V 54 14.54 -17.31 -61.41
N ASP V 55 13.51 -18.11 -61.63
CA ASP V 55 12.21 -17.92 -61.00
C ASP V 55 12.00 -18.89 -59.84
N VAL V 56 13.06 -19.22 -59.11
CA VAL V 56 12.91 -20.07 -57.93
C VAL V 56 12.23 -19.32 -56.80
N HIS V 57 12.85 -18.24 -56.33
CA HIS V 57 12.49 -17.72 -55.02
C HIS V 57 11.36 -16.70 -55.05
N ASP V 58 11.06 -16.09 -56.20
CA ASP V 58 9.95 -15.14 -56.28
C ASP V 58 8.66 -15.94 -56.22
N PHE V 59 8.22 -16.23 -54.99
CA PHE V 59 7.09 -17.11 -54.76
C PHE V 59 5.77 -16.52 -55.24
N ASP V 60 5.72 -15.22 -55.54
CA ASP V 60 4.49 -14.63 -56.03
C ASP V 60 4.25 -14.96 -57.49
N SER V 61 5.23 -15.54 -58.17
CA SER V 61 5.07 -15.86 -59.59
C SER V 61 4.15 -17.06 -59.79
N TYR V 62 4.22 -18.05 -58.90
CA TYR V 62 3.47 -19.27 -59.12
C TYR V 62 2.50 -19.58 -58.00
N THR V 63 2.88 -19.37 -56.74
CA THR V 63 1.91 -19.42 -55.65
C THR V 63 1.01 -18.21 -55.76
N SER V 64 -0.22 -18.43 -56.19
CA SER V 64 -1.19 -17.35 -56.36
C SER V 64 -2.04 -17.18 -55.10
N ASP V 65 -1.45 -17.45 -53.95
CA ASP V 65 -2.18 -17.53 -52.69
C ASP V 65 -1.43 -16.72 -51.65
N LEU V 66 -2.02 -15.60 -51.23
CA LEU V 66 -1.35 -14.64 -50.35
C LEU V 66 -1.01 -15.22 -48.99
N GLU V 67 -1.82 -16.16 -48.48
CA GLU V 67 -1.45 -16.88 -47.26
C GLU V 67 -0.24 -17.77 -47.48
N GLU V 68 -0.24 -18.52 -48.59
CA GLU V 68 0.79 -19.51 -48.84
C GLU V 68 2.14 -18.88 -49.14
N VAL V 69 2.15 -17.75 -49.85
CA VAL V 69 3.41 -17.10 -50.18
C VAL V 69 4.05 -16.51 -48.93
N SER V 70 3.24 -15.96 -48.03
CA SER V 70 3.74 -15.30 -46.83
C SER V 70 4.32 -16.28 -45.83
N ARG V 71 4.03 -17.57 -46.00
CA ARG V 71 4.67 -18.60 -45.19
C ARG V 71 6.00 -19.01 -45.80
N LYS V 72 6.06 -19.05 -47.13
CA LYS V 72 7.31 -19.37 -47.81
C LYS V 72 8.34 -18.28 -47.60
N ILE V 73 7.90 -17.03 -47.56
CA ILE V 73 8.78 -15.92 -47.23
C ILE V 73 9.25 -16.03 -45.79
N PHE V 74 8.37 -16.46 -44.89
CA PHE V 74 8.66 -16.41 -43.47
C PHE V 74 9.69 -17.46 -43.08
N SER V 75 9.55 -18.68 -43.61
CA SER V 75 10.51 -19.73 -43.32
C SER V 75 11.85 -19.51 -44.00
N ALA V 76 11.85 -18.93 -45.20
CA ALA V 76 13.11 -18.70 -45.91
C ALA V 76 13.95 -17.63 -45.25
N HIS V 77 13.32 -16.73 -44.48
CA HIS V 77 14.07 -15.80 -43.67
C HIS V 77 14.85 -16.49 -42.56
N PHE V 78 14.32 -17.59 -42.03
CA PHE V 78 15.06 -18.38 -41.07
C PHE V 78 16.26 -19.05 -41.71
N GLY V 79 16.09 -19.52 -42.95
CA GLY V 79 17.22 -20.09 -43.67
C GLY V 79 18.29 -19.05 -43.94
N HIS V 80 17.88 -17.82 -44.21
CA HIS V 80 18.87 -16.76 -44.32
C HIS V 80 19.39 -16.35 -42.96
N LEU V 81 18.63 -16.57 -41.89
CA LEU V 81 19.21 -16.41 -40.56
C LEU V 81 20.22 -17.49 -40.28
N ALA V 82 20.06 -18.67 -40.90
CA ALA V 82 21.00 -19.76 -40.67
C ALA V 82 22.35 -19.48 -41.33
N VAL V 83 22.34 -19.08 -42.60
CA VAL V 83 23.59 -18.94 -43.35
C VAL V 83 24.42 -17.76 -42.90
N VAL V 84 23.83 -16.78 -42.20
CA VAL V 84 24.65 -15.81 -41.49
C VAL V 84 25.35 -16.47 -40.32
N PHE V 85 24.60 -17.27 -39.55
CA PHE V 85 25.16 -17.89 -38.36
C PHE V 85 26.17 -18.97 -38.70
N ILE V 86 26.08 -19.56 -39.90
CA ILE V 86 27.16 -20.40 -40.40
C ILE V 86 28.36 -19.55 -40.75
N TRP V 87 28.12 -18.42 -41.41
CA TRP V 87 29.20 -17.52 -41.77
C TRP V 87 29.75 -16.75 -40.57
N LEU V 88 28.91 -16.48 -39.57
CA LEU V 88 29.41 -15.90 -38.34
C LEU V 88 30.20 -16.91 -37.53
N SER V 89 29.97 -18.20 -37.77
CA SER V 89 30.82 -19.22 -37.17
C SER V 89 32.21 -19.20 -37.79
N GLY V 90 32.27 -19.09 -39.12
CA GLY V 90 33.55 -19.05 -39.80
C GLY V 90 34.36 -17.81 -39.52
N ALA V 91 33.69 -16.73 -39.12
CA ALA V 91 34.41 -15.56 -38.64
C ALA V 91 34.91 -15.77 -37.22
N TYR V 92 34.30 -16.69 -36.48
CA TYR V 92 34.65 -16.87 -35.08
C TYR V 92 35.50 -18.12 -34.85
N PHE V 93 35.36 -19.14 -35.69
CA PHE V 93 36.20 -20.33 -35.53
C PHE V 93 37.57 -20.11 -36.13
N HIS V 94 37.63 -19.47 -37.31
CA HIS V 94 38.91 -19.19 -37.94
C HIS V 94 39.68 -18.09 -37.23
N GLY V 95 39.05 -17.38 -36.29
CA GLY V 95 39.78 -16.43 -35.48
C GLY V 95 40.24 -17.00 -34.16
N ALA V 96 39.54 -18.00 -33.64
CA ALA V 96 40.02 -18.69 -32.45
C ALA V 96 41.16 -19.63 -32.79
N ARG V 97 41.12 -20.23 -33.97
CA ARG V 97 42.05 -21.28 -34.33
C ARG V 97 43.31 -20.84 -35.05
N PHE V 98 43.18 -19.94 -36.03
CA PHE V 98 44.27 -19.69 -36.97
C PHE V 98 44.64 -18.21 -37.04
N SER V 99 44.68 -17.52 -35.90
CA SER V 99 44.89 -16.08 -35.92
C SER V 99 46.07 -15.71 -35.03
N ASN V 100 46.55 -14.49 -35.20
CA ASN V 100 47.55 -13.91 -34.31
C ASN V 100 46.90 -13.01 -33.28
N TYR V 101 45.72 -13.41 -32.82
CA TYR V 101 44.92 -12.54 -31.95
C TYR V 101 45.58 -12.30 -30.61
N GLU V 102 46.11 -13.34 -29.97
CA GLU V 102 46.85 -13.12 -28.73
C GLU V 102 48.15 -12.39 -28.99
N ALA V 103 48.79 -12.66 -30.13
CA ALA V 103 49.86 -11.82 -30.62
C ALA V 103 49.38 -10.40 -30.94
N TRP V 104 48.12 -10.23 -31.35
CA TRP V 104 47.61 -8.89 -31.56
C TRP V 104 47.23 -8.22 -30.24
N LEU V 105 46.84 -9.01 -29.24
CA LEU V 105 46.51 -8.41 -27.94
C LEU V 105 47.76 -7.99 -27.18
N SER V 106 48.92 -8.57 -27.50
CA SER V 106 50.16 -8.17 -26.83
C SER V 106 50.65 -6.80 -27.30
N ASN V 107 50.66 -6.56 -28.60
CA ASN V 107 51.05 -5.27 -29.16
C ASN V 107 50.04 -4.88 -30.22
N PRO V 108 49.04 -4.08 -29.86
CA PRO V 108 47.96 -3.76 -30.80
C PRO V 108 48.35 -2.79 -31.89
N THR V 109 49.25 -1.84 -31.61
CA THR V 109 49.57 -0.79 -32.57
C THR V 109 50.36 -1.34 -33.75
N THR V 110 51.54 -1.90 -33.50
CA THR V 110 52.47 -2.23 -34.57
C THR V 110 52.02 -3.46 -35.34
N ILE V 111 51.56 -4.48 -34.64
CA ILE V 111 51.26 -5.76 -35.26
C ILE V 111 49.96 -5.66 -36.03
N LYS V 112 50.02 -5.91 -37.34
CA LYS V 112 48.81 -5.99 -38.13
C LYS V 112 48.09 -7.30 -37.84
N PRO V 113 46.77 -7.34 -37.99
CA PRO V 113 46.06 -8.61 -37.80
C PRO V 113 46.31 -9.56 -38.95
N SER V 114 46.20 -10.86 -38.67
CA SER V 114 46.17 -11.88 -39.70
C SER V 114 45.37 -13.07 -39.23
N ALA V 115 44.40 -13.47 -40.05
CA ALA V 115 43.79 -14.79 -39.95
C ALA V 115 43.95 -15.44 -41.30
N GLN V 116 43.39 -16.65 -41.44
CA GLN V 116 43.49 -17.48 -42.63
C GLN V 116 44.96 -17.74 -42.98
N VAL V 117 45.59 -18.58 -42.15
CA VAL V 117 46.85 -19.16 -42.58
C VAL V 117 46.58 -20.06 -43.77
N VAL V 118 47.49 -20.05 -44.74
CA VAL V 118 47.28 -20.73 -46.01
C VAL V 118 48.02 -22.07 -45.94
N TRP V 119 47.56 -23.03 -46.73
CA TRP V 119 48.08 -24.38 -46.64
C TRP V 119 49.44 -24.48 -47.35
N PRO V 120 50.29 -25.46 -46.97
CA PRO V 120 51.58 -25.62 -47.67
C PRO V 120 51.44 -26.36 -48.99
N ILE V 121 51.10 -25.62 -50.04
CA ILE V 121 51.09 -26.11 -51.41
C ILE V 121 51.73 -24.99 -52.21
N VAL V 122 51.66 -25.02 -53.55
CA VAL V 122 52.63 -24.58 -54.55
C VAL V 122 53.43 -23.30 -54.26
N GLY V 123 52.92 -22.42 -53.40
CA GLY V 123 53.53 -21.12 -53.26
C GLY V 123 52.44 -20.12 -52.91
N GLN V 124 51.21 -20.62 -52.82
CA GLN V 124 50.16 -19.90 -52.13
C GLN V 124 50.44 -19.78 -50.64
N GLU V 125 51.34 -20.60 -50.09
CA GLU V 125 51.82 -20.35 -48.75
C GLU V 125 52.82 -19.19 -48.67
N ILE V 126 53.21 -18.52 -49.75
CA ILE V 126 53.98 -17.28 -49.58
C ILE V 126 53.07 -16.13 -49.19
N LEU V 127 51.75 -16.29 -49.33
CA LEU V 127 50.80 -15.33 -48.77
C LEU V 127 50.84 -15.30 -47.25
N ASN V 128 51.31 -16.38 -46.61
CA ASN V 128 51.61 -16.34 -45.19
C ASN V 128 52.90 -15.57 -44.95
N GLY V 129 52.87 -14.25 -45.14
CA GLY V 129 54.04 -13.41 -44.94
C GLY V 129 54.14 -12.94 -43.50
N ASP V 130 55.30 -12.35 -43.20
CA ASP V 130 55.58 -11.90 -41.84
C ASP V 130 54.70 -10.70 -41.48
N VAL V 131 53.86 -10.89 -40.46
CA VAL V 131 52.95 -9.84 -40.05
C VAL V 131 53.40 -9.20 -38.73
N GLY V 132 54.26 -9.87 -37.97
CA GLY V 132 54.61 -9.42 -36.64
C GLY V 132 54.24 -10.46 -35.61
N GLY V 133 55.06 -10.59 -34.57
CA GLY V 133 54.91 -11.71 -33.65
C GLY V 133 55.50 -12.95 -34.27
N GLY V 134 55.14 -14.10 -33.74
CA GLY V 134 55.60 -15.37 -34.30
C GLY V 134 54.57 -15.98 -35.21
N PHE V 135 53.91 -15.16 -36.03
CA PHE V 135 52.76 -15.59 -36.82
C PHE V 135 52.89 -15.06 -38.24
N GLN V 136 52.42 -15.86 -39.20
CA GLN V 136 52.51 -15.52 -40.61
C GLN V 136 51.18 -15.86 -41.28
N GLY V 137 50.57 -14.89 -41.92
CA GLY V 137 49.30 -15.13 -42.57
C GLY V 137 48.85 -13.98 -43.44
N ILE V 138 47.64 -14.10 -43.99
CA ILE V 138 47.04 -13.06 -44.81
C ILE V 138 46.54 -11.95 -43.90
N GLN V 139 46.96 -10.73 -44.18
CA GLN V 139 46.55 -9.56 -43.39
C GLN V 139 45.06 -9.32 -43.59
N ILE V 140 44.30 -9.45 -42.53
CA ILE V 140 42.86 -9.32 -42.65
C ILE V 140 42.46 -7.86 -42.49
N THR V 141 41.44 -7.48 -43.25
CA THR V 141 40.94 -6.12 -43.29
C THR V 141 39.48 -6.12 -42.85
N SER V 142 39.09 -7.11 -42.05
CA SER V 142 37.72 -7.26 -41.59
C SER V 142 37.44 -6.58 -40.26
N GLY V 143 38.47 -6.11 -39.57
CA GLY V 143 38.27 -5.37 -38.34
C GLY V 143 37.79 -6.17 -37.15
N LEU V 144 37.78 -7.50 -37.23
CA LEU V 144 37.29 -8.32 -36.13
C LEU V 144 38.24 -8.26 -34.94
N PHE V 145 39.50 -7.91 -35.17
CA PHE V 145 40.44 -7.86 -34.06
C PHE V 145 40.21 -6.60 -33.22
N GLN V 146 39.93 -5.48 -33.86
CA GLN V 146 39.54 -4.26 -33.17
C GLN V 146 38.11 -4.31 -32.68
N MET V 147 37.28 -5.17 -33.26
CA MET V 147 35.91 -5.36 -32.78
C MET V 147 35.88 -6.22 -31.52
N TRP V 148 36.55 -7.36 -31.54
CA TRP V 148 36.56 -8.24 -30.38
C TRP V 148 37.35 -7.67 -29.20
N ARG V 149 38.31 -6.77 -29.44
CA ARG V 149 39.05 -6.17 -28.34
C ARG V 149 38.18 -5.26 -27.51
N ALA V 150 37.28 -4.51 -28.17
CA ALA V 150 36.32 -3.69 -27.44
C ALA V 150 35.34 -4.55 -26.65
N SER V 151 34.92 -5.68 -27.23
CA SER V 151 34.03 -6.60 -26.55
C SER V 151 34.67 -7.31 -25.38
N GLY V 152 36.00 -7.34 -25.31
CA GLY V 152 36.70 -7.89 -24.16
C GLY V 152 37.26 -9.28 -24.34
N ILE V 153 37.24 -9.82 -25.55
CA ILE V 153 37.68 -11.18 -25.78
C ILE V 153 39.20 -11.26 -25.73
N THR V 154 39.74 -11.90 -24.70
CA THR V 154 41.16 -11.89 -24.42
C THR V 154 41.87 -13.22 -24.68
N THR V 155 41.15 -14.33 -24.68
CA THR V 155 41.75 -15.62 -24.98
C THR V 155 40.96 -16.29 -26.10
N GLU V 156 41.63 -17.18 -26.82
CA GLU V 156 40.97 -17.86 -27.93
C GLU V 156 39.79 -18.67 -27.44
N LEU V 157 39.86 -19.14 -26.20
CA LEU V 157 38.86 -20.04 -25.65
C LEU V 157 37.46 -19.44 -25.57
N GLN V 158 37.37 -18.18 -25.18
CA GLN V 158 36.06 -17.54 -25.05
C GLN V 158 35.38 -17.53 -26.41
N LEU V 159 36.16 -17.26 -27.43
CA LEU V 159 35.69 -17.26 -28.81
C LEU V 159 35.23 -18.66 -29.21
N TYR V 160 35.91 -19.67 -28.69
CA TYR V 160 35.77 -21.04 -29.15
C TYR V 160 34.35 -21.56 -29.01
N VAL V 161 33.71 -21.28 -27.88
CA VAL V 161 32.33 -21.73 -27.66
C VAL V 161 31.39 -21.09 -28.68
N THR V 162 31.63 -19.82 -28.95
CA THR V 162 30.79 -19.04 -29.85
C THR V 162 30.55 -19.75 -31.19
N ALA V 163 31.57 -19.86 -32.02
CA ALA V 163 31.36 -20.54 -33.28
C ALA V 163 30.46 -21.75 -33.10
N ILE V 164 30.55 -22.38 -31.94
CA ILE V 164 29.63 -23.44 -31.59
C ILE V 164 28.24 -22.86 -31.37
N GLY V 165 28.19 -21.73 -30.65
CA GLY V 165 26.94 -21.04 -30.44
C GLY V 165 26.39 -20.39 -31.68
N ALA V 166 27.26 -20.09 -32.66
CA ALA V 166 26.80 -19.67 -33.97
C ALA V 166 26.42 -20.87 -34.82
N LEU V 167 26.98 -22.04 -34.55
CA LEU V 167 26.53 -23.24 -35.27
C LEU V 167 25.21 -23.76 -34.72
N VAL V 168 25.03 -23.75 -33.40
CA VAL V 168 23.81 -24.36 -32.86
C VAL V 168 22.62 -23.43 -33.07
N MET V 169 22.85 -22.13 -33.11
CA MET V 169 21.78 -21.20 -33.44
C MET V 169 21.47 -21.25 -34.94
N ALA V 170 22.45 -21.60 -35.76
CA ALA V 170 22.19 -21.88 -37.17
C ALA V 170 21.31 -23.11 -37.30
N ALA V 171 21.53 -24.10 -36.45
CA ALA V 171 20.67 -25.28 -36.47
C ALA V 171 19.30 -24.96 -35.91
N LEU V 172 19.22 -24.05 -34.95
CA LEU V 172 17.93 -23.73 -34.32
C LEU V 172 17.07 -22.91 -35.28
N MET V 173 17.68 -21.99 -36.03
CA MET V 173 16.93 -21.23 -37.02
C MET V 173 16.52 -22.11 -38.19
N LEU V 174 17.40 -23.04 -38.59
CA LEU V 174 17.06 -23.95 -39.68
C LEU V 174 15.95 -24.91 -39.28
N PHE V 175 15.90 -25.28 -38.00
CA PHE V 175 14.76 -26.05 -37.51
C PHE V 175 13.53 -25.15 -37.39
N ALA V 176 13.74 -23.87 -37.08
CA ALA V 176 12.60 -22.96 -36.98
C ALA V 176 12.03 -22.65 -38.34
N GLY V 177 12.87 -22.63 -39.38
CA GLY V 177 12.34 -22.60 -40.72
C GLY V 177 11.61 -23.87 -41.08
N TRP V 178 12.05 -24.99 -40.52
CA TRP V 178 11.31 -26.23 -40.68
C TRP V 178 10.01 -26.19 -39.89
N PHE V 179 10.09 -25.86 -38.58
CA PHE V 179 8.93 -25.97 -37.71
C PHE V 179 7.84 -24.98 -38.09
N HIS V 180 8.22 -23.75 -38.41
CA HIS V 180 7.25 -22.73 -38.76
C HIS V 180 6.83 -22.81 -40.22
N TYR V 181 7.19 -23.87 -40.94
CA TYR V 181 6.54 -24.16 -42.21
C TYR V 181 6.11 -25.60 -42.34
N HIS V 182 6.91 -26.56 -41.89
CA HIS V 182 6.52 -27.95 -42.09
C HIS V 182 5.48 -28.40 -41.08
N LYS V 183 5.54 -27.88 -39.85
CA LYS V 183 4.56 -28.24 -38.83
C LYS V 183 3.57 -27.13 -38.53
N ALA V 184 4.05 -25.95 -38.11
CA ALA V 184 3.17 -24.91 -37.56
C ALA V 184 3.40 -23.58 -38.28
N ALA V 185 2.73 -23.39 -39.41
CA ALA V 185 2.92 -22.19 -40.22
C ALA V 185 1.72 -21.26 -40.05
N PRO V 186 1.94 -19.98 -39.79
CA PRO V 186 0.86 -19.12 -39.29
C PRO V 186 -0.18 -18.75 -40.35
N LYS V 187 -1.20 -18.04 -39.89
CA LYS V 187 -2.28 -17.56 -40.74
C LYS V 187 -1.84 -16.27 -41.44
N LEU V 188 -2.55 -15.92 -42.51
CA LEU V 188 -2.37 -14.64 -43.20
C LEU V 188 -2.64 -13.47 -42.26
N GLU V 189 -3.63 -13.60 -41.38
CA GLU V 189 -3.96 -12.52 -40.45
C GLU V 189 -2.92 -12.36 -39.36
N TRP V 190 -2.07 -13.36 -39.14
CA TRP V 190 -0.93 -13.17 -38.27
C TRP V 190 0.14 -12.31 -38.91
N PHE V 191 0.19 -12.26 -40.23
CA PHE V 191 1.16 -11.41 -40.91
C PHE V 191 0.66 -9.98 -41.08
N GLN V 192 -0.65 -9.79 -41.19
CA GLN V 192 -1.19 -8.45 -41.36
C GLN V 192 -1.32 -7.69 -40.05
N ASN V 193 -0.83 -8.24 -38.94
CA ASN V 193 -0.88 -7.57 -37.64
C ASN V 193 0.37 -6.69 -37.52
N ALA V 194 0.34 -5.58 -38.24
CA ALA V 194 1.50 -4.72 -38.37
C ALA V 194 1.84 -3.99 -37.08
N GLU V 195 0.81 -3.51 -36.35
CA GLU V 195 1.08 -2.71 -35.18
C GLU V 195 1.66 -3.54 -34.04
N SER V 196 1.28 -4.82 -33.95
CA SER V 196 1.90 -5.69 -32.96
C SER V 196 3.28 -6.12 -33.41
N MET V 197 3.54 -6.06 -34.71
CA MET V 197 4.87 -6.36 -35.21
C MET V 197 5.80 -5.17 -35.01
N MET V 198 5.31 -3.97 -35.32
CA MET V 198 6.09 -2.77 -35.11
C MET V 198 6.37 -2.53 -33.65
N ASN V 199 5.44 -2.90 -32.77
CA ASN V 199 5.65 -2.72 -31.34
C ASN V 199 6.71 -3.66 -30.82
N HIS V 200 6.76 -4.87 -31.36
CA HIS V 200 7.70 -5.84 -30.83
C HIS V 200 9.10 -5.63 -31.38
N HIS V 201 9.21 -5.31 -32.67
CA HIS V 201 10.53 -5.08 -33.26
C HIS V 201 11.17 -3.82 -32.73
N LEU V 202 10.38 -2.78 -32.46
CA LEU V 202 10.92 -1.60 -31.82
C LEU V 202 11.30 -1.90 -30.38
N GLY V 203 10.35 -2.46 -29.63
CA GLY V 203 10.60 -2.73 -28.22
C GLY V 203 11.59 -3.85 -28.01
N GLY V 204 11.33 -5.01 -28.58
CA GLY V 204 12.15 -6.16 -28.25
C GLY V 204 13.44 -6.22 -29.01
N LEU V 205 13.37 -6.12 -30.34
CA LEU V 205 14.54 -6.34 -31.18
C LEU V 205 15.54 -5.19 -31.05
N PHE V 206 15.14 -3.98 -31.38
CA PHE V 206 16.05 -2.86 -31.27
C PHE V 206 16.20 -2.36 -29.85
N GLY V 207 15.13 -2.41 -29.05
CA GLY V 207 15.20 -1.89 -27.71
C GLY V 207 15.97 -2.78 -26.75
N LEU V 208 15.46 -3.98 -26.50
CA LEU V 208 16.15 -4.90 -25.59
C LEU V 208 17.46 -5.38 -26.18
N GLY V 209 17.53 -5.52 -27.51
CA GLY V 209 18.75 -5.96 -28.13
C GLY V 209 19.88 -4.97 -28.04
N SER V 210 19.56 -3.69 -27.84
CA SER V 210 20.58 -2.71 -27.48
C SER V 210 20.68 -2.54 -25.98
N LEU V 211 19.60 -2.82 -25.24
CA LEU V 211 19.65 -2.82 -23.79
C LEU V 211 20.55 -3.93 -23.28
N SER V 212 20.40 -5.11 -23.83
CA SER V 212 21.27 -6.23 -23.50
C SER V 212 22.71 -5.97 -23.96
N TRP V 213 22.90 -5.31 -25.10
CA TRP V 213 24.26 -4.93 -25.46
C TRP V 213 24.78 -3.81 -24.57
N ALA V 214 23.89 -2.96 -24.06
CA ALA V 214 24.33 -2.01 -23.04
C ALA V 214 24.71 -2.71 -21.76
N GLY V 215 24.07 -3.84 -21.46
CA GLY V 215 24.47 -4.64 -20.32
C GLY V 215 25.81 -5.31 -20.52
N HIS V 216 26.01 -5.92 -21.69
CA HIS V 216 27.29 -6.55 -22.01
C HIS V 216 28.41 -5.53 -22.10
N GLN V 217 28.09 -4.29 -22.44
CA GLN V 217 29.14 -3.30 -22.56
C GLN V 217 29.68 -2.88 -21.20
N ILE V 218 28.87 -2.93 -20.15
CA ILE V 218 29.33 -2.52 -18.83
C ILE V 218 29.83 -3.72 -18.03
N HIS V 219 29.10 -4.84 -18.12
CA HIS V 219 29.46 -6.00 -17.32
C HIS V 219 30.67 -6.74 -17.87
N VAL V 220 30.94 -6.61 -19.16
CA VAL V 220 31.97 -7.39 -19.83
C VAL V 220 33.00 -6.50 -20.52
N SER V 221 32.52 -5.49 -21.25
CA SER V 221 33.38 -4.82 -22.22
C SER V 221 34.05 -3.58 -21.65
N LEU V 222 33.34 -2.84 -20.79
CA LEU V 222 33.97 -1.73 -20.05
C LEU V 222 35.15 -2.11 -19.17
N PRO V 223 35.09 -3.10 -18.24
CA PRO V 223 36.10 -3.12 -17.17
C PRO V 223 37.49 -3.56 -17.63
N VAL V 224 37.56 -4.46 -18.61
CA VAL V 224 38.85 -4.91 -19.07
C VAL V 224 39.51 -3.83 -19.93
N ASN V 225 38.71 -2.97 -20.56
CA ASN V 225 39.31 -1.88 -21.33
C ASN V 225 39.67 -0.72 -20.43
N LYS V 226 39.23 -0.74 -19.17
CA LYS V 226 39.87 0.11 -18.18
C LYS V 226 41.28 -0.39 -17.89
N LEU V 227 41.51 -1.69 -17.99
CA LEU V 227 42.80 -2.28 -17.62
C LEU V 227 43.75 -2.44 -18.80
N LEU V 228 43.27 -2.88 -19.97
CA LEU V 228 44.13 -2.98 -21.15
C LEU V 228 44.68 -1.61 -21.54
N ASP V 229 43.92 -0.55 -21.30
CA ASP V 229 44.38 0.80 -21.57
C ASP V 229 45.16 1.41 -20.41
N SER V 230 45.39 0.64 -19.35
CA SER V 230 46.40 1.03 -18.38
C SER V 230 47.78 0.47 -18.73
N GLY V 231 47.84 -0.38 -19.76
CA GLY V 231 49.10 -0.82 -20.33
C GLY V 231 49.73 -2.01 -19.64
N VAL V 232 48.92 -2.93 -19.12
CA VAL V 232 49.50 -3.96 -18.26
C VAL V 232 49.77 -5.28 -18.99
N SER V 233 48.73 -5.98 -19.47
CA SER V 233 48.90 -7.30 -20.07
C SER V 233 47.61 -7.82 -20.70
N PRO V 234 47.72 -8.83 -21.57
CA PRO V 234 46.57 -9.72 -21.79
C PRO V 234 46.57 -10.94 -20.87
N GLN V 235 47.40 -10.95 -19.82
CA GLN V 235 47.55 -12.13 -18.96
C GLN V 235 47.15 -11.89 -17.51
N GLU V 236 47.62 -10.79 -16.90
CA GLU V 236 47.31 -10.58 -15.48
C GLU V 236 45.97 -9.89 -15.29
N ILE V 237 45.28 -9.55 -16.37
CA ILE V 237 43.93 -8.98 -16.28
C ILE V 237 42.95 -10.10 -15.94
N PRO V 238 41.84 -9.80 -15.24
CA PRO V 238 40.91 -10.88 -14.86
C PRO V 238 40.06 -11.38 -16.02
N LEU V 239 39.10 -12.23 -15.67
CA LEU V 239 38.18 -12.79 -16.65
C LEU V 239 36.78 -12.18 -16.44
N PRO V 240 35.91 -12.21 -17.46
CA PRO V 240 34.60 -11.51 -17.36
C PRO V 240 33.67 -12.00 -16.25
N HIS V 241 33.69 -13.28 -15.91
CA HIS V 241 32.77 -13.77 -14.89
C HIS V 241 33.15 -13.28 -13.49
N GLU V 242 34.42 -12.93 -13.28
CA GLU V 242 34.82 -12.39 -11.98
C GLU V 242 34.28 -10.99 -11.75
N PHE V 243 34.04 -10.24 -12.83
CA PHE V 243 33.59 -8.86 -12.72
C PHE V 243 32.21 -8.72 -12.08
N ILE V 244 31.32 -9.67 -12.34
CA ILE V 244 30.01 -9.70 -11.71
C ILE V 244 30.10 -10.17 -10.27
N LEU V 245 30.92 -11.19 -10.01
CA LEU V 245 30.96 -11.83 -8.70
C LEU V 245 31.80 -11.04 -7.70
N ASN V 246 33.08 -10.83 -8.02
CA ASN V 246 33.97 -10.07 -7.14
C ASN V 246 33.58 -8.61 -7.29
N LYS V 247 32.65 -8.16 -6.47
CA LYS V 247 32.10 -6.81 -6.59
C LYS V 247 33.04 -5.73 -6.07
N ASP V 248 34.23 -6.08 -5.56
CA ASP V 248 35.19 -5.04 -5.19
C ASP V 248 36.35 -4.99 -6.17
N LEU V 249 36.49 -6.00 -7.02
CA LEU V 249 37.29 -5.85 -8.24
C LEU V 249 36.63 -4.87 -9.19
N ILE V 250 35.30 -4.95 -9.30
CA ILE V 250 34.55 -4.04 -10.16
C ILE V 250 34.31 -2.69 -9.49
N ALA V 251 34.59 -2.57 -8.19
CA ALA V 251 34.49 -1.29 -7.50
C ALA V 251 35.82 -0.57 -7.41
N GLN V 252 36.91 -1.21 -7.79
CA GLN V 252 38.16 -0.48 -7.88
C GLN V 252 38.25 0.36 -9.15
N LEU V 253 37.80 -0.18 -10.27
CA LEU V 253 37.72 0.57 -11.52
C LEU V 253 36.34 1.19 -11.60
N TYR V 254 36.30 2.52 -11.85
CA TYR V 254 35.15 3.41 -11.78
C TYR V 254 34.33 3.14 -10.52
N PRO V 255 34.77 3.63 -9.36
CA PRO V 255 34.18 3.23 -8.08
C PRO V 255 32.76 3.71 -7.84
N SER V 256 31.83 3.27 -8.68
CA SER V 256 30.43 3.60 -8.54
C SER V 256 29.56 2.37 -8.44
N PHE V 257 30.13 1.17 -8.56
CA PHE V 257 29.36 -0.04 -8.34
C PHE V 257 29.27 -0.39 -6.86
N GLY V 258 29.79 0.44 -5.98
CA GLY V 258 29.51 0.26 -4.57
C GLY V 258 28.06 0.50 -4.19
N GLN V 259 27.36 1.35 -4.95
CA GLN V 259 25.97 1.66 -4.69
C GLN V 259 25.01 0.74 -5.44
N GLY V 260 25.39 0.24 -6.61
CA GLY V 260 24.61 -0.82 -7.21
C GLY V 260 23.39 -0.32 -7.97
N LEU V 261 22.34 -1.15 -7.97
CA LEU V 261 21.12 -0.86 -8.71
C LEU V 261 20.18 0.08 -7.98
N THR V 262 20.57 0.59 -6.81
CA THR V 262 19.73 1.53 -6.10
C THR V 262 19.78 2.96 -6.66
N PRO V 263 20.91 3.52 -7.13
CA PRO V 263 20.82 4.81 -7.86
C PRO V 263 20.04 4.76 -9.15
N PHE V 264 19.91 3.59 -9.78
CA PHE V 264 19.05 3.48 -10.95
C PHE V 264 17.59 3.59 -10.55
N PHE V 265 17.25 3.30 -9.29
CA PHE V 265 15.84 3.24 -8.93
C PHE V 265 15.39 4.41 -8.08
N THR V 266 16.30 5.11 -7.39
CA THR V 266 15.92 6.35 -6.74
C THR V 266 16.18 7.57 -7.61
N LEU V 267 16.46 7.35 -8.90
CA LEU V 267 16.56 8.36 -9.94
C LEU V 267 17.66 9.40 -9.69
N ASN V 268 18.60 9.09 -8.81
CA ASN V 268 19.82 9.90 -8.69
C ASN V 268 20.87 9.35 -9.65
N TRP V 269 20.58 9.51 -10.94
CA TRP V 269 21.40 8.94 -12.00
C TRP V 269 22.73 9.63 -12.15
N ASN V 270 22.89 10.80 -11.54
CA ASN V 270 24.13 11.54 -11.61
C ASN V 270 25.25 10.85 -10.83
N GLU V 271 24.91 9.86 -10.01
CA GLU V 271 25.90 9.04 -9.33
C GLU V 271 26.40 7.87 -10.19
N TYR V 272 26.20 7.93 -11.51
CA TYR V 272 26.89 7.07 -12.45
C TYR V 272 27.88 7.84 -13.31
N SER V 273 28.59 8.81 -12.71
CA SER V 273 29.37 9.80 -13.43
C SER V 273 30.77 9.36 -13.78
N ASP V 274 31.06 8.06 -13.81
CA ASP V 274 32.38 7.60 -14.21
C ASP V 274 32.35 6.50 -15.26
N PHE V 275 31.29 5.69 -15.31
CA PHE V 275 31.15 4.65 -16.32
C PHE V 275 29.97 4.90 -17.25
N LEU V 276 29.14 5.89 -16.95
CA LEU V 276 28.14 6.42 -17.88
C LEU V 276 28.53 7.88 -18.10
N THR V 277 28.99 8.18 -19.29
CA THR V 277 29.60 9.48 -19.56
C THR V 277 28.98 10.12 -20.79
N PHE V 278 29.31 11.39 -20.97
CA PHE V 278 29.13 12.12 -22.21
C PHE V 278 30.41 12.85 -22.56
N LYS V 279 31.53 12.12 -22.59
CA LYS V 279 32.78 12.69 -23.07
C LYS V 279 32.65 13.14 -24.52
N GLY V 280 32.42 12.19 -25.42
CA GLY V 280 32.24 12.57 -26.81
C GLY V 280 33.53 13.06 -27.42
N GLY V 281 34.46 12.16 -27.64
CA GLY V 281 35.69 12.48 -28.35
C GLY V 281 36.18 11.22 -28.98
N LEU V 282 37.48 11.00 -28.90
CA LEU V 282 38.07 9.72 -29.23
C LEU V 282 39.04 9.35 -28.13
N ASN V 283 39.01 8.07 -27.75
CA ASN V 283 39.85 7.57 -26.68
C ASN V 283 41.31 7.66 -27.07
N PRO V 284 42.09 8.59 -26.50
CA PRO V 284 43.39 8.95 -27.08
C PRO V 284 44.44 7.87 -26.94
N VAL V 285 44.19 6.85 -26.13
CA VAL V 285 45.15 5.76 -25.97
C VAL V 285 44.82 4.65 -26.95
N THR V 286 43.68 4.76 -27.62
CA THR V 286 43.26 3.80 -28.63
C THR V 286 42.80 4.45 -29.93
N GLY V 287 42.58 5.75 -29.93
CA GLY V 287 42.10 6.45 -31.11
C GLY V 287 40.64 6.18 -31.46
N GLY V 288 39.94 5.36 -30.69
CA GLY V 288 38.59 4.96 -31.00
C GLY V 288 37.59 5.52 -30.00
N LEU V 289 36.38 4.98 -30.07
CA LEU V 289 35.31 5.50 -29.23
C LEU V 289 35.51 5.07 -27.77
N TRP V 290 35.24 6.00 -26.87
CA TRP V 290 35.13 5.70 -25.46
C TRP V 290 33.99 4.71 -25.24
N LEU V 291 34.29 3.57 -24.62
CA LEU V 291 33.25 2.57 -24.43
C LEU V 291 32.26 2.98 -23.36
N SER V 292 32.66 3.86 -22.45
CA SER V 292 31.71 4.43 -21.51
C SER V 292 30.76 5.41 -22.18
N ASP V 293 31.14 5.93 -23.35
CA ASP V 293 30.20 6.70 -24.15
C ASP V 293 29.26 5.78 -24.93
N SER V 294 29.80 4.71 -25.51
CA SER V 294 28.98 3.78 -26.26
C SER V 294 28.08 2.95 -25.36
N ALA V 295 28.43 2.79 -24.09
CA ALA V 295 27.53 2.16 -23.13
C ALA V 295 26.35 3.06 -22.83
N HIS V 296 26.61 4.32 -22.48
CA HIS V 296 25.55 5.30 -22.27
C HIS V 296 24.79 5.59 -23.55
N HIS V 297 25.44 5.39 -24.69
CA HIS V 297 24.74 5.43 -25.98
C HIS V 297 23.68 4.35 -26.02
N HIS V 298 24.08 3.08 -26.03
CA HIS V 298 23.15 1.96 -26.22
C HIS V 298 22.16 1.82 -25.08
N LEU V 299 22.46 2.42 -23.94
CA LEU V 299 21.43 2.61 -22.92
C LEU V 299 20.35 3.56 -23.41
N ALA V 300 20.74 4.74 -23.89
CA ALA V 300 19.76 5.73 -24.32
C ALA V 300 19.05 5.31 -25.59
N ILE V 301 19.69 4.50 -26.43
CA ILE V 301 19.02 3.98 -27.61
C ILE V 301 17.96 2.99 -27.20
N ALA V 302 18.23 2.22 -26.15
CA ALA V 302 17.28 1.22 -25.68
C ALA V 302 16.03 1.86 -25.13
N VAL V 303 16.19 2.82 -24.24
CA VAL V 303 15.07 3.45 -23.57
C VAL V 303 14.26 4.29 -24.57
N LEU V 304 14.92 4.83 -25.58
CA LEU V 304 14.18 5.46 -26.66
C LEU V 304 13.39 4.46 -27.48
N PHE V 305 13.96 3.29 -27.72
CA PHE V 305 13.29 2.31 -28.58
C PHE V 305 12.20 1.56 -27.87
N ILE V 306 12.38 1.25 -26.58
CA ILE V 306 11.34 0.52 -25.86
C ILE V 306 10.14 1.43 -25.62
N VAL V 307 10.40 2.71 -25.32
CA VAL V 307 9.33 3.69 -25.22
C VAL V 307 8.64 3.87 -26.56
N ALA V 308 9.41 3.88 -27.65
CA ALA V 308 8.80 3.88 -28.97
C ALA V 308 8.19 2.54 -29.32
N GLY V 309 8.46 1.50 -28.54
CA GLY V 309 7.81 0.23 -28.76
C GLY V 309 6.38 0.17 -28.31
N HIS V 310 5.89 1.19 -27.60
CA HIS V 310 4.53 1.23 -27.11
C HIS V 310 3.69 2.27 -27.83
N MET V 311 4.05 2.60 -29.06
CA MET V 311 3.37 3.64 -29.79
C MET V 311 2.14 3.15 -30.54
N TYR V 312 2.08 1.87 -30.88
CA TYR V 312 1.06 1.40 -31.80
C TYR V 312 0.00 0.59 -31.09
N ARG V 313 -1.20 0.56 -31.68
CA ARG V 313 -2.36 0.02 -31.02
C ARG V 313 -2.53 -1.46 -31.29
N THR V 314 -2.72 -2.20 -30.21
CA THR V 314 -3.00 -3.62 -30.26
C THR V 314 -4.33 -3.76 -29.53
N ASN V 315 -4.68 -4.97 -29.09
CA ASN V 315 -6.00 -5.22 -28.53
C ASN V 315 -6.16 -4.74 -27.09
N TRP V 316 -5.33 -3.81 -26.62
CA TRP V 316 -5.55 -3.11 -25.36
C TRP V 316 -5.92 -1.64 -25.55
N GLY V 317 -6.57 -1.31 -26.66
CA GLY V 317 -7.11 0.04 -26.83
C GLY V 317 -6.11 1.15 -27.10
N ILE V 318 -5.12 1.30 -26.21
CA ILE V 318 -4.15 2.39 -26.31
C ILE V 318 -3.21 2.14 -27.49
N GLY V 319 -2.63 3.23 -28.01
CA GLY V 319 -1.71 3.12 -29.13
C GLY V 319 -2.19 3.79 -30.40
N HIS V 320 -1.27 4.28 -31.21
CA HIS V 320 -1.62 4.84 -32.49
C HIS V 320 -1.93 3.76 -33.51
N SER V 321 -3.08 3.89 -34.15
CA SER V 321 -3.41 3.03 -35.28
C SER V 321 -2.92 3.74 -36.53
N MET V 322 -2.21 3.01 -37.40
CA MET V 322 -1.67 3.62 -38.61
C MET V 322 -2.75 3.92 -39.64
N LYS V 323 -3.75 3.05 -39.75
CA LYS V 323 -4.85 3.26 -40.68
C LYS V 323 -5.66 4.50 -40.34
N GLU V 324 -5.79 4.81 -39.05
CA GLU V 324 -6.46 6.02 -38.61
C GLU V 324 -5.57 7.24 -38.76
N MET V 325 -4.28 7.06 -39.03
CA MET V 325 -3.34 8.17 -39.14
C MET V 325 -3.16 8.66 -40.56
N TYR V 326 -3.54 7.86 -41.56
CA TYR V 326 -3.39 8.26 -42.95
C TYR V 326 -4.61 9.01 -43.46
N ASP V 327 -5.77 8.43 -43.28
CA ASP V 327 -6.97 9.24 -43.20
C ASP V 327 -6.77 10.26 -42.10
N SER V 328 -7.08 11.52 -42.41
CA SER V 328 -6.63 12.72 -41.68
C SER V 328 -5.10 12.81 -41.64
N HIS V 329 -4.46 12.47 -42.75
CA HIS V 329 -3.29 13.19 -43.28
C HIS V 329 -3.58 13.39 -44.76
N LYS V 330 -4.32 14.44 -45.07
CA LYS V 330 -4.71 14.74 -46.45
C LYS V 330 -4.65 16.24 -46.64
N GLY V 331 -4.23 16.68 -47.82
CA GLY V 331 -4.07 18.09 -48.04
C GLY V 331 -4.74 18.59 -49.29
N PRO V 332 -4.78 19.89 -49.46
CA PRO V 332 -5.36 20.47 -50.68
C PRO V 332 -4.55 20.18 -51.92
N PHE V 333 -3.23 20.03 -51.79
CA PHE V 333 -2.44 19.64 -52.95
C PHE V 333 -2.65 18.17 -53.27
N THR V 334 -2.95 17.36 -52.26
CA THR V 334 -2.73 15.92 -52.33
C THR V 334 -4.03 15.13 -52.36
N GLY V 335 -5.16 15.80 -52.22
CA GLY V 335 -6.44 15.11 -52.38
C GLY V 335 -6.78 14.17 -51.25
N GLU V 336 -6.72 12.87 -51.51
CA GLU V 336 -7.14 11.89 -50.52
C GLU V 336 -6.04 11.60 -49.49
N GLY V 337 -4.84 12.14 -49.69
CA GLY V 337 -3.80 11.88 -48.71
C GLY V 337 -3.29 10.46 -48.83
N HIS V 338 -2.91 9.90 -47.69
CA HIS V 338 -2.31 8.57 -47.68
C HIS V 338 -3.34 7.46 -47.54
N LYS V 339 -4.59 7.65 -47.97
CA LYS V 339 -5.60 6.60 -47.83
C LYS V 339 -5.31 5.48 -48.81
N GLY V 340 -5.25 4.25 -48.30
CA GLY V 340 -4.89 3.09 -49.07
C GLY V 340 -3.45 2.67 -48.90
N VAL V 341 -2.59 3.58 -48.44
CA VAL V 341 -1.16 3.29 -48.34
C VAL V 341 -0.87 2.34 -47.19
N TYR V 342 -1.67 2.36 -46.12
CA TYR V 342 -1.55 1.32 -45.10
C TYR V 342 -1.97 -0.03 -45.65
N GLU V 343 -2.93 -0.05 -46.56
CA GLU V 343 -3.33 -1.30 -47.18
C GLU V 343 -2.31 -1.79 -48.19
N ILE V 344 -1.44 -0.89 -48.68
CA ILE V 344 -0.39 -1.30 -49.59
C ILE V 344 0.64 -2.17 -48.87
N PHE V 345 1.11 -1.72 -47.72
CA PHE V 345 2.12 -2.47 -46.98
C PHE V 345 1.52 -3.53 -46.07
N THR V 346 0.28 -3.94 -46.30
CA THR V 346 -0.29 -5.11 -45.65
C THR V 346 -0.87 -6.09 -46.65
N ASN V 347 -0.63 -5.86 -47.94
CA ASN V 347 -1.05 -6.80 -48.98
C ASN V 347 0.11 -7.10 -49.92
N SER V 348 0.99 -6.14 -50.13
CA SER V 348 2.11 -6.29 -51.05
C SER V 348 3.40 -6.50 -50.26
N TRP V 349 4.02 -7.66 -50.43
CA TRP V 349 5.35 -7.86 -49.87
C TRP V 349 6.41 -7.11 -50.65
N HIS V 350 6.18 -6.90 -51.94
CA HIS V 350 7.14 -6.24 -52.83
C HIS V 350 7.34 -4.78 -52.48
N ALA V 351 6.25 -4.04 -52.30
CA ALA V 351 6.34 -2.66 -51.82
C ALA V 351 6.93 -2.60 -50.43
N GLN V 352 6.66 -3.61 -49.61
CA GLN V 352 7.32 -3.71 -48.32
C GLN V 352 8.81 -3.99 -48.47
N LEU V 353 9.22 -4.66 -49.55
CA LEU V 353 10.64 -4.93 -49.72
C LEU V 353 11.41 -3.68 -50.12
N SER V 354 10.87 -2.93 -51.08
CA SER V 354 11.56 -1.76 -51.60
C SER V 354 11.71 -0.68 -50.56
N LEU V 355 10.67 -0.45 -49.76
CA LEU V 355 10.74 0.54 -48.71
C LEU V 355 11.70 0.11 -47.62
N ASN V 356 11.73 -1.18 -47.31
CA ASN V 356 12.69 -1.65 -46.32
C ASN V 356 14.10 -1.71 -46.87
N LEU V 357 14.26 -1.90 -48.18
CA LEU V 357 15.59 -1.94 -48.79
C LEU V 357 16.22 -0.56 -48.85
N ALA V 358 15.42 0.44 -49.25
CA ALA V 358 15.89 1.81 -49.42
C ALA V 358 16.48 2.36 -48.14
N LEU V 359 15.82 2.14 -47.02
CA LEU V 359 16.34 2.59 -45.74
C LEU V 359 17.22 1.55 -45.07
N PHE V 360 17.56 0.48 -45.77
CA PHE V 360 18.60 -0.42 -45.31
C PHE V 360 19.91 -0.08 -46.02
N GLY V 361 19.85 0.14 -47.33
CA GLY V 361 21.01 0.58 -48.07
C GLY V 361 21.46 1.97 -47.71
N SER V 362 20.52 2.91 -47.54
CA SER V 362 20.92 4.26 -47.19
C SER V 362 21.45 4.33 -45.76
N LEU V 363 21.01 3.40 -44.91
CA LEU V 363 21.64 3.26 -43.60
C LEU V 363 23.07 2.75 -43.74
N SER V 364 23.29 1.85 -44.70
CA SER V 364 24.60 1.26 -44.91
C SER V 364 25.63 2.25 -45.43
N ILE V 365 25.19 3.35 -46.04
CA ILE V 365 26.11 4.42 -46.38
C ILE V 365 26.26 5.40 -45.22
N ILE V 366 25.28 5.44 -44.31
CA ILE V 366 25.37 6.34 -43.17
C ILE V 366 26.36 5.81 -42.15
N VAL V 367 26.39 4.49 -41.95
CA VAL V 367 27.33 3.89 -41.02
C VAL V 367 28.76 4.02 -41.55
N ALA V 368 28.93 3.94 -42.88
CA ALA V 368 30.25 4.10 -43.47
C ALA V 368 30.77 5.52 -43.29
N HIS V 369 29.87 6.50 -43.22
CA HIS V 369 30.31 7.85 -42.98
C HIS V 369 30.56 8.10 -41.50
N HIS V 370 29.89 7.37 -40.65
CA HIS V 370 29.99 7.59 -39.23
C HIS V 370 31.07 6.76 -38.57
N MET V 371 31.74 5.88 -39.33
CA MET V 371 32.84 5.10 -38.80
C MET V 371 34.20 5.76 -38.96
N TYR V 372 34.46 6.47 -40.05
CA TYR V 372 35.80 7.05 -40.19
C TYR V 372 35.93 8.33 -39.38
N SER V 373 34.88 9.12 -39.29
CA SER V 373 34.93 10.34 -38.49
C SER V 373 34.85 10.04 -37.01
N MET V 374 34.14 8.98 -36.65
CA MET V 374 34.08 8.49 -35.27
C MET V 374 34.47 7.02 -35.28
N PRO V 375 35.74 6.70 -35.10
CA PRO V 375 36.16 5.31 -34.98
C PRO V 375 35.56 4.66 -33.75
N PRO V 376 34.79 3.59 -33.92
CA PRO V 376 34.13 2.96 -32.78
C PRO V 376 35.05 2.05 -31.99
N TYR V 377 36.14 1.60 -32.56
CA TYR V 377 36.89 0.51 -31.99
C TYR V 377 38.30 0.94 -31.60
N PRO V 378 38.90 0.26 -30.61
CA PRO V 378 40.32 0.53 -30.29
C PRO V 378 41.24 0.07 -31.41
N TYR V 379 42.10 0.99 -31.86
CA TYR V 379 43.14 0.76 -32.87
C TYR V 379 42.57 0.33 -34.22
N LEU V 380 41.33 0.71 -34.50
CA LEU V 380 40.80 0.66 -35.85
C LEU V 380 41.14 1.93 -36.62
N ALA V 381 41.24 3.03 -35.89
CA ALA V 381 41.53 4.34 -36.48
C ALA V 381 42.89 4.37 -37.15
N THR V 382 43.92 3.86 -36.47
CA THR V 382 45.25 3.86 -37.08
C THR V 382 45.44 2.70 -38.05
N ASP V 383 44.64 1.65 -37.94
CA ASP V 383 44.78 0.53 -38.86
C ASP V 383 44.13 0.92 -40.18
N TYR V 384 44.90 1.63 -41.01
CA TYR V 384 44.38 2.16 -42.27
C TYR V 384 44.12 1.05 -43.28
N ALA V 385 44.65 -0.15 -43.05
CA ALA V 385 44.31 -1.30 -43.88
C ALA V 385 42.85 -1.67 -43.77
N THR V 386 42.27 -1.52 -42.59
CA THR V 386 40.88 -1.88 -42.36
C THR V 386 39.94 -0.68 -42.43
N SER V 387 40.34 0.46 -41.86
CA SER V 387 39.44 1.60 -41.77
C SER V 387 39.18 2.26 -43.13
N LEU V 388 39.95 1.89 -44.15
CA LEU V 388 39.53 2.22 -45.51
C LEU V 388 38.63 1.15 -46.09
N CYS V 389 38.84 -0.11 -45.72
CA CYS V 389 38.04 -1.18 -46.29
C CYS V 389 36.66 -1.26 -45.65
N LEU V 390 36.55 -0.87 -44.38
CA LEU V 390 35.26 -0.92 -43.70
C LEU V 390 34.32 0.15 -44.24
N PHE V 391 34.88 1.26 -44.72
CA PHE V 391 34.09 2.22 -45.47
C PHE V 391 33.59 1.60 -46.77
N THR V 392 34.52 1.16 -47.61
CA THR V 392 34.23 0.82 -49.00
C THR V 392 33.35 -0.40 -49.15
N HIS V 393 33.26 -1.24 -48.12
CA HIS V 393 32.37 -2.40 -48.21
C HIS V 393 30.92 -1.96 -48.10
N HIS V 394 30.59 -1.28 -47.00
CA HIS V 394 29.21 -0.89 -46.74
C HIS V 394 28.70 0.18 -47.70
N VAL V 395 29.60 0.96 -48.32
CA VAL V 395 29.17 1.85 -49.39
C VAL V 395 28.70 1.04 -50.59
N TRP V 396 29.39 -0.06 -50.88
CA TRP V 396 28.95 -0.93 -51.96
C TRP V 396 27.71 -1.70 -51.58
N ILE V 397 27.65 -2.18 -50.33
CA ILE V 397 26.44 -2.85 -49.86
C ILE V 397 25.29 -1.86 -49.79
N GLY V 398 25.59 -0.60 -49.47
CA GLY V 398 24.56 0.42 -49.47
C GLY V 398 24.01 0.70 -50.85
N GLY V 399 24.89 0.87 -51.83
CA GLY V 399 24.45 1.14 -53.18
C GLY V 399 23.79 -0.05 -53.84
N PHE V 400 24.07 -1.26 -53.35
CA PHE V 400 23.46 -2.43 -53.98
C PHE V 400 22.01 -2.60 -53.55
N LEU V 401 21.73 -2.40 -52.25
CA LEU V 401 20.36 -2.55 -51.78
C LEU V 401 19.46 -1.45 -52.29
N ILE V 402 20.03 -0.28 -52.60
CA ILE V 402 19.25 0.85 -53.08
C ILE V 402 18.74 0.60 -54.48
N VAL V 403 19.54 -0.01 -55.34
CA VAL V 403 19.03 -0.39 -56.65
C VAL V 403 18.04 -1.53 -56.53
N GLY V 404 18.18 -2.35 -55.48
CA GLY V 404 17.12 -3.27 -55.12
C GLY V 404 15.83 -2.58 -54.72
N ALA V 405 15.94 -1.40 -54.10
CA ALA V 405 14.75 -0.65 -53.74
C ALA V 405 14.08 -0.07 -54.98
N GLY V 406 14.86 0.33 -55.96
CA GLY V 406 14.28 0.70 -57.24
C GLY V 406 13.75 -0.49 -58.00
N ALA V 407 14.25 -1.69 -57.70
CA ALA V 407 13.77 -2.87 -58.39
C ALA V 407 12.39 -3.27 -57.89
N HIS V 408 12.27 -3.58 -56.61
CA HIS V 408 11.03 -4.11 -56.08
C HIS V 408 9.95 -3.06 -55.90
N ALA V 409 10.27 -1.79 -56.08
CA ALA V 409 9.22 -0.80 -56.24
C ALA V 409 8.50 -0.99 -57.56
N ALA V 410 9.25 -1.32 -58.60
CA ALA V 410 8.66 -1.53 -59.92
C ALA V 410 7.86 -2.82 -59.97
N ILE V 411 8.27 -3.82 -59.19
CA ILE V 411 7.55 -5.08 -59.16
C ILE V 411 6.20 -4.93 -58.47
N PHE V 412 6.13 -4.10 -57.43
CA PHE V 412 4.85 -3.76 -56.83
C PHE V 412 3.97 -3.02 -57.84
N MET V 413 4.58 -2.14 -58.63
CA MET V 413 3.84 -1.37 -59.60
C MET V 413 3.32 -2.23 -60.75
N VAL V 414 4.00 -3.34 -61.05
CA VAL V 414 3.61 -4.14 -62.20
C VAL V 414 2.31 -4.89 -61.93
N ARG V 415 2.22 -5.58 -60.79
CA ARG V 415 1.03 -6.37 -60.52
C ARG V 415 0.32 -6.02 -59.22
N ASP V 416 1.05 -5.79 -58.13
CA ASP V 416 0.41 -5.53 -56.85
C ASP V 416 -0.11 -4.11 -56.72
N TYR V 417 0.21 -3.24 -57.69
CA TYR V 417 -0.49 -1.97 -57.80
C TYR V 417 -1.95 -2.22 -58.10
N ASP V 418 -2.82 -1.52 -57.38
CA ASP V 418 -4.25 -1.61 -57.64
C ASP V 418 -4.77 -0.21 -57.90
N PRO V 419 -5.42 0.05 -59.04
CA PRO V 419 -6.05 1.36 -59.22
C PRO V 419 -7.38 1.47 -58.52
N ALA V 420 -7.97 0.34 -58.09
CA ALA V 420 -9.23 0.39 -57.35
C ALA V 420 -9.01 0.96 -55.96
N GLN V 421 -8.01 0.46 -55.23
CA GLN V 421 -7.64 1.04 -53.96
C GLN V 421 -7.01 2.43 -54.10
N ASN V 422 -6.43 2.74 -55.25
CA ASN V 422 -5.70 3.99 -55.43
C ASN V 422 -6.44 4.86 -56.44
N TYR V 423 -7.41 5.63 -55.96
CA TYR V 423 -8.05 6.66 -56.75
C TYR V 423 -7.84 7.99 -56.04
N ASN V 424 -7.04 8.86 -56.66
CA ASN V 424 -6.73 10.22 -56.21
C ASN V 424 -6.06 10.26 -54.84
N ASN V 425 -5.40 9.18 -54.44
CA ASN V 425 -4.54 9.21 -53.28
C ASN V 425 -3.12 9.53 -53.72
N LEU V 426 -2.16 9.32 -52.85
CA LEU V 426 -0.79 9.74 -53.11
C LEU V 426 -0.05 8.84 -54.09
N VAL V 427 -0.42 7.58 -54.22
CA VAL V 427 0.22 6.74 -55.23
C VAL V 427 -0.28 7.12 -56.62
N ASP V 428 -1.56 7.49 -56.74
CA ASP V 428 -2.14 7.74 -58.05
C ASP V 428 -1.67 9.06 -58.63
N ARG V 429 -1.66 10.12 -57.82
CA ARG V 429 -1.30 11.44 -58.31
C ARG V 429 0.16 11.57 -58.68
N VAL V 430 1.05 10.78 -58.08
CA VAL V 430 2.44 10.76 -58.50
C VAL V 430 2.55 10.17 -59.90
N LEU V 431 1.78 9.13 -60.21
CA LEU V 431 1.65 8.64 -61.57
C LEU V 431 0.85 9.56 -62.47
N ARG V 432 0.15 10.54 -61.92
CA ARG V 432 -0.60 11.48 -62.74
C ARG V 432 0.14 12.77 -63.02
N HIS V 433 1.34 12.96 -62.47
CA HIS V 433 2.22 14.04 -62.91
C HIS V 433 3.64 13.51 -63.12
N ARG V 434 3.72 12.23 -63.50
CA ARG V 434 5.00 11.52 -63.59
C ARG V 434 5.92 12.06 -64.68
N ASP V 435 5.38 12.76 -65.68
CA ASP V 435 6.27 13.43 -66.61
C ASP V 435 6.92 14.65 -65.98
N ALA V 436 6.15 15.43 -65.22
CA ALA V 436 6.70 16.59 -64.54
C ALA V 436 7.69 16.21 -63.47
N ILE V 437 7.54 15.03 -62.87
CA ILE V 437 8.55 14.53 -61.96
C ILE V 437 9.83 14.18 -62.71
N ILE V 438 9.68 13.46 -63.83
CA ILE V 438 10.83 12.95 -64.56
C ILE V 438 11.55 14.06 -65.31
N SER V 439 10.80 14.88 -66.05
CA SER V 439 11.40 15.89 -66.92
C SER V 439 12.05 17.01 -66.12
N HIS V 440 11.59 17.23 -64.88
CA HIS V 440 12.31 18.13 -64.02
C HIS V 440 13.54 17.46 -63.43
N LEU V 441 13.43 16.17 -63.10
CA LEU V 441 14.61 15.42 -62.68
C LEU V 441 15.55 15.17 -63.85
N ASN V 442 15.01 15.16 -65.08
CA ASN V 442 15.83 15.06 -66.27
C ASN V 442 16.72 16.29 -66.43
N TRP V 443 16.16 17.47 -66.18
CA TRP V 443 16.90 18.71 -66.38
C TRP V 443 18.03 18.83 -65.37
N VAL V 444 17.78 18.46 -64.12
CA VAL V 444 18.78 18.64 -63.08
C VAL V 444 19.97 17.70 -63.26
N CYS V 445 19.80 16.61 -64.01
CA CYS V 445 20.94 15.78 -64.35
C CYS V 445 21.81 16.48 -65.39
N ILE V 446 21.18 17.13 -66.37
CA ILE V 446 21.92 17.83 -67.41
C ILE V 446 22.44 19.15 -66.89
N PHE V 447 21.77 19.72 -65.88
CA PHE V 447 22.36 20.84 -65.17
C PHE V 447 23.60 20.40 -64.41
N LEU V 448 23.50 19.31 -63.66
CA LEU V 448 24.61 18.90 -62.82
C LEU V 448 25.65 18.12 -63.59
N GLY V 449 25.42 17.83 -64.87
CA GLY V 449 26.49 17.26 -65.65
C GLY V 449 27.42 18.32 -66.19
N PHE V 450 26.85 19.39 -66.72
CA PHE V 450 27.68 20.51 -67.16
C PHE V 450 28.30 21.21 -65.97
N HIS V 451 27.50 21.64 -65.01
CA HIS V 451 28.02 22.45 -63.94
C HIS V 451 28.68 21.64 -62.83
N SER V 452 28.89 20.34 -62.99
CA SER V 452 29.83 19.65 -62.11
C SER V 452 30.93 18.93 -62.87
N PHE V 453 30.59 18.12 -63.87
CA PHE V 453 31.62 17.40 -64.60
C PHE V 453 32.32 18.30 -65.58
N GLY V 454 31.58 19.19 -66.24
CA GLY V 454 32.17 20.10 -67.21
C GLY V 454 33.12 21.10 -66.61
N LEU V 455 33.00 21.36 -65.30
CA LEU V 455 34.01 22.12 -64.59
C LEU V 455 35.34 21.41 -64.55
N TYR V 456 35.35 20.08 -64.50
CA TYR V 456 36.60 19.34 -64.62
C TYR V 456 37.18 19.47 -66.02
N ILE V 457 36.30 19.58 -67.02
CA ILE V 457 36.74 19.73 -68.40
C ILE V 457 37.30 21.13 -68.63
N HIS V 458 36.67 22.13 -68.02
CA HIS V 458 37.24 23.47 -67.97
C HIS V 458 38.54 23.47 -67.19
N ASN V 459 38.68 22.57 -66.21
CA ASN V 459 39.93 22.51 -65.48
C ASN V 459 41.01 21.80 -66.28
N ASP V 460 40.63 21.04 -67.31
CA ASP V 460 41.64 20.46 -68.18
C ASP V 460 42.04 21.43 -69.28
N THR V 461 41.05 22.06 -69.91
CA THR V 461 41.35 22.95 -71.03
C THR V 461 41.85 24.32 -70.56
N MET V 462 41.88 24.57 -69.25
CA MET V 462 42.61 25.74 -68.79
C MET V 462 44.00 25.35 -68.32
N ARG V 463 44.15 24.14 -67.76
CA ARG V 463 45.47 23.73 -67.29
C ARG V 463 46.38 23.26 -68.41
N ALA V 464 45.86 22.50 -69.36
CA ALA V 464 46.69 22.03 -70.47
C ALA V 464 47.08 23.18 -71.40
N LEU V 465 46.27 24.23 -71.44
CA LEU V 465 46.61 25.40 -72.23
C LEU V 465 47.53 26.37 -71.50
N GLY V 466 48.06 25.97 -70.34
CA GLY V 466 49.01 26.79 -69.63
C GLY V 466 48.41 28.02 -68.99
N ARG V 467 47.18 27.93 -68.53
CA ARG V 467 46.51 29.02 -67.82
C ARG V 467 45.95 28.50 -66.51
N PRO V 468 46.80 28.24 -65.51
CA PRO V 468 46.28 27.78 -64.21
C PRO V 468 45.72 28.89 -63.34
N GLN V 469 45.57 30.10 -63.86
CA GLN V 469 44.84 31.16 -63.19
C GLN V 469 43.39 31.25 -63.65
N ASP V 470 43.02 30.50 -64.67
CA ASP V 470 41.73 30.64 -65.31
C ASP V 470 40.85 29.40 -65.12
N MET V 471 41.28 28.45 -64.32
CA MET V 471 40.47 27.29 -63.99
C MET V 471 39.69 27.55 -62.71
N PHE V 472 39.12 26.50 -62.15
CA PHE V 472 38.46 26.56 -60.85
C PHE V 472 39.34 25.83 -59.84
N SER V 473 40.05 26.59 -59.02
CA SER V 473 40.89 26.00 -57.99
C SER V 473 40.97 26.99 -56.83
N ASP V 474 41.94 26.77 -55.95
CA ASP V 474 42.25 27.74 -54.91
C ASP V 474 42.95 28.98 -55.45
N ALA V 475 43.97 28.80 -56.28
CA ALA V 475 44.79 29.90 -56.78
C ALA V 475 44.23 30.48 -58.08
N ALA V 476 42.92 30.37 -58.25
CA ALA V 476 42.22 30.75 -59.47
C ALA V 476 40.84 31.20 -59.04
N ILE V 477 39.86 31.16 -59.97
CA ILE V 477 38.45 31.31 -59.63
C ILE V 477 38.10 30.29 -58.55
N GLN V 478 37.65 30.76 -57.40
CA GLN V 478 37.45 29.88 -56.26
C GLN V 478 36.01 29.45 -56.16
N LEU V 479 35.80 28.15 -56.13
CA LEU V 479 34.48 27.58 -55.92
C LEU V 479 34.46 27.09 -54.48
N GLN V 480 34.18 27.99 -53.58
CA GLN V 480 34.29 27.67 -52.17
C GLN V 480 32.98 27.07 -51.69
N PRO V 481 33.04 26.00 -50.89
CA PRO V 481 31.83 25.45 -50.30
C PRO V 481 31.45 26.21 -49.04
N VAL V 482 30.78 27.34 -49.22
CA VAL V 482 30.55 28.26 -48.11
C VAL V 482 29.51 27.70 -47.14
N PHE V 483 28.68 26.76 -47.58
CA PHE V 483 27.71 26.17 -46.67
C PHE V 483 28.33 25.11 -45.79
N ALA V 484 29.02 24.14 -46.38
CA ALA V 484 29.63 23.06 -45.61
C ALA V 484 30.79 23.51 -44.75
N GLN V 485 31.43 24.63 -45.09
CA GLN V 485 32.40 25.21 -44.17
C GLN V 485 31.70 25.87 -42.98
N TRP V 486 30.45 26.27 -43.15
CA TRP V 486 29.70 26.84 -42.04
C TRP V 486 29.09 25.75 -41.18
N VAL V 487 28.75 24.60 -41.78
CA VAL V 487 28.19 23.48 -41.02
C VAL V 487 29.25 22.88 -40.11
N GLN V 488 30.50 22.87 -40.55
CA GLN V 488 31.60 22.61 -39.62
C GLN V 488 31.71 23.68 -38.56
N GLY V 489 31.35 24.93 -38.88
CA GLY V 489 31.44 26.01 -37.93
C GLY V 489 30.40 25.94 -36.83
N VAL V 490 29.33 25.17 -37.06
CA VAL V 490 28.33 25.02 -36.00
C VAL V 490 28.37 23.64 -35.37
N ASN V 491 28.92 22.64 -36.06
CA ASN V 491 29.10 21.33 -35.43
C ASN V 491 30.39 21.22 -34.64
N SER V 492 31.24 22.25 -34.67
CA SER V 492 32.45 22.25 -33.86
C SER V 492 32.41 23.27 -32.75
N ALA V 493 31.57 24.29 -32.89
CA ALA V 493 31.36 25.24 -31.81
C ALA V 493 30.19 24.78 -30.96
N ALA V 494 29.54 23.70 -31.39
CA ALA V 494 28.36 23.20 -30.71
C ALA V 494 28.66 22.73 -29.29
N ALA V 495 29.80 22.07 -29.10
CA ALA V 495 30.08 21.48 -27.79
C ALA V 495 30.50 22.55 -26.80
N GLY V 496 29.77 22.61 -25.70
CA GLY V 496 30.02 23.54 -24.61
C GLY V 496 29.40 24.89 -24.86
N ASN V 497 28.89 25.10 -26.08
CA ASN V 497 28.23 26.35 -26.43
C ASN V 497 26.75 26.12 -26.67
N THR V 498 26.41 24.87 -26.96
CA THR V 498 25.04 24.48 -27.18
C THR V 498 24.91 23.12 -26.55
N ALA V 499 25.90 22.28 -26.78
CA ALA V 499 25.93 20.96 -26.14
C ALA V 499 26.89 21.04 -24.97
N PRO V 500 26.47 21.65 -23.85
CA PRO V 500 27.43 22.03 -22.82
C PRO V 500 27.95 20.89 -21.96
N ASN V 501 27.30 19.72 -21.96
CA ASN V 501 27.78 18.65 -21.10
C ASN V 501 28.82 17.77 -21.77
N ALA V 502 29.04 17.94 -23.07
CA ALA V 502 30.07 17.16 -23.74
C ALA V 502 31.45 17.66 -23.36
N LEU V 503 32.45 16.78 -23.52
CA LEU V 503 33.83 17.24 -23.43
C LEU V 503 34.27 17.85 -24.75
N ALA V 504 34.25 17.07 -25.83
CA ALA V 504 34.60 17.56 -27.16
C ALA V 504 33.39 17.40 -28.07
N ASN V 505 33.60 17.69 -29.35
CA ASN V 505 32.55 17.59 -30.35
C ASN V 505 32.22 16.13 -30.63
N ALA V 506 31.22 15.93 -31.51
CA ALA V 506 30.85 14.58 -31.90
C ALA V 506 31.98 13.87 -32.64
N SER V 507 32.79 14.62 -33.38
CA SER V 507 33.98 14.07 -33.99
C SER V 507 35.02 15.16 -34.10
N TYR V 508 36.24 14.76 -34.43
CA TYR V 508 37.34 15.68 -34.62
C TYR V 508 37.41 16.21 -36.04
N ALA V 509 36.58 15.71 -36.94
CA ALA V 509 36.65 16.10 -38.34
C ALA V 509 36.22 17.55 -38.55
N PHE V 510 35.34 18.06 -37.70
CA PHE V 510 34.92 19.45 -37.82
C PHE V 510 35.98 20.39 -37.31
N GLY V 511 36.86 19.91 -36.43
CA GLY V 511 37.90 20.75 -35.87
C GLY V 511 38.37 20.26 -34.52
N GLY V 512 39.59 20.61 -34.16
CA GLY V 512 40.14 20.20 -32.89
C GLY V 512 41.59 19.77 -33.08
N ASP V 513 42.11 19.12 -32.05
CA ASP V 513 43.48 18.64 -32.13
C ASP V 513 43.56 17.33 -32.90
N ILE V 514 44.68 17.14 -33.58
CA ILE V 514 45.02 15.87 -34.20
C ILE V 514 45.23 14.83 -33.11
N VAL V 515 44.43 13.78 -33.13
CA VAL V 515 44.60 12.68 -32.20
C VAL V 515 45.36 11.56 -32.90
N SER V 516 46.38 11.03 -32.23
CA SER V 516 47.26 10.03 -32.80
C SER V 516 47.51 8.92 -31.79
N VAL V 517 47.65 7.70 -32.28
CA VAL V 517 48.11 6.57 -31.48
C VAL V 517 49.48 6.19 -32.02
N GLY V 518 50.52 6.50 -31.26
CA GLY V 518 51.84 6.38 -31.81
C GLY V 518 52.07 7.45 -32.86
N GLY V 519 52.60 7.03 -34.00
CA GLY V 519 52.84 7.95 -35.09
C GLY V 519 51.79 7.96 -36.16
N LYS V 520 50.73 7.17 -36.02
CA LYS V 520 49.67 7.13 -37.02
C LYS V 520 48.48 7.95 -36.53
N VAL V 521 47.91 8.72 -37.45
CA VAL V 521 46.80 9.61 -37.09
C VAL V 521 45.55 8.76 -36.88
N ALA V 522 44.91 8.95 -35.74
CA ALA V 522 43.57 8.41 -35.56
C ALA V 522 42.57 9.18 -36.42
N MET V 523 42.53 10.50 -36.25
CA MET V 523 41.57 11.35 -36.94
C MET V 523 42.09 12.78 -36.88
N MET V 524 41.82 13.54 -37.93
CA MET V 524 42.26 14.91 -38.01
C MET V 524 41.18 15.71 -38.74
N PRO V 525 41.10 17.03 -38.51
CA PRO V 525 40.00 17.82 -39.11
C PRO V 525 40.07 17.90 -40.63
N ILE V 526 39.12 17.24 -41.30
CA ILE V 526 39.09 17.19 -42.75
C ILE V 526 38.64 18.53 -43.29
N SER V 527 39.56 19.24 -43.94
CA SER V 527 39.21 20.51 -44.54
C SER V 527 38.36 20.30 -45.77
N LEU V 528 37.59 21.32 -46.12
CA LEU V 528 36.90 21.36 -47.40
C LEU V 528 37.38 22.59 -48.15
N GLY V 529 37.83 22.38 -49.37
CA GLY V 529 38.34 23.46 -50.19
C GLY V 529 37.59 23.60 -51.49
N THR V 530 38.26 24.13 -52.51
CA THR V 530 37.60 24.38 -53.78
C THR V 530 37.38 23.10 -54.55
N ALA V 531 38.24 22.10 -54.33
CA ALA V 531 38.06 20.82 -55.02
C ALA V 531 36.93 20.02 -54.41
N ASP V 532 36.65 20.23 -53.13
CA ASP V 532 35.60 19.49 -52.47
C ASP V 532 34.21 19.96 -52.89
N PHE V 533 34.09 21.20 -53.35
CA PHE V 533 32.83 21.65 -53.94
C PHE V 533 32.55 20.89 -55.23
N LEU V 534 33.60 20.62 -56.01
CA LEU V 534 33.41 19.96 -57.30
C LEU V 534 32.98 18.52 -57.12
N VAL V 535 33.73 17.76 -56.32
CA VAL V 535 33.54 16.32 -56.24
C VAL V 535 32.24 15.99 -55.50
N HIS V 536 31.83 16.85 -54.56
CA HIS V 536 30.52 16.68 -53.95
C HIS V 536 29.40 16.94 -54.94
N HIS V 537 29.60 17.88 -55.86
CA HIS V 537 28.61 18.11 -56.91
C HIS V 537 28.67 17.08 -58.01
N ILE V 538 29.77 16.35 -58.12
CA ILE V 538 29.76 15.14 -58.94
C ILE V 538 28.83 14.11 -58.31
N HIS V 539 28.92 13.94 -56.99
CA HIS V 539 28.08 12.99 -56.28
C HIS V 539 26.62 13.40 -56.35
N ALA V 540 26.35 14.70 -56.25
CA ALA V 540 25.00 15.18 -56.46
C ALA V 540 24.53 14.92 -57.88
N PHE V 541 25.46 14.89 -58.83
CA PHE V 541 25.09 14.64 -60.22
C PHE V 541 24.77 13.17 -60.44
N THR V 542 25.68 12.27 -60.01
CA THR V 542 25.53 10.88 -60.39
C THR V 542 24.47 10.17 -59.54
N ILE V 543 24.18 10.66 -58.34
CA ILE V 543 23.06 10.11 -57.57
C ILE V 543 21.76 10.52 -58.21
N HIS V 544 21.68 11.75 -58.71
CA HIS V 544 20.48 12.24 -59.35
C HIS V 544 20.22 11.56 -60.68
N VAL V 545 21.25 11.01 -61.33
CA VAL V 545 21.00 10.16 -62.49
C VAL V 545 20.54 8.78 -62.06
N THR V 546 21.19 8.23 -61.02
CA THR V 546 20.84 6.90 -60.51
C THR V 546 19.41 6.88 -59.97
N VAL V 547 18.96 7.98 -59.40
CA VAL V 547 17.56 8.15 -59.05
C VAL V 547 16.70 8.17 -60.31
N LEU V 548 17.18 8.87 -61.35
CA LEU V 548 16.36 9.14 -62.53
C LEU V 548 16.04 7.87 -63.31
N ILE V 549 17.01 6.99 -63.47
CA ILE V 549 16.78 5.76 -64.22
C ILE V 549 15.87 4.83 -63.44
N LEU V 550 16.02 4.81 -62.11
CA LEU V 550 15.17 3.95 -61.30
C LEU V 550 13.77 4.55 -61.14
N LEU V 551 13.66 5.87 -61.06
CA LEU V 551 12.35 6.47 -60.96
C LEU V 551 11.61 6.44 -62.29
N LYS V 552 12.32 6.53 -63.40
CA LYS V 552 11.67 6.35 -64.70
C LYS V 552 11.19 4.92 -64.88
N GLY V 553 11.88 3.96 -64.26
CA GLY V 553 11.44 2.58 -64.34
C GLY V 553 10.20 2.33 -63.52
N VAL V 554 10.02 3.07 -62.44
CA VAL V 554 8.90 2.82 -61.55
C VAL V 554 7.69 3.62 -62.00
N LEU V 555 7.89 4.88 -62.38
CA LEU V 555 6.76 5.72 -62.76
C LEU V 555 6.17 5.30 -64.10
N PHE V 556 6.98 4.78 -65.01
CA PHE V 556 6.50 4.24 -66.27
C PHE V 556 6.45 2.72 -66.27
N ALA V 557 6.27 2.10 -65.11
CA ALA V 557 6.29 0.64 -65.03
C ALA V 557 5.09 0.02 -65.71
N ARG V 558 3.96 0.71 -65.70
CA ARG V 558 2.75 0.14 -66.25
C ARG V 558 2.47 0.60 -67.67
N ASN V 559 2.65 1.89 -67.92
CA ASN V 559 2.21 2.45 -69.18
C ASN V 559 3.01 3.73 -69.45
N SER V 560 2.97 4.16 -70.70
CA SER V 560 3.57 5.43 -71.12
C SER V 560 2.89 5.86 -72.42
N ARG V 561 3.44 6.89 -73.05
CA ARG V 561 2.97 7.23 -74.39
C ARG V 561 3.44 6.20 -75.41
N LEU V 562 4.48 5.45 -75.08
CA LEU V 562 4.98 4.43 -76.00
C LEU V 562 4.18 3.14 -75.87
N ILE V 563 4.23 2.52 -74.71
CA ILE V 563 3.59 1.22 -74.50
C ILE V 563 2.58 1.36 -73.37
N PRO V 564 1.28 1.22 -73.63
CA PRO V 564 0.29 1.24 -72.55
C PRO V 564 0.12 -0.09 -71.84
N ASP V 565 0.77 -1.15 -72.29
CA ASP V 565 0.61 -2.43 -71.62
C ASP V 565 1.94 -3.03 -71.19
N LYS V 566 2.81 -2.19 -70.63
CA LYS V 566 4.11 -2.64 -70.15
C LYS V 566 4.00 -3.60 -68.98
N ALA V 567 3.11 -3.32 -68.03
CA ALA V 567 2.91 -4.25 -66.92
C ALA V 567 1.99 -5.39 -67.28
N ASN V 568 1.26 -5.29 -68.40
CA ASN V 568 0.63 -6.47 -68.96
C ASN V 568 1.67 -7.44 -69.51
N LEU V 569 2.80 -6.93 -69.99
CA LEU V 569 3.92 -7.74 -70.42
C LEU V 569 4.83 -8.12 -69.26
N GLY V 570 4.50 -7.68 -68.05
CA GLY V 570 5.14 -8.17 -66.85
C GLY V 570 6.20 -7.21 -66.34
N PHE V 571 6.93 -7.70 -65.33
CA PHE V 571 8.04 -6.92 -64.79
C PHE V 571 9.29 -7.11 -65.62
N ARG V 572 9.55 -8.32 -66.10
CA ARG V 572 10.81 -8.68 -66.72
C ARG V 572 10.51 -9.29 -68.08
N PHE V 573 10.34 -8.43 -69.08
CA PHE V 573 10.21 -8.85 -70.46
C PHE V 573 11.22 -8.07 -71.27
N PRO V 574 11.84 -8.68 -72.28
CA PRO V 574 13.04 -8.06 -72.86
C PRO V 574 12.78 -6.79 -73.65
N CYS V 575 11.81 -6.79 -74.54
CA CYS V 575 11.58 -5.66 -75.41
C CYS V 575 10.18 -5.77 -75.97
N ASP V 576 9.76 -4.73 -76.67
CA ASP V 576 8.58 -4.80 -77.52
C ASP V 576 8.95 -4.82 -79.00
N GLY V 577 10.23 -5.07 -79.29
CA GLY V 577 10.67 -5.37 -80.63
C GLY V 577 11.12 -4.16 -81.43
N PRO V 578 11.14 -4.31 -82.75
CA PRO V 578 11.50 -3.18 -83.62
C PRO V 578 10.35 -2.24 -83.94
N GLY V 579 9.27 -2.29 -83.17
CA GLY V 579 8.13 -1.44 -83.42
C GLY V 579 8.18 -0.15 -82.67
N ARG V 580 7.26 0.75 -83.06
CA ARG V 580 7.19 2.13 -82.59
C ARG V 580 8.52 2.84 -82.79
N GLY V 581 9.16 2.57 -83.91
CA GLY V 581 10.50 3.01 -84.18
C GLY V 581 11.59 2.09 -83.67
N GLY V 582 11.24 1.06 -82.90
CA GLY V 582 12.23 0.26 -82.21
C GLY V 582 12.11 0.51 -80.72
N THR V 583 11.83 -0.54 -79.96
CA THR V 583 11.63 -0.44 -78.52
C THR V 583 12.39 -1.52 -77.78
N CYS V 584 13.64 -1.27 -77.42
CA CYS V 584 14.40 -2.22 -76.63
C CYS V 584 14.85 -1.59 -75.33
N GLN V 585 14.98 -2.43 -74.29
CA GLN V 585 15.20 -2.03 -72.90
C GLN V 585 14.12 -1.06 -72.42
N VAL V 586 12.87 -1.47 -72.55
CA VAL V 586 11.76 -0.61 -72.16
C VAL V 586 11.20 -1.02 -70.81
N SER V 587 11.48 -2.24 -70.37
CA SER V 587 10.81 -2.83 -69.22
C SER V 587 11.27 -2.20 -67.92
N ALA V 588 10.57 -2.56 -66.85
CA ALA V 588 10.97 -2.17 -65.52
C ALA V 588 12.22 -2.90 -65.07
N TRP V 589 12.52 -4.06 -65.67
CA TRP V 589 13.74 -4.77 -65.33
C TRP V 589 14.96 -4.09 -65.91
N ASP V 590 14.87 -3.64 -67.17
CA ASP V 590 16.02 -3.05 -67.84
C ASP V 590 16.44 -1.72 -67.23
N HIS V 591 15.50 -1.00 -66.62
CA HIS V 591 15.87 0.20 -65.87
C HIS V 591 16.71 -0.14 -64.65
N VAL V 592 16.44 -1.27 -64.01
CA VAL V 592 17.31 -1.73 -62.94
C VAL V 592 18.65 -2.17 -63.52
N PHE V 593 18.61 -2.82 -64.68
CA PHE V 593 19.82 -3.18 -65.40
C PHE V 593 20.63 -1.95 -65.80
N LEU V 594 19.95 -0.91 -66.26
CA LEU V 594 20.63 0.33 -66.56
C LEU V 594 21.14 1.01 -65.31
N GLY V 595 20.37 0.92 -64.22
CA GLY V 595 20.74 1.60 -62.99
C GLY V 595 21.80 0.89 -62.18
N LEU V 596 22.20 -0.32 -62.60
CA LEU V 596 23.27 -0.99 -61.89
C LEU V 596 24.63 -0.44 -62.27
N PHE V 597 24.81 -0.11 -63.55
CA PHE V 597 26.08 0.49 -63.98
C PHE V 597 26.24 1.89 -63.45
N TRP V 598 25.14 2.66 -63.41
CA TRP V 598 25.23 4.02 -62.91
C TRP V 598 25.50 4.04 -61.42
N MET V 599 24.91 3.10 -60.69
CA MET V 599 25.28 2.88 -59.30
C MET V 599 26.75 2.48 -59.19
N TYR V 600 27.24 1.67 -60.12
CA TYR V 600 28.67 1.39 -60.16
C TYR V 600 29.46 2.66 -60.46
N ASN V 601 28.94 3.49 -61.38
CA ASN V 601 29.64 4.72 -61.71
C ASN V 601 29.49 5.74 -60.59
N SER V 602 28.41 5.66 -59.82
CA SER V 602 28.20 6.59 -58.72
C SER V 602 29.17 6.34 -57.59
N LEU V 603 29.15 5.13 -57.02
CA LEU V 603 29.88 4.87 -55.79
C LEU V 603 31.37 4.78 -56.02
N SER V 604 31.80 4.47 -57.25
CA SER V 604 33.21 4.44 -57.56
C SER V 604 33.86 5.80 -57.47
N VAL V 605 33.14 6.86 -57.81
CA VAL V 605 33.65 8.20 -57.54
C VAL V 605 33.62 8.48 -56.05
N VAL V 606 32.60 7.98 -55.34
CA VAL V 606 32.48 8.18 -53.90
C VAL V 606 33.59 7.45 -53.17
N LEU V 607 33.95 6.26 -53.64
CA LEU V 607 35.11 5.56 -53.09
C LEU V 607 36.42 6.24 -53.45
N PHE V 608 36.51 6.78 -54.67
CA PHE V 608 37.74 7.45 -55.09
C PHE V 608 37.94 8.75 -54.31
N HIS V 609 36.86 9.49 -54.09
CA HIS V 609 36.89 10.70 -53.28
C HIS V 609 37.29 10.38 -51.85
N PHE V 610 36.93 9.19 -51.37
CA PHE V 610 37.36 8.76 -50.05
C PHE V 610 38.85 8.41 -50.04
N SER V 611 39.25 7.43 -50.87
CA SER V 611 40.56 6.80 -50.75
C SER V 611 41.73 7.72 -51.08
N TRP V 612 41.47 8.85 -51.73
CA TRP V 612 42.49 9.86 -51.89
C TRP V 612 42.47 10.89 -50.77
N LYS V 613 41.30 11.45 -50.45
CA LYS V 613 41.22 12.47 -49.40
C LYS V 613 41.57 11.90 -48.04
N MET V 614 41.26 10.62 -47.81
CA MET V 614 41.71 9.98 -46.59
C MET V 614 43.21 9.75 -46.59
N GLN V 615 43.80 9.46 -47.75
CA GLN V 615 45.24 9.31 -47.83
C GLN V 615 45.93 10.66 -47.84
N SER V 616 45.46 11.59 -48.64
CA SER V 616 46.13 12.87 -48.81
C SER V 616 45.90 13.83 -47.67
N ASP V 617 44.67 13.93 -47.18
CA ASP V 617 44.33 15.01 -46.25
C ASP V 617 44.00 14.54 -44.84
N VAL V 618 44.01 13.23 -44.57
CA VAL V 618 43.68 12.70 -43.25
C VAL V 618 44.84 11.92 -42.64
N TRP V 619 45.26 10.85 -43.30
CA TRP V 619 46.14 9.87 -42.67
C TRP V 619 47.60 10.20 -42.94
N GLY V 620 48.46 9.76 -42.03
CA GLY V 620 49.89 9.92 -42.26
C GLY V 620 50.69 9.66 -41.01
N ASN V 621 51.98 9.99 -41.09
CA ASN V 621 52.95 9.72 -40.04
C ASN V 621 53.20 10.97 -39.21
N VAL V 622 53.16 10.79 -37.89
CA VAL V 622 53.29 11.87 -36.93
C VAL V 622 54.65 11.77 -36.26
N THR V 623 55.41 12.86 -36.31
CA THR V 623 56.65 12.96 -35.55
C THR V 623 56.37 13.28 -34.10
N ALA V 624 57.44 13.32 -33.29
CA ALA V 624 57.33 13.43 -31.84
C ALA V 624 56.70 14.75 -31.36
N ASP V 625 56.98 15.86 -32.03
CA ASP V 625 56.35 17.11 -31.62
C ASP V 625 54.89 17.18 -32.06
N GLY V 626 54.53 16.42 -33.10
CA GLY V 626 53.15 16.36 -33.52
C GLY V 626 52.93 16.90 -34.91
N ALA V 627 54.01 17.30 -35.58
CA ALA V 627 53.92 17.79 -36.94
C ALA V 627 53.58 16.65 -37.90
N VAL V 628 52.35 16.66 -38.39
CA VAL V 628 51.84 15.58 -39.22
C VAL V 628 52.44 15.71 -40.62
N SER V 629 52.75 14.56 -41.21
CA SER V 629 53.09 14.44 -42.61
C SER V 629 52.17 13.36 -43.18
N HIS V 630 51.44 13.69 -44.24
CA HIS V 630 50.44 12.77 -44.74
C HIS V 630 51.08 11.72 -45.64
N ILE V 631 50.23 10.86 -46.19
CA ILE V 631 50.72 9.72 -46.96
C ILE V 631 51.18 10.16 -48.35
N THR V 632 50.26 10.68 -49.15
CA THR V 632 50.67 11.32 -50.39
C THR V 632 51.07 12.77 -50.18
N GLY V 633 50.80 13.32 -49.00
CA GLY V 633 51.30 14.64 -48.65
C GLY V 633 50.54 15.79 -49.27
N ASN V 634 49.22 15.82 -49.12
CA ASN V 634 48.35 16.94 -49.49
C ASN V 634 48.44 17.28 -50.98
N ASN V 635 47.99 16.35 -51.82
CA ASN V 635 47.93 16.59 -53.26
C ASN V 635 46.52 16.43 -53.82
N PHE V 636 45.51 16.36 -52.96
CA PHE V 636 44.12 16.41 -53.42
C PHE V 636 43.70 17.83 -53.79
N ALA V 637 44.35 18.84 -53.22
CA ALA V 637 43.83 20.19 -53.27
C ALA V 637 44.03 20.81 -54.65
N GLN V 638 44.93 20.24 -55.46
CA GLN V 638 45.13 20.71 -56.82
C GLN V 638 45.19 19.59 -57.85
N GLY V 639 45.40 18.35 -57.41
CA GLY V 639 45.37 17.25 -58.34
C GLY V 639 43.94 16.89 -58.69
N ALA V 640 43.09 16.84 -57.68
CA ALA V 640 41.74 16.31 -57.85
C ALA V 640 40.79 17.27 -58.52
N ILE V 641 41.22 18.44 -58.98
CA ILE V 641 40.31 19.32 -59.70
C ILE V 641 40.25 18.99 -61.20
N THR V 642 41.15 18.15 -61.69
CA THR V 642 41.24 17.83 -63.10
C THR V 642 40.98 16.35 -63.33
N ILE V 643 40.68 16.02 -64.59
CA ILE V 643 40.58 14.61 -64.95
C ILE V 643 41.96 13.98 -64.98
N ASN V 644 42.96 14.73 -65.44
CA ASN V 644 44.32 14.22 -65.51
C ASN V 644 44.89 13.94 -64.13
N GLY V 645 44.64 14.85 -63.18
CA GLY V 645 45.12 14.63 -61.83
C GLY V 645 44.40 13.49 -61.13
N TRP V 646 43.18 13.19 -61.56
CA TRP V 646 42.53 11.97 -61.10
C TRP V 646 43.17 10.74 -61.70
N LEU V 647 43.86 10.89 -62.84
CA LEU V 647 44.52 9.77 -63.48
C LEU V 647 46.00 9.72 -63.12
N ARG V 648 46.67 10.87 -63.17
CA ARG V 648 48.10 10.93 -62.91
C ARG V 648 48.41 10.80 -61.42
N ASP V 649 47.92 11.73 -60.62
CA ASP V 649 48.30 11.84 -59.22
C ASP V 649 47.65 10.79 -58.34
N PHE V 650 46.54 10.20 -58.81
CA PHE V 650 45.79 9.24 -58.02
C PHE V 650 45.84 7.84 -58.64
N LEU V 651 45.45 7.69 -59.90
CA LEU V 651 45.28 6.35 -60.43
C LEU V 651 46.60 5.77 -60.93
N TRP V 652 47.47 6.59 -61.50
CA TRP V 652 48.77 6.08 -61.89
C TRP V 652 49.67 5.88 -60.69
N ALA V 653 49.61 6.80 -59.73
CA ALA V 653 50.46 6.73 -58.54
C ALA V 653 50.13 5.54 -57.65
N GLN V 654 48.85 5.20 -57.50
CA GLN V 654 48.44 4.19 -56.53
C GLN V 654 48.23 2.82 -57.13
N ALA V 655 48.24 2.68 -58.45
CA ALA V 655 48.20 1.36 -59.06
C ALA V 655 49.55 0.67 -59.03
N SER V 656 50.60 1.36 -58.58
CA SER V 656 51.94 0.80 -58.48
C SER V 656 52.04 -0.35 -57.49
N GLN V 657 51.37 -0.23 -56.34
CA GLN V 657 51.46 -1.18 -55.24
C GLN V 657 50.94 -2.56 -55.57
N VAL V 658 50.16 -2.70 -56.65
CA VAL V 658 49.54 -3.96 -56.99
C VAL V 658 50.17 -4.59 -58.23
N ILE V 659 51.04 -3.88 -58.93
CA ILE V 659 51.74 -4.44 -60.08
C ILE V 659 53.22 -4.68 -59.79
N GLN V 660 53.74 -4.21 -58.67
CA GLN V 660 55.05 -4.60 -58.17
C GLN V 660 54.93 -5.57 -57.00
N SER V 661 53.97 -6.49 -57.06
CA SER V 661 53.64 -7.35 -55.93
C SER V 661 53.72 -8.83 -56.25
N TYR V 662 54.25 -9.21 -57.40
CA TYR V 662 54.39 -10.63 -57.69
C TYR V 662 55.61 -11.18 -56.96
N GLY V 663 55.43 -12.32 -56.31
CA GLY V 663 56.44 -12.83 -55.41
C GLY V 663 56.35 -12.29 -54.01
N SER V 664 55.20 -11.73 -53.63
CA SER V 664 54.99 -11.16 -52.31
C SER V 664 53.91 -11.97 -51.58
N ALA V 665 53.70 -11.61 -50.32
CA ALA V 665 52.52 -12.07 -49.60
C ALA V 665 51.25 -11.32 -50.02
N LEU V 666 51.43 -10.19 -50.71
CA LEU V 666 50.35 -9.37 -51.22
C LEU V 666 50.03 -9.70 -52.67
N SER V 667 50.22 -10.95 -53.09
CA SER V 667 50.36 -11.22 -54.51
C SER V 667 49.04 -11.61 -55.16
N ALA V 668 48.14 -12.24 -54.40
CA ALA V 668 46.81 -12.50 -54.95
C ALA V 668 46.01 -11.23 -55.17
N TYR V 669 46.34 -10.17 -54.42
CA TYR V 669 45.89 -8.82 -54.74
C TYR V 669 46.32 -8.43 -56.15
N GLY V 670 47.57 -8.70 -56.50
CA GLY V 670 48.01 -8.48 -57.87
C GLY V 670 47.31 -9.37 -58.87
N LEU V 671 46.87 -10.55 -58.43
CA LEU V 671 46.14 -11.46 -59.30
C LEU V 671 44.69 -11.03 -59.49
N MET V 672 44.02 -10.64 -58.40
CA MET V 672 42.63 -10.20 -58.50
C MET V 672 42.51 -8.86 -59.22
N PHE V 673 43.51 -7.99 -59.08
CA PHE V 673 43.59 -6.78 -59.90
C PHE V 673 43.68 -7.13 -61.38
N LEU V 674 44.44 -8.17 -61.68
CA LEU V 674 44.51 -8.65 -63.05
C LEU V 674 43.26 -9.45 -63.41
N GLY V 675 42.81 -10.32 -62.50
CA GLY V 675 41.70 -11.21 -62.79
C GLY V 675 40.37 -10.52 -62.95
N ALA V 676 40.20 -9.36 -62.32
CA ALA V 676 38.93 -8.64 -62.46
C ALA V 676 38.92 -7.68 -63.63
N HIS V 677 40.10 -7.24 -64.10
CA HIS V 677 40.17 -6.56 -65.40
C HIS V 677 39.72 -7.48 -66.53
N PHE V 678 39.90 -8.79 -66.34
CA PHE V 678 39.47 -9.78 -67.33
C PHE V 678 37.95 -9.85 -67.43
N ILE V 679 37.28 -10.15 -66.31
CA ILE V 679 35.87 -10.48 -66.32
C ILE V 679 35.01 -9.27 -66.65
N TRP V 680 35.51 -8.08 -66.36
CA TRP V 680 34.87 -6.84 -66.80
C TRP V 680 34.76 -6.77 -68.31
N ALA V 681 35.87 -7.04 -69.01
CA ALA V 681 35.84 -7.07 -70.46
C ALA V 681 35.05 -8.27 -70.97
N PHE V 682 34.97 -9.31 -70.16
CA PHE V 682 34.22 -10.51 -70.54
C PHE V 682 32.72 -10.25 -70.53
N SER V 683 32.28 -9.21 -69.81
CA SER V 683 30.89 -8.77 -69.87
C SER V 683 30.52 -8.24 -71.23
N LEU V 684 31.45 -7.54 -71.88
CA LEU V 684 31.14 -6.79 -73.08
C LEU V 684 30.83 -7.71 -74.25
N MET V 685 31.26 -8.97 -74.17
CA MET V 685 30.83 -10.00 -75.09
C MET V 685 29.33 -10.24 -75.01
N PHE V 686 28.75 -10.05 -73.82
CA PHE V 686 27.32 -10.23 -73.61
C PHE V 686 26.56 -8.92 -73.73
N LEU V 687 27.13 -7.84 -73.20
CA LEU V 687 26.49 -6.54 -73.17
C LEU V 687 26.36 -5.91 -74.55
N PHE V 688 27.46 -5.82 -75.29
CA PHE V 688 27.42 -5.11 -76.57
C PHE V 688 26.76 -5.95 -77.65
N SER V 689 26.55 -7.23 -77.40
CA SER V 689 26.05 -8.16 -78.39
C SER V 689 24.59 -8.48 -78.13
N GLY V 690 24.05 -9.40 -78.94
CA GLY V 690 22.66 -9.81 -78.82
C GLY V 690 22.53 -11.32 -78.90
N ARG V 691 21.28 -11.77 -78.91
CA ARG V 691 21.00 -13.20 -78.88
C ARG V 691 21.14 -13.81 -80.26
N GLY V 692 20.36 -13.33 -81.23
CA GLY V 692 20.13 -13.96 -82.52
C GLY V 692 21.35 -14.19 -83.37
N TYR V 693 22.47 -13.56 -83.05
CA TYR V 693 23.75 -14.03 -83.58
C TYR V 693 24.07 -15.42 -83.06
N TRP V 694 23.95 -15.61 -81.74
CA TRP V 694 24.51 -16.79 -81.11
C TRP V 694 23.63 -18.03 -81.29
N GLN V 695 22.31 -17.85 -81.21
CA GLN V 695 21.41 -18.97 -81.43
C GLN V 695 21.44 -19.43 -82.88
N GLU V 696 21.82 -18.53 -83.79
CA GLU V 696 22.21 -18.89 -85.14
C GLU V 696 23.56 -19.58 -85.20
N LEU V 697 24.46 -19.27 -84.27
CA LEU V 697 25.79 -19.86 -84.30
C LEU V 697 25.78 -21.28 -83.74
N ILE V 698 24.81 -21.59 -82.88
CA ILE V 698 24.74 -22.94 -82.31
C ILE V 698 24.24 -23.93 -83.36
N GLU V 699 23.49 -23.45 -84.37
CA GLU V 699 23.15 -24.22 -85.57
C GLU V 699 24.38 -24.84 -86.23
N SER V 700 25.49 -24.09 -86.25
CA SER V 700 26.78 -24.64 -86.62
C SER V 700 27.39 -25.55 -85.56
N ILE V 701 27.23 -25.24 -84.27
CA ILE V 701 27.85 -26.06 -83.24
C ILE V 701 27.03 -27.33 -82.97
N VAL V 702 25.72 -27.28 -83.12
CA VAL V 702 24.93 -28.50 -82.99
C VAL V 702 25.07 -29.35 -84.24
N TRP V 703 25.55 -28.75 -85.34
CA TRP V 703 25.82 -29.51 -86.56
C TRP V 703 27.00 -30.45 -86.35
N ALA V 704 27.99 -30.01 -85.56
CA ALA V 704 29.14 -30.84 -85.25
C ALA V 704 28.79 -32.06 -84.41
N HIS V 705 27.67 -32.02 -83.69
CA HIS V 705 27.21 -33.17 -82.92
C HIS V 705 26.06 -33.89 -83.58
N ASN V 706 25.49 -33.33 -84.65
CA ASN V 706 24.59 -34.08 -85.52
C ASN V 706 25.29 -34.71 -86.71
N LYS V 707 26.43 -34.16 -87.15
CA LYS V 707 27.26 -34.85 -88.12
C LYS V 707 27.78 -36.15 -87.55
N LEU V 708 28.09 -36.16 -86.26
CA LEU V 708 28.58 -37.36 -85.58
C LEU V 708 27.50 -38.02 -84.74
N LYS V 709 26.24 -37.61 -84.91
CA LYS V 709 25.05 -38.32 -84.43
C LYS V 709 24.92 -38.36 -82.91
N PHE V 710 25.33 -37.30 -82.19
CA PHE V 710 24.99 -37.24 -80.77
C PHE V 710 24.58 -35.82 -80.34
N ALA V 711 23.83 -35.12 -81.20
CA ALA V 711 23.27 -33.85 -80.79
C ALA V 711 22.22 -34.08 -79.70
N PRO V 712 22.35 -33.39 -78.56
CA PRO V 712 21.65 -33.84 -77.34
C PRO V 712 20.16 -33.54 -77.37
N SER V 713 19.43 -34.32 -76.57
CA SER V 713 17.99 -34.15 -76.44
C SER V 713 17.63 -32.84 -75.77
N ILE V 714 18.41 -32.41 -74.78
CA ILE V 714 18.42 -31.02 -74.37
C ILE V 714 18.96 -30.24 -75.55
N GLN V 715 18.12 -29.43 -76.17
CA GLN V 715 18.58 -28.65 -77.30
C GLN V 715 19.47 -27.53 -76.79
N PRO V 716 20.72 -27.43 -77.25
CA PRO V 716 21.65 -26.43 -76.72
C PRO V 716 21.23 -25.05 -77.16
N ARG V 717 20.87 -24.20 -76.20
CA ARG V 717 20.27 -22.94 -76.54
C ARG V 717 21.16 -21.76 -76.19
N ALA V 718 20.77 -20.61 -76.71
CA ALA V 718 21.37 -19.35 -76.33
C ALA V 718 20.74 -18.86 -75.02
N LEU V 719 21.21 -17.69 -74.58
CA LEU V 719 20.56 -17.04 -73.45
C LEU V 719 19.43 -16.15 -73.95
N SER V 720 18.45 -15.92 -73.07
CA SER V 720 17.43 -14.94 -73.41
C SER V 720 18.02 -13.53 -73.30
N ILE V 721 17.27 -12.56 -73.82
CA ILE V 721 17.79 -11.20 -73.96
C ILE V 721 17.97 -10.55 -72.60
N THR V 722 17.00 -10.72 -71.70
CA THR V 722 17.17 -10.25 -70.33
C THR V 722 18.30 -10.98 -69.63
N GLN V 723 18.49 -12.25 -69.94
CA GLN V 723 19.58 -13.01 -69.35
C GLN V 723 20.93 -12.51 -69.82
N GLY V 724 21.07 -12.28 -71.13
CA GLY V 724 22.31 -11.73 -71.65
C GLY V 724 22.63 -10.36 -71.08
N ARG V 725 21.60 -9.56 -70.82
CA ARG V 725 21.78 -8.35 -70.02
C ARG V 725 22.18 -8.71 -68.59
N ALA V 726 21.54 -9.72 -68.01
CA ALA V 726 21.74 -10.01 -66.59
C ALA V 726 23.11 -10.60 -66.32
N VAL V 727 23.55 -11.54 -67.15
CA VAL V 727 24.91 -12.07 -67.04
C VAL V 727 25.95 -10.99 -67.31
N GLY V 728 25.67 -10.10 -68.26
CA GLY V 728 26.61 -9.05 -68.62
C GLY V 728 26.78 -8.02 -67.52
N VAL V 729 25.71 -7.70 -66.78
CA VAL V 729 25.92 -6.76 -65.70
C VAL V 729 26.50 -7.47 -64.48
N ALA V 730 26.12 -8.74 -64.24
CA ALA V 730 26.58 -9.45 -63.06
C ALA V 730 28.05 -9.82 -63.18
N HIS V 731 28.57 -9.88 -64.40
CA HIS V 731 30.01 -9.99 -64.56
C HIS V 731 30.69 -8.62 -64.60
N TYR V 732 29.96 -7.57 -64.99
CA TYR V 732 30.51 -6.22 -64.99
C TYR V 732 30.81 -5.76 -63.57
N LEU V 733 29.84 -5.90 -62.68
CA LEU V 733 30.05 -5.54 -61.29
C LEU V 733 30.99 -6.54 -60.61
N LEU V 734 31.08 -7.76 -61.16
CA LEU V 734 32.06 -8.72 -60.67
C LEU V 734 33.48 -8.23 -60.88
N GLY V 735 33.72 -7.45 -61.94
CA GLY V 735 35.05 -6.95 -62.19
C GLY V 735 35.38 -5.67 -61.46
N GLY V 736 34.62 -4.60 -61.71
CA GLY V 736 34.98 -3.28 -61.27
C GLY V 736 35.00 -3.07 -59.76
N ILE V 737 34.27 -3.90 -59.03
CA ILE V 737 34.38 -3.88 -57.59
C ILE V 737 35.60 -4.69 -57.15
N ALA V 738 35.79 -5.86 -57.73
CA ALA V 738 36.93 -6.70 -57.36
C ALA V 738 38.24 -6.14 -57.90
N THR V 739 38.19 -5.32 -58.95
CA THR V 739 39.38 -4.58 -59.36
C THR V 739 39.80 -3.61 -58.28
N THR V 740 38.83 -2.87 -57.75
CA THR V 740 39.11 -1.93 -56.68
C THR V 740 39.39 -2.64 -55.36
N TRP V 741 38.80 -3.82 -55.17
CA TRP V 741 38.91 -4.54 -53.91
C TRP V 741 40.35 -4.92 -53.60
N SER V 742 41.06 -5.40 -54.59
CA SER V 742 42.47 -5.69 -54.43
C SER V 742 43.32 -4.43 -54.50
N PHE V 743 42.94 -3.49 -55.39
CA PHE V 743 43.66 -2.23 -55.52
C PHE V 743 43.60 -1.41 -54.24
N PHE V 744 42.48 -1.43 -53.55
CA PHE V 744 42.43 -0.76 -52.26
C PHE V 744 43.23 -1.53 -51.22
N HIS V 745 43.24 -2.86 -51.30
CA HIS V 745 43.89 -3.67 -50.28
C HIS V 745 45.40 -3.52 -50.34
N ALA V 746 46.00 -3.63 -51.52
CA ALA V 746 47.45 -3.60 -51.65
C ALA V 746 48.05 -2.23 -51.35
N ARG V 747 47.36 -1.15 -51.73
CA ARG V 747 47.93 0.19 -51.60
C ARG V 747 47.96 0.64 -50.15
N ILE V 748 46.89 0.41 -49.41
CA ILE V 748 46.83 0.90 -48.04
C ILE V 748 47.56 0.00 -47.07
N ILE V 749 47.88 -1.24 -47.47
CA ILE V 749 48.68 -2.09 -46.60
C ILE V 749 50.12 -1.59 -46.56
N SER V 750 50.66 -1.21 -47.72
CA SER V 750 52.06 -0.85 -47.80
C SER V 750 52.34 0.53 -47.24
N VAL V 751 51.76 1.57 -47.84
CA VAL V 751 52.13 2.94 -47.48
C VAL V 751 51.23 3.47 -46.36
N GLY V 752 50.11 2.80 -46.11
CA GLY V 752 49.22 3.20 -45.03
C GLY V 752 49.46 2.41 -43.76
N GLY W 2 6.51 14.70 -96.11
CA GLY W 2 6.42 15.06 -97.52
C GLY W 2 7.30 16.24 -97.90
N THR W 3 8.54 16.21 -97.46
CA THR W 3 9.52 17.25 -97.75
C THR W 3 10.41 16.80 -98.91
N LYS W 4 11.14 17.75 -99.49
CA LYS W 4 12.07 17.47 -100.58
C LYS W 4 13.33 16.75 -100.12
N PHE W 5 13.75 16.95 -98.88
CA PHE W 5 14.96 16.30 -98.39
C PHE W 5 14.58 15.04 -97.60
N PRO W 6 15.24 13.90 -97.85
CA PRO W 6 16.33 13.61 -98.80
C PRO W 6 15.91 13.23 -100.22
N LYS W 7 16.68 13.76 -101.18
CA LYS W 7 16.43 13.48 -102.59
C LYS W 7 16.58 12.01 -102.92
N ALA W 8 17.68 11.38 -102.48
CA ALA W 8 18.03 10.05 -102.97
C ALA W 8 17.11 8.98 -102.39
N SER W 9 16.54 9.23 -101.22
CA SER W 9 15.60 8.31 -100.60
C SER W 9 14.23 8.94 -100.57
N GLN W 10 13.33 8.44 -101.41
CA GLN W 10 11.97 8.94 -101.50
C GLN W 10 11.15 8.65 -100.25
N ALA W 11 11.33 7.47 -99.64
CA ALA W 11 10.54 7.04 -98.48
C ALA W 11 10.83 7.86 -97.23
N LEU W 12 12.12 7.97 -96.87
CA LEU W 12 12.65 8.89 -95.87
C LEU W 12 12.08 10.30 -95.97
N ALA W 13 11.93 10.84 -97.18
CA ALA W 13 11.40 12.19 -97.39
C ALA W 13 9.99 12.40 -96.83
N GLN W 14 9.24 11.33 -96.54
CA GLN W 14 7.90 11.53 -96.00
C GLN W 14 7.87 11.35 -94.49
N ASP W 15 8.99 10.95 -93.91
CA ASP W 15 9.11 10.79 -92.47
C ASP W 15 9.11 12.16 -91.80
N PRO W 16 8.15 12.47 -90.94
CA PRO W 16 8.09 13.78 -90.29
C PRO W 16 8.98 13.95 -89.06
N THR W 17 9.74 12.94 -88.67
CA THR W 17 10.55 13.01 -87.47
C THR W 17 12.02 13.26 -87.79
N THR W 18 12.83 13.36 -86.73
CA THR W 18 14.26 13.57 -86.80
C THR W 18 15.02 12.42 -87.44
N ARG W 19 14.46 11.19 -87.44
CA ARG W 19 15.08 10.03 -88.09
C ARG W 19 15.42 10.31 -89.56
N ARG W 20 14.59 11.12 -90.22
CA ARG W 20 14.75 11.49 -91.63
C ARG W 20 16.15 12.03 -91.93
N ILE W 21 16.60 13.01 -91.14
CA ILE W 21 17.90 13.64 -91.35
C ILE W 21 19.04 12.64 -91.19
N TRP W 22 19.06 11.90 -90.08
CA TRP W 22 20.09 10.89 -89.82
C TRP W 22 20.18 9.86 -90.95
N TYR W 23 19.08 9.17 -91.22
CA TYR W 23 19.04 8.18 -92.30
C TYR W 23 19.23 8.78 -93.69
N GLY W 24 18.83 10.04 -93.90
CA GLY W 24 19.08 10.69 -95.16
C GLY W 24 20.56 10.90 -95.42
N ILE W 25 21.35 11.03 -94.36
CA ILE W 25 22.80 11.00 -94.48
C ILE W 25 23.29 9.57 -94.70
N ALA W 26 22.76 8.61 -93.94
CA ALA W 26 23.17 7.21 -94.01
C ALA W 26 22.80 6.51 -95.31
N THR W 27 21.83 7.02 -96.06
CA THR W 27 21.44 6.42 -97.34
C THR W 27 21.73 7.32 -98.52
N ALA W 28 22.58 8.33 -98.36
CA ALA W 28 22.83 9.26 -99.44
C ALA W 28 23.72 8.65 -100.51
N ASN W 29 24.96 8.31 -100.15
CA ASN W 29 25.90 7.70 -101.08
C ASN W 29 25.65 6.19 -101.26
N ASP W 30 24.52 5.69 -100.76
CA ASP W 30 24.09 4.29 -100.93
C ASP W 30 23.20 4.24 -102.18
N PHE W 31 23.83 4.57 -103.32
CA PHE W 31 23.25 4.65 -104.66
C PHE W 31 22.33 3.51 -105.07
N GLU W 32 22.65 2.26 -104.70
CA GLU W 32 21.85 1.10 -105.08
C GLU W 32 20.38 1.16 -104.64
N THR W 33 20.06 1.96 -103.62
CA THR W 33 18.67 2.22 -103.28
C THR W 33 18.32 3.70 -103.48
N ASN W 34 18.71 4.28 -104.60
CA ASN W 34 18.18 5.58 -104.97
C ASN W 34 16.90 5.40 -105.78
N ASP W 35 16.01 6.40 -105.70
CA ASP W 35 14.70 6.28 -106.30
C ASP W 35 14.76 6.44 -107.81
N GLY W 36 14.13 5.48 -108.51
CA GLY W 36 14.04 5.51 -109.96
C GLY W 36 15.35 5.26 -110.66
N ILE W 37 16.30 4.59 -110.00
CA ILE W 37 17.65 4.45 -110.49
C ILE W 37 17.67 3.39 -111.58
N THR W 38 18.66 3.47 -112.47
CA THR W 38 18.92 2.46 -113.48
C THR W 38 20.39 2.08 -113.44
N GLU W 39 20.69 0.91 -114.01
CA GLU W 39 22.06 0.40 -114.05
C GLU W 39 23.03 1.32 -114.79
N GLU W 40 22.62 1.86 -115.95
CA GLU W 40 23.50 2.72 -116.71
C GLU W 40 23.85 4.00 -115.96
N ASN W 41 22.87 4.65 -115.31
CA ASN W 41 23.18 5.86 -114.56
C ASN W 41 24.08 5.58 -113.37
N LEU W 42 23.92 4.40 -112.76
CA LEU W 42 24.72 3.99 -111.61
C LEU W 42 26.20 3.98 -111.91
N TYR W 43 26.61 3.25 -112.97
CA TYR W 43 28.01 3.12 -113.36
C TYR W 43 28.66 4.46 -113.69
N GLN W 44 27.98 5.31 -114.45
CA GLN W 44 28.51 6.61 -114.83
C GLN W 44 28.72 7.50 -113.61
N LYS W 45 27.85 7.35 -112.60
CA LYS W 45 27.94 8.10 -111.37
C LYS W 45 29.14 7.64 -110.55
N ILE W 46 29.38 6.32 -110.50
CA ILE W 46 30.52 5.74 -109.77
C ILE W 46 31.82 6.36 -110.24
N PHE W 47 32.08 6.24 -111.55
CA PHE W 47 33.26 6.80 -112.22
C PHE W 47 33.54 8.24 -111.79
N ALA W 48 32.51 9.10 -111.84
CA ALA W 48 32.66 10.49 -111.47
C ALA W 48 32.94 10.61 -109.97
N SER W 49 32.30 9.77 -109.16
CA SER W 49 32.52 9.78 -107.71
C SER W 49 33.97 9.42 -107.38
N HIS W 50 34.59 8.55 -108.19
CA HIS W 50 35.97 8.13 -108.00
C HIS W 50 36.93 9.30 -108.20
N PHE W 51 36.63 10.16 -109.18
CA PHE W 51 37.45 11.34 -109.45
C PHE W 51 37.46 12.25 -108.23
N GLY W 52 36.31 12.40 -107.57
CA GLY W 52 36.25 13.24 -106.38
C GLY W 52 37.17 12.72 -105.29
N HIS W 53 37.19 11.39 -105.08
CA HIS W 53 38.09 10.80 -104.10
C HIS W 53 39.54 11.03 -104.53
N LEU W 54 39.81 10.79 -105.82
CA LEU W 54 41.13 11.01 -106.41
C LEU W 54 41.61 12.43 -106.17
N ALA W 55 40.73 13.40 -106.41
CA ALA W 55 41.11 14.79 -106.15
C ALA W 55 41.49 15.01 -104.69
N ILE W 56 40.71 14.44 -103.76
CA ILE W 56 40.95 14.61 -102.33
C ILE W 56 42.31 14.04 -101.91
N ILE W 57 42.68 12.85 -102.40
CA ILE W 57 43.98 12.28 -102.06
C ILE W 57 45.08 13.21 -102.56
N PHE W 58 44.96 13.70 -103.81
CA PHE W 58 45.91 14.64 -104.37
C PHE W 58 45.96 15.92 -103.56
N LEU W 59 44.79 16.43 -103.13
CA LEU W 59 44.77 17.65 -102.33
C LEU W 59 45.40 17.41 -100.99
N TRP W 60 45.14 16.23 -100.41
CA TRP W 60 45.74 15.84 -99.14
C TRP W 60 47.26 15.82 -99.22
N THR W 61 47.78 15.19 -100.28
CA THR W 61 49.22 15.20 -100.53
C THR W 61 49.69 16.59 -100.91
N SER W 62 48.86 17.38 -101.60
CA SER W 62 49.18 18.79 -101.77
C SER W 62 49.16 19.51 -100.43
N GLY W 63 48.26 19.11 -99.54
CA GLY W 63 48.23 19.73 -98.23
C GLY W 63 49.42 19.26 -97.41
N ASN W 64 49.86 18.02 -97.68
CA ASN W 64 51.09 17.48 -97.12
C ASN W 64 52.33 18.15 -97.72
N LEU W 65 52.19 18.77 -98.89
CA LEU W 65 53.29 19.48 -99.55
C LEU W 65 53.28 20.97 -99.27
N PHE W 66 52.14 21.63 -99.44
CA PHE W 66 52.06 23.08 -99.24
C PHE W 66 52.48 23.50 -97.83
N HIS W 67 51.97 22.81 -96.81
CA HIS W 67 52.34 23.20 -95.45
C HIS W 67 53.79 22.93 -95.09
N VAL W 68 54.41 21.90 -95.65
CA VAL W 68 55.81 21.65 -95.34
C VAL W 68 56.69 22.73 -95.97
N ALA W 69 56.48 23.04 -97.26
CA ALA W 69 57.26 24.07 -97.94
C ALA W 69 57.11 25.43 -97.26
N TRP W 70 55.91 25.76 -96.80
CA TRP W 70 55.66 27.08 -96.21
C TRP W 70 56.07 27.15 -94.74
N GLN W 71 55.73 26.15 -93.93
CA GLN W 71 56.02 26.26 -92.49
C GLN W 71 56.92 25.18 -91.93
N GLY W 72 57.41 24.22 -92.72
CA GLY W 72 58.25 23.17 -92.22
C GLY W 72 59.71 23.59 -92.17
N ASN W 73 60.58 22.60 -92.08
CA ASN W 73 62.00 22.88 -92.05
C ASN W 73 62.81 21.89 -92.90
N PHE W 74 62.27 21.49 -94.06
CA PHE W 74 62.93 20.53 -94.95
C PHE W 74 64.33 20.98 -95.36
N GLU W 75 64.48 22.26 -95.74
CA GLU W 75 65.78 22.76 -96.15
C GLU W 75 66.74 22.71 -94.97
N GLN W 76 66.23 22.98 -93.78
CA GLN W 76 67.03 22.85 -92.58
C GLN W 76 67.25 21.38 -92.25
N TRP W 77 66.26 20.52 -92.55
CA TRP W 77 66.29 19.09 -92.29
C TRP W 77 67.31 18.33 -93.12
N VAL W 78 67.40 18.60 -94.43
CA VAL W 78 68.32 17.91 -95.34
C VAL W 78 69.77 18.00 -94.86
N LYS W 79 70.15 19.11 -94.21
CA LYS W 79 71.53 19.36 -93.82
C LYS W 79 72.07 18.38 -92.79
N ASP W 80 71.36 18.17 -91.67
CA ASP W 80 71.79 17.16 -90.71
C ASP W 80 70.52 16.53 -90.14
N PRO W 81 69.93 15.55 -90.86
CA PRO W 81 68.69 14.90 -90.41
C PRO W 81 68.72 14.22 -89.05
N LEU W 82 69.90 13.94 -88.47
CA LEU W 82 69.98 13.07 -87.31
C LEU W 82 69.50 13.71 -86.00
N ASN W 83 69.26 15.01 -85.98
CA ASN W 83 68.83 15.70 -84.77
C ASN W 83 67.70 16.68 -84.98
N THR W 84 67.38 17.03 -86.22
CA THR W 84 66.30 17.96 -86.52
C THR W 84 64.96 17.25 -86.57
N ARG W 85 64.02 17.79 -85.87
CA ARG W 85 62.64 17.33 -85.82
C ARG W 85 61.83 17.92 -86.97
N PRO W 86 61.26 17.06 -87.83
CA PRO W 86 60.46 17.55 -88.96
C PRO W 86 59.21 18.26 -88.47
N ILE W 87 58.94 19.42 -89.06
CA ILE W 87 57.78 20.24 -88.65
C ILE W 87 56.62 19.98 -89.59
N ALA W 88 55.46 19.65 -89.00
CA ALA W 88 54.24 19.38 -89.77
C ALA W 88 53.62 20.66 -90.30
N HIS W 89 53.35 21.61 -89.40
CA HIS W 89 52.74 22.91 -89.70
C HIS W 89 52.68 23.72 -88.41
N ALA W 90 52.36 25.00 -88.57
CA ALA W 90 52.27 25.96 -87.47
C ALA W 90 51.04 25.75 -86.61
N ILE W 91 51.09 26.32 -85.42
CA ILE W 91 50.00 26.23 -84.46
C ILE W 91 49.38 27.61 -84.36
N SER W 92 48.14 27.75 -84.81
CA SER W 92 47.43 29.03 -84.72
C SER W 92 46.12 28.75 -84.01
N ASP W 93 46.17 28.72 -82.67
CA ASP W 93 45.03 28.36 -81.86
C ASP W 93 44.86 29.50 -80.86
N PRO W 94 43.91 30.42 -81.10
CA PRO W 94 43.67 31.57 -80.20
C PRO W 94 43.52 31.27 -78.71
N HIS W 95 43.17 30.05 -78.32
CA HIS W 95 42.98 29.73 -76.92
C HIS W 95 44.29 29.43 -76.20
N PHE W 96 45.43 29.41 -76.91
CA PHE W 96 46.69 29.15 -76.26
C PHE W 96 47.08 30.32 -75.35
N GLY W 97 47.75 29.99 -74.26
CA GLY W 97 48.30 30.97 -73.36
C GLY W 97 49.77 31.21 -73.65
N GLN W 98 50.40 31.97 -72.76
CA GLN W 98 51.83 32.23 -72.86
C GLN W 98 52.66 30.95 -72.68
N ARG W 99 52.31 30.14 -71.70
CA ARG W 99 53.11 28.97 -71.36
C ARG W 99 52.87 27.80 -72.31
N ALA W 100 51.75 27.80 -73.03
CA ALA W 100 51.51 26.79 -74.05
C ALA W 100 52.21 27.12 -75.35
N ILE W 101 52.29 28.41 -75.69
CA ILE W 101 53.12 28.86 -76.79
C ILE W 101 54.58 28.57 -76.51
N GLU W 102 55.04 28.86 -75.28
CA GLU W 102 56.39 28.59 -74.82
C GLU W 102 56.78 27.11 -74.92
N ALA W 103 55.82 26.20 -74.76
CA ALA W 103 56.13 24.78 -74.81
C ALA W 103 56.10 24.22 -76.23
N PHE W 104 55.21 24.70 -77.09
CA PHE W 104 55.11 24.17 -78.44
C PHE W 104 55.91 24.96 -79.47
N SER W 105 56.53 26.07 -79.06
CA SER W 105 57.60 26.67 -79.86
C SER W 105 58.86 25.81 -79.69
N GLN W 106 58.88 24.72 -80.44
CA GLN W 106 59.87 23.67 -80.32
C GLN W 106 60.48 23.38 -81.69
N ALA W 107 61.27 22.29 -81.77
CA ALA W 107 61.98 21.84 -82.99
C ALA W 107 62.83 22.94 -83.63
N GLY W 108 63.25 23.92 -82.83
CA GLY W 108 64.04 25.06 -83.23
C GLY W 108 63.25 26.18 -83.88
N ALA W 109 61.93 26.16 -83.74
CA ALA W 109 61.05 27.18 -84.29
C ALA W 109 60.83 28.27 -83.25
N SER W 110 60.36 29.42 -83.69
CA SER W 110 60.09 30.51 -82.76
C SER W 110 58.61 30.68 -82.48
N SER W 111 57.75 30.39 -83.44
CA SER W 111 56.32 30.27 -83.28
C SER W 111 55.98 28.81 -82.99
N PRO W 112 54.84 28.54 -82.34
CA PRO W 112 54.49 27.14 -82.05
C PRO W 112 54.18 26.35 -83.32
N VAL W 113 54.70 25.12 -83.38
CA VAL W 113 54.52 24.19 -84.50
C VAL W 113 54.49 22.78 -83.97
N ASN W 114 54.11 21.85 -84.86
CA ASN W 114 54.07 20.43 -84.58
C ASN W 114 55.41 19.82 -84.93
N ILE W 115 55.73 18.70 -84.28
CA ILE W 115 56.82 17.85 -84.76
C ILE W 115 56.20 16.73 -85.59
N SER W 116 56.47 16.74 -86.90
CA SER W 116 55.83 15.80 -87.80
C SER W 116 56.34 14.38 -87.56
N TYR W 117 55.46 13.40 -87.81
CA TYR W 117 55.82 11.99 -87.62
C TYR W 117 55.35 11.12 -88.78
N SER W 118 54.98 11.71 -89.91
CA SER W 118 54.51 10.92 -91.03
C SER W 118 55.63 10.36 -91.90
N GLY W 119 56.87 10.80 -91.68
CA GLY W 119 57.99 10.32 -92.47
C GLY W 119 58.12 10.84 -93.87
N VAL W 120 57.34 11.86 -94.22
CA VAL W 120 57.38 12.44 -95.55
C VAL W 120 58.74 13.07 -95.84
N TYR W 121 59.41 13.60 -94.79
CA TYR W 121 60.73 14.20 -94.97
C TYR W 121 61.74 13.17 -95.42
N GLN W 122 61.73 11.99 -94.78
CA GLN W 122 62.65 10.93 -95.15
C GLN W 122 62.30 10.34 -96.50
N TRP W 123 61.02 10.36 -96.88
CA TRP W 123 60.62 9.81 -98.16
C TRP W 123 61.01 10.76 -99.29
N TRP W 124 60.71 12.05 -99.12
CA TRP W 124 61.00 13.08 -100.11
C TRP W 124 62.49 13.27 -100.32
N TYR W 125 63.30 13.16 -99.26
CA TYR W 125 64.74 13.24 -99.37
C TYR W 125 65.24 12.18 -100.34
N THR W 126 64.92 10.92 -100.08
CA THR W 126 65.29 9.77 -100.91
C THR W 126 64.88 9.95 -102.37
N GLN W 127 63.71 10.56 -102.62
CA GLN W 127 63.19 10.78 -103.97
C GLN W 127 63.95 11.85 -104.73
N GLY W 128 64.75 12.66 -104.04
CA GLY W 128 65.58 13.66 -104.69
C GLY W 128 65.25 15.08 -104.31
N MET W 129 64.25 15.30 -103.45
CA MET W 129 63.92 16.66 -103.06
C MET W 129 64.97 17.14 -102.07
N ARG W 130 65.42 18.38 -102.23
CA ARG W 130 66.45 18.90 -101.36
C ARG W 130 66.06 20.26 -100.77
N THR W 131 65.32 21.06 -101.52
CA THR W 131 64.94 22.38 -101.05
C THR W 131 63.43 22.50 -100.95
N ASN W 132 63.01 23.48 -100.13
CA ASN W 132 61.59 23.80 -99.94
C ASN W 132 60.88 24.20 -101.24
N GLU W 133 61.62 24.69 -102.24
CA GLU W 133 60.95 25.14 -103.46
C GLU W 133 60.54 23.96 -104.34
N GLU W 134 61.30 22.86 -104.28
CA GLU W 134 60.91 21.63 -104.97
C GLU W 134 59.65 21.04 -104.35
N LEU W 135 59.48 21.23 -103.03
CA LEU W 135 58.25 20.89 -102.35
C LEU W 135 57.07 21.72 -102.89
N TYR W 136 57.27 23.04 -102.97
CA TYR W 136 56.27 23.99 -103.46
C TYR W 136 55.76 23.66 -104.87
N ASN W 137 56.57 23.00 -105.69
CA ASN W 137 56.11 22.63 -107.03
C ASN W 137 55.06 21.51 -106.99
N GLY W 138 55.23 20.54 -106.10
CA GLY W 138 54.33 19.39 -106.08
C GLY W 138 52.92 19.77 -105.67
N ALA W 139 52.80 20.64 -104.66
CA ALA W 139 51.49 21.10 -104.19
C ALA W 139 50.73 21.83 -105.30
N ILE W 140 51.42 22.73 -106.02
CA ILE W 140 50.78 23.48 -107.09
C ILE W 140 50.37 22.54 -108.22
N PHE W 141 51.22 21.55 -108.50
CA PHE W 141 50.95 20.58 -109.56
C PHE W 141 49.74 19.72 -109.22
N LEU W 142 49.61 19.33 -107.95
CA LEU W 142 48.48 18.51 -107.51
C LEU W 142 47.20 19.31 -107.50
N LEU W 143 47.28 20.63 -107.32
CA LEU W 143 46.10 21.49 -107.35
C LEU W 143 45.46 21.45 -108.72
N ILE W 144 46.27 21.46 -109.77
CA ILE W 144 45.77 21.39 -111.14
C ILE W 144 45.21 19.99 -111.40
N LEU W 145 45.94 18.95 -110.97
CA LEU W 145 45.54 17.57 -111.17
C LEU W 145 44.24 17.23 -110.45
N SER W 146 44.02 17.84 -109.29
CA SER W 146 42.74 17.67 -108.60
C SER W 146 41.61 18.37 -109.35
N ALA W 147 41.87 19.57 -109.87
CA ALA W 147 40.86 20.24 -110.69
C ALA W 147 40.69 19.56 -112.04
N LEU W 148 41.75 18.91 -112.53
CA LEU W 148 41.62 18.20 -113.79
C LEU W 148 40.84 16.91 -113.61
N SER W 149 40.97 16.27 -112.45
CA SER W 149 40.14 15.12 -112.14
C SER W 149 38.70 15.53 -111.93
N LEU W 150 38.48 16.65 -111.22
CA LEU W 150 37.15 17.24 -111.08
C LEU W 150 36.52 17.58 -112.42
N PHE W 151 37.27 18.21 -113.33
CA PHE W 151 36.74 18.55 -114.63
C PHE W 151 36.37 17.27 -115.38
N ALA W 152 37.29 16.28 -115.34
CA ALA W 152 37.08 14.99 -116.01
C ALA W 152 35.85 14.27 -115.47
N GLY W 153 35.62 14.33 -114.15
CA GLY W 153 34.43 13.71 -113.58
C GLY W 153 33.20 14.40 -114.12
N TRP W 154 33.25 15.74 -114.21
CA TRP W 154 32.17 16.52 -114.76
C TRP W 154 32.03 16.19 -116.24
N LEU W 155 33.17 16.05 -116.92
CA LEU W 155 33.22 15.77 -118.36
C LEU W 155 32.54 14.46 -118.69
N HIS W 156 32.90 13.38 -118.00
CA HIS W 156 32.33 12.08 -118.30
C HIS W 156 30.89 11.91 -117.79
N LEU W 157 30.25 12.99 -117.33
CA LEU W 157 28.85 12.98 -116.94
C LEU W 157 27.98 13.73 -117.95
N GLN W 158 28.60 14.47 -118.87
CA GLN W 158 27.87 15.21 -119.88
C GLN W 158 27.42 14.25 -120.99
N PRO W 159 26.19 14.48 -121.53
CA PRO W 159 25.60 13.63 -122.60
C PRO W 159 26.54 13.13 -123.69
N LYS W 160 27.28 14.01 -124.34
CA LYS W 160 28.18 13.60 -125.42
C LYS W 160 29.34 12.75 -124.93
N PHE W 161 29.68 12.77 -123.63
CA PHE W 161 30.80 11.97 -123.13
C PHE W 161 30.38 10.90 -122.14
N ARG W 162 29.08 10.63 -121.95
CA ARG W 162 28.68 9.58 -121.01
C ARG W 162 28.92 8.22 -121.62
N PRO W 163 29.79 7.39 -121.03
CA PRO W 163 30.06 6.05 -121.57
C PRO W 163 28.83 5.17 -121.63
N ASN W 164 28.88 4.14 -122.46
CA ASN W 164 27.84 3.14 -122.46
C ASN W 164 28.11 2.12 -121.37
N LEU W 165 27.12 1.25 -121.13
CA LEU W 165 27.23 0.21 -120.12
C LEU W 165 28.33 -0.79 -120.44
N SER W 166 28.41 -1.23 -121.70
CA SER W 166 29.40 -2.22 -122.15
C SER W 166 30.82 -1.81 -121.84
N TRP W 167 31.16 -0.52 -121.94
CA TRP W 167 32.49 -0.05 -121.62
C TRP W 167 32.84 -0.29 -120.16
N PHE W 168 31.89 -0.04 -119.27
CA PHE W 168 32.12 -0.20 -117.84
C PHE W 168 32.27 -1.66 -117.44
N LYS W 169 31.60 -2.56 -118.15
CA LYS W 169 31.63 -3.97 -117.81
C LYS W 169 32.73 -4.76 -118.52
N ASN W 170 33.55 -4.11 -119.34
CA ASN W 170 34.65 -4.80 -120.03
C ASN W 170 35.75 -5.05 -119.00
N ALA W 171 35.60 -6.12 -118.21
CA ALA W 171 36.55 -6.49 -117.16
C ALA W 171 37.98 -6.80 -117.65
N GLU W 172 38.14 -7.75 -118.58
CA GLU W 172 39.45 -8.18 -119.07
C GLU W 172 40.30 -7.03 -119.62
N SER W 173 39.69 -6.08 -120.32
CA SER W 173 40.40 -4.94 -120.88
C SER W 173 40.94 -4.02 -119.80
N ARG W 174 40.22 -3.91 -118.67
CA ARG W 174 40.66 -3.05 -117.58
C ARG W 174 41.91 -3.60 -116.92
N LEU W 175 41.93 -4.90 -116.62
CA LEU W 175 43.12 -5.55 -116.08
C LEU W 175 44.29 -5.38 -117.03
N ASN W 176 44.07 -5.68 -118.32
CA ASN W 176 45.08 -5.54 -119.36
C ASN W 176 45.62 -4.11 -119.43
N HIS W 177 44.73 -3.13 -119.47
CA HIS W 177 45.16 -1.75 -119.55
C HIS W 177 45.82 -1.25 -118.27
N HIS W 178 45.42 -1.75 -117.10
CA HIS W 178 46.06 -1.22 -115.89
C HIS W 178 47.42 -1.87 -115.66
N LEU W 179 47.54 -3.19 -115.81
CA LEU W 179 48.86 -3.82 -115.68
C LEU W 179 49.78 -3.38 -116.80
N GLY W 180 49.21 -3.05 -117.97
CA GLY W 180 49.95 -2.32 -118.97
C GLY W 180 50.28 -0.91 -118.51
N GLY W 181 49.26 -0.05 -118.41
CA GLY W 181 49.46 1.34 -118.03
C GLY W 181 49.76 1.63 -116.58
N LEU W 182 48.70 1.59 -115.75
CA LEU W 182 48.73 1.88 -114.31
C LEU W 182 49.89 1.22 -113.58
N PHE W 183 50.13 -0.07 -113.81
CA PHE W 183 51.23 -0.76 -113.15
C PHE W 183 52.52 -0.76 -113.94
N GLY W 184 52.51 -1.28 -115.17
CA GLY W 184 53.67 -1.37 -116.03
C GLY W 184 54.44 -0.11 -116.32
N THR W 185 53.75 0.90 -116.85
CA THR W 185 54.44 2.13 -117.26
C THR W 185 54.89 2.93 -116.06
N SER W 186 54.12 2.91 -114.97
CA SER W 186 54.46 3.69 -113.78
C SER W 186 55.67 3.14 -113.04
N SER W 187 55.75 1.82 -112.83
CA SER W 187 56.90 1.22 -112.15
C SER W 187 58.20 1.41 -112.93
N LEU W 188 58.17 1.24 -114.26
CA LEU W 188 59.35 1.44 -115.09
C LEU W 188 59.82 2.89 -115.03
N ALA W 189 58.87 3.82 -115.10
CA ALA W 189 59.17 5.26 -115.04
C ALA W 189 59.78 5.64 -113.70
N TRP W 190 59.30 5.00 -112.62
CA TRP W 190 59.82 5.31 -111.30
C TRP W 190 61.28 4.90 -111.16
N THR W 191 61.67 3.76 -111.76
CA THR W 191 63.08 3.44 -111.94
C THR W 191 63.81 4.55 -112.68
N GLY W 192 63.17 5.11 -113.72
CA GLY W 192 63.76 6.24 -114.41
C GLY W 192 63.90 7.48 -113.55
N HIS W 193 62.90 7.77 -112.71
CA HIS W 193 63.01 8.95 -111.85
C HIS W 193 64.10 8.74 -110.81
N ILE W 194 64.30 7.49 -110.39
CA ILE W 194 65.41 7.16 -109.49
C ILE W 194 66.75 7.39 -110.19
N VAL W 195 66.88 6.91 -111.42
CA VAL W 195 68.18 7.02 -112.07
C VAL W 195 68.39 8.41 -112.68
N HIS W 196 67.33 9.12 -113.08
CA HIS W 196 67.57 10.42 -113.70
C HIS W 196 67.59 11.55 -112.68
N VAL W 197 67.00 11.34 -111.49
CA VAL W 197 66.92 12.43 -110.51
C VAL W 197 67.46 12.06 -109.12
N ALA W 198 66.81 11.09 -108.48
CA ALA W 198 67.14 10.60 -107.12
C ALA W 198 68.60 10.24 -106.90
N ILE W 199 69.18 9.38 -107.74
CA ILE W 199 70.57 8.94 -107.60
C ILE W 199 71.54 10.11 -107.71
N PRO W 200 71.50 10.99 -108.75
CA PRO W 200 72.44 12.13 -108.77
C PRO W 200 72.43 12.98 -107.51
N GLU W 201 71.24 13.31 -106.98
CA GLU W 201 71.15 14.14 -105.79
C GLU W 201 71.71 13.43 -104.56
N SER W 202 71.67 12.09 -104.53
CA SER W 202 72.25 11.38 -103.41
C SER W 202 73.77 11.34 -103.50
N ARG W 203 74.31 11.67 -104.67
CA ARG W 203 75.73 11.71 -104.95
C ARG W 203 76.25 13.14 -105.08
N GLY W 204 75.52 14.12 -104.54
CA GLY W 204 75.92 15.50 -104.60
C GLY W 204 75.72 16.24 -105.92
N GLN W 205 75.03 15.66 -106.89
CA GLN W 205 74.80 16.31 -108.17
C GLN W 205 73.36 16.81 -108.26
N HIS W 206 73.20 18.10 -108.52
CA HIS W 206 71.88 18.71 -108.64
C HIS W 206 71.30 18.50 -110.03
N VAL W 207 70.11 17.90 -110.09
CA VAL W 207 69.38 17.72 -111.34
C VAL W 207 67.99 18.32 -111.15
N GLY W 208 67.66 19.31 -111.97
CA GLY W 208 66.37 19.97 -111.91
C GLY W 208 65.77 20.12 -113.29
N TRP W 209 64.63 20.81 -113.41
CA TRP W 209 63.98 21.03 -114.71
C TRP W 209 64.86 21.84 -115.64
N ASP W 210 65.68 22.72 -115.07
CA ASP W 210 66.60 23.60 -115.79
C ASP W 210 67.73 22.84 -116.49
N ASN W 211 67.98 21.59 -116.12
CA ASN W 211 69.08 20.83 -116.70
C ASN W 211 68.82 19.37 -117.02
N PHE W 212 67.71 18.78 -116.56
CA PHE W 212 67.39 17.35 -116.77
C PHE W 212 67.54 16.82 -118.20
N LEU W 213 67.37 17.67 -119.23
CA LEU W 213 67.55 17.16 -120.59
C LEU W 213 69.03 17.04 -120.95
N GLN W 214 69.91 17.70 -120.20
CA GLN W 214 71.31 17.81 -120.56
C GLN W 214 72.14 16.72 -119.90
N VAL W 215 72.11 16.65 -118.57
CA VAL W 215 72.90 15.66 -117.84
C VAL W 215 72.25 14.29 -117.98
N ALA W 216 73.03 13.33 -118.44
CA ALA W 216 72.65 11.94 -118.56
C ALA W 216 72.88 11.20 -117.25
N PRO W 217 72.11 10.15 -116.96
CA PRO W 217 72.33 9.41 -115.71
C PRO W 217 73.59 8.59 -115.66
N HIS W 218 74.17 8.25 -116.81
CA HIS W 218 75.39 7.45 -116.85
C HIS W 218 76.28 7.99 -117.96
N PRO W 219 77.59 8.14 -117.67
CA PRO W 219 78.60 8.63 -118.63
C PRO W 219 78.41 8.30 -120.12
N ALA W 220 78.22 7.03 -120.48
CA ALA W 220 78.00 6.70 -121.89
C ALA W 220 76.85 5.73 -122.04
N GLY W 221 75.68 6.15 -121.57
CA GLY W 221 74.50 5.29 -121.62
C GLY W 221 73.81 5.44 -122.96
N LEU W 222 73.04 4.41 -123.35
CA LEU W 222 72.20 4.22 -124.54
C LEU W 222 72.95 3.68 -125.75
N GLN W 223 74.28 3.65 -125.74
CA GLN W 223 74.97 2.87 -126.76
C GLN W 223 75.08 1.38 -126.34
N PRO W 224 75.40 1.03 -125.09
CA PRO W 224 75.20 -0.36 -124.65
C PRO W 224 73.76 -0.85 -124.57
N PHE W 225 72.80 0.06 -124.38
CA PHE W 225 71.38 -0.30 -124.25
C PHE W 225 70.84 -1.01 -125.49
N PHE W 226 71.05 -0.47 -126.68
CA PHE W 226 70.53 -1.12 -127.88
C PHE W 226 71.36 -2.36 -128.23
N THR W 227 72.67 -2.29 -128.09
CA THR W 227 73.57 -3.40 -128.40
C THR W 227 73.50 -4.55 -127.38
N GLY W 228 72.60 -4.52 -126.40
CA GLY W 228 72.48 -5.60 -125.44
C GLY W 228 73.51 -5.63 -124.33
N ASN W 229 74.47 -4.70 -124.30
CA ASN W 229 75.50 -4.70 -123.26
C ASN W 229 75.01 -4.03 -121.97
N TRP W 230 73.98 -4.66 -121.37
CA TRP W 230 73.35 -4.20 -120.14
C TRP W 230 74.30 -4.15 -118.95
N GLY W 231 75.38 -4.93 -118.97
CA GLY W 231 76.36 -5.03 -117.90
C GLY W 231 77.14 -3.76 -117.60
N VAL W 232 77.12 -2.75 -118.48
CA VAL W 232 77.85 -1.51 -118.22
C VAL W 232 77.26 -0.75 -117.04
N TYR W 233 75.97 -0.95 -116.74
CA TYR W 233 75.30 -0.27 -115.65
C TYR W 233 75.66 -0.88 -114.30
N THR W 234 76.45 -1.95 -114.31
CA THR W 234 77.05 -2.55 -113.12
C THR W 234 78.43 -1.98 -112.87
N GLU W 235 78.63 -0.71 -113.23
CA GLU W 235 79.86 0.01 -112.89
C GLU W 235 79.88 0.38 -111.42
N ASN W 236 80.89 1.13 -111.02
CA ASN W 236 81.32 1.30 -109.63
C ASN W 236 80.26 1.86 -108.67
N PRO W 237 79.76 1.01 -107.75
CA PRO W 237 78.76 1.47 -106.77
C PRO W 237 79.34 2.39 -105.72
N ASP W 238 78.61 2.63 -104.64
CA ASP W 238 79.14 3.47 -103.58
C ASP W 238 79.88 2.62 -102.55
N THR W 239 80.96 3.19 -102.01
CA THR W 239 81.83 2.53 -101.05
C THR W 239 81.16 2.59 -99.68
N ALA W 240 81.61 1.73 -98.76
CA ALA W 240 81.06 1.72 -97.40
C ALA W 240 81.30 3.03 -96.65
N ASN W 241 82.28 3.83 -97.09
CA ASN W 241 82.59 5.10 -96.44
C ASN W 241 81.77 6.25 -97.01
N HIS W 242 80.84 5.96 -97.92
CA HIS W 242 80.12 7.00 -98.65
C HIS W 242 79.12 7.71 -97.73
N VAL W 243 79.06 9.03 -97.85
CA VAL W 243 78.12 9.82 -97.07
C VAL W 243 76.95 10.24 -97.97
N PHE W 244 75.79 9.68 -97.66
CA PHE W 244 74.55 9.85 -98.42
C PHE W 244 74.18 11.32 -98.63
N GLY W 245 73.86 11.67 -99.88
CA GLY W 245 73.50 13.02 -100.24
C GLY W 245 74.66 13.88 -100.68
N SER W 246 75.87 13.34 -100.76
CA SER W 246 77.04 14.12 -101.11
C SER W 246 78.11 13.20 -101.72
N SER W 247 79.10 13.83 -102.34
CA SER W 247 80.01 13.15 -103.26
C SER W 247 81.34 12.74 -102.63
N ASP W 248 81.34 12.36 -101.34
CA ASP W 248 82.56 11.86 -100.72
C ASP W 248 82.42 10.35 -100.54
N GLY W 249 82.78 9.61 -101.58
CA GLY W 249 82.53 8.17 -101.62
C GLY W 249 81.49 7.78 -102.65
N ALA W 250 81.00 8.74 -103.41
CA ALA W 250 79.97 8.52 -104.41
C ALA W 250 80.50 7.75 -105.63
N GLY W 251 79.65 6.87 -106.18
CA GLY W 251 79.98 6.09 -107.35
C GLY W 251 79.28 6.65 -108.58
N THR W 252 79.02 5.76 -109.55
CA THR W 252 78.34 6.14 -110.80
C THR W 252 77.28 5.14 -111.23
N ALA W 253 77.13 4.03 -110.53
CA ALA W 253 76.13 3.01 -110.86
C ALA W 253 74.70 3.56 -110.79
N ILE W 254 73.83 3.01 -111.64
CA ILE W 254 72.42 3.38 -111.69
C ILE W 254 71.56 2.15 -111.48
N LEU W 255 72.14 0.96 -111.61
CA LEU W 255 71.45 -0.32 -111.45
C LEU W 255 72.41 -1.26 -110.72
N THR W 256 72.02 -1.75 -109.54
CA THR W 256 72.90 -2.64 -108.79
C THR W 256 72.09 -3.75 -108.15
N PHE W 257 72.82 -4.58 -107.42
CA PHE W 257 72.28 -5.69 -106.68
C PHE W 257 73.16 -5.89 -105.45
N LEU W 258 73.38 -4.81 -104.70
CA LEU W 258 74.23 -4.85 -103.52
C LEU W 258 73.64 -5.70 -102.40
N GLY W 259 72.36 -5.49 -102.07
CA GLY W 259 71.75 -6.21 -100.99
C GLY W 259 72.05 -5.53 -99.66
N GLY W 260 71.31 -5.93 -98.63
CA GLY W 260 71.54 -5.36 -97.33
C GLY W 260 71.13 -3.90 -97.27
N PHE W 261 71.73 -3.18 -96.33
CA PHE W 261 71.39 -1.78 -96.12
C PHE W 261 72.64 -0.93 -96.20
N HIS W 262 72.44 0.32 -96.60
CA HIS W 262 73.51 1.31 -96.61
C HIS W 262 73.99 1.48 -95.18
N PRO W 263 75.30 1.32 -94.93
CA PRO W 263 75.84 1.39 -93.55
C PRO W 263 75.58 2.69 -92.78
N GLN W 264 75.45 3.82 -93.44
CA GLN W 264 75.17 5.06 -92.72
C GLN W 264 73.68 5.27 -92.45
N THR W 265 72.85 5.27 -93.50
CA THR W 265 71.41 5.49 -93.38
C THR W 265 70.66 4.33 -92.74
N GLN W 266 71.18 3.10 -92.82
CA GLN W 266 70.45 1.86 -92.52
C GLN W 266 69.15 1.76 -93.30
N SER W 267 69.27 1.85 -94.62
CA SER W 267 68.14 1.66 -95.53
C SER W 267 68.66 1.23 -96.89
N LEU W 268 67.74 0.76 -97.73
CA LEU W 268 68.03 0.28 -99.07
C LEU W 268 68.81 1.26 -99.95
N TRP W 269 69.53 0.67 -100.90
CA TRP W 269 70.31 1.41 -101.87
C TRP W 269 69.36 1.93 -102.94
N LEU W 270 69.54 3.19 -103.37
CA LEU W 270 68.69 3.74 -104.43
C LEU W 270 68.75 2.92 -105.71
N THR W 271 69.96 2.52 -106.11
CA THR W 271 70.14 1.69 -107.30
C THR W 271 69.44 0.34 -107.16
N ASP W 272 69.37 -0.17 -105.93
CA ASP W 272 68.69 -1.44 -105.65
C ASP W 272 67.18 -1.30 -105.80
N ILE W 273 66.63 -0.16 -105.36
CA ILE W 273 65.20 0.08 -105.52
C ILE W 273 64.82 0.22 -106.99
N ALA W 274 65.72 0.76 -107.81
CA ALA W 274 65.40 1.05 -109.21
C ALA W 274 65.29 -0.23 -110.03
N HIS W 275 66.25 -1.15 -109.87
CA HIS W 275 66.25 -2.41 -110.61
C HIS W 275 65.01 -3.25 -110.29
N HIS W 276 64.62 -3.28 -109.01
CA HIS W 276 63.42 -4.01 -108.57
C HIS W 276 62.17 -3.54 -109.32
N HIS W 277 61.95 -2.21 -109.35
CA HIS W 277 60.79 -1.64 -110.04
C HIS W 277 60.85 -1.85 -111.54
N LEU W 278 62.04 -1.79 -112.12
CA LEU W 278 62.18 -2.01 -113.55
C LEU W 278 61.80 -3.45 -113.90
N ALA W 279 62.27 -4.40 -113.09
CA ALA W 279 61.97 -5.82 -113.30
C ALA W 279 60.49 -6.15 -113.18
N ILE W 280 59.84 -5.73 -112.08
CA ILE W 280 58.41 -5.96 -111.86
C ILE W 280 57.58 -5.37 -113.01
N ALA W 281 57.97 -4.19 -113.51
CA ALA W 281 57.29 -3.51 -114.62
C ALA W 281 57.16 -4.42 -115.84
N VAL W 282 58.26 -5.07 -116.22
CA VAL W 282 58.32 -6.01 -117.33
C VAL W 282 57.27 -7.12 -117.15
N LEU W 283 57.22 -7.70 -115.94
CA LEU W 283 56.26 -8.76 -115.60
C LEU W 283 54.81 -8.35 -115.87
N PHE W 284 54.40 -7.15 -115.43
CA PHE W 284 53.02 -6.72 -115.65
C PHE W 284 52.69 -6.40 -117.10
N ILE W 285 53.61 -5.81 -117.86
CA ILE W 285 53.34 -5.47 -119.26
C ILE W 285 53.11 -6.72 -120.11
N VAL W 286 53.85 -7.80 -119.85
CA VAL W 286 53.66 -9.02 -120.62
C VAL W 286 52.31 -9.67 -120.30
N ALA W 287 52.00 -9.89 -119.02
CA ALA W 287 50.73 -10.47 -118.58
C ALA W 287 49.52 -9.65 -119.03
N GLY W 288 49.67 -8.34 -119.20
CA GLY W 288 48.62 -7.44 -119.62
C GLY W 288 48.27 -7.50 -121.09
N HIS W 289 48.82 -8.45 -121.84
CA HIS W 289 48.53 -8.62 -123.25
C HIS W 289 47.96 -10.00 -123.55
N MET W 290 47.23 -10.60 -122.61
CA MET W 290 46.68 -11.94 -122.80
C MET W 290 45.24 -11.94 -123.28
N TYR W 291 44.38 -11.04 -122.81
CA TYR W 291 42.99 -11.08 -123.24
C TYR W 291 42.83 -10.16 -124.44
N GLY W 321 32.20 -19.53 -116.25
CA GLY W 321 30.85 -19.15 -115.86
C GLY W 321 30.82 -18.17 -114.71
N LEU W 322 31.83 -18.24 -113.85
CA LEU W 322 31.95 -17.33 -112.72
C LEU W 322 32.21 -15.89 -113.17
N TYR W 323 32.89 -15.72 -114.32
CA TYR W 323 33.13 -14.39 -114.88
C TYR W 323 31.82 -13.65 -115.18
N ASP W 324 30.76 -14.38 -115.51
CA ASP W 324 29.45 -13.77 -115.68
C ASP W 324 28.80 -13.37 -114.35
N THR W 325 29.39 -13.75 -113.23
CA THR W 325 28.85 -13.41 -111.91
C THR W 325 29.68 -12.33 -111.23
N VAL W 326 31.02 -12.37 -111.41
CA VAL W 326 31.89 -11.37 -110.82
C VAL W 326 31.82 -10.05 -111.57
N ASN W 327 31.13 -10.04 -112.71
CA ASN W 327 31.03 -8.83 -113.53
C ASN W 327 29.72 -8.09 -113.29
N ASN W 328 28.68 -8.82 -112.87
CA ASN W 328 27.40 -8.16 -112.67
C ASN W 328 27.20 -7.66 -111.25
N SER W 329 28.08 -8.03 -110.32
CA SER W 329 27.94 -7.54 -108.94
C SER W 329 29.06 -6.57 -108.62
N LEU W 330 28.70 -5.31 -108.34
CA LEU W 330 29.69 -4.30 -108.00
C LEU W 330 30.29 -4.58 -106.63
N HIS W 331 29.52 -5.23 -105.75
CA HIS W 331 29.98 -5.58 -104.41
C HIS W 331 30.97 -6.74 -104.43
N PHE W 332 30.82 -7.67 -105.36
CA PHE W 332 31.76 -8.78 -105.45
C PHE W 332 33.12 -8.25 -105.88
N GLN W 333 33.14 -7.39 -106.90
CA GLN W 333 34.39 -6.79 -107.39
C GLN W 333 35.07 -6.00 -106.29
N LEU W 334 34.32 -5.13 -105.64
CA LEU W 334 34.83 -4.30 -104.55
C LEU W 334 35.26 -5.17 -103.39
N GLY W 335 34.44 -6.17 -103.07
CA GLY W 335 34.74 -7.09 -101.98
C GLY W 335 36.00 -7.90 -102.23
N LEU W 336 36.36 -8.10 -103.50
CA LEU W 336 37.68 -8.64 -103.80
C LEU W 336 38.72 -7.53 -103.86
N ALA W 337 38.32 -6.31 -104.23
CA ALA W 337 39.25 -5.21 -104.33
C ALA W 337 39.73 -4.77 -102.96
N LEU W 338 38.82 -4.70 -101.98
CA LEU W 338 39.24 -4.57 -100.58
C LEU W 338 40.05 -5.78 -100.13
N ALA W 339 39.68 -6.98 -100.57
CA ALA W 339 40.43 -8.16 -100.19
C ALA W 339 41.84 -8.13 -100.76
N ALA W 340 42.00 -7.58 -101.96
CA ALA W 340 43.34 -7.29 -102.45
C ALA W 340 43.98 -6.13 -101.71
N LEU W 341 43.23 -5.05 -101.48
CA LEU W 341 43.75 -3.91 -100.74
C LEU W 341 44.10 -4.27 -99.31
N GLY W 342 43.25 -5.06 -98.65
CA GLY W 342 43.53 -5.47 -97.28
C GLY W 342 44.78 -6.31 -97.13
N VAL W 343 45.03 -7.19 -98.11
CA VAL W 343 46.22 -8.04 -98.08
C VAL W 343 47.48 -7.20 -98.24
N ILE W 344 47.53 -6.35 -99.27
CA ILE W 344 48.74 -5.57 -99.49
C ILE W 344 48.95 -4.44 -98.49
N THR W 345 47.96 -4.11 -97.68
CA THR W 345 48.15 -3.07 -96.67
C THR W 345 48.89 -3.63 -95.47
N SER W 346 48.62 -4.90 -95.17
CA SER W 346 49.32 -5.59 -94.10
C SER W 346 50.77 -5.80 -94.48
N LEU W 347 51.01 -6.15 -95.74
CA LEU W 347 52.36 -6.35 -96.28
C LEU W 347 53.21 -5.11 -96.14
N VAL W 348 52.64 -3.94 -96.49
CA VAL W 348 53.33 -2.65 -96.37
C VAL W 348 53.85 -2.45 -94.96
N ALA W 349 53.05 -2.80 -93.95
CA ALA W 349 53.50 -2.65 -92.58
C ALA W 349 54.62 -3.64 -92.24
N GLN W 350 54.43 -4.91 -92.61
CA GLN W 350 55.43 -5.94 -92.32
C GLN W 350 56.75 -5.70 -93.04
N HIS W 351 56.71 -5.35 -94.31
CA HIS W 351 57.95 -5.14 -95.04
C HIS W 351 58.61 -3.79 -94.79
N MET W 352 57.90 -2.76 -94.35
CA MET W 352 58.59 -1.49 -94.13
C MET W 352 59.35 -1.45 -92.81
N TYR W 353 58.93 -2.22 -91.80
CA TYR W 353 59.67 -2.15 -90.54
C TYR W 353 60.90 -3.04 -90.61
N SER W 354 60.84 -4.14 -91.35
CA SER W 354 61.97 -5.05 -91.43
C SER W 354 62.91 -4.66 -92.56
N ILE W 355 62.37 -4.06 -93.61
CA ILE W 355 63.17 -3.57 -94.72
C ILE W 355 62.94 -2.06 -94.81
N PRO W 356 63.72 -1.24 -94.11
CA PRO W 356 63.57 0.21 -94.22
C PRO W 356 64.01 0.70 -95.58
N PRO W 357 63.15 1.39 -96.33
CA PRO W 357 63.55 1.87 -97.65
C PRO W 357 63.96 3.33 -97.70
N TYR W 358 63.78 4.09 -96.63
CA TYR W 358 64.12 5.51 -96.63
C TYR W 358 65.23 5.81 -95.64
N ALA W 359 66.19 6.62 -96.09
CA ALA W 359 67.35 7.04 -95.31
C ALA W 359 66.93 7.59 -93.96
N TYR W 360 67.52 7.04 -92.88
CA TYR W 360 67.32 7.44 -91.48
C TYR W 360 65.90 7.17 -90.97
N LEU W 361 65.03 6.54 -91.76
CA LEU W 361 63.70 6.19 -91.28
C LEU W 361 63.73 5.05 -90.28
N ALA W 362 64.77 4.20 -90.36
CA ALA W 362 64.99 3.19 -89.33
C ALA W 362 65.37 3.84 -88.00
N ARG W 363 65.91 5.05 -88.03
CA ARG W 363 66.41 5.71 -86.83
C ARG W 363 65.38 6.65 -86.20
N ASP W 364 64.38 7.08 -86.96
CA ASP W 364 63.31 7.91 -86.38
C ASP W 364 62.26 6.93 -85.84
N PHE W 365 62.33 6.66 -84.55
CA PHE W 365 61.66 5.49 -83.98
C PHE W 365 60.17 5.73 -83.81
N THR W 366 59.79 6.91 -83.33
CA THR W 366 58.40 7.35 -83.35
C THR W 366 57.82 7.30 -84.76
N THR W 367 58.61 7.68 -85.76
CA THR W 367 58.12 7.66 -87.12
C THR W 367 58.07 6.22 -87.64
N GLN W 368 58.97 5.37 -87.16
CA GLN W 368 58.83 3.94 -87.39
C GLN W 368 57.57 3.40 -86.72
N ALA W 369 57.19 3.99 -85.58
CA ALA W 369 56.07 3.46 -84.81
C ALA W 369 54.73 3.86 -85.42
N ALA W 370 54.57 5.13 -85.81
CA ALA W 370 53.32 5.60 -86.39
C ALA W 370 52.96 4.93 -87.70
N LEU W 371 53.90 4.82 -88.64
CA LEU W 371 53.65 4.20 -89.94
C LEU W 371 53.26 2.72 -89.85
N TYR W 372 53.81 1.98 -88.90
CA TYR W 372 53.45 0.57 -88.81
C TYR W 372 52.04 0.39 -88.28
N THR W 373 51.73 1.10 -87.19
CA THR W 373 50.42 1.01 -86.56
C THR W 373 49.30 1.48 -87.47
N HIS W 374 49.48 2.65 -88.09
CA HIS W 374 48.50 3.25 -89.01
C HIS W 374 48.11 2.29 -90.13
N HIS W 375 49.09 1.82 -90.88
CA HIS W 375 48.84 0.91 -91.99
C HIS W 375 48.31 -0.45 -91.53
N GLN W 376 48.61 -0.88 -90.30
CA GLN W 376 48.07 -2.16 -89.84
C GLN W 376 46.60 -2.05 -89.51
N TYR W 377 46.18 -0.91 -88.96
CA TYR W 377 44.77 -0.71 -88.66
C TYR W 377 43.96 -0.63 -89.95
N ILE W 378 44.50 0.07 -90.95
CA ILE W 378 43.87 0.19 -92.26
C ILE W 378 43.65 -1.21 -92.85
N ALA W 379 44.66 -2.07 -92.74
CA ALA W 379 44.59 -3.43 -93.28
C ALA W 379 43.46 -4.19 -92.62
N GLY W 380 43.26 -3.98 -91.33
CA GLY W 380 42.18 -4.64 -90.63
C GLY W 380 40.82 -4.18 -91.11
N PHE W 381 40.66 -2.86 -91.39
CA PHE W 381 39.38 -2.37 -91.87
C PHE W 381 39.01 -2.91 -93.25
N LEU W 382 39.96 -2.87 -94.20
CA LEU W 382 39.72 -3.40 -95.55
C LEU W 382 39.35 -4.88 -95.53
N MET W 383 40.14 -5.71 -94.81
CA MET W 383 39.85 -7.15 -94.74
C MET W 383 38.46 -7.39 -94.14
N VAL W 384 38.11 -6.64 -93.08
CA VAL W 384 36.78 -6.75 -92.50
C VAL W 384 35.75 -6.21 -93.49
N GLY W 385 36.09 -5.12 -94.18
CA GLY W 385 35.23 -4.51 -95.17
C GLY W 385 35.01 -5.38 -96.37
N ALA W 386 36.04 -6.12 -96.78
CA ALA W 386 35.94 -7.05 -97.90
C ALA W 386 34.86 -8.07 -97.64
N PHE W 387 34.84 -8.60 -96.42
CA PHE W 387 33.84 -9.59 -96.06
C PHE W 387 32.48 -8.94 -95.84
N ALA W 388 32.47 -7.63 -95.53
CA ALA W 388 31.22 -6.93 -95.29
C ALA W 388 30.45 -6.74 -96.59
N HIS W 389 31.15 -6.29 -97.62
CA HIS W 389 30.55 -6.07 -98.93
C HIS W 389 30.25 -7.38 -99.62
N GLY W 390 30.91 -8.45 -99.17
CA GLY W 390 30.67 -9.78 -99.68
C GLY W 390 29.31 -10.25 -99.21
N ALA W 391 28.96 -9.93 -97.97
CA ALA W 391 27.66 -10.29 -97.42
C ALA W 391 26.56 -9.50 -98.11
N ILE W 392 26.85 -8.27 -98.55
CA ILE W 392 25.87 -7.46 -99.25
C ILE W 392 25.59 -8.10 -100.60
N PHE W 393 26.64 -8.61 -101.25
CA PHE W 393 26.53 -9.32 -102.51
C PHE W 393 25.62 -10.52 -102.38
N LEU W 394 25.78 -11.28 -101.30
CA LEU W 394 24.98 -12.47 -101.05
C LEU W 394 23.51 -12.14 -100.85
N VAL W 395 23.18 -10.95 -100.34
CA VAL W 395 21.79 -10.61 -100.11
C VAL W 395 21.15 -9.96 -101.32
N ARG W 396 21.87 -9.13 -102.06
CA ARG W 396 21.22 -8.43 -103.17
C ARG W 396 21.57 -8.97 -104.55
N ASP W 397 22.71 -9.65 -104.68
CA ASP W 397 23.07 -10.08 -106.03
C ASP W 397 23.22 -11.58 -106.23
N TYR W 398 23.52 -12.35 -105.18
CA TYR W 398 23.72 -13.78 -105.36
C TYR W 398 22.42 -14.45 -105.75
N ASP W 399 22.40 -15.02 -106.96
CA ASP W 399 21.21 -15.71 -107.43
C ASP W 399 21.50 -17.20 -107.37
N ALA W 400 20.64 -17.94 -106.66
CA ALA W 400 20.83 -19.38 -106.51
C ALA W 400 20.61 -20.14 -107.81
N GLU W 401 19.86 -19.58 -108.75
CA GLU W 401 19.58 -20.33 -109.97
C GLU W 401 20.49 -19.95 -111.12
N GLN W 402 21.22 -18.83 -111.03
CA GLN W 402 22.25 -18.62 -112.03
C GLN W 402 23.63 -19.02 -111.50
N ASN W 403 23.66 -19.57 -110.29
CA ASN W 403 24.89 -20.03 -109.67
C ASN W 403 24.62 -21.42 -109.14
N LYS W 404 24.71 -22.41 -110.02
CA LYS W 404 24.44 -23.78 -109.62
C LYS W 404 25.51 -24.68 -110.20
N ASN W 405 25.95 -25.64 -109.39
CA ASN W 405 27.06 -26.55 -109.67
C ASN W 405 28.36 -25.82 -110.00
N ASN W 406 28.57 -24.62 -109.45
CA ASN W 406 29.87 -23.99 -109.55
C ASN W 406 30.52 -23.88 -108.18
N VAL W 407 31.77 -23.39 -108.17
CA VAL W 407 32.63 -23.25 -107.00
C VAL W 407 32.00 -22.46 -105.87
N LEU W 408 31.27 -21.38 -106.19
CA LEU W 408 30.61 -20.54 -105.21
C LEU W 408 29.54 -21.26 -104.41
N ALA W 409 28.61 -21.91 -105.11
CA ALA W 409 27.51 -22.61 -104.48
C ALA W 409 27.93 -23.91 -103.83
N ARG W 410 29.19 -24.32 -103.96
CA ARG W 410 29.70 -25.55 -103.37
C ARG W 410 30.34 -25.30 -102.00
N ILE W 411 30.68 -24.05 -101.70
CA ILE W 411 30.96 -23.63 -100.34
C ILE W 411 29.66 -23.55 -99.54
N ILE W 412 28.59 -23.09 -100.19
CA ILE W 412 27.26 -23.05 -99.57
C ILE W 412 26.73 -24.46 -99.32
N ASP W 413 27.22 -25.44 -100.08
CA ASP W 413 26.89 -26.85 -99.88
C ASP W 413 27.28 -27.34 -98.49
N HIS W 414 28.57 -27.31 -98.17
CA HIS W 414 29.05 -27.79 -96.88
C HIS W 414 29.28 -26.61 -95.94
N LYS W 415 28.43 -25.58 -96.08
CA LYS W 415 28.47 -24.36 -95.29
C LYS W 415 28.48 -24.58 -93.78
N GLU W 416 27.71 -25.55 -93.27
CA GLU W 416 27.68 -25.79 -91.83
C GLU W 416 28.98 -26.40 -91.34
N ALA W 417 29.66 -27.16 -92.20
CA ALA W 417 30.94 -27.77 -91.88
C ALA W 417 32.07 -26.77 -91.65
N ILE W 418 32.24 -25.82 -92.59
CA ILE W 418 33.29 -24.79 -92.49
C ILE W 418 33.17 -23.96 -91.21
N ILE W 419 31.99 -23.45 -90.87
CA ILE W 419 31.83 -22.64 -89.66
C ILE W 419 32.11 -23.48 -88.41
N SER W 420 31.56 -24.71 -88.37
CA SER W 420 31.74 -25.58 -87.21
C SER W 420 33.20 -25.93 -86.93
N HIS W 421 34.00 -26.17 -87.97
CA HIS W 421 35.40 -26.46 -87.74
C HIS W 421 36.15 -25.20 -87.30
N LEU W 422 35.87 -24.09 -87.96
CA LEU W 422 36.45 -22.79 -87.64
C LEU W 422 36.08 -22.37 -86.22
N SER W 423 34.87 -22.72 -85.78
CA SER W 423 34.44 -22.42 -84.43
C SER W 423 35.31 -23.14 -83.41
N TRP W 424 35.62 -24.41 -83.68
CA TRP W 424 36.43 -25.24 -82.80
C TRP W 424 37.84 -24.71 -82.62
N VAL W 425 38.53 -24.40 -83.73
CA VAL W 425 39.91 -23.89 -83.71
C VAL W 425 40.01 -22.64 -82.85
N SER W 426 39.02 -21.74 -82.92
CA SER W 426 39.03 -20.53 -82.11
C SER W 426 38.98 -20.92 -80.63
N LEU W 427 38.03 -21.80 -80.26
CA LEU W 427 37.86 -22.31 -78.91
C LEU W 427 39.13 -23.00 -78.45
N PHE W 428 39.71 -23.81 -79.33
CA PHE W 428 40.94 -24.53 -79.07
C PHE W 428 42.08 -23.58 -78.76
N LEU W 429 42.35 -22.66 -79.69
CA LEU W 429 43.39 -21.65 -79.55
C LEU W 429 43.23 -20.83 -78.26
N GLY W 430 42.01 -20.35 -77.99
CA GLY W 430 41.79 -19.49 -76.84
C GLY W 430 42.03 -20.11 -75.48
N PHE W 431 41.43 -21.27 -75.21
CA PHE W 431 41.59 -21.96 -73.92
C PHE W 431 43.04 -22.19 -73.56
N HIS W 432 43.85 -22.64 -74.52
CA HIS W 432 45.26 -22.95 -74.30
C HIS W 432 46.16 -21.72 -74.31
N THR W 433 46.00 -20.76 -75.25
CA THR W 433 46.87 -19.58 -75.24
C THR W 433 46.68 -18.75 -73.98
N LEU W 434 45.42 -18.50 -73.57
CA LEU W 434 45.21 -17.77 -72.32
C LEU W 434 45.73 -18.59 -71.16
N GLY W 435 45.55 -19.91 -71.25
CA GLY W 435 45.96 -20.84 -70.22
C GLY W 435 47.44 -20.80 -69.93
N LEU W 436 48.26 -20.72 -70.97
CA LEU W 436 49.70 -20.66 -70.73
C LEU W 436 50.10 -19.35 -70.03
N TYR W 437 49.49 -18.22 -70.44
CA TYR W 437 49.79 -16.92 -69.83
C TYR W 437 49.43 -16.87 -68.36
N VAL W 438 48.22 -17.35 -68.02
CA VAL W 438 47.75 -17.34 -66.64
C VAL W 438 48.58 -18.29 -65.79
N HIS W 439 49.02 -19.42 -66.38
CA HIS W 439 49.85 -20.40 -65.69
C HIS W 439 51.14 -19.71 -65.23
N ASN W 440 51.83 -19.05 -66.17
CA ASN W 440 53.05 -18.31 -65.86
C ASN W 440 52.83 -17.23 -64.82
N ASP W 441 51.76 -16.44 -64.97
CA ASP W 441 51.42 -15.37 -64.03
C ASP W 441 51.32 -15.86 -62.59
N VAL W 442 50.54 -16.92 -62.35
CA VAL W 442 50.36 -17.46 -61.00
C VAL W 442 51.68 -17.90 -60.38
N VAL W 443 52.43 -18.76 -61.07
CA VAL W 443 53.71 -19.26 -60.58
C VAL W 443 54.71 -18.11 -60.38
N GLN W 444 54.62 -17.06 -61.21
CA GLN W 444 55.45 -15.87 -61.02
C GLN W 444 54.97 -15.06 -59.82
N ALA W 445 53.65 -14.98 -59.64
CA ALA W 445 53.06 -14.32 -58.48
C ALA W 445 53.50 -14.98 -57.17
N PHE W 446 53.69 -16.29 -57.18
CA PHE W 446 54.10 -17.03 -56.00
C PHE W 446 55.62 -17.05 -55.79
N GLY W 447 56.37 -16.18 -56.46
CA GLY W 447 57.80 -16.15 -56.24
C GLY W 447 58.60 -17.24 -56.92
N THR W 448 58.01 -17.96 -57.88
CA THR W 448 58.64 -19.08 -58.57
C THR W 448 58.65 -18.91 -60.09
N PRO W 449 59.43 -17.96 -60.64
CA PRO W 449 59.46 -17.77 -62.11
C PRO W 449 59.92 -18.99 -62.90
N GLU W 450 60.69 -19.90 -62.30
CA GLU W 450 61.18 -21.10 -62.95
C GLU W 450 60.08 -22.11 -63.29
N LYS W 451 58.89 -21.97 -62.71
CA LYS W 451 57.78 -22.87 -62.99
C LYS W 451 56.95 -22.42 -64.18
N GLN W 452 57.32 -21.33 -64.83
CA GLN W 452 56.58 -20.85 -65.98
C GLN W 452 56.69 -21.81 -67.16
N ILE W 453 55.69 -21.76 -68.04
CA ILE W 453 55.70 -22.58 -69.25
C ILE W 453 56.18 -21.67 -70.38
N LEU W 454 57.39 -21.90 -70.86
CA LEU W 454 57.97 -21.10 -71.92
C LEU W 454 58.30 -22.03 -73.08
N ILE W 455 57.60 -21.87 -74.19
CA ILE W 455 57.80 -22.71 -75.36
C ILE W 455 58.68 -21.94 -76.35
N GLU W 456 59.76 -22.57 -76.80
CA GLU W 456 60.62 -21.92 -77.78
C GLU W 456 59.96 -21.97 -79.16
N PRO W 457 59.96 -20.87 -79.92
CA PRO W 457 59.39 -20.83 -81.29
C PRO W 457 60.32 -21.51 -82.30
N VAL W 458 60.57 -22.80 -82.07
CA VAL W 458 61.54 -23.57 -82.86
C VAL W 458 61.17 -23.63 -84.34
N PHE W 459 59.88 -23.71 -84.69
CA PHE W 459 59.56 -23.72 -86.12
C PHE W 459 59.93 -22.37 -86.74
N ALA W 460 59.72 -21.29 -85.99
CA ALA W 460 60.09 -19.96 -86.49
C ALA W 460 61.59 -19.83 -86.55
N GLN W 461 62.26 -20.20 -85.45
CA GLN W 461 63.72 -20.18 -85.35
C GLN W 461 64.40 -21.06 -86.38
N TRP W 462 63.71 -22.11 -86.84
CA TRP W 462 64.13 -22.85 -88.02
C TRP W 462 64.19 -21.94 -89.24
N ILE W 463 63.15 -21.14 -89.47
CA ILE W 463 62.99 -20.44 -90.75
C ILE W 463 64.03 -19.33 -90.91
N GLN W 464 64.30 -18.57 -89.83
CA GLN W 464 65.33 -17.53 -89.88
C GLN W 464 66.70 -18.16 -90.13
N SER W 465 66.97 -19.29 -89.46
CA SER W 465 68.15 -20.10 -89.74
C SER W 465 68.16 -20.63 -91.15
N VAL W 466 66.99 -20.95 -91.72
CA VAL W 466 66.90 -21.28 -93.14
C VAL W 466 67.12 -20.03 -93.97
N HIS W 467 66.72 -18.86 -93.48
CA HIS W 467 67.03 -17.63 -94.20
C HIS W 467 68.46 -17.15 -94.03
N GLY W 468 69.27 -17.81 -93.20
CA GLY W 468 70.64 -17.37 -93.05
C GLY W 468 71.01 -16.82 -91.70
N LYS W 469 70.05 -16.75 -90.77
CA LYS W 469 70.35 -16.23 -89.45
C LYS W 469 71.05 -17.32 -88.65
N SER W 470 72.36 -17.18 -88.48
CA SER W 470 73.18 -18.17 -87.79
C SER W 470 73.11 -18.05 -86.27
N LEU W 471 72.20 -17.20 -85.76
CA LEU W 471 72.04 -17.02 -84.33
C LEU W 471 71.45 -18.26 -83.67
N TYR W 472 70.43 -18.87 -84.26
CA TYR W 472 69.84 -20.02 -83.60
C TYR W 472 70.64 -21.30 -83.86
N GLY W 473 71.56 -21.26 -84.81
CA GLY W 473 72.41 -22.40 -85.10
C GLY W 473 71.79 -23.70 -85.57
N PHE W 474 70.76 -23.66 -86.42
CA PHE W 474 70.20 -24.91 -86.90
C PHE W 474 71.03 -25.53 -88.02
N GLU W 475 71.88 -24.72 -88.66
CA GLU W 475 73.05 -25.15 -89.42
C GLU W 475 72.70 -25.85 -90.73
N VAL W 476 71.51 -25.59 -91.29
CA VAL W 476 71.12 -26.06 -92.61
C VAL W 476 70.60 -24.86 -93.38
N LEU W 477 70.75 -24.88 -94.72
CA LEU W 477 70.18 -23.88 -95.62
C LEU W 477 70.64 -22.45 -95.33
N LEU W 478 71.82 -22.09 -95.84
CA LEU W 478 72.51 -20.81 -95.75
C LEU W 478 72.86 -20.41 -94.31
N ASN W 479 72.68 -21.30 -93.34
CA ASN W 479 73.71 -21.48 -92.33
C ASN W 479 74.65 -22.60 -92.74
N ASN W 480 74.18 -23.50 -93.61
CA ASN W 480 75.05 -24.44 -94.30
C ASN W 480 75.84 -23.66 -95.34
N ALA W 481 77.16 -23.64 -95.18
CA ALA W 481 78.01 -22.85 -96.06
C ALA W 481 78.24 -23.49 -97.42
N ASP W 482 77.77 -24.72 -97.62
CA ASP W 482 78.08 -25.49 -98.82
C ASP W 482 76.85 -25.86 -99.62
N SER W 483 75.65 -25.54 -99.12
CA SER W 483 74.40 -25.84 -99.81
C SER W 483 74.31 -25.12 -101.15
N ILE W 484 73.68 -25.80 -102.10
CA ILE W 484 73.48 -25.29 -103.47
C ILE W 484 72.70 -23.98 -103.53
N THR W 485 71.91 -23.66 -102.50
CA THR W 485 71.18 -22.40 -102.47
C THR W 485 72.12 -21.20 -102.34
N ARG W 486 73.06 -21.28 -101.39
CA ARG W 486 74.00 -20.19 -101.15
C ARG W 486 75.00 -20.02 -102.29
N VAL W 487 75.44 -21.13 -102.88
CA VAL W 487 76.44 -21.07 -103.93
C VAL W 487 75.81 -20.70 -105.27
N ALA W 488 74.63 -21.30 -105.59
CA ALA W 488 73.91 -21.25 -106.86
C ALA W 488 74.78 -21.63 -108.04
N PRO W 489 75.07 -22.92 -108.23
CA PRO W 489 75.95 -23.35 -109.33
C PRO W 489 75.29 -23.29 -110.71
N GLY W 490 74.05 -22.84 -110.82
CA GLY W 490 73.36 -22.77 -112.09
C GLY W 490 73.92 -21.73 -113.03
N SER W 491 73.85 -20.45 -112.65
CA SER W 491 74.40 -19.40 -113.51
C SER W 491 75.10 -18.28 -112.74
N ALA W 492 75.63 -18.58 -111.54
CA ALA W 492 76.45 -17.67 -110.72
C ALA W 492 75.71 -16.37 -110.39
N GLN W 493 74.43 -16.50 -110.08
CA GLN W 493 73.53 -15.39 -109.81
C GLN W 493 73.57 -14.71 -108.43
N PRO W 494 73.91 -15.40 -107.30
CA PRO W 494 73.20 -15.15 -106.04
C PRO W 494 73.60 -13.90 -105.27
N ILE W 495 74.14 -12.89 -105.94
CA ILE W 495 74.94 -11.81 -105.35
C ILE W 495 74.22 -10.90 -104.36
N TRP W 496 72.95 -11.15 -104.03
CA TRP W 496 72.37 -10.44 -102.89
C TRP W 496 72.94 -10.91 -101.57
N LEU W 497 73.49 -12.12 -101.55
CA LEU W 497 74.02 -12.84 -100.40
C LEU W 497 75.08 -12.17 -99.52
N PRO W 498 76.11 -11.45 -100.03
CA PRO W 498 77.07 -10.84 -99.08
C PRO W 498 76.46 -9.79 -98.18
N GLY W 499 75.78 -8.79 -98.77
CA GLY W 499 75.11 -7.74 -98.03
C GLY W 499 74.08 -8.25 -97.05
N TRP W 500 73.33 -9.26 -97.52
CA TRP W 500 72.28 -9.88 -96.73
C TRP W 500 72.82 -10.62 -95.50
N LEU W 501 73.86 -11.44 -95.66
CA LEU W 501 74.42 -12.20 -94.54
C LEU W 501 75.01 -11.29 -93.45
N ASP W 502 75.58 -10.15 -93.83
CA ASP W 502 76.11 -9.20 -92.87
C ASP W 502 75.01 -8.66 -91.96
N ALA W 503 73.89 -8.26 -92.55
CA ALA W 503 72.70 -7.71 -91.92
C ALA W 503 71.92 -8.71 -91.09
N ILE W 504 71.78 -9.95 -91.56
CA ILE W 504 71.00 -10.95 -90.83
C ILE W 504 71.70 -11.43 -89.56
N ASN W 505 73.00 -11.16 -89.41
CA ASN W 505 73.66 -11.61 -88.20
C ASN W 505 73.93 -10.46 -87.25
N SER W 506 73.89 -9.23 -87.74
CA SER W 506 74.08 -8.05 -86.91
C SER W 506 72.72 -7.74 -86.27
N GLY W 507 72.73 -7.45 -84.97
CA GLY W 507 71.49 -7.16 -84.27
C GLY W 507 71.18 -5.68 -84.19
N ASN W 508 71.73 -4.90 -85.13
CA ASN W 508 71.57 -3.46 -85.14
C ASN W 508 70.38 -2.99 -85.95
N ASN W 509 69.51 -3.89 -86.42
CA ASN W 509 68.35 -3.51 -87.19
C ASN W 509 67.18 -4.39 -86.76
N SER W 510 66.14 -4.42 -87.58
CA SER W 510 64.94 -5.20 -87.31
C SER W 510 64.73 -6.27 -88.37
N LEU W 511 65.78 -6.60 -89.10
CA LEU W 511 65.77 -7.63 -90.14
C LEU W 511 65.82 -9.00 -89.48
N PHE W 512 64.65 -9.58 -89.18
CA PHE W 512 64.47 -10.89 -88.56
C PHE W 512 64.91 -10.88 -87.09
N LEU W 513 64.23 -10.01 -86.34
CA LEU W 513 64.41 -9.82 -84.90
C LEU W 513 64.43 -11.13 -84.09
N THR W 514 65.25 -11.11 -83.04
CA THR W 514 65.38 -12.26 -82.13
C THR W 514 64.07 -12.52 -81.40
N ILE W 515 63.73 -13.80 -81.24
CA ILE W 515 62.48 -14.19 -80.60
C ILE W 515 62.74 -15.17 -79.47
N GLY W 516 61.78 -15.23 -78.56
CA GLY W 516 61.83 -16.12 -77.43
C GLY W 516 60.42 -16.55 -77.08
N PRO W 517 60.23 -16.99 -75.82
CA PRO W 517 58.90 -17.43 -75.36
C PRO W 517 57.78 -16.42 -75.53
N GLY W 518 58.08 -15.13 -75.32
CA GLY W 518 57.09 -14.07 -75.47
C GLY W 518 56.53 -13.99 -76.86
N ASP W 519 57.39 -14.08 -77.86
CA ASP W 519 57.00 -14.05 -79.26
C ASP W 519 56.17 -15.26 -79.65
N PHE W 520 56.38 -16.39 -78.97
CA PHE W 520 55.63 -17.61 -79.26
C PHE W 520 54.16 -17.42 -78.90
N LEU W 521 53.91 -17.05 -77.63
CA LEU W 521 52.56 -16.86 -77.10
C LEU W 521 51.75 -15.83 -77.89
N VAL W 522 52.32 -14.63 -78.11
CA VAL W 522 51.61 -13.60 -78.86
C VAL W 522 51.29 -14.07 -80.28
N HIS W 523 52.22 -14.75 -80.97
CA HIS W 523 51.96 -15.22 -82.33
C HIS W 523 50.78 -16.17 -82.39
N HIS W 524 50.54 -16.92 -81.31
CA HIS W 524 49.40 -17.82 -81.29
C HIS W 524 48.16 -17.05 -80.87
N ALA W 525 48.38 -15.94 -80.17
CA ALA W 525 47.28 -15.06 -79.77
C ALA W 525 46.79 -14.32 -81.02
N ILE W 526 47.74 -13.90 -81.85
CA ILE W 526 47.42 -13.20 -83.09
C ILE W 526 46.67 -14.17 -84.00
N ALA W 527 47.11 -15.45 -83.99
CA ALA W 527 46.46 -16.47 -84.78
C ALA W 527 45.05 -16.65 -84.25
N LEU W 528 44.92 -16.66 -82.92
CA LEU W 528 43.62 -16.73 -82.26
C LEU W 528 42.79 -15.53 -82.67
N GLY W 529 43.44 -14.37 -82.79
CA GLY W 529 42.74 -13.17 -83.18
C GLY W 529 42.33 -13.25 -84.64
N LEU W 530 43.24 -13.71 -85.49
CA LEU W 530 42.92 -13.87 -86.91
C LEU W 530 41.84 -14.93 -87.11
N HIS W 531 41.82 -15.98 -86.29
CA HIS W 531 40.82 -17.03 -86.49
C HIS W 531 39.43 -16.61 -86.01
N THR W 532 39.35 -15.94 -84.86
CA THR W 532 38.03 -15.50 -84.39
C THR W 532 37.45 -14.39 -85.26
N THR W 533 38.30 -13.47 -85.74
CA THR W 533 37.83 -12.38 -86.59
C THR W 533 37.35 -12.90 -87.95
N THR W 534 38.07 -13.87 -88.51
CA THR W 534 37.67 -14.42 -89.79
C THR W 534 36.38 -15.24 -89.71
N LEU W 535 36.16 -15.97 -88.61
CA LEU W 535 34.99 -16.80 -88.45
C LEU W 535 33.69 -16.01 -88.52
N ILE W 536 33.61 -14.94 -87.74
CA ILE W 536 32.42 -14.10 -87.69
C ILE W 536 32.13 -13.48 -89.06
N LEU W 537 33.16 -13.00 -89.75
CA LEU W 537 32.97 -12.37 -91.04
C LEU W 537 32.54 -13.39 -92.09
N VAL W 538 33.10 -14.60 -92.04
CA VAL W 538 32.70 -15.60 -93.02
C VAL W 538 31.29 -16.07 -92.68
N LYS W 539 31.02 -16.32 -91.37
CA LYS W 539 29.69 -16.75 -90.93
C LYS W 539 28.66 -15.67 -91.26
N GLY W 540 29.03 -14.40 -91.06
CA GLY W 540 28.12 -13.29 -91.33
C GLY W 540 27.67 -13.25 -92.77
N ALA W 541 28.60 -13.49 -93.69
CA ALA W 541 28.25 -13.51 -95.10
C ALA W 541 27.44 -14.77 -95.37
N LEU W 542 27.92 -15.91 -94.83
CA LEU W 542 27.26 -17.18 -95.07
C LEU W 542 25.90 -17.28 -94.38
N ASP W 543 25.63 -16.45 -93.37
CA ASP W 543 24.31 -16.53 -92.75
C ASP W 543 23.44 -15.36 -93.14
N ALA W 544 23.96 -14.45 -93.98
CA ALA W 544 23.25 -13.30 -94.48
C ALA W 544 21.93 -13.68 -95.17
N ARG W 545 21.95 -14.65 -96.06
CA ARG W 545 20.74 -15.07 -96.75
C ARG W 545 19.77 -15.85 -95.88
N GLY W 546 20.26 -16.61 -94.90
CA GLY W 546 19.37 -17.37 -94.02
C GLY W 546 19.95 -18.43 -93.11
N SER W 547 19.20 -18.76 -92.06
CA SER W 547 19.51 -19.78 -91.07
C SER W 547 18.20 -20.41 -90.63
N LYS W 548 18.25 -21.35 -89.68
CA LYS W 548 17.00 -21.90 -89.17
C LYS W 548 16.26 -20.86 -88.36
N LEU W 549 16.98 -20.03 -87.60
CA LEU W 549 16.33 -19.02 -86.78
C LEU W 549 15.72 -17.94 -87.67
N MET W 550 16.26 -17.74 -88.87
CA MET W 550 15.70 -16.75 -89.81
C MET W 550 15.91 -17.16 -91.27
N PRO W 551 15.10 -18.08 -91.77
CA PRO W 551 15.19 -18.53 -93.19
C PRO W 551 15.02 -17.46 -94.26
N ASP W 552 14.23 -16.42 -94.03
CA ASP W 552 13.97 -15.43 -95.08
C ASP W 552 14.68 -14.11 -94.88
N LYS W 553 15.81 -14.11 -94.16
CA LYS W 553 16.62 -12.94 -93.84
C LYS W 553 16.88 -12.04 -95.04
N LYS W 554 17.17 -12.63 -96.21
CA LYS W 554 17.43 -11.92 -97.45
C LYS W 554 16.31 -10.96 -97.89
N ASP W 555 15.06 -11.22 -97.49
CA ASP W 555 13.91 -10.41 -97.86
C ASP W 555 13.85 -9.07 -97.13
N PHE W 556 14.61 -8.91 -96.06
CA PHE W 556 14.63 -7.71 -95.26
C PHE W 556 15.83 -6.83 -95.58
N GLY W 557 16.67 -7.24 -96.52
CA GLY W 557 17.84 -6.47 -96.88
C GLY W 557 18.97 -6.75 -95.91
N TYR W 558 20.09 -6.09 -96.18
CA TYR W 558 21.30 -6.26 -95.36
C TYR W 558 21.10 -5.84 -93.91
N SER W 559 20.76 -4.57 -93.69
CA SER W 559 20.82 -3.97 -92.36
C SER W 559 19.40 -3.68 -91.88
N PHE W 560 18.90 -4.52 -90.96
CA PHE W 560 17.59 -4.28 -90.38
C PHE W 560 17.72 -4.58 -88.89
N PRO W 561 16.92 -3.91 -87.99
CA PRO W 561 17.04 -4.13 -86.53
C PRO W 561 17.12 -5.54 -85.94
N CYS W 562 16.16 -6.42 -86.25
CA CYS W 562 16.00 -7.76 -85.69
C CYS W 562 14.69 -8.31 -86.18
N ASP W 563 14.16 -9.30 -85.45
CA ASP W 563 12.91 -9.97 -85.81
C ASP W 563 12.00 -10.13 -84.60
N GLY W 564 12.12 -9.22 -83.65
CA GLY W 564 11.31 -9.20 -82.46
C GLY W 564 11.72 -10.15 -81.36
N PRO W 565 11.08 -10.04 -80.20
CA PRO W 565 11.39 -10.91 -79.07
C PRO W 565 10.85 -12.32 -79.20
N GLY W 566 10.13 -12.62 -80.28
CA GLY W 566 9.60 -13.94 -80.48
C GLY W 566 10.69 -14.90 -80.87
N ARG W 567 10.30 -16.19 -80.87
CA ARG W 567 11.18 -17.33 -81.18
C ARG W 567 12.41 -17.34 -80.28
N GLY W 568 12.23 -16.87 -79.04
CA GLY W 568 13.30 -16.80 -78.08
C GLY W 568 14.01 -15.47 -77.99
N GLY W 569 14.03 -14.69 -79.07
CA GLY W 569 14.72 -13.41 -79.08
C GLY W 569 15.63 -13.35 -80.28
N THR W 570 15.68 -12.22 -80.98
CA THR W 570 16.48 -12.17 -82.19
C THR W 570 17.46 -11.01 -82.32
N CYS W 571 17.82 -10.33 -81.24
CA CYS W 571 18.81 -9.24 -81.31
C CYS W 571 20.11 -9.71 -81.96
N ASP W 572 20.71 -8.81 -82.75
CA ASP W 572 21.99 -8.99 -83.45
C ASP W 572 21.95 -10.15 -84.44
N ILE W 573 20.81 -10.33 -85.10
CA ILE W 573 20.63 -11.43 -86.05
C ILE W 573 20.91 -10.98 -87.49
N SER W 574 21.08 -9.69 -87.73
CA SER W 574 21.27 -9.27 -89.10
C SER W 574 22.74 -9.36 -89.49
N ALA W 575 22.95 -9.52 -90.81
CA ALA W 575 24.28 -9.59 -91.38
C ALA W 575 25.12 -8.36 -91.06
N TRP W 576 24.48 -7.20 -90.90
CA TRP W 576 25.20 -5.98 -90.58
C TRP W 576 25.81 -6.10 -89.20
N ASP W 577 25.06 -6.70 -88.27
CA ASP W 577 25.47 -6.91 -86.89
C ASP W 577 26.68 -7.82 -86.79
N ALA W 578 26.84 -8.73 -87.73
CA ALA W 578 28.01 -9.60 -87.73
C ALA W 578 29.25 -8.78 -88.07
N PHE W 579 29.13 -7.86 -89.03
CA PHE W 579 30.25 -6.98 -89.35
C PHE W 579 30.60 -6.15 -88.12
N TYR W 580 29.55 -5.64 -87.47
CA TYR W 580 29.59 -4.81 -86.27
C TYR W 580 30.30 -5.48 -85.11
N LEU W 581 30.03 -6.76 -84.86
CA LEU W 581 30.70 -7.42 -83.75
C LEU W 581 32.16 -7.66 -84.11
N ALA W 582 32.41 -8.02 -85.37
CA ALA W 582 33.75 -8.28 -85.86
C ALA W 582 34.65 -7.05 -85.81
N VAL W 583 34.10 -5.84 -85.89
CA VAL W 583 34.90 -4.63 -85.79
C VAL W 583 35.51 -4.51 -84.40
N PHE W 584 34.81 -5.03 -83.38
CA PHE W 584 35.39 -5.12 -82.05
C PHE W 584 36.54 -6.12 -82.02
N TRP W 585 36.38 -7.27 -82.69
CA TRP W 585 37.44 -8.27 -82.68
C TRP W 585 38.68 -7.89 -83.46
N MET W 586 38.52 -7.19 -84.59
CA MET W 586 39.69 -6.78 -85.38
C MET W 586 40.54 -5.78 -84.61
N LEU W 587 39.90 -4.79 -83.97
CA LEU W 587 40.64 -3.80 -83.18
C LEU W 587 41.47 -4.51 -82.12
N ASN W 588 40.86 -5.49 -81.45
CA ASN W 588 41.58 -6.27 -80.47
C ASN W 588 42.74 -7.01 -81.13
N THR W 589 42.50 -7.57 -82.32
CA THR W 589 43.54 -8.32 -83.01
C THR W 589 44.64 -7.41 -83.52
N ILE W 590 44.27 -6.36 -84.27
CA ILE W 590 45.24 -5.39 -84.78
C ILE W 590 45.90 -4.64 -83.62
N GLY W 591 45.20 -4.53 -82.50
CA GLY W 591 45.76 -3.90 -81.32
C GLY W 591 46.89 -4.75 -80.76
N TRP W 592 46.60 -6.05 -80.53
CA TRP W 592 47.60 -6.98 -80.01
C TRP W 592 48.83 -7.06 -80.91
N THR W 593 48.66 -6.95 -82.23
CA THR W 593 49.81 -6.93 -83.13
C THR W 593 50.63 -5.67 -82.91
N THR W 594 49.97 -4.51 -82.90
CA THR W 594 50.66 -3.26 -82.64
C THR W 594 51.18 -3.18 -81.22
N PHE W 595 50.47 -3.77 -80.24
CA PHE W 595 50.98 -3.81 -78.87
C PHE W 595 52.28 -4.58 -78.80
N TYR W 596 52.34 -5.72 -79.48
CA TYR W 596 53.50 -6.59 -79.55
C TYR W 596 54.66 -5.90 -80.23
N TRP W 597 54.39 -5.35 -81.42
CA TRP W 597 55.38 -4.65 -82.21
C TRP W 597 55.98 -3.47 -81.46
N HIS W 598 55.12 -2.76 -80.72
CA HIS W 598 55.59 -1.58 -80.01
C HIS W 598 56.51 -1.91 -78.85
N TRP W 599 56.05 -2.76 -77.93
CA TRP W 599 56.83 -3.14 -76.75
C TRP W 599 58.18 -3.75 -77.13
N LYS W 600 58.20 -4.64 -78.12
CA LYS W 600 59.43 -5.28 -78.57
C LYS W 600 60.43 -4.25 -79.04
N HIS W 601 59.97 -3.32 -79.88
CA HIS W 601 60.80 -2.26 -80.44
C HIS W 601 61.35 -1.30 -79.39
N LEU W 602 60.66 -1.12 -78.25
CA LEU W 602 61.17 -0.23 -77.19
C LEU W 602 62.53 -0.67 -76.68
N GLY W 603 62.70 -1.96 -76.41
CA GLY W 603 63.96 -2.46 -75.93
C GLY W 603 65.08 -2.40 -76.96
N VAL W 604 64.78 -2.82 -78.20
CA VAL W 604 65.77 -2.77 -79.28
C VAL W 604 66.25 -1.32 -79.51
N TRP W 605 65.34 -0.34 -79.43
CA TRP W 605 65.76 1.04 -79.68
C TRP W 605 66.51 1.59 -78.48
N GLN W 606 66.29 1.00 -77.31
CA GLN W 606 67.04 1.35 -76.12
C GLN W 606 68.13 0.34 -75.78
N GLY W 607 68.42 -0.57 -76.71
CA GLY W 607 69.45 -1.59 -76.61
C GLY W 607 69.38 -2.52 -75.41
N ASN W 608 68.22 -2.65 -74.78
CA ASN W 608 68.03 -3.53 -73.61
C ASN W 608 66.86 -4.45 -73.95
N VAL W 609 67.08 -5.37 -74.88
CA VAL W 609 66.03 -6.31 -75.26
C VAL W 609 65.65 -7.27 -74.11
N ALA W 610 66.51 -7.44 -73.09
CA ALA W 610 66.29 -8.35 -71.96
C ALA W 610 65.02 -8.10 -71.13
N GLN W 611 64.60 -6.83 -70.94
CA GLN W 611 63.41 -6.52 -70.16
C GLN W 611 62.17 -7.19 -70.75
N PHE W 612 61.97 -7.01 -72.05
CA PHE W 612 60.88 -7.59 -72.83
C PHE W 612 60.91 -9.10 -72.85
N ASN W 613 62.06 -9.69 -73.19
CA ASN W 613 62.27 -11.14 -73.31
C ASN W 613 61.77 -11.93 -72.10
N GLU W 614 61.97 -11.44 -70.88
CA GLU W 614 61.52 -12.22 -69.73
C GLU W 614 60.11 -11.87 -69.22
N SER W 615 59.69 -10.62 -69.35
CA SER W 615 58.38 -10.18 -68.87
C SER W 615 57.22 -10.40 -69.84
N SER W 616 57.48 -10.50 -71.15
CA SER W 616 56.41 -10.66 -72.13
C SER W 616 55.75 -12.04 -72.13
N THR W 617 56.25 -12.99 -71.35
CA THR W 617 55.65 -14.32 -71.39
C THR W 617 54.50 -14.45 -70.39
N TYR W 618 54.27 -13.44 -69.56
CA TYR W 618 53.12 -13.39 -68.66
C TYR W 618 52.47 -12.03 -68.83
N LEU W 619 51.16 -11.98 -68.63
CA LEU W 619 50.39 -10.77 -68.87
C LEU W 619 50.66 -9.64 -67.88
N MET W 620 51.05 -9.92 -66.62
CA MET W 620 51.37 -8.83 -65.68
C MET W 620 52.55 -7.99 -66.20
N GLY W 621 53.39 -8.60 -67.04
CA GLY W 621 54.53 -7.90 -67.59
C GLY W 621 54.07 -6.86 -68.58
N TRP W 622 53.02 -7.20 -69.34
CA TRP W 622 52.44 -6.29 -70.30
C TRP W 622 51.72 -5.16 -69.57
N PHE W 623 51.34 -5.42 -68.32
CA PHE W 623 50.70 -4.41 -67.49
C PHE W 623 51.73 -3.59 -66.74
N ARG W 624 52.83 -4.21 -66.31
CA ARG W 624 53.79 -3.45 -65.54
C ARG W 624 54.85 -2.80 -66.43
N ASP W 625 55.45 -3.57 -67.33
CA ASP W 625 56.52 -3.02 -68.14
C ASP W 625 56.08 -2.45 -69.48
N TYR W 626 54.82 -2.59 -69.86
CA TYR W 626 54.40 -1.99 -71.13
C TYR W 626 53.43 -0.85 -70.96
N LEU W 627 52.26 -1.07 -70.34
CA LEU W 627 51.28 0.01 -70.23
C LEU W 627 51.62 1.01 -69.15
N TRP W 628 51.78 0.57 -67.90
CA TRP W 628 52.10 1.47 -66.80
C TRP W 628 53.44 2.15 -66.94
N LEU W 629 54.49 1.39 -67.27
CA LEU W 629 55.85 1.92 -67.42
C LEU W 629 55.96 3.01 -68.48
N ASN W 630 55.48 2.74 -69.68
CA ASN W 630 55.60 3.70 -70.77
C ASN W 630 54.61 4.85 -70.72
N SER W 631 53.73 4.91 -69.74
CA SER W 631 52.79 6.02 -69.64
C SER W 631 53.23 7.10 -68.67
N SER W 632 54.43 6.97 -68.10
CA SER W 632 54.96 7.94 -67.15
C SER W 632 55.00 9.38 -67.68
N GLN W 633 55.68 9.61 -68.80
CA GLN W 633 55.77 10.96 -69.36
C GLN W 633 54.45 11.45 -69.95
N LEU W 634 53.81 10.63 -70.81
CA LEU W 634 52.53 10.98 -71.44
C LEU W 634 51.52 11.56 -70.46
N ILE W 635 51.28 10.86 -69.36
CA ILE W 635 50.34 11.28 -68.32
C ILE W 635 50.77 12.54 -67.58
N ASN W 636 52.04 12.94 -67.69
CA ASN W 636 52.52 14.16 -67.05
C ASN W 636 52.73 15.32 -68.02
N GLY W 637 52.11 15.25 -69.21
CA GLY W 637 52.18 16.33 -70.19
C GLY W 637 51.82 17.70 -69.63
N TYR W 638 50.92 17.74 -68.65
CA TYR W 638 50.58 18.94 -67.89
C TYR W 638 50.22 18.45 -66.50
N ASN W 639 50.45 19.28 -65.49
CA ASN W 639 50.17 18.91 -64.11
C ASN W 639 50.12 20.19 -63.23
N PRO W 640 49.93 20.10 -61.89
CA PRO W 640 49.92 21.34 -61.08
C PRO W 640 51.22 22.13 -61.04
N PHE W 641 52.31 21.62 -61.60
CA PHE W 641 53.59 22.30 -61.56
C PHE W 641 53.97 22.93 -62.89
N GLY W 642 53.27 22.59 -63.96
CA GLY W 642 53.57 23.18 -65.24
C GLY W 642 52.94 22.36 -66.34
N MET W 643 53.61 22.36 -67.49
CA MET W 643 53.19 21.60 -68.65
C MET W 643 54.36 21.52 -69.62
N ASN W 644 54.33 20.51 -70.47
CA ASN W 644 55.35 20.33 -71.50
C ASN W 644 54.67 20.13 -72.85
N ASN W 645 55.51 19.87 -73.86
CA ASN W 645 55.12 19.70 -75.26
C ASN W 645 54.29 18.44 -75.53
N LEU W 646 53.86 17.73 -74.49
CA LEU W 646 53.06 16.53 -74.58
C LEU W 646 51.67 16.74 -74.02
N SER W 647 51.31 18.00 -73.72
CA SER W 647 49.98 18.30 -73.22
C SER W 647 48.89 17.94 -74.21
N VAL W 648 49.14 18.09 -75.52
CA VAL W 648 48.14 17.71 -76.52
C VAL W 648 47.90 16.23 -76.39
N TRP W 649 48.97 15.45 -76.49
CA TRP W 649 48.91 13.99 -76.42
C TRP W 649 48.32 13.56 -75.09
N ALA W 650 48.57 14.33 -74.03
CA ALA W 650 48.01 14.00 -72.72
C ALA W 650 46.53 14.31 -72.72
N TRP W 651 46.15 15.41 -73.38
CA TRP W 651 44.75 15.79 -73.47
C TRP W 651 44.01 14.81 -74.37
N MET W 652 44.62 14.49 -75.53
CA MET W 652 44.04 13.53 -76.47
C MET W 652 43.86 12.16 -75.84
N PHE W 653 44.82 11.75 -75.00
CA PHE W 653 44.75 10.43 -74.34
C PHE W 653 43.49 10.37 -73.49
N LEU W 654 43.24 11.44 -72.74
CA LEU W 654 42.04 11.52 -71.91
C LEU W 654 40.82 11.69 -72.81
N PHE W 655 40.97 12.46 -73.88
CA PHE W 655 39.90 12.68 -74.84
C PHE W 655 39.46 11.36 -75.44
N GLY W 656 40.44 10.52 -75.79
CA GLY W 656 40.16 9.22 -76.35
C GLY W 656 39.42 8.32 -75.38
N HIS W 657 39.83 8.33 -74.11
CA HIS W 657 39.18 7.53 -73.08
C HIS W 657 37.72 7.93 -72.95
N LEU W 658 37.43 9.22 -73.05
CA LEU W 658 36.07 9.70 -72.89
C LEU W 658 35.19 9.26 -74.06
N ILE W 659 35.70 9.34 -75.28
CA ILE W 659 34.87 9.01 -76.44
C ILE W 659 34.76 7.50 -76.61
N TRP W 660 35.78 6.74 -76.19
CA TRP W 660 35.68 5.29 -76.11
C TRP W 660 34.55 4.91 -75.19
N ALA W 661 34.53 5.50 -73.99
CA ALA W 661 33.52 5.21 -72.98
C ALA W 661 32.16 5.70 -73.41
N THR W 662 32.10 6.76 -74.22
CA THR W 662 30.84 7.28 -74.70
C THR W 662 30.19 6.27 -75.63
N GLY W 663 30.99 5.47 -76.32
CA GLY W 663 30.45 4.44 -77.18
C GLY W 663 29.74 3.35 -76.40
N PHE W 664 30.21 3.08 -75.18
CA PHE W 664 29.57 2.07 -74.33
C PHE W 664 28.13 2.42 -74.02
N MET W 665 27.83 3.71 -73.97
CA MET W 665 26.48 4.18 -73.67
C MET W 665 25.49 3.73 -74.74
N PHE W 666 25.82 3.94 -76.01
CA PHE W 666 24.94 3.55 -77.09
C PHE W 666 24.85 2.04 -77.25
N LEU W 667 25.91 1.30 -76.94
CA LEU W 667 25.94 -0.14 -77.09
C LEU W 667 25.21 -0.88 -75.98
N ILE W 668 25.16 -0.31 -74.77
CA ILE W 668 24.52 -1.01 -73.66
C ILE W 668 23.08 -0.55 -73.49
N SER W 669 22.82 0.74 -73.54
CA SER W 669 21.45 1.18 -73.38
C SER W 669 20.84 1.22 -74.75
N TRP W 670 19.63 0.69 -74.89
CA TRP W 670 19.00 0.58 -76.21
C TRP W 670 17.84 1.57 -76.35
N ARG W 671 17.35 1.66 -77.59
CA ARG W 671 16.38 2.66 -78.08
C ARG W 671 15.20 2.96 -77.16
N GLY W 672 14.43 1.94 -76.76
CA GLY W 672 13.24 2.10 -75.92
C GLY W 672 13.37 2.98 -74.72
N TYR W 673 14.42 2.80 -73.91
CA TYR W 673 14.66 3.62 -72.73
C TYR W 673 14.68 5.10 -73.08
N TRP W 674 15.43 5.43 -74.14
CA TRP W 674 15.61 6.80 -74.56
C TRP W 674 14.37 7.41 -75.18
N GLN W 675 13.67 6.67 -76.05
CA GLN W 675 12.45 7.17 -76.67
C GLN W 675 11.41 7.56 -75.63
N GLU W 676 11.28 6.79 -74.55
CA GLU W 676 10.33 7.14 -73.49
C GLU W 676 10.80 8.34 -72.71
N LEU W 677 12.11 8.48 -72.53
CA LEU W 677 12.70 9.61 -71.83
C LEU W 677 12.47 10.90 -72.59
N ILE W 678 12.67 10.85 -73.91
CA ILE W 678 12.48 11.98 -74.82
C ILE W 678 11.07 12.53 -74.75
N GLU W 679 10.06 11.66 -74.59
CA GLU W 679 8.67 12.05 -74.50
C GLU W 679 8.40 12.99 -73.33
N THR W 680 9.05 12.80 -72.19
CA THR W 680 8.85 13.71 -71.08
C THR W 680 9.46 15.08 -71.36
N LEU W 681 10.52 15.12 -72.18
CA LEU W 681 11.13 16.38 -72.55
C LEU W 681 10.28 17.12 -73.55
N VAL W 682 9.64 16.36 -74.44
CA VAL W 682 8.75 16.95 -75.42
C VAL W 682 7.56 17.59 -74.70
N TRP W 683 7.00 16.85 -73.73
CA TRP W 683 5.88 17.36 -72.92
C TRP W 683 6.29 18.64 -72.19
N ALA W 684 7.44 18.60 -71.52
CA ALA W 684 7.94 19.73 -70.74
C ALA W 684 8.16 20.97 -71.59
N HIS W 685 8.75 20.83 -72.77
CA HIS W 685 8.96 21.97 -73.65
C HIS W 685 7.65 22.62 -74.04
N GLU W 686 6.68 21.85 -74.54
CA GLU W 686 5.38 22.34 -74.96
C GLU W 686 4.56 22.97 -73.84
N ARG W 687 4.85 22.63 -72.59
CA ARG W 687 4.12 23.17 -71.45
C ARG W 687 4.90 24.23 -70.70
N THR W 688 6.01 24.72 -71.26
CA THR W 688 6.79 25.73 -70.55
C THR W 688 6.60 27.08 -71.20
N PRO W 689 5.99 28.04 -70.52
CA PRO W 689 5.81 29.38 -71.11
C PRO W 689 7.15 30.03 -71.41
N LEU W 690 7.13 30.91 -72.41
CA LEU W 690 8.24 31.68 -73.00
C LEU W 690 9.11 30.78 -73.87
N ALA W 691 8.85 29.48 -73.89
CA ALA W 691 9.52 28.48 -74.69
C ALA W 691 8.55 27.72 -75.55
N ASN W 692 7.34 27.43 -75.02
CA ASN W 692 6.22 26.82 -75.74
C ASN W 692 6.04 27.42 -77.11
N LEU W 693 6.19 28.75 -77.19
CA LEU W 693 6.05 29.62 -78.35
C LEU W 693 6.84 29.12 -79.56
N VAL W 694 7.94 28.40 -79.35
CA VAL W 694 8.79 27.96 -80.44
C VAL W 694 8.61 26.44 -80.55
N ARG W 695 8.77 25.88 -81.76
CA ARG W 695 8.61 24.46 -82.00
C ARG W 695 9.63 23.89 -82.98
N TRP W 696 9.93 22.60 -82.78
CA TRP W 696 10.81 21.81 -83.62
C TRP W 696 10.16 21.55 -84.96
N LYS W 697 10.95 21.45 -86.01
CA LYS W 697 10.33 21.12 -87.28
C LYS W 697 10.26 19.60 -87.47
N ASP W 698 11.24 18.91 -86.90
CA ASP W 698 11.31 17.46 -86.92
C ASP W 698 11.05 16.92 -85.52
N LYS W 699 10.10 15.99 -85.42
CA LYS W 699 9.73 15.44 -84.12
C LYS W 699 10.91 14.67 -83.55
N PRO W 700 11.30 14.93 -82.31
CA PRO W 700 12.43 14.24 -81.71
C PRO W 700 12.17 12.77 -81.42
N VAL W 701 13.12 11.92 -81.82
CA VAL W 701 13.08 10.50 -81.53
C VAL W 701 14.49 10.02 -81.27
N ALA W 702 14.58 8.97 -80.45
CA ALA W 702 15.83 8.29 -80.14
C ALA W 702 16.47 7.70 -81.40
N LEU W 703 17.79 7.53 -81.35
CA LEU W 703 18.52 6.93 -82.46
C LEU W 703 17.98 5.51 -82.68
N SER W 704 18.12 4.99 -83.90
CA SER W 704 17.60 3.65 -84.15
C SER W 704 18.46 2.56 -83.53
N ILE W 705 17.93 1.34 -83.59
CA ILE W 705 18.59 0.16 -83.04
C ILE W 705 19.92 -0.11 -83.76
N VAL W 706 19.86 -0.17 -85.08
CA VAL W 706 21.08 -0.35 -85.88
C VAL W 706 21.97 0.88 -85.75
N GLN W 707 21.35 2.06 -85.83
CA GLN W 707 22.02 3.36 -85.68
C GLN W 707 22.88 3.43 -84.44
N ALA W 708 22.32 3.03 -83.30
CA ALA W 708 23.04 3.05 -82.03
C ALA W 708 24.26 2.14 -82.03
N ARG W 709 24.14 0.97 -82.65
CA ARG W 709 25.26 0.07 -82.75
C ARG W 709 26.39 0.73 -83.52
N LEU W 710 26.06 1.33 -84.67
CA LEU W 710 27.05 2.02 -85.49
C LEU W 710 27.63 3.21 -84.75
N VAL W 711 26.77 4.03 -84.12
CA VAL W 711 27.23 5.24 -83.43
C VAL W 711 28.06 4.85 -82.22
N GLY W 712 27.62 3.83 -81.48
CA GLY W 712 28.40 3.34 -80.35
C GLY W 712 29.74 2.81 -80.79
N LEU W 713 29.75 1.93 -81.80
CA LEU W 713 30.99 1.38 -82.33
C LEU W 713 31.91 2.46 -82.87
N ALA W 714 31.35 3.50 -83.52
CA ALA W 714 32.17 4.57 -84.07
C ALA W 714 32.88 5.33 -82.96
N HIS W 715 32.17 5.60 -81.87
CA HIS W 715 32.81 6.26 -80.73
C HIS W 715 33.87 5.32 -80.17
N PHE W 716 33.48 4.07 -79.90
CA PHE W 716 34.38 3.04 -79.40
C PHE W 716 35.65 2.95 -80.24
N ALA W 717 35.48 2.90 -81.57
CA ALA W 717 36.62 2.66 -82.44
C ALA W 717 37.51 3.88 -82.56
N VAL W 718 36.91 5.08 -82.72
CA VAL W 718 37.68 6.33 -82.68
C VAL W 718 38.40 6.43 -81.35
N GLY W 719 37.71 6.07 -80.27
CA GLY W 719 38.31 6.11 -78.95
C GLY W 719 39.44 5.12 -78.84
N TYR W 720 39.26 3.93 -79.40
CA TYR W 720 40.29 2.89 -79.41
C TYR W 720 41.58 3.41 -80.02
N ILE W 721 41.49 4.05 -81.18
CA ILE W 721 42.62 4.60 -81.92
C ILE W 721 43.21 5.83 -81.25
N VAL W 722 42.39 6.83 -80.91
CA VAL W 722 42.93 8.09 -80.39
C VAL W 722 43.47 7.92 -78.98
N THR W 723 43.04 6.88 -78.25
CA THR W 723 43.81 6.47 -77.08
C THR W 723 45.16 5.89 -77.47
N TYR W 724 45.18 4.98 -78.45
CA TYR W 724 46.45 4.39 -78.83
C TYR W 724 47.35 5.37 -79.56
N ALA W 725 46.77 6.26 -80.38
CA ALA W 725 47.60 7.23 -81.09
C ALA W 725 48.29 8.18 -80.14
N ALA W 726 47.58 8.68 -79.13
CA ALA W 726 48.17 9.59 -78.15
C ALA W 726 49.30 8.94 -77.36
N PHE W 727 49.10 7.71 -76.89
CA PHE W 727 50.11 6.99 -76.09
C PHE W 727 51.35 6.63 -76.89
N LEU W 728 51.16 5.98 -78.04
CA LEU W 728 52.26 5.53 -78.91
C LEU W 728 53.22 6.65 -79.27
N ILE W 729 52.69 7.77 -79.72
CA ILE W 729 53.49 8.91 -80.14
C ILE W 729 54.21 9.55 -78.96
N ALA W 730 53.49 9.87 -77.89
CA ALA W 730 54.08 10.54 -76.74
C ALA W 730 55.10 9.71 -75.97
N SER W 731 54.86 8.40 -75.78
CA SER W 731 55.82 7.57 -75.04
C SER W 731 57.18 7.49 -75.70
N THR W 732 57.21 7.35 -77.02
CA THR W 732 58.44 7.25 -77.80
C THR W 732 59.14 8.59 -78.02
N ALA W 733 58.39 9.67 -78.23
CA ALA W 733 58.97 10.98 -78.47
C ALA W 733 59.68 11.55 -77.25
N SER W 734 59.45 11.03 -76.05
CA SER W 734 60.13 11.57 -74.89
C SER W 734 61.41 10.83 -74.53
N LYS W 735 61.52 9.55 -74.89
CA LYS W 735 62.70 8.79 -74.47
C LYS W 735 63.60 8.40 -75.62
N PHE W 736 63.05 8.25 -76.83
CA PHE W 736 63.76 7.84 -78.05
C PHE W 736 64.48 6.49 -77.92
N ALA X 2 4.26 3.65 -94.78
CA ALA X 2 3.77 2.72 -93.78
C ALA X 2 4.50 1.38 -93.86
N HIS X 3 4.36 0.56 -92.83
CA HIS X 3 4.96 -0.76 -92.84
C HIS X 3 4.14 -1.72 -93.68
N THR X 4 4.79 -2.75 -94.17
CA THR X 4 4.14 -3.77 -94.99
C THR X 4 3.88 -5.01 -94.15
N VAL X 5 2.64 -5.48 -94.20
CA VAL X 5 2.21 -6.68 -93.49
C VAL X 5 1.63 -7.66 -94.51
N LYS X 6 2.31 -8.79 -94.71
CA LYS X 6 1.85 -9.77 -95.69
C LYS X 6 1.33 -10.99 -94.95
N ILE X 7 0.29 -11.62 -95.48
CA ILE X 7 -0.26 -12.83 -94.89
C ILE X 7 -0.19 -13.93 -95.96
N TYR X 8 0.57 -14.98 -95.67
CA TYR X 8 0.74 -16.09 -96.60
C TYR X 8 -0.34 -17.16 -96.39
N ASP X 9 -0.49 -18.01 -97.40
CA ASP X 9 -1.52 -19.05 -97.43
C ASP X 9 -1.22 -20.26 -96.55
N THR X 10 -0.24 -20.19 -95.65
CA THR X 10 0.05 -21.30 -94.75
C THR X 10 -0.68 -21.12 -93.42
N CYS X 11 -1.56 -20.12 -93.37
CA CYS X 11 -2.34 -19.79 -92.18
C CYS X 11 -3.27 -20.94 -91.83
N ILE X 12 -3.32 -21.25 -90.54
CA ILE X 12 -4.17 -22.32 -90.05
C ILE X 12 -5.41 -21.79 -89.36
N GLY X 13 -5.77 -20.53 -89.64
CA GLY X 13 -6.92 -19.85 -89.10
C GLY X 13 -7.06 -19.91 -87.59
N CYS X 14 -5.94 -19.82 -86.87
CA CYS X 14 -6.02 -19.88 -85.42
C CYS X 14 -6.50 -18.58 -84.79
N THR X 15 -6.44 -17.47 -85.54
CA THR X 15 -6.89 -16.13 -85.14
C THR X 15 -6.01 -15.48 -84.06
N GLN X 16 -4.95 -16.16 -83.56
CA GLN X 16 -4.06 -15.63 -82.51
C GLN X 16 -3.39 -14.32 -82.88
N CYS X 17 -2.85 -14.23 -84.10
CA CYS X 17 -2.18 -13.06 -84.61
C CYS X 17 -3.06 -11.83 -84.53
N VAL X 18 -4.28 -11.90 -85.07
CA VAL X 18 -5.23 -10.78 -85.01
C VAL X 18 -5.41 -10.26 -83.59
N ARG X 19 -5.50 -11.17 -82.62
CA ARG X 19 -5.68 -10.83 -81.22
C ARG X 19 -4.37 -10.50 -80.51
N ALA X 20 -3.27 -10.50 -81.23
CA ALA X 20 -1.97 -10.16 -80.67
C ALA X 20 -1.59 -8.73 -81.02
N CYS X 21 -2.07 -8.25 -82.18
CA CYS X 21 -1.80 -6.92 -82.69
C CYS X 21 -2.29 -5.86 -81.70
N PRO X 22 -1.41 -4.99 -81.22
CA PRO X 22 -1.80 -3.97 -80.25
C PRO X 22 -2.52 -2.77 -80.84
N THR X 23 -2.61 -2.65 -82.17
CA THR X 23 -3.29 -1.50 -82.77
C THR X 23 -4.43 -1.93 -83.67
N ASP X 24 -4.81 -3.21 -83.66
CA ASP X 24 -5.89 -3.79 -84.47
C ASP X 24 -5.66 -3.51 -85.96
N VAL X 25 -4.57 -4.07 -86.47
CA VAL X 25 -4.21 -3.93 -87.88
C VAL X 25 -4.73 -5.10 -88.70
N LEU X 26 -5.00 -6.25 -88.06
CA LEU X 26 -5.35 -7.46 -88.78
C LEU X 26 -6.77 -7.94 -88.45
N GLU X 27 -7.33 -8.70 -89.40
CA GLU X 27 -8.65 -9.32 -89.26
C GLU X 27 -8.68 -10.60 -90.09
N MET X 28 -9.57 -11.51 -89.70
CA MET X 28 -9.80 -12.79 -90.39
C MET X 28 -10.79 -12.68 -91.54
N VAL X 29 -10.47 -13.31 -92.67
CA VAL X 29 -11.41 -13.29 -93.78
C VAL X 29 -11.58 -14.73 -94.28
N PRO X 30 -12.75 -15.09 -94.84
CA PRO X 30 -12.96 -16.45 -95.36
C PRO X 30 -12.00 -16.92 -96.45
N TRP X 31 -11.48 -18.13 -96.29
CA TRP X 31 -10.59 -18.74 -97.27
C TRP X 31 -11.48 -19.38 -98.33
N ASP X 32 -11.07 -19.30 -99.60
CA ASP X 32 -11.91 -19.90 -100.64
C ASP X 32 -11.43 -21.27 -101.10
N GLY X 33 -10.29 -21.76 -100.59
CA GLY X 33 -9.88 -23.07 -101.08
C GLY X 33 -10.69 -24.23 -100.56
N CYS X 34 -11.51 -24.00 -99.54
CA CYS X 34 -12.36 -24.99 -98.90
C CYS X 34 -13.66 -24.41 -98.38
N ARG X 35 -13.74 -23.07 -98.26
CA ARG X 35 -14.83 -22.31 -97.63
C ARG X 35 -15.09 -22.74 -96.19
N ALA X 36 -14.08 -23.29 -95.51
CA ALA X 36 -14.15 -23.62 -94.10
C ALA X 36 -12.95 -23.07 -93.34
N ASN X 37 -11.78 -23.03 -93.99
CA ASN X 37 -10.65 -22.30 -93.43
C ASN X 37 -10.90 -20.81 -93.50
N GLN X 38 -10.11 -20.07 -92.73
CA GLN X 38 -10.10 -18.61 -92.72
C GLN X 38 -8.64 -18.15 -92.72
N ILE X 39 -8.38 -17.00 -93.35
CA ILE X 39 -7.04 -16.45 -93.38
C ILE X 39 -7.12 -15.01 -92.90
N ALA X 40 -6.01 -14.53 -92.34
CA ALA X 40 -5.95 -13.16 -91.85
C ALA X 40 -5.75 -12.19 -93.00
N SER X 41 -6.21 -10.95 -92.80
CA SER X 41 -6.13 -9.92 -93.82
C SER X 41 -5.78 -8.60 -93.14
N ALA X 42 -5.18 -7.69 -93.92
CA ALA X 42 -4.58 -6.46 -93.39
C ALA X 42 -5.18 -5.22 -94.03
N PRO X 43 -6.39 -4.82 -93.63
CA PRO X 43 -6.99 -3.60 -94.19
C PRO X 43 -6.47 -2.31 -93.59
N ARG X 44 -5.80 -2.36 -92.45
CA ARG X 44 -5.33 -1.16 -91.76
C ARG X 44 -3.82 -1.18 -91.60
N THR X 45 -3.08 -1.37 -92.70
CA THR X 45 -1.63 -1.42 -92.59
C THR X 45 -1.03 -0.07 -92.21
N GLU X 46 -1.79 1.02 -92.36
CA GLU X 46 -1.37 2.35 -91.97
C GLU X 46 -1.23 2.51 -90.45
N ASP X 47 -1.73 1.56 -89.66
CA ASP X 47 -1.59 1.62 -88.21
C ASP X 47 -0.56 0.65 -87.66
N CYS X 48 0.11 -0.14 -88.51
CA CYS X 48 1.09 -1.09 -88.02
C CYS X 48 2.31 -0.36 -87.52
N VAL X 49 2.68 -0.61 -86.27
CA VAL X 49 3.87 0.00 -85.71
C VAL X 49 5.07 -0.89 -85.94
N GLY X 50 4.86 -2.13 -86.37
CA GLY X 50 5.96 -3.04 -86.60
C GLY X 50 6.45 -3.71 -85.34
N CYS X 51 5.62 -3.76 -84.29
CA CYS X 51 6.00 -4.39 -83.02
C CYS X 51 6.31 -5.85 -83.16
N LYS X 52 5.71 -6.50 -84.17
CA LYS X 52 5.86 -7.92 -84.49
C LYS X 52 5.24 -8.83 -83.43
N ARG X 53 4.34 -8.30 -82.59
CA ARG X 53 3.63 -9.15 -81.63
C ARG X 53 2.78 -10.18 -82.36
N CYS X 54 2.29 -9.81 -83.55
CA CYS X 54 1.47 -10.63 -84.42
C CYS X 54 2.17 -11.92 -84.81
N GLU X 55 3.34 -11.82 -85.48
CA GLU X 55 4.14 -12.96 -85.90
C GLU X 55 4.47 -13.93 -84.78
N SER X 56 4.59 -13.44 -83.54
CA SER X 56 4.84 -14.32 -82.41
C SER X 56 3.67 -15.23 -82.09
N ALA X 57 2.46 -14.85 -82.48
CA ALA X 57 1.27 -15.61 -82.14
C ALA X 57 0.98 -16.76 -83.11
N CYS X 58 1.57 -16.77 -84.29
CA CYS X 58 1.33 -17.85 -85.24
C CYS X 58 1.99 -19.13 -84.74
N PRO X 59 1.23 -20.22 -84.58
CA PRO X 59 1.79 -21.48 -84.07
C PRO X 59 2.58 -22.29 -85.08
N THR X 60 2.29 -22.12 -86.37
CA THR X 60 2.86 -22.89 -87.46
C THR X 60 4.39 -22.80 -87.56
N ASP X 61 4.98 -23.94 -87.88
CA ASP X 61 6.42 -24.07 -88.04
C ASP X 61 6.73 -23.39 -89.35
N PHE X 62 7.21 -22.14 -89.24
CA PHE X 62 7.45 -21.15 -90.26
C PHE X 62 6.22 -20.39 -90.71
N LEU X 63 5.98 -19.39 -89.87
CA LEU X 63 4.97 -18.34 -89.78
C LEU X 63 4.33 -18.02 -91.12
N SER X 64 3.04 -17.75 -91.08
CA SER X 64 2.30 -17.39 -92.27
C SER X 64 2.11 -15.89 -92.39
N ILE X 65 2.26 -15.14 -91.31
CA ILE X 65 2.20 -13.69 -91.39
C ILE X 65 3.57 -13.14 -91.07
N ARG X 66 4.06 -12.26 -91.94
CA ARG X 66 5.39 -11.68 -91.83
C ARG X 66 5.29 -10.18 -92.00
N VAL X 67 5.95 -9.45 -91.11
CA VAL X 67 5.96 -7.99 -91.14
C VAL X 67 7.33 -7.48 -91.56
N TYR X 68 7.39 -6.84 -92.72
CA TYR X 68 8.61 -6.25 -93.24
C TYR X 68 8.48 -4.74 -93.08
N LEU X 69 9.23 -4.19 -92.13
CA LEU X 69 9.26 -2.77 -91.77
C LEU X 69 9.65 -1.93 -92.98
N GLY X 70 8.89 -0.86 -93.22
CA GLY X 70 9.14 0.04 -94.33
C GLY X 70 9.20 1.49 -93.91
N ALA X 71 8.81 2.39 -94.82
CA ALA X 71 8.78 3.84 -94.59
C ALA X 71 8.06 4.22 -93.31
N GLU X 72 8.70 5.05 -92.50
CA GLU X 72 8.16 5.47 -91.21
C GLU X 72 7.31 6.73 -91.37
N THR X 73 6.28 6.80 -90.54
CA THR X 73 5.29 7.86 -90.48
C THR X 73 4.99 8.11 -89.01
N THR X 74 4.21 9.15 -88.72
CA THR X 74 3.79 9.47 -87.36
C THR X 74 3.15 8.29 -86.64
N ARG X 75 2.26 7.56 -87.31
CA ARG X 75 1.60 6.41 -86.71
C ARG X 75 2.56 5.28 -86.39
N SER X 76 3.39 4.89 -87.37
CA SER X 76 4.35 3.81 -87.18
C SER X 76 5.44 4.08 -86.15
N MET X 77 5.85 5.32 -85.96
CA MET X 77 6.90 5.59 -84.97
C MET X 77 6.37 5.68 -83.55
N GLY X 78 5.07 5.59 -83.35
CA GLY X 78 4.50 5.62 -82.01
C GLY X 78 4.68 6.90 -81.23
N LEU X 79 4.66 8.05 -81.88
CA LEU X 79 4.87 9.31 -81.20
C LEU X 79 3.57 9.78 -80.58
N GLY X 80 3.64 10.24 -79.33
CA GLY X 80 2.54 10.99 -78.77
C GLY X 80 2.55 12.46 -79.13
N TYR X 81 3.37 12.83 -80.09
CA TYR X 81 3.71 14.22 -80.37
C TYR X 81 4.12 14.39 -81.84
N THR Y 78 -21.83 7.17 -85.11
CA THR Y 78 -21.55 8.59 -84.94
C THR Y 78 -21.05 8.82 -83.51
N LEU Y 79 -20.14 9.80 -83.35
CA LEU Y 79 -19.51 10.02 -82.06
C LEU Y 79 -20.40 10.74 -81.06
N ASN Y 80 -21.43 11.46 -81.54
CA ASN Y 80 -22.45 12.12 -80.72
C ASN Y 80 -21.86 13.15 -79.77
N LEU Y 81 -20.74 13.77 -80.17
CA LEU Y 81 -20.03 14.72 -79.32
C LEU Y 81 -20.90 15.96 -79.11
N ASN Y 82 -21.12 16.34 -77.84
CA ASN Y 82 -20.36 15.88 -76.68
C ASN Y 82 -20.98 14.69 -75.93
N ALA Y 83 -20.13 14.00 -75.17
CA ALA Y 83 -20.46 12.91 -74.27
C ALA Y 83 -19.73 13.15 -72.95
N PRO Y 84 -20.21 12.60 -71.84
CA PRO Y 84 -19.55 12.87 -70.55
C PRO Y 84 -18.18 12.20 -70.45
N THR Y 85 -17.17 13.02 -70.18
CA THR Y 85 -15.86 12.49 -69.85
C THR Y 85 -15.87 11.97 -68.42
N PRO Y 86 -15.01 11.02 -68.08
CA PRO Y 86 -14.93 10.55 -66.69
C PRO Y 86 -14.43 11.62 -65.73
N ILE Y 87 -14.57 11.32 -64.45
CA ILE Y 87 -14.21 12.24 -63.39
C ILE Y 87 -12.75 12.06 -63.01
N PHE Y 88 -11.86 12.67 -63.79
CA PHE Y 88 -10.47 12.25 -63.81
C PHE Y 88 -9.51 13.24 -63.19
N GLY Y 89 -9.39 14.45 -63.72
CA GLY Y 89 -8.55 15.49 -63.15
C GLY Y 89 -7.05 15.22 -63.03
N GLY Y 90 -6.33 15.19 -64.15
CA GLY Y 90 -4.89 15.02 -64.06
C GLY Y 90 -4.15 14.86 -65.38
N SER Y 91 -3.25 13.87 -65.41
CA SER Y 91 -2.50 13.45 -66.61
C SER Y 91 -1.65 14.53 -67.25
N THR Y 92 -0.49 14.82 -66.67
CA THR Y 92 0.57 15.44 -67.46
C THR Y 92 0.93 14.57 -68.67
N GLY Y 93 0.82 13.25 -68.53
CA GLY Y 93 1.07 12.34 -69.63
C GLY Y 93 -0.07 12.17 -70.62
N GLY Y 94 -0.75 13.26 -70.96
CA GLY Y 94 -1.80 13.17 -71.95
C GLY Y 94 -2.03 14.37 -72.85
N LEU Y 95 -2.01 14.10 -74.16
CA LEU Y 95 -2.71 14.88 -75.19
C LEU Y 95 -2.19 16.30 -75.30
N LEU Y 96 -0.92 16.39 -75.67
CA LEU Y 96 -0.27 17.65 -75.97
C LEU Y 96 -0.46 17.96 -77.46
N ARG Y 97 0.37 18.85 -78.02
CA ARG Y 97 0.08 19.52 -79.29
C ARG Y 97 0.17 18.60 -80.52
N LYS Y 98 0.26 17.28 -80.36
CA LYS Y 98 -0.05 16.40 -81.48
C LYS Y 98 -1.49 16.54 -81.91
N ALA Y 99 -2.41 16.65 -80.93
CA ALA Y 99 -3.84 16.45 -81.18
C ALA Y 99 -4.45 17.55 -82.04
N GLU Y 100 -4.29 18.81 -81.63
CA GLU Y 100 -5.04 19.91 -82.21
C GLU Y 100 -4.66 20.22 -83.65
N VAL Y 101 -3.50 19.75 -84.12
CA VAL Y 101 -3.14 19.94 -85.52
C VAL Y 101 -3.61 18.77 -86.38
N GLU Y 102 -3.57 17.55 -85.84
CA GLU Y 102 -3.88 16.36 -86.63
C GLU Y 102 -4.06 15.14 -85.72
N GLU Y 103 -5.09 14.35 -86.03
CA GLU Y 103 -5.19 12.95 -85.62
C GLU Y 103 -5.20 12.68 -84.12
N PHE Y 104 -6.27 13.05 -83.42
CA PHE Y 104 -6.47 12.45 -82.10
C PHE Y 104 -7.71 11.56 -82.12
N TYR Y 105 -8.02 11.00 -80.96
CA TYR Y 105 -8.87 9.83 -80.88
C TYR Y 105 -10.01 10.06 -79.90
N SER Y 106 -10.93 9.11 -79.89
CA SER Y 106 -12.07 9.12 -78.99
C SER Y 106 -12.63 7.71 -78.89
N ILE Y 107 -12.47 7.09 -77.73
CA ILE Y 107 -13.09 5.80 -77.43
C ILE Y 107 -14.47 6.09 -76.85
N THR Y 108 -15.43 5.22 -77.14
CA THR Y 108 -16.77 5.30 -76.58
C THR Y 108 -17.19 3.93 -76.07
N TRP Y 109 -17.75 3.88 -74.87
CA TRP Y 109 -18.44 2.68 -74.41
C TRP Y 109 -19.51 3.06 -73.42
N THR Y 110 -20.25 2.04 -72.98
CA THR Y 110 -21.27 2.16 -71.95
C THR Y 110 -20.88 1.25 -70.79
N GLY Y 111 -20.29 1.83 -69.75
CA GLY Y 111 -19.77 1.07 -68.62
C GLY Y 111 -20.89 0.65 -67.69
N LYS Y 112 -20.95 -0.64 -67.42
CA LYS Y 112 -22.08 -1.16 -66.63
C LYS Y 112 -21.77 -1.17 -65.13
N SER Y 113 -21.17 -0.10 -64.62
CA SER Y 113 -20.95 0.17 -63.20
C SER Y 113 -20.46 1.60 -63.07
N GLU Y 114 -19.98 1.95 -61.87
CA GLU Y 114 -19.23 3.17 -61.58
C GLU Y 114 -17.86 2.83 -61.01
N THR Y 115 -17.17 1.89 -61.64
CA THR Y 115 -15.89 1.38 -61.17
C THR Y 115 -14.73 2.32 -61.48
N VAL Y 116 -13.59 1.97 -60.92
CA VAL Y 116 -12.33 2.67 -61.14
C VAL Y 116 -11.46 1.78 -62.01
N PHE Y 117 -10.74 2.38 -62.95
CA PHE Y 117 -10.02 1.63 -63.98
C PHE Y 117 -8.74 2.37 -64.33
N GLU Y 118 -7.71 1.61 -64.71
CA GLU Y 118 -6.44 2.23 -65.06
C GLU Y 118 -6.47 2.77 -66.48
N LEU Y 119 -6.18 4.05 -66.62
CA LEU Y 119 -6.01 4.67 -67.92
C LEU Y 119 -4.64 4.33 -68.49
N PRO Y 120 -4.38 4.61 -69.78
CA PRO Y 120 -3.00 4.50 -70.27
C PRO Y 120 -2.11 5.68 -69.91
N THR Y 121 -2.68 6.82 -69.55
CA THR Y 121 -1.85 8.01 -69.32
C THR Y 121 -1.24 7.98 -67.92
N GLY Y 122 -2.08 8.06 -66.90
CA GLY Y 122 -1.75 7.65 -65.55
C GLY Y 122 -2.77 6.59 -65.27
N GLY Y 123 -2.95 6.11 -64.05
CA GLY Y 123 -4.16 5.32 -63.90
C GLY Y 123 -5.07 5.54 -62.70
N ALA Y 124 -6.19 6.24 -62.95
CA ALA Y 124 -7.55 6.03 -62.45
C ALA Y 124 -8.43 7.10 -63.07
N ALA Y 125 -9.59 6.78 -63.65
CA ALA Y 125 -10.45 7.92 -63.93
C ALA Y 125 -11.81 7.90 -63.24
N ILE Y 126 -12.81 7.19 -63.80
CA ILE Y 126 -13.84 6.30 -63.23
C ILE Y 126 -14.76 6.03 -64.41
N MET Y 127 -15.25 4.81 -64.62
CA MET Y 127 -16.20 4.63 -65.71
C MET Y 127 -17.59 5.09 -65.27
N ARG Y 128 -18.33 5.69 -66.19
CA ARG Y 128 -19.68 6.16 -65.91
C ARG Y 128 -20.68 5.04 -66.15
N ALA Y 129 -21.97 5.35 -65.95
CA ALA Y 129 -23.02 4.54 -66.56
C ALA Y 129 -22.94 4.64 -68.07
N GLY Y 130 -23.07 5.85 -68.59
CA GLY Y 130 -22.62 6.26 -69.90
C GLY Y 130 -23.32 5.61 -71.11
N GLU Y 131 -22.93 6.01 -72.34
CA GLU Y 131 -22.06 7.10 -72.88
C GLU Y 131 -20.72 7.57 -72.24
N ASN Y 132 -19.79 6.65 -72.05
CA ASN Y 132 -18.45 6.99 -71.63
C ASN Y 132 -17.63 7.40 -72.84
N LEU Y 133 -16.73 8.37 -72.64
CA LEU Y 133 -15.90 8.86 -73.74
C LEU Y 133 -14.59 9.43 -73.20
N LEU Y 134 -13.50 9.11 -73.90
CA LEU Y 134 -12.16 9.53 -73.53
C LEU Y 134 -11.37 9.88 -74.79
N ARG Y 135 -10.81 11.08 -74.82
CA ARG Y 135 -10.06 11.55 -75.98
C ARG Y 135 -8.59 11.24 -75.79
N LEU Y 136 -8.10 10.22 -76.49
CA LEU Y 136 -6.73 9.74 -76.37
C LEU Y 136 -5.90 10.22 -77.55
N ALA Y 137 -4.63 9.80 -77.56
CA ALA Y 137 -3.66 10.36 -78.49
C ALA Y 137 -3.26 9.37 -79.59
N ARG Y 138 -3.19 8.08 -79.28
CA ARG Y 138 -2.81 7.07 -80.25
C ARG Y 138 -3.90 6.01 -80.34
N LYS Y 139 -4.00 5.40 -81.54
CA LYS Y 139 -4.84 4.22 -81.70
C LYS Y 139 -4.34 3.06 -80.87
N GLU Y 140 -3.02 3.01 -80.65
CA GLU Y 140 -2.44 2.07 -79.70
C GLU Y 140 -3.04 2.23 -78.31
N GLN Y 141 -3.21 3.48 -77.87
CA GLN Y 141 -3.71 3.76 -76.54
C GLN Y 141 -5.18 3.43 -76.38
N CYS Y 142 -5.95 3.48 -77.46
CA CYS Y 142 -7.36 3.13 -77.38
C CYS Y 142 -7.56 1.62 -77.26
N ILE Y 143 -6.69 0.83 -77.90
CA ILE Y 143 -6.86 -0.62 -77.90
C ILE Y 143 -6.54 -1.21 -76.54
N ALA Y 144 -5.45 -0.77 -75.91
CA ALA Y 144 -5.06 -1.34 -74.61
C ALA Y 144 -6.00 -0.90 -73.50
N LEU Y 145 -6.81 0.13 -73.75
CA LEU Y 145 -7.87 0.47 -72.82
C LEU Y 145 -9.00 -0.55 -72.86
N GLY Y 146 -9.49 -0.86 -74.07
CA GLY Y 146 -10.63 -1.75 -74.20
C GLY Y 146 -10.31 -3.20 -74.00
N ALA Y 147 -9.05 -3.61 -74.18
CA ALA Y 147 -8.65 -4.94 -73.79
C ALA Y 147 -8.75 -5.13 -72.28
N GLN Y 148 -8.47 -4.07 -71.52
CA GLN Y 148 -8.75 -4.08 -70.09
C GLN Y 148 -10.26 -4.08 -69.83
N LEU Y 149 -11.02 -3.34 -70.66
CA LEU Y 149 -12.47 -3.34 -70.54
C LEU Y 149 -13.06 -4.70 -70.88
N LYS Y 150 -12.37 -5.48 -71.71
CA LYS Y 150 -12.80 -6.85 -71.95
C LYS Y 150 -12.36 -7.77 -70.81
N ASP Y 151 -11.12 -7.63 -70.34
CA ASP Y 151 -10.59 -8.55 -69.33
C ASP Y 151 -11.13 -8.23 -67.95
N LYS Y 152 -11.05 -6.97 -67.52
CA LYS Y 152 -11.31 -6.67 -66.12
C LYS Y 152 -12.73 -6.21 -65.87
N PHE Y 153 -13.47 -5.83 -66.90
CA PHE Y 153 -14.81 -5.29 -66.70
C PHE Y 153 -15.84 -5.85 -67.66
N LYS Y 154 -15.43 -6.69 -68.62
CA LYS Y 154 -16.29 -7.36 -69.60
C LYS Y 154 -17.11 -6.39 -70.44
N ILE Y 155 -16.64 -5.15 -70.60
CA ILE Y 155 -17.34 -4.16 -71.41
C ILE Y 155 -16.94 -4.44 -72.86
N THR Y 156 -17.85 -5.06 -73.60
CA THR Y 156 -17.63 -5.44 -74.97
C THR Y 156 -17.95 -4.32 -75.95
N ASP Y 157 -18.50 -3.22 -75.46
CA ASP Y 157 -19.03 -2.17 -76.30
C ASP Y 157 -18.07 -1.01 -76.49
N TYR Y 158 -16.77 -1.25 -76.44
CA TYR Y 158 -15.84 -0.16 -76.64
C TYR Y 158 -15.63 0.10 -78.11
N LYS Y 159 -15.95 1.32 -78.53
CA LYS Y 159 -16.11 1.70 -79.92
C LYS Y 159 -15.17 2.88 -80.20
N ILE Y 160 -13.98 2.58 -80.72
CA ILE Y 160 -12.96 3.59 -80.92
C ILE Y 160 -13.14 4.24 -82.28
N TYR Y 161 -12.52 5.41 -82.45
CA TYR Y 161 -12.82 6.31 -83.56
C TYR Y 161 -11.54 6.91 -84.09
N ARG Y 162 -11.73 7.98 -84.86
CA ARG Y 162 -10.73 9.00 -85.15
C ARG Y 162 -11.50 10.24 -85.59
N VAL Y 163 -11.07 11.40 -85.09
CA VAL Y 163 -11.91 12.59 -85.03
C VAL Y 163 -12.11 13.25 -86.40
N TYR Y 164 -12.99 14.26 -86.43
CA TYR Y 164 -13.26 15.12 -87.58
C TYR Y 164 -12.27 16.28 -87.57
N PRO Y 165 -12.39 17.35 -88.44
CA PRO Y 165 -11.34 17.68 -89.44
C PRO Y 165 -9.89 17.45 -89.05
N SER Y 166 -9.55 17.68 -87.77
CA SER Y 166 -8.24 17.40 -87.22
C SER Y 166 -7.98 15.91 -86.99
N GLY Y 167 -8.76 15.02 -87.58
CA GLY Y 167 -8.43 13.60 -87.70
C GLY Y 167 -8.81 13.08 -89.07
N GLU Y 168 -8.71 11.77 -89.30
CA GLU Y 168 -8.74 11.26 -90.66
C GLU Y 168 -9.97 10.42 -90.98
N VAL Y 169 -10.20 9.29 -90.30
CA VAL Y 169 -11.24 8.34 -90.70
C VAL Y 169 -12.01 7.91 -89.45
N GLN Y 170 -13.29 8.27 -89.38
CA GLN Y 170 -14.12 7.94 -88.25
C GLN Y 170 -14.44 6.45 -88.21
N PHE Y 171 -14.52 5.91 -86.99
CA PHE Y 171 -15.00 4.55 -86.69
C PHE Y 171 -14.16 3.48 -87.39
N LEU Y 172 -12.92 3.35 -86.94
CA LEU Y 172 -12.04 2.32 -87.47
C LEU Y 172 -12.39 0.93 -86.95
N HIS Y 173 -12.77 0.81 -85.67
CA HIS Y 173 -12.97 -0.52 -85.12
C HIS Y 173 -14.28 -0.56 -84.36
N PRO Y 174 -15.15 -1.56 -84.60
CA PRO Y 174 -15.08 -2.61 -85.63
C PRO Y 174 -15.48 -2.14 -87.03
N LYS Y 175 -14.61 -2.34 -88.01
CA LYS Y 175 -14.87 -1.80 -89.35
C LYS Y 175 -15.96 -2.57 -90.07
N ASP Y 176 -16.27 -3.79 -89.62
CA ASP Y 176 -17.23 -4.65 -90.31
C ASP Y 176 -18.39 -5.05 -89.41
N GLY Y 177 -18.70 -4.25 -88.40
CA GLY Y 177 -19.83 -4.50 -87.52
C GLY Y 177 -19.65 -5.58 -86.49
N VAL Y 178 -18.74 -6.53 -86.71
CA VAL Y 178 -18.47 -7.62 -85.77
C VAL Y 178 -17.00 -7.57 -85.40
N PHE Y 179 -16.64 -8.38 -84.40
CA PHE Y 179 -15.29 -8.33 -83.85
C PHE Y 179 -14.28 -8.94 -84.81
N PRO Y 180 -13.11 -8.32 -84.95
CA PRO Y 180 -12.12 -8.81 -85.93
C PRO Y 180 -11.49 -10.15 -85.59
N GLU Y 181 -11.64 -10.65 -84.36
CA GLU Y 181 -11.24 -12.04 -84.12
C GLU Y 181 -12.28 -13.01 -84.65
N LYS Y 182 -13.53 -12.57 -84.79
CA LYS Y 182 -14.55 -13.36 -85.45
C LYS Y 182 -14.48 -13.11 -86.95
N VAL Y 183 -14.70 -14.17 -87.71
CA VAL Y 183 -14.53 -14.10 -89.15
C VAL Y 183 -15.79 -13.55 -89.78
N ASN Y 184 -15.63 -12.59 -90.68
CA ASN Y 184 -16.77 -12.01 -91.37
C ASN Y 184 -16.56 -12.13 -92.87
N PRO Y 185 -17.46 -12.79 -93.59
CA PRO Y 185 -17.42 -12.71 -95.05
C PRO Y 185 -17.90 -11.36 -95.52
N GLY Y 186 -17.48 -10.98 -96.73
CA GLY Y 186 -17.64 -9.64 -97.22
C GLY Y 186 -16.41 -8.77 -97.02
N ARG Y 187 -15.54 -9.15 -96.08
CA ARG Y 187 -14.22 -8.56 -96.00
C ARG Y 187 -13.39 -9.00 -97.20
N VAL Y 188 -12.34 -8.25 -97.50
CA VAL Y 188 -11.49 -8.51 -98.65
C VAL Y 188 -10.15 -9.06 -98.18
N ALA Y 189 -9.72 -10.16 -98.79
CA ALA Y 189 -8.43 -10.77 -98.47
C ALA Y 189 -7.34 -9.96 -99.15
N VAL Y 190 -6.95 -8.85 -98.54
CA VAL Y 190 -5.86 -8.02 -99.06
C VAL Y 190 -4.58 -8.46 -98.38
N GLY Y 191 -3.48 -8.44 -99.14
CA GLY Y 191 -2.23 -9.01 -98.67
C GLY Y 191 -2.17 -10.51 -98.74
N SER Y 192 -3.21 -11.18 -99.23
CA SER Y 192 -3.25 -12.63 -99.30
C SER Y 192 -2.36 -13.11 -100.43
N ASN Y 193 -1.44 -14.01 -100.09
CA ASN Y 193 -0.36 -14.42 -100.98
C ASN Y 193 -0.53 -15.87 -101.37
N LYS Y 194 -0.43 -16.14 -102.66
CA LYS Y 194 -0.54 -17.50 -103.19
C LYS Y 194 0.82 -18.14 -103.43
N ARG Y 195 1.66 -18.17 -102.40
CA ARG Y 195 2.91 -18.92 -102.41
C ARG Y 195 3.37 -19.11 -100.97
N ARG Y 196 4.39 -19.94 -100.80
CA ARG Y 196 5.05 -20.10 -99.51
C ARG Y 196 6.15 -19.06 -99.36
N ILE Y 197 6.88 -19.11 -98.25
CA ILE Y 197 7.96 -18.16 -98.00
C ILE Y 197 9.27 -18.91 -98.21
N GLY Y 198 9.21 -20.25 -98.16
CA GLY Y 198 10.31 -21.01 -98.72
C GLY Y 198 10.40 -20.92 -100.23
N GLN Y 199 9.28 -20.62 -100.88
CA GLN Y 199 9.19 -20.33 -102.30
C GLN Y 199 9.43 -18.86 -102.62
N ASN Y 200 10.10 -18.13 -101.72
CA ASN Y 200 10.35 -16.72 -101.96
C ASN Y 200 11.45 -16.54 -103.00
N PRO Y 201 11.33 -15.56 -103.89
CA PRO Y 201 12.41 -15.28 -104.83
C PRO Y 201 13.58 -14.59 -104.15
N ASP Y 202 14.74 -14.70 -104.77
CA ASP Y 202 15.85 -13.86 -104.41
C ASP Y 202 15.67 -12.47 -105.03
N PRO Y 203 16.22 -11.42 -104.42
CA PRO Y 203 16.17 -10.09 -105.05
C PRO Y 203 16.95 -9.96 -106.36
N ALA Y 204 17.72 -10.95 -106.78
CA ALA Y 204 18.39 -10.86 -108.08
C ALA Y 204 17.41 -11.02 -109.23
N LYS Y 205 16.28 -11.69 -109.00
CA LYS Y 205 15.25 -11.78 -110.03
C LYS Y 205 14.37 -10.55 -110.05
N LEU Y 206 14.54 -9.65 -109.09
CA LEU Y 206 13.86 -8.36 -109.04
C LEU Y 206 14.85 -7.19 -108.94
N LYS Y 207 16.10 -7.39 -109.35
CA LYS Y 207 17.16 -6.42 -109.12
C LYS Y 207 17.06 -5.27 -110.11
N PHE Y 208 17.31 -4.05 -109.62
CA PHE Y 208 17.15 -2.79 -110.35
C PHE Y 208 15.73 -2.62 -110.88
N LYS Y 209 14.75 -3.12 -110.13
CA LYS Y 209 13.36 -3.10 -110.55
C LYS Y 209 12.48 -2.63 -109.39
N GLY Y 210 11.37 -1.98 -109.75
CA GLY Y 210 10.44 -1.47 -108.77
C GLY Y 210 9.54 -2.48 -108.11
N GLN Y 211 9.64 -3.75 -108.49
CA GLN Y 211 8.94 -4.81 -107.78
C GLN Y 211 9.61 -5.07 -106.44
N GLU Y 212 8.81 -5.36 -105.43
CA GLU Y 212 9.32 -5.63 -104.10
C GLU Y 212 9.29 -7.14 -103.86
N THR Y 213 10.37 -7.63 -103.23
CA THR Y 213 10.75 -9.03 -102.95
C THR Y 213 9.61 -9.88 -102.32
N PHE Y 214 8.63 -9.30 -101.63
CA PHE Y 214 7.50 -10.06 -101.11
C PHE Y 214 6.17 -9.73 -101.75
N ASP Y 215 6.14 -8.92 -102.80
CA ASP Y 215 4.88 -8.48 -103.39
C ASP Y 215 4.24 -9.59 -104.22
N SER Y 216 3.07 -9.28 -104.76
CA SER Y 216 2.23 -10.26 -105.42
C SER Y 216 1.30 -9.59 -106.44
N MET Z 1 1.47 -41.01 -100.65
CA MET Z 1 0.65 -41.19 -99.46
C MET Z 1 1.51 -41.52 -98.25
N VAL Z 2 1.26 -40.81 -97.15
CA VAL Z 2 1.90 -41.08 -95.87
C VAL Z 2 0.82 -41.20 -94.81
N GLN Z 3 0.85 -42.29 -94.06
CA GLN Z 3 -0.26 -42.69 -93.20
C GLN Z 3 -0.26 -41.94 -91.87
N ARG Z 4 -1.06 -42.44 -90.95
CA ARG Z 4 -0.90 -42.06 -89.55
C ARG Z 4 0.12 -42.97 -88.88
N GLY Z 5 0.83 -42.44 -87.91
CA GLY Z 5 2.01 -43.10 -87.41
C GLY Z 5 3.14 -43.17 -88.40
N SER Z 6 3.23 -42.21 -89.31
CA SER Z 6 4.19 -42.28 -90.40
C SER Z 6 5.40 -41.41 -90.11
N LYS Z 7 6.56 -42.05 -89.95
CA LYS Z 7 7.77 -41.36 -89.56
C LYS Z 7 8.44 -40.79 -90.80
N VAL Z 8 8.29 -39.48 -90.98
CA VAL Z 8 8.61 -38.82 -92.25
C VAL Z 8 9.75 -37.82 -92.03
N ARG Z 9 10.45 -37.52 -93.13
CA ARG Z 9 11.54 -36.58 -93.12
C ARG Z 9 11.18 -35.38 -93.98
N ILE Z 10 11.43 -34.18 -93.45
CA ILE Z 10 10.99 -32.94 -94.07
C ILE Z 10 11.85 -32.63 -95.29
N LEU Z 11 11.21 -32.42 -96.43
CA LEU Z 11 11.86 -31.91 -97.63
C LEU Z 11 11.65 -30.41 -97.80
N ARG Z 12 10.61 -29.85 -97.18
CA ARG Z 12 10.40 -28.41 -97.16
C ARG Z 12 11.51 -27.75 -96.35
N LYS Z 13 12.41 -27.04 -97.03
CA LYS Z 13 13.66 -26.62 -96.43
C LYS Z 13 13.50 -25.46 -95.46
N GLU Z 14 12.36 -24.77 -95.48
CA GLU Z 14 12.13 -23.67 -94.55
C GLU Z 14 11.88 -24.15 -93.12
N SER Z 15 11.58 -25.43 -92.93
CA SER Z 15 11.31 -25.98 -91.62
C SER Z 15 12.59 -26.07 -90.79
N TYR Z 16 12.42 -25.94 -89.47
CA TYR Z 16 13.55 -26.08 -88.55
C TYR Z 16 14.06 -27.52 -88.54
N TRP Z 17 13.16 -28.50 -88.63
CA TRP Z 17 13.54 -29.91 -88.68
C TRP Z 17 13.67 -30.40 -90.12
N TYR Z 18 14.10 -29.55 -91.04
CA TYR Z 18 14.44 -30.01 -92.38
C TYR Z 18 15.60 -31.01 -92.29
N GLN Z 19 15.47 -32.11 -93.05
CA GLN Z 19 16.36 -33.28 -93.00
C GLN Z 19 16.41 -33.88 -91.60
N GLU Z 20 15.23 -34.03 -90.98
CA GLU Z 20 15.08 -34.69 -89.70
C GLU Z 20 13.75 -35.44 -89.68
N ILE Z 21 13.64 -36.40 -88.75
CA ILE Z 21 12.53 -37.35 -88.76
C ILE Z 21 11.56 -37.05 -87.63
N GLY Z 22 10.27 -37.02 -87.97
CA GLY Z 22 9.20 -37.05 -86.98
C GLY Z 22 8.05 -37.85 -87.54
N THR Z 23 7.17 -38.30 -86.63
CA THR Z 23 6.05 -39.15 -87.01
C THR Z 23 4.84 -38.28 -87.32
N VAL Z 24 3.96 -38.79 -88.19
CA VAL Z 24 2.75 -38.07 -88.57
C VAL Z 24 1.62 -38.49 -87.64
N ALA Z 25 0.98 -37.51 -87.00
CA ALA Z 25 -0.26 -37.79 -86.29
C ALA Z 25 -1.38 -38.16 -87.26
N SER Z 26 -1.70 -37.25 -88.18
CA SER Z 26 -2.66 -37.49 -89.24
C SER Z 26 -2.44 -36.45 -90.32
N ILE Z 27 -3.25 -36.53 -91.37
CA ILE Z 27 -3.38 -35.44 -92.34
C ILE Z 27 -4.83 -34.98 -92.29
N ASP Z 28 -5.11 -33.89 -92.99
CA ASP Z 28 -6.48 -33.46 -93.21
C ASP Z 28 -7.04 -34.21 -94.41
N GLN Z 29 -8.24 -34.76 -94.25
CA GLN Z 29 -8.84 -35.63 -95.26
C GLN Z 29 -9.83 -34.85 -96.12
N SER Z 30 -9.50 -33.59 -96.37
CA SER Z 30 -10.41 -32.66 -97.00
C SER Z 30 -9.78 -32.13 -98.28
N GLY Z 31 -10.41 -31.11 -98.86
CA GLY Z 31 -9.92 -30.50 -100.08
C GLY Z 31 -8.96 -29.36 -99.82
N ILE Z 32 -8.44 -29.26 -98.60
CA ILE Z 32 -7.49 -28.21 -98.27
C ILE Z 32 -6.09 -28.63 -98.69
N LYS Z 33 -5.28 -27.66 -99.08
CA LYS Z 33 -3.86 -27.89 -99.25
C LYS Z 33 -3.17 -27.83 -97.88
N TYR Z 34 -1.93 -28.33 -97.84
CA TYR Z 34 -1.10 -28.48 -96.64
C TYR Z 34 -1.82 -29.24 -95.53
N PRO Z 35 -1.97 -30.56 -95.63
CA PRO Z 35 -2.68 -31.31 -94.58
C PRO Z 35 -1.85 -31.96 -93.47
N VAL Z 36 -0.55 -32.18 -93.62
CA VAL Z 36 0.15 -33.17 -92.81
C VAL Z 36 0.59 -32.56 -91.48
N ILE Z 37 0.24 -33.23 -90.38
CA ILE Z 37 0.67 -32.83 -89.04
C ILE Z 37 1.75 -33.80 -88.56
N VAL Z 38 2.95 -33.28 -88.31
CA VAL Z 38 4.12 -34.09 -87.95
C VAL Z 38 4.64 -33.63 -86.58
N ARG Z 39 4.96 -34.59 -85.71
CA ARG Z 39 5.44 -34.33 -84.36
C ARG Z 39 6.89 -34.76 -84.21
N PHE Z 40 7.70 -33.93 -83.55
CA PHE Z 40 9.13 -34.17 -83.43
C PHE Z 40 9.57 -34.19 -81.97
N GLU Z 41 10.70 -34.86 -81.72
CA GLU Z 41 11.27 -34.88 -80.38
C GLU Z 41 12.05 -33.60 -80.09
N LYS Z 42 12.73 -33.06 -81.09
CA LYS Z 42 13.32 -31.73 -81.01
C LYS Z 42 12.20 -30.70 -81.17
N VAL Z 43 12.31 -29.57 -80.47
CA VAL Z 43 11.34 -28.49 -80.60
C VAL Z 43 11.98 -27.32 -81.31
N ASN Z 44 11.15 -26.48 -81.91
CA ASN Z 44 11.65 -25.41 -82.77
C ASN Z 44 12.08 -24.21 -81.93
N TYR Z 45 12.28 -23.07 -82.59
CA TYR Z 45 12.74 -21.89 -81.88
C TYR Z 45 11.65 -21.22 -81.07
N SER Z 46 10.38 -21.47 -81.37
CA SER Z 46 9.30 -21.05 -80.49
C SER Z 46 8.82 -22.18 -79.58
N ASN Z 47 9.57 -23.28 -79.54
CA ASN Z 47 9.30 -24.45 -78.68
C ASN Z 47 7.93 -25.07 -78.94
N VAL Z 48 7.60 -25.24 -80.22
CA VAL Z 48 6.43 -26.01 -80.63
C VAL Z 48 6.93 -27.18 -81.48
N ASN Z 49 6.00 -28.05 -81.90
CA ASN Z 49 6.38 -29.33 -82.48
C ASN Z 49 5.64 -29.73 -83.75
N SER Z 50 4.80 -28.86 -84.33
CA SER Z 50 3.97 -29.29 -85.44
C SER Z 50 3.61 -28.14 -86.36
N ASN Z 51 3.13 -28.52 -87.55
CA ASN Z 51 2.62 -27.62 -88.58
C ASN Z 51 1.76 -28.47 -89.48
N ASN Z 52 0.92 -27.82 -90.30
CA ASN Z 52 0.24 -28.45 -91.41
C ASN Z 52 1.18 -28.54 -92.61
N PHE Z 53 1.95 -29.62 -92.70
CA PHE Z 53 2.88 -29.89 -93.78
C PHE Z 53 2.13 -30.46 -94.98
N SER Z 54 2.86 -30.77 -96.05
CA SER Z 54 2.29 -31.36 -97.25
C SER Z 54 2.98 -32.68 -97.59
N LEU Z 55 2.46 -33.37 -98.61
CA LEU Z 55 2.97 -34.70 -98.96
C LEU Z 55 4.00 -34.67 -100.08
N ASP Z 56 4.17 -33.53 -100.75
CA ASP Z 56 5.31 -33.37 -101.63
C ASP Z 56 6.54 -32.84 -100.89
N GLU Z 57 6.49 -32.84 -99.55
CA GLU Z 57 7.56 -32.34 -98.70
C GLU Z 57 8.04 -33.39 -97.70
N VAL Z 58 7.63 -34.64 -97.85
CA VAL Z 58 7.95 -35.71 -96.90
C VAL Z 58 8.42 -36.94 -97.66
N VAL Z 59 9.07 -37.84 -96.92
CA VAL Z 59 9.50 -39.14 -97.45
C VAL Z 59 9.01 -40.22 -96.48
N GLU Z 60 9.12 -41.49 -96.87
CA GLU Z 60 8.53 -42.61 -96.13
C GLU Z 60 9.61 -43.65 -95.81
N VAL Z 61 10.71 -43.19 -95.21
CA VAL Z 61 11.67 -44.10 -94.61
C VAL Z 61 11.05 -44.81 -93.42
N GLU Z 62 10.96 -46.14 -93.50
CA GLU Z 62 10.39 -46.96 -92.44
C GLU Z 62 10.88 -48.40 -92.55
N ASP AA 26 71.30 -27.71 -77.28
CA ASP AA 26 71.76 -26.51 -77.96
C ASP AA 26 70.90 -26.25 -79.20
N VAL AA 27 69.59 -26.39 -79.04
CA VAL AA 27 68.69 -26.39 -80.20
C VAL AA 27 68.50 -25.01 -80.79
N ALA AA 28 68.61 -23.95 -80.00
CA ALA AA 28 68.55 -22.58 -80.49
C ALA AA 28 69.57 -21.71 -79.76
N GLY AA 29 70.75 -22.26 -79.52
CA GLY AA 29 71.72 -21.58 -78.69
C GLY AA 29 71.48 -21.72 -77.21
N LEU AA 30 70.50 -22.53 -76.81
CA LEU AA 30 70.16 -22.73 -75.41
C LEU AA 30 71.27 -23.55 -74.75
N ILE AA 31 71.70 -23.12 -73.57
CA ILE AA 31 72.74 -23.85 -72.85
C ILE AA 31 72.01 -24.70 -71.81
N PRO AA 32 72.48 -25.92 -71.50
CA PRO AA 32 71.76 -26.75 -70.52
C PRO AA 32 71.75 -26.17 -69.13
N CYS AA 33 70.76 -26.59 -68.34
CA CYS AA 33 70.53 -26.03 -67.01
C CYS AA 33 71.57 -26.48 -65.99
N SER AA 34 72.33 -27.53 -66.29
CA SER AA 34 73.47 -27.87 -65.46
C SER AA 34 74.56 -26.81 -65.57
N GLN AA 35 74.84 -26.37 -66.79
CA GLN AA 35 75.80 -25.30 -67.02
C GLN AA 35 75.16 -23.96 -67.34
N SER AA 36 73.90 -23.77 -66.95
CA SER AA 36 73.28 -22.45 -66.99
C SER AA 36 73.64 -21.71 -65.71
N ASP AA 37 74.33 -20.59 -65.84
CA ASP AA 37 74.84 -19.88 -64.67
C ASP AA 37 73.78 -19.00 -64.02
N ALA AA 38 72.86 -18.43 -64.80
CA ALA AA 38 71.81 -17.61 -64.20
C ALA AA 38 70.67 -18.47 -63.67
N PHE AA 39 70.57 -19.73 -64.11
CA PHE AA 39 69.55 -20.62 -63.55
C PHE AA 39 69.92 -21.06 -62.14
N GLU AA 40 71.20 -21.33 -61.91
CA GLU AA 40 71.65 -21.64 -60.57
C GLU AA 40 71.73 -20.40 -59.69
N ARG AA 41 71.64 -19.22 -60.28
CA ARG AA 41 71.54 -17.95 -59.56
C ARG AA 41 70.17 -17.75 -58.91
N ARG AA 42 69.11 -18.30 -59.52
CA ARG AA 42 67.77 -18.16 -58.95
C ARG AA 42 67.61 -18.94 -57.66
N LEU AA 43 68.41 -20.00 -57.47
CA LEU AA 43 68.36 -20.76 -56.22
C LEU AA 43 69.09 -20.02 -55.11
N LYS AA 44 70.08 -19.19 -55.45
CA LYS AA 44 70.77 -18.38 -54.46
C LYS AA 44 70.00 -17.10 -54.13
N ASN AA 45 68.93 -16.83 -54.88
CA ASN AA 45 68.16 -15.61 -54.73
C ASN AA 45 66.83 -15.82 -54.02
N THR AA 46 66.32 -17.06 -53.97
CA THR AA 46 65.03 -17.28 -53.34
C THR AA 46 65.18 -17.62 -51.85
N THR AA 47 66.15 -18.47 -51.50
CA THR AA 47 66.29 -18.84 -50.09
C THR AA 47 66.92 -17.72 -49.28
N GLN AA 48 67.71 -16.85 -49.92
CA GLN AA 48 68.22 -15.66 -49.27
C GLN AA 48 67.11 -14.70 -48.88
N ARG AA 49 66.08 -14.57 -49.72
CA ARG AA 49 64.86 -13.87 -49.36
C ARG AA 49 64.10 -14.56 -48.23
N LEU AA 50 64.13 -15.89 -48.19
CA LEU AA 50 63.62 -16.63 -47.05
C LEU AA 50 64.55 -16.61 -45.86
N GLU AA 51 65.84 -16.33 -46.07
CA GLU AA 51 66.78 -16.25 -44.96
C GLU AA 51 66.63 -14.92 -44.23
N ASN AA 52 66.44 -13.83 -44.98
CA ASN AA 52 65.99 -12.56 -44.42
C ASN AA 52 64.67 -12.70 -43.67
N ARG AA 53 63.81 -13.61 -44.12
CA ARG AA 53 62.59 -13.96 -43.42
C ARG AA 53 62.86 -14.88 -42.23
N LEU AA 54 64.05 -15.50 -42.17
CA LEU AA 54 64.38 -16.47 -41.13
C LEU AA 54 65.35 -15.94 -40.09
N LYS AA 55 66.16 -14.93 -40.42
CA LYS AA 55 67.08 -14.36 -39.44
C LYS AA 55 66.35 -13.65 -38.30
N LYS AA 56 65.16 -13.12 -38.57
CA LYS AA 56 64.44 -12.29 -37.61
C LYS AA 56 63.58 -13.11 -36.65
N TYR AA 57 63.31 -14.37 -36.97
CA TYR AA 57 62.36 -15.16 -36.21
C TYR AA 57 63.06 -16.01 -35.15
N GLU AA 58 62.26 -16.68 -34.35
CA GLU AA 58 62.78 -17.74 -33.50
C GLU AA 58 62.96 -19.01 -34.34
N PRO AA 59 64.16 -19.61 -34.33
CA PRO AA 59 64.43 -20.72 -35.27
C PRO AA 59 63.89 -22.06 -34.81
N GLY AA 60 63.00 -22.10 -33.81
CA GLY AA 60 62.23 -23.28 -33.51
C GLY AA 60 60.73 -23.09 -33.68
N SER AA 61 60.29 -21.91 -34.07
CA SER AA 61 58.87 -21.61 -34.22
C SER AA 61 58.32 -22.24 -35.49
N ALA AA 62 57.01 -22.42 -35.51
CA ALA AA 62 56.26 -22.90 -36.68
C ALA AA 62 56.40 -22.02 -37.93
N PRO AA 63 56.68 -20.71 -37.82
CA PRO AA 63 57.26 -20.02 -38.99
C PRO AA 63 58.57 -20.63 -39.47
N ALA AA 64 59.47 -21.04 -38.58
CA ALA AA 64 60.78 -21.53 -39.01
C ALA AA 64 60.69 -22.94 -39.57
N GLU AA 65 59.78 -23.78 -39.06
CA GLU AA 65 59.52 -25.04 -39.73
C GLU AA 65 58.79 -24.86 -41.05
N ALA AA 66 58.11 -23.73 -41.23
CA ALA AA 66 57.63 -23.34 -42.55
C ALA AA 66 58.71 -22.66 -43.37
N LEU AA 67 59.79 -22.20 -42.73
CA LEU AA 67 60.87 -21.53 -43.44
C LEU AA 67 61.98 -22.47 -43.84
N GLN AA 68 62.10 -23.62 -43.16
CA GLN AA 68 63.02 -24.64 -43.63
C GLN AA 68 62.40 -25.49 -44.73
N LYS AA 69 61.07 -25.59 -44.74
CA LYS AA 69 60.37 -26.31 -45.80
C LYS AA 69 60.43 -25.56 -47.12
N GLN AA 70 60.23 -24.25 -47.08
CA GLN AA 70 60.14 -23.44 -48.29
C GLN AA 70 61.48 -23.33 -49.03
N ILE AA 71 62.59 -23.55 -48.32
CA ILE AA 71 63.87 -23.70 -49.01
C ILE AA 71 63.91 -25.02 -49.77
N ASP AA 72 63.56 -26.11 -49.09
CA ASP AA 72 63.81 -27.45 -49.62
C ASP AA 72 62.78 -27.88 -50.66
N LYS AA 73 61.55 -27.35 -50.60
CA LYS AA 73 60.62 -27.60 -51.70
C LYS AA 73 61.05 -26.86 -52.96
N THR AA 74 61.70 -25.71 -52.80
CA THR AA 74 62.30 -25.04 -53.93
C THR AA 74 63.51 -25.80 -54.45
N GLN AA 75 64.33 -26.34 -53.55
CA GLN AA 75 65.59 -27.01 -53.88
C GLN AA 75 65.43 -28.18 -54.84
N GLN AA 76 64.53 -29.10 -54.52
CA GLN AA 76 64.34 -30.30 -55.34
C GLN AA 76 63.68 -30.00 -56.68
N ARG AA 77 63.05 -28.83 -56.82
CA ARG AA 77 62.65 -28.33 -58.13
C ARG AA 77 63.83 -27.91 -58.98
N PHE AA 78 64.82 -27.26 -58.37
CA PHE AA 78 66.02 -26.89 -59.13
C PHE AA 78 66.86 -28.12 -59.42
N ASP AA 79 66.87 -29.08 -58.49
CA ASP AA 79 67.55 -30.35 -58.72
C ASP AA 79 66.67 -31.33 -59.51
N LYS AA 80 65.50 -30.90 -59.97
CA LYS AA 80 64.78 -31.66 -60.97
C LYS AA 80 65.13 -31.19 -62.38
N TYR AA 81 65.31 -29.88 -62.56
CA TYR AA 81 65.55 -29.31 -63.88
C TYR AA 81 67.04 -29.21 -64.20
N ARG AA 82 67.91 -29.17 -63.18
CA ARG AA 82 69.33 -29.40 -63.40
C ARG AA 82 69.58 -30.80 -63.95
N ASN AA 83 68.86 -31.78 -63.40
CA ASN AA 83 69.11 -33.19 -63.72
C ASN AA 83 68.33 -33.67 -64.93
N SER AA 84 67.29 -32.96 -65.36
CA SER AA 84 66.49 -33.40 -66.48
C SER AA 84 67.16 -33.19 -67.83
N GLY AA 85 68.31 -32.53 -67.87
CA GLY AA 85 68.91 -32.17 -69.14
C GLY AA 85 68.13 -31.08 -69.85
N LEU AA 86 67.42 -30.25 -69.09
CA LEU AA 86 66.63 -29.19 -69.69
C LEU AA 86 67.52 -28.09 -70.23
N LEU AA 87 66.95 -27.26 -71.10
CA LEU AA 87 67.68 -26.19 -71.74
C LEU AA 87 67.16 -24.86 -71.21
N CYS AA 88 67.87 -24.29 -70.24
CA CYS AA 88 67.54 -22.99 -69.68
C CYS AA 88 68.08 -21.90 -70.61
N GLY AA 89 67.48 -20.72 -70.54
CA GLY AA 89 67.89 -19.61 -71.38
C GLY AA 89 68.83 -18.64 -70.71
N ALA AA 90 69.02 -17.48 -71.35
CA ALA AA 90 69.85 -16.42 -70.80
C ALA AA 90 69.17 -15.73 -69.61
N ASP AA 91 67.85 -15.90 -69.49
CA ASP AA 91 67.13 -15.45 -68.30
C ASP AA 91 67.46 -16.29 -67.08
N GLY AA 92 67.93 -17.51 -67.28
CA GLY AA 92 68.08 -18.47 -66.21
C GLY AA 92 66.84 -19.31 -65.96
N LEU AA 93 65.99 -19.48 -66.96
CA LEU AA 93 64.72 -20.16 -66.81
C LEU AA 93 64.56 -21.24 -67.87
N PRO AA 94 64.04 -22.42 -67.51
CA PRO AA 94 63.96 -23.53 -68.48
C PRO AA 94 62.89 -23.29 -69.53
N HIS AA 95 63.19 -23.61 -70.78
CA HIS AA 95 62.24 -23.48 -71.88
C HIS AA 95 61.80 -24.85 -72.38
N LEU AA 96 60.77 -24.85 -73.22
CA LEU AA 96 60.18 -26.07 -73.74
C LEU AA 96 60.35 -26.12 -75.25
N ILE AA 97 60.72 -27.29 -75.75
CA ILE AA 97 61.09 -27.49 -77.16
C ILE AA 97 60.07 -28.47 -77.74
N THR AA 98 59.56 -28.17 -78.94
CA THR AA 98 58.59 -29.05 -79.61
C THR AA 98 58.78 -28.94 -81.13
N ASP AA 99 59.54 -29.87 -81.67
CA ASP AA 99 59.62 -30.16 -83.10
C ASP AA 99 59.58 -31.66 -83.30
N GLY AA 100 58.77 -32.31 -82.46
CA GLY AA 100 59.24 -33.32 -81.54
C GLY AA 100 60.29 -34.31 -81.96
N ARG AA 101 61.49 -34.12 -81.41
CA ARG AA 101 62.54 -35.13 -81.43
C ARG AA 101 62.39 -36.02 -80.20
N TRP AA 102 63.13 -37.12 -80.20
CA TRP AA 102 63.05 -38.02 -79.05
C TRP AA 102 64.17 -37.79 -78.05
N SER AA 103 64.98 -36.76 -78.26
CA SER AA 103 65.79 -36.22 -77.17
C SER AA 103 65.00 -35.28 -76.29
N HIS AA 104 64.03 -34.58 -76.87
CA HIS AA 104 63.19 -33.66 -76.10
C HIS AA 104 61.75 -34.11 -76.14
N ALA AA 105 61.54 -35.44 -76.12
CA ALA AA 105 60.20 -36.00 -76.10
C ALA AA 105 59.50 -35.76 -74.77
N GLY AA 106 60.25 -35.73 -73.67
CA GLY AA 106 59.72 -35.53 -72.34
C GLY AA 106 59.20 -34.15 -72.03
N GLU AA 107 59.37 -33.19 -72.94
CA GLU AA 107 58.77 -31.87 -72.76
C GLU AA 107 57.31 -31.87 -73.15
N PHE AA 108 56.96 -32.49 -74.28
CA PHE AA 108 55.62 -32.31 -74.82
C PHE AA 108 54.89 -33.60 -75.17
N THR AA 109 55.61 -34.61 -75.67
CA THR AA 109 54.92 -35.73 -76.33
C THR AA 109 54.20 -36.63 -75.34
N ILE AA 110 54.95 -37.28 -74.46
CA ILE AA 110 54.35 -38.14 -73.44
C ILE AA 110 53.52 -37.37 -72.41
N PRO AA 111 53.81 -36.11 -72.02
CA PRO AA 111 52.77 -35.35 -71.31
C PRO AA 111 51.60 -34.90 -72.19
N GLY AA 112 51.70 -35.04 -73.51
CA GLY AA 112 50.62 -34.57 -74.37
C GLY AA 112 49.63 -35.66 -74.72
N LEU AA 113 50.12 -36.83 -75.12
CA LEU AA 113 49.23 -37.95 -75.41
C LEU AA 113 48.60 -38.49 -74.13
N LEU AA 114 49.18 -38.16 -72.96
CA LEU AA 114 48.52 -38.45 -71.69
C LEU AA 114 47.22 -37.67 -71.54
N PHE AA 115 47.13 -36.48 -72.15
CA PHE AA 115 45.83 -35.83 -72.25
C PHE AA 115 44.90 -36.57 -73.21
N LEU AA 116 45.45 -37.01 -74.35
CA LEU AA 116 44.63 -37.48 -75.45
C LEU AA 116 43.91 -38.78 -75.10
N TYR AA 117 44.57 -39.67 -74.37
CA TYR AA 117 43.96 -40.94 -73.96
C TYR AA 117 42.75 -40.71 -73.06
N ILE AA 118 42.87 -39.79 -72.09
CA ILE AA 118 41.81 -39.60 -71.12
C ILE AA 118 40.73 -38.68 -71.68
N ALA AA 119 41.06 -37.91 -72.73
CA ALA AA 119 40.07 -37.03 -73.34
C ALA AA 119 39.06 -37.82 -74.15
N GLY AA 120 39.51 -38.85 -74.87
CA GLY AA 120 38.58 -39.73 -75.55
C GLY AA 120 37.83 -40.65 -74.62
N PHE AA 121 38.31 -40.81 -73.39
CA PHE AA 121 37.59 -41.58 -72.38
C PHE AA 121 36.27 -40.91 -72.03
N ILE AA 122 36.31 -39.62 -71.69
CA ILE AA 122 35.08 -38.88 -71.44
C ILE AA 122 34.42 -38.52 -72.77
N GLY AA 123 35.20 -38.52 -73.86
CA GLY AA 123 34.62 -38.34 -75.18
C GLY AA 123 33.79 -39.53 -75.61
N TRP AA 124 34.24 -40.73 -75.29
CA TRP AA 124 33.42 -41.92 -75.53
C TRP AA 124 32.50 -42.22 -74.37
N SER AA 125 32.50 -41.37 -73.33
CA SER AA 125 31.39 -41.39 -72.39
C SER AA 125 30.17 -40.74 -73.03
N GLY AA 126 30.29 -39.48 -73.45
CA GLY AA 126 29.18 -38.75 -74.03
C GLY AA 126 28.75 -39.25 -75.39
N ARG AA 127 29.66 -39.84 -76.16
CA ARG AA 127 29.29 -40.46 -77.43
C ARG AA 127 28.46 -41.73 -77.20
N SER AA 128 28.68 -42.40 -76.06
CA SER AA 128 28.02 -43.67 -75.82
C SER AA 128 26.86 -43.57 -74.84
N TYR AA 129 26.87 -42.58 -73.95
CA TYR AA 129 25.77 -42.45 -72.99
C TYR AA 129 24.48 -42.04 -73.69
N LEU AA 130 24.58 -41.23 -74.74
CA LEU AA 130 23.42 -40.52 -75.22
C LEU AA 130 22.62 -41.32 -76.24
N GLN AA 131 23.24 -42.31 -76.89
CA GLN AA 131 22.53 -43.06 -77.92
C GLN AA 131 21.50 -44.02 -77.33
N ALA AA 132 21.76 -44.54 -76.13
CA ALA AA 132 20.80 -45.44 -75.49
C ALA AA 132 19.71 -44.66 -74.76
N VAL AA 133 20.10 -43.62 -74.02
CA VAL AA 133 19.17 -42.91 -73.14
C VAL AA 133 18.19 -42.08 -73.95
N ALA AA 134 18.59 -41.63 -75.15
CA ALA AA 134 17.66 -40.91 -76.02
C ALA AA 134 16.58 -41.83 -76.59
N ALA AA 135 16.78 -43.14 -76.52
CA ALA AA 135 15.74 -44.12 -76.83
C ALA AA 135 14.99 -44.53 -75.56
N SER AA 136 14.44 -43.53 -74.88
CA SER AA 136 13.63 -43.74 -73.67
C SER AA 136 12.43 -42.81 -73.72
N ASP AA 137 11.56 -42.91 -72.72
CA ASP AA 137 10.34 -42.11 -72.69
C ASP AA 137 10.61 -40.68 -72.24
N ASN AA 138 11.16 -40.51 -71.05
CA ASN AA 138 11.71 -39.23 -70.61
C ASN AA 138 13.20 -39.31 -70.91
N SER AA 139 13.55 -39.01 -72.17
CA SER AA 139 14.92 -39.16 -72.62
C SER AA 139 15.79 -38.01 -72.14
N THR AA 140 15.17 -36.96 -71.59
CA THR AA 140 15.91 -35.76 -71.22
C THR AA 140 16.06 -35.61 -69.71
N GLU AA 141 15.19 -36.26 -68.92
CA GLU AA 141 15.35 -36.21 -67.47
C GLU AA 141 16.54 -37.05 -67.03
N LYS AA 142 16.87 -38.08 -67.81
CA LYS AA 142 18.09 -38.83 -67.53
C LYS AA 142 19.34 -38.14 -68.06
N GLU AA 143 19.20 -36.96 -68.67
CA GLU AA 143 20.29 -36.01 -68.77
C GLU AA 143 20.33 -35.09 -67.55
N ILE AA 144 19.18 -34.89 -66.90
CA ILE AA 144 19.14 -34.16 -65.64
C ILE AA 144 19.51 -35.10 -64.49
N ILE AA 145 18.67 -36.10 -64.26
CA ILE AA 145 18.94 -37.12 -63.25
C ILE AA 145 19.62 -38.27 -63.96
N ILE AA 146 20.94 -38.17 -64.08
CA ILE AA 146 21.74 -39.13 -64.84
C ILE AA 146 21.81 -40.42 -64.03
N ASP AA 147 21.52 -41.53 -64.69
CA ASP AA 147 21.49 -42.85 -64.04
C ASP AA 147 22.91 -43.27 -63.74
N ILE AA 148 23.18 -43.57 -62.47
CA ILE AA 148 24.44 -44.17 -62.05
C ILE AA 148 24.73 -45.55 -62.67
N PRO AA 149 23.74 -46.38 -63.17
CA PRO AA 149 24.17 -47.52 -64.01
C PRO AA 149 24.96 -47.14 -65.26
N VAL AA 150 24.35 -46.35 -66.15
CA VAL AA 150 24.86 -46.20 -67.50
C VAL AA 150 26.11 -45.33 -67.52
N ALA AA 151 26.26 -44.44 -66.53
CA ALA AA 151 27.41 -43.55 -66.47
C ALA AA 151 28.69 -44.31 -66.15
N LEU AA 152 28.65 -45.19 -65.14
CA LEU AA 152 29.80 -46.02 -64.82
C LEU AA 152 30.06 -47.10 -65.87
N GLN AA 153 29.04 -47.44 -66.68
CA GLN AA 153 29.29 -48.26 -67.86
C GLN AA 153 30.10 -47.49 -68.89
N SER AA 154 29.76 -46.21 -69.09
CA SER AA 154 30.50 -45.37 -70.02
C SER AA 154 31.87 -45.01 -69.46
N VAL AA 155 32.10 -45.24 -68.17
CA VAL AA 155 33.47 -45.27 -67.65
C VAL AA 155 34.20 -46.50 -68.16
N SER AA 156 33.54 -47.66 -68.11
CA SER AA 156 34.14 -48.87 -68.66
C SER AA 156 34.18 -48.85 -70.18
N LYS AA 157 33.13 -48.37 -70.83
CA LYS AA 157 33.10 -48.19 -72.28
C LYS AA 157 34.05 -47.09 -72.75
N GLY AA 158 34.44 -46.18 -71.87
CA GLY AA 158 35.36 -45.12 -72.25
C GLY AA 158 36.80 -45.55 -72.36
N PHE AA 159 37.15 -46.66 -71.69
CA PHE AA 159 38.52 -47.14 -71.71
C PHE AA 159 38.90 -47.77 -73.04
N VAL AA 160 37.92 -48.18 -73.84
CA VAL AA 160 38.18 -48.81 -75.13
C VAL AA 160 37.99 -47.80 -76.28
N TRP AA 161 38.14 -46.51 -75.96
CA TRP AA 161 37.90 -45.46 -76.95
C TRP AA 161 38.78 -45.45 -78.21
N PRO AA 162 40.10 -45.74 -78.20
CA PRO AA 162 40.84 -45.61 -79.48
C PRO AA 162 40.61 -46.80 -80.39
N LEU AA 163 40.11 -47.91 -79.87
CA LEU AA 163 39.95 -49.12 -80.65
C LEU AA 163 38.53 -49.23 -81.21
N ALA AA 164 37.54 -48.80 -80.43
CA ALA AA 164 36.14 -49.04 -80.78
C ALA AA 164 35.68 -48.16 -81.94
N ALA AA 165 36.22 -46.95 -82.06
CA ALA AA 165 35.78 -46.03 -83.10
C ALA AA 165 36.35 -46.37 -84.47
N LEU AA 166 37.25 -47.35 -84.57
CA LEU AA 166 37.78 -47.73 -85.87
C LEU AA 166 36.77 -48.59 -86.63
N GLN AA 167 36.08 -49.49 -85.94
CA GLN AA 167 34.98 -50.21 -86.57
C GLN AA 167 33.69 -49.38 -86.64
N GLU AA 168 33.65 -48.22 -86.00
CA GLU AA 168 32.54 -47.30 -86.17
C GLU AA 168 32.64 -46.59 -87.52
N PHE AA 169 33.81 -45.99 -87.81
CA PHE AA 169 33.95 -45.19 -89.03
C PHE AA 169 34.10 -46.07 -90.26
N SER AA 170 34.79 -47.21 -90.12
CA SER AA 170 34.97 -48.09 -91.27
C SER AA 170 33.65 -48.75 -91.67
N SER AA 171 32.74 -48.94 -90.73
CA SER AA 171 31.37 -49.25 -91.06
C SER AA 171 30.57 -48.01 -91.44
N GLY AA 172 30.94 -46.85 -90.88
CA GLY AA 172 30.29 -45.59 -91.21
C GLY AA 172 29.45 -44.99 -90.11
N LYS AA 173 29.32 -45.65 -88.96
CA LYS AA 173 28.45 -45.19 -87.89
C LYS AA 173 29.14 -44.23 -86.92
N LEU AA 174 30.25 -43.63 -87.33
CA LEU AA 174 30.81 -42.47 -86.63
C LEU AA 174 30.31 -41.17 -87.24
N THR AA 175 29.88 -41.21 -88.49
CA THR AA 175 29.26 -40.09 -89.18
C THR AA 175 27.84 -40.47 -89.60
N ALA AA 176 27.22 -39.57 -90.35
CA ALA AA 176 25.94 -39.84 -91.00
C ALA AA 176 26.01 -39.42 -92.47
N ARG AA 177 24.93 -39.67 -93.19
CA ARG AA 177 24.77 -39.00 -94.47
C ARG AA 177 24.14 -37.64 -94.26
N ASP AA 178 24.39 -36.73 -95.20
CA ASP AA 178 23.94 -35.36 -95.07
C ASP AA 178 22.45 -35.18 -95.37
N GLU AA 179 21.72 -36.27 -95.63
CA GLU AA 179 20.27 -36.21 -95.67
C GLU AA 179 19.66 -36.49 -94.31
N GLU AA 180 20.47 -36.82 -93.30
CA GLU AA 180 19.97 -37.07 -91.95
C GLU AA 180 20.18 -35.92 -91.00
N ILE AA 181 20.99 -34.95 -91.36
CA ILE AA 181 21.48 -33.91 -90.46
C ILE AA 181 20.78 -32.60 -90.76
N THR AA 182 20.41 -31.87 -89.72
CA THR AA 182 19.76 -30.59 -89.89
C THR AA 182 20.74 -29.56 -90.45
N ILE AA 183 20.34 -28.93 -91.55
CA ILE AA 183 21.23 -28.17 -92.42
C ILE AA 183 20.49 -26.91 -92.85
N SER AA 184 21.09 -25.75 -92.56
CA SER AA 184 20.53 -24.42 -92.75
C SER AA 184 20.16 -24.19 -94.21
N PRO AA 185 19.10 -23.44 -94.51
CA PRO AA 185 18.67 -23.29 -95.90
C PRO AA 185 19.63 -22.42 -96.71
N ARG AA 186 19.45 -22.47 -98.03
CA ARG AA 186 20.42 -21.91 -98.95
C ARG AA 186 19.85 -20.75 -99.75
N ASN BA 4 50.68 37.21 -90.22
CA ASN BA 4 49.45 37.97 -90.40
C ASN BA 4 48.44 37.14 -91.20
N LEU BA 5 48.91 36.02 -91.72
CA LEU BA 5 48.04 35.14 -92.51
C LEU BA 5 47.15 34.21 -91.68
N PRO BA 6 47.63 33.42 -90.70
CA PRO BA 6 46.68 32.48 -90.06
C PRO BA 6 45.77 33.16 -89.05
N SER BA 7 46.17 34.34 -88.55
CA SER BA 7 45.43 35.03 -87.50
C SER BA 7 44.07 35.53 -87.97
N ILE BA 8 43.90 35.73 -89.27
CA ILE BA 8 42.57 35.96 -89.83
C ILE BA 8 41.95 34.67 -90.32
N LEU BA 9 42.77 33.77 -90.88
CA LEU BA 9 42.27 32.67 -91.68
C LEU BA 9 41.58 31.59 -90.85
N VAL BA 10 42.15 31.23 -89.71
CA VAL BA 10 41.60 30.15 -88.87
C VAL BA 10 40.26 30.56 -88.23
N PRO BA 11 40.05 31.79 -87.74
CA PRO BA 11 38.67 32.18 -87.40
C PRO BA 11 37.75 32.51 -88.57
N MET BA 12 38.18 32.31 -89.81
CA MET BA 12 37.22 32.30 -90.90
C MET BA 12 36.76 30.88 -91.20
N VAL BA 13 37.71 29.95 -91.33
CA VAL BA 13 37.38 28.57 -91.67
C VAL BA 13 36.74 27.83 -90.51
N GLY BA 14 37.12 28.13 -89.26
CA GLY BA 14 36.61 27.39 -88.13
C GLY BA 14 35.35 28.00 -87.54
N ILE BA 15 35.20 29.31 -87.69
CA ILE BA 15 34.09 30.02 -87.06
C ILE BA 15 33.12 30.53 -88.11
N VAL BA 16 33.63 31.33 -89.05
CA VAL BA 16 32.76 32.02 -89.99
C VAL BA 16 32.19 31.05 -91.03
N LEU BA 17 33.04 30.16 -91.53
CA LEU BA 17 32.64 29.16 -92.53
C LEU BA 17 31.57 28.20 -92.00
N PRO BA 18 31.64 27.61 -90.80
CA PRO BA 18 30.50 26.78 -90.35
C PRO BA 18 29.26 27.58 -90.03
N ALA BA 19 29.38 28.88 -89.76
CA ALA BA 19 28.19 29.71 -89.55
C ALA BA 19 27.38 29.89 -90.82
N ILE BA 20 27.98 29.66 -91.99
CA ILE BA 20 27.27 29.80 -93.26
C ILE BA 20 26.96 28.43 -93.85
N VAL BA 21 27.92 27.51 -93.80
CA VAL BA 21 27.70 26.22 -94.46
C VAL BA 21 26.79 25.32 -93.64
N MET BA 22 26.56 25.63 -92.35
CA MET BA 22 25.45 25.00 -91.66
C MET BA 22 24.18 25.82 -91.81
N ALA BA 23 24.31 27.11 -92.11
CA ALA BA 23 23.13 27.90 -92.42
C ALA BA 23 22.56 27.54 -93.78
N LEU BA 24 23.41 27.30 -94.77
CA LEU BA 24 22.93 26.75 -96.04
C LEU BA 24 22.44 25.32 -95.85
N LEU BA 25 23.08 24.55 -94.97
CA LEU BA 25 22.62 23.20 -94.71
C LEU BA 25 21.69 23.18 -93.50
N PHE BA 26 21.09 24.32 -93.19
CA PHE BA 26 19.84 24.32 -92.43
C PHE BA 26 18.66 24.60 -93.34
N VAL BA 27 18.86 25.43 -94.37
CA VAL BA 27 17.77 25.71 -95.30
C VAL BA 27 17.73 24.66 -96.41
N TYR BA 28 18.65 23.70 -96.41
CA TYR BA 28 18.50 22.61 -97.37
C TYR BA 28 17.86 21.38 -96.73
N ILE BA 29 18.08 21.17 -95.43
CA ILE BA 29 17.45 20.01 -94.78
C ILE BA 29 15.97 20.28 -94.55
N GLU BA 30 15.63 21.51 -94.19
CA GLU BA 30 14.27 21.84 -93.77
C GLU BA 30 13.52 22.69 -94.78
N THR BA 31 13.72 22.45 -96.06
CA THR BA 31 12.82 22.99 -97.06
C THR BA 31 12.22 21.87 -97.90
N ASP BA 32 11.12 22.19 -98.57
CA ASP BA 32 10.32 21.22 -99.31
C ASP BA 32 9.97 21.81 -100.67
N GLU BA 33 9.48 20.95 -101.56
CA GLU BA 33 9.14 21.36 -102.91
C GLU BA 33 7.78 22.05 -102.93
N PHE CA 3 16.64 -39.03 -51.60
CA PHE CA 3 17.89 -38.34 -51.31
C PHE CA 3 19.02 -38.87 -52.17
N SER CA 4 19.12 -40.19 -52.30
CA SER CA 4 20.17 -40.77 -53.15
C SER CA 4 19.84 -40.55 -54.63
N LYS CA 5 18.56 -40.51 -54.97
CA LYS CA 5 18.17 -40.10 -56.32
C LYS CA 5 18.34 -38.60 -56.51
N TYR CA 6 18.23 -37.82 -55.44
CA TYR CA 6 18.52 -36.39 -55.47
C TYR CA 6 20.01 -36.15 -55.69
N LEU CA 7 20.86 -37.09 -55.28
CA LEU CA 7 22.27 -37.03 -55.58
C LEU CA 7 22.59 -37.42 -57.02
N SER CA 8 21.62 -37.95 -57.76
CA SER CA 8 21.85 -38.30 -59.15
C SER CA 8 21.45 -37.21 -60.12
N THR CA 9 20.88 -36.11 -59.63
CA THR CA 9 20.57 -34.97 -60.48
C THR CA 9 21.85 -34.27 -60.94
N ALA CA 10 21.68 -33.41 -61.95
CA ALA CA 10 22.83 -32.83 -62.65
C ALA CA 10 23.80 -31.98 -61.81
N PRO CA 11 23.37 -31.05 -60.93
CA PRO CA 11 24.40 -30.23 -60.24
C PRO CA 11 25.23 -31.02 -59.23
N VAL CA 12 24.60 -31.85 -58.40
CA VAL CA 12 25.34 -32.59 -57.37
C VAL CA 12 26.27 -33.61 -57.98
N ILE CA 13 25.88 -34.19 -59.12
CA ILE CA 13 26.77 -35.12 -59.80
C ILE CA 13 27.85 -34.36 -60.56
N GLY CA 14 27.64 -33.06 -60.85
CA GLY CA 14 28.67 -32.26 -61.49
C GLY CA 14 29.60 -31.56 -60.53
N THR CA 15 29.22 -31.50 -59.25
CA THR CA 15 30.08 -30.97 -58.20
C THR CA 15 30.83 -32.07 -57.45
N LEU CA 16 30.18 -33.20 -57.18
CA LEU CA 16 30.84 -34.27 -56.43
C LEU CA 16 31.87 -34.99 -57.28
N THR CA 17 31.65 -35.07 -58.59
CA THR CA 17 32.70 -35.54 -59.49
C THR CA 17 33.81 -34.49 -59.62
N ALA CA 18 33.44 -33.21 -59.53
CA ALA CA 18 34.45 -32.17 -59.47
C ALA CA 18 35.10 -32.08 -58.10
N PHE CA 19 34.44 -32.62 -57.07
CA PHE CA 19 35.05 -32.66 -55.74
C PHE CA 19 36.19 -33.68 -55.69
N PHE CA 20 36.12 -34.72 -56.52
CA PHE CA 20 37.05 -35.83 -56.41
C PHE CA 20 38.31 -35.58 -57.21
N LEU CA 21 38.17 -35.31 -58.50
CA LEU CA 21 39.30 -35.16 -59.41
C LEU CA 21 40.14 -33.93 -59.08
N ALA CA 22 39.51 -32.87 -58.57
CA ALA CA 22 40.26 -31.71 -58.11
C ALA CA 22 41.06 -32.04 -56.86
N GLY CA 23 40.46 -32.79 -55.94
CA GLY CA 23 41.19 -33.23 -54.75
C GLY CA 23 42.29 -34.22 -55.05
N LEU CA 24 42.18 -34.92 -56.19
CA LEU CA 24 43.29 -35.74 -56.67
C LEU CA 24 44.49 -34.88 -57.02
N LEU CA 25 44.26 -33.72 -57.64
CA LEU CA 25 45.35 -32.86 -58.05
C LEU CA 25 45.90 -32.05 -56.88
N ILE CA 26 45.14 -31.93 -55.79
CA ILE CA 26 45.65 -31.23 -54.62
C ILE CA 26 46.69 -32.07 -53.91
N GLU CA 27 46.39 -33.36 -53.69
CA GLU CA 27 47.35 -34.26 -53.07
C GLU CA 27 48.57 -34.53 -53.95
N ILE CA 28 48.36 -34.71 -55.26
CA ILE CA 28 49.45 -35.14 -56.14
C ILE CA 28 50.34 -33.95 -56.52
N ASN CA 29 49.88 -32.72 -56.26
CA ASN CA 29 50.79 -31.59 -56.40
C ASN CA 29 51.45 -31.22 -55.08
N ARG CA 30 50.99 -31.78 -53.97
CA ARG CA 30 51.79 -31.79 -52.75
C ARG CA 30 52.78 -32.96 -52.77
N PHE CA 31 52.34 -34.11 -53.27
CA PHE CA 31 53.19 -35.29 -53.35
C PHE CA 31 54.30 -35.15 -54.39
N ASN CA 32 53.95 -34.86 -55.64
CA ASN CA 32 54.89 -34.73 -56.74
C ASN CA 32 54.94 -33.26 -57.14
N PRO CA 33 55.81 -32.47 -56.55
CA PRO CA 33 55.77 -31.02 -56.79
C PRO CA 33 56.52 -30.62 -58.05
N ASP CA 34 55.97 -29.61 -58.73
CA ASP CA 34 56.64 -28.85 -59.78
C ASP CA 34 57.00 -29.70 -61.00
N LEU CA 35 55.96 -30.26 -61.61
CA LEU CA 35 56.11 -31.19 -62.72
C LEU CA 35 56.02 -30.44 -64.05
N LEU CA 36 57.18 -29.99 -64.55
CA LEU CA 36 57.24 -29.51 -65.93
C LEU CA 36 57.26 -30.66 -66.91
N VAL CA 37 58.31 -31.48 -66.85
CA VAL CA 37 58.66 -32.40 -67.92
C VAL CA 37 58.65 -33.84 -67.39
N TYR CA 38 58.36 -34.77 -68.29
CA TYR CA 38 58.52 -36.19 -68.02
C TYR CA 38 59.98 -36.59 -68.23
N PRO CA 39 60.61 -37.29 -67.27
CA PRO CA 39 62.03 -37.63 -67.39
C PRO CA 39 62.32 -38.70 -68.44
N THR DA 87 9.87 20.26 1.24
CA THR DA 87 11.23 19.69 1.49
C THR DA 87 11.79 20.22 2.81
N GLN DA 88 10.97 20.92 3.59
CA GLN DA 88 11.41 21.47 4.91
C GLN DA 88 11.10 20.45 6.00
N SER DA 89 10.07 19.62 5.81
CA SER DA 89 9.65 18.68 6.88
C SER DA 89 9.70 17.23 6.39
N VAL DA 90 10.47 16.94 5.33
CA VAL DA 90 10.47 15.56 4.76
C VAL DA 90 11.87 15.12 4.35
N GLY DA 91 11.97 14.03 3.61
CA GLY DA 91 13.25 13.49 3.16
C GLY DA 91 13.63 13.95 1.76
N GLU DA 92 14.91 13.79 1.42
CA GLU DA 92 15.38 14.22 0.11
C GLU DA 92 15.01 13.21 -0.95
N ALA DA 93 15.04 11.93 -0.62
CA ALA DA 93 14.53 10.91 -1.53
C ALA DA 93 13.08 10.59 -1.21
N ALA DA 94 12.47 11.35 -0.31
CA ALA DA 94 11.05 11.21 -0.06
C ALA DA 94 10.24 12.23 -0.86
N GLU DA 95 10.86 13.35 -1.22
CA GLU DA 95 10.13 14.40 -1.90
C GLU DA 95 10.09 14.15 -3.40
N LYS DA 96 10.87 13.16 -3.87
CA LYS DA 96 10.73 12.72 -5.26
C LYS DA 96 9.40 12.03 -5.47
N SER DA 97 8.85 11.43 -4.42
CA SER DA 97 7.60 10.69 -4.55
C SER DA 97 6.42 11.62 -4.77
N PHE DA 98 6.52 12.88 -4.35
CA PHE DA 98 5.48 13.83 -4.73
C PHE DA 98 5.62 14.22 -6.19
N VAL DA 99 6.84 14.28 -6.70
CA VAL DA 99 7.04 14.63 -8.10
C VAL DA 99 6.62 13.48 -9.00
N MET DA 100 6.85 12.25 -8.56
CA MET DA 100 6.46 11.10 -9.37
C MET DA 100 4.96 10.88 -9.34
N LEU DA 101 4.31 11.08 -8.19
CA LEU DA 101 2.89 10.80 -8.09
C LEU DA 101 2.04 11.92 -8.65
N ALA DA 102 2.57 13.15 -8.64
CA ALA DA 102 1.88 14.23 -9.36
C ALA DA 102 1.93 13.98 -10.85
N SER DA 103 3.06 13.45 -11.32
CA SER DA 103 3.25 13.20 -12.74
C SER DA 103 2.28 12.14 -13.27
N VAL DA 104 1.87 11.20 -12.41
CA VAL DA 104 0.83 10.26 -12.82
C VAL DA 104 -0.51 10.98 -12.90
N LEU DA 105 -0.74 11.95 -12.03
CA LEU DA 105 -1.97 12.73 -12.13
C LEU DA 105 -1.85 13.79 -13.21
N PHE DA 106 -0.63 14.27 -13.46
CA PHE DA 106 -0.45 15.23 -14.55
C PHE DA 106 -0.59 14.53 -15.89
N ALA DA 107 -0.18 13.27 -15.97
CA ALA DA 107 -0.37 12.51 -17.20
C ALA DA 107 -1.83 12.24 -17.46
N GLY DA 108 -2.52 11.57 -16.53
CA GLY DA 108 -3.86 11.07 -16.83
C GLY DA 108 -4.92 12.15 -16.92
N ALA DA 109 -4.61 13.36 -16.47
CA ALA DA 109 -5.56 14.46 -16.60
C ALA DA 109 -5.64 14.95 -18.04
N VAL DA 110 -4.54 14.80 -18.79
CA VAL DA 110 -4.54 15.26 -20.17
C VAL DA 110 -4.05 14.17 -21.11
N GLY DA 111 -3.58 13.05 -20.58
CA GLY DA 111 -3.37 11.88 -21.40
C GLY DA 111 -4.56 10.96 -21.40
N GLY DA 112 -5.35 10.98 -20.31
CA GLY DA 112 -6.58 10.26 -20.20
C GLY DA 112 -7.66 10.61 -21.21
N PRO DA 113 -8.02 11.89 -21.37
CA PRO DA 113 -9.03 12.21 -22.40
C PRO DA 113 -8.53 12.14 -23.83
N GLY DA 114 -7.28 11.73 -24.05
CA GLY DA 114 -6.81 11.59 -25.42
C GLY DA 114 -6.92 10.17 -25.94
N ILE DA 115 -7.25 9.22 -25.06
CA ILE DA 115 -7.32 7.83 -25.48
C ILE DA 115 -8.62 7.61 -26.24
N LYS DA 116 -8.51 7.17 -27.49
CA LYS DA 116 -9.69 7.14 -28.33
C LYS DA 116 -10.52 5.89 -28.09
N MET DA 117 -9.93 4.72 -28.30
CA MET DA 117 -10.60 3.47 -27.97
C MET DA 117 -10.27 3.12 -26.53
N LYS DA 118 -11.23 3.36 -25.64
CA LYS DA 118 -11.14 2.98 -24.24
C LYS DA 118 -12.09 1.82 -23.97
N GLY DA 119 -11.92 1.19 -22.82
CA GLY DA 119 -12.81 0.13 -22.41
C GLY DA 119 -12.43 -1.25 -22.87
N GLN DA 120 -11.36 -1.40 -23.65
CA GLN DA 120 -10.96 -2.73 -24.06
C GLN DA 120 -10.30 -3.46 -22.88
N GLY DA 121 -10.54 -4.78 -22.82
CA GLY DA 121 -10.23 -5.58 -21.66
C GLY DA 121 -8.76 -5.70 -21.34
N PRO DA 122 -8.42 -6.26 -20.15
CA PRO DA 122 -9.32 -6.80 -19.13
C PRO DA 122 -9.91 -5.76 -18.19
N ALA DA 123 -10.92 -6.17 -17.42
CA ALA DA 123 -11.49 -5.31 -16.41
C ALA DA 123 -10.71 -5.45 -15.09
N TRP DA 124 -11.20 -4.76 -14.07
CA TRP DA 124 -10.57 -4.68 -12.75
C TRP DA 124 -10.54 -6.06 -12.08
N PRO DA 125 -9.62 -6.32 -11.10
CA PRO DA 125 -9.50 -7.68 -10.53
C PRO DA 125 -10.72 -8.19 -9.78
N PHE DA 126 -11.33 -7.36 -8.94
CA PHE DA 126 -12.48 -7.79 -8.16
C PHE DA 126 -13.79 -7.27 -8.73
N ASN DA 127 -13.80 -6.92 -10.02
CA ASN DA 127 -14.97 -6.37 -10.73
C ASN DA 127 -15.48 -5.09 -10.05
N ALA DA 128 -14.55 -4.28 -9.57
CA ALA DA 128 -14.86 -2.98 -9.00
C ALA DA 128 -15.25 -2.03 -10.12
N GLN DA 129 -16.51 -1.60 -10.14
CA GLN DA 129 -16.96 -0.71 -11.19
C GLN DA 129 -16.41 0.70 -10.97
N ILE DA 130 -15.33 0.99 -11.68
CA ILE DA 130 -14.45 2.14 -11.43
C ILE DA 130 -14.26 2.87 -12.76
N PRO DA 131 -14.26 4.21 -12.74
CA PRO DA 131 -14.33 4.95 -14.01
C PRO DA 131 -13.01 5.08 -14.76
N PHE DA 132 -12.28 3.96 -14.86
CA PHE DA 132 -11.36 3.66 -15.95
C PHE DA 132 -11.01 2.18 -15.93
N THR DA 133 -10.19 1.74 -16.87
CA THR DA 133 -9.82 0.33 -16.97
C THR DA 133 -8.40 0.15 -16.46
N PRO DA 134 -8.05 -1.04 -15.98
CA PRO DA 134 -6.64 -1.27 -15.61
C PRO DA 134 -5.70 -1.24 -16.78
N SER DA 135 -6.18 -1.60 -17.97
CA SER DA 135 -5.37 -1.48 -19.18
C SER DA 135 -4.99 -0.03 -19.46
N GLU DA 136 -5.97 0.87 -19.37
CA GLU DA 136 -5.70 2.29 -19.55
C GLU DA 136 -4.86 2.84 -18.41
N PHE DA 137 -5.18 2.46 -17.16
CA PHE DA 137 -4.54 3.07 -16.00
C PHE DA 137 -3.08 2.64 -15.88
N LEU DA 138 -2.75 1.46 -16.40
CA LEU DA 138 -1.36 1.04 -16.43
C LEU DA 138 -0.52 1.92 -17.36
N ALA DA 139 -1.14 2.43 -18.43
CA ALA DA 139 -0.44 3.32 -19.34
C ALA DA 139 -0.18 4.68 -18.70
N VAL DA 140 -1.13 5.17 -17.92
CA VAL DA 140 -0.99 6.47 -17.26
C VAL DA 140 0.13 6.40 -16.23
N THR DA 141 0.19 5.30 -15.47
CA THR DA 141 1.31 5.09 -14.56
C THR DA 141 2.61 4.89 -15.31
N ALA DA 142 2.53 4.38 -16.54
CA ALA DA 142 3.72 4.28 -17.38
C ALA DA 142 4.08 5.65 -17.96
N LEU DA 143 3.09 6.41 -18.39
CA LEU DA 143 3.35 7.76 -18.87
C LEU DA 143 3.80 8.67 -17.73
N GLY DA 144 3.20 8.48 -16.55
CA GLY DA 144 3.63 9.25 -15.39
C GLY DA 144 5.04 8.91 -14.94
N HIS DA 145 5.47 7.68 -15.16
CA HIS DA 145 6.83 7.29 -14.83
C HIS DA 145 7.85 7.89 -15.79
N ILE DA 146 7.42 8.28 -16.99
CA ILE DA 146 8.34 8.90 -17.94
C ILE DA 146 8.40 10.40 -17.71
N ILE DA 147 7.23 11.02 -17.51
CA ILE DA 147 7.18 12.45 -17.25
C ILE DA 147 7.84 12.77 -15.92
N GLY DA 148 7.59 11.95 -14.90
CA GLY DA 148 8.25 12.10 -13.62
C GLY DA 148 9.75 11.92 -13.67
N THR DA 149 10.24 11.04 -14.54
CA THR DA 149 11.68 10.94 -14.76
C THR DA 149 12.21 12.20 -15.43
N GLY DA 150 11.38 12.83 -16.27
CA GLY DA 150 11.78 14.06 -16.91
C GLY DA 150 11.81 15.25 -15.97
N VAL DA 151 10.89 15.28 -15.00
CA VAL DA 151 10.84 16.43 -14.10
C VAL DA 151 11.88 16.29 -13.01
N ILE DA 152 12.04 15.08 -12.46
CA ILE DA 152 12.99 14.85 -11.36
C ILE DA 152 14.42 15.08 -11.81
N LEU DA 153 14.79 14.50 -12.95
CA LEU DA 153 16.08 14.81 -13.55
C LEU DA 153 16.12 16.20 -14.15
N GLY DA 154 14.96 16.81 -14.39
CA GLY DA 154 14.94 18.17 -14.89
C GLY DA 154 15.08 19.21 -13.81
N ILE DA 155 14.84 18.86 -12.55
CA ILE DA 155 15.11 19.78 -11.45
C ILE DA 155 16.02 19.10 -10.43
N LEU EA 18 -2.36 19.40 -66.14
CA LEU EA 18 -1.39 20.31 -65.54
C LEU EA 18 -2.07 21.49 -64.84
N SER EA 19 -3.23 21.25 -64.26
CA SER EA 19 -4.02 22.33 -63.67
C SER EA 19 -4.00 22.23 -62.15
N THR EA 20 -2.89 22.71 -61.54
CA THR EA 20 -2.60 23.30 -60.24
C THR EA 20 -1.09 23.58 -60.25
N PRO EA 21 -0.59 24.53 -59.43
CA PRO EA 21 -1.19 25.78 -58.99
C PRO EA 21 -0.49 27.00 -59.60
N ILE EA 22 0.71 26.83 -60.13
CA ILE EA 22 1.48 27.97 -60.63
C ILE EA 22 1.33 28.09 -62.13
N SER EA 23 0.57 27.19 -62.74
CA SER EA 23 0.10 27.44 -64.09
C SER EA 23 -1.18 28.26 -64.06
N ASN EA 24 -1.77 28.39 -62.87
CA ASN EA 24 -3.13 28.91 -62.78
C ASN EA 24 -3.21 30.15 -61.90
N SER EA 25 -2.12 30.52 -61.24
CA SER EA 25 -2.18 31.60 -60.25
C SER EA 25 -2.26 32.96 -60.93
N SER EA 26 -2.81 33.94 -60.21
CA SER EA 26 -2.96 35.28 -60.77
C SER EA 26 -1.64 36.03 -60.73
N ALA EA 27 -0.70 35.55 -59.93
CA ALA EA 27 0.62 36.19 -59.86
C ALA EA 27 1.42 35.89 -61.11
N VAL EA 28 1.20 34.73 -61.72
CA VAL EA 28 1.94 34.40 -62.93
C VAL EA 28 1.17 34.86 -64.16
N ASN EA 29 -0.16 34.82 -64.13
CA ASN EA 29 -0.95 35.16 -65.31
C ASN EA 29 -0.93 36.65 -65.55
N GLY EA 30 -0.64 37.43 -64.50
CA GLY EA 30 -0.23 38.80 -64.71
C GLY EA 30 1.11 38.89 -65.39
N LEU EA 31 2.12 38.20 -64.87
CA LEU EA 31 3.48 38.36 -65.36
C LEU EA 31 3.69 37.70 -66.72
N LEU EA 32 3.00 36.57 -66.96
CA LEU EA 32 3.13 35.90 -68.24
C LEU EA 32 2.53 36.72 -69.38
N ALA EA 33 1.32 37.24 -69.18
CA ALA EA 33 0.63 37.96 -70.25
C ALA EA 33 1.27 39.31 -70.50
N ASN EA 34 1.76 39.97 -69.45
CA ASN EA 34 2.31 41.31 -69.57
C ASN EA 34 3.79 41.33 -69.92
N LEU EA 35 4.31 40.26 -70.52
CA LEU EA 35 5.61 40.29 -71.14
C LEU EA 35 5.46 40.39 -72.65
N PRO EA 36 6.42 41.05 -73.36
CA PRO EA 36 6.27 41.31 -74.79
C PRO EA 36 6.53 40.11 -75.71
N ALA EA 37 6.04 38.96 -75.32
CA ALA EA 37 5.92 37.82 -76.22
C ALA EA 37 4.48 37.35 -76.13
N TYR EA 38 3.81 37.78 -75.07
CA TYR EA 38 2.43 37.46 -74.83
C TYR EA 38 1.56 38.71 -74.76
N ARG EA 39 2.16 39.90 -74.70
CA ARG EA 39 1.38 41.12 -74.72
C ARG EA 39 0.70 41.30 -76.06
N LYS EA 40 -0.52 41.84 -76.01
CA LYS EA 40 -1.35 41.93 -77.20
C LYS EA 40 -1.05 43.18 -78.02
N GLY EA 41 -0.75 44.30 -77.35
CA GLY EA 41 -0.71 45.58 -78.03
C GLY EA 41 0.54 45.85 -78.85
N LEU EA 42 1.66 45.23 -78.50
CA LEU EA 42 2.93 45.58 -79.12
C LEU EA 42 3.04 45.05 -80.54
N THR EA 43 4.01 45.58 -81.28
CA THR EA 43 4.27 45.26 -82.68
C THR EA 43 5.55 44.42 -82.79
N PRO EA 44 5.67 43.60 -83.85
CA PRO EA 44 6.84 42.70 -83.97
C PRO EA 44 8.19 43.39 -84.04
N ARG EA 45 8.27 44.63 -84.52
CA ARG EA 45 9.52 45.37 -84.38
C ARG EA 45 9.71 45.83 -82.94
N LEU EA 46 8.62 46.07 -82.21
CA LEU EA 46 8.75 46.59 -80.86
C LEU EA 46 8.63 45.51 -79.80
N ARG EA 47 7.93 44.40 -80.08
CA ARG EA 47 7.94 43.30 -79.12
C ARG EA 47 9.12 42.37 -79.33
N GLY EA 48 9.77 42.44 -80.49
CA GLY EA 48 11.10 41.89 -80.61
C GLY EA 48 12.16 42.83 -80.09
N LEU EA 49 11.76 44.07 -79.75
CA LEU EA 49 12.69 45.05 -79.23
C LEU EA 49 12.87 44.90 -77.73
N GLU EA 50 11.76 44.85 -76.99
CA GLU EA 50 11.85 44.72 -75.53
C GLU EA 50 12.34 43.33 -75.14
N ILE EA 51 12.00 42.30 -75.93
CA ILE EA 51 12.67 41.01 -75.83
C ILE EA 51 14.15 41.17 -76.14
N GLY EA 52 14.48 41.94 -77.18
CA GLY EA 52 15.86 42.19 -77.51
C GLY EA 52 16.57 43.06 -76.49
N MET EA 53 15.87 44.06 -75.95
CA MET EA 53 16.47 44.91 -74.94
C MET EA 53 16.72 44.17 -73.62
N ALA EA 54 15.92 43.15 -73.32
CA ALA EA 54 16.06 42.47 -72.05
C ALA EA 54 17.21 41.48 -72.04
N HIS EA 55 17.24 40.55 -73.00
CA HIS EA 55 18.27 39.51 -72.99
C HIS EA 55 19.64 40.07 -73.32
N GLY EA 56 19.69 41.13 -74.11
CA GLY EA 56 20.98 41.71 -74.46
C GLY EA 56 21.64 42.45 -73.33
N TYR EA 57 20.86 42.98 -72.38
CA TYR EA 57 21.42 43.87 -71.38
C TYR EA 57 22.28 43.14 -70.37
N PHE EA 58 21.84 41.97 -69.92
CA PHE EA 58 22.64 41.22 -68.96
C PHE EA 58 23.71 40.37 -69.62
N LEU EA 59 23.68 40.23 -70.95
CA LEU EA 59 24.63 39.37 -71.65
C LEU EA 59 26.05 39.92 -71.59
N THR EA 60 26.20 41.23 -71.37
CA THR EA 60 27.53 41.75 -71.09
C THR EA 60 28.03 41.35 -69.70
N GLY EA 61 27.13 40.97 -68.79
CA GLY EA 61 27.44 40.63 -67.43
C GLY EA 61 28.48 39.52 -67.21
N PRO EA 62 28.27 38.33 -67.79
CA PRO EA 62 29.29 37.28 -67.65
C PRO EA 62 30.65 37.61 -68.20
N PHE EA 63 30.73 38.16 -69.41
CA PHE EA 63 32.01 38.33 -70.08
C PHE EA 63 32.89 39.38 -69.42
N VAL EA 64 32.31 40.47 -68.94
CA VAL EA 64 33.13 41.50 -68.30
C VAL EA 64 33.63 41.06 -66.93
N GLU EA 65 32.96 40.09 -66.30
CA GLU EA 65 33.48 39.51 -65.07
C GLU EA 65 34.31 38.27 -65.32
N LEU EA 66 33.86 37.37 -66.19
CA LEU EA 66 34.55 36.12 -66.50
C LEU EA 66 34.68 36.02 -68.01
N GLY EA 67 35.90 36.14 -68.51
CA GLY EA 67 36.16 35.96 -69.92
C GLY EA 67 37.47 35.25 -70.13
N PRO EA 68 38.06 35.39 -71.32
CA PRO EA 68 39.43 34.90 -71.51
C PRO EA 68 40.44 35.78 -70.83
N LEU EA 69 40.12 37.05 -70.60
CA LEU EA 69 41.00 38.01 -69.94
C LEU EA 69 40.10 39.01 -69.24
N ARG EA 70 40.35 39.21 -67.95
CA ARG EA 70 39.43 39.96 -67.10
C ARG EA 70 40.18 41.09 -66.40
N ASN EA 71 41.42 40.83 -66.01
CA ASN EA 71 42.25 41.80 -65.30
C ASN EA 71 43.00 42.63 -66.33
N THR EA 72 42.25 43.39 -67.12
CA THR EA 72 42.83 44.24 -68.16
C THR EA 72 41.93 45.46 -68.33
N ASP EA 73 42.16 46.20 -69.42
CA ASP EA 73 41.78 47.61 -69.49
C ASP EA 73 40.27 47.82 -69.67
N GLY EA 74 39.61 47.32 -70.75
CA GLY EA 74 39.99 46.34 -71.76
C GLY EA 74 39.41 45.01 -71.38
N GLY EA 75 38.96 44.91 -70.13
CA GLY EA 75 38.18 43.77 -69.68
C GLY EA 75 36.71 44.06 -69.87
N ILE EA 76 36.39 45.34 -69.92
CA ILE EA 76 35.01 45.74 -70.15
C ILE EA 76 34.78 46.00 -71.63
N LEU EA 77 35.79 46.51 -72.35
CA LEU EA 77 35.71 46.63 -73.79
C LEU EA 77 35.61 45.27 -74.47
N TYR EA 78 36.56 44.39 -74.18
CA TYR EA 78 36.55 43.06 -74.78
C TYR EA 78 35.39 42.23 -74.26
N GLY EA 79 34.98 42.45 -73.02
CA GLY EA 79 33.82 41.76 -72.49
C GLY EA 79 32.54 42.19 -73.18
N SER EA 80 32.40 43.48 -73.47
CA SER EA 80 31.24 43.93 -74.23
C SER EA 80 31.38 43.58 -75.71
N LEU EA 81 32.61 43.38 -76.19
CA LEU EA 81 32.79 43.00 -77.59
C LEU EA 81 32.45 41.54 -77.81
N SER EA 82 32.66 40.69 -76.81
CA SER EA 82 32.13 39.33 -76.87
C SER EA 82 30.61 39.35 -76.80
N ALA EA 83 30.05 40.30 -76.06
CA ALA EA 83 28.62 40.36 -75.80
C ALA EA 83 27.80 40.62 -77.06
N VAL EA 84 28.31 41.47 -77.97
CA VAL EA 84 27.64 41.65 -79.25
C VAL EA 84 27.98 40.52 -80.20
N GLY EA 85 28.97 39.68 -79.85
CA GLY EA 85 29.30 38.55 -80.68
C GLY EA 85 28.25 37.46 -80.65
N LEU EA 86 27.73 37.14 -79.45
CA LEU EA 86 26.64 36.16 -79.36
C LEU EA 86 25.37 36.70 -79.99
N VAL EA 87 25.17 38.02 -79.96
CA VAL EA 87 23.95 38.63 -80.47
C VAL EA 87 23.87 38.48 -81.99
N VAL EA 88 24.98 38.68 -82.70
CA VAL EA 88 24.94 38.57 -84.15
C VAL EA 88 24.81 37.11 -84.59
N ILE EA 89 25.18 36.15 -83.75
CA ILE EA 89 24.78 34.77 -84.01
C ILE EA 89 23.31 34.58 -83.70
N LEU EA 90 22.81 35.33 -82.71
CA LEU EA 90 21.42 35.16 -82.31
C LEU EA 90 20.46 35.93 -83.22
N THR EA 91 20.94 36.89 -84.00
CA THR EA 91 20.13 37.37 -85.11
C THR EA 91 19.98 36.29 -86.16
N ALA EA 92 21.03 35.51 -86.39
CA ALA EA 92 20.98 34.44 -87.37
C ALA EA 92 20.11 33.29 -86.90
N CYS EA 93 20.15 32.99 -85.60
CA CYS EA 93 19.31 31.92 -85.07
C CYS EA 93 17.85 32.35 -85.02
N LEU EA 94 17.60 33.65 -84.81
CA LEU EA 94 16.24 34.15 -84.88
C LEU EA 94 15.75 34.26 -86.32
N ALA EA 95 16.67 34.29 -87.28
CA ALA EA 95 16.28 34.30 -88.69
C ALA EA 95 16.29 32.90 -89.28
N LEU EA 96 17.00 31.96 -88.65
CA LEU EA 96 16.92 30.58 -89.11
C LEU EA 96 15.79 29.84 -88.44
N TYR EA 97 15.22 30.41 -87.36
CA TYR EA 97 13.88 29.99 -86.99
C TYR EA 97 12.85 30.66 -87.89
N GLY EA 98 13.24 31.76 -88.54
CA GLY EA 98 12.40 32.32 -89.58
C GLY EA 98 12.52 31.59 -90.91
N LYS EA 99 13.72 31.14 -91.25
CA LYS EA 99 13.92 30.54 -92.56
C LYS EA 99 13.55 29.06 -92.59
N ALA EA 100 13.25 28.47 -91.43
CA ALA EA 100 12.90 27.06 -91.39
C ALA EA 100 11.45 26.84 -90.99
N ASN EA 101 11.03 27.40 -89.84
CA ASN EA 101 9.67 27.24 -89.39
C ASN EA 101 8.68 28.03 -90.24
N PHE EA 102 9.15 29.08 -90.90
CA PHE EA 102 8.31 29.86 -91.80
C PHE EA 102 8.93 29.75 -93.19
N SER EA 103 8.61 28.65 -93.86
CA SER EA 103 9.05 28.38 -95.21
C SER EA 103 7.82 28.39 -96.10
N GLY EA 104 7.67 29.45 -96.88
CA GLY EA 104 6.43 29.66 -97.61
C GLY EA 104 5.35 30.33 -96.79
N SER EA 105 5.67 30.74 -95.57
CA SER EA 105 4.81 31.54 -94.67
C SER EA 105 3.50 30.83 -94.37
N SER EA 106 3.64 29.54 -94.03
CA SER EA 106 2.50 28.68 -93.76
C SER EA 106 1.79 29.10 -92.48
N LYS EA 107 0.48 29.30 -92.54
CA LYS EA 107 -0.28 29.68 -91.37
C LYS EA 107 -0.56 28.46 -90.48
N SER EA 108 -1.27 28.70 -89.39
CA SER EA 108 -1.67 27.63 -88.50
C SER EA 108 -3.05 28.00 -87.92
N LYS EA 109 -3.46 27.29 -86.87
CA LYS EA 109 -4.77 27.49 -86.27
C LYS EA 109 -4.85 28.70 -85.33
N ASP EA 110 -3.72 29.33 -85.01
CA ASP EA 110 -3.72 30.49 -84.13
C ASP EA 110 -3.22 31.76 -84.80
N ALA EA 111 -2.03 31.71 -85.39
CA ALA EA 111 -1.40 32.79 -86.17
C ALA EA 111 -1.21 34.06 -85.33
N THR EA 112 -0.42 33.92 -84.28
CA THR EA 112 0.18 35.02 -83.53
C THR EA 112 1.52 35.34 -84.18
N LEU EA 113 2.38 36.10 -83.48
CA LEU EA 113 3.73 36.32 -83.99
C LEU EA 113 4.53 35.02 -84.05
N TRP EA 114 4.31 34.11 -83.11
CA TRP EA 114 5.16 32.91 -83.02
C TRP EA 114 4.53 31.69 -83.65
N GLU EA 115 3.22 31.71 -83.94
CA GLU EA 115 2.56 30.57 -84.55
C GLU EA 115 2.85 30.51 -86.06
N SER EA 116 2.35 31.50 -86.78
CA SER EA 116 2.82 31.83 -88.12
C SER EA 116 3.67 33.09 -88.00
N GLY EA 117 4.35 33.45 -89.08
CA GLY EA 117 5.28 34.56 -88.95
C GLY EA 117 4.66 35.95 -88.79
N GLU EA 118 4.16 36.52 -89.89
CA GLU EA 118 3.38 37.77 -89.98
C GLU EA 118 4.10 39.04 -89.51
N GLY EA 119 5.24 38.91 -88.83
CA GLY EA 119 6.03 40.07 -88.45
C GLY EA 119 7.50 39.75 -88.38
N TRP EA 120 7.89 38.62 -88.97
CA TRP EA 120 9.17 38.01 -88.62
C TRP EA 120 10.36 38.71 -89.25
N SER EA 121 10.15 39.38 -90.38
CA SER EA 121 11.27 40.00 -91.08
C SER EA 121 11.82 41.21 -90.34
N ASP EA 122 10.99 41.87 -89.52
CA ASP EA 122 11.49 42.96 -88.70
C ASP EA 122 11.74 42.51 -87.27
N PHE EA 123 11.19 41.36 -86.89
CA PHE EA 123 11.41 40.82 -85.55
C PHE EA 123 12.84 40.35 -85.37
N VAL EA 124 13.48 39.92 -86.46
CA VAL EA 124 14.88 39.52 -86.37
C VAL EA 124 15.78 40.73 -86.21
N SER EA 125 15.32 41.91 -86.63
CA SER EA 125 16.12 43.12 -86.52
C SER EA 125 15.74 43.93 -85.29
N GLY EA 126 14.51 43.76 -84.79
CA GLY EA 126 14.15 44.38 -83.53
C GLY EA 126 14.95 43.82 -82.37
N TRP EA 127 15.31 42.54 -82.46
CA TRP EA 127 16.34 41.98 -81.60
C TRP EA 127 17.69 42.63 -81.86
N LEU EA 128 18.03 42.86 -83.14
CA LEU EA 128 19.34 43.42 -83.48
C LEU EA 128 19.44 44.87 -83.02
N ILE EA 129 18.36 45.63 -83.16
CA ILE EA 129 18.34 46.99 -82.64
C ILE EA 129 18.33 46.96 -81.11
N GLY EA 130 17.53 46.05 -80.54
CA GLY EA 130 17.40 46.02 -79.09
C GLY EA 130 18.55 45.35 -78.37
N GLY EA 131 19.13 44.32 -78.98
CA GLY EA 131 20.19 43.57 -78.29
C GLY EA 131 21.53 44.30 -78.34
N ALA EA 132 21.96 44.69 -79.54
CA ALA EA 132 23.18 45.47 -79.65
C ALA EA 132 22.98 46.90 -79.17
N GLY EA 133 21.73 47.36 -79.09
CA GLY EA 133 21.43 48.64 -78.48
C GLY EA 133 21.45 48.55 -76.97
N SER EA 134 21.37 47.34 -76.44
CA SER EA 134 21.54 47.16 -75.00
C SER EA 134 23.01 47.20 -74.59
N VAL EA 135 23.88 46.51 -75.33
CA VAL EA 135 25.30 46.49 -74.96
C VAL EA 135 25.95 47.83 -75.27
N GLY EA 136 25.40 48.55 -76.26
CA GLY EA 136 25.82 49.93 -76.47
C GLY EA 136 25.32 50.85 -75.38
N PHE EA 137 24.20 50.49 -74.75
CA PHE EA 137 23.74 51.21 -73.56
C PHE EA 137 24.53 50.80 -72.34
N ALA EA 138 24.69 49.50 -72.10
CA ALA EA 138 25.26 49.00 -70.85
C ALA EA 138 26.78 49.10 -70.80
N TYR EA 139 27.44 49.52 -71.87
CA TYR EA 139 28.89 49.67 -71.80
C TYR EA 139 29.28 50.91 -70.99
N LEU EA 140 28.45 51.94 -71.01
CA LEU EA 140 28.84 53.19 -70.36
C LEU EA 140 28.41 53.22 -68.91
N LEU EA 141 27.87 52.12 -68.39
CA LEU EA 141 27.55 52.05 -66.98
C LEU EA 141 28.68 51.49 -66.14
N LEU EA 142 29.34 50.43 -66.60
CA LEU EA 142 30.43 49.79 -65.89
C LEU EA 142 31.78 50.40 -66.23
N GLN EA 143 32.11 50.48 -67.52
CA GLN EA 143 33.36 51.07 -67.96
C GLN EA 143 33.37 52.58 -67.73
N TYR EA 144 32.24 53.24 -67.93
CA TYR EA 144 32.17 54.68 -67.84
C TYR EA 144 31.27 55.09 -66.68
N ILE EA 145 31.19 56.40 -66.46
CA ILE EA 145 30.31 57.08 -65.50
C ILE EA 145 30.40 56.54 -64.08
N LEU FA 2 59.98 29.97 -97.59
CA LEU FA 2 59.53 30.45 -98.89
C LEU FA 2 59.42 31.97 -98.90
N ALA FA 3 58.54 32.48 -99.75
CA ALA FA 3 58.32 33.90 -99.89
C ALA FA 3 56.92 34.27 -99.43
N ASP FA 4 56.57 35.55 -99.60
CA ASP FA 4 55.21 35.99 -99.32
C ASP FA 4 54.34 35.95 -100.56
N GLY FA 5 54.91 36.23 -101.74
CA GLY FA 5 54.14 36.30 -102.96
C GLY FA 5 53.76 34.95 -103.53
N GLN FA 6 54.63 33.95 -103.39
CA GLN FA 6 54.35 32.60 -103.87
C GLN FA 6 53.18 31.96 -103.13
N ILE FA 7 52.95 32.37 -101.88
CA ILE FA 7 51.81 31.90 -101.11
C ILE FA 7 50.49 32.34 -101.76
N PHE FA 8 50.44 33.57 -102.26
CA PHE FA 8 49.19 34.06 -102.85
C PHE FA 8 49.00 33.58 -104.29
N THR FA 9 50.08 33.28 -105.02
CA THR FA 9 49.92 32.62 -106.31
C THR FA 9 49.38 31.22 -106.12
N ALA FA 10 49.76 30.56 -105.03
CA ALA FA 10 49.14 29.29 -104.66
C ALA FA 10 47.66 29.47 -104.34
N LEU FA 11 47.33 30.54 -103.64
CA LEU FA 11 45.94 30.76 -103.26
C LEU FA 11 45.11 31.27 -104.44
N ALA FA 12 45.77 31.73 -105.50
CA ALA FA 12 45.03 32.15 -106.68
C ALA FA 12 44.72 30.97 -107.60
N VAL FA 13 45.60 29.97 -107.63
CA VAL FA 13 45.38 28.79 -108.46
C VAL FA 13 44.54 27.75 -107.73
N ALA FA 14 44.25 27.97 -106.44
CA ALA FA 14 43.33 27.10 -105.72
C ALA FA 14 41.88 27.38 -106.04
N LEU FA 15 41.57 28.51 -106.69
CA LEU FA 15 40.22 28.75 -107.16
C LEU FA 15 39.85 27.89 -108.36
N VAL FA 16 40.84 27.31 -109.02
CA VAL FA 16 40.61 26.43 -110.17
C VAL FA 16 40.05 25.09 -109.68
N PRO FA 17 40.48 24.52 -108.54
CA PRO FA 17 39.59 23.53 -107.90
C PRO FA 17 38.35 24.12 -107.26
N GLY FA 18 38.33 25.44 -107.03
CA GLY FA 18 37.27 26.02 -106.21
C GLY FA 18 35.95 26.20 -106.94
N ILE FA 19 35.97 26.12 -108.27
CA ILE FA 19 34.73 26.29 -109.01
C ILE FA 19 34.22 24.95 -109.54
N LEU FA 20 35.12 24.02 -109.80
CA LEU FA 20 34.71 22.74 -110.39
C LEU FA 20 34.06 21.82 -109.37
N ALA FA 21 34.57 21.78 -108.13
CA ALA FA 21 33.89 21.02 -107.08
C ALA FA 21 32.54 21.61 -106.75
N LEU FA 22 32.42 22.93 -106.85
CA LEU FA 22 31.11 23.58 -106.75
C LEU FA 22 30.22 23.18 -107.92
N ARG FA 23 30.81 22.86 -109.07
CA ARG FA 23 30.03 22.39 -110.22
C ARG FA 23 29.84 20.88 -110.21
N LEU FA 24 30.86 20.11 -109.81
CA LEU FA 24 30.77 18.65 -109.91
C LEU FA 24 29.83 18.08 -108.87
N ALA FA 25 29.84 18.63 -107.65
CA ALA FA 25 28.91 18.18 -106.62
C ALA FA 25 27.48 18.57 -106.96
N LEU FA 26 27.29 19.72 -107.60
CA LEU FA 26 26.03 20.03 -108.26
C LEU FA 26 25.73 19.08 -109.40
N GLU FA 27 26.73 18.71 -110.20
CA GLU FA 27 26.58 17.73 -111.26
C GLU FA 27 26.38 16.31 -110.75
N LEU FA 28 27.03 15.95 -109.65
CA LEU FA 28 26.76 14.66 -109.03
C LEU FA 28 25.37 14.65 -108.39
N TYR FA 29 24.86 15.82 -108.02
CA TYR FA 29 23.49 15.92 -107.56
C TYR FA 29 22.50 15.88 -108.72
N LYS FA 30 22.93 16.35 -109.89
CA LYS FA 30 22.01 16.55 -111.01
C LYS FA 30 21.64 15.24 -111.70
N LYS GA 14 -5.93 55.02 -58.47
CA LYS GA 14 -6.75 56.10 -58.97
C LYS GA 14 -6.84 57.21 -57.93
N ILE GA 15 -6.72 58.46 -58.38
CA ILE GA 15 -6.70 59.62 -57.49
C ILE GA 15 -7.80 60.56 -57.94
N VAL GA 16 -8.87 60.65 -57.15
CA VAL GA 16 -10.04 61.46 -57.49
C VAL GA 16 -10.25 62.53 -56.43
N ILE GA 17 -10.57 63.74 -56.87
CA ILE GA 17 -10.40 64.98 -56.11
C ILE GA 17 -11.65 65.83 -56.31
N ASP GA 18 -12.10 66.51 -55.25
CA ASP GA 18 -12.93 67.68 -55.41
C ASP GA 18 -12.08 68.94 -55.27
N LYS GA 19 -12.28 69.89 -56.18
CA LYS GA 19 -11.46 71.10 -56.26
C LYS GA 19 -12.16 72.26 -55.57
N ASP GA 20 -11.57 72.73 -54.46
CA ASP GA 20 -12.04 73.83 -53.62
C ASP GA 20 -13.49 73.64 -53.20
N PRO GA 21 -13.80 72.71 -52.27
CA PRO GA 21 -15.19 72.62 -51.81
C PRO GA 21 -15.54 73.75 -50.86
N VAL GA 22 -14.56 74.26 -50.10
CA VAL GA 22 -14.75 75.38 -49.21
C VAL GA 22 -13.59 76.36 -49.41
N SER GA 23 -13.92 77.63 -49.63
CA SER GA 23 -12.92 78.64 -49.94
C SER GA 23 -12.35 79.24 -48.67
N THR GA 24 -11.59 80.32 -48.85
CA THR GA 24 -10.85 80.96 -47.77
C THR GA 24 -11.67 82.13 -47.26
N SER GA 25 -12.36 81.92 -46.14
CA SER GA 25 -13.18 82.95 -45.53
C SER GA 25 -12.83 83.11 -44.07
N PHE GA 26 -12.62 84.36 -43.65
CA PHE GA 26 -12.55 84.73 -42.25
C PHE GA 26 -13.95 84.99 -41.66
N ASP GA 27 -14.99 84.75 -42.45
CA ASP GA 27 -16.35 85.09 -42.03
C ASP GA 27 -16.92 84.07 -41.05
N LYS GA 28 -16.54 82.81 -41.19
CA LYS GA 28 -17.00 81.78 -40.27
C LYS GA 28 -16.23 81.78 -38.96
N TRP GA 29 -15.18 82.59 -38.87
CA TRP GA 29 -14.38 82.67 -37.65
C TRP GA 29 -15.11 83.44 -36.56
N ALA GA 30 -16.11 84.22 -36.92
CA ALA GA 30 -16.88 84.97 -35.92
C ALA GA 30 -17.96 84.12 -35.29
N VAL GA 31 -18.34 83.02 -35.94
CA VAL GA 31 -19.36 82.11 -35.42
C VAL GA 31 -18.64 80.88 -34.88
N PRO GA 32 -18.54 80.70 -33.57
CA PRO GA 32 -18.00 79.45 -33.04
C PRO GA 32 -19.11 78.43 -32.90
N GLY GA 33 -18.84 77.21 -33.36
CA GLY GA 33 -19.89 76.21 -33.47
C GLY GA 33 -20.53 76.18 -34.83
N HIS GA 34 -19.92 76.84 -35.82
CA HIS GA 34 -20.39 76.80 -37.19
C HIS GA 34 -20.31 75.42 -37.79
N PHE GA 35 -19.42 74.56 -37.28
CA PHE GA 35 -19.34 73.19 -37.72
C PHE GA 35 -20.58 72.37 -37.35
N SER GA 36 -21.27 72.74 -36.29
CA SER GA 36 -22.31 71.93 -35.70
C SER GA 36 -23.68 72.51 -36.01
N ARG GA 37 -24.70 71.90 -35.39
CA ARG GA 37 -26.07 72.36 -35.61
C ARG GA 37 -26.60 73.14 -34.42
N THR GA 38 -26.61 72.53 -33.24
CA THR GA 38 -27.22 73.15 -32.07
C THR GA 38 -26.37 74.30 -31.55
N LEU GA 39 -25.08 74.32 -31.87
CA LEU GA 39 -24.22 75.39 -31.36
C LEU GA 39 -24.00 76.50 -32.38
N ALA GA 40 -24.54 76.39 -33.58
CA ALA GA 40 -24.56 77.53 -34.49
C ALA GA 40 -25.85 78.32 -34.34
N LYS GA 41 -26.26 78.57 -33.10
CA LYS GA 41 -27.44 79.36 -32.78
C LYS GA 41 -27.20 80.36 -31.66
N GLY GA 42 -26.21 80.13 -30.80
CA GLY GA 42 -25.94 81.02 -29.69
C GLY GA 42 -26.06 80.34 -28.34
N PRO GA 43 -25.28 80.81 -27.37
CA PRO GA 43 -25.37 80.26 -26.01
C PRO GA 43 -26.53 80.82 -25.22
N LYS GA 44 -27.17 79.99 -24.40
CA LYS GA 44 -28.19 80.46 -23.48
C LYS GA 44 -27.79 80.24 -22.02
N THR GA 45 -26.92 79.27 -21.77
CA THR GA 45 -26.31 79.04 -20.48
C THR GA 45 -24.80 79.14 -20.66
N THR GA 46 -24.07 79.00 -19.56
CA THR GA 46 -22.61 79.06 -19.64
C THR GA 46 -21.98 77.70 -19.96
N THR GA 47 -22.76 76.62 -19.91
CA THR GA 47 -22.23 75.32 -20.28
C THR GA 47 -22.02 75.20 -21.78
N TRP GA 48 -22.66 76.08 -22.58
CA TRP GA 48 -22.49 76.08 -24.02
C TRP GA 48 -21.04 76.31 -24.43
N ILE GA 49 -20.27 77.00 -23.59
CA ILE GA 49 -18.82 77.08 -23.79
C ILE GA 49 -18.20 75.71 -23.62
N TRP GA 50 -18.55 75.01 -22.53
CA TRP GA 50 -18.05 73.66 -22.33
C TRP GA 50 -18.73 72.66 -23.25
N ASN GA 51 -19.98 72.92 -23.67
CA ASN GA 51 -20.57 72.13 -24.75
C ASN GA 51 -19.83 72.34 -26.06
N LEU GA 52 -19.35 73.55 -26.33
CA LEU GA 52 -18.58 73.79 -27.54
C LEU GA 52 -17.23 73.10 -27.47
N HIS GA 53 -16.41 73.48 -26.49
CA HIS GA 53 -14.98 73.17 -26.47
C HIS GA 53 -14.66 71.69 -26.27
N ALA GA 54 -15.66 70.87 -25.95
CA ALA GA 54 -15.44 69.43 -25.95
C ALA GA 54 -15.46 68.87 -27.36
N ASP GA 55 -16.55 69.09 -28.09
CA ASP GA 55 -16.82 68.38 -29.32
C ASP GA 55 -16.41 69.20 -30.53
N VAL GA 56 -15.29 69.93 -30.40
CA VAL GA 56 -14.73 70.62 -31.55
C VAL GA 56 -14.11 69.63 -32.52
N HIS GA 57 -13.08 68.92 -32.07
CA HIS GA 57 -12.39 67.95 -32.89
C HIS GA 57 -13.01 66.58 -32.80
N ASP GA 58 -14.29 66.51 -32.47
CA ASP GA 58 -15.06 65.27 -32.48
C ASP GA 58 -15.83 65.29 -33.79
N PHE GA 59 -15.23 64.70 -34.80
CA PHE GA 59 -15.63 65.04 -36.16
C PHE GA 59 -16.86 64.28 -36.64
N ASP GA 60 -17.12 63.09 -36.11
CA ASP GA 60 -18.33 62.41 -36.53
C ASP GA 60 -19.49 62.69 -35.58
N SER GA 61 -19.32 63.61 -34.63
CA SER GA 61 -20.42 63.99 -33.77
C SER GA 61 -21.47 64.77 -34.52
N TYR GA 62 -21.03 65.64 -35.44
CA TYR GA 62 -21.95 66.43 -36.26
C TYR GA 62 -21.97 66.00 -37.71
N THR GA 63 -20.83 65.71 -38.31
CA THR GA 63 -20.76 65.37 -39.72
C THR GA 63 -21.30 63.96 -39.91
N SER GA 64 -22.16 63.77 -40.90
CA SER GA 64 -22.68 62.46 -41.24
C SER GA 64 -21.96 61.85 -42.43
N ASP GA 65 -21.20 62.66 -43.17
CA ASP GA 65 -20.61 62.24 -44.43
C ASP GA 65 -19.27 61.58 -44.15
N LEU GA 66 -19.18 60.28 -44.45
CA LEU GA 66 -17.98 59.50 -44.19
C LEU GA 66 -16.80 59.99 -45.03
N GLU GA 67 -17.08 60.53 -46.22
CA GLU GA 67 -16.03 61.11 -47.03
C GLU GA 67 -15.60 62.48 -46.51
N GLU GA 68 -16.55 63.33 -46.12
CA GLU GA 68 -16.19 64.67 -45.66
C GLU GA 68 -15.58 64.64 -44.27
N VAL GA 69 -15.98 63.68 -43.44
CA VAL GA 69 -15.40 63.57 -42.11
C VAL GA 69 -13.94 63.11 -42.20
N SER GA 70 -13.59 62.44 -43.29
CA SER GA 70 -12.23 61.99 -43.49
C SER GA 70 -11.34 63.10 -44.03
N ARG GA 71 -11.91 64.01 -44.82
CA ARG GA 71 -11.12 65.09 -45.41
C ARG GA 71 -10.70 66.09 -44.36
N LYS GA 72 -11.49 66.23 -43.29
CA LYS GA 72 -11.08 67.07 -42.17
C LYS GA 72 -9.88 66.46 -41.45
N ILE GA 73 -9.88 65.14 -41.32
CA ILE GA 73 -8.84 64.45 -40.57
C ILE GA 73 -7.53 64.46 -41.35
N PHE GA 74 -7.61 64.25 -42.66
CA PHE GA 74 -6.44 64.34 -43.53
C PHE GA 74 -5.86 65.75 -43.53
N SER GA 75 -6.69 66.77 -43.37
CA SER GA 75 -6.14 68.11 -43.29
C SER GA 75 -5.51 68.38 -41.94
N ALA GA 76 -6.18 67.96 -40.87
CA ALA GA 76 -5.76 68.34 -39.52
C ALA GA 76 -4.46 67.66 -39.13
N HIS GA 77 -4.15 66.51 -39.72
CA HIS GA 77 -2.88 65.86 -39.47
C HIS GA 77 -1.72 66.69 -40.00
N PHE GA 78 -1.93 67.38 -41.12
CA PHE GA 78 -0.90 68.26 -41.66
C PHE GA 78 -0.60 69.39 -40.70
N GLY GA 79 -1.65 69.95 -40.10
CA GLY GA 79 -1.46 70.96 -39.08
C GLY GA 79 -0.77 70.41 -37.85
N HIS GA 80 -1.08 69.16 -37.49
CA HIS GA 80 -0.33 68.54 -36.40
C HIS GA 80 1.08 68.21 -36.84
N LEU GA 81 1.29 67.97 -38.12
CA LEU GA 81 2.67 67.83 -38.60
C LEU GA 81 3.39 69.16 -38.54
N ALA GA 82 2.67 70.27 -38.68
CA ALA GA 82 3.29 71.57 -38.62
C ALA GA 82 3.74 71.90 -37.21
N VAL GA 83 2.90 71.65 -36.21
CA VAL GA 83 3.16 72.13 -34.85
C VAL GA 83 4.32 71.38 -34.21
N VAL GA 84 4.56 70.13 -34.61
CA VAL GA 84 5.79 69.46 -34.20
C VAL GA 84 7.00 70.12 -34.85
N PHE GA 85 6.89 70.46 -36.13
CA PHE GA 85 7.98 71.13 -36.84
C PHE GA 85 8.27 72.51 -36.27
N ILE GA 86 7.22 73.24 -35.85
CA ILE GA 86 7.44 74.46 -35.09
C ILE GA 86 8.14 74.15 -33.78
N TRP GA 87 7.68 73.10 -33.10
CA TRP GA 87 8.29 72.73 -31.83
C TRP GA 87 9.68 72.16 -32.03
N LEU GA 88 9.91 71.43 -33.12
CA LEU GA 88 11.24 70.94 -33.41
C LEU GA 88 12.21 72.08 -33.67
N SER GA 89 11.79 73.07 -34.47
CA SER GA 89 12.64 74.24 -34.71
C SER GA 89 12.90 75.00 -33.42
N GLY GA 90 11.93 75.03 -32.51
CA GLY GA 90 12.15 75.59 -31.19
C GLY GA 90 13.21 74.89 -30.38
N ALA GA 91 13.36 73.59 -30.55
CA ALA GA 91 14.51 72.92 -29.96
C ALA GA 91 15.78 73.25 -30.73
N TYR GA 92 15.71 73.26 -32.06
CA TYR GA 92 16.89 73.48 -32.89
C TYR GA 92 17.35 74.94 -32.85
N PHE GA 93 16.43 75.89 -32.72
CA PHE GA 93 16.83 77.29 -32.64
C PHE GA 93 17.50 77.60 -31.31
N HIS GA 94 16.86 77.17 -30.22
CA HIS GA 94 17.40 77.36 -28.88
C HIS GA 94 18.66 76.54 -28.64
N GLY GA 95 18.93 75.54 -29.49
CA GLY GA 95 20.16 74.79 -29.39
C GLY GA 95 21.38 75.55 -29.86
N ALA GA 96 21.19 76.60 -30.67
CA ALA GA 96 22.33 77.35 -31.16
C ALA GA 96 22.61 78.59 -30.33
N ARG GA 97 21.62 79.47 -30.22
CA ARG GA 97 21.85 80.75 -29.55
C ARG GA 97 21.91 80.59 -28.04
N PHE GA 98 20.91 79.96 -27.44
CA PHE GA 98 20.77 79.92 -25.99
C PHE GA 98 21.24 78.61 -25.41
N SER GA 99 22.31 78.04 -25.95
CA SER GA 99 22.83 76.79 -25.41
C SER GA 99 24.34 76.86 -25.30
N ASN GA 100 24.88 75.98 -24.46
CA ASN GA 100 26.31 75.79 -24.32
C ASN GA 100 26.78 74.60 -25.13
N TYR GA 101 26.18 74.42 -26.30
CA TYR GA 101 26.41 73.21 -27.09
C TYR GA 101 27.81 73.14 -27.66
N GLU GA 102 28.31 74.25 -28.19
CA GLU GA 102 29.66 74.25 -28.77
C GLU GA 102 30.70 74.03 -27.69
N ALA GA 103 30.46 74.55 -26.50
CA ALA GA 103 31.32 74.24 -25.37
C ALA GA 103 31.16 72.81 -24.90
N TRP GA 104 29.97 72.23 -25.07
CA TRP GA 104 29.74 70.88 -24.55
C TRP GA 104 30.44 69.84 -25.40
N LEU GA 105 30.64 70.11 -26.69
CA LEU GA 105 31.36 69.16 -27.53
C LEU GA 105 32.84 69.13 -27.20
N SER GA 106 33.37 70.18 -26.60
CA SER GA 106 34.75 70.14 -26.13
C SER GA 106 34.90 69.24 -24.91
N ASN GA 107 33.90 69.20 -24.05
CA ASN GA 107 33.95 68.44 -22.80
C ASN GA 107 32.57 67.90 -22.52
N PRO GA 108 32.34 66.61 -22.80
CA PRO GA 108 31.00 66.04 -22.60
C PRO GA 108 30.78 65.48 -21.21
N THR GA 109 31.81 65.41 -20.37
CA THR GA 109 31.72 64.69 -19.12
C THR GA 109 31.24 65.57 -17.97
N THR GA 110 31.72 66.81 -17.88
CA THR GA 110 31.42 67.62 -16.71
C THR GA 110 30.27 68.59 -16.96
N ILE GA 111 30.30 69.31 -18.08
CA ILE GA 111 29.34 70.38 -18.33
C ILE GA 111 27.96 69.77 -18.62
N LYS GA 112 26.96 70.27 -17.93
CA LYS GA 112 25.60 69.82 -18.11
C LYS GA 112 24.97 70.52 -19.32
N PRO GA 113 24.15 69.79 -20.08
CA PRO GA 113 23.44 70.39 -21.22
C PRO GA 113 22.46 71.46 -20.75
N SER GA 114 22.66 72.68 -21.23
CA SER GA 114 21.84 73.79 -20.77
C SER GA 114 21.22 74.52 -21.95
N ALA GA 115 19.91 74.74 -21.86
CA ALA GA 115 19.19 75.63 -22.76
C ALA GA 115 18.07 76.25 -21.95
N GLN GA 116 17.21 77.02 -22.64
CA GLN GA 116 16.14 77.82 -22.03
C GLN GA 116 16.71 78.76 -20.95
N VAL GA 117 17.51 79.72 -21.43
CA VAL GA 117 18.09 80.71 -20.55
C VAL GA 117 16.97 81.63 -20.06
N VAL GA 118 17.04 82.02 -18.80
CA VAL GA 118 16.00 82.83 -18.18
C VAL GA 118 16.37 84.30 -18.32
N TRP GA 119 15.36 85.15 -18.48
CA TRP GA 119 15.57 86.58 -18.58
C TRP GA 119 15.95 87.16 -17.22
N PRO GA 120 16.76 88.25 -17.18
CA PRO GA 120 17.22 88.78 -15.88
C PRO GA 120 16.20 89.67 -15.20
N ILE GA 121 15.22 89.05 -14.55
CA ILE GA 121 14.06 89.75 -14.00
C ILE GA 121 13.85 89.21 -12.59
N VAL GA 122 12.69 89.46 -11.99
CA VAL GA 122 12.35 89.59 -10.56
C VAL GA 122 12.84 88.51 -9.59
N GLY GA 123 13.63 87.55 -10.06
CA GLY GA 123 14.27 86.64 -9.15
C GLY GA 123 14.47 85.27 -9.77
N GLN GA 124 14.02 85.13 -11.00
CA GLN GA 124 14.27 83.89 -11.72
C GLN GA 124 15.66 83.85 -12.34
N GLU GA 125 16.50 84.83 -12.09
CA GLU GA 125 17.86 84.85 -12.61
C GLU GA 125 18.84 84.03 -11.77
N ILE GA 126 18.35 83.36 -10.72
CA ILE GA 126 19.14 82.33 -10.06
C ILE GA 126 18.89 80.98 -10.70
N LEU GA 127 17.90 80.87 -11.59
CA LEU GA 127 17.72 79.65 -12.37
C LEU GA 127 18.73 79.55 -13.49
N ASN GA 128 19.44 80.62 -13.81
CA ASN GA 128 20.57 80.54 -14.73
C ASN GA 128 21.83 80.26 -13.95
N GLY GA 129 21.93 79.07 -13.36
CA GLY GA 129 23.01 78.77 -12.44
C GLY GA 129 24.34 78.48 -13.13
N ASP GA 130 25.36 78.21 -12.31
CA ASP GA 130 26.69 77.90 -12.82
C ASP GA 130 26.74 76.50 -13.39
N VAL GA 131 26.30 76.38 -14.64
CA VAL GA 131 26.17 75.08 -15.29
C VAL GA 131 27.48 74.63 -15.93
N GLY GA 132 28.31 75.53 -16.43
CA GLY GA 132 29.57 75.16 -17.01
C GLY GA 132 29.92 76.00 -18.23
N GLY GA 133 31.03 75.67 -18.87
CA GLY GA 133 31.46 76.38 -20.08
C GLY GA 133 31.78 77.82 -19.78
N GLY GA 134 31.05 78.71 -20.42
CA GLY GA 134 31.03 80.12 -20.08
C GLY GA 134 29.59 80.56 -20.00
N PHE GA 135 28.74 79.69 -19.46
CA PHE GA 135 27.32 79.73 -19.76
C PHE GA 135 26.50 79.83 -18.48
N GLN GA 136 25.31 80.39 -18.60
CA GLN GA 136 24.33 80.42 -17.51
C GLN GA 136 22.98 80.10 -18.08
N GLY GA 137 22.36 79.03 -17.58
CA GLY GA 137 21.03 78.67 -18.00
C GLY GA 137 20.46 77.58 -17.14
N ILE GA 138 19.32 77.07 -17.56
CA ILE GA 138 18.69 75.93 -16.91
C ILE GA 138 19.31 74.67 -17.49
N GLN GA 139 19.76 73.77 -16.62
CA GLN GA 139 20.28 72.50 -17.09
C GLN GA 139 19.13 71.65 -17.63
N ILE GA 140 19.21 71.29 -18.88
CA ILE GA 140 18.12 70.55 -19.49
C ILE GA 140 18.48 69.08 -19.50
N THR GA 141 17.45 68.26 -19.68
CA THR GA 141 17.59 66.82 -19.60
C THR GA 141 16.86 66.12 -20.74
N SER GA 142 16.72 66.79 -21.88
CA SER GA 142 15.99 66.21 -22.99
C SER GA 142 16.87 65.44 -23.96
N GLY GA 143 18.18 65.56 -23.84
CA GLY GA 143 19.05 64.76 -24.68
C GLY GA 143 19.19 65.22 -26.11
N LEU GA 144 18.87 66.48 -26.39
CA LEU GA 144 19.11 66.97 -27.73
C LEU GA 144 20.59 67.13 -28.00
N PHE GA 145 21.38 67.38 -26.96
CA PHE GA 145 22.82 67.53 -27.11
C PHE GA 145 23.46 66.23 -27.57
N GLN GA 146 22.99 65.12 -27.02
CA GLN GA 146 23.48 63.81 -27.43
C GLN GA 146 22.76 63.31 -28.67
N MET GA 147 21.68 63.96 -29.06
CA MET GA 147 21.04 63.65 -30.33
C MET GA 147 21.64 64.48 -31.46
N TRP GA 148 22.23 65.62 -31.13
CA TRP GA 148 22.94 66.38 -32.13
C TRP GA 148 24.39 65.97 -32.24
N ARG GA 149 24.97 65.47 -31.14
CA ARG GA 149 26.31 64.90 -31.22
C ARG GA 149 26.29 63.58 -31.98
N ALA GA 150 25.19 62.84 -31.88
CA ALA GA 150 25.03 61.64 -32.69
C ALA GA 150 24.79 61.99 -34.14
N SER GA 151 24.04 63.05 -34.40
CA SER GA 151 23.70 63.42 -35.77
C SER GA 151 24.89 63.98 -36.53
N GLY GA 152 25.96 64.33 -35.84
CA GLY GA 152 27.16 64.85 -36.47
C GLY GA 152 27.32 66.34 -36.39
N ILE GA 153 26.49 67.03 -35.63
CA ILE GA 153 26.53 68.48 -35.56
C ILE GA 153 27.77 68.92 -34.79
N THR GA 154 28.58 69.76 -35.41
CA THR GA 154 29.76 70.30 -34.75
C THR GA 154 29.69 71.80 -34.50
N THR GA 155 29.26 72.59 -35.47
CA THR GA 155 29.17 74.03 -35.34
C THR GA 155 27.77 74.38 -34.88
N GLU GA 156 27.61 75.61 -34.39
CA GLU GA 156 26.30 76.09 -34.00
C GLU GA 156 25.52 76.69 -35.16
N LEU GA 157 26.16 76.93 -36.30
CA LEU GA 157 25.42 77.36 -37.48
C LEU GA 157 24.47 76.28 -37.96
N GLN GA 158 24.88 75.01 -37.84
CA GLN GA 158 24.07 73.90 -38.32
C GLN GA 158 22.77 73.80 -37.55
N LEU GA 159 22.78 74.15 -36.27
CA LEU GA 159 21.54 74.17 -35.50
C LEU GA 159 20.62 75.31 -35.91
N TYR GA 160 21.18 76.41 -36.40
CA TYR GA 160 20.35 77.53 -36.86
C TYR GA 160 19.62 77.17 -38.14
N VAL GA 161 20.33 76.60 -39.11
CA VAL GA 161 19.76 76.39 -40.43
C VAL GA 161 18.74 75.27 -40.41
N THR GA 162 18.88 74.33 -39.48
CA THR GA 162 17.81 73.37 -39.22
C THR GA 162 16.52 74.02 -38.77
N ALA GA 163 16.60 75.03 -37.92
CA ALA GA 163 15.39 75.65 -37.37
C ALA GA 163 14.59 76.35 -38.44
N ILE GA 164 15.25 77.19 -39.24
CA ILE GA 164 14.60 77.75 -40.42
C ILE GA 164 14.27 76.65 -41.41
N GLY GA 165 15.17 75.68 -41.57
CA GLY GA 165 14.87 74.49 -42.37
C GLY GA 165 13.71 73.66 -41.84
N ALA GA 166 13.46 73.71 -40.54
CA ALA GA 166 12.23 73.14 -40.01
C ALA GA 166 11.06 74.10 -40.16
N LEU GA 167 11.32 75.40 -40.00
CA LEU GA 167 10.24 76.38 -40.03
C LEU GA 167 9.66 76.50 -41.43
N VAL GA 168 10.48 76.31 -42.46
CA VAL GA 168 9.91 76.27 -43.80
C VAL GA 168 9.14 74.98 -44.00
N MET GA 169 9.57 73.87 -43.40
CA MET GA 169 8.78 72.65 -43.44
C MET GA 169 7.56 72.77 -42.54
N ALA GA 170 7.68 73.52 -41.45
CA ALA GA 170 6.52 73.87 -40.64
C ALA GA 170 5.50 74.66 -41.43
N ALA GA 171 5.97 75.61 -42.23
CA ALA GA 171 5.07 76.37 -43.08
C ALA GA 171 4.57 75.54 -44.26
N LEU GA 172 5.42 74.65 -44.78
CA LEU GA 172 5.02 73.84 -45.93
C LEU GA 172 3.96 72.81 -45.52
N MET GA 173 4.03 72.33 -44.28
CA MET GA 173 3.03 71.37 -43.82
C MET GA 173 1.68 72.05 -43.59
N LEU GA 174 1.71 73.29 -43.10
CA LEU GA 174 0.47 73.99 -42.81
C LEU GA 174 -0.22 74.44 -44.08
N PHE GA 175 0.54 74.80 -45.10
CA PHE GA 175 -0.02 75.09 -46.41
C PHE GA 175 -0.60 73.84 -47.05
N ALA GA 176 0.04 72.68 -46.81
CA ALA GA 176 -0.45 71.44 -47.41
C ALA GA 176 -1.77 70.99 -46.80
N GLY GA 177 -2.02 71.35 -45.54
CA GLY GA 177 -3.33 71.09 -44.97
C GLY GA 177 -4.38 71.99 -45.55
N TRP GA 178 -4.00 73.20 -45.94
CA TRP GA 178 -4.92 74.06 -46.66
C TRP GA 178 -5.16 73.53 -48.06
N PHE GA 179 -4.09 73.05 -48.71
CA PHE GA 179 -4.16 72.64 -50.10
C PHE GA 179 -5.01 71.39 -50.28
N HIS GA 180 -5.14 70.58 -49.24
CA HIS GA 180 -5.80 69.30 -49.43
C HIS GA 180 -7.20 69.25 -48.84
N TYR GA 181 -7.67 70.33 -48.21
CA TYR GA 181 -9.07 70.42 -47.83
C TYR GA 181 -9.77 71.63 -48.45
N HIS GA 182 -9.16 72.81 -48.37
CA HIS GA 182 -9.78 74.00 -48.93
C HIS GA 182 -9.54 74.11 -50.43
N LYS GA 183 -8.60 73.35 -50.97
CA LYS GA 183 -8.24 73.47 -52.37
C LYS GA 183 -8.49 72.19 -53.17
N ALA GA 184 -7.98 71.06 -52.69
CA ALA GA 184 -8.02 69.79 -53.42
C ALA GA 184 -8.43 68.69 -52.45
N ALA GA 185 -9.71 68.47 -52.29
CA ALA GA 185 -10.12 67.48 -51.29
C ALA GA 185 -10.18 66.11 -51.92
N PRO GA 186 -9.48 65.11 -51.37
CA PRO GA 186 -9.56 63.76 -51.92
C PRO GA 186 -10.89 63.11 -51.59
N LYS GA 187 -11.16 61.99 -52.26
CA LYS GA 187 -12.42 61.30 -52.07
C LYS GA 187 -12.24 60.05 -51.21
N LEU GA 188 -13.35 59.36 -50.95
CA LEU GA 188 -13.33 58.24 -50.01
C LEU GA 188 -12.76 56.98 -50.64
N GLU GA 189 -12.93 56.82 -51.96
CA GLU GA 189 -12.34 55.66 -52.63
C GLU GA 189 -10.82 55.76 -52.70
N TRP GA 190 -10.28 56.98 -52.60
CA TRP GA 190 -8.85 57.14 -52.45
C TRP GA 190 -8.41 56.83 -51.02
N PHE GA 191 -9.20 57.27 -50.04
CA PHE GA 191 -8.92 57.02 -48.63
C PHE GA 191 -8.95 55.54 -48.28
N GLN GA 192 -9.92 54.80 -48.82
CA GLN GA 192 -10.09 53.40 -48.46
C GLN GA 192 -9.05 52.47 -49.06
N ASN GA 193 -8.11 52.97 -49.87
CA ASN GA 193 -7.11 52.09 -50.47
C ASN GA 193 -6.00 51.86 -49.45
N ALA GA 194 -6.27 50.93 -48.53
CA ALA GA 194 -5.34 50.63 -47.45
C ALA GA 194 -4.14 49.83 -47.92
N GLU GA 195 -4.32 49.00 -48.95
CA GLU GA 195 -3.24 48.14 -49.41
C GLU GA 195 -2.16 48.95 -50.11
N SER GA 196 -2.57 49.92 -50.92
CA SER GA 196 -1.59 50.82 -51.53
C SER GA 196 -1.01 51.77 -50.51
N MET GA 197 -1.74 52.00 -49.42
CA MET GA 197 -1.26 52.88 -48.37
C MET GA 197 -0.19 52.19 -47.54
N MET GA 198 -0.37 50.90 -47.28
CA MET GA 198 0.66 50.16 -46.56
C MET GA 198 1.89 49.96 -47.43
N ASN GA 199 1.71 49.86 -48.74
CA ASN GA 199 2.84 49.70 -49.65
C ASN GA 199 3.76 50.91 -49.61
N HIS GA 200 3.18 52.10 -49.54
CA HIS GA 200 3.97 53.31 -49.53
C HIS GA 200 4.51 53.61 -48.14
N HIS GA 201 3.67 53.44 -47.11
CA HIS GA 201 4.11 53.83 -45.78
C HIS GA 201 5.20 52.90 -45.27
N LEU GA 202 5.17 51.64 -45.67
CA LEU GA 202 6.32 50.78 -45.44
C LEU GA 202 7.44 51.10 -46.41
N GLY GA 203 7.10 51.29 -47.67
CA GLY GA 203 8.10 51.58 -48.69
C GLY GA 203 8.71 52.96 -48.56
N GLY GA 204 7.92 54.00 -48.79
CA GLY GA 204 8.45 55.33 -48.81
C GLY GA 204 8.83 55.84 -47.43
N LEU GA 205 7.89 55.79 -46.49
CA LEU GA 205 8.16 56.37 -45.19
C LEU GA 205 9.09 55.51 -44.36
N PHE GA 206 8.88 54.20 -44.33
CA PHE GA 206 9.64 53.34 -43.44
C PHE GA 206 10.83 52.67 -44.11
N GLY GA 207 10.72 52.32 -45.39
CA GLY GA 207 11.86 51.79 -46.10
C GLY GA 207 12.91 52.84 -46.34
N LEU GA 208 12.52 53.91 -47.02
CA LEU GA 208 13.44 55.01 -47.27
C LEU GA 208 13.63 55.90 -46.07
N GLY GA 209 12.98 55.61 -44.95
CA GLY GA 209 13.29 56.33 -43.73
C GLY GA 209 14.67 55.97 -43.21
N SER GA 210 14.88 54.70 -42.90
CA SER GA 210 16.16 54.25 -42.38
C SER GA 210 17.24 54.21 -43.43
N LEU GA 211 16.88 54.06 -44.70
CA LEU GA 211 17.86 54.10 -45.78
C LEU GA 211 18.46 55.50 -45.91
N SER GA 212 17.60 56.51 -45.88
CA SER GA 212 18.07 57.89 -45.88
C SER GA 212 18.82 58.22 -44.60
N TRP GA 213 18.40 57.66 -43.46
CA TRP GA 213 19.22 57.85 -42.27
C TRP GA 213 20.48 57.01 -42.33
N ALA GA 214 20.44 55.89 -43.03
CA ALA GA 214 21.72 55.25 -43.35
C ALA GA 214 22.51 56.13 -44.31
N GLY GA 215 21.81 56.80 -45.22
CA GLY GA 215 22.49 57.75 -46.10
C GLY GA 215 23.05 58.95 -45.36
N HIS GA 216 22.44 59.31 -44.24
CA HIS GA 216 23.06 60.32 -43.41
C HIS GA 216 24.21 59.73 -42.63
N GLN GA 217 23.96 58.67 -41.88
CA GLN GA 217 24.84 58.27 -40.79
C GLN GA 217 26.19 57.77 -41.27
N ILE GA 218 26.25 57.15 -42.44
CA ILE GA 218 27.53 56.71 -42.98
C ILE GA 218 28.36 57.88 -43.47
N HIS GA 219 27.81 58.73 -44.33
CA HIS GA 219 28.61 59.79 -44.90
C HIS GA 219 28.82 60.99 -43.97
N VAL GA 220 27.98 61.16 -42.95
CA VAL GA 220 28.03 62.35 -42.10
C VAL GA 220 28.37 61.99 -40.66
N SER GA 221 27.54 61.16 -40.02
CA SER GA 221 27.69 60.93 -38.59
C SER GA 221 28.90 60.08 -38.26
N LEU GA 222 29.05 58.95 -38.97
CA LEU GA 222 30.19 58.05 -38.74
C LEU GA 222 31.58 58.65 -38.84
N PRO GA 223 31.93 59.57 -39.76
CA PRO GA 223 33.29 60.13 -39.67
C PRO GA 223 33.49 61.02 -38.47
N VAL GA 224 32.59 61.98 -38.26
CA VAL GA 224 32.83 63.02 -37.28
C VAL GA 224 32.57 62.52 -35.86
N ASN GA 225 31.91 61.37 -35.71
CA ASN GA 225 31.77 60.77 -34.39
C ASN GA 225 32.85 59.74 -34.12
N LYS GA 226 33.46 59.17 -35.15
CA LYS GA 226 34.65 58.36 -34.93
C LYS GA 226 35.84 59.23 -34.57
N LEU GA 227 35.93 60.42 -35.16
CA LEU GA 227 36.98 61.35 -34.80
C LEU GA 227 36.85 61.86 -33.38
N LEU GA 228 35.63 62.14 -32.92
CA LEU GA 228 35.43 62.65 -31.56
C LEU GA 228 35.61 61.57 -30.50
N ASP GA 229 35.61 60.29 -30.89
CA ASP GA 229 36.07 59.26 -29.95
C ASP GA 229 37.58 59.35 -29.74
N SER GA 230 38.34 59.53 -30.81
CA SER GA 230 39.71 59.99 -30.64
C SER GA 230 39.74 61.40 -30.07
N GLY GA 231 38.77 62.23 -30.44
CA GLY GA 231 38.62 63.55 -29.87
C GLY GA 231 39.73 64.50 -30.24
N VAL GA 232 39.88 64.76 -31.53
CA VAL GA 232 40.93 65.70 -31.97
C VAL GA 232 40.56 67.12 -31.58
N SER GA 233 39.43 67.64 -32.10
CA SER GA 233 38.76 68.87 -31.70
C SER GA 233 37.44 68.97 -32.43
N PRO GA 234 36.42 69.58 -31.81
CA PRO GA 234 35.23 70.00 -32.57
C PRO GA 234 35.53 70.94 -33.74
N GLN GA 235 36.47 71.88 -33.61
CA GLN GA 235 36.81 72.74 -34.73
C GLN GA 235 37.63 72.03 -35.78
N GLU GA 236 38.52 71.13 -35.36
CA GLU GA 236 39.44 70.46 -36.26
C GLU GA 236 38.83 69.22 -36.93
N ILE GA 237 37.58 68.92 -36.63
CA ILE GA 237 36.84 67.96 -37.45
C ILE GA 237 36.34 68.65 -38.71
N PRO GA 238 36.51 68.06 -39.89
CA PRO GA 238 36.05 68.71 -41.12
C PRO GA 238 34.54 68.75 -41.21
N LEU GA 239 34.04 69.67 -42.02
CA LEU GA 239 32.60 69.86 -42.19
C LEU GA 239 31.98 68.63 -42.87
N PRO GA 240 30.68 68.38 -42.62
CA PRO GA 240 30.06 67.14 -43.14
C PRO GA 240 29.96 67.04 -44.65
N HIS GA 241 29.94 68.14 -45.39
CA HIS GA 241 29.93 68.03 -46.84
C HIS GA 241 31.30 67.70 -47.41
N GLU GA 242 32.36 67.88 -46.62
CA GLU GA 242 33.73 67.62 -47.07
C GLU GA 242 34.05 66.14 -47.17
N PHE GA 243 33.21 65.27 -46.62
CA PHE GA 243 33.44 63.83 -46.69
C PHE GA 243 32.78 63.21 -47.91
N ILE GA 244 32.06 64.01 -48.70
CA ILE GA 244 31.58 63.57 -50.00
C ILE GA 244 32.43 64.14 -51.12
N LEU GA 245 32.86 65.39 -50.98
CA LEU GA 245 33.76 65.99 -51.95
C LEU GA 245 35.11 65.30 -51.96
N ASN GA 246 35.80 65.30 -50.82
CA ASN GA 246 37.13 64.73 -50.75
C ASN GA 246 37.02 63.22 -50.64
N LYS GA 247 37.60 62.51 -51.60
CA LYS GA 247 37.62 61.06 -51.57
C LYS GA 247 38.72 60.52 -50.67
N ASP GA 248 39.83 61.25 -50.53
CA ASP GA 248 40.94 60.83 -49.72
C ASP GA 248 40.72 61.07 -48.23
N LEU GA 249 40.00 62.14 -47.88
CA LEU GA 249 39.84 62.52 -46.49
C LEU GA 249 39.00 61.51 -45.72
N ILE GA 250 37.96 61.00 -46.36
CA ILE GA 250 37.10 60.01 -45.72
C ILE GA 250 37.77 58.64 -45.65
N ALA GA 251 38.46 58.22 -46.71
CA ALA GA 251 39.04 56.88 -46.75
C ALA GA 251 40.30 56.73 -45.93
N GLN GA 252 40.73 57.79 -45.23
CA GLN GA 252 41.72 57.64 -44.18
C GLN GA 252 41.23 56.70 -43.10
N LEU GA 253 39.98 56.85 -42.68
CA LEU GA 253 39.37 56.02 -41.64
C LEU GA 253 38.34 55.12 -42.29
N TYR GA 254 38.35 53.83 -41.91
CA TYR GA 254 37.64 52.69 -42.50
C TYR GA 254 37.74 52.75 -44.02
N PRO GA 255 38.84 52.29 -44.57
CA PRO GA 255 39.23 52.71 -45.92
C PRO GA 255 38.55 51.98 -47.07
N SER GA 256 37.24 51.77 -47.00
CA SER GA 256 36.54 51.04 -48.05
C SER GA 256 36.03 51.98 -49.13
N PHE GA 257 36.05 53.29 -48.88
CA PHE GA 257 35.57 54.25 -49.85
C PHE GA 257 36.51 54.41 -51.03
N GLY GA 258 37.77 53.98 -50.89
CA GLY GA 258 38.62 53.84 -52.06
C GLY GA 258 38.16 52.75 -53.00
N GLN GA 259 37.51 51.72 -52.47
CA GLN GA 259 36.85 50.75 -53.32
C GLN GA 259 35.50 51.24 -53.84
N GLY GA 260 34.97 52.32 -53.26
CA GLY GA 260 33.78 52.95 -53.80
C GLY GA 260 32.54 52.08 -53.62
N LEU GA 261 31.61 52.24 -54.55
CA LEU GA 261 30.43 51.39 -54.61
C LEU GA 261 30.68 50.08 -55.34
N THR GA 262 31.91 49.81 -55.74
CA THR GA 262 32.19 48.62 -56.55
C THR GA 262 32.12 47.28 -55.80
N PRO GA 263 32.46 47.17 -54.50
CA PRO GA 263 32.07 45.93 -53.80
C PRO GA 263 30.59 45.81 -53.60
N PHE GA 264 29.87 46.93 -53.54
CA PHE GA 264 28.42 46.89 -53.39
C PHE GA 264 27.75 46.47 -54.69
N PHE GA 265 28.44 46.58 -55.82
CA PHE GA 265 27.80 46.27 -57.08
C PHE GA 265 28.33 45.01 -57.75
N THR GA 266 29.24 44.29 -57.11
CA THR GA 266 29.56 42.95 -57.56
C THR GA 266 29.11 41.90 -56.55
N LEU GA 267 28.30 42.30 -55.56
CA LEU GA 267 27.80 41.48 -54.45
C LEU GA 267 28.92 40.94 -53.58
N ASN GA 268 30.07 41.61 -53.55
CA ASN GA 268 31.13 41.29 -52.60
C ASN GA 268 31.04 42.25 -51.42
N TRP GA 269 30.02 42.02 -50.60
CA TRP GA 269 29.66 42.97 -49.55
C TRP GA 269 30.53 42.88 -48.32
N ASN GA 270 31.38 41.86 -48.20
CA ASN GA 270 32.23 41.71 -47.02
C ASN GA 270 33.37 42.71 -47.00
N GLU GA 271 33.54 43.49 -48.07
CA GLU GA 271 34.56 44.53 -48.07
C GLU GA 271 34.13 45.76 -47.28
N TYR GA 272 32.88 45.81 -46.84
CA TYR GA 272 32.43 46.86 -45.94
C TYR GA 272 32.33 46.38 -44.51
N SER GA 273 33.28 45.56 -44.07
CA SER GA 273 33.33 45.05 -42.70
C SER GA 273 33.96 46.04 -41.74
N ASP GA 274 34.03 47.32 -42.12
CA ASP GA 274 34.75 48.34 -41.38
C ASP GA 274 33.87 49.46 -40.88
N PHE GA 275 32.84 49.85 -41.62
CA PHE GA 275 31.89 50.85 -41.17
C PHE GA 275 30.48 50.30 -41.07
N LEU GA 276 30.17 49.22 -41.75
CA LEU GA 276 28.85 48.61 -41.76
C LEU GA 276 29.02 47.26 -41.08
N THR GA 277 28.99 47.27 -39.76
CA THR GA 277 29.49 46.16 -38.97
C THR GA 277 28.44 45.62 -38.03
N PHE GA 278 28.88 44.71 -37.18
CA PHE GA 278 28.09 44.06 -36.14
C PHE GA 278 28.88 44.02 -34.85
N LYS GA 279 29.40 45.17 -34.44
CA LYS GA 279 30.19 45.25 -33.22
C LYS GA 279 29.39 44.82 -32.01
N GLY GA 280 28.31 45.53 -31.70
CA GLY GA 280 27.38 45.04 -30.71
C GLY GA 280 27.87 45.08 -29.28
N GLY GA 281 28.04 46.28 -28.76
CA GLY GA 281 28.33 46.45 -27.35
C GLY GA 281 28.00 47.85 -26.94
N LEU GA 282 28.88 48.44 -26.15
CA LEU GA 282 28.89 49.86 -25.94
C LEU GA 282 30.24 50.40 -26.40
N ASN GA 283 30.22 51.53 -27.07
CA ASN GA 283 31.44 52.23 -27.41
C ASN GA 283 32.10 52.74 -26.13
N PRO GA 284 33.22 52.14 -25.71
CA PRO GA 284 33.67 52.30 -24.31
C PRO GA 284 34.18 53.68 -23.97
N VAL GA 285 34.55 54.50 -24.95
CA VAL GA 285 34.85 55.89 -24.72
C VAL GA 285 33.58 56.72 -24.49
N THR GA 286 32.49 56.40 -25.18
CA THR GA 286 31.28 57.22 -25.12
C THR GA 286 30.11 56.55 -24.43
N GLY GA 287 30.15 55.24 -24.24
CA GLY GA 287 29.09 54.53 -23.56
C GLY GA 287 27.85 54.28 -24.39
N GLY GA 288 27.82 54.76 -25.63
CA GLY GA 288 26.69 54.60 -26.50
C GLY GA 288 26.87 53.41 -27.44
N LEU GA 289 25.81 53.16 -28.21
CA LEU GA 289 25.88 52.14 -29.24
C LEU GA 289 26.87 52.55 -30.32
N TRP GA 290 27.58 51.57 -30.84
CA TRP GA 290 28.48 51.80 -31.97
C TRP GA 290 27.68 52.24 -33.18
N LEU GA 291 27.96 53.45 -33.66
CA LEU GA 291 27.18 54.01 -34.77
C LEU GA 291 27.45 53.29 -36.07
N SER GA 292 28.54 52.52 -36.15
CA SER GA 292 28.72 51.57 -37.23
C SER GA 292 27.59 50.56 -37.28
N ASP GA 293 27.18 50.06 -36.12
CA ASP GA 293 26.11 49.07 -36.06
C ASP GA 293 24.78 49.67 -36.47
N SER GA 294 24.49 50.89 -35.98
CA SER GA 294 23.24 51.54 -36.32
C SER GA 294 23.16 51.94 -37.77
N ALA GA 295 24.32 52.08 -38.42
CA ALA GA 295 24.34 52.23 -39.87
C ALA GA 295 23.97 50.92 -40.54
N HIS GA 296 24.51 49.81 -40.02
CA HIS GA 296 24.14 48.50 -40.57
C HIS GA 296 22.74 48.11 -40.14
N HIS GA 297 22.30 48.61 -38.99
CA HIS GA 297 20.93 48.38 -38.52
C HIS GA 297 19.94 49.00 -39.48
N HIS GA 298 20.05 50.33 -39.66
CA HIS GA 298 19.15 51.05 -40.54
C HIS GA 298 19.30 50.64 -41.99
N LEU GA 299 20.42 50.04 -42.37
CA LEU GA 299 20.51 49.46 -43.70
C LEU GA 299 19.74 48.16 -43.79
N ALA GA 300 19.81 47.33 -42.75
CA ALA GA 300 19.02 46.11 -42.76
C ALA GA 300 17.55 46.41 -42.56
N ILE GA 301 17.24 47.45 -41.80
CA ILE GA 301 15.86 47.91 -41.67
C ILE GA 301 15.36 48.48 -43.00
N ALA GA 302 16.26 49.06 -43.79
CA ALA GA 302 15.89 49.60 -45.09
C ALA GA 302 15.41 48.51 -46.03
N VAL GA 303 16.22 47.46 -46.20
CA VAL GA 303 15.87 46.42 -47.15
C VAL GA 303 14.74 45.58 -46.63
N LEU GA 304 14.64 45.40 -45.32
CA LEU GA 304 13.52 44.66 -44.75
C LEU GA 304 12.21 45.39 -44.93
N PHE GA 305 12.19 46.70 -44.76
CA PHE GA 305 10.94 47.44 -44.93
C PHE GA 305 10.59 47.68 -46.39
N ILE GA 306 11.59 47.80 -47.27
CA ILE GA 306 11.29 47.97 -48.68
C ILE GA 306 10.70 46.68 -49.27
N VAL GA 307 11.27 45.53 -48.92
CA VAL GA 307 10.64 44.30 -49.34
C VAL GA 307 9.38 44.02 -48.54
N ALA GA 308 9.16 44.70 -47.43
CA ALA GA 308 7.85 44.60 -46.79
C ALA GA 308 6.80 45.41 -47.53
N GLY GA 309 7.21 46.38 -48.32
CA GLY GA 309 6.28 47.25 -48.97
C GLY GA 309 5.86 46.87 -50.36
N HIS GA 310 6.40 45.78 -50.90
CA HIS GA 310 5.96 45.24 -52.18
C HIS GA 310 5.07 44.03 -51.97
N MET GA 311 4.22 44.07 -50.94
CA MET GA 311 3.47 42.91 -50.51
C MET GA 311 1.99 43.02 -50.80
N TYR GA 312 1.42 44.21 -50.70
CA TYR GA 312 -0.02 44.34 -50.82
C TYR GA 312 -0.42 44.67 -52.26
N ARG GA 313 -1.67 44.41 -52.57
CA ARG GA 313 -2.14 44.48 -53.94
C ARG GA 313 -2.47 45.92 -54.35
N THR GA 314 -2.14 46.23 -55.59
CA THR GA 314 -2.33 47.55 -56.18
C THR GA 314 -2.84 47.32 -57.60
N ASN GA 315 -2.70 48.30 -58.47
CA ASN GA 315 -3.20 48.17 -59.82
C ASN GA 315 -2.22 47.45 -60.75
N TRP GA 316 -1.36 46.58 -60.23
CA TRP GA 316 -0.51 45.72 -61.04
C TRP GA 316 -0.72 44.25 -60.72
N GLY GA 317 -1.96 43.86 -60.43
CA GLY GA 317 -2.32 42.46 -60.37
C GLY GA 317 -1.81 41.67 -59.17
N ILE GA 318 -0.50 41.70 -58.94
CA ILE GA 318 0.11 40.90 -57.90
C ILE GA 318 -0.12 41.54 -56.53
N GLY GA 319 0.17 40.77 -55.49
CA GLY GA 319 0.09 41.24 -54.13
C GLY GA 319 -0.89 40.44 -53.30
N HIS GA 320 -0.76 40.61 -51.99
CA HIS GA 320 -1.77 40.08 -51.07
C HIS GA 320 -2.84 41.12 -50.85
N SER GA 321 -4.10 40.71 -51.00
CA SER GA 321 -5.21 41.60 -50.74
C SER GA 321 -5.84 41.20 -49.41
N MET GA 322 -6.08 42.19 -48.55
CA MET GA 322 -6.40 41.91 -47.16
C MET GA 322 -7.81 41.38 -46.97
N LYS GA 323 -8.73 41.69 -47.88
CA LYS GA 323 -10.04 41.09 -47.81
C LYS GA 323 -10.00 39.60 -48.18
N GLU GA 324 -8.97 39.19 -48.91
CA GLU GA 324 -8.75 37.78 -49.21
C GLU GA 324 -8.00 37.05 -48.11
N MET GA 325 -7.20 37.74 -47.32
CA MET GA 325 -6.41 37.08 -46.29
C MET GA 325 -7.19 36.80 -45.03
N TYR GA 326 -8.09 37.69 -44.64
CA TYR GA 326 -8.88 37.54 -43.43
C TYR GA 326 -9.91 36.45 -43.57
N ASP GA 327 -10.64 36.47 -44.68
CA ASP GA 327 -11.34 35.28 -45.10
C ASP GA 327 -10.30 34.19 -45.34
N SER GA 328 -10.68 32.96 -45.03
CA SER GA 328 -9.76 31.80 -44.92
C SER GA 328 -8.61 32.07 -43.96
N HIS GA 329 -8.88 32.82 -42.87
CA HIS GA 329 -8.18 32.68 -41.60
C HIS GA 329 -9.32 32.50 -40.62
N LYS GA 330 -9.84 31.28 -40.55
CA LYS GA 330 -10.97 30.96 -39.68
C LYS GA 330 -10.85 29.50 -39.28
N GLY GA 331 -11.05 29.24 -38.00
CA GLY GA 331 -10.89 27.91 -37.48
C GLY GA 331 -12.11 27.43 -36.76
N PRO GA 332 -12.04 26.20 -36.22
CA PRO GA 332 -13.21 25.62 -35.56
C PRO GA 332 -13.55 26.26 -34.23
N PHE GA 333 -12.63 26.97 -33.61
CA PHE GA 333 -12.93 27.63 -32.35
C PHE GA 333 -13.28 29.10 -32.56
N THR GA 334 -13.52 29.50 -33.81
CA THR GA 334 -13.66 30.91 -34.14
C THR GA 334 -14.77 31.18 -35.16
N GLY GA 335 -15.41 30.14 -35.69
CA GLY GA 335 -16.52 30.34 -36.60
C GLY GA 335 -16.17 30.99 -37.92
N GLU GA 336 -16.56 32.25 -38.08
CA GLU GA 336 -16.27 32.98 -39.31
C GLU GA 336 -14.87 33.56 -39.35
N GLY GA 337 -14.15 33.55 -38.22
CA GLY GA 337 -12.82 34.12 -38.20
C GLY GA 337 -12.86 35.61 -38.42
N HIS GA 338 -11.95 36.09 -39.26
CA HIS GA 338 -11.82 37.52 -39.47
C HIS GA 338 -12.67 38.02 -40.62
N LYS GA 339 -13.82 37.38 -40.88
CA LYS GA 339 -14.74 37.82 -41.92
C LYS GA 339 -15.30 39.19 -41.54
N GLY GA 340 -15.04 40.18 -42.37
CA GLY GA 340 -15.57 41.52 -42.17
C GLY GA 340 -14.69 42.43 -41.36
N VAL GA 341 -13.59 41.93 -40.80
CA VAL GA 341 -12.75 42.77 -39.96
C VAL GA 341 -11.92 43.72 -40.82
N TYR GA 342 -11.60 43.33 -42.05
CA TYR GA 342 -11.10 44.30 -43.02
C TYR GA 342 -12.14 45.37 -43.31
N GLU GA 343 -13.41 44.98 -43.38
CA GLU GA 343 -14.47 45.95 -43.65
C GLU GA 343 -14.70 46.90 -42.47
N ILE GA 344 -14.20 46.56 -41.28
CA ILE GA 344 -14.23 47.51 -40.18
C ILE GA 344 -13.19 48.60 -40.39
N PHE GA 345 -11.94 48.21 -40.62
CA PHE GA 345 -10.83 49.15 -40.59
C PHE GA 345 -10.73 50.00 -41.85
N THR GA 346 -11.64 49.84 -42.81
CA THR GA 346 -11.82 50.80 -43.89
C THR GA 346 -13.03 51.68 -43.68
N ASN GA 347 -13.88 51.35 -42.72
CA ASN GA 347 -15.14 52.05 -42.54
C ASN GA 347 -15.25 52.82 -41.25
N SER GA 348 -14.22 52.85 -40.41
CA SER GA 348 -14.33 53.44 -39.09
C SER GA 348 -12.97 54.00 -38.68
N TRP GA 349 -12.90 55.33 -38.57
CA TRP GA 349 -11.69 55.97 -38.08
C TRP GA 349 -11.40 55.62 -36.63
N HIS GA 350 -12.45 55.45 -35.82
CA HIS GA 350 -12.26 55.20 -34.40
C HIS GA 350 -11.68 53.82 -34.14
N ALA GA 351 -12.09 52.82 -34.93
CA ALA GA 351 -11.46 51.52 -34.85
C ALA GA 351 -10.02 51.58 -35.29
N GLN GA 352 -9.70 52.48 -36.22
CA GLN GA 352 -8.32 52.62 -36.63
C GLN GA 352 -7.50 53.32 -35.57
N LEU GA 353 -8.04 54.38 -34.97
CA LEU GA 353 -7.28 55.15 -33.98
C LEU GA 353 -6.96 54.32 -32.75
N SER GA 354 -7.86 53.44 -32.34
CA SER GA 354 -7.61 52.63 -31.15
C SER GA 354 -6.46 51.66 -31.37
N LEU GA 355 -6.45 50.97 -32.50
CA LEU GA 355 -5.36 50.06 -32.79
C LEU GA 355 -4.09 50.80 -33.14
N ASN GA 356 -4.22 51.96 -33.77
CA ASN GA 356 -3.03 52.76 -34.04
C ASN GA 356 -2.46 53.33 -32.75
N LEU GA 357 -3.29 53.57 -31.74
CA LEU GA 357 -2.80 54.14 -30.50
C LEU GA 357 -2.14 53.12 -29.60
N ALA GA 358 -2.69 51.91 -29.54
CA ALA GA 358 -2.20 50.88 -28.64
C ALA GA 358 -0.77 50.51 -28.96
N LEU GA 359 -0.51 50.18 -30.20
CA LEU GA 359 0.84 49.86 -30.65
C LEU GA 359 1.69 51.10 -30.88
N PHE GA 360 1.22 52.26 -30.49
CA PHE GA 360 2.05 53.47 -30.54
C PHE GA 360 2.56 53.81 -29.16
N GLY GA 361 1.71 53.65 -28.15
CA GLY GA 361 2.13 53.80 -26.78
C GLY GA 361 2.96 52.63 -26.31
N SER GA 362 2.50 51.41 -26.63
CA SER GA 362 3.26 50.21 -26.31
C SER GA 362 4.61 50.20 -27.00
N LEU GA 363 4.69 50.79 -28.19
CA LEU GA 363 5.97 50.97 -28.86
C LEU GA 363 6.89 51.87 -28.06
N SER GA 364 6.36 52.94 -27.47
CA SER GA 364 7.20 53.91 -26.79
C SER GA 364 7.71 53.39 -25.45
N ILE GA 365 6.96 52.51 -24.80
CA ILE GA 365 7.47 51.86 -23.60
C ILE GA 365 8.63 50.92 -23.95
N ILE GA 366 8.60 50.35 -25.16
CA ILE GA 366 9.74 49.58 -25.62
C ILE GA 366 10.93 50.50 -25.89
N VAL GA 367 10.67 51.72 -26.36
CA VAL GA 367 11.74 52.70 -26.56
C VAL GA 367 12.38 53.07 -25.25
N ALA GA 368 11.56 53.23 -24.21
CA ALA GA 368 12.08 53.54 -22.88
C ALA GA 368 12.89 52.38 -22.32
N HIS GA 369 12.50 51.15 -22.64
CA HIS GA 369 13.25 50.00 -22.17
C HIS GA 369 14.52 49.78 -22.97
N HIS GA 370 14.47 49.99 -24.27
CA HIS GA 370 15.63 49.70 -25.08
C HIS GA 370 16.63 50.85 -25.11
N MET GA 371 16.35 51.97 -24.46
CA MET GA 371 17.28 53.08 -24.46
C MET GA 371 18.12 53.20 -23.20
N TYR GA 372 17.66 52.68 -22.07
CA TYR GA 372 18.53 52.70 -20.91
C TYR GA 372 19.43 51.48 -20.85
N SER GA 373 19.06 50.39 -21.52
CA SER GA 373 19.85 49.17 -21.47
C SER GA 373 20.75 49.05 -22.67
N MET GA 374 20.36 49.64 -23.79
CA MET GA 374 21.23 49.85 -24.94
C MET GA 374 21.23 51.33 -25.23
N PRO GA 375 22.07 52.12 -24.56
CA PRO GA 375 22.11 53.55 -24.80
C PRO GA 375 22.61 53.84 -26.20
N PRO GA 376 21.84 54.55 -26.99
CA PRO GA 376 22.16 54.69 -28.41
C PRO GA 376 23.13 55.82 -28.67
N TYR GA 377 23.23 56.74 -27.74
CA TYR GA 377 23.87 58.02 -27.96
C TYR GA 377 25.16 58.15 -27.17
N PRO GA 378 26.14 58.88 -27.70
CA PRO GA 378 27.36 59.14 -26.93
C PRO GA 378 27.08 60.10 -25.79
N TYR GA 379 27.54 59.70 -24.59
CA TYR GA 379 27.46 60.51 -23.36
C TYR GA 379 26.02 60.82 -22.96
N LEU GA 380 25.11 59.91 -23.29
CA LEU GA 380 23.77 59.89 -22.73
C LEU GA 380 23.65 58.89 -21.60
N ALA GA 381 24.40 57.79 -21.69
CA ALA GA 381 24.35 56.74 -20.69
C ALA GA 381 24.83 57.22 -19.33
N THR GA 382 26.02 57.81 -19.26
CA THR GA 382 26.56 58.20 -17.98
C THR GA 382 25.95 59.52 -17.48
N ASP GA 383 25.39 60.31 -18.37
CA ASP GA 383 24.66 61.49 -17.93
C ASP GA 383 23.32 61.04 -17.36
N TYR GA 384 23.28 60.75 -16.05
CA TYR GA 384 22.10 60.20 -15.41
C TYR GA 384 20.94 61.18 -15.37
N ALA GA 385 21.19 62.46 -15.58
CA ALA GA 385 20.12 63.44 -15.70
C ALA GA 385 19.21 63.14 -16.87
N THR GA 386 19.74 62.54 -17.94
CA THR GA 386 19.02 62.40 -19.18
C THR GA 386 18.59 60.96 -19.45
N SER GA 387 19.42 60.00 -19.07
CA SER GA 387 19.09 58.59 -19.32
C SER GA 387 17.91 58.15 -18.49
N LEU GA 388 17.68 58.79 -17.34
CA LEU GA 388 16.44 58.59 -16.63
C LEU GA 388 15.28 59.22 -17.37
N CYS GA 389 15.43 60.47 -17.81
CA CYS GA 389 14.26 61.26 -18.16
C CYS GA 389 13.70 60.90 -19.52
N LEU GA 390 14.37 60.05 -20.28
CA LEU GA 390 13.78 59.59 -21.54
C LEU GA 390 13.12 58.23 -21.36
N PHE GA 391 13.51 57.48 -20.34
CA PHE GA 391 12.69 56.36 -19.87
C PHE GA 391 11.33 56.88 -19.43
N THR GA 392 11.32 57.72 -18.41
CA THR GA 392 10.09 58.05 -17.73
C THR GA 392 9.18 58.96 -18.53
N HIS GA 393 9.71 59.66 -19.54
CA HIS GA 393 8.82 60.44 -20.38
C HIS GA 393 8.06 59.53 -21.33
N HIS GA 394 8.78 58.68 -22.06
CA HIS GA 394 8.16 57.82 -23.06
C HIS GA 394 7.30 56.75 -22.44
N VAL GA 395 7.62 56.31 -21.23
CA VAL GA 395 6.69 55.49 -20.47
C VAL GA 395 5.42 56.26 -20.21
N TRP GA 396 5.55 57.54 -19.83
CA TRP GA 396 4.36 58.33 -19.49
C TRP GA 396 3.53 58.64 -20.72
N ILE GA 397 4.17 58.97 -21.83
CA ILE GA 397 3.45 59.07 -23.10
C ILE GA 397 2.82 57.73 -23.43
N GLY GA 398 3.54 56.64 -23.15
CA GLY GA 398 3.09 55.33 -23.57
C GLY GA 398 1.85 54.85 -22.86
N GLY GA 399 1.65 55.27 -21.62
CA GLY GA 399 0.43 54.88 -20.94
C GLY GA 399 -0.76 55.71 -21.35
N PHE GA 400 -0.53 56.96 -21.73
CA PHE GA 400 -1.66 57.82 -22.10
C PHE GA 400 -2.21 57.42 -23.45
N LEU GA 401 -1.37 56.89 -24.33
CA LEU GA 401 -1.87 56.46 -25.62
C LEU GA 401 -2.65 55.16 -25.52
N ILE GA 402 -2.30 54.28 -24.57
CA ILE GA 402 -3.05 53.05 -24.39
C ILE GA 402 -4.42 53.35 -23.82
N VAL GA 403 -4.52 54.35 -22.95
CA VAL GA 403 -5.83 54.77 -22.46
C VAL GA 403 -6.61 55.41 -23.59
N GLY GA 404 -5.95 56.12 -24.49
CA GLY GA 404 -6.61 56.57 -25.69
C GLY GA 404 -6.95 55.44 -26.63
N ALA GA 405 -6.18 54.35 -26.58
CA ALA GA 405 -6.53 53.17 -27.35
C ALA GA 405 -7.76 52.50 -26.78
N GLY GA 406 -7.92 52.56 -25.46
CA GLY GA 406 -9.13 52.02 -24.87
C GLY GA 406 -10.34 52.90 -25.10
N ALA GA 407 -10.12 54.21 -25.30
CA ALA GA 407 -11.24 55.11 -25.48
C ALA GA 407 -11.88 54.93 -26.85
N HIS GA 408 -11.09 55.09 -27.89
CA HIS GA 408 -11.60 55.01 -29.25
C HIS GA 408 -12.00 53.59 -29.65
N ALA GA 409 -11.53 52.58 -28.91
CA ALA GA 409 -12.08 51.25 -29.07
C ALA GA 409 -13.52 51.20 -28.58
N ALA GA 410 -13.81 51.92 -27.49
CA ALA GA 410 -15.18 51.96 -27.00
C ALA GA 410 -16.07 52.81 -27.89
N ILE GA 411 -15.51 53.90 -28.43
CA ILE GA 411 -16.23 54.76 -29.35
C ILE GA 411 -16.58 54.03 -30.64
N PHE GA 412 -15.74 53.09 -31.06
CA PHE GA 412 -16.09 52.22 -32.18
C PHE GA 412 -17.31 51.36 -31.85
N MET GA 413 -17.42 50.93 -30.59
CA MET GA 413 -18.48 49.99 -30.25
C MET GA 413 -19.83 50.67 -30.23
N VAL GA 414 -19.91 51.89 -29.72
CA VAL GA 414 -21.19 52.57 -29.64
C VAL GA 414 -21.63 53.05 -31.02
N ARG GA 415 -20.76 53.76 -31.73
CA ARG GA 415 -21.19 54.49 -32.90
C ARG GA 415 -20.89 53.82 -34.21
N ASP GA 416 -19.85 53.00 -34.30
CA ASP GA 416 -19.44 52.47 -35.58
C ASP GA 416 -19.67 50.98 -35.75
N TYR GA 417 -19.75 50.22 -34.66
CA TYR GA 417 -19.88 48.76 -34.78
C TYR GA 417 -21.28 48.40 -35.26
N ASP GA 418 -21.32 47.40 -36.14
CA ASP GA 418 -22.54 47.01 -36.81
C ASP GA 418 -22.73 45.51 -36.64
N PRO GA 419 -23.78 45.08 -35.94
CA PRO GA 419 -24.05 43.64 -35.83
C PRO GA 419 -24.68 43.06 -37.08
N ALA GA 420 -25.03 43.88 -38.06
CA ALA GA 420 -25.54 43.35 -39.32
C ALA GA 420 -24.43 42.70 -40.11
N GLN GA 421 -23.32 43.41 -40.32
CA GLN GA 421 -22.20 42.80 -41.02
C GLN GA 421 -21.48 41.76 -40.16
N ASN GA 422 -21.37 41.99 -38.85
CA ASN GA 422 -20.54 41.17 -37.99
C ASN GA 422 -21.39 40.10 -37.31
N TYR GA 423 -21.75 39.08 -38.09
CA TYR GA 423 -22.44 37.91 -37.58
C TYR GA 423 -21.42 36.79 -37.44
N ASN GA 424 -21.33 36.22 -36.23
CA ASN GA 424 -20.65 34.98 -35.91
C ASN GA 424 -19.12 35.04 -36.17
N ASN GA 425 -18.59 36.22 -36.45
CA ASN GA 425 -17.17 36.44 -36.60
C ASN GA 425 -16.59 36.85 -35.25
N LEU GA 426 -15.38 37.39 -35.25
CA LEU GA 426 -14.64 37.50 -34.00
C LEU GA 426 -15.09 38.64 -33.11
N VAL GA 427 -15.60 39.74 -33.65
CA VAL GA 427 -16.18 40.74 -32.75
C VAL GA 427 -17.51 40.23 -32.22
N ASP GA 428 -18.20 39.40 -33.00
CA ASP GA 428 -19.41 38.78 -32.51
C ASP GA 428 -19.10 37.76 -31.41
N ARG GA 429 -18.10 36.91 -31.62
CA ARG GA 429 -17.82 35.90 -30.63
C ARG GA 429 -17.06 36.43 -29.41
N VAL GA 430 -16.44 37.59 -29.51
CA VAL GA 430 -15.92 38.20 -28.29
C VAL GA 430 -17.05 38.79 -27.47
N LEU GA 431 -17.97 39.53 -28.10
CA LEU GA 431 -19.13 40.08 -27.42
C LEU GA 431 -20.06 39.01 -26.90
N ARG GA 432 -20.07 37.82 -27.49
CA ARG GA 432 -20.94 36.75 -27.03
C ARG GA 432 -20.30 35.87 -25.97
N HIS GA 433 -19.14 36.25 -25.43
CA HIS GA 433 -18.61 35.55 -24.27
C HIS GA 433 -17.97 36.53 -23.29
N ARG GA 434 -18.42 37.80 -23.33
CA ARG GA 434 -17.74 38.90 -22.65
C ARG GA 434 -17.76 38.80 -21.14
N ASP GA 435 -18.59 37.94 -20.56
CA ASP GA 435 -18.51 37.71 -19.13
C ASP GA 435 -17.36 36.78 -18.79
N ALA GA 436 -17.11 35.78 -19.64
CA ALA GA 436 -16.02 34.85 -19.38
C ALA GA 436 -14.67 35.53 -19.47
N ILE GA 437 -14.54 36.52 -20.34
CA ILE GA 437 -13.34 37.34 -20.38
C ILE GA 437 -13.19 38.12 -19.09
N ILE GA 438 -14.21 38.89 -18.73
CA ILE GA 438 -14.09 39.85 -17.64
C ILE GA 438 -14.00 39.14 -16.30
N SER GA 439 -14.82 38.11 -16.08
CA SER GA 439 -14.81 37.44 -14.79
C SER GA 439 -13.55 36.63 -14.56
N HIS GA 440 -12.97 36.04 -15.61
CA HIS GA 440 -11.63 35.48 -15.43
C HIS GA 440 -10.59 36.56 -15.32
N LEU GA 441 -10.80 37.70 -15.97
CA LEU GA 441 -9.91 38.82 -15.76
C LEU GA 441 -10.08 39.41 -14.38
N ASN GA 442 -11.31 39.40 -13.88
CA ASN GA 442 -11.57 39.87 -12.52
C ASN GA 442 -10.84 39.00 -11.50
N TRP GA 443 -10.83 37.69 -11.73
CA TRP GA 443 -10.16 36.79 -10.79
C TRP GA 443 -8.66 37.02 -10.80
N VAL GA 444 -8.06 37.13 -11.99
CA VAL GA 444 -6.62 37.24 -12.07
C VAL GA 444 -6.17 38.62 -11.63
N CYS GA 445 -7.07 39.61 -11.60
CA CYS GA 445 -6.72 40.87 -10.96
C CYS GA 445 -6.60 40.68 -9.45
N ILE GA 446 -7.60 40.05 -8.83
CA ILE GA 446 -7.61 39.89 -7.38
C ILE GA 446 -6.53 38.93 -6.93
N PHE GA 447 -6.31 37.84 -7.68
CA PHE GA 447 -5.24 36.90 -7.41
C PHE GA 447 -3.88 37.58 -7.45
N LEU GA 448 -3.70 38.51 -8.38
CA LEU GA 448 -2.43 39.21 -8.47
C LEU GA 448 -2.26 40.22 -7.37
N GLY GA 449 -3.35 40.84 -6.91
CA GLY GA 449 -3.21 41.83 -5.85
C GLY GA 449 -2.89 41.18 -4.53
N PHE GA 450 -3.47 40.02 -4.27
CA PHE GA 450 -3.15 39.29 -3.06
C PHE GA 450 -1.73 38.77 -3.10
N HIS GA 451 -1.35 38.15 -4.21
CA HIS GA 451 -0.05 37.51 -4.21
C HIS GA 451 1.06 38.40 -4.72
N SER GA 452 0.82 39.68 -4.92
CA SER GA 452 1.92 40.62 -5.06
C SER GA 452 1.91 41.68 -3.98
N PHE GA 453 0.80 42.38 -3.83
CA PHE GA 453 0.75 43.44 -2.84
C PHE GA 453 0.64 42.88 -1.44
N GLY GA 454 -0.13 41.80 -1.27
CA GLY GA 454 -0.20 41.15 0.03
C GLY GA 454 1.10 40.53 0.47
N LEU GA 455 2.02 40.26 -0.46
CA LEU GA 455 3.36 39.87 -0.09
C LEU GA 455 4.20 41.04 0.41
N TYR GA 456 3.72 42.27 0.27
CA TYR GA 456 4.38 43.39 0.91
C TYR GA 456 3.82 43.63 2.30
N ILE GA 457 2.52 43.42 2.45
CA ILE GA 457 1.88 43.59 3.75
C ILE GA 457 2.29 42.47 4.69
N HIS GA 458 2.52 41.27 4.15
CA HIS GA 458 3.24 40.27 4.91
C HIS GA 458 4.64 40.73 5.24
N ASN GA 459 5.33 41.31 4.27
CA ASN GA 459 6.69 41.76 4.51
C ASN GA 459 6.73 42.99 5.40
N ASP GA 460 5.67 43.80 5.41
CA ASP GA 460 5.62 44.93 6.34
C ASP GA 460 5.53 44.46 7.77
N THR GA 461 4.71 43.44 8.01
CA THR GA 461 4.41 43.05 9.38
C THR GA 461 5.57 42.29 10.01
N MET GA 462 6.22 41.40 9.26
CA MET GA 462 7.32 40.61 9.80
C MET GA 462 8.55 41.46 10.06
N ARG GA 463 8.65 42.61 9.42
CA ARG GA 463 9.69 43.55 9.84
C ARG GA 463 9.21 44.39 11.01
N ALA GA 464 7.92 44.71 11.06
CA ALA GA 464 7.40 45.47 12.19
C ALA GA 464 7.40 44.62 13.45
N LEU GA 465 7.04 43.35 13.33
CA LEU GA 465 7.09 42.43 14.46
C LEU GA 465 8.48 41.88 14.72
N GLY GA 466 9.50 42.36 14.02
CA GLY GA 466 10.85 41.90 14.25
C GLY GA 466 11.12 40.46 13.95
N ARG GA 467 10.48 39.92 12.91
CA ARG GA 467 10.65 38.52 12.51
C ARG GA 467 11.16 38.48 11.08
N PRO GA 468 12.43 38.82 10.84
CA PRO GA 468 12.94 38.84 9.47
C PRO GA 468 13.21 37.46 8.88
N GLN GA 469 13.03 36.40 9.66
CA GLN GA 469 13.04 35.04 9.17
C GLN GA 469 11.70 34.65 8.56
N ASP GA 470 10.69 35.49 8.73
CA ASP GA 470 9.35 35.22 8.27
C ASP GA 470 8.94 36.06 7.07
N MET GA 471 9.71 37.08 6.72
CA MET GA 471 9.37 37.94 5.60
C MET GA 471 9.81 37.27 4.31
N PHE GA 472 9.52 37.89 3.18
CA PHE GA 472 9.93 37.38 1.87
C PHE GA 472 11.11 38.23 1.41
N SER GA 473 12.30 37.66 1.51
CA SER GA 473 13.50 38.40 1.17
C SER GA 473 14.50 37.43 0.56
N ASP GA 474 15.73 37.89 0.40
CA ASP GA 474 16.82 37.02 -0.04
C ASP GA 474 17.40 36.18 1.08
N ALA GA 475 17.45 36.71 2.30
CA ALA GA 475 17.92 35.96 3.46
C ALA GA 475 16.77 35.36 4.24
N ALA GA 476 15.70 34.99 3.56
CA ALA GA 476 14.43 34.66 4.15
C ALA GA 476 13.75 33.66 3.21
N ILE GA 477 12.42 33.58 3.29
CA ILE GA 477 11.66 32.80 2.31
C ILE GA 477 11.85 33.43 0.95
N GLN GA 478 12.61 32.78 0.08
CA GLN GA 478 12.96 33.40 -1.19
C GLN GA 478 11.90 33.09 -2.22
N LEU GA 479 11.62 34.11 -3.04
CA LEU GA 479 10.73 33.99 -4.18
C LEU GA 479 11.60 34.28 -5.40
N GLN GA 480 12.26 33.26 -5.90
CA GLN GA 480 13.31 33.55 -6.87
C GLN GA 480 12.72 33.65 -8.27
N PRO GA 481 13.01 34.71 -8.99
CA PRO GA 481 12.59 34.80 -10.39
C PRO GA 481 13.46 33.94 -11.30
N VAL GA 482 13.11 32.65 -11.39
CA VAL GA 482 13.92 31.73 -12.15
C VAL GA 482 13.70 31.87 -13.66
N PHE GA 483 12.51 32.29 -14.09
CA PHE GA 483 12.31 32.52 -15.51
C PHE GA 483 13.01 33.77 -15.99
N ALA GA 484 13.02 34.83 -15.20
CA ALA GA 484 13.73 36.03 -15.60
C ALA GA 484 15.22 35.94 -15.34
N GLN GA 485 15.70 34.89 -14.69
CA GLN GA 485 17.13 34.68 -14.59
C GLN GA 485 17.63 33.69 -15.63
N TRP GA 486 16.76 32.82 -16.13
CA TRP GA 486 17.14 31.98 -17.24
C TRP GA 486 17.13 32.75 -18.56
N VAL GA 487 16.18 33.67 -18.70
CA VAL GA 487 16.14 34.54 -19.86
C VAL GA 487 17.28 35.53 -19.84
N GLN GA 488 17.60 36.06 -18.66
CA GLN GA 488 18.77 36.91 -18.54
C GLN GA 488 20.05 36.14 -18.73
N GLY GA 489 20.04 34.83 -18.50
CA GLY GA 489 21.20 34.03 -18.75
C GLY GA 489 21.40 33.74 -20.22
N VAL GA 490 20.35 33.28 -20.90
CA VAL GA 490 20.50 32.83 -22.28
C VAL GA 490 20.69 33.99 -23.23
N ASN GA 491 20.30 35.20 -22.85
CA ASN GA 491 20.55 36.35 -23.71
C ASN GA 491 21.95 36.91 -23.51
N SER GA 492 22.56 36.68 -22.36
CA SER GA 492 23.91 37.12 -22.05
C SER GA 492 24.98 36.16 -22.50
N ALA GA 493 24.61 34.95 -22.87
CA ALA GA 493 25.51 33.94 -23.40
C ALA GA 493 25.16 33.64 -24.84
N ALA GA 494 24.89 34.68 -25.63
CA ALA GA 494 24.52 34.50 -27.02
C ALA GA 494 25.54 35.05 -27.99
N ALA GA 495 26.40 35.97 -27.55
CA ALA GA 495 27.43 36.50 -28.43
C ALA GA 495 28.54 35.46 -28.57
N GLY GA 496 28.46 34.66 -29.61
CA GLY GA 496 29.44 33.62 -29.84
C GLY GA 496 28.87 32.23 -29.98
N ASN GA 497 27.72 31.98 -29.38
CA ASN GA 497 27.08 30.68 -29.54
C ASN GA 497 25.97 30.72 -30.59
N THR GA 498 25.02 31.61 -30.39
CA THR GA 498 23.92 31.76 -31.33
C THR GA 498 23.96 33.06 -32.10
N ALA GA 499 24.69 34.07 -31.62
CA ALA GA 499 25.01 35.27 -32.39
C ALA GA 499 26.53 35.33 -32.46
N PRO GA 500 27.15 34.60 -33.38
CA PRO GA 500 28.62 34.52 -33.39
C PRO GA 500 29.27 35.81 -33.87
N ASN GA 501 28.68 36.43 -34.88
CA ASN GA 501 29.27 37.61 -35.48
C ASN GA 501 29.12 38.85 -34.61
N ALA GA 502 28.31 38.78 -33.56
CA ALA GA 502 28.34 39.81 -32.54
C ALA GA 502 29.61 39.66 -31.71
N LEU GA 503 30.29 40.78 -31.47
CA LEU GA 503 31.50 40.75 -30.63
C LEU GA 503 31.15 40.59 -29.16
N ALA GA 504 30.42 41.54 -28.59
CA ALA GA 504 29.85 41.42 -27.26
C ALA GA 504 28.35 41.20 -27.42
N ASN GA 505 27.63 41.15 -26.30
CA ASN GA 505 26.23 40.78 -26.31
C ASN GA 505 25.35 41.91 -26.85
N ALA GA 506 24.05 41.67 -26.80
CA ALA GA 506 23.08 42.68 -27.19
C ALA GA 506 23.11 43.87 -26.26
N SER GA 507 23.30 43.62 -24.98
CA SER GA 507 23.49 44.68 -24.00
C SER GA 507 24.33 44.14 -22.87
N TYR GA 508 24.83 45.05 -22.04
CA TYR GA 508 25.43 44.68 -20.78
C TYR GA 508 24.42 44.65 -19.65
N ALA GA 509 23.13 44.66 -19.97
CA ALA GA 509 22.12 44.59 -18.93
C ALA GA 509 21.78 43.15 -18.58
N PHE GA 510 22.07 42.22 -19.48
CA PHE GA 510 21.81 40.82 -19.19
C PHE GA 510 22.98 40.19 -18.44
N GLY GA 511 24.19 40.42 -18.92
CA GLY GA 511 25.37 39.86 -18.30
C GLY GA 511 26.63 40.41 -18.91
N GLY GA 512 27.75 40.26 -18.22
CA GLY GA 512 29.01 40.71 -18.75
C GLY GA 512 29.65 41.71 -17.81
N ASP GA 513 30.73 42.30 -18.29
CA ASP GA 513 31.46 43.25 -17.46
C ASP GA 513 30.78 44.62 -17.48
N ILE GA 514 31.13 45.42 -16.53
CA ILE GA 514 30.64 46.79 -16.43
C ILE GA 514 31.41 47.64 -17.44
N VAL GA 515 30.91 48.82 -17.73
CA VAL GA 515 31.58 49.79 -18.60
C VAL GA 515 31.50 51.16 -17.96
N SER GA 516 32.57 51.92 -18.05
CA SER GA 516 32.66 53.25 -17.45
C SER GA 516 32.96 54.27 -18.52
N VAL GA 517 32.37 55.46 -18.39
CA VAL GA 517 32.73 56.62 -19.18
C VAL GA 517 32.95 57.77 -18.22
N GLY GA 518 34.15 58.34 -18.25
CA GLY GA 518 34.51 59.33 -17.25
C GLY GA 518 34.86 58.66 -15.95
N GLY GA 519 33.96 58.71 -14.98
CA GLY GA 519 34.12 57.96 -13.75
C GLY GA 519 32.81 57.32 -13.36
N LYS GA 520 31.85 57.37 -14.26
CA LYS GA 520 30.50 56.89 -14.02
C LYS GA 520 30.20 55.71 -14.91
N VAL GA 521 29.28 54.86 -14.45
CA VAL GA 521 29.03 53.61 -15.12
C VAL GA 521 28.02 53.82 -16.26
N ALA GA 522 28.38 53.36 -17.45
CA ALA GA 522 27.44 53.37 -18.56
C ALA GA 522 26.40 52.28 -18.41
N MET GA 523 26.83 51.04 -18.19
CA MET GA 523 25.89 49.95 -18.02
C MET GA 523 26.56 48.86 -17.22
N MET GA 524 25.73 48.15 -16.45
CA MET GA 524 26.17 46.96 -15.73
C MET GA 524 24.97 46.04 -15.63
N PRO GA 525 25.19 44.73 -15.45
CA PRO GA 525 24.06 43.77 -15.39
C PRO GA 525 23.13 44.03 -14.22
N ILE GA 526 21.91 44.44 -14.57
CA ILE GA 526 20.82 44.66 -13.63
C ILE GA 526 20.40 43.27 -13.14
N SER GA 527 20.54 43.01 -11.85
CA SER GA 527 20.27 41.69 -11.32
C SER GA 527 18.84 41.60 -10.80
N LEU GA 528 18.27 40.40 -10.85
CA LEU GA 528 16.88 40.18 -10.49
C LEU GA 528 16.76 39.14 -9.39
N GLY GA 529 16.52 39.61 -8.17
CA GLY GA 529 16.41 38.73 -7.02
C GLY GA 529 14.98 38.74 -6.51
N THR GA 530 14.84 38.43 -5.22
CA THR GA 530 13.51 38.33 -4.61
C THR GA 530 12.79 39.66 -4.59
N ALA GA 531 13.54 40.76 -4.49
CA ALA GA 531 12.93 42.07 -4.48
C ALA GA 531 12.54 42.51 -5.87
N ASP GA 532 13.13 41.91 -6.90
CA ASP GA 532 12.77 42.24 -8.26
C ASP GA 532 11.61 41.38 -8.76
N PHE GA 533 11.51 40.16 -8.28
CA PHE GA 533 10.32 39.35 -8.47
C PHE GA 533 9.11 40.02 -7.83
N LEU GA 534 9.31 40.65 -6.67
CA LEU GA 534 8.20 41.18 -5.91
C LEU GA 534 7.60 42.41 -6.57
N VAL GA 535 8.42 43.16 -7.29
CA VAL GA 535 7.91 44.38 -7.91
C VAL GA 535 7.38 44.09 -9.29
N HIS GA 536 7.94 43.11 -10.00
CA HIS GA 536 7.50 42.80 -11.35
C HIS GA 536 6.09 42.23 -11.38
N HIS GA 537 5.63 41.63 -10.29
CA HIS GA 537 4.24 41.20 -10.23
C HIS GA 537 3.29 42.32 -9.87
N ILE GA 538 3.76 43.38 -9.20
CA ILE GA 538 2.93 44.56 -9.01
C ILE GA 538 2.67 45.23 -10.34
N HIS GA 539 3.68 45.25 -11.21
CA HIS GA 539 3.47 45.74 -12.57
C HIS GA 539 2.48 44.88 -13.31
N ALA GA 540 2.59 43.57 -13.13
CA ALA GA 540 1.67 42.66 -13.77
C ALA GA 540 0.27 42.79 -13.18
N PHE GA 541 0.19 43.21 -11.93
CA PHE GA 541 -1.12 43.42 -11.31
C PHE GA 541 -1.78 44.67 -11.86
N THR GA 542 -1.09 45.80 -11.80
CA THR GA 542 -1.71 47.07 -12.16
C THR GA 542 -1.95 47.18 -13.66
N ILE GA 543 -1.25 46.41 -14.47
CA ILE GA 543 -1.52 46.41 -15.89
C ILE GA 543 -2.80 45.64 -16.17
N HIS GA 544 -3.00 44.54 -15.44
CA HIS GA 544 -4.19 43.72 -15.63
C HIS GA 544 -5.44 44.43 -15.14
N VAL GA 545 -5.33 45.30 -14.13
CA VAL GA 545 -6.49 46.06 -13.70
C VAL GA 545 -6.80 47.15 -14.72
N THR GA 546 -5.78 47.85 -15.21
CA THR GA 546 -5.94 48.85 -16.24
C THR GA 546 -6.48 48.24 -17.52
N VAL GA 547 -6.12 47.00 -17.81
CA VAL GA 547 -6.81 46.27 -18.86
C VAL GA 547 -8.27 46.06 -18.48
N LEU GA 548 -8.52 45.62 -17.25
CA LEU GA 548 -9.87 45.22 -16.82
C LEU GA 548 -10.85 46.38 -16.84
N ILE GA 549 -10.40 47.56 -16.43
CA ILE GA 549 -11.23 48.74 -16.56
C ILE GA 549 -11.45 49.08 -18.02
N LEU GA 550 -10.38 49.08 -18.81
CA LEU GA 550 -10.50 49.49 -20.20
C LEU GA 550 -11.19 48.43 -21.04
N LEU GA 551 -10.97 47.14 -20.75
CA LEU GA 551 -11.61 46.11 -21.54
C LEU GA 551 -13.10 46.05 -21.28
N LYS GA 552 -13.52 46.25 -20.03
CA LYS GA 552 -14.94 46.24 -19.72
C LYS GA 552 -15.65 47.42 -20.33
N GLY GA 553 -14.97 48.56 -20.47
CA GLY GA 553 -15.56 49.71 -21.12
C GLY GA 553 -15.82 49.48 -22.59
N VAL GA 554 -14.92 48.75 -23.27
CA VAL GA 554 -15.12 48.46 -24.68
C VAL GA 554 -16.21 47.42 -24.86
N LEU GA 555 -16.21 46.40 -24.01
CA LEU GA 555 -17.09 45.25 -24.26
C LEU GA 555 -18.54 45.57 -23.91
N PHE GA 556 -18.77 46.19 -22.75
CA PHE GA 556 -20.11 46.54 -22.33
C PHE GA 556 -20.54 47.92 -22.82
N ALA GA 557 -19.97 48.39 -23.94
CA ALA GA 557 -20.25 49.74 -24.38
C ALA GA 557 -21.62 49.84 -25.00
N ARG GA 558 -22.11 48.76 -25.57
CA ARG GA 558 -23.40 48.82 -26.22
C ARG GA 558 -24.55 48.48 -25.29
N ASN GA 559 -24.36 47.44 -24.47
CA ASN GA 559 -25.41 46.99 -23.56
C ASN GA 559 -24.73 46.24 -22.44
N SER GA 560 -25.54 45.77 -21.50
CA SER GA 560 -25.10 44.88 -20.44
C SER GA 560 -26.32 44.09 -19.99
N ARG GA 561 -26.21 43.43 -18.84
CA ARG GA 561 -27.44 42.96 -18.21
C ARG GA 561 -28.21 44.12 -17.61
N LEU GA 562 -27.51 45.14 -17.11
CA LEU GA 562 -28.16 46.22 -16.38
C LEU GA 562 -28.91 47.14 -17.32
N ILE GA 563 -28.23 47.73 -18.29
CA ILE GA 563 -28.91 48.55 -19.29
C ILE GA 563 -28.83 47.86 -20.64
N PRO GA 564 -29.95 47.64 -21.31
CA PRO GA 564 -29.92 47.03 -22.63
C PRO GA 564 -29.68 48.00 -23.77
N ASP GA 565 -29.78 49.31 -23.53
CA ASP GA 565 -29.56 50.30 -24.56
C ASP GA 565 -28.52 51.33 -24.13
N LYS GA 566 -27.38 50.86 -23.64
CA LYS GA 566 -26.27 51.78 -23.39
C LYS GA 566 -25.71 52.35 -24.68
N ALA GA 567 -25.89 51.63 -25.81
CA ALA GA 567 -25.51 52.15 -27.11
C ALA GA 567 -26.35 53.32 -27.57
N ASN GA 568 -27.59 53.44 -27.09
CA ASN GA 568 -28.41 54.57 -27.47
C ASN GA 568 -28.06 55.83 -26.70
N LEU GA 569 -27.58 55.70 -25.47
CA LEU GA 569 -27.31 56.86 -24.61
C LEU GA 569 -26.00 57.56 -24.95
N GLY GA 570 -25.21 57.02 -25.89
CA GLY GA 570 -24.00 57.66 -26.35
C GLY GA 570 -22.78 57.12 -25.65
N PHE GA 571 -21.62 57.58 -26.12
CA PHE GA 571 -20.36 57.19 -25.52
C PHE GA 571 -20.12 57.91 -24.21
N ARG GA 572 -20.56 59.14 -24.09
CA ARG GA 572 -20.18 60.02 -22.99
C ARG GA 572 -21.43 60.62 -22.37
N PHE GA 573 -22.08 59.85 -21.50
CA PHE GA 573 -23.26 60.28 -20.78
C PHE GA 573 -23.02 59.98 -19.31
N PRO GA 574 -23.40 60.88 -18.40
CA PRO GA 574 -22.83 60.81 -17.05
C PRO GA 574 -23.33 59.64 -16.21
N CYS GA 575 -24.62 59.34 -16.28
CA CYS GA 575 -25.21 58.22 -15.56
C CYS GA 575 -26.57 57.95 -16.17
N ASP GA 576 -27.21 56.91 -15.69
CA ASP GA 576 -28.61 56.65 -16.02
C ASP GA 576 -29.49 56.97 -14.83
N GLY GA 577 -28.97 57.76 -13.89
CA GLY GA 577 -29.71 58.15 -12.72
C GLY GA 577 -29.50 57.18 -11.59
N PRO GA 578 -30.19 57.42 -10.47
CA PRO GA 578 -30.06 56.55 -9.31
C PRO GA 578 -30.91 55.30 -9.37
N GLY GA 579 -31.46 54.96 -10.52
CA GLY GA 579 -32.23 53.75 -10.67
C GLY GA 579 -31.39 52.50 -10.55
N ARG GA 580 -32.09 51.39 -10.29
CA ARG GA 580 -31.51 50.05 -10.08
C ARG GA 580 -30.49 50.06 -8.93
N GLY GA 581 -30.75 50.89 -7.93
CA GLY GA 581 -29.81 51.09 -6.85
C GLY GA 581 -28.86 52.24 -7.13
N GLY GA 582 -28.72 52.59 -8.40
CA GLY GA 582 -27.78 53.61 -8.80
C GLY GA 582 -26.99 53.19 -10.02
N THR GA 583 -26.90 54.07 -11.01
CA THR GA 583 -26.16 53.76 -12.22
C THR GA 583 -25.17 54.86 -12.53
N CYS GA 584 -24.56 55.40 -11.50
CA CYS GA 584 -23.56 56.44 -11.67
C CYS GA 584 -22.28 55.82 -12.21
N GLN GA 585 -21.75 56.40 -13.28
CA GLN GA 585 -20.63 55.88 -14.09
C GLN GA 585 -20.95 54.50 -14.68
N VAL GA 586 -21.92 54.46 -15.59
CA VAL GA 586 -22.09 53.28 -16.42
C VAL GA 586 -21.50 53.44 -17.81
N SER GA 587 -21.09 54.65 -18.18
CA SER GA 587 -20.74 54.86 -19.56
C SER GA 587 -19.31 54.40 -19.84
N ALA GA 588 -19.03 54.23 -21.13
CA ALA GA 588 -17.69 53.88 -21.55
C ALA GA 588 -16.69 54.98 -21.27
N TRP GA 589 -17.12 56.24 -21.34
CA TRP GA 589 -16.23 57.35 -21.04
C TRP GA 589 -15.80 57.34 -19.58
N ASP GA 590 -16.67 56.87 -18.69
CA ASP GA 590 -16.28 56.82 -17.29
C ASP GA 590 -15.29 55.70 -17.03
N HIS GA 591 -15.31 54.66 -17.85
CA HIS GA 591 -14.28 53.63 -17.78
C HIS GA 591 -12.93 54.18 -18.21
N VAL GA 592 -12.90 54.99 -19.27
CA VAL GA 592 -11.66 55.66 -19.65
C VAL GA 592 -11.26 56.67 -18.60
N PHE GA 593 -12.25 57.32 -17.98
CA PHE GA 593 -11.98 58.19 -16.85
C PHE GA 593 -11.42 57.43 -15.67
N LEU GA 594 -11.93 56.22 -15.43
CA LEU GA 594 -11.45 55.43 -14.30
C LEU GA 594 -10.07 54.84 -14.57
N GLY GA 595 -9.84 54.35 -15.78
CA GLY GA 595 -8.56 53.77 -16.12
C GLY GA 595 -7.41 54.76 -16.15
N LEU GA 596 -7.71 56.06 -16.21
CA LEU GA 596 -6.67 57.06 -16.24
C LEU GA 596 -5.89 57.13 -14.94
N PHE GA 597 -6.57 56.98 -13.79
CA PHE GA 597 -5.85 56.95 -12.53
C PHE GA 597 -5.09 55.64 -12.36
N TRP GA 598 -5.66 54.55 -12.88
CA TRP GA 598 -4.99 53.28 -12.76
C TRP GA 598 -3.77 53.23 -13.64
N MET GA 599 -3.84 53.82 -14.82
CA MET GA 599 -2.66 54.06 -15.62
C MET GA 599 -1.71 55.03 -14.92
N TYR GA 600 -2.26 55.99 -14.17
CA TYR GA 600 -1.40 56.79 -13.32
C TYR GA 600 -0.77 55.93 -12.25
N ASN GA 601 -1.52 54.98 -11.72
CA ASN GA 601 -0.97 54.08 -10.71
C ASN GA 601 -0.05 53.04 -11.34
N SER GA 602 -0.40 52.54 -12.53
CA SER GA 602 0.41 51.53 -13.21
C SER GA 602 1.79 52.06 -13.54
N LEU GA 603 1.85 53.28 -14.07
CA LEU GA 603 3.12 53.75 -14.56
C LEU GA 603 3.98 54.34 -13.46
N SER GA 604 3.38 54.99 -12.47
CA SER GA 604 4.17 55.67 -11.45
C SER GA 604 4.93 54.69 -10.56
N VAL GA 605 4.45 53.45 -10.46
CA VAL GA 605 5.22 52.42 -9.78
C VAL GA 605 6.26 51.80 -10.70
N VAL GA 606 6.04 51.85 -12.02
CA VAL GA 606 7.07 51.42 -12.96
C VAL GA 606 8.26 52.35 -12.91
N LEU GA 607 8.00 53.65 -12.83
CA LEU GA 607 9.06 54.62 -12.66
C LEU GA 607 9.72 54.51 -11.30
N PHE GA 608 8.93 54.20 -10.28
CA PHE GA 608 9.48 54.04 -8.95
C PHE GA 608 10.30 52.77 -8.86
N HIS GA 609 9.93 51.74 -9.64
CA HIS GA 609 10.80 50.59 -9.78
C HIS GA 609 12.09 50.97 -10.51
N PHE GA 610 11.96 51.68 -11.62
CA PHE GA 610 13.12 51.93 -12.48
C PHE GA 610 14.08 52.92 -11.83
N SER GA 611 13.58 54.06 -11.37
CA SER GA 611 14.46 55.11 -10.88
C SER GA 611 15.13 54.76 -9.57
N TRP GA 612 14.59 53.80 -8.83
CA TRP GA 612 15.25 53.34 -7.62
C TRP GA 612 16.19 52.18 -7.87
N LYS GA 613 15.88 51.29 -8.81
CA LYS GA 613 16.74 50.15 -9.11
C LYS GA 613 18.04 50.61 -9.74
N MET GA 614 18.00 51.67 -10.54
CA MET GA 614 19.22 52.13 -11.18
C MET GA 614 20.14 52.83 -10.19
N GLN GA 615 19.58 53.65 -9.30
CA GLN GA 615 20.41 54.40 -8.36
C GLN GA 615 21.08 53.52 -7.33
N SER GA 616 20.45 52.42 -6.94
CA SER GA 616 21.02 51.61 -5.88
C SER GA 616 21.87 50.48 -6.43
N ASP GA 617 21.54 49.96 -7.60
CA ASP GA 617 22.21 48.78 -8.12
C ASP GA 617 23.04 49.02 -9.36
N VAL GA 618 22.63 49.95 -10.22
CA VAL GA 618 23.19 50.05 -11.56
C VAL GA 618 24.03 51.30 -11.73
N TRP GA 619 23.42 52.48 -11.63
CA TRP GA 619 24.17 53.72 -11.72
C TRP GA 619 25.05 53.91 -10.49
N GLY GA 620 26.06 54.75 -10.65
CA GLY GA 620 26.94 55.05 -9.54
C GLY GA 620 28.33 55.39 -10.04
N ASN GA 621 29.20 55.67 -9.08
CA ASN GA 621 30.57 56.03 -9.39
C ASN GA 621 31.49 54.84 -9.19
N VAL GA 622 32.31 54.58 -10.20
CA VAL GA 622 33.22 53.44 -10.20
C VAL GA 622 34.59 53.96 -9.77
N THR GA 623 35.28 53.18 -8.96
CA THR GA 623 36.64 53.50 -8.58
C THR GA 623 37.57 53.33 -9.78
N ALA GA 624 38.75 53.93 -9.68
CA ALA GA 624 39.84 53.56 -10.59
C ALA GA 624 40.51 52.26 -10.16
N ASP GA 625 40.10 51.69 -9.03
CA ASP GA 625 40.49 50.33 -8.68
C ASP GA 625 39.70 49.29 -9.46
N GLY GA 626 38.39 49.50 -9.65
CA GLY GA 626 37.58 48.62 -10.46
C GLY GA 626 36.19 48.32 -9.95
N ALA GA 627 35.89 48.62 -8.69
CA ALA GA 627 34.57 48.34 -8.15
C ALA GA 627 33.68 49.58 -8.22
N VAL GA 628 32.38 49.36 -8.08
CA VAL GA 628 31.39 50.43 -8.19
C VAL GA 628 30.73 50.65 -6.84
N SER GA 629 30.73 51.89 -6.38
CA SER GA 629 29.90 52.33 -5.26
C SER GA 629 28.72 53.06 -5.87
N HIS GA 630 27.53 52.51 -5.68
CA HIS GA 630 26.35 53.06 -6.32
C HIS GA 630 25.82 54.25 -5.53
N ILE GA 631 24.72 54.82 -5.98
CA ILE GA 631 24.27 56.09 -5.41
C ILE GA 631 23.52 55.85 -4.10
N THR GA 632 22.40 55.13 -4.16
CA THR GA 632 21.65 54.88 -2.94
C THR GA 632 22.06 53.56 -2.29
N GLY GA 633 23.13 52.93 -2.79
CA GLY GA 633 23.90 51.99 -2.01
C GLY GA 633 23.34 50.61 -1.79
N ASN GA 634 22.86 49.97 -2.86
CA ASN GA 634 22.39 48.59 -2.88
C ASN GA 634 21.28 48.30 -1.87
N ASN GA 635 20.49 49.31 -1.55
CA ASN GA 635 19.41 49.17 -0.59
C ASN GA 635 18.18 48.48 -1.17
N PHE GA 636 18.13 48.29 -2.49
CA PHE GA 636 16.97 47.68 -3.14
C PHE GA 636 16.84 46.20 -2.82
N ALA GA 637 17.88 45.57 -2.29
CA ALA GA 637 17.75 44.16 -1.94
C ALA GA 637 16.91 44.00 -0.68
N GLN GA 638 17.38 44.50 0.45
CA GLN GA 638 16.71 44.26 1.71
C GLN GA 638 15.86 45.43 2.16
N GLY GA 639 15.76 46.48 1.37
CA GLY GA 639 14.94 47.60 1.76
C GLY GA 639 13.67 47.70 0.93
N ALA GA 640 13.74 47.28 -0.32
CA ALA GA 640 12.62 47.45 -1.24
C ALA GA 640 11.53 46.41 -1.08
N ILE GA 641 11.67 45.47 -0.15
CA ILE GA 641 10.66 44.43 0.01
C ILE GA 641 9.49 44.84 0.87
N THR GA 642 9.58 45.96 1.58
CA THR GA 642 8.51 46.45 2.43
C THR GA 642 8.11 47.85 2.00
N ILE GA 643 6.93 48.29 2.44
CA ILE GA 643 6.47 49.62 2.11
C ILE GA 643 7.24 50.67 2.88
N ASN GA 644 7.61 50.37 4.13
CA ASN GA 644 8.36 51.33 4.93
C ASN GA 644 9.74 51.57 4.35
N GLY GA 645 10.36 50.53 3.80
CA GLY GA 645 11.57 50.73 3.04
C GLY GA 645 11.33 51.48 1.75
N TRP GA 646 10.18 51.25 1.12
CA TRP GA 646 9.79 52.04 -0.04
C TRP GA 646 9.46 53.47 0.31
N LEU GA 647 8.99 53.71 1.52
CA LEU GA 647 8.66 55.06 1.95
C LEU GA 647 9.87 55.80 2.48
N ARG GA 648 10.60 55.19 3.40
CA ARG GA 648 11.80 55.80 3.94
C ARG GA 648 12.88 55.91 2.88
N ASP GA 649 13.36 54.77 2.40
CA ASP GA 649 14.63 54.72 1.71
C ASP GA 649 14.51 55.10 0.26
N PHE GA 650 13.30 55.29 -0.24
CA PHE GA 650 13.10 55.80 -1.58
C PHE GA 650 12.39 57.15 -1.58
N LEU GA 651 11.21 57.23 -1.00
CA LEU GA 651 10.44 58.45 -1.15
C LEU GA 651 10.91 59.55 -0.21
N TRP GA 652 11.04 59.24 1.07
CA TRP GA 652 11.48 60.22 2.04
C TRP GA 652 12.93 60.61 1.83
N ALA GA 653 13.80 59.64 1.58
CA ALA GA 653 15.23 59.90 1.51
C ALA GA 653 15.62 60.63 0.24
N GLN GA 654 15.10 60.22 -0.90
CA GLN GA 654 15.55 60.80 -2.16
C GLN GA 654 14.82 62.09 -2.51
N ALA GA 655 13.85 62.50 -1.71
CA ALA GA 655 13.25 63.81 -1.85
C ALA GA 655 13.92 64.85 -0.97
N SER GA 656 15.04 64.49 -0.36
CA SER GA 656 15.79 65.43 0.47
C SER GA 656 16.42 66.54 -0.33
N GLN GA 657 16.61 66.36 -1.64
CA GLN GA 657 17.20 67.37 -2.48
C GLN GA 657 16.17 68.23 -3.20
N VAL GA 658 14.90 67.81 -3.27
CA VAL GA 658 13.92 68.62 -3.95
C VAL GA 658 13.31 69.67 -3.02
N ILE GA 659 13.17 69.37 -1.73
CA ILE GA 659 12.68 70.37 -0.80
C ILE GA 659 13.79 71.21 -0.19
N GLN GA 660 15.04 70.77 -0.30
CA GLN GA 660 16.19 71.62 -0.01
C GLN GA 660 16.69 72.34 -1.26
N SER GA 661 15.83 72.56 -2.24
CA SER GA 661 16.24 73.20 -3.48
C SER GA 661 16.21 74.70 -3.40
N TYR GA 662 15.75 75.27 -2.29
CA TYR GA 662 15.57 76.71 -2.19
C TYR GA 662 16.92 77.43 -2.14
N GLY GA 663 17.01 78.57 -2.81
CA GLY GA 663 18.25 79.31 -2.88
C GLY GA 663 19.24 78.81 -3.90
N SER GA 664 18.97 77.69 -4.57
CA SER GA 664 19.86 77.18 -5.60
C SER GA 664 19.22 77.32 -6.97
N ALA GA 665 19.88 76.79 -8.01
CA ALA GA 665 19.32 76.83 -9.35
C ALA GA 665 18.28 75.73 -9.55
N LEU GA 666 18.05 74.90 -8.55
CA LEU GA 666 16.98 73.91 -8.56
C LEU GA 666 15.70 74.45 -7.93
N SER GA 667 15.68 75.75 -7.58
CA SER GA 667 14.60 76.25 -6.74
C SER GA 667 13.29 76.38 -7.48
N ALA GA 668 13.33 76.32 -8.82
CA ALA GA 668 12.09 76.22 -9.56
C ALA GA 668 11.48 74.84 -9.45
N TYR GA 669 12.31 73.81 -9.22
CA TYR GA 669 11.77 72.47 -9.08
C TYR GA 669 11.05 72.30 -7.75
N GLY GA 670 11.59 72.89 -6.69
CA GLY GA 670 10.96 72.80 -5.38
C GLY GA 670 9.63 73.52 -5.32
N LEU GA 671 9.47 74.58 -6.11
CA LEU GA 671 8.17 75.25 -6.20
C LEU GA 671 7.16 74.36 -6.89
N MET GA 672 7.56 73.71 -7.97
CA MET GA 672 6.68 72.80 -8.68
C MET GA 672 6.35 71.56 -7.88
N PHE GA 673 7.31 71.06 -7.09
CA PHE GA 673 7.06 69.92 -6.20
C PHE GA 673 6.06 70.27 -5.13
N LEU GA 674 5.98 71.55 -4.77
CA LEU GA 674 4.84 72.03 -3.99
C LEU GA 674 3.69 72.42 -4.90
N GLY GA 675 3.99 72.96 -6.08
CA GLY GA 675 2.94 73.42 -6.97
C GLY GA 675 2.12 72.30 -7.55
N ALA GA 676 2.70 71.13 -7.70
CA ALA GA 676 1.92 70.00 -8.15
C ALA GA 676 1.21 69.30 -7.00
N HIS GA 677 1.73 69.43 -5.78
CA HIS GA 677 0.99 69.02 -4.61
C HIS GA 677 -0.27 69.85 -4.44
N PHE GA 678 -0.27 71.08 -4.93
CA PHE GA 678 -1.45 71.94 -4.81
C PHE GA 678 -2.55 71.52 -5.77
N ILE GA 679 -2.21 71.34 -7.05
CA ILE GA 679 -3.21 71.03 -8.06
C ILE GA 679 -3.81 69.67 -7.83
N TRP GA 680 -3.00 68.73 -7.34
CA TRP GA 680 -3.49 67.39 -7.04
C TRP GA 680 -4.53 67.43 -5.93
N ALA GA 681 -4.32 68.31 -4.96
CA ALA GA 681 -5.34 68.51 -3.94
C ALA GA 681 -6.58 69.17 -4.51
N PHE GA 682 -6.40 70.08 -5.47
CA PHE GA 682 -7.53 70.76 -6.10
C PHE GA 682 -8.42 69.82 -6.89
N SER GA 683 -7.84 68.75 -7.43
CA SER GA 683 -8.61 67.79 -8.20
C SER GA 683 -9.52 66.95 -7.33
N LEU GA 684 -9.14 66.76 -6.07
CA LEU GA 684 -9.97 66.02 -5.13
C LEU GA 684 -11.30 66.70 -4.88
N MET GA 685 -11.34 68.02 -5.02
CA MET GA 685 -12.58 68.77 -4.88
C MET GA 685 -13.60 68.39 -5.93
N PHE GA 686 -13.14 68.00 -7.12
CA PHE GA 686 -14.07 67.70 -8.20
C PHE GA 686 -14.49 66.25 -8.24
N LEU GA 687 -13.58 65.35 -7.89
CA LEU GA 687 -13.93 63.93 -7.87
C LEU GA 687 -14.81 63.59 -6.69
N PHE GA 688 -14.59 64.24 -5.55
CA PHE GA 688 -15.34 63.88 -4.35
C PHE GA 688 -16.68 64.57 -4.27
N SER GA 689 -16.91 65.59 -5.09
CA SER GA 689 -18.16 66.34 -5.07
C SER GA 689 -19.01 65.96 -6.27
N GLY GA 690 -20.20 66.59 -6.34
CA GLY GA 690 -21.11 66.36 -7.44
C GLY GA 690 -21.66 67.67 -7.97
N ARG GA 691 -22.56 67.54 -8.93
CA ARG GA 691 -23.08 68.73 -9.60
C ARG GA 691 -24.11 69.46 -8.75
N GLY GA 692 -25.12 68.74 -8.25
CA GLY GA 692 -26.27 69.34 -7.58
C GLY GA 692 -25.97 70.03 -6.26
N TYR GA 693 -24.74 69.97 -5.77
CA TYR GA 693 -24.31 70.93 -4.76
C TYR GA 693 -23.89 72.23 -5.40
N TRP GA 694 -22.93 72.17 -6.32
CA TRP GA 694 -22.33 73.38 -6.87
C TRP GA 694 -23.27 74.14 -7.79
N GLN GA 695 -24.34 73.52 -8.28
CA GLN GA 695 -25.33 74.29 -9.01
C GLN GA 695 -26.07 75.25 -8.09
N GLU GA 696 -26.51 74.76 -6.93
CA GLU GA 696 -27.31 75.59 -6.04
C GLU GA 696 -26.50 76.65 -5.30
N LEU GA 697 -25.17 76.62 -5.40
CA LEU GA 697 -24.39 77.76 -4.94
C LEU GA 697 -24.32 78.84 -5.99
N ILE GA 698 -24.60 78.52 -7.24
CA ILE GA 698 -24.75 79.58 -8.24
C ILE GA 698 -26.05 80.32 -8.00
N GLU GA 699 -27.09 79.61 -7.55
CA GLU GA 699 -28.42 80.21 -7.40
C GLU GA 699 -28.44 81.29 -6.33
N SER GA 700 -27.68 81.10 -5.25
CA SER GA 700 -27.50 82.18 -4.30
C SER GA 700 -26.58 83.26 -4.83
N ILE GA 701 -25.65 82.92 -5.71
CA ILE GA 701 -24.68 83.91 -6.18
C ILE GA 701 -25.19 84.67 -7.40
N VAL GA 702 -25.90 84.02 -8.31
CA VAL GA 702 -26.57 84.75 -9.39
C VAL GA 702 -27.75 85.53 -8.87
N TRP GA 703 -28.26 85.19 -7.68
CA TRP GA 703 -29.15 86.11 -6.96
C TRP GA 703 -28.42 87.40 -6.65
N ALA GA 704 -27.19 87.30 -6.17
CA ALA GA 704 -26.45 88.48 -5.75
C ALA GA 704 -25.97 89.32 -6.93
N HIS GA 705 -25.76 88.72 -8.09
CA HIS GA 705 -25.37 89.49 -9.26
C HIS GA 705 -26.58 90.06 -9.98
N ASN GA 706 -27.75 89.46 -9.77
CA ASN GA 706 -29.01 90.11 -10.12
C ASN GA 706 -29.37 91.21 -9.13
N LYS GA 707 -28.88 91.10 -7.90
CA LYS GA 707 -29.23 92.04 -6.83
C LYS GA 707 -28.72 93.44 -7.13
N LEU GA 708 -27.56 93.56 -7.76
CA LEU GA 708 -27.00 94.86 -8.07
C LEU GA 708 -27.12 95.22 -9.54
N LYS GA 709 -28.06 94.60 -10.26
CA LYS GA 709 -28.54 95.06 -11.58
C LYS GA 709 -27.46 95.03 -12.66
N PHE GA 710 -26.64 93.98 -12.67
CA PHE GA 710 -25.60 93.85 -13.68
C PHE GA 710 -25.49 92.41 -14.18
N ALA GA 711 -26.56 91.62 -14.01
CA ALA GA 711 -26.51 90.18 -14.18
C ALA GA 711 -26.21 89.78 -15.63
N PRO GA 712 -25.42 88.73 -15.83
CA PRO GA 712 -25.11 88.31 -17.20
C PRO GA 712 -26.30 87.66 -17.86
N SER GA 713 -26.54 88.04 -19.12
CA SER GA 713 -27.61 87.47 -19.92
C SER GA 713 -27.38 86.00 -20.19
N ILE GA 714 -26.13 85.61 -20.43
CA ILE GA 714 -25.79 84.19 -20.32
C ILE GA 714 -25.86 83.84 -18.85
N GLN GA 715 -26.89 83.09 -18.49
CA GLN GA 715 -27.05 82.72 -17.08
C GLN GA 715 -26.06 81.62 -16.74
N PRO GA 716 -25.41 81.68 -15.59
CA PRO GA 716 -24.44 80.63 -15.23
C PRO GA 716 -25.17 79.38 -14.77
N ARG GA 717 -24.55 78.24 -15.04
CA ARG GA 717 -24.99 76.94 -14.57
C ARG GA 717 -23.78 76.22 -13.99
N ALA GA 718 -24.01 75.04 -13.44
CA ALA GA 718 -22.89 74.24 -12.99
C ALA GA 718 -22.18 73.61 -14.19
N LEU GA 719 -20.99 73.07 -13.93
CA LEU GA 719 -20.38 72.21 -14.94
C LEU GA 719 -21.18 70.93 -15.05
N SER GA 720 -21.14 70.33 -16.25
CA SER GA 720 -21.72 69.01 -16.42
C SER GA 720 -20.93 67.99 -15.60
N ILE GA 721 -21.59 66.87 -15.32
CA ILE GA 721 -21.05 65.87 -14.40
C ILE GA 721 -19.79 65.25 -14.97
N THR GA 722 -19.82 64.94 -16.27
CA THR GA 722 -18.64 64.46 -16.96
C THR GA 722 -17.55 65.50 -17.00
N GLN GA 723 -17.90 66.78 -17.18
CA GLN GA 723 -16.87 67.81 -17.12
C GLN GA 723 -16.38 68.01 -15.70
N GLY GA 724 -17.25 67.79 -14.71
CA GLY GA 724 -16.79 67.70 -13.34
C GLY GA 724 -15.90 66.49 -13.14
N ARG GA 725 -16.22 65.39 -13.82
CA ARG GA 725 -15.33 64.24 -13.77
C ARG GA 725 -14.04 64.51 -14.55
N ALA GA 726 -14.15 65.13 -15.73
CA ALA GA 726 -12.98 65.28 -16.58
C ALA GA 726 -11.99 66.29 -16.01
N VAL GA 727 -12.48 67.32 -15.33
CA VAL GA 727 -11.56 68.27 -14.73
C VAL GA 727 -10.98 67.70 -13.45
N GLY GA 728 -11.65 66.70 -12.87
CA GLY GA 728 -11.14 66.08 -11.67
C GLY GA 728 -9.99 65.14 -11.96
N VAL GA 729 -10.00 64.51 -13.14
CA VAL GA 729 -8.90 63.65 -13.51
C VAL GA 729 -7.78 64.45 -14.18
N ALA GA 730 -8.12 65.51 -14.91
CA ALA GA 730 -7.11 66.28 -15.62
C ALA GA 730 -6.24 67.08 -14.66
N HIS GA 731 -6.80 67.49 -13.52
CA HIS GA 731 -5.98 68.12 -12.51
C HIS GA 731 -5.32 67.09 -11.61
N TYR GA 732 -5.85 65.87 -11.54
CA TYR GA 732 -5.23 64.80 -10.76
C TYR GA 732 -3.92 64.37 -11.39
N LEU GA 733 -3.94 64.12 -12.70
CA LEU GA 733 -2.75 63.72 -13.41
C LEU GA 733 -1.74 64.86 -13.45
N LEU GA 734 -2.20 66.08 -13.69
CA LEU GA 734 -1.31 67.23 -13.69
C LEU GA 734 -0.73 67.47 -12.31
N GLY GA 735 -1.50 67.19 -11.27
CA GLY GA 735 -0.94 67.28 -9.95
C GLY GA 735 -0.07 66.11 -9.58
N GLY GA 736 -0.26 64.97 -10.22
CA GLY GA 736 0.48 63.79 -9.80
C GLY GA 736 1.74 63.55 -10.59
N ILE GA 737 1.67 63.76 -11.91
CA ILE GA 737 2.83 63.54 -12.75
C ILE GA 737 3.84 64.65 -12.57
N ALA GA 738 3.38 65.91 -12.50
CA ALA GA 738 4.29 67.03 -12.30
C ALA GA 738 4.90 67.04 -10.91
N THR GA 739 4.35 66.28 -9.98
CA THR GA 739 5.08 66.02 -8.75
C THR GA 739 6.25 65.10 -9.01
N THR GA 740 5.98 64.00 -9.74
CA THR GA 740 7.01 63.05 -10.13
C THR GA 740 7.99 63.68 -11.11
N TRP GA 741 7.50 64.59 -11.95
CA TRP GA 741 8.38 65.33 -12.84
C TRP GA 741 9.36 66.19 -12.06
N SER GA 742 8.89 66.79 -10.97
CA SER GA 742 9.75 67.65 -10.17
C SER GA 742 10.63 66.84 -9.24
N PHE GA 743 10.13 65.70 -8.77
CA PHE GA 743 10.92 64.84 -7.89
C PHE GA 743 12.06 64.20 -8.65
N PHE GA 744 11.77 63.70 -9.86
CA PHE GA 744 12.80 62.98 -10.61
C PHE GA 744 13.88 63.93 -11.12
N HIS GA 745 13.49 65.17 -11.41
CA HIS GA 745 14.45 66.18 -11.81
C HIS GA 745 15.38 66.55 -10.67
N ALA GA 746 14.84 67.07 -9.59
CA ALA GA 746 15.67 67.59 -8.51
C ALA GA 746 16.27 66.50 -7.65
N ARG GA 747 16.01 65.23 -7.95
CA ARG GA 747 16.84 64.16 -7.39
C ARG GA 747 18.09 63.95 -8.25
N ILE GA 748 17.90 63.62 -9.52
CA ILE GA 748 19.01 63.13 -10.33
C ILE GA 748 19.89 64.25 -10.88
N ILE GA 749 19.45 65.50 -10.81
CA ILE GA 749 20.36 66.59 -11.16
C ILE GA 749 21.37 66.79 -10.04
N SER GA 750 20.95 66.56 -8.79
CA SER GA 750 21.86 66.69 -7.66
C SER GA 750 22.84 65.52 -7.55
N VAL GA 751 22.33 64.30 -7.46
CA VAL GA 751 23.19 63.13 -7.28
C VAL GA 751 23.66 62.53 -8.60
N GLY GA 752 23.46 63.22 -9.72
CA GLY GA 752 23.94 62.72 -11.00
C GLY GA 752 24.10 63.84 -12.00
N GLY HA 2 -40.80 40.10 4.35
CA GLY HA 2 -40.05 38.91 3.97
C GLY HA 2 -39.25 38.31 5.11
N THR HA 3 -38.06 38.84 5.34
CA THR HA 3 -37.18 38.30 6.38
C THR HA 3 -37.40 39.07 7.68
N LYS HA 4 -36.93 38.47 8.78
CA LYS HA 4 -37.05 39.15 10.06
C LYS HA 4 -36.05 40.30 10.22
N PHE HA 5 -34.89 40.21 9.60
CA PHE HA 5 -33.94 41.30 9.74
C PHE HA 5 -34.00 42.26 8.57
N PRO HA 6 -34.04 43.58 8.78
CA PRO HA 6 -34.08 44.26 10.08
C PRO HA 6 -35.51 44.42 10.59
N LYS HA 7 -35.74 44.23 11.89
CA LYS HA 7 -37.09 44.39 12.44
C LYS HA 7 -37.58 45.83 12.26
N ALA HA 8 -36.66 46.80 12.40
CA ALA HA 8 -37.02 48.22 12.45
C ALA HA 8 -37.25 48.84 11.08
N SER HA 9 -37.44 48.04 10.03
CA SER HA 9 -37.97 48.50 8.75
C SER HA 9 -38.52 47.31 7.99
N GLN HA 10 -39.86 47.24 7.86
CA GLN HA 10 -40.48 46.14 7.14
C GLN HA 10 -40.18 46.19 5.65
N ALA HA 11 -39.98 47.40 5.09
CA ALA HA 11 -39.70 47.51 3.66
C ALA HA 11 -38.26 47.13 3.35
N LEU HA 12 -37.34 47.38 4.29
CA LEU HA 12 -35.98 46.89 4.13
C LEU HA 12 -35.91 45.39 4.32
N ALA HA 13 -36.62 44.87 5.33
CA ALA HA 13 -36.64 43.45 5.65
C ALA HA 13 -37.14 42.54 4.52
N GLN HA 14 -37.80 43.07 3.49
CA GLN HA 14 -38.28 42.24 2.40
C GLN HA 14 -37.36 42.29 1.19
N ASP HA 15 -36.34 43.13 1.24
CA ASP HA 15 -35.36 43.27 0.18
C ASP HA 15 -34.47 42.03 0.15
N PRO HA 16 -34.43 41.29 -0.96
CA PRO HA 16 -33.62 40.07 -1.02
C PRO HA 16 -32.14 40.30 -1.27
N THR HA 17 -31.66 41.54 -1.34
CA THR HA 17 -30.26 41.73 -1.67
C THR HA 17 -29.42 42.04 -0.44
N THR HA 18 -28.12 42.17 -0.68
CA THR HA 18 -27.15 42.51 0.36
C THR HA 18 -27.36 43.91 0.91
N ARG HA 19 -28.00 44.79 0.15
CA ARG HA 19 -28.34 46.15 0.59
C ARG HA 19 -29.10 46.13 1.91
N ARG HA 20 -29.93 45.09 2.11
CA ARG HA 20 -30.74 44.89 3.31
C ARG HA 20 -29.89 44.97 4.56
N ILE HA 21 -28.79 44.23 4.59
CA ILE HA 21 -27.92 44.19 5.75
C ILE HA 21 -27.33 45.57 6.02
N TRP HA 22 -26.75 46.18 4.98
CA TRP HA 22 -26.19 47.53 5.07
C TRP HA 22 -27.21 48.55 5.56
N TYR HA 23 -28.33 48.65 4.86
CA TYR HA 23 -29.40 49.57 5.27
C TYR HA 23 -30.02 49.17 6.59
N GLY HA 24 -30.00 47.88 6.93
CA GLY HA 24 -30.41 47.45 8.25
C GLY HA 24 -29.48 47.90 9.36
N ILE HA 25 -28.23 48.19 9.02
CA ILE HA 25 -27.33 48.81 9.97
C ILE HA 25 -27.69 50.28 10.18
N ALA HA 26 -28.00 50.99 9.09
CA ALA HA 26 -28.34 52.40 9.18
C ALA HA 26 -29.66 52.65 9.90
N THR HA 27 -30.72 51.97 9.49
CA THR HA 27 -32.07 52.33 9.89
C THR HA 27 -32.56 51.52 11.08
N ALA HA 28 -31.68 51.24 12.03
CA ALA HA 28 -32.09 50.66 13.31
C ALA HA 28 -31.99 51.69 14.43
N ASN HA 29 -30.83 52.32 14.58
CA ASN HA 29 -30.67 53.40 15.55
C ASN HA 29 -31.15 54.75 15.01
N ASP HA 30 -31.91 54.75 13.92
CA ASP HA 30 -32.73 55.88 13.49
C ASP HA 30 -34.19 55.61 13.91
N PHE HA 31 -34.38 55.54 15.24
CA PHE HA 31 -35.64 55.26 15.94
C PHE HA 31 -36.85 56.02 15.40
N GLU HA 32 -36.63 57.28 15.03
CA GLU HA 32 -37.67 58.14 14.51
C GLU HA 32 -38.32 57.55 13.27
N THR HA 33 -37.52 56.90 12.44
CA THR HA 33 -37.95 56.20 11.25
C THR HA 33 -37.95 54.69 11.45
N ASN HA 34 -38.38 54.22 12.60
CA ASN HA 34 -38.71 52.81 12.74
C ASN HA 34 -40.11 52.54 12.18
N ASP HA 35 -40.63 51.34 12.47
CA ASP HA 35 -41.95 50.97 12.01
C ASP HA 35 -42.94 50.94 13.17
N GLY HA 36 -44.08 51.62 12.98
CA GLY HA 36 -45.15 51.58 13.96
C GLY HA 36 -44.92 52.28 15.28
N ILE HA 37 -43.74 52.84 15.53
CA ILE HA 37 -43.45 53.41 16.85
C ILE HA 37 -44.15 54.76 16.96
N THR HA 38 -45.01 54.88 17.96
CA THR HA 38 -45.73 56.10 18.29
C THR HA 38 -44.77 57.15 18.82
N GLU HA 39 -45.21 58.40 18.80
CA GLU HA 39 -44.37 59.50 19.28
C GLU HA 39 -43.99 59.34 20.74
N GLU HA 40 -44.95 58.97 21.60
CA GLU HA 40 -44.65 58.79 23.02
C GLU HA 40 -43.67 57.66 23.26
N ASN HA 41 -43.84 56.52 22.57
CA ASN HA 41 -42.95 55.37 22.71
C ASN HA 41 -41.53 55.67 22.26
N LEU HA 42 -41.41 56.55 21.25
CA LEU HA 42 -40.13 56.96 20.71
C LEU HA 42 -39.25 57.54 21.81
N TYR HA 43 -39.80 58.51 22.55
CA TYR HA 43 -39.12 59.21 23.64
C TYR HA 43 -38.66 58.23 24.71
N GLN HA 44 -39.52 57.27 25.05
CA GLN HA 44 -39.22 56.27 26.08
C GLN HA 44 -38.03 55.43 25.68
N LYS HA 45 -37.88 55.17 24.37
CA LYS HA 45 -36.76 54.41 23.85
C LYS HA 45 -35.47 55.22 23.96
N ILE HA 46 -35.55 56.52 23.66
CA ILE HA 46 -34.41 57.44 23.75
C ILE HA 46 -33.85 57.38 25.15
N PHE HA 47 -34.72 57.69 26.12
CA PHE HA 47 -34.42 57.67 27.55
C PHE HA 47 -33.65 56.42 27.96
N ALA HA 48 -34.18 55.25 27.59
CA ALA HA 48 -33.55 53.98 27.96
C ALA HA 48 -32.21 53.80 27.26
N SER HA 49 -32.13 54.23 26.00
CA SER HA 49 -30.88 54.15 25.24
C SER HA 49 -29.80 55.00 25.87
N HIS HA 50 -30.20 56.13 26.48
CA HIS HA 50 -29.27 57.02 27.15
C HIS HA 50 -28.64 56.34 28.35
N PHE HA 51 -29.44 55.55 29.07
CA PHE HA 51 -28.91 54.81 30.21
C PHE HA 51 -27.85 53.82 29.74
N GLY HA 52 -28.12 53.16 28.61
CA GLY HA 52 -27.17 52.22 28.05
C GLY HA 52 -25.85 52.85 27.65
N HIS HA 53 -25.90 54.02 27.01
CA HIS HA 53 -24.69 54.71 26.60
C HIS HA 53 -23.86 55.12 27.81
N LEU HA 54 -24.52 55.70 28.81
CA LEU HA 54 -23.87 56.10 30.05
C LEU HA 54 -23.17 54.90 30.71
N ALA HA 55 -23.88 53.77 30.79
CA ALA HA 55 -23.33 52.55 31.39
C ALA HA 55 -22.04 52.13 30.70
N ILE HA 56 -22.02 52.19 29.37
CA ILE HA 56 -20.84 51.81 28.59
C ILE HA 56 -19.67 52.74 28.96
N ILE HA 57 -19.96 54.04 29.09
CA ILE HA 57 -18.97 55.03 29.46
C ILE HA 57 -18.37 54.69 30.81
N PHE HA 58 -19.25 54.36 31.77
CA PHE HA 58 -18.81 53.98 33.11
C PHE HA 58 -17.94 52.73 33.06
N LEU HA 59 -18.34 51.75 32.24
CA LEU HA 59 -17.56 50.52 32.10
C LEU HA 59 -16.24 50.80 31.44
N TRP HA 60 -16.25 51.72 30.46
CA TRP HA 60 -15.04 52.12 29.75
C TRP HA 60 -13.98 52.66 30.70
N THR HA 61 -14.33 53.69 31.47
CA THR HA 61 -13.36 54.26 32.40
C THR HA 61 -13.06 53.31 33.54
N SER HA 62 -13.97 52.39 33.88
CA SER HA 62 -13.63 51.28 34.76
C SER HA 62 -12.50 50.45 34.17
N GLY HA 63 -12.48 50.31 32.84
CA GLY HA 63 -11.43 49.56 32.19
C GLY HA 63 -10.08 50.25 32.20
N ASN HA 64 -10.09 51.60 32.22
CA ASN HA 64 -8.84 52.35 32.24
C ASN HA 64 -8.16 52.27 33.59
N LEU HA 65 -8.93 52.52 34.66
CA LEU HA 65 -8.45 52.30 36.02
C LEU HA 65 -7.98 50.88 36.25
N PHE HA 66 -8.80 49.88 35.88
CA PHE HA 66 -8.42 48.49 36.13
C PHE HA 66 -7.10 48.11 35.49
N HIS HA 67 -6.89 48.45 34.22
CA HIS HA 67 -5.62 48.08 33.57
C HIS HA 67 -4.43 48.84 34.12
N VAL HA 68 -4.60 50.10 34.55
CA VAL HA 68 -3.47 50.82 35.11
C VAL HA 68 -3.11 50.21 36.47
N ALA HA 69 -4.12 49.98 37.33
CA ALA HA 69 -3.85 49.36 38.62
C ALA HA 69 -3.23 47.97 38.45
N TRP HA 70 -3.71 47.22 37.47
CA TRP HA 70 -3.23 45.86 37.29
C TRP HA 70 -1.92 45.82 36.50
N GLN HA 71 -1.81 46.57 35.41
CA GLN HA 71 -0.63 46.49 34.57
C GLN HA 71 0.17 47.77 34.37
N GLY HA 72 -0.25 48.88 34.97
CA GLY HA 72 0.45 50.14 34.80
C GLY HA 72 1.61 50.30 35.77
N ASN HA 73 2.03 51.54 35.93
CA ASN HA 73 3.11 51.88 36.84
C ASN HA 73 2.76 53.15 37.61
N PHE HA 74 1.47 53.26 38.00
CA PHE HA 74 0.96 54.43 38.72
C PHE HA 74 1.77 54.68 40.00
N GLU HA 75 2.01 53.61 40.76
CA GLU HA 75 2.76 53.70 42.01
C GLU HA 75 4.21 54.12 41.74
N GLN HA 76 4.77 53.62 40.65
CA GLN HA 76 6.12 54.00 40.26
C GLN HA 76 6.15 55.44 39.78
N TRP HA 77 5.07 55.86 39.10
CA TRP HA 77 4.97 57.21 38.57
C TRP HA 77 4.90 58.28 39.67
N VAL HA 78 4.08 58.07 40.70
CA VAL HA 78 3.93 59.04 41.80
C VAL HA 78 5.28 59.35 42.46
N LYS HA 79 6.19 58.37 42.50
CA LYS HA 79 7.45 58.55 43.21
C LYS HA 79 8.38 59.49 42.45
N ASP HA 80 8.21 59.60 41.13
CA ASP HA 80 9.05 60.45 40.29
C ASP HA 80 8.29 60.77 39.01
N PRO HA 81 7.40 61.76 39.05
CA PRO HA 81 6.63 62.13 37.83
C PRO HA 81 7.49 62.53 36.64
N LEU HA 82 8.75 62.95 36.88
CA LEU HA 82 9.62 63.45 35.82
C LEU HA 82 10.04 62.34 34.86
N ASN HA 83 10.67 61.28 35.37
CA ASN HA 83 11.46 60.38 34.55
C ASN HA 83 10.79 59.05 34.26
N THR HA 84 9.71 58.72 34.95
CA THR HA 84 8.99 57.48 34.73
C THR HA 84 8.00 57.63 33.58
N ARG HA 85 8.05 56.69 32.65
CA ARG HA 85 7.14 56.64 31.53
C ARG HA 85 5.84 55.94 31.94
N PRO HA 86 4.69 56.60 31.86
CA PRO HA 86 3.43 55.96 32.25
C PRO HA 86 3.10 54.80 31.34
N ILE HA 87 2.71 53.68 31.94
CA ILE HA 87 2.37 52.46 31.22
C ILE HA 87 0.87 52.40 31.02
N ALA HA 88 0.44 52.21 29.77
CA ALA HA 88 -0.98 52.13 29.44
C ALA HA 88 -1.57 50.80 29.89
N HIS HA 89 -0.97 49.69 29.45
CA HIS HA 89 -1.38 48.33 29.74
C HIS HA 89 -0.38 47.37 29.10
N ALA HA 90 -0.48 46.11 29.49
CA ALA HA 90 0.41 45.09 28.97
C ALA HA 90 0.09 44.73 27.54
N ILE HA 91 1.09 44.14 26.88
CA ILE HA 91 0.99 43.71 25.50
C ILE HA 91 1.03 42.19 25.49
N SER HA 92 0.02 41.57 24.89
CA SER HA 92 0.01 40.12 24.68
C SER HA 92 -0.47 39.85 23.26
N ASP HA 93 0.48 39.87 22.32
CA ASP HA 93 0.19 39.73 20.89
C ASP HA 93 0.96 38.50 20.47
N PRO HA 94 0.29 37.34 20.34
CA PRO HA 94 0.95 36.07 19.96
C PRO HA 94 1.84 36.12 18.75
N HIS HA 95 1.57 37.02 17.80
CA HIS HA 95 2.36 37.12 16.60
C HIS HA 95 3.71 37.80 16.83
N PHE HA 96 3.99 38.31 18.02
CA PHE HA 96 5.25 38.95 18.31
C PHE HA 96 6.42 37.98 18.20
N GLY HA 97 7.56 38.51 17.75
CA GLY HA 97 8.80 37.77 17.68
C GLY HA 97 9.68 38.03 18.88
N GLN HA 98 10.90 37.49 18.81
CA GLN HA 98 11.86 37.60 19.89
C GLN HA 98 12.32 39.04 20.11
N ARG HA 99 12.57 39.78 19.03
CA ARG HA 99 12.93 41.18 19.17
C ARG HA 99 11.70 42.05 19.44
N ALA HA 100 10.50 41.51 19.19
CA ALA HA 100 9.31 42.30 19.48
C ALA HA 100 9.03 42.38 20.97
N ILE HA 101 9.50 41.41 21.74
CA ILE HA 101 9.33 41.47 23.18
C ILE HA 101 10.23 42.54 23.79
N GLU HA 102 11.51 42.58 23.37
CA GLU HA 102 12.48 43.46 24.02
C GLU HA 102 12.26 44.93 23.73
N ALA HA 103 11.75 45.26 22.54
CA ALA HA 103 11.52 46.67 22.22
C ALA HA 103 10.29 47.20 22.94
N PHE HA 104 9.27 46.39 23.14
CA PHE HA 104 8.05 46.85 23.80
C PHE HA 104 8.06 46.59 25.29
N SER HA 105 9.06 45.85 25.80
CA SER HA 105 9.30 45.77 27.25
C SER HA 105 10.15 46.97 27.65
N GLN HA 106 9.49 48.11 27.69
CA GLN HA 106 10.14 49.39 27.94
C GLN HA 106 9.73 49.93 29.31
N ALA HA 107 10.10 51.18 29.59
CA ALA HA 107 9.83 51.89 30.87
C ALA HA 107 10.27 51.12 32.11
N GLY HA 108 11.24 50.22 31.96
CA GLY HA 108 11.75 49.44 33.07
C GLY HA 108 10.90 48.25 33.43
N ALA HA 109 10.01 47.84 32.54
CA ALA HA 109 9.14 46.70 32.81
C ALA HA 109 9.81 45.43 32.31
N SER HA 110 9.30 44.30 32.80
CA SER HA 110 9.80 42.99 32.40
C SER HA 110 8.85 42.31 31.43
N SER HA 111 7.64 42.84 31.28
CA SER HA 111 6.65 42.46 30.28
C SER HA 111 6.59 43.52 29.20
N PRO HA 112 6.23 43.15 27.97
CA PRO HA 112 5.91 44.15 26.96
C PRO HA 112 4.69 44.96 27.37
N VAL HA 113 4.77 46.28 27.19
CA VAL HA 113 3.69 47.20 27.51
C VAL HA 113 3.70 48.37 26.53
N ASN HA 114 2.63 49.15 26.57
CA ASN HA 114 2.50 50.39 25.81
C ASN HA 114 2.67 51.57 26.75
N ILE HA 115 3.51 52.51 26.36
CA ILE HA 115 3.63 53.77 27.10
C ILE HA 115 2.33 54.54 26.97
N SER HA 116 1.71 54.89 28.10
CA SER HA 116 0.49 55.66 28.04
C SER HA 116 0.76 57.09 27.60
N TYR HA 117 -0.22 57.69 26.92
CA TYR HA 117 -0.15 59.07 26.49
C TYR HA 117 -1.47 59.81 26.65
N SER HA 118 -2.42 59.26 27.41
CA SER HA 118 -3.70 59.94 27.54
C SER HA 118 -3.71 61.00 28.63
N GLY HA 119 -2.66 61.06 29.45
CA GLY HA 119 -2.62 62.05 30.51
C GLY HA 119 -3.49 61.73 31.70
N VAL HA 120 -4.04 60.50 31.77
CA VAL HA 120 -4.90 60.08 32.87
C VAL HA 120 -4.15 60.05 34.19
N TYR HA 121 -2.83 59.78 34.14
CA TYR HA 121 -2.01 59.74 35.35
C TYR HA 121 -1.97 61.11 36.03
N GLN HA 122 -1.72 62.17 35.26
CA GLN HA 122 -1.67 63.52 35.80
C GLN HA 122 -3.02 64.01 36.28
N TRP HA 123 -4.12 63.47 35.77
CA TRP HA 123 -5.44 63.86 36.23
C TRP HA 123 -5.73 63.17 37.56
N TRP HA 124 -5.47 61.87 37.61
CA TRP HA 124 -5.72 61.07 38.82
C TRP HA 124 -4.84 61.51 39.98
N TYR HA 125 -3.59 61.90 39.69
CA TYR HA 125 -2.67 62.37 40.71
C TYR HA 125 -3.24 63.58 41.44
N THR HA 126 -3.58 64.64 40.70
CA THR HA 126 -4.16 65.85 41.25
C THR HA 126 -5.39 65.57 42.11
N GLN HA 127 -6.23 64.63 41.65
CA GLN HA 127 -7.45 64.29 42.37
C GLN HA 127 -7.17 63.63 43.71
N GLY HA 128 -6.06 62.92 43.84
CA GLY HA 128 -5.61 62.45 45.12
C GLY HA 128 -5.28 60.99 45.18
N MET HA 129 -5.41 60.24 44.08
CA MET HA 129 -5.08 58.82 44.15
C MET HA 129 -3.57 58.72 44.19
N ARG HA 130 -3.08 57.83 45.03
CA ARG HA 130 -1.66 57.67 45.23
C ARG HA 130 -1.18 56.23 45.12
N THR HA 131 -2.04 55.29 45.50
CA THR HA 131 -1.66 53.89 45.50
C THR HA 131 -2.50 53.08 44.53
N ASN HA 132 -1.93 51.91 44.20
CA ASN HA 132 -2.56 50.94 43.31
C ASN HA 132 -3.93 50.47 43.78
N GLU HA 133 -4.16 50.42 45.09
CA GLU HA 133 -5.47 49.99 45.55
C GLU HA 133 -6.48 51.13 45.53
N GLU HA 134 -6.02 52.39 45.52
CA GLU HA 134 -6.95 53.50 45.34
C GLU HA 134 -7.52 53.54 43.93
N LEU HA 135 -6.74 53.07 42.96
CA LEU HA 135 -7.23 52.91 41.59
C LEU HA 135 -8.24 51.78 41.51
N TYR HA 136 -7.89 50.61 42.07
CA TYR HA 136 -8.79 49.46 42.04
C TYR HA 136 -10.11 49.81 42.70
N ASN HA 137 -10.06 50.60 43.78
CA ASN HA 137 -11.27 51.13 44.40
C ASN HA 137 -12.00 52.09 43.49
N GLY HA 138 -11.30 52.73 42.55
CA GLY HA 138 -11.99 53.52 41.55
C GLY HA 138 -12.61 52.66 40.46
N ALA HA 139 -11.87 51.63 40.02
CA ALA HA 139 -12.37 50.72 38.98
C ALA HA 139 -13.64 49.98 39.41
N ILE HA 140 -13.65 49.47 40.64
CA ILE HA 140 -14.80 48.73 41.16
C ILE HA 140 -16.01 49.65 41.29
N PHE HA 141 -15.77 50.92 41.64
CA PHE HA 141 -16.85 51.87 41.83
C PHE HA 141 -17.62 52.15 40.55
N LEU HA 142 -16.93 52.25 39.40
CA LEU HA 142 -17.67 52.47 38.17
C LEU HA 142 -18.41 51.23 37.72
N LEU HA 143 -17.90 50.04 38.09
CA LEU HA 143 -18.62 48.81 37.77
C LEU HA 143 -19.95 48.80 38.49
N ILE HA 144 -19.95 49.24 39.75
CA ILE HA 144 -21.15 49.33 40.55
C ILE HA 144 -22.06 50.43 40.03
N LEU HA 145 -21.47 51.59 39.70
CA LEU HA 145 -22.24 52.73 39.20
C LEU HA 145 -22.90 52.38 37.87
N SER HA 146 -22.20 51.61 37.03
CA SER HA 146 -22.81 51.09 35.81
C SER HA 146 -23.84 50.03 36.13
N ALA HA 147 -23.67 49.30 37.23
CA ALA HA 147 -24.55 48.18 37.54
C ALA HA 147 -25.95 48.64 37.87
N LEU HA 148 -26.07 49.76 38.57
CA LEU HA 148 -27.38 50.38 38.72
C LEU HA 148 -27.82 51.10 37.46
N SER HA 149 -26.86 51.58 36.66
CA SER HA 149 -27.21 52.32 35.45
C SER HA 149 -27.76 51.41 34.38
N LEU HA 150 -27.30 50.16 34.34
CA LEU HA 150 -27.95 49.17 33.48
C LEU HA 150 -29.32 48.80 34.01
N PHE HA 151 -29.43 48.57 35.31
CA PHE HA 151 -30.70 48.20 35.92
C PHE HA 151 -31.74 49.29 35.72
N ALA HA 152 -31.36 50.56 35.93
CA ALA HA 152 -32.26 51.69 35.77
C ALA HA 152 -32.85 51.77 34.37
N GLY HA 153 -32.03 51.50 33.35
CA GLY HA 153 -32.53 51.53 31.98
C GLY HA 153 -33.60 50.46 31.75
N TRP HA 154 -33.36 49.25 32.26
CA TRP HA 154 -34.33 48.17 32.10
C TRP HA 154 -35.60 48.51 32.86
N LEU HA 155 -35.41 49.08 34.05
CA LEU HA 155 -36.52 49.44 34.94
C LEU HA 155 -37.42 50.49 34.31
N HIS HA 156 -36.83 51.58 33.80
CA HIS HA 156 -37.66 52.65 33.21
C HIS HA 156 -38.21 52.30 31.83
N LEU HA 157 -38.15 51.04 31.41
CA LEU HA 157 -38.73 50.60 30.15
C LEU HA 157 -40.00 49.81 30.39
N GLN HA 158 -40.25 49.44 31.60
CA GLN HA 158 -41.41 48.69 32.02
C GLN HA 158 -42.63 49.60 32.08
N PRO HA 159 -43.83 49.06 31.68
CA PRO HA 159 -45.11 49.82 31.66
C PRO HA 159 -45.41 50.78 32.80
N LYS HA 160 -45.32 50.30 34.03
CA LYS HA 160 -45.62 51.10 35.21
C LYS HA 160 -44.64 52.25 35.44
N PHE HA 161 -43.46 52.22 34.82
CA PHE HA 161 -42.47 53.28 35.03
C PHE HA 161 -42.18 54.07 33.76
N ARG HA 162 -42.99 53.89 32.71
CA ARG HA 162 -42.79 54.64 31.47
C ARG HA 162 -43.30 56.06 31.66
N PRO HA 163 -42.44 57.08 31.56
CA PRO HA 163 -42.88 58.47 31.73
C PRO HA 163 -43.95 58.89 30.73
N ASN HA 164 -44.62 60.00 31.04
CA ASN HA 164 -45.51 60.58 30.05
C ASN HA 164 -44.73 61.45 29.08
N LEU HA 165 -45.35 61.77 27.95
CA LEU HA 165 -44.82 62.76 27.01
C LEU HA 165 -44.61 64.10 27.70
N SER HA 166 -45.60 64.53 28.50
CA SER HA 166 -45.53 65.81 29.21
C SER HA 166 -44.29 65.89 30.07
N TRP HA 167 -43.89 64.76 30.70
CA TRP HA 167 -42.69 64.75 31.52
C TRP HA 167 -41.48 65.06 30.67
N PHE HA 168 -41.43 64.46 29.47
CA PHE HA 168 -40.30 64.69 28.59
C PHE HA 168 -40.31 66.11 28.04
N LYS HA 169 -41.52 66.67 27.88
CA LYS HA 169 -41.71 68.00 27.35
C LYS HA 169 -41.77 69.06 28.43
N ASN HA 170 -41.60 68.68 29.70
CA ASN HA 170 -41.60 69.64 30.80
C ASN HA 170 -40.26 70.38 30.72
N ALA HA 171 -40.23 71.38 29.85
CA ALA HA 171 -39.03 72.18 29.61
C ALA HA 171 -38.56 72.91 30.87
N GLU HA 172 -39.46 73.69 31.49
CA GLU HA 172 -39.12 74.50 32.67
C GLU HA 172 -38.52 73.69 33.82
N SER HA 173 -39.00 72.48 34.05
CA SER HA 173 -38.48 71.63 35.12
C SER HA 173 -37.05 71.16 34.83
N ARG HA 174 -36.75 70.93 33.56
CA ARG HA 174 -35.45 70.41 33.15
C ARG HA 174 -34.33 71.41 33.34
N LEU HA 175 -34.53 72.67 32.95
CA LEU HA 175 -33.50 73.68 33.18
C LEU HA 175 -33.18 73.77 34.67
N ASN HA 176 -34.22 73.90 35.52
CA ASN HA 176 -34.04 73.96 36.97
C ASN HA 176 -33.30 72.75 37.55
N HIS HA 177 -33.75 71.54 37.20
CA HIS HA 177 -33.11 70.35 37.77
C HIS HA 177 -31.70 70.09 37.27
N HIS HA 178 -31.38 70.41 36.02
CA HIS HA 178 -30.02 70.12 35.57
C HIS HA 178 -29.02 71.18 36.01
N LEU HA 179 -29.40 72.46 35.88
CA LEU HA 179 -28.52 73.55 36.32
C LEU HA 179 -28.36 73.52 37.84
N GLY HA 180 -29.37 73.02 38.53
CA GLY HA 180 -29.29 72.73 39.94
C GLY HA 180 -28.42 71.54 40.24
N GLY HA 181 -28.74 70.36 39.71
CA GLY HA 181 -27.92 69.22 40.04
C GLY HA 181 -26.56 69.17 39.36
N LEU HA 182 -26.59 68.79 38.08
CA LEU HA 182 -25.40 68.64 37.22
C LEU HA 182 -24.44 69.81 37.29
N PHE HA 183 -24.95 71.04 37.24
CA PHE HA 183 -24.08 72.21 37.30
C PHE HA 183 -23.89 72.71 38.73
N GLY HA 184 -24.98 73.06 39.40
CA GLY HA 184 -24.97 73.56 40.77
C GLY HA 184 -24.31 72.68 41.81
N THR HA 185 -24.90 71.51 42.06
CA THR HA 185 -24.47 70.68 43.19
C THR HA 185 -23.19 69.93 42.89
N SER HA 186 -23.02 69.47 41.64
CA SER HA 186 -21.86 68.65 41.31
C SER HA 186 -20.57 69.46 41.40
N SER HA 187 -20.59 70.69 40.84
CA SER HA 187 -19.42 71.56 40.93
C SER HA 187 -19.13 71.88 42.39
N LEU HA 188 -20.19 72.11 43.16
CA LEU HA 188 -20.07 72.35 44.60
C LEU HA 188 -19.47 71.12 45.27
N ALA HA 189 -19.93 69.94 44.86
CA ALA HA 189 -19.46 68.67 45.41
C ALA HA 189 -17.98 68.48 45.10
N TRP HA 190 -17.55 68.92 43.91
CA TRP HA 190 -16.16 68.77 43.54
C TRP HA 190 -15.22 69.58 44.42
N THR HA 191 -15.71 70.68 44.99
CA THR HA 191 -14.93 71.37 46.02
C THR HA 191 -14.74 70.46 47.23
N GLY HA 192 -15.78 69.65 47.55
CA GLY HA 192 -15.69 68.70 48.66
C GLY HA 192 -14.55 67.72 48.52
N HIS HA 193 -14.33 67.25 47.30
CA HIS HA 193 -13.24 66.31 47.06
C HIS HA 193 -11.90 67.01 47.24
N ILE HA 194 -11.81 68.24 46.76
CA ILE HA 194 -10.53 68.94 46.73
C ILE HA 194 -10.13 69.39 48.13
N VAL HA 195 -11.07 69.95 48.88
CA VAL HA 195 -10.71 70.51 50.17
C VAL HA 195 -10.46 69.43 51.22
N HIS HA 196 -11.14 68.29 51.12
CA HIS HA 196 -10.96 67.23 52.10
C HIS HA 196 -9.90 66.21 51.71
N VAL HA 197 -9.53 66.10 50.43
CA VAL HA 197 -8.58 65.08 49.98
C VAL HA 197 -7.38 65.61 49.19
N ALA HA 198 -7.67 66.21 48.02
CA ALA HA 198 -6.65 66.72 47.09
C ALA HA 198 -5.60 67.59 47.78
N ILE HA 199 -6.03 68.61 48.51
CA ILE HA 199 -5.07 69.50 49.19
C ILE HA 199 -4.25 68.70 50.23
N PRO HA 200 -4.86 67.90 51.15
CA PRO HA 200 -4.03 67.10 52.08
C PRO HA 200 -3.00 66.21 51.39
N GLU HA 201 -3.39 65.50 50.31
CA GLU HA 201 -2.45 64.61 49.64
C GLU HA 201 -1.32 65.40 48.97
N SER HA 202 -1.57 66.66 48.61
CA SER HA 202 -0.49 67.46 48.05
C SER HA 202 0.44 67.93 49.16
N ARG HA 203 0.00 67.80 50.41
CA ARG HA 203 0.74 68.19 51.60
C ARG HA 203 1.21 66.96 52.38
N GLY HA 204 1.30 65.81 51.73
CA GLY HA 204 1.76 64.61 52.42
C GLY HA 204 0.80 63.96 53.38
N GLN HA 205 -0.48 64.35 53.40
CA GLN HA 205 -1.45 63.75 54.31
C GLN HA 205 -2.39 62.80 53.57
N HIS HA 206 -2.44 61.55 54.04
CA HIS HA 206 -3.30 60.54 53.43
C HIS HA 206 -4.72 60.66 53.99
N VAL HA 207 -5.70 60.84 53.11
CA VAL HA 207 -7.11 60.91 53.46
C VAL HA 207 -7.87 59.88 52.63
N GLY HA 208 -8.54 58.94 53.29
CA GLY HA 208 -9.29 57.95 52.54
C GLY HA 208 -10.70 57.71 53.06
N TRP HA 209 -11.39 56.73 52.48
CA TRP HA 209 -12.75 56.36 52.90
C TRP HA 209 -12.78 55.86 54.33
N ASP HA 210 -11.67 55.26 54.76
CA ASP HA 210 -11.45 54.68 56.08
C ASP HA 210 -11.44 55.71 57.21
N ASN HA 211 -11.28 57.00 56.91
CA ASN HA 211 -11.20 58.03 57.96
C ASN HA 211 -11.94 59.32 57.67
N PHE HA 212 -12.45 59.52 56.44
CA PHE HA 212 -13.14 60.76 56.03
C PHE HA 212 -14.21 61.26 56.99
N LEU HA 213 -14.85 60.38 57.77
CA LEU HA 213 -15.85 60.86 58.70
C LEU HA 213 -15.24 61.49 59.94
N GLN HA 214 -13.92 61.39 60.12
CA GLN HA 214 -13.24 61.91 61.31
C GLN HA 214 -12.66 63.31 61.10
N VAL HA 215 -11.71 63.45 60.19
CA VAL HA 215 -10.88 64.65 60.15
C VAL HA 215 -11.57 65.75 59.35
N ALA HA 216 -11.09 66.98 59.55
CA ALA HA 216 -11.56 68.21 58.92
C ALA HA 216 -10.43 68.85 58.12
N PRO HA 217 -10.77 69.58 57.04
CA PRO HA 217 -9.73 70.30 56.29
C PRO HA 217 -9.09 71.46 57.04
N HIS HA 218 -9.72 71.99 58.09
CA HIS HA 218 -9.14 73.10 58.84
C HIS HA 218 -9.39 72.94 60.34
N PRO HA 219 -8.31 73.17 61.18
CA PRO HA 219 -8.37 73.08 62.65
C PRO HA 219 -9.67 73.43 63.36
N ALA HA 220 -10.22 74.61 63.10
CA ALA HA 220 -11.48 75.02 63.73
C ALA HA 220 -12.40 75.61 62.65
N GLY HA 221 -12.67 74.76 61.67
CA GLY HA 221 -13.48 75.14 60.54
C GLY HA 221 -14.97 74.95 60.76
N LEU HA 222 -15.73 75.72 59.98
CA LEU HA 222 -17.18 75.84 59.83
C LEU HA 222 -17.83 76.78 60.84
N GLN HA 223 -17.16 77.15 61.91
CA GLN HA 223 -17.71 78.23 62.73
C GLN HA 223 -17.41 79.61 62.14
N PRO HA 224 -16.21 79.90 61.57
CA PRO HA 224 -16.12 81.07 60.68
C PRO HA 224 -17.04 81.04 59.46
N PHE HA 225 -17.43 79.86 58.99
CA PHE HA 225 -18.31 79.74 57.82
C PHE HA 225 -19.68 80.39 58.07
N PHE HA 226 -20.33 80.05 59.18
CA PHE HA 226 -21.64 80.65 59.45
C PHE HA 226 -21.52 82.09 59.95
N THR HA 227 -20.54 82.37 60.82
CA THR HA 227 -20.39 83.75 61.32
C THR HA 227 -19.82 84.73 60.25
N GLY HA 228 -19.63 84.33 59.00
CA GLY HA 228 -19.12 85.24 58.00
C GLY HA 228 -17.63 85.50 57.99
N ASN HA 229 -16.85 84.94 58.92
CA ASN HA 229 -15.40 85.17 58.93
C ASN HA 229 -14.69 84.24 57.93
N TRP HA 230 -15.08 84.41 56.67
CA TRP HA 230 -14.58 83.67 55.52
C TRP HA 230 -13.08 83.86 55.30
N GLY HA 231 -12.52 84.98 55.77
CA GLY HA 231 -11.12 85.33 55.58
C GLY HA 231 -10.10 84.40 56.20
N VAL HA 232 -10.50 83.53 57.14
CA VAL HA 232 -9.52 82.62 57.76
C VAL HA 232 -8.95 81.64 56.75
N TYR HA 233 -9.70 81.33 55.70
CA TYR HA 233 -9.23 80.40 54.67
C TYR HA 233 -8.24 81.06 53.73
N THR HA 234 -8.09 82.39 53.84
CA THR HA 234 -7.03 83.15 53.16
C THR HA 234 -5.84 83.34 54.07
N GLU HA 235 -5.56 82.36 54.92
CA GLU HA 235 -4.34 82.35 55.70
C GLU HA 235 -3.16 82.01 54.79
N ASN HA 236 -1.95 81.89 55.37
CA ASN HA 236 -0.66 81.68 54.74
C ASN HA 236 -0.70 80.57 53.67
N PRO HA 237 -0.56 80.95 52.40
CA PRO HA 237 -0.61 79.96 51.31
C PRO HA 237 0.61 79.05 51.26
N ASP HA 238 0.78 78.31 50.17
CA ASP HA 238 1.96 77.48 50.09
C ASP HA 238 3.09 78.26 49.43
N THR HA 239 4.30 78.02 49.91
CA THR HA 239 5.46 78.72 49.41
C THR HA 239 5.90 78.11 48.10
N ALA HA 240 6.69 78.87 47.34
CA ALA HA 240 7.21 78.37 46.08
C ALA HA 240 8.13 77.16 46.34
N ASN HA 241 8.83 77.20 47.47
CA ASN HA 241 9.68 76.14 48.00
C ASN HA 241 8.92 74.87 48.36
N HIS HA 242 7.59 74.92 48.48
CA HIS HA 242 6.81 73.71 48.67
C HIS HA 242 6.96 72.81 47.46
N VAL HA 243 7.15 71.53 47.72
CA VAL HA 243 7.29 70.51 46.70
C VAL HA 243 5.97 69.74 46.66
N PHE HA 244 5.25 69.88 45.54
CA PHE HA 244 3.96 69.23 45.35
C PHE HA 244 4.08 67.72 45.59
N GLY HA 245 3.19 67.19 46.40
CA GLY HA 245 3.23 65.78 46.72
C GLY HA 245 4.06 65.48 47.94
N SER HA 246 4.67 66.50 48.54
CA SER HA 246 5.46 66.35 49.75
C SER HA 246 4.83 67.19 50.85
N SER HA 247 5.40 67.11 52.04
CA SER HA 247 4.79 67.65 53.24
C SER HA 247 5.42 68.94 53.74
N ASP HA 248 6.69 69.21 53.43
CA ASP HA 248 7.35 70.42 53.91
C ASP HA 248 7.03 71.58 52.98
N GLY HA 249 7.10 72.80 53.52
CA GLY HA 249 6.65 73.98 52.81
C GLY HA 249 5.14 74.12 52.70
N ALA HA 250 4.39 73.19 53.29
CA ALA HA 250 2.94 73.22 53.22
C ALA HA 250 2.35 74.32 54.08
N GLY HA 251 1.29 74.93 53.60
CA GLY HA 251 0.58 75.97 54.32
C GLY HA 251 -0.69 75.40 54.87
N THR HA 252 -1.69 76.25 55.06
CA THR HA 252 -2.95 75.74 55.57
C THR HA 252 -4.16 76.34 54.88
N ALA HA 253 -3.99 77.29 53.96
CA ALA HA 253 -5.10 77.87 53.23
C ALA HA 253 -5.82 76.81 52.39
N ILE HA 254 -7.12 77.00 52.22
CA ILE HA 254 -7.92 76.08 51.43
C ILE HA 254 -8.64 76.79 50.29
N LEU HA 255 -8.75 78.12 50.34
CA LEU HA 255 -9.40 78.90 49.30
C LEU HA 255 -8.57 80.16 49.11
N THR HA 256 -8.06 80.37 47.90
CA THR HA 256 -7.23 81.51 47.56
C THR HA 256 -7.57 82.01 46.17
N PHE HA 257 -6.81 83.00 45.73
CA PHE HA 257 -6.94 83.60 44.41
C PHE HA 257 -5.55 84.04 43.99
N LEU HA 258 -4.60 83.10 44.03
CA LEU HA 258 -3.21 83.41 43.68
C LEU HA 258 -3.04 83.72 42.20
N GLY HA 259 -3.60 82.89 41.33
CA GLY HA 259 -3.42 83.09 39.90
C GLY HA 259 -2.12 82.45 39.49
N GLY HA 260 -1.95 82.32 38.17
CA GLY HA 260 -0.73 81.72 37.65
C GLY HA 260 -0.62 80.23 37.96
N PHE HA 261 0.61 79.73 37.95
CA PHE HA 261 0.88 78.31 38.15
C PHE HA 261 1.85 78.04 39.29
N HIS HA 262 1.70 76.84 39.86
CA HIS HA 262 2.61 76.33 40.88
C HIS HA 262 3.98 76.26 40.22
N PRO HA 263 5.02 76.88 40.80
CA PRO HA 263 6.35 76.91 40.17
C PRO HA 263 7.00 75.56 39.87
N GLN HA 264 6.70 74.50 40.61
CA GLN HA 264 7.32 73.22 40.31
C GLN HA 264 6.58 72.46 39.21
N THR HA 265 5.29 72.19 39.41
CA THR HA 265 4.52 71.45 38.41
C THR HA 265 4.26 72.24 37.15
N GLN HA 266 4.46 73.56 37.18
CA GLN HA 266 4.12 74.51 36.12
C GLN HA 266 2.64 74.40 35.74
N SER HA 267 1.81 74.15 36.74
CA SER HA 267 0.38 74.05 36.52
C SER HA 267 -0.32 74.69 37.71
N LEU HA 268 -1.63 74.93 37.55
CA LEU HA 268 -2.45 75.54 38.60
C LEU HA 268 -2.36 74.84 39.95
N TRP HA 269 -2.60 75.63 40.99
CA TRP HA 269 -2.63 75.17 42.36
C TRP HA 269 -3.98 74.52 42.61
N LEU HA 270 -3.99 73.37 43.30
CA LEU HA 270 -5.26 72.71 43.64
C LEU HA 270 -6.13 73.65 44.46
N THR HA 271 -5.50 74.34 45.42
CA THR HA 271 -6.17 75.28 46.30
C THR HA 271 -6.78 76.43 45.50
N ASP HA 272 -6.17 76.79 44.37
CA ASP HA 272 -6.74 77.82 43.50
C ASP HA 272 -8.01 77.32 42.82
N ILE HA 273 -8.08 76.01 42.58
CA ILE HA 273 -9.15 75.41 41.80
C ILE HA 273 -10.40 75.27 42.64
N ALA HA 274 -10.25 75.12 43.96
CA ALA HA 274 -11.39 74.90 44.83
C ALA HA 274 -12.29 76.11 44.90
N HIS HA 275 -11.70 77.30 45.06
CA HIS HA 275 -12.47 78.53 45.13
C HIS HA 275 -13.26 78.80 43.85
N HIS HA 276 -12.65 78.55 42.68
CA HIS HA 276 -13.32 78.74 41.39
C HIS HA 276 -14.59 77.90 41.29
N HIS HA 277 -14.49 76.59 41.59
CA HIS HA 277 -15.64 75.70 41.52
C HIS HA 277 -16.69 76.06 42.56
N LEU HA 278 -16.26 76.51 43.75
CA LEU HA 278 -17.22 76.91 44.77
C LEU HA 278 -17.99 78.13 44.27
N ALA HA 279 -17.27 79.07 43.66
CA ALA HA 279 -17.87 80.29 43.12
C ALA HA 279 -18.83 79.97 41.99
N ILE HA 280 -18.38 79.13 41.05
CA ILE HA 280 -19.18 78.72 39.90
C ILE HA 280 -20.49 78.06 40.36
N ALA HA 281 -20.44 77.26 41.45
CA ALA HA 281 -21.61 76.59 42.02
C ALA HA 281 -22.72 77.57 42.37
N VAL HA 282 -22.38 78.64 43.10
CA VAL HA 282 -23.35 79.66 43.51
C VAL HA 282 -24.07 80.26 42.31
N LEU HA 283 -23.30 80.63 41.28
CA LEU HA 283 -23.84 81.17 40.04
C LEU HA 283 -24.86 80.23 39.43
N PHE HA 284 -24.53 78.94 39.38
CA PHE HA 284 -25.44 77.98 38.78
C PHE HA 284 -26.69 77.78 39.64
N ILE HA 285 -26.53 77.77 40.97
CA ILE HA 285 -27.69 77.60 41.85
C ILE HA 285 -28.65 78.79 41.75
N VAL HA 286 -28.14 80.01 41.58
CA VAL HA 286 -29.04 81.16 41.48
C VAL HA 286 -29.82 81.13 40.15
N ALA HA 287 -29.13 80.95 39.01
CA ALA HA 287 -29.80 80.87 37.72
C ALA HA 287 -30.79 79.70 37.65
N GLY HA 288 -30.53 78.62 38.41
CA GLY HA 288 -31.39 77.47 38.43
C GLY HA 288 -32.65 77.62 39.25
N HIS HA 289 -32.96 78.81 39.77
CA HIS HA 289 -34.17 79.05 40.53
C HIS HA 289 -35.04 80.13 39.92
N MET HA 290 -34.99 80.26 38.59
CA MET HA 290 -35.75 81.27 37.86
C MET HA 290 -37.04 80.70 37.28
N TYR HA 291 -37.01 79.46 36.81
CA TYR HA 291 -38.15 78.82 36.18
C TYR HA 291 -38.97 78.04 37.20
N GLY HA 321 -44.50 80.65 20.42
CA GLY HA 321 -43.80 81.19 19.27
C GLY HA 321 -42.72 80.24 18.78
N LEU HA 322 -41.48 80.73 18.72
CA LEU HA 322 -40.35 79.88 18.37
C LEU HA 322 -40.08 78.87 19.47
N TYR HA 323 -40.39 79.21 20.72
CA TYR HA 323 -40.04 78.36 21.84
C TYR HA 323 -40.96 77.14 21.90
N ASP HA 324 -42.13 77.22 21.26
CA ASP HA 324 -42.95 76.03 21.07
C ASP HA 324 -42.35 75.11 20.01
N THR HA 325 -41.62 75.66 19.05
CA THR HA 325 -41.04 74.85 18.00
C THR HA 325 -39.82 74.06 18.46
N VAL HA 326 -39.10 74.56 19.46
CA VAL HA 326 -37.98 73.80 20.01
C VAL HA 326 -38.50 72.58 20.75
N ASN HA 327 -39.62 72.70 21.44
CA ASN HA 327 -40.09 71.61 22.29
C ASN HA 327 -40.67 70.45 21.51
N ASN HA 328 -41.21 70.69 20.31
CA ASN HA 328 -41.78 69.57 19.57
C ASN HA 328 -40.82 68.92 18.60
N SER HA 329 -39.65 69.51 18.33
CA SER HA 329 -38.68 68.92 17.43
C SER HA 329 -37.45 68.50 18.22
N LEU HA 330 -37.20 67.20 18.25
CA LEU HA 330 -36.06 66.62 18.93
C LEU HA 330 -34.74 66.95 18.25
N HIS HA 331 -34.79 67.18 16.94
CA HIS HA 331 -33.59 67.49 16.16
C HIS HA 331 -33.04 68.88 16.43
N PHE HA 332 -33.91 69.85 16.72
CA PHE HA 332 -33.45 71.20 17.01
C PHE HA 332 -32.69 71.23 18.33
N GLN HA 333 -33.24 70.56 19.35
CA GLN HA 333 -32.64 70.50 20.67
C GLN HA 333 -31.26 69.87 20.60
N LEU HA 334 -31.14 68.74 19.89
CA LEU HA 334 -29.85 68.07 19.77
C LEU HA 334 -28.84 68.96 19.05
N GLY HA 335 -29.29 69.61 17.97
CA GLY HA 335 -28.42 70.48 17.20
C GLY HA 335 -27.90 71.68 17.98
N LEU HA 336 -28.60 72.11 19.01
CA LEU HA 336 -28.06 73.17 19.85
C LEU HA 336 -27.24 72.57 20.99
N ALA HA 337 -27.63 71.40 21.48
CA ALA HA 337 -26.85 70.74 22.52
C ALA HA 337 -25.53 70.22 21.99
N LEU HA 338 -25.51 69.78 20.72
CA LEU HA 338 -24.24 69.44 20.10
C LEU HA 338 -23.41 70.70 19.87
N ALA HA 339 -24.07 71.80 19.47
CA ALA HA 339 -23.38 73.07 19.24
C ALA HA 339 -22.77 73.62 20.51
N ALA HA 340 -23.51 73.54 21.62
CA ALA HA 340 -22.97 73.98 22.89
C ALA HA 340 -21.84 73.07 23.36
N LEU HA 341 -22.02 71.75 23.22
CA LEU HA 341 -20.96 70.82 23.55
C LEU HA 341 -19.77 70.98 22.62
N GLY HA 342 -20.03 71.19 21.32
CA GLY HA 342 -18.94 71.41 20.37
C GLY HA 342 -18.11 72.63 20.68
N VAL HA 343 -18.77 73.69 21.15
CA VAL HA 343 -18.07 74.92 21.50
C VAL HA 343 -17.17 74.67 22.70
N ILE HA 344 -17.74 74.09 23.77
CA ILE HA 344 -16.97 73.84 24.98
C ILE HA 344 -15.98 72.69 24.85
N THR HA 345 -16.02 71.91 23.78
CA THR HA 345 -15.04 70.83 23.64
C THR HA 345 -13.74 71.45 23.16
N SER HA 346 -13.86 72.47 22.32
CA SER HA 346 -12.72 73.23 21.84
C SER HA 346 -12.14 74.02 23.00
N LEU HA 347 -13.03 74.55 23.84
CA LEU HA 347 -12.67 75.33 25.00
C LEU HA 347 -11.79 74.52 25.94
N VAL HA 348 -12.18 73.26 26.20
CA VAL HA 348 -11.41 72.37 27.06
C VAL HA 348 -9.98 72.23 26.55
N ALA HA 349 -9.81 72.10 25.23
CA ALA HA 349 -8.48 71.97 24.62
C ALA HA 349 -7.67 73.26 24.73
N GLN HA 350 -8.29 74.41 24.42
CA GLN HA 350 -7.59 75.69 24.46
C GLN HA 350 -7.14 76.03 25.87
N HIS HA 351 -8.00 75.85 26.85
CA HIS HA 351 -7.59 76.23 28.18
C HIS HA 351 -6.69 75.21 28.85
N MET HA 352 -6.71 73.95 28.43
CA MET HA 352 -5.84 73.00 29.10
C MET HA 352 -4.39 73.11 28.63
N TYR HA 353 -4.16 73.53 27.39
CA TYR HA 353 -2.78 73.63 26.95
C TYR HA 353 -2.14 74.94 27.42
N SER HA 354 -2.93 76.00 27.50
CA SER HA 354 -2.42 77.31 27.88
C SER HA 354 -2.45 77.54 29.38
N ILE HA 355 -3.45 76.97 30.06
CA ILE HA 355 -3.53 77.00 31.51
C ILE HA 355 -3.55 75.56 32.01
N PRO HA 356 -2.39 74.90 32.15
CA PRO HA 356 -2.34 73.49 32.58
C PRO HA 356 -2.98 73.29 33.94
N PRO HA 357 -3.97 72.42 34.05
CA PRO HA 357 -4.61 72.23 35.35
C PRO HA 357 -4.13 71.01 36.11
N TYR HA 358 -3.32 70.15 35.50
CA TYR HA 358 -2.86 68.96 36.18
C TYR HA 358 -1.35 68.96 36.38
N ALA HA 359 -0.97 68.59 37.59
CA ALA HA 359 0.42 68.49 38.03
C ALA HA 359 1.23 67.66 37.05
N TYR HA 360 2.40 68.17 36.68
CA TYR HA 360 3.39 67.51 35.82
C TYR HA 360 2.81 67.15 34.44
N LEU HA 361 1.81 67.89 33.99
CA LEU HA 361 1.30 67.68 32.65
C LEU HA 361 2.15 68.39 31.61
N ALA HA 362 2.51 69.66 31.86
CA ALA HA 362 3.26 70.42 30.90
C ALA HA 362 4.73 70.02 30.84
N ARG HA 363 5.20 69.20 31.78
CA ARG HA 363 6.56 68.68 31.71
C ARG HA 363 6.66 67.43 30.86
N ASP HA 364 5.54 66.76 30.62
CA ASP HA 364 5.49 65.58 29.75
C ASP HA 364 4.86 66.04 28.44
N PHE HA 365 5.69 66.25 27.42
CA PHE HA 365 5.24 66.89 26.19
C PHE HA 365 4.44 65.96 25.29
N THR HA 366 4.84 64.69 25.20
CA THR HA 366 4.20 63.73 24.29
C THR HA 366 2.73 63.52 24.61
N THR HA 367 2.36 63.47 25.90
CA THR HA 367 0.95 63.27 26.22
C THR HA 367 0.15 64.55 25.99
N GLN HA 368 0.77 65.73 26.10
CA GLN HA 368 0.01 66.97 25.97
C GLN HA 368 -0.35 67.25 24.53
N ALA HA 369 0.53 66.87 23.59
CA ALA HA 369 0.20 66.90 22.16
C ALA HA 369 -1.05 66.09 21.88
N ALA HA 370 -1.14 64.91 22.49
CA ALA HA 370 -2.29 64.03 22.33
C ALA HA 370 -3.56 64.69 22.87
N LEU HA 371 -3.45 65.31 24.05
CA LEU HA 371 -4.60 65.94 24.70
C LEU HA 371 -5.24 67.06 23.88
N TYR HA 372 -4.43 67.87 23.20
CA TYR HA 372 -5.01 68.96 22.42
C TYR HA 372 -5.70 68.47 21.17
N THR HA 373 -5.02 67.60 20.43
CA THR HA 373 -5.52 67.08 19.17
C THR HA 373 -6.81 66.30 19.33
N HIS HA 374 -6.83 65.37 20.30
CA HIS HA 374 -7.99 64.53 20.57
C HIS HA 374 -9.24 65.36 20.79
N HIS HA 375 -9.20 66.27 21.77
CA HIS HA 375 -10.36 67.12 22.05
C HIS HA 375 -10.67 68.11 20.93
N GLN HA 376 -9.66 68.53 20.15
CA GLN HA 376 -9.97 69.44 19.05
C GLN HA 376 -10.63 68.76 17.88
N TYR HA 377 -10.25 67.52 17.59
CA TYR HA 377 -10.90 66.83 16.50
C TYR HA 377 -12.36 66.54 16.84
N ILE HA 378 -12.62 66.14 18.09
CA ILE HA 378 -13.98 65.86 18.57
C ILE HA 378 -14.86 67.10 18.42
N ALA HA 379 -14.31 68.27 18.78
CA ALA HA 379 -15.06 69.52 18.70
C ALA HA 379 -15.49 69.82 17.28
N GLY HA 380 -14.62 69.52 16.32
CA GLY HA 380 -14.96 69.73 14.92
C GLY HA 380 -16.08 68.81 14.48
N PHE HA 381 -16.06 67.56 14.96
CA PHE HA 381 -17.10 66.59 14.64
C PHE HA 381 -18.45 67.00 15.24
N LEU HA 382 -18.44 67.40 16.51
CA LEU HA 382 -19.67 67.84 17.16
C LEU HA 382 -20.32 69.00 16.43
N MET HA 383 -19.54 70.06 16.14
CA MET HA 383 -20.08 71.22 15.45
C MET HA 383 -20.67 70.90 14.07
N VAL HA 384 -19.98 70.06 13.29
CA VAL HA 384 -20.54 69.68 11.99
C VAL HA 384 -21.80 68.83 12.23
N GLY HA 385 -21.76 67.98 13.26
CA GLY HA 385 -22.90 67.16 13.61
C GLY HA 385 -24.07 67.99 14.06
N ALA HA 386 -23.78 69.10 14.76
CA ALA HA 386 -24.81 70.01 15.23
C ALA HA 386 -25.62 70.54 14.06
N PHE HA 387 -24.94 70.91 12.99
CA PHE HA 387 -25.64 71.40 11.81
C PHE HA 387 -26.32 70.28 11.06
N ALA HA 388 -25.86 69.05 11.25
CA ALA HA 388 -26.45 67.91 10.54
C ALA HA 388 -27.84 67.60 11.09
N HIS HA 389 -27.96 67.55 12.42
CA HIS HA 389 -29.25 67.26 13.02
C HIS HA 389 -30.17 68.46 12.87
N GLY HA 390 -29.58 69.64 12.64
CA GLY HA 390 -30.34 70.85 12.41
C GLY HA 390 -31.00 70.83 11.05
N ALA HA 391 -30.28 70.30 10.06
CA ALA HA 391 -30.79 70.18 8.71
C ALA HA 391 -31.91 69.14 8.64
N ILE HA 392 -31.86 68.12 9.49
CA ILE HA 392 -32.91 67.11 9.52
C ILE HA 392 -34.20 67.76 10.01
N PHE HA 393 -34.06 68.64 11.01
CA PHE HA 393 -35.17 69.40 11.56
C PHE HA 393 -35.83 70.25 10.49
N LEU HA 394 -35.04 70.93 9.68
CA LEU HA 394 -35.59 71.79 8.64
C LEU HA 394 -36.37 71.00 7.58
N VAL HA 395 -36.00 69.74 7.32
CA VAL HA 395 -36.72 68.99 6.30
C VAL HA 395 -37.90 68.23 6.88
N ARG HA 396 -37.77 67.68 8.09
CA ARG HA 396 -38.84 66.87 8.64
C ARG HA 396 -39.67 67.53 9.73
N ASP HA 397 -39.17 68.56 10.40
CA ASP HA 397 -39.94 69.13 11.49
C ASP HA 397 -40.29 70.60 11.32
N TYR HA 398 -39.53 71.37 10.56
CA TYR HA 398 -39.82 72.80 10.40
C TYR HA 398 -41.12 73.02 9.65
N ASP HA 399 -42.11 73.61 10.31
CA ASP HA 399 -43.39 73.91 9.67
C ASP HA 399 -43.42 75.41 9.43
N ALA HA 400 -43.51 75.83 8.17
CA ALA HA 400 -43.64 77.24 7.87
C ALA HA 400 -45.01 77.77 8.23
N GLU HA 401 -46.02 76.90 8.28
CA GLU HA 401 -47.39 77.35 8.56
C GLU HA 401 -47.60 77.62 10.04
N GLN HA 402 -46.66 77.23 10.90
CA GLN HA 402 -46.67 77.62 12.30
C GLN HA 402 -45.49 78.50 12.66
N ASN HA 403 -44.70 78.93 11.67
CA ASN HA 403 -43.53 79.79 11.85
C ASN HA 403 -43.68 80.90 10.82
N LYS HA 404 -44.34 81.97 11.22
CA LYS HA 404 -44.57 83.10 10.33
C LYS HA 404 -44.11 84.36 11.05
N ASN HA 405 -43.15 85.05 10.43
CA ASN HA 405 -42.53 86.28 10.92
C ASN HA 405 -41.87 86.14 12.29
N ASN HA 406 -41.44 84.95 12.69
CA ASN HA 406 -40.59 84.89 13.86
C ASN HA 406 -39.14 84.99 13.40
N VAL HA 407 -38.22 85.00 14.39
CA VAL HA 407 -36.78 85.14 14.15
C VAL HA 407 -36.28 84.10 13.14
N LEU HA 408 -36.80 82.87 13.25
CA LEU HA 408 -36.44 81.79 12.33
C LEU HA 408 -36.84 82.11 10.89
N ALA HA 409 -38.14 82.21 10.64
CA ALA HA 409 -38.68 82.35 9.29
C ALA HA 409 -38.28 83.65 8.61
N ARG HA 410 -37.94 84.67 9.38
CA ARG HA 410 -37.44 85.92 8.83
C ARG HA 410 -36.03 85.76 8.26
N ILE HA 411 -35.23 84.83 8.81
CA ILE HA 411 -33.88 84.61 8.29
C ILE HA 411 -33.94 83.94 6.93
N ILE HA 412 -34.64 82.81 6.83
CA ILE HA 412 -34.70 82.04 5.59
C ILE HA 412 -35.57 82.70 4.52
N ASP HA 413 -36.26 83.79 4.87
CA ASP HA 413 -36.82 84.70 3.87
C ASP HA 413 -35.75 85.17 2.89
N HIS HA 414 -34.69 85.78 3.42
CA HIS HA 414 -33.58 86.30 2.63
C HIS HA 414 -32.41 85.31 2.60
N LYS HA 415 -32.76 84.01 2.56
CA LYS HA 415 -31.79 82.91 2.54
C LYS HA 415 -30.73 83.06 1.44
N GLU HA 416 -31.11 83.56 0.25
CA GLU HA 416 -30.11 83.71 -0.79
C GLU HA 416 -29.11 84.82 -0.47
N ALA HA 417 -29.51 85.84 0.28
CA ALA HA 417 -28.59 86.92 0.67
C ALA HA 417 -27.48 86.45 1.61
N ILE HA 418 -27.85 85.75 2.69
CA ILE HA 418 -26.90 85.25 3.68
C ILE HA 418 -25.86 84.33 3.05
N ILE HA 419 -26.28 83.36 2.24
CA ILE HA 419 -25.35 82.43 1.62
C ILE HA 419 -24.41 83.17 0.68
N SER HA 420 -24.95 84.10 -0.13
CA SER HA 420 -24.13 84.86 -1.08
C SER HA 420 -23.05 85.67 -0.34
N HIS HA 421 -23.40 86.24 0.82
CA HIS HA 421 -22.41 86.98 1.58
C HIS HA 421 -21.39 86.03 2.19
N LEU HA 422 -21.86 84.90 2.73
CA LEU HA 422 -20.98 83.88 3.29
C LEU HA 422 -20.03 83.33 2.24
N SER HA 423 -20.50 83.23 1.00
CA SER HA 423 -19.66 82.76 -0.10
C SER HA 423 -18.50 83.72 -0.33
N TRP HA 424 -18.77 85.02 -0.26
CA TRP HA 424 -17.76 86.05 -0.49
C TRP HA 424 -16.63 85.97 0.54
N VAL HA 425 -16.98 85.92 1.83
CA VAL HA 425 -15.98 85.88 2.92
C VAL HA 425 -14.99 84.72 2.72
N SER HA 426 -15.48 83.54 2.31
CA SER HA 426 -14.61 82.40 2.07
C SER HA 426 -13.66 82.74 0.93
N LEU HA 427 -14.23 83.22 -0.19
CA LEU HA 427 -13.47 83.63 -1.36
C LEU HA 427 -12.46 84.71 -1.01
N PHE HA 428 -12.89 85.71 -0.23
CA PHE HA 428 -12.02 86.81 0.20
C PHE HA 428 -10.83 86.33 1.00
N LEU HA 429 -11.10 85.65 2.11
CA LEU HA 429 -10.07 85.10 2.99
C LEU HA 429 -9.09 84.19 2.25
N GLY HA 430 -9.62 83.25 1.48
CA GLY HA 430 -8.77 82.29 0.79
C GLY HA 430 -7.82 82.85 -0.24
N PHE HA 431 -8.35 83.65 -1.17
CA PHE HA 431 -7.57 84.24 -2.26
C PHE HA 431 -6.35 85.01 -1.78
N HIS HA 432 -6.50 85.82 -0.75
CA HIS HA 432 -5.40 86.64 -0.25
C HIS HA 432 -4.43 85.89 0.66
N THR HA 433 -4.94 85.09 1.61
CA THR HA 433 -4.05 84.35 2.50
C THR HA 433 -3.20 83.36 1.71
N LEU HA 434 -3.82 82.61 0.80
CA LEU HA 434 -3.07 81.67 -0.02
C LEU HA 434 -2.10 82.44 -0.89
N GLY HA 435 -2.56 83.61 -1.37
CA GLY HA 435 -1.76 84.46 -2.21
C GLY HA 435 -0.50 84.94 -1.52
N LEU HA 436 -0.60 85.32 -0.24
CA LEU HA 436 0.60 85.75 0.48
C LEU HA 436 1.58 84.61 0.67
N TYR HA 437 1.08 83.41 1.00
CA TYR HA 437 2.00 82.27 1.20
C TYR HA 437 2.76 81.95 -0.07
N VAL HA 438 2.06 81.91 -1.20
CA VAL HA 438 2.72 81.61 -2.48
C VAL HA 438 3.68 82.73 -2.85
N HIS HA 439 3.30 83.99 -2.54
CA HIS HA 439 4.16 85.15 -2.77
C HIS HA 439 5.44 84.95 -2.00
N ASN HA 440 5.28 84.68 -0.70
CA ASN HA 440 6.41 84.42 0.18
C ASN HA 440 7.20 83.22 -0.33
N ASP HA 441 6.51 82.15 -0.73
CA ASP HA 441 7.14 80.92 -1.22
C ASP HA 441 8.12 81.14 -2.37
N VAL HA 442 7.69 81.84 -3.42
CA VAL HA 442 8.58 82.07 -4.57
C VAL HA 442 9.83 82.86 -4.17
N VAL HA 443 9.64 84.04 -3.55
CA VAL HA 443 10.74 84.90 -3.14
C VAL HA 443 11.64 84.21 -2.12
N GLN HA 444 11.10 83.31 -1.29
CA GLN HA 444 11.94 82.53 -0.40
C GLN HA 444 12.75 81.51 -1.18
N ALA HA 445 12.17 80.94 -2.24
CA ALA HA 445 12.90 80.01 -3.08
C ALA HA 445 13.94 80.71 -3.93
N PHE HA 446 13.67 81.94 -4.36
CA PHE HA 446 14.61 82.64 -5.21
C PHE HA 446 15.69 83.38 -4.45
N GLY HA 447 15.89 83.08 -3.18
CA GLY HA 447 16.96 83.70 -2.42
C GLY HA 447 16.69 85.11 -1.95
N THR HA 448 15.45 85.57 -2.01
CA THR HA 448 15.11 86.94 -1.60
C THR HA 448 13.98 86.98 -0.55
N PRO HA 449 14.25 86.51 0.68
CA PRO HA 449 13.21 86.53 1.73
C PRO HA 449 12.68 87.91 2.09
N GLU HA 450 13.44 88.97 1.81
CA GLU HA 450 13.03 90.34 2.13
C GLU HA 450 11.81 90.81 1.35
N LYS HA 451 11.44 90.12 0.28
CA LYS HA 451 10.26 90.49 -0.49
C LYS HA 451 9.00 89.82 0.06
N GLN HA 452 9.11 89.04 1.13
CA GLN HA 452 7.93 88.40 1.70
C GLN HA 452 7.00 89.41 2.34
N ILE HA 453 5.73 89.06 2.39
CA ILE HA 453 4.71 89.86 3.05
C ILE HA 453 4.47 89.20 4.40
N LEU HA 454 4.94 89.81 5.48
CA LEU HA 454 4.80 89.26 6.82
C LEU HA 454 4.07 90.28 7.68
N ILE HA 455 2.85 89.97 8.07
CA ILE HA 455 2.05 90.90 8.85
C ILE HA 455 2.12 90.52 10.32
N GLU HA 456 2.45 91.50 11.17
CA GLU HA 456 2.51 91.30 12.61
C GLU HA 456 1.12 91.21 13.22
N PRO HA 457 0.88 90.27 14.13
CA PRO HA 457 -0.43 90.13 14.80
C PRO HA 457 -0.66 91.20 15.86
N VAL HA 458 -0.68 92.47 15.43
CA VAL HA 458 -0.80 93.60 16.36
C VAL HA 458 -2.12 93.58 17.13
N PHE HA 459 -3.24 93.18 16.51
CA PHE HA 459 -4.48 93.14 17.28
C PHE HA 459 -4.41 92.09 18.36
N ALA HA 460 -3.75 90.97 18.07
CA ALA HA 460 -3.58 89.91 19.05
C ALA HA 460 -2.63 90.37 20.15
N GLN HA 461 -1.48 90.94 19.75
CA GLN HA 461 -0.50 91.47 20.69
C GLN HA 461 -1.07 92.58 21.58
N TRP HA 462 -2.05 93.34 21.06
CA TRP HA 462 -2.65 94.40 21.89
C TRP HA 462 -3.62 93.79 22.90
N ILE HA 463 -4.11 92.58 22.64
CA ILE HA 463 -4.80 91.82 23.68
C ILE HA 463 -3.79 91.34 24.72
N GLN HA 464 -2.61 90.89 24.26
CA GLN HA 464 -1.54 90.48 25.16
C GLN HA 464 -1.07 91.64 26.03
N SER HA 465 -1.15 92.85 25.50
CA SER HA 465 -1.00 94.04 26.33
C SER HA 465 -2.09 94.14 27.37
N VAL HA 466 -3.35 93.93 26.96
CA VAL HA 466 -4.50 94.01 27.85
C VAL HA 466 -4.41 92.95 28.95
N HIS HA 467 -3.84 91.80 28.67
CA HIS HA 467 -3.83 90.74 29.68
C HIS HA 467 -2.54 90.69 30.49
N GLY HA 468 -1.56 91.53 30.19
CA GLY HA 468 -0.34 91.53 30.96
C GLY HA 468 0.93 91.10 30.27
N LYS HA 469 0.91 90.68 29.02
CA LYS HA 469 2.16 90.26 28.39
C LYS HA 469 2.92 91.52 27.98
N SER HA 470 3.83 91.96 28.85
CA SER HA 470 4.39 93.31 28.82
C SER HA 470 5.72 93.39 28.07
N LEU HA 471 5.87 92.59 27.02
CA LEU HA 471 7.06 92.49 26.18
C LEU HA 471 7.03 93.42 24.98
N TYR HA 472 5.88 93.50 24.31
CA TYR HA 472 5.67 94.26 23.09
C TYR HA 472 5.42 95.76 23.33
N GLY HA 473 5.15 96.17 24.56
CA GLY HA 473 4.94 97.59 24.84
C GLY HA 473 3.79 98.37 24.23
N PHE HA 474 2.58 97.79 24.14
CA PHE HA 474 1.48 98.57 23.61
C PHE HA 474 0.91 99.54 24.65
N GLU HA 475 1.23 99.32 25.93
CA GLU HA 475 1.31 100.36 26.97
C GLU HA 475 -0.05 100.97 27.34
N VAL HA 476 -1.05 100.11 27.53
CA VAL HA 476 -2.33 100.49 28.14
C VAL HA 476 -2.99 99.22 28.66
N LEU HA 477 -3.74 99.37 29.78
CA LEU HA 477 -4.49 98.34 30.50
C LEU HA 477 -3.70 97.09 30.87
N LEU HA 478 -3.37 96.95 32.15
CA LEU HA 478 -2.65 95.82 32.76
C LEU HA 478 -1.26 95.56 32.17
N ASN HA 479 -0.78 96.46 31.30
CA ASN HA 479 0.63 96.63 30.99
C ASN HA 479 1.19 97.85 31.70
N ASN HA 480 0.47 98.96 31.61
CA ASN HA 480 0.77 100.16 32.39
C ASN HA 480 -0.06 100.04 33.68
N ALA HA 481 0.45 100.63 34.76
CA ALA HA 481 -0.11 100.36 36.08
C ALA HA 481 -0.84 101.56 36.70
N ASP HA 482 -1.23 102.57 35.90
CA ASP HA 482 -2.16 103.58 36.39
C ASP HA 482 -3.58 103.36 35.89
N SER HA 483 -3.78 102.37 35.02
CA SER HA 483 -5.10 102.04 34.48
C SER HA 483 -6.07 101.62 35.58
N ILE HA 484 -7.34 101.99 35.38
CA ILE HA 484 -8.43 101.69 36.32
C ILE HA 484 -8.59 100.18 36.57
N THR HA 485 -8.21 99.34 35.60
CA THR HA 485 -8.31 97.90 35.79
C THR HA 485 -7.08 97.36 36.53
N ARG HA 486 -5.98 98.09 36.56
CA ARG HA 486 -4.79 97.63 37.29
C ARG HA 486 -4.67 98.20 38.69
N VAL HA 487 -4.80 99.52 38.86
CA VAL HA 487 -4.63 100.11 40.19
C VAL HA 487 -5.85 99.86 41.05
N ALA HA 488 -7.01 99.60 40.40
CA ALA HA 488 -8.33 99.34 40.99
C ALA HA 488 -8.73 100.41 41.99
N PRO HA 489 -9.14 101.59 41.55
CA PRO HA 489 -9.56 102.64 42.49
C PRO HA 489 -10.92 102.41 43.11
N GLY HA 490 -11.68 101.41 42.66
CA GLY HA 490 -12.96 101.14 43.27
C GLY HA 490 -12.83 100.46 44.62
N SER HA 491 -12.32 99.22 44.64
CA SER HA 491 -12.36 98.42 45.85
C SER HA 491 -11.00 97.98 46.37
N ALA HA 492 -9.90 98.40 45.72
CA ALA HA 492 -8.52 97.94 45.99
C ALA HA 492 -8.43 96.41 45.94
N GLN HA 493 -9.10 95.84 44.94
CA GLN HA 493 -9.22 94.41 44.63
C GLN HA 493 -8.05 93.66 43.97
N PRO HA 494 -7.06 94.30 43.26
CA PRO HA 494 -6.47 93.65 42.08
C PRO HA 494 -5.43 92.56 42.35
N ILE HA 495 -5.50 91.91 43.51
CA ILE HA 495 -4.51 90.97 44.04
C ILE HA 495 -4.05 89.82 43.12
N TRP HA 496 -4.81 89.51 42.06
CA TRP HA 496 -4.49 88.33 41.27
C TRP HA 496 -3.33 88.58 40.31
N LEU HA 497 -3.08 89.84 39.99
CA LEU HA 497 -2.06 90.23 39.03
C LEU HA 497 -0.63 89.72 39.20
N PRO HA 498 -0.01 89.64 40.41
CA PRO HA 498 1.39 89.14 40.46
C PRO HA 498 1.57 87.70 40.00
N GLY HA 499 0.80 86.75 40.54
CA GLY HA 499 0.91 85.37 40.10
C GLY HA 499 0.65 85.23 38.61
N TRP HA 500 -0.35 85.97 38.10
CA TRP HA 500 -0.70 85.97 36.68
C TRP HA 500 0.43 86.56 35.83
N LEU HA 501 0.95 87.74 36.23
CA LEU HA 501 2.02 88.39 35.47
C LEU HA 501 3.31 87.59 35.41
N ASP HA 502 3.64 86.85 36.48
CA ASP HA 502 4.85 86.04 36.48
C ASP HA 502 4.81 84.96 35.41
N ALA HA 503 3.68 84.25 35.31
CA ALA HA 503 3.52 83.19 34.32
C ALA HA 503 3.43 83.74 32.91
N ILE HA 504 2.72 84.86 32.72
CA ILE HA 504 2.55 85.44 31.38
C ILE HA 504 3.84 86.08 30.86
N ASN HA 505 4.82 86.32 31.74
CA ASN HA 505 6.08 86.93 31.30
C ASN HA 505 7.22 85.93 31.25
N SER HA 506 7.09 84.79 31.90
CA SER HA 506 8.11 83.76 31.85
C SER HA 506 7.94 82.94 30.58
N GLY HA 507 9.02 82.82 29.80
CA GLY HA 507 8.97 82.09 28.55
C GLY HA 507 9.29 80.62 28.70
N ASN HA 508 8.97 80.06 29.86
CA ASN HA 508 9.13 78.64 30.13
C ASN HA 508 7.78 77.95 30.25
N ASN HA 509 6.70 78.61 29.88
CA ASN HA 509 5.37 78.00 29.99
C ASN HA 509 4.55 78.32 28.74
N SER HA 510 3.24 78.10 28.82
CA SER HA 510 2.34 78.33 27.69
C SER HA 510 1.26 79.39 27.97
N LEU HA 511 1.43 80.24 28.97
CA LEU HA 511 0.45 81.28 29.24
C LEU HA 511 0.63 82.42 28.25
N PHE HA 512 -0.07 82.37 27.10
CA PHE HA 512 -0.02 83.39 26.04
C PHE HA 512 1.31 83.39 25.31
N LEU HA 513 1.65 82.27 24.67
CA LEU HA 513 2.86 82.05 23.89
C LEU HA 513 3.17 83.21 22.93
N THR HA 514 4.46 83.48 22.76
CA THR HA 514 4.89 84.53 21.84
C THR HA 514 4.50 84.20 20.40
N ILE HA 515 4.03 85.22 19.68
CA ILE HA 515 3.58 85.04 18.31
C ILE HA 515 4.24 86.05 17.38
N GLY HA 516 4.25 85.72 16.09
CA GLY HA 516 4.82 86.56 15.07
C GLY HA 516 4.06 86.42 13.76
N PRO HA 517 4.70 86.76 12.64
CA PRO HA 517 4.04 86.69 11.31
C PRO HA 517 3.43 85.36 10.94
N GLY HA 518 4.08 84.25 11.33
CA GLY HA 518 3.58 82.92 11.03
C GLY HA 518 2.21 82.68 11.62
N ASP HA 519 2.03 83.11 12.87
CA ASP HA 519 0.78 82.97 13.60
C ASP HA 519 -0.34 83.77 12.97
N PHE HA 520 0.00 84.86 12.28
CA PHE HA 520 -1.01 85.69 11.63
C PHE HA 520 -1.71 84.96 10.51
N LEU HA 521 -0.91 84.47 9.55
CA LEU HA 521 -1.42 83.76 8.38
C LEU HA 521 -2.27 82.56 8.75
N VAL HA 522 -1.74 81.70 9.63
CA VAL HA 522 -2.47 80.51 10.06
C VAL HA 522 -3.78 80.86 10.75
N HIS HA 523 -3.78 81.90 11.60
CA HIS HA 523 -5.00 82.32 12.28
C HIS HA 523 -6.08 82.72 11.29
N HIS HA 524 -5.67 83.22 10.13
CA HIS HA 524 -6.64 83.57 9.11
C HIS HA 524 -7.03 82.36 8.31
N ALA HA 525 -6.16 81.33 8.29
CA ALA HA 525 -6.49 80.10 7.60
C ALA HA 525 -7.55 79.36 8.37
N ILE HA 526 -7.42 79.35 9.70
CA ILE HA 526 -8.39 78.70 10.55
C ILE HA 526 -9.71 79.45 10.43
N ALA HA 527 -9.61 80.79 10.34
CA ALA HA 527 -10.80 81.61 10.17
C ALA HA 527 -11.42 81.28 8.82
N LEU HA 528 -10.56 81.13 7.79
CA LEU HA 528 -10.99 80.74 6.46
C LEU HA 528 -11.67 79.38 6.52
N GLY HA 529 -11.10 78.51 7.33
CA GLY HA 529 -11.66 77.19 7.47
C GLY HA 529 -12.98 77.20 8.22
N LEU HA 530 -13.04 77.97 9.32
CA LEU HA 530 -14.26 78.06 10.10
C LEU HA 530 -15.39 78.71 9.30
N HIS HA 531 -15.05 79.67 8.43
CA HIS HA 531 -16.08 80.34 7.65
C HIS HA 531 -16.56 79.44 6.52
N THR HA 532 -15.63 78.74 5.87
CA THR HA 532 -16.00 77.85 4.79
C THR HA 532 -16.77 76.64 5.29
N THR HA 533 -16.40 76.10 6.47
CA THR HA 533 -17.10 74.93 6.99
C THR HA 533 -18.53 75.25 7.38
N THR HA 534 -18.77 76.40 8.00
CA THR HA 534 -20.13 76.78 8.37
C THR HA 534 -20.95 77.05 7.12
N LEU HA 535 -20.31 77.62 6.09
CA LEU HA 535 -20.96 77.97 4.83
C LEU HA 535 -21.59 76.76 4.17
N ILE HA 536 -20.82 75.68 4.07
CA ILE HA 536 -21.28 74.43 3.46
C ILE HA 536 -22.47 73.89 4.24
N LEU HA 537 -22.37 73.92 5.56
CA LEU HA 537 -23.44 73.41 6.41
C LEU HA 537 -24.67 74.30 6.37
N VAL HA 538 -24.48 75.61 6.33
CA VAL HA 538 -25.64 76.50 6.31
C VAL HA 538 -26.33 76.44 4.95
N LYS HA 539 -25.54 76.42 3.85
CA LYS HA 539 -26.13 76.32 2.52
C LYS HA 539 -26.90 75.02 2.42
N GLY HA 540 -26.35 73.94 2.97
CA GLY HA 540 -27.07 72.69 2.95
C GLY HA 540 -28.36 72.78 3.75
N ALA HA 541 -28.29 73.40 4.93
CA ALA HA 541 -29.48 73.54 5.78
C ALA HA 541 -30.50 74.54 5.24
N LEU HA 542 -30.05 75.75 4.85
CA LEU HA 542 -31.02 76.73 4.37
C LEU HA 542 -31.62 76.40 3.01
N ASP HA 543 -30.98 75.52 2.23
CA ASP HA 543 -31.53 75.12 0.94
C ASP HA 543 -32.11 73.72 0.98
N ALA HA 544 -32.08 73.10 2.17
CA ALA HA 544 -32.60 71.77 2.42
C ALA HA 544 -34.04 71.60 1.96
N ARG HA 545 -34.91 72.56 2.31
CA ARG HA 545 -36.31 72.45 1.90
C ARG HA 545 -36.47 72.65 0.39
N GLY HA 546 -35.58 73.41 -0.24
CA GLY HA 546 -35.64 73.60 -1.68
C GLY HA 546 -34.77 74.67 -2.28
N SER HA 547 -34.50 74.52 -3.57
CA SER HA 547 -33.70 75.44 -4.37
C SER HA 547 -34.28 75.44 -5.79
N LYS HA 548 -33.66 76.19 -6.69
CA LYS HA 548 -34.17 76.19 -8.06
C LYS HA 548 -33.92 74.86 -8.74
N LEU HA 549 -32.77 74.23 -8.46
CA LEU HA 549 -32.50 72.95 -9.11
C LEU HA 549 -33.40 71.85 -8.57
N MET HA 550 -33.91 71.98 -7.35
CA MET HA 550 -34.80 70.97 -6.78
C MET HA 550 -35.77 71.65 -5.82
N PRO HA 551 -36.82 72.29 -6.35
CA PRO HA 551 -37.83 72.97 -5.53
C PRO HA 551 -38.54 72.12 -4.49
N ASP HA 552 -38.72 70.83 -4.69
CA ASP HA 552 -39.46 70.00 -3.76
C ASP HA 552 -38.56 69.07 -2.94
N LYS HA 553 -37.29 69.47 -2.76
CA LYS HA 553 -36.28 68.68 -2.02
C LYS HA 553 -36.77 68.13 -0.69
N LYS HA 554 -37.51 68.95 0.07
CA LYS HA 554 -38.05 68.54 1.37
C LYS HA 554 -38.93 67.29 1.31
N ASP HA 555 -39.55 67.01 0.16
CA ASP HA 555 -40.43 65.84 0.05
C ASP HA 555 -39.67 64.52 0.02
N PHE HA 556 -38.38 64.55 -0.25
CA PHE HA 556 -37.56 63.35 -0.34
C PHE HA 556 -36.74 63.07 0.92
N GLY HA 557 -36.85 63.89 1.93
CA GLY HA 557 -36.11 63.67 3.15
C GLY HA 557 -34.68 64.16 3.10
N TYR HA 558 -34.01 63.97 4.25
CA TYR HA 558 -32.63 64.42 4.43
C TYR HA 558 -31.64 63.75 3.49
N SER HA 559 -31.78 62.45 3.24
CA SER HA 559 -30.76 61.72 2.50
C SER HA 559 -31.39 60.95 1.36
N PHE HA 560 -31.02 61.28 0.13
CA PHE HA 560 -31.42 60.50 -1.03
C PHE HA 560 -30.27 60.56 -2.02
N PRO HA 561 -30.08 59.51 -2.87
CA PRO HA 561 -28.97 59.51 -3.85
C PRO HA 561 -28.77 60.78 -4.68
N CYS HA 562 -29.82 61.26 -5.35
CA CYS HA 562 -29.82 62.39 -6.28
C CYS HA 562 -31.17 62.49 -6.96
N ASP HA 563 -31.22 63.15 -8.12
CA ASP HA 563 -32.49 63.33 -8.81
C ASP HA 563 -32.35 63.06 -10.31
N GLY HA 564 -31.43 62.18 -10.68
CA GLY HA 564 -31.23 61.80 -12.07
C GLY HA 564 -30.42 62.77 -12.92
N PRO HA 565 -30.13 62.34 -14.15
CA PRO HA 565 -29.34 63.15 -15.08
C PRO HA 565 -30.08 64.33 -15.67
N GLY HA 566 -31.35 64.48 -15.35
CA GLY HA 566 -32.12 65.60 -15.85
C GLY HA 566 -31.72 66.88 -15.16
N ARG HA 567 -32.24 67.98 -15.70
CA ARG HA 567 -32.00 69.34 -15.21
C ARG HA 567 -30.52 69.70 -15.11
N GLY HA 568 -29.72 69.13 -16.02
CA GLY HA 568 -28.30 69.38 -16.06
C GLY HA 568 -27.48 68.35 -15.32
N GLY HA 569 -28.06 67.73 -14.31
CA GLY HA 569 -27.40 66.74 -13.48
C GLY HA 569 -27.60 67.17 -12.05
N THR HA 570 -27.89 66.23 -11.16
CA THR HA 570 -28.20 66.61 -9.78
C THR HA 570 -27.44 65.84 -8.73
N CYS HA 571 -26.33 65.16 -9.07
CA CYS HA 571 -25.54 64.45 -8.07
C CYS HA 571 -25.14 65.38 -6.94
N ASP HA 572 -25.12 64.84 -5.71
CA ASP HA 572 -24.74 65.57 -4.48
C ASP HA 572 -25.64 66.76 -4.19
N ILE HA 573 -26.95 66.60 -4.44
CA ILE HA 573 -27.93 67.66 -4.22
C ILE HA 573 -28.61 67.57 -2.86
N SER HA 574 -28.40 66.49 -2.12
CA SER HA 574 -29.11 66.36 -0.86
C SER HA 574 -28.36 67.04 0.26
N ALA HA 575 -29.14 67.44 1.29
CA ALA HA 575 -28.57 68.08 2.47
C ALA HA 575 -27.55 67.17 3.13
N TRP HA 576 -27.77 65.85 3.04
CA TRP HA 576 -26.85 64.91 3.64
C TRP HA 576 -25.53 65.00 2.91
N ASP HA 577 -25.61 65.13 1.57
CA ASP HA 577 -24.44 65.27 0.73
C ASP HA 577 -23.73 66.58 1.02
N ALA HA 578 -24.49 67.60 1.43
CA ALA HA 578 -23.92 68.89 1.78
C ALA HA 578 -23.11 68.79 3.06
N PHE HA 579 -23.64 68.06 4.04
CA PHE HA 579 -22.93 67.82 5.29
C PHE HA 579 -21.63 67.09 5.01
N TYR HA 580 -21.72 66.11 4.12
CA TYR HA 580 -20.66 65.24 3.69
C TYR HA 580 -19.47 66.02 3.14
N LEU HA 581 -19.72 67.06 2.35
CA LEU HA 581 -18.60 67.82 1.81
C LEU HA 581 -17.95 68.64 2.93
N ALA HA 582 -18.77 69.18 3.84
CA ALA HA 582 -18.28 69.96 4.97
C ALA HA 582 -17.43 69.14 5.93
N VAL HA 583 -17.63 67.81 5.98
CA VAL HA 583 -16.81 66.96 6.83
C VAL HA 583 -15.36 67.03 6.41
N PHE HA 584 -15.11 66.93 5.09
CA PHE HA 584 -13.77 67.09 4.51
C PHE HA 584 -13.12 68.37 4.96
N TRP HA 585 -13.89 69.43 5.02
CA TRP HA 585 -13.37 70.70 5.45
C TRP HA 585 -13.04 70.67 6.94
N MET HA 586 -13.83 69.93 7.73
CA MET HA 586 -13.60 69.85 9.17
C MET HA 586 -12.25 69.20 9.47
N LEU HA 587 -11.92 68.09 8.80
CA LEU HA 587 -10.62 67.46 9.01
C LEU HA 587 -9.51 68.44 8.64
N ASN HA 588 -9.69 69.13 7.52
CA ASN HA 588 -8.74 70.13 7.05
C ASN HA 588 -8.54 71.27 8.04
N THR HA 589 -9.62 71.74 8.67
CA THR HA 589 -9.50 72.86 9.60
C THR HA 589 -8.74 72.45 10.84
N ILE HA 590 -9.19 71.37 11.48
CA ILE HA 590 -8.54 70.86 12.67
C ILE HA 590 -7.15 70.37 12.32
N GLY HA 591 -6.95 69.97 11.05
CA GLY HA 591 -5.62 69.58 10.62
C GLY HA 591 -4.71 70.78 10.66
N TRP HA 592 -5.15 71.86 10.00
CA TRP HA 592 -4.42 73.13 10.00
C TRP HA 592 -4.23 73.64 11.42
N THR HA 593 -5.24 73.45 12.27
CA THR HA 593 -5.17 73.91 13.65
C THR HA 593 -4.16 73.11 14.44
N THR HA 594 -4.22 71.78 14.33
CA THR HA 594 -3.29 70.93 15.07
C THR HA 594 -1.88 71.00 14.48
N PHE HA 595 -1.76 71.15 13.16
CA PHE HA 595 -0.44 71.30 12.54
C PHE HA 595 0.27 72.51 13.12
N TYR HA 596 -0.48 73.61 13.24
CA TYR HA 596 0.05 74.85 13.79
C TYR HA 596 0.43 74.66 15.25
N TRP HA 597 -0.50 74.12 16.04
CA TRP HA 597 -0.28 73.90 17.46
C TRP HA 597 0.89 72.96 17.70
N HIS HA 598 1.01 71.91 16.87
CA HIS HA 598 2.08 70.93 17.08
C HIS HA 598 3.44 71.49 16.74
N TRP HA 599 3.60 72.00 15.51
CA TRP HA 599 4.87 72.56 15.06
C TRP HA 599 5.38 73.68 15.96
N LYS HA 600 4.49 74.60 16.34
CA LYS HA 600 4.85 75.71 17.20
C LYS HA 600 5.37 75.20 18.53
N HIS HA 601 4.61 74.27 19.15
CA HIS HA 601 5.01 73.71 20.43
C HIS HA 601 6.30 72.92 20.36
N LEU HA 602 6.62 72.32 19.20
CA LEU HA 602 7.88 71.58 19.07
C LEU HA 602 9.06 72.51 19.29
N GLY HA 603 9.02 73.68 18.66
CA GLY HA 603 10.05 74.68 18.85
C GLY HA 603 10.03 75.25 20.25
N VAL HA 604 8.82 75.58 20.73
CA VAL HA 604 8.63 76.14 22.06
C VAL HA 604 9.14 75.20 23.15
N TRP HA 605 8.93 73.90 23.00
CA TRP HA 605 9.40 72.99 24.05
C TRP HA 605 10.91 72.78 23.99
N GLN HA 606 11.48 72.66 22.79
CA GLN HA 606 12.92 72.62 22.66
C GLN HA 606 13.56 74.00 22.72
N GLY HA 607 12.78 75.05 23.01
CA GLY HA 607 13.34 76.36 23.27
C GLY HA 607 13.93 77.05 22.06
N ASN HA 608 13.54 76.65 20.86
CA ASN HA 608 14.05 77.25 19.63
C ASN HA 608 12.86 77.71 18.79
N VAL HA 609 12.18 78.75 19.28
CA VAL HA 609 11.01 79.31 18.59
C VAL HA 609 11.37 79.94 17.25
N ALA HA 610 12.66 80.28 17.03
CA ALA HA 610 13.09 80.90 15.78
C ALA HA 610 12.79 80.04 14.56
N GLN HA 611 12.88 78.71 14.72
CA GLN HA 611 12.62 77.78 13.63
C GLN HA 611 11.20 77.95 13.10
N PHE HA 612 10.22 77.90 14.01
CA PHE HA 612 8.82 78.07 13.63
C PHE HA 612 8.55 79.46 13.08
N ASN HA 613 8.96 80.50 13.82
CA ASN HA 613 8.76 81.91 13.44
C ASN HA 613 9.21 82.24 12.02
N GLU HA 614 10.33 81.69 11.58
CA GLU HA 614 10.80 82.00 10.24
C GLU HA 614 10.34 81.03 9.16
N SER HA 615 10.16 79.75 9.47
CA SER HA 615 9.75 78.79 8.46
C SER HA 615 8.24 78.72 8.24
N SER HA 616 7.42 79.07 9.23
CA SER HA 616 5.97 78.97 9.07
C SER HA 616 5.37 80.03 8.17
N THR HA 617 6.16 80.99 7.70
CA THR HA 617 5.62 82.05 6.87
C THR HA 617 5.61 81.67 5.39
N TYR HA 618 6.21 80.54 5.06
CA TYR HA 618 6.17 79.98 3.71
C TYR HA 618 5.80 78.51 3.85
N LEU HA 619 5.11 77.98 2.84
CA LEU HA 619 4.62 76.61 2.95
C LEU HA 619 5.72 75.56 2.88
N MET HA 620 6.84 75.84 2.20
CA MET HA 620 7.94 74.86 2.19
C MET HA 620 8.48 74.58 3.59
N GLY HA 621 8.32 75.51 4.52
CA GLY HA 621 8.79 75.30 5.87
C GLY HA 621 7.90 74.27 6.55
N TRP HA 622 6.60 74.34 6.25
CA TRP HA 622 5.63 73.40 6.77
C TRP HA 622 5.80 72.03 6.18
N PHE HA 623 6.46 71.95 5.03
CA PHE HA 623 6.67 70.72 4.30
C PHE HA 623 8.05 70.13 4.54
N ARG HA 624 9.10 70.94 4.37
CA ARG HA 624 10.47 70.49 4.57
C ARG HA 624 10.89 70.42 6.03
N ASP HA 625 10.62 71.48 6.78
CA ASP HA 625 11.08 71.57 8.16
C ASP HA 625 10.08 71.04 9.17
N TYR HA 626 8.87 70.70 8.76
CA TYR HA 626 7.88 70.15 9.67
C TYR HA 626 7.54 68.70 9.36
N LEU HA 627 7.06 68.40 8.16
CA LEU HA 627 6.64 67.04 7.84
C LEU HA 627 7.82 66.11 7.58
N TRP HA 628 8.69 66.48 6.64
CA TRP HA 628 9.85 65.66 6.30
C TRP HA 628 10.80 65.50 7.48
N LEU HA 629 11.13 66.61 8.15
CA LEU HA 629 12.04 66.60 9.28
C LEU HA 629 11.55 65.73 10.44
N ASN HA 630 10.31 65.94 10.89
CA ASN HA 630 9.81 65.21 12.04
C ASN HA 630 9.40 63.78 11.77
N SER HA 631 9.54 63.28 10.55
CA SER HA 631 9.18 61.89 10.29
C SER HA 631 10.38 60.98 10.32
N SER HA 632 11.55 61.51 10.68
CA SER HA 632 12.78 60.73 10.74
C SER HA 632 12.66 59.51 11.65
N GLN HA 633 12.28 59.73 12.90
CA GLN HA 633 12.14 58.63 13.84
C GLN HA 633 10.96 57.71 13.53
N LEU HA 634 9.76 58.27 13.34
CA LEU HA 634 8.54 57.50 13.03
C LEU HA 634 8.75 56.48 11.92
N ILE HA 635 9.26 56.92 10.78
CA ILE HA 635 9.51 56.09 9.61
C ILE HA 635 10.61 55.07 9.83
N ASN HA 636 11.40 55.21 10.88
CA ASN HA 636 12.44 54.22 11.16
C ASN HA 636 12.08 53.29 12.30
N GLY HA 637 10.77 53.20 12.61
CA GLY HA 637 10.29 52.27 13.63
C GLY HA 637 10.78 50.85 13.42
N TYR HA 638 10.96 50.46 12.17
CA TYR HA 638 11.55 49.21 11.74
C TYR HA 638 12.23 49.51 10.42
N ASN HA 639 13.29 48.76 10.13
CA ASN HA 639 14.07 48.95 8.90
C ASN HA 639 14.90 47.70 8.68
N PRO HA 640 15.78 47.57 7.66
CA PRO HA 640 16.55 46.31 7.52
C PRO HA 640 17.51 45.97 8.65
N PHE HA 641 17.73 46.85 9.63
CA PHE HA 641 18.69 46.53 10.68
C PHE HA 641 18.03 46.19 12.01
N GLY HA 642 16.75 46.45 12.17
CA GLY HA 642 16.10 46.11 13.42
C GLY HA 642 14.79 46.84 13.57
N MET HA 643 14.41 47.04 14.82
CA MET HA 643 13.19 47.74 15.17
C MET HA 643 13.34 48.29 16.58
N ASN HA 644 12.39 49.11 16.97
CA ASN HA 644 12.38 49.74 18.27
C ASN HA 644 10.94 49.96 18.70
N ASN HA 645 10.77 50.64 19.83
CA ASN HA 645 9.48 50.89 20.45
C ASN HA 645 8.55 51.81 19.64
N LEU HA 646 8.89 52.17 18.40
CA LEU HA 646 8.05 52.98 17.53
C LEU HA 646 7.59 52.20 16.34
N SER HA 647 7.83 50.87 16.32
CA SER HA 647 7.38 50.04 15.22
C SER HA 647 5.87 50.03 15.12
N VAL HA 648 5.16 50.10 16.25
CA VAL HA 648 3.70 50.13 16.22
C VAL HA 648 3.24 51.38 15.50
N TRP HA 649 3.70 52.56 15.96
CA TRP HA 649 3.36 53.84 15.38
C TRP HA 649 3.79 53.92 13.92
N ALA HA 650 4.87 53.22 13.56
CA ALA HA 650 5.34 53.24 12.19
C ALA HA 650 4.42 52.42 11.32
N TRP HA 651 3.95 51.30 11.86
CA TRP HA 651 3.02 50.44 11.15
C TRP HA 651 1.70 51.15 11.01
N MET HA 652 1.24 51.75 12.12
CA MET HA 652 -0.01 52.51 12.12
C MET HA 652 0.02 53.66 11.15
N PHE HA 653 1.16 54.34 11.05
CA PHE HA 653 1.29 55.49 10.15
C PHE HA 653 1.06 55.07 8.72
N LEU HA 654 1.67 53.95 8.34
CA LEU HA 654 1.49 53.41 7.00
C LEU HA 654 0.08 52.89 6.86
N PHE HA 655 -0.43 52.28 7.93
CA PHE HA 655 -1.79 51.74 7.98
C PHE HA 655 -2.80 52.82 7.66
N GLY HA 656 -2.61 53.99 8.27
CA GLY HA 656 -3.49 55.11 8.04
C GLY HA 656 -3.47 55.56 6.60
N HIS HA 657 -2.27 55.65 6.00
CA HIS HA 657 -2.13 56.06 4.61
C HIS HA 657 -2.87 55.11 3.69
N LEU HA 658 -2.80 53.82 3.98
CA LEU HA 658 -3.43 52.82 3.13
C LEU HA 658 -4.95 52.89 3.23
N ILE HA 659 -5.45 53.23 4.41
CA ILE HA 659 -6.89 53.27 4.61
C ILE HA 659 -7.43 54.67 4.33
N TRP HA 660 -6.55 55.67 4.29
CA TRP HA 660 -6.94 56.97 3.75
C TRP HA 660 -7.23 56.83 2.27
N ALA HA 661 -6.31 56.21 1.55
CA ALA HA 661 -6.40 56.02 0.11
C ALA HA 661 -7.52 55.08 -0.29
N THR HA 662 -7.87 54.14 0.58
CA THR HA 662 -8.95 53.21 0.26
C THR HA 662 -10.27 53.95 0.17
N GLY HA 663 -10.42 55.04 0.94
CA GLY HA 663 -11.63 55.82 0.85
C GLY HA 663 -11.78 56.51 -0.48
N PHE HA 664 -10.66 56.87 -1.12
CA PHE HA 664 -10.70 57.54 -2.42
C PHE HA 664 -11.37 56.67 -3.46
N MET HA 665 -11.29 55.36 -3.32
CA MET HA 665 -11.88 54.43 -4.28
C MET HA 665 -13.40 54.58 -4.30
N PHE HA 666 -14.02 54.58 -3.12
CA PHE HA 666 -15.47 54.71 -3.03
C PHE HA 666 -15.91 56.11 -3.42
N LEU HA 667 -15.09 57.12 -3.15
CA LEU HA 667 -15.45 58.50 -3.45
C LEU HA 667 -15.28 58.88 -4.90
N ILE HA 668 -14.35 58.26 -5.63
CA ILE HA 668 -14.09 58.62 -7.03
C ILE HA 668 -14.82 57.70 -7.98
N SER HA 669 -14.79 56.40 -7.76
CA SER HA 669 -15.48 55.50 -8.66
C SER HA 669 -16.88 55.33 -8.11
N TRP HA 670 -17.87 55.42 -8.98
CA TRP HA 670 -19.26 55.35 -8.54
C TRP HA 670 -19.91 54.03 -8.95
N ARG HA 671 -21.11 53.82 -8.42
CA ARG HA 671 -21.88 52.58 -8.49
C ARG HA 671 -21.92 51.78 -9.79
N GLY HA 672 -22.33 52.43 -10.89
CA GLY HA 672 -22.49 51.77 -12.19
C GLY HA 672 -21.33 50.87 -12.58
N TYR HA 673 -20.11 51.37 -12.43
CA TYR HA 673 -18.92 50.58 -12.74
C TYR HA 673 -18.91 49.26 -11.98
N TRP HA 674 -19.19 49.34 -10.68
CA TRP HA 674 -19.17 48.17 -9.82
C TRP HA 674 -20.32 47.21 -10.03
N GLN HA 675 -21.55 47.73 -10.16
CA GLN HA 675 -22.72 46.89 -10.39
C GLN HA 675 -22.56 46.03 -11.64
N GLU HA 676 -21.99 46.59 -12.71
CA GLU HA 676 -21.82 45.81 -13.92
C GLU HA 676 -20.75 44.75 -13.73
N LEU HA 677 -19.72 45.09 -12.94
CA LEU HA 677 -18.67 44.14 -12.64
C LEU HA 677 -19.20 42.99 -11.79
N ILE HA 678 -20.02 43.32 -10.79
CA ILE HA 678 -20.63 42.34 -9.90
C ILE HA 678 -21.46 41.33 -10.68
N GLU HA 679 -22.17 41.77 -11.72
CA GLU HA 679 -22.96 40.87 -12.55
C GLU HA 679 -22.12 39.79 -13.21
N THR HA 680 -20.91 40.15 -13.65
CA THR HA 680 -20.02 39.15 -14.24
C THR HA 680 -19.53 38.17 -13.18
N LEU HA 681 -19.44 38.62 -11.93
CA LEU HA 681 -19.03 37.73 -10.85
C LEU HA 681 -20.15 36.78 -10.49
N VAL HA 682 -21.38 37.28 -10.55
CA VAL HA 682 -22.56 36.46 -10.30
C VAL HA 682 -22.65 35.39 -11.36
N TRP HA 683 -22.45 35.78 -12.62
CA TRP HA 683 -22.47 34.87 -13.76
C TRP HA 683 -21.43 33.78 -13.57
N ALA HA 684 -20.21 34.18 -13.24
CA ALA HA 684 -19.11 33.25 -13.06
C ALA HA 684 -19.41 32.24 -11.98
N HIS HA 685 -19.97 32.69 -10.86
CA HIS HA 685 -20.32 31.78 -9.76
C HIS HA 685 -21.35 30.77 -10.22
N GLU HA 686 -22.45 31.22 -10.82
CA GLU HA 686 -23.50 30.32 -11.29
C GLU HA 686 -23.05 29.34 -12.36
N ARG HA 687 -21.97 29.61 -13.09
CA ARG HA 687 -21.53 28.68 -14.12
C ARG HA 687 -20.29 27.84 -13.77
N THR HA 688 -19.80 27.85 -12.53
CA THR HA 688 -18.61 27.06 -12.21
C THR HA 688 -18.93 25.85 -11.36
N PRO HA 689 -18.73 24.64 -11.86
CA PRO HA 689 -19.03 23.44 -11.07
C PRO HA 689 -18.21 23.42 -9.78
N LEU HA 690 -18.78 22.73 -8.77
CA LEU HA 690 -18.32 22.56 -7.39
C LEU HA 690 -18.56 23.83 -6.60
N ALA HA 691 -19.18 24.82 -7.23
CA ALA HA 691 -19.57 26.08 -6.62
C ALA HA 691 -21.04 26.33 -6.84
N ASN HA 692 -21.54 25.96 -8.03
CA ASN HA 692 -22.97 25.98 -8.39
C ASN HA 692 -23.81 25.41 -7.27
N LEU HA 693 -23.31 24.32 -6.69
CA LEU HA 693 -23.91 23.53 -5.62
C LEU HA 693 -24.37 24.39 -4.45
N VAL HA 694 -23.69 25.51 -4.21
CA VAL HA 694 -24.01 26.35 -3.06
C VAL HA 694 -24.62 27.61 -3.64
N ARG HA 695 -25.48 28.26 -2.86
CA ARG HA 695 -26.12 29.47 -3.33
C ARG HA 695 -26.21 30.50 -2.23
N TRP HA 696 -26.15 31.78 -2.62
CA TRP HA 696 -26.31 32.87 -1.68
C TRP HA 696 -27.76 32.97 -1.25
N LYS HA 697 -27.98 33.44 -0.02
CA LYS HA 697 -29.37 33.63 0.37
C LYS HA 697 -29.81 35.03 -0.01
N ASP HA 698 -28.88 35.97 -0.01
CA ASP HA 698 -29.13 37.34 -0.42
C ASP HA 698 -28.42 37.61 -1.74
N LYS HA 699 -29.15 38.08 -2.74
CA LYS HA 699 -28.53 38.35 -4.04
C LYS HA 699 -27.53 39.50 -3.94
N PRO HA 700 -26.30 39.32 -4.40
CA PRO HA 700 -25.30 40.40 -4.31
C PRO HA 700 -25.61 41.58 -5.24
N VAL HA 701 -25.50 42.79 -4.70
CA VAL HA 701 -25.69 44.02 -5.46
C VAL HA 701 -24.67 45.03 -4.95
N ALA HA 702 -24.30 45.96 -5.83
CA ALA HA 702 -23.39 47.02 -5.49
C ALA HA 702 -23.93 47.91 -4.37
N LEU HA 703 -23.01 48.54 -3.63
CA LEU HA 703 -23.39 49.46 -2.55
C LEU HA 703 -24.20 50.61 -3.12
N SER HA 704 -25.03 51.24 -2.29
CA SER HA 704 -25.82 52.33 -2.84
C SER HA 704 -24.99 53.59 -3.05
N ILE HA 705 -25.60 54.57 -3.70
CA ILE HA 705 -24.95 55.84 -4.00
C ILE HA 705 -24.60 56.58 -2.72
N VAL HA 706 -25.56 56.71 -1.81
CA VAL HA 706 -25.32 57.38 -0.52
C VAL HA 706 -24.34 56.59 0.34
N GLN HA 707 -24.52 55.26 0.41
CA GLN HA 707 -23.63 54.38 1.16
C GLN HA 707 -22.16 54.58 0.84
N ALA HA 708 -21.83 54.63 -0.45
CA ALA HA 708 -20.46 54.80 -0.89
C ALA HA 708 -19.86 56.10 -0.40
N ARG HA 709 -20.65 57.17 -0.41
CA ARG HA 709 -20.21 58.45 0.11
C ARG HA 709 -19.85 58.30 1.57
N LEU HA 710 -20.74 57.64 2.31
CA LEU HA 710 -20.54 57.38 3.73
C LEU HA 710 -19.33 56.49 3.98
N VAL HA 711 -19.22 55.38 3.24
CA VAL HA 711 -18.11 54.45 3.44
C VAL HA 711 -16.80 55.09 3.03
N GLY HA 712 -16.80 55.80 1.91
CA GLY HA 712 -15.61 56.51 1.46
C GLY HA 712 -15.16 57.57 2.45
N LEU HA 713 -16.09 58.42 2.87
CA LEU HA 713 -15.78 59.46 3.85
C LEU HA 713 -15.31 58.85 5.17
N ALA HA 714 -15.91 57.73 5.59
CA ALA HA 714 -15.51 57.11 6.84
C ALA HA 714 -14.09 56.59 6.76
N HIS HA 715 -13.71 55.98 5.62
CA HIS HA 715 -12.33 55.54 5.46
C HIS HA 715 -11.40 56.74 5.46
N PHE HA 716 -11.73 57.74 4.61
CA PHE HA 716 -10.98 58.97 4.52
C PHE HA 716 -10.78 59.61 5.89
N ALA HA 717 -11.81 59.56 6.74
CA ALA HA 717 -11.72 60.18 8.04
C ALA HA 717 -10.90 59.38 9.03
N VAL HA 718 -11.11 58.06 9.09
CA VAL HA 718 -10.31 57.19 9.96
C VAL HA 718 -8.83 57.27 9.58
N GLY HA 719 -8.53 57.27 8.29
CA GLY HA 719 -7.13 57.33 7.85
C GLY HA 719 -6.48 58.63 8.24
N TYR HA 720 -7.23 59.74 8.11
CA TYR HA 720 -6.75 61.07 8.48
C TYR HA 720 -6.26 61.09 9.92
N ILE HA 721 -7.07 60.54 10.82
CA ILE HA 721 -6.74 60.54 12.24
C ILE HA 721 -5.58 59.60 12.52
N VAL HA 722 -5.68 58.33 12.09
CA VAL HA 722 -4.66 57.33 12.41
C VAL HA 722 -3.30 57.69 11.82
N THR HA 723 -3.28 58.39 10.67
CA THR HA 723 -2.01 58.92 10.18
C THR HA 723 -1.47 60.01 11.09
N TYR HA 724 -2.31 60.96 11.46
CA TYR HA 724 -1.82 62.04 12.30
C TYR HA 724 -1.56 61.58 13.73
N ALA HA 725 -2.37 60.65 14.25
CA ALA HA 725 -2.14 60.17 15.60
C ALA HA 725 -0.82 59.42 15.69
N ALA HA 726 -0.54 58.55 14.71
CA ALA HA 726 0.71 57.81 14.69
C ALA HA 726 1.91 58.75 14.60
N PHE HA 727 1.82 59.74 13.72
CA PHE HA 727 2.91 60.71 13.54
C PHE HA 727 3.17 61.57 14.75
N LEU HA 728 2.12 62.22 15.25
CA LEU HA 728 2.21 63.12 16.40
C LEU HA 728 2.89 62.48 17.61
N ILE HA 729 2.42 61.30 17.99
CA ILE HA 729 2.92 60.61 19.16
C ILE HA 729 4.36 60.18 18.96
N ALA HA 730 4.66 59.51 17.85
CA ALA HA 730 6.01 59.01 17.59
C ALA HA 730 7.03 60.13 17.42
N SER HA 731 6.65 61.23 16.75
CA SER HA 731 7.58 62.32 16.54
C SER HA 731 8.03 62.95 17.85
N THR HA 732 7.12 63.13 18.80
CA THR HA 732 7.47 63.73 20.08
C THR HA 732 8.17 62.76 21.01
N ALA HA 733 7.76 61.48 21.00
CA ALA HA 733 8.37 60.47 21.87
C ALA HA 733 9.82 60.14 21.56
N SER HA 734 10.43 60.72 20.53
CA SER HA 734 11.87 60.54 20.37
C SER HA 734 12.65 61.81 20.73
N LYS HA 735 12.05 62.99 20.55
CA LYS HA 735 12.77 64.23 20.79
C LYS HA 735 12.28 65.03 21.98
N PHE HA 736 10.99 64.98 22.29
CA PHE HA 736 10.35 65.72 23.39
C PHE HA 736 10.59 67.22 23.32
N ALA IA 2 -41.78 49.03 -4.01
CA ALA IA 2 -41.62 49.68 -5.31
C ALA IA 2 -41.59 51.19 -5.16
N HIS IA 3 -41.16 51.86 -6.22
CA HIS IA 3 -41.15 53.30 -6.23
C HIS IA 3 -42.55 53.83 -6.48
N THR IA 4 -42.77 55.06 -6.03
CA THR IA 4 -44.03 55.76 -6.19
C THR IA 4 -43.86 56.74 -7.33
N VAL IA 5 -44.80 56.72 -8.27
CA VAL IA 5 -44.79 57.62 -9.42
C VAL IA 5 -46.10 58.38 -9.39
N LYS IA 6 -46.01 59.68 -9.16
CA LYS IA 6 -47.18 60.53 -9.07
C LYS IA 6 -47.24 61.41 -10.31
N ILE IA 7 -48.45 61.68 -10.78
CA ILE IA 7 -48.65 62.53 -11.94
C ILE IA 7 -49.49 63.72 -11.50
N TYR IA 8 -48.92 64.91 -11.62
CA TYR IA 8 -49.59 66.12 -11.20
C TYR IA 8 -50.45 66.68 -12.33
N ASP IA 9 -51.39 67.55 -11.98
CA ASP IA 9 -52.36 68.12 -12.91
C ASP IA 9 -51.81 69.20 -13.83
N THR IA 10 -50.49 69.36 -13.93
CA THR IA 10 -49.91 70.34 -14.83
C THR IA 10 -49.53 69.70 -16.15
N CYS IA 11 -49.91 68.42 -16.36
CA CYS IA 11 -49.59 67.69 -17.57
C CYS IA 11 -50.25 68.33 -18.78
N ILE IA 12 -49.49 68.48 -19.85
CA ILE IA 12 -49.99 69.08 -21.07
C ILE IA 12 -50.21 68.03 -22.15
N GLY IA 13 -50.32 66.75 -21.76
CA GLY IA 13 -50.55 65.65 -22.68
C GLY IA 13 -49.59 65.58 -23.85
N CYS IA 14 -48.32 65.91 -23.62
CA CYS IA 14 -47.34 65.89 -24.69
C CYS IA 14 -46.87 64.50 -25.07
N THR IA 15 -47.08 63.48 -24.21
CA THR IA 15 -46.70 62.07 -24.38
C THR IA 15 -45.19 61.83 -24.30
N GLN IA 16 -44.38 62.86 -24.06
CA GLN IA 16 -42.94 62.66 -23.98
C GLN IA 16 -42.53 61.67 -22.89
N CYS IA 17 -43.11 61.81 -21.69
CA CYS IA 17 -42.80 60.94 -20.55
C CYS IA 17 -43.02 59.47 -20.87
N VAL IA 18 -44.23 59.12 -21.32
CA VAL IA 18 -44.61 57.74 -21.68
C VAL IA 18 -43.59 57.10 -22.62
N ARG IA 19 -43.09 57.87 -23.59
CA ARG IA 19 -42.14 57.33 -24.56
C ARG IA 19 -40.71 57.35 -24.06
N ALA IA 20 -40.48 57.75 -22.81
CA ALA IA 20 -39.16 57.76 -22.21
C ALA IA 20 -38.91 56.59 -21.27
N CYS IA 21 -39.95 56.05 -20.65
CA CYS IA 21 -39.85 54.96 -19.68
C CYS IA 21 -39.24 53.70 -20.31
N PRO IA 22 -38.14 53.20 -19.77
CA PRO IA 22 -37.49 52.00 -20.34
C PRO IA 22 -38.13 50.69 -19.94
N THR IA 23 -39.10 50.66 -19.03
CA THR IA 23 -39.73 49.42 -18.62
C THR IA 23 -41.24 49.44 -18.80
N ASP IA 24 -41.77 50.45 -19.48
CA ASP IA 24 -43.20 50.65 -19.77
C ASP IA 24 -44.02 50.67 -18.48
N VAL IA 25 -43.73 51.66 -17.66
CA VAL IA 25 -44.44 51.87 -16.40
C VAL IA 25 -45.57 52.87 -16.58
N LEU IA 26 -45.48 53.73 -17.57
CA LEU IA 26 -46.42 54.83 -17.74
C LEU IA 26 -47.24 54.71 -19.01
N GLU IA 27 -48.40 55.34 -18.97
CA GLU IA 27 -49.31 55.40 -20.10
C GLU IA 27 -50.12 56.68 -20.01
N MET IA 28 -50.59 57.12 -21.17
CA MET IA 28 -51.44 58.30 -21.29
C MET IA 28 -52.89 57.87 -21.13
N VAL IA 29 -53.68 58.63 -20.36
CA VAL IA 29 -55.08 58.25 -20.24
C VAL IA 29 -55.98 59.46 -20.52
N PRO IA 30 -57.20 59.24 -21.01
CA PRO IA 30 -58.14 60.35 -21.29
C PRO IA 30 -58.43 61.24 -20.10
N TRP IA 31 -58.36 62.55 -20.34
CA TRP IA 31 -58.65 63.54 -19.30
C TRP IA 31 -60.07 64.03 -19.46
N ASP IA 32 -60.72 64.28 -18.33
CA ASP IA 32 -62.10 64.75 -18.35
C ASP IA 32 -62.26 66.25 -18.19
N GLY IA 33 -61.19 67.00 -17.95
CA GLY IA 33 -61.41 68.43 -17.79
C GLY IA 33 -61.71 69.17 -19.09
N CYS IA 34 -61.49 68.52 -20.24
CA CYS IA 34 -61.72 69.16 -21.52
C CYS IA 34 -62.19 68.13 -22.53
N ARG IA 35 -61.97 66.85 -22.19
CA ARG IA 35 -62.28 65.67 -23.03
C ARG IA 35 -61.57 65.72 -24.39
N ALA IA 36 -60.44 66.41 -24.44
CA ALA IA 36 -59.58 66.44 -25.63
C ALA IA 36 -58.14 66.16 -25.32
N ASN IA 37 -57.64 66.60 -24.17
CA ASN IA 37 -56.28 66.31 -23.77
C ASN IA 37 -56.22 65.04 -22.92
N GLN IA 38 -55.01 64.67 -22.56
CA GLN IA 38 -54.70 63.38 -21.97
C GLN IA 38 -53.70 63.58 -20.84
N ILE IA 39 -53.75 62.73 -19.83
CA ILE IA 39 -52.80 62.85 -18.73
C ILE IA 39 -52.11 61.50 -18.58
N ALA IA 40 -50.88 61.55 -18.08
CA ALA IA 40 -50.10 60.35 -17.87
C ALA IA 40 -50.55 59.65 -16.59
N SER IA 41 -50.35 58.34 -16.56
CA SER IA 41 -50.75 57.53 -15.42
C SER IA 41 -49.68 56.49 -15.21
N ALA IA 42 -49.62 55.98 -13.99
CA ALA IA 42 -48.64 54.98 -13.59
C ALA IA 42 -49.38 53.75 -13.06
N PRO IA 43 -49.85 52.88 -13.95
CA PRO IA 43 -50.55 51.68 -13.48
C PRO IA 43 -49.60 50.56 -13.08
N ARG IA 44 -48.34 50.63 -13.50
CA ARG IA 44 -47.38 49.58 -13.22
C ARG IA 44 -46.17 50.08 -12.46
N THR IA 45 -46.41 50.76 -11.33
CA THR IA 45 -45.31 51.31 -10.53
C THR IA 45 -44.43 50.22 -9.93
N GLU IA 46 -44.91 48.98 -9.87
CA GLU IA 46 -44.10 47.87 -9.36
C GLU IA 46 -42.91 47.55 -10.26
N ASP IA 47 -42.89 48.08 -11.48
CA ASP IA 47 -41.79 47.89 -12.41
C ASP IA 47 -40.92 49.13 -12.54
N CYS IA 48 -41.24 50.20 -11.83
CA CYS IA 48 -40.45 51.42 -11.92
C CYS IA 48 -39.10 51.17 -11.28
N VAL IA 49 -38.03 51.40 -12.04
CA VAL IA 49 -36.68 51.24 -11.52
C VAL IA 49 -36.15 52.54 -10.94
N GLY IA 50 -36.82 53.66 -11.17
CA GLY IA 50 -36.33 54.91 -10.63
C GLY IA 50 -35.23 55.51 -11.44
N CYS IA 51 -35.10 55.12 -12.72
CA CYS IA 51 -34.05 55.64 -13.59
C CYS IA 51 -34.20 57.14 -13.81
N LYS IA 52 -35.43 57.66 -13.67
CA LYS IA 52 -35.84 59.05 -13.84
C LYS IA 52 -35.75 59.54 -15.27
N ARG IA 53 -35.72 58.63 -16.24
CA ARG IA 53 -35.75 59.07 -17.64
C ARG IA 53 -37.03 59.83 -17.95
N CYS IA 54 -38.12 59.46 -17.28
CA CYS IA 54 -39.44 60.07 -17.46
C CYS IA 54 -39.41 61.56 -17.18
N GLU IA 55 -39.06 61.93 -15.94
CA GLU IA 55 -38.95 63.34 -15.53
C GLU IA 55 -38.05 64.18 -16.44
N SER IA 56 -37.08 63.55 -17.09
CA SER IA 56 -36.25 64.28 -18.05
C SER IA 56 -36.98 64.56 -19.36
N ALA IA 57 -38.20 64.02 -19.54
CA ALA IA 57 -38.93 64.25 -20.77
C ALA IA 57 -40.08 65.24 -20.62
N CYS IA 58 -40.54 65.52 -19.40
CA CYS IA 58 -41.63 66.46 -19.20
C CYS IA 58 -41.14 67.85 -19.56
N PRO IA 59 -41.77 68.56 -20.46
CA PRO IA 59 -41.31 69.89 -20.89
C PRO IA 59 -41.62 71.03 -19.92
N THR IA 60 -42.69 70.87 -19.15
CA THR IA 60 -43.18 71.91 -18.25
C THR IA 60 -42.16 72.33 -17.20
N ASP IA 61 -42.13 73.63 -16.91
CA ASP IA 61 -41.23 74.19 -15.91
C ASP IA 61 -41.85 73.75 -14.60
N PHE IA 62 -41.23 72.70 -14.10
CA PHE IA 62 -41.54 71.83 -12.98
C PHE IA 62 -42.57 70.78 -13.31
N LEU IA 63 -42.00 69.59 -13.29
CA LEU IA 63 -42.48 68.25 -13.55
C LEU IA 63 -43.96 68.03 -13.34
N SER IA 64 -44.55 67.26 -14.23
CA SER IA 64 -45.93 66.90 -14.06
C SER IA 64 -45.97 65.48 -13.52
N ILE IA 65 -44.90 64.74 -13.75
CA ILE IA 65 -44.66 63.40 -13.26
C ILE IA 65 -43.46 63.44 -12.32
N ARG IA 66 -43.58 62.84 -11.13
CA ARG IA 66 -42.51 62.89 -10.14
C ARG IA 66 -42.20 61.50 -9.58
N VAL IA 67 -40.91 61.16 -9.48
CA VAL IA 67 -40.47 59.85 -8.97
C VAL IA 67 -39.84 60.00 -7.60
N TYR IA 68 -40.53 59.44 -6.60
CA TYR IA 68 -40.09 59.41 -5.21
C TYR IA 68 -39.65 57.98 -4.94
N LEU IA 69 -38.34 57.78 -4.79
CA LEU IA 69 -37.77 56.46 -4.53
C LEU IA 69 -38.33 55.87 -3.24
N GLY IA 70 -38.75 54.62 -3.30
CA GLY IA 70 -39.31 53.90 -2.17
C GLY IA 70 -38.63 52.56 -2.00
N ALA IA 71 -39.40 51.61 -1.44
CA ALA IA 71 -38.92 50.24 -1.20
C ALA IA 71 -38.30 49.58 -2.42
N GLU IA 72 -37.11 49.03 -2.26
CA GLU IA 72 -36.41 48.40 -3.37
C GLU IA 72 -36.77 46.92 -3.46
N THR IA 73 -36.82 46.41 -4.68
CA THR IA 73 -37.17 45.02 -4.90
C THR IA 73 -36.28 44.50 -6.02
N THR IA 74 -36.34 43.17 -6.21
CA THR IA 74 -35.60 42.49 -7.28
C THR IA 74 -35.88 43.10 -8.66
N ARG IA 75 -37.16 43.37 -8.95
CA ARG IA 75 -37.57 43.96 -10.21
C ARG IA 75 -37.02 45.38 -10.39
N SER IA 76 -37.18 46.22 -9.35
CA SER IA 76 -36.70 47.60 -9.39
C SER IA 76 -35.18 47.70 -9.47
N MET IA 77 -34.47 46.72 -8.91
CA MET IA 77 -33.01 46.76 -8.97
C MET IA 77 -32.45 46.27 -10.30
N GLY IA 78 -33.32 45.82 -11.19
CA GLY IA 78 -32.90 45.38 -12.52
C GLY IA 78 -32.00 44.17 -12.53
N LEU IA 79 -32.21 43.24 -11.59
CA LEU IA 79 -31.34 42.08 -11.52
C LEU IA 79 -31.80 41.01 -12.50
N GLY IA 80 -30.88 40.61 -13.37
CA GLY IA 80 -31.04 39.42 -14.18
C GLY IA 80 -30.64 38.15 -13.47
N TYR IA 81 -30.56 38.19 -12.14
CA TYR IA 81 -29.99 37.13 -11.34
C TYR IA 81 -30.58 37.11 -9.93
N THR JA 78 -51.58 34.35 -25.21
CA THR JA 78 -51.14 32.97 -25.30
C THR JA 78 -49.71 32.93 -25.83
N LEU JA 79 -48.82 32.22 -25.13
CA LEU JA 79 -47.41 32.30 -25.43
C LEU JA 79 -47.03 31.56 -26.69
N ASN JA 80 -47.67 30.41 -26.97
CA ASN JA 80 -47.20 29.42 -27.95
C ASN JA 80 -45.75 29.01 -27.66
N LEU JA 81 -45.53 28.46 -26.48
CA LEU JA 81 -44.24 27.86 -26.16
C LEU JA 81 -44.32 26.35 -26.40
N ASN JA 82 -43.48 25.85 -27.31
CA ASN JA 82 -42.35 26.61 -27.87
C ASN JA 82 -42.58 27.14 -29.26
N ALA JA 83 -42.42 28.45 -29.41
CA ALA JA 83 -42.26 29.11 -30.69
C ALA JA 83 -40.80 29.05 -31.07
N PRO JA 84 -40.48 28.93 -32.37
CA PRO JA 84 -39.09 28.69 -32.78
C PRO JA 84 -38.19 29.90 -32.53
N THR JA 85 -37.20 29.70 -31.66
CA THR JA 85 -36.25 30.75 -31.31
C THR JA 85 -35.35 31.06 -32.50
N PRO JA 86 -34.84 32.28 -32.61
CA PRO JA 86 -33.91 32.60 -33.69
C PRO JA 86 -32.57 31.87 -33.53
N ILE JA 87 -31.98 31.49 -34.66
CA ILE JA 87 -30.82 30.62 -34.70
C ILE JA 87 -29.59 31.36 -34.19
N PHE JA 88 -29.19 31.06 -32.96
CA PHE JA 88 -28.25 31.93 -32.25
C PHE JA 88 -26.94 31.27 -31.85
N GLY JA 89 -26.96 30.27 -30.97
CA GLY JA 89 -25.76 29.65 -30.42
C GLY JA 89 -24.71 30.52 -29.73
N GLY JA 90 -24.98 31.05 -28.53
CA GLY JA 90 -23.94 31.83 -27.86
C GLY JA 90 -24.26 32.40 -26.47
N SER JA 91 -23.70 33.58 -26.17
CA SER JA 91 -24.11 34.44 -25.06
C SER JA 91 -24.00 33.86 -23.67
N THR JA 92 -22.80 33.87 -23.10
CA THR JA 92 -22.67 33.78 -21.64
C THR JA 92 -23.55 34.74 -20.85
N GLY JA 93 -23.89 35.90 -21.40
CA GLY JA 93 -24.71 36.87 -20.71
C GLY JA 93 -26.21 36.83 -20.93
N GLY JA 94 -26.90 35.76 -20.52
CA GLY JA 94 -28.34 35.76 -20.61
C GLY JA 94 -29.07 34.57 -20.00
N LEU JA 95 -30.14 34.85 -19.25
CA LEU JA 95 -31.10 33.86 -18.71
C LEU JA 95 -30.42 32.83 -17.81
N LEU JA 96 -29.90 33.32 -16.68
CA LEU JA 96 -29.22 32.46 -15.72
C LEU JA 96 -30.21 32.00 -14.63
N ARG JA 97 -29.68 31.49 -13.52
CA ARG JA 97 -30.39 30.74 -12.47
C ARG JA 97 -31.62 31.45 -11.87
N LYS JA 98 -31.77 32.77 -12.03
CA LYS JA 98 -33.01 33.41 -11.60
C LYS JA 98 -34.21 32.89 -12.40
N ALA JA 99 -33.99 32.62 -13.68
CA ALA JA 99 -35.04 32.13 -14.57
C ALA JA 99 -35.53 30.75 -14.17
N GLU JA 100 -34.72 29.99 -13.43
CA GLU JA 100 -35.18 28.69 -12.98
C GLU JA 100 -35.56 28.67 -11.50
N VAL JA 101 -35.67 29.83 -10.87
CA VAL JA 101 -36.31 29.95 -9.56
C VAL JA 101 -37.42 30.99 -9.57
N GLU JA 102 -37.22 32.17 -10.17
CA GLU JA 102 -38.34 33.11 -10.26
C GLU JA 102 -38.30 33.95 -11.54
N GLU JA 103 -39.42 33.94 -12.28
CA GLU JA 103 -39.88 35.06 -13.10
C GLU JA 103 -38.94 35.42 -14.25
N PHE JA 104 -38.91 34.56 -15.27
CA PHE JA 104 -38.26 34.96 -16.52
C PHE JA 104 -39.28 35.59 -17.47
N TYR JA 105 -38.79 36.00 -18.63
CA TYR JA 105 -39.55 36.82 -19.57
C TYR JA 105 -39.45 36.23 -20.96
N SER JA 106 -40.28 36.78 -21.86
CA SER JA 106 -40.30 36.37 -23.26
C SER JA 106 -40.99 37.45 -24.08
N ILE JA 107 -40.64 37.51 -25.36
CA ILE JA 107 -41.17 38.49 -26.28
C ILE JA 107 -41.51 37.77 -27.58
N THR JA 108 -42.66 38.09 -28.16
CA THR JA 108 -43.13 37.48 -29.40
C THR JA 108 -43.28 38.56 -30.46
N TRP JA 109 -42.78 38.28 -31.67
CA TRP JA 109 -43.02 39.12 -32.84
C TRP JA 109 -42.82 38.29 -34.10
N THR JA 110 -43.13 38.88 -35.24
CA THR JA 110 -43.03 38.20 -36.54
C THR JA 110 -42.05 38.97 -37.42
N GLY JA 111 -40.99 38.28 -37.85
CA GLY JA 111 -39.97 38.88 -38.68
C GLY JA 111 -40.31 38.91 -40.16
N LYS JA 112 -40.24 40.07 -40.78
CA LYS JA 112 -40.69 40.23 -42.16
C LYS JA 112 -39.54 40.23 -43.15
N SER JA 113 -38.42 39.64 -42.74
CA SER JA 113 -37.22 39.43 -43.55
C SER JA 113 -36.30 38.46 -42.83
N GLU JA 114 -35.05 38.36 -43.27
CA GLU JA 114 -34.02 37.60 -42.58
C GLU JA 114 -32.91 38.51 -42.08
N THR JA 115 -33.29 39.63 -41.47
CA THR JA 115 -32.31 40.61 -41.04
C THR JA 115 -31.77 40.28 -39.65
N VAL JA 116 -30.62 40.86 -39.35
CA VAL JA 116 -29.87 40.57 -38.14
C VAL JA 116 -30.06 41.75 -37.19
N PHE JA 117 -30.02 41.49 -35.88
CA PHE JA 117 -30.23 42.54 -34.90
C PHE JA 117 -29.40 42.27 -33.65
N GLU JA 118 -28.96 43.34 -33.01
CA GLU JA 118 -28.26 43.21 -31.75
C GLU JA 118 -29.21 42.81 -30.63
N LEU JA 119 -28.92 41.69 -30.02
CA LEU JA 119 -29.61 41.25 -28.82
C LEU JA 119 -29.22 42.13 -27.64
N PRO JA 120 -29.98 42.10 -26.54
CA PRO JA 120 -29.48 42.71 -25.30
C PRO JA 120 -28.37 41.90 -24.64
N THR JA 121 -28.13 40.67 -25.09
CA THR JA 121 -27.06 39.83 -24.53
C THR JA 121 -25.72 40.11 -25.20
N GLY JA 122 -25.61 39.79 -26.49
CA GLY JA 122 -24.48 40.14 -27.33
C GLY JA 122 -25.11 40.63 -28.61
N GLY JA 123 -24.44 40.62 -29.75
CA GLY JA 123 -25.23 40.96 -30.92
C GLY JA 123 -25.17 40.04 -32.12
N ALA JA 124 -26.24 39.24 -32.29
CA ALA JA 124 -26.92 38.84 -33.53
C ALA JA 124 -28.02 37.89 -33.12
N ALA JA 125 -29.15 37.80 -33.84
CA ALA JA 125 -29.74 36.46 -33.80
C ALA JA 125 -30.01 35.88 -35.18
N ILE JA 126 -31.18 36.20 -35.74
CA ILE JA 126 -31.57 36.55 -37.12
C ILE JA 126 -33.09 36.57 -37.02
N MET JA 127 -33.80 37.52 -37.64
CA MET JA 127 -35.26 37.41 -37.59
C MET JA 127 -35.74 36.38 -38.60
N ARG JA 128 -36.55 35.44 -38.14
CA ARG JA 128 -37.10 34.40 -39.00
C ARG JA 128 -38.28 34.94 -39.80
N ALA JA 129 -39.00 34.02 -40.45
CA ALA JA 129 -40.36 34.33 -40.85
C ALA JA 129 -41.20 34.51 -39.59
N GLY JA 130 -41.37 33.43 -38.84
CA GLY JA 130 -41.79 33.45 -37.45
C GLY JA 130 -43.17 33.97 -37.09
N GLU JA 131 -43.64 33.91 -35.83
CA GLU JA 131 -43.22 33.07 -34.67
C GLU JA 131 -41.76 33.16 -34.13
N ASN JA 132 -41.40 34.33 -33.61
CA ASN JA 132 -40.04 34.60 -33.18
C ASN JA 132 -40.00 34.93 -31.70
N LEU JA 133 -39.56 33.97 -30.89
CA LEU JA 133 -39.61 34.11 -29.45
C LEU JA 133 -38.20 33.98 -28.89
N LEU JA 134 -37.94 34.70 -27.81
CA LEU JA 134 -36.61 34.75 -27.23
C LEU JA 134 -36.72 35.05 -25.76
N ARG JA 135 -36.37 34.08 -24.92
CA ARG JA 135 -36.50 34.22 -23.48
C ARG JA 135 -35.43 35.16 -22.95
N LEU JA 136 -35.77 36.43 -22.84
CA LEU JA 136 -34.85 37.44 -22.34
C LEU JA 136 -34.81 37.41 -20.82
N ALA JA 137 -34.08 38.36 -20.24
CA ALA JA 137 -33.83 38.31 -18.81
C ALA JA 137 -34.90 39.04 -18.01
N ARG JA 138 -35.15 40.29 -18.35
CA ARG JA 138 -35.97 41.16 -17.53
C ARG JA 138 -37.01 41.87 -18.38
N LYS JA 139 -37.77 42.73 -17.72
CA LYS JA 139 -38.75 43.55 -18.43
C LYS JA 139 -38.07 44.58 -19.30
N GLU JA 140 -36.98 45.19 -18.80
CA GLU JA 140 -36.32 46.29 -19.47
C GLU JA 140 -35.74 45.86 -20.81
N GLN JA 141 -35.34 44.59 -20.92
CA GLN JA 141 -34.78 44.11 -22.17
C GLN JA 141 -35.85 43.77 -23.20
N CYS JA 142 -37.06 43.43 -22.77
CA CYS JA 142 -38.14 43.20 -23.73
C CYS JA 142 -38.80 44.52 -24.15
N ILE JA 143 -38.61 45.58 -23.37
CA ILE JA 143 -39.08 46.89 -23.80
C ILE JA 143 -38.04 47.57 -24.68
N ALA JA 144 -36.76 47.43 -24.35
CA ALA JA 144 -35.73 48.12 -25.13
C ALA JA 144 -35.47 47.40 -26.45
N LEU JA 145 -35.84 46.13 -26.55
CA LEU JA 145 -35.79 45.46 -27.84
C LEU JA 145 -36.85 46.02 -28.79
N GLY JA 146 -38.06 46.25 -28.29
CA GLY JA 146 -39.12 46.79 -29.13
C GLY JA 146 -38.86 48.21 -29.61
N ALA JA 147 -38.24 49.03 -28.76
CA ALA JA 147 -37.83 50.36 -29.21
C ALA JA 147 -36.62 50.31 -30.12
N GLN JA 148 -35.97 49.15 -30.23
CA GLN JA 148 -34.93 48.97 -31.24
C GLN JA 148 -35.48 48.30 -32.48
N LEU JA 149 -36.50 47.44 -32.31
CA LEU JA 149 -37.11 46.76 -33.44
C LEU JA 149 -37.89 47.72 -34.33
N LYS JA 150 -38.77 48.53 -33.73
CA LYS JA 150 -39.70 49.38 -34.46
C LYS JA 150 -39.00 50.47 -35.24
N ASP JA 151 -37.88 50.98 -34.73
CA ASP JA 151 -37.13 52.01 -35.44
C ASP JA 151 -36.36 51.42 -36.62
N LYS JA 152 -35.55 50.40 -36.36
CA LYS JA 152 -34.70 49.84 -37.41
C LYS JA 152 -35.48 49.05 -38.44
N PHE JA 153 -36.34 48.14 -38.00
CA PHE JA 153 -36.94 47.16 -38.90
C PHE JA 153 -38.41 47.40 -39.16
N LYS JA 154 -38.97 48.52 -38.69
CA LYS JA 154 -40.33 49.00 -38.99
C LYS JA 154 -41.41 47.99 -38.63
N ILE JA 155 -41.19 47.19 -37.60
CA ILE JA 155 -42.13 46.13 -37.23
C ILE JA 155 -42.71 46.50 -35.87
N THR JA 156 -44.01 46.81 -35.86
CA THR JA 156 -44.73 47.16 -34.65
C THR JA 156 -45.77 46.10 -34.29
N ASP JA 157 -45.39 44.83 -34.38
CA ASP JA 157 -46.26 43.70 -34.07
C ASP JA 157 -45.85 42.97 -32.80
N TYR JA 158 -44.88 43.51 -32.05
CA TYR JA 158 -44.26 42.73 -30.98
C TYR JA 158 -45.16 42.67 -29.75
N LYS JA 159 -45.07 41.53 -29.06
CA LYS JA 159 -46.06 41.11 -28.07
C LYS JA 159 -45.31 40.45 -26.93
N ILE JA 160 -44.95 41.23 -25.92
CA ILE JA 160 -44.06 40.71 -24.87
C ILE JA 160 -44.90 39.91 -23.89
N TYR JA 161 -44.24 39.16 -23.03
CA TYR JA 161 -44.91 38.32 -22.05
C TYR JA 161 -44.18 38.41 -20.72
N ARG JA 162 -44.76 37.76 -19.71
CA ARG JA 162 -44.05 37.37 -18.51
C ARG JA 162 -44.71 36.07 -18.06
N VAL JA 163 -43.89 35.11 -17.67
CA VAL JA 163 -44.20 33.71 -17.87
C VAL JA 163 -45.19 33.10 -16.88
N TYR JA 164 -45.56 31.84 -17.17
CA TYR JA 164 -46.34 30.87 -16.41
C TYR JA 164 -45.32 30.15 -15.51
N PRO JA 165 -45.65 29.03 -14.85
CA PRO JA 165 -45.71 28.98 -13.38
C PRO JA 165 -44.78 29.90 -12.60
N SER JA 166 -43.51 30.00 -12.97
CA SER JA 166 -42.56 30.77 -12.18
C SER JA 166 -42.71 32.28 -12.33
N GLY JA 167 -43.53 32.77 -13.26
CA GLY JA 167 -43.73 34.20 -13.44
C GLY JA 167 -45.08 34.72 -12.99
N GLU JA 168 -45.46 35.93 -13.37
CA GLU JA 168 -46.66 36.54 -12.81
C GLU JA 168 -47.78 36.79 -13.82
N VAL JA 169 -47.58 37.64 -14.84
CA VAL JA 169 -48.68 38.06 -15.71
C VAL JA 169 -48.23 37.88 -17.15
N GLN JA 170 -48.97 37.10 -17.92
CA GLN JA 170 -48.74 37.07 -19.37
C GLN JA 170 -49.16 38.39 -19.99
N PHE JA 171 -48.55 38.72 -21.13
CA PHE JA 171 -48.94 39.81 -22.02
C PHE JA 171 -48.85 41.17 -21.31
N LEU JA 172 -47.61 41.53 -20.95
CA LEU JA 172 -47.39 42.76 -20.20
C LEU JA 172 -47.39 44.00 -21.10
N HIS JA 173 -47.20 43.81 -22.40
CA HIS JA 173 -47.20 44.93 -23.35
C HIS JA 173 -47.44 44.35 -24.73
N PRO JA 174 -48.30 44.98 -25.55
CA PRO JA 174 -49.13 46.16 -25.25
C PRO JA 174 -50.39 45.82 -24.45
N LYS JA 175 -50.50 46.38 -23.24
CA LYS JA 175 -51.49 45.96 -22.26
C LYS JA 175 -52.92 46.16 -22.73
N ASP JA 176 -53.16 47.13 -23.60
CA ASP JA 176 -54.49 47.46 -24.09
C ASP JA 176 -54.76 46.86 -25.46
N GLY JA 177 -53.78 46.15 -26.03
CA GLY JA 177 -53.79 45.79 -27.43
C GLY JA 177 -53.29 46.88 -28.35
N VAL JA 178 -53.50 48.14 -28.00
CA VAL JA 178 -52.89 49.28 -28.65
C VAL JA 178 -51.68 49.67 -27.83
N PHE JA 179 -50.78 50.44 -28.43
CA PHE JA 179 -49.57 50.85 -27.74
C PHE JA 179 -49.88 51.90 -26.69
N PRO JA 180 -49.47 51.70 -25.43
CA PRO JA 180 -49.87 52.64 -24.37
C PRO JA 180 -49.10 53.95 -24.37
N GLU JA 181 -48.27 54.25 -25.38
CA GLU JA 181 -47.88 55.63 -25.58
C GLU JA 181 -48.98 56.43 -26.26
N LYS JA 182 -49.90 55.75 -26.95
CA LYS JA 182 -51.09 56.38 -27.51
C LYS JA 182 -52.21 56.34 -26.50
N VAL JA 183 -53.19 57.24 -26.67
CA VAL JA 183 -54.26 57.38 -25.68
C VAL JA 183 -55.48 56.59 -26.16
N ASN JA 184 -56.28 56.10 -25.22
CA ASN JA 184 -57.31 55.12 -25.54
C ASN JA 184 -58.40 55.15 -24.47
N PRO JA 185 -59.68 55.05 -24.85
CA PRO JA 185 -60.75 55.13 -23.84
C PRO JA 185 -60.81 53.90 -22.95
N GLY JA 186 -61.08 54.13 -21.66
CA GLY JA 186 -61.30 53.06 -20.70
C GLY JA 186 -60.20 52.88 -19.69
N ARG JA 187 -59.08 53.59 -19.82
CA ARG JA 187 -57.98 53.39 -18.91
C ARG JA 187 -58.23 54.13 -17.60
N VAL JA 188 -57.43 53.79 -16.60
CA VAL JA 188 -57.61 54.28 -15.24
C VAL JA 188 -56.43 55.20 -14.90
N ALA JA 189 -56.73 56.27 -14.16
CA ALA JA 189 -55.72 57.28 -13.83
C ALA JA 189 -55.13 56.98 -12.46
N VAL JA 190 -54.37 55.89 -12.36
CA VAL JA 190 -53.76 55.48 -11.10
C VAL JA 190 -52.53 56.32 -10.85
N GLY JA 191 -52.40 56.85 -9.64
CA GLY JA 191 -51.23 57.63 -9.31
C GLY JA 191 -51.27 59.06 -9.79
N SER JA 192 -52.46 59.65 -9.85
CA SER JA 192 -52.59 61.07 -10.15
C SER JA 192 -52.75 61.86 -8.87
N ASN JA 193 -51.98 62.92 -8.74
CA ASN JA 193 -52.15 63.91 -7.69
C ASN JA 193 -52.76 65.16 -8.30
N LYS JA 194 -53.86 65.63 -7.72
CA LYS JA 194 -54.66 66.69 -8.33
C LYS JA 194 -54.19 68.07 -7.89
N ARG JA 195 -52.87 68.29 -7.88
CA ARG JA 195 -52.27 69.47 -7.26
C ARG JA 195 -50.98 69.78 -8.02
N ARG JA 196 -50.23 70.72 -7.47
CA ARG JA 196 -48.85 70.97 -7.87
C ARG JA 196 -47.94 70.35 -6.80
N ILE JA 197 -46.63 70.35 -7.05
CA ILE JA 197 -45.76 69.59 -6.16
C ILE JA 197 -45.29 70.41 -4.96
N GLY JA 198 -45.14 71.72 -5.11
CA GLY JA 198 -45.05 72.60 -3.95
C GLY JA 198 -46.36 72.68 -3.19
N GLN JA 199 -47.49 72.38 -3.84
CA GLN JA 199 -48.79 72.21 -3.22
C GLN JA 199 -48.95 70.86 -2.54
N ASN JA 200 -47.90 70.07 -2.42
CA ASN JA 200 -47.97 68.90 -1.57
C ASN JA 200 -47.95 69.33 -0.11
N PRO JA 201 -48.50 68.53 0.80
CA PRO JA 201 -48.35 68.83 2.23
C PRO JA 201 -46.90 68.73 2.67
N ASP JA 202 -46.61 69.38 3.80
CA ASP JA 202 -45.26 69.38 4.31
C ASP JA 202 -45.01 68.12 5.14
N PRO JA 203 -43.76 67.64 5.21
CA PRO JA 203 -43.44 66.54 6.12
C PRO JA 203 -43.37 66.97 7.56
N ALA JA 204 -43.43 68.27 7.84
CA ALA JA 204 -43.65 68.73 9.20
C ALA JA 204 -45.11 68.58 9.61
N LYS JA 205 -46.01 68.39 8.64
CA LYS JA 205 -47.43 68.36 8.93
C LYS JA 205 -47.94 66.94 9.11
N LEU JA 206 -47.19 65.94 8.64
CA LEU JA 206 -47.58 64.54 8.78
C LEU JA 206 -46.67 63.80 9.76
N LYS JA 207 -46.21 64.49 10.80
CA LYS JA 207 -45.36 63.88 11.80
C LYS JA 207 -46.16 62.86 12.60
N PHE JA 208 -45.65 61.62 12.60
CA PHE JA 208 -46.29 60.45 13.22
C PHE JA 208 -47.68 60.19 12.64
N LYS JA 209 -47.86 60.53 11.36
CA LYS JA 209 -49.09 60.22 10.65
C LYS JA 209 -48.75 59.39 9.42
N GLY JA 210 -49.48 58.29 9.27
CA GLY JA 210 -49.23 57.31 8.23
C GLY JA 210 -49.63 57.72 6.83
N GLN JA 211 -50.18 58.92 6.65
CA GLN JA 211 -50.46 59.41 5.32
C GLN JA 211 -49.17 59.79 4.62
N GLU JA 212 -49.01 59.31 3.39
CA GLU JA 212 -47.85 59.64 2.60
C GLU JA 212 -47.93 61.09 2.14
N THR JA 213 -46.77 61.76 2.14
CA THR JA 213 -46.69 63.18 1.86
C THR JA 213 -47.11 63.49 0.42
N PHE JA 214 -46.65 62.70 -0.53
CA PHE JA 214 -46.91 62.92 -1.94
C PHE JA 214 -48.19 62.26 -2.43
N ASP JA 215 -48.95 61.62 -1.55
CA ASP JA 215 -50.11 60.85 -1.97
C ASP JA 215 -51.39 61.61 -1.64
N SER JA 216 -52.39 61.46 -2.52
CA SER JA 216 -53.70 62.07 -2.32
C SER JA 216 -54.46 61.43 -1.16
N MET KA 1 -57.49 91.08 -15.77
CA MET KA 1 -57.37 90.15 -16.88
C MET KA 1 -56.06 90.39 -17.61
N VAL KA 2 -55.40 89.30 -18.01
CA VAL KA 2 -54.11 89.38 -18.68
C VAL KA 2 -54.30 88.97 -20.14
N GLN KA 3 -53.82 89.81 -21.05
CA GLN KA 3 -53.86 89.54 -22.47
C GLN KA 3 -52.46 89.19 -22.98
N ARG KA 4 -52.39 88.74 -24.23
CA ARG KA 4 -51.11 88.41 -24.85
C ARG KA 4 -50.25 89.65 -25.05
N GLY KA 5 -48.94 89.46 -24.98
CA GLY KA 5 -48.00 90.55 -25.11
C GLY KA 5 -47.83 91.40 -23.88
N SER KA 6 -47.94 90.82 -22.70
CA SER KA 6 -47.81 91.55 -21.44
C SER KA 6 -46.63 91.02 -20.63
N LYS KA 7 -46.05 91.89 -19.81
CA LYS KA 7 -44.96 91.51 -18.94
C LYS KA 7 -45.49 91.18 -17.55
N VAL KA 8 -45.03 90.07 -16.98
CA VAL KA 8 -45.61 89.55 -15.76
C VAL KA 8 -44.54 89.49 -14.67
N ARG KA 9 -44.97 89.04 -13.49
CA ARG KA 9 -44.10 88.51 -12.46
C ARG KA 9 -44.66 87.16 -12.03
N ILE KA 10 -43.87 86.39 -11.32
CA ILE KA 10 -44.18 84.99 -11.08
C ILE KA 10 -44.43 84.76 -9.59
N LEU KA 11 -45.60 84.23 -9.26
CA LEU KA 11 -45.92 83.81 -7.90
C LEU KA 11 -45.93 82.30 -7.74
N ARG KA 12 -45.74 81.55 -8.82
CA ARG KA 12 -45.50 80.12 -8.71
C ARG KA 12 -44.17 79.91 -8.02
N LYS KA 13 -44.22 79.54 -6.74
CA LYS KA 13 -42.98 79.53 -5.97
C LYS KA 13 -42.21 78.24 -6.16
N GLU KA 14 -42.82 77.23 -6.76
CA GLU KA 14 -42.13 75.98 -7.07
C GLU KA 14 -41.37 76.04 -8.39
N SER KA 15 -41.23 77.20 -9.00
CA SER KA 15 -40.61 77.32 -10.31
C SER KA 15 -39.18 77.85 -10.22
N TYR KA 16 -38.46 77.74 -11.33
CA TYR KA 16 -37.16 78.38 -11.46
C TYR KA 16 -37.30 79.86 -11.72
N TRP KA 17 -38.30 80.25 -12.51
CA TRP KA 17 -38.48 81.64 -12.91
C TRP KA 17 -39.22 82.46 -11.87
N TYR KA 18 -39.23 82.04 -10.60
CA TYR KA 18 -40.11 82.63 -9.60
C TYR KA 18 -39.70 84.07 -9.29
N GLN KA 19 -40.69 84.96 -9.35
CA GLN KA 19 -40.54 86.41 -9.24
C GLN KA 19 -39.54 86.95 -10.26
N GLU KA 20 -39.71 86.50 -11.50
CA GLU KA 20 -38.96 87.04 -12.64
C GLU KA 20 -39.94 87.52 -13.70
N ILE KA 21 -39.42 88.28 -14.64
CA ILE KA 21 -40.22 88.94 -15.65
C ILE KA 21 -40.42 87.98 -16.81
N GLY KA 22 -41.68 87.79 -17.21
CA GLY KA 22 -41.99 87.01 -18.38
C GLY KA 22 -42.87 87.78 -19.33
N THR KA 23 -42.55 87.69 -20.61
CA THR KA 23 -43.39 88.25 -21.66
C THR KA 23 -44.19 87.11 -22.26
N VAL KA 24 -45.51 87.15 -22.05
CA VAL KA 24 -46.38 86.02 -22.32
C VAL KA 24 -46.51 85.81 -23.82
N ALA KA 25 -46.97 84.63 -24.21
CA ALA KA 25 -47.16 84.35 -25.63
C ALA KA 25 -48.64 84.27 -25.99
N SER KA 26 -49.42 83.47 -25.25
CA SER KA 26 -50.79 83.21 -25.64
C SER KA 26 -51.60 82.81 -24.41
N ILE KA 27 -52.93 82.90 -24.57
CA ILE KA 27 -53.90 82.34 -23.64
C ILE KA 27 -54.76 81.35 -24.40
N ASP KA 28 -54.91 80.15 -23.85
CA ASP KA 28 -55.86 79.21 -24.40
C ASP KA 28 -57.26 79.60 -23.98
N GLN KA 29 -58.03 80.17 -24.90
CA GLN KA 29 -59.37 80.67 -24.60
C GLN KA 29 -60.42 79.55 -24.62
N SER KA 30 -60.13 78.49 -23.88
CA SER KA 30 -61.05 77.43 -23.53
C SER KA 30 -60.73 77.01 -22.11
N GLY KA 31 -61.47 76.04 -21.58
CA GLY KA 31 -61.44 75.80 -20.15
C GLY KA 31 -60.28 75.00 -19.58
N ILE KA 32 -59.23 74.76 -20.35
CA ILE KA 32 -58.12 73.96 -19.86
C ILE KA 32 -57.32 74.77 -18.84
N LYS KA 33 -57.11 74.19 -17.67
CA LYS KA 33 -56.51 74.89 -16.55
C LYS KA 33 -55.03 75.15 -16.83
N TYR KA 34 -54.50 76.17 -16.16
CA TYR KA 34 -53.17 76.75 -16.35
C TYR KA 34 -52.98 77.16 -17.81
N PRO KA 35 -53.63 78.24 -18.29
CA PRO KA 35 -53.56 78.54 -19.72
C PRO KA 35 -52.54 79.60 -20.13
N VAL KA 36 -51.90 80.28 -19.19
CA VAL KA 36 -51.05 81.43 -19.52
C VAL KA 36 -49.68 80.93 -19.96
N ILE KA 37 -49.44 80.96 -21.27
CA ILE KA 37 -48.17 80.52 -21.85
C ILE KA 37 -47.21 81.70 -21.78
N VAL KA 38 -46.24 81.64 -20.87
CA VAL KA 38 -45.35 82.75 -20.59
C VAL KA 38 -43.95 82.42 -21.07
N ARG KA 39 -43.53 83.07 -22.16
CA ARG KA 39 -42.14 83.02 -22.61
C ARG KA 39 -41.32 83.87 -21.67
N PHE KA 40 -40.04 83.53 -21.51
CA PHE KA 40 -39.12 84.29 -20.69
C PHE KA 40 -37.88 84.65 -21.49
N GLU KA 41 -37.18 85.69 -21.01
CA GLU KA 41 -35.86 86.00 -21.53
C GLU KA 41 -34.83 84.94 -21.15
N LYS KA 42 -34.92 84.40 -19.94
CA LYS KA 42 -33.96 83.44 -19.41
C LYS KA 42 -34.46 82.02 -19.60
N VAL KA 43 -33.54 81.10 -19.76
CA VAL KA 43 -33.86 79.70 -19.97
C VAL KA 43 -33.65 78.96 -18.66
N ASN KA 44 -34.35 77.84 -18.48
CA ASN KA 44 -34.28 77.10 -17.23
C ASN KA 44 -33.13 76.10 -17.27
N TYR KA 45 -33.12 75.18 -16.30
CA TYR KA 45 -32.19 74.06 -16.26
C TYR KA 45 -32.31 73.14 -17.47
N SER KA 46 -33.50 72.60 -17.73
CA SER KA 46 -33.69 71.60 -18.77
C SER KA 46 -33.95 72.20 -20.14
N ASN KA 47 -33.58 73.46 -20.35
CA ASN KA 47 -33.67 74.17 -21.63
C ASN KA 47 -35.09 74.27 -22.17
N VAL KA 48 -35.98 74.90 -21.41
CA VAL KA 48 -37.24 75.41 -21.94
C VAL KA 48 -37.29 76.90 -21.63
N ASN KA 49 -38.04 77.63 -22.46
CA ASN KA 49 -38.16 79.08 -22.32
C ASN KA 49 -39.55 79.53 -21.94
N SER KA 50 -40.57 78.70 -22.16
CA SER KA 50 -41.96 79.06 -21.95
C SER KA 50 -42.65 78.01 -21.11
N ASN KA 51 -43.75 78.41 -20.48
CA ASN KA 51 -44.45 77.55 -19.54
C ASN KA 51 -45.89 78.01 -19.39
N ASN KA 52 -46.76 77.03 -19.09
CA ASN KA 52 -48.15 77.30 -18.77
C ASN KA 52 -48.23 77.78 -17.33
N PHE KA 53 -48.86 78.93 -17.13
CA PHE KA 53 -49.14 79.45 -15.81
C PHE KA 53 -50.64 79.63 -15.67
N SER KA 54 -51.10 79.84 -14.44
CA SER KA 54 -52.49 80.15 -14.23
C SER KA 54 -52.72 81.65 -14.37
N LEU KA 55 -53.97 82.03 -14.65
CA LEU KA 55 -54.33 83.45 -14.62
C LEU KA 55 -54.24 84.00 -13.20
N ASP KA 56 -54.39 83.14 -12.21
CA ASP KA 56 -54.15 83.51 -10.83
C ASP KA 56 -52.67 83.53 -10.48
N GLU KA 57 -51.79 83.13 -11.41
CA GLU KA 57 -50.36 83.06 -11.16
C GLU KA 57 -49.57 84.16 -11.86
N VAL KA 58 -50.20 84.99 -12.69
CA VAL KA 58 -49.49 86.02 -13.44
C VAL KA 58 -49.99 87.41 -13.03
N VAL KA 59 -49.10 88.38 -13.13
CA VAL KA 59 -49.33 89.75 -12.66
C VAL KA 59 -49.26 90.68 -13.87
N GLU KA 60 -49.51 91.98 -13.65
CA GLU KA 60 -49.61 92.95 -14.74
C GLU KA 60 -48.69 94.14 -14.51
N VAL KA 61 -47.40 93.88 -14.26
CA VAL KA 61 -46.40 94.93 -14.29
C VAL KA 61 -46.32 95.48 -15.72
N GLU KA 62 -46.69 96.75 -15.89
CA GLU KA 62 -46.89 97.32 -17.22
C GLU KA 62 -46.73 98.84 -17.22
N ASP LA 26 8.74 100.14 16.91
CA ASP LA 26 8.46 100.28 18.34
C ASP LA 26 6.97 100.12 18.60
N VAL LA 27 6.33 99.29 17.78
CA VAL LA 27 4.92 98.97 17.97
C VAL LA 27 4.68 97.49 18.22
N ALA LA 28 5.57 96.61 17.77
CA ALA LA 28 5.41 95.17 17.97
C ALA LA 28 6.76 94.55 18.29
N GLY LA 29 7.68 95.34 18.84
CA GLY LA 29 8.96 94.81 19.22
C GLY LA 29 9.94 94.61 18.09
N LEU LA 30 10.01 95.55 17.16
CA LEU LA 30 10.97 95.47 16.07
C LEU LA 30 11.79 96.75 16.04
N ILE LA 31 13.10 96.61 15.84
CA ILE LA 31 13.97 97.76 15.64
C ILE LA 31 13.69 98.34 14.26
N PRO LA 32 13.65 99.67 14.12
CA PRO LA 32 13.81 100.26 12.78
C PRO LA 32 15.16 99.88 12.22
N CYS LA 33 15.14 99.04 11.20
CA CYS LA 33 16.31 98.23 10.89
C CYS LA 33 17.36 98.94 10.04
N SER LA 34 17.45 100.27 10.13
CA SER LA 34 18.66 100.96 9.71
C SER LA 34 19.81 100.74 10.68
N GLN LA 35 19.50 100.38 11.93
CA GLN LA 35 20.51 100.15 12.96
C GLN LA 35 20.68 98.67 13.29
N SER LA 36 20.01 97.78 12.58
CA SER LA 36 19.89 96.39 13.02
C SER LA 36 21.08 95.57 12.56
N ASP LA 37 21.53 94.67 13.44
CA ASP LA 37 22.43 93.60 13.03
C ASP LA 37 21.68 92.43 12.41
N ALA LA 38 20.35 92.51 12.33
CA ALA LA 38 19.56 91.41 11.77
C ALA LA 38 19.37 91.54 10.26
N PHE LA 39 18.98 92.72 9.79
CA PHE LA 39 18.81 92.94 8.36
C PHE LA 39 20.16 92.95 7.65
N GLU LA 40 21.24 93.25 8.37
CA GLU LA 40 22.56 93.35 7.73
C GLU LA 40 23.23 91.98 7.62
N ARG LA 41 22.84 91.03 8.46
CA ARG LA 41 23.34 89.66 8.32
C ARG LA 41 22.62 88.87 7.24
N ARG LA 42 21.84 89.53 6.38
CA ARG LA 42 21.46 88.93 5.12
C ARG LA 42 22.38 89.36 4.00
N LEU LA 43 22.83 90.63 4.01
CA LEU LA 43 23.53 91.23 2.87
C LEU LA 43 24.86 90.54 2.60
N LYS LA 44 25.58 90.15 3.65
CA LYS LA 44 26.88 89.52 3.45
C LYS LA 44 26.74 88.15 2.82
N ASN LA 45 25.80 87.31 3.30
CA ASN LA 45 25.63 86.00 2.71
C ASN LA 45 24.68 85.98 1.51
N THR LA 46 24.22 87.14 1.05
CA THR LA 46 23.81 87.24 -0.35
C THR LA 46 25.01 87.54 -1.23
N THR LA 47 25.82 88.54 -0.84
CA THR LA 47 26.92 88.94 -1.70
C THR LA 47 28.09 87.96 -1.63
N GLN LA 48 28.21 87.16 -0.58
CA GLN LA 48 29.27 86.15 -0.57
C GLN LA 48 28.86 84.90 -1.30
N ARG LA 49 27.56 84.60 -1.39
CA ARG LA 49 27.12 83.48 -2.21
C ARG LA 49 27.35 83.75 -3.69
N LEU LA 50 27.16 84.98 -4.13
CA LEU LA 50 27.27 85.28 -5.55
C LEU LA 50 28.67 85.64 -5.97
N GLU LA 51 29.49 86.19 -5.07
CA GLU LA 51 30.90 86.35 -5.40
C GLU LA 51 31.60 85.02 -5.49
N ASN LA 52 31.24 84.06 -4.64
CA ASN LA 52 31.74 82.69 -4.78
C ASN LA 52 31.14 81.98 -5.97
N ARG LA 53 30.07 82.54 -6.55
CA ARG LA 53 29.58 82.13 -7.85
C ARG LA 53 30.23 82.92 -8.98
N LEU LA 54 30.88 84.03 -8.66
CA LEU LA 54 31.51 84.90 -9.65
C LEU LA 54 33.03 84.75 -9.71
N LYS LA 55 33.65 84.14 -8.69
CA LYS LA 55 35.12 84.01 -8.64
C LYS LA 55 35.69 83.25 -9.81
N LYS LA 56 35.04 82.17 -10.24
CA LYS LA 56 35.65 81.30 -11.24
C LYS LA 56 35.31 81.72 -12.66
N TYR LA 57 34.66 82.87 -12.84
CA TYR LA 57 34.32 83.39 -14.15
C TYR LA 57 35.44 84.22 -14.75
N GLU LA 58 35.26 84.54 -16.03
CA GLU LA 58 36.08 85.54 -16.67
C GLU LA 58 35.52 86.92 -16.35
N PRO LA 59 36.38 87.90 -16.01
CA PRO LA 59 35.88 89.25 -15.73
C PRO LA 59 35.25 89.94 -16.93
N GLY LA 60 35.61 89.53 -18.14
CA GLY LA 60 34.97 89.98 -19.36
C GLY LA 60 33.99 88.98 -19.96
N SER LA 61 33.26 88.24 -19.13
CA SER LA 61 32.28 87.30 -19.65
C SER LA 61 30.87 87.92 -19.58
N ALA LA 62 29.94 87.28 -20.27
CA ALA LA 62 28.53 87.63 -20.26
C ALA LA 62 27.76 87.15 -19.02
N PRO LA 63 28.04 85.99 -18.41
CA PRO LA 63 27.47 85.75 -17.08
C PRO LA 63 28.03 86.64 -15.97
N ALA LA 64 29.20 87.24 -16.17
CA ALA LA 64 29.82 88.03 -15.11
C ALA LA 64 29.05 89.32 -14.84
N GLU LA 65 28.54 89.95 -15.89
CA GLU LA 65 27.65 91.08 -15.68
C GLU LA 65 26.28 90.66 -15.16
N ALA LA 66 25.94 89.37 -15.27
CA ALA LA 66 24.72 88.88 -14.62
C ALA LA 66 24.96 88.55 -13.16
N LEU LA 67 26.22 88.56 -12.73
CA LEU LA 67 26.54 88.37 -11.31
C LEU LA 67 27.15 89.60 -10.67
N GLN LA 68 27.52 90.60 -11.46
CA GLN LA 68 27.86 91.89 -10.88
C GLN LA 68 26.63 92.77 -10.74
N LYS LA 69 25.74 92.77 -11.74
CA LYS LA 69 24.51 93.55 -11.63
C LYS LA 69 23.54 92.92 -10.65
N GLN LA 70 23.67 91.62 -10.39
CA GLN LA 70 22.75 90.94 -9.48
C GLN LA 70 22.94 91.44 -8.05
N ILE LA 71 24.19 91.54 -7.59
CA ILE LA 71 24.47 92.05 -6.26
C ILE LA 71 24.03 93.52 -6.16
N ASP LA 72 24.18 94.26 -7.27
CA ASP LA 72 23.61 95.59 -7.35
C ASP LA 72 22.09 95.60 -7.26
N LYS LA 73 21.42 94.56 -7.78
CA LYS LA 73 19.97 94.46 -7.60
C LYS LA 73 19.61 94.18 -6.14
N THR LA 74 20.47 93.45 -5.42
CA THR LA 74 20.28 93.35 -3.97
C THR LA 74 20.76 94.61 -3.26
N GLN LA 75 21.59 95.42 -3.92
CA GLN LA 75 22.11 96.63 -3.29
C GLN LA 75 21.12 97.78 -3.37
N GLN LA 76 20.42 97.93 -4.49
CA GLN LA 76 19.36 98.93 -4.56
C GLN LA 76 18.17 98.59 -3.67
N ARG LA 77 17.95 97.30 -3.41
CA ARG LA 77 16.82 96.86 -2.62
C ARG LA 77 17.03 97.20 -1.15
N PHE LA 78 18.23 96.92 -0.65
CA PHE LA 78 18.53 97.12 0.77
C PHE LA 78 18.65 98.59 1.11
N ASP LA 79 19.18 99.40 0.18
CA ASP LA 79 19.24 100.84 0.39
C ASP LA 79 17.95 101.54 -0.01
N LYS LA 80 16.92 100.78 -0.38
CA LYS LA 80 15.56 101.31 -0.40
C LYS LA 80 14.85 101.00 0.91
N TYR LA 81 15.31 99.96 1.61
CA TYR LA 81 14.68 99.52 2.84
C TYR LA 81 15.25 100.19 4.07
N ARG LA 82 16.53 100.58 4.03
CA ARG LA 82 17.15 101.28 5.16
C ARG LA 82 16.53 102.66 5.34
N ASN LA 83 16.14 103.29 4.24
CA ASN LA 83 15.62 104.65 4.29
C ASN LA 83 14.12 104.73 4.55
N SER LA 84 13.35 103.70 4.20
CA SER LA 84 11.90 103.78 4.30
C SER LA 84 11.37 103.59 5.71
N GLY LA 85 12.24 103.29 6.67
CA GLY LA 85 11.81 103.13 8.05
C GLY LA 85 11.13 101.81 8.33
N LEU LA 86 11.68 100.72 7.81
CA LEU LA 86 11.09 99.41 8.01
C LEU LA 86 11.44 98.86 9.37
N LEU LA 87 10.49 98.11 9.94
CA LEU LA 87 10.66 97.45 11.22
C LEU LA 87 11.07 96.02 10.97
N CYS LA 88 12.35 95.72 11.19
CA CYS LA 88 12.90 94.40 10.98
C CYS LA 88 13.12 93.73 12.34
N GLY LA 89 12.73 92.47 12.44
CA GLY LA 89 12.76 91.75 13.70
C GLY LA 89 14.14 91.23 14.06
N ALA LA 90 14.16 90.12 14.81
CA ALA LA 90 15.43 89.48 15.15
C ALA LA 90 15.93 88.63 13.99
N ASP LA 91 15.05 88.37 13.02
CA ASP LA 91 15.45 87.66 11.81
C ASP LA 91 16.10 88.59 10.80
N GLY LA 92 15.54 89.77 10.59
CA GLY LA 92 16.00 90.68 9.56
C GLY LA 92 15.00 90.77 8.43
N LEU LA 93 13.75 90.48 8.73
CA LEU LA 93 12.69 90.51 7.76
C LEU LA 93 11.72 91.64 8.09
N PRO LA 94 11.43 92.52 7.12
CA PRO LA 94 10.52 93.64 7.39
C PRO LA 94 9.09 93.17 7.56
N HIS LA 95 8.58 93.33 8.77
CA HIS LA 95 7.22 92.91 9.08
C HIS LA 95 6.26 94.10 8.96
N LEU LA 96 4.99 93.78 8.73
CA LEU LA 96 3.99 94.80 8.43
C LEU LA 96 2.99 94.94 9.56
N ILE LA 97 2.52 96.18 9.75
CA ILE LA 97 1.76 96.59 10.92
C ILE LA 97 0.50 97.28 10.40
N THR LA 98 -0.61 96.56 10.39
CA THR LA 98 -1.85 97.10 9.85
C THR LA 98 -2.85 97.24 11.01
N ASP LA 99 -2.73 98.35 11.73
CA ASP LA 99 -3.74 98.85 12.65
C ASP LA 99 -4.07 100.28 12.24
N GLY LA 100 -4.14 100.47 10.92
CA GLY LA 100 -3.33 101.44 10.21
C GLY LA 100 -3.14 102.78 10.85
N ARG LA 101 -1.93 103.00 11.33
CA ARG LA 101 -1.47 104.29 11.79
C ARG LA 101 -0.84 104.99 10.59
N TRP LA 102 -0.82 106.31 10.65
CA TRP LA 102 -0.20 107.04 9.55
C TRP LA 102 1.32 106.98 9.58
N SER LA 103 1.91 106.51 10.68
CA SER LA 103 3.34 106.26 10.73
C SER LA 103 3.76 105.02 9.95
N HIS LA 104 2.84 104.09 9.71
CA HIS LA 104 3.10 102.90 8.90
C HIS LA 104 2.05 102.76 7.80
N ALA LA 105 1.56 103.89 7.29
CA ALA LA 105 0.46 103.88 6.34
C ALA LA 105 0.88 103.46 4.94
N GLY LA 106 2.14 103.66 4.56
CA GLY LA 106 2.58 103.27 3.24
C GLY LA 106 2.73 101.77 3.03
N GLU LA 107 2.70 100.99 4.11
CA GLU LA 107 2.87 99.55 3.99
C GLU LA 107 1.64 98.88 3.38
N PHE LA 108 0.46 99.21 3.90
CA PHE LA 108 -0.77 98.56 3.45
C PHE LA 108 -1.78 99.55 2.92
N THR LA 109 -1.91 100.70 3.58
CA THR LA 109 -3.07 101.57 3.34
C THR LA 109 -2.98 102.27 2.00
N ILE LA 110 -1.81 102.78 1.64
CA ILE LA 110 -1.64 103.47 0.36
C ILE LA 110 -1.58 102.48 -0.81
N PRO LA 111 -1.01 101.27 -0.69
CA PRO LA 111 -1.35 100.24 -1.68
C PRO LA 111 -2.74 99.64 -1.51
N GLY LA 112 -3.47 100.00 -0.47
CA GLY LA 112 -4.86 99.60 -0.39
C GLY LA 112 -5.75 100.51 -1.22
N LEU LA 113 -5.54 101.82 -1.12
CA LEU LA 113 -6.31 102.75 -1.92
C LEU LA 113 -5.94 102.67 -3.39
N LEU LA 114 -4.70 102.28 -3.70
CA LEU LA 114 -4.34 102.02 -5.08
C LEU LA 114 -5.06 100.79 -5.62
N PHE LA 115 -5.32 99.81 -4.75
CA PHE LA 115 -6.03 98.61 -5.18
C PHE LA 115 -7.49 98.91 -5.47
N LEU LA 116 -8.17 99.57 -4.54
CA LEU LA 116 -9.62 99.69 -4.62
C LEU LA 116 -10.05 100.60 -5.76
N TYR LA 117 -9.24 101.59 -6.11
CA TYR LA 117 -9.60 102.48 -7.20
C TYR LA 117 -9.49 101.78 -8.54
N ILE LA 118 -8.56 100.84 -8.67
CA ILE LA 118 -8.49 100.07 -9.91
C ILE LA 118 -9.54 98.97 -9.90
N ALA LA 119 -9.90 98.49 -8.70
CA ALA LA 119 -10.80 97.35 -8.58
C ALA LA 119 -12.22 97.73 -8.98
N GLY LA 120 -12.65 98.95 -8.68
CA GLY LA 120 -13.94 99.42 -9.16
C GLY LA 120 -13.92 99.77 -10.63
N PHE LA 121 -12.75 100.09 -11.18
CA PHE LA 121 -12.64 100.25 -12.63
C PHE LA 121 -12.86 98.92 -13.33
N ILE LA 122 -12.37 97.83 -12.74
CA ILE LA 122 -12.76 96.51 -13.23
C ILE LA 122 -14.17 96.18 -12.72
N GLY LA 123 -14.58 96.80 -11.62
CA GLY LA 123 -15.92 96.57 -11.11
C GLY LA 123 -16.98 97.22 -11.96
N TRP LA 124 -16.83 98.51 -12.26
CA TRP LA 124 -17.92 99.21 -12.94
C TRP LA 124 -17.93 98.98 -14.44
N SER LA 125 -16.79 98.60 -15.04
CA SER LA 125 -16.72 98.45 -16.49
C SER LA 125 -17.64 97.35 -16.99
N GLY LA 126 -17.52 96.15 -16.41
CA GLY LA 126 -18.47 95.10 -16.72
C GLY LA 126 -19.86 95.39 -16.18
N ARG LA 127 -19.95 96.19 -15.11
CA ARG LA 127 -21.24 96.57 -14.58
C ARG LA 127 -21.96 97.51 -15.54
N SER LA 128 -21.21 98.45 -16.12
CA SER LA 128 -21.79 99.35 -17.11
C SER LA 128 -21.90 98.69 -18.48
N TYR LA 129 -21.10 97.65 -18.74
CA TYR LA 129 -21.26 96.91 -19.99
C TYR LA 129 -22.51 96.05 -19.96
N LEU LA 130 -22.67 95.25 -18.90
CA LEU LA 130 -23.79 94.33 -18.82
C LEU LA 130 -25.10 95.03 -18.50
N GLN LA 131 -25.06 96.35 -18.23
CA GLN LA 131 -26.27 97.13 -18.34
C GLN LA 131 -26.50 97.62 -19.75
N ALA LA 132 -25.44 97.78 -20.53
CA ALA LA 132 -25.58 98.39 -21.84
C ALA LA 132 -25.78 97.35 -22.95
N VAL LA 133 -25.37 96.11 -22.74
CA VAL LA 133 -25.65 95.10 -23.76
C VAL LA 133 -26.94 94.34 -23.44
N ALA LA 134 -27.25 94.19 -22.16
CA ALA LA 134 -28.53 93.57 -21.80
C ALA LA 134 -29.71 94.47 -22.14
N ALA LA 135 -29.48 95.78 -22.28
CA ALA LA 135 -30.48 96.70 -22.84
C ALA LA 135 -30.26 96.84 -24.35
N SER LA 136 -30.29 95.71 -25.05
CA SER LA 136 -30.19 95.66 -26.50
C SER LA 136 -31.01 94.47 -26.98
N ASP LA 137 -30.77 94.04 -28.22
CA ASP LA 137 -31.53 92.92 -28.76
C ASP LA 137 -31.06 91.59 -28.16
N ASN LA 138 -29.83 91.20 -28.45
CA ASN LA 138 -29.31 89.88 -28.11
C ASN LA 138 -27.99 90.05 -27.37
N SER LA 139 -28.06 90.03 -26.04
CA SER LA 139 -26.85 90.16 -25.25
C SER LA 139 -26.14 88.84 -25.03
N THR LA 140 -26.81 87.71 -25.34
CA THR LA 140 -26.18 86.41 -25.16
C THR LA 140 -25.02 86.24 -26.14
N GLU LA 141 -25.16 86.77 -27.34
CA GLU LA 141 -24.01 86.85 -28.24
C GLU LA 141 -23.00 87.87 -27.73
N LYS LA 142 -23.46 88.96 -27.13
CA LYS LA 142 -22.56 90.05 -26.78
C LYS LA 142 -21.73 89.78 -25.53
N GLU LA 143 -21.84 88.60 -24.93
CA GLU LA 143 -20.83 88.16 -23.98
C GLU LA 143 -19.68 87.46 -24.65
N ILE LA 144 -19.93 86.78 -25.76
CA ILE LA 144 -18.89 86.24 -26.62
C ILE LA 144 -18.14 87.40 -27.26
N ILE LA 145 -18.84 88.21 -28.06
CA ILE LA 145 -18.19 89.32 -28.73
C ILE LA 145 -18.11 90.52 -27.78
N ILE LA 146 -16.90 91.00 -27.55
CA ILE LA 146 -16.68 92.15 -26.68
C ILE LA 146 -16.67 93.40 -27.55
N ASP LA 147 -17.77 94.14 -27.48
CA ASP LA 147 -18.07 95.18 -28.45
C ASP LA 147 -17.35 96.45 -28.05
N ILE LA 148 -16.32 96.81 -28.83
CA ILE LA 148 -15.65 98.10 -28.63
C ILE LA 148 -16.59 99.30 -28.80
N PRO LA 149 -17.61 99.29 -29.68
CA PRO LA 149 -18.66 100.33 -29.54
C PRO LA 149 -19.43 100.33 -28.23
N VAL LA 150 -19.40 99.23 -27.47
CA VAL LA 150 -20.01 99.27 -26.14
C VAL LA 150 -18.94 99.30 -25.05
N ALA LA 151 -17.81 98.62 -25.24
CA ALA LA 151 -16.84 98.47 -24.15
C ALA LA 151 -16.09 99.77 -23.88
N LEU LA 152 -15.69 100.49 -24.94
CA LEU LA 152 -15.15 101.82 -24.71
C LEU LA 152 -16.22 102.79 -24.22
N GLN LA 153 -17.48 102.55 -24.61
CA GLN LA 153 -18.58 103.29 -24.01
C GLN LA 153 -18.82 102.85 -22.56
N SER LA 154 -18.42 101.64 -22.19
CA SER LA 154 -18.72 101.15 -20.85
C SER LA 154 -17.65 101.51 -19.84
N VAL LA 155 -16.39 101.66 -20.26
CA VAL LA 155 -15.38 102.14 -19.34
C VAL LA 155 -15.49 103.64 -19.13
N SER LA 156 -16.12 104.34 -20.07
CA SER LA 156 -16.39 105.76 -19.90
C SER LA 156 -17.36 106.00 -18.75
N LYS LA 157 -18.26 105.06 -18.49
CA LYS LA 157 -19.06 105.07 -17.28
C LYS LA 157 -18.31 104.54 -16.08
N GLY LA 158 -17.26 103.75 -16.30
CA GLY LA 158 -16.49 103.17 -15.22
C GLY LA 158 -15.37 104.05 -14.72
N PHE LA 159 -15.14 105.17 -15.40
CA PHE LA 159 -14.13 106.11 -14.93
C PHE LA 159 -14.65 107.04 -13.85
N VAL LA 160 -15.97 107.19 -13.75
CA VAL LA 160 -16.55 108.10 -12.77
C VAL LA 160 -17.19 107.21 -11.70
N TRP LA 161 -16.67 105.98 -11.61
CA TRP LA 161 -17.21 104.99 -10.70
C TRP LA 161 -17.20 105.34 -9.19
N PRO LA 162 -16.27 106.13 -8.62
CA PRO LA 162 -16.48 106.52 -7.22
C PRO LA 162 -17.50 107.63 -7.07
N LEU LA 163 -17.93 108.24 -8.16
CA LEU LA 163 -19.00 109.23 -8.11
C LEU LA 163 -20.31 108.72 -8.67
N ALA LA 164 -20.26 107.76 -9.60
CA ALA LA 164 -21.48 107.29 -10.25
C ALA LA 164 -22.30 106.40 -9.34
N ALA LA 165 -21.64 105.51 -8.59
CA ALA LA 165 -22.35 104.58 -7.72
C ALA LA 165 -22.96 105.26 -6.51
N LEU LA 166 -22.41 106.41 -6.10
CA LEU LA 166 -22.99 107.14 -4.98
C LEU LA 166 -24.31 107.78 -5.37
N GLN LA 167 -24.39 108.32 -6.59
CA GLN LA 167 -25.67 108.81 -7.08
C GLN LA 167 -26.49 107.71 -7.75
N GLU LA 168 -26.00 106.46 -7.76
CA GLU LA 168 -26.82 105.35 -8.23
C GLU LA 168 -27.52 104.65 -7.07
N PHE LA 169 -26.93 104.69 -5.88
CA PHE LA 169 -27.60 104.14 -4.71
C PHE LA 169 -28.63 105.12 -4.15
N SER LA 170 -28.30 106.42 -4.15
CA SER LA 170 -29.26 107.41 -3.68
C SER LA 170 -30.43 107.57 -4.63
N SER LA 171 -30.21 107.32 -5.92
CA SER LA 171 -31.32 107.24 -6.88
C SER LA 171 -31.92 105.86 -6.97
N GLY LA 172 -31.45 104.91 -6.15
CA GLY LA 172 -32.05 103.61 -6.03
C GLY LA 172 -31.82 102.64 -7.18
N LYS LA 173 -31.26 103.11 -8.30
CA LYS LA 173 -31.09 102.28 -9.49
C LYS LA 173 -29.77 101.52 -9.48
N LEU LA 174 -29.21 101.29 -8.30
CA LEU LA 174 -28.06 100.39 -8.15
C LEU LA 174 -28.50 99.00 -7.73
N THR LA 175 -29.44 98.90 -6.79
CA THR LA 175 -29.98 97.63 -6.35
C THR LA 175 -31.41 97.50 -6.84
N ALA LA 176 -32.02 96.37 -6.55
CA ALA LA 176 -33.43 96.13 -6.85
C ALA LA 176 -34.13 95.51 -5.65
N ARG LA 177 -35.45 95.64 -5.64
CA ARG LA 177 -36.24 95.11 -4.54
C ARG LA 177 -36.32 93.59 -4.62
N ASP LA 178 -36.66 92.96 -3.50
CA ASP LA 178 -36.48 91.53 -3.37
C ASP LA 178 -37.67 90.72 -3.86
N GLU LA 179 -38.48 91.27 -4.75
CA GLU LA 179 -39.38 90.49 -5.58
C GLU LA 179 -39.05 90.61 -7.05
N GLU LA 180 -38.02 91.37 -7.39
CA GLU LA 180 -37.43 91.34 -8.72
C GLU LA 180 -36.39 90.25 -8.83
N ILE LA 181 -35.69 89.94 -7.75
CA ILE LA 181 -34.59 88.99 -7.72
C ILE LA 181 -35.17 87.62 -7.43
N THR LA 182 -34.70 86.63 -8.19
CA THR LA 182 -35.34 85.33 -8.23
C THR LA 182 -35.08 84.55 -6.94
N ILE LA 183 -36.14 84.03 -6.34
CA ILE LA 183 -36.08 83.46 -4.99
C ILE LA 183 -36.29 81.97 -5.06
N SER LA 184 -35.32 81.21 -4.58
CA SER LA 184 -35.45 79.77 -4.44
C SER LA 184 -36.51 79.43 -3.39
N PRO LA 185 -37.23 78.32 -3.56
CA PRO LA 185 -38.40 78.05 -2.72
C PRO LA 185 -38.04 77.62 -1.31
N ARG LA 186 -39.05 77.58 -0.46
CA ARG LA 186 -38.84 77.41 0.96
C ARG LA 186 -39.76 76.33 1.51
N ASN MA 4 -1.01 35.54 33.97
CA ASN MA 4 -1.29 34.33 33.16
C ASN MA 4 -2.62 34.51 32.41
N LEU MA 5 -3.53 35.33 32.97
CA LEU MA 5 -4.82 35.61 32.29
C LEU MA 5 -4.61 36.04 30.82
N PRO MA 6 -3.77 37.06 30.48
CA PRO MA 6 -3.54 37.41 29.07
C PRO MA 6 -3.42 36.19 28.14
N SER MA 7 -2.44 35.31 28.39
CA SER MA 7 -2.19 34.13 27.52
C SER MA 7 -3.49 33.50 27.00
N ILE MA 8 -4.49 33.30 27.84
CA ILE MA 8 -5.73 32.59 27.39
C ILE MA 8 -6.84 33.58 27.06
N LEU MA 9 -6.95 34.70 27.77
CA LEU MA 9 -8.11 35.61 27.57
C LEU MA 9 -8.18 36.22 26.16
N VAL MA 10 -7.04 36.48 25.51
CA VAL MA 10 -7.03 37.19 24.23
C VAL MA 10 -7.34 36.31 23.01
N PRO MA 11 -7.04 35.00 22.95
CA PRO MA 11 -7.74 34.21 21.93
C PRO MA 11 -9.21 34.00 22.20
N MET MA 12 -9.68 34.05 23.44
CA MET MA 12 -11.09 33.85 23.69
C MET MA 12 -11.91 35.03 23.15
N VAL MA 13 -11.44 36.26 23.43
CA VAL MA 13 -12.19 37.47 23.09
C VAL MA 13 -11.71 38.09 21.79
N GLY MA 14 -10.59 37.61 21.25
CA GLY MA 14 -10.16 38.07 19.94
C GLY MA 14 -10.66 37.16 18.85
N ILE MA 15 -10.84 35.88 19.18
CA ILE MA 15 -11.24 34.87 18.22
C ILE MA 15 -12.53 34.16 18.64
N VAL MA 16 -12.50 33.51 19.82
CA VAL MA 16 -13.50 32.49 20.11
C VAL MA 16 -14.85 33.11 20.46
N LEU MA 17 -14.85 34.19 21.20
CA LEU MA 17 -16.09 34.95 21.36
C LEU MA 17 -16.49 35.71 20.09
N PRO MA 18 -15.58 36.30 19.29
CA PRO MA 18 -16.02 36.76 17.96
C PRO MA 18 -16.48 35.66 17.04
N ALA MA 19 -16.05 34.41 17.24
CA ALA MA 19 -16.55 33.32 16.41
C ALA MA 19 -18.00 32.99 16.72
N ILE MA 20 -18.44 33.29 17.95
CA ILE MA 20 -19.80 32.92 18.35
C ILE MA 20 -20.78 34.04 18.04
N VAL MA 21 -20.42 35.30 18.33
CA VAL MA 21 -21.36 36.39 18.12
C VAL MA 21 -21.54 36.68 16.63
N MET MA 22 -20.48 36.59 15.83
CA MET MA 22 -20.61 36.86 14.41
C MET MA 22 -21.28 35.70 13.70
N ALA MA 23 -21.24 34.52 14.31
CA ALA MA 23 -22.14 33.46 13.87
C ALA MA 23 -23.58 33.84 14.12
N LEU MA 24 -23.93 34.11 15.39
CA LEU MA 24 -25.32 34.33 15.77
C LEU MA 24 -25.86 35.66 15.28
N LEU MA 25 -24.98 36.61 14.93
CA LEU MA 25 -25.46 37.78 14.21
C LEU MA 25 -25.94 37.42 12.82
N PHE MA 26 -25.08 36.74 12.05
CA PHE MA 26 -25.43 36.25 10.72
C PHE MA 26 -26.62 35.31 10.75
N VAL MA 27 -26.76 34.52 11.81
CA VAL MA 27 -27.89 33.62 11.96
C VAL MA 27 -29.18 34.40 12.12
N TYR MA 28 -29.13 35.54 12.82
CA TYR MA 28 -30.31 36.38 12.95
C TYR MA 28 -30.69 37.07 11.64
N ILE MA 29 -29.70 37.29 10.75
CA ILE MA 29 -29.93 38.16 9.59
C ILE MA 29 -30.79 37.47 8.54
N GLU MA 30 -30.41 36.26 8.15
CA GLU MA 30 -31.05 35.57 7.04
C GLU MA 30 -32.37 34.91 7.41
N THR MA 31 -32.80 35.02 8.66
CA THR MA 31 -34.01 34.36 9.11
C THR MA 31 -35.26 35.04 8.53
N ASP MA 32 -36.20 34.22 8.10
CA ASP MA 32 -37.47 34.70 7.60
C ASP MA 32 -38.58 34.08 8.43
N GLU MA 33 -39.74 34.71 8.39
CA GLU MA 33 -40.87 34.26 9.19
C GLU MA 33 -41.55 33.06 8.54
N PHE NA 3 -12.43 90.58 -40.98
CA PHE NA 3 -11.40 89.89 -40.22
C PHE NA 3 -11.40 90.32 -38.76
N SER NA 4 -11.62 91.61 -38.52
CA SER NA 4 -11.54 92.16 -37.17
C SER NA 4 -12.67 91.69 -36.27
N LYS NA 5 -13.73 91.12 -36.85
CA LYS NA 5 -14.79 90.54 -36.05
C LYS NA 5 -14.33 89.28 -35.33
N TYR NA 6 -13.31 88.60 -35.87
CA TYR NA 6 -12.70 87.47 -35.16
C TYR NA 6 -11.94 87.95 -33.93
N LEU NA 7 -11.35 89.14 -33.98
CA LEU NA 7 -10.67 89.72 -32.82
C LEU NA 7 -11.64 90.10 -31.71
N SER NA 8 -12.91 90.31 -32.02
CA SER NA 8 -13.88 90.69 -31.02
C SER NA 8 -14.37 89.54 -30.17
N THR NA 9 -14.13 88.30 -30.59
CA THR NA 9 -14.66 87.13 -29.90
C THR NA 9 -14.00 86.94 -28.55
N ALA NA 10 -14.60 86.08 -27.73
CA ALA NA 10 -14.19 85.92 -26.34
C ALA NA 10 -12.74 85.51 -26.09
N PRO NA 11 -12.18 84.43 -26.68
CA PRO NA 11 -10.86 83.98 -26.19
C PRO NA 11 -9.69 84.83 -26.66
N VAL NA 12 -9.79 85.47 -27.84
CA VAL NA 12 -8.71 86.30 -28.34
C VAL NA 12 -8.58 87.57 -27.52
N ILE NA 13 -9.71 88.04 -26.97
CA ILE NA 13 -9.69 89.24 -26.15
C ILE NA 13 -9.48 88.87 -24.69
N GLY NA 14 -9.69 87.61 -24.33
CA GLY NA 14 -9.33 87.14 -23.02
C GLY NA 14 -7.88 86.79 -22.85
N THR NA 15 -7.09 86.92 -23.93
CA THR NA 15 -5.64 86.73 -23.84
C THR NA 15 -4.86 87.98 -24.22
N LEU NA 16 -5.35 88.79 -25.15
CA LEU NA 16 -4.59 89.97 -25.55
C LEU NA 16 -4.74 91.09 -24.54
N THR NA 17 -5.86 91.14 -23.83
CA THR NA 17 -5.91 92.03 -22.69
C THR NA 17 -5.25 91.40 -21.48
N ALA NA 18 -5.22 90.07 -21.41
CA ALA NA 18 -4.36 89.41 -20.44
C ALA NA 18 -2.88 89.59 -20.78
N PHE NA 19 -2.58 89.97 -22.02
CA PHE NA 19 -1.20 90.15 -22.45
C PHE NA 19 -0.63 91.49 -21.99
N PHE NA 20 -1.30 92.60 -22.32
CA PHE NA 20 -0.79 93.93 -21.99
C PHE NA 20 -0.90 94.22 -20.50
N LEU NA 21 -1.94 93.68 -19.85
CA LEU NA 21 -2.08 93.88 -18.40
C LEU NA 21 -1.00 93.13 -17.64
N ALA NA 22 -0.66 91.91 -18.06
CA ALA NA 22 0.52 91.26 -17.53
C ALA NA 22 1.77 91.92 -18.06
N GLY NA 23 1.69 92.48 -19.27
CA GLY NA 23 2.76 93.26 -19.86
C GLY NA 23 3.03 94.57 -19.13
N LEU NA 24 2.07 95.08 -18.36
CA LEU NA 24 2.30 96.33 -17.64
C LEU NA 24 3.03 96.06 -16.32
N LEU NA 25 2.67 94.96 -15.65
CA LEU NA 25 3.30 94.59 -14.39
C LEU NA 25 4.75 94.18 -14.54
N ILE NA 26 5.16 93.80 -15.74
CA ILE NA 26 6.43 93.13 -15.91
C ILE NA 26 7.52 94.14 -16.28
N GLU NA 27 7.15 95.21 -16.99
CA GLU NA 27 8.12 96.22 -17.35
C GLU NA 27 8.36 97.17 -16.20
N ILE NA 28 7.33 97.40 -15.39
CA ILE NA 28 7.44 98.31 -14.26
C ILE NA 28 8.25 97.68 -13.13
N ASN NA 29 8.28 96.34 -13.06
CA ASN NA 29 9.17 95.68 -12.12
C ASN NA 29 10.60 95.66 -12.61
N ARG NA 30 10.81 95.51 -13.92
CA ARG NA 30 12.13 95.64 -14.52
C ARG NA 30 12.62 97.09 -14.43
N PHE NA 31 11.72 98.04 -14.64
CA PHE NA 31 11.99 99.44 -14.35
C PHE NA 31 12.25 99.67 -12.87
N ASN NA 32 11.24 99.45 -12.03
CA ASN NA 32 11.24 99.87 -10.64
C ASN NA 32 11.19 98.61 -9.80
N PRO NA 33 12.33 98.05 -9.40
CA PRO NA 33 12.32 96.80 -8.65
C PRO NA 33 11.94 96.98 -7.19
N ASP NA 34 11.24 95.96 -6.68
CA ASP NA 34 10.87 95.82 -5.27
C ASP NA 34 10.00 96.98 -4.79
N LEU NA 35 8.79 97.05 -5.35
CA LEU NA 35 7.76 98.00 -4.92
C LEU NA 35 7.01 97.39 -3.74
N LEU NA 36 7.71 97.30 -2.59
CA LEU NA 36 7.14 96.66 -1.41
C LEU NA 36 6.34 97.67 -0.58
N VAL NA 37 6.92 98.85 -0.34
CA VAL NA 37 6.28 99.89 0.45
C VAL NA 37 6.07 101.09 -0.47
N TYR NA 38 5.00 101.84 -0.20
CA TYR NA 38 4.76 103.11 -0.88
C TYR NA 38 5.74 104.16 -0.37
N PRO NA 39 6.71 104.61 -1.19
CA PRO NA 39 7.78 105.50 -0.71
C PRO NA 39 7.33 106.94 -0.51
N ILE OA 15 -30.78 29.59 -27.22
CA ILE OA 15 -30.73 28.78 -26.01
C ILE OA 15 -30.37 29.75 -24.89
N GLY OA 16 -29.70 29.27 -23.85
CA GLY OA 16 -29.17 30.10 -22.78
C GLY OA 16 -27.66 30.13 -22.76
N HIS OA 17 -27.04 28.98 -23.06
CA HIS OA 17 -25.60 28.81 -22.97
C HIS OA 17 -24.98 28.85 -24.36
N LEU OA 18 -23.66 28.72 -24.41
CA LEU OA 18 -22.94 28.88 -25.67
C LEU OA 18 -22.35 27.55 -26.12
N SER OA 19 -22.20 27.42 -27.44
CA SER OA 19 -21.75 26.19 -28.08
C SER OA 19 -20.33 26.41 -28.61
N THR OA 20 -19.36 26.19 -27.75
CA THR OA 20 -17.96 26.12 -28.15
C THR OA 20 -17.67 24.70 -28.62
N PRO OA 21 -16.48 24.41 -29.15
CA PRO OA 21 -16.09 23.01 -29.32
C PRO OA 21 -15.69 22.31 -28.03
N ILE OA 22 -15.43 23.02 -26.93
CA ILE OA 22 -15.03 22.32 -25.71
C ILE OA 22 -16.04 22.42 -24.58
N SER OA 23 -17.16 23.10 -24.77
CA SER OA 23 -18.20 23.04 -23.77
C SER OA 23 -18.82 21.65 -23.77
N ASN OA 24 -19.06 21.14 -22.55
CA ASN OA 24 -19.70 19.84 -22.30
C ASN OA 24 -18.91 18.70 -22.95
N SER OA 25 -17.59 18.75 -22.81
CA SER OA 25 -16.72 17.72 -23.34
C SER OA 25 -16.66 16.56 -22.37
N SER OA 26 -16.44 15.36 -22.90
CA SER OA 26 -16.62 14.12 -22.15
C SER OA 26 -15.56 13.93 -21.07
N ALA OA 27 -14.30 14.15 -21.39
CA ALA OA 27 -13.23 13.75 -20.49
C ALA OA 27 -13.12 14.64 -19.26
N VAL OA 28 -13.74 15.81 -19.29
CA VAL OA 28 -13.85 16.65 -18.11
C VAL OA 28 -15.16 16.39 -17.39
N ASN OA 29 -16.18 15.92 -18.13
CA ASN OA 29 -17.43 15.53 -17.51
C ASN OA 29 -17.28 14.23 -16.75
N GLY OA 30 -16.33 13.40 -17.15
CA GLY OA 30 -16.06 12.17 -16.43
C GLY OA 30 -15.49 12.41 -15.06
N LEU OA 31 -14.80 13.53 -14.88
CA LEU OA 31 -14.41 13.95 -13.54
C LEU OA 31 -15.54 14.71 -12.87
N LEU OA 32 -16.40 15.35 -13.65
CA LEU OA 32 -17.43 16.19 -13.07
C LEU OA 32 -18.55 15.35 -12.45
N ALA OA 33 -19.09 14.40 -13.20
CA ALA OA 33 -20.20 13.60 -12.71
C ALA OA 33 -19.74 12.38 -11.94
N ASN OA 34 -18.49 12.36 -11.46
CA ASN OA 34 -18.01 11.27 -10.64
C ASN OA 34 -17.25 11.77 -9.42
N LEU OA 35 -17.28 13.06 -9.16
CA LEU OA 35 -16.78 13.60 -7.92
C LEU OA 35 -17.79 13.32 -6.82
N PRO OA 36 -17.36 13.23 -5.53
CA PRO OA 36 -18.30 12.93 -4.43
C PRO OA 36 -19.05 14.16 -3.94
N ALA OA 37 -19.48 14.99 -4.87
CA ALA OA 37 -20.51 15.97 -4.61
C ALA OA 37 -21.59 15.98 -5.67
N TYR OA 38 -21.26 15.59 -6.90
CA TYR OA 38 -22.24 15.44 -7.97
C TYR OA 38 -22.62 13.99 -8.20
N ARG OA 39 -22.20 13.08 -7.34
CA ARG OA 39 -22.28 11.66 -7.67
C ARG OA 39 -23.71 11.16 -7.51
N LYS OA 40 -23.91 9.90 -7.91
CA LYS OA 40 -25.26 9.37 -8.05
C LYS OA 40 -25.82 8.83 -6.74
N GLY OA 41 -25.19 7.81 -6.16
CA GLY OA 41 -25.85 7.05 -5.13
C GLY OA 41 -25.43 7.27 -3.70
N LEU OA 42 -24.52 8.20 -3.43
CA LEU OA 42 -23.94 8.30 -2.10
C LEU OA 42 -24.89 9.03 -1.15
N THR OA 43 -24.99 8.52 0.05
CA THR OA 43 -25.76 9.06 1.14
C THR OA 43 -25.04 10.27 1.75
N PRO OA 44 -25.79 11.30 2.17
CA PRO OA 44 -25.14 12.56 2.56
C PRO OA 44 -24.31 12.49 3.83
N ARG OA 45 -24.40 11.40 4.60
CA ARG OA 45 -23.39 11.15 5.61
C ARG OA 45 -22.07 10.79 4.94
N LEU OA 46 -22.12 10.07 3.82
CA LEU OA 46 -20.90 9.48 3.29
C LEU OA 46 -20.22 10.37 2.27
N ARG OA 47 -20.99 11.12 1.47
CA ARG OA 47 -20.34 11.92 0.44
C ARG OA 47 -19.70 13.16 1.01
N GLY OA 48 -20.06 13.55 2.24
CA GLY OA 48 -19.29 14.54 2.95
C GLY OA 48 -18.01 14.01 3.55
N LEU OA 49 -17.91 12.69 3.73
CA LEU OA 49 -16.66 12.13 4.19
C LEU OA 49 -15.58 12.20 3.13
N GLU OA 50 -15.91 11.83 1.89
CA GLU OA 50 -14.93 11.85 0.81
C GLU OA 50 -14.49 13.27 0.49
N ILE OA 51 -15.35 14.26 0.72
CA ILE OA 51 -14.91 15.64 0.66
C ILE OA 51 -13.98 15.95 1.82
N GLY OA 52 -14.37 15.57 3.03
CA GLY OA 52 -13.56 15.86 4.20
C GLY OA 52 -12.27 15.08 4.25
N MET OA 53 -12.26 13.89 3.64
CA MET OA 53 -11.00 13.19 3.48
C MET OA 53 -10.12 13.87 2.44
N ALA OA 54 -10.73 14.53 1.47
CA ALA OA 54 -9.97 15.19 0.42
C ALA OA 54 -9.35 16.48 0.91
N HIS OA 55 -10.18 17.43 1.35
CA HIS OA 55 -9.66 18.76 1.71
C HIS OA 55 -8.80 18.71 2.95
N GLY OA 56 -8.96 17.69 3.78
CA GLY OA 56 -8.19 17.65 5.01
C GLY OA 56 -6.75 17.27 4.81
N TYR OA 57 -6.47 16.39 3.85
CA TYR OA 57 -5.13 15.79 3.77
C TYR OA 57 -4.12 16.79 3.27
N PHE OA 58 -4.52 17.73 2.43
CA PHE OA 58 -3.60 18.71 1.92
C PHE OA 58 -3.50 19.95 2.77
N LEU OA 59 -4.49 20.22 3.63
CA LEU OA 59 -4.52 21.46 4.39
C LEU OA 59 -3.40 21.54 5.41
N THR OA 60 -2.91 20.40 5.86
CA THR OA 60 -1.70 20.36 6.66
C THR OA 60 -0.43 20.43 5.83
N GLY OA 61 -0.55 20.58 4.53
CA GLY OA 61 0.56 20.98 3.69
C GLY OA 61 1.15 22.34 4.06
N PRO OA 62 0.40 23.43 3.85
CA PRO OA 62 0.98 24.76 4.03
C PRO OA 62 1.36 25.10 5.45
N PHE OA 63 0.73 24.50 6.45
CA PHE OA 63 0.99 24.93 7.81
C PHE OA 63 2.33 24.43 8.34
N VAL OA 64 2.78 23.25 7.91
CA VAL OA 64 4.00 22.65 8.52
C VAL OA 64 5.29 23.18 7.88
N GLU OA 65 5.26 23.57 6.61
CA GLU OA 65 6.51 24.03 5.92
C GLU OA 65 6.48 25.56 5.85
N LEU OA 66 5.30 26.16 5.99
CA LEU OA 66 5.15 27.61 6.01
C LEU OA 66 4.38 27.94 7.28
N GLY OA 67 5.09 28.17 8.37
CA GLY OA 67 4.45 28.45 9.64
C GLY OA 67 5.27 29.42 10.44
N PRO OA 68 4.80 29.77 11.64
CA PRO OA 68 5.62 30.64 12.51
C PRO OA 68 6.85 29.94 13.03
N LEU OA 69 6.72 28.71 13.47
CA LEU OA 69 7.87 27.86 13.78
C LEU OA 69 7.86 26.74 12.74
N ARG OA 70 9.01 26.45 12.15
CA ARG OA 70 9.11 25.32 11.19
C ARG OA 70 10.25 24.41 11.65
N ASN OA 71 11.40 24.99 12.01
CA ASN OA 71 12.59 24.17 12.37
C ASN OA 71 12.61 23.92 13.87
N THR OA 72 11.64 23.15 14.39
CA THR OA 72 11.55 22.82 15.81
C THR OA 72 11.25 21.34 15.91
N ASP OA 73 10.69 20.93 17.05
CA ASP OA 73 10.35 19.52 17.29
C ASP OA 73 9.37 18.93 16.25
N GLY OA 74 8.17 19.54 16.01
CA GLY OA 74 7.53 20.72 16.57
C GLY OA 74 6.87 21.54 15.50
N GLY OA 75 7.32 21.34 14.25
CA GLY OA 75 6.70 22.03 13.15
C GLY OA 75 5.55 21.30 12.52
N ILE OA 76 5.69 19.99 12.35
CA ILE OA 76 4.57 19.19 11.86
C ILE OA 76 3.51 19.08 12.92
N LEU OA 77 3.89 18.88 14.19
CA LEU OA 77 2.91 18.70 15.28
C LEU OA 77 2.04 19.96 15.40
N TYR OA 78 2.64 21.11 15.72
CA TYR OA 78 1.86 22.35 15.92
C TYR OA 78 1.22 22.74 14.60
N GLY OA 79 1.97 22.67 13.50
CA GLY OA 79 1.40 22.98 12.17
C GLY OA 79 0.13 22.20 11.92
N SER OA 80 0.07 20.94 12.33
CA SER OA 80 -1.12 20.14 12.01
C SER OA 80 -2.26 20.35 12.98
N LEU OA 81 -2.01 20.98 14.14
CA LEU OA 81 -3.10 21.42 14.98
C LEU OA 81 -3.90 22.51 14.30
N SER OA 82 -3.23 23.38 13.53
CA SER OA 82 -3.95 24.44 12.86
C SER OA 82 -4.74 23.93 11.67
N ALA OA 83 -4.32 22.80 11.10
CA ALA OA 83 -5.06 22.22 9.97
C ALA OA 83 -6.40 21.67 10.41
N VAL OA 84 -6.43 20.89 11.50
CA VAL OA 84 -7.68 20.54 12.12
C VAL OA 84 -8.27 21.77 12.81
N GLY OA 85 -7.44 22.73 13.19
CA GLY OA 85 -7.96 23.98 13.70
C GLY OA 85 -8.59 24.86 12.64
N LEU OA 86 -8.28 24.59 11.37
CA LEU OA 86 -8.99 25.30 10.32
C LEU OA 86 -10.33 24.63 10.02
N VAL OA 87 -10.34 23.29 9.97
CA VAL OA 87 -11.52 22.51 9.61
C VAL OA 87 -12.67 22.78 10.56
N VAL OA 88 -12.35 23.00 11.84
CA VAL OA 88 -13.40 23.31 12.80
C VAL OA 88 -14.01 24.68 12.58
N ILE OA 89 -13.31 25.59 11.90
CA ILE OA 89 -13.94 26.83 11.50
C ILE OA 89 -14.73 26.62 10.21
N LEU OA 90 -14.42 25.56 9.48
CA LEU OA 90 -15.14 25.26 8.25
C LEU OA 90 -16.46 24.55 8.50
N THR OA 91 -16.48 23.55 9.39
CA THR OA 91 -17.74 22.90 9.74
C THR OA 91 -18.63 23.81 10.56
N ALA OA 92 -18.05 24.84 11.18
CA ALA OA 92 -18.86 25.93 11.68
C ALA OA 92 -19.50 26.69 10.53
N CYS OA 93 -18.70 27.06 9.52
CA CYS OA 93 -19.20 27.82 8.39
C CYS OA 93 -20.15 26.99 7.53
N LEU OA 94 -20.00 25.67 7.58
CA LEU OA 94 -20.98 24.80 6.95
C LEU OA 94 -22.32 24.86 7.66
N ALA OA 95 -22.31 24.91 8.99
CA ALA OA 95 -23.59 24.89 9.70
C ALA OA 95 -24.27 26.24 9.72
N LEU OA 96 -23.51 27.33 9.67
CA LEU OA 96 -24.16 28.63 9.51
C LEU OA 96 -24.74 28.78 8.12
N TYR OA 97 -24.14 28.11 7.14
CA TYR OA 97 -24.79 27.98 5.85
C TYR OA 97 -26.04 27.10 5.97
N GLY OA 98 -26.02 26.14 6.88
CA GLY OA 98 -27.18 25.29 7.07
C GLY OA 98 -28.34 26.01 7.74
N LYS OA 99 -28.04 26.89 8.70
CA LYS OA 99 -29.10 27.63 9.36
C LYS OA 99 -29.69 28.70 8.45
N ALA OA 100 -28.91 29.19 7.48
CA ALA OA 100 -29.33 30.38 6.75
C ALA OA 100 -29.85 30.05 5.36
N ASN OA 101 -29.37 28.95 4.77
CA ASN OA 101 -29.94 28.53 3.50
C ASN OA 101 -31.10 27.56 3.67
N PHE OA 102 -31.03 26.68 4.68
CA PHE OA 102 -32.07 25.71 4.96
C PHE OA 102 -32.79 26.15 6.22
N SER OA 103 -33.74 27.07 6.06
CA SER OA 103 -34.66 27.42 7.13
C SER OA 103 -35.74 26.35 7.13
N GLY OA 104 -35.49 25.26 7.86
CA GLY OA 104 -36.38 24.12 7.83
C GLY OA 104 -36.19 23.20 6.64
N SER OA 105 -35.11 23.38 5.89
CA SER OA 105 -34.81 22.69 4.62
C SER OA 105 -35.97 22.83 3.63
N SER OA 106 -36.21 24.07 3.21
CA SER OA 106 -37.36 24.41 2.37
C SER OA 106 -37.22 23.77 0.99
N LYS OA 107 -38.26 23.03 0.60
CA LYS OA 107 -38.20 22.10 -0.53
C LYS OA 107 -38.11 22.85 -1.86
N SER OA 108 -37.21 22.36 -2.70
CA SER OA 108 -36.80 23.08 -3.90
C SER OA 108 -36.81 22.11 -5.07
N LYS OA 109 -36.20 22.52 -6.19
CA LYS OA 109 -36.46 21.89 -7.48
C LYS OA 109 -35.83 20.52 -7.61
N ASP OA 110 -34.72 20.24 -6.92
CA ASP OA 110 -34.07 18.95 -7.10
C ASP OA 110 -34.13 18.06 -5.86
N ALA OA 111 -34.06 18.65 -4.67
CA ALA OA 111 -33.82 17.95 -3.40
C ALA OA 111 -32.57 17.09 -3.51
N THR OA 112 -31.44 17.78 -3.68
CA THR OA 112 -30.11 17.20 -3.66
C THR OA 112 -29.67 17.14 -2.20
N LEU OA 113 -28.37 17.00 -1.93
CA LEU OA 113 -27.85 17.47 -0.66
C LEU OA 113 -27.83 19.00 -0.63
N TRP OA 114 -27.85 19.62 -1.80
CA TRP OA 114 -27.49 21.03 -1.93
C TRP OA 114 -28.66 21.94 -2.23
N GLU OA 115 -29.67 21.50 -2.96
CA GLU OA 115 -30.81 22.38 -3.17
C GLU OA 115 -31.71 22.40 -1.94
N SER OA 116 -32.34 21.27 -1.63
CA SER OA 116 -33.11 21.11 -0.41
C SER OA 116 -32.26 20.28 0.55
N GLY OA 117 -32.22 20.68 1.82
CA GLY OA 117 -31.15 20.21 2.67
C GLY OA 117 -31.19 18.74 3.05
N GLU OA 118 -32.02 18.36 4.02
CA GLU OA 118 -32.45 16.98 4.30
C GLU OA 118 -31.32 16.07 4.82
N GLY OA 119 -30.07 16.45 4.64
CA GLY OA 119 -28.94 15.68 5.08
C GLY OA 119 -27.79 16.58 5.45
N TRP OA 120 -28.08 17.85 5.74
CA TRP OA 120 -27.02 18.84 5.86
C TRP OA 120 -26.16 18.62 7.09
N SER OA 121 -26.76 18.32 8.24
CA SER OA 121 -25.94 17.99 9.41
C SER OA 121 -25.43 16.56 9.32
N ASP OA 122 -25.83 15.79 8.31
CA ASP OA 122 -25.10 14.59 7.95
C ASP OA 122 -23.99 14.90 6.96
N PHE OA 123 -24.14 15.96 6.17
CA PHE OA 123 -22.99 16.44 5.41
C PHE OA 123 -21.98 17.08 6.36
N VAL OA 124 -22.45 17.91 7.29
CA VAL OA 124 -21.60 18.62 8.23
C VAL OA 124 -20.83 17.65 9.10
N SER OA 125 -21.52 16.66 9.65
CA SER OA 125 -20.85 15.70 10.52
C SER OA 125 -19.96 14.76 9.72
N GLY OA 126 -20.35 14.46 8.48
CA GLY OA 126 -19.50 13.67 7.61
C GLY OA 126 -18.22 14.37 7.22
N TRP OA 127 -18.29 15.70 7.06
CA TRP OA 127 -17.10 16.49 6.71
C TRP OA 127 -16.11 16.52 7.86
N LEU OA 128 -16.58 16.53 9.10
CA LEU OA 128 -15.68 16.68 10.23
C LEU OA 128 -14.93 15.40 10.56
N ILE OA 129 -15.44 14.26 10.07
CA ILE OA 129 -14.79 12.98 10.35
C ILE OA 129 -13.46 12.88 9.61
N GLY OA 130 -13.48 13.07 8.28
CA GLY OA 130 -12.24 13.11 7.54
C GLY OA 130 -11.47 14.40 7.74
N GLY OA 131 -12.18 15.46 8.12
CA GLY OA 131 -11.55 16.74 8.37
C GLY OA 131 -10.76 16.77 9.67
N ALA OA 132 -10.90 15.73 10.48
CA ALA OA 132 -9.92 15.45 11.50
C ALA OA 132 -9.16 14.17 11.20
N GLY OA 133 -9.77 13.26 10.44
CA GLY OA 133 -9.17 11.95 10.23
C GLY OA 133 -8.04 11.99 9.23
N SER OA 134 -8.28 12.61 8.08
CA SER OA 134 -7.22 12.73 7.07
C SER OA 134 -6.14 13.71 7.50
N VAL OA 135 -6.45 14.63 8.40
CA VAL OA 135 -5.50 15.67 8.79
C VAL OA 135 -4.34 15.08 9.57
N GLY OA 136 -4.65 14.27 10.59
CA GLY OA 136 -3.59 13.67 11.38
C GLY OA 136 -2.91 12.51 10.68
N PHE OA 137 -3.58 11.91 9.69
CA PHE OA 137 -3.00 10.85 8.88
C PHE OA 137 -1.76 11.36 8.15
N ALA OA 138 -1.81 12.58 7.63
CA ALA OA 138 -0.61 13.19 7.08
C ALA OA 138 0.40 13.53 8.16
N TYR OA 139 -0.06 13.96 9.35
CA TYR OA 139 0.86 14.14 10.47
C TYR OA 139 1.50 12.82 10.88
N LEU OA 140 0.78 11.71 10.74
CA LEU OA 140 1.43 10.42 10.80
C LEU OA 140 2.43 10.24 9.67
N LEU OA 141 2.04 10.58 8.45
CA LEU OA 141 2.91 10.41 7.29
C LEU OA 141 4.03 11.44 7.20
N LEU OA 142 3.93 12.56 7.90
CA LEU OA 142 5.00 13.54 7.86
C LEU OA 142 5.96 13.41 9.03
N GLN OA 143 5.45 13.39 10.26
CA GLN OA 143 6.31 13.29 11.44
C GLN OA 143 6.97 11.92 11.55
N TYR OA 144 6.22 10.87 11.30
CA TYR OA 144 6.77 9.54 11.09
C TYR OA 144 6.79 9.29 9.59
N ILE OA 145 7.39 8.17 9.18
CA ILE OA 145 7.45 7.71 7.79
C ILE OA 145 8.02 8.76 6.82
N LEU PA 2 -1.27 44.88 42.18
CA LEU PA 2 -2.54 44.42 42.73
C LEU PA 2 -2.52 43.00 43.23
N ALA PA 3 -3.73 42.48 43.43
CA ALA PA 3 -3.96 41.21 44.10
C ALA PA 3 -4.10 40.10 43.09
N ASP PA 4 -4.58 38.96 43.58
CA ASP PA 4 -4.95 37.86 42.70
C ASP PA 4 -6.41 37.47 42.89
N GLY PA 5 -6.88 37.49 44.14
CA GLY PA 5 -8.30 37.30 44.38
C GLY PA 5 -9.15 38.45 43.94
N GLN PA 6 -8.64 39.68 44.08
CA GLN PA 6 -9.36 40.87 43.62
C GLN PA 6 -9.48 40.93 42.11
N ILE PA 7 -8.52 40.35 41.40
CA ILE PA 7 -8.62 40.25 39.94
C ILE PA 7 -9.80 39.36 39.56
N PHE PA 8 -9.88 38.20 40.20
CA PHE PA 8 -11.03 37.33 40.01
C PHE PA 8 -12.30 37.98 40.53
N THR PA 9 -12.17 38.78 41.58
CA THR PA 9 -13.35 39.42 42.18
C THR PA 9 -13.97 40.43 41.22
N ALA PA 10 -13.14 41.29 40.62
CA ALA PA 10 -13.66 42.29 39.69
C ALA PA 10 -14.21 41.65 38.42
N LEU PA 11 -13.66 40.48 38.05
CA LEU PA 11 -14.30 39.64 37.04
C LEU PA 11 -15.70 39.21 37.44
N ALA PA 12 -15.92 38.99 38.74
CA ALA PA 12 -17.25 38.65 39.21
C ALA PA 12 -18.10 39.90 39.40
N VAL PA 13 -17.46 41.07 39.57
CA VAL PA 13 -18.23 42.29 39.60
C VAL PA 13 -18.74 42.62 38.20
N ALA PA 14 -17.92 42.41 37.17
CA ALA PA 14 -18.35 42.64 35.79
C ALA PA 14 -19.42 41.67 35.32
N LEU PA 15 -19.61 40.54 36.01
CA LEU PA 15 -20.71 39.65 35.71
C LEU PA 15 -22.06 40.27 36.05
N VAL PA 16 -22.07 41.29 36.91
CA VAL PA 16 -23.32 41.99 37.23
C VAL PA 16 -23.73 42.85 36.03
N PRO PA 17 -22.83 43.54 35.31
CA PRO PA 17 -23.19 43.99 33.96
C PRO PA 17 -23.24 42.88 32.91
N GLY PA 18 -23.00 41.62 33.28
CA GLY PA 18 -23.15 40.56 32.31
C GLY PA 18 -24.59 40.34 31.90
N ILE PA 19 -25.40 39.85 32.83
CA ILE PA 19 -26.75 39.44 32.49
C ILE PA 19 -27.69 40.64 32.43
N LEU PA 20 -27.32 41.72 33.12
CA LEU PA 20 -28.19 42.90 33.12
C LEU PA 20 -28.08 43.72 31.84
N ALA PA 21 -26.92 43.73 31.19
CA ALA PA 21 -26.82 44.43 29.91
C ALA PA 21 -27.55 43.66 28.82
N LEU PA 22 -27.53 42.33 28.90
CA LEU PA 22 -28.39 41.53 28.04
C LEU PA 22 -29.87 41.83 28.30
N ARG PA 23 -30.28 41.91 29.56
CA ARG PA 23 -31.69 42.16 29.86
C ARG PA 23 -32.10 43.57 29.47
N LEU PA 24 -31.17 44.52 29.49
CA LEU PA 24 -31.46 45.84 28.94
C LEU PA 24 -31.66 45.77 27.43
N ALA PA 25 -30.93 44.88 26.76
CA ALA PA 25 -30.92 44.84 25.31
C ALA PA 25 -32.19 44.20 24.76
N LEU PA 26 -32.47 42.95 25.15
CA LEU PA 26 -33.58 42.19 24.58
C LEU PA 26 -34.94 42.76 24.95
N GLU PA 27 -35.00 43.65 25.93
CA GLU PA 27 -36.22 44.38 26.23
C GLU PA 27 -36.29 45.70 25.48
N LEU PA 28 -35.14 46.35 25.26
CA LEU PA 28 -35.10 47.46 24.30
C LEU PA 28 -35.30 46.98 22.88
N TYR PA 29 -35.03 45.69 22.63
CA TYR PA 29 -35.42 45.10 21.35
C TYR PA 29 -36.93 44.99 21.25
N LYS PA 30 -37.60 44.82 22.38
CA LYS PA 30 -39.04 44.64 22.40
C LYS PA 30 -39.73 45.92 22.86
MG CL0 QA . -23.26 4.92 74.05
CHA CL0 QA . -22.66 4.21 70.70
CHB CL0 QA . -26.49 4.26 73.52
CHC CL0 QA . -23.75 5.35 77.35
CHD CL0 QA . -19.62 4.88 74.61
NA CL0 QA . -24.38 4.27 72.42
C1A CL0 QA . -24.09 4.15 71.17
C2A CL0 QA . -25.25 3.97 70.24
C3A CL0 QA . -26.41 4.07 71.19
C4A CL0 QA . -25.69 4.19 72.47
CMA CL0 QA . -26.96 5.46 71.00
CAA CL0 QA . -25.38 2.53 69.73
CBA CL0 QA . -26.74 2.17 69.15
CGA CL0 QA . -26.84 0.70 68.90
O1A CL0 QA . -27.91 0.14 69.00
O2A CL0 QA . -25.67 -0.07 68.53
NB CL0 QA . -24.91 4.85 75.26
C1B CL0 QA . -26.11 4.45 74.90
C2B CL0 QA . -27.07 4.25 76.00
C3B CL0 QA . -26.26 4.59 77.17
C4B CL0 QA . -24.93 4.94 76.59
CMB CL0 QA . -28.49 3.81 75.95
CAB CL0 QA . -26.79 4.56 78.56
CBB CL0 QA . -26.22 5.05 79.63
NC CL0 QA . -21.95 5.07 75.62
C1C CL0 QA . -22.37 5.24 76.88
C2C CL0 QA . -21.30 5.34 77.88
C3C CL0 QA . -20.06 5.21 77.09
C4C CL0 QA . -20.59 5.05 75.70
CMC CL0 QA . -21.45 5.54 79.36
CAC CL0 QA . -18.63 5.24 77.57
CBC CL0 QA . -18.31 6.70 77.81
ND CL0 QA . -21.54 4.55 73.04
C1D CL0 QA . -20.14 4.70 73.25
C2D CL0 QA . -19.31 4.62 72.03
C3D CL0 QA . -20.35 4.43 71.00
C4D CL0 QA . -21.56 4.39 71.66
CMD CL0 QA . -17.84 4.72 71.74
CAD CL0 QA . -20.62 4.28 69.55
OBD CL0 QA . -19.74 4.22 68.63
CBD CL0 QA . -22.07 4.09 69.34
CGD CL0 QA . -22.07 2.65 68.96
O1D CL0 QA . -22.21 1.80 69.81
O2D CL0 QA . -21.91 2.26 67.58
CED CL0 QA . -22.17 0.90 67.23
C1 CL0 QA . -25.78 -1.49 68.45
C2 CL0 QA . -24.82 -2.14 69.40
C3 CL0 QA . -23.83 -2.91 68.93
C4 CL0 QA . -23.63 -3.16 67.47
C5 CL0 QA . -22.87 -3.54 69.90
C6 CL0 QA . -21.61 -2.71 70.03
C7 CL0 QA . -20.86 -3.13 71.29
C8 CL0 QA . -20.36 -4.56 71.16
C9 CL0 QA . -19.84 -5.03 72.50
C10 CL0 QA . -19.29 -4.59 70.07
C11 CL0 QA . -18.69 -5.96 69.86
C12 CL0 QA . -19.70 -7.00 69.39
C13 CL0 QA . -19.09 -8.38 69.44
C14 CL0 QA . -18.10 -8.58 68.30
C15 CL0 QA . -20.20 -9.43 69.39
C16 CL0 QA . -20.99 -9.29 68.10
C17 CL0 QA . -22.44 -9.73 68.29
C18 CL0 QA . -23.41 -8.82 67.54
C19 CL0 QA . -23.33 -9.01 66.03
C20 CL0 QA . -23.18 -7.36 67.88
MG CLA RA . -27.04 -5.84 69.71
CHA CLA RA . -26.30 -4.58 72.78
CHB CLA RA . -25.39 -8.67 70.57
CHC CLA RA . -28.51 -7.38 67.08
CHD CLA RA . -29.11 -2.88 69.04
NA CLA RA . -26.06 -6.54 71.41
C1A CLA RA . -25.64 -5.88 72.41
C2A CLA RA . -24.58 -6.56 73.27
C3A CLA RA . -24.34 -7.83 72.51
C4A CLA RA . -25.34 -7.65 71.43
CMA CLA RA . -22.93 -7.79 71.92
CAA CLA RA . -25.11 -7.12 74.58
CBA CLA RA . -24.01 -7.32 75.59
CGA CLA RA . -23.97 -8.78 75.95
O1A CLA RA . -24.57 -9.60 75.26
O2A CLA RA . -23.24 -9.24 77.10
NB CLA RA . -26.86 -7.68 68.88
C1B CLA RA . -26.33 -8.74 69.46
C2B CLA RA . -26.84 -10.06 69.03
C3B CLA RA . -27.79 -9.66 67.97
C4B CLA RA . -27.70 -8.19 67.98
CMB CLA RA . -26.44 -11.40 69.53
CAB CLA RA . -28.67 -10.39 67.05
CBB CLA RA . -28.57 -11.68 66.78
NC CLA RA . -28.52 -5.26 68.40
C1C CLA RA . -28.90 -6.01 67.35
C2C CLA RA . -29.80 -5.34 66.38
C3C CLA RA . -29.97 -4.00 66.97
C4C CLA RA . -29.14 -4.07 68.19
CMC CLA RA . -30.39 -5.89 65.11
CAC CLA RA . -30.77 -2.85 66.43
CBC CLA RA . -29.80 -2.19 65.48
ND CLA RA . -27.59 -4.11 70.59
C1D CLA RA . -28.49 -3.02 70.36
C2D CLA RA . -28.68 -2.11 71.50
C3D CLA RA . -27.79 -2.76 72.51
C4D CLA RA . -27.26 -3.89 71.92
CMD CLA RA . -29.49 -0.88 71.74
CAD CLA RA . -27.28 -2.75 73.90
OBD CLA RA . -27.53 -1.90 74.83
CBD CLA RA . -26.35 -3.86 74.08
CGD CLA RA . -25.02 -3.20 74.23
O1D CLA RA . -24.83 -2.13 73.73
O2D CLA RA . -23.94 -3.82 74.94
CED CLA RA . -22.62 -3.36 74.66
C1 CLA RA . -22.87 -10.61 77.17
C2 CLA RA . -23.99 -11.42 77.76
C3 CLA RA . -23.83 -12.14 78.87
C4 CLA RA . -22.50 -12.18 79.57
C5 CLA RA . -24.99 -12.92 79.40
C6 CLA RA . -25.28 -14.15 78.56
C7 CLA RA . -26.68 -14.67 78.84
C8 CLA RA . -26.93 -15.93 78.01
C9 CLA RA . -27.16 -15.55 76.56
C10 CLA RA . -28.12 -16.72 78.55
C11 CLA RA . -28.10 -16.84 80.07
C12 CLA RA . -28.48 -18.22 80.54
C13 CLA RA . -28.15 -18.36 82.02
C14 CLA RA . -26.65 -18.27 82.26
C15 CLA RA . -28.72 -19.67 82.53
C16 CLA RA . -28.77 -19.74 84.05
C17 CLA RA . -30.17 -20.15 84.50
C18 CLA RA . -30.24 -20.46 85.99
C19 CLA RA . -29.11 -21.37 86.43
C20 CLA RA . -31.59 -21.10 86.32
MG CLA SA . -41.11 10.98 73.85
CHA CLA SA . -43.96 12.84 74.58
CHB CLA SA . -39.38 13.84 73.78
CHC CLA SA . -38.29 9.11 73.83
CHD CLA SA . -43.12 7.93 74.26
NA CLA SA . -41.56 12.97 74.18
C1A CLA SA . -42.68 13.58 74.34
C2A CLA SA . -42.60 15.09 74.31
C3A CLA SA . -41.14 15.31 74.01
C4A CLA SA . -40.67 13.94 73.99
CMA CLA SA . -40.99 15.89 72.61
CAA CLA SA . -42.76 15.69 75.71
CBA CLA SA . -42.87 17.22 75.67
CGA CLA SA . -41.60 17.95 76.04
O1A CLA SA . -40.91 17.53 76.96
O2A CLA SA . -41.15 19.10 75.28
NB CLA SA . -39.13 11.42 73.83
C1B CLA SA . -38.59 12.62 73.71
C2B CLA SA . -37.14 12.69 73.53
C3B CLA SA . -36.80 11.25 73.56
C4B CLA SA . -38.11 10.57 73.75
CMB CLA SA . -36.30 13.92 73.38
CAB CLA SA . -35.48 10.62 73.43
CBB CLA SA . -34.49 11.00 74.19
NC CLA SA . -40.80 8.96 74.02
C1C CLA SA . -39.58 8.41 74.01
C2C CLA SA . -39.57 6.96 74.20
C3C CLA SA . -40.98 6.61 74.33
C4C CLA SA . -41.64 7.92 74.18
CMC CLA SA . -38.39 6.03 74.25
CAC CLA SA . -41.61 5.27 74.56
CBC CLA SA . -41.90 4.70 73.19
ND CLA SA . -43.00 10.42 74.31
C1D CLA SA . -43.77 9.22 74.41
C2D CLA SA . -45.18 9.40 74.73
C3D CLA SA . -45.25 10.88 74.81
C4D CLA SA . -43.98 11.36 74.57
CMD CLA SA . -46.33 8.46 74.93
CAD CLA SA . -46.15 12.05 75.03
OBD CLA SA . -47.40 11.98 75.28
CBD CLA SA . -45.35 13.29 74.91
CGD CLA SA . -45.99 14.24 73.94
O1D CLA SA . -45.48 14.50 72.87
O2D CLA SA . -47.23 14.88 74.32
CED CLA SA . -47.69 15.99 73.55
MG CLA TA . -40.71 20.98 50.86
CHA CLA TA . -42.62 21.52 53.68
CHB CLA TA . -38.01 20.63 52.86
CHC CLA TA . -38.79 20.98 48.08
CHD CLA TA . -43.62 21.98 48.81
NA CLA TA . -40.36 21.11 52.90
C1A CLA TA . -41.16 21.23 53.88
C2A CLA TA . -40.56 21.03 55.26
C3A CLA TA . -39.11 20.76 54.94
C4A CLA TA . -39.17 20.84 53.46
CMA CLA TA . -38.22 21.89 55.47
CAA CLA TA . -41.05 19.81 56.04
CBA CLA TA . -41.65 20.27 57.37
CGA CLA TA . -40.73 21.29 58.04
O1A CLA TA . -39.67 20.95 58.53
O2A CLA TA . -41.09 22.70 58.07
NB CLA TA . -38.69 20.82 50.53
C1B CLA TA . -37.74 20.66 51.42
C2B CLA TA . -36.36 20.52 50.90
C3B CLA TA . -36.59 20.62 49.45
C4B CLA TA . -38.06 20.81 49.34
CMB CLA TA . -35.08 20.31 51.66
CAB CLA TA . -35.52 20.54 48.41
CBB CLA TA . -35.67 20.08 47.18
NC CLA TA . -41.14 21.37 48.89
C1C CLA TA . -40.20 21.37 47.93
C2C CLA TA . -40.65 21.80 46.59
C3C CLA TA . -42.08 22.09 46.81
C4C CLA TA . -42.26 21.79 48.25
CMC CLA TA . -39.85 21.91 45.33
CAC CLA TA . -43.12 22.58 45.81
CBC CLA TA . -43.09 24.08 45.91
ND CLA TA . -42.61 21.66 51.07
C1D CLA TA . -43.76 21.93 50.26
C2D CLA TA . -45.03 22.12 51.01
C3D CLA TA . -44.54 21.97 52.39
C4D CLA TA . -43.19 21.71 52.33
CMD CLA TA . -46.45 22.41 50.66
CAD CLA TA . -44.95 21.94 53.81
OBD CLA TA . -46.14 22.15 54.26
CBD CLA TA . -43.76 21.70 54.64
CGD CLA TA . -43.55 22.93 55.46
O1D CLA TA . -44.21 23.12 56.47
O2D CLA TA . -42.59 23.93 55.05
CED CLA TA . -42.58 25.16 55.76
MG CLA UA . -36.65 16.86 43.34
CHA CLA UA . -39.18 18.00 41.27
CHB CLA UA . -34.67 16.61 40.61
CHC CLA UA . -34.03 16.33 45.44
CHD CLA UA . -38.77 17.70 46.21
NA CLA UA . -36.86 17.28 41.32
C1A CLA UA . -37.88 17.63 40.63
C2A CLA UA . -37.71 17.68 39.12
C3A CLA UA . -36.28 17.19 38.97
C4A CLA UA . -35.92 17.01 40.40
CMA CLA UA . -36.26 15.84 38.30
CAA CLA UA . -37.70 19.11 38.54
CBA CLA UA . -36.77 20.10 39.25
CGA CLA UA . -36.28 21.23 38.37
O1A CLA UA . -35.93 21.04 37.22
O2A CLA UA . -36.23 22.57 38.91
NB CLA UA . -34.66 16.52 43.04
C1B CLA UA . -34.02 16.40 41.89
C2B CLA UA . -32.59 16.11 41.96
C3B CLA UA . -32.40 16.01 43.42
C4B CLA UA . -33.74 16.30 44.00
CMB CLA UA . -31.60 15.92 40.86
CAB CLA UA . -31.14 15.74 44.15
CBB CLA UA . -30.58 16.72 44.82
NC CLA UA . -36.43 17.08 45.37
C1C CLA UA . -35.33 16.67 46.03
C2C CLA UA . -35.50 16.54 47.50
C3C CLA UA . -36.90 16.94 47.71
C4C CLA UA . -37.36 17.25 46.34
CMC CLA UA . -34.49 16.11 48.52
CAC CLA UA . -37.70 17.03 48.98
CBC CLA UA . -38.34 15.67 49.14
ND CLA UA . -38.45 17.68 43.76
C1D CLA UA . -39.31 17.91 44.88
C2D CLA UA . -40.69 18.33 44.58
C3D CLA UA . -40.62 18.36 43.09
C4D CLA UA . -39.34 18.00 42.73
CMD CLA UA . -41.94 18.69 45.35
CAD CLA UA . -41.38 18.64 41.85
OBD CLA UA . -42.61 19.00 41.79
CBD CLA UA . -40.50 18.39 40.69
CGD CLA UA . -41.06 17.18 40.02
O1D CLA UA . -41.46 17.22 38.87
O2D CLA UA . -41.12 15.93 40.74
CED CLA UA . -41.71 14.80 40.14
MG CLA VA . -31.71 7.24 38.99
CHA CLA VA . -28.75 5.51 38.64
CHB CLA VA . -29.99 9.72 40.49
CHC CLA VA . -34.68 8.65 39.83
CHD CLA VA . -33.50 4.16 37.99
NA CLA VA . -29.74 7.55 39.53
C1A CLA VA . -28.68 6.89 39.25
C2A CLA VA . -27.36 7.57 39.54
C3A CLA VA . -27.84 8.88 40.16
C4A CLA VA . -29.30 8.68 40.05
CMA CLA VA . -27.48 8.86 41.63
CAA CLA VA . -26.62 7.92 38.23
CBA CLA VA . -25.95 9.28 38.07
CGA CLA VA . -24.68 9.36 38.87
O1A CLA VA . -24.21 10.45 39.10
O2A CLA VA . -24.05 8.14 39.36
NB CLA VA . -32.23 8.94 40.00
C1B CLA VA . -31.44 9.84 40.53
C2B CLA VA . -32.08 11.00 41.15
C3B CLA VA . -33.51 10.68 40.95
C4B CLA VA . -33.48 9.38 40.23
CMB CLA VA . -31.45 12.20 41.80
CAB CLA VA . -34.68 11.48 41.38
CBB CLA VA . -35.57 11.90 40.51
NC CLA VA . -33.64 6.54 38.92
C1C CLA VA . -34.70 7.27 39.31
C2C CLA VA . -36.01 6.58 39.18
C3C CLA VA . -35.65 5.27 38.66
C4C CLA VA . -34.18 5.35 38.52
CMC CLA VA . -37.39 7.05 39.50
CAC CLA VA . -36.58 4.14 38.32
CBC CLA VA . -36.70 3.32 39.58
ND CLA VA . -31.35 5.30 38.51
C1D CLA VA . -32.05 4.16 38.02
C2D CLA VA . -31.20 3.05 37.55
C3D CLA VA . -29.87 3.63 37.83
C4D CLA VA . -30.04 4.87 38.36
CMD CLA VA . -31.41 1.70 36.94
CAD CLA VA . -28.43 3.37 37.73
OBD CLA VA . -27.90 2.29 37.28
CBD CLA VA . -27.71 4.53 38.26
CGD CLA VA . -27.03 4.06 39.50
O1D CLA VA . -25.86 4.30 39.72
O2D CLA VA . -27.79 3.30 40.46
CED CLA VA . -27.12 2.36 41.25
C1 CLA VA . -23.40 8.05 40.63
C2 CLA VA . -22.10 8.82 40.65
C3 CLA VA . -20.98 8.39 40.07
C4 CLA VA . -20.94 7.08 39.34
C5 CLA VA . -19.74 9.24 40.15
C6 CLA VA . -20.05 10.68 39.77
C7 CLA VA . -18.84 11.32 39.11
C8 CLA VA . -19.07 12.81 38.90
C9 CLA VA . -19.74 13.05 37.56
C10 CLA VA . -17.73 13.54 38.97
C11 CLA VA . -16.78 13.12 37.87
C12 CLA VA . -15.53 13.97 37.87
C13 CLA VA . -14.35 13.22 37.27
C14 CLA VA . -13.03 13.86 37.68
C15 CLA VA . -14.48 13.14 35.76
C16 CLA VA . -14.33 14.47 35.05
C17 CLA VA . -15.56 14.77 34.21
C18 CLA VA . -15.48 14.17 32.81
C19 CLA VA . -14.67 15.06 31.87
C20 CLA VA . -16.87 13.91 32.24
MG CLA WA . -26.61 11.25 45.76
CHA CLA WA . -29.86 12.11 46.50
CHB CLA WA . -27.63 8.11 45.29
CHC CLA WA . -23.35 10.38 45.52
CHD CLA WA . -25.60 14.65 46.77
NA CLA WA . -28.41 10.25 45.91
C1A CLA WA . -29.60 10.69 46.10
C2A CLA WA . -30.72 9.69 45.94
C3A CLA WA . -29.96 8.45 45.60
C4A CLA WA . -28.57 8.98 45.59
CMA CLA WA . -30.05 7.52 46.80
CAA CLA WA . -31.52 9.88 44.66
CBA CLA WA . -32.93 10.40 44.81
CGA CLA WA . -33.96 9.41 45.34
O1A CLA WA . -35.14 9.66 45.22
O2A CLA WA . -33.58 8.18 46.01
NB CLA WA . -25.65 9.48 45.46
C1B CLA WA . -26.20 8.31 45.22
C2B CLA WA . -25.25 7.21 44.91
C3B CLA WA . -23.95 7.91 44.99
C4B CLA WA . -24.33 9.30 45.33
CMB CLA WA . -25.55 5.79 44.59
CAB CLA WA . -22.62 7.31 44.76
CBB CLA WA . -21.72 7.84 43.94
NC CLA WA . -24.89 12.30 46.08
C1C CLA WA . -23.67 11.76 45.92
C2C CLA WA . -22.55 12.67 46.17
C3C CLA WA . -23.22 13.91 46.54
C4C CLA WA . -24.65 13.57 46.45
CMC CLA WA . -21.08 12.37 46.09
CAC CLA WA . -22.65 15.23 46.93
CBC CLA WA . -22.42 15.10 48.41
ND CLA WA . -27.40 12.96 46.49
C1D CLA WA . -27.01 14.30 46.82
C2D CLA WA . -28.10 15.23 47.17
C3D CLA WA . -29.25 14.31 47.05
C4D CLA WA . -28.77 13.07 46.65
CMD CLA WA . -28.23 16.68 47.58
CAD CLA WA . -30.71 14.20 47.16
OBD CLA WA . -31.49 15.15 47.49
CBD CLA WA . -31.12 12.82 46.83
CGD CLA WA . -31.76 12.28 48.05
O1D CLA WA . -31.11 11.91 49.01
O2D CLA WA . -33.21 12.17 48.06
CED CLA WA . -33.83 11.19 48.87
C1 CLA WA . -34.29 7.79 47.19
C2 CLA WA . -33.36 7.61 48.37
C3 CLA WA . -33.79 7.01 49.50
C4 CLA WA . -35.19 6.53 49.62
C5 CLA WA . -32.86 6.83 50.65
C6 CLA WA . -32.44 8.16 51.25
C7 CLA WA . -30.94 8.36 51.14
C8 CLA WA . -30.17 7.53 52.16
C9 CLA WA . -29.30 8.42 53.03
C10 CLA WA . -29.29 6.51 51.46
C11 CLA WA . -28.43 7.19 50.42
C12 CLA WA . -27.02 6.62 50.39
C13 CLA WA . -26.20 7.43 49.41
C14 CLA WA . -24.87 6.74 49.15
C15 CLA WA . -25.99 8.83 49.95
C16 CLA WA . -26.40 9.88 48.93
C17 CLA WA . -25.91 11.27 49.31
C18 CLA WA . -26.55 11.72 50.62
C19 CLA WA . -28.00 12.10 50.41
C20 CLA WA . -25.75 12.88 51.19
MG CLA XA . -18.80 27.49 50.45
CHA CLA XA . -17.97 29.95 52.67
CHB CLA XA . -20.17 25.75 53.01
CHC CLA XA . -19.63 25.15 48.21
CHD CLA XA . -18.23 29.91 47.70
NA CLA XA . -19.09 27.81 52.47
C1A CLA XA . -18.67 28.75 53.22
C2A CLA XA . -18.85 28.58 54.71
C3A CLA XA . -19.52 27.22 54.78
C4A CLA XA . -19.60 26.90 53.32
CMA CLA XA . -18.57 26.22 55.43
CAA CLA XA . -19.80 29.61 55.36
CBA CLA XA . -21.18 29.68 54.73
CGA CLA XA . -21.38 31.01 54.04
O1A CLA XA . -20.45 31.67 53.62
O2A CLA XA . -22.72 31.52 53.84
NB CLA XA . -19.71 25.67 50.61
C1B CLA XA . -20.35 25.18 51.67
C2B CLA XA . -21.21 24.01 51.40
C3B CLA XA . -21.05 23.85 49.94
C4B CLA XA . -20.08 24.91 49.58
CMB CLA XA . -22.07 23.19 52.32
CAB CLA XA . -21.64 22.83 49.05
CBB CLA XA . -20.86 21.95 48.46
NC CLA XA . -18.85 27.53 48.38
C1C CLA XA . -19.32 26.49 47.68
C2C CLA XA . -19.55 26.75 46.23
C3C CLA XA . -19.13 28.16 46.09
C4C CLA XA . -18.72 28.53 47.47
CMC CLA XA . -20.07 25.82 45.18
CAC CLA XA . -19.14 28.99 44.84
CBC CLA XA . -20.53 29.59 44.74
ND CLA XA . -18.37 29.46 50.14
C1D CLA XA . -17.89 30.30 49.07
C2D CLA XA . -17.08 31.48 49.47
C3D CLA XA . -17.11 31.29 50.95
C4D CLA XA . -17.83 30.15 51.22
CMD CLA XA . -16.37 32.62 48.80
CAD CLA XA . -16.67 31.87 52.24
OBD CLA XA . -15.96 32.92 52.36
CBD CLA XA . -17.14 30.99 53.34
CGD CLA XA . -15.93 30.27 53.84
O1D CLA XA . -15.63 29.19 53.39
O2D CLA XA . -15.10 30.81 54.89
CED CLA XA . -14.12 29.96 55.47
C1 CLA XA . -22.92 32.68 53.04
C2 CLA XA . -24.39 32.89 52.78
C3 CLA XA . -24.97 32.49 51.64
C4 CLA XA . -24.18 31.82 50.55
C5 CLA XA . -26.45 32.73 51.42
C6 CLA XA . -26.74 34.03 50.69
MG CLA YA . -17.56 20.84 57.70
CHA CLA YA . -15.74 19.28 55.22
CHB CLA YA . -19.35 22.40 55.29
CHC CLA YA . -19.58 22.03 60.13
CHD CLA YA . -15.97 18.59 60.16
NA CLA YA . -17.59 20.81 55.63
C1A CLA YA . -16.81 20.24 54.79
C2A CLA YA . -17.01 20.62 53.32
C3A CLA YA . -18.12 21.65 53.42
C4A CLA YA . -18.36 21.61 54.88
CMA CLA YA . -17.61 23.03 53.05
CAA CLA YA . -17.53 19.40 52.52
CBA CLA YA . -18.91 19.43 51.84
CGA CLA YA . -19.97 18.85 52.73
O1A CLA YA . -19.74 18.73 53.93
O2A CLA YA . -21.26 18.44 52.23
NB CLA YA . -19.19 22.07 57.71
C1B CLA YA . -19.84 22.56 56.65
C2B CLA YA . -21.12 23.24 56.93
C3B CLA YA . -21.19 23.13 58.40
C4B CLA YA . -19.94 22.40 58.76
CMB CLA YA . -22.09 23.88 55.98
CAB CLA YA . -22.26 23.63 59.29
CBB CLA YA . -22.01 24.45 60.29
NC CLA YA . -17.72 20.39 59.70
C1C CLA YA . -18.61 20.98 60.51
C2C CLA YA . -18.59 20.50 61.91
C3C CLA YA . -17.52 19.49 61.91
C4C CLA YA . -17.06 19.51 60.50
CMC CLA YA . -19.45 20.94 63.07
CAC CLA YA . -17.00 18.64 63.04
CBC CLA YA . -15.87 19.42 63.67
ND CLA YA . -16.28 19.26 57.79
C1D CLA YA . -15.55 18.52 58.77
C2D CLA YA . -14.41 17.73 58.26
C3D CLA YA . -14.51 18.06 56.82
C4D CLA YA . -15.58 18.91 56.64
CMD CLA YA . -13.37 16.81 58.85
CAD CLA YA . -13.91 17.83 55.50
OBD CLA YA . -12.89 17.09 55.27
CBD CLA YA . -14.65 18.59 54.48
CGD CLA YA . -13.69 19.57 53.90
O1D CLA YA . -13.52 20.67 54.39
O2D CLA YA . -12.93 19.18 52.72
CED CLA YA . -11.68 19.77 52.43
C1 CLA YA . -21.78 17.23 52.76
C2 CLA YA . -23.28 17.23 52.76
C3 CLA YA . -23.98 16.65 53.75
C4 CLA YA . -23.29 15.95 54.89
C5 CLA YA . -25.49 16.69 53.71
C6 CLA YA . -26.10 16.89 55.10
C7 CLA YA . -26.59 18.33 55.29
C8 CLA YA . -28.12 18.35 55.34
C9 CLA YA . -28.72 18.47 53.95
C10 CLA YA . -28.62 19.43 56.31
C11 CLA YA . -28.12 20.86 56.10
C12 CLA YA . -29.11 21.80 55.40
C13 CLA YA . -30.22 22.43 56.26
C14 CLA YA . -29.83 22.61 57.73
C15 CLA YA . -31.52 21.64 56.13
C16 CLA YA . -32.75 22.51 56.29
C17 CLA YA . -33.97 21.81 55.71
C18 CLA YA . -34.27 20.53 56.45
C19 CLA YA . -35.25 19.66 55.65
C20 CLA YA . -34.83 20.83 57.85
MG CLA ZA . -21.83 27.67 63.83
CHA CLA ZA . -20.40 27.82 60.70
CHB CLA ZA . -24.04 30.03 62.84
CHC CLA ZA . -23.48 27.14 66.71
CHD CLA ZA . -19.77 24.66 64.52
NA CLA ZA . -22.20 28.70 62.07
C1A CLA ZA . -21.55 28.75 60.98
C2A CLA ZA . -21.97 29.81 59.98
C3A CLA ZA . -23.11 30.49 60.71
C4A CLA ZA . -23.11 29.68 61.96
CMA CLA ZA . -22.65 31.90 61.08
CAA CLA ZA . -22.58 29.28 58.67
CBA CLA ZA . -23.77 28.33 58.85
CGA CLA ZA . -23.62 27.21 57.86
O1A CLA ZA . -22.62 26.52 57.87
O2A CLA ZA . -24.66 26.94 56.88
NB CLA ZA . -23.50 28.50 64.65
C1B CLA ZA . -24.30 29.41 64.13
C2B CLA ZA . -25.50 29.76 64.90
C3B CLA ZA . -25.34 28.87 66.09
C4B CLA ZA . -24.06 28.15 65.82
CMB CLA ZA . -26.58 30.74 64.56
CAB CLA ZA . -26.24 28.76 67.26
CBB CLA ZA . -25.81 28.81 68.50
NC CLA ZA . -21.62 26.23 65.30
C1C CLA ZA . -22.45 26.17 66.34
C2C CLA ZA . -22.30 24.97 67.21
C3C CLA ZA . -21.20 24.24 66.55
C4C CLA ZA . -20.86 25.11 65.40
CMC CLA ZA . -23.11 24.63 68.43
CAC CLA ZA . -20.56 22.94 66.96
CBC CLA ZA . -21.51 21.83 66.55
ND CLA ZA . -20.49 26.43 62.92
C1D CLA ZA . -19.61 25.37 63.26
C2D CLA ZA . -18.57 25.07 62.26
C3D CLA ZA . -18.90 26.09 61.22
C4D CLA ZA . -20.00 26.80 61.68
CMD CLA ZA . -17.45 24.08 62.16
CAD CLA ZA . -18.55 26.62 59.89
OBD CLA ZA . -17.57 26.21 59.15
CBD CLA ZA . -19.47 27.72 59.55
CGD CLA ZA . -18.64 28.94 59.38
O1D CLA ZA . -18.69 29.86 60.17
O2D CLA ZA . -17.76 28.99 58.23
CED CLA ZA . -16.54 29.71 58.33
MG CLA AB . -26.79 14.97 24.30
CHA CLA AB . -27.68 15.23 20.99
CHB CLA AB . -27.34 11.65 24.12
CHC CLA AB . -25.54 14.74 27.41
CHD CLA AB . -25.66 18.49 24.16
NA CLA AB . -27.35 13.65 22.81
C1A CLA AB . -27.75 13.87 21.61
C2A CLA AB . -28.32 12.68 20.85
C3A CLA AB . -28.21 11.58 21.90
C4A CLA AB . -27.59 12.36 23.01
CMA CLA AB . -29.61 11.17 22.30
CAA CLA AB . -27.46 12.20 19.67
CBA CLA AB . -25.97 12.25 19.95
CGA CLA AB . -25.17 11.92 18.71
O1A CLA AB . -25.54 11.03 17.96
O2A CLA AB . -23.98 12.67 18.41
NB CLA AB . -26.52 13.41 25.59
C1B CLA AB . -26.72 12.13 25.34
C2B CLA AB . -26.24 11.21 26.40
C3B CLA AB . -25.70 12.15 27.40
C4B CLA AB . -25.93 13.48 26.78
CMB CLA AB . -26.29 9.72 26.49
CAB CLA AB . -25.06 11.84 28.71
CBB CLA AB . -23.80 12.14 28.91
NC CLA AB . -25.87 16.35 25.52
C1C CLA AB . -25.35 16.01 26.71
C2C CLA AB . -24.48 17.04 27.35
C3C CLA AB . -24.54 18.13 26.36
C4C CLA AB . -25.41 17.60 25.30
CMC CLA AB . -23.73 17.00 28.64
CAC CLA AB . -23.87 19.47 26.44
CBC CLA AB . -24.91 20.30 27.16
ND CLA AB . -26.58 16.51 22.98
C1D CLA AB . -26.27 17.90 22.97
C2D CLA AB . -26.59 18.64 21.74
C3D CLA AB . -27.18 17.53 20.94
C4D CLA AB . -27.12 16.39 21.72
CMD CLA AB . -26.45 20.06 21.25
CAD CLA AB . -27.76 17.16 19.64
OBD CLA AB . -27.99 17.95 18.66
CBD CLA AB . -28.14 15.73 19.66
CGD CLA AB . -29.62 15.76 19.79
O1D CLA AB . -30.13 15.85 20.89
O2D CLA AB . -30.45 15.69 18.60
CED CLA AB . -31.76 16.26 18.62
MG CLA BB . -38.33 21.21 34.16
CHA CLA BB . -40.76 18.90 35.10
CHB CLA BB . -40.65 23.63 34.58
CHC CLA BB . -35.81 23.45 34.07
CHD CLA BB . -35.91 18.46 34.16
NA CLA BB . -40.32 21.28 34.78
C1A CLA BB . -41.16 20.35 35.04
C2A CLA BB . -42.58 20.80 35.33
C3A CLA BB . -42.50 22.28 35.11
C4A CLA BB . -41.06 22.40 34.80
CMA CLA BB . -43.29 22.67 33.87
CAA CLA BB . -42.92 20.74 36.83
CBA CLA BB . -41.73 20.71 37.80
CGA CLA BB . -41.80 21.79 38.85
O1A CLA BB . -42.42 22.79 38.60
O2A CLA BB . -41.19 21.61 40.15
NB CLA BB . -38.25 23.24 34.33
C1B CLA BB . -39.28 24.06 34.32
C2B CLA BB . -38.96 25.49 34.13
C3B CLA BB . -37.49 25.44 33.98
C4B CLA BB . -37.17 23.99 34.14
CMB CLA BB . -39.92 26.65 34.09
CAB CLA BB . -36.53 26.54 33.76
CBB CLA BB . -35.66 26.83 34.71
NC CLA BB . -36.30 20.97 34.04
C1C CLA BB . -35.47 22.02 34.20
C2C CLA BB . -34.07 21.66 34.54
C3C CLA BB . -34.10 20.18 34.56
C4C CLA BB . -35.52 19.88 34.23
CMC CLA BB . -32.90 22.57 34.80
CAC CLA BB . -32.98 19.23 34.86
CBC CLA BB . -33.09 18.90 36.34
ND CLA BB . -38.23 19.21 34.54
C1D CLA BB . -37.29 18.13 34.47
C2D CLA BB . -37.83 16.78 34.75
C3D CLA BB . -39.25 17.12 34.99
C4D CLA BB . -39.36 18.49 34.87
CMD CLA BB . -37.30 15.37 34.79
CAD CLA BB . -40.57 16.59 35.34
OBD CLA BB . -40.83 15.35 35.54
CBD CLA BB . -41.55 17.68 35.41
CGD CLA BB . -42.60 17.44 34.37
O1D CLA BB . -42.35 17.56 33.19
O2D CLA BB . -43.93 17.06 34.80
CED CLA BB . -45.04 17.12 33.90
C1 CLA BB . -40.14 22.48 40.60
C2 CLA BB . -39.15 21.68 41.42
C3 CLA BB . -38.04 22.21 41.97
C4 CLA BB . -37.72 23.66 41.80
C5 CLA BB . -37.10 21.33 42.77
C6 CLA BB . -35.63 21.63 42.50
C7 CLA BB . -34.79 20.35 42.40
C8 CLA BB . -33.42 20.66 41.78
C9 CLA BB . -33.24 19.97 40.43
C10 CLA BB . -32.31 20.23 42.71
C11 CLA BB . -32.14 21.20 43.87
C12 CLA BB . -32.08 20.42 45.18
C13 CLA BB . -30.88 20.91 45.97
C14 CLA BB . -29.62 20.18 45.53
C15 CLA BB . -31.17 20.72 47.46
C16 CLA BB . -31.04 19.29 47.94
C17 CLA BB . -31.49 19.17 49.39
C18 CLA BB . -30.64 20.05 50.30
C19 CLA BB . -29.21 19.55 50.37
C20 CLA BB . -31.27 20.13 51.69
MG CLA CB . -21.27 6.16 19.49
CHA CLA CB . -24.70 6.30 19.14
CHB CLA CB . -21.19 3.85 17.05
CHC CLA CB . -17.90 6.39 19.57
CHD CLA CB . -21.49 9.06 21.75
NA CLA CB . -22.67 5.26 18.27
C1A CLA CB . -23.96 5.34 18.25
C2A CLA CB . -24.68 4.40 17.30
C3A CLA CB . -23.52 3.65 16.70
C4A CLA CB . -22.39 4.31 17.39
CMA CLA CB . -23.60 2.22 17.19
CAA CLA CB . -25.45 5.10 16.15
CBA CLA CB . -24.63 5.63 14.98
CGA CLA CB . -24.58 7.14 14.98
O1A CLA CB . -24.97 7.77 14.00
O2A CLA CB . -24.09 7.87 16.14
NB CLA CB . -19.77 5.26 18.44
C1B CLA CB . -19.89 4.28 17.55
C2B CLA CB . -18.62 3.70 17.08
C3B CLA CB . -17.64 4.46 17.86
C4B CLA CB . -18.47 5.41 18.64
CMB CLA CB . -18.38 2.59 16.10
CAB CLA CB . -16.16 4.33 17.83
CBB CLA CB . -15.41 5.33 17.42
NC CLA CB . -20.00 7.47 20.42
C1C CLA CB . -18.66 7.34 20.38
C2C CLA CB . -17.91 8.29 21.23
C3C CLA CB . -18.97 9.07 21.87
C4C CLA CB . -20.20 8.49 21.30
CMC CLA CB . -16.43 8.41 21.42
CAC CLA CB . -18.82 10.19 22.86
CBC CLA CB . -18.73 11.46 22.05
ND CLA CB . -22.64 7.44 20.24
C1D CLA CB . -22.71 8.49 21.21
C2D CLA CB . -24.07 8.90 21.60
C3D CLA CB . -24.87 8.00 20.75
C4D CLA CB . -23.98 7.22 20.03
CMD CLA CB . -24.65 9.90 22.55
CAD CLA CB . -26.24 7.60 20.36
OBD CLA CB . -27.33 8.08 20.83
CBD CLA CB . -26.16 6.52 19.36
CGD CLA CB . -26.83 5.31 19.92
O1D CLA CB . -26.19 4.31 20.18
O2D CLA CB . -28.24 5.30 20.20
CED CLA CB . -28.79 4.14 20.79
C1 CLA CB . -23.51 9.16 15.99
C2 CLA CB . -22.02 9.04 15.78
C3 CLA CB . -21.14 9.59 16.62
C4 CLA CB . -21.59 10.38 17.82
C5 CLA CB . -19.66 9.44 16.34
C6 CLA CB . -18.84 10.66 16.74
C7 CLA CB . -17.87 10.33 17.87
C8 CLA CB . -16.88 11.47 18.09
C9 CLA CB . -15.77 11.40 17.06
MG CLA DB . -23.74 7.03 28.89
CHA CLA DB . -25.38 7.82 31.80
CHB CLA DB . -20.98 8.53 30.13
CHC CLA DB . -22.37 6.77 25.82
CHD CLA DB . -26.97 5.89 27.51
NA CLA DB . -23.27 8.04 30.63
C1A CLA DB . -23.93 8.18 31.71
C2A CLA DB . -23.17 8.79 32.88
C3A CLA DB . -21.81 9.01 32.28
C4A CLA DB . -22.05 8.48 30.91
CMA CLA DB . -21.52 10.50 32.18
CAA CLA DB . -22.93 7.80 34.03
CBA CLA DB . -22.72 8.54 35.34
CGA CLA DB . -21.26 8.69 35.66
O1A CLA DB . -20.61 7.74 36.09
O2A CLA DB . -20.58 9.95 35.45
NB CLA DB . -21.94 7.58 28.11
C1B CLA DB . -20.92 8.12 28.73
C2B CLA DB . -19.68 8.30 27.94
C3B CLA DB . -20.11 7.77 26.64
C4B CLA DB . -21.53 7.35 26.87
CMB CLA DB . -18.35 8.86 28.33
CAB CLA DB . -19.31 7.67 25.40
CBB CLA DB . -18.88 6.50 25.00
NC CLA DB . -24.52 6.46 27.08
C1C CLA DB . -23.79 6.42 25.96
C2C CLA DB . -24.54 5.99 24.76
C3C CLA DB . -25.89 5.73 25.26
C4C CLA DB . -25.75 6.04 26.70
CMC CLA DB . -24.04 5.84 23.36
CAC CLA DB . -27.13 5.27 24.51
CBC CLA DB . -27.05 3.83 24.10
ND CLA DB . -25.70 6.88 29.40
C1D CLA DB . -26.93 6.37 28.88
C2D CLA DB . -28.08 6.40 29.80
C3D CLA DB . -27.43 6.98 30.98
C4D CLA DB . -26.10 7.23 30.67
CMD CLA DB . -29.52 5.99 29.75
CAD CLA DB . -27.63 7.42 32.38
OBD CLA DB . -28.74 7.35 33.01
CBD CLA DB . -26.37 7.94 32.90
CGD CLA DB . -26.54 9.35 33.34
O1D CLA DB . -26.31 9.65 34.48
O2D CLA DB . -26.97 10.35 32.41
CED CLA DB . -26.92 11.69 32.87
MG CLA EB . -5.41 16.77 33.74
CHA CLA EB . -4.53 19.65 35.44
CHB CLA EB . -7.69 16.15 36.15
CHC CLA EB . -6.55 14.21 31.85
CHD CLA EB . -3.09 17.74 31.05
NA CLA EB . -6.04 17.73 35.48
C1A CLA EB . -5.61 18.80 36.04
C2A CLA EB . -6.30 19.15 37.34
C3A CLA EB . -7.26 17.99 37.54
C4A CLA EB . -6.96 17.24 36.30
CMA CLA EB . -6.85 17.15 38.74
CAA CLA EB . -7.16 20.41 37.17
CBA CLA EB . -8.33 20.34 36.20
CGA CLA EB . -9.01 21.68 36.05
O1A CLA EB . -8.38 22.67 35.77
O2A CLA EB . -10.45 21.77 36.24
NB CLA EB . -6.90 15.41 33.97
C1B CLA EB . -7.67 15.24 35.03
C2B CLA EB . -8.59 14.09 35.01
C3B CLA EB . -8.24 13.49 33.71
C4B CLA EB . -7.20 14.41 33.16
CMB CLA EB . -9.57 13.65 36.06
CAB CLA EB . -8.85 12.30 33.12
CBB CLA EB . -10.10 12.43 32.72
NC CLA EB . -5.00 16.21 31.80
C1C CLA EB . -5.42 15.01 31.34
C2C CLA EB . -4.63 14.47 30.23
C3C CLA EB . -3.61 15.50 29.99
C4C CLA EB . -3.95 16.53 31.01
CMC CLA EB . -4.83 13.17 29.51
CAC CLA EB . -2.51 15.51 28.97
CBC CLA EB . -3.10 16.26 27.78
ND CLA EB . -4.14 18.29 33.24
C1D CLA EB . -3.18 18.61 32.23
C2D CLA EB . -2.37 19.82 32.48
C3D CLA EB . -2.93 20.22 33.81
C4D CLA EB . -3.91 19.31 34.15
CMD CLA EB . -1.28 20.57 31.78
CAD CLA EB . -2.88 21.22 34.90
OBD CLA EB . -2.09 22.23 34.95
CBD CLA EB . -3.85 20.86 35.95
CGD CLA EB . -3.09 20.48 37.18
O1D CLA EB . -3.54 20.73 38.28
O2D CLA EB . -1.80 19.82 37.12
CED CLA EB . -1.08 19.63 38.34
MG CLA FB . 0.90 10.54 26.02
CHA CLA FB . 3.45 12.13 24.32
CHB CLA FB . -1.18 13.03 25.08
CHC CLA FB . -1.67 8.65 27.17
CHD CLA FB . 3.21 7.74 26.69
NA CLA FB . 1.08 12.25 24.88
C1A CLA FB . 2.11 12.81 24.37
C2A CLA FB . 1.88 14.17 23.75
C3A CLA FB . 0.42 14.41 24.02
C4A CLA FB . 0.09 13.14 24.71
CMA CLA FB . 0.24 15.55 25.02
CAA CLA FB . 1.95 14.21 22.22
CBA CLA FB . 1.47 12.93 21.54
CGA CLA FB . 1.56 13.20 20.07
O1A CLA FB . 1.05 14.20 19.61
O2A CLA FB . 2.29 12.29 19.20
NB CLA FB . -1.12 10.80 26.08
C1B CLA FB . -1.80 11.90 25.76
C2B CLA FB . -3.23 11.92 26.11
C3B CLA FB . -3.37 10.60 26.75
C4B CLA FB . -2.01 10.00 26.67
CMB CLA FB . -4.23 13.02 25.88
CAB CLA FB . -4.58 9.98 27.33
CBB CLA FB . -5.63 9.75 26.58
NC CLA FB . 0.81 8.60 26.73
C1C CLA FB . -0.32 8.05 27.20
C2C CLA FB . -0.16 6.72 27.79
C3C CLA FB . 1.29 6.45 27.65
C4C CLA FB . 1.77 7.68 26.99
CMC CLA FB . -1.20 5.84 28.41
CAC CLA FB . 2.11 5.26 28.06
CBC CLA FB . 2.01 4.26 26.93
ND CLA FB . 2.81 9.98 25.66
C1D CLA FB . 3.71 8.89 25.94
C2D CLA FB . 5.08 9.04 25.41
C3D CLA FB . 4.95 10.36 24.74
C4D CLA FB . 3.65 10.80 24.93
CMD CLA FB . 6.34 8.22 25.41
CAD CLA FB . 5.66 11.39 23.95
OBD CLA FB . 6.89 11.34 23.58
CBD CLA FB . 4.73 12.52 23.69
CGD CLA FB . 5.29 13.66 24.48
O1D CLA FB . 5.13 14.81 24.10
O2D CLA FB . 6.02 13.41 25.70
CED CLA FB . 6.46 14.48 26.51
MG CLA GB . -2.91 24.55 31.03
CHA CLA GB . -1.92 27.22 32.98
CHB CLA GB . -5.56 24.15 33.08
CHC CLA GB . -3.95 22.10 28.97
CHD CLA GB . -0.21 25.40 28.68
NA CLA GB . -3.63 25.52 32.71
C1A CLA GB . -3.20 26.54 33.35
C2A CLA GB . -4.00 26.97 34.55
C3A CLA GB . -5.10 25.95 34.58
C4A CLA GB . -4.74 25.16 33.37
CMA CLA GB . -4.90 25.04 35.79
CAA CLA GB . -4.70 28.33 34.34
CBA CLA GB . -5.09 28.63 32.89
CGA CLA GB . -6.58 28.57 32.67
O1A CLA GB . -7.36 28.46 33.60
O2A CLA GB . -7.11 28.62 31.31
NB CLA GB . -4.57 23.36 30.99
C1B CLA GB . -5.45 23.19 31.99
C2B CLA GB . -6.27 21.97 31.92
C3B CLA GB . -5.77 21.34 30.69
C4B CLA GB . -4.74 22.30 30.19
CMB CLA GB . -7.33 21.49 32.86
CAB CLA GB . -6.24 20.08 30.07
CBB CLA GB . -6.74 20.05 28.86
NC CLA GB . -2.27 23.98 29.15
C1C CLA GB . -2.72 22.84 28.61
C2C CLA GB . -1.84 22.27 27.54
C3C CLA GB . -0.74 23.25 27.47
C4C CLA GB . -1.12 24.25 28.49
CMC CLA GB . -2.05 21.01 26.75
CAC CLA GB . 0.46 23.24 26.57
CBC CLA GB . 1.55 22.48 27.30
ND CLA GB . -1.46 25.96 30.75
C1D CLA GB . -0.33 26.17 29.91
C2D CLA GB . 0.66 27.18 30.40
C3D CLA GB . -0.01 27.58 31.67
C4D CLA GB . -1.17 26.84 31.78
CMD CLA GB . 1.97 27.75 29.92
CAD CLA GB . 0.06 28.47 32.86
OBD CLA GB . 1.02 29.29 33.12
CBD CLA GB . -1.11 28.21 33.73
CGD CLA GB . -0.61 27.58 35.00
O1D CLA GB . -0.01 26.52 34.99
O2D CLA GB . -0.89 28.19 36.29
CED CLA GB . -0.65 27.46 37.48
C1 CLA GB . -8.49 28.81 31.08
C2 CLA GB . -9.13 27.53 30.59
C3 CLA GB . -9.85 27.50 29.47
C4 CLA GB . -10.46 26.21 29.00
MG CLA HB . 1.83 -4.02 30.41
CHA CLA HB . 4.55 -5.78 31.59
CHB CLA HB . 3.97 -1.94 28.83
CHC CLA HB . -0.85 -2.63 28.94
CHD CLA HB . -0.30 -6.76 31.65
NA CLA HB . 3.89 -3.90 30.18
C1A CLA HB . 4.82 -4.59 30.72
C2A CLA HB . 6.22 -4.13 30.47
C3A CLA HB . 5.99 -2.90 29.63
C4A CLA HB . 4.51 -2.91 29.55
CMA CLA HB . 6.42 -1.68 30.40
CAA CLA HB . 7.01 -5.10 29.57
CBA CLA HB . 6.25 -5.60 28.34
CGA CLA HB . 5.73 -6.99 28.55
O1A CLA HB . 6.48 -7.94 28.48
O2A CLA HB . 4.32 -7.20 28.86
NB CLA HB . 1.59 -2.47 29.10
C1B CLA HB . 2.55 -1.75 28.53
C2B CLA HB . 2.10 -0.82 27.47
C3B CLA HB . 0.64 -1.03 27.50
C4B CLA HB . 0.44 -2.07 28.55
CMB CLA HB . 2.89 0.10 26.60
CAB CLA HB . -0.35 -0.35 26.63
CBB CLA HB . -1.28 -0.99 25.96
NC CLA HB . -0.15 -4.53 30.43
C1C CLA HB . -1.02 -3.94 29.59
C2C CLA HB . -2.22 -4.75 29.30
C3C CLA HB . -2.04 -5.96 30.10
C4C CLA HB . -0.76 -5.69 30.76
CMC CLA HB . -3.36 -4.44 28.40
CAC CLA HB . -2.91 -7.17 30.23
CBC CLA HB . -3.90 -6.86 31.33
ND CLA HB . 1.97 -5.84 31.28
C1D CLA HB . 1.12 -6.80 31.91
C2D CLA HB . 1.76 -7.79 32.79
C3D CLA HB . 3.17 -7.36 32.65
C4D CLA HB . 3.18 -6.26 31.80
CMD CLA HB . 1.27 -8.93 33.63
CAD CLA HB . 4.56 -7.62 33.06
OBD CLA HB . 4.95 -8.54 33.85
CBD CLA HB . 5.44 -6.63 32.42
CGD CLA HB . 6.10 -5.85 33.50
O1D CLA HB . 5.56 -4.87 33.98
O2D CLA HB . 7.41 -6.26 33.95
CED CLA HB . 8.04 -5.58 35.03
C1 CLA HB . 3.53 -8.17 28.18
C2 CLA HB . 2.43 -7.46 27.42
C3 CLA HB . 1.14 -7.65 27.66
C4 CLA HB . 0.69 -8.61 28.72
C5 CLA HB . 0.11 -6.89 26.86
C6 CLA HB . -1.23 -7.59 26.74
C7 CLA HB . -1.98 -7.08 25.52
C8 CLA HB . -3.18 -7.95 25.23
C9 CLA HB . -3.29 -8.20 23.74
C10 CLA HB . -4.45 -7.30 25.76
C11 CLA HB . -5.49 -8.39 26.05
C12 CLA HB . -6.83 -7.80 26.45
C13 CLA HB . -7.94 -8.83 26.36
C14 CLA HB . -7.72 -9.95 27.35
C15 CLA HB . -8.04 -9.38 24.94
C16 CLA HB . -9.30 -10.21 24.74
C17 CLA HB . -9.28 -10.96 23.41
C18 CLA HB . -10.17 -12.22 23.39
C19 CLA HB . -11.58 -11.91 22.91
C20 CLA HB . -10.21 -12.95 24.72
MG CLA IB . -4.12 -3.55 39.25
CHA CLA IB . -4.70 -2.78 42.55
CHB CLA IB . -1.00 -2.31 39.61
CHC CLA IB . -3.48 -4.66 36.14
CHD CLA IB . -7.41 -5.21 39.13
NA CLA IB . -3.02 -2.74 40.81
C1A CLA IB . -3.35 -2.44 42.00
C2A CLA IB . -2.29 -1.73 42.82
C3A CLA IB . -1.18 -1.54 41.81
C4A CLA IB . -1.79 -2.26 40.67
CMA CLA IB . -1.08 -0.07 41.46
CAA CLA IB . -1.75 -2.64 43.94
CBA CLA IB . -0.34 -3.23 43.90
CGA CLA IB . -0.29 -4.57 43.21
O1A CLA IB . 0.79 -5.07 42.94
O2A CLA IB . -1.50 -5.28 42.84
NB CLA IB . -2.47 -3.50 38.07
C1B CLA IB . -1.32 -2.91 38.33
C2B CLA IB . -0.33 -2.93 37.24
C3B CLA IB . -1.08 -3.64 36.20
C4B CLA IB . -2.39 -3.96 36.83
CMB CLA IB . 1.06 -2.35 37.23
CAB CLA IB . -0.65 -4.01 34.85
CBB CLA IB . -0.40 -5.27 34.67
NC CLA IB . -5.20 -4.74 37.97
C1C CLA IB . -4.80 -4.96 36.71
C2C CLA IB . -5.82 -5.59 35.84
C3C CLA IB . -6.97 -5.75 36.72
C4C CLA IB . -6.47 -5.20 38.00
CMC CLA IB . -5.72 -5.97 34.40
CAC CLA IB . -8.32 -6.35 36.40
CBC CLA IB . -9.28 -5.23 36.06
ND CLA IB . -5.68 -4.00 40.45
C1D CLA IB . -6.99 -4.56 40.36
C2D CLA IB . -7.81 -4.42 41.57
C3D CLA IB . -6.85 -3.70 42.45
C4D CLA IB . -5.69 -3.51 41.74
CMD CLA IB . -9.19 -4.80 42.01
CAD CLA IB . -6.67 -3.11 43.78
OBD CLA IB . -7.57 -3.11 44.68
CBD CLA IB . -5.33 -2.51 43.87
CGD CLA IB . -5.49 -1.05 44.06
O1D CLA IB . -5.65 -0.32 43.11
O2D CLA IB . -5.45 -0.49 45.39
CED CLA IB . -6.06 0.77 45.63
C1 CLA IB . -1.36 -6.42 41.98
C2 CLA IB . -2.25 -6.38 40.76
C3 CLA IB . -2.47 -7.49 40.05
C4 CLA IB . -1.82 -8.79 40.44
C5 CLA IB . -3.37 -7.46 38.83
C6 CLA IB . -3.26 -8.68 37.93
C7 CLA IB . -3.73 -8.38 36.51
C8 CLA IB . -3.64 -9.60 35.61
C9 CLA IB . -4.98 -10.33 35.56
MG CLA JB . -8.69 4.16 39.02
CHA CLA JB . -7.37 6.55 41.11
CHB CLA JB . -7.40 1.81 41.07
CHC CLA JB . -10.32 1.81 37.19
CHD CLA JB . -10.55 6.80 37.25
NA CLA JB . -7.63 4.16 40.81
C1A CLA JB . -7.08 5.11 41.43
C2A CLA JB . -6.19 4.71 42.58
C3A CLA JB . -6.14 3.20 42.48
C4A CLA JB . -7.11 3.05 41.37
CMA CLA JB . -4.77 2.75 41.99
CAA CLA JB . -6.94 5.03 43.89
CBA CLA JB . -7.71 3.99 44.72
CGA CLA JB . -9.05 3.55 44.13
O1A CLA JB . -9.48 4.11 43.15
O2A CLA JB . -9.74 2.43 44.71
NB CLA JB . -8.77 2.13 39.07
C1B CLA JB . -8.32 1.36 40.05
C2B CLA JB . -8.87 0.01 40.10
C3B CLA JB . -9.75 -0.01 38.94
C4B CLA JB . -9.60 1.35 38.37
CMB CLA JB . -8.57 -1.06 41.08
CAB CLA JB . -10.56 -1.12 38.43
CBB CLA JB . -9.98 -2.09 37.76
NC CLA JB . -10.12 4.30 37.55
C1C CLA JB . -10.64 3.22 36.94
C2C CLA JB . -11.65 3.51 35.90
C3C CLA JB . -11.72 4.98 35.92
C4C CLA JB . -10.73 5.35 36.97
CMC CLA JB . -12.41 2.52 35.06
CAC CLA JB . -12.58 5.88 35.07
CBC CLA JB . -13.97 5.83 35.68
ND CLA JB . -9.00 6.15 39.11
C1D CLA JB . -9.65 7.18 38.35
C2D CLA JB . -9.32 8.57 38.76
C3D CLA JB . -8.39 8.28 39.89
C4D CLA JB . -8.29 6.92 40.01
CMD CLA JB . -9.70 9.94 38.31
CAD CLA JB . -7.54 8.89 40.94
OBD CLA JB . -7.39 10.14 41.14
CBD CLA JB . -6.89 7.83 41.70
CGD CLA JB . -5.41 7.90 41.47
O1D CLA JB . -4.94 7.58 40.40
O2D CLA JB . -4.53 8.28 42.56
CED CLA JB . -3.22 7.72 42.62
C1 CLA JB . -9.68 1.17 44.06
C2 CLA JB . -10.98 0.79 43.41
C3 CLA JB . -11.45 -0.47 43.46
C4 CLA JB . -10.68 -1.55 44.16
C5 CLA JB . -12.77 -0.79 42.79
C6 CLA JB . -12.69 -0.84 41.27
C7 CLA JB . -13.83 -0.07 40.61
C8 CLA JB . -13.94 -0.36 39.11
C9 CLA JB . -14.80 0.65 38.38
C10 CLA JB . -14.49 -1.76 38.88
C11 CLA JB . -13.84 -2.42 37.67
C12 CLA JB . -14.30 -3.87 37.58
C13 CLA JB . -13.18 -4.82 37.19
C14 CLA JB . -13.36 -5.33 35.78
C15 CLA JB . -13.20 -5.99 38.15
C16 CLA JB . -12.90 -5.54 39.57
C17 CLA JB . -13.95 -6.07 40.53
C18 CLA JB . -13.44 -5.97 41.95
C19 CLA JB . -13.10 -4.53 42.30
C20 CLA JB . -12.22 -6.84 42.11
MG CLA KB . -14.35 0.22 17.98
CHA CLA KB . -17.50 -0.93 17.13
CHB CLA KB . -13.10 -1.31 15.29
CHC CLA KB . -11.40 1.71 18.70
CHD CLA KB . -15.92 2.18 20.69
NA CLA KB . -15.15 -0.90 16.45
C1A CLA KB . -16.35 -1.33 16.25
C2A CLA KB . -16.51 -2.28 15.09
C3A CLA KB . -15.09 -2.36 14.56
C4A CLA KB . -14.40 -1.46 15.51
CMA CLA KB . -14.52 -3.75 14.78
CAA CLA KB . -17.39 -1.80 13.93
CBA CLA KB . -17.07 -0.39 13.48
CGA CLA KB . -17.38 -0.29 12.02
O1A CLA KB . -18.50 -0.51 11.59
O2A CLA KB . -16.32 0.05 11.08
NB CLA KB . -12.52 0.23 17.09
C1B CLA KB . -12.13 -0.50 16.05
C2B CLA KB . -10.66 -0.46 15.76
C3B CLA KB . -10.18 0.47 16.80
C4B CLA KB . -11.41 0.81 17.56
CMB CLA KB . -9.85 -1.14 14.70
CAB CLA KB . -8.80 0.93 17.06
CBB CLA KB . -8.18 0.77 18.21
NC CLA KB . -13.81 1.60 19.40
C1C CLA KB . -12.57 2.10 19.47
C2C CLA KB . -12.37 3.17 20.46
C3C CLA KB . -13.73 3.32 21.02
C4C CLA KB . -14.51 2.29 20.32
CMC CLA KB . -11.11 3.91 20.73
CAC CLA KB . -14.22 4.25 22.08
CBC CLA KB . -13.70 3.55 23.29
ND CLA KB . -16.18 0.63 18.75
C1D CLA KB . -16.75 1.33 19.85
C2D CLA KB . -18.20 1.14 20.05
C3D CLA KB . -18.49 0.21 18.93
C4D CLA KB . -17.30 -0.01 18.26
CMD CLA KB . -19.21 1.62 21.03
CAD CLA KB . -19.55 -0.56 18.26
OBD CLA KB . -20.79 -0.61 18.59
CBD CLA KB . -18.95 -1.28 17.12
CGD CLA KB . -19.23 -2.73 17.33
O1D CLA KB . -20.35 -3.16 17.12
O2D CLA KB . -18.20 -3.63 17.78
CED CLA KB . -18.54 -5.00 17.92
C1 CLA KB . -16.21 1.37 10.57
C2 CLA KB . -15.26 2.14 11.45
C3 CLA KB . -15.67 3.03 12.38
C4 CLA KB . -17.13 3.33 12.56
C5 CLA KB . -14.63 3.75 13.21
C6 CLA KB . -13.66 2.81 13.90
C7 CLA KB . -12.26 2.82 13.29
C8 CLA KB . -11.32 3.89 13.87
C9 CLA KB . -9.87 3.48 13.64
C10 CLA KB . -11.56 4.13 15.36
C11 CLA KB . -10.64 5.24 15.89
C12 CLA KB . -10.98 5.57 17.34
C13 CLA KB . -12.01 6.68 17.45
C14 CLA KB . -11.54 7.94 16.73
C15 CLA KB . -12.28 6.96 18.92
C16 CLA KB . -13.49 7.85 19.15
MG CLA LB . -18.60 -7.75 31.28
CHA CLA LB . -20.75 -10.39 30.73
CHB CLA LB . -21.08 -6.23 33.01
CHC CLA LB . -16.33 -5.50 32.36
CHD CLA LB . -15.91 -9.75 29.79
NA CLA LB . -20.54 -8.22 31.82
C1A CLA LB . -21.27 -9.23 31.53
C2A CLA LB . -22.69 -9.20 32.02
C3A CLA LB . -22.76 -7.86 32.70
C4A CLA LB . -21.36 -7.41 32.48
CMA CLA LB . -23.70 -6.94 31.92
CAA CLA LB . -22.85 -10.22 33.18
CBA CLA LB . -21.62 -10.36 34.10
CGA CLA LB . -21.71 -11.42 35.14
O1A CLA LB . -22.39 -12.42 34.96
O2A CLA LB . -20.95 -11.26 36.36
NB CLA LB . -18.70 -6.14 32.51
C1B CLA LB . -19.79 -5.60 33.02
C2B CLA LB . -19.61 -4.34 33.73
C3B CLA LB . -18.19 -4.10 33.55
C4B CLA LB . -17.72 -5.29 32.79
CMB CLA LB . -20.62 -3.49 34.42
CAB CLA LB . -17.46 -2.94 34.06
CBB CLA LB . -16.73 -3.09 35.15
NC CLA LB . -16.56 -7.65 31.07
C1C CLA LB . -15.83 -6.68 31.64
C2C CLA LB . -14.37 -6.87 31.52
C3C CLA LB . -14.24 -8.12 30.76
C4C CLA LB . -15.65 -8.51 30.54
CMC CLA LB . -13.29 -5.99 32.05
CAC CLA LB . -12.99 -8.86 30.35
CBC CLA LB . -12.60 -8.48 28.94
ND CLA LB . -18.29 -9.59 30.51
C1D CLA LB . -17.25 -10.30 29.82
C2D CLA LB . -17.68 -11.57 29.20
C3D CLA LB . -19.12 -11.58 29.58
C4D CLA LB . -19.35 -10.43 30.30
CMD CLA LB . -17.04 -12.65 28.39
CAD CLA LB . -20.38 -12.32 29.48
OBD CLA LB . -20.55 -13.43 28.88
CBD CLA LB . -21.42 -11.59 30.20
CGD CLA LB . -22.55 -11.29 29.29
O1D CLA LB . -22.37 -10.85 28.17
O2D CLA LB . -23.90 -11.52 29.76
CED CLA LB . -25.01 -11.14 28.97
C1 CLA LB . -20.98 -12.25 37.38
C2 CLA LB . -22.01 -11.91 38.42
C3 CLA LB . -21.69 -11.27 39.56
C4 CLA LB . -20.28 -10.87 39.83
C5 CLA LB . -22.76 -10.95 40.58
C6 CLA LB . -24.17 -11.28 40.13
C7 CLA LB . -25.25 -10.73 41.06
C8 CLA LB . -25.44 -11.54 42.33
C9 CLA LB . -25.42 -13.05 42.07
C10 CLA LB . -26.73 -11.13 43.02
C11 CLA LB . -27.07 -12.05 44.19
C12 CLA LB . -28.46 -11.80 44.75
C13 CLA LB . -29.18 -13.11 45.08
C14 CLA LB . -28.37 -14.02 45.97
C15 CLA LB . -29.53 -13.79 43.77
C16 CLA LB . -30.78 -13.19 43.19
C17 CLA LB . -31.97 -13.53 44.06
C18 CLA LB . -33.22 -12.88 43.52
C19 CLA LB . -33.85 -12.00 44.59
C20 CLA LB . -34.22 -13.92 43.02
MG CLA MB . -16.88 -13.62 21.82
CHA CLA MB . -18.09 -13.83 18.58
CHB CLA MB . -17.41 -16.91 22.15
CHC CLA MB . -15.40 -13.39 24.83
CHD CLA MB . -16.06 -10.09 21.17
NA CLA MB . -17.59 -15.12 20.58
C1A CLA MB . -18.01 -15.10 19.38
C2A CLA MB . -18.42 -16.43 18.81
C3A CLA MB . -18.23 -17.37 19.99
C4A CLA MB . -17.70 -16.39 20.97
CMA CLA MB . -19.58 -17.85 20.48
CAA CLA MB . -17.49 -16.84 17.64
CBA CLA MB . -16.53 -18.01 17.79
CGA CLA MB . -15.16 -17.49 18.17
O1A CLA MB . -15.05 -16.53 18.90
O2A CLA MB . -13.95 -18.12 17.63
NB CLA MB . -16.42 -14.98 23.25
C1B CLA MB . -16.87 -16.22 23.31
C2B CLA MB . -16.75 -16.86 24.64
C3B CLA MB . -16.13 -15.78 25.43
C4B CLA MB . -15.98 -14.68 24.46
CMB CLA MB . -17.17 -18.26 25.01
CAB CLA MB . -15.73 -15.72 26.85
CBB CLA MB . -16.54 -16.11 27.81
NC CLA MB . -15.95 -12.06 22.76
C1C CLA MB . -15.40 -12.19 23.99
C2C CLA MB . -14.75 -10.96 24.51
C3C CLA MB . -14.94 -10.00 23.41
C4C CLA MB . -15.70 -10.78 22.41
CMC CLA MB . -14.03 -10.76 25.81
CAC CLA MB . -14.50 -8.56 23.34
CBC CLA MB . -13.19 -8.59 22.60
ND CLA MB . -16.95 -12.26 20.33
C1D CLA MB . -16.73 -10.86 20.14
C2D CLA MB . -17.23 -10.28 18.89
C3D CLA MB . -17.80 -11.51 18.27
C4D CLA MB . -17.60 -12.56 19.15
CMD CLA MB . -17.22 -8.90 18.31
CAD CLA MB . -18.48 -12.06 17.09
OBD CLA MB . -18.84 -11.35 16.07
CBD CLA MB . -18.72 -13.50 17.27
CGD CLA MB . -20.20 -13.73 17.23
O1D CLA MB . -20.69 -14.84 17.20
O2D CLA MB . -21.14 -12.63 17.14
CED CLA MB . -22.39 -12.87 16.49
C1 CLA MB . -13.03 -18.77 18.50
C2 CLA MB . -12.09 -17.80 19.16
C3 CLA MB . -10.92 -17.44 18.61
C4 CLA MB . -10.52 -17.99 17.28
C5 CLA MB . -9.99 -16.46 19.29
C6 CLA MB . -8.53 -16.86 19.13
C7 CLA MB . -7.65 -16.25 20.22
C8 CLA MB . -8.17 -16.59 21.62
C9 CLA MB . -8.33 -15.33 22.45
C10 CLA MB . -7.25 -17.60 22.30
C11 CLA MB . -5.83 -17.08 22.43
C12 CLA MB . -5.36 -17.08 23.88
C13 CLA MB . -3.96 -17.67 24.01
C14 CLA MB . -3.96 -19.15 23.66
C15 CLA MB . -3.45 -17.43 25.42
C16 CLA MB . -1.94 -17.64 25.56
C17 CLA MB . -1.43 -16.94 26.81
C18 CLA MB . -2.05 -17.51 28.07
C19 CLA MB . -1.76 -16.64 29.29
C20 CLA MB . -1.57 -18.94 28.32
MG CLA NB . -21.53 -19.86 28.48
CHA CLA NB . -22.04 -19.28 25.14
CHB CLA NB . -22.35 -23.08 27.97
CHC CLA NB . -20.64 -20.47 31.68
CHD CLA NB . -19.83 -16.59 28.69
NA CLA NB . -22.04 -21.01 26.84
C1A CLA NB . -22.34 -20.65 25.66
C2A CLA NB . -22.95 -21.72 24.77
C3A CLA NB . -23.06 -22.90 25.72
C4A CLA NB . -22.45 -22.27 26.93
CMA CLA NB . -24.51 -23.23 26.03
CAA CLA NB . -22.01 -22.18 23.65
CBA CLA NB . -20.67 -22.80 24.03
CGA CLA NB . -19.58 -21.81 24.34
O1A CLA NB . -18.90 -21.32 23.45
O2A CLA NB . -19.31 -21.41 25.72
NB CLA NB . -21.58 -21.51 29.67
C1B CLA NB . -21.76 -22.75 29.25
C2B CLA NB . -21.29 -23.82 30.15
C3B CLA NB . -20.76 -23.03 31.28
C4B CLA NB . -21.00 -21.63 30.87
CMB CLA NB . -21.35 -25.30 29.94
CAB CLA NB . -20.15 -23.52 32.54
CBB CLA NB . -18.93 -23.17 32.88
NC CLA NB . -20.45 -18.77 29.86
C1C CLA NB . -20.23 -19.19 31.12
C2C CLA NB . -19.50 -18.23 31.98
C3C CLA NB . -19.27 -17.10 31.08
C4C CLA NB . -19.89 -17.54 29.82
CMC CLA NB . -19.08 -18.37 33.42
CAC CLA NB . -18.57 -15.81 31.37
CBC CLA NB . -19.63 -14.92 31.98
ND CLA NB . -20.95 -18.32 27.29
C1D CLA NB . -20.42 -17.00 27.42
C2D CLA NB . -20.52 -16.14 26.23
C3D CLA NB . -21.19 -17.09 25.30
C4D CLA NB . -21.39 -18.27 25.99
CMD CLA NB . -20.12 -14.75 25.87
CAD CLA NB . -21.72 -17.28 23.94
OBD CLA NB . -21.74 -16.41 23.00
CBD CLA NB . -22.26 -18.64 23.82
CGD CLA NB . -23.70 -18.55 23.45
O1D CLA NB . -24.58 -18.91 24.19
O2D CLA NB . -24.06 -18.03 22.16
CED CLA NB . -25.39 -18.24 21.71
C1 CLA NB . -18.02 -21.65 26.29
C2 CLA NB . -18.04 -21.56 27.80
C3 CLA NB . -17.01 -21.00 28.48
C4 CLA NB . -15.81 -20.47 27.75
C5 CLA NB . -17.07 -20.94 29.99
C6 CLA NB . -15.99 -20.07 30.63
MG CLA OB . -27.43 -16.89 35.97
CHA CLA OB . -25.37 -14.96 33.98
CHB CLA OB . -25.02 -19.23 36.05
CHC CLA OB . -29.09 -18.36 38.52
CHD CLA OB . -29.77 -14.05 36.12
NA CLA OB . -25.52 -17.06 35.21
C1A CLA OB . -24.86 -16.32 34.40
C2A CLA OB . -23.56 -16.88 33.89
C3A CLA OB . -23.53 -18.23 34.54
C4A CLA OB . -24.78 -18.15 35.32
CMA CLA OB . -23.74 -19.29 33.46
CAA CLA OB . -22.32 -16.17 34.45
CBA CLA OB . -22.49 -15.62 35.85
CGA CLA OB . -21.50 -16.24 36.80
O1A CLA OB . -21.15 -17.39 36.65
O2A CLA OB . -20.91 -15.48 37.89
NB CLA OB . -27.09 -18.53 37.12
C1B CLA OB . -26.13 -19.44 36.95
C2B CLA OB . -26.22 -20.64 37.79
C3B CLA OB . -27.46 -20.37 38.54
C4B CLA OB . -27.89 -19.04 38.03
CMB CLA OB . -25.31 -21.83 37.84
CAB CLA OB . -28.13 -21.22 39.54
CBB CLA OB . -29.32 -21.73 39.28
NC CLA OB . -29.08 -16.32 37.06
C1C CLA OB . -29.56 -17.05 38.08
C2C CLA OB . -30.69 -16.43 38.80
C3C CLA OB . -30.88 -15.16 38.09
C4C CLA OB . -29.85 -15.21 37.04
CMC CLA OB . -31.44 -16.96 39.98
CAC CLA OB . -31.88 -14.09 38.35
CBC CLA OB . -33.07 -14.57 37.59
ND CLA OB . -27.61 -14.98 35.31
C1D CLA OB . -28.55 -13.91 35.32
C2D CLA OB . -28.20 -12.73 34.50
C3D CLA OB . -26.89 -13.19 33.98
C4D CLA OB . -26.64 -14.44 34.49
CMD CLA OB . -28.80 -11.40 34.18
CAD CLA OB . -25.75 -12.82 33.12
OBD CLA OB . -25.64 -11.73 32.48
CBD CLA OB . -24.78 -13.93 33.10
CGD CLA OB . -24.69 -14.46 31.71
O1D CLA OB . -25.56 -15.18 31.28
O2D CLA OB . -23.55 -14.18 30.88
CED CLA OB . -23.23 -15.11 29.86
C1 CLA OB . -20.40 -16.13 39.05
C2 CLA OB . -21.35 -15.93 40.21
MG CLA PB . -25.59 -4.56 34.06
CHA CLA PB . -24.25 -1.40 34.18
CHB CLA PB . -24.07 -5.25 36.95
CHC CLA PB . -27.13 -7.53 33.92
CHD CLA PB . -27.39 -3.54 30.99
NA CLA PB . -24.36 -3.51 35.36
C1A CLA PB . -24.00 -2.29 35.36
C2A CLA PB . -23.19 -1.81 36.53
C3A CLA PB . -23.18 -3.06 37.40
C4A CLA PB . -23.92 -4.00 36.51
CMA CLA PB . -21.81 -3.58 37.82
CAA CLA PB . -23.84 -0.70 37.34
CBA CLA PB . -22.80 0.09 38.11
CGA CLA PB . -23.08 1.55 37.95
O1A CLA PB . -23.88 2.12 38.68
O2A CLA PB . -22.38 2.31 36.93
NB CLA PB . -25.68 -6.12 35.34
C1B CLA PB . -24.77 -6.34 36.27
C2B CLA PB . -24.46 -7.78 36.54
C3B CLA PB . -25.39 -8.44 35.61
C4B CLA PB . -26.10 -7.33 34.95
CMB CLA PB . -23.48 -8.39 37.48
CAB CLA PB . -25.61 -9.87 35.35
CBB CLA PB . -25.92 -10.70 36.32
NC CLA PB . -27.02 -5.30 32.78
C1C CLA PB . -27.39 -6.59 32.82
C2C CLA PB . -28.13 -7.06 31.63
C3C CLA PB . -28.20 -5.87 30.77
C4C CLA PB . -27.50 -4.86 31.59
CMC CLA PB . -28.68 -8.42 31.35
CAC CLA PB . -28.83 -5.74 29.42
CBC CLA PB . -30.24 -5.25 29.61
ND CLA PB . -25.90 -2.93 32.89
C1D CLA PB . -26.46 -2.63 31.62
C2D CLA PB . -26.05 -1.36 31.03
C3D CLA PB . -25.12 -0.88 32.08
C4D CLA PB . -25.08 -1.84 33.05
CMD CLA PB . -26.38 -0.64 29.77
CAD CLA PB . -24.24 0.23 32.49
OBD CLA PB . -24.00 1.28 31.80
CBD CLA PB . -23.64 -0.12 33.78
CGD CLA PB . -22.24 -0.42 33.38
O1D CLA PB . -21.31 -0.28 34.14
O2D CLA PB . -22.01 -0.87 32.04
CED CLA PB . -20.66 -1.01 31.62
C1 CLA PB . -22.52 3.73 36.85
C2 CLA PB . -23.82 4.08 36.18
C3 CLA PB . -23.91 4.23 34.86
C4 CLA PB . -22.72 4.04 33.97
C5 CLA PB . -25.25 4.59 34.26
C6 CLA PB . -26.32 3.56 34.58
C7 CLA PB . -26.58 2.74 33.32
C8 CLA PB . -28.05 2.61 32.96
C9 CLA PB . -28.83 3.90 33.22
C10 CLA PB . -28.66 1.45 33.72
C11 CLA PB . -29.94 0.98 33.03
C12 CLA PB . -29.64 0.39 31.66
C13 CLA PB . -30.69 0.78 30.64
C14 CLA PB . -30.88 2.28 30.55
C15 CLA PB . -32.00 0.14 31.04
C16 CLA PB . -33.03 0.20 29.92
C17 CLA PB . -34.30 0.92 30.35
C18 CLA PB . -35.46 -0.04 30.42
C19 CLA PB . -36.79 0.64 30.21
C20 CLA PB . -35.46 -0.82 31.73
MG CLA QB . -21.60 -8.83 50.94
CHA CLA QB . -18.26 -8.80 51.69
CHB CLA QB . -20.98 -11.29 48.74
CHC CLA QB . -24.94 -9.25 50.68
CHD CLA QB . -22.14 -6.47 53.72
NA CLA QB . -19.95 -9.90 50.36
C1A CLA QB . -18.72 -9.74 50.63
C2A CLA QB . -17.75 -10.62 49.89
C3A CLA QB . -18.64 -11.33 48.92
C4A CLA QB . -19.94 -10.79 49.38
CMA CLA QB . -18.33 -10.76 47.55
CAA CLA QB . -17.46 -11.76 50.85
CBA CLA QB . -16.72 -12.96 50.28
CGA CLA QB . -16.40 -13.84 51.44
O1A CLA QB . -16.10 -13.35 52.51
O2A CLA QB . -16.50 -15.29 51.35
NB CLA QB . -22.77 -10.09 49.86
C1B CLA QB . -22.38 -10.99 48.98
C2B CLA QB . -23.45 -11.74 48.31
C3B CLA QB . -24.65 -11.12 48.90
C4B CLA QB . -24.10 -10.11 49.84
CMB CLA QB . -23.35 -12.84 47.28
CAB CLA QB . -26.06 -11.44 48.62
CBB CLA QB . -26.57 -12.59 48.98
NC CLA QB . -23.17 -7.99 51.97
C1C CLA QB . -24.45 -8.35 51.73
C2C CLA QB . -25.42 -7.75 52.67
C3C CLA QB . -24.58 -6.93 53.56
C4C CLA QB . -23.23 -7.16 53.02
CMC CLA QB . -26.91 -7.93 52.72
CAC CLA QB . -24.98 -6.09 54.73
CBC CLA QB . -25.28 -4.73 54.14
ND CLA QB . -20.58 -7.87 52.40
C1D CLA QB . -20.79 -6.90 53.42
C2D CLA QB . -19.58 -6.41 54.09
C3D CLA QB . -18.56 -7.20 53.37
C4D CLA QB . -19.21 -7.99 52.45
CMD CLA QB . -19.27 -5.43 55.18
CAD CLA QB . -17.12 -7.49 53.25
OBD CLA QB . -16.21 -6.94 53.94
CBD CLA QB . -16.90 -8.48 52.19
CGD CLA QB . -16.11 -7.81 51.13
O1D CLA QB . -16.65 -7.37 50.13
O2D CLA QB . -14.69 -7.64 51.28
CED CLA QB . -14.07 -6.67 50.46
C1 CLA QB . -15.50 -16.08 50.71
C2 CLA QB . -16.23 -17.21 50.01
C3 CLA QB . -15.68 -18.42 49.83
C4 CLA QB . -14.28 -18.68 50.29
C5 CLA QB . -16.45 -19.53 49.14
C6 CLA QB . -17.74 -20.00 49.81
C7 CLA QB . -18.98 -19.36 49.20
C8 CLA QB . -20.08 -20.36 48.82
C9 CLA QB . -21.36 -19.61 48.46
C10 CLA QB . -20.36 -21.33 49.96
MG CLA RB . -9.36 -8.29 47.27
CHA CLA RB . -12.40 -9.87 47.70
CHB CLA RB . -9.60 -8.98 44.00
CHC CLA RB . -6.17 -7.28 46.99
CHD CLA RB . -9.09 -8.06 50.95
NA CLA RB . -10.72 -9.28 46.05
C1A CLA RB . -11.87 -9.76 46.30
C2A CLA RB . -12.66 -10.24 45.11
C3A CLA RB . -11.70 -9.98 43.98
C4A CLA RB . -10.60 -9.37 44.74
CMA CLA RB . -11.17 -11.33 43.53
CAA CLA RB . -13.84 -9.34 44.81
CBA CLA RB . -14.58 -9.81 43.57
CGA CLA RB . -15.92 -9.13 43.55
O1A CLA RB . -16.77 -9.41 44.37
O2A CLA RB . -16.20 -8.11 42.57
NB CLA RB . -8.06 -8.18 45.71
C1B CLA RB . -8.35 -8.40 44.44
C2B CLA RB . -7.32 -8.00 43.48
C3B CLA RB . -6.26 -7.48 44.35
C4B CLA RB . -6.83 -7.64 45.73
CMB CLA RB . -7.33 -8.10 41.98
CAB CLA RB . -4.98 -6.95 43.85
CBB CLA RB . -4.09 -6.29 44.53
NC CLA RB . -7.97 -7.77 48.68
C1C CLA RB . -6.71 -7.44 48.35
C2C CLA RB . -5.82 -7.19 49.49
C3C CLA RB . -6.69 -7.43 50.67
C4C CLA RB . -7.97 -7.76 50.03
CMC CLA RB . -4.38 -6.82 49.45
CAC CLA RB . -6.39 -7.32 52.14
CBC CLA RB . -5.85 -8.64 52.61
ND CLA RB . -10.36 -8.82 48.95
C1D CLA RB . -10.28 -8.66 50.37
C2D CLA RB . -11.44 -9.13 51.12
C3D CLA RB . -12.28 -9.63 50.02
C4D CLA RB . -11.61 -9.41 48.84
CMD CLA RB . -11.86 -9.20 52.56
CAD CLA RB . -13.58 -10.24 49.71
OBD CLA RB . -14.44 -10.57 50.59
CBD CLA RB . -13.68 -10.40 48.25
CGD CLA RB . -14.02 -11.79 47.86
O1D CLA RB . -15.14 -12.05 47.45
O2D CLA RB . -13.05 -12.86 47.94
CED CLA RB . -13.32 -14.04 47.20
C1 CLA RB . -17.54 -7.95 42.11
C2 CLA RB . -17.49 -6.97 40.98
C3 CLA RB . -17.90 -5.71 41.13
C4 CLA RB . -18.46 -5.22 42.42
C5 CLA RB . -17.81 -4.78 39.95
C6 CLA RB . -18.67 -5.31 38.81
C7 CLA RB . -17.81 -5.71 37.61
C8 CLA RB . -18.45 -6.74 36.68
C9 CLA RB . -19.91 -7.06 36.96
C10 CLA RB . -17.61 -8.00 36.73
C11 CLA RB . -18.08 -8.99 35.67
C12 CLA RB . -17.02 -10.05 35.43
C13 CLA RB . -16.18 -9.70 34.21
C14 CLA RB . -16.20 -10.87 33.23
C15 CLA RB . -14.80 -9.27 34.67
C16 CLA RB . -13.61 -10.09 34.19
C17 CLA RB . -12.33 -9.26 34.28
C18 CLA RB . -11.08 -10.10 34.21
C19 CLA RB . -10.97 -10.83 32.89
C20 CLA RB . -11.03 -11.11 35.35
MG CLA SB . -18.96 10.15 55.35
CHA CLA SB . -17.66 12.95 53.84
CHB CLA SB . -16.10 9.87 57.11
CHC CLA SB . -20.50 7.77 57.20
CHD CLA SB . -22.18 10.91 53.71
NA CLA SB . -17.21 11.24 55.50
C1A CLA SB . -16.76 12.18 54.75
C2A CLA SB . -15.27 12.49 54.90
C3A CLA SB . -14.83 11.47 55.92
C4A CLA SB . -16.14 10.82 56.19
CMA CLA SB . -13.94 10.43 55.27
CAA CLA SB . -14.89 13.88 55.47
CBA CLA SB . -15.13 14.16 56.95
CGA CLA SB . -16.59 14.20 57.34
O1A CLA SB . -17.11 13.22 57.83
O2A CLA SB . -17.42 15.37 57.18
NB CLA SB . -18.36 8.94 56.88
C1B CLA SB . -17.24 9.07 57.57
C2B CLA SB . -17.20 8.42 58.89
C3B CLA SB . -18.53 7.79 58.92
C4B CLA SB . -19.15 8.18 57.62
CMB CLA SB . -16.09 8.40 59.89
CAB CLA SB . -19.13 6.96 59.97
CBB CLA SB . -18.52 5.86 60.36
NC CLA SB . -20.92 9.53 55.46
C1C CLA SB . -21.32 8.47 56.20
C2C CLA SB . -22.72 8.03 55.94
C3C CLA SB . -23.18 8.97 54.91
C4C CLA SB . -22.01 9.84 54.71
CMC CLA SB . -23.52 6.92 56.54
CAC CLA SB . -24.53 9.05 54.23
CBC CLA SB . -25.36 9.93 55.12
ND CLA SB . -19.81 11.52 54.12
C1D CLA SB . -21.06 11.80 53.50
C2D CLA SB . -21.11 13.01 52.65
C3D CLA SB . -19.71 13.47 52.82
C4D CLA SB . -19.07 12.60 53.68
CMD CLA SB . -22.14 13.70 51.83
CAD CLA SB . -18.75 14.52 52.45
OBD CLA SB . -18.97 15.52 51.68
CBD CLA SB . -17.48 14.22 53.09
CGD CLA SB . -16.49 14.09 52.00
O1D CLA SB . -16.73 13.35 51.07
O2D CLA SB . -15.27 14.88 52.02
CED CLA SB . -14.78 15.40 50.78
C1 CLA SB . -18.78 15.18 57.52
C2 CLA SB . -19.70 16.18 56.87
C3 CLA SB . -20.18 17.21 57.59
C4 CLA SB . -19.78 17.39 59.03
C5 CLA SB . -21.10 18.20 56.92
C6 CLA SB . -21.31 19.45 57.77
C7 CLA SB . -22.74 19.96 57.83
C8 CLA SB . -23.67 19.01 58.57
C9 CLA SB . -25.10 19.55 58.51
C10 CLA SB . -23.16 18.76 59.99
C11 CLA SB . -23.62 19.80 61.00
C12 CLA SB . -24.35 19.11 62.15
C13 CLA SB . -24.48 19.99 63.39
C14 CLA SB . -25.34 19.31 64.44
C15 CLA SB . -25.05 21.35 63.04
C16 CLA SB . -24.32 22.47 63.76
C17 CLA SB . -25.27 23.48 64.39
C18 CLA SB . -25.94 24.37 63.35
C19 CLA SB . -24.94 25.00 62.39
C20 CLA SB . -26.73 25.47 64.05
MG CLA TB . -16.15 7.77 47.67
CHA CLA TB . -12.82 8.63 47.27
CHB CLA TB . -16.65 10.67 49.25
CHC CLA TB . -19.45 7.06 47.59
CHD CLA TB . -15.54 4.88 45.43
NA CLA TB . -14.97 9.41 48.13
C1A CLA TB . -13.69 9.58 48.06
C2A CLA TB . -13.14 10.78 48.81
C3A CLA TB . -14.40 11.36 49.43
C4A CLA TB . -15.40 10.41 48.90
CMA CLA TB . -14.31 11.13 50.93
CAA CLA TB . -12.46 11.87 47.97
CBA CLA TB . -13.39 12.72 47.11
CGA CLA TB . -13.15 12.53 45.63
O1A CLA TB . -13.67 13.31 44.85
O2A CLA TB . -12.34 11.47 45.08
NB CLA TB . -17.80 8.72 48.38
C1B CLA TB . -17.86 9.93 48.88
C2B CLA TB . -19.21 10.50 49.03
C3B CLA TB . -20.05 9.40 48.51
C4B CLA TB . -19.06 8.35 48.16
CMB CLA TB . -19.66 11.83 49.54
CAB CLA TB . -21.52 9.32 48.39
CBB CLA TB . -22.29 9.24 49.46
NC CLA TB . -17.23 6.30 46.70
C1C CLA TB . -18.55 6.17 46.83
C2C CLA TB . -19.14 5.00 46.14
C3C CLA TB . -17.99 4.37 45.51
C4C CLA TB . -16.87 5.25 45.92
CMC CLA TB . -20.57 4.55 46.08
CAC CLA TB . -17.95 3.13 44.66
CBC CLA TB . -18.19 3.56 43.24
ND CLA TB . -14.67 6.94 46.56
C1D CLA TB . -14.45 5.79 45.76
C2D CLA TB . -13.07 5.59 45.30
C3D CLA TB . -12.41 6.76 45.92
C4D CLA TB . -13.39 7.47 46.59
CMD CLA TB . -12.38 4.56 44.45
CAD CLA TB . -11.14 7.47 46.07
OBD CLA TB . -10.01 7.11 45.57
CBD CLA TB . -11.38 8.66 46.90
CGD CLA TB . -10.47 8.72 48.07
O1D CLA TB . -10.71 8.14 49.10
O2D CLA TB . -9.30 9.59 48.00
CED CLA TB . -8.98 10.39 49.13
C1 CLA TB . -12.28 11.33 43.66
C2 CLA TB . -12.40 9.90 43.22
C3 CLA TB . -11.32 9.13 43.04
C4 CLA TB . -9.95 9.67 43.33
C5 CLA TB . -11.45 7.68 42.60
C6 CLA TB . -12.38 7.43 41.42
C7 CLA TB . -12.04 6.12 40.75
C8 CLA TB . -13.25 5.21 40.63
C9 CLA TB . -12.85 3.75 40.54
C10 CLA TB . -14.07 5.60 39.41
C11 CLA TB . -15.33 4.77 39.36
C12 CLA TB . -16.46 5.50 38.66
C13 CLA TB . -17.50 4.52 38.11
C14 CLA TB . -18.50 5.25 37.23
C15 CLA TB . -18.19 3.80 39.25
C16 CLA TB . -18.04 2.27 39.21
C17 CLA TB . -19.00 1.55 38.28
C18 CLA TB . -18.76 0.05 38.37
C19 CLA TB . -19.27 -0.70 37.14
C20 CLA TB . -19.45 -0.53 39.60
MG CLA UB . -34.46 3.95 46.74
CHA CLA UB . -37.86 4.39 47.26
CHB CLA UB . -34.71 5.90 44.02
CHC CLA UB . -31.08 4.04 46.67
CHD CLA UB . -34.30 2.21 49.97
NA CLA UB . -36.00 5.01 45.82
C1A CLA UB . -37.25 5.06 46.06
C2A CLA UB . -38.09 5.81 45.05
C3A CLA UB . -37.05 6.24 44.03
C4A CLA UB . -35.83 5.68 44.68
CMA CLA UB . -37.27 5.42 42.78
CAA CLA UB . -38.75 7.08 45.56
CBA CLA UB . -37.83 7.94 46.41
CGA CLA UB . -38.56 9.13 46.93
O1A CLA UB . -39.32 9.76 46.21
O2A CLA UB . -38.40 9.54 48.31
NB CLA UB . -33.11 4.88 45.54
C1B CLA UB . -33.36 5.48 44.41
C2B CLA UB . -32.19 5.73 43.55
C3B CLA UB . -31.09 5.18 44.35
C4B CLA UB . -31.79 4.68 45.56
CMB CLA UB . -32.24 6.40 42.23
CAB CLA UB . -29.62 5.05 44.13
CBB CLA UB . -28.96 5.71 43.20
NC CLA UB . -33.03 3.17 48.00
C1C CLA UB . -31.74 3.50 47.86
C2C CLA UB . -30.90 3.28 49.06
C3C CLA UB . -31.87 2.75 50.04
C4C CLA UB . -33.12 2.71 49.27
CMC CLA UB . -29.44 3.55 49.23
CAC CLA UB . -31.64 2.31 51.46
CBC CLA UB . -31.87 3.55 52.32
ND CLA UB . -35.66 3.44 48.29
C1D CLA UB . -35.59 2.69 49.50
C2D CLA UB . -36.86 2.45 50.19
C3D CLA UB . -37.78 3.16 49.26
C4D CLA UB . -37.02 3.68 48.24
CMD CLA UB . -37.26 1.74 51.44
CAD CLA UB . -39.18 3.52 49.01
OBD CLA UB . -40.17 3.21 49.75
CBD CLA UB . -39.27 4.30 47.76
CGD CLA UB . -40.21 3.60 46.82
O1D CLA UB . -41.37 3.42 47.16
O2D CLA UB . -39.85 3.15 45.50
CED CLA UB . -40.86 3.01 44.52
C1 CLA UB . -38.62 10.90 48.66
C2 CLA UB . -37.46 11.45 49.45
C3 CLA UB . -37.41 11.36 50.79
C4 CLA UB . -38.50 10.67 51.56
C5 CLA UB . -36.23 11.94 51.54
C6 CLA UB . -35.85 11.15 52.77
C7 CLA UB . -34.72 11.87 53.48
C8 CLA UB . -34.16 11.06 54.64
C9 CLA UB . -35.25 10.74 55.66
C10 CLA UB . -33.04 11.85 55.29
C11 CLA UB . -31.86 11.99 54.33
C12 CLA UB . -30.55 11.69 55.04
C13 CLA UB . -29.63 12.90 55.07
C14 CLA UB . -28.38 12.64 54.25
C15 CLA UB . -29.26 13.23 56.51
C16 CLA UB . -29.20 14.74 56.74
C17 CLA UB . -30.19 15.16 57.81
C18 CLA UB . -30.64 16.61 57.58
C19 CLA UB . -31.48 17.13 58.74
C20 CLA UB . -31.38 16.74 56.27
MG CLA VB . -32.30 -23.42 44.86
CHA CLA VB . -33.38 -25.16 42.10
CHB CLA VB . -32.54 -26.28 46.64
CHC CLA VB . -30.79 -21.79 47.41
CHD CLA VB . -31.59 -20.55 42.66
NA CLA VB . -32.81 -25.38 44.45
C1A CLA VB . -33.24 -25.92 43.38
C2A CLA VB . -33.65 -27.37 43.47
C3A CLA VB . -33.39 -27.66 44.93
C4A CLA VB . -32.88 -26.34 45.36
CMA CLA VB . -34.71 -27.91 45.64
CAA CLA VB . -32.71 -28.32 42.72
CBA CLA VB . -31.25 -27.89 42.70
CGA CLA VB . -30.39 -28.94 43.35
O1A CLA VB . -30.83 -29.61 44.27
O2A CLA VB . -29.02 -29.24 42.93
NB CLA VB . -31.75 -23.97 46.74
C1B CLA VB . -31.97 -25.13 47.33
C2B CLA VB . -31.52 -25.20 48.74
C3B CLA VB . -31.02 -23.85 48.95
C4B CLA VB . -31.18 -23.18 47.66
CMB CLA VB . -31.60 -26.34 49.72
CAB CLA VB . -30.42 -23.29 50.17
CBB CLA VB . -29.10 -23.35 50.26
NC CLA VB . -31.38 -21.58 44.98
C1C CLA VB . -30.87 -21.09 46.12
C2C CLA VB . -30.34 -19.71 46.02
C3C CLA VB . -30.58 -19.35 44.63
C4C CLA VB . -31.21 -20.58 44.09
CMC CLA VB . -29.71 -18.85 47.08
CAC CLA VB . -30.26 -18.06 43.93
CBC CLA VB . -28.88 -18.26 43.32
ND CLA VB . -32.35 -22.91 42.91
C1D CLA VB . -32.20 -21.75 42.10
C2D CLA VB . -32.72 -21.87 40.72
C3D CLA VB . -33.20 -23.26 40.76
C4D CLA VB . -32.95 -23.76 42.01
CMD CLA VB . -32.83 -20.99 39.53
CAD CLA VB . -33.84 -24.33 39.97
OBD CLA VB . -34.23 -24.21 38.76
CBD CLA VB . -33.99 -25.53 40.81
CGD CLA VB . -35.46 -25.77 40.96
O1D CLA VB . -35.92 -26.89 40.86
O2D CLA VB . -36.36 -24.67 41.24
CED CLA VB . -37.67 -25.00 41.70
C1 CLA VB . -28.09 -29.61 43.94
C2 CLA VB . -26.66 -29.44 43.49
C3 CLA VB . -25.64 -29.97 44.18
C4 CLA VB . -25.87 -30.73 45.45
C5 CLA VB . -24.22 -29.78 43.68
MG CLA WB . -30.90 -29.16 53.18
CHA CLA WB . -33.02 -30.24 50.70
CHB CLA WB . -33.28 -29.94 55.42
CHC CLA WB . -28.66 -28.47 55.58
CHD CLA WB . -28.27 -28.75 50.63
NA CLA WB . -32.79 -29.98 53.10
C1A CLA WB . -33.51 -30.31 52.11
C2A CLA WB . -34.90 -30.79 52.42
C3A CLA WB . -34.97 -30.63 53.92
C4A CLA WB . -33.58 -30.15 54.16
CMA CLA WB . -35.88 -29.45 54.21
CAA CLA WB . -34.94 -32.30 52.28
CBA CLA WB . -36.08 -32.75 51.39
CGA CLA WB . -36.10 -34.25 51.37
O1A CLA WB . -37.00 -34.87 51.90
O2A CLA WB . -35.04 -35.00 50.71
NB CLA WB . -30.96 -29.24 55.21
C1B CLA WB . -32.02 -29.47 55.98
C2B CLA WB . -31.83 -29.24 57.41
C3B CLA WB . -30.43 -28.79 57.47
C4B CLA WB . -30.00 -28.84 56.04
CMB CLA WB . -32.82 -29.40 58.53
CAB CLA WB . -29.65 -28.40 58.65
CBB CLA WB . -28.52 -29.00 58.93
NC CLA WB . -28.88 -28.81 53.10
C1C CLA WB . -28.20 -28.40 54.18
C2C CLA WB . -26.87 -27.81 53.91
C3C CLA WB . -26.78 -27.89 52.46
C4C CLA WB . -28.05 -28.52 52.07
CMC CLA WB . -25.87 -27.26 54.88
CAC CLA WB . -25.64 -27.45 51.56
CBC CLA WB . -25.96 -26.01 51.22
ND CLA WB . -30.59 -29.45 51.20
C1D CLA WB . -29.60 -29.19 50.21
C2D CLA WB . -30.02 -29.39 48.81
C3D CLA WB . -31.42 -29.80 49.04
C4D CLA WB . -31.65 -29.81 50.39
CMD CLA WB . -29.38 -29.25 47.46
CAD CLA WB . -32.68 -30.23 48.37
OBD CLA WB . -32.84 -30.33 47.11
CBD CLA WB . -33.71 -30.49 49.40
CGD CLA WB . -34.77 -29.46 49.21
O1D CLA WB . -34.73 -28.43 49.85
O2D CLA WB . -35.88 -29.69 48.30
CED CLA WB . -37.02 -28.85 48.37
C1 CLA WB . -34.37 -36.00 51.45
C2 CLA WB . -32.94 -35.57 51.76
C3 CLA WB . -32.19 -36.19 52.68
C4 CLA WB . -32.75 -37.33 53.47
C5 CLA WB . -30.78 -35.72 52.95
C6 CLA WB . -29.84 -36.83 53.43
C7 CLA WB . -29.01 -37.35 52.27
C8 CLA WB . -27.54 -37.52 52.64
C9 CLA WB . -27.35 -38.53 53.77
C10 CLA WB . -26.92 -36.18 53.01
C11 CLA WB . -25.39 -36.28 53.03
C12 CLA WB . -24.74 -34.93 52.71
C13 CLA WB . -23.27 -34.90 53.10
C14 CLA WB . -22.46 -35.86 52.24
C15 CLA WB . -23.12 -35.20 54.58
C16 CLA WB . -21.83 -34.67 55.19
C17 CLA WB . -22.01 -34.36 56.67
C18 CLA WB . -20.69 -34.10 57.41
C19 CLA WB . -19.84 -33.07 56.68
C20 CLA WB . -19.93 -35.39 57.64
MG CLA XB . -23.04 -27.44 67.20
CHA CLA XB . -26.32 -27.13 66.26
CHB CLA XB . -23.96 -26.61 70.35
CHC CLA XB . -19.89 -28.11 68.14
CHD CLA XB . -22.32 -28.85 63.86
NA CLA XB . -24.83 -27.01 68.15
C1A CLA XB . -26.00 -26.81 67.68
C2A CLA XB . -27.03 -26.23 68.63
C3A CLA XB . -26.21 -26.06 69.87
C4A CLA XB . -24.91 -26.61 69.42
CMA CLA XB . -25.98 -24.57 69.92
CAA CLA XB . -28.17 -27.17 69.05
CBA CLA XB . -29.24 -26.38 69.80
CGA CLA XB . -30.32 -25.91 68.85
O1A CLA XB . -30.10 -25.73 67.66
O2A CLA XB . -31.67 -25.66 69.32
NB CLA XB . -22.07 -27.34 68.98
C1B CLA XB . -22.58 -27.06 70.18
C2B CLA XB . -21.66 -27.22 71.32
C3B CLA XB . -20.44 -27.69 70.65
C4B CLA XB . -20.81 -27.71 69.21
CMB CLA XB . -21.90 -26.99 72.78
CAB CLA XB . -19.12 -28.03 71.25
CBB CLA XB . -18.59 -29.21 71.08
NC CLA XB . -21.49 -28.36 66.22
C1C CLA XB . -20.26 -28.41 66.75
C2C CLA XB . -19.18 -28.81 65.82
C3C CLA XB . -19.91 -29.03 64.56
C4C CLA XB . -21.31 -28.72 64.93
CMC CLA XB . -17.72 -28.95 66.10
CAC CLA XB . -19.39 -29.45 63.21
CBC CLA XB . -18.95 -28.19 62.53
ND CLA XB . -23.98 -27.95 65.48
C1D CLA XB . -23.68 -28.41 64.16
C2D CLA XB . -24.81 -28.41 63.20
C3D CLA XB . -25.87 -27.88 64.08
C4D CLA XB . -25.33 -27.67 65.33
CMD CLA XB . -25.04 -28.76 61.76
CAD CLA XB . -27.30 -27.51 64.16
OBD CLA XB . -28.15 -27.55 63.21
CBD CLA XB . -27.59 -27.02 65.51
CGD CLA XB . -27.94 -25.58 65.34
O1D CLA XB . -27.17 -24.70 65.66
O2D CLA XB . -29.22 -25.27 64.74
CED CLA XB . -29.53 -23.95 64.39
C1 CLA XB . -32.57 -24.94 68.47
C2 CLA XB . -33.04 -23.67 69.12
C3 CLA XB . -34.27 -23.57 69.62
C4 CLA XB . -35.22 -24.72 69.55
C5 CLA XB . -34.70 -22.28 70.27
C6 CLA XB . -34.51 -22.36 71.78
C7 CLA XB . -35.55 -21.51 72.50
C8 CLA XB . -35.89 -22.02 73.90
C9 CLA XB . -34.77 -21.71 74.88
C10 CLA XB . -36.23 -23.51 73.84
C11 CLA XB . -37.29 -23.92 74.85
C12 CLA XB . -38.49 -23.00 74.81
C13 CLA XB . -39.79 -23.78 75.05
C14 CLA XB . -40.52 -24.05 73.74
C15 CLA XB . -40.66 -22.99 76.01
C16 CLA XB . -41.92 -23.76 76.37
C17 CLA XB . -42.72 -23.00 77.44
C18 CLA XB . -44.14 -22.74 77.00
C19 CLA XB . -44.88 -21.93 78.06
C20 CLA XB . -44.88 -24.04 76.70
MG CLA YB . -20.04 -23.52 76.51
CHA CLA YB . -18.71 -25.98 78.53
CHB CLA YB . -18.87 -25.21 73.83
CHC CLA YB . -21.74 -21.36 74.57
CHD CLA YB . -21.79 -22.17 79.47
NA CLA YB . -19.03 -25.30 76.21
C1A CLA YB . -18.50 -26.12 77.04
C2A CLA YB . -17.64 -27.22 76.47
C3A CLA YB . -17.70 -26.90 75.00
C4A CLA YB . -18.58 -25.71 75.02
CMA CLA YB . -16.32 -26.44 74.55
CAA CLA YB . -18.27 -28.61 76.61
CBA CLA YB . -19.76 -28.68 76.29
CGA CLA YB . -20.12 -30.09 75.89
O1A CLA YB . -19.39 -31.02 76.17
O2A CLA YB . -21.36 -30.36 75.17
NB CLA YB . -20.26 -23.31 74.49
C1B CLA YB . -19.73 -24.07 73.54
C2B CLA YB . -20.13 -23.71 72.15
C3B CLA YB . -20.99 -22.55 72.39
C4B CLA YB . -21.00 -22.40 73.87
CMB CLA YB . -19.74 -24.33 70.85
CAB CLA YB . -21.72 -21.72 71.40
CBB CLA YB . -23.03 -21.70 71.42
NC CLA YB . -21.39 -22.03 76.96
C1C CLA YB . -22.06 -21.38 75.99
C2C CLA YB . -23.24 -20.61 76.43
C3C CLA YB . -23.25 -20.84 77.89
C4C CLA YB . -22.07 -21.72 78.08
CMC CLA YB . -24.18 -19.80 75.57
CAC CLA YB . -24.21 -20.37 78.94
CBC CLA YB . -24.05 -18.89 79.15
ND CLA YB . -20.32 -23.92 78.48
C1D CLA YB . -20.89 -23.31 79.64
C2D CLA YB . -20.51 -23.91 80.94
C3D CLA YB . -19.62 -24.99 80.45
C4D CLA YB . -19.57 -24.92 79.08
CMD CLA YB . -20.80 -23.67 82.39
CAD CLA YB . -18.77 -26.12 80.88
OBD CLA YB . -18.57 -26.46 82.09
CBD CLA YB . -18.13 -26.71 79.68
CGD CLA YB . -16.70 -26.23 79.80
O1D CLA YB . -16.04 -26.35 80.82
O2D CLA YB . -16.00 -25.57 78.71
CED CLA YB . -14.67 -25.97 78.42
C1 CLA YB . -21.57 -31.65 74.61
C2 CLA YB . -21.85 -31.57 73.12
C3 CLA YB . -22.92 -32.18 72.57
C4 CLA YB . -23.87 -32.97 73.41
C5 CLA YB . -23.17 -32.07 71.09
C6 CLA YB . -22.37 -30.99 70.38
C7 CLA YB . -22.96 -30.65 69.01
C8 CLA YB . -22.86 -31.82 68.04
C9 CLA YB . -21.42 -32.24 67.82
C10 CLA YB . -23.47 -31.40 66.71
C11 CLA YB . -23.43 -32.54 65.72
C12 CLA YB . -23.85 -32.09 64.32
C13 CLA YB . -23.07 -32.88 63.28
C14 CLA YB . -21.60 -32.48 63.28
C15 CLA YB . -23.68 -32.65 61.91
C16 CLA YB . -24.46 -33.85 61.42
C17 CLA YB . -23.57 -35.09 61.35
C18 CLA YB . -23.82 -35.87 60.07
C19 CLA YB . -25.26 -36.38 60.02
C20 CLA YB . -22.83 -37.01 59.94
MG CLA ZB . -4.83 -15.04 45.93
CHA CLA ZB . -2.51 -13.55 43.84
CHB CLA ZB . -6.24 -12.01 46.37
CHC CLA ZB . -7.37 -16.60 47.50
CHD CLA ZB . -3.54 -18.32 44.85
NA CLA ZB . -4.49 -13.13 45.20
C1A CLA ZB . -3.52 -12.66 44.50
C2A CLA ZB . -3.46 -11.17 44.33
C3A CLA ZB . -4.63 -10.73 45.18
C4A CLA ZB . -5.15 -12.05 45.62
CMA CLA ZB . -4.03 -10.04 46.41
CAA CLA ZB . -3.87 -10.72 42.92
CBA CLA ZB . -4.91 -11.60 42.23
CGA CLA ZB . -5.44 -11.00 40.97
O1A CLA ZB . -4.96 -9.96 40.53
O2A CLA ZB . -6.54 -11.63 40.24
NB CLA ZB . -6.53 -14.39 46.83
C1B CLA ZB . -6.98 -13.14 46.89
C2B CLA ZB . -8.33 -12.99 47.47
C3B CLA ZB . -8.68 -14.38 47.81
C4B CLA ZB . -7.49 -15.15 47.38
CMB CLA ZB . -9.13 -11.75 47.67
CAB CLA ZB . -9.91 -14.88 48.45
CBB CLA ZB . -9.86 -15.49 49.61
NC CLA ZB . -5.29 -17.03 46.16
C1C CLA ZB . -6.42 -17.44 46.75
C2C CLA ZB . -6.73 -18.87 46.62
C3C CLA ZB . -5.60 -19.38 45.83
C4C CLA ZB . -4.78 -18.16 45.63
CMC CLA ZB . -7.92 -19.63 47.14
CAC CLA ZB . -5.37 -20.79 45.38
CBC CLA ZB . -6.00 -20.88 44.01
ND CLA ZB . -3.46 -15.84 44.66
C1D CLA ZB . -2.91 -17.11 44.33
C2D CLA ZB . -1.72 -17.09 43.47
C3D CLA ZB . -1.56 -15.62 43.29
C4D CLA ZB . -2.59 -15.01 43.98
CMD CLA ZB . -0.79 -18.11 42.86
CAD CLA ZB . -0.75 -14.56 42.63
OBD CLA ZB . 0.27 -14.76 41.91
CBD CLA ZB . -1.33 -13.25 42.96
CGD CLA ZB . -0.29 -12.41 43.61
O1D CLA ZB . -0.34 -12.13 44.79
O2D CLA ZB . 0.79 -11.88 42.80
CED CLA ZB . 1.26 -10.55 43.01
C1 CLA ZB . -7.42 -10.83 39.44
C2 CLA ZB . -8.83 -10.83 40.02
C3 CLA ZB . -9.82 -10.11 39.46
C4 CLA ZB . -9.55 -9.27 38.25
C5 CLA ZB . -11.20 -10.12 40.07
C6 CLA ZB . -12.32 -10.01 39.04
C7 CLA ZB . -13.03 -11.35 38.90
C8 CLA ZB . -14.48 -11.25 39.36
C9 CLA ZB . -15.42 -11.89 38.35
MG CLA AC . 1.40 -16.53 37.52
CHA CLA AC . 2.38 -13.87 35.57
CHB CLA AC . -1.35 -14.78 38.36
CHC CLA AC . 0.26 -19.32 39.03
CHD CLA AC . 4.11 -18.50 35.98
NA CLA AC . 0.60 -14.68 37.01
C1A CLA AC . 1.10 -13.71 36.35
C2A CLA AC . 0.33 -12.41 36.38
C3A CLA AC . -0.82 -12.73 37.31
C4A CLA AC . -0.49 -14.16 37.58
CMA CLA AC . -0.73 -11.92 38.59
CAA CLA AC . -0.29 -12.03 35.01
CBA CLA AC . -1.64 -12.63 34.58
CGA CLA AC . -1.48 -13.87 33.73
O1A CLA AC . -1.31 -14.96 34.25
O2A CLA AC . -1.55 -13.78 32.29
NB CLA AC . -0.26 -16.95 38.59
C1B CLA AC . -1.32 -16.18 38.76
C2B CLA AC . -2.51 -16.83 39.31
C3B CLA AC . -2.04 -18.20 39.52
C4B CLA AC . -0.63 -18.16 39.03
CMB CLA AC . -3.86 -16.22 39.59
CAB CLA AC . -2.78 -19.37 40.06
CBB CLA AC . -2.95 -20.48 39.37
NC CLA AC . 2.10 -18.47 37.55
C1C CLA AC . 1.42 -19.46 38.13
C2C CLA AC . 1.89 -20.82 37.81
C3C CLA AC . 3.03 -20.58 36.91
C4C CLA AC . 3.06 -19.10 36.83
CMC CLA AC . 1.34 -22.14 38.29
CAC CLA AC . 3.95 -21.57 36.22
CBC CLA AC . 3.38 -21.83 34.86
ND CLA AC . 2.85 -16.37 36.10
C1D CLA AC . 3.98 -17.10 35.61
C2D CLA AC . 4.92 -16.36 34.74
C3D CLA AC . 4.24 -15.04 34.75
C4D CLA AC . 3.11 -15.14 35.53
CMD CLA AC . 6.20 -16.65 34.02
CAD CLA AC . 4.32 -13.66 34.24
OBD CLA AC . 5.24 -13.18 33.49
CBD CLA AC . 3.17 -12.90 34.77
CGD CLA AC . 3.75 -11.88 35.66
O1D CLA AC . 4.43 -11.00 35.18
O2D CLA AC . 3.50 -11.84 37.08
CED CLA AC . 3.38 -10.55 37.67
MG CLA BC . -11.45 -10.34 56.37
CHA CLA BC . -9.05 -12.34 54.94
CHB CLA BC . -13.79 -12.11 54.72
CHC CLA BC . -13.65 -7.95 57.23
CHD CLA BC . -8.76 -8.36 57.94
NA CLA BC . -11.44 -11.92 55.04
C1A CLA BC . -10.48 -12.65 54.63
C2A CLA BC . -10.86 -13.83 53.76
C3A CLA BC . -12.37 -13.70 53.70
C4A CLA BC . -12.53 -12.48 54.56
CMA CLA BC . -12.81 -13.35 52.29
CAA CLA BC . -10.63 -15.18 54.41
CBA CLA BC . -9.82 -16.07 53.47
CGA CLA BC . -10.72 -17.07 52.78
O1A CLA BC . -11.87 -16.80 52.51
O2A CLA BC . -10.20 -18.38 52.44
NB CLA BC . -13.41 -10.04 55.96
C1B CLA BC . -14.26 -10.94 55.47
C2B CLA BC . -15.69 -10.67 55.70
C3B CLA BC . -15.61 -9.41 56.47
C4B CLA BC . -14.16 -9.14 56.55
CMB CLA BC . -16.85 -11.51 55.27
CAB CLA BC . -16.61 -8.53 57.06
CBB CLA BC . -17.77 -8.33 56.51
NC CLA BC . -11.21 -8.50 57.30
C1C CLA BC . -12.27 -7.77 57.66
C2C CLA BC . -11.98 -6.68 58.63
C3C CLA BC . -10.53 -6.80 58.83
C4C CLA BC . -10.18 -7.97 57.97
CMC CLA BC . -12.95 -5.70 59.22
CAC CLA BC . -9.64 -6.00 59.73
CBC CLA BC . -8.98 -4.94 58.88
ND CLA BC . -9.43 -10.27 56.48
C1D CLA BC . -8.40 -9.50 57.10
C2D CLA BC . -7.02 -9.96 56.81
C3D CLA BC . -7.33 -11.11 55.92
C4D CLA BC . -8.69 -11.20 55.79
CMD CLA BC . -5.63 -9.55 57.18
CAD CLA BC . -6.72 -12.21 55.15
OBD CLA BC . -5.48 -12.41 55.02
CBD CLA BC . -7.79 -12.98 54.50
CGD CLA BC . -7.58 -12.79 53.05
O1D CLA BC . -6.73 -13.42 52.46
O2D CLA BC . -8.37 -11.84 52.30
CED CLA BC . -7.81 -11.42 51.06
C1 CLA BC . -10.46 -18.91 51.15
C2 CLA BC . -11.19 -20.22 51.23
C3 CLA BC . -10.66 -21.36 50.76
C4 CLA BC . -9.30 -21.37 50.12
C5 CLA BC . -11.44 -22.64 50.87
C6 CLA BC . -12.45 -22.75 49.72
MG CLA CC . -16.11 -20.59 58.58
CHA CLA CC . -13.23 -18.98 57.59
CHB CLA CC . -17.87 -18.30 56.86
CHC CLA CC . -18.82 -22.53 59.04
CHD CLA CC . -14.01 -23.25 60.02
NA CLA CC . -15.66 -18.96 57.40
C1A CLA CC . -14.54 -18.39 57.16
C2A CLA CC . -14.60 -17.13 56.35
C3A CLA CC . -16.07 -16.93 56.17
C4A CLA CC . -16.56 -18.14 56.87
CMA CLA CC . -16.50 -15.69 56.94
CAA CLA CC . -14.03 -17.35 54.92
CBA CLA CC . -14.63 -18.48 54.07
CGA CLA CC . -14.12 -19.88 54.30
O1A CLA CC . -13.10 -20.26 53.75
O2A CLA CC . -14.80 -20.80 55.18
NB CLA CC . -18.07 -20.43 58.03
C1B CLA CC . -18.63 -19.41 57.41
C2B CLA CC . -20.09 -19.51 57.23
C3B CLA CC . -20.39 -20.80 57.89
C4B CLA CC . -19.05 -21.27 58.33
CMB CLA CC . -21.03 -18.56 56.58
CAB CLA CC . -21.73 -21.39 58.03
CBB CLA CC . -21.98 -22.68 57.85
NC CLA CC . -16.34 -22.46 59.40
C1C CLA CC . -17.52 -23.10 59.41
C2C CLA CC . -17.47 -24.51 59.83
C3C CLA CC . -16.04 -24.72 60.12
C4C CLA CC . -15.46 -23.38 59.82
CMC CLA CC . -18.61 -25.47 59.94
CAC CLA CC . -15.33 -25.96 60.61
CBC CLA CC . -14.85 -26.71 59.38
ND CLA CC . -14.16 -21.11 58.77
C1D CLA CC . -13.36 -22.11 59.38
C2D CLA CC . -11.91 -21.88 59.36
C3D CLA CC . -11.87 -20.60 58.62
C4D CLA CC . -13.17 -20.25 58.34
CMD CLA CC . -10.70 -22.61 59.86
CAD CLA CC . -10.99 -19.55 58.07
OBD CLA CC . -9.72 -19.52 58.12
CBD CLA CC . -11.82 -18.53 57.43
CGD CLA CC . -11.56 -17.21 58.07
O1D CLA CC . -11.60 -16.19 57.41
O2D CLA CC . -11.21 -17.09 59.46
CED CLA CC . -10.91 -15.76 59.91
C1 CLA CC . -14.81 -22.20 54.86
C2 CLA CC . -16.08 -22.83 55.38
C3 CLA CC . -16.25 -24.16 55.45
C4 CLA CC . -15.18 -25.09 54.99
C5 CLA CC . -17.54 -24.74 55.98
C6 CLA CC . -18.70 -24.60 55.01
C7 CLA CC . -19.78 -25.64 55.26
C8 CLA CC . -19.48 -26.92 54.49
C9 CLA CC . -19.41 -26.66 52.99
C10 CLA CC . -20.56 -27.96 54.79
C11 CLA CC . -20.29 -29.27 54.08
MG CLA DC . -24.02 -18.33 52.55
CHA CLA DC . -20.93 -16.84 52.32
CHB CLA DC . -25.30 -15.71 50.88
CHC CLA DC . -26.97 -19.93 52.60
CHD CLA DC . -22.34 -21.44 53.62
NA CLA DC . -23.26 -16.60 51.70
C1A CLA DC . -22.10 -16.08 51.78
C2A CLA DC . -21.95 -14.68 51.25
C3A CLA DC . -23.36 -14.35 50.84
C4A CLA DC . -24.02 -15.65 51.17
CMA CLA DC . -23.91 -13.28 51.76
CAA CLA DC . -21.15 -14.59 49.95
CBA CLA DC . -21.26 -15.81 49.04
CGA CLA DC . -20.53 -15.48 47.76
O1A CLA DC . -21.12 -15.47 46.70
O2A CLA DC . -19.12 -15.18 47.78
NB CLA DC . -25.89 -17.85 51.86
C1B CLA DC . -26.22 -16.83 51.11
C2B CLA DC . -27.59 -16.87 50.55
C3B CLA DC . -28.08 -18.14 51.08
C4B CLA DC . -26.94 -18.66 51.88
CMB CLA DC . -28.31 -15.90 49.67
CAB CLA DC . -29.41 -18.73 50.86
CBB CLA DC . -29.60 -19.97 50.47
NC CLA DC . -24.52 -20.27 53.01
C1C CLA DC . -25.78 -20.71 52.96
C2C CLA DC . -25.96 -22.13 53.32
C3C CLA DC . -24.59 -22.57 53.61
C4C CLA DC . -23.80 -21.34 53.40
CMC CLA DC . -27.24 -22.92 53.37
CAC CLA DC . -24.12 -23.92 54.03
CBC CLA DC . -24.34 -23.94 55.52
ND CLA DC . -22.16 -19.08 52.83
C1D CLA DC . -21.54 -20.25 53.38
C2D CLA DC . -20.09 -20.12 53.64
C3D CLA DC . -19.88 -18.73 53.20
C4D CLA DC . -21.09 -18.23 52.78
CMD CLA DC . -19.00 -20.98 54.19
CAD CLA DC . -18.88 -17.66 53.05
OBD CLA DC . -17.66 -17.78 53.36
CBD CLA DC . -19.51 -16.46 52.50
CGD CLA DC . -19.30 -15.35 53.48
O1D CLA DC . -18.18 -14.98 53.75
O2D CLA DC . -20.38 -14.66 54.13
CED CLA DC . -20.11 -13.39 54.72
C1 CLA DC . -18.55 -14.61 46.62
C2 CLA DC . -17.37 -15.41 46.13
C3 CLA DC . -17.48 -16.43 45.27
C4 CLA DC . -18.81 -16.86 44.73
C5 CLA DC . -16.22 -17.14 44.85
C6 CLA DC . -15.66 -18.05 45.93
C7 CLA DC . -14.41 -17.53 46.63
C8 CLA DC . -13.04 -18.08 46.22
C9 CLA DC . -12.56 -17.52 44.88
C10 CLA DC . -12.91 -19.61 46.31
C11 CLA DC . -13.13 -20.39 45.00
C12 CLA DC . -11.91 -21.17 44.52
C13 CLA DC . -11.44 -20.74 43.13
C14 CLA DC . -12.55 -20.28 42.19
C15 CLA DC . -10.61 -21.87 42.51
C16 CLA DC . -11.46 -22.95 41.86
C17 CLA DC . -11.01 -24.35 42.25
C18 CLA DC . -11.53 -24.77 43.62
C19 CLA DC . -11.11 -26.19 43.96
C20 CLA DC . -13.05 -24.63 43.71
MG CLA EC . -50.34 25.49 68.76
CHA CLA EC . -50.48 24.53 72.09
CHB CLA EC . -51.72 28.46 69.63
CHC CLA EC . -49.64 26.60 65.65
CHD CLA EC . -48.34 22.44 68.06
NA CLA EC . -50.93 26.38 70.54
C1A CLA EC . -51.04 25.88 71.71
C2A CLA EC . -51.76 26.76 72.73
C3A CLA EC . -52.16 27.96 71.90
C4A CLA EC . -51.56 27.56 70.60
CMA CLA EC . -53.67 27.98 71.73
CAA CLA EC . -50.82 27.29 73.84
CBA CLA EC . -49.71 28.24 73.40
CGA CLA EC . -48.43 27.49 73.11
O1A CLA EC . -47.61 27.29 73.99
O2A CLA EC . -48.14 27.02 71.77
NB CLA EC . -50.68 27.26 67.79
C1B CLA EC . -51.22 28.37 68.27
C2B CLA EC . -51.19 29.55 67.36
C3B CLA EC . -50.55 28.97 66.16
C4B CLA EC . -50.28 27.56 66.55
CMB CLA EC . -51.69 30.95 67.58
CAB CLA EC . -50.23 29.62 64.86
CBB CLA EC . -48.99 29.71 64.42
NC CLA EC . -49.27 24.66 67.20
C1C CLA EC . -49.04 25.33 66.06
C2C CLA EC . -48.09 24.69 65.12
C3C CLA EC . -47.71 23.46 65.83
C4C CLA EC . -48.49 23.54 67.10
CMC CLA EC . -47.63 25.17 63.77
CAC CLA EC . -46.75 22.40 65.37
CBC CLA EC . -45.37 22.88 65.77
ND CLA EC . -49.52 23.89 69.73
C1D CLA EC . -48.82 22.67 69.42
C2D CLA EC . -48.65 21.74 70.57
C3D CLA EC . -49.32 22.51 71.63
C4D CLA EC . -49.78 23.70 71.08
CMD CLA EC . -48.03 20.39 70.81
CAD CLA EC . -49.70 22.51 73.07
OBD CLA EC . -49.44 21.56 73.89
CBD CLA EC . -50.41 23.77 73.36
CGD CLA EC . -51.70 23.52 74.06
O1D CLA EC . -52.38 22.55 73.80
O2D CLA EC . -52.13 24.46 75.08
CED CLA EC . -53.29 24.24 75.87
C1 CLA EC . -47.20 25.97 71.62
C2 CLA EC . -45.98 26.37 70.84
C3 CLA EC . -45.26 25.48 70.12
C4 CLA EC . -45.66 24.03 70.08
C5 CLA EC . -44.05 25.94 69.35
C6 CLA EC . -44.37 26.93 68.25
C7 CLA EC . -45.28 26.33 67.18
C8 CLA EC . -44.85 26.73 65.77
C9 CLA EC . -43.40 26.34 65.49
C10 CLA EC . -45.02 28.22 65.55
C11 CLA EC . -44.73 28.56 64.10
C12 CLA EC . -45.35 29.89 63.71
C13 CLA EC . -45.29 30.10 62.20
C14 CLA EC . -43.84 30.11 61.72
C15 CLA EC . -45.98 31.41 61.87
C16 CLA EC . -46.34 31.57 60.40
C17 CLA EC . -46.28 33.04 60.01
C18 CLA EC . -47.58 33.51 59.37
C19 CLA EC . -47.49 34.99 59.02
C20 CLA EC . -48.79 33.22 60.24
MG CLA FC . -36.54 14.77 62.31
CHA CLA FC . -37.73 13.62 59.28
CHB CLA FC . -33.47 14.98 60.92
CHC CLA FC . -35.55 16.45 65.08
CHD CLA FC . -40.02 14.89 63.52
NA CLA FC . -35.74 14.41 60.42
C1A CLA FC . -36.25 13.86 59.39
C2A CLA FC . -35.29 13.51 58.26
C3A CLA FC . -33.95 13.95 58.84
C4A CLA FC . -34.43 14.48 60.15
CMA CLA FC . -33.04 12.75 59.04
CAA CLA FC . -35.48 14.29 56.95
CBA CLA FC . -34.92 15.71 56.84
CGA CLA FC . -35.66 16.73 57.67
O1A CLA FC . -34.99 17.54 58.28
O2A CLA FC . -37.11 16.69 57.78
NB CLA FC . -34.77 15.59 62.91
C1B CLA FC . -33.61 15.58 62.24
C2B CLA FC . -32.49 16.25 62.91
C3B CLA FC . -33.12 16.69 64.18
C4B CLA FC . -34.54 16.23 64.05
CMB CLA FC . -31.07 16.44 62.45
CAB CLA FC . -32.50 17.44 65.30
CBB CLA FC . -32.96 18.63 65.66
NC CLA FC . -37.57 15.47 63.95
C1C CLA FC . -36.99 16.18 64.93
C2C CLA FC . -37.93 16.74 65.93
C3C CLA FC . -39.25 16.26 65.48
C4C CLA FC . -38.90 15.51 64.25
CMC CLA FC . -37.62 17.57 67.15
CAC CLA FC . -40.62 16.53 66.08
CBC CLA FC . -41.13 15.35 66.87
ND CLA FC . -38.43 14.41 61.66
C1D CLA FC . -39.77 14.43 62.15
C2D CLA FC . -40.81 13.97 61.21
C3D CLA FC . -39.97 13.65 60.04
C4D CLA FC . -38.65 13.94 60.38
CMD CLA FC . -42.31 13.80 61.22
CAD CLA FC . -39.99 13.17 58.65
OBD CLA FC . -41.02 12.78 58.00
CBD CLA FC . -38.60 13.12 58.16
CGD CLA FC . -38.32 11.66 58.02
O1D CLA FC . -37.57 11.09 58.79
O2D CLA FC . -38.96 10.93 56.95
CED CLA FC . -38.74 9.53 56.82
C1 CLA FC . -37.87 17.90 57.91
C2 CLA FC . -37.78 18.45 59.31
C3 CLA FC . -38.77 18.36 60.20
C4 CLA FC . -40.06 17.67 59.86
C5 CLA FC . -38.55 18.95 61.57
C6 CLA FC . -38.48 20.48 61.58
C7 CLA FC . -39.54 21.06 62.51
C8 CLA FC . -39.33 22.54 62.81
C9 CLA FC . -39.72 23.40 61.62
C10 CLA FC . -37.88 22.79 63.23
C11 CLA FC . -37.80 23.92 64.27
C12 CLA FC . -37.14 25.17 63.70
C13 CLA FC . -37.74 26.42 64.33
C14 CLA FC . -39.13 26.69 63.77
C15 CLA FC . -36.83 27.61 64.10
C16 CLA FC . -37.18 28.80 64.99
C17 CLA FC . -36.50 30.07 64.50
C18 CLA FC . -34.98 29.93 64.54
C19 CLA FC . -34.43 30.22 65.92
C20 CLA FC . -34.33 30.82 63.48
MG CLA GC . -24.83 -27.70 34.57
CHA CLA GC . -25.25 -31.12 34.62
CHB CLA GC . -23.31 -27.91 37.54
CHC CLA GC . -24.22 -24.38 34.35
CHD CLA GC . -25.88 -27.72 31.03
NA CLA GC . -24.31 -29.24 35.85
C1A CLA GC . -24.62 -30.49 35.83
C2A CLA GC . -24.31 -31.26 37.09
C3A CLA GC . -23.72 -30.19 37.99
C4A CLA GC . -23.80 -29.04 37.05
CMA CLA GC . -24.61 -29.89 39.18
CAA CLA GC . -23.25 -32.38 36.94
CBA CLA GC . -21.77 -31.97 36.87
CGA CLA GC . -21.44 -31.43 35.51
O1A CLA GC . -21.91 -31.99 34.52
O2A CLA GC . -20.53 -30.29 35.38
NB CLA GC . -23.93 -26.33 35.79
C1B CLA GC . -23.26 -26.60 36.89
C2B CLA GC . -22.44 -25.50 37.43
C3B CLA GC . -22.72 -24.42 36.47
C4B CLA GC . -23.66 -25.06 35.50
CMB CLA GC . -21.57 -25.48 38.65
CAB CLA GC . -22.17 -23.04 36.49
CBB CLA GC . -21.61 -22.45 35.46
NC CLA GC . -25.07 -26.37 33.03
C1C CLA GC . -24.66 -25.09 33.14
C2C CLA GC . -24.66 -24.34 31.88
C3C CLA GC . -25.15 -25.32 30.89
C4C CLA GC . -25.38 -26.52 31.72
CMC CLA GC . -24.24 -22.90 31.74
CAC CLA GC . -25.35 -25.25 29.41
CBC CLA GC . -26.43 -24.25 29.13
ND CLA GC . -25.37 -29.00 33.10
C1D CLA GC . -25.88 -28.98 31.77
C2D CLA GC . -26.36 -30.27 31.24
C3D CLA GC . -26.11 -31.13 32.41
C4D CLA GC . -25.55 -30.34 33.40
CMD CLA GC . -26.97 -30.75 29.95
CAD CLA GC . -26.20 -32.51 32.95
OBD CLA GC . -26.66 -33.54 32.35
CBD CLA GC . -25.67 -32.51 34.32
CGD CLA GC . -26.69 -33.02 35.28
O1D CLA GC . -26.56 -34.13 35.77
O2D CLA GC . -27.84 -32.23 35.66
CED CLA GC . -28.94 -32.90 36.25
C1 CLA GC . -20.94 -28.97 35.02
C2 CLA GC . -21.61 -29.01 33.66
C3 CLA GC . -20.98 -28.65 32.55
C4 CLA GC . -19.57 -28.16 32.57
C5 CLA GC . -21.72 -28.75 31.25
C6 CLA GC . -22.24 -30.17 31.04
C7 CLA GC . -22.33 -30.52 29.56
C1 PQN HC . -45.17 9.39 67.27
O1 PQN HC . -44.41 8.89 68.12
C2 PQN HC . -45.48 10.84 67.29
C2M PQN HC . -44.87 11.69 68.35
C3 PQN HC . -46.38 11.42 66.28
C4 PQN HC . -46.97 10.56 65.23
O4 PQN HC . -47.73 11.05 64.39
C5 PQN HC . -46.65 9.12 65.20
C6 PQN HC . -47.20 8.30 64.22
C7 PQN HC . -46.87 6.94 64.22
C8 PQN HC . -46.02 6.40 65.17
C9 PQN HC . -45.46 7.18 66.17
C10 PQN HC . -45.75 8.53 66.21
C11 PQN HC . -46.71 12.89 66.31
C12 PQN HC . -45.69 13.74 65.60
C13 PQN HC . -45.96 14.40 64.48
C14 PQN HC . -47.33 14.31 63.85
C15 PQN HC . -44.90 15.25 63.84
C16 PQN HC . -45.10 16.67 64.35
C17 PQN HC . -43.78 17.42 64.44
C18 PQN HC . -43.41 18.10 63.12
C19 PQN HC . -41.90 18.27 63.04
C20 PQN HC . -44.14 19.44 63.03
C21 PQN HC . -43.80 20.19 61.75
C22 PQN HC . -43.37 21.62 62.09
C23 PQN HC . -44.05 22.67 61.21
C24 PQN HC . -43.87 22.34 59.74
C25 PQN HC . -43.46 24.03 61.59
C26 PQN HC . -43.56 25.11 60.51
C27 PQN HC . -42.77 26.34 60.91
C28 PQN HC . -41.95 26.91 59.76
C29 PQN HC . -41.06 28.05 60.24
C30 PQN HC . -41.08 25.84 59.11
C1 BCR IC . -13.76 19.11 35.98
C2 BCR IC . -14.19 19.63 37.33
C3 BCR IC . -14.27 18.50 38.31
C4 BCR IC . -12.91 17.88 38.52
C5 BCR IC . -12.16 17.75 37.25
C6 BCR IC . -12.52 18.29 36.07
C7 BCR IC . -11.71 18.16 34.87
C8 BCR IC . -11.89 17.20 33.96
C9 BCR IC . -11.09 17.09 32.76
C10 BCR IC . -10.93 15.87 32.21
C11 BCR IC . -9.93 15.59 31.22
C33 BCR IC . -10.94 16.95 37.39
C31 BCR IC . -13.57 20.31 35.09
C32 BCR IC . -14.92 18.30 35.45
C34 BCR IC . -10.25 18.23 32.38
C12 BCR IC . -10.30 15.51 29.94
C13 BCR IC . -9.47 15.03 28.87
C14 BCR IC . -9.94 14.03 28.12
C15 BCR IC . -9.09 13.11 27.39
C16 BCR IC . -9.64 12.10 26.71
C17 BCR IC . -8.75 11.21 26.01
C18 BCR IC . -9.05 10.43 24.98
C19 BCR IC . -8.00 10.07 24.05
C20 BCR IC . -8.00 8.90 23.42
C21 BCR IC . -7.69 8.85 22.01
C22 BCR IC . -7.75 7.76 21.24
C23 BCR IC . -6.86 7.65 20.10
C24 BCR IC . -6.19 6.53 19.83
C25 BCR IC . -5.27 6.29 18.71
C26 BCR IC . -3.99 6.69 18.73
C27 BCR IC . -3.00 6.48 17.66
C28 BCR IC . -3.40 5.38 16.72
C29 BCR IC . -4.85 5.56 16.35
C30 BCR IC . -5.78 5.50 17.54
C35 BCR IC . -8.07 15.45 28.79
C36 BCR IC . -10.35 9.76 24.86
C37 BCR IC . -8.78 6.73 21.46
C38 BCR IC . -3.38 7.46 19.83
C39 BCR IC . -6.00 4.07 17.99
C40 BCR IC . -7.13 6.00 17.01
C1 BCR JC . -11.11 11.44 20.73
C2 BCR JC . -10.72 11.73 19.29
C3 BCR JC . -11.89 12.05 18.41
C4 BCR JC . -12.71 13.15 19.04
C5 BCR JC . -13.21 12.66 20.33
C6 BCR JC . -12.49 11.87 21.14
C7 BCR JC . -13.01 11.36 22.41
C8 BCR JC . -12.93 11.99 23.58
C9 BCR JC . -13.85 11.77 24.67
C10 BCR JC . -13.35 11.41 25.86
C11 BCR JC . -13.75 10.21 26.56
C33 BCR JC . -14.58 13.11 20.64
C31 BCR JC . -10.04 12.11 21.57
C32 BCR JC . -10.97 9.95 20.91
C34 BCR JC . -15.27 11.58 24.35
C12 BCR JC . -13.59 10.14 27.87
C13 BCR JC . -14.67 10.29 28.83
C14 BCR JC . -14.53 9.70 30.02
C15 BCR JC . -15.08 10.23 31.23
C16 BCR JC . -14.28 10.48 32.27
C17 BCR JC . -14.56 9.76 33.49
C18 BCR JC . -13.84 9.79 34.60
C19 BCR JC . -14.52 9.47 35.84
C20 BCR JC . -13.94 9.57 37.04
C21 BCR JC . -14.80 9.50 38.19
C22 BCR JC . -14.53 9.96 39.40
C23 BCR JC . -15.63 10.14 40.33
C24 BCR JC . -15.51 10.00 41.67
C25 BCR JC . -16.59 9.72 42.61
C26 BCR JC . -17.03 8.48 42.85
C27 BCR JC . -18.10 8.08 43.78
C28 BCR JC . -18.51 9.20 44.72
C29 BCR JC . -18.54 10.49 43.96
C30 BCR JC . -17.18 10.85 43.39
C35 BCR JC . -15.63 11.40 28.66
C36 BCR JC . -12.42 10.18 34.62
C37 BCR JC . -13.21 10.56 39.70
C38 BCR JC . -16.50 7.29 42.16
C39 BCR JC . -16.23 11.25 44.50
C40 BCR JC . -17.43 12.11 42.58
C1 BCR KC . -33.83 -10.26 39.52
C2 BCR KC . -35.04 -9.49 39.97
C3 BCR KC . -34.83 -8.88 41.33
C4 BCR KC . -33.73 -7.88 41.20
C5 BCR KC . -32.52 -8.55 40.67
C6 BCR KC . -32.53 -9.64 39.93
C7 BCR KC . -31.31 -10.25 39.40
C8 BCR KC . -30.57 -11.14 40.08
C9 BCR KC . -29.31 -11.64 39.57
C10 BCR KC . -28.87 -12.84 39.95
C11 BCR KC . -27.81 -13.54 39.27
C33 BCR KC . -31.27 -7.87 41.08
C31 BCR KC . -33.94 -10.39 38.02
C32 BCR KC . -34.03 -11.65 40.11
C34 BCR KC . -28.75 -10.96 38.40
C12 BCR KC . -27.47 -14.76 39.67
C13 BCR KC . -26.17 -15.33 39.45
C14 BCR KC . -25.91 -16.55 39.94
C15 BCR KC . -24.62 -17.17 39.85
C16 BCR KC . -24.45 -18.47 40.12
C17 BCR KC . -23.12 -19.00 39.98
C18 BCR KC . -22.75 -20.25 40.28
C19 BCR KC . -21.46 -20.72 39.82
C20 BCR KC . -21.10 -22.01 39.92
C21 BCR KC . -19.70 -22.32 39.92
C22 BCR KC . -19.09 -23.05 40.86
C23 BCR KC . -17.66 -23.27 40.75
C24 BCR KC . -17.17 -24.26 40.00
C25 BCR KC . -15.77 -24.59 39.76
C26 BCR KC . -15.16 -25.53 40.48
C27 BCR KC . -13.76 -25.96 40.30
C28 BCR KC . -13.41 -25.89 38.84
C29 BCR KC . -13.67 -24.50 38.33
C30 BCR KC . -15.05 -23.90 38.65
C35 BCR KC . -25.19 -14.62 38.63
C36 BCR KC . -23.56 -21.12 41.13
C37 BCR KC . -19.88 -24.00 41.67
C38 BCR KC . -15.82 -26.26 41.58
C39 BCR KC . -15.93 -23.87 37.41
C40 BCR KC . -14.72 -22.45 38.98
C1 BCR LC . -30.01 -8.84 48.11
C2 BCR LC . -31.51 -8.83 48.06
C3 BCR LC . -31.99 -9.62 46.87
C4 BCR LC . -31.47 -9.03 45.59
C5 BCR LC . -30.08 -8.55 45.68
C6 BCR LC . -29.38 -8.47 46.82
C7 BCR LC . -28.01 -7.97 46.85
C8 BCR LC . -26.97 -8.80 46.72
C9 BCR LC . -25.60 -8.38 46.50
C10 BCR LC . -24.81 -9.23 45.84
C11 BCR LC . -23.38 -9.08 45.67
C33 BCR LC . -29.52 -8.17 44.38
C31 BCR LC . -29.61 -10.23 48.58
C32 BCR LC . -29.62 -7.85 49.18
C34 BCR LC . -25.08 -7.33 47.37
C12 BCR LC . -22.73 -10.01 44.97
C13 BCR LC . -21.30 -10.08 44.85
C14 BCR LC . -20.76 -11.12 44.21
C15 BCR LC . -19.37 -11.18 43.86
C16 BCR LC . -18.91 -12.15 43.08
C17 BCR LC . -17.50 -12.41 43.16
C18 BCR LC . -16.83 -13.40 42.57
C19 BCR LC . -15.39 -13.43 42.74
C20 BCR LC . -14.62 -14.32 42.11
C21 BCR LC . -13.20 -14.05 42.05
C22 BCR LC . -12.27 -14.94 41.70
C23 BCR LC . -10.88 -14.57 41.89
C24 BCR LC . -10.05 -15.33 42.62
C25 BCR LC . -8.65 -15.62 42.36
C26 BCR LC . -7.67 -14.81 42.76
C27 BCR LC . -6.24 -15.05 42.55
C28 BCR LC . -5.98 -16.53 42.57
C29 BCR LC . -6.85 -17.16 41.51
C30 BCR LC . -8.33 -16.90 41.67
C35 BCR LC . -20.48 -8.88 45.11
C36 BCR LC . -17.45 -14.26 41.55
C37 BCR LC . -12.62 -16.32 41.34
C38 BCR LC . -7.89 -13.55 43.47
C39 BCR LC . -8.99 -18.02 42.43
C40 BCR LC . -8.87 -16.95 40.25
C1 BCR MC . -22.62 13.46 59.52
C2 BCR MC . -21.40 12.65 59.06
C3 BCR MC . -21.70 11.28 58.52
C4 BCR MC . -22.90 10.61 59.16
C5 BCR MC . -24.05 11.53 59.11
C6 BCR MC . -23.96 12.83 59.28
C7 BCR MC . -25.12 13.71 59.22
C8 BCR MC . -25.82 14.09 60.29
C9 BCR MC . -26.32 15.44 60.47
C10 BCR MC . -26.79 15.81 61.66
C11 BCR MC . -27.01 14.93 62.78
C33 BCR MC . -25.35 10.85 58.85
C31 BCR MC . -22.51 14.79 58.83
C32 BCR MC . -22.40 13.71 61.00
C34 BCR MC . -26.59 16.23 59.25
C12 BCR MC . -27.87 15.33 63.72
C13 BCR MC . -27.52 15.98 64.96
C14 BCR MC . -28.17 17.10 65.28
C15 BCR MC . -28.25 17.61 66.63
C16 BCR MC . -29.43 17.73 67.25
C17 BCR MC . -29.46 17.67 68.68
C18 BCR MC . -29.90 18.61 69.52
C19 BCR MC . -30.06 19.95 68.99
C20 BCR MC . -31.20 20.62 69.10
C21 BCR MC . -31.19 21.96 69.63
C22 BCR MC . -32.30 22.63 69.97
C23 BCR MC . -32.70 23.72 69.08
C24 BCR MC . -33.19 24.90 69.44
C25 BCR MC . -34.57 25.39 69.33
C26 BCR MC . -35.34 25.48 70.41
C27 BCR MC . -36.73 25.99 70.43
C28 BCR MC . -36.91 27.05 69.39
C29 BCR MC . -36.46 26.54 68.05
C30 BCR MC . -35.08 25.87 67.99
C35 BCR MC . -26.82 15.20 66.00
C36 BCR MC . -30.62 18.28 70.76
C37 BCR MC . -33.34 21.92 70.74
C38 BCR MC . -34.90 25.07 71.76
C39 BCR MC . -34.04 26.78 67.38
C40 BCR MC . -35.30 24.73 66.99
O1 LHG NC . -49.88 8.14 51.52
C1 LHG NC . -49.91 7.19 50.45
C2 LHG NC . -48.51 6.76 50.17
O2 LHG NC . -48.29 6.60 48.78
C3 LHG NC . -48.17 5.43 50.78
O3 LHG NC . -47.06 5.83 51.57
P LHG NC . -47.22 6.12 53.16
O4 LHG NC . -47.71 7.52 53.32
O5 LHG NC . -47.66 4.81 53.71
O6 LHG NC . -45.60 6.30 53.46
C4 LHG NC . -44.98 7.48 53.11
C5 LHG NC . -43.70 7.49 53.94
C6 LHG NC . -42.82 6.26 53.64
O7 LHG NC . -43.00 8.66 53.57
C7 LHG NC . -42.44 9.34 54.60
O9 LHG NC . -41.83 8.80 55.50
C8 LHG NC . -42.38 10.78 54.27
C9 LHG NC . -40.95 11.24 54.30
C10 LHG NC . -40.85 12.64 53.76
O8 LHG NC . -42.13 6.54 52.39
C23 LHG NC . -40.79 6.84 52.45
O10 LHG NC . -40.38 7.25 53.52
C24 LHG NC . -40.09 7.32 51.18
C11 LHG NC . -39.50 13.08 54.29
C12 LHG NC . -39.54 14.56 54.53
C13 LHG NC . -38.13 15.11 54.50
C14 LHG NC . -38.04 16.26 53.54
C15 LHG NC . -36.64 16.80 53.64
C16 LHG NC . -35.75 16.00 52.76
C17 LHG NC . -34.33 16.18 53.24
C18 LHG NC . -33.49 15.66 52.11
C19 LHG NC . -32.28 16.52 51.85
C20 LHG NC . -31.30 15.54 51.26
C21 LHG NC . -30.07 15.51 52.11
C22 LHG NC . -28.87 15.78 51.24
C25 LHG NC . -38.69 6.81 50.89
C26 LHG NC . -38.07 5.75 51.83
C27 LHG NC . -37.20 6.57 52.75
C28 LHG NC . -37.29 6.24 54.20
C29 LHG NC . -36.71 4.84 54.32
C30 LHG NC . -35.64 4.68 55.37
C31 LHG NC . -34.61 5.78 55.43
C32 LHG NC . -33.18 5.31 55.59
C33 LHG NC . -32.32 6.53 55.57
C34 LHG NC . -31.53 6.78 56.83
C35 LHG NC . -30.40 7.75 56.60
C36 LHG NC . -30.45 8.80 57.69
C37 LHG NC . -29.06 9.32 57.89
C38 LHG NC . -28.08 8.28 58.34
O1 LHG OC . -28.93 -21.52 32.70
C1 LHG OC . -27.86 -21.84 33.55
C2 LHG OC . -28.32 -22.87 34.49
O2 LHG OC . -27.69 -22.71 35.73
C3 LHG OC . -27.93 -24.22 34.04
O3 LHG OC . -28.22 -24.96 35.19
P LHG OC . -27.74 -26.48 35.28
O4 LHG OC . -28.94 -27.33 35.42
O5 LHG OC . -26.61 -26.51 34.34
O6 LHG OC . -27.18 -26.36 36.83
C4 LHG OC . -27.86 -25.56 37.74
C5 LHG OC . -27.29 -25.97 39.08
C6 LHG OC . -25.80 -25.78 39.12
O7 LHG OC . -27.85 -25.08 40.03
C7 LHG OC . -28.35 -25.70 41.14
O9 LHG OC . -28.12 -26.87 41.39
C8 LHG OC . -28.80 -24.71 42.10
C9 LHG OC . -28.02 -24.88 43.36
C10 LHG OC . -28.87 -24.55 44.55
O8 LHG OC . -25.39 -26.35 40.35
C23 LHG OC . -24.83 -25.52 41.26
O10 LHG OC . -24.91 -24.32 41.09
C24 LHG OC . -23.77 -26.05 42.20
C11 LHG OC . -27.87 -24.61 45.66
C12 LHG OC . -27.58 -26.03 46.01
C13 LHG OC . -26.58 -26.03 47.14
C25 LHG OC . -23.34 -25.12 43.30
MG CLA PC . -37.09 -27.58 65.52
CHA CLA PC . -35.02 -26.30 63.06
CHB CLA PC . -36.26 -30.68 64.53
CHC CLA PC . -38.56 -28.69 68.33
CHD CLA PC . -37.73 -24.12 66.64
NA CLA PC . -35.82 -28.36 64.07
C1A CLA PC . -35.17 -27.79 63.14
C2A CLA PC . -34.50 -28.71 62.14
C3A CLA PC . -34.92 -30.08 62.63
C4A CLA PC . -35.72 -29.68 63.83
CMA CLA PC . -35.86 -30.61 61.57
CAA CLA PC . -32.95 -28.76 62.11
CBA CLA PC . -32.27 -29.08 63.43
CGA CLA PC . -32.07 -27.78 64.16
O1A CLA PC . -31.31 -26.94 63.71
O2A CLA PC . -32.80 -27.53 65.38
NB CLA PC . -37.32 -29.42 66.33
C1B CLA PC . -37.07 -30.58 65.75
C2B CLA PC . -37.64 -31.76 66.46
C3B CLA PC . -38.34 -31.13 67.60
C4B CLA PC . -38.05 -29.70 67.41
CMB CLA PC . -37.61 -33.23 66.16
CAB CLA PC . -39.09 -31.77 68.69
CBB CLA PC . -38.65 -31.72 69.94
NC CLA PC . -37.88 -26.59 67.14
C1C CLA PC . -38.52 -27.24 68.12
C2C CLA PC . -39.27 -26.39 69.06
C3C CLA PC . -39.03 -25.04 68.57
C4C CLA PC . -38.17 -25.29 67.39
CMC CLA PC . -40.07 -26.82 70.25
CAC CLA PC . -39.53 -23.74 69.12
CBC CLA PC . -38.64 -23.42 70.30
ND CLA PC . -36.57 -25.67 65.06
C1D CLA PC . -36.83 -24.35 65.52
C2D CLA PC . -36.14 -23.27 64.79
C3D CLA PC . -35.40 -24.08 63.79
C4D CLA PC . -35.68 -25.41 64.03
CMD CLA PC . -36.13 -21.78 64.93
CAD CLA PC . -34.46 -24.05 62.65
OBD CLA PC . -33.96 -22.99 62.13
CBD CLA PC . -34.21 -25.42 62.17
CGD CLA PC . -34.78 -25.50 60.79
O1D CLA PC . -35.85 -24.98 60.55
O2D CLA PC . -34.07 -26.16 59.71
CED CLA PC . -34.47 -25.94 58.35
C1 CLA PC . -32.28 -28.05 66.59
C2 CLA PC . -33.02 -29.31 66.97
C3 CLA PC . -33.06 -29.75 68.24
C4 CLA PC . -32.34 -29.00 69.32
C5 CLA PC . -33.82 -31.02 68.55
C6 CLA PC . -33.48 -31.64 69.90
C7 CLA PC . -34.62 -31.43 70.88
C8 CLA PC . -34.25 -31.99 72.25
C9 CLA PC . -34.18 -33.51 72.20
C10 CLA PC . -35.28 -31.52 73.27
C11 CLA PC . -34.60 -31.29 74.62
C12 CLA PC . -35.54 -30.83 75.73
C13 CLA PC . -34.77 -30.61 77.03
C14 CLA PC . -33.92 -31.83 77.37
C15 CLA PC . -35.72 -30.26 78.17
C16 CLA PC . -36.47 -31.48 78.72
C17 CLA PC . -36.70 -31.38 80.22
C18 CLA PC . -37.68 -32.46 80.70
C19 CLA PC . -37.14 -33.86 80.45
C20 CLA PC . -39.04 -32.27 80.05
FE1 SF4 QC . -51.88 -1.06 63.51
FE2 SF4 QC . -50.07 -2.99 64.14
FE3 SF4 QC . -51.08 -2.88 61.61
FE4 SF4 QC . -52.67 -3.70 63.68
S1 SF4 QC . -50.83 -4.74 62.90
S2 SF4 QC . -53.19 -2.21 62.04
S3 SF4 QC . -51.87 -2.39 65.36
S4 SF4 QC . -49.81 -1.30 62.63
MG CLA RC . -24.51 1.29 78.84
CHA CLA RC . -26.78 2.11 81.32
CHB CLA RC . -27.08 0.73 76.73
CHC CLA RC . -22.25 1.27 76.31
CHD CLA RC . -21.82 2.40 81.13
NA CLA RC . -26.57 1.44 78.97
C1A CLA RC . -27.31 1.58 80.02
C2A CLA RC . -28.77 1.23 79.81
C3A CLA RC . -28.78 0.69 78.41
C4A CLA RC . -27.39 1.00 78.01
CMA CLA RC . -28.74 -0.80 78.64
CAA CLA RC . -29.70 2.44 79.82
CBA CLA RC . -31.13 2.06 79.46
CGA CLA RC . -31.92 3.32 79.24
O1A CLA RC . -32.77 3.39 78.36
O2A CLA RC . -31.69 4.46 80.10
NB CLA RC . -24.66 1.00 76.82
C1B CLA RC . -25.77 0.85 76.09
C2B CLA RC . -25.53 0.81 74.60
C3B CLA RC . -24.08 0.98 74.55
C4B CLA RC . -23.65 1.02 75.96
CMB CLA RC . -26.46 0.70 73.42
CAB CLA RC . -23.17 1.05 73.38
CBB CLA RC . -22.57 -0.05 72.96
NC CLA RC . -22.51 1.77 78.74
C1C CLA RC . -21.76 1.58 77.65
C2C CLA RC . -20.30 1.77 77.84
C3C CLA RC . -20.19 2.10 79.26
C4C CLA RC . -21.60 2.02 79.72
CMC CLA RC . -19.18 1.66 76.84
CAC CLA RC . -18.94 2.42 80.05
CBC CLA RC . -18.45 1.16 80.66
ND CLA RC . -24.26 2.05 80.71
C1D CLA RC . -23.21 2.52 81.55
C2D CLA RC . -23.63 3.07 82.86
C3D CLA RC . -25.10 2.94 82.73
C4D CLA RC . -25.36 2.41 81.48
CMD CLA RC . -22.95 3.69 84.04
CAD CLA RC . -26.38 3.21 83.40
OBD CLA RC . -26.55 3.73 84.55
CBD CLA RC . -27.45 2.76 82.50
CGD CLA RC . -28.55 2.04 83.21
O1D CLA RC . -28.33 1.05 83.86
O2D CLA RC . -29.91 2.49 83.02
CED CLA RC . -30.86 2.59 84.07
C1 CLA RC . -32.45 5.64 79.84
C2 CLA RC . -31.56 6.82 79.54
C3 CLA RC . -31.10 7.68 80.45
C4 CLA RC . -31.47 7.53 81.90
C5 CLA RC . -30.25 8.80 79.91
C6 CLA RC . -29.89 9.92 80.86
C7 CLA RC . -28.50 9.67 81.42
C8 CLA RC . -27.56 10.86 81.67
C9 CLA RC . -26.09 10.53 81.47
C10 CLA RC . -27.75 11.50 83.04
C11 CLA RC . -28.85 12.54 83.09
C12 CLA RC . -29.82 12.43 84.24
C13 CLA RC . -30.53 13.77 84.26
C14 CLA RC . -31.31 13.95 85.56
C15 CLA RC . -31.42 13.80 83.03
C16 CLA RC . -31.49 15.17 82.39
C17 CLA RC . -32.93 15.47 82.00
C18 CLA RC . -33.01 16.58 80.98
C19 CLA RC . -34.47 16.92 80.69
C20 CLA RC . -32.23 16.25 79.72
MG CLA SC . -33.30 10.38 77.21
CHA CLA SC . -30.12 9.67 76.12
CHB CLA SC . -32.50 13.64 77.20
CHC CLA SC . -36.63 11.03 77.53
CHD CLA SC . -34.12 6.82 76.84
NA CLA SC . -31.61 11.48 76.70
C1A CLA SC . -30.40 11.11 76.47
C2A CLA SC . -29.32 12.21 76.50
C3A CLA SC . -30.16 13.40 76.91
C4A CLA SC . -31.52 12.79 76.92
CMA CLA SC . -29.81 13.65 78.38
CAA CLA SC . -28.70 12.54 75.13
CBA CLA SC . -27.52 13.51 74.95
CGA CLA SC . -27.85 14.98 74.81
O1A CLA SC . -28.85 15.34 74.21
O2A CLA SC . -27.02 16.01 75.43
NB CLA SC . -34.38 12.09 77.38
C1B CLA SC . -33.93 13.33 77.33
C2B CLA SC . -34.98 14.37 77.24
C3B CLA SC . -36.19 13.57 77.34
C4B CLA SC . -35.72 12.18 77.46
CMB CLA SC . -34.90 15.86 77.15
CAB CLA SC . -37.57 14.09 77.38
CBB CLA SC . -37.98 14.54 78.55
NC CLA SC . -34.99 9.19 77.11
C1C CLA SC . -36.22 9.62 77.43
C2C CLA SC . -37.23 8.56 77.64
C3C CLA SC . -36.48 7.31 77.45
C4C CLA SC . -35.13 7.85 77.14
CMC CLA SC . -38.68 8.68 77.99
CAC CLA SC . -36.98 5.89 77.55
CBC CLA SC . -36.59 5.30 78.88
ND CLA SC . -32.43 8.65 76.67
C1D CLA SC . -32.79 7.29 76.49
C2D CLA SC . -31.78 6.41 75.91
C3D CLA SC . -30.66 7.39 75.75
C4D CLA SC . -31.15 8.63 76.15
CMD CLA SC . -31.85 4.96 75.57
CAD CLA SC . -29.27 7.62 75.28
OBD CLA SC . -28.44 6.79 74.79
CBD CLA SC . -28.93 9.02 75.50
CGD CLA SC . -27.74 9.05 76.40
O1D CLA SC . -26.65 9.45 76.00
O2D CLA SC . -27.83 8.50 77.72
CED CLA SC . -26.63 8.40 78.47
C1 CLA SC . -27.16 17.43 75.31
C2 CLA SC . -26.15 18.09 74.39
C3 CLA SC . -26.17 18.13 73.05
C4 CLA SC . -27.31 17.50 72.31
C5 CLA SC . -25.03 18.82 72.31
C6 CLA SC . -25.24 18.87 70.81
C7 CLA SC . -25.81 20.23 70.42
C8 CLA SC . -26.06 20.34 68.93
C9 CLA SC . -24.76 20.37 68.14
C10 CLA SC . -26.87 21.61 68.73
C11 CLA SC . -27.37 21.75 67.30
C12 CLA SC . -28.52 22.75 67.33
C13 CLA SC . -29.00 23.22 65.97
C14 CLA SC . -29.96 24.40 66.10
C15 CLA SC . -29.66 22.06 65.24
C16 CLA SC . -28.99 21.69 63.92
C17 CLA SC . -30.08 21.18 62.97
C18 CLA SC . -29.63 21.07 61.51
C19 CLA SC . -30.66 20.28 60.71
C20 CLA SC . -28.25 20.42 61.38
MG CLA TC . -33.18 -10.29 66.52
CHA CLA TC . -33.37 -12.64 63.96
CHB CLA TC . -31.48 -12.50 68.37
CHC CLA TC . -32.18 -7.70 68.46
CHD CLA TC . -34.84 -7.91 64.27
NA CLA TC . -32.46 -12.21 66.19
C1A CLA TC . -32.69 -13.05 65.23
C2A CLA TC . -32.23 -14.46 65.51
C3A CLA TC . -31.70 -14.34 66.93
C4A CLA TC . -31.90 -12.91 67.17
CMA CLA TC . -32.60 -15.13 67.88
CAA CLA TC . -31.03 -14.82 64.62
CBA CLA TC . -30.44 -16.24 64.49
CGA CLA TC . -29.60 -16.61 65.69
O1A CLA TC . -28.62 -15.96 65.97
O2A CLA TC . -30.03 -17.67 66.58
NB CLA TC . -32.01 -10.14 68.17
C1B CLA TC . -31.47 -11.13 68.86
C2B CLA TC . -30.70 -10.73 70.06
C3B CLA TC . -30.93 -9.27 70.06
C4B CLA TC . -31.74 -9.04 68.84
CMB CLA TC . -29.94 -11.57 71.06
CAB CLA TC . -30.47 -8.25 71.02
CBB CLA TC . -29.20 -7.97 71.09
NC CLA TC . -33.41 -8.25 66.33
C1C CLA TC . -33.02 -7.41 67.29
C2C CLA TC . -33.55 -6.05 67.16
C3C CLA TC . -34.36 -6.09 65.94
C4C CLA TC . -34.22 -7.51 65.54
CMC CLA TC . -33.35 -4.88 68.05
CAC CLA TC . -35.16 -4.96 65.33
CBC CLA TC . -34.47 -4.46 64.09
ND CLA TC . -33.91 -10.19 64.64
C1D CLA TC . -34.53 -9.24 63.78
C2D CLA TC . -34.99 -9.71 62.48
C3D CLA TC . -34.45 -11.09 62.53
C4D CLA TC . -33.84 -11.26 63.76
CMD CLA TC . -35.63 -9.04 61.32
CAD CLA TC . -34.31 -12.33 61.77
OBD CLA TC . -34.72 -12.53 60.58
CBD CLA TC . -33.61 -13.28 62.63
CGD CLA TC . -34.18 -14.66 62.66
O1D CLA TC . -35.10 -14.97 63.38
O2D CLA TC . -33.59 -15.63 61.78
CED CLA TC . -33.95 -16.99 61.93
C1 CLA TC . -29.22 -18.10 67.66
C2 CLA TC . -29.55 -17.26 68.87
C3 CLA TC . -28.79 -16.37 69.51
C4 CLA TC . -27.41 -16.02 69.04
C5 CLA TC . -29.37 -15.69 70.72
C6 CLA TC . -28.45 -15.80 71.94
C7 CLA TC . -28.48 -17.25 72.42
C8 CLA TC . -27.39 -17.62 73.42
C9 CLA TC . -26.00 -17.18 72.95
C10 CLA TC . -27.45 -19.12 73.64
C11 CLA TC . -28.49 -19.55 74.68
C12 CLA TC . -27.92 -19.83 76.08
C13 CLA TC . -28.73 -20.95 76.73
C14 CLA TC . -28.56 -22.26 75.99
C15 CLA TC . -30.20 -20.59 76.81
C16 CLA TC . -31.00 -21.64 77.57
C17 CLA TC . -30.81 -21.59 79.09
C18 CLA TC . -31.86 -20.75 79.80
C19 CLA TC . -31.91 -21.09 81.29
C20 CLA TC . -33.25 -20.88 79.20
MG CLA UC . -51.72 -18.28 89.27
CHA CLA UC . -53.90 -20.73 88.13
CHB CLA UC . -53.39 -18.28 92.21
CHC CLA UC . -49.17 -16.45 90.58
CHD CLA UC . -49.77 -18.72 86.16
NA CLA UC . -53.31 -19.36 90.07
C1A CLA UC . -54.13 -20.19 89.53
C2A CLA UC . -55.31 -20.64 90.39
C3A CLA UC . -55.10 -19.79 91.62
C4A CLA UC . -53.83 -19.09 91.27
CMA CLA UC . -56.21 -18.76 91.71
CAA CLA UC . -55.17 -22.13 90.78
CBA CLA UC . -53.86 -22.47 91.49
CGA CLA UC . -53.35 -23.75 90.86
O1A CLA UC . -53.96 -24.29 89.96
O2A CLA UC . -52.10 -24.36 91.33
NB CLA UC . -51.34 -17.51 91.12
C1B CLA UC . -52.16 -17.50 92.16
C2B CLA UC . -51.73 -16.70 93.33
C3B CLA UC . -50.46 -16.15 92.83
C4B CLA UC . -50.32 -16.72 91.46
CMB CLA UC . -52.42 -16.49 94.65
CAB CLA UC . -49.54 -15.24 93.56
CBB CLA UC . -48.57 -15.70 94.32
NC CLA UC . -49.87 -17.74 88.52
C1C CLA UC . -49.00 -16.97 89.20
C2C CLA UC . -47.77 -16.61 88.43
C3C CLA UC . -47.96 -17.29 87.14
C4C CLA UC . -49.31 -17.90 87.29
CMC CLA UC . -46.54 -15.83 88.79
CAC CLA UC . -47.01 -17.28 85.98
CBC CLA UC . -47.27 -15.99 85.23
ND CLA UC . -51.72 -19.40 87.57
C1D CLA UC . -50.98 -19.52 86.35
C2D CLA UC . -51.51 -20.50 85.37
C3D CLA UC . -52.69 -21.00 86.13
C4D CLA UC . -52.72 -20.33 87.34
CMD CLA UC . -51.16 -21.01 83.99
CAD CLA UC . -53.84 -21.92 86.05
OBD CLA UC . -54.13 -22.71 85.08
CBD CLA UC . -54.56 -21.79 87.32
CGD CLA UC . -56.02 -21.54 87.10
O1D CLA UC . -56.84 -22.42 87.29
O2D CLA UC . -56.46 -20.20 86.75
CED CLA UC . -57.54 -19.64 87.51
C1 CLA UC . -51.73 -25.67 90.92
C2 CLA UC . -50.76 -26.22 91.93
C3 CLA UC . -49.44 -26.19 91.71
C4 CLA UC . -48.87 -25.64 90.43
C5 CLA UC . -48.49 -26.73 92.75
C6 CLA UC . -47.96 -25.61 93.64
C7 CLA UC . -46.81 -26.07 94.54
C8 CLA UC . -46.37 -24.92 95.44
C9 CLA UC . -46.01 -25.42 96.83
MG CLA VC . -55.55 -8.68 95.54
CHA CLA VC . -54.81 -6.08 97.71
CHB CLA VC . -52.59 -10.09 96.36
CHC CLA VC . -56.04 -10.85 93.00
CHD CLA VC . -58.54 -6.79 94.43
NA CLA VC . -53.95 -8.16 96.76
C1A CLA VC . -53.81 -7.21 97.62
C2A CLA VC . -52.58 -7.29 98.53
C3A CLA VC . -51.92 -8.55 98.00
C4A CLA VC . -52.91 -8.96 96.98
CMA CLA VC . -50.63 -8.15 97.30
CAA CLA VC . -53.02 -7.57 99.98
CBA CLA VC . -52.30 -8.65 100.81
CGA CLA VC . -50.94 -8.21 101.32
O1A CLA VC . -50.28 -8.97 102.01
O2A CLA VC . -50.39 -6.91 101.00
NB CLA VC . -54.46 -10.24 94.78
C1B CLA VC . -53.35 -10.74 95.28
C2B CLA VC . -52.88 -12.01 94.67
C3B CLA VC . -53.92 -12.26 93.65
C4B CLA VC . -54.83 -11.08 93.82
CMB CLA VC . -51.67 -12.82 95.03
CAB CLA VC . -53.96 -13.44 92.73
CBB CLA VC . -54.73 -13.61 91.67
NC CLA VC . -56.99 -8.78 94.07
C1C CLA VC . -56.97 -9.73 93.12
C2C CLA VC . -58.02 -9.64 92.09
C3C CLA VC . -58.78 -8.45 92.51
C4C CLA VC . -58.08 -8.03 93.77
CMC CLA VC . -58.25 -10.53 90.91
CAC CLA VC . -59.96 -7.88 91.76
CBC CLA VC . -59.46 -6.67 90.99
ND CLA VC . -56.49 -6.92 95.88
C1D CLA VC . -57.70 -6.24 95.50
C2D CLA VC . -57.96 -4.96 96.21
C3D CLA VC . -56.76 -4.92 97.09
C4D CLA VC . -56.01 -6.05 96.84
CMD CLA VC . -59.03 -3.90 96.18
CAD CLA VC . -56.08 -4.15 98.16
OBD CLA VC . -56.50 -3.04 98.64
CBD CLA VC . -54.84 -4.85 98.55
CGD CLA VC . -53.67 -3.94 98.35
O1D CLA VC . -52.72 -4.02 99.12
O2D CLA VC . -53.63 -2.89 97.36
CED CLA VC . -52.34 -2.41 97.00
C1 CLA VC . -49.52 -6.27 101.92
C2 CLA VC . -50.34 -5.32 102.77
C3 CLA VC . -50.19 -3.99 102.72
C4 CLA VC . -49.17 -3.36 101.81
C5 CLA VC . -51.05 -3.11 103.59
C6 CLA VC . -52.55 -3.26 103.37
C7 CLA VC . -53.12 -1.96 102.83
C8 CLA VC . -54.64 -1.90 102.87
C9 CLA VC . -55.11 -1.72 104.32
C10 CLA VC . -55.24 -3.10 102.14
C11 CLA VC . -56.55 -3.61 102.74
C12 CLA VC . -57.03 -4.94 102.15
C13 CLA VC . -58.05 -4.77 101.01
C14 CLA VC . -58.79 -3.42 101.02
C15 CLA VC . -59.05 -5.90 101.01
C16 CLA VC . -59.38 -6.46 99.63
C17 CLA VC . -60.69 -5.88 99.10
C18 CLA VC . -61.42 -6.75 98.09
C19 CLA VC . -62.87 -6.31 98.00
C20 CLA VC . -61.37 -8.23 98.45
MG CLA WC . -46.33 -9.52 95.29
CHA CLA WC . -47.37 -11.57 92.74
CHB CLA WC . -48.37 -7.12 94.09
CHC CLA WC . -44.95 -7.43 97.55
CHD CLA WC . -43.83 -12.09 96.20
NA CLA WC . -47.63 -9.35 93.70
C1A CLA WC . -48.00 -10.21 92.82
C2A CLA WC . -49.14 -9.79 91.94
C3A CLA WC . -49.40 -8.36 92.34
C4A CLA WC . -48.39 -8.28 93.45
CMA CLA WC . -48.94 -7.43 91.23
CAA CLA WC . -50.43 -10.56 92.26
CBA CLA WC . -51.65 -10.19 91.43
CGA CLA WC . -51.36 -10.44 89.98
O1A CLA WC . -51.38 -11.55 89.48
O2A CLA WC . -51.06 -9.28 89.17
NB CLA WC . -46.62 -7.55 95.72
C1B CLA WC . -47.53 -6.73 95.20
C2B CLA WC . -47.64 -5.41 95.87
C3B CLA WC . -46.60 -5.53 96.91
C4B CLA WC . -46.03 -6.88 96.71
CMB CLA WC . -48.55 -4.25 95.56
CAB CLA WC . -46.20 -4.55 97.92
CBB CLA WC . -46.36 -4.78 99.22
NC CLA WC . -44.72 -9.73 96.56
C1C CLA WC . -44.35 -8.76 97.43
C2C CLA WC . -43.23 -9.14 98.33
C3C CLA WC . -42.92 -10.52 97.91
C4C CLA WC . -43.91 -10.77 96.84
CMC CLA WC . -42.60 -8.31 99.40
CAC CLA WC . -41.89 -11.46 98.46
CBC CLA WC . -40.62 -11.24 97.67
ND CLA WC . -45.65 -11.34 94.69
C1D CLA WC . -44.76 -12.37 95.11
C2D CLA WC . -44.83 -13.65 94.37
C3D CLA WC . -45.93 -13.30 93.42
C4D CLA WC . -46.31 -11.99 93.66
CMD CLA WC . -44.15 -14.99 94.40
CAD CLA WC . -46.72 -13.81 92.28
OBD CLA WC . -46.62 -14.99 91.84
CBD CLA WC . -47.67 -12.75 91.88
CGD CLA WC . -47.67 -12.45 90.40
O1D CLA WC . -46.86 -11.67 89.96
O2D CLA WC . -48.76 -12.87 89.53
CED CLA WC . -48.58 -12.91 88.12
C1 CLA WC . -50.72 -9.33 87.79
C2 CLA WC . -49.23 -9.31 87.63
C3 CLA WC . -48.59 -8.16 87.37
C4 CLA WC . -49.34 -6.86 87.25
C5 CLA WC . -47.09 -8.21 87.17
C6 CLA WC . -46.42 -6.84 87.18
C7 CLA WC . -45.70 -6.68 88.50
C8 CLA WC . -44.44 -5.84 88.25
C9 CLA WC . -43.37 -6.66 87.56
C10 CLA WC . -43.92 -5.27 89.57
C11 CLA WC . -44.82 -4.30 90.35
C12 CLA WC . -44.27 -4.16 91.77
C13 CLA WC . -45.03 -4.95 92.84
C14 CLA WC . -44.74 -4.29 94.18
C15 CLA WC . -44.66 -6.43 92.85
C16 CLA WC . -43.50 -6.90 93.71
C17 CLA WC . -42.35 -7.45 92.85
C18 CLA WC . -42.32 -8.93 92.49
C19 CLA WC . -43.14 -9.30 91.26
C20 CLA WC . -42.78 -9.78 93.66
MG CLA XC . -33.07 -21.27 101.15
CHA CLA XC . -30.30 -23.03 99.98
CHB CLA XC . -32.83 -19.28 98.44
CHC CLA XC . -36.02 -19.90 102.10
CHD CLA XC . -33.41 -23.80 103.79
NA CLA XC . -31.83 -21.18 99.49
C1A CLA XC . -30.78 -21.86 99.18
C2A CLA XC . -30.05 -21.43 97.92
C3A CLA XC . -30.84 -20.22 97.53
C4A CLA XC . -31.92 -20.24 98.55
CMA CLA XC . -30.00 -18.98 97.75
CAA CLA XC . -30.16 -22.42 96.75
CBA CLA XC . -31.52 -23.03 96.37
CGA CLA XC . -31.98 -24.14 97.31
O1A CLA XC . -31.33 -25.17 97.42
O2A CLA XC . -33.19 -23.98 98.07
NB CLA XC . -34.25 -19.79 100.38
C1B CLA XC . -34.00 -19.05 99.30
C2B CLA XC . -35.05 -18.07 98.96
C3B CLA XC . -36.01 -18.25 100.08
C4B CLA XC . -35.39 -19.34 100.90
CMB CLA XC . -35.13 -17.08 97.82
CAB CLA XC . -37.28 -17.50 100.31
CBB CLA XC . -38.43 -18.08 100.55
NC CLA XC . -34.44 -21.81 102.58
C1C CLA XC . -35.52 -21.05 102.88
C2C CLA XC . -36.22 -21.43 104.12
C3C CLA XC . -35.46 -22.61 104.59
C4C CLA XC . -34.41 -22.74 103.56
CMC CLA XC . -37.45 -20.80 104.71
CAC CLA XC . -35.67 -23.46 105.81
CBC CLA XC . -36.77 -24.43 105.45
ND CLA XC . -32.20 -23.00 101.77
C1D CLA XC . -32.27 -23.90 102.88
C2D CLA XC . -31.21 -24.94 102.94
C3D CLA XC . -30.39 -24.53 101.78
C4D CLA XC . -31.04 -23.46 101.17
CMD CLA XC . -30.83 -26.06 103.87
CAD CLA XC . -29.19 -24.85 100.98
OBD CLA XC . -28.35 -25.79 101.23
CBD CLA XC . -29.08 -23.88 99.87
CGD CLA XC . -27.93 -22.99 100.17
O1D CLA XC . -27.83 -22.44 101.25
O2D CLA XC . -26.93 -22.79 99.13
CED CLA XC . -25.83 -21.91 99.37
C1 CLA XC . -33.61 -25.02 98.97
C2 CLA XC . -34.80 -24.51 99.76
C3 CLA XC . -35.30 -25.16 100.83
C4 CLA XC . -34.67 -26.43 101.30
C5 CLA XC . -36.50 -24.60 101.55
C6 CLA XC . -37.17 -23.43 100.83
C7 CLA XC . -38.49 -23.06 101.50
C8 CLA XC . -39.05 -21.77 100.91
C9 CLA XC . -40.06 -21.10 101.84
C10 CLA XC . -39.63 -22.04 99.53
C11 CLA XC . -39.98 -20.76 98.78
C12 CLA XC . -40.38 -21.12 97.37
C13 CLA XC . -40.73 -19.95 96.46
C14 CLA XC . -41.87 -19.11 97.01
C15 CLA XC . -41.08 -20.56 95.11
C16 CLA XC . -41.37 -19.53 94.01
C17 CLA XC . -41.12 -20.16 92.64
C18 CLA XC . -42.26 -21.03 92.13
C19 CLA XC . -42.10 -21.27 90.64
C20 CLA XC . -43.63 -20.44 92.40
MG CLA YC . -29.08 -13.89 96.71
CHA CLA YC . -30.18 -11.85 99.29
CHB CLA YC . -31.79 -15.82 97.17
CHC CLA YC . -28.39 -15.34 93.72
CHD CLA YC . -26.39 -11.43 96.06
NA CLA YC . -30.72 -13.82 97.97
C1A CLA YC . -30.97 -13.10 99.00
C2A CLA YC . -32.18 -13.46 99.82
C3A CLA YC . -32.60 -14.74 99.13
C4A CLA YC . -31.64 -14.78 98.00
CMA CLA YC . -32.31 -15.93 100.05
CAA CLA YC . -33.39 -12.52 99.52
CBA CLA YC . -33.91 -12.18 98.11
CGA CLA YC . -32.96 -11.30 97.32
O1A CLA YC . -32.56 -10.27 97.82
O2A CLA YC . -32.45 -11.64 96.00
NB CLA YC . -29.97 -15.38 95.61
C1B CLA YC . -31.02 -16.11 95.96
C2B CLA YC . -31.42 -17.15 94.96
C3B CLA YC . -30.38 -17.00 93.93
C4B CLA YC . -29.55 -15.88 94.44
CMB CLA YC . -32.55 -18.14 95.01
CAB CLA YC . -30.24 -17.82 92.68
CBB CLA YC . -29.96 -17.33 91.49
NC CLA YC . -27.72 -13.44 95.22
C1C CLA YC . -27.60 -14.18 94.12
C2C CLA YC . -26.54 -13.75 93.19
C3C CLA YC . -25.94 -12.59 93.88
C4C CLA YC . -26.70 -12.55 95.15
CMC CLA YC . -26.21 -14.36 91.86
CAC CLA YC . -24.79 -11.71 93.43
CBC CLA YC . -25.40 -10.73 92.47
ND CLA YC . -28.40 -12.12 97.41
C1D CLA YC . -27.33 -11.19 97.16
C2D CLA YC . -27.33 -9.98 98.01
C3D CLA YC . -28.51 -10.26 98.86
C4D CLA YC . -29.04 -11.48 98.45
CMD CLA YC . -26.47 -8.75 98.14
CAD CLA YC . -29.31 -9.77 100.01
OBD CLA YC . -29.13 -8.67 100.64
CBD CLA YC . -30.40 -10.72 100.25
CGD CLA YC . -30.38 -11.04 101.71
O1D CLA YC . -30.86 -10.25 102.51
O2D CLA YC . -29.80 -12.26 102.22
CED CLA YC . -30.29 -12.80 103.44
C1 CLA YC . -31.49 -10.74 95.41
C2 CLA YC . -31.21 -11.17 93.98
C3 CLA YC . -30.05 -10.91 93.33
C4 CLA YC . -28.96 -10.14 93.99
C5 CLA YC . -29.83 -11.38 91.91
C6 CLA YC . -31.10 -11.91 91.25
C7 CLA YC . -31.07 -13.43 91.20
C8 CLA YC . -32.43 -13.96 90.82
C9 CLA YC . -32.98 -13.32 89.56
C10 CLA YC . -33.31 -13.70 92.04
C11 CLA YC . -34.75 -14.18 91.91
C12 CLA YC . -35.51 -13.69 93.13
C13 CLA YC . -35.37 -14.58 94.37
C14 CLA YC . -35.92 -15.98 94.11
C15 CLA YC . -36.04 -13.79 95.50
C16 CLA YC . -37.56 -13.92 95.68
C17 CLA YC . -37.99 -14.81 96.84
C18 CLA YC . -39.50 -14.90 96.95
C19 CLA YC . -39.89 -15.89 98.03
C20 CLA YC . -40.14 -15.29 95.60
MG CLA ZC . -24.01 -18.65 88.65
CHA CLA ZC . -25.39 -19.08 91.76
CHB CLA ZC . -25.64 -21.39 87.57
CHC CLA ZC . -22.48 -18.21 85.66
CHD CLA ZC . -21.88 -15.97 90.06
NA CLA ZC . -25.28 -20.04 89.53
C1A CLA ZC . -25.75 -20.11 90.71
C2A CLA ZC . -26.71 -21.26 90.96
C3A CLA ZC . -26.68 -22.00 89.65
C4A CLA ZC . -25.82 -21.07 88.86
CMA CLA ZC . -25.93 -23.31 89.82
CAA CLA ZC . -28.15 -20.83 91.29
CBA CLA ZC . -29.05 -21.93 91.82
CGA CLA ZC . -30.45 -21.42 91.70
O1A CLA ZC . -31.03 -21.09 92.72
O2A CLA ZC . -31.15 -21.25 90.45
NB CLA ZC . -24.01 -19.69 86.91
C1B CLA ZC . -24.80 -20.70 86.58
C2B CLA ZC . -24.83 -21.00 85.12
C3B CLA ZC . -23.87 -20.02 84.58
C4B CLA ZC . -23.43 -19.30 85.78
CMB CLA ZC . -25.60 -22.01 84.34
CAB CLA ZC . -23.40 -19.76 83.20
CBB CLA ZC . -22.56 -20.56 82.60
NC CLA ZC . -22.50 -17.38 88.03
C1C CLA ZC . -22.04 -17.37 86.76
C2C CLA ZC . -21.01 -16.35 86.46
C3C CLA ZC . -20.82 -15.69 87.75
C4C CLA ZC . -21.78 -16.40 88.65
CMC CLA ZC . -20.31 -16.08 85.16
CAC CLA ZC . -19.89 -14.56 88.06
CBC CLA ZC . -18.56 -15.18 88.40
ND CLA ZC . -23.59 -17.76 90.42
C1D CLA ZC . -22.88 -16.61 90.91
C2D CLA ZC . -23.25 -16.14 92.27
C3D CLA ZC . -24.29 -17.16 92.60
C4D CLA ZC . -24.43 -17.99 91.50
CMD CLA ZC . -22.84 -15.02 93.18
CAD CLA ZC . -25.27 -17.62 93.62
OBD CLA ZC . -25.53 -17.12 94.76
CBD CLA ZC . -25.95 -18.79 93.12
CGD CLA ZC . -25.76 -19.95 94.06
O1D CLA ZC . -24.64 -20.31 94.38
O2D CLA ZC . -26.91 -20.63 94.61
CED CLA ZC . -26.70 -21.74 95.47
C1 CLA ZC . -32.53 -20.91 90.53
C2 CLA ZC . -32.75 -19.64 89.74
C3 CLA ZC . -33.46 -18.61 90.21
C4 CLA ZC . -34.10 -18.66 91.57
C5 CLA ZC . -33.62 -17.38 89.36
C6 CLA ZC . -34.48 -17.68 88.13
C7 CLA ZC . -35.77 -16.88 88.15
C8 CLA ZC . -36.60 -17.18 86.91
C9 CLA ZC . -35.80 -16.96 85.63
C10 CLA ZC . -37.87 -16.34 86.89
C11 CLA ZC . -38.92 -17.13 86.14
C12 CLA ZC . -39.81 -17.84 87.15
C13 CLA ZC . -40.81 -18.76 86.48
C14 CLA ZC . -41.90 -19.19 87.45
C15 CLA ZC . -40.03 -19.95 85.93
C16 CLA ZC . -40.91 -21.09 85.43
C17 CLA ZC . -40.12 -22.38 85.48
C18 CLA ZC . -40.92 -23.53 86.10
C19 CLA ZC . -41.57 -23.13 87.41
C20 CLA ZC . -40.04 -24.74 86.32
MG CLA AD . -24.68 -26.61 84.64
CHA CLA AD . -21.99 -28.49 83.57
CHB CLA AD . -24.36 -28.07 87.66
CHC CLA AD . -27.67 -25.26 85.43
CHD CLA AD . -24.99 -25.31 81.21
NA CLA AD . -23.43 -28.04 85.46
C1A CLA AD . -22.38 -28.62 84.99
C2A CLA AD . -21.58 -29.45 85.97
C3A CLA AD . -22.35 -29.25 87.25
C4A CLA AD . -23.48 -28.43 86.74
CMA CLA AD . -22.93 -30.59 87.68
CAA CLA AD . -20.10 -29.16 86.30
CBA CLA AD . -19.20 -30.10 87.12
CGA CLA AD . -19.04 -31.54 86.72
O1A CLA AD . -19.69 -32.02 85.81
O2A CLA AD . -18.07 -32.35 87.43
NB CLA AD . -25.85 -26.68 86.30
C1B CLA AD . -25.55 -27.24 87.47
C2B CLA AD . -26.52 -27.01 88.56
C3B CLA AD . -27.52 -26.17 87.89
C4B CLA AD . -27.00 -26.02 86.50
CMB CLA AD . -26.48 -27.51 89.97
CAB CLA AD . -28.74 -25.61 88.51
CBB CLA AD . -29.10 -24.35 88.41
NC CLA AD . -26.05 -25.55 83.53
C1C CLA AD . -27.17 -25.06 84.05
C2C CLA AD . -28.00 -24.26 83.11
C3C CLA AD . -27.20 -24.28 81.87
C4C CLA AD . -26.01 -25.08 82.25
CMC CLA AD . -29.31 -23.56 83.32
CAC CLA AD . -27.52 -23.61 80.57
CBC CLA AD . -26.86 -22.26 80.63
ND CLA AD . -23.79 -26.77 82.82
C1D CLA AD . -23.91 -26.24 81.50
C2D CLA AD . -22.97 -26.84 80.52
C3D CLA AD . -22.19 -27.72 81.38
C4D CLA AD . -22.74 -27.65 82.64
CMD CLA AD . -22.61 -26.71 79.07
CAD CLA AD . -21.08 -28.68 81.39
OBD CLA AD . -20.35 -29.02 80.40
CBD CLA AD . -20.94 -29.16 82.76
CGD CLA AD . -21.08 -30.65 82.71
O1D CLA AD . -20.23 -31.39 83.11
O2D CLA AD . -22.27 -31.22 82.11
CED CLA AD . -22.65 -32.54 82.49
C1 CLA AD . -17.55 -33.55 86.89
C2 CLA AD . -18.58 -34.63 87.10
C3 CLA AD . -19.14 -35.26 86.06
C4 CLA AD . -18.77 -34.89 84.66
C5 CLA AD . -20.19 -36.31 86.26
C6 CLA AD . -21.46 -35.74 85.65
C7 CLA AD . -22.72 -36.31 86.26
C8 CLA AD . -23.88 -36.00 85.34
C9 CLA AD . -24.15 -34.51 85.34
C10 CLA AD . -25.11 -36.77 85.80
C11 CLA AD . -24.96 -38.26 85.52
C12 CLA AD . -26.32 -38.94 85.66
C13 CLA AD . -26.72 -38.98 87.13
C14 CLA AD . -26.08 -40.16 87.85
C15 CLA AD . -28.23 -38.99 87.27
C16 CLA AD . -28.87 -37.70 86.75
C17 CLA AD . -28.35 -36.49 87.52
C18 CLA AD . -28.38 -35.23 86.67
C19 CLA AD . -27.96 -34.03 87.51
C20 CLA AD . -29.76 -35.00 86.06
MG CLA BD . -61.31 -15.88 109.83
CHA CLA BD . -64.51 -16.90 110.66
CHB CLA BD . -62.63 -12.99 108.65
CHC CLA BD . -58.15 -14.67 109.61
CHD CLA BD . -60.01 -18.87 111.58
NA CLA BD . -63.21 -15.06 109.72
C1A CLA BD . -64.36 -15.57 110.00
C2A CLA BD . -65.58 -14.75 109.60
C3A CLA BD . -64.93 -13.56 108.94
C4A CLA BD . -63.49 -13.89 109.12
CMA CLA BD . -65.28 -13.73 107.48
CAA CLA BD . -66.34 -14.10 110.76
CBA CLA BD . -65.45 -13.72 111.94
CGA CLA BD . -66.16 -12.71 112.82
O1A CLA BD . -67.34 -12.46 112.64
O2A CLA BD . -65.41 -12.01 113.85
NB CLA BD . -60.52 -14.10 109.23
C1B CLA BD . -61.17 -13.05 108.72
C2B CLA BD . -60.31 -11.92 108.27
C3B CLA BD . -58.96 -12.44 108.57
C4B CLA BD . -59.23 -13.79 109.14
CMB CLA BD . -60.70 -10.59 107.67
CAB CLA BD . -57.64 -11.78 108.35
CBB CLA BD . -56.74 -12.25 107.53
NC CLA BD . -59.49 -16.62 110.49
C1C CLA BD . -58.33 -15.99 110.25
C2C CLA BD . -57.12 -16.71 110.73
C3C CLA BD . -57.67 -17.95 111.31
C4C CLA BD . -59.14 -17.78 111.08
CMC CLA BD . -55.68 -16.27 110.63
CAC CLA BD . -56.92 -19.08 111.95
CBC CLA BD . -56.65 -20.11 110.87
ND CLA BD . -61.97 -17.48 110.91
C1D CLA BD . -61.47 -18.69 111.49
C2D CLA BD . -62.49 -19.63 111.99
C3D CLA BD . -63.73 -18.89 111.64
C4D CLA BD . -63.34 -17.69 111.05
CMD CLA BD . -62.52 -20.99 112.66
CAD CLA BD . -65.21 -18.92 111.68
OBD CLA BD . -65.93 -19.87 112.16
CBD CLA BD . -65.73 -17.67 111.07
CGD CLA BD . -66.61 -18.04 109.92
O1D CLA BD . -66.20 -17.99 108.77
O2D CLA BD . -67.97 -18.44 110.16
CED CLA BD . -68.84 -18.69 109.06
MG CLA CD . -58.91 -7.30 107.87
CHA CLA CD . -57.11 -8.30 105.05
CHB CLA CD . -56.08 -7.59 109.67
CHC CLA CD . -60.83 -6.93 110.65
CHD CLA CD . -61.94 -7.39 105.79
NA CLA CD . -56.96 -7.89 107.46
C1A CLA CD . -56.37 -8.13 106.35
C2A CLA CD . -54.87 -8.29 106.42
C3A CLA CD . -54.59 -8.10 107.90
C4A CLA CD . -55.98 -7.84 108.37
CMA CLA CD . -54.13 -9.40 108.54
CAA CLA CD . -54.12 -7.17 105.70
CBA CLA CD . -52.98 -7.70 104.85
CGA CLA CD . -51.72 -7.86 105.68
O1A CLA CD . -51.60 -8.76 106.48
O2A CLA CD . -50.63 -6.93 105.53
NB CLA CD . -58.51 -7.29 109.87
C1B CLA CD . -57.31 -7.35 110.44
C2B CLA CD . -57.28 -7.17 111.91
C3B CLA CD . -58.72 -6.98 112.20
C4B CLA CD . -59.38 -7.07 110.87
CMB CLA CD . -56.10 -7.20 112.84
CAB CLA CD . -59.35 -6.74 113.52
CBB CLA CD . -59.95 -5.59 113.81
NC CLA CD . -60.95 -7.20 108.13
C1C CLA CD . -61.53 -7.03 109.34
C2C CLA CD . -63.01 -6.91 109.30
C3C CLA CD . -63.34 -7.02 107.87
C4C CLA CD . -61.99 -7.21 107.26
CMC CLA CD . -63.99 -6.72 110.43
CAC CLA CD . -64.71 -6.98 107.24
CBC CLA CD . -64.92 -5.70 106.46
ND CLA CD . -59.49 -7.72 105.96
C1D CLA CD . -60.67 -7.74 105.16
C2D CLA CD . -60.52 -8.13 103.73
C3D CLA CD . -59.05 -8.36 103.71
C4D CLA CD . -58.57 -8.12 105.00
CMD CLA CD . -61.42 -8.28 102.54
CAD CLA CD . -57.91 -8.75 102.85
OBD CLA CD . -57.97 -9.05 101.61
CBD CLA CD . -56.68 -8.72 103.68
CGD CLA CD . -55.90 -9.98 103.57
O1D CLA CD . -54.85 -9.98 102.96
O2D CLA CD . -56.33 -11.22 104.20
CED CLA CD . -55.41 -12.30 104.15
C1 CLA CD . -49.84 -6.65 106.67
C2 CLA CD . -50.20 -5.30 107.22
C3 CLA CD . -49.26 -4.36 107.44
C4 CLA CD . -47.81 -4.63 107.16
C5 CLA CD . -49.69 -3.02 107.99
C6 CLA CD . -49.98 -1.96 106.93
C7 CLA CD . -48.77 -1.09 106.65
C8 CLA CD . -49.12 0.29 106.10
C9 CLA CD . -50.19 0.23 105.01
C10 CLA CD . -47.87 0.98 105.59
C11 CLA CD . -47.01 1.50 106.72
C12 CLA CD . -45.64 0.84 106.74
C13 CLA CD . -44.83 1.31 107.94
C14 CLA CD . -43.90 2.44 107.54
C15 CLA CD . -44.08 0.13 108.54
C16 CLA CD . -43.07 -0.45 107.56
C17 CLA CD . -42.53 -1.79 108.05
C18 CLA CD . -41.43 -2.26 107.09
C19 CLA CD . -42.01 -2.94 105.85
C20 CLA CD . -40.40 -3.14 107.81
MG CLA DD . -41.45 -8.42 119.96
CHA CLA DD . -38.84 -10.69 119.82
CHB CLA DD . -41.20 -8.02 116.61
CHC CLA DD . -44.29 -6.57 120.10
CHD CLA DD . -41.95 -9.39 123.49
NA CLA DD . -40.27 -9.25 118.46
C1A CLA DD . -39.28 -10.06 118.53
C2A CLA DD . -38.56 -10.33 117.23
C3A CLA DD . -39.30 -9.44 116.26
C4A CLA DD . -40.33 -8.85 117.18
CMA CLA DD . -38.40 -8.32 115.79
CAA CLA DD . -38.77 -11.79 116.76
CBA CLA DD . -40.20 -12.30 116.95
CGA CLA DD . -40.24 -13.81 117.14
O1A CLA DD . -39.59 -14.53 116.40
O2A CLA DD . -41.02 -14.40 118.21
NB CLA DD . -42.54 -7.43 118.56
C1B CLA DD . -42.33 -7.35 117.25
C2B CLA DD . -43.36 -6.62 116.47
C3B CLA DD . -44.28 -6.19 117.54
C4B CLA DD . -43.67 -6.74 118.77
CMB CLA DD . -43.40 -6.38 114.97
CAB CLA DD . -45.55 -5.40 117.49
CBB CLA DD . -45.68 -4.34 116.74
NC CLA DD . -42.83 -8.12 121.46
C1C CLA DD . -43.86 -7.26 121.34
C2C CLA DD . -44.63 -6.99 122.57
C3C CLA DD . -43.94 -7.83 123.57
C4C CLA DD . -42.85 -8.47 122.77
CMC CLA DD . -45.82 -6.10 122.77
CAC CLA DD . -44.26 -8.01 125.04
CBC CLA DD . -43.61 -6.85 125.77
ND CLA DD . -40.73 -9.73 121.35
C1D CLA DD . -40.83 -9.98 122.76
C2D CLA DD . -39.76 -10.85 123.33
C3D CLA DD . -38.96 -11.11 122.12
C4D CLA DD . -39.56 -10.45 121.06
CMD CLA DD . -39.39 -11.40 124.67
CAD CLA DD . -37.76 -11.81 121.60
OBD CLA DD . -36.95 -12.52 122.30
CBD CLA DD . -37.64 -11.53 120.15
CGD CLA DD . -36.41 -10.68 119.97
O1D CLA DD . -35.34 -11.19 119.73
O2D CLA DD . -36.50 -9.24 120.06
CED CLA DD . -35.58 -8.44 119.31
C1 CLA DD . -41.35 -15.80 118.19
C2 CLA DD . -42.83 -16.00 118.44
C3 CLA DD . -43.32 -16.65 119.52
C4 CLA DD . -42.38 -17.21 120.55
C5 CLA DD . -44.80 -16.82 119.70
C6 CLA DD . -45.57 -15.61 119.19
C7 CLA DD . -46.24 -14.81 120.29
C8 CLA DD . -46.48 -13.37 119.84
C9 CLA DD . -46.95 -12.52 121.00
C10 CLA DD . -47.53 -13.37 118.73
C11 CLA DD . -47.06 -12.65 117.47
MG CLA ED . -45.83 -2.61 129.04
CHA CLA ED . -45.05 -3.25 132.35
CHB CLA ED . -47.53 -5.54 128.97
CHC CLA ED . -47.20 -1.60 126.11
CHD CLA ED . -44.13 0.66 129.34
NA CLA ED . -46.25 -4.11 130.41
C1A CLA ED . -45.87 -4.28 131.63
C2A CLA ED . -46.32 -5.57 132.29
C3A CLA ED . -47.07 -6.26 131.17
C4A CLA ED . -46.93 -5.22 130.11
CMA CLA ED . -46.34 -7.54 130.75
CAA CLA ED . -47.33 -5.40 133.44
CBA CLA ED . -48.66 -4.73 133.05
CGA CLA ED . -49.77 -5.14 133.99
O1A CLA ED . -49.93 -6.30 134.31
O2A CLA ED . -50.69 -4.14 134.51
NB CLA ED . -47.22 -3.43 127.78
C1B CLA ED . -47.60 -4.70 127.77
C2B CLA ED . -48.17 -5.21 126.50
C3B CLA ED . -48.05 -4.01 125.65
C4B CLA ED . -47.48 -2.97 126.55
CMB CLA ED . -48.68 -6.57 126.15
CAB CLA ED . -48.46 -3.84 124.23
CBB CLA ED . -49.68 -3.43 123.96
NC CLA ED . -45.70 -0.84 127.99
C1C CLA ED . -46.32 -0.65 126.80
C2C CLA ED . -46.03 0.65 126.14
C3C CLA ED . -45.11 1.31 127.10
C4C CLA ED . -44.99 0.30 128.19
CMC CLA ED . -46.53 1.15 124.82
CAC CLA ED . -44.47 2.67 126.99
CBC CLA ED . -45.45 3.66 127.59
ND CLA ED . -44.85 -1.49 130.42
C1D CLA ED . -44.15 -0.24 130.51
C2D CLA ED . -43.48 0.03 131.82
C3D CLA ED . -43.87 -1.21 132.55
C4D CLA ED . -44.64 -1.99 131.70
CMD CLA ED . -42.66 1.14 132.40
CAD CLA ED . -43.74 -1.94 133.85
OBD CLA ED . -43.10 -1.53 134.88
CBD CLA ED . -44.46 -3.23 133.73
CGD CLA ED . -43.44 -4.34 133.84
O1D CLA ED . -43.21 -4.87 134.91
O2D CLA ED . -42.76 -4.81 132.65
CED CLA ED . -42.39 -6.18 132.55
MG CLA FD . -46.42 12.85 124.36
CHA CLA FD . -44.34 15.13 125.92
CHB CLA FD . -45.91 10.73 126.95
CHC CLA FD . -48.78 10.84 123.01
CHD CLA FD . -47.41 15.54 122.00
NA CLA FD . -45.37 12.93 126.15
C1A CLA FD . -44.55 13.80 126.59
C2A CLA FD . -43.82 13.43 127.86
C3A CLA FD . -44.31 12.02 128.13
C4A CLA FD . -45.26 11.89 126.99
CMA CLA FD . -43.17 11.02 127.96
CAA CLA FD . -44.17 14.34 129.07
CBA CLA FD . -45.45 14.04 129.85
CGA CLA FD . -46.66 14.81 129.39
O1A CLA FD . -47.02 14.81 128.22
O2A CLA FD . -47.44 15.58 130.36
NB CLA FD . -47.20 11.04 124.89
C1B CLA FD . -46.91 10.32 125.97
C2B CLA FD . -47.72 9.08 126.17
C3B CLA FD . -48.59 9.12 124.97
C4B CLA FD . -48.18 10.37 124.27
CMB CLA FD . -47.67 8.07 127.27
CAB CLA FD . -49.65 8.17 124.57
CBB CLA FD . -50.91 8.54 124.46
NC CLA FD . -47.78 13.15 122.82
C1C CLA FD . -48.66 12.20 122.46
C2C CLA FD . -49.62 12.63 121.39
C3C CLA FD . -49.20 14.01 121.11
C4C CLA FD . -48.07 14.22 122.04
CMC CLA FD . -50.74 11.85 120.76
CAC CLA FD . -49.78 15.00 120.12
CBC CLA FD . -49.13 14.68 118.79
ND CLA FD . -46.11 14.84 124.02
C1D CLA FD . -46.37 15.82 123.00
C2D CLA FD . -45.55 17.06 123.06
C3D CLA FD . -44.72 16.74 124.24
C4D CLA FD . -45.11 15.50 124.71
CMD CLA FD . -45.43 18.34 122.27
CAD CLA FD . -43.65 17.26 125.14
OBD CLA FD . -43.03 18.38 125.01
CBD CLA FD . -43.36 16.23 126.16
CGD CLA FD . -42.02 15.70 125.74
O1D CLA FD . -41.62 15.89 124.62
O2D CLA FD . -41.19 14.92 126.64
CED CLA FD . -40.35 13.89 126.12
C1 CLA FD . -48.37 14.91 131.22
C2 CLA FD . -49.54 14.38 130.41
C3 CLA FD . -50.79 14.26 130.92
C4 CLA FD . -51.08 14.66 132.34
C5 CLA FD . -51.89 13.72 130.04
C6 CLA FD . -53.29 13.77 130.65
C7 CLA FD . -54.34 13.48 129.57
C8 CLA FD . -55.73 13.31 130.16
C9 CLA FD . -56.72 12.85 129.10
C10 CLA FD . -56.18 14.62 130.79
MG CLA GD . -43.23 12.09 113.80
CHA CLA GD . -40.86 11.85 111.29
CHB CLA GD . -40.71 12.06 116.05
CHC CLA GD . -45.55 12.61 116.19
CHD CLA GD . -45.78 12.70 111.18
NA CLA GD . -41.16 12.01 113.69
C1A CLA GD . -40.37 11.89 112.70
C2A CLA GD . -38.89 11.77 113.02
C3A CLA GD . -38.89 11.80 114.53
C4A CLA GD . -40.35 11.97 114.77
CMA CLA GD . -38.47 10.45 115.09
CAA CLA GD . -38.14 13.03 112.59
CBA CLA GD . -36.72 13.12 113.15
CGA CLA GD . -36.57 14.46 113.83
O1A CLA GD . -36.22 14.55 114.99
O2A CLA GD . -36.87 15.68 113.09
NB CLA GD . -43.12 12.36 115.81
C1B CLA GD . -42.06 12.19 116.59
C2B CLA GD . -42.32 12.09 118.04
C3B CLA GD . -43.79 12.25 118.08
C4B CLA GD . -44.17 12.41 116.65
CMB CLA GD . -41.33 11.88 119.17
CAB CLA GD . -44.68 12.26 119.28
CBB CLA GD . -45.42 13.32 119.56
NC CLA GD . -45.21 12.60 113.69
C1C CLA GD . -45.99 12.69 114.78
C2C CLA GD . -47.44 12.86 114.50
C3C CLA GD . -47.50 12.89 113.02
C4C CLA GD . -46.07 12.72 112.63
CMC CLA GD . -48.59 12.99 115.47
CAC CLA GD . -48.69 13.05 112.11
CBC CLA GD . -49.35 11.69 112.01
ND CLA GD . -43.38 12.32 111.77
C1D CLA GD . -44.41 12.39 110.76
C2D CLA GD . -43.96 12.12 109.37
C3D CLA GD . -42.51 11.90 109.62
C4D CLA GD . -42.29 12.01 110.98
CMD CLA GD . -44.60 12.06 108.01
CAD CLA GD . -41.21 11.59 108.98
OBD CLA GD . -41.06 11.39 107.72
CBD CLA GD . -40.17 11.50 110.01
CGD CLA GD . -39.77 10.04 110.07
O1D CLA GD . -40.12 9.33 111.00
O2D CLA GD . -38.97 9.45 109.02
CED CLA GD . -38.71 8.05 109.09
C1 CLA GD . -37.33 16.82 113.79
C2 CLA GD . -38.83 16.80 113.86
C3 CLA GD . -39.59 17.73 113.26
C4 CLA GD . -38.98 18.84 112.47
C5 CLA GD . -41.09 17.64 113.37
C6 CLA GD . -41.64 16.26 113.02
C7 CLA GD . -42.49 15.66 114.12
C8 CLA GD . -44.00 15.92 113.97
C9 CLA GD . -44.47 16.03 112.52
C10 CLA GD . -44.42 17.14 114.77
C11 CLA GD . -45.09 16.72 116.08
C12 CLA GD . -46.45 16.11 115.81
C13 CLA GD . -47.55 17.12 116.10
C14 CLA GD . -48.84 16.75 115.38
MG CLA HD . -43.27 3.03 111.62
CHA CLA HD . -40.28 1.34 111.93
CHB CLA HD . -41.54 5.82 110.85
CHC CLA HD . -46.21 4.44 110.75
CHD CLA HD . -45.02 -0.16 112.25
NA CLA HD . -41.27 3.50 111.39
C1A CLA HD . -40.21 2.82 111.66
C2A CLA HD . -38.90 3.60 111.57
C3A CLA HD . -39.36 5.02 111.29
C4A CLA HD . -40.83 4.76 111.19
CMA CLA HD . -39.10 5.96 112.45
CAA CLA HD . -38.08 3.16 110.32
CBA CLA HD . -38.24 3.82 108.93
CGA CLA HD . -39.57 3.60 108.22
O1A CLA HD . -40.32 2.71 108.57
O2A CLA HD . -39.96 4.48 107.12
NB CLA HD . -43.79 4.86 110.90
C1B CLA HD . -42.99 5.90 110.68
C2B CLA HD . -43.67 7.13 110.21
C3B CLA HD . -45.07 6.69 110.18
C4B CLA HD . -45.02 5.28 110.64
CMB CLA HD . -43.10 8.47 109.85
CAB CLA HD . -46.27 7.48 109.82
CBB CLA HD . -46.84 8.24 110.73
NC CLA HD . -45.19 2.27 111.52
C1C CLA HD . -46.24 3.03 111.17
C2C CLA HD . -47.55 2.33 111.20
C3C CLA HD . -47.20 0.98 111.65
C4C CLA HD . -45.72 1.06 111.82
CMC CLA HD . -48.91 2.88 110.87
CAC CLA HD . -48.12 -0.20 111.87
CBC CLA HD . -48.07 -1.01 110.61
ND CLA HD . -42.87 1.07 112.01
C1D CLA HD . -43.57 -0.16 112.21
C2D CLA HD . -42.72 -1.37 112.37
C3D CLA HD . -41.38 -0.73 112.24
C4D CLA HD . -41.57 0.63 112.02
CMD CLA HD . -42.93 -2.84 112.60
CAD CLA HD . -39.92 -0.99 112.23
OBD CLA HD . -39.37 -2.13 112.39
CBD CLA HD . -39.23 0.29 112.05
CGD CLA HD . -38.42 0.51 113.29
O1D CLA HD . -38.73 1.38 114.09
O2D CLA HD . -37.28 -0.35 113.56
CED CLA HD . -36.62 -0.32 114.82
C1 CLA HD . -40.89 5.53 107.35
C2 CLA HD . -42.16 5.44 106.54
C3 CLA HD . -42.63 6.49 105.85
C4 CLA HD . -41.92 7.81 105.87
C5 CLA HD . -43.91 6.37 105.04
C6 CLA HD . -45.17 6.78 105.79
C7 CLA HD . -46.39 6.07 105.21
C8 CLA HD . -47.65 6.24 106.04
C9 CLA HD . -48.43 4.93 106.12
C10 CLA HD . -48.52 7.36 105.46
C11 CLA HD . -49.87 7.47 106.15
C12 CLA HD . -50.56 8.80 105.86
C13 CLA HD . -52.05 8.77 106.18
C14 CLA HD . -52.67 10.14 106.02
C15 CLA HD . -52.28 8.25 107.59
MG CLA ID . -46.26 11.39 92.48
CHA CLA ID . -43.93 12.39 94.80
CHB CLA ID . -48.25 13.93 93.53
CHC CLA ID . -48.35 10.61 89.97
CHD CLA ID . -43.70 9.11 91.08
NA CLA ID . -46.12 12.92 93.85
C1A CLA ID . -45.23 13.13 94.73
C2A CLA ID . -45.50 14.26 95.68
C3A CLA ID . -46.91 14.66 95.31
C4A CLA ID . -47.09 13.77 94.15
CMA CLA ID . -47.82 14.18 96.42
CAA CLA ID . -44.75 15.42 95.03
CBA CLA ID . -45.04 16.78 95.65
CGA CLA ID . -44.16 17.78 94.94
O1A CLA ID . -43.04 17.45 94.60
O2A CLA ID . -44.65 19.12 94.66
NB CLA ID . -48.06 12.15 91.87
C1B CLA ID . -48.71 13.20 92.36
C2B CLA ID . -49.89 13.67 91.61
C3B CLA ID . -49.93 12.66 90.52
C4B CLA ID . -48.76 11.77 90.80
CMB CLA ID . -50.81 14.82 91.90
CAB CLA ID . -50.93 12.57 89.43
CBB CLA ID . -52.23 12.46 89.66
NC CLA ID . -46.05 10.10 90.88
C1C CLA ID . -47.02 9.97 89.96
C2C CLA ID . -46.65 9.08 88.82
C3C CLA ID . -45.28 8.65 89.16
C4C CLA ID . -45.02 9.33 90.45
CMC CLA ID . -47.48 8.73 87.62
CAC CLA ID . -44.37 7.73 88.38
CBC CLA ID . -43.40 8.59 87.60
ND CLA ID . -44.31 10.88 92.73
C1D CLA ID . -43.36 9.89 92.27
C2D CLA ID . -42.12 9.76 93.07
C3D CLA ID . -42.37 10.80 94.10
C4D CLA ID . -43.61 11.35 93.83
CMD CLA ID . -40.86 8.94 93.05
CAD CLA ID . -41.83 11.47 95.30
OBD CLA ID . -40.70 11.20 95.87
CBD CLA ID . -42.82 12.44 95.79
CGD CLA ID . -43.35 11.85 97.06
O1D CLA ID . -42.71 11.93 98.10
O2D CLA ID . -44.62 11.15 97.06
CED CLA ID . -45.54 11.41 98.11
C1 CLA ID . -43.77 20.22 94.87
MG CLA JD . -41.20 15.16 103.77
CHA CLA JD . -43.29 15.27 101.02
CHB CLA JD . -43.92 15.44 105.73
CHC CLA JD . -39.09 15.59 106.38
CHD CLA JD . -38.33 15.49 101.44
NA CLA JD . -43.24 15.34 103.45
C1A CLA JD . -43.95 15.28 102.37
C2A CLA JD . -45.46 15.19 102.55
C3A CLA JD . -45.59 15.26 104.05
C4A CLA JD . -44.14 15.33 104.43
CMA CLA JD . -46.25 16.56 104.50
CAA CLA JD . -46.01 13.81 102.19
CBA CLA JD . -47.51 13.77 102.44
CGA CLA JD . -48.23 12.62 101.77
O1A CLA JD . -47.68 11.91 100.96
O2A CLA JD . -49.62 12.37 102.16
NB CLA JD . -41.48 15.49 105.77
C1B CLA JD . -42.63 15.52 106.42
C2B CLA JD . -42.56 15.56 107.88
C3B CLA JD . -41.10 15.62 108.10
C4B CLA JD . -40.53 15.55 106.71
CMB CLA JD . -43.68 15.60 108.88
CAB CLA JD . -40.43 15.71 109.42
CBB CLA JD . -39.36 15.04 109.77
NC CLA JD . -39.18 15.51 103.86
C1C CLA JD . -38.50 15.57 105.03
C2C CLA JD . -37.02 15.64 104.89
C3C CLA JD . -36.82 15.61 103.42
C4C CLA JD . -38.21 15.51 102.91
CMC CLA JD . -36.00 15.71 105.99
CAC CLA JD . -35.57 15.64 102.58
CBC CLA JD . -35.21 17.07 102.28
ND CLA JD . -40.80 15.38 101.79
C1D CLA JD . -39.68 15.44 100.90
C2D CLA JD . -39.99 15.38 99.44
C3D CLA JD . -41.46 15.33 99.54
C4D CLA JD . -41.83 15.34 100.87
CMD CLA JD . -39.23 15.41 98.15
CAD CLA JD . -42.70 15.27 98.74
OBD CLA JD . -42.70 15.26 97.46
CBD CLA JD . -43.87 15.24 99.64
CGD CLA JD . -44.72 16.46 99.40
O1D CLA JD . -45.93 16.37 99.39
O2D CLA JD . -44.11 17.77 99.23
CED CLA JD . -44.88 18.85 98.71
C1 CLA JD . -50.34 11.21 101.74
C2 CLA JD . -51.05 11.47 100.42
C3 CLA JD . -51.92 10.59 99.90
C4 CLA JD . -52.23 9.30 100.61
C5 CLA JD . -52.58 10.90 98.57
C6 CLA JD . -53.82 10.06 98.29
C7 CLA JD . -54.67 10.68 97.19
C8 CLA JD . -55.73 9.74 96.61
C9 CLA JD . -55.30 8.28 96.58
C10 CLA JD . -56.11 10.20 95.20
C11 CLA JD . -56.72 11.60 95.22
C12 CLA JD . -56.73 12.20 93.81
C13 CLA JD . -56.32 13.67 93.86
C14 CLA JD . -57.33 14.48 94.65
C15 CLA JD . -56.16 14.21 92.44
C16 CLA JD . -55.62 15.63 92.44
C17 CLA JD . -55.84 16.30 91.09
C18 CLA JD . -55.07 17.61 90.98
C19 CLA JD . -55.41 18.33 89.67
C20 CLA JD . -53.57 17.37 91.09
MG CLA KD . -35.54 -4.73 94.14
CHA CLA KD . -35.06 -7.20 96.49
CHB CLA KD . -32.49 -3.51 94.90
CHC CLA KD . -35.91 -2.55 91.58
CHD CLA KD . -38.59 -6.51 93.03
NA CLA KD . -34.02 -5.27 95.43
C1A CLA KD . -34.00 -6.13 96.39
C2A CLA KD . -32.81 -6.04 97.33
C3A CLA KD . -32.09 -4.83 96.79
C4A CLA KD . -32.93 -4.53 95.62
CMA CLA KD . -32.23 -3.66 97.75
CAA CLA KD . -31.84 -7.20 97.08
CBA CLA KD . -30.40 -7.04 97.59
CGA CLA KD . -29.52 -7.01 96.37
O1A CLA KD . -28.34 -6.71 96.44
O2A CLA KD . -30.12 -7.28 95.08
NB CLA KD . -34.37 -3.23 93.38
C1B CLA KD . -33.13 -2.91 93.73
C2B CLA KD . -32.46 -1.89 92.91
C3B CLA KD . -33.52 -1.60 91.91
C4B CLA KD . -34.63 -2.49 92.30
CMB CLA KD . -31.08 -1.34 93.08
CAB CLA KD . -33.52 -0.66 90.76
CBB CLA KD . -32.53 -0.62 89.89
NC CLA KD . -36.90 -4.65 92.59
C1C CLA KD . -36.95 -3.59 91.77
C2C CLA KD . -38.20 -3.45 90.99
C3C CLA KD . -38.99 -4.62 91.42
C4C CLA KD . -38.10 -5.27 92.39
CMC CLA KD . -38.58 -2.40 90.01
CAC CLA KD . -40.39 -5.00 90.95
CBC CLA KD . -40.31 -6.14 89.97
ND CLA KD . -36.60 -6.40 94.55
C1D CLA KD . -37.80 -7.06 94.13
C2D CLA KD . -38.16 -8.30 94.87
C3D CLA KD . -37.02 -8.34 95.82
C4D CLA KD . -36.19 -7.25 95.56
CMD CLA KD . -39.26 -9.32 94.82
CAD CLA KD . -36.42 -9.10 96.93
OBD CLA KD . -36.89 -10.19 97.44
CBD CLA KD . -35.18 -8.42 97.34
CGD CLA KD . -35.12 -8.18 98.81
O1D CLA KD . -35.49 -7.13 99.28
O2D CLA KD . -34.56 -9.21 99.68
CED CLA KD . -33.96 -8.89 100.93
C1 CLA KD . -29.86 -6.44 93.95
C2 CLA KD . -31.08 -6.34 93.05
C3 CLA KD . -31.09 -6.92 91.85
C4 CLA KD . -29.90 -7.67 91.34
C5 CLA KD . -32.30 -6.82 90.94
C6 CLA KD . -33.59 -7.39 91.52
C7 CLA KD . -33.45 -8.83 91.98
C8 CLA KD . -34.80 -9.38 92.39
C9 CLA KD . -34.73 -10.05 93.75
C10 CLA KD . -35.31 -10.36 91.33
C11 CLA KD . -36.84 -10.37 91.30
C12 CLA KD . -37.34 -11.61 90.57
C13 CLA KD . -38.86 -11.61 90.45
C14 CLA KD . -39.53 -11.55 91.83
C15 CLA KD . -39.32 -12.82 89.63
C16 CLA KD . -39.67 -14.06 90.44
C17 CLA KD . -38.57 -15.11 90.42
C18 CLA KD . -38.90 -16.28 91.34
C19 CLA KD . -37.86 -17.39 91.22
C20 CLA KD . -40.29 -16.84 91.09
MG CLA LD . -39.53 -2.52 101.50
CHA CLA LD . -37.64 -2.22 104.35
CHB CLA LD . -37.76 -5.27 100.69
CHC CLA LD . -41.49 -2.80 98.84
CHD CLA LD . -41.90 -0.06 102.95
NA CLA LD . -38.01 -3.61 102.39
C1A CLA LD . -37.32 -3.37 103.44
C2A CLA LD . -36.13 -4.27 103.68
C3A CLA LD . -36.18 -5.18 102.47
C4A CLA LD . -37.40 -4.65 101.81
CMA CLA LD . -34.97 -4.84 101.61
CAA CLA LD . -36.32 -5.12 104.96
CBA CLA LD . -37.14 -6.42 104.86
CGA CLA LD . -38.63 -6.22 105.05
O1A CLA LD . -39.29 -5.61 104.23
O2A CLA LD . -39.31 -6.80 106.20
NB CLA LD . -39.55 -3.81 99.92
C1B CLA LD . -38.92 -4.97 99.84
C2B CLA LD . -39.48 -5.95 98.87
C3B CLA LD . -40.62 -5.19 98.31
C4B CLA LD . -40.55 -3.89 99.03
CMB CLA LD . -39.04 -7.34 98.53
CAB CLA LD . -41.59 -5.62 97.28
CBB CLA LD . -41.78 -4.94 96.16
NC CLA LD . -41.26 -1.55 100.99
C1C CLA LD . -41.97 -1.93 99.92
C2C CLA LD . -43.37 -1.45 99.87
C3C CLA LD . -43.50 -0.63 101.08
C4C CLA LD . -42.14 -0.77 101.69
CMC CLA LD . -44.39 -1.72 98.82
CAC CLA LD . -44.69 0.13 101.59
CBC CLA LD . -45.44 -0.82 102.49
ND CLA LD . -39.87 -1.48 103.22
C1D CLA LD . -40.67 -0.37 103.65
C2D CLA LD . -40.15 0.39 104.80
C3D CLA LD . -38.91 -0.37 105.07
C4D CLA LD . -38.84 -1.39 104.13
CMD CLA LD . -40.64 1.58 105.56
CAD CLA LD . -37.72 -0.47 105.94
OBD CLA LD . -37.43 0.30 106.92
CBD CLA LD . -36.89 -1.62 105.50
CGD CLA LD . -35.56 -1.11 105.05
O1D CLA LD . -35.47 -0.14 104.32
O2D CLA LD . -34.36 -1.81 105.48
CED CLA LD . -33.08 -1.17 105.41
C1 CLA LD . -40.64 -7.27 106.07
C2 CLA LD . -41.65 -6.43 106.84
C3 CLA LD . -42.73 -6.97 107.41
C4 CLA LD . -43.00 -8.46 107.29
C5 CLA LD . -43.75 -6.13 108.16
C6 CLA LD . -43.25 -5.46 109.43
C7 CLA LD . -43.99 -5.96 110.68
C8 CLA LD . -45.50 -5.73 110.63
C9 CLA LD . -45.84 -4.25 110.67
C10 CLA LD . -46.16 -6.45 111.79
C11 CLA LD . -47.63 -6.78 111.52
C12 CLA LD . -48.54 -6.34 112.66
C13 CLA LD . -49.95 -6.91 112.52
C14 CLA LD . -50.57 -6.59 111.17
C15 CLA LD . -50.85 -6.43 113.66
C16 CLA LD . -50.30 -6.75 115.04
C17 CLA LD . -51.10 -6.10 116.16
C18 CLA LD . -50.68 -6.65 117.51
C19 CLA LD . -51.45 -6.03 118.67
C20 CLA LD . -49.18 -6.49 117.74
MG CLA MD . -52.55 -5.49 87.70
CHA CLA MD . -53.97 -6.85 84.84
CHB CLA MD . -53.96 -7.98 89.47
CHC CLA MD . -50.84 -4.35 90.37
CHD CLA MD . -50.72 -3.13 85.53
NA CLA MD . -53.73 -7.14 87.24
C1A CLA MD . -54.21 -7.56 86.13
C2A CLA MD . -55.12 -8.78 86.21
C3A CLA MD . -55.10 -9.07 87.69
C4A CLA MD . -54.19 -7.99 88.15
CMA CLA MD . -56.48 -8.73 88.24
CAA CLA MD . -54.67 -10.05 85.48
CBA CLA MD . -53.17 -10.19 85.25
CGA CLA MD . -52.84 -11.65 85.09
O1A CLA MD . -53.19 -12.46 85.91
O2A CLA MD . -52.11 -12.10 83.91
NB CLA MD . -52.36 -6.14 89.61
C1B CLA MD . -53.15 -7.01 90.20
C2B CLA MD . -53.25 -6.89 91.67
C3B CLA MD . -52.30 -5.78 91.94
C4B CLA MD . -51.82 -5.42 90.59
CMB CLA MD . -54.08 -7.71 92.59
CAB CLA MD . -51.90 -5.14 93.22
CBB CLA MD . -51.56 -5.85 94.28
NC CLA MD . -51.14 -3.99 87.89
C1C CLA MD . -50.47 -3.81 89.04
C2C CLA MD . -49.24 -2.97 88.94
C3C CLA MD . -49.21 -2.61 87.51
C4C CLA MD . -50.43 -3.30 86.97
CMC CLA MD . -48.27 -2.58 90.02
CAC CLA MD . -48.18 -1.78 86.79
CBC CLA MD . -47.10 -2.76 86.36
ND CLA MD . -52.28 -5.07 85.73
C1D CLA MD . -51.68 -4.05 84.92
C2D CLA MD . -52.10 -4.08 83.50
C3D CLA MD . -53.03 -5.21 83.52
C4D CLA MD . -53.08 -5.70 84.79
CMD CLA MD . -51.88 -3.34 82.24
CAD CLA MD . -53.93 -6.01 82.66
OBD CLA MD . -54.13 -5.79 81.41
CBD CLA MD . -54.55 -7.05 83.49
CGD CLA MD . -56.03 -6.87 83.39
O1D CLA MD . -56.61 -7.04 82.33
O2D CLA MD . -56.84 -6.51 84.55
CED CLA MD . -58.25 -6.70 84.48
C1 CLA MD . -51.07 -13.07 84.08
C2 CLA MD . -49.82 -12.36 84.53
C3 CLA MD . -48.93 -11.84 83.65
C4 CLA MD . -49.16 -11.97 82.17
C5 CLA MD . -47.71 -11.14 84.17
C6 CLA MD . -46.48 -12.04 84.29
C7 CLA MD . -45.25 -11.41 83.62
C8 CLA MD . -44.30 -10.85 84.67
C9 CLA MD . -44.50 -9.36 84.83
C10 CLA MD . -42.85 -11.08 84.25
C11 CLA MD . -41.89 -10.98 85.45
C12 CLA MD . -40.55 -10.34 85.10
C13 CLA MD . -39.38 -11.30 84.79
C14 CLA MD . -39.68 -12.79 84.81
C15 CLA MD . -38.23 -11.03 85.75
C16 CLA MD . -36.94 -11.60 85.18
C17 CLA MD . -35.71 -11.12 85.93
C18 CLA MD . -34.45 -11.66 85.27
C19 CLA MD . -34.44 -13.18 85.28
C20 CLA MD . -33.21 -11.10 85.95
MG CLA ND . -55.60 27.76 80.45
CHA CLA ND . -59.02 27.41 80.49
CHB CLA ND . -55.80 28.40 77.13
CHC CLA ND . -52.27 28.29 80.51
CHD CLA ND . -55.68 27.82 84.13
NA CLA ND . -57.13 27.94 79.07
C1A CLA ND . -58.39 27.72 79.17
C2A CLA ND . -59.20 27.77 77.91
C3A CLA ND . -58.13 28.03 76.87
C4A CLA ND . -56.94 28.13 77.76
CMA CLA ND . -57.92 26.85 75.93
CAA CLA ND . -59.93 29.11 77.86
CBA CLA ND . -61.45 29.09 78.05
CGA CLA ND . -61.81 30.27 78.93
O1A CLA ND . -62.99 30.54 79.15
O2A CLA ND . -60.77 31.08 79.54
NB CLA ND . -54.23 28.22 79.01
C1B CLA ND . -54.48 28.54 77.74
C2B CLA ND . -53.34 29.09 76.98
C3B CLA ND . -52.29 29.06 78.01
C4B CLA ND . -52.95 28.49 79.21
CMB CLA ND . -53.28 29.56 75.56
CAB CLA ND . -50.88 29.48 77.85
CBB CLA ND . -50.00 28.55 77.55
NC CLA ND . -54.26 27.96 82.01
C1C CLA ND . -52.96 28.25 81.81
C2C CLA ND . -52.21 28.56 83.05
C3C CLA ND . -53.22 28.42 84.12
C4C CLA ND . -54.44 28.05 83.35
CMC CLA ND . -50.75 28.93 83.20
CAC CLA ND . -53.07 28.62 85.61
CBC CLA ND . -52.92 27.27 86.27
ND CLA ND . -56.92 27.76 81.99
C1D CLA ND . -56.91 27.58 83.41
C2D CLA ND . -58.19 27.16 84.03
C3D CLA ND . -59.04 27.09 82.82
C4D CLA ND . -58.24 27.43 81.73
CMD CLA ND . -58.67 26.86 85.42
CAD CLA ND . -60.40 26.81 82.31
OBD CLA ND . -61.40 26.44 83.02
CBD CLA ND . -60.41 26.97 80.83
CGD CLA ND . -60.70 25.63 80.25
O1D CLA ND . -60.05 24.66 80.60
O2D CLA ND . -61.78 25.49 79.29
CED CLA ND . -62.76 24.46 79.47
C1 CLA ND . -60.91 32.49 79.69
C2 CLA ND . -60.14 33.20 78.60
C3 CLA ND . -59.05 33.95 78.86
C4 CLA ND . -58.52 34.12 80.25
MG CLA OD . -39.87 30.27 75.69
CHA CLA OD . -43.04 29.14 74.78
CHB CLA OD . -38.77 29.33 72.66
CHC CLA OD . -37.01 31.98 76.35
CHD CLA OD . -41.37 31.62 78.77
NA CLA OD . -40.74 29.43 74.00
C1A CLA OD . -41.91 28.94 73.80
C2A CLA OD . -42.12 28.22 72.47
C3A CLA OD . -40.75 28.33 71.85
C4A CLA OD . -40.05 29.09 72.92
CMA CLA OD . -40.08 26.98 71.65
CAA CLA OD . -43.07 28.88 71.46
CBA CLA OD . -42.91 30.40 71.39
CGA CLA OD . -43.72 30.94 70.23
O1A CLA OD . -43.77 32.13 70.03
O2A CLA OD . -44.43 30.03 69.35
NB CLA OD . -38.16 30.64 74.63
C1B CLA OD . -37.81 30.06 73.48
C2B CLA OD . -36.41 30.22 73.06
C3B CLA OD . -35.86 31.02 74.18
C4B CLA OD . -37.03 31.22 75.08
CMB CLA OD . -35.74 29.69 71.82
CAB CLA OD . -34.44 31.49 74.28
CBB CLA OD . -34.03 32.62 74.80
NC CLA OD . -39.34 31.52 77.24
C1C CLA OD . -38.13 32.13 77.30
C2C CLA OD . -37.97 33.03 78.46
C3C CLA OD . -39.26 32.93 79.18
C4C CLA OD . -40.01 31.96 78.34
CMC CLA OD . -36.79 33.87 78.85
CAC CLA OD . -39.68 33.62 80.47
CBC CLA OD . -40.60 34.78 80.15
ND CLA OD . -41.68 30.42 76.62
C1D CLA OD . -42.25 30.93 77.83
C2D CLA OD . -43.70 30.71 78.02
C3D CLA OD . -44.00 29.95 76.77
C4D CLA OD . -42.82 29.86 76.05
CMD CLA OD . -44.71 31.00 79.10
CAD CLA OD . -45.06 29.29 75.98
OBD CLA OD . -46.29 29.17 76.34
CBD CLA OD . -44.48 28.76 74.74
CGD CLA OD . -44.55 27.26 74.91
O1D CLA OD . -44.64 26.78 76.02
O2D CLA OD . -44.53 26.37 73.76
CED CLA OD . -44.52 24.96 73.98
C1 CLA OD . -45.37 30.53 68.40
C2 CLA OD . -46.63 30.92 69.13
C3 CLA OD . -47.68 30.11 69.29
C4 CLA OD . -47.68 28.73 68.71
C5 CLA OD . -48.89 30.60 70.05
C6 CLA OD . -48.69 31.98 70.69
C7 CLA OD . -48.66 31.94 72.21
C8 CLA OD . -47.38 32.58 72.73
C9 CLA OD . -46.23 31.59 72.66
C10 CLA OD . -47.60 32.99 74.17
C11 CLA OD . -48.41 34.28 74.27
C12 CLA OD . -49.14 34.34 75.61
C13 CLA OD . -48.38 34.96 76.79
C14 CLA OD . -47.31 35.97 76.36
C15 CLA OD . -47.77 33.89 77.70
C16 CLA OD . -48.77 32.86 78.20
C17 CLA OD . -49.85 33.46 79.09
C18 CLA OD . -49.79 32.97 80.53
C19 CLA OD . -48.66 33.64 81.30
C20 CLA OD . -49.68 31.46 80.62
MG CLA PD . -28.66 29.60 74.53
CHA CLA PD . -26.61 32.31 73.87
CHB CLA PD . -30.79 31.71 76.07
CHC CLA PD . -31.01 27.19 74.34
CHD CLA PD . -26.37 27.52 72.51
NA CLA PD . -28.72 31.63 74.87
C1A CLA PD . -27.86 32.56 74.65
C2A CLA PD . -28.19 33.93 75.19
C3A CLA PD . -29.49 33.67 75.91
C4A CLA PD . -29.67 32.24 75.58
CMA CLA PD . -29.20 33.73 77.41
CAA CLA PD . -28.67 34.83 74.05
CBA CLA PD . -27.84 36.11 74.01
CGA CLA PD . -28.03 36.81 72.70
O1A CLA PD . -27.07 37.23 72.09
O2A CLA PD . -29.35 37.01 72.11
NB CLA PD . -30.64 29.50 75.08
C1B CLA PD . -31.27 30.34 75.89
C2B CLA PD . -32.49 29.82 76.57
C3B CLA PD . -32.53 28.45 76.04
C4B CLA PD . -31.36 28.38 75.11
CMB CLA PD . -33.43 30.44 77.55
CAB CLA PD . -33.55 27.43 76.35
CBB CLA PD . -34.47 27.11 75.47
NC CLA PD . -28.61 27.70 73.71
C1C CLA PD . -29.77 27.02 73.57
C2C CLA PD . -29.76 26.01 72.49
C3C CLA PD . -28.40 26.09 71.94
C4C CLA PD . -27.78 27.15 72.79
CMC CLA PD . -30.89 25.14 72.07
CAC CLA PD . -27.81 25.29 70.81
CBC CLA PD . -28.00 26.12 69.55
ND CLA PD . -26.95 29.76 73.44
C1D CLA PD . -26.04 28.93 72.68
C2D CLA PD . -24.83 29.62 72.15
C3D CLA PD . -25.10 31.00 72.65
C4D CLA PD . -26.30 30.98 73.33
CMD CLA PD . -23.63 29.24 71.33
CAD CLA PD . -24.59 32.38 72.67
OBD CLA PD . -23.51 32.82 72.15
CBD CLA PD . -25.51 33.23 73.46
CGD CLA PD . -24.75 33.64 74.67
O1D CLA PD . -24.28 34.75 74.77
O2D CLA PD . -24.59 32.71 75.77
CED CLA PD . -24.59 33.21 77.10
C1 CLA PD . -29.74 38.33 71.77
C2 CLA PD . -31.21 38.45 71.39
C3 CLA PD . -31.63 39.47 70.62
C4 CLA PD . -30.68 40.52 70.14
C5 CLA PD . -33.08 39.63 70.23
C6 CLA PD . -34.04 38.59 70.78
C7 CLA PD . -35.43 38.80 70.19
C8 CLA PD . -35.54 38.34 68.74
C9 CLA PD . -36.40 39.28 67.91
C10 CLA PD . -36.11 36.93 68.67
C11 CLA PD . -35.00 35.92 68.38
C12 CLA PD . -35.55 34.53 68.10
C13 CLA PD . -34.56 33.73 67.27
MG CLA QD . -41.70 23.11 106.29
CHA CLA QD . -41.55 22.59 109.72
CHB CLA QD . -41.18 19.82 105.83
CHC CLA QD . -42.23 23.64 102.98
CHD CLA QD . -42.80 26.58 106.97
NA CLA QD . -41.46 21.48 107.54
C1A CLA QD . -41.30 21.41 108.82
C2A CLA QD . -40.88 20.06 109.38
C3A CLA QD . -40.76 19.23 108.12
C4A CLA QD . -41.16 20.25 107.10
CMA CLA QD . -39.30 18.86 107.90
CAA CLA QD . -41.95 19.35 110.22
CBA CLA QD . -43.36 19.45 109.64
CGA CLA QD . -44.40 19.19 110.71
O1A CLA QD . -44.12 19.31 111.89
O2A CLA QD . -45.75 18.77 110.34
NB CLA QD . -41.68 21.90 104.64
C1B CLA QD . -41.54 20.57 104.62
C2B CLA QD . -41.75 19.94 103.30
C3B CLA QD . -42.07 21.10 102.44
C4B CLA QD . -41.99 22.25 103.39
CMB CLA QD . -41.69 18.48 102.92
CAB CLA QD . -42.39 21.09 100.99
CBB CLA QD . -43.42 21.71 100.45
NC CLA QD . -42.42 24.74 105.23
C1C CLA QD . -42.47 24.76 103.89
C2C CLA QD . -42.81 26.07 103.29
C3C CLA QD . -42.98 26.93 104.47
C4C CLA QD . -42.71 26.01 105.61
CMC CLA QD . -42.93 26.42 101.82
CAC CLA QD . -43.33 28.40 104.50
CBC CLA QD . -44.84 28.45 104.49
ND CLA QD . -42.14 24.33 107.86
C1D CLA QD . -42.49 25.71 108.11
C2D CLA QD . -42.50 26.12 109.53
C3D CLA QD . -42.12 24.84 110.18
C4D CLA QD . -41.94 23.90 109.15
CMD CLA QD . -42.79 27.39 110.29
CAD CLA QD . -41.86 24.17 111.47
OBD CLA QD . -41.92 24.70 112.63
CBD CLA QD . -41.47 22.76 111.20
CGD CLA QD . -40.04 22.65 111.62
O1D CLA QD . -39.72 22.13 112.67
O2D CLA QD . -39.01 23.16 110.73
CED CLA QD . -37.83 22.39 110.56
MG CLA RD . -46.63 26.30 113.14
CHA CLA RD . -46.52 25.36 116.46
CHB CLA RD . -46.52 23.03 112.28
CHC CLA RD . -46.46 27.31 109.92
CHD CLA RD . -46.15 29.83 114.23
NA CLA RD . -46.49 24.50 114.17
C1A CLA RD . -46.59 24.26 115.43
C2A CLA RD . -46.72 22.79 115.82
C3A CLA RD . -46.71 22.10 114.45
C4A CLA RD . -46.56 23.31 113.58
CMA CLA RD . -45.50 21.19 114.29
CAA CLA RD . -48.03 22.39 116.55
CBA CLA RD . -49.29 22.29 115.71
CGA CLA RD . -49.78 20.86 115.66
O1A CLA RD . -49.21 20.00 116.32
O2A CLA RD . -50.91 20.47 114.83
NB CLA RD . -46.55 25.30 111.35
C1B CLA RD . -46.39 24.00 111.19
C2B CLA RD . -46.09 23.55 109.80
C3B CLA RD . -46.07 24.83 109.07
C4B CLA RD . -46.37 25.85 110.14
CMB CLA RD . -45.86 22.15 109.30
CAB CLA RD . -45.81 24.98 107.61
CBB CLA RD . -46.24 25.95 106.83
NC CLA RD . -46.31 28.16 112.28
C1C CLA RD . -46.37 28.35 110.96
C2C CLA RD . -46.34 29.79 110.53
C3C CLA RD . -46.26 30.52 111.81
C4C CLA RD . -46.24 29.41 112.81
CMC CLA RD . -46.40 30.34 109.14
CAC CLA RD . -46.19 32.01 112.05
CBC CLA RD . -47.61 32.50 112.27
ND CLA RD . -46.34 27.40 114.83
C1D CLA RD . -46.24 28.78 115.24
C2D CLA RD . -46.22 29.01 116.71
C3D CLA RD . -46.32 27.60 117.18
C4D CLA RD . -46.39 26.78 116.07
CMD CLA RD . -46.13 30.19 117.63
CAD CLA RD . -46.39 26.74 118.39
OBD CLA RD . -46.36 27.14 119.61
CBD CLA RD . -46.48 25.32 117.95
CGD CLA RD . -45.15 24.72 118.31
O1D CLA RD . -44.11 25.31 118.08
O2D CLA RD . -45.10 23.41 118.92
CED CLA RD . -43.85 22.78 119.10
MG CLA SD . -36.42 17.19 95.68
CHA CLA SD . -36.81 19.81 97.87
CHB CLA SD . -39.74 17.33 95.03
CHC CLA SD . -36.01 14.47 93.75
CHD CLA SD . -33.01 16.67 97.05
NA CLA SD . -38.02 18.32 96.38
C1A CLA SD . -38.03 19.36 97.13
C2A CLA SD . -39.38 20.06 97.24
C3A CLA SD . -40.27 19.23 96.33
C4A CLA SD . -39.26 18.24 95.88
CMA CLA SD . -41.31 18.51 97.17
CAA CLA SD . -39.50 21.50 96.75
CBA CLA SD . -40.52 22.15 97.68
CGA CLA SD . -41.11 23.39 97.08
O1A CLA SD . -40.38 24.23 96.57
O2A CLA SD . -42.55 23.61 97.12
NB CLA SD . -37.68 16.11 94.50
C1B CLA SD . -39.00 16.20 94.46
C2B CLA SD . -39.71 15.06 93.84
C3B CLA SD . -38.57 14.20 93.44
C4B CLA SD . -37.38 14.96 93.91
CMB CLA SD . -41.18 14.85 93.63
CAB CLA SD . -38.59 12.88 92.77
CBB CLA SD . -38.19 11.82 93.45
NC CLA SD . -34.81 15.92 95.40
C1C CLA SD . -34.92 14.80 94.68
C2C CLA SD . -33.85 13.80 94.89
C3C CLA SD . -32.96 14.46 95.87
C4C CLA SD . -33.65 15.75 96.09
CMC CLA SD . -33.70 12.45 94.24
CAC CLA SD . -31.68 13.95 96.50
CBC CLA SD . -30.57 14.13 95.51
ND CLA SD . -35.20 17.90 97.13
C1D CLA SD . -33.82 17.79 97.52
C2D CLA SD . -33.31 18.85 98.40
C3D CLA SD . -34.55 19.67 98.54
C4D CLA SD . -35.54 19.07 97.79
CMD CLA SD . -31.99 19.14 99.06
CAD CLA SD . -35.15 20.88 99.15
OBD CLA SD . -34.53 21.70 99.92
CBD CLA SD . -36.55 20.99 98.75
CGD CLA SD . -37.41 20.90 99.99
O1D CLA SD . -38.33 21.68 100.14
O2D CLA SD . -37.17 19.87 100.97
CED CLA SD . -38.28 19.33 101.69
C1 CLA SD . -43.08 24.93 97.16
MG CLA TD . -39.76 25.73 88.96
CHA CLA TD . -38.42 24.95 92.04
CHB CLA TD . -41.71 22.99 89.20
CHC CLA TD . -41.28 26.78 86.14
CHD CLA TD . -37.82 28.89 89.04
NA CLA TD . -40.07 24.25 90.38
C1A CLA TD . -39.45 24.02 91.48
C2A CLA TD . -39.84 22.75 92.21
C3A CLA TD . -40.85 22.16 91.26
C4A CLA TD . -40.88 23.22 90.22
CMA CLA TD . -40.26 20.90 90.65
CAA CLA TD . -40.65 22.95 93.50
CBA CLA TD . -41.87 23.89 93.50
CGA CLA TD . -41.63 25.37 93.53
O1A CLA TD . -40.83 25.90 94.27
O2A CLA TD . -42.43 26.18 92.63
NB CLA TD . -41.32 25.01 87.86
C1B CLA TD . -41.94 23.85 88.03
C2B CLA TD . -42.86 23.47 86.91
C3B CLA TD . -42.72 24.61 86.00
C4B CLA TD . -41.75 25.51 86.70
CMB CLA TD . -43.70 22.24 86.76
CAB CLA TD . -43.40 24.84 84.69
CBB CLA TD . -44.13 25.91 84.46
NC CLA TD . -39.56 27.45 87.84
C1C CLA TD . -40.27 27.69 86.73
C2C CLA TD . -40.10 29.04 86.15
C3C CLA TD . -39.05 29.63 87.01
C4C CLA TD . -38.79 28.55 87.99
CMC CLA TD . -40.73 29.65 84.93
CAC CLA TD . -38.41 30.99 86.92
CBC CLA TD . -37.24 30.84 85.98
ND CLA TD . -38.49 26.75 90.16
C1D CLA TD . -37.68 27.95 90.15
C2D CLA TD . -36.78 28.13 91.30
C3D CLA TD . -37.11 26.90 92.06
C4D CLA TD . -38.07 26.20 91.35
CMD CLA TD . -35.80 29.17 91.74
CAD CLA TD . -36.80 26.13 93.28
OBD CLA TD . -35.96 26.52 94.16
CBD CLA TD . -37.64 24.92 93.31
CGD CLA TD . -36.76 23.73 93.51
O1D CLA TD . -35.87 23.44 92.72
O2D CLA TD . -37.00 22.91 94.68
CED CLA TD . -36.23 21.73 94.91
C1 CLA TD . -42.33 27.60 92.55
C2 CLA TD . -43.44 28.10 91.67
C3 CLA TD . -43.21 28.69 90.49
C4 CLA TD . -41.81 28.88 89.99
C5 CLA TD . -44.37 29.17 89.64
C6 CLA TD . -44.88 28.11 88.67
C7 CLA TD . -44.31 28.36 87.28
C8 CLA TD . -45.18 29.28 86.43
C9 CLA TD . -46.45 28.55 86.00
C10 CLA TD . -44.35 29.70 85.22
C11 CLA TD . -44.89 30.90 84.44
C12 CLA TD . -43.76 31.69 83.79
C13 CLA TD . -44.06 33.18 83.70
C14 CLA TD . -45.21 33.47 82.74
C15 CLA TD . -42.83 33.96 83.25
C16 CLA TD . -43.05 35.47 83.32
C17 CLA TD . -41.89 36.20 83.99
C18 CLA TD . -42.26 37.63 84.38
C19 CLA TD . -41.07 38.35 84.99
C20 CLA TD . -43.46 37.66 85.32
MG CLA UD . -48.45 20.02 87.74
CHA CLA UD . -46.24 19.69 90.35
CHB CLA UD . -49.61 16.93 88.45
CHC CLA UD . -50.99 20.64 85.60
CHD CLA UD . -47.37 23.55 87.41
NA CLA UD . -48.05 18.58 89.18
C1A CLA UD . -47.08 18.49 90.02
C2A CLA UD . -46.89 17.15 90.71
C3A CLA UD . -47.98 16.32 90.05
C4A CLA UD . -48.57 17.35 89.16
CMA CLA UD . -47.38 15.21 89.21
CAA CLA UD . -47.25 17.10 92.20
CBA CLA UD . -48.37 18.05 92.57
CGA CLA UD . -48.69 17.99 94.05
O1A CLA UD . -49.71 17.44 94.44
O2A CLA UD . -47.80 18.62 95.02
NB CLA UD . -50.03 18.92 87.08
C1B CLA UD . -50.42 17.74 87.53
C2B CLA UD . -51.77 17.29 87.12
C3B CLA UD . -52.18 18.41 86.25
C4B CLA UD . -51.03 19.35 86.32
CMB CLA UD . -52.51 16.02 87.47
CAB CLA UD . -53.46 18.58 85.51
CBB CLA UD . -54.26 19.61 85.73
NC CLA UD . -49.07 21.74 86.80
C1C CLA UD . -50.05 21.73 85.87
C2C CLA UD . -50.16 22.97 85.04
C3C CLA UD . -49.08 23.83 85.59
C4C CLA UD . -48.50 22.97 86.65
CMC CLA UD . -51.13 23.25 83.94
CAC CLA UD . -48.67 25.22 85.17
CBC CLA UD . -49.37 26.21 86.08
ND CLA UD . -47.18 21.37 88.59
C1D CLA UD . -46.77 22.74 88.46
C2D CLA UD . -45.75 23.20 89.41
C3D CLA UD . -45.55 21.94 90.17
C4D CLA UD . -46.41 20.99 89.66
CMD CLA UD . -45.00 24.48 89.69
CAD CLA UD . -44.83 21.32 91.29
OBD CLA UD . -43.96 21.88 92.01
CBD CLA UD . -45.23 19.91 91.41
CGD CLA UD . -44.02 19.15 90.93
O1D CLA UD . -43.68 19.23 89.77
O2D CLA UD . -43.27 18.33 91.86
CED CLA UD . -42.04 17.74 91.44
C1 CLA UD . -48.34 19.15 96.22
C2 CLA UD . -48.67 20.61 96.00
MG CLA VD . -43.50 -26.43 69.60
CHA CLA VD . -43.38 -29.57 70.99
CHB CLA VD . -44.21 -25.19 72.67
CHC CLA VD . -43.16 -23.35 68.31
CHD CLA VD . -42.01 -27.85 66.52
NA CLA VD . -43.70 -27.21 71.50
C1A CLA VD . -43.74 -28.43 71.89
C2A CLA VD . -44.14 -28.67 73.33
C3A CLA VD . -44.43 -27.26 73.80
C4A CLA VD . -44.10 -26.50 72.56
CMA CLA VD . -45.91 -27.12 74.07
CAA CLA VD . -42.97 -29.14 74.20
CBA CLA VD . -41.71 -28.26 74.27
CGA CLA VD . -40.64 -28.87 73.41
O1A CLA VD . -40.78 -29.97 72.91
O2A CLA VD . -39.41 -28.15 73.14
NB CLA VD . -43.74 -24.56 70.35
C1B CLA VD . -43.91 -24.22 71.64
C2B CLA VD . -43.65 -22.81 71.97
C3B CLA VD . -43.34 -22.24 70.64
C4B CLA VD . -43.44 -23.42 69.75
CMB CLA VD . -43.75 -22.11 73.30
CAB CLA VD . -43.02 -20.83 70.30
CBB CLA VD . -43.71 -20.15 69.41
NC CLA VD . -42.80 -25.78 67.77
C1C CLA VD . -42.64 -24.47 67.50
C2C CLA VD . -41.85 -24.17 66.28
C3C CLA VD . -41.53 -25.52 65.77
C4C CLA VD . -42.16 -26.41 66.76
CMC CLA VD . -41.47 -22.84 65.70
CAC CLA VD . -40.73 -25.91 64.54
CBC CLA VD . -41.71 -25.92 63.39
ND CLA VD . -42.77 -28.18 68.87
C1D CLA VD . -42.33 -28.75 67.63
C2D CLA VD . -42.27 -30.23 67.57
C3D CLA VD . -42.71 -30.54 68.96
C4D CLA VD . -42.96 -29.34 69.60
CMD CLA VD . -41.90 -31.28 66.55
CAD CLA VD . -42.96 -31.63 69.92
OBD CLA VD . -42.84 -32.88 69.68
CBD CLA VD . -43.43 -31.04 71.19
CGD CLA VD . -44.86 -31.47 71.29
O1D CLA VD . -45.76 -30.73 70.93
O2D CLA VD . -45.16 -32.80 71.77
CED CLA VD . -46.34 -33.47 71.35
C1 CLA VD . -38.22 -28.85 72.82
C2 CLA VD . -37.03 -28.00 73.21
C3 CLA VD . -36.10 -27.63 72.32
C4 CLA VD . -36.17 -28.07 70.89
C5 CLA VD . -34.94 -26.78 72.74
C6 CLA VD . -33.62 -27.43 72.38
C7 CLA VD . -33.04 -28.14 73.59
C8 CLA VD . -31.54 -28.40 73.49
C9 CLA VD . -31.26 -29.79 72.95
C10 CLA VD . -30.87 -28.16 74.84
C11 CLA VD . -31.61 -28.75 76.03
C12 CLA VD . -30.84 -29.90 76.65
C13 CLA VD . -30.42 -29.61 78.10
C14 CLA VD . -29.62 -30.79 78.64
C15 CLA VD . -31.65 -29.24 78.95
C16 CLA VD . -31.95 -30.15 80.15
C17 CLA VD . -32.59 -29.36 81.27
C18 CLA VD . -32.75 -30.19 82.53
C19 CLA VD . -33.43 -29.39 83.63
C20 CLA VD . -31.42 -30.72 83.02
MG CLA WD . -36.82 -13.80 76.69
CHA CLA WD . -39.68 -14.32 78.57
CHB CLA WD . -35.16 -13.07 79.53
CHC CLA WD . -33.98 -13.86 74.87
CHD CLA WD . -38.65 -15.04 73.73
NA CLA WD . -37.31 -13.72 78.70
C1A CLA WD . -38.43 -13.90 79.30
C2A CLA WD . -38.44 -13.64 80.79
C3A CLA WD . -37.01 -13.24 81.04
C4A CLA WD . -36.46 -13.34 79.66
CMA CLA WD . -37.05 -11.76 81.41
CAA CLA WD . -38.63 -14.91 81.62
CBA CLA WD . -38.10 -16.18 80.97
CGA CLA WD . -37.27 -16.90 81.99
O1A CLA WD . -36.26 -16.37 82.40
O2A CLA WD . -37.65 -18.20 82.51
NB CLA WD . -34.86 -13.48 77.15
C1B CLA WD . -34.35 -13.14 78.31
C2B CLA WD . -32.86 -12.98 78.29
C3B CLA WD . -32.54 -13.22 76.88
C4B CLA WD . -33.86 -13.51 76.27
CMB CLA WD . -31.90 -12.63 79.38
CAB CLA WD . -31.23 -13.18 76.18
CBB CLA WD . -30.70 -14.25 75.60
NC CLA WD . -36.42 -14.36 74.75
C1C CLA WD . -35.21 -14.28 74.21
C2C CLA WD . -35.09 -14.60 72.79
C3C CLA WD . -36.48 -14.98 72.43
C4C CLA WD . -37.20 -14.76 73.71
CMC CLA WD . -33.76 -14.58 72.05
CAC CLA WD . -37.15 -15.46 71.16
CBC CLA WD . -36.61 -14.81 69.91
ND CLA WD . -38.64 -14.54 76.18
C1D CLA WD . -39.36 -14.89 75.00
C2D CLA WD . -40.79 -15.20 75.21
C3D CLA WD . -40.91 -14.91 76.66
C4D CLA WD . -39.66 -14.57 77.12
CMD CLA WD . -41.95 -15.59 74.33
CAD CLA WD . -41.82 -14.92 77.83
OBD CLA WD . -43.07 -15.16 77.78
CBD CLA WD . -41.07 -14.47 79.03
CGD CLA WD . -41.60 -13.14 79.45
O1D CLA WD . -41.69 -12.93 80.65
O2D CLA WD . -42.42 -12.32 78.58
CED CLA WD . -42.90 -11.15 79.24
C1 CLA WD . -36.72 -19.28 82.47
C2 CLA WD . -36.77 -20.11 81.19
C3 CLA WD . -37.85 -20.73 80.69
C4 CLA WD . -39.18 -20.79 81.37
C5 CLA WD . -37.70 -21.49 79.40
C6 CLA WD . -36.59 -22.54 79.43
C7 CLA WD . -37.08 -23.87 79.99
C8 CLA WD . -36.25 -25.01 79.41
C9 CLA WD . -36.99 -26.34 79.42
C10 CLA WD . -34.91 -25.13 80.12
C11 CLA WD . -33.79 -25.44 79.14
C12 CLA WD . -33.67 -24.39 78.05
C13 CLA WD . -33.76 -24.89 76.60
C14 CLA WD . -34.40 -26.26 76.46
C15 CLA WD . -32.37 -24.89 75.97
C16 CLA WD . -32.47 -24.61 74.48
C17 CLA WD . -31.08 -24.62 73.85
C18 CLA WD . -30.86 -23.44 72.89
C19 CLA WD . -29.39 -23.42 72.48
C20 CLA WD . -31.28 -22.11 73.49
C1 PQN XD . -40.33 -11.07 67.54
O1 PQN XD . -39.53 -10.11 67.53
C2 PQN XD . -39.85 -12.45 67.57
C2M PQN XD . -38.39 -12.70 67.61
C3 PQN XD . -40.79 -13.60 67.59
C4 PQN XD . -42.24 -13.34 67.53
O4 PQN XD . -43.04 -14.27 67.55
C5 PQN XD . -42.72 -11.94 67.51
C6 PQN XD . -44.08 -11.67 67.45
C7 PQN XD . -44.48 -10.35 67.44
C8 PQN XD . -43.56 -9.31 67.39
C9 PQN XD . -42.20 -9.53 67.47
C10 PQN XD . -41.77 -10.82 67.50
C11 PQN XD . -40.26 -14.99 67.61
C12 PQN XD . -40.51 -15.65 68.94
C13 PQN XD . -41.26 -16.75 68.99
C14 PQN XD . -41.86 -17.38 67.77
C15 PQN XD . -41.49 -17.41 70.32
C16 PQN XD . -40.38 -18.43 70.45
C17 PQN XD . -39.60 -18.15 71.72
C18 PQN XD . -39.01 -19.44 72.24
C19 PQN XD . -40.10 -20.43 72.60
C20 PQN XD . -38.15 -19.10 73.45
C21 PQN XD . -38.99 -18.54 74.59
C22 PQN XD . -38.35 -18.97 75.91
C23 PQN XD . -38.37 -17.85 76.92
C24 PQN XD . -36.97 -17.40 77.31
C25 PQN XD . -39.15 -18.30 78.14
C26 PQN XD . -40.65 -18.26 77.88
C27 PQN XD . -41.40 -19.07 78.91
C28 PQN XD . -42.31 -18.19 79.74
C29 PQN XD . -43.56 -18.98 80.14
C30 PQN XD . -41.59 -17.65 80.97
C1 BCR YD . -51.61 -7.51 129.95
C2 BCR YD . -53.10 -7.25 130.10
C3 BCR YD . -53.81 -7.66 128.85
C4 BCR YD . -53.67 -9.14 128.62
C5 BCR YD . -52.27 -9.61 128.85
C6 BCR YD . -51.31 -8.89 129.45
C7 BCR YD . -49.97 -9.41 129.66
C8 BCR YD . -48.98 -9.28 128.78
C9 BCR YD . -48.18 -10.39 128.28
C10 BCR YD . -47.69 -10.36 127.04
C11 BCR YD . -48.48 -10.15 125.85
C33 BCR YD . -52.05 -10.98 128.36
C31 BCR YD . -50.98 -7.28 131.31
C32 BCR YD . -51.10 -6.45 129.00
C34 BCR YD . -47.87 -11.49 129.21
C12 BCR YD . -47.85 -9.98 124.68
C13 BCR YD . -48.44 -9.50 123.45
C14 BCR YD . -47.61 -9.26 122.43
C15 BCR YD . -48.02 -9.01 121.08
C16 BCR YD . -47.12 -8.59 120.19
C17 BCR YD . -47.00 -9.28 118.93
C18 BCR YD . -45.91 -9.38 118.16
C19 BCR YD . -46.08 -9.19 116.74
C20 BCR YD . -45.13 -9.49 115.84
C21 BCR YD . -45.43 -9.36 114.44
C22 BCR YD . -44.69 -9.86 113.42
C23 BCR YD . -43.25 -9.65 113.40
C24 BCR YD . -42.48 -10.04 112.39
C25 BCR YD . -41.02 -10.04 112.31
C26 BCR YD . -40.30 -11.11 112.64
C27 BCR YD . -38.84 -11.24 112.59
C28 BCR YD . -38.12 -9.93 112.38
C29 BCR YD . -38.87 -9.02 111.45
C30 BCR YD . -40.35 -8.82 111.75
C35 BCR YD . -49.80 -8.95 123.44
C36 BCR YD . -44.70 -10.07 118.64
C37 BCR YD . -45.31 -10.75 112.42
C38 BCR YD . -40.91 -12.35 113.17
C39 BCR YD . -41.10 -8.38 110.51
C40 BCR YD . -40.41 -7.64 112.71
C1 BCR ZD . -48.51 20.16 104.97
C2 BCR ZD . -47.61 20.76 106.05
C3 BCR ZD . -46.25 21.19 105.57
C4 BCR ZD . -45.64 20.19 104.63
C5 BCR ZD . -46.56 19.96 103.51
C6 BCR ZD . -47.88 19.93 103.64
C7 BCR ZD . -48.78 19.73 102.49
C8 BCR ZD . -49.16 18.53 102.03
C9 BCR ZD . -49.98 18.37 100.84
C10 BCR ZD . -49.88 17.26 100.11
C11 BCR ZD . -50.45 17.09 98.80
C33 BCR ZD . -45.87 19.76 102.22
C31 BCR ZD . -49.70 21.10 104.85
C32 BCR ZD . -49.00 18.85 105.56
C34 BCR ZD . -50.86 19.49 100.43
C12 BCR ZD . -50.76 15.86 98.37
C13 BCR ZD . -51.46 15.56 97.15
C14 BCR ZD . -51.42 14.32 96.67
C15 BCR ZD . -51.68 13.97 95.30
C16 BCR ZD . -51.51 12.72 94.86
C17 BCR ZD . -52.69 12.01 94.47
C18 BCR ZD . -52.78 10.92 93.71
C19 BCR ZD . -53.57 11.04 92.49
C20 BCR ZD . -53.75 10.03 91.64
C21 BCR ZD . -54.95 10.01 90.84
C22 BCR ZD . -55.90 9.08 90.88
C23 BCR ZD . -56.82 8.94 89.77
C24 BCR ZD . -57.00 7.78 89.12
C25 BCR ZD . -58.28 7.21 88.71
C26 BCR ZD . -58.82 7.49 87.52
C27 BCR ZD . -60.10 6.97 86.99
C28 BCR ZD . -60.90 6.19 88.00
C29 BCR ZD . -60.04 5.43 88.98
C30 BCR ZD . -58.94 6.25 89.64
C35 BCR ZD . -52.25 16.61 96.46
C36 BCR ZD . -52.53 9.58 94.25
C37 BCR ZD . -55.86 8.02 91.92
C38 BCR ZD . -58.21 8.43 86.55
C39 BCR ZD . -57.90 5.33 90.27
C40 BCR ZD . -59.62 6.96 90.79
C1 BCR AE . -26.93 -16.48 87.56
C2 BCR AE . -25.88 -15.79 88.38
C3 BCR AE . -25.34 -14.60 87.63
C4 BCR AE . -26.45 -13.60 87.42
C5 BCR AE . -27.72 -14.23 87.02
C6 BCR AE . -27.97 -15.54 87.05
C7 BCR AE . -29.26 -16.10 86.65
C8 BCR AE . -29.50 -16.54 85.41
C9 BCR AE . -30.79 -16.51 84.76
C10 BCR AE . -30.83 -16.22 83.45
C11 BCR AE . -32.04 -15.91 82.73
C33 BCR AE . -28.73 -13.26 86.55
C31 BCR AE . -27.54 -17.56 88.43
C32 BCR AE . -26.21 -17.15 86.41
C34 BCR AE . -31.96 -17.04 85.47
C12 BCR AE . -31.95 -15.80 81.41
C13 BCR AE . -32.86 -16.44 80.48
C14 BCR AE . -32.67 -16.22 79.18
C15 BCR AE . -33.27 -16.98 78.12
C16 BCR AE . -32.90 -16.73 76.86
C17 BCR AE . -33.56 -17.43 75.79
C18 BCR AE . -32.98 -17.72 74.63
C19 BCR AE . -33.80 -17.98 73.46
C20 BCR AE . -33.31 -18.13 72.24
C21 BCR AE . -34.25 -18.43 71.18
C22 BCR AE . -34.06 -18.27 69.86
C23 BCR AE . -35.26 -18.08 69.05
C24 BCR AE . -35.47 -18.77 67.94
C25 BCR AE . -36.64 -18.66 67.06
C26 BCR AE . -37.72 -19.44 67.21
C27 BCR AE . -38.93 -19.43 66.37
C28 BCR AE . -38.91 -18.37 65.30
C29 BCR AE . -37.51 -18.08 64.83
C30 BCR AE . -36.59 -17.67 65.96
C35 BCR AE . -33.62 -17.62 80.95
C36 BCR AE . -31.54 -17.53 74.43
C37 BCR AE . -32.84 -18.78 69.22
C38 BCR AE . -37.81 -20.46 68.27
C39 BCR AE . -36.92 -16.27 66.44
C40 BCR AE . -35.20 -17.59 65.36
C1 LMG BE . -56.17 -10.23 77.35
O1 LMG BE . -54.89 -9.68 77.25
C2 LMG BE . -57.10 -9.00 77.28
O2 LMG BE . -57.01 -8.42 78.55
C3 LMG BE . -58.58 -9.49 77.07
O3 LMG BE . -59.32 -8.34 76.79
C4 LMG BE . -58.68 -10.47 75.87
O4 LMG BE . -58.40 -9.76 74.69
C5 LMG BE . -57.60 -11.58 76.06
O5 LMG BE . -57.81 -13.80 75.37
C6 LMG BE . -57.63 -12.52 74.84
O6 LMG BE . -56.31 -11.01 76.16
C7 LMG BE . -53.86 -10.55 77.67
C8 LMG BE . -52.60 -10.01 76.94
C9 LMG BE . -52.21 -8.68 77.57
O7 LMG BE . -51.52 -10.90 77.21
C10 LMG BE . -50.72 -11.27 76.17
O9 LMG BE . -50.94 -10.83 75.04
C11 LMG BE . -49.73 -12.32 76.54
C12 LMG BE . -48.54 -11.67 77.21
C13 LMG BE . -47.33 -12.58 77.30
C14 LMG BE . -47.27 -13.13 78.69
C15 LMG BE . -46.72 -14.54 78.63
C16 LMG BE . -46.56 -15.05 80.04
C17 LMG BE . -45.13 -14.78 80.45
C18 LMG BE . -44.80 -15.78 81.53
C19 LMG BE . -44.60 -15.02 82.82
C20 LMG BE . -43.59 -15.80 83.63
C21 LMG BE . -42.82 -14.83 84.47
C22 LMG BE . -42.57 -15.56 85.76
C23 LMG BE . -42.25 -14.54 86.81
C24 LMG BE . -43.54 -13.85 87.12
C25 LMG BE . -43.31 -12.94 88.28
C26 LMG BE . -43.37 -13.82 89.50
C27 LMG BE . -43.69 -12.94 90.67
O8 LMG BE . -51.36 -9.00 78.65
C28 LMG BE . -51.52 -8.30 79.78
O10 LMG BE . -52.12 -7.22 79.74
C29 LMG BE . -51.26 -9.10 81.00
C30 LMG BE . -51.16 -8.21 82.23
C31 LMG BE . -49.74 -8.29 82.75
C32 LMG BE . -49.20 -6.87 82.82
C33 LMG BE . -48.02 -6.91 83.77
C34 LMG BE . -46.76 -7.04 82.96
C35 LMG BE . -45.75 -6.07 83.56
C36 LMG BE . -44.78 -5.74 82.47
C37 LMG BE . -43.47 -6.41 82.80
C38 LMG BE . -42.69 -5.31 83.44
C39 LMG BE . -41.28 -5.78 83.68
C40 LMG BE . -40.96 -5.17 85.01
C41 LMG BE . -39.49 -5.32 85.27
C42 LMG BE . -39.46 -6.35 86.36
C43 LMG BE . -38.10 -6.31 87.02
C44 LMG BE . -37.85 -7.70 87.58
C45 LMG BE . -36.38 -7.81 87.86
FE1 SF4 CE . -61.58 -9.55 57.68
FE2 SF4 CE . -63.28 -9.98 55.58
FE3 SF4 CE . -64.01 -8.30 57.59
FE4 SF4 CE . -63.88 -11.00 58.05
S1 SF4 CE . -65.29 -9.91 56.63
S2 SF4 CE . -63.08 -9.34 59.39
S3 SF4 CE . -62.11 -11.57 56.74
S4 SF4 CE . -62.28 -8.02 56.15
FE1 SF4 DE . -71.00 -0.46 55.67
FE2 SF4 DE . -71.62 -2.59 54.05
FE3 SF4 DE . -70.85 -0.20 52.95
FE4 SF4 DE . -73.29 -0.43 54.17
S1 SF4 DE . -72.59 -1.52 52.28
S2 SF4 DE . -71.80 1.26 54.42
S3 SF4 DE . -72.80 -1.87 55.85
S4 SF4 DE . -69.60 -1.56 54.26
MG CLA EE . -49.67 22.84 61.69
CHA CLA EE . -50.14 26.04 60.49
CHB CLA EE . -47.47 22.30 59.18
CHC CLA EE . -48.88 19.91 63.18
CHD CLA EE . -51.79 23.70 64.59
NA CLA EE . -48.89 23.97 60.14
C1A CLA EE . -49.19 25.14 59.73
C2A CLA EE . -48.52 25.58 58.43
C3A CLA EE . -47.73 24.35 58.05
C4A CLA EE . -48.06 23.49 59.22
CMA CLA EE . -48.39 23.73 56.82
CAA CLA EE . -47.46 26.64 58.68
CBA CLA EE . -46.72 27.01 57.40
CGA CLA EE . -45.54 27.84 57.81
O1A CLA EE . -45.08 27.71 58.93
O2A CLA EE . -44.96 28.82 56.91
NB CLA EE . -48.32 21.35 61.26
C1B CLA EE . -47.60 21.22 60.16
C2B CLA EE . -46.94 19.91 59.96
C3B CLA EE . -47.38 19.20 61.17
C4B CLA EE . -48.23 20.19 61.89
CMB CLA EE . -46.08 19.41 58.83
CAB CLA EE . -47.08 17.82 61.59
CBB CLA EE . -48.05 16.92 61.54
NC CLA EE . -50.20 22.02 63.51
C1C CLA EE . -49.80 20.80 63.90
C2C CLA EE . -50.34 20.33 65.20
C3C CLA EE . -51.21 21.45 65.61
C4C CLA EE . -51.04 22.43 64.50
CMC CLA EE . -50.08 19.02 65.87
CAC CLA EE . -52.04 21.60 66.87
CBC CLA EE . -53.22 20.64 66.86
ND CLA EE . -50.70 24.41 62.46
C1D CLA EE . -51.57 24.71 63.56
C2D CLA EE . -52.18 26.07 63.52
C3D CLA EE . -51.59 26.59 62.27
C4D CLA EE . -50.76 25.61 61.75
CMD CLA EE . -53.13 26.87 64.40
CAD CLA EE . -51.52 27.77 61.37
OBD CLA EE . -52.15 28.88 61.54
CBD CLA EE . -50.60 27.44 60.27
CGD CLA EE . -51.13 27.80 58.92
O1D CLA EE . -51.55 26.95 58.16
O2D CLA EE . -51.06 29.18 58.49
CED CLA EE . -50.41 29.51 57.27
C1 CLA EE . -44.62 30.07 57.47
C2 CLA EE . -45.51 31.15 56.89
C3 CLA EE . -45.02 32.36 56.63
C4 CLA EE . -43.59 32.71 56.94
C5 CLA EE . -45.93 33.41 56.03
C6 CLA EE . -45.33 34.81 55.99
C1 BCR FE . -35.31 36.45 73.85
C2 BCR FE . -34.11 37.22 74.35
C3 BCR FE . -32.97 36.27 74.60
C4 BCR FE . -32.55 35.59 73.32
C5 BCR FE . -33.71 35.20 72.48
C6 BCR FE . -34.98 35.55 72.70
C7 BCR FE . -36.07 35.16 71.81
C8 BCR FE . -36.79 34.04 71.94
C9 BCR FE . -37.90 33.73 71.04
C10 BCR FE . -38.12 32.48 70.65
C11 BCR FE . -39.14 32.09 69.69
C33 BCR FE . -33.31 34.34 71.35
C31 BCR FE . -36.36 37.47 73.48
C32 BCR FE . -35.84 35.64 75.03
C34 BCR FE . -38.67 34.86 70.48
C12 BCR FE . -38.97 30.96 69.00
C13 BCR FE . -40.03 30.17 68.41
C14 BCR FE . -39.88 28.85 68.34
C15 BCR FE . -40.76 27.94 67.66
C16 BCR FE . -40.79 26.64 67.99
C17 BCR FE . -40.19 25.67 67.11
C18 BCR FE . -40.13 24.35 67.31
C19 BCR FE . -41.36 23.59 67.26
C20 BCR FE . -41.38 22.26 67.12
C21 BCR FE . -42.51 21.50 67.60
C22 BCR FE . -42.42 20.30 68.17
C23 BCR FE . -43.63 19.67 68.65
C24 BCR FE . -44.02 18.46 68.19
C25 BCR FE . -45.23 17.73 68.53
C26 BCR FE . -46.41 17.99 67.95
C27 BCR FE . -47.69 17.31 68.19
C28 BCR FE . -47.51 16.01 68.93
C29 BCR FE . -46.48 16.17 70.02
C30 BCR FE . -45.13 16.59 69.49
C35 BCR FE . -41.14 30.82 67.69
C36 BCR FE . -38.91 23.69 67.84
C37 BCR FE . -41.15 19.56 68.21
C38 BCR FE . -46.60 19.07 66.95
C39 BCR FE . -44.43 15.44 68.79
C40 BCR FE . -44.28 16.89 70.72
C1 BCR GE . -53.23 33.35 72.53
C2 BCR GE . -52.82 34.00 71.23
C3 BCR GE . -51.53 34.75 71.38
C4 BCR GE . -51.63 35.82 72.43
C5 BCR GE . -52.37 35.38 73.64
C6 BCR GE . -53.08 34.25 73.72
C7 BCR GE . -53.82 33.88 74.93
C8 BCR GE . -53.32 33.16 75.94
C9 BCR GE . -54.12 32.72 77.06
C10 BCR GE . -53.53 32.31 78.19
C11 BCR GE . -54.25 31.66 79.27
C33 BCR GE . -52.23 36.30 74.78
C31 BCR GE . -52.40 32.10 72.67
C32 BCR GE . -54.68 32.96 72.38
C34 BCR GE . -55.59 32.69 76.91
C12 BCR GE . -53.72 31.68 80.50
C13 BCR GE . -54.43 31.34 81.71
C14 BCR GE . -53.88 31.65 82.88
C15 BCR GE . -52.66 32.39 83.02
C16 BCR GE . -52.38 33.05 84.17
C17 BCR GE . -51.00 33.37 84.43
C18 BCR GE . -50.18 32.74 85.27
C19 BCR GE . -48.76 32.77 85.02
C20 BCR GE . -47.84 32.44 85.94
C21 BCR GE . -46.79 33.38 86.24
C22 BCR GE . -45.89 33.23 87.22
C23 BCR GE . -44.69 34.08 87.19
C24 BCR GE . -43.85 34.19 88.22
C25 BCR GE . -42.68 35.07 88.32
C26 BCR GE . -42.78 36.36 88.68
C27 BCR GE . -41.66 37.32 88.83
C28 BCR GE . -40.31 36.68 88.77
C29 BCR GE . -40.31 35.56 87.77
C30 BCR GE . -41.32 34.48 88.09
C35 BCR GE . -55.88 31.05 81.64
C36 BCR GE . -50.67 32.10 86.51
C37 BCR GE . -46.18 32.47 88.44
C38 BCR GE . -44.06 37.04 88.95
C39 BCR GE . -40.89 33.68 89.32
C40 BCR GE . -41.24 33.50 86.92
MG CLA HE . -40.96 37.06 94.94
CHA CLA HE . -41.29 40.43 94.27
CHB CLA HE . -43.73 36.53 93.05
CHC CLA HE . -41.03 33.87 96.10
CHD CLA HE . -38.34 37.88 97.40
NA CLA HE . -42.31 38.25 93.90
C1A CLA HE . -42.24 39.50 93.58
C2A CLA HE . -43.21 39.99 92.54
C3A CLA HE . -43.98 38.73 92.22
C4A CLA HE . -43.28 37.77 93.12
CMA CLA HE . -45.43 38.84 92.72
CAA CLA HE . -42.55 40.42 91.23
CBA CLA HE . -43.57 40.76 90.13
CGA CLA HE . -44.36 41.99 90.46
O1A CLA HE . -44.01 43.09 90.05
O2A CLA HE . -45.58 41.91 91.25
NB CLA HE . -42.18 35.44 94.59
C1B CLA HE . -43.28 35.40 93.84
C2B CLA HE . -44.06 34.14 93.89
C3B CLA HE . -43.23 33.33 94.81
C4B CLA HE . -42.11 34.25 95.18
CMB CLA HE . -45.33 33.77 93.18
CAB CLA HE . -43.48 31.95 95.28
CBB CLA HE . -43.72 31.69 96.55
NC CLA HE . -39.95 36.12 96.47
C1C CLA HE . -40.04 34.80 96.69
C2C CLA HE . -39.02 34.23 97.60
C3C CLA HE . -38.23 35.42 98.00
C4C CLA HE . -38.90 36.52 97.25
CMC CLA HE . -38.85 32.80 98.04
CAC CLA HE . -37.05 35.48 98.92
CBC CLA HE . -37.66 35.71 100.29
ND CLA HE . -40.02 38.68 95.73
C1D CLA HE . -38.97 38.99 96.66
C2D CLA HE . -38.61 40.43 96.76
C3D CLA HE . -39.58 41.00 95.79
C4D CLA HE . -40.32 39.95 95.27
CMD CLA HE . -37.62 41.26 97.54
CAD CLA HE . -40.06 42.25 95.14
OBD CLA HE . -39.61 43.43 95.37
CBD CLA HE . -41.16 41.92 94.21
CGD CLA HE . -42.42 42.52 94.78
O1D CLA HE . -43.01 41.95 95.67
O2D CLA HE . -42.94 43.77 94.26
CED CLA HE . -44.10 44.35 94.85
C1 BCR IE . -35.73 -21.45 94.86
C2 BCR IE . -35.51 -21.83 96.31
C3 BCR IE . -36.84 -22.10 96.97
C4 BCR IE . -37.56 -23.25 96.30
C5 BCR IE . -37.42 -23.23 94.83
C6 BCR IE . -36.61 -22.41 94.14
C7 BCR IE . -36.49 -22.47 92.68
C8 BCR IE . -37.20 -21.72 91.85
C9 BCR IE . -37.14 -21.85 90.41
C10 BCR IE . -36.50 -22.90 89.88
C11 BCR IE . -36.53 -23.26 88.48
C33 BCR IE . -38.29 -24.21 94.15
C31 BCR IE . -34.37 -21.37 94.23
C32 BCR IE . -36.35 -20.06 94.86
C34 BCR IE . -37.71 -20.78 89.56
C12 BCR IE . -35.38 -23.44 87.83
C13 BCR IE . -35.26 -23.75 86.42
C14 BCR IE . -34.05 -24.00 85.92
C15 BCR IE . -33.84 -24.56 84.61
C16 BCR IE . -32.61 -24.89 84.20
C17 BCR IE . -32.48 -25.81 83.10
C18 BCR IE . -31.34 -26.36 82.67
C19 BCR IE . -30.95 -26.11 81.29
C20 BCR IE . -29.83 -26.61 80.76
C21 BCR IE . -29.52 -26.33 79.38
C22 BCR IE . -28.40 -26.69 78.77
C23 BCR IE . -27.96 -25.93 77.62
C24 BCR IE . -26.75 -26.09 77.06
C25 BCR IE . -26.21 -25.38 75.89
C26 BCR IE . -26.56 -25.71 74.65
C27 BCR IE . -26.06 -25.03 73.45
C28 BCR IE . -25.91 -23.56 73.72
C29 BCR IE . -25.05 -23.33 74.93
C30 BCR IE . -25.19 -24.30 76.11
C35 BCR IE . -36.46 -23.85 85.57
C36 BCR IE . -30.44 -27.11 83.55
C37 BCR IE . -27.42 -27.57 79.45
C38 BCR IE . -27.52 -26.76 74.27
C39 BCR IE . -25.41 -23.54 77.39
C40 BCR IE . -23.79 -24.87 76.22
MG CLA JE . -24.73 41.12 56.86
CHA CLA JE . -22.64 43.87 56.96
CHB CLA JE . -27.22 43.08 58.05
CHC CLA JE . -26.84 38.53 56.34
CHD CLA JE . -22.10 39.32 54.95
NA CLA JE . -24.93 43.12 57.36
C1A CLA JE . -24.05 44.05 57.46
C2A CLA JE . -24.51 45.35 58.08
C3A CLA JE . -25.95 45.04 58.44
C4A CLA JE . -26.03 43.65 57.91
CMA CLA JE . -26.12 45.00 59.96
CAA CLA JE . -24.55 46.55 57.11
CBA CLA JE . -25.57 46.49 55.97
CGA CLA JE . -25.01 45.81 54.74
O1A CLA JE . -25.74 45.37 53.88
O2A CLA JE . -23.57 45.66 54.58
NB CLA JE . -26.72 40.84 57.19
C1B CLA JE . -27.60 41.74 57.62
C2B CLA JE . -29.02 41.33 57.57
C3B CLA JE . -28.92 39.95 57.05
C4B CLA JE . -27.44 39.77 56.86
CMB CLA JE . -30.24 42.12 57.97
CAB CLA JE . -30.00 38.97 56.79
CBB CLA JE . -29.99 37.77 57.34
NC CLA JE . -24.50 39.33 55.86
C1C CLA JE . -25.49 38.42 55.76
C2C CLA JE . -25.15 37.20 54.99
C3C CLA JE . -23.76 37.44 54.58
C4C CLA JE . -23.46 38.77 55.17
CMC CLA JE . -26.03 36.01 54.68
CAC CLA JE . -22.86 36.55 53.76
CBC CLA JE . -23.11 36.93 52.32
ND CLA JE . -22.89 41.43 56.05
C1D CLA JE . -21.83 40.69 55.42
C2D CLA JE . -20.53 41.38 55.33
C3D CLA JE . -20.88 42.68 55.96
C4D CLA JE . -22.21 42.62 56.32
CMD CLA JE . -19.15 41.06 54.79
CAD CLA JE . -20.37 44.02 56.35
OBD CLA JE . -19.16 44.43 56.17
CBD CLA JE . -21.45 44.78 57.00
CGD CLA JE . -21.04 44.90 58.44
O1D CLA JE . -21.34 45.88 59.10
O2D CLA JE . -20.24 43.85 59.05
CED CLA JE . -19.94 43.93 60.44
C1 BCR KE . -31.06 30.22 69.85
C2 BCR KE . -31.23 30.36 71.34
C3 BCR KE . -30.69 31.69 71.80
C4 BCR KE . -29.22 31.81 71.48
C5 BCR KE . -28.89 31.30 70.13
C6 BCR KE . -29.71 30.59 69.36
C7 BCR KE . -29.34 30.09 68.03
C8 BCR KE . -29.46 30.83 66.91
C9 BCR KE . -30.22 30.45 65.75
C10 BCR KE . -29.85 29.38 65.04
C11 BCR KE . -29.77 29.33 63.60
C33 BCR KE . -27.53 31.70 69.71
C31 BCR KE . -32.15 31.05 69.21
C32 BCR KE . -31.32 28.75 69.53
C34 BCR KE . -31.02 31.53 65.13
C12 BCR KE . -28.96 28.43 63.03
C13 BCR KE . -28.30 28.59 61.75
C14 BCR KE . -27.55 27.59 61.29
C15 BCR KE . -27.38 27.29 59.88
C16 BCR KE . -26.89 26.10 59.52
C17 BCR KE . -27.24 25.59 58.22
C18 BCR KE . -26.76 24.49 57.65
C19 BCR KE . -26.63 24.45 56.20
C20 BCR KE . -25.76 23.67 55.57
C21 BCR KE . -26.04 23.24 54.23
C22 BCR KE . -25.49 22.16 53.64
C23 BCR KE . -26.00 21.73 52.35
C24 BCR KE . -25.26 21.73 51.23
C25 BCR KE . -25.70 21.43 49.87
C26 BCR KE . -26.36 22.32 49.11
C27 BCR KE . -26.81 22.12 47.71
C28 BCR KE . -26.23 20.88 47.08
C29 BCR KE . -26.20 19.77 48.08
C30 BCR KE . -25.35 20.09 49.31
C35 BCR KE . -28.59 29.75 60.88
C36 BCR KE . -26.20 23.38 58.42
C37 BCR KE . -24.52 21.30 54.37
C38 BCR KE . -26.73 23.68 49.54
C39 BCR KE . -23.88 20.07 48.94
C40 BCR KE . -25.54 18.94 50.27
C1 BCR LE . -19.77 36.62 60.68
C2 BCR LE . -18.39 36.95 61.23
C3 BCR LE . -17.28 36.68 60.25
C4 BCR LE . -17.54 37.45 58.98
C5 BCR LE . -18.84 37.01 58.42
C6 BCR LE . -19.89 36.64 59.18
C7 BCR LE . -21.15 36.16 58.60
C8 BCR LE . -22.15 36.95 58.21
C9 BCR LE . -23.51 36.47 58.09
C10 BCR LE . -23.67 35.22 57.65
C11 BCR LE . -24.89 34.44 57.75
C33 BCR LE . -18.86 37.02 56.95
C31 BCR LE . -20.74 37.59 61.33
C32 BCR LE . -20.12 35.24 61.19
C34 BCR LE . -24.55 37.14 58.89
C12 BCR LE . -24.85 33.15 57.46
C13 BCR LE . -25.93 32.39 56.88
C14 BCR LE . -25.71 31.10 56.56
C15 BCR LE . -26.72 30.08 56.65
C16 BCR LE . -26.77 29.07 55.79
C17 BCR LE . -28.05 28.48 55.52
C18 BCR LE . -28.36 27.62 54.55
C19 BCR LE . -29.74 27.21 54.39
C20 BCR LE . -30.12 26.27 53.51
C21 BCR LE . -31.52 26.16 53.19
C22 BCR LE . -32.07 25.17 52.46
C23 BCR LE . -33.41 25.34 51.93
C24 BCR LE . -34.04 24.39 51.24
C25 BCR LE . -34.72 24.55 49.94
C26 BCR LE . -34.07 24.31 48.80
C27 BCR LE . -34.65 24.41 47.45
C28 BCR LE . -36.10 24.02 47.52
C29 BCR LE . -36.81 24.86 48.55
C30 BCR LE . -36.17 24.93 49.93
C35 BCR LE . -27.30 32.92 56.93
C36 BCR LE . -27.31 27.01 53.69
C37 BCR LE . -31.38 23.87 52.31
C38 BCR LE . -32.66 23.89 48.75
C39 BCR LE . -36.96 24.13 50.94
C40 BCR LE . -36.37 26.40 50.32
C1 BCR ME . -37.39 26.99 83.08
C2 BCR ME . -38.40 25.86 83.24
C3 BCR ME . -39.81 26.25 82.91
C4 BCR ME . -39.84 26.92 81.57
C5 BCR ME . -38.99 28.12 81.61
C6 BCR ME . -37.85 28.18 82.30
C7 BCR ME . -37.03 29.40 82.35
C8 BCR ME . -36.09 29.72 81.45
C9 BCR ME . -35.09 30.75 81.69
C10 BCR ME . -34.72 31.56 80.69
C11 BCR ME . -33.63 32.50 80.77
C33 BCR ME . -39.52 29.26 80.83
C31 BCR ME . -36.18 26.34 82.45
C32 BCR ME . -37.02 27.43 84.48
C34 BCR ME . -34.39 30.75 82.99
C12 BCR ME . -33.35 33.29 79.73
C13 BCR ME . -32.22 34.19 79.64
C14 BCR ME . -32.23 35.15 78.70
C15 BCR ME . -31.35 36.29 78.72
C16 BCR ME . -31.16 37.03 77.61
C17 BCR ME . -30.72 38.39 77.77
C18 BCR ME . -30.96 39.41 76.96
C19 BCR ME . -31.23 40.70 77.55
C20 BCR ME . -31.00 41.86 76.93
C21 BCR ME . -29.71 42.51 77.10
C22 BCR ME . -29.19 43.41 76.27
C23 BCR ME . -28.76 44.71 76.80
C24 BCR ME . -28.25 45.65 76.01
C25 BCR ME . -27.44 46.79 76.41
C26 BCR ME . -27.98 47.98 76.65
C27 BCR ME . -27.25 49.21 77.04
C28 BCR ME . -25.77 48.99 77.24
C29 BCR ME . -25.24 47.92 76.33
C30 BCR ME . -25.96 46.60 76.51
C35 BCR ME . -31.20 34.21 80.70
C36 BCR ME . -30.65 39.35 75.51
C37 BCR ME . -28.97 43.12 74.84
C38 BCR ME . -29.43 48.23 76.54
C39 BCR ME . -25.56 45.94 77.82
C40 BCR ME . -25.44 45.69 75.39
MG CLA NE . -1.21 -1.59 13.23
CHA CLA NE . 0.89 -3.26 11.10
CHB CLA NE . -3.03 -0.71 10.53
CHC CLA NE . -2.98 0.44 15.24
CHD CLA NE . 1.26 -2.07 15.93
NA CLA NE . -1.06 -1.87 11.18
C1A CLA NE . -0.35 -2.70 10.54
C2A CLA NE . -0.75 -3.03 9.12
C3A CLA NE . -1.97 -2.15 8.98
C4A CLA NE . -2.02 -1.55 10.33
CMA CLA NE . -1.69 -1.03 7.99
CAA CLA NE . -1.28 -4.46 9.05
CBA CLA NE . -1.79 -4.79 7.65
CGA CLA NE . -3.26 -5.12 7.68
O1A CLA NE . -3.64 -6.24 8.00
O2A CLA NE . -4.24 -4.12 7.30
NB CLA NE . -2.83 -0.39 12.94
C1B CLA NE . -3.30 0.02 11.77
C2B CLA NE . -4.08 1.27 11.78
C3B CLA NE . -4.04 1.61 13.21
C4B CLA NE . -3.27 0.50 13.81
CMB CLA NE . -4.73 1.98 10.63
CAB CLA NE . -4.67 2.75 13.92
CBB CLA NE . -5.67 2.51 14.75
NC CLA NE . -0.88 -0.94 15.15
C1C CLA NE . -1.77 -0.17 15.79
C2C CLA NE . -1.49 0.08 17.22
C3C CLA NE . -0.23 -0.67 17.42
C4C CLA NE . 0.04 -1.25 16.09
CMC CLA NE . -2.30 0.90 18.18
CAC CLA NE . 0.56 -0.80 18.68
CBC CLA NE . -0.20 -1.82 19.51
ND CLA NE . 0.62 -2.40 13.54
C1D CLA NE . 1.57 -2.61 14.60
C2D CLA NE . 2.79 -3.34 14.20
C3D CLA NE . 2.50 -3.59 12.76
C4D CLA NE . 1.29 -3.02 12.49
CMD CLA NE . 4.06 -3.81 14.87
CAD CLA NE . 2.99 -4.20 11.50
OBD CLA NE . 4.11 -4.80 11.38
CBD CLA NE . 2.01 -3.96 10.42
C1 BCR OE . -0.83 6.99 23.28
C2 BCR OE . -0.25 8.38 23.43
C3 BCR OE . -0.99 9.33 22.53
C4 BCR OE . -2.44 9.42 22.93
C5 BCR OE . -3.00 8.11 23.32
C6 BCR OE . -2.30 6.98 23.47
C7 BCR OE . -2.92 5.73 23.90
C8 BCR OE . -3.40 4.82 23.04
C9 BCR OE . -4.17 3.67 23.48
C10 BCR OE . -5.39 3.46 22.98
C11 BCR OE . -6.30 2.45 23.47
C33 BCR OE . -4.46 8.17 23.52
C31 BCR OE . -0.12 6.10 24.27
C32 BCR OE . -0.44 6.50 21.90
C34 BCR OE . -3.62 2.86 24.58
C12 BCR OE . -7.13 1.86 22.59
C13 BCR OE . -7.28 0.43 22.46
C14 BCR OE . -8.21 -0.03 21.63
C15 BCR OE . -8.46 -1.43 21.38
C16 BCR OE . -9.51 -1.77 20.65
C17 BCR OE . -9.79 -3.16 20.39
C18 BCR OE . -10.80 -3.61 19.65
C19 BCR OE . -11.16 -5.01 19.68
C20 BCR OE . -12.17 -5.50 18.97
C21 BCR OE . -12.16 -6.88 18.58
C22 BCR OE . -13.09 -7.46 17.83
C23 BCR OE . -13.41 -8.86 18.10
C24 BCR OE . -12.96 -9.88 17.34
C25 BCR OE . -13.62 -11.17 17.13
C26 BCR OE . -13.63 -12.14 18.06
C27 BCR OE . -14.24 -13.47 17.91
C28 BCR OE . -14.29 -13.88 16.47
C29 BCR OE . -14.86 -12.79 15.61
C30 BCR OE . -14.27 -11.39 15.80
C35 BCR OE . -6.20 -0.46 22.92
C36 BCR OE . -11.41 -2.77 18.60
C37 BCR OE . -14.14 -6.64 17.18
C38 BCR OE . -13.00 -12.05 19.39
C39 BCR OE . -15.33 -10.35 15.53
C40 BCR OE . -13.29 -11.25 14.66
MG CLA PE . 0.85 -14.20 25.83
CHA CLA PE . 1.22 -13.20 29.10
CHB CLA PE . 3.57 -16.13 26.19
CHC CLA PE . 0.13 -15.50 22.80
CHD CLA PE . -2.40 -12.40 25.77
NA CLA PE . 2.15 -14.64 27.38
C1A CLA PE . 2.23 -14.17 28.55
C2A CLA PE . 3.45 -14.61 29.37
C3A CLA PE . 4.15 -15.52 28.39
C4A CLA PE . 3.22 -15.41 27.25
CMA CLA PE . 5.49 -14.91 28.03
CAA CLA PE . 3.16 -15.45 30.61
CBA CLA PE . 1.92 -16.34 30.53
CGA CLA PE . 1.79 -17.06 31.84
O1A CLA PE . 2.36 -16.66 32.84
O2A CLA PE . 0.98 -18.27 31.95
NB CLA PE . 1.71 -15.64 24.69
C1B CLA PE . 2.86 -16.26 24.92
C2B CLA PE . 3.38 -17.08 23.82
C3B CLA PE . 2.34 -16.89 22.78
C4B CLA PE . 1.36 -15.98 23.45
CMB CLA PE . 4.65 -17.90 23.77
CAB CLA PE . 2.29 -17.48 21.43
CBB CLA PE . 1.26 -18.17 21.00
NC CLA PE . -0.76 -13.93 24.56
C1C CLA PE . -0.88 -14.65 23.43
C2C CLA PE . -2.21 -14.55 22.78
C3C CLA PE . -2.95 -13.64 23.66
C4C CLA PE . -1.96 -13.32 24.71
CMC CLA PE . -2.67 -15.23 21.52
CAC CLA PE . -4.37 -13.14 23.54
CBC CLA PE . -4.33 -11.99 22.58
ND CLA PE . -0.38 -13.12 27.05
C1D CLA PE . -1.58 -12.35 26.98
C2D CLA PE . -1.89 -11.53 28.17
C3D CLA PE . -0.73 -11.91 29.02
C4D CLA PE . 0.05 -12.79 28.31
CMD CLA PE . -2.97 -10.59 28.60
CAD CLA PE . -0.10 -11.68 30.33
OBD CLA PE . -0.55 -10.91 31.25
CBD CLA PE . 1.12 -12.49 30.40
CGD CLA PE . 2.32 -11.67 30.74
O1D CLA PE . 2.52 -11.37 31.90
O2D CLA PE . 3.30 -11.27 29.76
CED CLA PE . 4.65 -11.10 30.19
MG CLA QE . -7.25 -14.18 -4.22
CHA CLA QE . -6.31 -11.78 -6.48
CHB CLA QE . -4.00 -14.48 -3.32
CHC CLA QE . -8.24 -16.37 -1.87
CHD CLA QE . -10.76 -13.15 -4.69
NA CLA QE . -5.47 -13.25 -4.74
C1A CLA QE . -5.21 -12.43 -5.69
C2A CLA QE . -3.75 -12.15 -5.95
C3A CLA QE . -3.07 -13.06 -4.94
C4A CLA QE . -4.26 -13.64 -4.29
CMA CLA QE . -2.33 -14.22 -5.61
CAA CLA QE . -3.37 -10.68 -5.64
CBA CLA QE . -2.84 -10.32 -4.25
CGA CLA QE . -3.91 -10.15 -3.17
O1A CLA QE . -4.46 -9.08 -2.99
O2A CLA QE . -4.24 -11.27 -2.31
NB CLA QE . -6.26 -15.32 -2.86
C1B CLA QE . -4.99 -15.18 -2.50
C2B CLA QE . -4.61 -15.78 -1.20
C3B CLA QE . -5.90 -16.34 -0.75
C4B CLA QE . -6.82 -16.01 -1.88
CMB CLA QE . -3.27 -15.78 -0.51
CAB CLA QE . -6.22 -17.08 0.49
CBB CLA QE . -6.67 -18.33 0.48
NC CLA QE . -9.10 -14.65 -3.47
C1C CLA QE . -9.27 -15.55 -2.49
C2C CLA QE . -10.64 -15.69 -1.98
C3C CLA QE . -11.40 -14.74 -2.82
C4C CLA QE . -10.34 -14.17 -3.69
CMC CLA QE . -11.11 -16.60 -0.89
CAC CLA QE . -12.89 -14.42 -2.79
CBC CLA QE . -13.22 -13.56 -1.59
ND CLA QE . -8.35 -12.78 -5.20
C1D CLA QE . -9.73 -12.53 -5.52
C2D CLA QE . -9.97 -11.64 -6.68
C3D CLA QE . -8.56 -11.37 -7.07
C4D CLA QE . -7.74 -12.04 -6.19
CMD CLA QE . -11.15 -11.07 -7.41
CAD CLA QE . -7.69 -10.62 -8.01
OBD CLA QE . -8.08 -9.89 -8.97
CBD CLA QE . -6.28 -10.91 -7.69
CGD CLA QE . -5.88 -11.83 -8.79
O1D CLA QE . -6.74 -12.43 -9.42
O2D CLA QE . -4.50 -12.02 -9.15
CED CLA QE . -4.20 -12.69 -10.37
C1 CLA QE . -4.88 -11.00 -1.07
C1 BCR RE . 4.54 -8.33 -11.17
C2 BCR RE . 5.13 -7.99 -12.53
C3 BCR RE . 4.63 -8.83 -13.67
C4 BCR RE . 4.55 -10.28 -13.31
C5 BCR RE . 3.66 -10.40 -12.13
C6 BCR RE . 3.63 -9.52 -11.14
C7 BCR RE . 2.73 -9.66 -10.00
C8 BCR RE . 3.01 -10.38 -8.91
C9 BCR RE . 2.93 -9.89 -7.55
C10 BCR RE . 2.79 -10.79 -6.56
C11 BCR RE . 2.81 -10.49 -5.16
C33 BCR RE . 2.79 -11.60 -12.19
C31 BCR RE . 3.79 -7.10 -10.72
C32 BCR RE . 5.73 -8.53 -10.26
C34 BCR RE . 3.43 -8.53 -7.25
C12 BCR RE . 2.87 -11.51 -4.30
C13 BCR RE . 2.17 -11.57 -3.04
C14 BCR RE . 1.69 -12.76 -2.65
C15 BCR RE . 1.26 -13.07 -1.32
C16 BCR RE . 0.85 -14.31 -1.02
C17 BCR RE . 0.84 -14.77 0.34
C18 BCR RE . 0.77 -16.04 0.71
C19 BCR RE . 0.30 -16.36 2.05
C20 BCR RE . 0.04 -17.60 2.48
C21 BCR RE . -0.03 -17.81 3.91
C22 BCR RE . -0.85 -18.65 4.52
C23 BCR RE . -0.80 -18.70 5.97
C24 BCR RE . -1.77 -18.22 6.76
C25 BCR RE . -2.37 -18.84 7.93
C26 BCR RE . -1.86 -18.67 9.15
C27 BCR RE . -2.42 -19.24 10.40
C28 BCR RE . -3.91 -19.40 10.27
C29 BCR RE . -4.22 -20.19 9.04
C30 BCR RE . -3.64 -19.64 7.74
C35 BCR RE . 1.74 -10.33 -2.37
C36 BCR RE . 1.17 -17.14 -0.18
C37 BCR RE . -2.07 -19.15 3.83
C38 BCR RE . -0.66 -17.89 9.42
C39 BCR RE . -4.65 -18.80 6.99
C40 BCR RE . -3.43 -20.89 6.90
C1 BCR SE . -26.50 -30.87 82.93
C2 BCR SE . -26.82 -31.53 84.25
C3 BCR SE . -27.81 -32.63 84.02
C4 BCR SE . -27.17 -33.71 83.18
C5 BCR SE . -26.49 -33.15 82.00
C6 BCR SE . -26.19 -31.85 81.85
C7 BCR SE . -25.49 -31.34 80.66
C8 BCR SE . -26.12 -30.94 79.56
C9 BCR SE . -25.47 -30.39 78.39
C10 BCR SE . -26.19 -30.25 77.28
C11 BCR SE . -25.67 -29.93 75.98
C33 BCR SE . -26.18 -34.17 80.98
C31 BCR SE . -25.32 -29.95 83.20
C32 BCR SE . -27.71 -30.04 82.57
C34 BCR SE . -24.00 -30.27 78.39
C12 BCR SE . -26.42 -30.22 74.92
C13 BCR SE . -25.97 -30.10 73.56
C14 BCR SE . -26.73 -30.61 72.58
C15 BCR SE . -26.44 -30.45 71.19
C16 BCR SE . -27.43 -30.59 70.29
C17 BCR SE . -27.06 -30.87 68.93
C18 BCR SE . -27.89 -30.85 67.89
C19 BCR SE . -27.32 -30.87 66.56
C20 BCR SE . -28.03 -31.18 65.47
C21 BCR SE . -27.35 -31.18 64.20
C22 BCR SE . -27.89 -31.59 63.05
C23 BCR SE . -28.36 -32.96 62.94
C24 BCR SE . -29.06 -33.37 61.89
C25 BCR SE . -30.20 -34.28 61.94
C26 BCR SE . -30.06 -35.59 61.76
C27 BCR SE . -31.13 -36.60 61.77
C28 BCR SE . -32.51 -36.01 62.00
C29 BCR SE . -32.60 -34.58 61.52
C30 BCR SE . -31.55 -33.70 62.14
C35 BCR SE . -24.82 -29.24 73.25
C36 BCR SE . -29.35 -30.99 68.04
C37 BCR SE . -28.43 -30.60 62.10
C38 BCR SE . -28.75 -36.24 61.54
C39 BCR SE . -31.82 -33.46 63.61
C40 BCR SE . -31.70 -32.34 61.45
MG CLA TE . -27.91 -51.34 61.19
CHA CLA TE . -27.36 -53.93 63.39
CHB CLA TE . -25.88 -49.40 63.09
CHC CLA TE . -28.07 -49.00 58.76
CHD CLA TE . -29.55 -53.76 58.91
NA CLA TE . -26.77 -51.62 62.89
C1A CLA TE . -26.73 -52.61 63.72
C2A CLA TE . -25.97 -52.37 65.01
C3A CLA TE . -25.55 -50.91 64.86
C4A CLA TE . -26.11 -50.63 63.51
CMA CLA TE . -26.27 -50.01 65.85
CAA CLA TE . -24.67 -53.19 65.18
CBA CLA TE . -23.46 -52.81 64.32
CGA CLA TE . -23.62 -53.27 62.89
O1A CLA TE . -23.40 -54.44 62.58
O2A CLA TE . -24.04 -52.32 61.87
NB CLA TE . -27.12 -49.47 60.98
C1B CLA TE . -26.28 -48.84 61.80
C2B CLA TE . -25.75 -47.55 61.32
C3B CLA TE . -26.42 -47.45 60.00
C4B CLA TE . -27.24 -48.68 59.92
CMB CLA TE . -24.79 -46.61 61.99
CAB CLA TE . -26.33 -46.37 58.98
CBB CLA TE . -26.58 -45.12 59.29
NC CLA TE . -28.75 -51.37 59.30
C1C CLA TE . -28.52 -50.37 58.43
C2C CLA TE . -28.72 -50.70 57.00
C3C CLA TE . -29.16 -52.11 57.06
C4C CLA TE . -29.15 -52.40 58.51
CMC CLA TE . -28.52 -49.83 55.80
CAC CLA TE . -29.52 -53.03 55.92
CBC CLA TE . -28.23 -53.72 55.50
ND CLA TE . -28.33 -53.32 61.05
C1D CLA TE . -29.06 -54.22 60.21
C2D CLA TE . -29.28 -55.59 60.75
C3D CLA TE . -28.57 -55.44 62.05
C4D CLA TE . -28.08 -54.15 62.12
CMD CLA TE . -29.96 -56.85 60.30
CAD CLA TE . -28.19 -56.14 63.30
OBD CLA TE . -28.48 -57.36 63.59
CBD CLA TE . -27.44 -55.21 64.16
CGD CLA TE . -28.31 -54.99 65.36
O1D CLA TE . -29.13 -54.09 65.38
O2D CLA TE . -28.18 -55.86 66.53
CED CLA TE . -29.15 -55.80 67.57
C1 CLA TE . -24.24 -52.72 60.53
MG CLA UE . -30.12 -38.91 64.95
CHA CLA UE . -30.56 -41.66 62.91
CHB CLA UE . -26.86 -38.92 64.14
CHC CLA UE . -29.81 -36.17 66.87
CHD CLA UE . -33.78 -38.51 65.00
NA CLA UE . -28.92 -40.03 63.70
C1A CLA UE . -29.17 -41.10 63.04
C2A CLA UE . -27.99 -41.82 62.42
C3A CLA UE . -26.85 -40.93 62.89
C4A CLA UE . -27.61 -39.89 63.63
CMA CLA UE . -26.00 -41.69 63.89
CAA CLA UE . -27.98 -41.73 60.89
CBA CLA UE . -28.51 -40.40 60.37
CGA CLA UE . -27.91 -39.96 59.06
O1A CLA UE . -26.72 -40.04 58.84
O2A CLA UE . -28.79 -39.44 58.03
NB CLA UE . -28.53 -37.76 65.50
C1B CLA UE . -27.33 -37.77 64.92
C2B CLA UE . -26.51 -36.56 65.14
C3B CLA UE . -27.41 -35.74 65.96
C4B CLA UE . -28.61 -36.59 66.13
CMB CLA UE . -25.12 -36.26 64.63
CAB CLA UE . -27.16 -34.40 66.52
CBB CLA UE . -27.16 -34.21 67.83
NC CLA UE . -31.52 -37.67 65.83
C1C CLA UE . -31.16 -36.53 66.43
C2C CLA UE . -32.26 -35.56 66.65
C3C CLA UE . -33.43 -36.27 66.09
C4C CLA UE . -32.85 -37.54 65.63
CMC CLA UE . -32.20 -34.19 67.27
CAC CLA UE . -34.86 -35.80 66.01
CBC CLA UE . -34.99 -35.21 64.61
ND CLA UE . -31.79 -39.71 64.12
C1D CLA UE . -33.21 -39.67 64.33
C2D CLA UE . -33.98 -40.81 63.83
C3D CLA UE . -32.89 -41.62 63.26
C4D CLA UE . -31.70 -40.93 63.47
CMD CLA UE . -35.43 -41.18 63.83
CAD CLA UE . -32.54 -42.88 62.54
OBD CLA UE . -33.37 -43.78 62.18
CBD CLA UE . -31.07 -42.93 62.34
CGD CLA UE . -30.55 -44.07 63.16
O1D CLA UE . -30.19 -43.87 64.31
O2D CLA UE . -30.44 -45.39 62.60
CED CLA UE . -29.40 -46.24 63.06
C1 CLA UE . -28.47 -38.27 57.29
C2 CLA UE . -29.15 -37.04 57.86
C3 CLA UE . -30.45 -36.76 57.62
C4 CLA UE . -31.28 -37.68 56.79
C5 CLA UE . -31.09 -35.54 58.23
C6 CLA UE . -31.44 -34.43 57.25
C7 CLA UE . -30.35 -34.07 56.24
C8 CLA UE . -29.15 -33.36 56.87
C9 CLA UE . -29.59 -32.23 57.80
C10 CLA UE . -28.26 -32.82 55.77
C11 CLA UE . -26.80 -32.73 56.23
C12 CLA UE . -26.34 -31.29 56.37
C13 CLA UE . -25.33 -31.14 57.51
C14 CLA UE . -25.95 -31.59 58.83
C15 CLA UE . -24.86 -29.71 57.59
C16 CLA UE . -23.34 -29.59 57.53
C17 CLA UE . -22.74 -29.51 58.93
C18 CLA UE . -21.52 -28.60 58.99
C19 CLA UE . -21.74 -27.28 58.27
C20 CLA UE . -20.27 -29.31 58.47
MG CLA VE . -17.15 -38.67 67.49
CHA CLA VE . -15.17 -41.46 67.42
CHB CLA VE . -14.81 -37.16 69.39
CHC CLA VE . -19.01 -35.85 67.31
CHD CLA VE . -19.25 -40.19 64.85
NA CLA VE . -15.29 -39.18 68.23
C1A CLA VE . -14.67 -40.30 68.21
C2A CLA VE . -13.40 -40.40 69.03
C3A CLA VE . -13.36 -39.03 69.67
C4A CLA VE . -14.58 -38.42 69.05
CMA CLA VE . -13.60 -39.14 71.16
CAA CLA VE . -12.16 -40.40 68.14
NB CLA VE . -16.97 -36.80 68.30
C1B CLA VE . -15.91 -36.31 68.92
C2B CLA VE . -15.88 -34.84 69.08
C3B CLA VE . -17.14 -34.45 68.43
C4B CLA VE . -17.72 -35.74 68.01
CMB CLA VE . -14.87 -33.94 69.71
CAB CLA VE . -17.71 -33.10 68.28
CBB CLA VE . -18.16 -32.45 69.34
NC CLA VE . -18.76 -38.15 66.32
C1C CLA VE . -19.38 -36.96 66.41
C2C CLA VE . -20.52 -36.79 65.51
C3C CLA VE . -20.59 -38.07 64.79
C4C CLA VE . -19.46 -38.82 65.38
CMC CLA VE . -21.42 -35.60 65.35
CAC CLA VE . -21.55 -38.51 63.74
CBC CLA VE . -22.70 -39.10 64.52
ND CLA VE . -17.23 -40.31 66.31
C1D CLA VE . -18.15 -40.95 65.42
C2D CLA VE . -17.88 -42.39 65.14
C3D CLA VE . -16.66 -42.57 65.98
C4D CLA VE . -16.38 -41.36 66.58
CMD CLA VE . -18.52 -43.46 64.31
CAD CLA VE . -15.63 -43.53 66.40
OBD CLA VE . -15.57 -44.76 66.05
CBD CLA VE . -14.70 -42.86 67.34
CGD CLA VE . -14.92 -43.53 68.65
O1D CLA VE . -16.04 -43.66 69.10
O2D CLA VE . -13.77 -44.03 69.38
CED CLA VE . -13.80 -45.41 69.75
C1 BCR WE . -45.06 -21.75 83.89
C2 BCR WE . -46.24 -20.97 84.40
C3 BCR WE . -47.46 -21.82 84.52
C4 BCR WE . -47.82 -22.43 83.19
C5 BCR WE . -46.65 -22.94 82.45
C6 BCR WE . -45.38 -22.68 82.76
C7 BCR WE . -44.25 -23.20 81.99
C8 BCR WE . -43.65 -24.36 82.22
C9 BCR WE . -42.53 -24.85 81.43
C10 BCR WE . -42.60 -26.08 80.90
C11 BCR WE . -41.96 -26.45 79.67
C33 BCR WE . -47.02 -23.82 81.34
C31 BCR WE . -44.47 -22.46 85.09
C32 BCR WE . -44.05 -20.72 83.41
C34 BCR WE . -41.48 -23.90 81.04
C12 BCR WE . -41.21 -27.55 79.64
C13 BCR WE . -40.26 -27.85 78.59
C14 BCR WE . -39.73 -29.07 78.52
C15 BCR WE . -39.19 -29.64 77.31
C16 BCR WE . -39.71 -30.74 76.78
C17 BCR WE . -39.20 -31.19 75.51
C18 BCR WE . -39.58 -32.27 74.82
C19 BCR WE . -38.65 -32.78 73.83
C20 BCR WE . -38.90 -33.79 73.00
C21 BCR WE . -37.80 -34.35 72.25
C22 BCR WE . -37.90 -35.26 71.28
C23 BCR WE . -36.69 -35.88 70.76
C24 BCR WE . -36.51 -37.20 70.84
C25 BCR WE . -35.76 -38.06 69.94
C26 BCR WE . -36.32 -38.65 68.88
C27 BCR WE . -35.64 -39.57 67.93
C28 BCR WE . -34.20 -39.85 68.25
C29 BCR WE . -33.88 -39.65 69.71
C30 BCR WE . -34.34 -38.32 70.26
C35 BCR WE . -40.12 -26.93 77.44
C36 BCR WE . -40.97 -32.71 74.78
C37 BCR WE . -39.19 -35.93 71.03
C38 BCR WE . -37.73 -38.45 68.51
C39 BCR WE . -33.45 -37.19 69.78
C40 BCR WE . -34.12 -38.43 71.77
C1 BCR XE . -23.22 -54.32 75.78
C2 BCR XE . -23.60 -55.04 77.07
C3 BCR XE . -25.07 -55.27 77.29
C4 BCR XE . -25.96 -54.21 76.71
C5 BCR XE . -25.60 -53.95 75.31
C6 BCR XE . -24.34 -53.99 74.86
C7 BCR XE . -24.01 -53.76 73.45
C8 BCR XE . -23.79 -52.53 72.94
C9 BCR XE . -23.85 -52.24 71.52
C10 BCR XE . -23.96 -50.97 71.09
C11 BCR XE . -23.84 -50.57 69.71
C33 BCR XE . -26.76 -53.64 74.46
C31 BCR XE . -22.20 -55.21 75.09
C32 BCR XE . -22.50 -53.07 76.23
C34 BCR XE . -23.65 -53.36 70.57
C12 BCR XE . -23.73 -49.28 69.39
C13 BCR XE . -22.95 -48.76 68.29
C14 BCR XE . -23.58 -48.13 67.28
C15 BCR XE . -22.94 -47.45 66.19
C16 BCR XE . -23.35 -46.22 65.85
C17 BCR XE . -22.73 -45.53 64.75
C18 BCR XE . -22.75 -44.20 64.55
C19 BCR XE . -22.51 -43.70 63.21
C20 BCR XE . -22.60 -42.40 62.93
C21 BCR XE . -21.82 -41.85 61.84
C22 BCR XE . -22.34 -41.08 60.88
C23 BCR XE . -21.43 -40.38 59.97
C24 BCR XE . -21.10 -40.86 58.76
C25 BCR XE . -21.12 -40.16 57.48
C26 BCR XE . -20.08 -39.45 57.04
C27 BCR XE . -20.01 -38.74 55.76
C28 BCR XE . -20.81 -39.49 54.72
C29 BCR XE . -22.20 -39.73 55.22
C30 BCR XE . -22.36 -40.29 56.64
C35 BCR XE . -21.47 -48.78 68.35
C36 BCR XE . -22.64 -43.27 65.68
C37 BCR XE . -23.74 -41.28 60.45
C38 BCR XE . -18.82 -39.30 57.81
C39 BCR XE . -22.80 -41.74 56.60
C40 BCR XE . -23.54 -39.50 57.20
C1 BCR YE . -47.93 -19.85 94.86
C2 BCR YE . -49.01 -19.23 94.00
C3 BCR YE . -49.96 -20.28 93.52
C4 BCR YE . -50.64 -20.98 94.68
C5 BCR YE . -49.75 -21.15 95.86
C6 BCR YE . -48.52 -20.67 95.96
C7 BCR YE . -47.72 -20.85 97.18
C8 BCR YE . -46.79 -21.79 97.32
C9 BCR YE . -45.82 -21.76 98.40
C10 BCR YE . -44.51 -21.75 98.10
C11 BCR YE . -43.47 -22.10 99.03
C33 BCR YE . -50.37 -21.93 96.93
C31 BCR YE . -47.07 -18.73 95.40
C32 BCR YE . -47.06 -20.71 93.97
C34 BCR YE . -46.30 -21.41 99.75
C12 BCR YE . -43.04 -23.37 99.03
C13 BCR YE . -43.02 -24.22 100.20
C14 BCR YE . -42.92 -25.53 100.03
C15 BCR YE . -42.57 -26.46 101.08
C16 BCR YE . -41.91 -27.59 100.81
C17 BCR YE . -40.82 -27.92 101.68
C18 BCR YE . -40.06 -29.03 101.62
C19 BCR YE . -39.10 -29.27 102.68
C20 BCR YE . -38.17 -30.23 102.60
C21 BCR YE . -37.63 -30.79 103.82
C22 BCR YE . -36.91 -31.92 103.90
C23 BCR YE . -37.39 -32.97 104.77
C24 BCR YE . -37.36 -32.89 106.11
C25 BCR YE . -37.09 -33.95 107.07
C26 BCR YE . -38.06 -34.74 107.55
C27 BCR YE . -37.87 -35.83 108.54
C28 BCR YE . -36.42 -36.17 108.78
C29 BCR YE . -35.61 -34.91 108.83
C30 BCR YE . -35.68 -34.10 107.54
C35 BCR YE . -42.88 -23.62 101.54
C36 BCR YE . -40.08 -29.93 100.44
C37 BCR YE . -35.48 -31.89 103.55
C38 BCR YE . -39.47 -34.65 107.14
C39 BCR YE . -34.79 -34.72 106.48
C40 BCR YE . -35.07 -32.75 107.89
MG CL0 ZE . 25.56 -56.65 15.10
CHA CL0 ZE . 22.93 -55.82 17.20
CHB CL0 ZE . 23.34 -57.86 12.95
CHC CL0 ZE . 28.10 -57.16 12.99
CHD CL0 ZE . 27.72 -54.55 17.18
NA CL0 ZE . 23.51 -56.76 15.04
C1A CL0 ZE . 22.62 -56.55 15.93
C2A CL0 ZE . 21.24 -57.08 15.65
C3A CL0 ZE . 21.48 -57.78 14.35
C4A CL0 ZE . 22.87 -57.42 14.10
CMA CL0 ZE . 21.66 -59.22 14.77
CAA CL0 ZE . 20.32 -55.97 15.18
CBA CL0 ZE . 18.96 -56.51 14.77
CGA CL0 ZE . 18.21 -55.44 14.04
O1A CL0 ZE . 17.79 -55.64 12.92
O2A CL0 ZE . 17.99 -54.15 14.67
NB CL0 ZE . 25.70 -57.46 13.24
C1B CL0 ZE . 24.70 -57.73 12.45
C2B CL0 ZE . 25.00 -57.96 11.04
C3B CL0 ZE . 26.46 -57.76 11.03
C4B CL0 ZE . 26.77 -57.46 12.45
CMB CL0 ZE . 24.05 -58.29 9.92
CAB CL0 ZE . 27.30 -57.88 9.82
CBB CL0 ZE . 28.60 -57.75 9.73
NC CL0 ZE . 27.50 -55.98 15.11
C1C CL0 ZE . 28.37 -56.29 14.14
C2C CL0 ZE . 29.71 -55.70 14.30
C3C CL0 ZE . 29.59 -54.93 15.55
C4C CL0 ZE . 28.19 -55.19 15.94
CMC CL0 ZE . 30.91 -55.84 13.42
CAC CL0 ZE . 30.62 -54.09 16.26
CBC CL0 ZE . 31.26 -55.01 17.27
ND CL0 ZE . 25.44 -55.41 16.70
C1D CL0 ZE . 26.32 -54.73 17.57
C2D CL0 ZE . 25.75 -54.24 18.82
C3D CL0 ZE . 24.36 -54.70 18.66
C4D CL0 ZE . 24.28 -55.33 17.43
CMD CL0 ZE . 26.32 -53.50 19.97
CAD CL0 ZE . 23.02 -54.77 19.27
OBD CL0 ZE . 22.69 -54.26 20.39
CBD CL0 ZE . 22.08 -55.43 18.36
CGD CL0 ZE . 21.21 -54.27 18.01
O1D CL0 ZE . 21.73 -53.21 17.74
O2D CL0 ZE . 19.77 -54.35 18.00
CED CL0 ZE . 19.04 -53.16 17.72
C1 CL0 ZE . 17.50 -53.05 13.90
C2 CL0 ZE . 18.63 -52.10 13.60
C3 CL0 ZE . 18.72 -50.92 14.22
C4 CL0 ZE . 17.70 -50.49 15.23
C5 CL0 ZE . 19.85 -49.99 13.89
C6 CL0 ZE . 20.38 -49.29 15.13
C7 CL0 ZE . 21.74 -48.69 14.85
C8 CL0 ZE . 21.59 -47.24 14.43
C9 CL0 ZE . 22.78 -46.77 13.63
C10 CL0 ZE . 21.45 -46.41 15.70
C11 CL0 ZE . 21.01 -45.01 15.31
C12 CL0 ZE . 19.64 -45.02 14.70
C13 CL0 ZE . 19.11 -43.61 14.58
C14 CL0 ZE . 18.72 -43.06 15.93
C15 CL0 ZE . 17.93 -43.57 13.62
C16 CL0 ZE . 16.97 -44.73 13.76
C17 CL0 ZE . 15.80 -44.42 12.83
C18 CL0 ZE . 14.67 -45.43 12.84
C19 CL0 ZE . 13.40 -44.72 12.40
C20 CL0 ZE . 14.46 -46.10 14.18
MG CLA AF . 16.51 -49.94 10.37
CHA CLA AF . 19.81 -50.35 9.68
CHB CLA AF . 16.90 -46.66 9.82
CHC CLA AF . 13.12 -49.65 10.25
CHD CLA AF . 16.15 -53.57 10.61
NA CLA AF . 18.08 -48.71 9.80
C1A CLA AF . 19.34 -48.94 9.79
C2A CLA AF . 20.24 -47.73 9.74
C3A CLA AF . 19.25 -46.60 9.77
C4A CLA AF . 18.00 -47.39 9.81
CMA CLA AF . 19.39 -45.80 11.04
CAA CLA AF . 20.89 -47.44 8.40
CBA CLA AF . 22.30 -46.91 8.54
CGA CLA AF . 22.32 -45.47 8.12
O1A CLA AF . 21.55 -44.66 8.57
O2A CLA AF . 23.28 -44.96 7.17
NB CLA AF . 15.22 -48.39 10.17
C1B CLA AF . 15.55 -47.18 9.80
C2B CLA AF . 14.48 -46.35 9.25
C3B CLA AF . 13.32 -47.24 9.37
C4B CLA AF . 13.91 -48.47 9.95
CMB CLA AF . 14.67 -44.97 8.75
CAB CLA AF . 11.90 -47.09 9.02
CBB CLA AF . 11.37 -45.98 8.55
NC CLA AF . 14.99 -51.33 10.33
C1C CLA AF . 13.71 -50.98 10.44
C2C CLA AF . 12.80 -52.08 10.82
C3C CLA AF . 13.69 -53.23 10.93
C4C CLA AF . 15.00 -52.65 10.60
CMC CLA AF . 11.33 -52.01 11.04
CAC CLA AF . 13.34 -54.64 11.28
CBC CLA AF . 13.47 -54.67 12.78
ND CLA AF . 17.62 -51.61 10.25
C1D CLA AF . 17.44 -53.01 10.23
C2D CLA AF . 18.61 -53.80 9.82
C3D CLA AF . 19.58 -52.70 9.58
C4D CLA AF . 18.92 -51.50 9.80
CMD CLA AF . 18.90 -55.26 9.65
CAD CLA AF . 20.93 -52.34 9.13
OBD CLA AF . 21.87 -53.13 8.80
CBD CLA AF . 21.10 -50.89 9.20
CGD CLA AF . 22.05 -50.72 10.33
O1D CLA AF . 22.08 -51.56 11.21
O2D CLA AF . 22.95 -49.61 10.43
CED CLA AF . 23.91 -49.66 11.47
C1 CLA AF . 23.11 -43.60 6.80
C2 CLA AF . 22.73 -43.53 5.35
C3 CLA AF . 23.36 -42.69 4.53
C4 CLA AF . 24.47 -41.81 5.01
C5 CLA AF . 22.96 -42.65 3.09
C6 CLA AF . 21.61 -41.98 2.94
C7 CLA AF . 21.29 -41.84 1.47
C8 CLA AF . 19.92 -41.25 1.28
C9 CLA AF . 18.86 -42.13 1.91
C10 CLA AF . 19.65 -41.11 -0.21
C11 CLA AF . 20.60 -40.10 -0.80
C12 CLA AF . 20.57 -40.18 -2.33
C13 CLA AF . 21.89 -39.87 -3.03
C14 CLA AF . 22.79 -38.96 -2.23
C15 CLA AF . 21.59 -39.17 -4.34
C16 CLA AF . 22.83 -39.03 -5.20
C17 CLA AF . 22.50 -38.25 -6.46
C18 CLA AF . 23.63 -38.31 -7.47
C19 CLA AF . 23.36 -37.39 -8.65
C20 CLA AF . 23.83 -39.74 -7.95
MG CLA BF . 19.48 -71.71 5.36
CHA CLA BF . 19.25 -74.79 3.78
CHB CLA BF . 20.94 -73.25 7.93
CHC CLA BF . 20.20 -68.63 6.62
CHD CLA BF . 18.04 -70.17 2.37
NA CLA BF . 20.05 -73.65 5.77
C1A CLA BF . 19.87 -74.75 5.14
C2A CLA BF . 20.34 -75.99 5.85
C3A CLA BF . 20.77 -75.46 7.18
C4A CLA BF . 20.57 -74.01 6.92
CMA CLA BF . 19.77 -75.92 8.23
CAA CLA BF . 21.68 -76.35 5.18
CBA CLA BF . 22.58 -77.35 5.91
CGA CLA BF . 23.80 -76.72 6.58
O1A CLA BF . 24.54 -75.96 5.98
O2A CLA BF . 24.04 -76.99 7.98
NB CLA BF . 20.43 -71.05 7.03
C1B CLA BF . 20.89 -71.80 8.00
C2B CLA BF . 21.49 -71.11 9.15
C3B CLA BF . 21.27 -69.70 8.76
C4B CLA BF . 20.61 -69.79 7.42
CMB CLA BF . 22.10 -71.74 10.37
CAB CLA BF . 21.62 -68.49 9.51
CBB CLA BF . 22.88 -68.31 9.87
NC CLA BF . 19.25 -69.81 4.60
C1C CLA BF . 19.49 -68.71 5.34
C2C CLA BF . 18.94 -67.47 4.73
C3C CLA BF . 18.31 -67.93 3.49
C4C CLA BF . 18.57 -69.39 3.51
CMC CLA BF . 19.01 -66.08 5.27
CAC CLA BF . 17.59 -67.12 2.43
CBC CLA BF . 16.11 -67.26 2.71
ND CLA BF . 18.83 -72.23 3.52
C1D CLA BF . 18.22 -71.61 2.41
C2D CLA BF . 17.81 -72.50 1.32
C3D CLA BF . 18.24 -73.81 1.89
C4D CLA BF . 18.82 -73.56 3.12
CMD CLA BF . 17.15 -72.26 0.01
CAD CLA BF . 18.30 -75.27 1.67
OBD CLA BF . 17.87 -75.87 0.62
CBD CLA BF . 18.96 -75.90 2.83
CGD CLA BF . 18.24 -77.11 3.34
O1D CLA BF . 17.64 -77.14 4.40
O2D CLA BF . 18.31 -78.34 2.59
CED CLA BF . 18.18 -79.57 3.30
MG CLA CF . 4.76 -80.61 23.28
CHA CLA CF . 6.28 -82.25 20.67
CHB CLA CF . 7.62 -78.84 23.73
CHC CLA CF . 3.36 -79.32 26.00
CHD CLA CF . 2.04 -83.13 23.12
NA CLA CF . 6.64 -80.59 22.41
C1A CLA CF . 7.07 -81.15 21.35
C2A CLA CF . 8.42 -80.70 20.84
C3A CLA CF . 8.79 -79.64 21.85
C4A CLA CF . 7.59 -79.70 22.72
CMA CLA CF . 9.99 -80.09 22.68
CAA CLA CF . 8.42 -79.98 19.50
CBA CLA CF . 9.34 -80.70 18.52
CGA CLA CF . 10.63 -81.14 19.19
O1A CLA CF . 11.51 -80.33 19.48
O2A CLA CF . 10.84 -82.54 19.50
NB CLA CF . 5.40 -79.25 24.67
C1B CLA CF . 6.59 -78.66 24.74
C2B CLA CF . 6.78 -77.78 25.93
C3B CLA CF . 5.50 -77.93 26.63
C4B CLA CF . 4.73 -78.85 25.74
CMB CLA CF . 7.98 -76.97 26.33
CAB CLA CF . 5.09 -77.28 27.89
CBB CLA CF . 4.43 -77.88 28.86
NC CLA CF . 3.02 -81.09 24.27
C1C CLA CF . 2.74 -80.52 25.44
C2C CLA CF . 1.70 -81.18 26.23
C3C CLA CF . 1.31 -82.32 25.40
C4C CLA CF . 2.18 -82.14 24.21
CMC CLA CF . 1.21 -80.78 27.59
CAC CLA CF . 0.26 -83.37 25.66
CBC CLA CF . 0.90 -84.39 26.58
ND CLA CF . 4.25 -82.31 22.29
C1D CLA CF . 3.12 -83.20 22.15
C2D CLA CF . 3.16 -84.11 20.99
C3D CLA CF . 4.46 -83.71 20.41
C4D CLA CF . 4.98 -82.70 21.19
CMD CLA CF . 2.27 -85.18 20.41
CAD CLA CF . 5.40 -83.94 19.30
OBD CLA CF . 5.26 -84.81 18.38
CBD CLA CF . 6.57 -83.06 19.46
CGD CLA CF . 7.71 -83.97 19.72
O1D CLA CF . 8.49 -84.21 18.83
O2D CLA CF . 7.90 -84.57 21.02
CED CLA CF . 9.19 -85.02 21.39
MG CLA DF . -0.99 -75.44 29.18
CHA CLA DF . -3.54 -77.79 28.99
CHB CLA DF . -2.42 -74.25 31.97
CHC CLA DF . 1.75 -73.47 29.57
CHD CLA DF . 0.65 -77.20 26.42
NA CLA DF . -2.64 -75.95 30.31
C1A CLA DF . -3.57 -76.81 30.12
C2A CLA DF . -4.74 -76.78 31.09
C3A CLA DF . -4.35 -75.62 31.98
C4A CLA DF . -3.05 -75.24 31.37
CMA CLA DF . -5.30 -74.46 31.73
CAA CLA DF . -4.79 -77.99 32.02
CBA CLA DF . -3.45 -78.43 32.60
CGA CLA DF . -3.64 -79.49 33.66
O1A CLA DF . -3.71 -80.66 33.35
O2A CLA DF . -3.76 -79.14 35.07
NB CLA DF . -0.42 -74.06 30.57
C1B CLA DF . -1.13 -73.67 31.62
C2B CLA DF . -0.52 -72.62 32.45
C3B CLA DF . 0.74 -72.38 31.73
C4B CLA DF . 0.70 -73.33 30.59
CMB CLA DF . -1.05 -71.98 33.71
CAB CLA DF . 1.79 -71.42 32.10
CBB CLA DF . 2.93 -71.82 32.59
NC CLA DF . 0.85 -75.44 28.27
C1C CLA DF . 1.74 -74.43 28.45
C2C CLA DF . 2.74 -74.29 27.37
C3C CLA DF . 2.40 -75.40 26.44
C4C CLA DF . 1.24 -76.03 27.10
CMC CLA DF . 3.85 -73.30 27.22
CAC CLA DF . 3.06 -75.78 25.16
CBC CLA DF . 2.32 -75.02 24.09
ND CLA DF . -1.24 -77.09 28.01
C1D CLA DF . -0.65 -77.70 26.86
C2D CLA DF . -1.41 -78.80 26.23
C3D CLA DF . -2.60 -78.81 27.11
C4D CLA DF . -2.40 -77.83 28.08
CMD CLA DF . -1.29 -79.73 25.04
CAD CLA DF . -3.90 -79.47 27.37
OBD CLA DF . -4.40 -80.41 26.66
CBD CLA DF . -4.52 -78.82 28.53
CGD CLA DF . -5.80 -78.21 28.04
O1D CLA DF . -6.68 -78.92 27.59
O2D CLA DF . -6.02 -76.79 28.07
CED CLA DF . -7.36 -76.36 28.27
MG CLA EF . -5.47 -65.01 31.09
CHA CLA EF . -4.92 -61.90 32.49
CHB CLA EF . -2.57 -66.02 32.42
CHC CLA EF . -5.75 -67.80 29.27
CHD CLA EF . -8.25 -63.52 29.18
NA CLA EF . -3.98 -64.12 32.20
C1A CLA EF . -3.91 -62.98 32.78
C2A CLA EF . -2.80 -62.80 33.78
C3A CLA EF . -2.07 -64.11 33.65
C4A CLA EF . -2.95 -64.79 32.68
CMA CLA EF . -0.75 -63.82 32.97
CAA CLA EF . -3.42 -62.74 35.20
CBA CLA EF . -2.88 -63.62 36.33
CGA CLA EF . -1.63 -62.99 36.84
O1A CLA EF . -0.80 -63.68 37.39
O2A CLA EF . -1.45 -61.57 36.64
NB CLA EF . -4.32 -66.68 30.89
C1B CLA EF . -3.19 -66.96 31.50
C2B CLA EF . -2.60 -68.27 31.20
C3B CLA EF . -3.57 -68.82 30.24
C4B CLA EF . -4.58 -67.74 30.13
CMB CLA EF . -1.35 -68.90 31.73
CAB CLA EF . -3.51 -70.13 29.56
CBB CLA EF . -4.52 -70.98 29.51
NC CLA EF . -6.77 -65.54 29.61
C1C CLA EF . -6.62 -66.68 28.93
C2C CLA EF . -7.41 -66.79 27.72
C3C CLA EF . -8.16 -65.53 27.66
C4C CLA EF . -7.69 -64.86 28.89
CMC CLA EF . -7.44 -67.94 26.77
CAC CLA EF . -9.16 -65.06 26.63
CBC CLA EF . -8.44 -64.18 25.66
ND CLA EF . -6.37 -63.22 30.78
C1D CLA EF . -7.53 -62.70 30.12
C2D CLA EF . -7.90 -61.33 30.47
C3D CLA EF . -6.81 -61.01 31.42
C4D CLA EF . -6.02 -62.13 31.54
CMD CLA EF . -8.99 -60.40 30.06
CAD CLA EF . -6.27 -59.99 32.32
OBD CLA EF . -6.75 -58.82 32.48
CBD CLA EF . -5.08 -60.51 32.99
CGD CLA EF . -3.91 -59.67 32.63
O1D CLA EF . -2.97 -59.55 33.39
O2D CLA EF . -3.87 -58.94 31.39
CED CLA EF . -2.77 -58.07 31.17
C1 CLA EF . -0.21 -61.05 36.20
C2 CLA EF . 0.76 -60.96 37.36
C3 CLA EF . 0.75 -59.92 38.20
C4 CLA EF . -0.20 -58.78 38.02
C5 CLA EF . 1.74 -59.91 39.32
C6 CLA EF . 1.64 -61.16 40.17
C7 CLA EF . 1.52 -60.71 41.61
C8 CLA EF . 2.19 -61.69 42.53
C9 CLA EF . 1.30 -62.90 42.67
C10 CLA EF . 2.38 -60.99 43.87
C11 CLA EF . 3.47 -61.63 44.73
C12 CLA EF . 3.03 -61.60 46.19
C13 CLA EF . 3.09 -60.21 46.79
C14 CLA EF . 4.54 -59.81 47.06
C15 CLA EF . 2.31 -60.17 48.10
C16 CLA EF . 0.97 -60.88 48.08
C17 CLA EF . 0.06 -60.21 49.10
C18 CLA EF . -0.56 -61.20 50.07
C19 CLA EF . 0.50 -61.77 50.99
C20 CLA EF . -1.30 -62.31 49.34
MG CLA FF . 3.58 -65.13 32.08
CHA CLA FF . 3.05 -67.74 29.93
CHB CLA FF . 1.50 -63.27 30.20
CHC CLA FF . 4.43 -62.53 34.00
CHD CLA FF . 6.21 -67.17 33.73
NA CLA FF . 2.50 -65.42 30.36
C1A CLA FF . 2.31 -66.47 29.66
C2A CLA FF . 1.30 -66.37 28.55
C3A CLA FF . 0.87 -64.94 28.66
C4A CLA FF . 1.68 -64.53 29.83
CMA CLA FF . 1.40 -64.16 27.46
CAA CLA FF . 0.02 -67.08 28.91
CBA CLA FF . -0.31 -68.15 27.88
CGA CLA FF . -1.17 -67.55 26.81
O1A CLA FF . -2.35 -67.77 26.80
O2A CLA FF . -0.61 -66.68 25.80
NB CLA FF . 3.04 -63.17 32.08
C1B CLA FF . 2.16 -62.57 31.30
C2B CLA FF . 1.87 -61.17 31.62
C3B CLA FF . 2.77 -60.94 32.77
C4B CLA FF . 3.43 -62.26 32.96
CMB CLA FF . 0.94 -60.19 30.95
CAB CLA FF . 2.94 -59.70 33.53
CBB CLA FF . 2.76 -59.68 34.83
NC CLA FF . 5.02 -64.93 33.53
C1C CLA FF . 5.18 -63.78 34.19
C2C CLA FF . 6.22 -63.81 35.23
C3C CLA FF . 6.74 -65.18 35.14
C4C CLA FF . 5.92 -65.77 34.07
CMC CLA FF . 6.61 -62.69 36.14
CAC CLA FF . 7.82 -65.87 35.94
CBC CLA FF . 9.13 -65.62 35.24
ND CLA FF . 4.50 -66.92 31.92
C1D CLA FF . 5.45 -67.73 32.62
C2D CLA FF . 5.59 -69.11 32.15
C3D CLA FF . 4.60 -69.09 31.04
C4D CLA FF . 4.04 -67.84 31.01
CMD CLA FF . 6.41 -70.31 32.53
CAD CLA FF . 3.96 -69.89 29.98
OBD CLA FF . 4.22 -71.11 29.70
CBD CLA FF . 3.01 -69.05 29.24
CGD CLA FF . 3.75 -68.82 27.98
O1D CLA FF . 4.97 -68.85 27.98
O2D CLA FF . 3.09 -68.58 26.73
CED CLA FF . 3.91 -68.63 25.58
C1 CLA FF . 0.11 -67.24 24.70
C2 CLA FF . 1.34 -66.40 24.47
C3 CLA FF . 1.60 -65.83 23.29
C4 CLA FF . 0.65 -66.00 22.16
C5 CLA FF . 2.84 -64.99 23.09
C6 CLA FF . 3.87 -65.23 24.15
C7 CLA FF . 4.17 -63.95 24.90
C8 CLA FF . 5.32 -63.21 24.25
C9 CLA FF . 6.59 -64.06 24.27
C10 CLA FF . 5.52 -61.89 24.95
C11 CLA FF . 6.00 -62.15 26.37
C12 CLA FF . 5.51 -61.09 27.33
C13 CLA FF . 5.19 -61.76 28.65
C14 CLA FF . 4.71 -60.72 29.64
C15 CLA FF . 6.41 -62.48 29.21
C16 CLA FF . 5.97 -63.73 29.95
C17 CLA FF . 7.11 -64.52 30.55
C18 CLA FF . 7.94 -65.24 29.49
C19 CLA FF . 7.09 -66.07 28.56
C20 CLA FF . 9.00 -66.10 30.17
MG CLA GF . 17.15 -73.41 41.78
CHA CLA GF . 20.21 -74.97 41.99
CHB CLA GF . 17.83 -72.71 38.54
CHC CLA GF . 13.99 -72.27 41.49
CHD CLA GF . 16.35 -74.79 45.09
NA CLA GF . 18.70 -73.80 40.47
C1A CLA GF . 19.84 -74.34 40.68
C2A CLA GF . 20.79 -74.34 39.51
C3A CLA GF . 20.02 -73.56 38.47
C4A CLA GF . 18.76 -73.35 39.22
CMA CLA GF . 20.68 -72.21 38.30
CAA CLA GF . 21.02 -75.74 38.92
CBA CLA GF . 19.80 -76.52 38.45
CGA CLA GF . 19.28 -77.48 39.49
O1A CLA GF . 19.90 -77.70 40.51
O2A CLA GF . 18.00 -78.15 39.29
NB CLA GF . 16.07 -72.61 40.24
C1B CLA GF . 16.50 -72.35 39.01
C2B CLA GF . 15.52 -71.68 38.12
C3B CLA GF . 14.37 -71.56 39.02
C4B CLA GF . 14.83 -72.16 40.30
CMB CLA GF . 15.68 -71.26 36.69
CAB CLA GF . 13.06 -70.94 38.72
CBB CLA GF . 12.69 -69.87 39.38
NC CLA GF . 15.51 -73.56 43.01
C1C CLA GF . 14.35 -72.95 42.75
C2C CLA GF . 13.36 -72.99 43.85
C3C CLA GF . 14.06 -73.75 44.90
C4C CLA GF . 15.37 -74.03 44.28
CMC CLA GF . 11.97 -72.43 43.88
CAC CLA GF . 13.57 -74.12 46.28
CBC CLA GF . 13.04 -75.54 46.18
ND CLA GF . 17.93 -74.62 43.19
C1D CLA GF . 17.67 -75.02 44.54
C2D CLA GF . 18.79 -75.66 45.27
C3D CLA GF . 19.82 -75.61 44.21
C4D CLA GF . 19.25 -75.01 43.09
CMD CLA GF . 19.01 -76.22 46.63
CAD CLA GF . 21.22 -75.96 43.85
OBD CLA GF . 22.06 -76.52 44.64
CBD CLA GF . 21.50 -75.54 42.48
CGD CLA GF . 22.48 -74.42 42.57
O1D CLA GF . 22.10 -73.27 42.67
O2D CLA GF . 23.91 -74.70 42.53
CED CLA GF . 24.85 -73.64 42.64
C1 CLA GF . 17.90 -79.55 39.55
C2 CLA GF . 17.48 -80.26 38.28
C3 CLA GF . 16.22 -80.71 38.10
C4 CLA GF . 15.17 -80.53 39.16
C5 CLA GF . 15.86 -81.41 36.82
C6 CLA GF . 15.58 -82.90 37.05
MG CLA HF . 20.56 -66.97 34.73
CHA CLA HF . 19.21 -64.87 37.12
CHB CLA HF . 18.75 -69.46 36.00
CHC CLA HF . 22.06 -68.97 32.49
CHD CLA HF . 22.96 -64.32 33.92
NA CLA HF . 19.24 -67.16 36.31
C1A CLA HF . 18.71 -66.28 37.09
C2A CLA HF . 17.61 -66.77 38.01
C3A CLA HF . 17.53 -68.22 37.62
C4A CLA HF . 18.58 -68.27 36.57
CMA CLA HF . 18.03 -69.04 38.80
CAA CLA HF . 16.22 -66.12 37.84
CBA CLA HF . 15.13 -66.84 37.03
CGA CLA HF . 15.21 -66.40 35.60
O1A CLA HF . 15.70 -65.32 35.32
O2A CLA HF . 14.72 -67.25 34.53
NB CLA HF . 20.41 -68.96 34.30
C1B CLA HF . 19.67 -69.85 34.94
C2B CLA HF . 19.82 -71.24 34.47
C3B CLA HF . 20.83 -71.10 33.39
C4B CLA HF . 21.11 -69.64 33.39
CMB CLA HF . 19.13 -72.48 34.95
CAB CLA HF . 21.36 -72.21 32.56
CBB CLA HF . 22.48 -72.23 31.85
NC CLA HF . 22.22 -66.71 33.55
C1C CLA HF . 22.56 -67.60 32.61
C2C CLA HF . 23.54 -67.12 31.60
C3C CLA HF . 23.80 -65.76 32.05
C4C CLA HF . 22.94 -65.62 33.23
CMC CLA HF . 24.14 -67.84 30.43
CAC CLA HF . 24.73 -64.74 31.43
CBC CLA HF . 26.02 -64.85 32.22
ND CLA HF . 21.09 -65.11 35.34
C1D CLA HF . 21.95 -64.05 34.91
C2D CLA HF . 21.74 -62.74 35.54
C3D CLA HF . 20.60 -63.09 36.45
C4D CLA HF . 20.30 -64.42 36.24
CMD CLA HF . 22.39 -61.40 35.40
CAD CLA HF . 19.66 -62.59 37.46
OBD CLA HF . 19.59 -61.40 37.92
CBD CLA HF . 18.79 -63.68 37.91
CGD CLA HF . 19.16 -63.98 39.32
O1D CLA HF . 19.94 -64.88 39.56
O2D CLA HF . 18.59 -63.28 40.44
CED CLA HF . 18.70 -63.88 41.72
C1 CLA HF . 14.00 -66.59 33.48
C2 CLA HF . 13.31 -67.57 32.56
C3 CLA HF . 13.34 -67.40 31.23
C4 CLA HF . 14.05 -66.23 30.61
C5 CLA HF . 12.64 -68.38 30.32
C6 CLA HF . 13.57 -68.92 29.24
C7 CLA HF . 14.06 -70.34 29.52
C8 CLA HF . 13.13 -71.40 28.92
C9 CLA HF . 12.20 -72.00 29.98
C10 CLA HF . 13.91 -72.49 28.18
C11 CLA HF . 14.86 -73.32 29.04
C12 CLA HF . 14.42 -74.79 29.19
C13 CLA HF . 15.10 -75.80 28.27
C14 CLA HF . 16.58 -75.52 28.08
C15 CLA HF . 14.39 -75.88 26.92
C16 CLA HF . 13.79 -77.27 26.68
C17 CLA HF . 12.37 -77.15 26.15
C18 CLA HF . 12.37 -76.62 24.73
C19 CLA HF . 11.00 -76.05 24.38
C20 CLA HF . 12.78 -77.71 23.74
MG CLA IF . 26.39 -75.00 31.31
CHA CLA IF . 24.85 -74.25 34.33
CHB CLA IF . 25.75 -78.25 31.92
CHC CLA IF . 27.37 -75.61 28.15
CHD CLA IF . 26.64 -71.37 30.67
NA CLA IF . 25.43 -76.06 32.81
C1A CLA IF . 24.94 -75.68 33.93
C2A CLA IF . 24.51 -76.78 34.87
C3A CLA IF . 24.85 -78.01 34.10
C4A CLA IF . 25.37 -77.38 32.86
CMA CLA IF . 26.07 -78.53 34.84
CAA CLA IF . 23.02 -76.91 35.15
CBA CLA IF . 22.14 -76.43 34.02
CGA CLA IF . 20.88 -76.05 34.76
O1A CLA IF . 20.95 -75.21 35.64
O2A CLA IF . 19.62 -76.70 34.45
NB CLA IF . 26.51 -76.70 30.20
C1B CLA IF . 26.32 -77.94 30.62
C2B CLA IF . 26.69 -79.01 29.67
C3B CLA IF . 27.18 -78.20 28.53
C4B CLA IF . 27.02 -76.79 28.97
CMB CLA IF . 26.60 -80.50 29.83
CAB CLA IF . 27.70 -78.71 27.24
CBB CLA IF . 28.90 -78.38 26.81
NC CLA IF . 26.86 -73.74 29.75
C1C CLA IF . 27.28 -74.19 28.55
C2C CLA IF . 27.66 -73.13 27.59
C3C CLA IF . 27.45 -71.89 28.35
C4C CLA IF . 26.96 -72.39 29.65
CMC CLA IF . 28.16 -73.27 26.18
CAC CLA IF . 27.67 -70.46 27.89
CBC CLA IF . 26.36 -69.92 27.37
ND CLA IF . 25.87 -73.22 32.15
C1D CLA IF . 26.05 -71.83 31.92
C2D CLA IF . 25.61 -70.95 33.04
C3D CLA IF . 25.14 -71.96 34.00
C4D CLA IF . 25.29 -73.20 33.41
CMD CLA IF . 25.58 -69.50 33.34
CAD CLA IF . 24.52 -72.15 35.31
OBD CLA IF . 24.22 -71.21 36.15
CBD CLA IF . 24.34 -73.59 35.56
CGD CLA IF . 25.21 -73.90 36.74
O1D CLA IF . 26.23 -74.55 36.66
O2D CLA IF . 24.75 -73.41 38.03
CED CLA IF . 24.46 -74.38 39.01
MG CLA JF . -12.52 -69.48 46.42
CHA CLA JF . -15.55 -70.40 47.76
CHB CLA JF . -14.08 -67.05 44.72
CHC CLA JF . -9.49 -68.33 45.54
CHD CLA JF . -10.88 -71.74 48.87
NA CLA JF . -14.47 -68.78 46.31
C1A CLA JF . -15.56 -69.29 46.75
C2A CLA JF . -16.86 -68.70 46.21
C3A CLA JF . -16.33 -67.64 45.26
C4A CLA JF . -14.87 -67.85 45.45
CMA CLA JF . -16.73 -67.97 43.82
CAA CLA JF . -17.73 -67.95 47.22
CBA CLA JF . -16.97 -67.00 48.12
CGA CLA JF . -17.89 -65.89 48.52
O1A CLA JF . -18.33 -65.13 47.68
O2A CLA JF . -18.27 -65.70 49.91
NB CLA JF . -11.89 -67.93 45.25
C1B CLA JF . -12.62 -66.98 44.72
C2B CLA JF . -11.87 -65.82 44.16
C3B CLA JF . -10.48 -66.22 44.41
C4B CLA JF . -10.63 -67.54 45.09
CMB CLA JF . -12.37 -64.57 43.49
CAB CLA JF . -9.23 -65.48 44.08
CBB CLA JF . -8.26 -65.22 44.94
NC CLA JF . -10.63 -69.99 47.03
C1C CLA JF . -9.54 -69.33 46.61
C2C CLA JF . -8.28 -69.64 47.30
C3C CLA JF . -8.70 -70.65 48.28
C4C CLA JF . -10.15 -70.79 48.02
CMC CLA JF . -6.92 -69.05 47.06
CAC CLA JF . -7.87 -71.36 49.30
CBC CLA JF . -7.43 -72.63 48.59
ND CLA JF . -12.98 -70.71 47.97
C1D CLA JF . -12.35 -71.66 48.84
C2D CLA JF . -13.25 -72.52 49.64
C3D CLA JF . -14.55 -71.99 49.18
C4D CLA JF . -14.30 -70.98 48.26
CMD CLA JF . -13.09 -73.62 50.65
CAD CLA JF . -16.02 -72.09 49.33
OBD CLA JF . -16.61 -72.93 50.10
CBD CLA JF . -16.67 -71.14 48.42
CGD CLA JF . -17.17 -72.03 47.34
O1D CLA JF . -16.37 -72.60 46.61
O2D CLA JF . -18.58 -72.26 47.13
CED CLA JF . -18.99 -73.46 46.47
MG CLA KF . -7.30 -80.31 35.47
CHA CLA KF . -8.51 -79.95 32.26
CHB CLA KF . -6.98 -83.63 34.88
CHC CLA KF . -5.60 -80.55 38.36
CHD CLA KF . -7.20 -76.63 35.73
NA CLA KF . -7.62 -81.57 33.86
C1A CLA KF . -8.13 -81.33 32.71
C2A CLA KF . -8.36 -82.51 31.82
C3A CLA KF . -7.91 -83.66 32.70
C4A CLA KF . -7.47 -82.89 33.89
CMA CLA KF . -9.13 -84.48 33.09
CAA CLA KF . -7.37 -82.56 30.65
CBA CLA KF . -6.00 -81.93 30.91
CGA CLA KF . -4.97 -82.64 30.07
O1A CLA KF . -5.10 -83.82 29.84
O2A CLA KF . -3.86 -81.94 29.46
NB CLA KF . -6.41 -81.87 36.46
C1B CLA KF . -6.45 -83.15 36.14
C2B CLA KF . -5.86 -84.08 37.14
C3B CLA KF . -5.44 -83.12 38.21
C4B CLA KF . -5.84 -81.80 37.65
CMB CLA KF . -5.73 -85.57 37.10
CAB CLA KF . -4.78 -83.39 39.50
CBB CLA KF . -3.54 -82.98 39.70
NC CLA KF . -6.65 -78.88 36.80
C1C CLA KF . -5.83 -79.21 37.81
C2C CLA KF . -5.09 -78.09 38.41
C3C CLA KF . -5.55 -76.93 37.65
C4C CLA KF . -6.52 -77.54 36.69
CMC CLA KF . -4.09 -78.14 39.54
CAC CLA KF . -5.13 -75.50 37.82
CBC CLA KF . -3.91 -75.33 36.91
ND CLA KF . -7.66 -78.65 34.34
C1D CLA KF . -7.76 -77.23 34.51
C2D CLA KF . -8.40 -76.50 33.39
C3D CLA KF . -8.70 -77.63 32.49
C4D CLA KF . -8.25 -78.78 33.10
CMD CLA KF . -8.76 -75.09 33.05
CAD CLA KF . -9.30 -78.00 31.19
OBD CLA KF . -9.84 -77.20 30.35
CBD CLA KF . -9.19 -79.46 31.03
CGD CLA KF . -10.55 -80.00 30.71
O1D CLA KF . -11.15 -80.72 31.49
O2D CLA KF . -11.13 -79.64 29.43
CED CLA KF . -12.53 -79.76 29.22
C1 CLA KF . -2.54 -82.10 29.97
C2 CLA KF . -1.90 -80.74 30.07
C3 CLA KF . -0.66 -80.55 30.57
C4 CLA KF . 0.16 -81.69 31.08
C5 CLA KF . -0.12 -79.14 30.60
C6 CLA KF . 0.40 -78.72 31.96
C7 CLA KF . 0.54 -77.21 32.01
C8 CLA KF . 0.73 -76.71 33.44
C9 CLA KF . -0.62 -76.49 34.12
C10 CLA KF . 1.56 -75.44 33.43
C11 CLA KF . 3.04 -75.78 33.46
C12 CLA KF . 3.72 -75.33 32.18
C13 CLA KF . 5.23 -75.34 32.40
C14 CLA KF . 5.67 -74.07 33.13
C15 CLA KF . 5.94 -75.56 31.08
C16 CLA KF . 6.19 -74.29 30.28
C17 CLA KF . 7.59 -74.34 29.66
C18 CLA KF . 8.64 -74.36 30.76
C19 CLA KF . 8.84 -72.97 31.34
C20 CLA KF . 9.95 -74.97 30.26
MG CLA LF . -16.90 -59.18 48.96
CHA CLA LF . -18.85 -61.09 46.83
CHB CLA LF . -19.59 -57.29 49.58
CHC CLA LF . -15.03 -57.55 51.23
CHD CLA LF . -14.28 -61.75 48.66
NA CLA LF . -18.88 -59.20 48.36
C1A CLA LF . -19.49 -59.91 47.50
C2A CLA LF . -20.92 -59.54 47.20
C3A CLA LF . -21.09 -58.31 48.04
C4A CLA LF . -19.75 -58.26 48.70
CMA CLA LF . -21.18 -57.14 47.07
CAA CLA LF . -21.95 -60.56 47.68
CBA CLA LF . -22.00 -60.81 49.19
CGA CLA LF . -21.16 -61.99 49.59
O1A CLA LF . -21.66 -63.09 49.70
O2A CLA LF . -19.75 -61.85 49.88
NB CLA LF . -17.27 -57.64 50.24
C1B CLA LF . -18.40 -56.97 50.36
C2B CLA LF . -18.37 -55.87 51.34
C3B CLA LF . -16.98 -55.95 51.84
C4B CLA LF . -16.40 -57.08 51.07
CMB CLA LF . -19.46 -54.91 51.73
CAB CLA LF . -16.34 -55.08 52.86
CBB CLA LF . -15.73 -55.57 53.92
NC CLA LF . -15.06 -59.60 49.76
C1C CLA LF . -14.48 -58.81 50.67
C2C CLA LF . -13.15 -59.25 51.14
C3C CLA LF . -12.94 -60.48 50.38
C4C CLA LF . -14.16 -60.58 49.56
CMC CLA LF . -12.25 -58.61 52.15
CAC CLA LF . -11.76 -61.41 50.44
CBC CLA LF . -12.14 -62.50 51.41
ND CLA LF . -16.58 -60.99 48.10
C1D CLA LF . -15.50 -61.89 47.89
C2D CLA LF . -15.73 -62.92 46.87
C3D CLA LF . -17.09 -62.57 46.44
C4D CLA LF . -17.48 -61.48 47.18
CMD CLA LF . -14.92 -64.03 46.30
CAD CLA LF . -18.20 -62.93 45.53
OBD CLA LF . -18.18 -63.89 44.69
CBD CLA LF . -19.31 -62.00 45.74
CGD CLA LF . -19.57 -61.32 44.44
O1D CLA LF . -19.49 -60.12 44.30
O2D CLA LF . -19.91 -62.10 43.27
CED CLA LF . -20.08 -61.46 42.01
C1 CLA LF . -19.16 -62.60 50.92
C2 CLA LF . -18.68 -61.67 52.01
C3 CLA LF . -17.40 -61.65 52.39
C4 CLA LF . -16.41 -62.56 51.75
C5 CLA LF . -16.99 -60.70 53.49
C6 CLA LF . -15.48 -60.56 53.69
C7 CLA LF . -15.00 -61.30 54.92
C8 CLA LF . -13.96 -60.52 55.69
C9 CLA LF . -14.63 -59.41 56.51
MG CLA MF . -10.11 -60.90 42.15
CHA CLA MF . -8.28 -62.28 39.62
CHB CLA MF . -7.28 -60.56 43.93
CHC CLA MF . -12.04 -60.05 44.78
CHD CLA MF . -13.17 -61.78 40.26
NA CLA MF . -8.12 -61.39 41.86
C1A CLA MF . -7.52 -61.79 40.81
C2A CLA MF . -6.00 -61.80 40.88
C3A CLA MF . -5.76 -61.26 42.27
C4A CLA MF . -7.16 -61.05 42.71
CMA CLA MF . -5.10 -62.32 43.16
CAA CLA MF . -5.29 -60.84 39.94
CBA CLA MF . -3.81 -61.17 39.85
CGA CLA MF . -2.97 -60.14 40.55
O1A CLA MF . -2.84 -59.03 40.07
O2A CLA MF . -2.34 -60.44 41.83
NB CLA MF . -9.70 -60.36 44.07
C1B CLA MF . -8.52 -60.29 44.64
C2B CLA MF . -8.54 -59.95 46.08
C3B CLA MF . -9.98 -59.81 46.32
C4B CLA MF . -10.60 -60.07 44.99
CMB CLA MF . -7.41 -59.81 47.05
CAB CLA MF . -10.67 -59.47 47.56
CBB CLA MF . -11.21 -58.27 47.67
NC CLA MF . -12.14 -60.92 42.43
C1C CLA MF . -12.71 -60.54 43.57
C2C CLA MF . -14.18 -60.62 43.57
C3C CLA MF . -14.52 -61.13 42.25
C4C CLA MF . -13.18 -61.27 41.64
CMC CLA MF . -15.12 -60.29 44.67
CAC CLA MF . -15.85 -61.45 41.64
CBC CLA MF . -16.64 -60.20 41.37
ND CLA MF . -10.69 -61.81 40.43
C1D CLA MF . -11.87 -62.10 39.69
C2D CLA MF . -11.68 -62.73 38.37
C3D CLA MF . -10.20 -62.80 38.38
C4D CLA MF . -9.74 -62.27 39.56
CMD CLA MF . -12.55 -63.21 37.24
CAD CLA MF . -9.02 -63.20 37.59
OBD CLA MF . -9.09 -63.75 36.43
CBD CLA MF . -7.81 -62.92 38.37
CGD CLA MF . -7.38 -64.26 38.77
O1D CLA MF . -6.22 -64.52 39.07
O2D CLA MF . -8.40 -65.27 38.80
CED CLA MF . -8.00 -66.54 39.25
MG CLA NF . 5.88 -57.82 56.30
CHA CLA NF . 8.55 -59.68 57.43
CHB CLA NF . 6.62 -58.78 53.16
CHC CLA NF . 2.86 -56.65 55.37
CHD CLA NF . 5.08 -57.00 59.80
NA CLA NF . 7.30 -59.06 55.43
C1A CLA NF . 8.32 -59.63 55.94
C2A CLA NF . 9.27 -60.27 54.94
C3A CLA NF . 8.62 -59.94 53.63
C4A CLA NF . 7.43 -59.20 54.11
CMA CLA NF . 9.49 -58.96 52.86
CAA CLA NF . 9.26 -61.80 55.00
CBA CLA NF . 7.88 -62.43 55.16
CGA CLA NF . 7.92 -63.86 54.74
O1A CLA NF . 8.39 -64.73 55.45
O2A CLA NF . 7.39 -64.26 53.44
NB CLA NF . 4.90 -57.73 54.52
C1B CLA NF . 5.35 -58.09 53.32
C2B CLA NF . 4.44 -57.85 52.19
C3B CLA NF . 3.32 -57.20 52.88
C4B CLA NF . 3.71 -57.20 54.31
CMB CLA NF . 4.61 -58.15 50.73
CAB CLA NF . 2.06 -56.72 52.33
CBB CLA NF . 1.02 -57.50 52.54
NC CLA NF . 4.33 -57.01 57.38
C1C CLA NF . 3.20 -56.61 56.79
C2C CLA NF . 2.19 -56.05 57.71
C3C CLA NF . 2.84 -56.15 59.02
C4C CLA NF . 4.16 -56.75 58.69
CMC CLA NF . 0.83 -55.53 57.37
CAC CLA NF . 2.30 -55.75 60.36
CBC CLA NF . 1.61 -56.98 60.90
ND CLA NF . 6.55 -58.18 58.18
C1D CLA NF . 6.22 -57.88 59.54
C2D CLA NF . 7.11 -58.47 60.55
C3D CLA NF . 8.04 -59.19 59.67
C4D CLA NF . 7.64 -59.01 58.37
CMD CLA NF . 7.24 -58.46 62.04
CAD CLA NF . 9.23 -60.07 59.67
OBD CLA NF . 9.86 -60.49 60.70
CBD CLA NF . 9.56 -60.38 58.26
CGD CLA NF . 10.89 -59.81 57.94
O1D CLA NF . 11.85 -60.55 57.83
O2D CLA NF . 11.03 -58.40 57.72
CED CLA NF . 12.19 -57.95 57.02
MG CLA OF . 0.35 -50.06 62.80
CHA CLA OF . 0.72 -49.73 66.21
CHB CLA OF . -0.61 -53.24 63.30
CHC CLA OF . -0.58 -50.16 59.56
CHD CLA OF . 0.90 -46.42 62.48
NA CLA OF . 0.07 -51.27 64.46
C1A CLA OF . 0.31 -51.07 65.70
C2A CLA OF . 0.15 -52.27 66.62
C3A CLA OF . -0.29 -53.34 65.64
C4A CLA OF . -0.26 -52.55 64.38
CMA CLA OF . 0.66 -54.51 65.52
CAA CLA OF . -0.99 -52.18 67.62
CBA CLA OF . -2.26 -51.57 67.05
CGA CLA OF . -3.44 -52.37 67.55
O1A CLA OF . -3.49 -53.57 67.38
O2A CLA OF . -4.53 -51.71 68.25
NB CLA OF . -0.48 -51.49 61.61
C1B CLA OF . -0.72 -52.75 61.94
C2B CLA OF . -1.18 -53.63 60.84
C3B CLA OF . -1.17 -52.69 59.70
C4B CLA OF . -0.73 -51.40 60.31
CMB CLA OF . -1.55 -55.08 60.87
CAB CLA OF . -1.54 -53.00 58.29
CBB CLA OF . -2.35 -52.27 57.56
NC CLA OF . 0.21 -48.60 61.36
C1C CLA OF . -0.21 -48.86 60.12
C2C CLA OF . -0.28 -47.68 59.22
C3C CLA OF . 0.16 -46.57 60.09
C4C CLA OF . 0.44 -47.27 61.37
CMC CLA OF . -0.70 -47.65 57.79
CAC CLA OF . 0.30 -45.11 59.74
CBC CLA OF . -1.01 -44.44 60.03
ND CLA OF . 0.67 -48.42 63.95
C1D CLA OF . 0.97 -47.04 63.81
C2D CLA OF . 1.35 -46.31 65.05
C3D CLA OF . 1.24 -47.44 66.01
C4D CLA OF . 0.86 -48.57 65.31
CMD CLA OF . 1.74 -44.90 65.41
CAD CLA OF . 1.37 -47.82 67.43
OBD CLA OF . 1.73 -47.06 68.38
CBD CLA OF . 1.10 -49.26 67.56
CGD CLA OF . 2.46 -49.81 67.82
O1D CLA OF . 2.62 -50.80 68.50
O2D CLA OF . 3.59 -49.13 67.22
CED CLA OF . 4.91 -49.62 67.43
MG CLA PF . 7.38 -62.69 62.99
CHA CLA PF . 9.96 -64.78 63.91
CHB CLA PF . 7.77 -63.73 59.82
CHC CLA PF . 4.64 -60.86 62.20
CHD CLA PF . 6.64 -62.19 66.58
NA CLA PF . 8.60 -64.06 62.03
C1A CLA PF . 9.61 -64.72 62.45
C2A CLA PF . 10.44 -65.45 61.40
C3A CLA PF . 9.72 -65.06 60.14
C4A CLA PF . 8.63 -64.22 60.71
CMA CLA PF . 10.61 -64.17 59.29
CAA CLA PF . 10.31 -66.98 61.46
CBA CLA PF . 8.92 -67.45 61.87
CGA CLA PF . 8.44 -68.65 61.09
O1A CLA PF . 9.12 -69.18 60.23
O2A CLA PF . 7.12 -69.22 61.37
NB CLA PF . 6.42 -62.28 61.25
C1B CLA PF . 6.60 -62.90 60.10
C2B CLA PF . 5.52 -62.77 59.11
C3B CLA PF . 4.56 -61.91 59.82
C4B CLA PF . 5.24 -61.66 61.13
CMB CLA PF . 5.43 -63.39 57.74
CAB CLA PF . 3.24 -61.40 59.34
CBB CLA PF . 2.94 -60.12 59.35
NC CLA PF . 5.95 -61.77 64.15
C1C CLA PF . 4.95 -61.03 63.63
C2C CLA PF . 4.10 -60.35 64.62
C3C CLA PF . 4.70 -60.75 65.91
C4C CLA PF . 5.82 -61.62 65.50
CMC CLA PF . 2.92 -59.46 64.36
CAC CLA PF . 4.29 -60.37 67.31
CBC CLA PF . 4.96 -59.04 67.56
ND CLA PF . 8.00 -63.33 64.82
C1D CLA PF . 7.78 -63.01 66.20
C2D CLA PF . 8.78 -63.57 67.15
C3D CLA PF . 9.66 -64.29 66.18
C4D CLA PF . 9.14 -64.10 64.91
CMD CLA PF . 9.02 -63.55 68.63
CAD CLA PF . 10.86 -65.14 66.05
OBD CLA PF . 11.62 -65.51 67.01
CBD CLA PF . 11.08 -65.43 64.62
CGD CLA PF . 12.39 -64.80 64.24
O1D CLA PF . 12.43 -63.76 63.58
O2D CLA PF . 13.64 -65.44 64.62
CED CLA PF . 14.73 -65.49 63.71
C1 CLA PF . 6.65 -70.32 60.60
C2 CLA PF . 5.48 -69.93 59.74
C3 CLA PF . 4.25 -70.39 60.04
C4 CLA PF . 3.06 -70.02 59.21
MG CLA QF . -1.21 -36.99 54.36
CHA CLA QF . 0.42 -34.05 54.91
CHB CLA QF . -0.85 -37.72 57.63
CHC CLA QF . -3.12 -39.68 53.83
CHD CLA QF . -2.24 -35.65 51.08
NA CLA QF . -0.41 -36.04 56.00
C1A CLA QF . 0.24 -34.96 56.08
C2A CLA QF . 0.84 -34.62 57.42
C3A CLA QF . 0.43 -35.82 58.23
C4A CLA QF . -0.32 -36.59 57.21
CMA CLA QF . 1.64 -36.62 58.64
CAA CLA QF . 0.12 -33.42 58.06
CBA CLA QF . -1.40 -33.44 58.03
CGA CLA QF . -1.97 -32.59 56.92
O1A CLA QF . -1.97 -31.38 57.04
O2A CLA QF . -2.48 -33.20 55.69
NB CLA QF . -1.84 -38.51 55.56
C1B CLA QF . -1.68 -38.63 56.86
C2B CLA QF . -2.42 -39.74 57.48
C3B CLA QF . -3.09 -40.33 56.33
C4B CLA QF . -2.67 -39.48 55.20
CMB CLA QF . -2.45 -40.16 58.92
CAB CLA QF . -4.01 -41.48 56.29
CBB CLA QF . -5.27 -41.29 56.00
NC CLA QF . -2.34 -37.56 52.76
C1C CLA QF . -3.15 -38.62 52.83
C2C CLA QF . -4.18 -38.70 51.79
C3C CLA QF . -3.93 -37.50 50.98
C4C CLA QF . -2.77 -36.90 51.67
CMC CLA QF . -5.22 -39.75 51.61
CAC CLA QF . -4.63 -37.01 49.75
CBC CLA QF . -4.00 -37.78 48.62
ND CLA QF . -1.11 -35.30 53.24
C1D CLA QF . -1.33 -34.89 51.90
C2D CLA QF . -0.60 -33.70 51.46
C3D CLA QF . 0.13 -33.38 52.70
C4D CLA QF . -0.21 -34.33 53.63
CMD CLA QF . -0.50 -32.91 50.18
CAD CLA QF . 1.07 -32.45 53.35
OBD CLA QF . 1.64 -31.45 52.80
CBD CLA QF . 1.32 -32.89 54.73
CGD CLA QF . 2.69 -33.46 54.68
O1D CLA QF . 3.01 -34.19 53.79
O2D CLA QF . 3.64 -33.16 55.74
CED CLA QF . 4.98 -33.63 55.64
C1 CLA QF . -3.83 -33.07 55.22
C2 CLA QF . -4.46 -34.44 55.16
C3 CLA QF . -5.37 -34.79 54.24
C4 CLA QF . -5.81 -33.79 53.20
C5 CLA QF . -5.95 -36.19 54.26
C6 CLA QF . -6.96 -36.46 53.14
C7 CLA QF . -7.85 -37.68 53.42
C8 CLA QF . -9.02 -37.77 52.44
C9 CLA QF . -10.05 -38.79 52.93
C10 CLA QF . -8.57 -38.11 51.02
C11 CLA QF . -9.62 -37.80 49.96
C12 CLA QF . -9.97 -39.06 49.16
C13 CLA QF . -10.52 -38.80 47.75
C14 CLA QF . -9.63 -37.88 46.93
C15 CLA QF . -11.97 -38.30 47.80
C16 CLA QF . -12.74 -38.77 46.56
C17 CLA QF . -14.26 -38.72 46.73
C18 CLA QF . -14.89 -37.44 46.17
C19 CLA QF . -16.40 -37.61 45.98
C20 CLA QF . -14.22 -36.97 44.88
MG CLA RF . 3.19 -40.57 45.06
CHA CLA RF . 5.87 -41.23 43.02
CHB CLA RF . 5.37 -39.69 47.48
CHC CLA RF . 0.53 -39.65 46.90
CHD CLA RF . 0.95 -41.03 42.15
NA CLA RF . 5.26 -40.43 45.22
C1A CLA RF . 6.19 -40.78 44.42
C2A CLA RF . 7.60 -40.69 44.94
C3A CLA RF . 7.36 -40.26 46.36
C4A CLA RF . 5.89 -40.12 46.34
CMA CLA RF . 7.66 -41.42 47.27
CAA CLA RF . 8.34 -39.55 44.24
CBA CLA RF . 9.21 -38.58 45.05
CGA CLA RF . 8.55 -37.23 45.08
O1A CLA RF . 9.05 -36.31 45.67
O2A CLA RF . 7.29 -37.02 44.39
NB CLA RF . 2.99 -39.79 46.92
C1B CLA RF . 3.97 -39.46 47.76
C2B CLA RF . 3.53 -38.83 49.01
C3B CLA RF . 2.06 -38.82 48.84
C4B CLA RF . 1.85 -39.44 47.50
CMB CLA RF . 4.36 -38.36 50.15
CAB CLA RF . 1.05 -38.30 49.78
CBB CLA RF . 0.20 -37.39 49.41
NC CLA RF . 1.19 -40.40 44.60
C1C CLA RF . 0.28 -39.99 45.49
C2C CLA RF . -1.10 -39.89 44.99
C3C CLA RF . -0.99 -40.30 43.58
C4C CLA RF . 0.47 -40.58 43.46
CMC CLA RF . -2.31 -39.47 45.75
CAC CLA RF . -2.05 -40.37 42.53
CBC CLA RF . -2.57 -41.78 42.39
ND CLA RF . 3.28 -40.94 43.09
C1D CLA RF . 2.39 -41.23 42.01
C2D CLA RF . 3.04 -41.72 40.79
C3D CLA RF . 4.46 -41.70 41.22
C4D CLA RF . 4.50 -41.27 42.52
CMD CLA RF . 2.57 -42.15 39.45
CAD CLA RF . 5.83 -42.01 40.80
OBD CLA RF . 6.17 -42.45 39.66
CBD CLA RF . 6.74 -41.71 41.91
CGD CLA RF . 7.49 -42.94 42.27
O1D CLA RF . 7.27 -43.55 43.30
O2D CLA RF . 8.52 -43.43 41.38
CED CLA RF . 9.44 -44.39 41.86
C1 CLA RF . 6.30 -36.16 44.95
C2 CLA RF . 4.97 -36.87 44.96
C3 CLA RF . 3.92 -36.42 44.26
C4 CLA RF . 3.99 -35.19 43.42
C5 CLA RF . 2.62 -37.18 44.33
C6 CLA RF . 1.43 -36.27 44.59
C7 CLA RF . 0.35 -36.47 43.53
C8 CLA RF . -1.01 -36.05 44.06
C9 CLA RF . -1.48 -34.83 43.32
MG CLA SF . 3.91 -49.34 45.47
CHA CLA SF . 7.06 -50.51 46.24
CHB CLA SF . 5.35 -46.68 44.06
CHC CLA SF . 0.85 -48.41 44.41
CHD CLA SF . 2.52 -52.60 46.51
NA CLA SF . 5.86 -48.71 45.15
C1A CLA SF . 6.97 -49.16 45.60
C2A CLA SF . 8.16 -48.28 45.33
C3A CLA SF . 7.57 -47.04 44.73
C4A CLA SF . 6.17 -47.52 44.65
CMA CLA SF . 7.62 -45.89 45.71
CAA CLA SF . 9.02 -48.94 44.23
CBA CLA SF . 8.97 -48.52 42.74
CGA CLA SF . 7.76 -49.00 41.98
O1A CLA SF . 7.01 -49.79 42.49
O2A CLA SF . 7.48 -48.46 40.65
NB CLA SF . 3.20 -47.75 44.44
C1B CLA SF . 3.93 -46.84 43.83
C2B CLA SF . 3.22 -46.02 42.87
C3B CLA SF . 1.86 -46.51 42.95
C4B CLA SF . 1.97 -47.58 43.97
CMB CLA SF . 3.79 -44.93 42.02
CAB CLA SF . 0.69 -46.02 42.20
CBB CLA SF . -0.44 -45.67 42.77
NC CLA SF . 2.10 -50.30 45.51
C1C CLA SF . 1.01 -49.76 44.96
C2C CLA SF . -0.17 -50.64 44.91
C3C CLA SF . 0.31 -51.88 45.51
C4C CLA SF . 1.71 -51.55 45.86
CMC CLA SF . -1.51 -50.33 44.35
CAC CLA SF . -0.47 -53.13 45.72
CBC CLA SF . -0.40 -53.88 44.42
ND CLA SF . 4.52 -51.15 46.14
C1D CLA SF . 3.96 -52.37 46.62
C2D CLA SF . 4.91 -53.33 47.19
C3D CLA SF . 6.17 -52.55 47.03
C4D CLA SF . 5.86 -51.35 46.43
CMD CLA SF . 4.80 -54.70 47.78
CAD CLA SF . 7.63 -52.56 47.24
OBD CLA SF . 8.30 -53.52 47.76
CBD CLA SF . 8.21 -51.30 46.76
CGD CLA SF . 8.90 -50.58 47.88
O1D CLA SF . 8.54 -50.70 49.03
O2D CLA SF . 10.03 -49.74 47.61
CED CLA SF . 10.75 -49.20 48.70
C1 CLA SF . 6.51 -47.42 40.48
C2 CLA SF . 5.23 -47.93 39.88
C3 CLA SF . 4.53 -47.19 39.00
C4 CLA SF . 4.99 -45.84 38.59
C5 CLA SF . 3.25 -47.74 38.41
C6 CLA SF . 2.06 -47.63 39.35
C7 CLA SF . 1.10 -48.81 39.23
C8 CLA SF . -0.26 -48.50 39.83
C9 CLA SF . -1.20 -49.69 39.74
C10 CLA SF . -0.85 -47.28 39.12
C11 CLA SF . -2.26 -46.96 39.57
C12 CLA SF . -2.91 -45.94 38.64
C13 CLA SF . -2.92 -44.56 39.25
C14 CLA SF . -4.27 -44.28 39.90
C15 CLA SF . -2.66 -43.51 38.19
C16 CLA SF . -1.19 -43.41 37.83
C17 CLA SF . -0.96 -43.82 36.39
C18 CLA SF . 0.51 -43.87 36.06
C19 CLA SF . 1.26 -44.76 37.03
C20 CLA SF . 1.07 -42.47 36.12
MG CLA TF . -16.88 -50.54 52.42
CHA CLA TF . -19.37 -51.54 50.26
CHB CLA TF . -19.18 -48.85 54.17
CHC CLA TF . -14.53 -50.03 54.78
CHD CLA TF . -14.56 -52.81 50.67
NA CLA TF . -18.93 -50.27 52.28
C1A CLA TF . -19.76 -50.60 51.36
C2A CLA TF . -21.15 -49.98 51.47
C3A CLA TF . -20.99 -49.13 52.71
C4A CLA TF . -19.60 -49.46 53.07
CMA CLA TF . -20.95 -47.67 52.28
CAA CLA TF . -22.32 -50.92 51.80
CBA CLA TF . -21.85 -52.12 52.60
CGA CLA TF . -22.81 -52.55 53.66
O1A CLA TF . -23.29 -53.67 53.62
O2A CLA TF . -23.18 -51.70 54.77
NB CLA TF . -16.87 -49.60 54.23
C1B CLA TF . -17.86 -48.91 54.76
C2B CLA TF . -17.53 -48.17 56.00
C3B CLA TF . -16.11 -48.53 56.19
C4B CLA TF . -15.83 -49.41 55.02
CMB CLA TF . -18.41 -47.30 56.84
CAB CLA TF . -15.18 -48.11 57.27
CBB CLA TF . -14.03 -47.52 57.02
NC CLA TF . -14.97 -51.25 52.64
C1C CLA TF . -14.21 -50.92 53.69
C2C CLA TF . -12.91 -51.59 53.75
C3C CLA TF . -12.91 -52.42 52.55
C4C CLA TF . -14.23 -52.12 51.93
CMC CLA TF . -11.86 -51.44 54.83
CAC CLA TF . -11.85 -53.34 52.06
CBC CLA TF . -10.97 -52.35 51.35
ND CLA TF . -16.87 -51.87 50.90
C1D CLA TF . -15.94 -52.72 50.20
C2D CLA TF . -16.51 -53.44 49.04
C3D CLA TF . -17.90 -52.95 49.09
C4D CLA TF . -18.01 -52.10 50.17
CMD CLA TF . -16.01 -54.40 48.01
CAD CLA TF . -19.23 -53.03 48.44
OBD CLA TF . -19.52 -53.74 47.41
CBD CLA TF . -20.16 -52.17 49.18
CGD CLA TF . -20.94 -51.28 48.27
O1D CLA TF . -22.09 -51.55 48.01
O2D CLA TF . -20.39 -50.09 47.66
CED CLA TF . -21.27 -49.27 46.91
C1 CLA TF . -23.13 -52.27 56.08
C2 CLA TF . -21.67 -52.48 56.44
C3 CLA TF . -21.07 -53.69 56.50
C4 CLA TF . -21.81 -54.97 56.23
C5 CLA TF . -19.62 -53.78 56.87
C6 CLA TF . -18.75 -52.86 56.03
C7 CLA TF . -18.21 -51.71 56.86
C8 CLA TF . -17.29 -52.20 57.98
C9 CLA TF . -16.88 -51.04 58.87
C10 CLA TF . -16.08 -52.86 57.34
C11 CLA TF . -15.10 -53.32 58.38
C12 CLA TF . -13.68 -53.30 57.83
C13 CLA TF . -13.35 -54.53 56.98
C14 CLA TF . -13.87 -55.84 57.59
C15 CLA TF . -11.84 -54.59 56.79
C16 CLA TF . -11.47 -55.54 55.65
MG CLA UF . -11.34 -45.51 38.18
CHA CLA UF . -13.68 -44.77 35.75
CHB CLA UF . -10.35 -48.13 36.28
CHC CLA UF . -8.71 -45.82 40.25
CHD CLA UF . -12.21 -42.32 39.82
NA CLA UF . -11.86 -46.30 36.34
C1A CLA UF . -12.80 -45.97 35.54
C2A CLA UF . -12.97 -46.82 34.33
C3A CLA UF . -11.95 -47.90 34.55
C4A CLA UF . -11.35 -47.42 35.83
CMA CLA UF . -12.67 -49.21 34.76
CAA CLA UF . -12.44 -46.07 33.09
CBA CLA UF . -11.27 -45.10 33.32
CGA CLA UF . -10.82 -44.33 32.11
O1A CLA UF . -11.60 -44.00 31.23
O2A CLA UF . -9.41 -43.99 32.02
NB CLA UF . -9.76 -46.77 38.24
C1B CLA UF . -9.56 -47.84 37.48
C2B CLA UF . -8.41 -48.66 37.86
C3B CLA UF . -7.92 -47.97 39.06
C4B CLA UF . -8.82 -46.81 39.18
CMB CLA UF . -7.87 -49.91 37.27
CAB CLA UF . -6.77 -48.35 39.91
CBB CLA UF . -5.75 -47.53 40.00
NC CLA UF . -10.65 -44.33 39.69
C1C CLA UF . -9.55 -44.63 40.39
C2C CLA UF . -9.16 -43.63 41.40
C3C CLA UF . -10.20 -42.60 41.27
C4C CLA UF . -11.06 -43.15 40.20
CMC CLA UF . -7.98 -43.69 42.31
CAC CLA UF . -10.37 -41.31 42.02
CBC CLA UF . -11.18 -41.66 43.23
ND CLA UF . -12.54 -43.90 37.92
C1D CLA UF . -12.94 -42.73 38.62
C2D CLA UF . -14.08 -42.01 38.05
C3D CLA UF . -14.38 -42.87 36.88
C4D CLA UF . -13.46 -43.89 36.90
CMD CLA UF . -14.87 -40.79 38.41
CAD CLA UF . -15.26 -43.05 35.72
OBD CLA UF . -16.24 -42.32 35.36
CBD CLA UF . -14.83 -44.25 34.99
CGD CLA UF . -16.00 -45.15 34.97
O1D CLA UF . -16.81 -45.15 35.87
O2D CLA UF . -16.20 -46.01 33.83
CED CLA UF . -17.52 -46.47 33.56
C1 CLA UF . -8.92 -42.98 31.15
C2 CLA UF . -8.41 -43.60 29.88
C3 CLA UF . -7.10 -43.77 29.63
C4 CLA UF . -6.07 -43.33 30.63
C5 CLA UF . -6.66 -44.42 28.34
C6 CLA UF . -7.80 -45.13 27.60
C7 CLA UF . -7.33 -46.16 26.59
C8 CLA UF . -6.88 -45.60 25.24
C9 CLA UF . -7.66 -44.36 24.81
C10 CLA UF . -6.97 -46.69 24.18
C11 CLA UF . -6.67 -46.16 22.79
C12 CLA UF . -7.01 -47.15 21.70
C13 CLA UF . -7.16 -46.51 20.32
C14 CLA UF . -6.07 -45.49 20.01
C15 CLA UF . -8.55 -45.91 20.18
C16 CLA UF . -9.58 -47.01 20.03
C17 CLA UF . -9.38 -47.75 18.71
C18 CLA UF . -10.39 -48.87 18.51
C19 CLA UF . -9.88 -49.90 17.52
C20 CLA UF . -11.73 -48.34 18.05
MG CLA VF . -20.78 -40.40 42.62
CHA CLA VF . -24.01 -40.97 43.58
CHB CLA VF . -21.86 -37.92 40.64
CHC CLA VF . -17.55 -39.81 41.88
CHD CLA VF . -19.72 -42.79 45.20
NA CLA VF . -22.61 -39.57 42.20
C1A CLA VF . -23.77 -39.82 42.65
C2A CLA VF . -24.90 -38.95 42.19
C3A CLA VF . -24.18 -38.04 41.21
C4A CLA VF . -22.79 -38.55 41.36
CMA CLA VF . -24.64 -38.33 39.79
CAA CLA VF . -25.30 -38.11 43.41
CBA CLA VF . -25.85 -36.71 43.15
CGA CLA VF . -24.98 -35.66 43.82
O1A CLA VF . -23.81 -35.51 43.51
O2A CLA VF . -25.54 -34.81 44.87
NB CLA VF . -19.85 -39.02 41.47
C1B CLA VF . -20.42 -38.21 40.60
C2B CLA VF . -19.53 -37.63 39.58
C3B CLA VF . -18.23 -38.21 39.95
C4B CLA VF . -18.56 -39.04 41.14
CMB CLA VF . -19.85 -36.69 38.45
CAB CLA VF . -16.92 -37.98 39.33
CBB CLA VF . -15.92 -37.46 40.00
NC CLA VF . -19.03 -41.17 43.38
C1C CLA VF . -17.82 -40.75 42.96
C2C CLA VF . -16.68 -41.31 43.72
C3C CLA VF . -17.35 -42.18 44.70
C4C CLA VF . -18.78 -42.02 44.39
CMC CLA VF . -15.21 -41.05 43.53
CAC CLA VF . -16.77 -43.05 45.76
CBC CLA VF . -16.51 -42.14 46.95
ND CLA VF . -21.56 -41.53 44.11
C1D CLA VF . -21.14 -42.62 44.96
C2D CLA VF . -22.21 -43.47 45.51
C3D CLA VF . -23.38 -42.79 44.91
C4D CLA VF . -22.92 -41.76 44.14
CMD CLA VF . -22.24 -44.68 46.38
CAD CLA VF . -24.86 -42.80 44.79
OBD CLA VF . -25.69 -43.62 45.33
CBD CLA VF . -25.28 -41.67 43.92
CGD CLA VF . -25.88 -42.28 42.70
O1D CLA VF . -25.28 -42.33 41.64
O2D CLA VF . -27.22 -42.79 42.74
CED CLA VF . -27.97 -42.81 41.53
C1 CLA VF . -24.69 -33.99 45.68
MG CLA WF . -19.39 -37.41 32.96
CHA CLA WF . -21.97 -38.41 34.99
CHB CLA WF . -21.46 -35.09 31.66
CHC CLA WF . -16.75 -36.20 31.28
CHD CLA WF . -17.07 -39.25 35.16
NA CLA WF . -21.35 -36.80 33.30
C1A CLA WF . -22.28 -37.36 33.98
C2A CLA WF . -23.70 -36.88 33.72
C3A CLA WF . -23.47 -35.84 32.64
C4A CLA WF . -21.99 -35.92 32.54
CMA CLA WF . -24.08 -36.30 31.33
CAA CLA WF . -24.41 -36.17 34.90
CBA CLA WF . -23.82 -34.84 35.35
CGA CLA WF . -22.69 -34.96 36.34
O1A CLA WF . -22.90 -34.91 37.54
O2A CLA WF . -21.32 -35.13 35.88
NB CLA WF . -19.16 -35.90 31.60
C1B CLA WF . -20.05 -34.96 31.31
C2B CLA WF . -19.51 -33.76 30.62
C3B CLA WF . -18.08 -34.10 30.52
C4B CLA WF . -17.99 -35.44 31.15
CMB CLA WF . -20.23 -32.53 30.18
CAB CLA WF . -16.98 -33.30 29.92
CBB CLA WF . -15.90 -32.97 30.60
NC CLA WF . -17.37 -37.68 33.18
C1C CLA WF . -16.47 -37.10 32.39
C2C CLA WF . -15.05 -37.42 32.70
C3C CLA WF . -15.17 -38.32 33.84
C4C CLA WF . -16.63 -38.41 34.05
CMC CLA WF . -13.82 -36.92 32.00
CAC CLA WF . -14.07 -38.99 34.62
CBC CLA WF . -13.70 -40.19 33.80
ND CLA WF . -19.38 -38.48 34.68
C1D CLA WF . -18.50 -39.31 35.41
C2D CLA WF . -19.13 -40.20 36.41
C3D CLA WF . -20.55 -39.82 36.21
C4D CLA WF . -20.59 -38.85 35.24
CMD CLA WF . -18.63 -41.21 37.38
CAD CLA WF . -21.93 -40.06 36.67
OBD CLA WF . -22.32 -40.89 37.55
CBD CLA WF . -22.83 -39.20 35.89
CGD CLA WF . -23.66 -40.13 35.07
O1D CLA WF . -23.52 -40.21 33.86
O2D CLA WF . -24.66 -40.95 35.70
CED CLA WF . -25.57 -41.67 34.86
C1 CLA WF . -20.61 -34.05 35.27
C2 CLA WF . -19.26 -34.55 34.81
C3 CLA WF . -18.11 -33.98 35.23
C4 CLA WF . -18.15 -32.80 36.15
C5 CLA WF . -16.79 -34.53 34.77
C6 CLA WF . -15.62 -34.25 35.70
MG CLA XF . -14.85 -42.70 25.34
CHA CLA XF . -14.88 -43.17 28.74
CHB CLA XF . -14.50 -39.41 25.90
CHC CLA XF . -14.08 -42.34 22.06
CHD CLA XF . -14.77 -46.34 24.93
NA CLA XF . -14.66 -41.49 27.01
C1A CLA XF . -14.80 -41.76 28.25
C2A CLA XF . -14.83 -40.58 29.18
C3A CLA XF . -14.74 -39.42 28.22
C4A CLA XF . -14.63 -40.18 26.96
CMA CLA XF . -16.07 -38.71 28.20
CAA CLA XF . -13.58 -40.42 30.06
CBA CLA XF . -12.27 -40.88 29.42
CGA CLA XF . -11.30 -39.72 29.38
O1A CLA XF . -11.68 -38.60 29.10
O2A CLA XF . -9.91 -39.90 29.69
NB CLA XF . -14.34 -41.11 24.17
C1B CLA XF . -14.36 -39.84 24.51
C2B CLA XF . -14.17 -38.87 23.42
C3B CLA XF . -14.03 -39.78 22.28
C4B CLA XF . -14.17 -41.12 22.87
CMB CLA XF . -14.13 -37.37 23.48
CAB CLA XF . -13.84 -39.45 20.86
CBB CLA XF . -14.93 -39.27 20.13
NC CLA XF . -14.50 -44.06 23.85
C1C CLA XF . -14.21 -43.71 22.58
C2C CLA XF . -14.02 -44.83 21.64
C3C CLA XF . -14.23 -46.00 22.49
C4C CLA XF . -14.51 -45.40 23.82
CMC CLA XF . -13.71 -44.80 20.18
CAC CLA XF . -14.18 -47.44 22.11
CBC CLA XF . -15.61 -47.68 21.72
ND CLA XF . -14.79 -44.39 26.46
C1D CLA XF . -14.81 -45.80 26.28
C2D CLA XF . -14.92 -46.60 27.50
C3D CLA XF . -14.95 -45.50 28.51
C4D CLA XF . -14.85 -44.32 27.82
CMD CLA XF . -14.99 -48.07 27.79
CAD CLA XF . -15.00 -45.17 29.94
OBD CLA XF . -15.09 -46.01 30.89
CBD CLA XF . -14.99 -43.71 30.12
CGD CLA XF . -16.34 -43.33 30.61
O1D CLA XF . -17.20 -43.01 29.83
O2D CLA XF . -16.67 -43.31 32.02
CED CLA XF . -17.94 -42.82 32.39
C1 CLA XF . -8.97 -38.95 29.17
C2 CLA XF . -8.18 -39.59 28.06
MG CLA YF . -11.50 -52.09 32.76
CHA CLA YF . -9.83 -53.82 35.21
CHB CLA YF . -8.71 -50.33 32.19
CHC CLA YF . -13.25 -50.35 30.55
CHD CLA YF . -14.66 -53.50 34.09
NA CLA YF . -9.61 -52.03 33.59
C1A CLA YF . -9.03 -52.83 34.39
C2A CLA YF . -7.53 -52.74 34.48
C3A CLA YF . -7.22 -51.63 33.48
C4A CLA YF . -8.61 -51.31 33.07
CMA CLA YF . -6.47 -50.41 33.99
CAA CLA YF . -6.90 -53.98 33.86
CBA CLA YF . -5.39 -53.96 33.84
CGA CLA YF . -4.94 -55.33 34.25
O1A CLA YF . -4.89 -56.22 33.42
O2A CLA YF . -4.56 -55.60 35.63
NB CLA YF . -11.01 -50.62 31.47
C1B CLA YF . -9.94 -49.84 31.58
C2B CLA YF . -10.07 -48.47 31.04
C3B CLA YF . -11.45 -48.50 30.55
C4B CLA YF . -11.91 -49.87 30.86
CMB CLA YF . -9.09 -47.35 31.02
CAB CLA YF . -12.23 -47.43 29.90
CBB CLA YF . -11.77 -46.83 28.83
NC CLA YF . -13.53 -51.92 32.45
C1C CLA YF . -14.02 -51.23 31.43
C2C CLA YF . -15.47 -51.40 31.19
C3C CLA YF . -15.88 -52.34 32.23
C4C CLA YF . -14.61 -52.58 32.94
CMC CLA YF . -16.30 -50.78 30.12
CAC CLA YF . -17.28 -52.85 32.49
CBC CLA YF . -17.45 -54.26 31.99
ND CLA YF . -12.18 -53.26 34.27
C1D CLA YF . -13.39 -53.88 34.67
C2D CLA YF . -13.26 -54.89 35.71
C3D CLA YF . -11.80 -54.85 35.93
C4D CLA YF . -11.28 -53.90 35.08
CMD CLA YF . -14.23 -55.77 36.41
CAD CLA YF . -10.69 -55.43 36.70
OBD CLA YF . -10.81 -56.34 37.58
CBD CLA YF . -9.43 -54.79 36.28
CGD CLA YF . -8.89 -54.07 37.46
O1D CLA YF . -7.86 -54.41 37.98
O2D CLA YF . -9.62 -52.96 38.02
CED CLA YF . -9.33 -52.55 39.35
C1 CLA YF . -4.15 -56.88 36.08
C2 CLA YF . -5.31 -57.87 36.10
C3 CLA YF . -6.00 -58.13 37.21
C4 CLA YF . -5.65 -57.46 38.50
C5 CLA YF . -7.12 -59.13 37.17
C6 CLA YF . -7.96 -59.07 35.89
C7 CLA YF . -9.42 -59.40 36.18
C8 CLA YF . -10.24 -59.79 34.95
C9 CLA YF . -9.46 -60.71 34.04
C10 CLA YF . -10.68 -58.56 34.18
C11 CLA YF . -11.74 -58.92 33.16
C12 CLA YF . -13.10 -58.29 33.49
C13 CLA YF . -14.25 -59.29 33.48
C14 CLA YF . -13.90 -60.50 34.31
C15 CLA YF . -14.54 -59.70 32.05
C16 CLA YF . -15.99 -60.11 31.78
C17 CLA YF . -16.15 -61.62 31.69
C18 CLA YF . -16.69 -62.09 30.36
C19 CLA YF . -17.01 -63.57 30.40
C20 CLA YF . -15.72 -61.78 29.23
MG CLA ZF . 2.68 -45.35 23.96
CHA CLA ZF . 4.90 -43.49 25.80
CHB CLA ZF . 0.36 -43.04 24.64
CHC CLA ZF . 0.72 -46.80 21.60
CHD CLA ZF . 5.46 -47.51 22.96
NA CLA ZF . 2.64 -43.55 24.97
C1A CLA ZF . 3.50 -43.00 25.72
C2A CLA ZF . 3.06 -41.76 26.43
C3A CLA ZF . 1.61 -41.68 26.08
C4A CLA ZF . 1.55 -42.84 25.16
CMA CLA ZF . 0.82 -42.04 27.33
CAA CLA ZF . 3.57 -40.61 25.55
CBA CLA ZF . 3.06 -39.21 25.88
CGA CLA ZF . 3.99 -38.24 25.21
O1A CLA ZF . 5.16 -38.52 25.09
O2A CLA ZF . 3.50 -37.00 24.67
NB CLA ZF . 0.81 -44.96 23.25
C1B CLA ZF . -0.01 -44.04 23.66
C2B CLA ZF . -1.33 -44.00 23.00
C3B CLA ZF . -1.22 -45.14 22.09
C4B CLA ZF . 0.16 -45.65 22.32
CMB CLA ZF . -2.49 -43.08 23.24
CAB CLA ZF . -2.24 -45.61 21.16
CBB CLA ZF . -2.46 -44.93 20.07
NC CLA ZF . 3.03 -46.85 22.61
C1C CLA ZF . 2.12 -47.26 21.72
C2C CLA ZF . 2.60 -48.27 20.77
C3C CLA ZF . 3.99 -48.46 21.18
C4C CLA ZF . 4.14 -47.54 22.32
CMC CLA ZF . 1.86 -48.94 19.66
CAC CLA ZF . 5.03 -49.37 20.60
CBC CLA ZF . 4.80 -50.66 21.34
ND CLA ZF . 4.67 -45.53 24.21
C1D CLA ZF . 5.73 -46.41 23.86
C2D CLA ZF . 7.03 -46.12 24.49
C3D CLA ZF . 6.67 -44.92 25.26
C4D CLA ZF . 5.33 -44.66 25.05
CMD CLA ZF . 8.41 -46.71 24.46
CAD CLA ZF . 7.17 -43.88 26.19
OBD CLA ZF . 8.34 -43.79 26.64
CBD CLA ZF . 6.07 -42.98 26.54
CGD CLA ZF . 5.87 -43.20 27.98
O1D CLA ZF . 4.95 -43.86 28.38
O2D CLA ZF . 6.81 -42.63 28.90
CED CLA ZF . 6.59 -42.93 30.25
C1 CLA ZF . 2.99 -35.98 25.53
C2 CLA ZF . 1.74 -35.44 24.88
C3 CLA ZF . 1.35 -34.17 25.00
C4 CLA ZF . 2.16 -33.22 25.82
C5 CLA ZF . 0.09 -33.67 24.31
C6 CLA ZF . -0.04 -34.01 22.82
C7 CLA ZF . -0.89 -35.26 22.55
C8 CLA ZF . -2.11 -35.02 21.68
C9 CLA ZF . -2.82 -36.33 21.42
C10 CLA ZF . -1.70 -34.41 20.34
MG CLA AG . 5.88 -39.07 34.65
CHA CLA AG . 4.13 -39.49 31.71
CHB CLA AG . 2.95 -38.81 36.24
CHC CLA AG . 7.64 -38.16 37.36
CHD CLA AG . 8.98 -38.91 32.64
NA CLA AG . 3.89 -39.12 34.09
C1A CLA AG . 3.34 -39.37 32.97
C2A CLA AG . 1.86 -39.52 32.99
C3A CLA AG . 1.53 -39.25 34.42
C4A CLA AG . 2.90 -39.05 34.95
CMA CLA AG . 0.82 -37.91 34.51
CAA CLA AG . 1.46 -40.97 32.76
CBA CLA AG . -0.04 -41.12 32.68
CGA CLA AG . -0.29 -42.28 31.76
O1A CLA AG . -0.13 -42.14 30.56
O2A CLA AG . -0.69 -43.56 32.26
NB CLA AG . 5.35 -38.51 36.53
C1B CLA AG . 4.14 -38.57 37.04
C2B CLA AG . 4.07 -38.42 38.51
C3B CLA AG . 5.47 -38.24 38.85
C4B CLA AG . 6.18 -38.30 37.55
CMB CLA AG . 2.88 -38.45 39.41
CAB CLA AG . 5.95 -38.05 40.23
CBB CLA AG . 6.89 -37.21 40.55
NC CLA AG . 7.86 -38.61 34.90
C1C CLA AG . 8.38 -38.30 36.11
C2C CLA AG . 9.85 -38.11 36.09
C3C CLA AG . 10.21 -38.33 34.70
C4C CLA AG . 8.92 -38.62 34.07
CMC CLA AG . 10.76 -37.77 37.23
CAC CLA AG . 11.56 -38.29 34.03
CBC CLA AG . 11.76 -36.86 33.58
ND CLA AG . 6.51 -39.14 32.73
C1D CLA AG . 7.72 -39.13 31.96
C2D CLA AG . 7.57 -39.33 30.52
C3D CLA AG . 6.11 -39.46 30.46
C4D CLA AG . 5.60 -39.36 31.72
CMD CLA AG . 8.47 -39.40 29.33
CAD CLA AG . 4.99 -39.70 29.55
OBD CLA AG . 5.13 -39.86 28.31
CBD CLA AG . 3.73 -39.72 30.30
CGD CLA AG . 2.73 -38.77 29.74
O1D CLA AG . 1.65 -39.16 29.37
O2D CLA AG . 2.98 -37.35 29.62
CED CLA AG . 1.91 -36.57 29.11
C1 CLA AG . -1.93 -44.15 31.90
C2 CLA AG . -2.53 -44.72 33.16
C3 CLA AG . -2.37 -46.02 33.49
C4 CLA AG . -1.61 -46.95 32.61
C5 CLA AG . -2.99 -46.54 34.76
C6 CLA AG . -4.49 -46.73 34.65
C7 CLA AG . -5.22 -45.63 35.41
C8 CLA AG . -6.66 -45.40 34.96
C9 CLA AG . -6.85 -45.65 33.48
C10 CLA AG . -7.00 -43.96 35.26
C11 CLA AG . -8.16 -43.83 36.25
C12 CLA AG . -9.07 -42.67 35.83
C13 CLA AG . -9.26 -41.64 36.94
C14 CLA AG . -10.08 -40.46 36.44
C15 CLA AG . -7.91 -41.16 37.44
C16 CLA AG . -7.87 -40.95 38.94
C17 CLA AG . -6.44 -40.79 39.41
C18 CLA AG . -6.29 -39.59 40.32
C19 CLA AG . -7.01 -39.81 41.64
C20 CLA AG . -6.81 -38.32 39.65
MG CLA BG . 14.47 -59.45 31.22
CHA CLA BG . 14.71 -61.08 34.23
CHB CLA BG . 17.07 -57.52 32.14
CHC CLA BG . 14.62 -58.35 28.03
CHD CLA BG . 11.83 -61.82 30.24
NA CLA BG . 15.72 -59.34 32.87
C1A CLA BG . 15.63 -59.92 34.00
C2A CLA BG . 16.57 -59.38 35.05
C3A CLA BG . 17.28 -58.25 34.35
C4A CLA BG . 16.62 -58.38 33.03
CMA CLA BG . 16.89 -56.93 34.98
CAA CLA BG . 17.66 -60.39 35.48
CBA CLA BG . 18.93 -60.52 34.66
CGA CLA BG . 18.71 -61.27 33.38
O1A CLA BG . 18.93 -60.73 32.32
O2A CLA BG . 18.26 -62.65 33.38
NB CLA BG . 15.63 -58.09 30.25
C1B CLA BG . 16.67 -57.46 30.74
C2B CLA BG . 17.53 -56.75 29.76
C3B CLA BG . 16.78 -57.00 28.52
C4B CLA BG . 15.63 -57.84 28.95
CMB CLA BG . 18.79 -56.00 30.08
CAB CLA BG . 17.00 -56.61 27.10
CBB CLA BG . 17.78 -55.62 26.75
NC CLA BG . 13.51 -60.05 29.50
C1C CLA BG . 13.60 -59.33 28.37
C2C CLA BG . 12.52 -59.60 27.39
C3C CLA BG . 11.69 -60.62 28.05
C4C CLA BG . 12.41 -60.82 29.33
CMC CLA BG . 12.30 -59.00 26.05
CAC CLA BG . 10.46 -61.29 27.54
CBC CLA BG . 10.96 -62.47 26.76
ND CLA BG . 13.47 -61.05 31.95
C1D CLA BG . 12.45 -61.96 31.54
C2D CLA BG . 12.12 -63.01 32.52
C3D CLA BG . 13.05 -62.64 33.61
C4D CLA BG . 13.79 -61.55 33.18
CMD CLA BG . 11.16 -64.16 32.56
CAD CLA BG . 13.52 -63.01 34.96
OBD CLA BG . 13.11 -63.98 35.68
CBD CLA BG . 14.57 -62.07 35.34
CGD CLA BG . 14.29 -61.48 36.68
O1D CLA BG . 13.22 -61.00 36.93
O2D CLA BG . 15.33 -61.49 37.70
CED CLA BG . 15.08 -62.20 38.92
C1 CLA BG . 17.67 -63.08 32.16
C2 CLA BG . 17.26 -64.52 32.24
C3 CLA BG . 17.97 -65.46 31.59
C4 CLA BG . 19.20 -65.12 30.79
C5 CLA BG . 17.52 -66.91 31.70
C6 CLA BG . 18.72 -67.85 31.66
C7 CLA BG . 18.42 -69.20 31.02
C8 CLA BG . 18.13 -69.03 29.54
C9 CLA BG . 17.73 -70.37 28.92
C10 CLA BG . 19.32 -68.39 28.84
C11 CLA BG . 20.50 -69.34 28.75
C12 CLA BG . 20.96 -69.39 27.30
C13 CLA BG . 22.07 -70.38 27.05
C14 CLA BG . 22.14 -70.64 25.55
C15 CLA BG . 21.85 -71.69 27.79
C16 CLA BG . 23.15 -72.26 28.30
C17 CLA BG . 23.57 -73.47 27.47
C18 CLA BG . 22.83 -74.71 27.94
C19 CLA BG . 23.59 -75.37 29.07
C20 CLA BG . 22.62 -75.67 26.79
MG CLA CG . 8.73 -56.10 36.58
CHA CLA CG . 10.30 -55.02 39.45
CHB CLA CG . 10.85 -58.71 36.50
CHC CLA CG . 6.84 -57.43 34.12
CHD CLA CG . 6.16 -53.50 37.09
NA CLA CG . 10.25 -56.80 37.78
C1A CLA CG . 10.86 -56.23 38.75
C2A CLA CG . 12.14 -56.89 39.18
C3A CLA CG . 12.27 -58.01 38.20
C4A CLA CG . 11.03 -57.81 37.43
CMA CLA CG . 13.39 -57.64 37.24
CAA CLA CG . 12.07 -57.58 40.56
CBA CLA CG . 10.90 -58.54 40.74
CGA CLA CG . 10.13 -58.25 41.99
O1A CLA CG . 10.09 -59.06 42.91
O2A CLA CG . 9.41 -57.01 42.17
NB CLA CG . 8.88 -57.77 35.43
C1B CLA CG . 9.70 -58.78 35.63
C2B CLA CG . 9.36 -60.04 34.97
C3B CLA CG . 8.15 -59.67 34.25
C4B CLA CG . 7.96 -58.24 34.61
CMB CLA CG . 10.07 -61.35 35.01
CAB CLA CG . 7.33 -60.52 33.38
CBB CLA CG . 7.17 -60.20 32.12
NC CLA CG . 6.90 -55.57 35.81
C1C CLA CG . 6.33 -56.22 34.79
C2C CLA CG . 5.08 -55.65 34.28
C3C CLA CG . 4.87 -54.49 35.15
C4C CLA CG . 6.05 -54.54 36.05
CMC CLA CG . 4.24 -56.15 33.14
CAC CLA CG . 3.75 -53.49 35.13
CBC CLA CG . 2.57 -54.15 35.81
ND CLA CG . 8.24 -54.64 37.89
C1D CLA CG . 7.25 -53.63 38.05
C2D CLA CG . 7.45 -52.77 39.23
C3D CLA CG . 8.68 -53.35 39.80
C4D CLA CG . 9.04 -54.41 38.99
CMD CLA CG . 6.71 -51.61 39.82
CAD CLA CG . 9.65 -53.26 40.90
OBD CLA CG . 9.64 -52.43 41.85
CBD CLA CG . 10.66 -54.31 40.71
CGD CLA CG . 12.03 -53.72 40.77
O1D CLA CG . 12.21 -52.53 40.61
O2D CLA CG . 13.18 -54.52 41.07
CED CLA CG . 14.38 -53.92 41.53
C1 CLA CG . 8.30 -56.97 43.08
C2 CLA CG . 7.39 -55.83 42.72
C3 CLA CG . 7.50 -54.65 43.35
C4 CLA CG . 8.54 -54.42 44.40
C5 CLA CG . 6.60 -53.51 42.99
C6 CLA CG . 5.12 -53.84 43.07
C7 CLA CG . 4.34 -52.56 42.85
C8 CLA CG . 3.50 -52.64 41.60
C9 CLA CG . 3.11 -51.25 41.15
C10 CLA CG . 2.29 -53.49 41.88
C11 CLA CG . 1.32 -53.50 40.71
C12 CLA CG . 0.44 -54.74 40.83
C13 CLA CG . -0.83 -54.63 39.99
C14 CLA CG . -1.67 -55.89 40.18
C15 CLA CG . -0.46 -54.43 38.53
C16 CLA CG . -1.11 -53.19 37.93
C17 CLA CG . -2.54 -53.46 37.48
C18 CLA CG . -3.18 -52.19 36.94
C19 CLA CG . -4.70 -52.27 37.04
C20 CLA CG . -2.78 -51.95 35.50
MG CLA DG . -2.08 -63.47 22.99
CHA CLA DG . -2.98 -65.65 20.45
CHB CLA DG . -3.73 -65.46 25.11
CHC CLA DG . -0.60 -61.77 25.51
CHD CLA DG . 0.12 -61.76 20.60
NA CLA DG . -3.11 -65.26 22.84
C1A CLA DG . -3.48 -65.94 21.82
C2A CLA DG . -4.44 -67.09 22.07
C3A CLA DG . -4.68 -66.94 23.55
C4A CLA DG . -3.76 -65.82 23.86
CMA CLA DG . -6.07 -66.40 23.72
CAA CLA DG . -3.80 -68.48 21.93
CBA CLA DG . -2.31 -68.49 22.22
CGA CLA DG . -1.81 -69.87 22.52
O1A CLA DG . -2.58 -70.78 22.77
O2A CLA DG . -0.37 -70.10 22.51
NB CLA DG . -2.15 -63.60 25.01
C1B CLA DG . -2.93 -64.40 25.71
C2B CLA DG . -2.92 -64.17 27.14
C3B CLA DG . -1.98 -63.07 27.30
C4B CLA DG . -1.56 -62.80 25.90
CMB CLA DG . -3.67 -64.89 28.19
CAB CLA DG . -1.59 -62.40 28.55
CBB CLA DG . -1.71 -61.12 28.72
NC CLA DG . -0.63 -62.00 23.01
C1C CLA DG . -0.07 -61.60 24.16
C2C CLA DG . 1.23 -60.93 24.02
C3C CLA DG . 1.46 -60.94 22.57
C4C CLA DG . 0.24 -61.60 22.06
CMC CLA DG . 2.12 -60.39 25.09
CAC CLA DG . 2.63 -60.37 21.81
CBC CLA DG . 3.55 -61.50 21.45
ND CLA DG . -1.47 -63.61 21.07
C1D CLA DG . -0.68 -62.88 20.14
C2D CLA DG . -0.75 -63.32 18.74
C3D CLA DG . -1.69 -64.46 18.90
C4D CLA DG . -2.03 -64.54 20.22
CMD CLA DG . -0.11 -62.87 17.46
CAD CLA DG . -2.40 -65.54 18.21
OBD CLA DG . -2.33 -65.78 16.96
CBD CLA DG . -3.22 -66.31 19.14
CGD CLA DG . -4.63 -66.28 18.64
O1D CLA DG . -4.92 -66.79 17.57
O2D CLA DG . -5.74 -65.70 19.36
CED CLA DG . -7.03 -65.96 18.83
C1 CLA DG . 0.20 -71.32 22.96
C2 CLA DG . 1.66 -71.10 23.27
C3 CLA DG . 2.61 -71.13 22.33
C4 CLA DG . 2.25 -71.37 20.89
C5 CLA DG . 4.05 -70.92 22.72
C6 CLA DG . 5.06 -70.97 21.57
C7 CLA DG . 6.29 -70.13 21.85
C8 CLA DG . 6.01 -68.65 21.64
C9 CLA DG . 5.51 -68.38 20.24
C10 CLA DG . 7.28 -67.84 21.87
C11 CLA DG . 7.93 -68.13 23.21
C12 CLA DG . 9.31 -67.53 23.22
C13 CLA DG . 10.02 -67.80 24.53
C14 CLA DG . 9.26 -67.22 25.71
C15 CLA DG . 11.41 -67.19 24.48
C16 CLA DG . 12.40 -68.15 25.09
C17 CLA DG . 12.96 -69.08 24.02
C18 CLA DG . 13.34 -70.42 24.61
C19 CLA DG . 14.00 -71.29 23.55
C20 CLA DG . 12.12 -71.12 25.20
MG CLA EG . -12.16 -39.81 14.02
CHA CLA EG . -15.50 -39.08 14.28
CHB CLA EG . -11.95 -37.56 11.51
CHC CLA EG . -8.84 -40.21 14.10
CHD CLA EG . -12.43 -41.71 17.17
NA CLA EG . -13.47 -38.49 13.09
C1A CLA EG . -14.73 -38.35 13.21
C2A CLA EG . -15.39 -37.45 12.18
C3A CLA EG . -14.22 -37.03 11.33
C4A CLA EG . -13.14 -37.75 12.04
CMA CLA EG . -14.36 -37.69 9.98
CAA CLA EG . -16.00 -36.17 12.75
CBA CLA EG . -15.22 -35.66 13.94
CGA CLA EG . -14.74 -34.25 13.69
O1A CLA EG . -14.21 -33.96 12.63
O2A CLA EG . -14.92 -33.25 14.72
NB CLA EG . -10.63 -39.02 12.95
C1B CLA EG . -10.69 -38.12 11.98
C2B CLA EG . -9.41 -37.68 11.44
C3B CLA EG . -8.49 -38.49 12.22
C4B CLA EG . -9.36 -39.26 13.12
CMB CLA EG . -9.10 -36.70 10.36
CAB CLA EG . -7.03 -38.51 12.14
CBB CLA EG . -6.37 -37.91 13.11
NC CLA EG . -10.93 -40.76 15.36
C1C CLA EG . -9.61 -40.80 15.19
C2C CLA EG . -8.87 -41.54 16.25
C3C CLA EG . -9.92 -41.98 17.15
C4C CLA EG . -11.14 -41.44 16.50
CMC CLA EG . -7.41 -41.78 16.37
CAC CLA EG . -9.76 -42.77 18.42
CBC CLA EG . -9.47 -41.76 19.49
ND CLA EG . -13.51 -40.25 15.46
C1D CLA EG . -13.61 -41.12 16.59
C2D CLA EG . -14.97 -41.35 17.08
C3D CLA EG . -15.73 -40.51 16.12
C4D CLA EG . -14.83 -39.94 15.27
CMD CLA EG . -15.54 -42.17 18.19
CAD CLA EG . -17.08 -40.05 15.73
OBD CLA EG . -18.17 -40.38 16.30
CBD CLA EG . -16.94 -39.14 14.57
CGD CLA EG . -17.72 -39.65 13.40
O1D CLA EG . -18.50 -38.91 12.84
O2D CLA EG . -17.51 -40.97 12.88
CED CLA EG . -18.06 -41.25 11.60
C1 CLA EG . -14.36 -31.96 14.56
C2 CLA EG . -13.09 -31.84 15.37
C3 CLA EG . -13.04 -31.12 16.50
C4 CLA EG . -14.24 -30.40 17.03
C5 CLA EG . -11.73 -31.05 17.24
MG CLA FG . -7.07 -33.89 7.52
CHA CLA FG . -10.47 -34.20 7.09
CHB CLA FG . -6.72 -34.40 4.22
CHC CLA FG . -3.81 -33.15 7.91
CHD CLA FG . -7.70 -32.89 11.01
NA CLA FG . -8.35 -34.19 5.92
C1A CLA FG . -9.60 -34.39 5.89
C2A CLA FG . -10.17 -34.74 4.55
C3A CLA FG . -8.96 -34.84 3.68
C4A CLA FG . -7.95 -34.44 4.69
CMA CLA FG . -8.71 -36.32 3.38
CAA CLA FG . -10.83 -33.54 3.92
CBA CLA FG . -12.18 -33.97 3.38
CGA CLA FG . -12.87 -32.80 2.77
O1A CLA FG . -13.36 -32.89 1.66
O2A CLA FG . -12.98 -31.55 3.51
NB CLA FG . -5.51 -33.77 6.24
C1B CLA FG . -5.52 -34.06 4.96
C2B CLA FG . -4.23 -34.02 4.28
C3B CLA FG . -3.33 -33.65 5.37
C4B CLA FG . -4.24 -33.51 6.54
CMB CLA FG . -3.94 -34.30 2.84
CAB CLA FG . -1.88 -33.44 5.29
CBB CLA FG . -1.39 -32.25 5.56
NC CLA FG . -6.02 -33.15 9.12
C1C CLA FG . -4.69 -32.97 9.07
C2C CLA FG . -4.10 -32.54 10.35
C3C CLA FG . -5.25 -32.46 11.26
C4C CLA FG . -6.37 -32.87 10.39
CMC CLA FG . -2.67 -32.24 10.66
CAC CLA FG . -5.28 -32.06 12.71
CBC CLA FG . -5.14 -33.33 13.52
ND CLA FG . -8.62 -33.55 8.80
C1D CLA FG . -8.85 -33.23 10.17
C2D CLA FG . -10.26 -33.31 10.61
C3D CLA FG . -10.90 -33.71 9.33
C4D CLA FG . -9.91 -33.82 8.38
CMD CLA FG . -11.02 -33.09 11.87
CAD CLA FG . -12.18 -34.02 8.67
OBD CLA FG . -13.33 -34.04 9.23
CBD CLA FG . -11.93 -34.35 7.26
CGD CLA FG . -12.28 -35.80 7.12
O1D CLA FG . -11.96 -36.57 7.99
O2D CLA FG . -13.01 -36.30 5.99
CED CLA FG . -13.55 -37.62 6.09
C1 CLA FG . -12.46 -30.35 2.97
C2 CLA FG . -11.25 -29.97 3.78
C3 CLA FG . -10.68 -28.76 3.75
C4 CLA FG . -11.25 -27.68 2.86
C5 CLA FG . -9.47 -28.50 4.61
C6 CLA FG . -8.92 -27.09 4.52
C7 CLA FG . -9.32 -26.27 5.73
C8 CLA FG . -8.70 -24.88 5.68
C9 CLA FG . -9.18 -24.14 4.44
C10 CLA FG . -7.19 -24.99 5.66
C11 CLA FG . -6.59 -24.41 6.94
C12 CLA FG . -6.57 -25.44 8.06
C13 CLA FG . -5.49 -25.11 9.09
C14 CLA FG . -5.74 -23.75 9.73
C15 CLA FG . -4.12 -25.17 8.42
C16 CLA FG . -2.98 -24.85 9.39
C17 CLA FG . -1.63 -25.24 8.82
C18 CLA FG . -0.51 -24.49 9.53
C19 CLA FG . -0.53 -24.73 11.03
C20 CLA FG . -0.57 -23.01 9.22
MG CLA GG . 8.94 -30.11 5.37
CHA CLA GG . 6.67 -32.23 3.94
CHB CLA GG . 11.23 -31.21 3.19
CHC CLA GG . 10.98 -27.65 6.45
CHD CLA GG . 6.21 -28.64 7.36
NA CLA GG . 8.94 -31.42 3.79
C1A CLA GG . 8.08 -32.29 3.45
C2A CLA GG . 8.55 -33.35 2.48
C3A CLA GG . 10.00 -33.00 2.31
C4A CLA GG . 10.05 -31.79 3.15
CMA CLA GG . 10.77 -34.04 3.09
CAA CLA GG . 8.05 -33.11 1.07
CBA CLA GG . 8.40 -34.30 0.20
CGA CLA GG . 7.12 -34.99 -0.15
O1A CLA GG . 6.06 -34.60 0.30
O2A CLA GG . 7.11 -36.12 -1.05
NB CLA GG . 10.86 -29.57 4.94
C1B CLA GG . 11.58 -30.02 3.94
C2B CLA GG . 12.72 -29.18 3.54
C3B CLA GG . 12.64 -28.11 4.54
C4B CLA GG . 11.44 -28.46 5.33
CMB CLA GG . 13.73 -29.36 2.46
CAB CLA GG . 13.47 -26.93 4.71
CBB CLA GG . 12.98 -25.81 4.25
NC CLA GG . 8.63 -28.48 6.60
C1C CLA GG . 9.62 -27.67 6.96
C2C CLA GG . 9.29 -26.66 7.97
C3C CLA GG . 7.87 -26.94 8.24
C4C CLA GG . 7.58 -28.08 7.35
CMC CLA GG . 10.20 -25.61 8.54
CAC CLA GG . 6.94 -26.25 9.20
CBC CLA GG . 7.37 -26.69 10.59
ND CLA GG . 6.94 -30.28 5.64
C1D CLA GG . 5.91 -29.72 6.43
C2D CLA GG . 4.57 -30.32 6.23
C3D CLA GG . 4.90 -31.35 5.21
C4D CLA GG . 6.24 -31.22 4.92
CMD CLA GG . 3.20 -30.13 6.78
CAD CLA GG . 4.36 -32.41 4.34
OBD CLA GG . 3.15 -32.81 4.31
CBD CLA GG . 5.45 -32.98 3.54
CGD CLA GG . 5.56 -34.40 3.95
O1D CLA GG . 6.51 -34.81 4.57
O2D CLA GG . 4.48 -35.31 3.63
CED CLA GG . 4.49 -36.60 4.22
C1 CLA GG . 6.61 -37.37 -0.57
C2 CLA GG . 7.41 -38.50 -1.18
C3 CLA GG . 6.83 -39.63 -1.57
C4 CLA GG . 5.36 -39.84 -1.40
C5 CLA GG . 7.66 -40.74 -2.16
C6 CLA GG . 8.39 -40.34 -3.44
C7 CLA GG . 9.41 -41.41 -3.80
C8 CLA GG . 10.09 -41.30 -5.18
C9 CLA GG . 11.61 -41.28 -5.06
C10 CLA GG . 9.59 -40.11 -6.01
C11 CLA GG . 9.75 -40.32 -7.50
C12 CLA GG . 9.31 -41.71 -7.94
C13 CLA GG . 8.40 -41.62 -9.13
C14 CLA GG . 7.05 -41.06 -8.71
C15 CLA GG . 8.27 -43.02 -9.72
C16 CLA GG . 7.33 -43.01 -10.92
C17 CLA GG . 8.07 -43.07 -12.25
C18 CLA GG . 7.45 -44.14 -13.12
C19 CLA GG . 8.25 -45.43 -13.04
C20 CLA GG . 7.32 -43.66 -14.56
MG CLA HG . 18.76 -31.02 3.68
CHA CLA HG . 20.16 -28.13 2.54
CHB CLA HG . 16.47 -29.14 5.34
CHC CLA HG . 17.13 -33.86 4.42
CHD CLA HG . 20.90 -32.89 1.33
NA CLA HG . 18.34 -29.00 3.88
C1A CLA HG . 18.96 -28.00 3.43
C2A CLA HG . 18.46 -26.66 3.86
C3A CLA HG . 17.32 -27.01 4.78
C4A CLA HG . 17.40 -28.49 4.66
CMA CLA HG . 17.70 -26.61 6.19
CAA CLA HG . 17.78 -25.94 2.69
CBA CLA HG . 17.02 -26.80 1.70
CGA CLA HG . 15.98 -25.92 1.06
O1A CLA HG . 16.15 -24.73 1.05
O2A CLA HG . 14.78 -26.44 0.45
NB CLA HG . 17.08 -31.43 4.73
C1B CLA HG . 16.27 -30.58 5.35
C2B CLA HG . 15.10 -31.16 6.01
C3B CLA HG . 15.31 -32.59 5.72
C4B CLA HG . 16.55 -32.62 4.92
CMB CLA HG . 14.01 -30.47 6.77
CAB CLA HG . 14.49 -33.74 6.07
CBB CLA HG . 13.80 -34.33 5.12
NC CLA HG . 19.00 -32.95 3.03
C1C CLA HG . 18.21 -33.94 3.43
C2C CLA HG . 18.44 -35.23 2.78
C3C CLA HG . 19.54 -34.94 1.87
C4C CLA HG . 19.81 -33.51 2.11
CMC CLA HG . 17.71 -36.51 3.01
CAC CLA HG . 20.24 -35.87 0.92
CBC CLA HG . 21.31 -36.51 1.75
ND CLA HG . 20.11 -30.70 2.21
C1D CLA HG . 21.06 -31.44 1.45
C2D CLA HG . 22.13 -30.64 0.81
C3D CLA HG . 21.75 -29.29 1.29
C4D CLA HG . 20.63 -29.43 2.05
CMD CLA HG . 23.33 -30.91 -0.05
CAD CLA HG . 22.10 -27.85 1.25
OBD CLA HG . 23.09 -27.35 0.64
CBD CLA HG . 21.13 -27.12 2.06
CGD CLA HG . 21.87 -26.53 3.19
O1D CLA HG . 22.63 -25.62 2.99
O2D CLA HG . 21.69 -26.99 4.54
CED CLA HG . 21.68 -26.01 5.57
C1 CLA HG . 13.68 -25.54 0.35
C2 CLA HG . 12.43 -26.22 0.82
C3 CLA HG . 11.22 -25.93 0.30
C4 CLA HG . 11.06 -24.89 -0.76
C5 CLA HG . 9.99 -26.64 0.80
C6 CLA HG . 9.66 -26.33 2.24
C7 CLA HG . 8.47 -27.18 2.65
C8 CLA HG . 7.35 -26.29 3.14
C9 CLA HG . 7.85 -25.51 4.35
C10 CLA HG . 6.14 -27.12 3.49
C11 CLA HG . 5.04 -26.23 4.00
C12 CLA HG . 3.86 -27.01 4.55
C13 CLA HG . 2.91 -26.02 5.19
C14 CLA HG . 3.54 -25.43 6.44
C15 CLA HG . 1.58 -26.69 5.48
C16 CLA HG . 0.46 -26.24 4.55
C17 CLA HG . 0.38 -24.72 4.52
C18 CLA HG . -0.97 -24.18 4.96
C19 CLA HG . -2.11 -24.84 4.21
C20 CLA HG . -0.98 -22.67 4.73
MG CLA IG . 4.27 -30.99 35.58
CHA CLA IG . 4.06 -31.00 39.04
CHB CLA IG . 4.88 -34.29 35.69
CHC CLA IG . 4.00 -31.00 32.25
CHD CLA IG . 2.92 -27.55 35.63
NA CLA IG . 4.38 -32.42 37.08
C1A CLA IG . 4.39 -32.30 38.36
C2A CLA IG . 4.74 -33.53 39.15
C3A CLA IG . 5.05 -34.51 38.04
C4A CLA IG . 4.75 -33.68 36.86
CMA CLA IG . 6.54 -34.71 38.01
CAA CLA IG . 3.52 -34.13 39.86
CBA CLA IG . 2.20 -33.96 39.12
CGA CLA IG . 1.08 -34.79 39.67
O1A CLA IG . 0.77 -34.69 40.84
O2A CLA IG . 0.29 -35.71 38.85
NB CLA IG . 4.47 -32.43 34.17
C1B CLA IG . 4.64 -33.72 34.38
C2B CLA IG . 4.48 -34.57 33.20
C3B CLA IG . 4.21 -33.60 32.13
C4B CLA IG . 4.24 -32.31 32.87
CMB CLA IG . 4.58 -36.06 33.12
CAB CLA IG . 3.97 -33.88 30.69
CBB CLA IG . 3.06 -33.28 29.96
NC CLA IG . 3.68 -29.53 34.25
C1C CLA IG . 3.49 -29.81 32.95
C2C CLA IG . 2.69 -28.85 32.18
C3C CLA IG . 2.38 -27.83 33.19
C4C CLA IG . 3.04 -28.35 34.40
CMC CLA IG . 2.30 -28.90 30.74
CAC CLA IG . 1.58 -26.56 33.04
CBC CLA IG . 0.14 -26.98 33.14
ND CLA IG . 3.56 -29.61 36.89
C1D CLA IG . 3.18 -28.23 36.89
C2D CLA IG . 3.10 -27.60 38.22
C3D CLA IG . 3.47 -28.75 39.07
C4D CLA IG . 3.69 -29.82 38.25
CMD CLA IG . 2.77 -26.23 38.72
CAD CLA IG . 3.67 -29.20 40.47
OBD CLA IG . 3.54 -28.46 41.50
CBD CLA IG . 4.06 -30.62 40.47
CGD CLA IG . 5.44 -30.73 41.02
O1D CLA IG . 6.38 -30.78 40.26
O2D CLA IG . 5.70 -30.82 42.43
CED CLA IG . 7.04 -31.04 42.84
C1 CLA IG . -0.41 -36.77 39.48
C2 CLA IG . -0.79 -37.84 38.47
C3 CLA IG . -2.04 -38.31 38.40
C4 CLA IG . -3.12 -37.82 39.32
C5 CLA IG . -2.43 -39.38 37.39
C6 CLA IG . -2.84 -38.74 36.07
C7 CLA IG . -3.09 -39.83 35.04
C8 CLA IG . -4.38 -40.58 35.37
C9 CLA IG . -5.49 -40.17 34.40
MG CLA JG . 0.12 -27.44 44.20
CHA CLA JG . 0.12 -29.12 47.21
CHB CLA JG . 0.14 -30.40 42.63
CHC CLA JG . -0.55 -25.77 41.35
CHD CLA JG . -0.25 -24.29 46.10
NA CLA JG . 0.09 -29.41 44.80
C1A CLA JG . 0.20 -29.95 45.96
C2A CLA JG . 0.36 -31.45 45.99
C3A CLA JG . 0.40 -31.79 44.52
C4A CLA JG . 0.21 -30.43 43.95
CMA CLA JG . 1.83 -32.17 44.16
CAA CLA JG . -0.84 -32.23 46.53
CBA CLA JG . -2.18 -31.98 45.84
CGA CLA JG . -3.33 -32.41 46.71
O1A CLA JG . -3.66 -31.72 47.67
O2A CLA JG . -4.05 -33.63 46.43
NB CLA JG . -0.18 -28.01 42.26
C1B CLA JG . -0.06 -29.23 41.78
C2B CLA JG . -0.23 -29.37 40.32
C3B CLA JG . -0.43 -27.97 39.93
C4B CLA JG . -0.39 -27.22 41.22
CMB CLA JG . -0.16 -30.60 39.47
CAB CLA JG . -0.64 -27.45 38.55
CBB CLA JG . -1.67 -26.69 38.24
NC CLA JG . -0.28 -25.45 43.83
C1C CLA JG . -0.60 -25.01 42.61
C2C CLA JG . -1.03 -23.59 42.56
C3C CLA JG . -0.92 -23.16 43.97
C4C CLA JG . -0.46 -24.39 44.65
CMC CLA JG . -1.45 -22.77 41.38
CAC CLA JG . -1.23 -21.82 44.56
CBC CLA JG . -2.67 -21.88 44.99
ND CLA JG . -0.05 -26.76 46.11
C1D CLA JG . -0.18 -25.53 46.85
C2D CLA JG . -0.22 -25.66 48.33
C3D CLA JG . -0.10 -27.13 48.43
C4D CLA JG . -0.04 -27.66 47.16
CMD CLA JG . -0.33 -24.76 49.51
CAD CLA JG . -0.05 -28.25 49.39
OBD CLA JG . -0.09 -28.15 50.66
CBD CLA JG . 0.11 -29.50 48.64
CGD CLA JG . 1.47 -29.96 48.98
O1D CLA JG . 1.74 -30.42 50.07
O2D CLA JG . 2.52 -29.90 48.02
CED CLA JG . 3.44 -30.98 48.10
MG CLA KG . 11.33 -38.07 27.05
CHA CLA KG . 10.60 -35.16 28.69
CHB CLA KG . 8.26 -38.03 25.74
CHC CLA KG . 11.88 -41.23 26.05
CHD CLA KG . 14.60 -38.14 28.79
NA CLA KG . 9.68 -36.83 27.21
C1A CLA KG . 9.54 -35.69 27.77
C2A CLA KG . 8.25 -34.95 27.52
C3A CLA KG . 7.55 -35.92 26.60
C4A CLA KG . 8.57 -36.99 26.52
CMA CLA KG . 6.36 -36.46 27.35
CAA CLA KG . 8.39 -33.65 26.73
CBA CLA KG . 7.60 -32.50 27.37
CGA CLA KG . 6.25 -32.22 26.74
O1A CLA KG . 5.52 -33.13 26.41
O2A CLA KG . 5.80 -30.85 26.51
NB CLA KG . 10.19 -39.45 26.10
C1B CLA KG . 9.07 -39.22 25.46
C2B CLA KG . 8.71 -40.24 24.44
C3B CLA KG . 9.83 -41.17 24.58
C4B CLA KG . 10.65 -40.58 25.63
CMB CLA KG . 7.54 -40.29 23.52
CAB CLA KG . 10.22 -42.43 23.92
CBB CLA KG . 9.35 -43.36 23.64
NC CLA KG . 12.87 -39.39 27.41
C1C CLA KG . 12.92 -40.58 26.82
C2C CLA KG . 14.19 -41.32 26.96
C3C CLA KG . 15.00 -40.40 27.78
C4C CLA KG . 14.09 -39.25 27.99
CMC CLA KG . 14.48 -42.66 26.38
CAC CLA KG . 16.42 -40.54 28.27
CBC CLA KG . 16.38 -41.61 29.34
ND CLA KG . 12.40 -37.01 28.40
C1D CLA KG . 13.66 -37.05 29.07
C2D CLA KG . 13.88 -35.93 30.00
C3D CLA KG . 12.62 -35.19 29.82
C4D CLA KG . 11.85 -35.87 28.92
CMD CLA KG . 14.92 -35.42 30.93
CAD CLA KG . 11.90 -34.00 30.25
OBD CLA KG . 12.34 -33.16 31.11
CBD CLA KG . 10.59 -33.97 29.58
CGD CLA KG . 9.63 -34.17 30.70
O1D CLA KG . 9.59 -33.41 31.64
O2D CLA KG . 8.68 -35.24 30.72
CED CLA KG . 7.40 -34.88 31.19
C1 CLA KG . 4.44 -30.46 26.75
C2 CLA KG . 3.83 -29.75 25.56
C3 CLA KG . 2.93 -28.76 25.68
C4 CLA KG . 2.46 -28.28 27.02
C5 CLA KG . 2.37 -28.11 24.44
C6 CLA KG . 1.86 -29.13 23.43
MG CLA LG . 7.32 -32.44 18.07
CHA CLA LG . 8.42 -32.15 21.31
CHB CLA LG . 5.96 -35.39 18.93
CHC CLA LG . 5.72 -32.39 15.14
CHD CLA LG . 8.38 -28.96 17.50
NA CLA LG . 7.16 -33.55 19.81
C1A CLA LG . 7.68 -33.39 20.95
C2A CLA LG . 7.45 -34.46 21.96
C3A CLA LG . 6.72 -35.50 21.16
C4A CLA LG . 6.62 -34.76 19.87
CMA CLA LG . 7.65 -36.67 20.97
CAA CLA LG . 6.42 -34.01 23.04
CBA CLA LG . 5.10 -33.37 22.60
CGA CLA LG . 5.11 -31.89 22.26
O1A CLA LG . 5.37 -31.06 23.10
O2A CLA LG . 4.85 -31.43 20.90
NB CLA LG . 6.02 -33.70 17.18
C1B CLA LG . 5.66 -34.88 17.61
C2B CLA LG . 4.82 -35.64 16.69
C3B CLA LG . 4.73 -34.76 15.53
C4B CLA LG . 5.51 -33.57 15.97
CMB CLA LG . 4.27 -36.98 16.93
CAB CLA LG . 4.02 -35.02 14.27
CBB CLA LG . 3.18 -34.16 13.75
NC CLA LG . 7.13 -30.99 16.64
C1C CLA LG . 6.39 -31.17 15.55
C2C CLA LG . 6.27 -30.00 14.66
C3C CLA LG . 7.06 -28.98 15.35
C4C CLA LG . 7.53 -29.71 16.56
CMC CLA LG . 5.52 -29.92 13.37
CAC CLA LG . 7.32 -27.57 14.95
CBC CLA LG . 6.22 -26.76 15.58
ND CLA LG . 8.12 -30.88 19.07
C1D CLA LG . 8.61 -29.57 18.80
C2D CLA LG . 9.36 -28.94 19.91
C3D CLA LG . 9.27 -30.01 20.93
C4D CLA LG . 8.56 -31.05 20.36
CMD CLA LG . 10.07 -27.65 20.14
CAD CLA LG . 9.63 -30.42 22.29
OBD CLA LG . 10.27 -29.72 23.14
CBD CLA LG . 9.11 -31.75 22.56
CGD CLA LG . 10.21 -32.63 23.01
O1D CLA LG . 10.00 -33.56 23.76
O2D CLA LG . 11.59 -32.41 22.65
CED CLA LG . 12.53 -33.26 23.29
C1 CLA LG . 4.20 -30.19 20.61
C2 CLA LG . 3.67 -30.20 19.19
C3 CLA LG . 3.28 -29.11 18.52
C4 CLA LG . 3.30 -27.75 19.11
C5 CLA LG . 2.76 -29.24 17.10
C6 CLA LG . 1.77 -30.37 16.93
C7 CLA LG . 1.31 -30.49 15.49
C8 CLA LG . 0.26 -29.44 15.16
C9 CLA LG . -0.89 -29.43 16.16
C10 CLA LG . -0.29 -29.70 13.76
C11 CLA LG . -1.38 -28.71 13.36
MG CLA MG . -0.43 -38.74 17.14
CHA CLA MG . 1.31 -38.39 20.09
CHB CLA MG . -1.53 -41.71 18.24
CHC CLA MG . -2.38 -38.83 14.45
CHD CLA MG . 0.26 -35.18 16.43
NA CLA MG . -0.21 -39.84 18.87
C1A CLA MG . 0.56 -39.67 19.87
C2A CLA MG . 0.64 -40.80 20.85
C3A CLA MG . -0.25 -41.83 20.20
C4A CLA MG . -0.69 -41.07 19.01
CMA CLA MG . 0.66 -42.91 19.64
CAA CLA MG . 0.00 -40.48 22.20
CBA CLA MG . -1.32 -39.72 22.11
CGA CLA MG . -1.92 -39.61 23.50
O1A CLA MG . -3.11 -39.83 23.66
O2A CLA MG . -1.12 -39.27 24.65
NB CLA MG . -1.75 -40.11 16.43
C1B CLA MG . -2.13 -41.22 17.02
C2B CLA MG . -3.26 -41.93 16.38
C3B CLA MG . -3.52 -41.06 15.22
C4B CLA MG . -2.52 -39.97 15.36
CMB CLA MG . -3.94 -43.20 16.78
CAB CLA MG . -4.58 -41.32 14.22
CBB CLA MG . -4.62 -40.83 13.01
NC CLA MG . -0.91 -37.31 15.74
C1C CLA MG . -1.77 -37.55 14.75
C2C CLA MG . -2.11 -36.39 13.91
C3C CLA MG . -1.33 -35.32 14.51
C4C CLA MG . -0.62 -36.01 15.62
CMC CLA MG . -3.04 -36.33 12.74
CAC CLA MG . -1.26 -33.87 14.12
CBC CLA MG . -0.26 -33.80 12.99
ND CLA MG . 0.44 -37.12 17.97
C1D CLA MG . 0.80 -35.79 17.62
C2D CLA MG . 1.74 -35.12 18.54
C3D CLA MG . 1.93 -36.21 19.52
C4D CLA MG . 1.17 -37.28 19.14
CMD CLA MG . 2.41 -33.80 18.61
CAD CLA MG . 2.61 -36.58 20.76
OBD CLA MG . 3.40 -35.80 21.38
CBD CLA MG . 2.26 -37.95 21.14
CGD CLA MG . 3.56 -38.72 21.16
O1D CLA MG . 4.54 -38.32 21.73
O2D CLA MG . 3.72 -40.01 20.54
CED CLA MG . 4.67 -40.90 21.10
C1 CLA MG . -1.81 -38.80 25.81
C2 CLA MG . -1.35 -37.41 26.18
C3 CLA MG . -2.14 -36.57 26.85
C4 CLA MG . -3.53 -36.96 27.23
C5 CLA MG . -1.62 -35.19 27.20
MG CLA NG . 16.55 -88.94 8.51
CHA CLA NG . 18.49 -87.81 5.89
CHB CLA NG . 18.10 -91.92 8.25
CHC CLA NG . 15.13 -89.81 11.47
CHD CLA NG . 15.31 -85.48 8.96
NA CLA NG . 18.05 -89.73 7.33
C1A CLA NG . 18.68 -89.24 6.33
C2A CLA NG . 19.62 -90.19 5.59
C3A CLA NG . 19.41 -91.49 6.36
C4A CLA NG . 18.45 -91.00 7.38
CMA CLA NG . 18.67 -92.49 5.48
CAA CLA NG . 21.11 -89.81 5.70
CBA CLA NG . 21.79 -90.09 7.03
CGA CLA NG . 21.90 -88.82 7.84
O1A CLA NG . 22.91 -88.17 7.76
O2A CLA NG . 20.83 -88.39 8.71
NB CLA NG . 16.63 -90.60 9.68
C1B CLA NG . 17.19 -91.76 9.37
C2B CLA NG . 16.90 -92.90 10.26
C3B CLA NG . 16.00 -92.25 11.23
C4B CLA NG . 15.92 -90.84 10.77
CMB CLA NG . 17.39 -94.30 10.15
CAB CLA NG . 15.35 -92.84 12.41
CBB CLA NG . 15.99 -92.76 13.56
NC CLA NG . 15.45 -87.87 9.89
C1C CLA NG . 15.00 -88.40 11.03
C2C CLA NG . 14.34 -87.43 11.94
C3C CLA NG . 14.40 -86.17 11.18
C4C CLA NG . 15.10 -86.56 9.95
CMC CLA NG . 13.72 -87.65 13.29
CAC CLA NG . 13.88 -84.81 11.56
CBC CLA NG . 15.01 -84.11 12.29
ND CLA NG . 16.81 -87.08 7.75
C1D CLA NG . 16.23 -85.77 7.85
C2D CLA NG . 16.62 -84.81 6.80
C3D CLA NG . 17.54 -85.66 6.01
C4D CLA NG . 17.59 -86.90 6.62
CMD CLA NG . 16.30 -83.38 6.47
CAD CLA NG . 18.42 -85.72 4.82
OBD CLA NG . 18.64 -84.74 4.02
CBD CLA NG . 19.01 -87.07 4.71
CGD CLA NG . 18.43 -87.72 3.50
O1D CLA NG . 17.24 -87.99 3.45
O2D CLA NG . 19.32 -88.09 2.42
CED CLA NG . 19.31 -89.42 1.91
C1 CLA NG . 20.70 -87.00 9.02
C2 CLA NG . 20.76 -86.70 10.51
C3 CLA NG . 19.85 -85.91 11.10
C4 CLA NG . 18.74 -85.31 10.29
C5 CLA NG . 19.91 -85.59 12.58
C6 CLA NG . 19.21 -86.58 13.51
C7 CLA NG . 17.75 -86.25 13.73
C8 CLA NG . 17.20 -86.73 15.07
C9 CLA NG . 17.60 -85.78 16.20
C10 CLA NG . 17.62 -88.16 15.39
C11 CLA NG . 16.42 -89.10 15.39
C12 CLA NG . 16.40 -90.03 16.59
C13 CLA NG . 15.18 -90.94 16.52
C14 CLA NG . 13.87 -90.17 16.62
C15 CLA NG . 15.28 -92.05 17.55
C16 CLA NG . 14.13 -93.04 17.37
C17 CLA NG . 14.34 -94.37 18.10
C18 CLA NG . 13.04 -95.00 18.63
C19 CLA NG . 13.11 -96.52 18.63
C20 CLA NG . 11.76 -94.55 17.93
MG CLA OG . 13.54 -72.67 16.99
CHA CLA OG . 10.19 -72.46 17.73
CHB CLA OG . 14.19 -71.00 19.86
CHC CLA OG . 16.79 -73.18 16.37
CHD CLA OG . 12.69 -75.07 14.32
NA CLA OG . 12.42 -71.92 18.56
C1A CLA OG . 11.15 -71.82 18.69
C2A CLA OG . 10.66 -71.02 19.86
C3A CLA OG . 11.95 -70.52 20.46
C4A CLA OG . 12.92 -71.20 19.56
CMA CLA OG . 12.07 -69.02 20.23
CAA CLA OG . 9.99 -71.93 20.90
CBA CLA OG . 10.82 -72.55 22.03
CGA CLA OG . 11.58 -73.79 21.63
O1A CLA OG . 12.59 -74.08 22.24
O2A CLA OG . 11.17 -74.64 20.54
NB CLA OG . 15.23 -72.10 17.93
C1B CLA OG . 15.33 -71.56 19.15
C2B CLA OG . 16.67 -71.62 19.77
C3B CLA OG . 17.45 -72.27 18.70
C4B CLA OG . 16.45 -72.52 17.63
CMB CLA OG . 17.13 -71.12 21.10
CAB CLA OG . 18.87 -72.64 18.69
CBB CLA OG . 19.20 -73.91 18.73
NC CLA OG . 14.51 -73.88 15.64
C1C CLA OG . 15.84 -73.94 15.55
C2C CLA OG . 16.36 -74.85 14.51
C3C CLA OG . 15.14 -75.40 13.89
C4C CLA OG . 14.07 -74.73 14.68
CMC CLA OG . 17.79 -75.15 14.14
CAC CLA OG . 14.99 -76.41 12.79
CBC CLA OG . 14.84 -75.70 11.47
ND CLA OG . 11.95 -73.66 16.22
C1D CLA OG . 11.62 -74.44 15.07
C2D CLA OG . 10.18 -74.56 14.74
C3D CLA OG . 9.62 -73.74 15.84
C4D CLA OG . 10.67 -73.28 16.60
CMD CLA OG . 9.34 -75.23 13.70
CAD CLA OG . 8.37 -73.22 16.44
OBD CLA OG . 7.20 -73.43 15.98
CBD CLA OG . 8.71 -72.39 17.60
CGD CLA OG . 8.31 -71.01 17.21
O1D CLA OG . 9.11 -70.12 17.10
O2D CLA OG . 6.92 -70.71 16.93
CED CLA OG . 6.56 -69.36 16.75
C1 CLA OG . 11.52 -76.02 20.55
C2 CLA OG . 12.85 -76.25 19.88
C3 CLA OG . 12.93 -76.61 18.58
C4 CLA OG . 11.70 -76.77 17.75
C5 CLA OG . 14.28 -76.84 17.94
C6 CLA OG . 14.74 -78.29 18.10
C7 CLA OG . 16.21 -78.44 17.71
C8 CLA OG . 16.73 -79.89 17.78
C9 CLA OG . 15.71 -80.90 17.22
C10 CLA OG . 17.13 -80.25 19.20
C11 CLA OG . 18.45 -81.01 19.21
C12 CLA OG . 18.71 -81.73 20.52
C13 CLA OG . 19.53 -83.01 20.29
C14 CLA OG . 18.66 -84.08 19.64
C15 CLA OG . 20.08 -83.51 21.62
C16 CLA OG . 21.42 -84.21 21.47
C17 CLA OG . 21.49 -85.49 22.30
C18 CLA OG . 22.58 -85.39 23.36
C19 CLA OG . 23.77 -86.30 23.07
C20 CLA OG . 21.97 -85.72 24.71
MG CLA PG . 0.32 -38.32 -3.59
CHA CLA PG . -0.29 -38.31 -0.18
CHB CLA PG . -1.29 -35.40 -3.82
CHC CLA PG . 1.41 -38.14 -6.79
CHD CLA PG . 2.50 -41.24 -3.07
NA CLA PG . -0.58 -37.05 -2.24
C1A CLA PG . -0.85 -37.18 -0.98
C2A CLA PG . -1.73 -36.13 -0.37
C3A CLA PG . -1.99 -35.25 -1.55
C4A CLA PG . -1.23 -35.96 -2.61
CMA CLA PG . -3.43 -35.39 -1.94
CAA CLA PG . -1.09 -35.21 0.68
CBA CLA PG . 0.25 -34.65 0.26
CGA CLA PG . 1.31 -35.41 1.01
O1A CLA PG . 1.51 -35.17 2.18
O2A CLA PG . 2.07 -36.43 0.34
NB CLA PG . 0.07 -36.96 -5.09
C1B CLA PG . -0.62 -35.83 -5.04
C2B CLA PG . -0.60 -35.05 -6.29
C3B CLA PG . 0.22 -35.88 -7.18
C4B CLA PG . 0.58 -37.04 -6.32
CMB CLA PG . -1.25 -33.75 -6.61
CAB CLA PG . 0.57 -35.60 -8.59
CBB CLA PG . 1.82 -35.60 -9.04
NC CLA PG . 1.67 -39.44 -4.66
C1C CLA PG . 1.96 -39.21 -5.95
C2C CLA PG . 2.91 -40.16 -6.56
C3C CLA PG . 3.22 -41.06 -5.45
C4C CLA PG . 2.40 -40.53 -4.35
CMC CLA PG . 3.44 -40.19 -7.96
CAC CLA PG . 4.12 -42.26 -5.43
CBC CLA PG . 5.47 -41.69 -5.10
ND CLA PG . 1.02 -39.50 -2.09
C1D CLA PG . 1.82 -40.66 -1.92
C2D CLA PG . 1.89 -41.19 -0.55
C3D CLA PG . 1.02 -40.22 0.14
C4D CLA PG . 0.58 -39.31 -0.80
CMD CLA PG . 2.55 -42.35 0.14
CAD CLA PG . 0.46 -39.85 1.44
OBD CLA PG . 0.65 -40.46 2.54
CBD CLA PG . -0.35 -38.64 1.27
CGD CLA PG . -1.69 -38.86 1.86
O1D CLA PG . -2.16 -39.97 1.92
O2D CLA PG . -2.39 -37.75 2.45
CED CLA PG . -3.19 -37.96 3.61
C1 CLA PG . 3.17 -36.07 -0.47
C2 CLA PG . 2.73 -35.99 -1.91
C3 CLA PG . 3.15 -35.03 -2.74
C4 CLA PG . 4.11 -33.97 -2.28
C5 CLA PG . 2.65 -35.02 -4.16
C6 CLA PG . 2.32 -33.62 -4.65
C7 CLA PG . 2.91 -33.40 -6.03
C8 CLA PG . 4.00 -32.34 -6.07
C9 CLA PG . 4.08 -31.77 -7.48
C10 CLA PG . 5.33 -32.92 -5.62
C11 CLA PG . 6.49 -31.99 -5.90
C12 CLA PG . 6.57 -30.85 -4.90
C13 CLA PG . 7.14 -29.61 -5.57
C14 CLA PG . 8.52 -29.88 -6.17
C15 CLA PG . 7.23 -28.50 -4.55
C16 CLA PG . 6.44 -27.29 -4.98
C17 CLA PG . 5.11 -27.32 -4.27
C18 CLA PG . 4.45 -25.95 -4.35
C19 CLA PG . 4.16 -25.53 -5.77
C20 CLA PG . 5.33 -24.93 -3.64
MG CLA QG . -19.08 -32.44 23.59
CHA CLA QG . -20.66 -29.82 21.99
CHB CLA QG . -16.13 -31.23 22.53
CHC CLA QG . -17.55 -34.81 25.51
CHD CLA QG . -22.28 -33.29 25.16
NA CLA QG . -18.49 -30.78 22.52
C1A CLA QG . -19.17 -29.90 21.88
C2A CLA QG . -18.38 -28.95 21.03
C3A CLA QG . -16.98 -29.50 21.18
C4A CLA QG . -17.23 -30.57 22.15
CMA CLA QG . -16.65 -30.19 19.86
CAA CLA QG . -18.41 -27.53 21.63
CBA CLA QG . -17.16 -26.96 22.32
CGA CLA QG . -17.19 -27.09 23.83
O1A CLA QG . -17.99 -26.43 24.48
O2A CLA QG . -16.22 -27.91 24.53
NB CLA QG . -17.13 -32.98 23.92
C1B CLA QG . -16.07 -32.32 23.49
C2B CLA QG . -14.78 -32.74 24.08
C3B CLA QG . -15.21 -33.83 24.98
C4B CLA QG . -16.69 -33.87 24.80
CMB CLA QG . -13.41 -32.22 23.83
CAB CLA QG . -14.37 -34.65 25.87
CBB CLA QG . -14.53 -34.60 27.16
NC CLA QG . -19.80 -33.80 24.96
C1C CLA QG . -18.99 -34.56 25.71
C2C CLA QG . -19.65 -35.20 26.86
C3C CLA QG . -21.04 -34.75 26.75
C4C CLA QG . -21.01 -33.90 25.55
CMC CLA QG . -19.06 -36.11 27.89
CAC CLA QG . -22.20 -35.04 27.65
CBC CLA QG . -22.80 -36.33 27.16
ND CLA QG . -20.99 -31.77 23.69
C1D CLA QG . -22.25 -32.20 24.20
C2D CLA QG . -23.43 -31.45 23.73
C3D CLA QG . -22.77 -30.49 22.83
C4D CLA QG . -21.40 -30.73 22.88
CMD CLA QG . -24.91 -31.50 23.97
CAD CLA QG . -23.01 -29.37 21.91
OBD CLA QG . -24.17 -28.87 21.66
CBD CLA QG . -21.71 -28.91 21.40
CGD CLA QG . -21.73 -28.42 19.98
O1D CLA QG . -22.52 -27.54 19.71
O2D CLA QG . -20.87 -28.87 18.91
CED CLA QG . -20.80 -28.02 17.76
C1 CLA QG . -16.50 -29.07 25.34
C2 CLA QG . -17.96 -29.38 25.54
C3 CLA QG . -18.44 -29.96 26.64
C4 CLA QG . -17.51 -30.37 27.75
C5 CLA QG . -19.91 -30.21 26.76
C6 CLA QG . -20.74 -29.05 26.29
C7 CLA QG . -22.14 -29.12 26.91
C1 PQN RG . 11.52 -72.64 6.17
O1 PQN RG . 12.21 -71.62 6.02
C2 PQN RG . 12.13 -73.92 6.62
C2M PQN RG . 13.61 -73.96 6.88
C3 PQN RG . 11.30 -75.13 6.80
C4 PQN RG . 9.84 -75.07 6.53
O4 PQN RG . 9.13 -76.07 6.67
C5 PQN RG . 9.22 -73.79 6.09
C6 PQN RG . 7.87 -73.70 5.84
C7 PQN RG . 7.33 -72.50 5.42
C8 PQN RG . 8.11 -71.37 5.26
C9 PQN RG . 9.47 -71.41 5.50
C10 PQN RG . 10.06 -72.58 5.91
C11 PQN RG . 11.91 -76.44 7.25
C12 PQN RG . 12.04 -76.53 8.75
C13 PQN RG . 11.29 -77.35 9.51
C14 PQN RG . 10.25 -78.23 8.88
C15 PQN RG . 11.52 -77.35 11.00
C16 PQN RG . 11.15 -78.69 11.61
C17 PQN RG . 12.36 -79.33 12.26
C18 PQN RG . 12.16 -79.45 13.77
C19 PQN RG . 13.49 -79.34 14.53
C20 PQN RG . 11.42 -80.76 14.07
C21 PQN RG . 12.34 -81.98 14.18
C22 PQN RG . 11.61 -83.30 14.05
C23 PQN RG . 11.56 -84.09 15.34
C24 PQN RG . 10.61 -83.47 16.36
C25 PQN RG . 12.96 -84.26 15.95
C26 PQN RG . 12.90 -85.05 17.24
C27 PQN RG . 14.29 -85.28 17.83
C28 PQN RG . 14.22 -85.99 19.17
C29 PQN RG . 15.31 -87.04 19.30
C30 PQN RG . 14.29 -85.00 20.33
C1 BCR SG . -4.07 -48.17 61.79
C2 BCR SG . -3.27 -49.16 62.61
C3 BCR SG . -4.05 -50.43 62.78
C4 BCR SG . -4.32 -51.07 61.44
C5 BCR SG . -4.66 -50.08 60.39
C6 BCR SG . -4.57 -48.76 60.52
C7 BCR SG . -4.89 -47.83 59.44
C8 BCR SG . -6.12 -47.34 59.21
C9 BCR SG . -6.51 -46.80 57.92
C10 BCR SG . -7.76 -46.96 57.48
C11 BCR SG . -8.25 -46.38 56.26
C33 BCR SG . -5.12 -50.70 59.14
C31 BCR SG . -3.17 -46.99 61.55
C32 BCR SG . -5.23 -47.72 62.66
C34 BCR SG . -5.52 -46.03 57.16
C12 BCR SG . -9.51 -46.60 55.89
C13 BCR SG . -10.32 -45.65 55.17
C14 BCR SG . -11.50 -46.06 54.68
C15 BCR SG . -12.37 -45.24 53.88
C16 BCR SG . -13.55 -45.73 53.47
C17 BCR SG . -14.39 -44.94 52.61
C18 BCR SG . -15.66 -45.24 52.34
C19 BCR SG . -16.42 -44.42 51.42
C20 BCR SG . -17.76 -44.41 51.40
C21 BCR SG . -18.46 -43.75 50.33
C22 BCR SG . -19.71 -43.27 50.38
C23 BCR SG . -20.18 -42.42 49.29
C24 BCR SG . -20.87 -41.28 49.50
C25 BCR SG . -21.52 -40.40 48.51
C26 BCR SG . -20.84 -39.51 47.78
C27 BCR SG . -21.38 -38.57 46.78
C28 BCR SG . -22.88 -38.44 46.83
C29 BCR SG . -23.54 -39.75 47.15
C30 BCR SG . -23.01 -40.48 48.38
C35 BCR SG . -10.07 -44.21 55.35
C36 BCR SG . -16.37 -46.18 53.21
C37 BCR SG . -20.43 -43.24 51.67
C38 BCR SG . -19.38 -39.34 47.86
C39 BCR SG . -23.57 -41.88 48.40
C40 BCR SG . -23.66 -39.76 49.55
C1 BCR TG . 4.58 -64.13 50.07
C2 BCR TG . 5.38 -64.84 49.00
C3 BCR TG . 5.88 -63.85 47.99
C4 BCR TG . 6.81 -62.85 48.62
C5 BCR TG . 6.34 -62.42 49.96
C6 BCR TG . 5.33 -62.97 50.63
C7 BCR TG . 4.93 -62.50 51.96
C8 BCR TG . 4.00 -61.57 52.18
C9 BCR TG . 3.60 -61.16 53.51
C10 BCR TG . 2.51 -60.40 53.65
C11 BCR TG . 1.68 -60.35 54.83
C33 BCR TG . 7.11 -61.29 50.49
C31 BCR TG . 4.25 -65.15 51.13
C32 BCR TG . 3.30 -63.68 49.41
C34 BCR TG . 4.14 -61.91 54.65
C12 BCR TG . 0.36 -60.21 54.66
C13 BCR TG . -0.56 -59.71 55.65
C14 BCR TG . -0.94 -58.43 55.58
C15 BCR TG . -1.90 -57.84 56.47
C16 BCR TG . -2.62 -56.78 56.07
C17 BCR TG . -3.99 -56.71 56.47
C18 BCR TG . -4.82 -55.69 56.24
C19 BCR TG . -5.48 -55.08 57.38
C20 BCR TG . -6.39 -54.12 57.27
C21 BCR TG . -7.06 -53.68 58.48
C22 BCR TG . -7.95 -52.70 58.60
C23 BCR TG . -8.38 -52.35 59.94
C24 BCR TG . -9.19 -51.33 60.23
C25 BCR TG . -10.03 -51.19 61.43
C26 BCR TG . -9.54 -50.69 62.57
C27 BCR TG . -10.32 -50.49 63.82
C28 BCR TG . -11.77 -50.27 63.50
C29 BCR TG . -12.26 -51.38 62.60
C30 BCR TG . -11.47 -51.57 61.31
C35 BCR TG . -0.98 -60.57 56.78
C36 BCR TG . -4.83 -54.98 54.96
C37 BCR TG . -8.29 -51.80 57.47
C38 BCR TG . -8.14 -50.27 62.77
C39 BCR TG . -12.10 -50.79 60.17
C40 BCR TG . -11.68 -53.04 60.98
C1 BCR UG . -9.07 -58.18 58.73
C2 BCR UG . -9.01 -58.97 60.04
C3 BCR UG . -9.27 -60.43 59.86
C4 BCR UG . -8.33 -60.99 58.83
C5 BCR UG . -8.58 -60.29 57.56
C6 BCR UG . -8.92 -58.99 57.48
C7 BCR UG . -9.18 -58.34 56.19
C8 BCR UG . -8.23 -57.75 55.43
C9 BCR UG . -7.74 -58.30 54.19
C10 BCR UG . -6.47 -58.04 53.82
C11 BCR UG . -5.79 -58.64 52.70
C33 BCR UG . -8.43 -61.16 56.37
C31 BCR UG . -8.01 -57.12 58.88
C32 BCR UG . -10.42 -57.49 58.71
C34 BCR UG . -8.68 -59.01 53.30
C12 BCR UG . -4.69 -58.05 52.22
C13 BCR UG . -4.39 -57.92 50.82
C14 BCR UG . -3.18 -57.48 50.45
C15 BCR UG . -2.71 -57.50 49.08
C16 BCR UG . -1.53 -56.98 48.76
C17 BCR UG . -1.05 -57.16 47.42
C18 BCR UG . 0.18 -56.86 46.99
C19 BCR UG . 0.55 -57.17 45.63
C20 BCR UG . 1.71 -56.81 45.11
C21 BCR UG . 2.11 -57.33 43.82
C22 BCR UG . 3.34 -57.30 43.32
C23 BCR UG . 3.52 -57.70 41.93
C24 BCR UG . 4.59 -57.37 41.18
C25 BCR UG . 4.93 -57.93 39.87
C26 BCR UG . 4.33 -57.57 38.74
C27 BCR UG . 4.61 -58.10 37.38
C28 BCR UG . 5.78 -59.04 37.33
C29 BCR UG . 5.90 -59.82 38.60
C30 BCR UG . 6.05 -58.93 39.81
C35 BCR UG . -5.42 -58.17 49.79
C36 BCR UG . 1.23 -56.37 47.91
C37 BCR UG . 4.50 -57.34 44.23
C38 BCR UG . 3.23 -56.60 38.64
C39 BCR UG . 7.36 -58.20 39.75
C40 BCR UG . 6.13 -59.86 41.00
C1 BCR VG . -12.69 -51.53 21.98
C2 BCR VG . -12.85 -52.92 21.45
C3 BCR VG . -11.61 -53.31 20.70
C4 BCR VG . -10.46 -53.38 21.65
C5 BCR VG . -10.42 -52.22 22.57
C6 BCR VG . -11.40 -51.34 22.72
C7 BCR VG . -11.31 -50.24 23.67
C8 BCR VG . -10.92 -49.01 23.35
C9 BCR VG . -11.13 -47.90 24.26
C10 BCR VG . -11.04 -46.64 23.82
C11 BCR VG . -11.22 -45.52 24.71
C33 BCR VG . -9.15 -52.10 23.30
C31 BCR VG . -13.89 -51.21 22.83
C32 BCR VG . -12.74 -50.63 20.77
C34 BCR VG . -11.71 -48.20 25.56
C12 BCR VG . -11.25 -44.28 24.25
C13 BCR VG . -11.21 -43.14 25.12
C14 BCR VG . -11.09 -41.92 24.58
C15 BCR VG . -10.59 -40.78 25.30
C16 BCR VG . -10.12 -39.72 24.65
C17 BCR VG . -10.48 -38.42 25.14
C18 BCR VG . -10.22 -37.27 24.52
C19 BCR VG . -10.77 -36.04 25.06
C20 BCR VG . -10.41 -34.84 24.64
C21 BCR VG . -10.53 -33.75 25.56
C22 BCR VG . -9.84 -32.59 25.52
C23 BCR VG . -9.71 -31.87 26.77
C24 BCR VG . -9.99 -30.56 26.91
C25 BCR VG . -9.39 -29.62 27.86
C26 BCR VG . -8.24 -28.99 27.59
C27 BCR VG . -7.55 -28.01 28.46
C28 BCR VG . -8.43 -27.47 29.56
C29 BCR VG . -9.23 -28.61 30.16
C30 BCR VG . -10.13 -29.32 29.15
C35 BCR VG . -10.89 -43.34 26.54
C36 BCR VG . -9.49 -37.21 23.25
C37 BCR VG . -9.62 -31.90 24.25
C38 BCR VG . -7.46 -29.20 26.36
C39 BCR VG . -11.35 -28.48 28.86
C40 BCR VG . -10.64 -30.55 29.88
C1 BCR WG . -3.52 -50.08 19.71
C2 BCR WG . -4.24 -51.01 18.78
C3 BCR WG . -5.73 -50.89 18.95
C4 BCR WG . -6.16 -51.20 20.36
C5 BCR WG . -5.19 -50.72 21.38
C6 BCR WG . -4.00 -50.19 21.12
C7 BCR WG . -3.08 -49.77 22.17
C8 BCR WG . -3.08 -48.55 22.68
C9 BCR WG . -2.54 -48.24 23.98
C10 BCR WG . -3.17 -47.36 24.75
C11 BCR WG . -2.54 -46.21 25.34
C33 BCR WG . -5.69 -50.88 22.76
C31 BCR WG . -3.69 -48.69 19.15
C32 BCR WG . -2.06 -50.44 19.63
C34 BCR WG . -1.14 -48.60 24.25
C12 BCR WG . -3.28 -45.40 26.09
C13 BCR WG . -2.76 -44.64 27.19
C14 BCR WG . -3.29 -43.44 27.41
C15 BCR WG . -2.72 -42.44 28.27
C16 BCR WG . -3.53 -41.49 28.74
C17 BCR WG . -2.96 -40.23 29.12
C18 BCR WG . -3.57 -39.36 29.93
C19 BCR WG . -2.78 -38.31 30.53
C20 BCR WG . -3.32 -37.33 31.24
C21 BCR WG . -2.56 -36.71 32.29
C22 BCR WG . -3.01 -35.72 33.07
C23 BCR WG . -2.11 -35.21 34.08
C24 BCR WG . -1.15 -34.35 33.76
C25 BCR WG . -0.76 -33.14 34.48
C26 BCR WG . 0.26 -33.16 35.33
C27 BCR WG . 0.74 -31.98 36.07
C28 BCR WG . 0.63 -30.80 35.14
C29 BCR WG . -0.82 -30.63 34.74
C30 BCR WG . -1.53 -31.89 34.22
C35 BCR WG . -1.48 -45.02 27.79
C36 BCR WG . -4.88 -39.67 30.54
C37 BCR WG . -4.05 -34.81 32.56
C38 BCR WG . 1.07 -34.35 35.61
C39 BCR WG . -1.83 -31.79 32.75
C40 BCR WG . -2.87 -31.87 34.93
C1 BCR XG . 17.31 -63.08 27.02
C2 BCR XG . 17.04 -61.84 26.23
C3 BCR XG . 15.58 -61.51 26.24
C4 BCR XG . 14.74 -62.64 25.70
C5 BCR XG . 15.26 -63.98 26.02
C6 BCR XG . 16.44 -64.24 26.61
C7 BCR XG . 16.88 -65.61 26.92
C8 BCR XG . 17.49 -66.43 26.04
C9 BCR XG . 16.88 -67.62 25.48
C10 BCR XG . 17.48 -68.25 24.46
C11 BCR XG . 18.76 -67.93 23.88
C33 BCR XG . 14.31 -65.03 25.62
C31 BCR XG . 17.06 -62.76 28.48
C32 BCR XG . 18.78 -63.35 26.85
C34 BCR XG . 15.91 -68.33 26.33
C12 BCR XG . 19.23 -68.77 22.96
C13 BCR XG . 20.61 -68.93 22.57
C14 BCR XG . 20.94 -70.07 21.94
C15 BCR XG . 21.78 -70.16 20.76
C16 BCR XG . 22.02 -71.36 20.19
C17 BCR XG . 22.64 -71.40 18.89
C18 BCR XG . 23.29 -72.44 18.36
C19 BCR XG . 22.54 -73.58 17.86
C20 BCR XG . 22.81 -74.12 16.68
C21 BCR XG . 22.57 -75.52 16.44
C22 BCR XG . 23.51 -76.46 16.63
C23 BCR XG . 23.13 -77.63 17.41
C24 BCR XG . 24.04 -78.47 17.90
C25 BCR XG . 23.78 -79.83 18.40
C26 BCR XG . 23.89 -80.89 17.60
C27 BCR XG . 23.67 -82.27 18.03
C28 BCR XG . 24.15 -82.44 19.45
C29 BCR XG . 23.49 -81.42 20.34
C30 BCR XG . 23.42 -79.99 19.85
C35 BCR XG . 21.48 -67.75 22.49
C36 BCR XG . 24.71 -72.37 17.97
C37 BCR XG . 24.94 -76.13 16.45
C38 BCR XG . 24.25 -80.79 16.18
C39 BCR XG . 24.28 -79.07 20.69
C40 BCR XG . 21.98 -79.57 20.12
O1 LHG YG . -5.42 -76.40 13.14
C1 LHG YG . -5.38 -75.23 13.95
C2 LHG YG . -4.16 -74.42 13.62
O2 LHG YG . -3.54 -73.93 14.78
C3 LHG YG . -4.46 -73.22 12.77
O3 LHG YG . -3.15 -72.80 12.49
P LHG YG . -2.86 -71.62 11.44
O4 LHG YG . -2.56 -72.24 10.13
O5 LHG YG . -3.81 -70.55 11.86
O6 LHG YG . -1.33 -71.21 12.02
C4 LHG YG . -0.55 -72.16 12.68
C5 LHG YG . 0.57 -71.34 13.35
C6 LHG YG . 0.16 -69.90 13.60
O7 LHG YG . 0.77 -71.93 14.60
C7 LHG YG . 2.05 -71.98 15.02
O9 LHG YG . 2.82 -71.04 14.97
C8 LHG YG . 2.31 -73.23 15.76
C9 LHG YG . 3.24 -72.91 16.90
C10 LHG YG . 3.48 -74.17 17.68
O8 LHG YG . -0.39 -69.92 14.92
C23 LHG YG . 0.14 -69.07 15.84
O10 LHG YG . 1.26 -68.65 15.66
C24 LHG YG . -0.41 -69.02 17.24
C11 LHG YG . 4.80 -73.89 18.32
C12 LHG YG . 4.96 -74.81 19.48
C13 LHG YG . 6.34 -74.59 20.06
C14 LHG YG . 6.54 -75.40 21.30
C15 LHG YG . 7.76 -74.84 21.97
C16 LHG YG . 7.35 -73.70 22.83
C17 LHG YG . 7.93 -73.84 24.21
C18 LHG YG . 7.50 -72.56 24.87
C19 LHG YG . 7.45 -72.64 26.37
C20 LHG YG . 7.41 -71.20 26.77
C21 LHG YG . 8.81 -70.70 26.94
C22 LHG YG . 8.94 -70.09 28.32
C25 LHG YG . 0.63 -68.66 18.27
C26 LHG YG . 0.67 -67.21 18.69
C27 LHG YG . 2.13 -66.93 18.84
C28 LHG YG . 2.78 -66.29 17.65
C29 LHG YG . 3.17 -64.90 18.07
C30 LHG YG . 4.60 -64.49 17.81
C31 LHG YG . 5.56 -64.68 18.95
C32 LHG YG . 6.84 -63.88 18.84
C33 LHG YG . 7.32 -63.56 20.24
C34 LHG YG . 8.48 -64.37 20.74
C35 LHG YG . 9.30 -63.59 21.73
C36 LHG YG . 10.77 -63.74 21.37
C37 LHG YG . 11.51 -63.75 22.67
C38 LHG YG . 12.12 -62.42 23.05
O1 LHG ZG . -19.59 -38.49 25.52
C1 LHG ZG . -18.52 -39.01 24.74
C2 LHG ZG . -18.66 -38.47 23.37
O2 LHG ZG . -17.39 -38.27 22.81
C3 LHG ZG . -19.30 -37.13 23.35
O3 LHG ZG . -18.90 -36.68 22.09
P LHG ZG . -19.11 -35.15 21.70
O4 LHG ZG . -19.82 -35.10 20.41
O5 LHG ZG . -19.36 -34.49 22.99
O6 LHG ZG . -17.56 -34.91 21.27
C4 LHG ZG . -16.97 -35.83 20.43
C5 LHG ZG . -15.85 -35.05 19.75
C6 LHG ZG . -15.01 -34.31 20.77
O7 LHG ZG . -15.03 -35.99 19.14
C7 LHG ZG . -15.03 -35.91 17.79
O9 LHG ZG . -15.57 -35.00 17.19
C8 LHG ZG . -14.07 -36.87 17.21
C9 LHG ZG . -12.68 -36.56 17.70
C10 LHG ZG . -11.69 -36.96 16.66
O8 LHG ZG . -13.99 -33.70 19.99
C23 LHG ZG . -12.74 -34.09 20.26
O10 LHG ZG . -12.57 -35.17 20.77
C24 LHG ZG . -11.63 -33.06 20.36
C11 LHG ZG . -11.56 -35.69 15.88
C12 LHG ZG . -10.26 -35.70 15.12
C13 LHG ZG . -9.59 -34.36 15.32
C25 LHG ZG . -10.25 -33.53 19.93
FE1 SF4 AH . 1.98 -68.07 -1.60
FE2 SF4 AH . 1.35 -65.92 -0.05
FE3 SF4 AH . -0.63 -67.56 -0.96
FE4 SF4 AH . 0.67 -65.92 -2.70
S1 SF4 AH . -0.64 -65.29 -0.97
S2 SF4 AH . 0.16 -68.11 -3.00
S3 SF4 AH . 2.78 -65.96 -1.81
S4 SF4 AH . 1.07 -68.10 0.46
MG CLA BH . 27.67 -53.89 9.84
CHA CLA BH . 28.95 -55.62 7.16
CHB CLA BH . 24.58 -54.99 9.00
CHC CLA BH . 26.63 -52.86 12.87
CHD CLA BH . 31.14 -53.16 10.87
NA CLA BH . 26.89 -55.12 8.36
C1A CLA BH . 27.45 -55.56 7.31
C2A CLA BH . 26.51 -56.10 6.26
C3A CLA BH . 25.17 -55.77 6.82
C4A CLA BH . 25.58 -55.28 8.16
CMA CLA BH . 24.81 -54.53 6.04
CAA CLA BH . 26.53 -57.63 6.14
CBA CLA BH . 25.48 -58.17 5.20
CGA CLA BH . 25.37 -59.66 5.29
O1A CLA BH . 24.29 -60.22 5.20
O2A CLA BH . 26.56 -60.48 5.42
NB CLA BH . 25.87 -53.91 10.77
C1B CLA BH . 24.72 -54.43 10.35
C2B CLA BH . 23.61 -54.39 11.37
C3B CLA BH . 24.30 -53.76 12.50
C4B CLA BH . 25.64 -53.44 11.98
CMB CLA BH . 22.20 -54.90 11.36
CAB CLA BH . 23.81 -53.43 13.83
CBB CLA BH . 23.34 -52.22 14.05
NC CLA BH . 28.68 -53.22 11.50
C1C CLA BH . 28.04 -52.74 12.58
C2C CLA BH . 28.89 -52.07 13.58
C3C CLA BH . 30.23 -52.16 12.99
C4C CLA BH . 29.96 -52.85 11.69
CMC CLA BH . 28.49 -51.44 14.88
CAC CLA BH . 31.52 -51.64 13.52
CBC CLA BH . 31.64 -50.26 12.94
ND CLA BH . 29.58 -54.23 9.25
C1D CLA BH . 30.90 -53.99 9.70
C2D CLA BH . 31.98 -54.57 8.88
C3D CLA BH . 31.16 -55.27 7.87
C4D CLA BH . 29.84 -55.06 8.17
CMD CLA BH . 33.46 -54.62 8.94
CAD CLA BH . 31.23 -56.15 6.70
OBD CLA BH . 32.30 -56.58 6.14
CBD CLA BH . 29.86 -56.43 6.28
CGD CLA BH . 29.67 -56.40 4.81
O1D CLA BH . 29.91 -55.42 4.17
O2D CLA BH . 29.08 -57.60 4.21
CED CLA BH . 29.52 -58.20 3.01
C1 CLA BH . 26.31 -61.88 5.51
C2 CLA BH . 26.78 -62.55 6.77
C3 CLA BH . 27.99 -63.10 6.90
C4 CLA BH . 28.97 -63.10 5.78
C5 CLA BH . 28.26 -63.75 8.23
C6 CLA BH . 29.65 -64.31 8.43
C7 CLA BH . 30.50 -63.30 9.18
C8 CLA BH . 31.51 -63.81 10.22
C9 CLA BH . 31.94 -62.70 11.17
C10 CLA BH . 32.78 -64.47 9.67
C11 CLA BH . 32.71 -65.96 9.33
C12 CLA BH . 33.18 -66.27 7.92
C13 CLA BH . 33.51 -67.72 7.64
C14 CLA BH . 34.34 -67.82 6.37
C15 CLA BH . 32.28 -68.62 7.59
C16 CLA BH . 32.04 -69.43 8.86
C17 CLA BH . 31.64 -70.85 8.50
C18 CLA BH . 30.97 -71.53 9.68
C19 CLA BH . 30.62 -72.99 9.39
C20 CLA BH . 29.83 -70.71 10.23
MG CLA CH . 25.34 -66.47 8.36
CHA CLA CH . 25.79 -64.13 10.83
CHB CLA CH . 26.95 -68.67 10.31
CHC CLA CH . 24.22 -68.90 6.26
CHD CLA CH . 23.30 -64.01 6.54
NA CLA CH . 26.22 -66.43 10.25
C1A CLA CH . 26.48 -65.45 11.02
C2A CLA CH . 27.44 -65.75 12.17
C3A CLA CH . 27.83 -67.18 11.90
C4A CLA CH . 26.94 -67.43 10.74
CMA CLA CH . 29.27 -67.18 11.40
CAA CLA CH . 26.77 -65.78 13.55
CBA CLA CH . 27.41 -65.92 14.93
CGA CLA CH . 27.70 -67.32 15.41
O1A CLA CH . 27.03 -68.27 15.09
O2A CLA CH . 28.90 -67.57 16.18
NB CLA CH . 25.61 -68.47 8.26
C1B CLA CH . 26.20 -69.21 9.18
C2B CLA CH . 25.96 -70.67 9.05
C3B CLA CH . 25.10 -70.73 7.86
C4B CLA CH . 25.04 -69.32 7.39
CMB CLA CH . 26.38 -71.83 9.90
CAB CLA CH . 24.63 -71.99 7.26
CBB CLA CH . 25.48 -72.73 6.58
NC CLA CH . 23.99 -66.45 6.80
C1C CLA CH . 23.82 -67.50 5.99
C2C CLA CH . 23.08 -67.19 4.74
C3C CLA CH . 22.82 -65.76 4.82
C4C CLA CH . 23.44 -65.41 6.12
CMC CLA CH . 22.69 -68.07 3.60
CAC CLA CH . 22.12 -64.89 3.81
CBC CLA CH . 23.17 -64.16 3.01
ND CLA CH . 24.68 -64.56 8.53
C1D CLA CH . 23.81 -63.66 7.84
C2D CLA CH . 23.53 -62.39 8.53
C3D CLA CH . 24.34 -62.60 9.76
C4D CLA CH . 24.91 -63.85 9.69
CMD CLA CH . 22.70 -61.19 8.19
CAD CLA CH . 24.73 -62.07 11.07
OBD CLA CH . 24.42 -60.94 11.57
CBD CLA CH . 25.63 -62.98 11.75
CGD CLA CH . 26.90 -62.26 12.05
O1D CLA CH . 27.20 -62.04 13.21
O2D CLA CH . 27.72 -61.70 11.02
CED CLA CH . 28.79 -60.87 11.46
C1 CLA CH . 29.21 -68.84 16.76
C2 CLA CH . 29.00 -68.96 18.25
C3 CLA CH . 27.85 -69.14 18.89
C4 CLA CH . 26.55 -69.23 18.16
C5 CLA CH . 27.90 -69.24 20.40
C6 CLA CH . 26.58 -69.53 21.09
C7 CLA CH . 26.53 -71.02 21.39
C8 CLA CH . 25.26 -71.43 22.10
C9 CLA CH . 25.24 -70.86 23.51
C10 CLA CH . 25.16 -72.94 22.11
C11 CLA CH . 23.83 -73.39 22.68
C12 CLA CH . 23.52 -74.83 22.28
C13 CLA CH . 22.33 -75.39 23.06
C14 CLA CH . 22.20 -76.89 22.88
C15 CLA CH . 21.01 -74.71 22.69
C16 CLA CH . 20.38 -74.05 23.91
C17 CLA CH . 18.85 -74.09 23.82
C18 CLA CH . 18.17 -73.74 25.12
C19 CLA CH . 16.68 -73.53 24.88
C20 CLA CH . 18.74 -72.47 25.74
MG CLA DH . 9.67 -49.97 6.25
CHA CLA DH . 6.66 -48.30 6.58
CHB CLA DH . 11.10 -47.13 5.28
CHC CLA DH . 12.64 -51.40 6.91
CHD CLA DH . 7.97 -53.00 7.44
NA CLA DH . 9.02 -48.02 6.06
C1A CLA DH . 7.85 -47.51 6.10
C2A CLA DH . 7.76 -46.06 5.65
C3A CLA DH . 9.17 -45.80 5.21
C4A CLA DH . 9.80 -47.08 5.55
CMA CLA DH . 9.18 -45.63 3.70
CAA CLA DH . 7.45 -45.14 6.83
CBA CLA DH . 7.11 -43.66 6.66
CGA CLA DH . 8.32 -42.79 6.37
O1A CLA DH . 9.18 -42.62 7.20
O2A CLA DH . 8.44 -42.15 5.09
NB CLA DH . 11.59 -49.34 6.10
C1B CLA DH . 12.02 -48.22 5.59
C2B CLA DH . 13.48 -48.03 5.56
C3B CLA DH . 13.93 -49.34 6.05
C4B CLA DH . 12.67 -50.04 6.38
CMB CLA DH . 14.26 -46.86 5.06
CAB CLA DH . 15.29 -49.85 6.23
CBB CLA DH . 16.09 -49.23 7.07
NC CLA DH . 10.16 -51.77 7.05
C1C CLA DH . 11.42 -52.17 7.15
C2C CLA DH . 11.58 -53.58 7.49
C3C CLA DH . 10.22 -54.09 7.64
C4C CLA DH . 9.43 -52.89 7.28
CMC CLA DH . 12.83 -54.32 7.67
CAC CLA DH . 9.83 -55.49 7.98
CBC CLA DH . 9.29 -55.55 9.37
ND CLA DH . 7.84 -50.59 6.85
C1D CLA DH . 7.24 -51.76 7.37
C2D CLA DH . 5.82 -51.69 7.61
C3D CLA DH . 5.60 -50.25 7.35
C4D CLA DH . 6.80 -49.70 6.97
CMD CLA DH . 4.86 -52.67 8.19
CAD CLA DH . 4.62 -49.17 7.39
OBD CLA DH . 3.39 -49.26 7.72
CBD CLA DH . 5.26 -47.95 6.94
CGD CLA DH . 4.50 -47.15 5.96
O1D CLA DH . 4.50 -47.37 4.78
O2D CLA DH . 3.72 -46.04 6.47
CED CLA DH . 3.15 -45.11 5.57
C1 CLA DH . 9.52 -41.27 4.84
C2 CLA DH . 10.69 -42.06 4.32
C3 CLA DH . 11.87 -42.25 4.92
C4 CLA DH . 12.16 -41.70 6.26
C5 CLA DH . 12.89 -43.08 4.18
C6 CLA DH . 14.24 -42.38 4.07
C7 CLA DH . 14.11 -41.23 3.08
C8 CLA DH . 15.28 -40.26 3.11
C9 CLA DH . 15.63 -39.84 4.52
C10 CLA DH . 14.94 -39.06 2.24
C11 CLA DH . 15.25 -39.37 0.78
C12 CLA DH . 16.53 -38.71 0.28
C13 CLA DH . 16.46 -38.33 -1.19
C14 CLA DH . 15.43 -37.25 -1.49
C15 CLA DH . 16.16 -39.63 -1.91
C16 CLA DH . 16.13 -39.63 -3.43
C17 CLA DH . 17.45 -39.15 -4.03
C18 CLA DH . 17.42 -39.31 -5.55
C19 CLA DH . 18.49 -38.45 -6.20
C20 CLA DH . 16.07 -39.07 -6.22
MG CLA EH . 16.20 -52.50 -23.76
CHA CLA EH . 13.34 -51.86 -25.63
CHB CLA EH . 17.84 -53.18 -26.60
CHC CLA EH . 19.07 -52.48 -21.96
CHD CLA EH . 14.36 -51.32 -20.78
NA CLA EH . 15.72 -52.46 -25.77
C1A CLA EH . 14.59 -52.31 -26.37
C2A CLA EH . 14.61 -52.51 -27.87
C3A CLA EH . 16.02 -52.96 -28.10
C4A CLA EH . 16.57 -52.85 -26.73
CMA CLA EH . 16.07 -54.41 -28.59
CAA CLA EH . 14.40 -51.18 -28.62
CBA CLA EH . 15.42 -50.09 -28.30
CGA CLA EH . 14.67 -48.79 -28.09
O1A CLA EH . 13.46 -48.77 -28.16
O2A CLA EH . 15.37 -47.56 -27.78
NB CLA EH . 18.17 -52.77 -24.23
C1B CLA EH . 18.66 -53.16 -25.40
C2B CLA EH . 20.10 -53.47 -25.43
C3B CLA EH . 20.47 -53.26 -24.01
C4B CLA EH . 19.19 -52.82 -23.37
CMB CLA EH . 20.95 -53.92 -26.58
CAB CLA EH . 21.80 -53.43 -23.37
CBB CLA EH . 22.44 -52.43 -22.80
NC CLA EH . 16.59 -51.96 -21.82
C1C CLA EH . 17.83 -52.07 -21.28
C2C CLA EH . 17.88 -51.75 -19.83
C3C CLA EH . 16.50 -51.41 -19.50
C4C CLA EH . 15.80 -51.61 -20.78
CMC CLA EH . 19.07 -51.72 -18.92
CAC CLA EH . 15.93 -50.99 -18.18
CBC CLA EH . 15.68 -52.31 -17.47
ND CLA EH . 14.38 -51.74 -23.24
C1D CLA EH . 13.66 -51.35 -22.06
C2D CLA EH . 12.25 -50.95 -22.25
C3D CLA EH . 12.15 -51.16 -23.73
C4D CLA EH . 13.38 -51.61 -24.18
CMD CLA EH . 11.12 -50.48 -21.39
CAD CLA EH . 11.21 -51.10 -24.87
OBD CLA EH . 10.00 -50.73 -24.85
CBD CLA EH . 11.97 -51.48 -26.07
CGD CLA EH . 11.26 -52.55 -26.83
O1D CLA EH . 10.72 -52.29 -27.88
O2D CLA EH . 11.24 -53.90 -26.31
CED CLA EH . 11.53 -54.99 -27.18
C1 CLA EH . 14.69 -46.32 -27.83
C2 CLA EH . 15.67 -45.19 -28.02
C3 CLA EH . 16.09 -44.44 -26.99
C4 CLA EH . 15.61 -44.69 -25.59
C5 CLA EH . 17.08 -43.34 -27.24
C6 CLA EH . 18.52 -43.77 -27.01
C7 CLA EH . 19.43 -42.54 -27.03
C8 CLA EH . 20.89 -42.90 -26.88
C9 CLA EH . 21.75 -41.65 -26.90
MG CLA FH . 22.69 -62.42 -25.50
CHA CLA FH . 25.70 -64.05 -25.16
CHB CLA FH . 24.25 -59.55 -24.62
CHC CLA FH . 19.62 -60.99 -25.21
CHD CLA FH . 21.09 -65.70 -25.96
NA CLA FH . 24.62 -61.88 -24.95
C1A CLA FH . 25.70 -62.57 -24.94
C2A CLA FH . 26.99 -61.79 -24.76
C3A CLA FH . 26.47 -60.38 -24.53
C4A CLA FH . 25.01 -60.62 -24.73
CMA CLA FH . 26.67 -59.91 -23.10
CAA CLA FH . 27.82 -61.81 -26.07
CBA CLA FH . 28.52 -60.55 -26.61
CGA CLA FH . 29.78 -60.29 -25.80
O1A CLA FH . 30.88 -60.49 -26.26
O2A CLA FH . 29.69 -59.78 -24.45
NB CLA FH . 22.05 -60.55 -24.98
C1B CLA FH . 22.79 -59.49 -24.70
C2B CLA FH . 22.05 -58.21 -24.54
C3B CLA FH . 20.66 -58.66 -24.71
C4B CLA FH . 20.78 -60.11 -25.01
CMB CLA FH . 22.60 -56.85 -24.23
CAB CLA FH . 19.40 -57.88 -24.64
CBB CLA FH . 19.23 -56.78 -25.34
NC CLA FH . 20.78 -63.20 -25.57
C1C CLA FH . 19.67 -62.45 -25.44
C2C CLA FH . 18.39 -63.19 -25.49
C3C CLA FH . 18.82 -64.58 -25.72
C4C CLA FH . 20.32 -64.45 -25.80
CMC CLA FH . 16.98 -62.66 -25.34
CAC CLA FH . 17.95 -65.82 -25.87
CBC CLA FH . 17.99 -66.63 -24.59
ND CLA FH . 23.15 -64.39 -25.54
C1D CLA FH . 22.53 -65.66 -25.78
C2D CLA FH . 23.45 -66.83 -25.82
C3D CLA FH . 24.72 -66.15 -25.55
C4D CLA FH . 24.47 -64.80 -25.40
CMD CLA FH . 23.34 -68.31 -26.03
CAD CLA FH . 26.17 -66.35 -25.38
OBD CLA FH . 26.78 -67.48 -25.44
CBD CLA FH . 26.81 -65.04 -25.11
CGD CLA FH . 27.48 -65.17 -23.79
O1D CLA FH . 28.51 -64.56 -23.54
O2D CLA FH . 27.07 -66.18 -22.84
CED CLA FH . 27.52 -66.07 -21.50
C1 CLA FH . 30.33 -60.44 -23.34
C2 CLA FH . 30.40 -61.95 -23.42
C3 CLA FH . 31.61 -62.57 -23.46
C4 CLA FH . 32.87 -61.75 -23.43
C5 CLA FH . 31.77 -64.09 -23.49
C6 CLA FH . 32.02 -64.76 -24.84
C7 CLA FH . 30.83 -64.74 -25.80
C8 CLA FH . 31.01 -65.66 -27.00
C9 CLA FH . 32.39 -65.54 -27.61
C10 CLA FH . 29.92 -65.32 -28.00
C11 CLA FH . 28.79 -66.32 -27.87
C12 CLA FH . 27.81 -66.12 -29.01
C13 CLA FH . 26.72 -67.18 -29.09
C14 CLA FH . 27.24 -68.45 -29.74
C15 CLA FH . 25.58 -66.55 -29.88
C16 CLA FH . 24.21 -66.86 -29.27
C17 CLA FH . 23.40 -68.00 -29.92
C18 CLA FH . 22.51 -67.72 -31.15
C19 CLA FH . 22.22 -69.01 -31.92
C20 CLA FH . 22.79 -66.54 -32.09
MG CLA GH . 27.15 -56.39 -19.56
CHA CLA GH . 23.86 -55.44 -19.42
CHB CLA GH . 26.15 -59.59 -19.19
CHC CLA GH . 30.39 -57.22 -19.18
CHD CLA GH . 28.09 -52.81 -19.40
NA CLA GH . 25.34 -57.36 -19.34
C1A CLA GH . 24.15 -56.92 -19.39
C2A CLA GH . 23.06 -57.96 -19.41
C3A CLA GH . 23.81 -59.25 -19.28
C4A CLA GH . 25.19 -58.68 -19.28
CMA CLA GH . 23.53 -59.87 -17.92
CAA CLA GH . 22.39 -58.05 -20.77
CBA CLA GH . 21.30 -59.10 -20.95
CGA CLA GH . 20.11 -58.95 -20.04
O1A CLA GH . 19.23 -58.14 -20.27
O2A CLA GH . 19.99 -59.80 -18.87
NB CLA GH . 28.12 -58.14 -19.21
C1B CLA GH . 27.59 -59.35 -19.15
C2B CLA GH . 28.55 -60.47 -19.08
C3B CLA GH . 29.84 -59.73 -19.07
C4B CLA GH . 29.43 -58.31 -19.17
CMB CLA GH . 28.29 -61.94 -19.00
CAB CLA GH . 31.23 -60.24 -19.01
CBB CLA GH . 32.02 -60.14 -20.05
NC CLA GH . 28.85 -55.25 -19.32
C1C CLA GH . 30.07 -55.78 -19.22
C2C CLA GH . 31.19 -54.80 -19.15
C3C CLA GH . 30.49 -53.51 -19.21
C4C CLA GH . 29.07 -53.91 -19.33
CMC CLA GH . 32.66 -55.07 -19.05
CAC CLA GH . 31.09 -52.12 -19.19
CBC CLA GH . 31.17 -51.73 -17.74
ND CLA GH . 26.31 -54.56 -19.41
C1D CLA GH . 26.68 -53.17 -19.45
C2D CLA GH . 25.56 -52.20 -19.51
C3D CLA GH . 24.42 -53.16 -19.53
C4D CLA GH . 24.93 -54.45 -19.44
CMD CLA GH . 25.41 -50.71 -19.58
CAD CLA GH . 22.96 -53.26 -19.54
OBD CLA GH . 22.18 -52.26 -19.64
CBD CLA GH . 22.58 -54.68 -19.55
CGD CLA GH . 21.55 -55.05 -18.52
O1D CLA GH . 21.91 -55.30 -17.39
O2D CLA GH . 20.16 -55.29 -18.84
CED CLA GH . 19.19 -55.18 -17.81
C1 CLA GH . 18.90 -59.66 -17.96
C2 CLA GH . 19.35 -58.78 -16.82
C3 CLA GH . 19.78 -59.32 -15.68
C4 CLA GH . 19.82 -60.81 -15.48
C5 CLA GH . 20.20 -58.37 -14.59
C6 CLA GH . 20.95 -59.06 -13.46
C7 CLA GH . 22.41 -58.67 -13.62
C8 CLA GH . 23.02 -58.57 -12.25
C9 CLA GH . 22.65 -57.19 -11.74
C10 CLA GH . 24.52 -58.66 -12.37
C11 CLA GH . 25.03 -59.98 -12.94
C12 CLA GH . 26.50 -59.84 -13.36
C13 CLA GH . 26.69 -59.65 -14.88
C14 CLA GH . 28.05 -60.17 -15.31
C15 CLA GH . 26.42 -58.23 -15.35
C16 CLA GH . 27.66 -57.33 -15.31
C17 CLA GH . 27.53 -56.16 -14.35
C18 CLA GH . 26.97 -54.85 -14.89
C19 CLA GH . 25.44 -54.77 -14.92
C20 CLA GH . 27.55 -54.54 -16.25
MG CLA HH . 33.39 -38.78 -18.73
CHA CLA HH . 33.02 -35.93 -16.79
CHB CLA HH . 32.14 -40.58 -16.17
CHC CLA HH . 33.21 -41.36 -20.85
CHD CLA HH . 34.37 -36.60 -21.54
NA CLA HH . 32.70 -38.35 -16.84
C1A CLA HH . 32.67 -37.26 -16.19
C2A CLA HH . 32.28 -37.35 -14.74
C3A CLA HH . 32.08 -38.83 -14.57
C4A CLA HH . 32.32 -39.28 -15.96
CMA CLA HH . 33.23 -39.39 -13.76
CAA CLA HH . 30.89 -36.76 -14.40
CBA CLA HH . 29.66 -37.08 -15.28
CGA CLA HH . 29.71 -36.31 -16.57
O1A CLA HH . 29.75 -35.10 -16.59
O2A CLA HH . 29.79 -37.06 -17.80
NB CLA HH . 32.77 -40.71 -18.52
C1B CLA HH . 32.30 -41.30 -17.44
C2B CLA HH . 31.88 -42.71 -17.63
C3B CLA HH . 32.20 -42.95 -19.04
C4B CLA HH . 32.76 -41.64 -19.48
CMB CLA HH . 31.28 -43.73 -16.71
CAB CLA HH . 32.00 -44.24 -19.75
CBB CLA HH . 31.62 -44.34 -21.01
NC CLA HH . 33.66 -38.91 -20.76
C1C CLA HH . 33.69 -40.10 -21.39
C2C CLA HH . 34.20 -40.08 -22.78
C3C CLA HH . 34.54 -38.66 -22.98
C4C CLA HH . 34.15 -38.05 -21.69
CMC CLA HH . 34.34 -41.24 -23.72
CAC CLA HH . 35.13 -37.99 -24.19
CBC CLA HH . 33.98 -37.79 -25.16
ND CLA HH . 33.62 -36.82 -19.16
C1D CLA HH . 34.06 -35.99 -20.25
C2D CLA HH . 34.18 -34.55 -19.96
C3D CLA HH . 33.77 -34.55 -18.54
C4D CLA HH . 33.44 -35.84 -18.19
CMD CLA HH . 34.59 -33.35 -20.75
CAD CLA HH . 33.52 -33.69 -17.37
OBD CLA HH . 33.71 -32.42 -17.32
CBD CLA HH . 33.13 -34.54 -16.23
CGD CLA HH . 34.28 -34.50 -15.26
O1D CLA HH . 35.42 -34.76 -15.61
O2D CLA HH . 34.07 -34.08 -13.90
CED CLA HH . 35.20 -34.00 -13.05
C1 CLA HH . 29.88 -36.33 -19.01
C2 CLA HH . 30.15 -37.33 -20.11
C3 CLA HH . 30.52 -36.92 -21.33
C4 CLA HH . 30.69 -35.47 -21.65
C5 CLA HH . 30.77 -37.94 -22.40
C6 CLA HH . 30.36 -39.35 -22.03
C7 CLA HH . 30.49 -40.21 -23.28
C8 CLA HH . 30.29 -41.69 -23.00
C9 CLA HH . 30.87 -42.58 -24.09
C10 CLA HH . 28.79 -41.90 -22.80
C11 CLA HH . 28.46 -43.29 -22.30
C12 CLA HH . 26.98 -43.39 -21.95
C13 CLA HH . 26.64 -44.76 -21.40
C14 CLA HH . 26.99 -45.86 -22.40
C15 CLA HH . 25.16 -44.77 -21.07
C16 CLA HH . 24.71 -46.07 -20.42
C17 CLA HH . 23.45 -45.83 -19.61
C18 CLA HH . 22.17 -46.28 -20.31
C19 CLA HH . 21.02 -46.38 -19.32
C20 CLA HH . 22.35 -47.60 -21.05
MG CLA IH . 34.34 -43.08 -10.46
CHA CLA IH . 36.58 -45.25 -11.90
CHB CLA IH . 32.70 -42.95 -13.39
CHC CLA IH . 31.76 -41.68 -8.79
CHD CLA IH . 35.97 -43.79 -7.22
NA CLA IH . 34.55 -43.97 -12.31
C1A CLA IH . 35.53 -44.65 -12.78
C2A CLA IH . 35.41 -45.04 -14.22
C3A CLA IH . 34.24 -44.22 -14.67
C4A CLA IH . 33.80 -43.68 -13.36
CMA CLA IH . 34.73 -43.04 -15.49
CAA CLA IH . 34.90 -46.53 -14.41
CBA CLA IH . 33.58 -47.00 -13.75
CGA CLA IH . 33.70 -47.07 -12.25
O1A CLA IH . 34.60 -47.67 -11.69
O2A CLA IH . 32.71 -46.29 -11.53
NB CLA IH . 32.49 -42.41 -11.02
C1B CLA IH . 32.02 -42.35 -12.25
C2B CLA IH . 30.65 -41.77 -12.38
C3B CLA IH . 30.38 -41.37 -10.99
C4B CLA IH . 31.60 -41.82 -10.24
CMB CLA IH . 29.80 -41.58 -13.60
CAB CLA IH . 29.14 -40.70 -10.50
CBB CLA IH . 28.52 -41.02 -9.39
NC CLA IH . 33.95 -42.84 -8.46
C1C CLA IH . 32.87 -42.20 -7.99
C2C CLA IH . 32.83 -42.05 -6.53
C3C CLA IH . 34.08 -42.68 -6.09
C4C CLA IH . 34.70 -43.06 -7.36
CMC CLA IH . 31.77 -41.41 -5.70
CAC CLA IH . 34.67 -42.85 -4.71
CBC CLA IH . 33.98 -44.06 -4.15
ND CLA IH . 35.84 -44.19 -9.67
C1D CLA IH . 36.49 -44.41 -8.42
C2D CLA IH . 37.61 -45.37 -8.42
C3D CLA IH . 37.62 -45.71 -9.86
C4D CLA IH . 36.62 -44.98 -10.47
CMD CLA IH . 38.56 -45.94 -7.42
CAD CLA IH . 38.34 -46.46 -10.90
OBD CLA IH . 39.32 -47.23 -10.68
CBD CLA IH . 37.65 -46.24 -12.17
CGD CLA IH . 38.68 -45.84 -13.17
O1D CLA IH . 39.39 -46.68 -13.70
O2D CLA IH . 38.75 -44.42 -13.51
CED CLA IH . 39.16 -44.00 -14.81
C1 CLA IH . 32.74 -46.13 -10.12
C2 CLA IH . 31.52 -45.41 -9.59
C3 CLA IH . 31.22 -45.43 -8.29
C4 CLA IH . 32.12 -46.11 -7.30
C5 CLA IH . 30.02 -44.71 -7.73
C6 CLA IH . 28.71 -45.39 -8.10
C7 CLA IH . 27.96 -44.62 -9.18
C8 CLA IH . 26.83 -45.47 -9.74
C9 CLA IH . 25.94 -45.99 -8.63
C10 CLA IH . 27.38 -46.60 -10.58
C11 CLA IH . 27.89 -45.99 -11.86
C12 CLA IH . 28.33 -47.04 -12.87
C13 CLA IH . 29.36 -46.43 -13.81
C14 CLA IH . 28.74 -45.22 -14.51
C15 CLA IH . 29.94 -47.52 -14.71
C16 CLA IH . 29.16 -47.86 -15.98
C17 CLA IH . 29.77 -47.30 -17.26
C18 CLA IH . 28.91 -47.65 -18.47
C19 CLA IH . 29.46 -46.98 -19.73
C20 CLA IH . 27.45 -47.27 -18.27
MG CLA JH . 28.60 -36.77 -4.30
CHA CLA JH . 30.56 -37.04 -7.12
CHB CLA JH . 26.16 -35.45 -6.18
CHC CLA JH . 26.85 -36.41 -1.46
CHD CLA JH . 31.54 -37.80 -2.32
NA CLA JH . 28.38 -36.30 -6.30
C1A CLA JH . 29.18 -36.45 -7.28
C2A CLA JH . 28.62 -36.02 -8.61
C3A CLA JH . 27.29 -35.44 -8.27
C4A CLA JH . 27.28 -35.77 -6.82
CMA CLA JH . 27.40 -33.93 -8.37
CAA CLA JH . 28.36 -37.14 -9.59
CBA CLA JH . 28.08 -36.61 -10.98
CGA CLA JH . 27.44 -37.75 -11.72
O1A CLA JH . 28.05 -38.36 -12.57
O2A CLA JH . 26.10 -38.15 -11.41
NB CLA JH . 26.78 -36.00 -3.88
C1B CLA JH . 25.86 -35.61 -4.75
C2B CLA JH . 24.52 -35.40 -4.18
C3B CLA JH . 24.73 -35.69 -2.76
C4B CLA JH . 26.18 -36.01 -2.69
CMB CLA JH . 23.24 -35.00 -4.84
CAB CLA JH . 23.75 -35.63 -1.66
CBB CLA JH . 23.32 -34.46 -1.21
NC CLA JH . 29.11 -37.04 -2.34
C1C CLA JH . 28.24 -36.84 -1.35
C2C CLA JH . 28.77 -37.13 0.00
C3C CLA JH . 30.16 -37.53 -0.27
C4C CLA JH . 30.24 -37.46 -1.73
CMC CLA JH . 28.08 -37.03 1.31
CAC CLA JH . 31.23 -37.96 0.69
CBC CLA JH . 31.93 -36.72 1.14
ND CLA JH . 30.56 -37.22 -4.53
C1D CLA JH . 31.65 -37.75 -3.77
C2D CLA JH . 32.79 -38.28 -4.54
C3D CLA JH . 32.33 -37.96 -5.91
C4D CLA JH . 31.06 -37.43 -5.81
CMD CLA JH . 34.11 -38.91 -4.20
CAD CLA JH . 32.68 -38.07 -7.34
OBD CLA JH . 33.76 -38.54 -7.82
CBD CLA JH . 31.58 -37.50 -8.11
CGD CLA JH . 32.06 -36.38 -8.95
O1D CLA JH . 32.67 -35.44 -8.47
O2D CLA JH . 31.81 -36.40 -10.38
CED CLA JH . 32.24 -35.29 -11.15
C1 CLA JH . 25.57 -39.14 -12.26
C2 CLA JH . 25.14 -40.23 -11.32
C3 CLA JH . 25.39 -41.50 -11.54
C4 CLA JH . 26.13 -41.99 -12.75
C5 CLA JH . 24.89 -42.48 -10.51
C6 CLA JH . 23.38 -42.53 -10.58
C7 CLA JH . 23.01 -43.95 -11.01
C8 CLA JH . 21.51 -44.18 -11.11
C9 CLA JH . 20.73 -43.52 -9.97
C10 CLA JH . 21.27 -45.69 -11.13
C11 CLA JH . 20.00 -45.98 -11.92
C12 CLA JH . 20.30 -45.81 -13.40
C13 CLA JH . 19.06 -45.96 -14.26
C14 CLA JH . 19.41 -46.14 -15.73
C15 CLA JH . 18.18 -44.72 -14.05
C16 CLA JH . 18.83 -43.48 -14.63
C17 CLA JH . 18.31 -42.23 -13.94
C18 CLA JH . 18.53 -40.98 -14.80
C19 CLA JH . 18.02 -39.75 -14.08
C20 CLA JH . 17.85 -41.14 -16.15
MG CLA KH . 22.18 -30.66 -5.77
CHA CLA KH . 21.83 -27.87 -3.77
CHB CLA KH . 24.11 -28.86 -7.80
CHC CLA KH . 21.86 -33.14 -8.04
CHD CLA KH . 19.82 -32.42 -3.55
NA CLA KH . 22.82 -28.69 -5.81
C1A CLA KH . 22.72 -27.74 -4.96
C2A CLA KH . 23.53 -26.50 -5.25
C3A CLA KH . 24.24 -26.89 -6.52
C4A CLA KH . 23.64 -28.22 -6.74
CMA CLA KH . 23.67 -26.00 -7.60
CAA CLA KH . 24.61 -25.95 -4.31
CBA CLA KH . 25.28 -24.59 -4.59
CGA CLA KH . 24.37 -23.41 -4.75
O1A CLA KH . 23.23 -23.47 -4.39
O2A CLA KH . 24.82 -22.12 -5.22
NB CLA KH . 22.86 -30.93 -7.66
C1B CLA KH . 23.75 -30.18 -8.29
C2B CLA KH . 24.26 -30.73 -9.55
C3B CLA KH . 23.58 -32.03 -9.60
C4B CLA KH . 22.72 -32.02 -8.41
CMB CLA KH . 25.28 -30.14 -10.47
CAB CLA KH . 23.68 -33.12 -10.61
CBB CLA KH . 24.22 -34.28 -10.28
NC CLA KH . 21.05 -32.36 -5.79
C1C CLA KH . 21.08 -33.23 -6.80
C2C CLA KH . 20.28 -34.44 -6.62
C3C CLA KH . 19.69 -34.26 -5.28
C4C CLA KH . 20.25 -32.95 -4.85
CMC CLA KH . 20.20 -35.55 -7.61
CAC CLA KH . 18.74 -35.15 -4.51
CBC CLA KH . 19.60 -36.01 -3.62
ND CLA KH . 21.09 -30.35 -4.10
C1D CLA KH . 20.20 -31.06 -3.24
C2D CLA KH . 19.62 -30.25 -2.15
C3D CLA KH . 20.31 -28.98 -2.38
C4D CLA KH . 21.08 -29.10 -3.51
CMD CLA KH . 18.71 -30.46 -1.01
CAD CLA KH . 20.46 -27.63 -1.87
OBD CLA KH . 19.86 -27.16 -0.86
CBD CLA KH . 21.40 -26.91 -2.71
CGD CLA KH . 20.70 -25.71 -3.21
O1D CLA KH . 21.11 -24.60 -3.00
O2D CLA KH . 19.53 -25.85 -4.04
CED CLA KH . 19.26 -24.83 -5.00
C1 CLA KH . 23.93 -21.05 -4.90
C2 CLA KH . 23.18 -20.81 -6.18
C3 CLA KH . 21.85 -20.94 -6.32
C4 CLA KH . 20.95 -21.42 -5.22
C5 CLA KH . 21.28 -20.66 -7.67
C6 CLA KH . 22.00 -21.55 -8.68
C7 CLA KH . 21.23 -21.71 -9.99
C8 CLA KH . 19.88 -22.32 -9.68
C9 CLA KH . 20.07 -23.78 -9.31
C10 CLA KH . 19.05 -22.23 -10.94
C11 CLA KH . 18.62 -20.82 -11.26
C12 CLA KH . 17.50 -20.83 -12.31
C13 CLA KH . 17.97 -21.26 -13.69
C14 CLA KH . 18.08 -20.04 -14.58
C15 CLA KH . 16.99 -22.25 -14.29
C16 CLA KH . 16.75 -23.49 -13.43
C17 CLA KH . 17.88 -24.50 -13.57
C18 CLA KH . 17.39 -25.89 -13.95
C19 CLA KH . 18.56 -26.83 -14.17
C20 CLA KH . 16.47 -25.87 -15.17
MG CLA LH . 28.72 -58.94 -41.04
CHA CLA LH . 27.47 -60.02 -44.09
CHB CLA LH . 28.31 -62.10 -39.86
CHC CLA LH . 30.49 -58.02 -38.31
CHD CLA LH . 29.52 -55.71 -42.63
NA CLA LH . 28.07 -60.75 -41.83
C1A CLA LH . 27.54 -61.02 -42.98
C2A CLA LH . 26.99 -62.42 -43.15
C3A CLA LH . 27.24 -63.00 -41.78
C4A CLA LH . 27.93 -61.87 -41.11
CMA CLA LH . 25.87 -63.14 -41.16
CAA CLA LH . 27.83 -63.36 -44.03
CBA CLA LH . 29.33 -63.06 -43.98
CGA CLA LH . 30.10 -64.27 -44.47
O1A CLA LH . 29.51 -65.19 -45.00
O2A CLA LH . 31.54 -64.32 -44.30
NB CLA LH . 29.31 -59.92 -39.35
C1B CLA LH . 29.03 -61.18 -38.99
C2B CLA LH . 29.51 -61.59 -37.65
C3B CLA LH . 30.17 -60.35 -37.20
C4B CLA LH . 29.97 -59.39 -38.31
CMB CLA LH . 29.39 -62.91 -36.95
CAB CLA LH . 30.88 -60.11 -35.91
CBB CLA LH . 30.41 -59.24 -35.04
NC CLA LH . 29.78 -57.24 -40.59
C1C CLA LH . 30.37 -57.04 -39.41
C2C CLA LH . 31.02 -55.72 -39.24
C3C CLA LH . 30.72 -55.03 -40.53
C4C CLA LH . 29.95 -56.07 -41.26
CMC CLA LH . 31.79 -55.21 -38.05
CAC CLA LH . 31.11 -53.65 -41.01
CBC CLA LH . 29.97 -52.70 -40.70
ND CLA LH . 28.63 -58.03 -42.86
C1D CLA LH . 28.85 -56.73 -43.43
C2D CLA LH . 28.40 -56.54 -44.82
C3D CLA LH . 27.83 -57.90 -45.08
C4D CLA LH . 28.03 -58.67 -43.93
CMD CLA LH . 28.40 -55.42 -45.82
CAD CLA LH . 27.15 -58.77 -46.06
OBD CLA LH . 26.82 -58.43 -47.26
CBD CLA LH . 26.92 -60.11 -45.47
CGD CLA LH . 25.45 -60.40 -45.48
O1D CLA LH . 24.79 -60.24 -44.47
O2D CLA LH . 24.78 -60.88 -46.67
CED CLA LH . 23.38 -61.22 -46.60
MG CLA MH . 31.70 -64.91 -34.93
CHA CLA MH . 29.94 -63.36 -32.36
CHB CLA MH . 34.14 -62.64 -34.50
CHC CLA MH . 32.89 -65.85 -37.93
CHD CLA MH . 28.91 -67.23 -35.31
NA CLA MH . 31.99 -63.28 -33.68
C1A CLA MH . 31.31 -62.86 -32.67
C2A CLA MH . 31.95 -61.76 -31.85
C3A CLA MH . 33.27 -61.54 -32.57
C4A CLA MH . 33.11 -62.55 -33.66
CMA CLA MH . 33.35 -60.14 -33.16
CAA CLA MH . 32.28 -62.28 -30.46
CBA CLA MH . 31.96 -61.23 -29.42
CGA CLA MH . 33.26 -60.67 -28.88
O1A CLA MH . 34.10 -60.22 -29.65
O2A CLA MH . 33.51 -60.66 -27.45
NB CLA MH . 33.24 -64.25 -36.10
C1B CLA MH . 34.28 -63.54 -35.65
C2B CLA MH . 35.56 -63.74 -36.35
C3B CLA MH . 35.17 -64.71 -37.38
C4B CLA MH . 33.72 -64.94 -37.13
CMB CLA MH . 36.90 -63.11 -36.06
CAB CLA MH . 36.02 -65.33 -38.42
CBB CLA MH . 36.78 -66.37 -38.10
NC CLA MH . 31.04 -66.31 -36.30
C1C CLA MH . 31.61 -66.46 -37.51
C2C CLA MH . 30.84 -67.31 -38.46
C3C CLA MH . 29.66 -67.73 -37.67
C4C CLA MH . 29.91 -67.05 -36.36
CMC CLA MH . 31.13 -67.70 -39.88
CAC CLA MH . 28.50 -68.60 -38.14
CBC CLA MH . 28.56 -69.99 -37.58
ND CLA MH . 29.90 -65.31 -34.09
C1D CLA MH . 28.79 -66.18 -34.31
C2D CLA MH . 27.59 -65.93 -33.49
C3D CLA MH . 28.05 -64.75 -32.70
C4D CLA MH . 29.35 -64.46 -33.13
CMD CLA MH . 26.25 -66.58 -33.42
CAD CLA MH . 27.72 -63.75 -31.65
OBD CLA MH . 26.61 -63.66 -31.02
CBD CLA MH . 28.88 -62.86 -31.44
CGD CLA MH . 28.49 -61.44 -31.72
O1D CLA MH . 29.01 -60.52 -31.12
O2D CLA MH . 27.46 -61.11 -32.69
CED CLA MH . 27.13 -59.74 -32.75
C1 CLA MH . 34.85 -60.44 -27.00
C2 CLA MH . 35.47 -61.78 -26.74
C3 CLA MH . 36.41 -61.97 -25.81
C4 CLA MH . 36.92 -60.84 -24.96
C5 CLA MH . 36.97 -63.36 -25.63
C6 CLA MH . 35.85 -64.36 -25.38
C7 CLA MH . 35.65 -64.59 -23.90
C8 CLA MH . 36.20 -65.93 -23.46
C9 CLA MH . 35.11 -66.81 -22.87
C10 CLA MH . 37.32 -65.74 -22.44
C11 CLA MH . 38.67 -65.38 -23.05
C12 CLA MH . 39.07 -63.97 -22.65
C13 CLA MH . 40.55 -63.88 -22.34
C14 CLA MH . 40.83 -64.49 -20.97
C15 CLA MH . 40.96 -62.42 -22.41
C16 CLA MH . 40.29 -61.56 -21.35
C17 CLA MH . 40.40 -60.08 -21.68
C18 CLA MH . 39.87 -59.24 -20.53
C19 CLA MH . 38.35 -59.12 -20.53
C20 CLA MH . 40.52 -57.85 -20.55
MG CLA NH . 49.39 -53.83 -29.77
CHA CLA NH . 49.86 -50.43 -29.14
CHB CLA NH . 46.70 -53.74 -27.74
CHC CLA NH . 48.55 -56.93 -30.94
CHD CLA NH . 52.07 -53.61 -32.29
NA CLA NH . 48.42 -52.36 -28.68
C1A CLA NH . 48.74 -51.13 -28.43
C2A CLA NH . 47.90 -50.41 -27.42
C3A CLA NH . 46.96 -51.49 -26.97
C4A CLA NH . 47.40 -52.61 -27.86
CMA CLA NH . 47.31 -51.83 -25.53
CAA CLA NH . 46.99 -49.34 -28.04
CBA CLA NH . 46.44 -49.69 -29.43
CGA CLA NH . 45.76 -48.46 -29.97
O1A CLA NH . 44.82 -47.96 -29.38
O2A CLA NH . 46.23 -47.85 -31.21
NB CLA NH . 47.86 -55.13 -29.39
C1B CLA NH . 46.87 -54.97 -28.51
C2B CLA NH . 45.91 -56.09 -28.42
C3B CLA NH . 46.48 -57.05 -29.39
C4B CLA NH . 47.68 -56.34 -29.92
CMB CLA NH . 44.69 -56.19 -27.53
CAB CLA NH . 46.03 -58.40 -29.81
CBB CLA NH . 45.58 -59.31 -28.95
NC CLA NH . 50.19 -55.01 -31.25
C1C CLA NH . 49.64 -56.19 -31.63
C2C CLA NH . 50.21 -56.77 -32.86
C3C CLA NH . 51.25 -55.80 -33.25
C4C CLA NH . 51.15 -54.77 -32.18
CMC CLA NH . 49.80 -58.05 -33.54
CAC CLA NH . 52.20 -55.81 -34.44
CBC CLA NH . 53.27 -56.83 -34.16
ND CLA NH . 50.64 -52.46 -30.60
C1D CLA NH . 51.72 -52.40 -31.54
C2D CLA NH . 52.37 -51.07 -31.63
C3D CLA NH . 51.61 -50.32 -30.65
C4D CLA NH . 50.65 -51.16 -30.13
CMD CLA NH . 53.49 -50.40 -32.34
CAD CLA NH . 51.48 -48.98 -30.04
OBD CLA NH . 52.20 -47.96 -30.29
CBD CLA NH . 50.38 -49.03 -29.08
CGD CLA NH . 50.95 -48.70 -27.74
O1D CLA NH . 50.73 -47.63 -27.21
O2D CLA NH . 51.73 -49.70 -27.06
CED CLA NH . 51.28 -50.07 -25.78
C1 CLA NH . 45.35 -47.04 -32.01
C2 CLA NH . 45.17 -47.67 -33.38
C3 CLA NH . 45.92 -47.31 -34.43
C4 CLA NH . 46.97 -46.25 -34.32
C5 CLA NH . 45.69 -47.97 -35.78
C6 CLA NH . 45.32 -49.45 -35.69
C7 CLA NH . 43.86 -49.66 -36.09
C8 CLA NH . 43.61 -51.11 -36.50
C9 CLA NH . 43.94 -51.31 -37.96
C10 CLA NH . 42.17 -51.49 -36.18
C11 CLA NH . 42.10 -52.83 -35.47
MG CLA OH . 56.32 -59.88 -35.90
CHA CLA OH . 58.45 -58.73 -38.35
CHB CLA OH . 53.70 -58.86 -37.83
CHC CLA OH . 54.28 -61.64 -33.88
CHD CLA OH . 59.23 -61.41 -34.21
NA CLA OH . 56.10 -59.02 -37.77
C1A CLA OH . 56.97 -58.54 -38.58
C2A CLA OH . 56.43 -57.79 -39.79
C3A CLA OH . 54.94 -57.84 -39.55
C4A CLA OH . 54.92 -58.64 -38.29
CMA CLA OH . 54.40 -56.43 -39.31
CAA CLA OH . 56.67 -58.50 -41.12
CBA CLA OH . 56.66 -60.02 -41.02
CGA CLA OH . 57.10 -60.58 -42.35
O1A CLA OH . 57.12 -59.87 -43.34
O2A CLA OH . 57.49 -61.97 -42.46
NB CLA OH . 54.30 -60.20 -35.87
C1B CLA OH . 53.37 -59.64 -36.64
C2B CLA OH . 51.97 -59.91 -36.27
C3B CLA OH . 52.17 -60.75 -35.07
C4B CLA OH . 53.64 -60.87 -34.95
CMB CLA OH . 50.68 -59.44 -36.90
CAB CLA OH . 51.16 -61.38 -34.20
CBB CLA OH . 50.95 -62.66 -34.38
NC CLA OH . 56.70 -61.20 -34.34
C1C CLA OH . 55.73 -61.88 -33.73
C2C CLA OH . 56.18 -62.96 -32.81
C3C CLA OH . 57.65 -62.88 -32.92
C4C CLA OH . 57.84 -61.76 -33.87
CMC CLA OH . 55.35 -63.90 -31.99
CAC CLA OH . 58.70 -63.72 -32.22
CBC CLA OH . 59.10 -64.85 -33.15
ND CLA OH . 58.31 -60.13 -36.15
C1D CLA OH . 59.44 -60.63 -35.43
C2D CLA OH . 60.76 -60.32 -36.01
C3D CLA OH . 60.33 -59.52 -37.19
C4D CLA OH . 58.95 -59.49 -37.20
CMD CLA OH . 62.17 -60.59 -35.63
CAD CLA OH . 60.80 -58.79 -38.39
OBD CLA OH . 62.03 -58.61 -38.72
CBD CLA OH . 59.62 -58.26 -39.12
CGD CLA OH . 59.67 -56.76 -39.01
O1D CLA OH . 60.42 -56.11 -39.70
O2D CLA OH . 58.78 -56.06 -38.11
CED CLA OH . 58.28 -54.81 -38.54
MG CLA PH . 58.06 -73.41 -27.46
CHA CLA PH . 60.93 -74.02 -25.68
CHB CLA PH . 59.86 -71.49 -29.59
CHC CLA PH . 55.25 -73.02 -29.28
CHD CLA PH . 56.45 -76.20 -25.64
NA CLA PH . 60.05 -72.89 -27.66
C1A CLA PH . 61.04 -73.12 -26.87
C2A CLA PH . 62.33 -72.39 -27.20
C3A CLA PH . 61.94 -71.57 -28.42
C4A CLA PH . 60.51 -72.02 -28.56
CMA CLA PH . 62.01 -70.08 -28.10
CAA CLA PH . 63.49 -73.33 -27.57
CBA CLA PH . 63.58 -73.86 -29.00
CGA CLA PH . 62.77 -75.11 -29.29
O1A CLA PH . 61.56 -75.16 -29.10
O2A CLA PH . 63.42 -76.30 -29.83
NB CLA PH . 57.61 -72.34 -29.14
C1B CLA PH . 58.46 -71.75 -29.98
C2B CLA PH . 57.92 -71.42 -31.33
C3B CLA PH . 56.53 -71.91 -31.21
C4B CLA PH . 56.47 -72.42 -29.83
CMB CLA PH . 58.61 -70.78 -32.51
CAB CLA PH . 55.39 -71.90 -32.18
CBB CLA PH . 55.03 -70.83 -32.86
NC CLA PH . 56.24 -74.38 -27.41
C1C CLA PH . 55.27 -74.11 -28.30
C2C CLA PH . 54.12 -75.03 -28.28
C3C CLA PH . 54.47 -75.98 -27.20
C4C CLA PH . 55.80 -75.47 -26.74
CMC CLA PH . 52.92 -74.99 -29.17
CAC CLA PH . 53.68 -77.17 -26.71
CBC CLA PH . 52.53 -76.64 -25.90
ND CLA PH . 58.51 -74.87 -26.11
C1D CLA PH . 57.81 -75.79 -25.26
C2D CLA PH . 58.56 -76.25 -24.05
C3D CLA PH . 59.81 -75.50 -24.25
C4D CLA PH . 59.69 -74.77 -25.42
CMD CLA PH . 58.33 -77.15 -22.87
CAD CLA PH . 61.15 -75.25 -23.68
OBD CLA PH . 61.60 -75.75 -22.59
CBD CLA PH . 61.87 -74.29 -24.55
CGD CLA PH . 62.06 -73.03 -23.74
O1D CLA PH . 61.42 -72.04 -23.97
O2D CLA PH . 63.04 -73.02 -22.67
CED CLA PH . 63.50 -71.77 -22.15
C1 CLA PH . 63.20 -76.67 -31.20
C2 CLA PH . 61.92 -77.46 -31.37
C3 CLA PH . 61.77 -78.36 -32.36
C4 CLA PH . 62.88 -78.61 -33.35
C5 CLA PH . 60.46 -79.12 -32.46
C6 CLA PH . 60.30 -79.98 -33.72
C7 CLA PH . 59.06 -79.62 -34.50
C8 CLA PH . 59.33 -78.46 -35.45
C9 CLA PH . 58.03 -77.88 -36.00
C10 CLA PH . 60.23 -78.94 -36.58
MG CLA QH . 50.93 -71.67 -19.22
CHA CLA QH . 49.70 -70.08 -16.40
CHB CLA QH . 53.91 -70.25 -18.61
CHC CLA QH . 52.18 -73.68 -21.60
CHD CLA QH . 47.65 -73.31 -19.58
NA CLA QH . 51.69 -70.40 -17.76
C1A CLA QH . 51.15 -69.88 -16.74
C2A CLA QH . 52.04 -69.03 -15.86
C3A CLA QH . 53.36 -69.07 -16.62
C4A CLA QH . 52.95 -69.97 -17.73
CMA CLA QH . 53.68 -67.68 -17.15
CAA CLA QH . 52.36 -69.77 -14.57
CBA CLA QH . 53.37 -69.03 -13.70
CGA CLA QH . 54.34 -70.01 -13.12
O1A CLA QH . 55.22 -69.63 -12.36
O2A CLA QH . 54.26 -71.42 -13.45
NB CLA QH . 52.82 -72.00 -19.92
C1B CLA QH . 53.80 -71.10 -19.80
C2B CLA QH . 54.73 -71.00 -20.93
C3B CLA QH . 54.20 -72.04 -21.84
C4B CLA QH . 53.04 -72.60 -21.09
CMB CLA QH . 55.90 -70.05 -21.07
CAB CLA QH . 54.70 -72.47 -23.17
CBB CLA QH . 55.03 -73.72 -23.43
NC CLA QH . 50.06 -73.12 -20.40
C1C CLA QH . 50.79 -73.93 -21.17
C2C CLA QH . 50.12 -75.19 -21.59
C3C CLA QH . 48.78 -75.06 -21.00
C4C CLA QH . 48.86 -73.75 -20.30
CMC CLA QH . 50.65 -76.31 -22.44
CAC CLA QH . 47.61 -76.01 -21.04
CBC CLA QH . 46.86 -75.74 -22.32
ND CLA QH . 49.13 -71.78 -18.29
C1D CLA QH . 47.83 -72.35 -18.50
C2D CLA QH . 46.75 -71.89 -17.58
C3D CLA QH . 47.56 -70.96 -16.73
C4D CLA QH . 48.85 -70.95 -17.22
CMD CLA QH . 45.29 -72.19 -17.40
CAD CLA QH . 47.51 -70.03 -15.58
OBD CLA QH . 46.46 -69.77 -14.91
CBD CLA QH . 48.84 -69.43 -15.39
CGD CLA QH . 48.65 -67.99 -15.80
O1D CLA QH . 48.69 -67.69 -16.98
O2D CLA QH . 48.39 -66.96 -14.81
CED CLA QH . 47.79 -65.73 -15.21
C1 CLA QH . 55.40 -72.12 -13.94
C2 CLA QH . 54.96 -73.20 -14.90
C3 CLA QH . 54.77 -74.48 -14.48
C4 CLA QH . 55.00 -74.86 -13.04
C5 CLA QH . 54.33 -75.53 -15.45
C6 CLA QH . 52.90 -75.34 -15.96
C7 CLA QH . 52.88 -74.82 -17.40
C8 CLA QH . 52.12 -75.74 -18.35
C9 CLA QH . 50.64 -75.72 -18.03
C10 CLA QH . 52.64 -77.17 -18.29
C11 CLA QH . 53.94 -77.33 -19.06
C12 CLA QH . 53.71 -77.36 -20.57
C13 CLA QH . 53.21 -78.73 -21.03
C14 CLA QH . 53.69 -79.04 -22.44
MG CLA RH . 45.76 -63.96 -22.15
CHA CLA RH . 46.93 -61.04 -20.76
CHB CLA RH . 46.89 -65.61 -19.45
CHC CLA RH . 44.04 -66.65 -23.24
CHD CLA RH . 44.15 -61.93 -24.80
NA CLA RH . 46.70 -63.43 -20.39
C1A CLA RH . 47.23 -62.32 -20.03
C2A CLA RH . 48.06 -62.38 -18.76
C3A CLA RH . 48.07 -63.85 -18.43
C4A CLA RH . 47.18 -64.32 -19.52
CMA CLA RH . 49.45 -64.44 -18.64
CAA CLA RH . 47.30 -61.67 -17.60
CBA CLA RH . 46.45 -62.44 -16.58
CGA CLA RH . 45.11 -62.96 -17.07
O1A CLA RH . 44.74 -62.78 -18.22
O2A CLA RH . 44.27 -63.74 -16.18
NB CLA RH . 45.51 -65.85 -21.45
C1B CLA RH . 46.04 -66.37 -20.35
C2B CLA RH . 45.74 -67.78 -20.09
C3B CLA RH . 44.88 -68.13 -21.23
C4B CLA RH . 44.81 -66.85 -22.02
CMB CLA RH . 46.18 -68.63 -18.93
CAB CLA RH . 44.27 -69.46 -21.45
CBB CLA RH . 43.86 -69.96 -22.60
NC CLA RH . 44.38 -64.20 -23.66
C1C CLA RH . 43.84 -65.39 -23.97
C2C CLA RH . 42.98 -65.41 -25.18
C3C CLA RH . 43.02 -64.00 -25.62
C4C CLA RH . 43.90 -63.37 -24.62
CMC CLA RH . 42.24 -66.57 -25.77
CAC CLA RH . 42.35 -63.35 -26.79
CBC CLA RH . 41.00 -62.88 -26.29
ND CLA RH . 45.52 -62.03 -22.71
C1D CLA RH . 44.92 -61.24 -23.76
C2D CLA RH . 45.12 -59.79 -23.69
C3D CLA RH . 45.94 -59.73 -22.46
C4D CLA RH . 46.09 -61.01 -21.97
CMD CLA RH . 44.73 -58.59 -24.50
CAD CLA RH . 46.64 -58.80 -21.54
OBD CLA RH . 46.70 -57.53 -21.66
CBD CLA RH . 47.27 -59.60 -20.47
CGD CLA RH . 48.75 -59.41 -20.52
O1D CLA RH . 49.48 -60.29 -20.90
O2D CLA RH . 49.30 -58.13 -20.10
CED CLA RH . 50.72 -57.93 -20.10
C1 CLA RH . 44.23 -65.14 -16.41
C2 CLA RH . 43.06 -65.53 -17.27
C3 CLA RH . 42.44 -66.71 -17.07
C4 CLA RH . 42.91 -67.65 -16.01
C5 CLA RH . 41.26 -67.09 -17.93
C6 CLA RH . 41.52 -68.23 -18.90
C7 CLA RH . 40.55 -68.09 -20.06
C8 CLA RH . 40.68 -69.22 -21.09
C9 CLA RH . 40.50 -68.65 -22.49
C10 CLA RH . 39.71 -70.36 -20.72
C11 CLA RH . 39.25 -71.19 -21.92
C12 CLA RH . 39.62 -72.66 -21.78
C13 CLA RH . 38.97 -73.50 -22.88
C14 CLA RH . 39.26 -74.98 -22.69
C15 CLA RH . 39.48 -73.02 -24.24
MG CLA SH . 31.83 -73.60 -9.26
CHA CLA SH . 35.17 -73.16 -8.50
CHB CLA SH . 32.54 -76.80 -10.07
CHC CLA SH . 28.51 -74.18 -9.44
CHD CLA SH . 31.17 -70.26 -7.88
NA CLA SH . 33.53 -74.79 -9.23
C1A CLA SH . 34.75 -74.49 -9.04
C2A CLA SH . 35.75 -75.59 -9.31
C3A CLA SH . 34.87 -76.68 -9.85
C4A CLA SH . 33.55 -76.03 -9.70
CMA CLA SH . 35.16 -76.84 -11.33
CAA CLA SH . 36.20 -76.17 -7.97
CBA CLA SH . 36.94 -77.50 -8.06
CGA CLA SH . 37.81 -77.59 -6.86
O1A CLA SH . 38.82 -76.93 -6.81
O2A CLA SH . 37.46 -78.46 -5.75
NB CLA SH . 30.71 -75.24 -9.71
C1B CLA SH . 31.14 -76.46 -10.01
C2B CLA SH . 30.09 -77.48 -10.22
C3B CLA SH . 28.86 -76.69 -10.02
C4B CLA SH . 29.38 -75.33 -9.72
CMB CLA SH . 30.30 -78.94 -10.55
CAB CLA SH . 27.42 -77.07 -10.09
CBB CLA SH . 26.97 -77.97 -10.93
NC CLA SH . 30.21 -72.43 -8.81
C1C CLA SH . 28.96 -72.91 -8.86
C2C CLA SH . 27.93 -72.03 -8.25
C3C CLA SH . 28.72 -70.88 -7.80
C4C CLA SH . 30.09 -71.22 -8.20
CMC CLA SH . 26.45 -72.26 -8.14
CAC CLA SH . 28.24 -69.64 -7.10
CBC CLA SH . 28.22 -70.00 -5.63
ND CLA SH . 32.81 -72.06 -8.36
C1D CLA SH . 32.55 -70.73 -7.89
C2D CLA SH . 33.75 -69.96 -7.46
C3D CLA SH . 34.80 -70.97 -7.73
C4D CLA SH . 34.18 -72.11 -8.21
CMD CLA SH . 34.05 -68.59 -6.91
CAD CLA SH . 36.26 -71.24 -7.64
OBD CLA SH . 37.16 -70.42 -7.24
CBD CLA SH . 36.51 -72.61 -8.14
CGD CLA SH . 37.36 -72.42 -9.35
O1D CLA SH . 38.51 -72.04 -9.24
O2D CLA SH . 36.83 -72.72 -10.67
CED CLA SH . 37.75 -72.97 -11.71
C1 CLA SH . 38.46 -78.73 -4.77
MG CLA TH . 45.08 -73.24 -10.94
CHA CLA TH . 41.96 -74.75 -11.08
CHB CLA TH . 45.77 -74.58 -13.96
CHC CLA TH . 48.25 -72.13 -10.53
CHD CLA TH . 44.33 -72.27 -7.44
NA CLA TH . 44.07 -74.46 -12.28
C1A CLA TH . 42.87 -74.93 -12.27
C2A CLA TH . 42.41 -75.68 -13.53
C3A CLA TH . 43.66 -75.59 -14.39
C4A CLA TH . 44.55 -74.81 -13.48
CMA CLA TH . 44.26 -76.97 -14.64
CAA CLA TH . 41.36 -74.91 -14.31
CBA CLA TH . 40.36 -75.91 -14.88
CGA CLA TH . 39.08 -75.25 -15.33
O1A CLA TH . 38.34 -74.67 -14.55
O2A CLA TH . 38.72 -75.35 -16.74
NB CLA TH . 46.76 -73.38 -12.07
C1B CLA TH . 46.86 -73.86 -13.30
C2B CLA TH . 48.14 -73.60 -14.00
C3B CLA TH . 48.88 -72.86 -12.94
C4B CLA TH . 47.93 -72.81 -11.81
CMB CLA TH . 48.56 -73.99 -15.39
CAB CLA TH . 50.25 -72.30 -13.00
CBB CLA TH . 51.22 -72.68 -12.20
NC CLA TH . 46.06 -72.43 -9.32
C1C CLA TH . 47.33 -71.98 -9.39
C2C CLA TH . 47.82 -71.27 -8.16
C3C CLA TH . 46.65 -71.32 -7.27
C4C CLA TH . 45.64 -72.03 -8.09
CMC CLA TH . 49.16 -70.66 -7.91
CAC CLA TH . 46.50 -70.75 -5.87
CBC CLA TH . 46.95 -71.82 -4.91
ND CLA TH . 43.62 -73.43 -9.53
C1D CLA TH . 43.33 -73.00 -8.20
C2D CLA TH . 41.97 -73.30 -7.71
C3D CLA TH . 41.44 -74.03 -8.89
C4D CLA TH . 42.43 -74.04 -9.87
CMD CLA TH . 41.20 -73.07 -6.44
CAD CLA TH . 40.25 -74.72 -9.45
OBD CLA TH . 39.14 -74.90 -8.84
CBD CLA TH . 40.57 -75.20 -10.81
CGD CLA TH . 40.45 -76.70 -10.81
O1D CLA TH . 40.16 -77.31 -11.80
O2D CLA TH . 40.68 -77.40 -9.56
CED CLA TH . 40.23 -78.74 -9.38
C1 CLA TH . 37.65 -74.62 -17.34
C2 CLA TH . 36.29 -75.25 -17.12
C3 CLA TH . 35.21 -74.78 -17.76
C4 CLA TH . 35.29 -73.64 -18.73
C5 CLA TH . 33.85 -75.39 -17.52
C6 CLA TH . 33.49 -76.60 -18.37
C7 CLA TH . 32.32 -77.30 -17.69
C8 CLA TH . 31.60 -78.31 -18.56
C9 CLA TH . 31.28 -77.74 -19.94
C10 CLA TH . 30.34 -78.76 -17.82
C11 CLA TH . 30.47 -80.21 -17.37
C12 CLA TH . 29.43 -80.59 -16.31
C13 CLA TH . 30.10 -81.44 -15.23
C14 CLA TH . 30.51 -82.80 -15.80
C15 CLA TH . 29.18 -81.61 -14.02
C16 CLA TH . 29.89 -82.36 -12.88
C17 CLA TH . 28.89 -83.19 -12.10
C18 CLA TH . 29.44 -83.74 -10.78
C19 CLA TH . 28.35 -84.41 -9.96
C20 CLA TH . 30.17 -82.68 -9.97
MG CLA UH . 32.88 -54.24 -9.33
CHA CLA UH . 34.04 -51.76 -11.45
CHB CLA UH . 35.32 -53.40 -7.18
CHC CLA UH . 31.43 -56.33 -7.11
CHD CLA UH . 29.99 -54.63 -11.55
NA CLA UH . 34.38 -52.82 -9.29
C1A CLA UH . 34.83 -52.04 -10.20
C2A CLA UH . 36.10 -51.30 -9.89
C3A CLA UH . 36.48 -51.91 -8.57
C4A CLA UH . 35.30 -52.77 -8.34
CMA CLA UH . 37.70 -52.81 -8.75
CAA CLA UH . 35.73 -49.87 -9.50
CBA CLA UH . 36.76 -49.06 -8.73
CGA CLA UH . 36.16 -48.68 -7.39
O1A CLA UH . 36.89 -48.57 -6.43
O2A CLA UH . 34.72 -48.48 -7.24
NB CLA UH . 33.34 -54.80 -7.43
C1B CLA UH . 34.31 -54.33 -6.67
C2B CLA UH . 34.32 -54.81 -5.26
C3B CLA UH . 33.14 -55.69 -5.26
C4B CLA UH . 32.61 -55.61 -6.65
CMB CLA UH . 35.26 -54.46 -4.15
CAB CLA UH . 32.60 -56.49 -4.14
CBB CLA UH . 32.14 -55.90 -3.06
NC CLA UH . 31.05 -55.18 -9.30
C1C CLA UH . 30.73 -56.11 -8.38
C2C CLA UH . 29.57 -56.95 -8.73
C3C CLA UH . 29.16 -56.45 -10.03
C4C CLA UH . 30.14 -55.36 -10.28
CMC CLA UH . 28.90 -58.08 -8.02
CAC CLA UH . 28.02 -56.96 -10.85
CBC CLA UH . 26.85 -56.04 -10.64
ND CLA UH . 32.10 -53.46 -11.03
C1D CLA UH . 30.99 -53.64 -11.90
C2D CLA UH . 30.94 -52.78 -13.10
C3D CLA UH . 32.19 -52.02 -12.89
C4D CLA UH . 32.77 -52.46 -11.72
CMD CLA UH . 30.02 -52.59 -14.26
CAD CLA UH . 33.06 -50.96 -13.45
OBD CLA UH . 32.84 -50.33 -14.54
CBD CLA UH . 34.21 -50.79 -12.56
CGD CLA UH . 35.43 -51.08 -13.37
O1D CLA UH . 35.44 -52.02 -14.15
O2D CLA UH . 36.60 -50.24 -13.26
CED CLA UH . 37.41 -50.02 -14.41
C1 CLA UH . 34.11 -48.84 -5.99
C2 CLA UH . 33.27 -50.09 -6.15
C3 CLA UH . 32.02 -50.15 -5.71
C4 CLA UH . 31.36 -49.00 -5.04
C5 CLA UH . 31.24 -51.43 -5.92
C6 CLA UH . 31.12 -51.77 -7.39
C7 CLA UH . 29.86 -51.19 -8.01
C8 CLA UH . 30.22 -50.46 -9.29
C9 CLA UH . 31.19 -49.32 -9.05
C10 CLA UH . 28.95 -49.90 -9.92
C11 CLA UH . 28.29 -51.00 -10.72
C12 CLA UH . 27.35 -50.39 -11.75
C13 CLA UH . 25.94 -50.34 -11.21
C14 CLA UH . 25.32 -51.72 -11.23
C15 CLA UH . 25.10 -49.32 -11.98
C16 CLA UH . 25.34 -49.29 -13.48
C17 CLA UH . 24.21 -48.54 -14.19
C18 CLA UH . 24.66 -47.97 -15.52
C19 CLA UH . 25.20 -46.55 -15.36
C20 CLA UH . 23.53 -48.02 -16.53
MG CLA VH . 37.27 -58.22 -15.74
CHA CLA VH . 40.47 -56.96 -15.89
CHB CLA VH . 36.15 -55.09 -15.15
CHC CLA VH . 34.14 -59.45 -15.90
CHD CLA VH . 38.56 -61.41 -17.09
NA CLA VH . 38.13 -56.35 -15.61
C1A CLA VH . 39.37 -56.00 -15.59
C2A CLA VH . 39.64 -54.55 -15.26
C3A CLA VH . 38.24 -54.03 -14.97
C4A CLA VH . 37.46 -55.25 -15.26
CMA CLA VH . 38.07 -53.85 -13.48
CAA CLA VH . 40.20 -53.75 -16.46
CBA CLA VH . 39.22 -53.14 -17.49
CGA CLA VH . 38.87 -54.04 -18.66
O1A CLA VH . 38.55 -55.20 -18.49
O2A CLA VH . 38.94 -53.54 -20.04
NB CLA VH . 35.42 -57.40 -15.49
C1B CLA VH . 35.14 -56.11 -15.38
C2B CLA VH . 33.71 -55.75 -15.53
C3B CLA VH . 33.10 -57.06 -15.76
C4B CLA VH . 34.25 -58.00 -15.70
CMB CLA VH . 33.07 -54.40 -15.45
CAB CLA VH . 31.67 -57.35 -15.97
CBB CLA VH . 31.04 -58.27 -15.28
NC CLA VH . 36.54 -60.05 -16.34
C1C CLA VH . 35.23 -60.32 -16.36
C2C CLA VH . 34.87 -61.64 -16.92
C3C CLA VH . 36.18 -62.22 -17.28
C4C CLA VH . 37.13 -61.15 -16.87
CMC CLA VH . 33.50 -62.25 -17.08
CAC CLA VH . 36.47 -63.55 -17.90
CBC CLA VH . 36.45 -63.26 -19.38
ND CLA VH . 38.98 -59.03 -16.44
C1D CLA VH . 39.49 -60.32 -16.80
C2D CLA VH . 40.96 -60.43 -16.85
C3D CLA VH . 41.34 -59.06 -16.47
C4D CLA VH . 40.17 -58.34 -16.26
CMD CLA VH . 41.94 -61.49 -17.17
CAD CLA VH . 42.48 -58.14 -16.24
OBD CLA VH . 43.71 -58.46 -16.34
CBD CLA VH . 41.95 -56.82 -15.86
CGD CLA VH . 42.49 -56.51 -14.50
O1D CLA VH . 41.87 -56.80 -13.50
O2D CLA VH . 43.79 -55.86 -14.40
CED CLA VH . 44.50 -55.82 -13.17
C1 CLA VH . 37.98 -53.95 -21.01
C2 CLA VH . 38.34 -55.24 -21.75
C3 CLA VH . 38.00 -55.44 -23.04
C4 CLA VH . 37.27 -54.38 -23.81
C5 CLA VH . 38.35 -56.72 -23.75
C6 CLA VH . 39.81 -56.82 -24.19
C7 CLA VH . 39.96 -56.96 -25.71
C8 CLA VH . 40.18 -58.40 -26.19
C9 CLA VH . 41.10 -59.20 -25.29
C10 CLA VH . 40.73 -58.38 -27.61
C11 CLA VH . 39.62 -58.19 -28.64
C12 CLA VH . 39.72 -59.22 -29.77
C13 CLA VH . 40.11 -58.59 -31.11
C14 CLA VH . 39.23 -57.40 -31.47
C15 CLA VH . 40.08 -59.64 -32.21
C16 CLA VH . 40.77 -59.16 -33.49
C17 CLA VH . 41.39 -60.31 -34.26
C18 CLA VH . 42.60 -59.84 -35.06
C19 CLA VH . 42.94 -60.80 -36.19
C20 CLA VH . 43.80 -59.65 -34.15
MG CLA WH . 18.91 -63.68 -17.49
CHA CLA WH . 15.46 -63.41 -17.32
CHB CLA WH . 18.75 -62.32 -20.55
CHC CLA WH . 22.27 -63.60 -17.42
CHD CLA WH . 18.90 -64.69 -13.98
NA CLA WH . 17.39 -62.96 -18.72
C1A CLA WH . 16.12 -62.87 -18.54
C2A CLA WH . 15.31 -62.30 -19.67
C3A CLA WH . 16.38 -62.00 -20.68
C4A CLA WH . 17.58 -62.45 -19.93
CMA CLA WH . 16.12 -63.01 -21.80
CAA CLA WH . 14.61 -60.97 -19.34
CBA CLA WH . 15.32 -60.12 -18.32
CGA CLA WH . 14.51 -58.90 -17.90
O1A CLA WH . 14.31 -57.99 -18.66
O2A CLA WH . 13.97 -58.81 -16.55
NB CLA WH . 20.32 -62.98 -18.77
C1B CLA WH . 20.08 -62.68 -20.03
C2B CLA WH . 21.26 -62.75 -20.90
C3B CLA WH . 22.34 -63.14 -19.97
C4B CLA WH . 21.62 -63.23 -18.68
CMB CLA WH . 21.33 -62.51 -22.35
CAB CLA WH . 23.78 -63.38 -20.27
CBB CLA WH . 24.75 -62.77 -19.63
NC CLA WH . 20.29 -64.18 -16.03
C1C CLA WH . 21.58 -63.84 -16.15
C2C CLA WH . 22.33 -63.66 -14.89
C3C CLA WH . 21.32 -63.97 -13.86
C4C CLA WH . 20.12 -64.30 -14.69
CMC CLA WH . 23.77 -63.26 -14.72
CAC CLA WH . 21.49 -63.98 -12.36
CBC CLA WH . 21.48 -62.55 -11.87
ND CLA WH . 17.63 -63.92 -15.96
C1D CLA WH . 17.65 -64.49 -14.66
C2D CLA WH . 16.33 -64.81 -14.12
C3D CLA WH . 15.46 -64.39 -15.23
C4D CLA WH . 16.27 -63.90 -16.22
CMD CLA WH . 15.79 -65.42 -12.87
CAD CLA WH . 14.04 -64.28 -15.67
OBD CLA WH . 13.03 -64.65 -14.98
CBD CLA WH . 14.03 -63.68 -17.01
CGD CLA WH . 13.27 -64.59 -17.93
O1D CLA WH . 12.11 -64.89 -17.67
O2D CLA WH . 13.85 -65.16 -19.12
CED CLA WH . 12.95 -65.64 -20.11
C1 CLA WH . 13.91 -57.54 -15.90
C2 CLA WH . 15.32 -57.04 -15.66
C3 CLA WH . 15.72 -56.52 -14.50
C4 CLA WH . 14.78 -56.38 -13.36
C5 CLA WH . 17.16 -56.07 -14.39
C6 CLA WH . 17.33 -54.78 -13.61
C7 CLA WH . 18.02 -55.03 -12.28
C8 CLA WH . 19.13 -54.02 -12.05
C9 CLA WH . 20.21 -54.24 -13.10
C10 CLA WH . 19.69 -54.20 -10.65
C11 CLA WH . 20.73 -53.14 -10.34
C12 CLA WH . 20.34 -52.40 -9.07
C13 CLA WH . 20.29 -50.88 -9.22
C14 CLA WH . 19.60 -50.44 -10.51
C15 CLA WH . 21.70 -50.31 -9.15
C16 CLA WH . 21.67 -48.81 -8.91
C17 CLA WH . 23.06 -48.27 -8.63
C18 CLA WH . 23.54 -48.67 -7.25
C19 CLA WH . 23.52 -47.49 -6.28
C20 CLA WH . 24.93 -49.31 -7.30
MG CLA XH . 23.97 -93.05 -1.68
CHA CLA XH . 21.82 -94.53 -3.94
CHB CLA XH . 21.90 -93.99 0.79
CHC CLA XH . 26.32 -91.95 0.50
CHD CLA XH . 26.33 -92.42 -4.47
NA CLA XH . 22.20 -94.12 -1.58
C1A CLA XH . 21.46 -94.64 -2.49
C2A CLA XH . 20.18 -95.30 -2.03
C3A CLA XH . 20.24 -95.04 -0.54
C4A CLA XH . 21.55 -94.33 -0.44
CMA CLA XH . 19.15 -94.07 -0.09
CAA CLA XH . 20.28 -96.82 -1.94
CBA CLA XH . 20.22 -97.69 -3.18
CGA CLA XH . 21.62 -98.02 -3.63
O1A CLA XH . 21.83 -98.43 -4.76
O2A CLA XH . 22.76 -97.82 -2.74
NB CLA XH . 24.09 -93.02 0.35
C1B CLA XH . 23.12 -93.30 1.21
C2B CLA XH . 23.37 -92.90 2.62
C3B CLA XH . 24.71 -92.30 2.50
C4B CLA XH . 25.05 -92.43 1.06
CMB CLA XH . 22.51 -93.04 3.85
CAB CLA XH . 25.55 -91.68 3.55
CBB CLA XH . 25.12 -90.61 4.16
NC CLA XH . 25.88 -92.30 -1.96
C1C CLA XH . 26.69 -92.01 -0.91
C2C CLA XH . 28.10 -91.71 -1.29
C3C CLA XH . 28.09 -91.86 -2.76
C4C CLA XH . 26.67 -92.22 -3.05
CMC CLA XH . 29.24 -91.36 -0.38
CAC CLA XH . 29.22 -91.69 -3.74
CBC CLA XH . 29.24 -90.24 -4.17
ND CLA XH . 24.18 -93.41 -3.67
C1D CLA XH . 25.02 -93.03 -4.77
C2D CLA XH . 24.50 -93.28 -6.13
C3D CLA XH . 23.19 -93.89 -5.77
C4D CLA XH . 23.10 -93.91 -4.38
CMD CLA XH . 24.94 -93.09 -7.56
CAD CLA XH . 21.96 -94.48 -6.32
OBD CLA XH . 21.69 -94.61 -7.57
CBD CLA XH . 21.09 -94.87 -5.20
CGD CLA XH . 19.69 -94.38 -5.38
O1D CLA XH . 19.20 -93.50 -4.68
O2D CLA XH . 18.93 -95.01 -6.44
CED CLA XH . 17.80 -94.39 -7.05
C1 CLA XH . 23.35 -98.92 -2.03
C2 CLA XH . 23.01 -98.77 -0.56
C3 CLA XH . 23.78 -99.28 0.42
C4 CLA XH . 25.02 -100.06 0.13
MG CLA YH . 28.97 -86.47 13.18
CHA CLA YH . 26.22 -87.23 11.24
CHB CLA YH . 26.85 -85.20 15.49
CHC CLA YH . 31.58 -86.28 15.27
CHD CLA YH . 31.00 -88.41 10.81
NA CLA YH . 26.91 -86.30 13.37
C1A CLA YH . 25.98 -86.49 12.52
C2A CLA YH . 24.60 -85.99 12.92
C3A CLA YH . 24.88 -85.35 14.25
C4A CLA YH . 26.32 -85.63 14.37
CMA CLA YH . 24.71 -83.85 14.13
CAA CLA YH . 23.58 -87.09 13.24
CBA CLA YH . 24.19 -88.30 13.93
CGA CLA YH . 23.12 -89.06 14.66
O1A CLA YH . 23.42 -89.94 15.46
O2A CLA YH . 21.72 -88.78 14.41
NB CLA YH . 29.20 -85.80 15.09
C1B CLA YH . 28.24 -85.37 15.90
C2B CLA YH . 28.63 -85.11 17.30
C3B CLA YH . 30.07 -85.42 17.28
C4B CLA YH . 30.30 -85.84 15.84
CMB CLA YH . 27.77 -84.63 18.44
CAB CLA YH . 30.96 -85.31 18.46
CBB CLA YH . 32.19 -85.76 18.57
NC CLA YH . 30.92 -87.11 12.98
C1C CLA YH . 31.73 -87.11 14.06
C2C CLA YH . 32.84 -88.08 14.01
C3C CLA YH . 32.66 -88.73 12.69
C4C CLA YH . 31.48 -88.03 12.15
CMC CLA YH . 33.89 -88.36 15.05
CAC CLA YH . 33.53 -89.81 12.06
CBC CLA YH . 32.80 -91.14 12.01
ND CLA YH . 28.77 -87.58 11.48
C1D CLA YH . 29.57 -88.29 10.54
C2D CLA YH . 28.88 -88.85 9.36
C3D CLA YH . 27.51 -88.38 9.66
C4D CLA YH . 27.54 -87.72 10.87
CMD CLA YH . 29.25 -89.62 8.12
CAD CLA YH . 26.11 -88.40 9.18
OBD CLA YH . 25.70 -88.92 8.10
CBD CLA YH . 25.29 -87.63 10.15
CGD CLA YH . 25.06 -86.31 9.52
O1D CLA YH . 25.98 -85.55 9.33
O2D CLA YH . 23.74 -85.86 9.13
CED CLA YH . 23.68 -84.93 8.06
C1 CLA YH . 20.84 -89.87 14.18
C2 CLA YH . 21.27 -90.50 12.88
C3 CLA YH . 20.50 -90.49 11.78
C4 CLA YH . 19.16 -89.81 11.77
C5 CLA YH . 20.99 -91.14 10.52
C6 CLA YH . 21.90 -92.31 10.81
C7 CLA YH . 23.09 -92.30 9.88
C8 CLA YH . 24.38 -92.38 10.66
C9 CLA YH . 24.65 -91.07 11.39
C10 CLA YH . 25.50 -92.73 9.69
C11 CLA YH . 25.33 -94.17 9.22
C12 CLA YH . 25.60 -94.32 7.73
C13 CLA YH . 26.81 -95.19 7.43
C14 CLA YH . 26.87 -96.45 8.31
C15 CLA YH . 28.08 -94.37 7.56
C16 CLA YH . 28.09 -93.15 6.68
C17 CLA YH . 28.22 -93.54 5.21
C18 CLA YH . 29.31 -92.73 4.53
C19 CLA YH . 30.66 -93.04 5.15
C20 CLA YH . 29.02 -91.23 4.58
MG CLA ZH . 32.47 -80.20 21.62
CHA CLA ZH . 34.03 -81.45 24.44
CHB CLA ZH . 33.59 -82.87 19.92
CHC CLA ZH . 30.27 -79.41 19.21
CHD CLA ZH . 31.14 -77.48 23.70
NA CLA ZH . 33.56 -81.88 22.09
C1A CLA ZH . 34.12 -82.24 23.18
C2A CLA ZH . 34.91 -83.52 23.11
C3A CLA ZH . 34.80 -83.88 21.67
C4A CLA ZH . 33.92 -82.80 21.21
CMA CLA ZH . 36.16 -83.54 21.09
CAA CLA ZH . 34.02 -84.58 23.76
CBA CLA ZH . 34.72 -85.40 24.84
CGA CLA ZH . 33.75 -86.47 25.27
O1A CLA ZH . 33.04 -86.34 26.24
O2A CLA ZH . 33.65 -87.69 24.49
NB CLA ZH . 31.98 -81.07 19.84
C1B CLA ZH . 32.69 -81.98 19.19
C2B CLA ZH . 32.42 -82.10 17.74
C3B CLA ZH . 31.42 -81.04 17.56
C4B CLA ZH . 31.21 -80.49 18.92
CMB CLA ZH . 32.99 -82.97 16.66
CAB CLA ZH . 30.76 -80.68 16.31
CBB CLA ZH . 29.46 -80.89 16.18
NC CLA ZH . 31.08 -78.69 21.46
C1C CLA ZH . 30.18 -78.67 20.47
C2C CLA ZH . 28.99 -77.83 20.72
C3C CLA ZH . 29.25 -77.26 22.05
C4C CLA ZH . 30.57 -77.85 22.39
CMC CLA ZH . 27.80 -77.61 19.84
CAC CLA ZH . 28.41 -76.32 22.86
CBC CLA ZH . 27.49 -77.19 23.68
ND CLA ZH . 32.47 -79.56 23.55
C1D CLA ZH . 32.02 -78.46 24.34
C2D CLA ZH . 32.50 -78.41 25.75
C3D CLA ZH . 33.32 -79.64 25.75
C4D CLA ZH . 33.24 -80.22 24.50
CMD CLA ZH . 32.34 -77.52 26.93
CAD CLA ZH . 34.19 -80.50 26.59
OBD CLA ZH . 34.47 -80.27 27.82
CBD CLA ZH . 34.67 -81.64 25.79
CGD CLA ZH . 36.15 -81.51 25.60
O1D CLA ZH . 36.94 -82.13 26.28
O2D CLA ZH . 36.63 -80.66 24.53
CED CLA ZH . 37.73 -81.12 23.77
C1 CLA ZH . 33.49 -88.95 25.15
C2 CLA ZH . 32.34 -89.72 24.53
C3 CLA ZH . 31.59 -90.57 25.24
C4 CLA ZH . 31.86 -90.80 26.70
C5 CLA ZH . 30.46 -91.32 24.56
C6 CLA ZH . 29.40 -90.41 23.96
C7 CLA ZH . 28.01 -90.87 24.39
C8 CLA ZH . 26.86 -90.08 23.75
C9 CLA ZH . 25.75 -89.82 24.76
C10 CLA ZH . 26.32 -90.83 22.54
C11 CLA ZH . 25.13 -90.08 21.95
C12 CLA ZH . 24.13 -91.03 21.31
C13 CLA ZH . 22.70 -90.55 21.54
MG CLA AI . 49.09 -80.28 -9.43
CHA CLA AI . 51.65 -79.58 -11.62
CHB CLA AI . 47.79 -77.21 -10.08
CHC CLA AI . 46.62 -81.03 -7.31
CHD CLA AI . 50.14 -83.83 -9.47
NA CLA AI . 49.59 -78.69 -10.66
C1A CLA AI . 50.64 -78.49 -11.38
C2A CLA AI . 50.79 -77.11 -11.97
C3A CLA AI . 49.56 -76.39 -11.41
C4A CLA AI . 48.94 -77.52 -10.67
CMA CLA AI . 49.96 -75.38 -10.34
CAA CLA AI . 50.65 -77.08 -13.51
CBA CLA AI . 49.26 -77.39 -14.08
CGA CLA AI . 49.28 -78.33 -15.26
O1A CLA AI . 49.78 -79.45 -15.18
O2A CLA AI . 48.68 -77.93 -16.52
NB CLA AI . 47.48 -79.23 -8.73
C1B CLA AI . 46.98 -78.11 -9.25
C2B CLA AI . 45.57 -77.80 -8.93
C3B CLA AI . 45.21 -78.96 -8.09
C4B CLA AI . 46.48 -79.77 -8.03
CMB CLA AI . 44.74 -76.62 -9.35
CAB CLA AI . 43.91 -79.23 -7.46
CBB CLA AI . 43.78 -79.49 -6.17
NC CLA AI . 48.47 -82.08 -8.65
C1C CLA AI . 47.55 -82.12 -7.66
C2C CLA AI . 47.49 -83.39 -6.90
C3C CLA AI . 48.53 -84.21 -7.54
C4C CLA AI . 49.05 -83.31 -8.60
CMC CLA AI . 46.60 -83.76 -5.75
CAC CLA AI . 48.94 -85.62 -7.20
CBC CLA AI . 47.92 -86.52 -7.84
ND CLA AI . 50.43 -81.50 -10.34
C1D CLA AI . 50.94 -82.85 -10.21
C2D CLA AI . 52.25 -83.11 -10.84
C3D CLA AI . 52.52 -81.76 -11.41
C4D CLA AI . 51.47 -80.93 -11.07
CMD CLA AI . 53.18 -84.28 -10.99
CAD CLA AI . 53.49 -80.96 -12.20
OBD CLA AI . 54.60 -81.40 -12.66
CBD CLA AI . 52.97 -79.58 -12.32
CGD CLA AI . 53.97 -78.70 -11.62
O1D CLA AI . 55.11 -78.61 -12.03
O2D CLA AI . 53.61 -77.95 -10.44
CED CLA AI . 54.63 -77.14 -9.86
MG CLA BI . 41.85 -72.79 -1.89
CHA CLA BI . 44.54 -74.95 -2.13
CHB CLA BI . 40.01 -75.05 -3.56
CHC CLA BI . 39.35 -70.56 -1.82
CHD CLA BI . 44.19 -70.16 -0.84
NA CLA BI . 42.22 -74.65 -2.75
C1A CLA BI . 43.22 -75.43 -2.66
C2A CLA BI . 43.04 -76.85 -3.15
C3A CLA BI . 41.60 -76.79 -3.62
C4A CLA BI . 41.25 -75.40 -3.27
CMA CLA BI . 41.62 -76.83 -5.14
CAA CLA BI . 43.11 -77.95 -2.08
CBA CLA BI . 42.64 -79.30 -2.62
CGA CLA BI . 42.99 -80.50 -1.79
O1A CLA BI . 43.66 -80.41 -0.77
O2A CLA BI . 42.52 -81.82 -2.19
NB CLA BI . 39.93 -72.83 -2.56
C1B CLA BI . 39.39 -73.74 -3.34
C2B CLA BI . 38.08 -73.38 -3.95
C3B CLA BI . 37.89 -72.01 -3.42
C4B CLA BI . 39.10 -71.80 -2.57
CMB CLA BI . 37.22 -74.18 -4.88
CAB CLA BI . 36.76 -71.08 -3.68
CBB CLA BI . 36.95 -69.85 -4.12
NC CLA BI . 41.81 -70.79 -1.43
C1C CLA BI . 40.69 -70.05 -1.45
C2C CLA BI . 40.85 -68.63 -1.07
C3C CLA BI . 42.28 -68.53 -0.78
C4C CLA BI . 42.76 -69.91 -1.05
CMC CLA BI . 39.82 -67.55 -0.98
CAC CLA BI . 43.04 -67.29 -0.35
CBC CLA BI . 43.32 -67.33 1.13
ND CLA BI . 43.83 -72.49 -1.63
C1D CLA BI . 44.70 -71.50 -1.08
C2D CLA BI . 46.09 -71.92 -0.81
C3D CLA BI . 46.00 -73.34 -1.24
C4D CLA BI . 44.70 -73.56 -1.67
CMD CLA BI . 47.32 -71.27 -0.27
CAD CLA BI . 46.75 -74.60 -1.38
OBD CLA BI . 47.99 -74.74 -1.08
CBD CLA BI . 45.86 -75.62 -1.97
CGD CLA BI . 46.42 -75.82 -3.35
O1D CLA BI . 47.50 -76.36 -3.49
O2D CLA BI . 45.70 -75.36 -4.53
CED CLA BI . 46.21 -75.69 -5.82
C1 CLA BI . 43.33 -82.97 -2.01
MG CLA CI . 37.40 -82.49 3.97
CHA CLA CI . 40.27 -81.00 2.81
CHB CLA CI . 35.74 -81.09 1.38
CHC CLA CI . 34.75 -84.33 4.88
CHD CLA CI . 39.45 -84.20 6.54
NA CLA CI . 37.91 -81.28 2.36
C1A CLA CI . 39.01 -80.74 2.04
C2A CLA CI . 38.99 -79.88 0.79
C3A CLA CI . 37.51 -79.90 0.44
C4A CLA CI . 37.03 -80.82 1.47
CMA CLA CI . 36.94 -78.52 0.66
CAA CLA CI . 39.81 -80.54 -0.33
CBA CLA CI . 39.07 -81.45 -1.31
CGA CLA CI . 39.32 -82.84 -0.72
O1A CLA CI . 40.22 -83.54 -1.11
O2A CLA CI . 38.46 -83.33 0.36
NB CLA CI . 35.51 -82.66 3.24
C1B CLA CI . 34.98 -82.02 2.21
C2B CLA CI . 33.60 -82.41 1.87
C3B CLA CI . 33.31 -83.37 2.92
C4B CLA CI . 34.56 -83.42 3.74
CMB CLA CI . 32.70 -81.94 0.76
CAB CLA CI . 32.05 -84.12 3.13
CBB CLA CI . 31.87 -85.24 2.47
NC CLA CI . 37.17 -83.95 5.39
C1C CLA CI . 36.00 -84.56 5.61
C2C CLA CI . 36.02 -85.55 6.73
C3C CLA CI . 37.42 -85.49 7.20
C4C CLA CI . 38.01 -84.46 6.33
CMC CLA CI . 34.91 -86.42 7.24
CAC CLA CI . 38.12 -86.27 8.29
CBC CLA CI . 38.06 -85.49 9.58
ND CLA CI . 39.32 -82.67 4.58
C1D CLA CI . 40.08 -83.28 5.62
C2D CLA CI . 41.52 -82.94 5.65
C3D CLA CI . 41.56 -82.00 4.51
C4D CLA CI . 40.29 -81.90 3.97
CMD CLA CI . 42.71 -83.28 6.50
CAD CLA CI . 42.45 -81.14 3.71
OBD CLA CI . 43.68 -80.99 3.89
CBD CLA CI . 41.67 -80.53 2.65
CGD CLA CI . 41.77 -79.04 2.72
O1D CLA CI . 41.31 -78.44 3.67
O2D CLA CI . 42.37 -78.30 1.65
CED CLA CI . 42.14 -76.89 1.57
C1 CLA CI . 38.77 -84.41 1.23
C2 CLA CI . 37.73 -85.53 1.24
C3 CLA CI . 37.67 -86.42 2.26
C4 CLA CI . 38.62 -86.31 3.40
C5 CLA CI . 36.70 -87.59 2.36
C6 CLA CI . 35.21 -87.33 2.20
C7 CLA CI . 34.46 -87.53 3.51
C8 CLA CI . 33.57 -88.76 3.65
C9 CLA CI . 32.55 -88.84 2.52
C10 CLA CI . 32.90 -88.69 5.01
C11 CLA CI . 32.81 -90.02 5.74
C12 CLA CI . 34.21 -90.61 5.94
C13 CLA CI . 34.46 -91.20 7.32
C14 CLA CI . 34.04 -90.20 8.40
C15 CLA CI . 35.95 -91.49 7.43
C16 CLA CI . 36.31 -92.86 8.02
C17 CLA CI . 36.10 -93.01 9.53
C18 CLA CI . 35.79 -94.47 9.90
C19 CLA CI . 35.54 -94.63 11.40
C20 CLA CI . 36.88 -95.43 9.43
MG CLA DI . 30.45 -82.65 -3.99
CHA CLA DI . 33.18 -80.63 -4.49
CHB CLA DI . 28.86 -80.98 -6.47
CHC CLA DI . 27.99 -84.93 -3.75
CHD CLA DI . 32.54 -84.77 -1.78
NA CLA DI . 30.93 -81.12 -5.30
C1A CLA DI . 31.96 -80.35 -5.32
C2A CLA DI . 31.88 -79.15 -6.25
C3A CLA DI . 30.49 -79.31 -6.83
C4A CLA DI . 30.08 -80.55 -6.14
CMA CLA DI . 29.61 -78.14 -6.41
CAA CLA DI . 32.83 -79.19 -7.45
CBA CLA DI . 32.75 -80.48 -8.27
CGA CLA DI . 33.72 -80.42 -9.43
O1A CLA DI . 33.32 -80.58 -10.56
O2A CLA DI . 35.13 -80.15 -9.20
NB CLA DI . 28.67 -82.89 -4.95
C1B CLA DI . 28.20 -82.19 -5.97
C2B CLA DI . 26.97 -82.72 -6.61
C3B CLA DI . 26.72 -83.92 -5.78
C4B CLA DI . 27.83 -83.91 -4.80
CMB CLA DI . 26.19 -82.18 -7.78
CAB CLA DI . 25.62 -84.90 -5.88
CBB CLA DI . 25.84 -86.20 -6.05
NC CLA DI . 30.33 -84.46 -3.01
C1C CLA DI . 29.21 -85.21 -3.00
C2C CLA DI . 29.25 -86.41 -2.14
C3C CLA DI . 30.60 -86.35 -1.56
C4C CLA DI . 31.16 -85.11 -2.17
CMC CLA DI . 28.18 -87.44 -1.90
CAC CLA DI . 31.25 -87.31 -0.58
CBC CLA DI . 32.09 -88.31 -1.34
ND CLA DI . 32.35 -82.81 -3.31
C1D CLA DI . 33.11 -83.58 -2.37
C2D CLA DI . 34.45 -83.07 -2.06
C3D CLA DI . 34.46 -81.86 -2.93
C4D CLA DI . 33.25 -81.81 -3.59
CMD CLA DI . 35.58 -83.51 -1.18
CAD CLA DI . 35.26 -80.72 -3.37
OBD CLA DI . 36.43 -80.46 -2.94
CBD CLA DI . 34.48 -79.92 -4.34
CGD CLA DI . 34.28 -78.58 -3.70
O1D CLA DI . 33.19 -78.24 -3.33
O2D CLA DI . 35.39 -77.68 -3.51
CED CLA DI . 35.17 -76.49 -2.76
C1 CLA DI . 36.13 -81.06 -9.67
C2 CLA DI . 36.40 -82.12 -8.63
MG CLA EI . 1.35 -42.56 -9.48
CHA CLA EI . 1.23 -39.69 -11.43
CHB CLA EI . 3.90 -43.61 -11.40
CHC CLA EI . 1.89 -44.97 -7.22
CHD CLA EI . -1.09 -41.00 -7.23
NA CLA EI . 2.41 -41.77 -11.08
C1A CLA EI . 2.24 -40.71 -11.77
C2A CLA EI . 3.12 -40.54 -12.97
C3A CLA EI . 3.92 -41.81 -12.93
C4A CLA EI . 3.36 -42.45 -11.72
CMA CLA EI . 3.60 -42.67 -14.12
CAA CLA EI . 4.18 -39.44 -12.76
CBA CLA EI . 5.03 -39.50 -11.49
CGA CLA EI . 4.89 -38.23 -10.68
O1A CLA EI . 4.19 -37.33 -11.10
O2A CLA EI . 5.57 -38.07 -9.41
NB CLA EI . 2.70 -44.07 -9.35
C1B CLA EI . 3.62 -44.42 -10.23
C2B CLA EI . 4.43 -45.59 -9.87
C3B CLA EI . 3.83 -45.99 -8.59
C4B CLA EI . 2.77 -44.98 -8.38
CMB CLA EI . 5.57 -46.24 -10.59
CAB CLA EI . 4.22 -47.13 -7.77
CBB CLA EI . 3.37 -48.07 -7.43
NC CLA EI . 0.47 -42.95 -7.67
C1C CLA EI . 1.01 -43.86 -6.84
C2C CLA EI . 0.69 -43.68 -5.40
C3C CLA EI . -0.19 -42.51 -5.41
C4C CLA EI . -0.26 -42.16 -6.86
CMC CLA EI . 1.16 -44.49 -4.24
CAC CLA EI . -0.86 -41.83 -4.25
CBC CLA EI . -2.10 -42.64 -3.98
ND CLA EI . 0.33 -40.83 -9.25
C1D CLA EI . -0.70 -40.29 -8.44
C2D CLA EI . -1.29 -39.00 -8.91
C3D CLA EI . -0.48 -38.80 -10.12
C4D CLA EI . 0.39 -39.86 -10.23
CMD CLA EI . -2.35 -38.05 -8.48
CAD CLA EI . -0.25 -37.89 -11.27
OBD CLA EI . -0.90 -36.80 -11.49
CBD CLA EI . 0.80 -38.44 -12.13
CGD CLA EI . 0.08 -38.80 -13.38
O1D CLA EI . -0.43 -39.91 -13.53
O2D CLA EI . -0.06 -37.82 -14.43
CED CLA EI . -1.10 -38.02 -15.38
C1 CLA EI . 5.82 -36.75 -8.89
C2 CLA EI . 6.98 -36.81 -7.93
C3 CLA EI . 6.80 -36.75 -6.60
C4 CLA EI . 5.43 -36.64 -6.01
C5 CLA EI . 7.99 -36.82 -5.68
C6 CLA EI . 8.28 -35.55 -4.89
C7 CLA EI . 9.05 -34.58 -5.77
C8 CLA EI . 10.19 -33.95 -4.98
C9 CLA EI . 9.69 -32.80 -4.12
C10 CLA EI . 11.34 -33.48 -5.88
C11 CLA EI . 10.87 -32.91 -7.23
C12 CLA EI . 11.57 -31.60 -7.60
C13 CLA EI . 13.09 -31.67 -7.48
C14 CLA EI . 13.69 -30.28 -7.55
C15 CLA EI . 13.65 -32.61 -8.55
C16 CLA EI . 13.37 -32.21 -9.98
C17 CLA EI . 13.76 -33.36 -10.91
C18 CLA EI . 14.16 -32.92 -12.32
C19 CLA EI . 14.82 -34.09 -13.05
C20 CLA EI . 15.09 -31.70 -12.30
MG CLA FI . 14.83 -48.32 -3.60
CHA CLA FI . 14.81 -49.50 -6.84
CHB CLA FI . 18.05 -47.44 -4.04
CHC CLA FI . 14.67 -46.80 -0.63
CHD CLA FI . 11.15 -48.64 -3.55
NA CLA FI . 16.19 -48.39 -5.17
C1A CLA FI . 16.11 -48.97 -6.31
C2A CLA FI . 17.41 -49.06 -7.09
C3A CLA FI . 18.40 -48.42 -6.16
C4A CLA FI . 17.47 -48.07 -5.05
CMA CLA FI . 19.35 -49.50 -5.69
CAA CLA FI . 17.46 -48.22 -8.37
CBA CLA FI . 16.71 -46.91 -8.25
CGA CLA FI . 17.54 -45.81 -8.85
O1A CLA FI . 18.63 -45.53 -8.36
O2A CLA FI . 17.05 -45.08 -10.00
NB CLA FI . 16.18 -47.30 -2.48
C1B CLA FI . 17.42 -46.97 -2.82
C2B CLA FI . 18.11 -46.10 -1.84
C3B CLA FI . 17.10 -45.89 -0.81
C4B CLA FI . 15.96 -46.69 -1.31
CMB CLA FI . 19.49 -45.56 -1.90
CAB CLA FI . 17.27 -45.06 0.43
CBB CLA FI . 16.44 -44.89 1.44
NC CLA FI . 13.26 -47.88 -2.36
C1C CLA FI . 13.42 -47.18 -1.25
C2C CLA FI . 12.21 -46.74 -0.55
C3C CLA FI . 11.16 -47.29 -1.42
C4C CLA FI . 11.92 -47.97 -2.49
CMC CLA FI . 12.17 -45.94 0.72
CAC CLA FI . 9.67 -47.21 -1.29
CBC CLA FI . 9.35 -48.07 -0.11
ND CLA FI . 13.29 -48.84 -4.82
C1D CLA FI . 11.88 -49.07 -4.73
C2D CLA FI . 11.27 -49.75 -5.90
C3D CLA FI . 12.50 -49.91 -6.73
C4D CLA FI . 13.56 -49.37 -6.06
CMD CLA FI . 9.90 -50.22 -6.29
CAD CLA FI . 13.00 -50.42 -8.02
OBD CLA FI . 12.27 -51.00 -8.90
CBD CLA FI . 14.46 -50.20 -8.10
CGD CLA FI . 15.08 -51.56 -8.12
O1D CLA FI . 16.24 -51.74 -8.41
O2D CLA FI . 14.30 -52.74 -7.87
CED CLA FI . 14.72 -53.91 -8.57
C1 CLA FI . 17.00 -43.66 -9.96
C2 CLA FI . 15.66 -43.23 -9.41
C3 CLA FI . 14.62 -42.94 -10.20
C4 CLA FI . 14.75 -43.04 -11.70
C5 CLA FI . 13.30 -42.52 -9.60
C6 CLA FI . 13.21 -41.04 -9.29
C7 CLA FI . 12.54 -40.31 -10.44
C8 CLA FI . 12.41 -38.80 -10.21
C9 CLA FI . 11.90 -38.08 -11.44
C10 CLA FI . 13.74 -38.20 -9.76
C11 CLA FI . 13.47 -36.78 -9.24
C12 CLA FI . 13.80 -36.61 -7.77
C13 CLA FI . 12.83 -37.28 -6.80
C14 CLA FI . 11.38 -36.97 -7.18
C15 CLA FI . 13.13 -36.82 -5.37
C16 CLA FI . 12.93 -37.90 -4.31
C17 CLA FI . 11.59 -37.72 -3.59
C18 CLA FI . 11.35 -38.58 -2.34
C19 CLA FI . 10.92 -37.72 -1.16
C20 CLA FI . 12.50 -39.50 -1.93
C1 PQN GI . 6.60 -53.12 -0.14
O1 PQN GI . 7.52 -53.22 0.67
C2 PQN GI . 6.13 -51.81 -0.59
C2M PQN GI . 6.81 -50.64 0.01
C3 PQN GI . 5.02 -51.69 -1.57
C4 PQN GI . 4.39 -52.91 -2.10
O4 PQN GI . 3.45 -52.83 -2.92
C5 PQN GI . 4.87 -54.22 -1.65
C6 PQN GI . 4.29 -55.37 -2.14
C7 PQN GI . 4.80 -56.57 -1.70
C8 PQN GI . 5.81 -56.66 -0.76
C9 PQN GI . 6.42 -55.54 -0.26
C10 PQN GI . 5.97 -54.33 -0.68
C11 PQN GI . 4.50 -50.36 -2.01
C12 PQN GI . 5.40 -49.70 -3.01
C13 PQN GI . 4.92 -48.83 -3.88
C14 PQN GI . 3.46 -48.48 -3.92
C15 PQN GI . 5.89 -48.19 -4.83
C16 PQN GI . 7.06 -47.66 -4.04
C17 PQN GI . 8.08 -47.12 -5.01
C18 PQN GI . 7.86 -45.63 -5.24
C19 PQN GI . 7.35 -45.36 -6.65
C20 PQN GI . 9.20 -44.94 -5.03
C21 PQN GI . 10.22 -45.51 -6.00
C22 PQN GI . 11.62 -44.93 -5.81
C23 PQN GI . 12.59 -45.77 -6.61
C24 PQN GI . 14.00 -45.25 -6.38
C25 PQN GI . 12.23 -45.73 -8.09
C26 PQN GI . 13.04 -46.75 -8.87
C27 PQN GI . 12.64 -46.81 -10.33
C28 PQN GI . 13.63 -47.68 -11.10
C29 PQN GI . 12.95 -48.44 -12.22
C30 PQN GI . 14.76 -46.83 -11.67
C1 BCR HI . 52.05 -60.58 -42.25
C2 BCR HI . 51.61 -61.89 -42.87
C3 BCR HI . 50.13 -62.09 -42.66
C4 BCR HI . 49.36 -61.00 -43.36
C5 BCR HI . 49.95 -59.66 -43.14
C6 BCR HI . 51.16 -59.43 -42.62
C7 BCR HI . 51.70 -58.08 -42.44
C8 BCR HI . 51.55 -57.37 -41.31
C9 BCR HI . 50.89 -56.08 -41.26
C10 BCR HI . 50.40 -55.65 -40.09
C11 BCR HI . 50.53 -56.32 -38.83
C33 BCR HI . 49.04 -58.56 -43.53
C31 BCR HI . 53.45 -60.34 -42.74
C32 BCR HI . 52.05 -60.82 -40.76
C34 BCR HI . 50.90 -55.23 -42.46
C12 BCR HI . 50.27 -55.65 -37.70
C13 BCR HI . 49.16 -55.94 -36.81
C14 BCR HI . 48.97 -55.15 -35.75
C15 BCR HI . 47.86 -55.28 -34.84
C16 BCR HI . 47.67 -54.45 -33.81
C17 BCR HI . 46.60 -54.82 -32.93
C18 BCR HI . 46.09 -54.13 -31.92
C19 BCR HI . 44.84 -54.58 -31.36
C20 BCR HI . 44.15 -53.91 -30.43
C21 BCR HI . 42.75 -54.22 -30.23
C22 BCR HI . 41.99 -53.66 -29.28
C23 BCR HI . 42.64 -52.81 -28.29
C24 BCR HI . 42.00 -52.06 -27.39
C25 BCR HI . 42.47 -51.79 -26.03
C26 BCR HI . 43.15 -50.68 -25.73
C27 BCR HI . 43.66 -50.30 -24.39
C28 BCR HI . 43.44 -51.34 -23.33
C29 BCR HI . 42.22 -52.19 -23.59
C30 BCR HI . 42.13 -52.78 -24.98
C35 BCR HI . 48.06 -56.81 -37.28
C36 BCR HI . 46.57 -52.78 -31.57
C37 BCR HI . 40.63 -54.19 -29.00
C38 BCR HI . 43.52 -49.66 -26.71
C39 BCR HI . 40.73 -53.34 -25.23
C40 BCR HI . 43.07 -53.96 -24.96
C1 BCR II . 44.69 -82.03 -13.48
C2 BCR II . 46.16 -81.85 -13.09
C3 BCR II . 46.46 -80.70 -12.15
C4 BCR II . 45.53 -79.52 -12.31
C5 BCR II . 44.13 -79.97 -12.29
C6 BCR II . 43.72 -81.12 -12.81
C7 BCR II . 42.31 -81.55 -12.74
C8 BCR II . 41.38 -81.23 -13.64
C9 BCR II . 39.99 -81.64 -13.53
C10 BCR II . 39.04 -80.73 -13.25
C11 BCR II . 37.66 -81.05 -12.97
C33 BCR II . 43.22 -79.04 -11.61
C31 BCR II . 44.36 -83.47 -13.17
C32 BCR II . 44.63 -81.86 -14.99
C34 BCR II . 39.68 -83.06 -13.78
C12 BCR II . 36.73 -80.13 -13.23
C13 BCR II . 35.36 -80.40 -13.60
C14 BCR II . 34.55 -79.36 -13.85
C15 BCR II . 33.13 -79.35 -13.59
C16 BCR II . 32.47 -78.19 -13.47
C17 BCR II . 31.11 -78.14 -13.96
C18 BCR II . 30.27 -77.11 -13.94
C19 BCR II . 28.87 -77.42 -13.79
C20 BCR II . 27.91 -76.79 -14.46
C21 BCR II . 26.73 -77.54 -14.81
C22 BCR II . 25.55 -77.01 -15.12
C23 BCR II . 24.38 -77.87 -15.16
C24 BCR II . 23.13 -77.39 -15.21
C25 BCR II . 22.02 -77.91 -16.00
C26 BCR II . 21.17 -78.80 -15.47
C27 BCR II . 20.00 -79.40 -16.16
C28 BCR II . 20.02 -79.16 -17.66
C29 BCR II . 20.51 -77.79 -18.00
C30 BCR II . 21.84 -77.38 -17.38
C35 BCR II . 34.81 -81.76 -13.54
C36 BCR II . 30.62 -75.84 -14.63
C37 BCR II . 25.41 -75.56 -15.38
C38 BCR II . 21.29 -79.34 -14.11
C39 BCR II . 21.99 -75.88 -17.38
C40 BCR II . 22.89 -77.91 -18.35
C1 BCR JI . 27.16 -40.48 -4.77
C2 BCR JI . 28.57 -40.24 -4.32
C3 BCR JI . 28.74 -40.72 -2.91
C4 BCR JI . 28.51 -42.21 -2.84
C5 BCR JI . 27.39 -42.65 -3.69
C6 BCR JI . 26.73 -41.89 -4.57
C7 BCR JI . 25.66 -42.41 -5.40
C8 BCR JI . 24.37 -42.33 -5.06
C9 BCR JI . 23.33 -43.22 -5.53
C10 BCR JI . 22.19 -43.28 -4.85
C11 BCR JI . 20.89 -43.52 -5.43
C33 BCR JI . 27.03 -44.07 -3.46
C31 BCR JI . 27.10 -40.09 -6.23
C32 BCR JI . 26.29 -39.52 -3.98
C34 BCR JI . 23.43 -43.74 -6.91
C12 BCR JI . 19.82 -43.23 -4.68
C13 BCR JI . 18.44 -43.34 -5.10
C14 BCR JI . 17.55 -43.67 -4.17
C15 BCR JI . 16.14 -43.34 -4.16
C16 BCR JI . 15.40 -43.69 -3.10
C17 BCR JI . 14.13 -43.07 -2.89
C18 BCR JI . 13.42 -43.11 -1.76
C19 BCR JI . 11.97 -43.13 -1.90
C20 BCR JI . 11.13 -42.91 -0.88
C21 BCR JI . 9.87 -43.58 -0.93
C22 BCR JI . 8.89 -43.54 -0.03
C23 BCR JI . 7.73 -44.39 -0.28
C24 BCR JI . 6.50 -44.12 0.11
C25 BCR JI . 5.36 -45.02 0.00
C26 BCR JI . 4.57 -45.04 -1.07
C27 BCR JI . 3.38 -45.89 -1.27
C28 BCR JI . 3.27 -46.98 -0.23
C29 BCR JI . 3.65 -46.44 1.12
C30 BCR JI . 5.07 -45.92 1.16
C35 BCR JI . 18.03 -42.88 -6.44
C36 BCR JI . 13.99 -42.74 -0.48
C37 BCR JI . 8.78 -42.44 0.94
C38 BCR JI . 4.78 -44.17 -2.25
C39 BCR JI . 6.04 -47.07 1.27
C40 BCR JI . 5.20 -45.16 2.46
C1 LMG KI . 6.65 -61.47 -16.36
O1 LMG KI . 6.87 -61.07 -15.03
C2 LMG KI . 6.88 -63.03 -16.32
O2 LMG KI . 8.18 -63.17 -16.80
C3 LMG KI . 5.91 -63.81 -17.31
O3 LMG KI . 5.75 -65.08 -16.73
C4 LMG KI . 4.51 -63.14 -17.49
O4 LMG KI . 3.80 -63.26 -16.31
C5 LMG KI . 4.77 -61.67 -17.74
O5 LMG KI . 3.49 -60.71 -19.44
C6 LMG KI . 3.44 -60.97 -18.06
O6 LMG KI . 5.28 -61.12 -16.56
C7 LMG KI . 8.18 -60.55 -14.81
C8 LMG KI . 8.19 -60.00 -13.37
C9 LMG KI . 9.15 -60.84 -12.53
O7 LMG KI . 8.77 -58.71 -13.39
C10 LMG KI . 8.19 -57.75 -12.64
O9 LMG KI . 7.47 -58.07 -11.70
C11 LMG KI . 8.72 -56.39 -12.92
C12 LMG KI . 10.21 -56.41 -12.72
C13 LMG KI . 10.71 -55.29 -11.86
C14 LMG KI . 10.69 -54.07 -12.72
C15 LMG KI . 11.46 -52.97 -12.05
C16 LMG KI . 12.91 -53.35 -12.01
C17 LMG KI . 13.64 -52.10 -11.69
C18 LMG KI . 15.09 -52.37 -11.92
C19 LMG KI . 15.81 -51.07 -11.66
C20 LMG KI . 16.03 -50.46 -13.01
C21 LMG KI . 17.39 -50.88 -13.46
C22 LMG KI . 17.49 -50.34 -14.85
C23 LMG KI . 18.85 -49.74 -14.99
C24 LMG KI . 19.76 -50.90 -15.30
C25 LMG KI . 21.03 -50.67 -14.54
C26 LMG KI . 22.09 -51.47 -15.25
C27 LMG KI . 23.01 -52.06 -14.21
O8 LMG KI . 10.41 -60.27 -12.71
C28 LMG KI . 11.40 -61.10 -13.13
O10 LMG KI . 11.26 -62.31 -13.02
C29 LMG KI . 12.37 -60.40 -14.04
C30 LMG KI . 13.70 -61.12 -14.12
C31 LMG KI . 14.73 -60.23 -13.50
C32 LMG KI . 15.51 -61.09 -12.51
C33 LMG KI . 16.97 -60.88 -12.78
C34 LMG KI . 17.49 -59.85 -11.82
C35 LMG KI . 18.20 -60.62 -10.73
C36 LMG KI . 18.29 -59.72 -9.54
C37 LMG KI . 19.24 -58.60 -9.85
C38 LMG KI . 20.52 -59.12 -9.26
C39 LMG KI . 20.73 -58.51 -7.93
C40 LMG KI . 21.26 -57.17 -8.31
C41 LMG KI . 22.71 -57.10 -7.96
C42 LMG KI . 23.09 -55.73 -8.40
C43 LMG KI . 24.45 -55.42 -7.86
C44 LMG KI . 24.79 -54.02 -8.32
C45 LMG KI . 25.95 -53.53 -7.49
FE1 SF4 LI . -11.12 -67.21 -7.38
FE2 SF4 LI . -13.65 -67.82 -8.25
FE3 SF4 LI . -11.56 -69.51 -8.79
FE4 SF4 LI . -11.71 -67.08 -10.04
S1 SF4 LI . -13.16 -68.80 -10.24
S2 SF4 LI . -9.86 -68.03 -9.08
S3 SF4 LI . -12.61 -65.80 -8.40
S4 SF4 LI . -12.39 -68.98 -6.74
FE1 SF4 MI . -13.83 -79.75 -8.33
FE2 SF4 MI . -16.19 -78.55 -9.01
FE3 SF4 MI . -16.21 -80.92 -7.64
FE4 SF4 MI . -15.41 -80.85 -10.26
S1 SF4 MI . -17.49 -80.37 -9.43
S2 SF4 MI . -14.39 -81.94 -8.55
S3 SF4 MI . -14.38 -78.83 -10.35
S4 SF4 MI . -15.41 -78.92 -6.90
MG CLA NI . 9.48 -87.00 11.95
CHA CLA NI . 10.00 -89.61 14.15
CHB CLA NI . 8.10 -85.26 14.48
CHC CLA NI . 9.29 -84.39 9.85
CHD CLA NI . 11.62 -88.76 9.53
NA CLA NI . 9.16 -87.33 13.98
C1A CLA NI . 9.30 -88.39 14.68
C2A CLA NI . 8.72 -88.34 16.07
C3A CLA NI . 8.10 -86.96 16.13
C4A CLA NI . 8.49 -86.49 14.76
CMA CLA NI . 6.59 -87.07 16.21
CAA CLA NI . 9.82 -88.28 17.12
CBA CLA NI . 9.40 -88.97 18.41
CGA CLA NI . 10.66 -89.20 19.20
O1A CLA NI . 11.67 -88.56 18.93
O2A CLA NI . 10.72 -90.16 20.27
NB CLA NI . 8.73 -85.11 12.13
C1B CLA NI . 8.34 -84.52 13.25
C2B CLA NI . 8.20 -83.04 13.18
C3B CLA NI . 8.55 -82.76 11.78
C4B CLA NI . 8.86 -84.13 11.22
CMB CLA NI . 7.78 -82.08 14.26
CAB CLA NI . 8.60 -81.43 11.12
CBB CLA NI . 8.37 -81.17 9.85
NC CLA NI . 10.26 -86.70 10.08
C1C CLA NI . 10.13 -85.51 9.44
C2C CLA NI . 10.96 -85.36 8.23
C3C CLA NI . 11.66 -86.66 8.14
C4C CLA NI . 11.13 -87.39 9.32
CMC CLA NI . 11.07 -84.18 7.30
CAC CLA NI . 12.64 -87.14 7.11
CBC CLA NI . 11.78 -87.73 6.02
ND CLA NI . 10.62 -88.67 11.81
C1D CLA NI . 11.33 -89.40 10.80
C2D CLA NI . 11.71 -90.79 11.15
C3D CLA NI . 11.16 -90.85 12.53
C4D CLA NI . 10.57 -89.63 12.81
CMD CLA NI . 12.43 -91.92 10.47
CAD CLA NI . 10.99 -91.71 13.73
OBD CLA NI . 11.41 -92.91 13.85
CBD CLA NI . 10.25 -90.95 14.76
CGD CLA NI . 8.96 -91.65 15.01
O1D CLA NI . 7.92 -91.18 14.62
O2D CLA NI . 8.91 -92.91 15.73
CED CLA NI . 7.72 -93.68 15.59
C1 CLA NI . 12.01 -90.46 20.79
C2 CLA NI . 12.27 -91.95 20.87
C3 CLA NI . 12.51 -92.53 22.06
C4 CLA NI . 12.49 -91.69 23.30
C5 CLA NI . 12.77 -94.02 22.17
C6 CLA NI . 12.88 -94.55 23.60
C1 BCR OI . 30.72 -89.50 20.16
C2 BCR OI . 31.96 -89.46 21.02
C3 BCR OI . 32.36 -88.03 21.29
C4 BCR OI . 31.26 -87.32 22.03
C5 BCR OI . 29.91 -87.64 21.52
C6 BCR OI . 29.63 -88.62 20.66
C7 BCR OI . 28.26 -88.91 20.20
C8 BCR OI . 27.73 -88.35 19.12
C9 BCR OI . 26.34 -88.50 18.73
C10 BCR OI . 25.45 -87.61 19.17
C11 BCR OI . 24.05 -87.89 19.34
C33 BCR OI . 28.86 -86.76 22.06
C31 BCR OI . 30.26 -90.95 20.11
C32 BCR OI . 31.15 -89.09 18.78
C34 BCR OI . 25.90 -89.82 18.24
C12 BCR OI . 23.19 -86.88 19.46
C13 BCR OI . 22.08 -86.65 18.57
C14 BCR OI . 22.25 -85.82 17.55
C15 BCR OI . 21.19 -85.34 16.70
C16 BCR OI . 20.83 -84.05 16.76
C17 BCR OI . 20.68 -83.36 15.51
C18 BCR OI . 19.87 -82.32 15.27
C19 BCR OI . 18.98 -82.40 14.15
C20 BCR OI . 18.43 -81.34 13.57
C21 BCR OI . 17.57 -81.54 12.43
C22 BCR OI . 17.49 -80.71 11.38
C23 BCR OI . 16.49 -80.99 10.38
C24 BCR OI . 15.69 -80.05 9.87
C25 BCR OI . 15.24 -79.89 8.49
C26 BCR OI . 14.20 -80.59 8.00
C27 BCR OI . 13.66 -80.48 6.62
C28 BCR OI . 14.11 -79.21 5.94
C29 BCR OI . 15.57 -78.99 6.19
C30 BCR OI . 15.91 -78.85 7.66
C35 BCR OI . 20.82 -87.42 18.75
C36 BCR OI . 20.10 -80.99 15.88
C37 BCR OI . 18.11 -79.37 11.43
C38 BCR OI . 13.46 -81.61 8.76
C39 BCR OI . 15.54 -77.48 8.16
C40 BCR OI . 17.43 -78.92 7.71
C1 BCR PI . 20.72 -96.61 8.05
C2 BCR PI . 20.21 -97.29 9.31
C3 BCR PI . 21.35 -97.86 10.11
C4 BCR PI . 22.19 -98.82 9.31
C5 BCR PI . 22.31 -98.47 7.87
C6 BCR PI . 21.68 -97.46 7.29
C7 BCR PI . 21.83 -97.17 5.85
C8 BCR PI . 22.75 -96.36 5.35
C9 BCR PI . 23.19 -96.46 3.98
C10 BCR PI . 24.43 -96.09 3.63
C11 BCR PI . 24.90 -96.12 2.27
C33 BCR PI . 23.24 -99.35 7.14
C31 BCR PI . 21.34 -95.29 8.48
C32 BCR PI . 19.50 -96.31 7.22
C34 BCR PI . 22.23 -96.94 2.98
C12 BCR PI . 26.18 -95.84 1.99
C13 BCR PI . 26.68 -95.79 0.65
C14 BCR PI . 27.83 -95.13 0.41
C15 BCR PI . 28.91 -94.96 1.34
C16 BCR PI . 30.13 -94.67 0.85
C17 BCR PI . 31.15 -94.18 1.73
C18 BCR PI . 32.28 -93.57 1.35
C19 BCR PI . 33.21 -93.09 2.36
C20 BCR PI . 34.12 -92.16 2.10
C21 BCR PI . 35.33 -92.11 2.89
C22 BCR PI . 36.36 -91.28 2.70
C23 BCR PI . 37.15 -90.93 3.87
C24 BCR PI . 38.44 -91.22 3.96
C25 BCR PI . 39.20 -91.48 5.18
C26 BCR PI . 39.28 -92.69 5.71
C27 BCR PI . 40.05 -93.03 6.94
C28 BCR PI . 41.29 -92.19 6.97
C29 BCR PI . 40.92 -90.72 6.88
C30 BCR PI . 39.92 -90.32 5.80
C35 BCR PI . 25.77 -96.07 -0.48
C36 BCR PI . 32.53 -93.20 -0.06
C37 BCR PI . 37.00 -91.17 1.37
C38 BCR PI . 38.61 -93.89 5.15
C39 BCR PI . 40.56 -89.44 4.75
C40 BCR PI . 38.95 -89.41 6.55
MG CLA QI . 45.62 -92.07 4.28
CHA CLA QI . 46.24 -95.02 5.96
CHB CLA QI . 42.58 -93.34 3.41
CHC CLA QI . 45.27 -89.48 2.16
CHD CLA QI . 49.17 -91.15 4.76
NA CLA QI . 44.61 -93.87 4.56
C1A CLA QI . 44.87 -94.82 5.37
C2A CLA QI . 43.75 -95.79 5.68
C3A CLA QI . 42.62 -95.24 4.83
C4A CLA QI . 43.33 -94.06 4.23
CMA CLA QI . 42.29 -96.21 3.71
CAA CLA QI . 43.28 -95.69 7.13
CBA CLA QI . 42.23 -96.76 7.44
CGA CLA QI . 42.74 -98.12 7.01
O1A CLA QI . 43.63 -98.68 7.62
O2A CLA QI . 42.16 -98.78 5.86
NB CLA QI . 44.11 -91.45 3.04
C1B CLA QI . 43.04 -92.16 2.68
C2B CLA QI . 42.37 -91.72 1.42
C3B CLA QI . 43.19 -90.55 1.05
C4B CLA QI . 44.21 -90.49 2.13
CMB CLA QI . 41.17 -92.30 0.73
CAB CLA QI . 43.04 -89.65 -0.11
CBB CLA QI . 44.01 -89.55 -1.01
NC CLA QI . 46.94 -90.63 3.63
C1C CLA QI . 46.60 -89.69 2.74
C2C CLA QI . 47.69 -88.77 2.33
C3C CLA QI . 48.85 -89.27 3.10
C4C CLA QI . 48.26 -90.41 3.87
CMC CLA QI . 47.62 -87.63 1.36
CAC CLA QI . 50.26 -88.76 3.12
CBC CLA QI . 50.96 -89.38 1.93
ND CLA QI . 47.34 -92.81 5.08
C1D CLA QI . 48.70 -92.43 5.30
C2D CLA QI . 49.52 -93.39 6.09
C3D CLA QI . 48.50 -94.45 6.32
C4D CLA QI . 47.32 -94.04 5.71
CMD CLA QI . 50.94 -93.48 6.58
CAD CLA QI . 48.24 -95.76 6.97
OBD CLA QI . 49.10 -96.46 7.61
CBD CLA QI . 46.84 -96.16 6.72
CGD CLA QI . 46.87 -97.37 5.85
O1D CLA QI . 46.93 -97.26 4.63
O2D CLA QI . 46.82 -98.69 6.45
CED CLA QI . 46.80 -99.86 5.63
C1 BCR RI . 26.82 -40.55 -17.20
C2 BCR RI . 27.82 -40.09 -18.22
C3 BCR RI . 27.44 -40.61 -19.57
C4 BCR RI . 26.10 -40.07 -20.00
C5 BCR RI . 25.12 -40.03 -18.90
C6 BCR RI . 25.41 -40.25 -17.60
C7 BCR RI . 24.40 -40.16 -16.54
C8 BCR RI . 23.67 -41.21 -16.15
C9 BCR RI . 23.02 -41.31 -14.87
C10 BCR RI . 22.74 -40.23 -14.16
C11 BCR RI . 21.92 -40.22 -12.97
C33 BCR RI . 23.75 -39.71 -19.36
C31 BCR RI . 27.19 -39.86 -15.90
C32 BCR RI . 27.01 -42.04 -17.04
C34 BCR RI . 22.60 -42.66 -14.43
C12 BCR RI . 21.52 -39.05 -12.46
C13 BCR RI . 20.37 -38.85 -11.61
C14 BCR RI . 19.77 -37.65 -11.65
C15 BCR RI . 18.58 -37.30 -10.92
C16 BCR RI . 18.26 -36.03 -10.68
C17 BCR RI . 17.30 -35.75 -9.65
C18 BCR RI . 17.11 -34.59 -9.03
C19 BCR RI . 16.71 -34.60 -7.63
C20 BCR RI . 16.63 -33.53 -6.86
C21 BCR RI . 15.74 -33.54 -5.72
C22 BCR RI . 15.84 -32.79 -4.62
C23 BCR RI . 15.54 -33.39 -3.33
C24 BCR RI . 14.88 -32.78 -2.34
C25 BCR RI . 14.46 -33.41 -1.09
C26 BCR RI . 13.35 -34.16 -0.99
C27 BCR RI . 12.86 -34.83 0.21
C28 BCR RI . 13.92 -34.92 1.28
C29 BCR RI . 14.60 -33.60 1.40
C30 BCR RI . 15.30 -33.19 0.12
C35 BCR RI . 20.07 -39.81 -10.53
C36 BCR RI . 17.28 -33.29 -9.71
C37 BCR RI . 16.42 -31.43 -4.66
C38 BCR RI . 12.44 -34.43 -2.11
C39 BCR RI . 16.64 -33.87 0.00
C40 BCR RI . 15.57 -31.71 0.32
C1 BCR SI . 13.75 -46.15 -16.75
C2 BCR SI . 14.34 -47.42 -17.30
C3 BCR SI . 14.31 -47.42 -18.80
C4 BCR SI . 12.91 -47.24 -19.33
C5 BCR SI . 12.05 -46.37 -18.49
C6 BCR SI . 12.41 -45.84 -17.34
C7 BCR SI . 11.50 -45.01 -16.55
C8 BCR SI . 11.51 -43.68 -16.60
C9 BCR SI . 11.11 -42.88 -15.47
C10 BCR SI . 10.46 -41.73 -15.67
C11 BCR SI . 9.79 -40.99 -14.64
C33 BCR SI . 10.72 -46.12 -19.10
C31 BCR SI . 14.78 -45.06 -16.99
C32 BCR SI . 13.62 -46.34 -15.26
C34 BCR SI . 11.27 -43.45 -14.11
C12 BCR SI . 9.51 -39.71 -14.83
C13 BCR SI . 8.89 -38.85 -13.85
C14 BCR SI . 8.74 -37.56 -14.12
C15 BCR SI . 7.98 -36.66 -13.30
C16 BCR SI . 6.67 -36.50 -13.52
C17 BCR SI . 6.02 -35.40 -12.87
C18 BCR SI . 4.77 -34.98 -13.08
C19 BCR SI . 4.20 -34.13 -12.07
C20 BCR SI . 3.01 -33.53 -12.17
C21 BCR SI . 2.76 -32.39 -11.33
C22 BCR SI . 1.58 -32.05 -10.80
C23 BCR SI . 1.55 -30.96 -9.85
C24 BCR SI . 1.49 -29.70 -10.29
C25 BCR SI . 1.06 -28.51 -9.55
C26 BCR SI . -0.20 -28.09 -9.58
C27 BCR SI . -0.73 -26.89 -8.90
C28 BCR SI . 0.31 -26.12 -8.11
C29 BCR SI . 1.69 -26.30 -8.67
C30 BCR SI . 2.09 -27.75 -8.82
C35 BCR SI . 8.58 -39.38 -12.51
C36 BCR SI . 3.88 -35.69 -14.01
C37 BCR SI . 0.33 -32.38 -11.52
C38 BCR SI . -1.27 -28.81 -10.31
C39 BCR SI . 2.38 -28.37 -7.47
C40 BCR SI . 3.41 -27.73 -9.56
MG CLA TI . 24.91 -88.28 38.62
CHA CLA TI . 27.04 -89.51 41.05
CHB CLA TI . 25.44 -91.13 36.86
CHC CLA TI . 22.43 -87.30 36.52
CHD CLA TI . 23.99 -85.56 40.93
NA CLA TI . 25.98 -90.03 38.91
C1A CLA TI . 26.84 -90.35 39.83
C2A CLA TI . 27.62 -91.64 39.59
C3A CLA TI . 27.08 -92.09 38.24
C4A CLA TI . 26.10 -90.99 38.00
CMA CLA TI . 28.13 -92.04 37.15
CAA CLA TI . 27.32 -92.78 40.57
CBA CLA TI . 25.84 -93.05 40.78
CGA CLA TI . 25.52 -93.04 42.26
O1A CLA TI . 24.35 -93.01 42.64
O2A CLA TI . 26.60 -93.06 43.23
NB CLA TI . 24.08 -89.10 36.94
C1B CLA TI . 24.40 -90.24 36.36
C2B CLA TI . 23.61 -90.61 35.17
C3B CLA TI . 22.71 -89.45 35.06
C4B CLA TI . 23.09 -88.58 36.21
CMB CLA TI . 23.73 -91.85 34.32
CAB CLA TI . 21.63 -89.21 34.08
CBB CLA TI . 20.39 -89.30 34.49
NC CLA TI . 23.54 -86.75 38.72
C1C CLA TI . 22.61 -86.54 37.77
C2C CLA TI . 21.66 -85.43 38.06
C3C CLA TI . 22.13 -84.92 39.37
C4C CLA TI . 23.29 -85.81 39.66
CMC CLA TI . 20.52 -84.94 37.22
CAC CLA TI . 21.58 -83.78 40.20
CBC CLA TI . 20.58 -84.39 41.15
ND CLA TI . 25.28 -87.65 40.51
C1D CLA TI . 25.01 -86.52 41.36
C2D CLA TI . 25.80 -86.43 42.61
C3D CLA TI . 26.63 -87.67 42.46
C4D CLA TI . 26.26 -88.28 41.26
CMD CLA TI . 25.90 -85.50 43.78
CAD CLA TI . 27.67 -88.50 43.09
OBD CLA TI . 28.24 -88.23 44.21
CBD CLA TI . 27.97 -89.65 42.21
CGD CLA TI . 29.36 -89.41 41.70
O1D CLA TI . 30.08 -90.34 41.33
O2D CLA TI . 29.92 -88.07 41.66
CED CLA TI . 31.34 -87.91 41.73
C1 BCR UI . 27.69 -82.09 22.86
C2 BCR UI . 28.96 -82.12 22.02
C3 BCR UI . 29.91 -83.20 22.47
C4 BCR UI . 30.21 -83.16 23.94
C5 BCR UI . 29.13 -82.60 24.78
C6 BCR UI . 27.97 -82.13 24.33
C7 BCR UI . 26.97 -81.57 25.23
C8 BCR UI . 25.92 -82.26 25.68
C9 BCR UI . 24.66 -81.62 26.00
C10 BCR UI . 24.66 -80.32 26.33
C11 BCR UI . 24.02 -79.75 27.48
C33 BCR UI . 29.44 -82.64 26.22
C31 BCR UI . 26.84 -83.25 22.39
C32 BCR UI . 26.99 -80.80 22.51
C34 BCR UI . 23.44 -82.25 25.45
C12 BCR UI . 22.79 -79.25 27.40
C13 BCR UI . 22.02 -78.78 28.53
C14 BCR UI . 20.73 -78.44 28.36
C15 BCR UI . 19.86 -78.05 29.44
C16 BCR UI . 19.64 -76.74 29.66
C17 BCR UI . 18.87 -76.32 30.80
C18 BCR UI . 18.58 -75.05 31.12
C19 BCR UI . 17.54 -74.80 32.09
C20 BCR UI . 16.95 -73.61 32.25
C21 BCR UI . 15.56 -73.55 32.59
C22 BCR UI . 14.86 -72.45 32.90
C23 BCR UI . 13.47 -72.62 33.35
C24 BCR UI . 12.97 -71.98 34.40
C25 BCR UI . 11.56 -71.91 34.84
C26 BCR UI . 10.99 -72.87 35.57
C27 BCR UI . 9.59 -72.88 36.06
C28 BCR UI . 9.00 -71.51 36.08
C29 BCR UI . 9.31 -70.80 34.79
C30 BCR UI . 10.79 -70.66 34.50
C35 BCR UI . 22.59 -78.89 29.89
C36 BCR UI . 19.10 -73.93 30.32
C37 BCR UI . 15.51 -71.13 32.98
C38 BCR UI . 11.67 -74.12 35.98
C39 BCR UI . 11.38 -69.49 35.25
C40 BCR UI . 10.86 -70.28 33.03
C1 BCR VI . 27.79 -81.60 38.59
C2 BCR VI . 29.05 -81.53 39.43
C3 BCR VI . 28.79 -81.19 40.86
C4 BCR VI . 27.81 -82.16 41.44
C5 BCR VI . 26.56 -82.06 40.67
C6 BCR VI . 26.51 -81.82 39.36
C7 BCR VI . 25.26 -81.67 38.63
C8 BCR VI . 24.57 -82.67 38.08
C9 BCR VI . 23.96 -82.59 36.78
C10 BCR VI . 23.13 -81.57 36.49
C11 BCR VI . 21.85 -81.74 35.84
C33 BCR VI . 25.35 -82.26 41.50
C31 BCR VI . 28.03 -82.68 37.57
C32 BCR VI . 27.70 -80.30 37.84
C34 BCR VI . 23.94 -83.81 35.97
C12 BCR VI . 21.68 -81.33 34.58
C13 BCR VI . 20.56 -81.69 33.73
C14 BCR VI . 19.57 -80.81 33.54
C15 BCR VI . 18.53 -80.97 32.56
C16 BCR VI . 17.69 -79.96 32.30
C17 BCR VI . 16.57 -80.21 31.45
C18 BCR VI . 15.38 -79.59 31.56
C19 BCR VI . 14.38 -79.80 30.53
C20 BCR VI . 13.21 -79.17 30.52
C21 BCR VI . 12.04 -79.82 29.99
C22 BCR VI . 10.77 -79.45 30.22
C23 BCR VI . 9.69 -80.14 29.52
C24 BCR VI . 8.42 -79.71 29.47
C25 BCR VI . 7.19 -80.45 29.75
C26 BCR VI . 6.46 -80.19 30.84
C27 BCR VI . 5.19 -80.86 31.20
C28 BCR VI . 4.42 -81.21 29.96
C29 BCR VI . 5.28 -81.96 28.97
C30 BCR VI . 6.73 -81.50 28.79
C35 BCR VI . 20.63 -82.92 32.91
C36 BCR VI . 15.04 -78.78 32.74
C37 BCR VI . 10.45 -78.55 31.35
C38 BCR VI . 6.82 -79.15 31.82
C39 BCR VI . 6.98 -81.04 27.37
C40 BCR VI . 7.51 -82.79 28.96
C1 BCR WI . 34.70 -82.19 9.33
C2 BCR WI . 33.80 -81.51 8.34
C3 BCR WI . 33.09 -82.51 7.48
C4 BCR WI . 32.23 -83.38 8.35
C5 BCR WI . 32.99 -83.95 9.47
C6 BCR WI . 34.13 -83.43 9.96
C7 BCR WI . 34.90 -84.07 11.05
C8 BCR WI . 34.66 -83.96 12.35
C9 BCR WI . 35.64 -84.37 13.36
C10 BCR WI . 35.26 -84.79 14.55
C11 BCR WI . 36.19 -85.03 15.63
C33 BCR WI . 32.39 -85.18 10.02
C31 BCR WI . 35.05 -81.13 10.34
C32 BCR WI . 35.97 -82.55 8.61
C34 BCR WI . 37.06 -84.32 12.99
C12 BCR WI . 35.77 -85.57 16.77
C13 BCR WI . 36.54 -85.56 18.00
C14 BCR WI . 36.24 -86.43 18.96
C15 BCR WI . 37.16 -86.82 20.00
C16 BCR WI . 36.73 -87.39 21.12
C17 BCR WI . 37.51 -88.46 21.69
C18 BCR WI . 36.99 -89.56 22.24
C19 BCR WI . 37.77 -90.24 23.26
C20 BCR WI . 37.24 -91.05 24.17
C21 BCR WI . 37.98 -91.29 25.38
C22 BCR WI . 37.99 -92.43 26.08
C23 BCR WI . 38.74 -92.48 27.32
C24 BCR WI . 38.82 -93.56 28.11
C25 BCR WI . 40.02 -94.10 28.71
C26 BCR WI . 40.75 -95.05 28.11
C27 BCR WI . 41.97 -95.68 28.63
C28 BCR WI . 42.46 -95.07 29.93
C29 BCR WI . 41.31 -94.60 30.77
C30 BCR WI . 40.43 -93.59 30.05
C35 BCR WI . 37.84 -84.84 18.01
C36 BCR WI . 35.55 -89.84 22.18
C37 BCR WI . 37.45 -93.68 25.50
C38 BCR WI . 40.39 -95.62 26.79
C39 BCR WI . 41.14 -92.25 29.95
C40 BCR WI . 39.23 -93.38 30.97
C1 BCR XI . 18.01 -28.32 -7.67
C2 BCR XI . 18.60 -27.97 -9.01
C3 BCR XI . 17.49 -27.67 -9.96
C4 BCR XI . 16.78 -26.42 -9.52
C5 BCR XI . 16.49 -26.44 -8.06
C6 BCR XI . 17.02 -27.32 -7.21
C7 BCR XI . 16.71 -27.28 -5.77
C8 BCR XI . 15.69 -27.93 -5.23
C9 BCR XI . 15.32 -27.80 -3.83
C10 BCR XI . 14.02 -27.74 -3.52
C11 BCR XI . 13.45 -28.18 -2.27
C33 BCR XI . 15.54 -25.40 -7.65
C31 BCR XI . 19.17 -28.44 -6.69
C32 BCR XI . 17.38 -29.68 -7.84
C34 BCR XI . 16.32 -28.14 -2.82
C12 BCR XI . 12.12 -28.15 -2.13
C13 BCR XI . 11.34 -29.10 -1.40
C14 BCR XI . 10.04 -29.21 -1.71
C15 BCR XI . 9.15 -30.14 -1.09
C16 BCR XI . 7.83 -30.05 -1.29
C17 BCR XI . 6.97 -29.91 -0.15
C18 BCR XI . 5.65 -30.06 -0.19
C19 BCR XI . 4.88 -29.95 1.03
C20 BCR XI . 3.56 -30.20 1.06
C21 BCR XI . 2.86 -30.02 2.29
C22 BCR XI . 1.53 -30.00 2.45
C23 BCR XI . 0.68 -29.89 1.28
C24 BCR XI . -0.65 -29.75 1.38
C25 BCR XI . -1.56 -29.20 0.40
C26 BCR XI . -1.80 -27.89 0.30
C27 BCR XI . -2.72 -27.24 -0.64
C28 BCR XI . -3.14 -28.18 -1.75
C29 BCR XI . -3.46 -29.53 -1.17
C30 BCR XI . -2.27 -30.16 -0.49
C35 BCR XI . 12.02 -30.23 -0.73
C36 BCR XI . 4.94 -30.41 -1.43
C37 BCR XI . 0.93 -29.97 3.79
C38 BCR XI . -1.16 -26.87 1.15
C39 BCR XI . -1.33 -30.76 -1.50
C40 BCR XI . -2.85 -31.32 0.29
MG CLA YI . -0.76 -24.83 -3.00
CHA CLA YI . -3.49 -22.75 -3.34
CHB CLA YI . 0.13 -23.12 -0.25
CHC CLA YI . 1.65 -27.15 -2.52
CHD CLA YI . -2.22 -26.97 -5.60
NA CLA YI . -1.55 -23.26 -1.94
C1A CLA YI . -2.55 -22.49 -2.20
C2A CLA YI . -2.72 -21.32 -1.29
C3A CLA YI . -1.56 -21.46 -0.36
C4A CLA YI . -0.95 -22.70 -0.90
CMA CLA YI . -0.59 -20.34 -0.61
CAA CLA YI . -3.95 -21.45 -0.39
CBA CLA YI . -4.19 -22.89 0.08
CGA CLA YI . -5.37 -23.01 1.00
O1A CLA YI . -5.30 -22.66 2.16
O2A CLA YI . -6.59 -23.58 0.48
NB CLA YI . 0.68 -25.08 -1.60
C1B CLA YI . 0.91 -24.32 -0.53
C2B CLA YI . 2.02 -24.78 0.33
C3B CLA YI . 2.45 -25.99 -0.36
C4B CLA YI . 1.57 -26.07 -1.54
CMB CLA YI . 2.59 -24.22 1.59
CAB CLA YI . 3.54 -26.87 0.02
CBB CLA YI . 4.63 -26.87 -0.69
NC CLA YI . -0.37 -26.63 -3.90
C1C CLA YI . 0.63 -27.44 -3.52
C2C CLA YI . 0.66 -28.75 -4.20
C3C CLA YI . -0.48 -28.68 -5.10
C4C CLA YI . -1.03 -27.34 -4.83
CMC CLA YI . 1.63 -29.87 -4.02
CAC CLA YI . -1.00 -29.69 -6.07
CBC CLA YI . -1.97 -30.49 -5.24
ND CLA YI . -2.43 -24.97 -4.16
C1D CLA YI . -2.90 -25.74 -5.25
C2D CLA YI . -4.06 -25.22 -5.97
C3D CLA YI . -4.29 -23.98 -5.18
C4D CLA YI . -3.34 -23.93 -4.20
CMD CLA YI . -4.85 -25.68 -7.15
CAD CLA YI . -5.16 -22.79 -5.02
OBD CLA YI . -6.15 -22.50 -5.76
CBD CLA YI . -4.65 -21.99 -3.89
CGD CLA YI . -4.25 -20.67 -4.45
O1D CLA YI . -4.11 -20.52 -5.64
O2D CLA YI . -4.08 -19.51 -3.61
CED CLA YI . -4.43 -18.21 -4.11
C1 CLA YI . -7.32 -24.49 1.29
C2 CLA YI . -6.40 -25.64 1.58
C3 CLA YI . -6.76 -26.90 1.41
C4 CLA YI . -8.10 -27.30 0.89
C5 CLA YI . -5.74 -27.95 1.75
C6 CLA YI . -6.27 -29.38 1.79
C7 CLA YI . -6.40 -29.89 3.22
C8 CLA YI . -5.19 -29.54 4.07
C9 CLA YI . -4.10 -30.55 3.75
C10 CLA YI . -5.59 -29.56 5.54
C11 CLA YI . -4.67 -28.65 6.35
C12 CLA YI . -3.76 -29.45 7.28
C13 CLA YI . -2.38 -28.83 7.40
C14 CLA YI . -1.78 -28.71 6.03
C15 CLA YI . -1.49 -29.72 8.24
C16 CLA YI . -0.79 -28.95 9.34
C17 CLA YI . 0.61 -28.56 8.91
C18 CLA YI . 1.64 -28.87 9.98
C19 CLA YI . 1.53 -30.29 10.51
C20 CLA YI . 1.54 -27.86 11.11
MG CLA ZI . 8.24 -17.75 4.19
CHA CLA ZI . 8.07 -14.34 4.31
CHB CLA ZI . 11.37 -17.55 5.39
CHC CLA ZI . 8.20 -21.11 4.49
CHD CLA ZI . 4.60 -17.78 3.61
NA CLA ZI . 9.48 -16.24 4.82
C1A CLA ZI . 9.36 -14.99 4.70
C2A CLA ZI . 10.56 -14.17 5.04
C3A CLA ZI . 11.60 -15.22 5.32
C4A CLA ZI . 10.75 -16.42 5.16
CMA CLA ZI . 12.59 -15.25 4.18
CAA CLA ZI . 10.29 -13.77 6.47
CBA CLA ZI . 10.94 -12.47 6.84
CGA CLA ZI . 9.81 -11.61 7.33
O1A CLA ZI . 8.94 -12.11 8.02
O2A CLA ZI . 9.76 -10.22 6.95
NB CLA ZI . 9.60 -19.13 4.80
C1B CLA ZI . 10.78 -18.88 5.34
C2B CLA ZI . 11.47 -20.01 5.96
C3B CLA ZI . 10.52 -21.09 5.70
C4B CLA ZI . 9.40 -20.43 4.97
CMB CLA ZI . 12.82 -20.04 6.66
CAB CLA ZI . 10.68 -22.51 6.09
CBB CLA ZI . 10.61 -23.47 5.21
NC CLA ZI . 6.72 -19.12 4.03
C1C CLA ZI . 6.92 -20.42 4.25
C2C CLA ZI . 5.69 -21.21 4.30
C3C CLA ZI . 4.62 -20.24 4.04
C4C CLA ZI . 5.39 -18.99 3.89
CMC CLA ZI . 5.53 -22.66 4.56
CAC CLA ZI . 3.14 -20.45 3.98
CBC CLA ZI . 2.83 -20.68 2.52
ND CLA ZI . 6.66 -16.50 4.06
C1D CLA ZI . 5.28 -16.51 3.71
C2D CLA ZI . 4.65 -15.20 3.46
C3D CLA ZI . 5.83 -14.34 3.71
C4D CLA ZI . 6.89 -15.14 4.04
CMD CLA ZI . 3.30 -14.68 3.06
CAD CLA ZI . 6.28 -12.95 3.76
OBD CLA ZI . 5.55 -11.93 3.49
CBD CLA ZI . 7.70 -12.91 4.13
CGD CLA ZI . 8.41 -12.30 2.95
O1D CLA ZI . 9.14 -12.95 2.24
O2D CLA ZI . 8.20 -10.90 2.67
CED CLA ZI . 9.19 -10.19 1.95
C1 CLA ZI . 8.77 -9.34 7.50
C2 CLA ZI . 7.47 -9.46 6.73
C3 CLA ZI . 7.25 -8.81 5.57
C4 CLA ZI . 8.32 -7.94 4.95
C5 CLA ZI . 5.91 -8.96 4.88
C6 CLA ZI . 5.48 -7.68 4.19
C7 CLA ZI . 4.02 -7.35 4.47
C1 BCR AJ . 20.56 -48.73 -25.34
C2 BCR AJ . 19.55 -49.80 -25.69
C3 BCR AJ . 18.85 -49.47 -26.96
C4 BCR AJ . 19.85 -49.39 -28.09
C5 BCR AJ . 21.08 -48.68 -27.73
C6 BCR AJ . 21.43 -48.34 -26.48
C7 BCR AJ . 22.68 -47.65 -26.16
C8 BCR AJ . 22.83 -46.32 -26.16
C9 BCR AJ . 24.09 -45.66 -26.47
C10 BCR AJ . 24.18 -44.33 -26.39
C11 BCR AJ . 25.30 -43.57 -26.89
C33 BCR AJ . 21.92 -48.35 -28.90
C31 BCR AJ . 21.37 -49.29 -24.20
C32 BCR AJ . 19.77 -47.53 -24.84
C34 BCR AJ . 25.26 -46.49 -26.81
C12 BCR AJ . 25.45 -42.29 -26.51
C13 BCR AJ . 26.73 -41.67 -26.22
C14 BCR AJ . 26.79 -40.37 -25.95
C15 BCR AJ . 28.02 -39.62 -25.85
C16 BCR AJ . 28.04 -38.45 -25.20
C17 BCR AJ . 29.00 -37.45 -25.58
C18 BCR AJ . 28.70 -36.20 -25.94
C19 BCR AJ . 29.69 -35.15 -25.72
C20 BCR AJ . 29.49 -33.88 -26.06
C21 BCR AJ . 30.15 -33.37 -27.25
C22 BCR AJ . 30.10 -32.11 -27.70
C23 BCR AJ . 30.24 -31.88 -29.13
C24 BCR AJ . 31.41 -31.71 -29.75
C25 BCR AJ . 31.78 -30.62 -30.65
C26 BCR AJ . 31.58 -30.66 -31.98
C27 BCR AJ . 31.95 -29.60 -32.96
C28 BCR AJ . 32.44 -28.33 -32.31
C29 BCR AJ . 33.24 -28.64 -31.07
C30 BCR AJ . 32.47 -29.43 -30.04
C35 BCR AJ . 27.98 -42.43 -26.41
C36 BCR AJ . 27.49 -35.89 -26.73
C37 BCR AJ . 30.17 -30.97 -26.75
C38 BCR AJ . 30.93 -31.79 -32.66
C39 BCR AJ . 31.48 -28.54 -29.31
C40 BCR AJ . 33.48 -29.89 -29.02
MG CL0 BJ . 42.21 -0.37 -65.41
CHA CL0 BJ . 39.86 -0.10 -62.88
CHB CL0 BJ . 39.73 -1.11 -67.51
CHC CL0 BJ . 44.49 -0.37 -67.89
CHD CL0 BJ . 44.69 1.16 -63.17
NA CL0 BJ . 40.15 -0.52 -65.25
C1A CL0 BJ . 39.38 -0.51 -64.23
C2A CL0 BJ . 37.96 -0.96 -64.47
C3A CL0 BJ . 38.02 -1.33 -65.94
C4A CL0 BJ . 39.41 -0.94 -66.25
CMA CL0 BJ . 38.09 -2.84 -65.96
CAA CL0 BJ . 36.96 0.20 -64.49
CBA CL0 BJ . 35.62 -0.10 -65.16
CGA CL0 BJ . 34.82 1.16 -65.31
O1A CL0 BJ . 34.06 1.27 -66.26
O2A CL0 BJ . 34.92 2.23 -64.36
NB CL0 BJ . 42.12 -0.73 -67.42
C1B CL0 BJ . 41.03 -0.90 -68.12
C2B CL0 BJ . 41.19 -0.88 -69.59
C3B CL0 BJ . 42.63 -0.67 -69.72
C4B CL0 BJ . 43.11 -0.59 -68.31
CMB CL0 BJ . 40.18 -1.04 -70.66
CAB CL0 BJ . 43.32 -0.60 -71.03
CBB CL0 BJ . 44.61 -0.64 -71.25
NC CL0 BJ . 44.16 0.27 -65.48
C1C CL0 BJ . 44.90 0.18 -66.60
C2C CL0 BJ . 46.28 0.67 -66.47
C3C CL0 BJ . 46.35 1.13 -65.07
C4C CL0 BJ . 44.99 0.83 -64.57
CMC CL0 BJ . 47.34 0.70 -67.53
CAC CL0 BJ . 47.53 1.73 -64.35
CBC CL0 BJ . 48.45 0.59 -64.02
ND CL0 BJ . 42.33 0.44 -63.56
C1D CL0 BJ . 43.34 0.89 -62.66
C2D CL0 BJ . 42.91 1.05 -61.25
C3D CL0 BJ . 41.49 0.65 -61.37
C4D CL0 BJ . 41.26 0.33 -62.69
CMD CL0 BJ . 43.56 1.48 -59.98
CAD CL0 BJ . 40.22 0.43 -60.62
OBD CL0 BJ . 40.04 0.64 -59.37
CBD CL0 BJ . 39.17 -0.01 -61.55
CGD CL0 BJ . 38.34 1.23 -61.56
O1D CL0 BJ . 38.55 2.10 -62.38
O2D CL0 BJ . 37.28 1.41 -60.59
CED CL0 BJ . 36.36 2.46 -60.79
C1 CL0 BJ . 34.25 3.45 -64.63
C2 CL0 BJ . 35.25 4.59 -64.68
C3 CL0 BJ . 35.17 5.58 -63.79
C4 CL0 BJ . 34.12 5.63 -62.72
C5 CL0 BJ . 36.18 6.69 -63.86
C6 CL0 BJ . 37.32 6.46 -62.88
C7 CL0 BJ . 38.49 7.35 -63.25
C8 CL0 BJ . 38.13 8.80 -63.07
C9 CL0 BJ . 39.21 9.67 -63.66
C10 CL0 BJ . 37.94 9.05 -61.57
C11 CL0 BJ . 37.60 10.50 -61.23
C12 CL0 BJ . 36.29 10.95 -61.83
C13 CL0 BJ . 36.15 12.46 -61.67
C14 CL0 BJ . 35.81 12.82 -60.23
C15 CL0 BJ . 35.07 12.97 -62.61
C16 CL0 BJ . 33.73 12.31 -62.32
C17 CL0 BJ . 32.87 12.19 -63.57
C18 CL0 BJ . 32.13 10.86 -63.60
C19 CL0 BJ . 31.01 10.79 -62.58
C20 CL0 BJ . 33.06 9.68 -63.41
MG CLA CJ . 32.77 7.14 -67.15
CHA CLA CJ . 35.90 6.84 -68.45
CHB CLA CJ . 33.24 10.48 -67.03
CHC CLA CJ . 29.42 7.50 -66.74
CHD CLA CJ . 32.25 3.54 -67.68
NA CLA CJ . 34.28 8.45 -67.71
C1A CLA CJ . 35.51 8.20 -67.95
C2A CLA CJ . 36.47 9.37 -67.87
C3A CLA CJ . 35.57 10.48 -67.42
C4A CLA CJ . 34.28 9.74 -67.39
CMA CLA CJ . 35.96 10.88 -66.00
CAA CLA CJ . 36.89 9.91 -69.23
CBA CLA CJ . 38.19 10.70 -69.14
CGA CLA CJ . 37.90 12.10 -69.61
O1A CLA CJ . 36.75 12.49 -69.73
O2A CLA CJ . 38.98 13.01 -69.93
NB CLA CJ . 31.55 8.73 -66.80
C1B CLA CJ . 31.87 9.99 -66.99
C2B CLA CJ . 30.75 10.92 -67.31
C3B CLA CJ . 29.60 10.00 -67.22
C4B CLA CJ . 30.23 8.71 -66.89
CMB CLA CJ . 30.83 12.38 -67.59
CAB CLA CJ . 28.15 10.16 -67.37
CBB CLA CJ . 27.53 11.32 -67.35
NC CLA CJ . 31.19 5.81 -67.26
C1C CLA CJ . 29.93 6.15 -66.95
C2C CLA CJ . 28.97 5.03 -66.84
C3C CLA CJ . 29.81 3.86 -67.12
C4C CLA CJ . 31.15 4.47 -67.35
CMC CLA CJ . 27.51 5.08 -66.52
CAC CLA CJ . 29.42 2.42 -67.13
CBC CLA CJ . 29.53 2.02 -65.69
ND CLA CJ . 33.77 5.52 -67.84
C1D CLA CJ . 33.49 4.14 -68.14
C2D CLA CJ . 34.57 3.46 -68.88
C3D CLA CJ . 35.56 4.56 -69.01
C4D CLA CJ . 34.99 5.69 -68.45
CMD CLA CJ . 34.75 2.07 -69.40
CAD CLA CJ . 36.86 4.99 -69.58
OBD CLA CJ . 37.70 4.30 -70.23
CBD CLA CJ . 37.09 6.39 -69.22
CGD CLA CJ . 38.21 6.33 -68.25
O1D CLA CJ . 38.39 5.34 -67.59
O2D CLA CJ . 39.11 7.44 -68.04
CED CLA CJ . 39.83 7.47 -66.82
C1 CLA CJ . 38.72 14.40 -69.95
C2 CLA CJ . 38.19 14.80 -71.31
C3 CLA CJ . 38.81 15.71 -72.05
C4 CLA CJ . 40.05 16.39 -71.56
C5 CLA CJ . 38.23 16.06 -73.39
C6 CLA CJ . 36.98 16.91 -73.25
C7 CLA CJ . 36.17 16.90 -74.54
C8 CLA CJ . 34.94 17.80 -74.39
C9 CLA CJ . 33.91 17.11 -73.52
C10 CLA CJ . 34.34 18.15 -75.75
C11 CLA CJ . 35.42 18.54 -76.77
C12 CLA CJ . 35.01 19.73 -77.61
C13 CLA CJ . 36.21 20.25 -78.38
C14 CLA CJ . 37.29 20.78 -77.44
C15 CLA CJ . 35.75 21.30 -79.36
C16 CLA CJ . 36.80 21.62 -80.42
C17 CLA CJ . 36.17 21.53 -81.80
C18 CLA CJ . 37.08 22.05 -82.92
C19 CLA CJ . 37.71 23.38 -82.55
C20 CLA CJ . 36.30 22.17 -84.21
MG CLA DJ . 34.19 -12.77 -77.14
CHA CLA DJ . 33.81 -15.42 -79.35
CHB CLA DJ . 36.24 -14.71 -75.33
CHC CLA DJ . 35.09 -9.99 -75.41
CHD CLA DJ . 32.17 -10.71 -79.41
NA CLA DJ . 34.94 -14.69 -77.33
C1A CLA DJ . 34.65 -15.63 -78.13
C2A CLA DJ . 35.26 -16.99 -77.80
C3A CLA DJ . 35.96 -16.68 -76.50
C4A CLA DJ . 35.68 -15.24 -76.39
CMA CLA DJ . 35.26 -17.39 -75.35
CAA CLA DJ . 36.41 -17.33 -78.73
CBA CLA DJ . 36.91 -18.77 -78.53
CGA CLA DJ . 38.19 -18.88 -77.72
O1A CLA DJ . 39.08 -18.06 -77.90
O2A CLA DJ . 38.32 -19.88 -76.69
NB CLA DJ . 35.49 -12.41 -75.61
C1B CLA DJ . 36.16 -13.31 -74.93
C2B CLA DJ . 36.89 -12.85 -73.75
C3B CLA DJ . 36.55 -11.41 -73.78
C4B CLA DJ . 35.68 -11.26 -74.97
CMB CLA DJ . 37.74 -13.67 -72.82
CAB CLA DJ . 36.97 -10.34 -72.84
CBB CLA DJ . 38.24 -10.18 -72.57
NC CLA DJ . 33.71 -10.79 -77.37
C1C CLA DJ . 34.20 -9.83 -76.59
C2C CLA DJ . 33.78 -8.47 -76.96
C3C CLA DJ . 32.93 -8.68 -78.13
C4C CLA DJ . 32.95 -10.15 -78.29
CMC CLA DJ . 34.13 -7.18 -76.31
CAC CLA DJ . 32.22 -7.66 -78.97
CBC CLA DJ . 30.84 -7.50 -78.38
ND CLA DJ . 33.23 -12.91 -78.91
C1D CLA DJ . 32.40 -12.10 -79.74
C2D CLA DJ . 31.90 -12.75 -80.95
C3D CLA DJ . 32.48 -14.11 -80.79
C4D CLA DJ . 33.23 -14.10 -79.62
CMD CLA DJ . 31.02 -12.31 -82.07
CAD CLA DJ . 32.57 -15.46 -81.38
OBD CLA DJ . 32.02 -15.84 -82.46
CBD CLA DJ . 33.42 -16.30 -80.50
CGD CLA DJ . 32.72 -17.57 -80.15
O1D CLA DJ . 32.33 -17.81 -79.02
O2D CLA DJ . 32.53 -18.57 -81.18
CED CLA DJ . 32.14 -19.90 -80.82
MG CLA EJ . 21.64 -25.76 -59.74
CHA CLA EJ . 22.79 -26.49 -62.92
CHB CLA EJ . 24.49 -24.05 -59.19
CHC CLA EJ . 20.73 -25.52 -56.50
CHD CLA EJ . 18.88 -28.16 -60.32
NA CLA EJ . 23.37 -25.38 -60.83
C1A CLA EJ . 23.65 -25.62 -62.05
C2A CLA EJ . 24.92 -24.98 -62.58
C3A CLA EJ . 25.43 -24.23 -61.36
C4A CLA EJ . 24.34 -24.58 -60.40
CMA CLA EJ . 26.74 -24.81 -60.87
CAA CLA EJ . 24.74 -23.92 -63.66
CBA CLA EJ . 25.55 -24.32 -64.90
CGA CLA EJ . 26.94 -24.77 -64.50
O1A CLA EJ . 27.76 -23.97 -64.12
O2A CLA EJ . 27.30 -26.18 -64.53
NB CLA EJ . 22.49 -24.90 -58.09
C1B CLA EJ . 23.63 -24.23 -58.04
C2B CLA EJ . 23.97 -23.66 -56.71
C3B CLA EJ . 22.84 -24.10 -55.89
C4B CLA EJ . 21.99 -24.86 -56.85
CMB CLA EJ . 25.18 -22.85 -56.32
CAB CLA EJ . 22.67 -23.81 -54.44
CBB CLA EJ . 21.52 -23.66 -53.80
NC CLA EJ . 20.12 -26.64 -58.68
C1C CLA EJ . 19.96 -26.44 -57.36
C2C CLA EJ . 18.89 -27.24 -56.73
C3C CLA EJ . 18.35 -28.03 -57.86
C4C CLA EJ . 19.17 -27.56 -59.00
CMC CLA EJ . 18.48 -27.26 -55.28
CAC CLA EJ . 17.23 -29.04 -57.85
CBC CLA EJ . 17.89 -30.37 -57.63
ND CLA EJ . 20.96 -27.07 -61.15
C1D CLA EJ . 19.82 -27.91 -61.40
C2D CLA EJ . 19.71 -28.44 -62.77
C3D CLA EJ . 20.93 -27.86 -63.37
C4D CLA EJ . 21.58 -27.12 -62.40
CMD CLA EJ . 18.75 -29.30 -63.53
CAD CLA EJ . 21.73 -27.75 -64.62
OBD CLA EJ . 21.44 -28.31 -65.74
CBD CLA EJ . 22.91 -26.91 -64.35
CGD CLA EJ . 24.09 -27.81 -64.53
O1D CLA EJ . 24.52 -28.05 -65.64
O2D CLA EJ . 24.73 -28.41 -63.38
CED CLA EJ . 25.73 -29.39 -63.63
MG CLA FJ . 16.93 -21.81 -52.52
CHA CLA FJ . 14.43 -24.18 -52.78
CHB CLA FJ . 15.99 -21.31 -49.32
CHC CLA FJ . 19.75 -19.94 -52.11
CHD CLA FJ . 18.13 -22.87 -55.83
NA CLA FJ . 15.50 -22.63 -51.26
C1A CLA FJ . 14.57 -23.46 -51.47
C2A CLA FJ . 13.59 -23.71 -50.33
C3A CLA FJ . 14.11 -22.75 -49.29
C4A CLA FJ . 15.28 -22.19 -50.01
CMA CLA FJ . 13.11 -21.64 -49.06
CAA CLA FJ . 13.72 -25.10 -49.69
CBA CLA FJ . 15.15 -25.52 -49.31
CGA CLA FJ . 15.23 -26.51 -48.17
O1A CLA FJ . 14.52 -26.41 -47.19
O2A CLA FJ . 16.18 -27.62 -48.25
NB CLA FJ . 17.73 -20.79 -50.95
C1B CLA FJ . 17.20 -20.64 -49.74
C2B CLA FJ . 17.97 -19.80 -48.79
C3B CLA FJ . 19.10 -19.39 -49.65
C4B CLA FJ . 18.85 -20.07 -50.96
CMB CLA FJ . 17.67 -19.46 -47.37
CAB CLA FJ . 20.24 -18.54 -49.27
CBB CLA FJ . 21.43 -19.08 -49.14
NC CLA FJ . 18.61 -21.57 -53.69
C1C CLA FJ . 19.57 -20.65 -53.40
C2C CLA FJ . 20.48 -20.34 -54.52
C3C CLA FJ . 19.98 -21.21 -55.61
C4C CLA FJ . 18.84 -21.90 -54.97
CMC CLA FJ . 21.64 -19.38 -54.55
CAC CLA FJ . 20.47 -21.36 -57.02
CBC CLA FJ . 19.70 -20.35 -57.83
ND CLA FJ . 16.51 -23.18 -53.97
C1D CLA FJ . 16.93 -23.51 -55.30
C2D CLA FJ . 16.08 -24.49 -56.02
C3D CLA FJ . 15.06 -24.75 -54.97
C4D CLA FJ . 15.39 -23.98 -53.86
CMD CLA FJ . 16.07 -25.14 -57.37
CAD CLA FJ . 13.84 -25.51 -54.64
OBD CLA FJ . 13.23 -26.32 -55.42
CBD CLA FJ . 13.40 -25.15 -53.27
CGD CLA FJ . 12.12 -24.39 -53.44
O1D CLA FJ . 11.08 -24.79 -52.97
O2D CLA FJ . 12.14 -23.15 -54.19
CED CLA FJ . 10.92 -22.46 -54.41
MG CLA GJ . 12.90 -11.97 -47.74
CHA CLA GJ . 13.68 -9.33 -45.68
CHB CLA GJ . 15.93 -13.29 -47.06
CHC CLA GJ . 12.35 -14.24 -50.20
CHD CLA GJ . 9.97 -10.05 -48.92
NA CLA GJ . 14.54 -11.40 -46.62
C1A CLA GJ . 14.69 -10.44 -45.78
C2A CLA GJ . 15.92 -10.50 -44.90
C3A CLA GJ . 16.59 -11.75 -45.43
C4A CLA GJ . 15.61 -12.16 -46.45
CMA CLA GJ . 17.86 -11.34 -46.15
CAA CLA GJ . 15.53 -10.77 -43.44
CBA CLA GJ . 16.32 -11.77 -42.61
CGA CLA GJ . 17.66 -11.21 -42.20
O1A CLA GJ . 18.52 -11.98 -41.82
O2A CLA GJ . 17.90 -9.77 -42.30
NB CLA GJ . 13.98 -13.54 -48.50
C1B CLA GJ . 15.17 -13.95 -48.11
C2B CLA GJ . 15.70 -15.15 -48.79
C3B CLA GJ . 14.62 -15.43 -49.75
C4B CLA GJ . 13.61 -14.37 -49.47
CMB CLA GJ . 17.00 -15.87 -48.56
CAB CLA GJ . 14.56 -16.53 -50.74
CBB CLA GJ . 13.60 -17.40 -50.73
NC CLA GJ . 11.47 -12.10 -49.22
C1C CLA GJ . 11.43 -13.09 -50.11
C2C CLA GJ . 10.33 -12.99 -51.11
C3C CLA GJ . 9.64 -11.76 -50.72
C4C CLA GJ . 10.42 -11.30 -49.56
CMC CLA GJ . 9.94 -13.90 -52.23
CAC CLA GJ . 8.44 -11.15 -51.38
CBC CLA GJ . 8.97 -10.24 -52.45
ND CLA GJ . 12.02 -10.17 -47.51
C1D CLA GJ . 10.82 -9.49 -47.88
C2D CLA GJ . 10.54 -8.24 -47.15
C3D CLA GJ . 11.72 -8.19 -46.27
C4D CLA GJ . 12.49 -9.31 -46.53
CMD CLA GJ . 9.46 -7.20 -47.14
CAD CLA GJ . 12.38 -7.42 -45.21
OBD CLA GJ . 11.94 -6.32 -44.72
CBD CLA GJ . 13.63 -8.11 -44.84
CGD CLA GJ . 14.73 -7.21 -45.26
O1D CLA GJ . 15.64 -6.93 -44.51
O2D CLA GJ . 14.69 -6.65 -46.58
CED CLA GJ . 15.29 -5.38 -46.79
C1 CLA GJ . 19.17 -9.22 -42.69
C2 CLA GJ . 20.22 -9.41 -41.62
C3 CLA GJ . 20.27 -8.69 -40.49
C4 CLA GJ . 19.26 -7.62 -40.21
C5 CLA GJ . 21.37 -8.97 -39.50
C6 CLA GJ . 21.47 -10.47 -39.21
C7 CLA GJ . 21.93 -10.70 -37.78
C8 CLA GJ . 22.22 -12.17 -37.54
C9 CLA GJ . 20.96 -12.89 -37.09
C10 CLA GJ . 23.33 -12.31 -36.50
C11 CLA GJ . 22.89 -11.75 -35.15
C12 CLA GJ . 23.96 -12.04 -34.10
C13 CLA GJ . 23.91 -11.02 -32.98
C14 CLA GJ . 25.21 -11.01 -32.19
C15 CLA GJ . 22.70 -11.25 -32.07
C16 CLA GJ . 22.79 -12.53 -31.26
C17 CLA GJ . 21.59 -13.43 -31.54
C18 CLA GJ . 20.39 -13.10 -30.66
C19 CLA GJ . 20.52 -13.76 -29.29
C20 CLA GJ . 19.08 -13.51 -31.33
MG CLA HJ . 22.27 -12.43 -47.85
CHA CLA HJ . 21.28 -14.33 -50.55
CHB CLA HJ . 20.12 -10.07 -48.84
CHC CLA HJ . 23.62 -10.44 -45.50
CHD CLA HJ . 24.88 -14.95 -47.20
NA CLA HJ . 20.96 -12.21 -49.44
C1A CLA HJ . 20.59 -13.01 -50.35
C2A CLA HJ . 19.44 -12.58 -51.22
C3A CLA HJ . 19.16 -11.21 -50.68
C4A CLA HJ . 20.15 -11.17 -49.57
CMA CLA HJ . 19.62 -10.19 -51.70
CAA CLA HJ . 18.13 -13.28 -50.92
CBA CLA HJ . 17.63 -14.27 -51.96
CGA CLA HJ . 17.06 -13.67 -53.23
O1A CLA HJ . 16.38 -14.37 -53.96
O2A CLA HJ . 17.27 -12.29 -53.62
NB CLA HJ . 21.92 -10.52 -47.27
C1B CLA HJ . 20.98 -9.71 -47.72
C2B CLA HJ . 20.87 -8.42 -47.02
C3B CLA HJ . 21.94 -8.53 -46.02
C4B CLA HJ . 22.52 -9.87 -46.27
CMB CLA HJ . 19.92 -7.29 -47.27
CAB CLA HJ . 22.31 -7.51 -44.99
CBB CLA HJ . 22.44 -7.79 -43.72
NC CLA HJ . 23.88 -12.67 -46.64
C1C CLA HJ . 24.26 -11.73 -45.74
C2C CLA HJ . 25.44 -12.09 -44.94
C3C CLA HJ . 25.80 -13.40 -45.46
C4C CLA HJ . 24.78 -13.66 -46.48
CMC CLA HJ . 26.10 -11.27 -43.88
CAC CLA HJ . 26.92 -14.31 -45.07
CBC CLA HJ . 28.08 -13.84 -45.91
ND CLA HJ . 23.01 -14.17 -48.62
C1D CLA HJ . 23.98 -15.17 -48.31
C2D CLA HJ . 23.98 -16.37 -49.18
C3D CLA HJ . 22.87 -16.00 -50.09
C4D CLA HJ . 22.38 -14.76 -49.69
CMD CLA HJ . 24.75 -17.64 -49.28
CAD CLA HJ . 22.06 -16.43 -51.24
OBD CLA HJ . 22.22 -17.53 -51.86
CBD CLA HJ . 21.06 -15.41 -51.55
CGD CLA HJ . 21.37 -14.94 -52.94
O1D CLA HJ . 22.30 -14.18 -53.17
O2D CLA HJ . 20.52 -15.40 -54.02
CED CLA HJ . 20.37 -14.60 -55.17
C1 CLA HJ . 17.58 -12.01 -54.98
C2 CLA HJ . 18.89 -11.27 -55.13
C3 CLA HJ . 19.23 -10.70 -56.30
C4 CLA HJ . 18.33 -10.77 -57.48
C5 CLA HJ . 20.53 -9.97 -56.43
C6 CLA HJ . 21.71 -10.91 -56.28
C7 CLA HJ . 22.57 -10.53 -55.10
C8 CLA HJ . 23.43 -9.29 -55.36
C9 CLA HJ . 24.90 -9.61 -55.16
C10 CLA HJ . 23.03 -8.15 -54.45
C11 CLA HJ . 23.04 -8.63 -53.00
C12 CLA HJ . 23.60 -7.58 -52.06
C13 CLA HJ . 23.67 -8.17 -50.67
C14 CLA HJ . 23.98 -7.08 -49.66
C15 CLA HJ . 24.72 -9.27 -50.64
C16 CLA HJ . 24.15 -10.55 -50.06
C17 CLA HJ . 25.24 -11.55 -49.71
C18 CLA HJ . 26.00 -11.98 -50.97
C19 CLA HJ . 25.16 -12.92 -51.82
C20 CLA HJ . 27.32 -12.62 -50.58
MG CLA IJ . 36.40 -23.31 -42.45
CHA CLA IJ . 39.42 -24.81 -42.90
CHB CLA IJ . 36.78 -21.80 -45.47
CHC CLA IJ . 33.39 -21.90 -41.97
CHD CLA IJ . 35.66 -25.76 -39.79
NA CLA IJ . 37.81 -23.35 -43.97
C1A CLA IJ . 38.97 -23.91 -44.00
C2A CLA IJ . 39.87 -23.55 -45.16
C3A CLA IJ . 39.01 -22.57 -45.92
C4A CLA IJ . 37.79 -22.57 -45.06
CMA CLA IJ . 39.63 -21.18 -45.84
CAA CLA IJ . 40.19 -24.73 -46.08
CBA CLA IJ . 38.97 -25.44 -46.65
CGA CLA IJ . 38.86 -26.85 -46.10
O1A CLA IJ . 39.36 -27.15 -45.03
O2A CLA IJ . 38.15 -27.85 -46.86
NB CLA IJ . 35.29 -21.99 -43.54
C1B CLA IJ . 35.50 -21.60 -44.80
C2B CLA IJ . 34.35 -20.91 -45.46
C3B CLA IJ . 33.34 -20.96 -44.40
C4B CLA IJ . 34.04 -21.62 -43.25
CMB CLA IJ . 34.22 -20.34 -46.84
CAB CLA IJ . 31.96 -20.44 -44.41
CBB CLA IJ . 31.65 -19.44 -43.61
NC CLA IJ . 34.89 -23.73 -41.11
C1C CLA IJ . 33.70 -23.09 -41.17
C2C CLA IJ . 32.63 -23.68 -40.32
C3C CLA IJ . 33.30 -24.82 -39.68
C4C CLA IJ . 34.68 -24.74 -40.23
CMC CLA IJ . 31.20 -23.22 -40.16
CAC CLA IJ . 32.72 -25.80 -38.70
CBC CLA IJ . 32.08 -26.89 -39.54
ND CLA IJ . 37.17 -24.98 -41.61
C1D CLA IJ . 36.99 -25.74 -40.39
C2D CLA IJ . 38.20 -26.43 -39.87
C3D CLA IJ . 39.18 -26.01 -40.90
C4D CLA IJ . 38.52 -25.20 -41.81
CMD CLA IJ . 38.57 -27.31 -38.70
CAD CLA IJ . 40.59 -26.13 -41.34
OBD CLA IJ . 41.50 -26.79 -40.72
CBD CLA IJ . 40.78 -25.33 -42.57
CGD CLA IJ . 41.57 -24.12 -42.16
O1D CLA IJ . 40.98 -23.10 -41.83
O2D CLA IJ . 43.01 -24.10 -42.16
CED CLA IJ . 43.66 -22.84 -41.98
C1 CLA IJ . 37.92 -29.13 -46.26
C2 CLA IJ . 36.96 -29.93 -47.12
C3 CLA IJ . 35.64 -30.00 -46.84
C4 CLA IJ . 35.06 -29.28 -45.66
C5 CLA IJ . 34.73 -30.81 -47.73
C6 CLA IJ . 34.54 -32.23 -47.21
MG CLA JJ . 39.78 -15.52 -47.57
CHA CLA JJ . 38.44 -13.85 -44.88
CHB CLA JJ . 37.61 -18.04 -46.99
CHC CLA JJ . 40.85 -16.93 -50.45
CHD CLA JJ . 41.61 -12.43 -48.45
NA CLA JJ . 38.25 -15.87 -46.23
C1A CLA JJ . 37.87 -15.20 -45.19
C2A CLA JJ . 36.85 -15.88 -44.30
C3A CLA JJ . 36.68 -17.23 -44.98
C4A CLA JJ . 37.58 -17.02 -46.15
CMA CLA JJ . 37.24 -18.34 -44.12
CAA CLA JJ . 35.50 -15.12 -44.35
CBA CLA JJ . 34.23 -15.81 -44.88
CGA CLA JJ . 34.05 -15.52 -46.36
O1A CLA JJ . 35.00 -15.12 -47.01
O2A CLA JJ . 32.78 -15.73 -47.03
NB CLA JJ . 39.33 -17.25 -48.54
C1B CLA JJ . 38.39 -18.13 -48.22
C2B CLA JJ . 38.12 -19.20 -49.21
C3B CLA JJ . 39.09 -18.85 -50.26
C4B CLA JJ . 39.80 -17.66 -49.72
CMB CLA JJ . 37.12 -20.32 -49.17
CAB CLA JJ . 39.32 -19.57 -51.54
CBB CLA JJ . 40.51 -20.04 -51.88
NC CLA JJ . 40.97 -14.81 -49.10
C1C CLA JJ . 41.27 -15.55 -50.19
C2C CLA JJ . 42.12 -14.85 -51.19
C3C CLA JJ . 42.33 -13.53 -50.59
C4C CLA JJ . 41.59 -13.62 -49.31
CMC CLA JJ . 42.63 -15.37 -52.50
CAC CLA JJ . 43.13 -12.36 -51.12
CBC CLA JJ . 44.53 -12.51 -50.57
ND CLA JJ . 39.98 -13.58 -46.98
C1D CLA JJ . 40.81 -12.45 -47.24
C2D CLA JJ . 40.80 -11.37 -46.21
C3D CLA JJ . 39.83 -11.98 -45.26
C4D CLA JJ . 39.41 -13.19 -45.78
CMD CLA JJ . 41.46 -10.05 -46.02
CAD CLA JJ . 39.11 -11.77 -43.99
OBD CLA JJ . 39.25 -10.75 -43.24
CBD CLA JJ . 38.26 -12.93 -43.72
CGD CLA JJ . 38.75 -13.55 -42.46
O1D CLA JJ . 39.63 -14.40 -42.47
O2D CLA JJ . 38.18 -13.12 -41.20
CED CLA JJ . 38.93 -13.23 -39.99
C1 CLA JJ . 32.40 -14.74 -47.96
C2 CLA JJ . 31.55 -15.32 -49.06
C3 CLA JJ . 31.64 -14.90 -50.33
C4 CLA JJ . 32.58 -13.78 -50.71
C5 CLA JJ . 30.76 -15.51 -51.39
C6 CLA JJ . 31.48 -15.69 -52.72
C7 CLA JJ . 31.90 -17.14 -52.95
C8 CLA JJ . 31.08 -17.74 -54.09
C9 CLA JJ . 29.77 -18.34 -53.58
C10 CLA JJ . 31.91 -18.74 -54.91
C11 CLA JJ . 32.59 -19.88 -54.14
C12 CLA JJ . 31.88 -21.24 -54.25
C13 CLA JJ . 32.12 -22.09 -55.50
C14 CLA JJ . 33.47 -21.83 -56.17
C15 CLA JJ . 30.97 -21.89 -56.49
C16 CLA JJ . 30.72 -23.13 -57.34
C17 CLA JJ . 29.33 -23.06 -57.95
C18 CLA JJ . 29.20 -21.88 -58.91
C19 CLA JJ . 27.73 -21.61 -59.22
C20 CLA JJ . 30.00 -22.12 -60.17
MG CLA KJ . 44.41 -22.24 -53.55
CHA CLA KJ . 43.02 -22.40 -50.40
CHB CLA KJ . 43.33 -25.42 -54.07
CHC CLA KJ . 45.35 -21.90 -56.75
CHD CLA KJ . 44.94 -18.61 -53.05
NA CLA KJ . 43.32 -23.64 -52.47
C1A CLA KJ . 42.91 -23.62 -51.25
C2A CLA KJ . 42.36 -24.93 -50.71
C3A CLA KJ . 42.52 -25.85 -51.90
C4A CLA KJ . 43.10 -24.89 -52.87
CMA CLA KJ . 43.57 -26.89 -51.56
CAA CLA KJ . 40.86 -24.91 -50.37
CBA CLA KJ . 39.95 -24.49 -51.51
CGA CLA KJ . 38.89 -23.59 -50.95
O1A CLA KJ . 39.20 -22.58 -50.35
O2A CLA KJ . 37.49 -23.92 -51.09
NB CLA KJ . 44.38 -23.49 -55.16
C1B CLA KJ . 43.88 -24.72 -55.23
C2B CLA KJ . 43.89 -25.37 -56.56
C3B CLA KJ . 44.50 -24.29 -57.38
C4B CLA KJ . 44.76 -23.20 -56.39
CMB CLA KJ . 43.41 -26.73 -56.93
CAB CLA KJ . 44.79 -24.32 -58.83
CBB CLA KJ . 45.96 -23.98 -59.34
NC CLA KJ . 45.04 -20.60 -54.62
C1C CLA KJ . 45.30 -20.68 -55.94
C2C CLA KJ . 45.55 -19.39 -56.61
C3C CLA KJ . 45.42 -18.41 -55.51
C4C CLA KJ . 45.12 -19.28 -54.34
CMC CLA KJ . 45.84 -19.17 -58.07
CAC CLA KJ . 45.57 -16.91 -55.55
CBC CLA KJ . 44.31 -16.35 -56.15
ND CLA KJ . 44.04 -20.79 -52.19
C1D CLA KJ . 44.38 -19.41 -51.96
C2D CLA KJ . 44.14 -18.91 -50.59
C3D CLA KJ . 43.59 -20.14 -49.97
C4D CLA KJ . 43.56 -21.14 -50.95
CMD CLA KJ . 44.32 -17.61 -49.89
CAD CLA KJ . 43.04 -20.73 -48.72
OBD CLA KJ . 42.89 -20.13 -47.60
CBD CLA KJ . 42.69 -22.15 -48.97
CGD CLA KJ . 43.50 -22.97 -48.04
O1D CLA KJ . 44.41 -23.68 -48.44
O2D CLA KJ . 43.20 -22.88 -46.63
CED CLA KJ . 44.24 -23.04 -45.70
MG CLA LJ . 8.07 -19.70 -33.02
CHA CLA LJ . 5.27 -20.86 -31.41
CHB CLA LJ . 6.34 -16.93 -33.88
CHC CLA LJ . 10.95 -18.45 -34.24
CHD CLA LJ . 9.96 -22.47 -31.49
NA CLA LJ . 6.16 -18.97 -32.66
C1A CLA LJ . 5.14 -19.55 -32.12
C2A CLA LJ . 3.82 -18.82 -32.24
C3A CLA LJ . 4.21 -17.61 -33.05
C4A CLA LJ . 5.68 -17.86 -33.21
CMA CLA LJ . 3.54 -17.70 -34.41
CAA CLA LJ . 3.27 -18.27 -30.92
CBA CLA LJ . 4.34 -17.69 -30.01
CGA CLA LJ . 3.77 -17.31 -28.68
O1A CLA LJ . 2.68 -16.78 -28.58
O2A CLA LJ . 4.53 -17.58 -27.46
NB CLA LJ . 8.55 -17.96 -33.96
C1B CLA LJ . 7.77 -16.91 -34.18
C2B CLA LJ . 8.46 -15.70 -34.70
C3B CLA LJ . 9.84 -16.17 -34.80
C4B CLA LJ . 9.78 -17.57 -34.32
CMB CLA LJ . 7.92 -14.35 -35.04
CAB CLA LJ . 11.03 -15.42 -35.27
CBB CLA LJ . 12.03 -15.17 -34.43
NC CLA LJ . 10.01 -20.37 -32.93
C1C CLA LJ . 11.04 -19.65 -33.40
C2C CLA LJ . 12.39 -20.15 -33.02
C3C CLA LJ . 12.08 -21.32 -32.21
C4C CLA LJ . 10.59 -21.37 -32.23
CMC CLA LJ . 13.74 -19.58 -33.35
CAC CLA LJ . 13.03 -22.27 -31.54
CBC CLA LJ . 13.26 -23.29 -32.63
ND CLA LJ . 7.82 -21.24 -31.73
C1D CLA LJ . 8.53 -22.39 -31.24
C2D CLA LJ . 7.74 -23.41 -30.52
C3D CLA LJ . 6.40 -22.77 -30.61
C4D CLA LJ . 6.55 -21.57 -31.30
CMD CLA LJ . 8.01 -24.72 -29.85
CAD CLA LJ . 4.97 -22.88 -30.24
OBD CLA LJ . 4.45 -23.86 -29.60
CBD CLA LJ . 4.24 -21.72 -30.77
CGD CLA LJ . 3.49 -22.30 -31.93
O1D CLA LJ . 4.02 -22.39 -33.01
O2D CLA LJ . 2.12 -22.77 -31.74
CED CLA LJ . 1.61 -23.79 -32.60
MG CLA MJ . 11.00 -28.03 -46.86
CHA CLA MJ . 9.41 -26.71 -49.64
CHB CLA MJ . 10.91 -31.04 -48.38
CHC CLA MJ . 13.23 -29.10 -44.57
CHD CLA MJ . 11.32 -24.61 -45.58
NA CLA MJ . 10.34 -28.75 -48.69
C1A CLA MJ . 9.69 -28.19 -49.64
C2A CLA MJ . 9.26 -29.08 -50.78
C3A CLA MJ . 9.72 -30.44 -50.32
C4A CLA MJ . 10.36 -30.04 -49.04
CMA CLA MJ . 8.52 -31.32 -50.00
CAA CLA MJ . 10.12 -28.89 -52.04
CBA CLA MJ . 11.50 -28.24 -51.83
CGA CLA MJ . 12.63 -29.05 -52.40
O1A CLA MJ . 12.50 -30.25 -52.50
O2A CLA MJ . 13.86 -28.43 -52.85
NB CLA MJ . 11.95 -29.81 -46.56
C1B CLA MJ . 11.67 -30.96 -47.15
C2B CLA MJ . 12.27 -32.16 -46.54
C3B CLA MJ . 12.98 -31.57 -45.38
C4B CLA MJ . 12.72 -30.11 -45.51
CMB CLA MJ . 12.14 -33.58 -46.99
CAB CLA MJ . 13.80 -32.24 -44.34
CBB CLA MJ . 15.09 -32.00 -44.29
NC CLA MJ . 11.99 -27.06 -45.33
C1C CLA MJ . 12.98 -27.66 -44.65
C2C CLA MJ . 13.89 -26.72 -43.94
C3C CLA MJ . 13.33 -25.40 -44.24
C4C CLA MJ . 12.15 -25.74 -45.09
CMC CLA MJ . 15.09 -27.06 -43.11
CAC CLA MJ . 13.81 -24.04 -43.79
CBC CLA MJ . 14.69 -23.54 -44.92
ND CLA MJ . 10.56 -26.12 -47.39
C1D CLA MJ . 10.63 -24.79 -46.85
C2D CLA MJ . 10.01 -23.72 -47.66
C3D CLA MJ . 9.52 -24.54 -48.80
C4D CLA MJ . 9.87 -25.85 -48.56
CMD CLA MJ . 9.80 -22.23 -47.56
CAD CLA MJ . 8.80 -24.50 -50.08
OBD CLA MJ . 8.31 -23.44 -50.62
CBD CLA MJ . 8.72 -25.86 -50.64
CGD CLA MJ . 7.26 -26.22 -50.75
O1D CLA MJ . 6.59 -26.45 -49.76
O2D CLA MJ . 6.66 -26.32 -52.07
CED CLA MJ . 5.41 -26.95 -52.26
C1 CLA MJ . 15.12 -28.73 -52.24
C2 CLA MJ . 15.98 -27.48 -52.20
C3 CLA MJ . 17.21 -27.43 -51.68
C4 CLA MJ . 17.82 -28.66 -51.07
C5 CLA MJ . 17.99 -26.14 -51.68
C6 CLA MJ . 18.74 -25.89 -50.38
C7 CLA MJ . 18.67 -24.42 -49.93
C8 CLA MJ . 19.12 -24.28 -48.48
C9 CLA MJ . 17.98 -23.85 -47.58
C10 CLA MJ . 20.27 -23.30 -48.36
C11 CLA MJ . 21.57 -23.91 -48.85
C12 CLA MJ . 22.25 -22.95 -49.82
C13 CLA MJ . 23.70 -22.79 -49.39
C14 CLA MJ . 23.83 -21.73 -48.31
C15 CLA MJ . 24.54 -22.47 -50.62
C16 CLA MJ . 24.41 -21.03 -51.10
C17 CLA MJ . 25.16 -20.84 -52.41
C18 CLA MJ . 26.64 -21.15 -52.25
C19 CLA MJ . 27.32 -20.12 -51.35
C20 CLA MJ . 27.32 -21.22 -53.62
MG CLA NJ . 4.35 -10.45 -27.37
CHA CLA NJ . 2.19 -11.96 -29.60
CHB CLA NJ . 1.74 -8.76 -26.10
CHC CLA NJ . 6.43 -9.34 -24.95
CHD CLA NJ . 6.99 -12.76 -28.53
NA CLA NJ . 2.31 -10.40 -27.74
C1A CLA NJ . 1.60 -10.97 -28.64
C2A CLA NJ . 0.14 -10.57 -28.69
C3A CLA NJ . 0.07 -9.53 -27.59
C4A CLA NJ . 1.48 -9.57 -27.12
CMA CLA NJ . -0.16 -8.19 -28.22
CAA CLA NJ . -0.86 -11.69 -28.37
CBA CLA NJ . -1.04 -12.07 -26.90
CGA CLA NJ . -0.43 -13.41 -26.59
O1A CLA NJ . -1.11 -14.31 -26.11
O2A CLA NJ . 0.97 -13.68 -26.89
NB CLA NJ . 4.10 -9.25 -25.75
C1B CLA NJ . 3.01 -8.57 -25.41
C2B CLA NJ . 3.17 -7.64 -24.29
C3B CLA NJ . 4.59 -7.81 -23.96
C4B CLA NJ . 5.05 -8.84 -24.91
CMB CLA NJ . 2.17 -6.71 -23.66
CAB CLA NJ . 5.36 -7.13 -22.90
CBB CLA NJ . 5.89 -7.81 -21.91
NC CLA NJ . 6.26 -10.98 -26.85
C1C CLA NJ . 6.94 -10.36 -25.87
C2C CLA NJ . 8.36 -10.77 -25.73
C3C CLA NJ . 8.52 -11.78 -26.79
C4C CLA NJ . 7.16 -11.83 -27.40
CMC CLA NJ . 9.38 -10.29 -24.76
CAC CLA NJ . 9.74 -12.56 -27.15
CBC CLA NJ . 9.71 -13.82 -26.31
ND CLA NJ . 4.60 -12.01 -28.63
C1D CLA NJ . 5.67 -12.81 -29.16
C2D CLA NJ . 5.33 -13.64 -30.33
C3D CLA NJ . 3.90 -13.27 -30.50
C4D CLA NJ . 3.60 -12.36 -29.51
CMD CLA NJ . 6.07 -14.60 -31.20
CAD CLA NJ . 2.68 -13.51 -31.30
OBD CLA NJ . 2.60 -14.28 -32.32
CBD CLA NJ . 1.59 -12.69 -30.77
CGD CLA NJ . 1.15 -11.74 -31.84
O1D CLA NJ . 1.32 -10.55 -31.73
O2D CLA NJ . 0.54 -12.23 -33.05
CED CLA NJ . 0.20 -11.28 -34.05
C1 CLA NJ . 1.68 -14.65 -26.14
C2 CLA NJ . 2.34 -14.00 -24.94
C3 CLA NJ . 3.68 -14.02 -24.76
C4 CLA NJ . 4.59 -14.69 -25.75
C5 CLA NJ . 4.26 -13.36 -23.54
C6 CLA NJ . 5.49 -14.07 -22.99
C7 CLA NJ . 6.74 -13.20 -23.10
C8 CLA NJ . 7.90 -13.82 -22.34
C9 CLA NJ . 7.77 -13.52 -20.85
MG CLA OJ . 10.08 -10.52 -35.28
CHA CLA OJ . 11.55 -11.33 -38.27
CHB CLA OJ . 13.12 -10.59 -33.85
CHC CLA OJ . 8.54 -10.30 -32.29
CHD CLA OJ . 6.78 -10.97 -36.91
NA CLA OJ . 11.99 -10.94 -35.92
C1A CLA OJ . 12.46 -11.12 -37.09
C2A CLA OJ . 13.97 -11.17 -37.22
C3A CLA OJ . 14.39 -10.96 -35.78
C4A CLA OJ . 13.06 -10.82 -35.15
CMA CLA OJ . 15.07 -12.21 -35.26
CAA CLA OJ . 14.55 -9.99 -37.98
CBA CLA OJ . 15.91 -10.34 -38.58
CGA CLA OJ . 17.04 -9.85 -37.70
O1A CLA OJ . 17.35 -8.68 -37.69
O2A CLA OJ . 17.75 -10.78 -36.85
NB CLA OJ . 10.74 -10.46 -33.36
C1B CLA OJ . 12.00 -10.44 -32.93
C2B CLA OJ . 12.20 -10.27 -31.48
C3B CLA OJ . 10.81 -10.19 -31.02
C4B CLA OJ . 10.00 -10.31 -32.27
CMB CLA OJ . 13.46 -10.20 -30.68
CAB CLA OJ . 10.34 -10.01 -29.63
CBB CLA OJ . 9.84 -8.85 -29.26
NC CLA OJ . 8.09 -10.62 -34.74
C1C CLA OJ . 7.69 -10.51 -33.47
C2C CLA OJ . 6.23 -10.61 -33.29
C3C CLA OJ . 5.71 -10.81 -34.65
C4C CLA OJ . 6.95 -10.79 -35.46
CMC CLA OJ . 5.45 -10.54 -32.02
CAC CLA OJ . 4.29 -11.00 -35.12
CBC CLA OJ . 3.47 -9.74 -35.05
ND CLA OJ . 9.26 -11.04 -37.06
C1D CLA OJ . 7.99 -11.15 -37.69
C2D CLA OJ . 8.00 -11.45 -39.14
C3D CLA OJ . 9.47 -11.53 -39.35
C4D CLA OJ . 10.09 -11.28 -38.13
CMD CLA OJ . 6.99 -11.64 -40.22
CAD CLA OJ . 10.52 -11.74 -40.35
OBD CLA OJ . 10.32 -11.99 -41.59
CBD CLA OJ . 11.83 -11.63 -39.70
CGD CLA OJ . 12.58 -12.90 -39.87
O1D CLA OJ . 13.66 -12.89 -40.40
O2D CLA OJ . 12.05 -14.14 -39.37
CED CLA OJ . 12.93 -15.25 -39.42
MG CLA PJ . 27.83 -11.42 -23.52
CHA CLA PJ . 30.67 -13.38 -23.51
CHB CLA PJ . 28.03 -11.31 -26.88
CHC CLA PJ . 24.82 -9.88 -23.53
CHD CLA PJ . 27.59 -11.88 -19.88
NA CLA PJ . 29.09 -12.22 -24.97
C1A CLA PJ . 30.15 -12.92 -24.84
C2A CLA PJ . 30.85 -13.27 -26.14
C3A CLA PJ . 30.00 -12.56 -27.18
C4A CLA PJ . 28.98 -11.98 -26.27
CMA CLA PJ . 30.77 -11.43 -27.83
CAA CLA PJ . 30.72 -14.78 -26.43
CBA CLA PJ . 29.31 -15.34 -26.65
CGA CLA PJ . 29.33 -16.84 -26.81
O1A CLA PJ . 29.88 -17.55 -25.98
O2A CLA PJ . 28.69 -17.45 -27.95
NB CLA PJ . 26.62 -10.72 -24.99
C1B CLA PJ . 26.88 -10.67 -26.29
C2B CLA PJ . 25.90 -9.99 -27.14
C3B CLA PJ . 24.93 -9.54 -26.13
C4B CLA PJ . 25.47 -10.07 -24.85
CMB CLA PJ . 25.93 -9.79 -28.63
CAB CLA PJ . 23.69 -8.80 -26.38
CBB CLA PJ . 22.73 -9.48 -27.00
NC CLA PJ . 26.45 -11.10 -22.04
C1C CLA PJ . 25.42 -10.26 -22.24
C2C CLA PJ . 24.84 -9.66 -21.02
C3C CLA PJ . 25.66 -10.24 -19.94
C4C CLA PJ . 26.60 -11.12 -20.68
CMC CLA PJ . 23.72 -8.68 -20.92
CAC CLA PJ . 25.56 -10.02 -18.46
CBC CLA PJ . 24.65 -11.12 -17.96
ND CLA PJ . 28.78 -12.39 -22.00
C1D CLA PJ . 28.71 -12.49 -20.57
C2D CLA PJ . 29.84 -13.24 -19.95
C3D CLA PJ . 30.63 -13.58 -21.16
C4D CLA PJ . 29.96 -13.06 -22.26
CMD CLA PJ . 30.24 -13.62 -18.54
CAD CLA PJ . 31.84 -14.27 -21.67
OBD CLA PJ . 32.72 -14.87 -20.96
CBD CLA PJ . 31.91 -14.13 -23.14
CGD CLA PJ . 33.08 -13.27 -23.48
O1D CLA PJ . 33.71 -13.48 -24.50
O2D CLA PJ . 33.52 -12.19 -22.62
CED CLA PJ . 34.74 -11.52 -22.95
MG CLA QJ . 23.45 -4.73 -14.91
CHA CLA QJ . 24.29 -5.48 -11.64
CHB CLA QJ . 22.54 -7.94 -15.34
CHC CLA QJ . 22.09 -3.80 -17.86
CHD CLA QJ . 24.19 -1.18 -14.17
NA CLA QJ . 23.40 -6.41 -13.71
C1A CLA QJ . 23.82 -6.60 -12.52
C2A CLA QJ . 23.77 -8.04 -12.04
C3A CLA QJ . 23.23 -8.77 -13.24
C4A CLA QJ . 23.04 -7.62 -14.16
CMA CLA QJ . 24.29 -9.69 -13.83
CAA CLA QJ . 22.71 -8.32 -10.97
CBA CLA QJ . 21.46 -7.46 -11.07
CGA CLA QJ . 20.56 -7.94 -9.98
O1A CLA QJ . 20.30 -9.12 -9.88
O2A CLA QJ . 19.98 -7.00 -9.04
NB CLA QJ . 22.44 -5.72 -16.36
C1B CLA QJ . 22.25 -7.04 -16.44
C2B CLA QJ . 21.70 -7.54 -17.72
C3B CLA QJ . 21.57 -6.28 -18.48
C4B CLA QJ . 22.04 -5.24 -17.54
CMB CLA QJ . 21.37 -8.96 -18.09
CAB CLA QJ . 21.06 -6.08 -19.85
CBB CLA QJ . 19.82 -6.42 -20.14
NC CLA QJ . 23.17 -2.88 -15.78
C1C CLA QJ . 22.65 -2.74 -17.01
C2C CLA QJ . 22.66 -1.35 -17.53
C3C CLA QJ . 23.29 -0.59 -16.43
C4C CLA QJ . 23.56 -1.63 -15.43
CMC CLA QJ . 22.16 -0.85 -18.85
CAC CLA QJ . 23.59 0.89 -16.32
CBC CLA QJ . 22.33 1.55 -15.82
ND CLA QJ . 24.06 -3.54 -13.38
C1D CLA QJ . 24.37 -2.16 -13.11
C2D CLA QJ . 24.82 -1.87 -11.73
C3D CLA QJ . 24.78 -3.23 -11.15
C4D CLA QJ . 24.34 -4.09 -12.14
CMD CLA QJ . 25.23 -0.64 -10.97
CAD CLA QJ . 25.00 -4.04 -9.93
OBD CLA QJ . 25.43 -3.58 -8.80
CBD CLA QJ . 24.73 -5.45 -10.22
CGD CLA QJ . 26.05 -6.14 -10.14
O1D CLA QJ . 26.14 -7.30 -9.80
O2D CLA QJ . 27.26 -5.41 -10.48
CED CLA QJ . 28.52 -6.07 -10.51
MG CLA RJ . 30.30 -17.98 -18.53
CHA CLA RJ . 33.30 -19.68 -18.63
CHB CLA RJ . 30.12 -18.29 -21.89
CHC CLA RJ . 27.26 -16.53 -18.33
CHD CLA RJ . 30.47 -18.14 -14.86
NA CLA RJ . 31.49 -18.84 -20.01
C1A CLA RJ . 32.58 -19.48 -19.94
C2A CLA RJ . 33.16 -19.98 -21.24
C3A CLA RJ . 32.15 -19.46 -22.24
C4A CLA RJ . 31.19 -18.82 -21.31
CMA CLA RJ . 32.80 -18.35 -23.05
CAA CLA RJ . 33.14 -21.51 -21.36
CBA CLA RJ . 31.97 -22.19 -20.62
CGA CLA RJ . 30.93 -22.75 -21.57
O1A CLA RJ . 31.12 -22.78 -22.78
O2A CLA RJ . 29.67 -23.23 -21.03
NB CLA RJ . 28.87 -17.54 -19.91
C1B CLA RJ . 29.02 -17.56 -21.23
C2B CLA RJ . 28.03 -16.78 -22.00
C3B CLA RJ . 27.17 -16.24 -20.94
C4B CLA RJ . 27.78 -16.79 -19.69
CMB CLA RJ . 27.92 -16.58 -23.49
CAB CLA RJ . 25.98 -15.39 -21.08
CBB CLA RJ . 24.81 -15.77 -20.65
NC CLA RJ . 29.09 -17.56 -16.92
C1C CLA RJ . 27.99 -16.79 -17.08
C2C CLA RJ . 27.50 -16.13 -15.84
C3C CLA RJ . 28.46 -16.60 -14.82
C4C CLA RJ . 29.37 -17.48 -15.59
CMC CLA RJ . 26.33 -15.21 -15.67
CAC CLA RJ . 28.50 -16.30 -13.33
CBC CLA RJ . 29.35 -15.05 -13.18
ND CLA RJ . 31.47 -18.76 -17.05
C1D CLA RJ . 31.60 -18.66 -15.62
C2D CLA RJ . 32.90 -19.11 -15.06
C3D CLA RJ . 33.58 -19.50 -16.32
C4D CLA RJ . 32.72 -19.26 -17.36
CMD CLA RJ . 33.52 -19.21 -13.70
CAD CLA RJ . 34.84 -20.06 -16.91
OBD CLA RJ . 35.88 -20.39 -16.24
CBD CLA RJ . 34.69 -20.13 -18.38
CGD CLA RJ . 35.65 -19.14 -18.98
O1D CLA RJ . 35.58 -17.94 -18.71
O2D CLA RJ . 36.66 -19.57 -19.93
CED CLA RJ . 37.38 -18.60 -20.69
C1 CLA RJ . 28.78 -23.99 -21.85
C2 CLA RJ . 27.57 -23.15 -22.21
C3 CLA RJ . 26.33 -23.61 -21.99
C4 CLA RJ . 25.15 -22.76 -22.36
MG CLA SJ . 21.55 9.60 -19.72
CHA CLA SJ . 23.28 12.45 -18.86
CHB CLA SJ . 22.43 8.26 -16.75
CHC CLA SJ . 19.50 7.06 -20.44
CHD CLA SJ . 20.17 11.49 -22.58
NA CLA SJ . 22.60 10.25 -18.06
C1A CLA SJ . 23.27 11.33 -17.87
C2A CLA SJ . 24.06 11.40 -16.61
C3A CLA SJ . 23.80 10.05 -15.99
C4A CLA SJ . 22.89 9.48 -17.02
CMA CLA SJ . 25.08 9.24 -15.99
CAA CLA SJ . 23.49 12.42 -15.62
CBA CLA SJ . 21.98 12.36 -15.43
CGA CLA SJ . 21.29 13.46 -16.19
O1A CLA SJ . 21.30 14.60 -15.76
O2A CLA SJ . 20.64 13.17 -17.45
NB CLA SJ . 21.07 7.87 -18.76
C1B CLA SJ . 21.47 7.50 -17.54
C2B CLA SJ . 20.81 6.28 -17.01
C3B CLA SJ . 19.91 5.92 -18.11
C4B CLA SJ . 20.16 6.97 -19.14
CMB CLA SJ . 20.99 5.60 -15.69
CAB CLA SJ . 18.98 4.77 -18.13
CBB CLA SJ . 17.72 4.87 -18.49
NC CLA SJ . 20.24 9.31 -21.27
C1C CLA SJ . 19.36 8.30 -21.23
C2C CLA SJ . 18.14 8.51 -22.05
C3C CLA SJ . 18.37 9.81 -22.66
C4C CLA SJ . 19.67 10.18 -22.12
CMC CLA SJ . 16.96 7.62 -22.22
CAC CLA SJ . 17.49 10.60 -23.61
CBC CLA SJ . 17.84 10.13 -24.99
ND CLA SJ . 21.56 11.47 -20.53
C1D CLA SJ . 21.16 12.11 -21.73
C2D CLA SJ . 21.77 13.41 -22.03
C3D CLA SJ . 22.65 13.53 -20.85
C4D CLA SJ . 22.46 12.40 -20.07
CMD CLA SJ . 21.67 14.41 -23.14
CAD CLA SJ . 23.64 14.38 -20.15
OBD CLA SJ . 24.08 15.51 -20.56
CBD CLA SJ . 24.06 13.71 -18.91
CGD CLA SJ . 25.53 13.45 -19.01
O1D CLA SJ . 25.95 12.44 -19.56
O2D CLA SJ . 26.45 14.41 -18.44
CED CLA SJ . 27.86 14.23 -18.58
C1 CLA SJ . 19.31 13.61 -17.74
C2 CLA SJ . 18.41 12.40 -17.90
C3 CLA SJ . 17.77 12.13 -19.04
C4 CLA SJ . 17.91 13.02 -20.23
C5 CLA SJ . 16.90 10.91 -19.11
C6 CLA SJ . 15.77 11.01 -20.12
C7 CLA SJ . 14.65 10.04 -19.76
C8 CLA SJ . 13.41 10.32 -20.60
C9 CLA SJ . 12.18 10.22 -19.73
C10 CLA SJ . 13.32 9.34 -21.76
C11 CLA SJ . 12.52 9.97 -22.89
C12 CLA SJ . 12.28 8.99 -24.02
C13 CLA SJ . 11.17 9.47 -24.95
C14 CLA SJ . 11.59 10.75 -25.65
C15 CLA SJ . 9.88 9.69 -24.17
C16 CLA SJ . 8.69 9.91 -25.10
C17 CLA SJ . 7.45 10.37 -24.33
C18 CLA SJ . 6.45 11.16 -25.18
C19 CLA SJ . 5.40 10.25 -25.83
C20 CLA SJ . 7.11 12.04 -26.22
MG CLA TJ . 24.72 8.46 -29.85
CHA CLA TJ . 27.07 8.13 -32.33
CHB CLA TJ . 27.25 8.60 -27.62
CHC CLA TJ . 22.41 9.17 -27.50
CHD CLA TJ . 22.12 8.68 -32.45
NA CLA TJ . 26.80 8.42 -29.95
C1A CLA TJ . 27.59 8.24 -30.93
C2A CLA TJ . 29.06 8.16 -30.58
C3A CLA TJ . 29.04 8.23 -29.07
C4A CLA TJ . 27.59 8.44 -28.88
CMA CLA TJ . 29.41 6.88 -28.50
CAA CLA TJ . 29.82 9.38 -31.10
CBA CLA TJ . 30.37 10.45 -30.14
CGA CLA TJ . 29.38 11.57 -29.89
O1A CLA TJ . 29.61 12.38 -29.01
O2A CLA TJ . 28.15 11.67 -30.64
NB CLA TJ . 24.83 8.84 -27.86
C1B CLA TJ . 25.91 8.80 -27.09
C2B CLA TJ . 25.68 9.00 -25.66
C3B CLA TJ . 24.22 9.17 -25.63
C4B CLA TJ . 23.81 9.06 -27.05
CMB CLA TJ . 26.69 9.01 -24.53
CAB CLA TJ . 23.35 9.42 -24.48
CBB CLA TJ . 22.87 10.63 -24.40
NC CLA TJ . 22.72 8.90 -29.99
C1C CLA TJ . 21.94 9.03 -28.89
C2C CLA TJ . 20.49 9.05 -29.16
C3C CLA TJ . 20.41 8.90 -30.62
C4C CLA TJ . 21.84 8.82 -31.00
CMC CLA TJ . 19.36 9.18 -28.20
CAC CLA TJ . 19.18 8.87 -31.47
CBC CLA TJ . 18.82 7.43 -31.75
ND CLA TJ . 24.53 8.48 -31.85
C1D CLA TJ . 23.51 8.47 -32.84
C2D CLA TJ . 23.96 8.25 -34.22
C3D CLA TJ . 25.41 8.11 -33.98
C4D CLA TJ . 25.64 8.26 -32.64
CMD CLA TJ . 23.34 8.14 -35.57
CAD CLA TJ . 26.71 7.89 -34.64
OBD CLA TJ . 26.85 7.71 -35.89
CBD CLA TJ . 27.77 7.88 -33.62
CGD CLA TJ . 28.39 6.53 -33.61
O1D CLA TJ . 27.89 5.63 -32.97
O2D CLA TJ . 29.58 6.27 -34.36
CED CLA TJ . 29.90 4.94 -34.75
C1 CLA TJ . 27.18 12.60 -30.18
C2 CLA TJ . 25.80 12.01 -30.01
C3 CLA TJ . 24.72 12.81 -29.87
C4 CLA TJ . 24.88 14.30 -29.89
C5 CLA TJ . 23.35 12.22 -29.72
C6 CLA TJ . 22.28 13.21 -29.25
C7 CLA TJ . 21.11 12.50 -28.58
C8 CLA TJ . 20.04 13.47 -28.14
C9 CLA TJ . 18.96 13.62 -29.21
MG CLA UJ . 24.92 -0.31 -31.65
CHA CLA UJ . 28.10 -1.61 -31.66
CHB CLA UJ . 26.23 2.68 -32.49
CHC CLA UJ . 21.75 0.86 -32.01
CHD CLA UJ . 23.58 -3.74 -31.34
NA CLA UJ . 26.81 0.41 -32.06
C1A CLA UJ . 27.95 -0.13 -31.92
C2A CLA UJ . 29.13 0.78 -32.11
C3A CLA UJ . 28.51 2.14 -32.27
C4A CLA UJ . 27.09 1.70 -32.26
CMA CLA UJ . 28.76 2.99 -31.03
CAA CLA UJ . 29.78 0.43 -33.47
CBA CLA UJ . 29.54 1.23 -34.77
CGA CLA UJ . 28.18 1.00 -35.42
O1A CLA UJ . 27.43 0.16 -34.98
O2A CLA UJ . 27.76 1.86 -36.51
NB CLA UJ . 24.12 1.50 -32.09
C1B CLA UJ . 24.79 2.54 -32.55
C2B CLA UJ . 23.99 3.57 -33.23
C3B CLA UJ . 22.64 3.03 -33.09
C4B CLA UJ . 22.84 1.76 -32.36
CMB CLA UJ . 24.46 4.82 -33.86
CAB CLA UJ . 21.38 3.64 -33.54
CBB CLA UJ . 20.85 4.61 -32.84
NC CLA UJ . 23.08 -1.25 -31.67
C1C CLA UJ . 21.93 -0.59 -31.83
C2C CLA UJ . 20.71 -1.42 -31.83
C3C CLA UJ . 21.26 -2.78 -31.62
C4C CLA UJ . 22.72 -2.55 -31.54
CMC CLA UJ . 19.29 -0.97 -31.98
CAC CLA UJ . 20.49 -4.08 -31.53
CBC CLA UJ . 20.12 -4.47 -32.93
ND CLA UJ . 25.56 -2.23 -31.58
C1D CLA UJ . 25.04 -3.54 -31.35
C2D CLA UJ . 26.05 -4.60 -31.15
C3D CLA UJ . 27.30 -3.79 -31.27
C4D CLA UJ . 26.93 -2.48 -31.53
CMD CLA UJ . 26.05 -6.07 -30.89
CAD CLA UJ . 28.78 -3.83 -31.24
OBD CLA UJ . 29.50 -4.86 -31.06
CBD CLA UJ . 29.30 -2.47 -31.48
CGD CLA UJ . 30.01 -2.01 -30.24
O1D CLA UJ . 29.38 -1.73 -29.23
O2D CLA UJ . 31.45 -1.81 -30.26
CED CLA UJ . 32.02 -0.79 -29.45
C1 CLA UJ . 26.84 2.91 -36.24
C2 CLA UJ . 25.48 2.63 -36.82
C3 CLA UJ . 24.76 3.60 -37.41
C4 CLA UJ . 25.29 4.99 -37.52
C5 CLA UJ . 23.40 3.26 -37.98
C6 CLA UJ . 22.32 3.07 -36.92
C7 CLA UJ . 21.49 1.81 -37.17
C8 CLA UJ . 20.24 1.77 -36.31
C9 CLA UJ . 19.60 0.39 -36.25
C10 CLA UJ . 19.21 2.79 -36.79
C11 CLA UJ . 18.45 3.41 -35.63
C12 CLA UJ . 17.56 4.53 -36.17
C13 CLA UJ . 17.56 5.76 -35.26
C14 CLA UJ . 16.23 5.90 -34.53
C15 CLA UJ . 17.79 6.98 -36.12
C16 CLA UJ . 19.17 6.94 -36.76
C17 CLA UJ . 19.05 7.19 -38.26
C18 CLA UJ . 20.41 7.55 -38.83
C19 CLA UJ . 21.41 6.44 -38.55
C20 CLA UJ . 20.89 8.83 -38.20
MG CLA VJ . 4.93 -2.68 -22.40
CHA CLA VJ . 2.06 -3.00 -24.33
CHB CLA VJ . 3.12 -1.29 -19.98
CHC CLA VJ . 7.71 -2.76 -20.49
CHD CLA VJ . 6.74 -4.57 -25.00
NA CLA VJ . 2.93 -2.25 -22.16
C1A CLA VJ . 1.94 -2.36 -22.97
C2A CLA VJ . 0.64 -1.75 -22.49
C3A CLA VJ . 1.04 -1.23 -21.12
C4A CLA VJ . 2.47 -1.62 -21.09
CMA CLA VJ . 0.99 0.28 -21.10
CAA CLA VJ . -0.52 -2.73 -22.27
CBA CLA VJ . -0.11 -3.97 -21.49
CGA CLA VJ . -1.32 -4.44 -20.72
O1A CLA VJ . -2.35 -4.75 -21.28
O2A CLA VJ . -1.26 -4.51 -19.27
NB CLA VJ . 5.33 -2.13 -20.48
C1B CLA VJ . 4.53 -1.51 -19.64
C2B CLA VJ . 5.18 -1.04 -18.39
C3B CLA VJ . 6.56 -1.50 -18.56
C4B CLA VJ . 6.54 -2.15 -19.89
CMB CLA VJ . 4.60 -0.30 -17.20
CAB CLA VJ . 7.72 -1.35 -17.64
CBB CLA VJ . 8.84 -0.75 -18.00
NC CLA VJ . 6.79 -3.47 -22.72
C1C CLA VJ . 7.75 -3.43 -21.79
C2C CLA VJ . 8.98 -4.15 -22.11
C3C CLA VJ . 8.68 -4.70 -23.44
C4C CLA VJ . 7.33 -4.20 -23.71
CMC CLA VJ . 10.20 -4.28 -21.24
CAC CLA VJ . 9.53 -5.54 -24.34
CBC CLA VJ . 10.43 -4.50 -24.89
ND CLA VJ . 4.60 -3.61 -24.17
C1D CLA VJ . 5.33 -4.27 -25.19
C2D CLA VJ . 4.58 -4.61 -26.41
C3D CLA VJ . 3.24 -4.09 -26.04
C4D CLA VJ . 3.35 -3.55 -24.77
CMD CLA VJ . 4.89 -5.28 -27.71
CAD CLA VJ . 1.85 -3.92 -26.49
OBD CLA VJ . 1.37 -4.29 -27.62
CBD CLA VJ . 1.09 -3.24 -25.43
CGD CLA VJ . 0.52 -2.00 -26.03
O1D CLA VJ . -0.43 -2.08 -26.78
O2D CLA VJ . 1.09 -0.70 -25.74
CED CLA VJ . 0.47 0.43 -26.32
C1 CLA VJ . -1.06 -5.75 -18.61
C2 CLA VJ . 0.42 -5.93 -18.38
C3 CLA VJ . 1.20 -6.73 -19.12
C4 CLA VJ . 0.62 -7.53 -20.26
C5 CLA VJ . 2.68 -6.83 -18.80
C6 CLA VJ . 3.38 -5.49 -18.73
C7 CLA VJ . 3.74 -5.06 -17.31
C8 CLA VJ . 5.10 -5.56 -16.83
C9 CLA VJ . 5.60 -4.68 -15.69
C10 CLA VJ . 6.14 -5.61 -17.95
C11 CLA VJ . 7.47 -6.16 -17.45
C12 CLA VJ . 8.46 -6.33 -18.59
C13 CLA VJ . 8.38 -7.72 -19.22
C14 CLA VJ . 8.60 -8.81 -18.18
C15 CLA VJ . 9.40 -7.82 -20.35
C16 CLA VJ . 9.21 -9.05 -21.21
MG CLA WJ . 9.06 5.27 -35.76
CHA CLA WJ . 6.40 6.74 -37.41
CHB CLA WJ . 9.46 3.26 -38.45
CHC CLA WJ . 12.01 4.31 -34.43
CHD CLA WJ . 8.74 7.86 -33.17
NA CLA WJ . 8.16 5.05 -37.61
C1A CLA WJ . 7.13 5.63 -38.11
C2A CLA WJ . 6.69 5.15 -39.47
C3A CLA WJ . 7.65 4.02 -39.74
C4A CLA WJ . 8.47 4.11 -38.50
CMA CLA WJ . 6.90 2.69 -39.74
CAA CLA WJ . 7.04 6.21 -40.53
CBA CLA WJ . 8.35 6.97 -40.28
CGA CLA WJ . 8.64 8.09 -41.24
O1A CLA WJ . 7.74 8.70 -41.78
O2A CLA WJ . 10.02 8.45 -41.47
NB CLA WJ . 10.50 3.99 -36.37
C1B CLA WJ . 10.46 3.18 -37.40
C2B CLA WJ . 11.56 2.23 -37.53
C3B CLA WJ . 12.33 2.53 -36.33
C4B CLA WJ . 11.60 3.65 -35.69
CMB CLA WJ . 11.80 1.20 -38.56
CAB CLA WJ . 13.58 1.86 -35.94
CBB CLA WJ . 14.71 2.46 -36.17
NC CLA WJ . 10.10 5.93 -34.13
C1C CLA WJ . 11.31 5.44 -33.81
C2C CLA WJ . 11.99 6.15 -32.70
C3C CLA WJ . 11.02 7.21 -32.32
C4C CLA WJ . 9.91 6.96 -33.27
CMC CLA WJ . 13.32 5.86 -32.12
CAC CLA WJ . 11.16 8.28 -31.27
CBC CLA WJ . 10.51 7.83 -29.99
ND CLA WJ . 7.96 6.93 -35.34
C1D CLA WJ . 7.78 7.85 -34.26
C2D CLA WJ . 6.59 8.72 -34.38
C3D CLA WJ . 6.05 8.24 -35.67
C4D CLA WJ . 6.88 7.24 -36.12
CMD CLA WJ . 5.96 9.80 -33.57
CAD CLA WJ . 4.96 8.42 -36.65
OBD CLA WJ . 4.00 9.25 -36.57
CBD CLA WJ . 5.17 7.48 -37.76
CGD CLA WJ . 3.98 6.61 -37.91
O1D CLA WJ . 3.44 6.08 -36.96
O2D CLA WJ . 3.46 6.38 -39.25
CED CLA WJ . 2.40 5.46 -39.46
C1 CLA WJ . 10.37 9.52 -42.35
C2 CLA WJ . 10.66 9.00 -43.73
C3 CLA WJ . 11.92 8.75 -44.14
C4 CLA WJ . 13.08 8.98 -43.23
C5 CLA WJ . 12.18 8.23 -45.54
C6 CLA WJ . 10.90 7.90 -46.32
C7 CLA WJ . 11.17 7.15 -47.63
C8 CLA WJ . 11.68 8.05 -48.75
C9 CLA WJ . 10.92 9.37 -48.82
C10 CLA WJ . 11.58 7.30 -50.08
C11 CLA WJ . 11.89 8.22 -51.26
C12 CLA WJ . 11.60 7.55 -52.60
C13 CLA WJ . 10.92 8.52 -53.56
C14 CLA WJ . 11.68 9.82 -53.74
C15 CLA WJ . 9.50 8.76 -53.07
C16 CLA WJ . 8.59 7.63 -53.48
C17 CLA WJ . 8.41 7.64 -54.98
C18 CLA WJ . 7.56 6.48 -55.42
C19 CLA WJ . 8.31 5.62 -56.43
C20 CLA WJ . 6.24 6.94 -55.98
MG CLA XJ . 0.92 9.57 -29.24
CHA CLA XJ . -2.20 8.71 -28.00
CHB CLA XJ . -0.41 12.41 -30.43
CHC CLA XJ . 4.04 10.47 -30.13
CHD CLA XJ . 2.28 6.57 -27.60
NA CLA XJ . -0.96 10.43 -29.20
C1A CLA XJ . -2.06 10.04 -28.70
C2A CLA XJ . -3.22 10.99 -28.84
C3A CLA XJ . -2.62 12.12 -29.66
C4A CLA XJ . -1.23 11.62 -29.75
CMA CLA XJ . -3.21 12.12 -31.06
CAA CLA XJ . -3.68 11.50 -27.47
CBA CLA XJ . -3.47 12.96 -27.08
CGA CLA XJ . -2.23 13.09 -26.24
O1A CLA XJ . -1.26 12.39 -26.48
O2A CLA XJ . -2.17 14.02 -25.13
NB CLA XJ . 1.69 11.23 -30.10
C1B CLA XJ . 1.01 12.20 -30.69
C2B CLA XJ . 1.78 13.06 -31.61
C3B CLA XJ . 3.13 12.46 -31.50
C4B CLA XJ . 2.94 11.34 -30.54
CMB CLA XJ . 1.28 14.22 -32.41
CAB CLA XJ . 4.42 12.80 -32.13
CBB CLA XJ . 4.50 13.02 -33.42
NC CLA XJ . 2.75 8.68 -28.92
C1C CLA XJ . 3.89 9.22 -29.37
C2C CLA XJ . 5.11 8.46 -29.01
C3C CLA XJ . 4.58 7.32 -28.27
C4C CLA XJ . 3.12 7.56 -28.28
CMC CLA XJ . 6.55 8.78 -29.34
CAC CLA XJ . 5.33 6.18 -27.64
CBC CLA XJ . 5.54 6.57 -26.21
ND CLA XJ . 0.34 8.04 -28.05
C1D CLA XJ . 0.86 6.83 -27.54
C2D CLA XJ . -0.10 5.89 -26.96
C3D CLA XJ . -1.36 6.67 -27.17
C4D CLA XJ . -1.02 7.85 -27.80
CMD CLA XJ . 0.01 4.54 -26.31
CAD CLA XJ . -2.82 6.69 -26.97
OBD CLA XJ . -3.49 5.73 -26.43
CBD CLA XJ . -3.37 7.94 -27.52
CGD CLA XJ . -4.34 7.57 -28.61
O1D CLA XJ . -5.08 8.38 -29.13
O2D CLA XJ . -4.52 6.19 -29.03
CED CLA XJ . -5.79 5.82 -29.55
C1 CLA XJ . -1.27 15.13 -25.16
C2 CLA XJ . 0.14 14.72 -24.74
C3 CLA XJ . 0.54 14.75 -23.46
C4 CLA XJ . -0.40 15.16 -22.37
C5 CLA XJ . 1.94 14.35 -23.07
C6 CLA XJ . 2.51 15.24 -21.98
C7 CLA XJ . 4.03 15.22 -21.96
C8 CLA XJ . 4.61 15.58 -23.32
C9 CLA XJ . 5.62 14.52 -23.78
C10 CLA XJ . 5.25 16.96 -23.30
C11 CLA XJ . 6.36 17.06 -22.26
C12 CLA XJ . 7.67 17.51 -22.89
C13 CLA XJ . 8.35 18.59 -22.06
C14 CLA XJ . 7.53 19.88 -22.09
C15 CLA XJ . 9.76 18.83 -22.60
C16 CLA XJ . 10.63 19.61 -21.63
C17 CLA XJ . 12.11 19.42 -21.97
C18 CLA XJ . 12.45 19.92 -23.37
C19 CLA XJ . 13.82 19.45 -23.81
C20 CLA XJ . 12.34 21.43 -23.42
MG CLA YJ . 0.68 14.62 -38.16
CHA CLA YJ . -1.81 13.30 -36.19
CHB CLA YJ . -1.41 17.13 -38.97
CHC CLA YJ . 3.27 16.09 -39.75
CHD CLA YJ . 3.06 12.35 -36.49
NA CLA YJ . -1.24 15.17 -37.63
C1A CLA YJ . -2.14 14.52 -36.99
C2A CLA YJ . -3.54 15.09 -37.04
C3A CLA YJ . -3.36 16.28 -37.95
C4A CLA YJ . -1.90 16.17 -38.20
CMA CLA YJ . -4.09 16.09 -39.27
CAA CLA YJ . -4.00 15.67 -35.68
CBA CLA YJ . -3.19 16.83 -35.10
CGA CLA YJ . -1.95 16.40 -34.32
O1A CLA YJ . -2.03 16.06 -33.16
O2A CLA YJ . -0.64 16.38 -34.97
NB CLA YJ . 0.88 16.31 -39.28
C1B CLA YJ . -0.01 17.29 -39.35
C2B CLA YJ . 0.50 18.60 -39.79
C3B CLA YJ . 1.92 18.28 -40.03
C4B CLA YJ . 2.02 16.84 -39.68
CMB CLA YJ . -0.26 19.88 -39.96
CAB CLA YJ . 3.00 19.18 -40.50
CBB CLA YJ . 4.08 19.41 -39.79
NC CLA YJ . 2.71 14.29 -38.10
C1C CLA YJ . 3.60 14.98 -38.85
C2C CLA YJ . 5.00 14.55 -38.72
C3C CLA YJ . 4.92 13.45 -37.75
C4C CLA YJ . 3.48 13.39 -37.45
CMC CLA YJ . 6.22 15.09 -39.40
CAC CLA YJ . 6.03 12.60 -37.22
CBC CLA YJ . 6.20 11.50 -38.24
ND CLA YJ . 0.75 13.24 -36.67
C1D CLA YJ . 1.65 12.27 -36.14
C2D CLA YJ . 1.06 11.24 -35.27
C3D CLA YJ . -0.36 11.68 -35.30
C4D CLA YJ . -0.43 12.79 -36.11
CMD CLA YJ . 1.56 10.07 -34.49
CAD CLA YJ . -1.73 11.40 -34.81
OBD CLA YJ . -2.08 10.44 -34.04
CBD CLA YJ . -2.65 12.40 -35.35
CGD CLA YJ . -3.69 11.70 -36.14
O1D CLA YJ . -3.81 11.82 -37.34
O2D CLA YJ . -4.64 10.86 -35.45
CED CLA YJ . -5.80 10.46 -36.14
C1 CLA YJ . 0.41 17.20 -34.47
C2 CLA YJ . 1.53 17.37 -35.47
C3 CLA YJ . 2.82 17.39 -35.08
C4 CLA YJ . 3.18 17.24 -33.64
C5 CLA YJ . 3.91 17.58 -36.12
C6 CLA YJ . 5.32 17.33 -35.62
MG CLA ZJ . 3.86 10.98 -46.90
CHA CLA ZJ . 4.34 9.69 -43.73
CHB CLA ZJ . 4.41 14.05 -45.61
CHC CLA ZJ . 4.19 12.14 -50.06
CHD CLA ZJ . 3.73 7.55 -48.19
NA CLA ZJ . 4.35 11.74 -45.03
C1A CLA ZJ . 4.41 11.18 -43.89
C2A CLA ZJ . 4.58 12.09 -42.70
C3A CLA ZJ . 4.54 13.45 -43.35
C4A CLA ZJ . 4.41 13.04 -44.76
CMA CLA ZJ . 3.24 14.14 -42.97
CAA CLA ZJ . 5.97 12.04 -42.05
CBA CLA ZJ . 7.11 11.72 -43.02
CGA CLA ZJ . 8.11 12.83 -43.03
O1A CLA ZJ . 7.75 13.98 -42.88
O2A CLA ZJ . 9.53 12.57 -43.22
NB CLA ZJ . 4.26 12.82 -47.70
C1B CLA ZJ . 4.33 13.96 -47.06
C2B CLA ZJ . 4.42 15.18 -47.90
C3B CLA ZJ . 4.37 14.59 -49.24
C4B CLA ZJ . 4.26 13.13 -48.99
CMB CLA ZJ . 4.53 16.62 -47.49
CAB CLA ZJ . 4.38 15.28 -50.55
CBB CLA ZJ . 3.32 15.24 -51.32
NC CLA ZJ . 3.93 10.04 -48.72
C1C CLA ZJ . 4.12 10.69 -49.87
C2C CLA ZJ . 4.23 9.83 -51.06
C3C CLA ZJ . 4.09 8.48 -50.50
C4C CLA ZJ . 3.90 8.73 -49.05
CMC CLA ZJ . 4.44 10.23 -52.49
CAC CLA ZJ . 4.13 7.16 -51.20
CBC CLA ZJ . 2.70 7.01 -51.65
ND CLA ZJ . 4.01 9.07 -46.24
C1D CLA ZJ . 3.91 7.74 -46.75
C2D CLA ZJ . 3.97 6.66 -45.74
C3D CLA ZJ . 4.15 7.49 -44.52
C4D CLA ZJ . 4.18 8.81 -44.90
CMD CLA ZJ . 3.90 5.17 -45.73
CAD CLA ZJ . 4.33 7.45 -43.05
OBD CLA ZJ . 4.35 6.38 -42.36
CBD CLA ZJ . 4.45 8.81 -42.54
CGD CLA ZJ . 3.29 9.08 -41.65
O1D CLA ZJ . 2.20 9.33 -42.11
O2D CLA ZJ . 3.45 9.12 -40.21
CED CLA ZJ . 2.54 9.91 -39.46
C1 CLA ZJ . 10.41 13.56 -43.73
C2 CLA ZJ . 10.78 13.21 -45.15
MG CLA AK . 8.28 0.19 -42.11
CHA CLA AK . 10.36 -2.13 -40.67
CHB CLA AK . 10.98 1.92 -43.06
CHC CLA AK . 6.16 2.26 -43.66
CHD CLA AK . 5.43 -1.97 -41.18
NA CLA AK . 10.34 -0.06 -41.90
C1A CLA AK . 11.01 -1.02 -41.42
C2A CLA AK . 12.51 -0.93 -41.54
C3A CLA AK . 12.66 0.36 -42.33
C4A CLA AK . 11.23 0.77 -42.43
CMA CLA AK . 13.55 1.43 -41.71
CAA CLA AK . 13.15 -2.05 -42.35
CBA CLA AK . 14.61 -2.22 -41.97
CGA CLA AK . 14.90 -3.69 -41.81
O1A CLA AK . 15.19 -4.37 -42.77
O2A CLA AK . 14.85 -4.29 -40.49
NB CLA AK . 8.56 1.80 -43.31
C1B CLA AK . 9.67 2.52 -43.31
C2B CLA AK . 9.48 3.99 -43.51
C3B CLA AK . 8.02 4.06 -43.68
C4B CLA AK . 7.58 2.66 -43.55
CMB CLA AK . 10.50 5.09 -43.55
CAB CLA AK . 7.16 5.23 -43.93
CBB CLA AK . 7.37 6.02 -44.94
NC CLA AK . 6.25 0.08 -42.42
C1C CLA AK . 5.58 1.11 -42.95
C2C CLA AK . 4.11 1.05 -42.77
C3C CLA AK . 3.91 -0.21 -42.05
C4C CLA AK . 5.29 -0.70 -41.90
CMC CLA AK . 3.07 2.01 -43.22
CAC CLA AK . 2.62 -0.81 -41.57
CBC CLA AK . 2.14 -1.76 -42.63
ND CLA AK . 7.89 -1.60 -41.26
C1D CLA AK . 6.77 -2.34 -40.77
C2D CLA AK . 7.07 -3.43 -39.86
C3D CLA AK . 8.54 -3.32 -39.80
C4D CLA AK . 8.90 -2.26 -40.59
CMD CLA AK . 6.25 -4.42 -39.13
CAD CLA AK . 9.77 -3.90 -39.23
OBD CLA AK . 9.81 -4.89 -38.42
CBD CLA AK . 10.92 -3.13 -39.73
CGD CLA AK . 11.32 -2.39 -38.50
O1D CLA AK . 12.45 -2.02 -38.32
O2D CLA AK . 10.30 -2.13 -37.52
CED CLA AK . 10.71 -1.56 -36.30
C1 CLA AK . 15.26 -5.64 -40.27
C2 CLA AK . 14.17 -6.58 -40.72
C3 CLA AK . 13.22 -6.98 -39.88
C4 CLA AK . 13.18 -6.51 -38.45
C5 CLA AK . 12.16 -7.93 -40.38
C6 CLA AK . 11.37 -7.35 -41.55
C7 CLA AK . 10.00 -6.94 -41.04
C8 CLA AK . 8.85 -7.45 -41.89
C9 CLA AK . 9.09 -8.86 -42.41
C10 CLA AK . 8.60 -6.49 -43.04
C11 CLA AK . 7.19 -6.69 -43.60
C12 CLA AK . 6.15 -6.29 -42.57
C13 CLA AK . 4.96 -7.22 -42.58
C14 CLA AK . 5.36 -8.67 -42.39
C15 CLA AK . 4.25 -7.08 -43.91
C16 CLA AK . 2.87 -7.72 -43.90
C17 CLA AK . 2.73 -8.78 -44.98
C18 CLA AK . 1.75 -8.34 -46.03
C19 CLA AK . 1.10 -9.53 -46.74
C20 CLA AK . 2.40 -7.41 -47.04
MG CLA BK . 21.14 8.60 -51.23
CHA CLA BK . 23.61 9.99 -49.31
CHB CLA BK . 18.95 10.67 -49.75
CHC CLA BK . 18.88 7.65 -53.55
CHD CLA BK . 23.76 6.75 -53.05
NA CLA BK . 21.26 10.11 -49.83
C1A CLA BK . 22.22 10.48 -49.10
C2A CLA BK . 21.90 11.50 -48.06
C3A CLA BK . 20.42 11.64 -48.18
C4A CLA BK . 20.20 10.73 -49.34
CMA CLA BK . 19.81 11.00 -46.95
CAA CLA BK . 22.32 12.83 -48.70
CBA CLA BK . 21.88 14.10 -47.98
CGA CLA BK . 22.56 15.24 -48.69
O1A CLA BK . 23.69 15.09 -49.09
O2A CLA BK . 21.87 16.49 -48.96
NB CLA BK . 19.20 9.09 -51.58
C1B CLA BK . 18.44 9.91 -50.87
C2B CLA BK . 17.06 10.06 -51.33
C3B CLA BK . 17.04 9.14 -52.48
C4B CLA BK . 18.43 8.61 -52.54
CMB CLA BK . 15.95 10.90 -50.78
CAB CLA BK . 15.91 8.83 -53.37
CBB CLA BK . 15.43 9.75 -54.19
NC CLA BK . 21.30 7.42 -52.91
C1C CLA BK . 20.27 7.21 -53.74
C2C CLA BK . 20.63 6.46 -54.97
C3C CLA BK . 22.06 6.21 -54.81
C4C CLA BK . 22.36 6.83 -53.51
CMC CLA BK . 19.74 6.06 -56.10
CAC CLA BK . 23.01 5.49 -55.71
CBC CLA BK . 22.93 4.04 -55.31
ND CLA BK . 23.15 8.39 -51.29
C1D CLA BK . 24.15 7.61 -51.96
C2D CLA BK . 25.52 7.75 -51.44
C3D CLA BK . 25.27 8.73 -50.36
C4D CLA BK . 23.93 9.03 -50.36
CMD CLA BK . 26.86 7.18 -51.77
CAD CLA BK . 25.90 9.53 -49.29
OBD CLA BK . 27.12 9.50 -48.99
CBD CLA BK . 24.88 10.32 -48.60
CGD CLA BK . 24.82 9.81 -47.21
O1D CLA BK . 23.96 9.05 -46.84
O2D CLA BK . 25.80 10.25 -46.25
CED CLA BK . 25.94 9.46 -45.08
C1 CLA BK . 21.67 17.47 -47.94
C2 CLA BK . 20.32 18.10 -48.20
C3 CLA BK . 20.03 19.37 -47.90
C4 CLA BK . 21.06 20.22 -47.23
C5 CLA BK . 18.67 19.95 -48.19
C6 CLA BK . 18.23 20.00 -49.65
C7 CLA BK . 17.32 18.83 -50.03
C8 CLA BK . 16.04 19.25 -50.75
C9 CLA BK . 15.34 18.01 -51.31
C10 CLA BK . 16.33 20.23 -51.88
MG CLA CK . 25.70 12.16 -39.82
CHA CLA CK . 23.65 12.51 -42.59
CHB CLA CK . 22.93 12.11 -37.93
CHC CLA CK . 27.71 12.44 -37.15
CHD CLA CK . 28.60 12.72 -42.04
NA CLA CK . 23.67 12.33 -40.17
C1A CLA CK . 23.00 12.36 -41.26
C2A CLA CK . 21.50 12.27 -41.12
C3A CLA CK . 21.33 12.21 -39.62
C4A CLA CK . 22.74 12.21 -39.23
CMA CLA CK . 20.79 13.56 -39.18
CAA CLA CK . 20.96 10.95 -41.61
CBA CLA CK . 19.45 10.88 -41.41
CGA CLA CK . 18.94 9.74 -42.24
O1A CLA CK . 18.93 9.82 -43.44
O2A CLA CK . 18.45 8.53 -41.61
NB CLA CK . 25.36 12.29 -37.82
C1B CLA CK . 24.19 12.15 -37.23
C2B CLA CK . 24.24 12.02 -35.77
C3B CLA CK . 25.67 12.11 -35.50
C4B CLA CK . 26.28 12.28 -36.86
CMB CLA CK . 23.11 11.83 -34.79
CAB CLA CK . 26.25 12.03 -34.13
CBB CLA CK . 27.51 11.89 -33.83
NC CLA CK . 27.72 12.49 -39.67
C1C CLA CK . 28.32 12.61 -38.48
C2C CLA CK . 29.76 12.93 -38.56
C3C CLA CK . 30.02 13.02 -40.00
C4C CLA CK . 28.69 12.71 -40.57
CMC CLA CK . 30.69 13.13 -37.41
CAC CLA CK . 31.30 13.30 -40.75
CBC CLA CK . 31.43 14.79 -40.91
ND CLA CK . 26.14 12.56 -41.76
C1D CLA CK . 27.27 12.70 -42.62
C2D CLA CK . 26.98 12.82 -44.05
C3D CLA CK . 25.51 12.74 -44.00
C4D CLA CK . 25.13 12.59 -42.69
CMD CLA CK . 27.75 12.97 -45.32
CAD CLA CK . 24.31 12.75 -44.84
OBD CLA CK . 24.31 12.85 -46.12
CBD CLA CK . 23.12 12.59 -43.98
CGD CLA CK . 22.11 13.65 -44.22
O1D CLA CK . 21.07 13.38 -44.80
O2D CLA CK . 22.31 15.00 -43.75
CED CLA CK . 21.17 15.84 -43.66
C1 CLA CK . 17.41 7.80 -42.25
C2 CLA CK . 17.00 6.73 -41.27
C3 CLA CK . 17.36 5.46 -41.46
C4 CLA CK . 18.17 5.02 -42.64
C5 CLA CK . 16.92 4.44 -40.45
C6 CLA CK . 15.41 4.39 -40.40
C7 CLA CK . 14.87 4.86 -39.05
C8 CLA CK . 13.43 5.38 -39.08
C9 CLA CK . 12.68 5.16 -40.38
C10 CLA CK . 13.46 6.85 -38.73
C11 CLA CK . 12.05 7.38 -38.53
C12 CLA CK . 12.07 8.70 -37.78
C13 CLA CK . 11.80 8.49 -36.31
C14 CLA CK . 10.63 9.37 -35.88
C15 CLA CK . 13.10 8.72 -35.53
C16 CLA CK . 13.11 9.83 -34.50
C17 CLA CK . 14.23 9.58 -33.49
C18 CLA CK . 14.57 10.83 -32.68
C19 CLA CK . 13.39 11.29 -31.84
C20 CLA CK . 15.04 11.96 -33.59
MG CLA DK . 33.17 -6.78 -48.91
CHA CLA DK . 33.89 -9.09 -46.46
CHB CLA DK . 35.96 -5.12 -48.06
CHC CLA DK . 32.71 -4.89 -51.68
CHD CLA DK . 30.43 -9.00 -50.02
NA CLA DK . 34.70 -7.08 -47.56
C1A CLA DK . 34.78 -7.89 -46.56
C2A CLA DK . 35.84 -7.57 -45.52
C3A CLA DK . 36.45 -6.29 -46.07
C4A CLA DK . 35.64 -6.16 -47.31
CMA CLA DK . 36.09 -5.12 -45.17
CAA CLA DK . 37.02 -8.57 -45.37
CBA CLA DK . 38.06 -8.66 -46.49
CGA CLA DK . 37.51 -9.19 -47.80
O1A CLA DK . 37.20 -8.42 -48.68
O2A CLA DK . 37.38 -10.60 -48.08
NB CLA DK . 34.14 -5.19 -49.71
C1B CLA DK . 35.34 -4.76 -49.33
C2B CLA DK . 36.06 -3.91 -50.29
C3B CLA DK . 35.08 -3.85 -51.39
C4B CLA DK . 33.94 -4.68 -50.90
CMB CLA DK . 37.42 -3.29 -50.17
CAB CLA DK . 35.18 -3.14 -52.67
CBB CLA DK . 35.38 -1.84 -52.69
NC CLA DK . 31.88 -6.97 -50.51
C1C CLA DK . 31.78 -6.03 -51.48
C2C CLA DK . 30.61 -6.22 -52.40
C3C CLA DK . 29.97 -7.42 -51.88
C4C CLA DK . 30.84 -7.79 -50.74
CMC CLA DK . 30.17 -5.40 -53.57
CAC CLA DK . 28.74 -8.13 -52.39
CBC CLA DK . 29.25 -9.09 -53.43
ND CLA DK . 32.32 -8.57 -48.47
C1D CLA DK . 31.25 -9.42 -48.90
C2D CLA DK . 31.08 -10.68 -48.17
C3D CLA DK . 32.18 -10.54 -47.19
C4D CLA DK . 32.83 -9.35 -47.44
CMD CLA DK . 30.16 -11.85 -48.23
CAD CLA DK . 32.87 -11.18 -46.05
OBD CLA DK . 32.57 -12.31 -45.52
CBD CLA DK . 33.95 -10.30 -45.61
CGD CLA DK . 33.66 -10.00 -44.19
O1D CLA DK . 32.57 -9.59 -43.87
O2D CLA DK . 34.68 -10.25 -43.18
CED CLA DK . 34.27 -10.75 -41.91
C1 CLA DK . 36.78 -10.88 -49.34
C2 CLA DK . 36.17 -12.26 -49.39
C3 CLA DK . 36.81 -13.26 -50.03
C4 CLA DK . 38.15 -13.01 -50.68
C5 CLA DK . 36.17 -14.62 -50.09
C6 CLA DK . 37.15 -15.69 -50.58
C7 CLA DK . 36.57 -16.69 -51.57
C8 CLA DK . 36.21 -16.05 -52.90
C9 CLA DK . 35.56 -17.10 -53.80
C10 CLA DK . 37.43 -15.39 -53.53
C11 CLA DK . 38.31 -16.32 -54.35
C12 CLA DK . 38.46 -15.76 -55.76
C13 CLA DK . 39.62 -16.39 -56.52
C14 CLA DK . 39.62 -15.92 -57.97
C15 CLA DK . 39.55 -17.91 -56.47
C16 CLA DK . 40.93 -18.51 -56.22
C17 CLA DK . 41.23 -19.69 -57.14
C18 CLA DK . 40.44 -20.93 -56.78
C19 CLA DK . 40.56 -21.29 -55.30
C20 CLA DK . 40.92 -22.10 -57.63
MG CLA EK . 28.29 -4.91 -42.16
CHA CLA EK . 30.24 -4.50 -39.34
CHB CLA EK . 30.28 -7.46 -43.08
CHC CLA EK . 26.08 -5.56 -44.63
CHD CLA EK . 25.91 -2.47 -40.75
NA CLA EK . 29.94 -5.87 -41.34
C1A CLA EK . 30.68 -5.55 -40.33
C2A CLA EK . 32.00 -6.28 -40.23
C3A CLA EK . 31.95 -7.18 -41.44
C4A CLA EK . 30.62 -6.80 -41.99
CMA CLA EK . 33.00 -6.67 -42.42
CAA CLA EK . 32.20 -7.16 -38.98
CBA CLA EK . 31.38 -8.44 -38.93
CGA CLA EK . 30.37 -8.44 -37.80
O1A CLA EK . 29.80 -9.48 -37.53
O2A CLA EK . 30.04 -7.26 -37.04
NB CLA EK . 28.23 -6.28 -43.67
C1B CLA EK . 29.03 -7.32 -43.84
C2B CLA EK . 28.57 -8.33 -44.82
C3B CLA EK . 27.30 -7.74 -45.27
C4B CLA EK . 27.21 -6.48 -44.49
CMB CLA EK . 29.21 -9.61 -45.26
CAB CLA EK . 26.34 -8.26 -46.27
CBB CLA EK . 26.64 -8.30 -47.56
NC CLA EK . 26.41 -4.18 -42.56
C1C CLA EK . 25.70 -4.55 -43.64
C2C CLA EK . 24.41 -3.84 -43.81
C3C CLA EK . 24.37 -2.93 -42.66
C4C CLA EK . 25.65 -3.23 -41.97
CMC CLA EK . 23.37 -3.99 -44.88
CAC CLA EK . 23.30 -1.94 -42.29
CBC CLA EK . 22.30 -2.69 -41.44
ND CLA EK . 28.02 -3.80 -40.51
C1D CLA EK . 27.11 -2.81 -40.01
C2D CLA EK . 27.50 -2.18 -38.74
C3D CLA EK . 28.78 -2.88 -38.48
C4D CLA EK . 28.98 -3.77 -39.50
CMD CLA EK . 26.89 -1.14 -37.87
CAD CLA EK . 29.89 -3.00 -37.52
OBD CLA EK . 30.03 -2.34 -36.44
CBD CLA EK . 30.82 -4.03 -38.05
CGD CLA EK . 32.21 -3.53 -38.16
O1D CLA EK . 32.58 -2.91 -39.13
O2D CLA EK . 33.16 -3.87 -37.12
CED CLA EK . 34.47 -4.26 -37.50
C1 CLA EK . 28.99 -7.38 -36.07
C2 CLA EK . 28.04 -6.19 -36.12
C3 CLA EK . 28.24 -5.11 -35.35
C4 CLA EK . 29.44 -5.03 -34.45
C5 CLA EK . 27.28 -3.94 -35.40
C6 CLA EK . 25.80 -4.27 -35.34
C7 CLA EK . 25.00 -3.07 -34.87
C8 CLA EK . 23.88 -2.74 -35.84
C9 CLA EK . 23.47 -1.28 -35.74
C10 CLA EK . 22.67 -3.63 -35.55
C11 CLA EK . 21.59 -3.37 -36.57
C12 CLA EK . 20.72 -4.59 -36.79
C13 CLA EK . 19.35 -4.19 -37.34
C14 CLA EK . 18.43 -5.40 -37.35
C15 CLA EK . 19.50 -3.61 -38.74
C16 CLA EK . 18.98 -2.18 -38.87
C17 CLA EK . 17.47 -2.06 -39.07
C18 CLA EK . 17.09 -0.59 -39.23
C19 CLA EK . 15.63 -0.33 -38.91
C20 CLA EK . 17.37 -0.10 -40.65
MG CLA FK . 15.67 -8.68 -55.49
CHA CLA FK . 14.27 -10.29 -58.22
CHB CLA FK . 14.31 -11.02 -53.50
CHC CLA FK . 17.58 -7.46 -52.97
CHD CLA FK . 17.43 -6.46 -57.83
NA CLA FK . 14.54 -10.39 -55.80
C1A CLA FK . 14.01 -10.87 -56.86
C2A CLA FK . 13.08 -12.05 -56.65
C3A CLA FK . 13.11 -12.22 -55.16
C4A CLA FK . 14.07 -11.13 -54.80
CMA CLA FK . 11.77 -11.78 -54.62
CAA CLA FK . 13.57 -13.37 -57.25
CBA CLA FK . 15.04 -13.64 -57.00
CGA CLA FK . 15.45 -14.91 -57.67
O1A CLA FK . 14.74 -15.90 -57.64
O2A CLA FK . 16.71 -14.97 -58.40
NB CLA FK . 15.94 -9.20 -53.55
C1B CLA FK . 15.20 -10.05 -52.87
C2B CLA FK . 15.35 -9.99 -51.41
C3B CLA FK . 16.35 -8.91 -51.23
C4B CLA FK . 16.63 -8.51 -52.63
CMB CLA FK . 14.62 -10.84 -50.44
CAB CLA FK . 16.98 -8.27 -50.05
CBB CLA FK . 16.94 -8.78 -48.83
NC CLA FK . 17.10 -7.19 -55.43
C1C CLA FK . 17.87 -7.01 -54.34
C2C CLA FK . 19.13 -6.28 -54.58
C3C CLA FK . 19.07 -5.99 -56.01
C4C CLA FK . 17.79 -6.58 -56.41
CMC CLA FK . 20.19 -5.94 -53.58
CAC CLA FK . 20.07 -5.27 -56.88
CBC CLA FK . 21.03 -6.32 -57.40
ND CLA FK . 15.90 -8.39 -57.48
C1D CLA FK . 16.54 -7.46 -58.36
C2D CLA FK . 16.21 -7.63 -59.78
C3D CLA FK . 15.29 -8.78 -59.71
C4D CLA FK . 15.18 -9.15 -58.38
CMD CLA FK . 16.62 -6.91 -61.04
CAD CLA FK . 14.44 -9.70 -60.49
OBD CLA FK . 14.30 -9.66 -61.76
CBD CLA FK . 13.78 -10.65 -59.58
CGD CLA FK . 12.30 -10.56 -59.77
O1D CLA FK . 11.81 -10.77 -60.86
O2D CLA FK . 11.38 -10.24 -58.71
CED CLA FK . 10.03 -10.68 -58.80
C1 CLA FK . 17.36 -16.22 -58.55
C2 CLA FK . 18.81 -16.14 -58.14
C3 CLA FK . 19.77 -15.79 -59.01
C4 CLA FK . 19.44 -15.46 -60.44
C5 CLA FK . 21.20 -15.74 -58.56
C6 CLA FK . 22.02 -14.65 -59.24
C7 CLA FK . 23.46 -14.74 -58.77
C8 CLA FK . 24.29 -13.59 -59.29
C9 CLA FK . 24.29 -13.54 -60.81
C10 CLA FK . 25.71 -13.75 -58.75
C11 CLA FK . 25.75 -13.60 -57.25
C12 CLA FK . 26.90 -12.70 -56.82
C13 CLA FK . 27.91 -13.43 -55.96
C14 CLA FK . 27.93 -12.86 -54.55
C15 CLA FK . 29.30 -13.34 -56.59
C16 CLA FK . 30.07 -14.64 -56.44
C17 CLA FK . 30.45 -15.21 -57.79
C18 CLA FK . 30.59 -16.73 -57.72
C19 CLA FK . 31.14 -17.32 -59.00
C20 CLA FK . 29.26 -17.38 -57.35
MG CLA GK . 5.00 16.61 -57.50
CHA CLA GK . 1.71 17.29 -56.75
CHB CLA GK . 5.05 19.43 -59.36
CHC CLA GK . 8.34 16.18 -57.82
CHD CLA GK . 4.91 13.89 -55.02
NA CLA GK . 3.65 18.12 -57.94
C1A CLA GK . 2.41 18.26 -57.64
C2A CLA GK . 1.69 19.43 -58.26
C3A CLA GK . 2.77 20.04 -59.09
C4A CLA GK . 3.90 19.12 -58.77
CMA CLA GK . 2.44 19.89 -60.56
CAA CLA GK . 1.31 20.51 -57.24
CBA CLA GK . 2.31 20.67 -56.09
CGA CLA GK . 2.87 22.08 -56.09
O1A CLA GK . 3.02 22.67 -57.13
O2A CLA GK . 3.23 22.80 -54.87
NB CLA GK . 6.46 17.66 -58.45
C1B CLA GK . 6.32 18.73 -59.21
C2B CLA GK . 7.55 19.22 -59.85
C3B CLA GK . 8.53 18.23 -59.38
C4B CLA GK . 7.75 17.32 -58.51
CMB CLA GK . 7.78 20.39 -60.75
CAB CLA GK . 9.97 18.17 -59.65
CBB CLA GK . 10.77 18.74 -58.78
NC CLA GK . 6.32 15.33 -56.59
C1C CLA GK . 7.62 15.28 -56.90
C2C CLA GK . 8.39 14.22 -56.20
C3C CLA GK . 7.37 13.55 -55.38
C4C CLA GK . 6.15 14.31 -55.70
CMC CLA GK . 9.85 13.87 -56.29
CAC CLA GK . 7.56 12.38 -54.45
CBC CLA GK . 7.83 12.98 -53.09
ND CLA GK . 3.76 15.79 -56.14
C1D CLA GK . 3.69 14.65 -55.30
C2D CLA GK . 2.36 14.31 -54.78
C3D CLA GK . 1.57 15.40 -55.39
C4D CLA GK . 2.43 16.18 -56.13
CMD CLA GK . 1.78 13.25 -53.89
CAD CLA GK . 0.22 15.97 -55.52
OBD CLA GK . -0.83 15.51 -54.97
CBD CLA GK . 0.28 17.16 -56.39
CGD CLA GK . -0.54 16.83 -57.61
O1D CLA GK . -1.30 17.65 -58.07
O2D CLA GK . -0.44 15.55 -58.25
CED CLA GK . -0.97 15.41 -59.56
C1 CLA GK . 4.36 23.67 -54.94
C2 CLA GK . 4.90 23.99 -53.57
C3 CLA GK . 5.79 24.99 -53.38
C4 CLA GK . 6.28 25.82 -54.52
C5 CLA GK . 6.30 25.27 -51.99
MG CLA HK . 9.61 23.84 -63.05
CHA CLA HK . 6.18 23.56 -63.11
CHB CLA HK . 9.57 24.02 -66.41
CHC CLA HK . 12.89 24.51 -62.90
CHD CLA HK . 9.43 24.02 -59.36
NA CLA HK . 8.15 23.83 -64.50
C1A CLA HK . 6.89 23.67 -64.43
C2A CLA HK . 6.14 23.63 -65.73
C3A CLA HK . 7.24 23.73 -66.73
C4A CLA HK . 8.39 23.87 -65.81
CMA CLA HK . 7.39 22.37 -67.39
CAA CLA HK . 5.43 24.96 -65.93
CBA CLA HK . 3.96 24.77 -66.23
CGA CLA HK . 3.35 26.12 -66.50
O1A CLA HK . 2.99 26.43 -67.62
O2A CLA HK . 3.20 27.08 -65.43
NB CLA HK . 11.02 24.25 -64.46
C1B CLA HK . 10.87 24.18 -65.77
C2B CLA HK . 12.11 24.30 -66.56
C3B CLA HK . 13.11 24.43 -65.50
C4B CLA HK . 12.31 24.40 -64.24
CMB CLA HK . 12.28 24.26 -68.04
CAB CLA HK . 14.57 24.61 -65.65
CBB CLA HK . 15.19 25.62 -65.13
NC CLA HK . 10.84 24.27 -61.47
C1C CLA HK . 12.17 24.35 -61.63
C2C CLA HK . 12.96 24.29 -60.38
C3C CLA HK . 11.93 24.14 -59.35
C4C CLA HK . 10.67 24.15 -60.13
CMC CLA HK . 14.45 24.34 -60.20
CAC CLA HK . 12.11 24.02 -57.87
CBC CLA HK . 12.23 22.53 -57.60
ND CLA HK . 8.24 23.86 -61.55
C1D CLA HK . 8.19 23.83 -60.13
C2D CLA HK . 6.86 23.60 -59.54
C3D CLA HK . 6.06 23.47 -60.77
C4D CLA HK . 6.91 23.64 -61.85
CMD CLA HK . 6.29 23.47 -58.15
CAD CLA HK . 4.70 23.26 -61.33
OBD CLA HK . 3.65 23.07 -60.61
CBD CLA HK . 4.75 23.28 -62.80
CGD CLA HK . 4.40 21.91 -63.27
O1D CLA HK . 5.29 21.10 -63.47
O2D CLA HK . 3.02 21.53 -63.50
CED CLA HK . 2.73 20.33 -64.22
C1 CLA HK . 3.73 28.39 -65.61
C2 CLA HK . 4.93 28.59 -64.71
C3 CLA HK . 5.79 29.61 -64.88
C4 CLA HK . 5.61 30.57 -66.02
C5 CLA HK . 6.98 29.78 -63.97
C6 CLA HK . 7.44 31.23 -63.80
C7 CLA HK . 6.87 31.82 -62.52
C8 CLA HK . 7.92 32.60 -61.73
C9 CLA HK . 8.45 33.78 -62.52
C10 CLA HK . 9.06 31.69 -61.29
C11 CLA HK . 9.91 32.36 -60.22
C12 CLA HK . 10.56 31.35 -59.29
C13 CLA HK . 11.70 31.96 -58.47
C14 CLA HK . 11.17 32.99 -57.49
C15 CLA HK . 12.74 32.54 -59.42
C16 CLA HK . 14.14 32.67 -58.79
C17 CLA HK . 15.21 32.59 -59.86
C18 CLA HK . 16.60 32.98 -59.34
C19 CLA HK . 16.96 32.25 -58.06
C20 CLA HK . 16.72 34.50 -59.17
MG CLA IK . 24.92 27.80 -66.41
CHA CLA IK . 22.47 26.08 -68.10
CHB CLA IK . 26.98 27.25 -69.02
CHC CLA IK . 27.13 29.78 -64.86
CHD CLA IK . 22.37 28.75 -63.90
NA CLA IK . 24.75 26.89 -68.25
C1A CLA IK . 23.81 26.18 -68.75
C2A CLA IK . 24.13 25.43 -70.02
C3A CLA IK . 25.57 25.80 -70.23
C4A CLA IK . 25.76 26.72 -69.09
CMA CLA IK . 26.31 24.55 -69.83
CAA CLA IK . 23.42 25.91 -71.30
CBA CLA IK . 23.65 24.92 -72.43
CGA CLA IK . 22.53 23.89 -72.50
O1A CLA IK . 21.87 23.61 -71.52
O2A CLA IK . 22.19 23.24 -73.74
NB CLA IK . 26.80 28.40 -66.87
C1B CLA IK . 27.47 28.16 -67.99
C2B CLA IK . 28.77 28.86 -68.11
C3B CLA IK . 28.81 29.64 -66.85
C4B CLA IK . 27.54 29.26 -66.17
CMB CLA IK . 29.78 28.82 -69.22
CAB CLA IK . 29.86 30.55 -66.37
CBB CLA IK . 29.59 31.80 -66.07
NC CLA IK . 24.74 29.05 -64.78
C1C CLA IK . 25.80 29.67 -64.26
C2C CLA IK . 25.58 30.28 -62.93
C3C CLA IK . 24.18 29.97 -62.65
C4C CLA IK . 23.77 29.22 -63.86
CMC CLA IK . 26.58 31.02 -62.07
CAC CLA IK . 23.34 30.32 -61.46
CBC CLA IK . 23.58 29.22 -60.46
ND CLA IK . 22.93 27.59 -66.03
C1D CLA IK . 21.97 27.89 -65.01
C2D CLA IK . 20.64 27.27 -65.18
C3D CLA IK . 20.87 26.54 -66.45
C4D CLA IK . 22.16 26.80 -66.85
CMD CLA IK . 19.32 27.26 -64.46
CAD CLA IK . 20.25 25.68 -67.47
OBD CLA IK . 19.06 25.21 -67.46
CBD CLA IK . 21.24 25.36 -68.50
CGD CLA IK . 21.48 23.90 -68.38
O1D CLA IK . 22.50 23.45 -67.88
O2D CLA IK . 20.43 23.02 -68.85
CED CLA IK . 20.52 21.63 -68.61
C1 CLA IK . 21.33 22.10 -73.69
C2 CLA IK . 22.03 20.87 -74.25
C3 CLA IK . 21.73 20.39 -75.46
C4 CLA IK . 20.69 21.06 -76.31
C5 CLA IK . 22.46 19.18 -75.98
C6 CLA IK . 23.62 19.60 -76.87
C7 CLA IK . 23.88 18.56 -77.95
C8 CLA IK . 24.50 19.13 -79.21
C9 CLA IK . 25.97 19.46 -79.00
C10 CLA IK . 23.69 20.34 -79.69
C11 CLA IK . 23.66 20.50 -81.20
C12 CLA IK . 23.29 19.19 -81.88
C13 CLA IK . 22.42 19.44 -83.11
C14 CLA IK . 20.95 19.16 -82.81
C15 CLA IK . 22.92 18.56 -84.25
C16 CLA IK . 22.16 18.82 -85.55
C17 CLA IK . 22.77 18.04 -86.69
C18 CLA IK . 21.74 17.17 -87.39
C19 CLA IK . 22.40 16.34 -88.48
C20 CLA IK . 20.60 18.01 -87.95
MG CLA JK . 34.88 27.05 -69.75
CHA CLA JK . 36.14 30.15 -70.56
CHB CLA JK . 32.96 28.55 -67.40
CHC CLA JK . 33.33 24.10 -69.30
CHD CLA JK . 36.54 25.68 -72.75
NA CLA JK . 34.55 29.01 -69.12
C1A CLA JK . 35.15 30.10 -69.45
C2A CLA JK . 34.80 31.32 -68.63
C3A CLA JK . 33.82 30.76 -67.63
C4A CLA JK . 33.79 29.34 -68.08
CMA CLA JK . 34.47 30.78 -66.25
CAA CLA JK . 34.00 32.37 -69.42
CBA CLA JK . 32.90 31.80 -70.30
CGA CLA JK . 31.85 32.86 -70.55
O1A CLA JK . 32.11 34.03 -70.37
O2A CLA JK . 30.52 32.50 -71.01
NB CLA JK . 33.38 26.42 -68.52
C1B CLA JK . 32.69 27.15 -67.64
C2B CLA JK . 31.60 26.42 -66.94
C3B CLA JK . 31.73 25.07 -67.52
C4B CLA JK . 32.85 25.21 -68.47
CMB CLA JK . 30.63 26.90 -65.90
CAB CLA JK . 30.91 23.87 -67.23
CBB CLA JK . 30.19 23.35 -68.19
NC CLA JK . 35.00 25.27 -70.76
C1C CLA JK . 34.18 24.25 -70.48
C2C CLA JK . 34.11 23.18 -71.50
C3C CLA JK . 35.07 23.64 -72.51
C4C CLA JK . 35.56 24.93 -71.95
CMC CLA JK . 33.27 21.93 -71.46
CAC CLA JK . 35.47 23.03 -73.83
CBC CLA JK . 36.28 21.79 -73.60
ND CLA JK . 35.99 27.67 -71.33
C1D CLA JK . 36.74 27.09 -72.41
C2D CLA JK . 37.67 28.01 -73.10
C3D CLA JK . 37.41 29.25 -72.32
C4D CLA JK . 36.46 28.97 -71.36
CMD CLA JK . 38.64 27.95 -74.23
CAD CLA JK . 37.76 30.68 -72.19
OBD CLA JK . 38.63 31.28 -72.92
CBD CLA JK . 37.04 31.26 -71.03
CGD CLA JK . 38.13 31.38 -69.99
O1D CLA JK . 39.20 31.93 -70.23
O2D CLA JK . 38.00 30.86 -68.65
CED CLA JK . 38.39 31.68 -67.56
C1 CLA JK . 29.50 33.49 -71.01
C2 CLA JK . 28.29 33.05 -70.22
C3 CLA JK . 27.04 33.09 -70.73
C4 CLA JK . 26.80 33.60 -72.12
C5 CLA JK . 25.87 32.64 -69.90
C6 CLA JK . 26.23 31.83 -68.66
C7 CLA JK . 25.03 31.06 -68.12
C8 CLA JK . 23.93 31.97 -67.60
C9 CLA JK . 24.44 32.87 -66.48
C10 CLA JK . 22.79 31.12 -67.08
C11 CLA JK . 21.65 32.01 -66.60
C12 CLA JK . 20.58 31.19 -65.89
C13 CLA JK . 19.96 32.01 -64.77
C14 CLA JK . 20.96 32.22 -63.64
C15 CLA JK . 18.71 31.32 -64.25
C16 CLA JK . 17.45 32.03 -64.71
C17 CLA JK . 17.43 33.47 -64.24
C18 CLA JK . 16.06 33.86 -63.70
C19 CLA JK . 14.99 33.77 -64.79
C20 CLA JK . 16.10 35.25 -63.10
MG CLA KK . 24.72 19.78 -36.84
CHA CLA KK . 25.12 18.96 -33.50
CHB CLA KK . 25.40 16.57 -37.62
CHC CLA KK . 23.80 20.50 -40.01
CHD CLA KK . 23.42 23.06 -35.77
NA CLA KK . 25.13 18.06 -35.76
C1A CLA KK . 25.35 17.89 -34.52
C2A CLA KK . 25.84 16.51 -34.10
C3A CLA KK . 25.96 15.83 -35.44
C4A CLA KK . 25.47 16.91 -36.33
CMA CLA KK . 27.45 15.66 -35.70
CAA CLA KK . 24.76 15.70 -33.37
CBA CLA KK . 23.33 15.99 -33.83
CGA CLA KK . 22.34 15.00 -33.26
O1A CLA KK . 22.69 14.18 -32.45
O2A CLA KK . 20.94 15.02 -33.70
NB CLA KK . 24.65 18.70 -38.56
C1B CLA KK . 24.92 17.41 -38.71
C2B CLA KK . 24.62 16.85 -40.04
C3B CLA KK . 24.13 18.04 -40.77
C4B CLA KK . 24.21 19.11 -39.74
CMB CLA KK . 24.78 15.46 -40.54
CAB CLA KK . 23.70 18.14 -42.17
CBB CLA KK . 24.33 18.92 -43.02
NC CLA KK . 23.86 21.45 -37.68
C1C CLA KK . 23.48 21.48 -38.98
C2C CLA KK . 22.65 22.64 -39.37
C3C CLA KK . 22.53 23.40 -38.11
C4C CLA KK . 23.32 22.57 -37.16
CMC CLA KK . 22.06 22.96 -40.70
CAC CLA KK . 21.80 24.69 -37.88
CBC CLA KK . 20.41 24.28 -37.43
ND CLA KK . 24.28 20.80 -35.15
C1D CLA KK . 23.86 22.11 -34.76
C2D CLA KK . 23.93 22.40 -33.30
C3D CLA KK . 24.45 21.10 -32.82
C4D CLA KK . 24.60 20.27 -33.92
CMD CLA KK . 23.64 23.57 -32.42
CAD CLA KK . 24.85 20.34 -31.62
OBD CLA KK . 24.84 20.78 -30.42
CBD CLA KK . 25.27 18.99 -32.02
CGD CLA KK . 26.66 18.74 -31.54
O1D CLA KK . 27.59 18.67 -32.31
O2D CLA KK . 26.89 18.53 -30.12
CED CLA KK . 27.82 17.53 -29.69
C1 CLA KK . 20.16 13.83 -33.65
C2 CLA KK . 19.79 13.38 -35.05
C3 CLA KK . 19.10 12.25 -35.27
C4 CLA KK . 18.69 11.37 -34.13
C5 CLA KK . 18.74 11.83 -36.67
C6 CLA KK . 17.39 11.13 -36.78
C7 CLA KK . 16.36 12.03 -37.44
C8 CLA KK . 15.91 11.46 -38.78
C9 CLA KK . 14.38 11.51 -38.90
MG CLA LK . 21.63 22.03 -26.97
CHA CLA LK . 21.80 19.65 -24.51
CHB CLA LK . 21.33 19.54 -29.24
CHC CLA LK . 21.00 24.38 -29.30
CHD CLA LK . 21.31 24.59 -24.35
NA CLA LK . 21.52 19.96 -26.90
C1A CLA LK . 21.69 19.16 -25.92
C2A CLA LK . 21.77 17.69 -26.27
C3A CLA LK . 21.66 17.71 -27.78
C4A CLA LK . 21.50 19.17 -27.98
CMA CLA LK . 22.97 17.24 -28.42
CAA CLA LK . 20.58 16.87 -25.74
CBA CLA LK . 19.27 16.81 -26.54
CGA CLA LK . 18.27 17.84 -26.08
O1A CLA LK . 18.31 18.98 -26.50
O2A CLA LK . 17.21 17.47 -25.16
NB CLA LK . 21.28 21.97 -28.98
C1B CLA LK . 21.11 20.89 -29.72
C2B CLA LK . 20.56 21.12 -31.07
C3B CLA LK . 20.46 22.59 -31.10
C4B CLA LK . 20.94 22.99 -29.75
CMB CLA LK . 20.23 20.10 -32.12
CAB CLA LK . 19.99 23.44 -32.21
CBB CLA LK . 18.96 24.26 -32.06
NC CLA LK . 21.30 24.06 -26.84
C1C CLA LK . 20.95 24.81 -27.90
C2C CLA LK . 20.47 26.17 -27.58
C3C CLA LK . 20.56 26.22 -26.11
C4C CLA LK . 21.08 24.88 -25.78
CMC CLA LK . 19.99 27.22 -28.53
CAC CLA LK . 20.21 27.35 -25.18
CBC CLA LK . 18.78 27.12 -24.72
ND CLA LK . 21.49 22.19 -24.96
C1D CLA LK . 21.49 23.20 -23.94
C2D CLA LK . 21.70 22.74 -22.56
C3D CLA LK . 21.83 21.28 -22.81
C4D CLA LK . 21.70 21.07 -24.18
CMD CLA LK . 21.79 23.37 -21.19
CAD CLA LK . 22.03 19.96 -22.18
OBD CLA LK . 22.21 19.76 -20.93
CBD CLA LK . 22.04 18.94 -23.23
CGD CLA LK . 23.43 18.38 -23.22
O1D CLA LK . 23.81 17.77 -22.26
O2D CLA LK . 24.32 18.51 -24.35
CED CLA LK . 25.18 17.40 -24.60
MG CLA MK . 30.30 14.84 -47.77
CHA CLA MK . 29.86 17.32 -45.43
CHB CLA MK . 27.09 15.24 -48.67
CHC CLA MK . 30.58 11.98 -49.52
CHD CLA MK . 33.74 14.37 -46.52
NA CLA MK . 28.74 16.03 -47.14
C1A CLA MK . 28.70 16.99 -46.31
C2A CLA MK . 27.40 17.76 -46.22
C3A CLA MK . 26.56 17.05 -47.24
C4A CLA MK . 27.54 16.04 -47.72
CMA CLA MK . 25.41 16.31 -46.56
CAA CLA MK . 27.49 19.19 -46.72
CBA CLA MK . 26.92 20.14 -45.67
CGA CLA MK . 25.53 20.58 -46.04
O1A CLA MK . 24.78 19.84 -46.64
O2A CLA MK . 25.07 21.90 -45.66
NB CLA MK . 28.99 13.74 -48.87
C1B CLA MK . 27.81 14.14 -49.31
C2B CLA MK . 27.26 13.39 -50.45
C3B CLA MK . 28.35 12.41 -50.68
C4B CLA MK . 29.33 12.73 -49.63
CMB CLA MK . 25.96 13.63 -51.15
CAB CLA MK . 28.55 11.33 -51.64
CBB CLA MK . 27.55 10.61 -52.08
NC CLA MK . 31.81 13.44 -47.89
C1C CLA MK . 31.77 12.42 -48.77
C2C CLA MK . 33.04 11.72 -49.01
C3C CLA MK . 33.97 12.43 -48.12
C4C CLA MK . 33.10 13.47 -47.49
CMC CLA MK . 33.30 10.57 -49.94
CAC CLA MK . 35.45 12.20 -47.93
CBC CLA MK . 35.61 11.34 -46.70
ND CLA MK . 31.57 15.56 -46.37
C1D CLA MK . 32.89 15.38 -45.89
C2D CLA MK . 33.31 16.27 -44.79
C3D CLA MK . 32.05 17.04 -44.63
C4D CLA MK . 31.13 16.58 -45.54
CMD CLA MK . 34.52 16.51 -43.95
CAD CLA MK . 31.40 18.12 -43.87
OBD CLA MK . 31.96 18.77 -42.91
CBD CLA MK . 30.03 18.31 -44.34
CGD CLA MK . 29.16 17.96 -43.19
O1D CLA MK . 28.98 18.74 -42.29
O2D CLA MK . 28.55 16.65 -43.09
CED CLA MK . 28.13 16.27 -41.80
C1 CLA MK . 23.78 22.05 -45.08
C2 CLA MK . 22.92 22.98 -45.89
C3 CLA MK . 22.45 24.12 -45.40
C4 CLA MK . 22.76 24.54 -44.00
C5 CLA MK . 21.58 25.00 -46.26
C6 CLA MK . 20.14 24.52 -46.25
MG CLA NK . 25.27 22.72 -54.43
CHA CLA NK . 26.84 22.20 -51.40
CHB CLA NK . 23.91 19.67 -54.15
CHC CLA NK . 23.32 23.52 -57.04
CHD CLA NK . 26.49 26.19 -54.33
NA CLA NK . 25.32 21.21 -53.01
C1A CLA NK . 26.01 21.09 -51.95
C2A CLA NK . 25.87 19.78 -51.22
C3A CLA NK . 24.98 18.98 -52.14
C4A CLA NK . 24.74 20.03 -53.18
CMA CLA NK . 25.76 17.84 -52.75
CAA CLA NK . 25.07 19.94 -49.92
CBA CLA NK . 23.68 20.57 -49.97
CGA CLA NK . 23.60 22.08 -50.00
O1A CLA NK . 23.64 22.72 -48.97
O2A CLA NK . 23.48 22.81 -51.24
NB CLA NK . 23.82 21.73 -55.44
C1B CLA NK . 23.44 20.48 -55.27
C2B CLA NK . 22.45 19.98 -56.22
C3B CLA NK . 22.25 21.14 -57.09
C4B CLA NK . 23.16 22.16 -56.50
CMB CLA NK . 21.81 18.63 -56.29
CAB CLA NK . 21.35 21.19 -58.28
CBB CLA NK . 20.59 22.23 -58.55
NC CLA NK . 25.01 24.48 -55.47
C1C CLA NK . 24.11 24.60 -56.44
C2C CLA NK . 23.90 25.97 -56.93
C3C CLA NK . 24.85 26.76 -56.13
C4C CLA NK . 25.48 25.72 -55.28
CMC CLA NK . 22.95 26.43 -58.00
CAC CLA NK . 25.12 28.24 -56.16
CBC CLA NK . 24.22 28.90 -55.13
ND CLA NK . 26.34 23.97 -53.24
C1D CLA NK . 26.85 25.30 -53.24
C2D CLA NK . 27.76 25.64 -52.13
C3D CLA NK . 27.74 24.37 -51.38
C4D CLA NK . 26.92 23.49 -52.08
CMD CLA NK . 28.53 26.85 -51.72
CAD CLA NK . 28.24 23.66 -50.19
OBD CLA NK . 29.03 24.13 -49.31
CBD CLA NK . 27.71 22.30 -50.19
CGD CLA NK . 28.83 21.32 -50.19
O1D CLA NK . 28.72 20.26 -49.60
O2D CLA NK . 30.08 21.59 -50.84
CED CLA NK . 31.08 20.60 -50.70
C1 CLA NK . 22.72 24.02 -51.29
C2 CLA NK . 22.12 24.20 -52.66
C3 CLA NK . 21.55 25.35 -53.07
C4 CLA NK . 21.48 26.53 -52.15
C5 CLA NK . 20.98 25.46 -54.46
C6 CLA NK . 19.67 24.72 -54.63
C7 CLA NK . 18.83 25.30 -55.76
C8 CLA NK . 17.95 26.43 -55.26
C9 CLA NK . 17.01 25.96 -54.15
C10 CLA NK . 17.14 27.00 -56.42
C11 CLA NK . 16.28 28.18 -55.99
MG CLA OK . 17.25 16.56 -55.73
CHA CLA OK . 19.44 16.36 -53.08
CHB CLA OK . 16.32 13.39 -55.09
CHC CLA OK . 15.00 16.88 -58.18
CHD CLA OK . 17.80 20.21 -55.77
NA CLA OK . 17.74 15.14 -54.30
C1A CLA OK . 18.66 15.13 -53.43
C2A CLA OK . 18.92 13.82 -52.72
C3A CLA OK . 17.94 12.91 -53.42
C4A CLA OK . 17.30 13.89 -54.34
CMA CLA OK . 18.69 11.88 -54.24
CAA CLA OK . 18.46 13.82 -51.27
CBA CLA OK . 17.27 14.71 -50.94
CGA CLA OK . 16.90 14.47 -49.51
O1A CLA OK . 15.79 14.04 -49.22
O2A CLA OK . 17.84 14.75 -48.45
NB CLA OK . 15.88 15.29 -56.54
C1B CLA OK . 15.54 14.09 -56.09
C2B CLA OK . 14.34 13.50 -56.72
C3B CLA OK . 13.95 14.57 -57.66
C4B CLA OK . 14.97 15.61 -57.46
CMB CLA OK . 13.66 12.19 -56.49
CAB CLA OK . 12.79 14.55 -58.58
CBB CLA OK . 11.92 15.53 -58.68
NC CLA OK . 16.56 18.20 -56.75
C1C CLA OK . 15.64 18.11 -57.71
C2C CLA OK . 15.24 19.39 -58.33
C3C CLA OK . 16.07 20.37 -57.61
C4C CLA OK . 16.85 19.52 -56.67
CMC CLA OK . 14.24 19.62 -59.41
CAC CLA OK . 16.12 21.85 -57.78
CBC CLA OK . 17.07 22.04 -58.93
ND CLA OK . 18.24 18.00 -54.71
C1D CLA OK . 18.54 19.39 -54.82
C2D CLA OK . 19.61 19.89 -53.94
C3D CLA OK . 19.96 18.63 -53.25
C4D CLA OK . 19.14 17.63 -53.75
CMD CLA OK . 20.30 21.18 -53.65
CAD CLA OK . 20.82 18.03 -52.23
OBD CLA OK . 21.70 18.64 -51.57
CBD CLA OK . 20.54 16.60 -52.10
CGD CLA OK . 21.79 15.84 -52.41
O1D CLA OK . 22.77 15.99 -51.72
O2D CLA OK . 21.90 14.92 -53.51
CED CLA OK . 22.97 13.98 -53.48
C1 CLA OK . 17.53 14.24 -47.16
C2 CLA OK . 17.55 15.33 -46.12
C3 CLA OK . 16.47 16.06 -45.81
C4 CLA OK . 15.15 15.84 -46.48
C5 CLA OK . 16.61 17.11 -44.74
C6 CLA OK . 17.35 18.34 -45.22
C7 CLA OK . 18.79 18.48 -44.68
C8 CLA OK . 19.06 19.44 -43.51
C9 CLA OK . 18.59 18.87 -42.17
C10 CLA OK . 18.61 20.89 -43.75
C11 CLA OK . 17.24 21.26 -43.17
C12 CLA OK . 17.28 22.36 -42.11
C13 CLA OK . 16.72 21.90 -40.76
C14 CLA OK . 15.57 20.89 -40.87
C15 CLA OK . 16.31 23.14 -39.96
C16 CLA OK . 14.93 23.67 -40.33
C17 CLA OK . 14.93 25.18 -40.51
C18 CLA OK . 15.47 25.61 -41.88
C19 CLA OK . 15.41 27.11 -42.04
C20 CLA OK . 14.72 24.91 -43.01
MG CLA PK . 30.82 -30.37 -77.86
CHA CLA PK . 32.78 -28.96 -80.35
CHB CLA PK . 31.80 -33.43 -78.93
CHC CLA PK . 29.40 -31.66 -75.09
CHD CLA PK . 30.29 -26.96 -76.49
NA CLA PK . 32.11 -31.08 -79.32
C1A CLA PK . 32.71 -30.46 -80.28
C2A CLA PK . 33.37 -31.36 -81.31
C3A CLA PK . 33.00 -32.74 -80.84
C4A CLA PK . 32.24 -32.38 -79.61
CMA CLA PK . 32.01 -33.37 -81.82
CAA CLA PK . 34.91 -31.28 -81.29
CBA CLA PK . 35.61 -31.78 -80.01
CGA CLA PK . 35.83 -30.67 -79.03
O1A CLA PK . 36.85 -30.01 -79.05
O2A CLA PK . 34.84 -30.37 -78.00
NB CLA PK . 30.61 -32.27 -77.15
C1B CLA PK . 31.08 -33.41 -77.66
C2B CLA PK . 30.88 -34.63 -76.83
C3B CLA PK . 30.15 -34.07 -75.67
C4B CLA PK . 30.06 -32.61 -75.98
CMB CLA PK . 31.30 -36.05 -77.09
CAB CLA PK . 29.65 -34.76 -74.45
CBB CLA PK . 30.08 -34.44 -73.25
NC CLA PK . 29.99 -29.48 -76.19
C1C CLA PK . 29.54 -30.20 -75.15
C2C CLA PK . 29.16 -29.43 -73.95
C3C CLA PK . 29.43 -28.04 -74.36
C4C CLA PK . 29.92 -28.20 -75.76
CMC CLA PK . 28.63 -29.93 -72.63
CAC CLA PK . 29.22 -26.79 -73.55
CBC CLA PK . 30.49 -26.62 -72.74
ND CLA PK . 31.37 -28.44 -78.20
C1D CLA PK . 31.08 -27.11 -77.71
C2D CLA PK . 31.65 -26.00 -78.50
C3D CLA PK . 32.34 -26.78 -79.57
C4D CLA PK . 32.13 -28.12 -79.31
CMD CLA PK . 31.66 -24.49 -78.46
CAD CLA PK . 33.16 -26.66 -80.79
OBD CLA PK . 33.52 -25.55 -81.32
CBD CLA PK . 33.46 -28.01 -81.29
CGD CLA PK . 33.12 -28.16 -82.73
O1D CLA PK . 32.16 -27.59 -83.23
O2D CLA PK . 33.97 -29.00 -83.55
CED CLA PK . 33.79 -29.10 -84.96
C1 CLA PK . 34.87 -29.07 -77.42
C2 CLA PK . 35.16 -29.12 -75.93
C3 CLA PK . 34.71 -28.17 -75.10
C4 CLA PK . 33.90 -27.01 -75.61
C5 CLA PK . 35.02 -28.25 -73.63
C6 CLA PK . 34.41 -29.46 -72.94
C7 CLA PK . 32.89 -29.46 -73.00
C8 CLA PK . 32.27 -29.90 -71.66
C9 CLA PK . 32.76 -29.05 -70.51
C10 CLA PK . 32.59 -31.37 -71.39
C11 CLA PK . 31.84 -31.82 -70.15
C12 CLA PK . 31.72 -33.33 -70.10
C13 CLA PK . 30.75 -33.77 -69.01
C14 CLA PK . 31.24 -33.31 -67.65
C15 CLA PK . 30.61 -35.27 -69.07
C16 CLA PK . 29.40 -35.82 -68.32
C17 CLA PK . 29.72 -37.21 -67.76
C18 CLA PK . 28.69 -38.24 -68.18
C19 CLA PK . 29.07 -39.61 -67.64
C20 CLA PK . 28.52 -38.29 -69.70
MG CLA QK . 29.92 -16.50 -65.45
CHA CLA QK . 26.59 -16.46 -64.51
CHB CLA QK . 30.75 -15.76 -62.27
CHC CLA QK . 33.14 -17.14 -66.29
CHD CLA QK . 28.84 -17.73 -68.77
NA CLA QK . 28.87 -16.20 -63.68
C1A CLA QK . 27.61 -16.08 -63.46
C2A CLA QK . 27.22 -15.60 -62.08
C3A CLA QK . 28.57 -15.38 -61.42
C4A CLA QK . 29.45 -15.81 -62.55
CMA CLA QK . 28.77 -13.90 -61.09
CAA CLA QK . 26.46 -16.61 -61.20
CBA CLA QK . 27.25 -17.70 -60.48
CGA CLA QK . 27.82 -18.75 -61.39
O1A CLA QK . 28.95 -19.13 -61.17
O2A CLA QK . 27.06 -19.27 -62.51
NB CLA QK . 31.68 -16.45 -64.42
C1B CLA QK . 31.85 -16.12 -63.16
C2B CLA QK . 33.25 -16.17 -62.67
C3B CLA QK . 33.97 -16.59 -63.90
C4B CLA QK . 32.89 -16.74 -64.91
CMB CLA QK . 33.80 -15.87 -61.29
CAB CLA QK . 35.42 -16.83 -64.07
CBB CLA QK . 35.88 -18.02 -64.41
NC CLA QK . 30.78 -17.24 -67.17
C1C CLA QK . 32.10 -17.49 -67.29
C2C CLA QK . 32.50 -18.17 -68.53
C3C CLA QK . 31.23 -18.32 -69.27
C4C CLA QK . 30.25 -17.72 -68.33
CMC CLA QK . 33.88 -18.59 -68.98
CAC CLA QK . 30.99 -18.99 -70.61
CBC CLA QK . 30.81 -17.98 -71.73
ND CLA QK . 28.23 -17.01 -66.46
C1D CLA QK . 27.82 -17.47 -67.76
C2D CLA QK . 26.38 -17.62 -67.97
C3D CLA QK . 25.89 -17.20 -66.63
C4D CLA QK . 27.00 -16.90 -65.85
CMD CLA QK . 25.46 -18.03 -69.08
CAD CLA QK . 24.68 -17.02 -65.80
OBD CLA QK . 23.48 -17.20 -66.18
CBD CLA QK . 25.11 -16.53 -64.49
CGD CLA QK . 24.59 -15.13 -64.43
O1D CLA QK . 25.36 -14.19 -64.52
O2D CLA QK . 23.17 -14.90 -64.32
CED CLA QK . 22.67 -13.57 -64.31
C1 CLA QK . 27.18 -20.64 -62.93
C2 CLA QK . 28.46 -20.85 -63.71
C3 CLA QK . 28.51 -20.99 -65.04
C4 CLA QK . 27.26 -20.92 -65.86
C5 CLA QK . 29.85 -21.19 -65.69
C6 CLA QK . 30.47 -22.55 -65.37
C7 CLA QK . 30.77 -23.31 -66.66
C8 CLA QK . 31.69 -24.52 -66.45
C9 CLA QK . 30.93 -25.65 -65.78
C10 CLA QK . 32.92 -24.12 -65.63
C11 CLA QK . 34.13 -24.92 -66.06
C12 CLA QK . 34.59 -25.90 -64.99
C13 CLA QK . 35.19 -27.14 -65.63
C14 CLA QK . 34.09 -28.03 -66.22
C15 CLA QK . 36.00 -27.92 -64.59
C16 CLA QK . 36.89 -28.97 -65.23
C17 CLA QK . 37.43 -29.94 -64.19
C18 CLA QK . 38.26 -29.23 -63.14
C19 CLA QK . 39.69 -29.04 -63.62
C20 CLA QK . 38.21 -29.97 -61.80
MG CLA RK . 0.17 21.54 -45.98
CHA CLA RK . -1.35 24.47 -46.93
CHB CLA RK . 3.12 22.83 -46.91
CHC CLA RK . 1.63 18.71 -44.81
CHD CLA RK . -3.00 20.52 -44.38
NA CLA RK . 0.80 23.36 -46.73
C1A CLA RK . 0.13 24.36 -47.17
C2A CLA RK . 0.93 25.41 -47.91
C3A CLA RK . 2.33 24.81 -47.90
C4A CLA RK . 2.05 23.58 -47.13
CMA CLA RK . 2.79 24.43 -49.28
CAA CLA RK . 0.99 26.80 -47.24
CBA CLA RK . 1.95 26.98 -46.06
CGA CLA RK . 1.36 26.38 -44.81
O1A CLA RK . 0.16 26.53 -44.59
O2A CLA RK . 2.23 25.67 -43.87
NB CLA RK . 2.09 20.85 -45.91
C1B CLA RK . 3.18 21.56 -46.20
C2B CLA RK . 4.46 20.97 -45.78
C3B CLA RK . 4.03 19.71 -45.14
C4B CLA RK . 2.54 19.76 -45.29
CMB CLA RK . 5.85 21.50 -45.96
CAB CLA RK . 4.88 18.68 -44.52
CBB CLA RK . 4.69 18.16 -43.32
NC CLA RK . -0.56 19.96 -44.89
C1C CLA RK . 0.24 18.97 -44.45
C2C CLA RK . -0.38 18.07 -43.47
C3C CLA RK . -1.76 18.60 -43.35
C4C CLA RK . -1.74 19.75 -44.28
CMC CLA RK . 0.32 16.90 -42.83
CAC CLA RK . -2.92 18.18 -42.49
CBC CLA RK . -3.35 16.82 -42.90
ND CLA RK . -1.69 22.24 -45.63
C1D CLA RK . -2.95 21.79 -45.11
C2D CLA RK . -4.10 22.68 -45.33
C3D CLA RK . -3.44 23.77 -46.08
C4D CLA RK . -2.10 23.44 -46.19
CMD CLA RK . -5.57 22.65 -45.00
CAD CLA RK . -3.63 25.08 -46.75
OBD CLA RK . -4.74 25.72 -46.86
CBD CLA RK . -2.35 25.52 -47.27
CGD CLA RK . -2.43 25.77 -48.75
O1D CLA RK . -2.43 26.90 -49.16
O2D CLA RK . -2.52 24.67 -49.69
CED CLA RK . -2.97 24.96 -51.01
C1 CLA RK . 2.22 24.25 -43.70
C2 CLA RK . 0.85 23.79 -43.28
C3 CLA RK . 0.55 23.52 -42.01
C4 CLA RK . 1.57 23.61 -40.93
C5 CLA RK . -0.86 23.09 -41.70
C6 CLA RK . -1.84 24.13 -42.19
C7 CLA RK . -3.10 24.16 -41.33
C1 PQN SK . 26.49 -14.06 -75.96
O1 PQN SK . 27.35 -13.17 -76.08
C2 PQN SK . 26.89 -15.48 -75.96
C2M PQN SK . 28.34 -15.84 -76.07
C3 PQN SK . 25.87 -16.55 -75.82
C4 PQN SK . 24.45 -16.17 -75.71
O4 PQN SK . 23.59 -17.07 -75.60
C5 PQN SK . 24.04 -14.76 -75.71
C6 PQN SK . 22.70 -14.39 -75.59
C7 PQN SK . 22.37 -13.04 -75.59
C8 PQN SK . 23.33 -12.05 -75.70
C9 PQN SK . 24.67 -12.36 -75.83
C10 PQN SK . 25.07 -13.70 -75.83
C11 PQN SK . 26.26 -18.00 -75.82
C12 PQN SK . 26.67 -18.50 -74.46
C13 PQN SK . 25.95 -19.41 -73.80
C14 PQN SK . 24.68 -19.96 -74.38
C15 PQN SK . 26.43 -19.87 -72.45
C16 PQN SK . 27.23 -21.16 -72.68
C17 PQN SK . 28.33 -21.30 -71.65
C18 PQN SK . 27.86 -22.00 -70.39
C19 PQN SK . 28.73 -21.59 -69.22
C20 PQN SK . 27.89 -23.51 -70.62
C21 PQN SK . 27.45 -24.30 -69.40
C22 PQN SK . 28.48 -25.37 -69.06
C23 PQN SK . 27.87 -26.74 -68.76
C24 PQN SK . 26.77 -26.64 -67.72
C25 PQN SK . 29.01 -27.67 -68.36
C26 PQN SK . 28.57 -28.88 -67.53
C27 PQN SK . 29.81 -29.61 -67.00
C28 PQN SK . 29.66 -30.02 -65.53
C29 PQN SK . 30.95 -30.65 -65.02
C30 PQN SK . 29.27 -28.84 -64.66
C1 BCR TK . 25.58 -16.35 -30.65
C2 BCR TK . 26.52 -16.75 -31.76
C3 BCR TK . 26.74 -15.59 -32.67
C4 BCR TK . 27.42 -14.46 -31.94
C5 BCR TK . 26.89 -14.29 -30.57
C6 BCR TK . 26.03 -15.11 -29.96
C7 BCR TK . 25.58 -14.90 -28.60
C8 BCR TK . 24.44 -14.27 -28.29
C9 BCR TK . 23.99 -14.06 -26.93
C10 BCR TK . 23.22 -13.00 -26.65
C11 BCR TK . 22.97 -12.54 -25.31
C33 BCR TK . 27.38 -13.07 -29.92
C31 BCR TK . 25.51 -17.53 -29.69
C32 BCR TK . 24.22 -16.16 -31.27
C34 BCR TK . 24.64 -14.85 -25.86
C12 BCR TK . 21.80 -12.84 -24.76
C13 BCR TK . 21.31 -12.27 -23.52
C14 BCR TK . 20.12 -11.67 -23.54
C15 BCR TK . 19.72 -10.66 -22.59
C16 BCR TK . 18.52 -10.07 -22.71
C17 BCR TK . 18.19 -9.04 -21.77
C18 BCR TK . 16.96 -8.65 -21.44
C19 BCR TK . 16.75 -8.08 -20.12
C20 BCR TK . 15.84 -7.13 -19.91
C21 BCR TK . 14.99 -7.22 -18.75
C22 BCR TK . 13.98 -6.39 -18.47
C23 BCR TK . 13.61 -6.15 -17.09
C24 BCR TK . 13.37 -4.91 -16.61
C25 BCR TK . 12.99 -4.54 -15.25
C26 BCR TK . 13.90 -4.42 -14.27
C27 BCR TK . 13.61 -4.04 -12.86
C28 BCR TK . 12.27 -3.37 -12.73
C29 BCR TK . 11.25 -4.16 -13.50
C30 BCR TK . 11.55 -4.24 -14.99
C35 BCR TK . 22.23 -12.13 -22.38
C36 BCR TK . 15.86 -8.55 -22.41
C37 BCR TK . 13.15 -5.81 -19.55
C38 BCR TK . 15.34 -4.68 -14.42
C39 BCR TK . 11.20 -2.95 -15.69
C40 BCR TK . 10.59 -5.30 -15.51
C1 BCR UK . 13.10 -11.10 -19.91
C2 BCR UK . 12.39 -11.48 -18.62
C3 BCR UK . 11.21 -12.38 -18.82
C4 BCR UK . 11.62 -13.57 -19.64
C5 BCR UK . 12.08 -13.08 -20.95
C6 BCR UK . 12.77 -11.95 -21.10
C7 BCR UK . 13.19 -11.46 -22.43
C8 BCR UK . 14.33 -11.80 -23.02
C9 BCR UK . 14.51 -11.75 -24.47
C10 BCR UK . 15.52 -11.02 -24.97
C11 BCR UK . 15.33 -9.97 -25.92
C33 BCR UK . 11.69 -13.96 -22.08
C31 BCR UK . 14.59 -11.16 -19.58
C32 BCR UK . 12.73 -9.67 -20.19
C34 BCR UK . 13.40 -12.18 -25.32
C12 BCR UK . 16.35 -9.61 -26.71
C13 BCR UK . 16.48 -9.99 -28.08
C14 BCR UK . 17.20 -9.19 -28.89
C15 BCR UK . 17.96 -9.66 -30.01
C16 BCR UK . 19.26 -9.40 -30.08
C17 BCR UK . 19.71 -8.64 -31.21
C18 BCR UK . 20.94 -8.18 -31.43
C19 BCR UK . 21.33 -7.94 -32.80
C20 BCR UK . 22.56 -7.59 -33.17
C21 BCR UK . 22.87 -7.66 -34.57
C22 BCR UK . 24.09 -7.75 -35.11
C23 BCR UK . 24.20 -8.16 -36.49
C24 BCR UK . 25.18 -7.77 -37.31
C25 BCR UK . 25.14 -7.75 -38.78
C26 BCR UK . 24.58 -6.75 -39.46
C27 BCR UK . 24.49 -6.65 -40.94
C28 BCR UK . 25.36 -7.64 -41.66
C29 BCR UK . 25.30 -8.96 -40.95
C30 BCR UK . 25.79 -8.87 -39.52
C35 BCR UK . 16.24 -11.39 -28.49
C36 BCR UK . 21.91 -7.98 -30.34
C37 BCR UK . 25.29 -7.74 -34.24
C38 BCR UK . 23.92 -5.60 -38.84
C39 BCR UK . 27.30 -8.67 -39.50
C40 BCR UK . 25.54 -10.25 -38.94
C1 BCR VK . 5.33 3.17 -52.73
C2 BCR VK . 5.26 2.07 -53.76
C3 BCR VK . 6.59 1.85 -54.42
C4 BCR VK . 7.52 1.35 -53.35
C5 BCR VK . 7.57 2.31 -52.24
C6 BCR VK . 6.60 3.18 -51.95
C7 BCR VK . 6.69 4.10 -50.82
C8 BCR VK . 7.26 5.31 -50.89
C9 BCR VK . 7.42 6.16 -49.73
C10 BCR VK . 7.48 7.48 -49.87
C11 BCR VK . 7.32 8.40 -48.78
C33 BCR VK . 8.84 2.25 -51.50
C31 BCR VK . 4.13 2.97 -51.82
C32 BCR VK . 5.11 4.44 -53.50
C34 BCR VK . 7.16 5.55 -48.42
C12 BCR VK . 7.33 9.71 -49.01
C13 BCR VK . 7.70 10.69 -48.03
C14 BCR VK . 7.74 11.98 -48.38
C15 BCR VK . 8.18 13.02 -47.49
C16 BCR VK . 7.96 14.31 -47.78
C17 BCR VK . 8.43 15.28 -46.83
C18 BCR VK . 8.37 16.60 -46.97
C19 BCR VK . 8.59 17.45 -45.82
C20 BCR VK . 8.37 18.76 -45.84
C21 BCR VK . 9.04 19.60 -44.88
C22 BCR VK . 9.80 20.65 -45.20
C23 BCR VK . 10.46 21.37 -44.13
C24 BCR VK . 9.81 22.32 -43.45
C25 BCR VK . 10.32 23.13 -42.34
C26 BCR VK . 10.83 24.34 -42.54
C27 BCR VK . 11.33 25.24 -41.49
C28 BCR VK . 10.50 25.04 -40.24
C29 BCR VK . 10.50 23.60 -39.85
C30 BCR VK . 10.19 22.58 -40.95
C35 BCR VK . 7.94 10.27 -46.64
C36 BCR VK . 8.19 17.23 -48.28
C37 BCR VK . 9.57 21.36 -46.48
C38 BCR VK . 10.96 24.94 -43.88
C39 BCR VK . 8.80 21.99 -40.76
C40 BCR VK . 11.17 21.45 -40.68
C1 BCR WK . 14.28 4.88 -55.44
C2 BCR WK . 13.38 4.28 -56.49
C3 BCR WK . 11.95 4.60 -56.18
C4 BCR WK . 11.54 4.03 -54.85
C5 BCR WK . 12.59 4.15 -53.82
C6 BCR WK . 13.84 4.55 -54.05
C7 BCR WK . 14.84 4.63 -52.99
C8 BCR WK . 15.03 5.75 -52.30
C9 BCR WK . 15.81 5.86 -51.09
C10 BCR WK . 15.47 6.82 -50.22
C11 BCR WK . 16.21 7.20 -49.06
C33 BCR WK . 12.11 3.79 -52.47
C31 BCR WK . 14.30 6.36 -55.70
C32 BCR WK . 15.66 4.32 -55.69
C34 BCR WK . 17.16 5.27 -51.11
C12 BCR WK . 15.72 8.16 -48.28
C13 BCR WK . 16.43 8.76 -47.17
C14 BCR WK . 15.88 9.80 -46.55
C15 BCR WK . 16.38 10.32 -45.30
C16 BCR WK . 15.71 11.25 -44.62
C17 BCR WK . 16.49 12.03 -43.70
C18 BCR WK . 16.06 13.08 -43.00
C19 BCR WK . 16.98 13.69 -42.08
C20 BCR WK . 16.64 14.68 -41.26
C21 BCR WK . 17.50 14.98 -40.14
C22 BCR WK . 17.44 16.07 -39.39
C23 BCR WK . 18.52 16.32 -38.44
C24 BCR WK . 19.24 17.45 -38.47
C25 BCR WK . 19.73 18.20 -37.33
C26 BCR WK . 20.89 17.92 -36.74
C27 BCR WK . 21.47 18.66 -35.61
C28 BCR WK . 21.05 20.09 -35.69
C29 BCR WK . 19.55 20.14 -35.74
C30 BCR WK . 18.91 19.36 -36.87
C35 BCR WK . 17.54 8.04 -46.54
C36 BCR WK . 14.64 13.44 -42.93
C37 BCR WK . 16.45 17.13 -39.65
C38 BCR WK . 21.77 16.82 -37.15
C39 BCR WK . 18.66 20.27 -38.05
C40 BCR WK . 17.55 18.96 -36.32
C1 BCR XK . 35.37 -10.44 -53.75
C2 BCR XK . 35.40 -9.34 -52.71
C3 BCR XK . 34.33 -8.30 -52.81
C4 BCR XK . 33.84 -8.05 -54.21
C5 BCR XK . 33.50 -9.32 -54.86
C6 BCR XK . 34.19 -10.44 -54.68
C7 BCR XK . 33.81 -11.70 -55.32
C8 BCR XK . 34.33 -12.11 -56.47
C9 BCR XK . 34.69 -13.50 -56.72
C10 BCR XK . 35.43 -13.81 -57.79
C11 BCR XK . 35.77 -12.90 -58.85
C33 BCR XK . 32.31 -9.26 -55.74
C31 BCR XK . 35.43 -11.75 -52.98
C32 BCR XK . 36.66 -10.33 -54.54
C34 BCR XK . 33.96 -14.53 -55.96
C12 BCR XK . 36.12 -13.42 -60.03
C13 BCR XK . 37.46 -13.64 -60.48
C14 BCR XK . 37.76 -14.86 -60.97
C15 BCR XK . 38.89 -15.11 -61.84
C16 BCR XK . 38.71 -15.57 -63.09
C17 BCR XK . 39.71 -15.26 -64.08
C18 BCR XK . 40.41 -16.14 -64.78
C19 BCR XK . 40.45 -17.50 -64.31
C20 BCR XK . 40.14 -18.53 -65.09
C21 BCR XK . 41.05 -19.65 -65.21
C22 BCR XK . 40.92 -20.62 -66.11
C23 BCR XK . 40.46 -21.91 -65.61
C24 BCR XK . 40.90 -23.12 -66.01
C25 BCR XK . 40.22 -24.11 -66.85
C26 BCR XK . 40.60 -24.29 -68.11
C27 BCR XK . 40.01 -25.28 -69.03
C28 BCR XK . 39.56 -26.50 -68.28
C29 BCR XK . 38.65 -26.09 -67.14
C30 BCR XK . 39.14 -24.97 -66.24
C35 BCR XK . 38.33 -12.50 -60.81
C36 BCR XK . 40.78 -15.90 -66.19
C37 BCR XK . 40.61 -20.23 -67.51
C38 BCR XK . 41.67 -23.52 -68.75
C39 BCR XK . 39.64 -25.51 -64.91
C40 BCR XK . 37.86 -24.21 -65.92
O1 LHG YK . 11.92 -17.55 -69.10
C1 LHG YK . 10.76 -16.89 -68.58
C2 LHG YK . 11.19 -16.01 -67.44
O2 LHG YK . 10.25 -16.03 -66.39
C3 LHG YK . 11.31 -14.56 -67.84
O3 LHG YK . 12.67 -14.36 -67.50
P LHG YK . 13.84 -14.40 -68.62
O4 LHG YK . 14.22 -15.82 -68.84
O5 LHG YK . 13.49 -13.29 -69.54
O6 LHG YK . 15.05 -13.88 -67.62
C4 LHG YK . 15.61 -14.79 -66.72
C5 LHG YK . 16.95 -14.15 -66.34
C6 LHG YK . 16.77 -12.75 -65.73
O7 LHG YK . 17.54 -15.01 -65.39
C7 LHG YK . 18.87 -15.23 -65.55
O9 LHG YK . 19.65 -14.34 -65.81
C8 LHG YK . 19.22 -16.57 -65.04
C9 LHG YK . 20.24 -16.43 -63.95
C10 LHG YK . 20.45 -17.75 -63.26
O8 LHG YK . 16.35 -12.97 -64.35
C23 LHG YK . 17.28 -12.71 -63.37
O10 LHG YK . 18.46 -12.73 -63.71
C24 LHG YK . 16.95 -13.09 -61.93
C11 LHG YK . 21.77 -17.54 -62.55
C12 LHG YK . 22.49 -18.83 -62.48
C13 LHG YK . 23.48 -18.81 -61.34
C14 LHG YK . 23.28 -19.99 -60.44
C15 LHG YK . 24.36 -19.91 -59.41
C16 LHG YK . 23.94 -19.01 -58.30
C17 LHG YK . 25.16 -18.54 -57.56
C18 LHG YK . 24.62 -17.95 -56.29
C19 LHG YK . 25.46 -18.31 -55.10
C20 LHG YK . 25.22 -17.15 -54.16
C21 LHG YK . 26.53 -16.49 -53.85
C22 LHG YK . 26.69 -16.42 -52.35
C25 LHG YK . 17.35 -12.15 -60.81
C26 LHG YK . 17.98 -10.79 -61.17
C27 LHG YK . 19.45 -11.04 -61.01
C28 LHG YK . 20.33 -10.50 -62.10
C29 LHG YK . 20.22 -9.00 -62.01
C30 LHG YK . 21.52 -8.24 -61.96
C31 LHG YK . 22.58 -8.83 -61.07
C32 LHG YK . 23.33 -7.83 -60.22
C33 LHG YK . 24.28 -8.61 -59.37
C34 LHG YK . 25.75 -8.31 -59.60
C35 LHG YK . 26.59 -8.80 -58.44
C36 LHG YK . 27.76 -9.57 -59.03
C37 LHG YK . 28.90 -9.47 -58.07
C38 LHG YK . 29.39 -8.08 -57.83
O1 LHG ZK . -1.15 14.02 -46.62
C1 LHG ZK . -0.03 14.87 -46.47
C2 LHG ZK . -0.02 15.81 -47.60
O2 LHG ZK . 1.29 16.12 -47.95
C3 LHG ZK . -0.65 17.09 -47.27
O3 LHG ZK . -0.26 17.86 -48.37
P LHG ZK . -0.51 19.44 -48.35
O4 LHG ZK . -1.42 19.76 -49.47
O5 LHG ZK . -0.56 19.73 -46.90
O6 LHG ZK . 0.98 19.81 -48.95
C4 LHG ZK . 1.56 19.00 -49.91
C5 LHG ZK . 2.70 19.83 -50.46
C6 LHG ZK . 3.65 20.22 -49.38
O7 LHG ZK . 3.41 18.98 -51.35
C7 LHG ZK . 3.68 19.54 -52.56
O9 LHG ZK . 3.55 20.72 -52.77
C8 LHG ZK . 4.50 18.63 -53.36
C9 LHG ZK . 5.79 19.31 -53.67
C10 LHG ZK . 6.30 18.90 -55.01
O8 LHG ZK . 4.55 21.13 -50.01
C23 LHG ZK . 5.86 20.76 -50.07
O10 LHG ZK . 6.14 19.60 -49.80
C24 LHG ZK . 6.94 21.81 -50.01
C11 LHG ZK . 7.66 19.54 -55.04
C12 LHG ZK . 7.52 21.00 -55.30
C13 LHG ZK . 8.91 21.58 -55.34
C25 LHG ZK . 8.34 21.32 -50.28
MG CLA AL . 15.60 22.21 -75.47
CHA CLA AL . 15.50 21.42 -72.11
CHB CLA AL . 14.17 25.17 -74.76
CHC CLA AL . 16.37 23.15 -78.61
CHD CLA AL . 17.38 19.04 -76.08
NA CLA AL . 14.98 23.16 -73.73
C1A CLA AL . 14.89 22.72 -72.53
C2A CLA AL . 14.20 23.64 -71.54
C3A CLA AL . 13.78 24.79 -72.42
C4A CLA AL . 14.36 24.34 -73.73
CMA CLA AL . 12.27 24.73 -72.49
CAA CLA AL . 15.05 24.28 -70.42
CBA CLA AL . 16.27 25.05 -70.86
CGA CLA AL . 17.41 24.09 -70.97
O1A CLA AL . 17.85 23.54 -69.97
O2A CLA AL . 17.97 23.79 -72.27
NB CLA AL . 15.34 23.94 -76.51
C1B CLA AL . 14.62 24.99 -76.15
C2B CLA AL . 14.35 25.96 -77.25
C3B CLA AL . 15.02 25.32 -78.39
C4B CLA AL . 15.61 24.09 -77.80
CMB CLA AL . 13.59 27.25 -77.27
CAB CLA AL . 15.14 25.80 -79.78
CBB CLA AL . 16.31 26.16 -80.28
NC CLA AL . 16.70 21.30 -76.96
C1C CLA AL . 16.79 21.82 -78.19
C2C CLA AL . 17.38 20.93 -79.21
C3C CLA AL . 17.67 19.71 -78.46
C4C CLA AL . 17.22 20.06 -77.10
CMC CLA AL . 17.61 21.23 -80.66
CAC CLA AL . 18.30 18.44 -78.96
CBC CLA AL . 19.78 18.70 -79.06
ND CLA AL . 16.30 20.60 -74.45
C1D CLA AL . 17.00 19.39 -74.72
C2D CLA AL . 17.27 18.55 -73.54
C3D CLA AL . 16.67 19.40 -72.48
C4D CLA AL . 16.16 20.52 -73.08
CMD CLA AL . 17.96 17.24 -73.36
CAD CLA AL . 16.38 19.52 -71.03
OBD CLA AL . 16.70 18.67 -70.14
CBD CLA AL . 15.66 20.78 -70.78
CGD CLA AL . 14.31 20.38 -70.28
O1D CLA AL . 13.72 19.45 -70.81
O2D CLA AL . 13.67 21.05 -69.16
CED CLA AL . 12.55 20.46 -68.52
C1 CLA AL . 18.95 24.69 -72.79
C2 CLA AL . 18.32 25.60 -73.81
C3 CLA AL . 19.04 26.22 -74.75
C4 CLA AL . 20.52 26.00 -74.82
C5 CLA AL . 18.34 27.13 -75.73
C6 CLA AL . 19.28 28.07 -76.50
C7 CLA AL . 19.42 27.62 -77.94
C8 CLA AL . 20.40 28.50 -78.69
C9 CLA AL . 19.82 29.90 -78.87
C10 CLA AL . 20.73 27.87 -80.04
C11 CLA AL . 22.18 28.16 -80.39
C12 CLA AL . 22.62 27.57 -81.73
C13 CLA AL . 24.09 27.91 -82.01
C14 CLA AL . 24.35 29.40 -81.83
C15 CLA AL . 24.51 27.42 -83.40
C16 CLA AL . 24.01 28.34 -84.52
C17 CLA AL . 25.00 28.43 -85.67
C18 CLA AL . 24.38 29.11 -86.88
C19 CLA AL . 23.95 30.54 -86.57
C20 CLA AL . 23.19 28.30 -87.41
FE1 SF4 BL . 15.90 -7.85 -80.17
FE2 SF4 BL . 16.65 -5.29 -79.62
FE3 SF4 BL . 14.29 -6.23 -78.64
FE4 SF4 BL . 14.55 -5.74 -81.31
S1 SF4 BL . 14.64 -4.22 -79.64
S2 SF4 BL . 13.64 -7.57 -80.34
S3 SF4 BL . 16.74 -6.31 -81.63
S4 SF4 BL . 16.36 -6.99 -78.12
MG CLA CL . 43.56 3.28 -70.15
CHA CLA CL . 44.38 2.10 -73.30
CHB CLA CL . 40.35 2.43 -70.71
CHC CLA CL . 43.02 3.72 -66.83
CHD CLA CL . 47.19 3.73 -69.54
NA CLA CL . 42.54 2.38 -71.70
C1A CLA CL . 42.93 2.15 -72.92
C2A CLA CL . 41.81 1.87 -73.89
C3A CLA CL . 40.59 2.10 -73.06
C4A CLA CL . 41.21 2.29 -71.73
CMA CLA CL . 40.20 3.52 -73.44
CAA CLA CL . 41.75 0.41 -74.36
CBA CLA CL . 40.53 0.14 -75.22
CGA CLA CL . 40.40 -1.34 -75.42
O1A CLA CL . 39.31 -1.87 -75.43
O2A CLA CL . 41.60 -2.13 -75.64
NB CLA CL . 41.91 3.12 -68.96
C1B CLA CL . 40.69 2.70 -69.30
C2B CLA CL . 39.74 2.57 -68.15
C3B CLA CL . 40.60 2.97 -67.03
C4B CLA CL . 41.88 3.35 -67.66
CMB CLA CL . 38.31 2.10 -68.05
CAB CLA CL . 40.29 3.05 -65.59
CBB CLA CL . 39.91 4.20 -65.07
NC CLA CL . 44.84 3.60 -68.56
C1C CLA CL . 44.40 3.86 -67.32
C2C CLA CL . 45.44 4.29 -66.35
C3C CLA CL . 46.67 4.28 -67.16
C4C CLA CL . 46.16 3.89 -68.49
CMC CLA CL . 45.32 4.63 -64.90
CAC CLA CL . 48.07 4.60 -66.73
CBC CLA CL . 48.30 6.06 -67.00
ND CLA CL . 45.36 3.02 -71.08
C1D CLA CL . 46.75 3.15 -70.80
C2D CLA CL . 47.66 2.72 -71.87
C3D CLA CL . 46.69 2.25 -72.88
C4D CLA CL . 45.43 2.42 -72.33
CMD CLA CL . 49.16 2.64 -72.06
CAD CLA CL . 46.54 1.64 -74.21
OBD CLA CL . 47.49 1.31 -75.00
CBD CLA CL . 45.10 1.47 -74.46
CGD CLA CL . 44.72 1.83 -75.86
O1D CLA CL . 44.92 2.92 -76.31
O2D CLA CL . 43.97 0.86 -76.64
CED CLA CL . 44.22 0.60 -78.01
C1 CLA CL . 41.44 -3.54 -75.80
C2 CLA CL . 42.17 -4.31 -74.75
C3 CLA CL . 43.43 -4.76 -74.88
C4 CLA CL . 44.21 -4.51 -76.12
C5 CLA CL . 43.95 -5.54 -73.70
C6 CLA CL . 45.28 -6.25 -73.88
C7 CLA CL . 46.38 -5.38 -73.27
C8 CLA CL . 47.56 -6.05 -72.56
C9 CLA CL . 48.13 -5.23 -71.42
C10 CLA CL . 48.69 -6.45 -73.50
C11 CLA CL . 48.49 -7.81 -74.14
C12 CLA CL . 48.74 -7.89 -75.63
C13 CLA CL . 48.86 -9.37 -75.93
C14 CLA CL . 49.42 -9.61 -77.32
C15 CLA CL . 47.47 -9.96 -75.75
C16 CLA CL . 47.50 -11.34 -75.13
C17 CLA CL . 46.51 -12.23 -75.86
C18 CLA CL . 46.15 -13.46 -75.04
C19 CLA CL . 45.23 -14.37 -75.84
C20 CLA CL . 45.56 -13.08 -73.69
MG CLA DL . 40.87 -8.63 -73.83
CHA CLA DL . 41.62 -6.96 -70.91
CHB CLA DL . 42.57 -11.26 -72.66
CHC CLA DL . 39.44 -10.43 -76.33
CHD CLA DL . 38.76 -5.77 -74.80
NA CLA DL . 41.89 -9.07 -72.06
C1A CLA DL . 42.27 -8.31 -71.10
C2A CLA DL . 43.32 -8.89 -70.15
C3A CLA DL . 43.62 -10.20 -70.82
C4A CLA DL . 42.60 -10.18 -71.91
CMA CLA DL . 44.97 -10.04 -71.49
CAA CLA DL . 42.84 -9.17 -68.72
CBA CLA DL . 43.74 -9.64 -67.57
CGA CLA DL . 44.02 -11.13 -67.46
O1A CLA DL . 43.15 -11.93 -67.73
O2A CLA DL . 45.34 -11.62 -67.10
NB CLA DL . 41.03 -10.55 -74.42
C1B CLA DL . 41.72 -11.51 -73.83
C2B CLA DL . 41.47 -12.88 -74.36
C3B CLA DL . 40.53 -12.60 -75.44
C4B CLA DL . 40.36 -11.13 -75.42
CMB CLA DL . 42.02 -14.20 -73.97
CAB CLA DL . 39.97 -13.59 -76.37
CBB CLA DL . 40.76 -13.96 -77.37
NC CLA DL . 39.37 -8.20 -75.18
C1C CLA DL . 39.06 -9.02 -76.21
C2C CLA DL . 38.22 -8.42 -77.27
C3C CLA DL . 38.04 -7.04 -76.83
C4C CLA DL . 38.79 -7.04 -75.55
CMC CLA DL . 37.70 -9.02 -78.54
CAC CLA DL . 37.27 -5.91 -77.51
CBC CLA DL . 38.23 -4.99 -78.22
ND CLA DL . 40.30 -6.82 -73.14
C1D CLA DL . 39.44 -5.76 -73.52
C2D CLA DL . 39.26 -4.68 -72.56
C3D CLA DL . 40.16 -5.16 -71.46
C4D CLA DL . 40.65 -6.40 -71.87
CMD CLA DL . 38.42 -3.45 -72.64
CAD CLA DL . 40.71 -4.92 -70.11
OBD CLA DL . 40.51 -3.94 -69.33
CBD CLA DL . 41.60 -6.01 -69.76
CGD CLA DL . 42.94 -5.42 -69.49
O1D CLA DL . 43.43 -5.44 -68.37
O2D CLA DL . 43.64 -4.72 -70.54
CED CLA DL . 44.83 -4.03 -70.18
C1 CLA DL . 45.72 -12.98 -66.87
C2 CLA DL . 45.88 -13.36 -65.40
C3 CLA DL . 44.93 -13.63 -64.52
C4 CLA DL . 43.50 -13.63 -64.96
C5 CLA DL . 45.31 -13.95 -63.08
C6 CLA DL . 44.12 -14.34 -62.22
C7 CLA DL . 44.03 -15.86 -62.13
C8 CLA DL . 42.85 -16.33 -61.31
C9 CLA DL . 43.04 -16.00 -59.84
C10 CLA DL . 42.74 -17.82 -61.53
C11 CLA DL . 41.47 -18.41 -60.91
C12 CLA DL . 41.21 -19.74 -61.60
C13 CLA DL . 40.14 -20.59 -60.95
C14 CLA DL . 40.14 -22.01 -61.53
C15 CLA DL . 38.78 -19.93 -61.15
C16 CLA DL . 38.06 -19.57 -59.85
C17 CLA DL . 36.57 -19.70 -60.09
C18 CLA DL . 35.73 -19.68 -58.81
C19 CLA DL . 34.25 -19.51 -59.16
C20 CLA DL . 36.17 -18.59 -57.84
MG CLA EL . 25.22 8.24 -70.26
CHA CLA EL . 22.35 9.84 -69.11
CHB CLA EL . 26.68 11.22 -70.66
CHC CLA EL . 28.20 6.62 -70.37
CHD CLA EL . 23.57 5.04 -69.55
NA CLA EL . 24.66 10.20 -69.86
C1A CLA EL . 23.52 10.70 -69.53
C2A CLA EL . 23.44 12.20 -69.64
C3A CLA EL . 24.81 12.55 -70.18
C4A CLA EL . 25.43 11.22 -70.23
CMA CLA EL . 24.69 13.09 -71.60
CAA CLA EL . 23.34 12.84 -68.24
CBA CLA EL . 23.04 14.32 -67.97
CGA CLA EL . 24.24 15.19 -68.23
O1A CLA EL . 25.25 15.04 -67.60
O2A CLA EL . 24.22 16.15 -69.33
NB CLA EL . 27.15 8.85 -70.49
C1B CLA EL . 27.58 10.08 -70.74
C2B CLA EL . 29.04 10.23 -70.90
C3B CLA EL . 29.47 8.82 -70.82
C4B CLA EL . 28.22 8.08 -70.54
CMB CLA EL . 29.88 11.45 -71.16
CAB CLA EL . 30.82 8.24 -70.94
CBB CLA EL . 31.72 8.49 -70.02
NC CLA EL . 25.74 6.28 -69.95
C1C CLA EL . 26.99 5.83 -70.15
C2C CLA EL . 27.11 4.36 -70.21
C3C CLA EL . 25.75 3.87 -69.99
C4C CLA EL . 24.99 5.15 -69.88
CMC CLA EL . 28.32 3.55 -70.44
CAC CLA EL . 25.30 2.44 -69.95
CBC CLA EL . 24.98 2.03 -68.55
ND CLA EL . 23.48 7.53 -69.52
C1D CLA EL . 22.87 6.28 -69.23
C2D CLA EL . 21.49 6.30 -68.78
C3D CLA EL . 21.30 7.77 -68.67
C4D CLA EL . 22.49 8.38 -69.07
CMD CLA EL . 20.55 5.24 -68.35
CAD CLA EL . 20.37 8.81 -68.27
OBD CLA EL . 19.19 8.62 -67.81
CBD CLA EL . 21.02 10.10 -68.50
CGD CLA EL . 20.18 11.12 -69.18
O1D CLA EL . 20.05 11.18 -70.39
O2D CLA EL . 19.51 12.08 -68.34
CED CLA EL . 18.89 13.20 -68.94
C1 CLA EL . 25.31 17.04 -69.52
C2 CLA EL . 26.32 16.36 -70.42
C3 CLA EL . 27.56 15.97 -70.14
C4 CLA EL . 28.14 16.09 -68.78
C5 CLA EL . 28.37 15.35 -71.25
C6 CLA EL . 29.73 16.01 -71.42
C7 CLA EL . 29.50 17.40 -72.01
C8 CLA EL . 30.71 18.33 -71.96
C9 CLA EL . 31.33 18.39 -70.57
C10 CLA EL . 30.26 19.72 -72.42
C11 CLA EL . 30.25 19.89 -73.93
C12 CLA EL . 31.48 20.60 -74.50
C13 CLA EL . 31.06 21.42 -75.72
C14 CLA EL . 30.11 22.55 -75.34
C15 CLA EL . 30.41 20.54 -76.78
C16 CLA EL . 30.10 21.33 -78.05
C17 CLA EL . 31.33 21.63 -78.91
C18 CLA EL . 31.57 20.59 -80.00
C19 CLA EL . 32.48 21.15 -81.09
C20 CLA EL . 30.28 20.06 -80.63
MG CLA FL . 28.00 12.40 -100.26
CHA CLA FL . 24.98 13.58 -101.52
CHB CLA FL . 29.17 12.28 -103.43
CHC CLA FL . 31.11 11.95 -98.96
CHD CLA FL . 26.69 12.98 -96.85
NA CLA FL . 27.25 12.90 -102.14
C1A CLA FL . 26.07 13.24 -102.52
C2A CLA FL . 25.85 13.35 -104.03
C3A CLA FL . 27.19 12.89 -104.54
C4A CLA FL . 27.93 12.68 -103.27
CMA CLA FL . 27.00 11.54 -105.23
CAA CLA FL . 25.63 14.82 -104.44
CBA CLA FL . 26.77 15.77 -104.04
CGA CLA FL . 26.12 17.01 -103.47
O1A CLA FL . 24.90 17.09 -103.40
O2A CLA FL . 26.93 18.11 -102.98
NB CLA FL . 29.86 12.17 -101.08
C1B CLA FL . 30.15 12.03 -102.38
C2B CLA FL . 31.54 11.69 -102.70
C3B CLA FL . 32.12 11.58 -101.35
C4B CLA FL . 30.99 11.92 -100.44
CMB CLA FL . 32.18 11.46 -104.05
CAB CLA FL . 33.52 11.24 -101.00
CBB CLA FL . 34.45 12.16 -100.89
NC CLA FL . 28.72 12.49 -98.34
C1C CLA FL . 30.01 12.25 -98.01
C2C CLA FL . 30.29 12.26 -96.55
C3C CLA FL . 29.00 12.57 -95.95
C4C CLA FL . 28.09 12.63 -97.13
CMC CLA FL . 31.57 12.09 -95.76
CAC CLA FL . 28.70 12.72 -94.48
CBC CLA FL . 28.49 11.32 -93.95
ND CLA FL . 26.34 13.11 -99.32
C1D CLA FL . 25.83 13.28 -97.99
C2D CLA FL . 24.43 13.79 -97.90
C3D CLA FL . 24.13 13.92 -99.35
C4D CLA FL . 25.25 13.51 -100.06
CMD CLA FL . 23.45 14.14 -96.82
CAD CLA FL . 23.05 14.30 -100.29
OBD CLA FL . 21.89 14.73 -100.00
CBD CLA FL . 23.60 14.13 -101.65
CGD CLA FL . 22.71 13.30 -102.51
O1D CLA FL . 22.04 13.81 -103.38
O2D CLA FL . 22.72 11.86 -102.36
CED CLA FL . 22.87 11.07 -103.54
C1 CLA FL . 26.34 19.38 -102.67
C2 CLA FL . 27.41 20.43 -102.75
C3 CLA FL . 28.02 20.87 -101.64
C4 CLA FL . 27.63 20.36 -100.27
C5 CLA FL . 29.11 21.91 -101.74
C6 CLA FL . 30.49 21.26 -101.75
C7 CLA FL . 31.62 22.27 -101.60
C8 CLA FL . 32.97 21.57 -101.68
C9 CLA FL . 33.99 22.41 -102.43
MG CLA GL . 34.05 3.35 -105.52
CHA CLA GL . 37.04 1.66 -105.97
CHB CLA GL . 35.78 5.89 -104.18
CHC CLA GL . 31.10 4.67 -104.57
CHD CLA GL . 32.27 0.28 -106.61
NA CLA GL . 36.05 3.71 -105.09
C1A CLA GL . 37.11 3.05 -105.40
C2A CLA GL . 38.44 3.76 -105.13
C3A CLA GL . 37.96 5.05 -104.51
C4A CLA GL . 36.50 4.87 -104.61
CMA CLA GL . 38.33 5.07 -103.03
CAA CLA GL . 39.14 4.10 -106.46
CBA CLA GL . 39.74 5.50 -106.68
CGA CLA GL . 41.04 5.73 -105.96
O1A CLA GL . 41.64 6.79 -106.07
O2A CLA GL . 41.63 4.70 -105.11
NB CLA GL . 33.52 5.03 -104.50
C1B CLA GL . 34.33 6.01 -104.12
C2B CLA GL . 33.66 7.23 -103.59
C3B CLA GL . 32.23 6.89 -103.72
C4B CLA GL . 32.28 5.50 -104.29
CMB CLA GL . 34.30 8.50 -103.10
CAB CLA GL . 31.09 7.77 -103.33
CBB CLA GL . 29.81 7.43 -103.22
NC CLA GL . 32.12 2.61 -105.60
C1C CLA GL . 31.08 3.32 -105.12
C2C CLA GL . 29.77 2.64 -105.19
C3C CLA GL . 30.10 1.35 -105.79
C4C CLA GL . 31.57 1.46 -106.06
CMC CLA GL . 28.43 3.15 -104.71
CAC CLA GL . 29.10 0.25 -106.06
CBC CLA GL . 29.28 -0.79 -104.97
ND CLA GL . 34.44 1.44 -106.12
C1D CLA GL . 33.73 0.29 -106.61
C2D CLA GL . 34.59 -0.84 -107.06
C3D CLA GL . 35.93 -0.25 -106.77
C4D CLA GL . 35.75 1.02 -106.26
CMD CLA GL . 34.36 -2.21 -107.63
CAD CLA GL . 37.39 -0.49 -106.86
OBD CLA GL . 37.93 -1.58 -107.29
CBD CLA GL . 38.11 0.69 -106.34
CGD CLA GL . 38.99 0.27 -105.20
O1D CLA GL . 40.06 0.85 -105.04
O2D CLA GL . 38.69 -0.84 -104.33
CED CLA GL . 39.35 -0.85 -103.07
C1 CLA GL . 43.05 4.61 -104.99
C2 CLA GL . 43.55 3.59 -105.98
C3 CLA GL . 44.11 2.43 -105.60
C4 CLA GL . 44.28 2.09 -104.15
C5 CLA GL . 44.60 1.46 -106.65
C6 CLA GL . 43.52 0.98 -107.61
C7 CLA GL . 43.31 -0.51 -107.43
C8 CLA GL . 42.49 -1.14 -108.56
C9 CLA GL . 43.34 -1.23 -109.82
C10 CLA GL . 41.15 -0.42 -108.71
C11 CLA GL . 40.64 -0.34 -110.15
C12 CLA GL . 39.43 0.57 -110.33
C13 CLA GL . 38.09 -0.19 -110.28
C14 CLA GL . 38.20 -1.69 -110.60
C15 CLA GL . 37.08 0.46 -111.22
C16 CLA GL . 35.67 0.59 -110.64
C17 CLA GL . 34.77 -0.54 -111.13
C18 CLA GL . 33.28 -0.22 -111.13
C19 CLA GL . 32.55 -1.17 -112.05
C20 CLA GL . 33.00 1.21 -111.60
MG CLA HL . 38.82 7.60 -98.82
CHA CLA HL . 35.58 8.62 -98.24
CHB CLA HL . 37.70 4.43 -99.08
CHC CLA HL . 42.05 6.65 -98.98
CHD CLA HL . 39.92 11.06 -98.08
NA CLA HL . 36.98 6.67 -98.68
C1A CLA HL . 35.81 7.15 -98.51
C2A CLA HL . 34.68 6.17 -98.68
C3A CLA HL . 35.38 4.85 -98.88
C4A CLA HL . 36.78 5.36 -98.88
CMA CLA HL . 35.19 3.98 -97.64
CAA CLA HL . 33.88 6.43 -99.96
CBA CLA HL . 32.72 5.48 -100.22
CGA CLA HL . 31.73 5.56 -99.09
O1A CLA HL . 30.95 6.48 -98.98
O2A CLA HL . 31.77 4.48 -98.13
NB CLA HL . 39.73 5.79 -98.98
C1B CLA HL . 39.15 4.61 -99.14
C2B CLA HL . 40.07 3.48 -99.43
C3B CLA HL . 41.37 4.17 -99.39
C4B CLA HL . 41.04 5.59 -99.09
CMB CLA HL . 39.77 2.03 -99.68
CAB CLA HL . 42.71 3.62 -99.61
CBB CLA HL . 43.47 4.00 -100.63
NC CLA HL . 40.57 8.64 -98.55
C1C CLA HL . 41.79 8.07 -98.70
C2C CLA HL . 42.93 8.99 -98.55
C3C CLA HL . 42.29 10.29 -98.28
C4C CLA HL . 40.85 9.94 -98.32
CMC CLA HL . 44.40 8.68 -98.65
CAC CLA HL . 42.91 11.65 -98.07
CBC CLA HL . 43.15 11.79 -96.59
ND CLA HL . 38.07 9.40 -98.26
C1D CLA HL . 38.50 10.76 -98.08
C2D CLA HL . 37.41 11.75 -97.85
C3D CLA HL . 36.24 10.86 -97.96
C4D CLA HL . 36.70 9.57 -98.17
CMD CLA HL . 37.31 13.24 -97.62
CAD CLA HL . 34.77 10.80 -97.85
OBD CLA HL . 34.05 11.84 -97.70
CBD CLA HL . 34.33 9.41 -98.10
CGD CLA HL . 33.38 8.88 -97.06
O1D CLA HL . 33.83 8.40 -96.04
O2D CLA HL . 31.98 8.68 -97.34
CED CLA HL . 31.03 8.53 -96.28
C1 CLA HL . 30.96 4.40 -96.98
C2 CLA HL . 31.70 4.94 -95.78
C3 CLA HL . 32.32 4.10 -94.94
C4 CLA HL . 32.30 2.61 -95.18
C5 CLA HL . 33.02 4.68 -93.74
C6 CLA HL . 33.93 3.69 -93.02
C7 CLA HL . 35.37 4.07 -93.34
C8 CLA HL . 36.23 3.75 -92.12
C9 CLA HL . 36.02 4.79 -91.02
C10 CLA HL . 37.70 3.66 -92.52
C11 CLA HL . 38.12 2.58 -93.51
C12 CLA HL . 39.52 2.91 -94.04
C13 CLA HL . 39.55 3.53 -95.44
C14 CLA HL . 40.94 3.27 -96.02
C15 CLA HL . 39.20 5.01 -95.44
C16 CLA HL . 40.31 6.04 -95.26
C17 CLA HL . 40.14 6.82 -93.96
C18 CLA HL . 39.32 8.12 -93.96
C19 CLA HL . 37.82 7.92 -93.80
C20 CLA HL . 39.58 8.92 -95.21
MG CLA IL . 46.12 24.39 -95.20
CHA CLA IL . 46.18 26.84 -92.74
CHB CLA IL . 45.06 22.20 -92.87
CHC CLA IL . 45.65 22.19 -97.73
CHD CLA IL . 46.86 27.03 -97.66
NA CLA IL . 45.66 24.49 -93.18
C1A CLA IL . 45.78 25.45 -92.34
C2A CLA IL . 45.45 25.14 -90.90
C3A CLA IL . 45.17 23.65 -90.99
C4A CLA IL . 45.30 23.44 -92.46
CMA CLA IL . 46.30 22.89 -90.31
CAA CLA IL . 44.15 25.78 -90.36
CBA CLA IL . 42.87 25.74 -91.21
CGA CLA IL . 42.85 26.73 -92.36
O1A CLA IL . 42.91 27.93 -92.15
O2A CLA IL . 42.78 26.26 -93.73
NB CLA IL . 45.46 22.47 -95.28
C1B CLA IL . 45.11 21.70 -94.25
C2B CLA IL . 44.64 20.33 -94.62
C3B CLA IL . 44.83 20.34 -96.09
C4B CLA IL . 45.36 21.70 -96.38
CMB CLA IL . 44.15 19.21 -93.74
CAB CLA IL . 44.55 19.21 -97.02
CBB CLA IL . 43.85 19.34 -98.13
NC CLA IL . 46.16 24.61 -97.24
C1C CLA IL . 46.05 23.56 -98.09
C2C CLA IL . 46.41 23.85 -99.50
C3C CLA IL . 46.73 25.29 -99.47
C4C CLA IL . 46.53 25.64 -98.04
CMC CLA IL . 46.37 22.92 -100.67
CAC CLA IL . 47.16 26.20 -100.58
CBC CLA IL . 45.89 26.60 -101.31
ND CLA IL . 46.39 26.41 -95.30
C1D CLA IL . 46.82 27.40 -96.25
C2D CLA IL . 47.07 28.75 -95.70
C3D CLA IL . 46.85 28.48 -94.26
C4D CLA IL . 46.46 27.16 -94.14
CMD CLA IL . 47.52 30.07 -96.24
CAD CLA IL . 46.84 29.10 -92.91
OBD CLA IL . 47.13 30.31 -92.64
CBD CLA IL . 46.47 28.07 -91.93
CGD CLA IL . 47.69 27.76 -91.13
O1D CLA IL . 48.74 27.48 -91.68
O2D CLA IL . 47.59 27.77 -89.68
CED CLA IL . 48.73 27.45 -88.89
C1 CLA IL . 42.78 27.19 -94.81
C2 CLA IL . 42.87 26.41 -96.10
C3 CLA IL . 43.11 26.99 -97.29
C4 CLA IL . 43.33 28.48 -97.38
C5 CLA IL . 43.16 26.16 -98.55
C6 CLA IL . 42.72 24.71 -98.35
C7 CLA IL . 42.58 23.99 -99.69
C8 CLA IL . 42.33 22.50 -99.47
C9 CLA IL . 42.69 21.68 -100.70
C10 CLA IL . 40.89 22.28 -99.01
C11 CLA IL . 40.65 20.85 -98.54
C12 CLA IL . 39.25 20.78 -97.95
C13 CLA IL . 38.84 19.42 -97.39
C14 CLA IL . 38.92 18.31 -98.44
C15 CLA IL . 37.44 19.59 -96.85
C16 CLA IL . 36.87 18.35 -96.15
C17 CLA IL . 35.79 18.77 -95.16
C18 CLA IL . 34.43 19.04 -95.80
C19 CLA IL . 33.34 19.06 -94.74
C20 CLA IL . 34.06 18.02 -96.87
MG CLA JL . 48.03 18.46 -88.06
CHA CLA JL . 50.06 16.64 -90.21
CHB CLA JL . 46.08 19.24 -90.66
CHC CLA JL . 45.70 19.50 -85.82
CHD CLA JL . 50.06 17.14 -85.24
NA CLA JL . 48.03 17.98 -90.07
C1A CLA JL . 48.92 17.42 -90.81
C2A CLA JL . 48.68 17.43 -92.29
C3A CLA JL . 47.45 18.30 -92.37
C4A CLA JL . 47.16 18.51 -90.92
CMA CLA JL . 47.82 19.65 -92.98
CAA CLA JL . 48.13 16.06 -92.81
CBA CLA JL . 46.95 15.30 -92.18
CGA CLA JL . 47.25 14.72 -90.81
O1A CLA JL . 48.25 14.04 -90.68
O2A CLA JL . 46.47 14.99 -89.62
NB CLA JL . 46.15 19.27 -88.23
C1B CLA JL . 45.53 19.59 -89.35
C2B CLA JL . 44.18 20.20 -89.16
C3B CLA JL . 44.08 20.28 -87.70
C4B CLA JL . 45.36 19.67 -87.23
CMB CLA JL . 43.18 20.67 -90.18
CAB CLA JL . 42.95 20.85 -86.91
CBB CLA JL . 42.43 20.31 -85.82
NC CLA JL . 47.91 18.31 -86.00
C1C CLA JL . 46.90 18.83 -85.30
C2C CLA JL . 46.99 18.68 -83.84
C3C CLA JL . 48.28 17.99 -83.67
C4C CLA JL . 48.79 17.88 -85.06
CMC CLA JL . 45.98 19.12 -82.82
CAC CLA JL . 48.96 17.55 -82.38
CBC CLA JL . 48.29 16.26 -82.00
ND CLA JL . 49.61 17.24 -87.71
C1D CLA JL . 50.41 16.76 -86.60
C2D CLA JL . 51.49 15.82 -86.96
C3D CLA JL . 51.33 15.77 -88.44
C4D CLA JL . 50.26 16.59 -88.76
CMD CLA JL . 52.55 15.06 -86.22
CAD CLA JL . 51.88 15.22 -89.69
OBD CLA JL . 52.87 14.40 -89.79
CBD CLA JL . 51.07 15.71 -90.82
CGD CLA JL . 52.02 16.26 -91.82
O1D CLA JL . 52.62 15.50 -92.56
O2D CLA JL . 52.24 17.69 -91.95
CED CLA JL . 52.63 18.20 -93.23
C1 CLA JL . 46.92 14.45 -88.38
C2 CLA JL . 45.89 14.69 -87.30
C3 CLA JL . 46.19 14.78 -85.98
C4 CLA JL . 47.59 14.61 -85.50
C5 CLA JL . 45.10 15.04 -84.96
C6 CLA JL . 43.69 14.90 -85.53
C7 CLA JL . 43.09 16.29 -85.74
C8 CLA JL . 41.82 16.18 -86.58
C9 CLA JL . 40.84 15.16 -86.02
C10 CLA JL . 42.30 15.82 -87.97
C11 CLA JL . 41.20 15.68 -89.01
C12 CLA JL . 41.85 15.16 -90.28
C13 CLA JL . 42.48 16.24 -91.17
C14 CLA JL . 41.43 17.25 -91.64
C15 CLA JL . 43.21 15.47 -92.28
C16 CLA JL . 42.43 15.03 -93.51
C17 CLA JL . 42.68 15.88 -94.75
C18 CLA JL . 41.84 15.40 -95.94
C19 CLA JL . 42.03 16.34 -97.12
C20 CLA JL . 40.37 15.27 -95.58
MG CLA KL . 43.27 23.28 -79.85
CHA CLA KL . 44.57 23.69 -83.00
CHB CLA KL . 40.49 24.95 -80.80
CHC CLA KL . 42.16 22.94 -76.67
CHD CLA KL . 46.54 21.92 -78.77
NA CLA KL . 42.64 24.21 -81.59
C1A CLA KL . 43.21 24.30 -82.74
C2A CLA KL . 42.39 25.02 -83.81
C3A CLA KL . 41.18 25.46 -83.04
C4A CLA KL . 41.45 24.81 -81.73
CMA CLA KL . 41.22 26.97 -82.84
CAA CLA KL . 41.97 24.13 -84.99
CBA CLA KL . 41.41 24.89 -86.19
CGA CLA KL . 40.73 23.86 -87.04
O1A CLA KL . 41.26 23.51 -88.08
O2A CLA KL . 39.48 23.22 -86.69
NB CLA KL . 41.60 23.91 -78.88
C1B CLA KL . 40.52 24.46 -79.40
C2B CLA KL . 39.35 24.47 -78.51
C3B CLA KL . 39.88 23.85 -77.28
C4B CLA KL . 41.28 23.59 -77.63
CMB CLA KL . 37.95 24.95 -78.72
CAB CLA KL . 39.25 23.55 -75.98
CBB CLA KL . 38.99 24.50 -75.10
NC CLA KL . 44.18 22.60 -78.12
C1C CLA KL . 43.53 22.54 -76.94
C2C CLA KL . 44.29 21.96 -75.82
C3C CLA KL . 45.59 21.67 -76.42
C4C CLA KL . 45.41 22.11 -77.84
CMC CLA KL . 43.84 21.76 -74.39
CAC CLA KL . 46.78 21.06 -75.74
CBC CLA KL . 47.55 22.19 -75.13
ND CLA KL . 45.15 22.96 -80.58
C1D CLA KL . 46.34 22.27 -80.17
C2D CLA KL . 47.28 21.94 -81.28
C3D CLA KL . 46.54 22.53 -82.42
C4D CLA KL . 45.35 23.04 -81.94
CMD CLA KL . 48.62 21.25 -81.38
CAD CLA KL . 46.54 22.74 -83.89
OBD CLA KL . 47.42 22.40 -84.75
CBD CLA KL . 45.34 23.46 -84.26
CGD CLA KL . 45.68 24.74 -84.95
O1D CLA KL . 46.41 25.56 -84.42
O2D CLA KL . 45.16 25.02 -86.26
CED CLA KL . 45.47 26.26 -86.90
C1 CLA KL . 38.89 22.38 -87.67
C2 CLA KL . 38.68 21.01 -87.08
C3 CLA KL . 39.00 19.89 -87.73
C4 CLA KL . 39.61 19.93 -89.11
C5 CLA KL . 38.77 18.56 -87.06
C6 CLA KL . 37.28 18.28 -86.93
C7 CLA KL . 36.86 17.06 -87.72
C8 CLA KL . 35.37 16.80 -87.55
C9 CLA KL . 34.99 16.69 -86.08
C10 CLA KL . 34.96 15.55 -88.31
C11 CLA KL . 33.50 15.72 -88.72
C12 CLA KL . 33.45 16.21 -90.15
C13 CLA KL . 32.04 16.53 -90.59
C14 CLA KL . 31.95 16.67 -92.10
C15 CLA KL . 31.63 17.81 -89.86
C16 CLA KL . 30.33 18.41 -90.37
C17 CLA KL . 30.32 19.90 -90.06
C18 CLA KL . 29.86 20.73 -91.26
C19 CLA KL . 30.60 20.36 -92.54
C20 CLA KL . 30.06 22.21 -90.97
MG CLA LL . 36.92 29.52 -79.07
CHA CLA LL . 36.96 32.06 -76.73
CHB CLA LL . 38.72 31.50 -81.11
CHC CLA LL . 36.30 27.29 -81.52
CHD CLA LL . 34.75 27.61 -76.77
NA CLA LL . 37.67 31.44 -78.96
C1A CLA LL . 37.71 32.28 -77.99
C2A CLA LL . 38.56 33.51 -78.21
C3A CLA LL . 39.12 33.27 -79.59
C4A CLA LL . 38.42 32.00 -79.92
CMA CLA LL . 38.58 34.33 -80.53
CAA CLA LL . 39.75 33.89 -77.31
CBA CLA LL . 40.50 35.22 -77.37
CGA CLA LL . 39.74 36.51 -77.24
O1A CLA LL . 38.53 36.55 -77.19
O2A CLA LL . 40.51 37.76 -77.16
NB CLA LL . 37.42 29.43 -81.04
C1B CLA LL . 38.23 30.26 -81.69
C2B CLA LL . 38.55 29.87 -83.08
C3B CLA LL . 37.81 28.60 -83.21
C4B CLA LL . 37.16 28.43 -81.89
CMB CLA LL . 39.40 30.59 -84.09
CAB CLA LL . 37.78 27.74 -84.42
CBB CLA LL . 37.99 26.44 -84.38
NC CLA LL . 35.74 27.83 -79.12
C1C CLA LL . 35.66 27.06 -80.21
C2C CLA LL . 34.81 25.84 -80.03
C3C CLA LL . 34.37 25.94 -78.63
C4C CLA LL . 35.02 27.19 -78.17
CMC CLA LL . 34.49 24.75 -81.00
CAC CLA LL . 33.50 24.98 -77.87
CBC CLA LL . 34.45 24.02 -77.21
ND CLA LL . 36.05 29.68 -77.24
C1D CLA LL . 35.23 28.92 -76.34
C2D CLA LL . 34.82 29.65 -75.12
C3D CLA LL . 35.55 30.89 -75.29
C4D CLA LL . 36.17 30.85 -76.51
CMD CLA LL . 34.03 29.42 -73.87
CAD CLA LL . 35.83 32.20 -74.67
OBD CLA LL . 35.40 32.61 -73.54
CBD CLA LL . 36.71 32.94 -75.56
CGD CLA LL . 36.02 34.22 -75.89
O1D CLA LL . 36.51 35.29 -75.67
O2D CLA LL . 34.69 34.17 -76.45
CED CLA LL . 34.24 35.29 -77.21
C1 CLA LL . 39.94 38.96 -76.62
C2 CLA LL . 39.10 39.57 -77.71
C3 CLA LL . 37.78 39.73 -77.52
C4 CLA LL . 37.12 39.30 -76.26
C5 CLA LL . 36.91 40.32 -78.60
C6 CLA LL . 35.97 39.21 -79.03
C7 CLA LL . 35.47 39.35 -80.45
C8 CLA LL . 34.26 38.45 -80.61
C9 CLA LL . 34.69 37.00 -80.55
C10 CLA LL . 33.60 38.77 -81.94
C11 CLA LL . 32.90 40.12 -81.91
C12 CLA LL . 31.97 40.24 -83.11
C13 CLA LL . 32.79 40.38 -84.38
C14 CLA LL . 33.22 41.82 -84.61
C15 CLA LL . 32.01 39.83 -85.58
C16 CLA LL . 31.77 38.32 -85.47
C17 CLA LL . 33.09 37.57 -85.39
C18 CLA LL . 32.95 36.26 -84.63
C19 CLA LL . 34.26 35.49 -84.66
C20 CLA LL . 31.81 35.42 -85.19
MG CLA ML . 38.32 10.19 -120.49
CHA CLA ML . 36.70 10.03 -123.55
CHB CLA ML . 37.82 6.85 -120.16
CHC CLA ML . 40.43 10.27 -117.85
CHD CLA ML . 39.18 13.72 -121.25
NA CLA ML . 37.47 8.70 -121.65
C1A CLA ML . 36.81 8.76 -122.76
C2A CLA ML . 36.15 7.49 -123.24
C3A CLA ML . 36.49 6.54 -122.11
C4A CLA ML . 37.33 7.43 -121.25
CMA CLA ML . 35.17 6.30 -121.42
CAA CLA ML . 36.80 6.81 -124.44
CBA CLA ML . 38.31 7.02 -124.51
CGA CLA ML . 38.92 5.98 -125.43
O1A CLA ML . 38.22 5.28 -126.13
O2A CLA ML . 40.38 5.83 -125.46
NB CLA ML . 39.02 8.77 -119.21
C1B CLA ML . 38.69 7.48 -119.15
C2B CLA ML . 39.29 6.71 -118.03
C3B CLA ML . 40.08 7.75 -117.34
C4B CLA ML . 39.82 8.98 -118.15
CMB CLA ML . 39.14 5.26 -117.68
CAB CLA ML . 40.93 7.62 -116.13
CBB CLA ML . 40.66 8.26 -115.01
NC CLA ML . 39.55 11.68 -119.75
C1C CLA ML . 40.29 11.50 -118.64
C2C CLA ML . 41.05 12.70 -118.20
C3C CLA ML . 40.67 13.73 -119.21
C4C CLA ML . 39.73 12.98 -120.09
CMC CLA ML . 41.97 12.85 -117.02
CAC CLA ML . 41.13 15.16 -119.29
CBC CLA ML . 40.11 15.99 -118.56
ND CLA ML . 38.10 11.57 -121.97
C1D CLA ML . 38.35 12.97 -122.21
C2D CLA ML . 37.76 13.53 -123.45
C3D CLA ML . 37.08 12.30 -123.98
C4D CLA ML . 37.34 11.27 -123.09
CMD CLA ML . 37.70 14.85 -124.16
CAD CLA ML . 36.25 11.77 -125.08
OBD CLA ML . 35.82 12.44 -126.09
CBD CLA ML . 35.99 10.33 -124.83
CGD CLA ML . 34.52 10.12 -124.77
O1D CLA ML . 33.94 10.03 -123.69
O2D CLA ML . 33.75 10.01 -126.00
CED CLA ML . 32.37 9.70 -125.92
MG CLA NL . 41.58 2.99 -115.93
CHA CLA NL . 40.19 4.10 -112.93
CHB CLA NL . 44.39 4.67 -115.14
CHC CLA NL . 42.63 2.43 -119.11
CHD CLA NL . 38.31 1.54 -116.75
NA CLA NL . 42.17 4.21 -114.36
C1A CLA NL . 41.62 4.46 -113.22
C2A CLA NL . 42.46 5.19 -112.21
C3A CLA NL . 43.76 5.39 -112.96
C4A CLA NL . 43.40 4.70 -114.24
CMA CLA NL . 43.99 6.86 -113.28
CAA CLA NL . 42.79 4.33 -111.00
CBA CLA NL . 42.62 5.11 -109.70
CGA CLA NL . 43.88 5.88 -109.37
O1A CLA NL . 44.19 6.89 -109.97
O2A CLA NL . 44.77 5.43 -108.31
NB CLA NL . 43.26 3.49 -116.97
C1B CLA NL . 44.34 4.12 -116.49
C2B CLA NL . 45.49 4.23 -117.43
C3B CLA NL . 44.95 3.55 -118.63
C4B CLA NL . 43.57 3.14 -118.22
CMB CLA NL . 46.83 4.87 -117.19
CAB CLA NL . 45.64 3.32 -119.93
CBB CLA NL . 45.95 2.11 -120.34
NC CLA NL . 40.63 2.17 -117.57
C1C CLA NL . 41.25 2.00 -118.76
C2C CLA NL . 40.42 1.32 -119.79
C3C CLA NL . 39.15 1.04 -119.09
C4C CLA NL . 39.41 1.62 -117.74
CMC CLA NL . 40.74 0.96 -121.22
CAC CLA NL . 37.92 0.36 -119.66
CBC CLA NL . 37.74 -1.01 -119.06
ND CLA NL . 39.69 2.81 -115.15
C1D CLA NL . 38.43 2.23 -115.48
C2D CLA NL . 37.35 2.38 -114.49
C3D CLA NL . 38.09 3.16 -113.45
C4D CLA NL . 39.38 3.35 -113.92
CMD CLA NL . 35.91 1.98 -114.37
CAD CLA NL . 37.97 3.80 -112.11
OBD CLA NL . 36.91 3.83 -111.39
CBD CLA NL . 39.28 4.39 -111.78
CGD CLA NL . 39.16 5.82 -111.36
O1D CLA NL . 39.31 6.12 -110.19
O2D CLA NL . 38.89 6.89 -112.31
CED CLA NL . 38.96 8.21 -111.80
C1 CLA NL . 46.16 5.69 -108.45
C2 CLA NL . 46.87 4.42 -108.83
C3 CLA NL . 47.92 3.97 -108.15
C4 CLA NL . 48.45 4.72 -106.96
C5 CLA NL . 48.59 2.69 -108.58
C6 CLA NL . 48.07 1.43 -107.90
C7 CLA NL . 48.89 1.06 -106.67
C8 CLA NL . 48.83 -0.43 -106.33
C9 CLA NL . 47.41 -0.97 -106.39
C10 CLA NL . 49.43 -0.66 -104.95
C11 CLA NL . 50.95 -0.60 -105.00
C12 CLA NL . 51.49 0.53 -104.14
C13 CLA NL . 53.01 0.62 -104.26
C14 CLA NL . 53.70 -0.11 -103.12
C15 CLA NL . 53.41 2.09 -104.33
C16 CLA NL . 53.07 2.83 -103.04
C17 CLA NL . 53.20 4.33 -103.21
C18 CLA NL . 52.97 5.01 -101.86
C19 CLA NL . 51.48 5.19 -101.59
C20 CLA NL . 53.72 6.33 -101.76
MG CLA OL . 59.90 12.89 -111.55
CHA CLA OL . 60.41 15.92 -109.96
CHB CLA OL . 57.77 12.02 -109.06
CHC CLA OL . 59.08 10.14 -113.37
CHD CLA OL . 61.78 14.20 -114.44
NA CLA OL . 59.17 13.82 -109.84
C1A CLA OL . 59.47 14.94 -109.31
C2A CLA OL . 58.84 15.24 -107.98
C3A CLA OL . 58.04 13.97 -107.71
C4A CLA OL . 58.36 13.21 -108.96
CMA CLA OL . 58.66 13.22 -106.54
CAA CLA OL . 57.81 16.39 -108.07
CBA CLA OL . 56.93 16.34 -109.32
CGA CLA OL . 56.47 17.72 -109.74
O1A CLA OL . 56.02 18.50 -108.91
O2A CLA OL . 56.56 18.16 -111.13
NB CLA OL . 58.64 11.31 -111.23
C1B CLA OL . 57.84 11.10 -110.19
C2B CLA OL . 56.96 9.89 -110.27
C3B CLA OL . 57.37 9.34 -111.59
C4B CLA OL . 58.40 10.29 -112.07
CMB CLA OL . 55.95 9.40 -109.28
CAB CLA OL . 56.92 8.14 -112.33
CBB CLA OL . 56.72 6.99 -111.74
NC CLA OL . 60.31 12.34 -113.50
C1C CLA OL . 59.95 11.15 -114.00
C2C CLA OL . 60.51 10.83 -115.34
C3C CLA OL . 61.31 12.03 -115.65
C4C CLA OL . 61.10 12.88 -114.46
CMC CLA OL . 60.32 9.60 -116.17
CAC CLA OL . 62.12 12.33 -116.89
CBC CLA OL . 63.46 11.65 -116.71
ND CLA OL . 60.80 14.60 -112.18
C1D CLA OL . 61.67 15.04 -113.24
C2D CLA OL . 62.36 16.33 -113.01
C3D CLA OL . 61.84 16.66 -111.66
C4D CLA OL . 60.98 15.64 -111.28
CMD CLA OL . 63.33 17.22 -113.72
CAD CLA OL . 61.88 17.67 -110.57
OBD CLA OL . 62.58 18.74 -110.58
CBD CLA OL . 61.02 17.20 -109.47
CGD CLA OL . 61.91 16.87 -108.30
O1D CLA OL . 62.15 17.70 -107.45
O2D CLA OL . 62.49 15.54 -108.17
CED CLA OL . 62.77 15.04 -106.87
C1 CLA OL . 55.82 19.29 -111.59
C2 CLA OL . 55.07 18.95 -112.87
C3 CLA OL . 55.33 19.54 -114.05
C4 CLA OL . 56.40 20.59 -114.17
C5 CLA OL . 54.54 19.15 -115.29
C6 CLA OL . 54.20 17.67 -115.28
C7 CLA OL . 54.93 16.88 -116.36
C8 CLA OL . 55.01 15.41 -115.97
C9 CLA OL . 55.91 14.67 -116.94
C10 CLA OL . 53.61 14.81 -116.00
C11 CLA OL . 53.25 14.10 -114.69
MG CLA PL . 66.19 7.56 -119.74
CHA CLA PL . 68.80 9.02 -121.50
CHB CLA PL . 64.05 9.52 -121.44
CHC CLA PL . 63.68 5.59 -118.60
CHD CLA PL . 68.64 5.30 -118.15
NA CLA PL . 66.37 8.99 -121.23
C1A CLA PL . 67.40 9.51 -121.80
C2A CLA PL . 67.13 10.62 -122.79
C3A CLA PL . 65.62 10.76 -122.71
C4A CLA PL . 65.33 9.68 -121.72
CMA CLA PL . 65.24 12.12 -122.12
CAA CLA PL . 67.45 10.28 -124.26
CBA CLA PL . 66.66 9.10 -124.84
CGA CLA PL . 66.55 9.20 -126.35
O1A CLA PL . 66.25 10.25 -126.88
O2A CLA PL . 66.78 8.04 -127.18
NB CLA PL . 64.17 7.54 -120.05
C1B CLA PL . 63.45 8.54 -120.56
C2B CLA PL . 62.01 8.55 -120.20
C3B CLA PL . 61.92 7.36 -119.34
C4B CLA PL . 63.31 6.80 -119.35
CMB CLA PL . 60.95 9.53 -120.59
CAB CLA PL . 60.74 6.81 -118.66
CBB CLA PL . 59.99 5.91 -119.29
NC CLA PL . 66.19 5.80 -118.64
C1C CLA PL . 65.05 5.20 -118.26
C2C CLA PL . 65.24 4.01 -117.38
C3C CLA PL . 66.71 3.93 -117.24
C4C CLA PL . 67.18 5.08 -118.06
CMC CLA PL . 64.19 3.12 -116.78
CAC CLA PL . 67.53 2.93 -116.46
CBC CLA PL . 67.78 1.76 -117.40
ND CLA PL . 68.18 7.16 -119.76
C1D CLA PL . 69.13 6.31 -119.10
C2D CLA PL . 70.56 6.56 -119.43
C3D CLA PL . 70.40 7.67 -120.42
C4D CLA PL . 69.04 7.93 -120.55
CMD CLA PL . 71.89 5.97 -119.03
CAD CLA PL . 71.12 8.60 -121.32
OBD CLA PL . 72.39 8.66 -121.48
CBD CLA PL . 70.13 9.48 -122.00
CGD CLA PL . 70.37 10.89 -121.53
O1D CLA PL . 71.07 11.65 -122.17
O2D CLA PL . 69.71 11.37 -120.32
CED CLA PL . 69.33 12.74 -120.23
MG CLA QL . 68.43 -7.51 -114.32
CHA CLA QL . 71.62 -8.51 -113.46
CHB CLA QL . 69.78 -4.93 -116.05
CHC CLA QL . 65.33 -6.85 -115.49
CHD CLA QL . 67.20 -10.75 -112.99
NA CLA QL . 70.35 -6.85 -114.75
C1A CLA QL . 71.48 -7.27 -114.29
C2A CLA QL . 72.69 -6.41 -114.67
C3A CLA QL . 72.05 -5.28 -115.46
C4A CLA QL . 70.62 -5.73 -115.41
CMA CLA QL . 72.19 -3.97 -114.70
CAA CLA QL . 73.71 -7.15 -115.57
CBA CLA QL . 73.42 -7.23 -117.07
CGA CLA QL . 72.70 -8.49 -117.51
O1A CLA QL . 71.64 -8.83 -116.99
O2A CLA QL . 73.24 -9.30 -118.58
NB CLA QL . 67.67 -6.07 -115.56
C1B CLA QL . 68.34 -5.12 -116.21
C2B CLA QL . 67.54 -4.28 -117.13
C3B CLA QL . 66.20 -4.87 -116.96
C4B CLA QL . 66.41 -5.97 -115.97
CMB CLA QL . 67.98 -3.14 -118.01
CAB CLA QL . 64.93 -4.47 -117.63
CBB CLA QL . 64.28 -5.32 -118.40
NC CLA QL . 66.66 -8.57 -114.24
C1C CLA QL . 65.52 -8.13 -114.80
C2C CLA QL . 64.37 -9.07 -114.69
C3C CLA QL . 64.93 -10.22 -113.96
C4C CLA QL . 66.35 -9.80 -113.73
CMC CLA QL . 62.96 -8.91 -115.23
CAC CLA QL . 64.26 -11.50 -113.54
CBC CLA QL . 63.56 -11.20 -112.24
ND CLA QL . 69.13 -9.26 -113.52
C1D CLA QL . 68.62 -10.43 -112.87
C2D CLA QL . 69.60 -11.22 -112.08
C3D CLA QL . 70.82 -10.41 -112.32
C4D CLA QL . 70.45 -9.34 -113.14
CMD CLA QL . 69.60 -12.47 -111.24
CAD CLA QL . 72.28 -10.30 -112.07
OBD CLA QL . 72.97 -11.10 -111.33
CBD CLA QL . 72.79 -9.08 -112.71
CGD CLA QL . 73.04 -8.15 -111.57
O1D CLA QL . 72.54 -8.38 -110.48
O2D CLA QL . 73.88 -6.96 -111.69
CED CLA QL . 73.57 -5.81 -110.92
C1 CLA QL . 73.06 -8.90 -119.95
C2 CLA QL . 71.61 -9.02 -120.35
C3 CLA QL . 71.22 -9.30 -121.61
C4 CLA QL . 72.23 -9.52 -122.70
C5 CLA QL . 69.75 -9.39 -121.92
C6 CLA QL . 69.40 -9.87 -123.33
C7 CLA QL . 67.92 -10.20 -123.42
C8 CLA QL . 67.47 -10.48 -124.85
C9 CLA QL . 65.96 -10.63 -124.93
C10 CLA QL . 68.17 -11.73 -125.36
MG CLA RL . 62.31 -7.47 -105.11
CHA CLA RL . 61.77 -6.79 -101.75
CHB CLA RL . 65.38 -6.08 -104.78
CHC CLA RL . 62.92 -8.42 -108.29
CHD CLA RL . 59.21 -9.48 -105.10
NA CLA RL . 63.40 -6.63 -103.56
C1A CLA RL . 63.10 -6.38 -102.33
C2A CLA RL . 64.11 -5.65 -101.50
C3A CLA RL . 65.22 -5.42 -102.51
C4A CLA RL . 64.62 -6.09 -103.69
CMA CLA RL . 65.34 -3.93 -102.82
CAA CLA RL . 64.72 -6.59 -100.44
CBA CLA RL . 65.97 -6.02 -99.78
CGA CLA RL . 67.07 -7.06 -99.89
O1A CLA RL . 68.15 -6.78 -100.39
O2A CLA RL . 66.83 -8.40 -99.39
NB CLA RL . 63.94 -7.32 -106.32
C1B CLA RL . 65.06 -6.63 -106.09
C2B CLA RL . 65.92 -6.37 -107.27
C3B CLA RL . 65.16 -7.07 -108.34
C4B CLA RL . 63.97 -7.63 -107.64
CMB CLA RL . 67.21 -5.60 -107.35
CAB CLA RL . 65.52 -7.21 -109.77
CBB CLA RL . 65.72 -8.41 -110.31
NC CLA RL . 61.30 -8.72 -106.38
C1C CLA RL . 61.68 -8.90 -107.66
C2C CLA RL . 60.71 -9.67 -108.48
C3C CLA RL . 59.63 -9.98 -107.54
C4C CLA RL . 60.10 -9.35 -106.27
CMC CLA RL . 60.81 -10.06 -109.94
CAC CLA RL . 58.35 -10.75 -107.75
CBC CLA RL . 57.37 -9.79 -108.42
ND CLA RL . 60.86 -8.11 -103.83
C1D CLA RL . 59.56 -8.74 -103.89
C2D CLA RL . 58.71 -8.58 -102.68
C3D CLA RL . 59.63 -7.77 -101.84
C4D CLA RL . 60.79 -7.55 -102.56
CMD CLA RL . 57.34 -9.02 -102.24
CAD CLA RL . 59.79 -7.11 -100.52
OBD CLA RL . 58.90 -7.09 -99.60
CBD CLA RL . 61.11 -6.43 -100.47
CGD CLA RL . 60.81 -4.96 -100.48
O1D CLA RL . 61.00 -4.28 -101.47
O2D CLA RL . 60.28 -4.30 -99.31
CED CLA RL . 59.95 -2.91 -99.40
C1 CLA RL . 67.52 -9.49 -100.00
C2 CLA RL . 66.70 -10.04 -101.13
C3 CLA RL . 66.18 -11.27 -101.12
C4 CLA RL . 66.39 -12.19 -99.96
C5 CLA RL . 65.38 -11.75 -102.30
C6 CLA RL . 64.27 -10.78 -102.70
C7 CLA RL . 64.35 -10.37 -104.16
C8 CLA RL . 63.48 -11.21 -105.11
C9 CLA RL . 62.21 -11.74 -104.47
C10 CLA RL . 64.29 -12.34 -105.73
C11 CLA RL . 64.69 -11.97 -107.15
C12 CLA RL . 63.48 -11.99 -108.07
C13 CLA RL . 63.45 -13.29 -108.88
C14 CLA RL . 62.04 -13.58 -109.40
MG CLA SL . 57.23 0.33 -105.29
CHA CLA SL . 58.51 3.06 -103.62
CHB CLA SL . 58.74 -1.67 -103.02
CHC CLA SL . 55.47 -2.23 -106.59
CHD CLA SL . 55.45 2.66 -107.54
NA CLA SL . 58.39 0.63 -103.59
C1A CLA SL . 58.93 1.70 -103.13
C2A CLA SL . 59.90 1.48 -101.99
C3A CLA SL . 59.99 -0.03 -101.88
C4A CLA SL . 58.98 -0.37 -102.92
CMA CLA SL . 61.35 -0.57 -102.30
CAA CLA SL . 59.32 1.97 -100.63
CBA CLA SL . 58.46 1.07 -99.71
CGA CLA SL . 57.10 0.63 -100.23
O1A CLA SL . 56.58 1.21 -101.18
O2A CLA SL . 56.43 -0.51 -99.62
NB CLA SL . 57.12 -1.65 -104.86
C1B CLA SL . 57.81 -2.33 -103.95
C2B CLA SL . 57.57 -3.79 -103.91
C3B CLA SL . 56.57 -3.94 -104.99
C4B CLA SL . 56.39 -2.57 -105.50
CMB CLA SL . 58.15 -4.84 -103.02
CAB CLA SL . 55.92 -5.17 -105.47
CBB CLA SL . 56.55 -5.93 -106.35
NC CLA SL . 55.77 0.26 -106.74
C1C CLA SL . 55.20 -0.89 -107.14
C2C CLA SL . 54.20 -0.77 -108.22
C3C CLA SL . 54.21 0.67 -108.51
C4C CLA SL . 55.20 1.20 -107.53
CMC CLA SL . 53.40 -1.85 -108.89
CAC CLA SL . 53.40 1.43 -109.54
CBC CLA SL . 52.19 1.96 -108.79
ND CLA SL . 56.98 2.32 -105.60
C1D CLA SL . 56.26 3.22 -106.46
C2D CLA SL . 56.40 4.66 -106.16
C3D CLA SL . 57.32 4.57 -104.99
C4D CLA SL . 57.57 3.23 -104.73
CMD CLA SL . 55.87 5.95 -106.73
CAD CLA SL . 58.03 5.36 -103.98
OBD CLA SL . 58.02 6.64 -103.88
CBD CLA SL . 58.80 4.44 -103.12
CGD CLA SL . 60.23 4.77 -103.33
O1D CLA SL . 60.98 4.01 -103.93
O2D CLA SL . 60.75 6.04 -102.83
CED CLA SL . 62.06 6.49 -103.20
C1 CLA SL . 56.47 -1.79 -100.27
C2 CLA SL . 55.11 -2.33 -100.66
C3 CLA SL . 54.75 -3.59 -100.36
C4 CLA SL . 55.69 -4.50 -99.63
C5 CLA SL . 53.39 -4.12 -100.76
C6 CLA SL . 53.36 -4.83 -102.11
C7 CLA SL . 51.98 -4.77 -102.73
C8 CLA SL . 51.92 -5.27 -104.17
C9 CLA SL . 51.02 -4.37 -105.01
C10 CLA SL . 51.43 -6.72 -104.20
C11 CLA SL . 51.20 -7.20 -105.63
C12 CLA SL . 51.11 -8.73 -105.70
C13 CLA SL . 50.47 -9.22 -107.00
C14 CLA SL . 50.53 -10.73 -107.10
C15 CLA SL . 51.17 -8.59 -108.20
MG CLA TL . 44.88 -11.81 -93.20
CHA CLA TL . 48.29 -11.40 -92.90
CHB CLA TL . 45.49 -14.69 -94.91
CHC CLA TL . 41.58 -12.36 -93.20
CHD CLA TL . 44.47 -9.01 -90.83
NA CLA TL . 46.55 -12.89 -93.75
C1A CLA TL . 47.79 -12.59 -93.66
C2A CLA TL . 48.74 -13.55 -94.29
C3A CLA TL . 47.82 -14.51 -94.99
C4A CLA TL . 46.53 -13.98 -94.51
CMA CLA TL . 47.92 -14.23 -96.49
CAA CLA TL . 49.16 -14.42 -93.11
CBA CLA TL . 49.96 -15.65 -93.49
CGA CLA TL . 50.33 -16.35 -92.21
O1A CLA TL . 50.59 -15.68 -91.22
O2A CLA TL . 50.37 -17.80 -92.14
NB CLA TL . 43.71 -13.28 -93.98
C1B CLA TL . 44.09 -14.41 -94.58
C2B CLA TL . 43.05 -15.41 -94.87
C3B CLA TL . 41.86 -14.72 -94.35
C4B CLA TL . 42.38 -13.41 -93.83
CMB CLA TL . 43.19 -16.77 -95.52
CAB CLA TL . 40.46 -15.21 -94.35
CBB CLA TL . 39.84 -15.56 -95.46
NC CLA TL . 43.35 -10.84 -92.22
C1C CLA TL . 42.08 -11.26 -92.33
C2C CLA TL . 41.13 -10.52 -91.46
C3C CLA TL . 41.99 -9.54 -90.76
C4C CLA TL . 43.33 -9.83 -91.33
CMC CLA TL . 39.65 -10.72 -91.32
CAC CLA TL . 41.59 -8.49 -89.75
CBC CLA TL . 41.92 -9.05 -88.38
ND CLA TL . 45.98 -10.54 -92.05
C1D CLA TL . 45.82 -9.37 -91.24
C2D CLA TL . 47.06 -8.63 -90.89
C3D CLA TL . 48.06 -9.49 -91.59
C4D CLA TL . 47.36 -10.51 -92.20
CMD CLA TL . 47.45 -7.41 -90.11
CAD CLA TL . 49.50 -9.67 -91.87
OBD CLA TL . 50.45 -8.90 -91.49
CBD CLA TL . 49.66 -10.84 -92.75
CGD CLA TL . 50.04 -10.28 -94.07
O1D CLA TL . 51.19 -9.93 -94.29
O2D CLA TL . 49.04 -10.14 -95.12
CED CLA TL . 49.38 -10.55 -96.44
C1 CLA TL . 51.45 -18.43 -91.44
MG CLA UL . 57.40 -11.26 -96.41
CHA CLA UL . 54.26 -12.65 -96.07
CHB CLA UL . 57.37 -12.20 -99.64
CHC CLA UL . 60.67 -10.37 -96.55
CHD CLA UL . 57.49 -10.86 -92.73
NA CLA UL . 56.07 -12.27 -97.64
C1A CLA UL . 54.88 -12.68 -97.45
C2A CLA UL . 54.10 -13.15 -98.67
C3A CLA UL . 55.14 -12.99 -99.76
C4A CLA UL . 56.27 -12.43 -98.95
CMA CLA UL . 55.59 -14.34 -100.31
CAA CLA UL . 52.99 -12.18 -99.07
CBA CLA UL . 52.29 -12.67 -100.34
CGA CLA UL . 50.96 -12.02 -100.62
O1A CLA UL . 50.40 -11.32 -99.79
O2A CLA UL . 50.34 -12.27 -101.93
NB CLA UL . 58.83 -11.32 -97.88
C1B CLA UL . 58.64 -11.66 -99.15
C2B CLA UL . 59.76 -11.41 -100.06
C3B CLA UL . 60.77 -10.87 -99.14
C4B CLA UL . 60.07 -10.83 -97.82
CMB CLA UL . 59.87 -11.70 -101.53
CAB CLA UL . 62.14 -10.45 -99.52
CBB CLA UL . 62.75 -9.38 -99.09
NC CLA UL . 58.76 -10.78 -94.95
C1C CLA UL . 60.02 -10.37 -95.22
C2C CLA UL . 60.79 -9.89 -94.05
C3C CLA UL . 59.83 -10.05 -92.93
C4C CLA UL . 58.63 -10.57 -93.61
CMC CLA UL . 62.20 -9.37 -94.03
CAC CLA UL . 59.95 -9.74 -91.45
CBC CLA UL . 60.49 -10.95 -90.74
ND CLA UL . 56.29 -11.66 -94.76
C1D CLA UL . 56.30 -11.44 -93.34
C2D CLA UL . 55.06 -11.76 -92.61
C3D CLA UL . 54.26 -12.28 -93.75
C4D CLA UL . 55.02 -12.18 -94.90
CMD CLA UL . 54.56 -11.73 -91.18
CAD CLA UL . 52.96 -12.84 -94.12
OBD CLA UL . 52.03 -13.05 -93.28
CBD CLA UL . 52.92 -13.10 -95.57
CGD CLA UL . 52.73 -14.57 -95.82
O1D CLA UL . 51.99 -14.97 -96.70
O2D CLA UL . 53.46 -15.55 -95.04
CED CLA UL . 53.07 -16.92 -95.05
C1 CLA UL . 49.18 -11.57 -102.37
C2 CLA UL . 47.92 -12.31 -101.96
C3 CLA UL . 46.71 -11.94 -102.40
C4 CLA UL . 46.55 -10.77 -103.32
C5 CLA UL . 45.49 -12.71 -101.94
C6 CLA UL . 44.26 -12.48 -102.80
C7 CLA UL . 43.21 -13.56 -102.57
C8 CLA UL . 41.82 -13.22 -103.11
C9 CLA UL . 41.48 -11.73 -103.04
C10 CLA UL . 40.76 -14.04 -102.37
C11 CLA UL . 40.96 -15.53 -102.58
C12 CLA UL . 40.17 -16.33 -101.54
C13 CLA UL . 41.01 -17.49 -101.01
C14 CLA UL . 41.31 -18.48 -102.13
C15 CLA UL . 40.28 -18.18 -99.86
C16 CLA UL . 41.13 -19.25 -99.21
C17 CLA UL . 40.29 -20.19 -98.36
C18 CLA UL . 41.15 -21.10 -97.50
C19 CLA UL . 40.29 -22.11 -96.74
C20 CLA UL . 42.00 -20.28 -96.52
MG CLA VL . 46.01 7.21 -89.40
CHA CLA VL . 47.04 10.06 -91.06
CHB CLA VL . 48.78 7.41 -87.48
CHC CLA VL . 44.79 4.65 -87.58
CHD CLA VL . 42.78 7.46 -91.18
NA CLA VL . 47.60 8.52 -89.25
C1A CLA VL . 47.98 9.47 -90.02
C2A CLA VL . 49.37 10.02 -89.78
C3A CLA VL . 49.87 9.10 -88.68
C4A CLA VL . 48.65 8.30 -88.47
CMA CLA VL . 50.93 8.16 -89.23
CAA CLA VL . 49.30 11.40 -89.11
CBA CLA VL . 50.55 11.90 -88.40
CGA CLA VL . 50.19 11.99 -86.93
O1A CLA VL . 51.04 12.19 -86.08
O2A CLA VL . 48.81 11.78 -86.55
NB CLA VL . 46.70 6.18 -87.78
C1B CLA VL . 47.79 6.43 -87.06
C2B CLA VL . 47.98 5.61 -85.84
C3B CLA VL . 46.76 4.77 -85.90
C4B CLA VL . 46.06 5.21 -87.13
CMB CLA VL . 49.11 5.67 -84.86
CAB CLA VL . 46.29 3.71 -84.97
CBB CLA VL . 46.25 3.90 -83.66
NC CLA VL . 44.14 6.34 -89.34
C1C CLA VL . 43.94 5.22 -88.64
C2C CLA VL . 42.70 4.47 -89.01
C3C CLA VL . 42.10 5.31 -90.07
C4C CLA VL . 43.08 6.42 -90.18
CMC CLA VL . 42.17 3.19 -88.44
CAC CLA VL . 40.83 5.02 -90.83
CBC CLA VL . 39.71 5.91 -90.33
ND CLA VL . 45.06 8.40 -90.74
C1D CLA VL . 43.81 8.46 -91.44
C2D CLA VL . 43.67 9.57 -92.42
C3D CLA VL . 44.99 10.22 -92.23
C4D CLA VL . 45.69 9.51 -91.27
CMD CLA VL . 42.61 10.05 -93.36
CAD CLA VL . 45.85 11.34 -92.68
OBD CLA VL . 45.52 12.23 -93.55
CBD CLA VL . 47.11 11.27 -91.94
CGD CLA VL . 48.31 11.34 -92.82
O1D CLA VL . 48.84 10.32 -93.21
O2D CLA VL . 48.86 12.64 -93.18
CED CLA VL . 50.23 12.80 -93.52
C1 CLA VL . 48.46 10.92 -85.46
C2 CLA VL . 47.16 10.20 -85.73
C3 CLA VL . 46.04 10.51 -85.04
C4 CLA VL . 46.08 11.56 -83.97
C5 CLA VL . 44.74 9.78 -85.29
C6 CLA VL . 44.21 9.90 -86.71
C7 CLA VL . 44.06 11.35 -87.16
C8 CLA VL . 43.37 11.40 -88.52
C9 CLA VL . 44.14 12.28 -89.49
C10 CLA VL . 41.93 11.90 -88.37
C11 CLA VL . 41.03 11.31 -89.44
C12 CLA VL . 39.75 12.11 -89.54
C13 CLA VL . 38.79 11.52 -90.57
C14 CLA VL . 39.42 11.45 -91.96
C15 CLA VL . 37.46 12.28 -90.56
C16 CLA VL . 37.37 13.42 -91.58
C17 CLA VL . 37.58 14.79 -90.94
C18 CLA VL . 37.61 15.88 -92.01
C19 CLA VL . 37.69 17.27 -91.37
C20 CLA VL . 36.41 15.81 -92.94
MG CLA WL . 49.91 4.99 -96.82
CHA CLA WL . 53.16 5.95 -97.29
CHB CLA WL . 49.27 8.02 -95.47
CHC CLA WL . 46.74 4.01 -96.50
CHD CLA WL . 50.55 2.10 -99.06
NA CLA WL . 50.99 6.72 -96.50
C1A CLA WL . 52.25 6.95 -96.65
C2A CLA WL . 52.75 8.27 -96.11
C3A CLA WL . 51.51 8.86 -95.50
C4A CLA WL . 50.53 7.79 -95.85
CMA CLA WL . 51.70 8.87 -93.98
CAA CLA WL . 53.24 9.20 -97.25
CBA CLA WL . 52.21 10.04 -98.01
CGA CLA WL . 51.56 9.32 -99.17
O1A CLA WL . 50.82 8.37 -99.01
O2A CLA WL . 51.78 9.79 -100.53
NB CLA WL . 48.25 5.86 -96.01
C1B CLA WL . 48.11 7.15 -95.69
C2B CLA WL . 46.71 7.65 -95.62
C3B CLA WL . 45.95 6.43 -95.94
C4B CLA WL . 47.01 5.40 -96.14
CMB CLA WL . 46.18 9.01 -95.32
CAB CLA WL . 44.48 6.26 -96.03
CBB CLA WL . 43.82 5.36 -95.31
NC CLA WL . 48.92 3.35 -97.56
C1C CLA WL . 47.59 3.24 -97.42
C2C CLA WL . 46.94 2.25 -98.31
C3C CLA WL . 48.07 1.68 -99.07
C4C CLA WL . 49.23 2.44 -98.51
CMC CLA WL . 45.49 1.92 -98.40
CAC CLA WL . 48.03 0.62 -100.14
CBC CLA WL . 47.90 1.36 -101.45
ND CLA WL . 51.35 4.22 -98.02
C1D CLA WL . 51.63 2.99 -98.69
C2D CLA WL . 53.05 2.70 -98.95
C3D CLA WL . 53.68 3.92 -98.36
C4D CLA WL . 52.65 4.70 -97.87
CMD CLA WL . 53.78 1.58 -99.60
CAD CLA WL . 54.95 4.63 -98.10
OBD CLA WL . 56.12 4.20 -98.41
CBD CLA WL . 54.65 5.89 -97.40
CGD CLA WL . 55.29 5.88 -96.04
O1D CLA WL . 55.20 4.89 -95.33
O2D CLA WL . 56.02 7.05 -95.58
CED CLA WL . 56.94 6.94 -94.51
C1 CLA WL . 50.75 9.68 -101.51
C2 CLA WL . 51.05 8.67 -102.58
C3 CLA WL . 50.63 8.84 -103.86
C4 CLA WL . 49.82 10.05 -104.23
C5 CLA WL . 50.92 7.82 -104.94
C6 CLA WL . 52.39 7.64 -105.31
C7 CLA WL . 52.67 8.03 -106.77
C8 CLA WL . 51.86 7.22 -107.78
C9 CLA WL . 52.26 5.76 -107.78
C10 CLA WL . 52.04 7.84 -109.17
C11 CLA WL . 50.88 7.51 -110.11
C12 CLA WL . 51.35 6.97 -111.45
C13 CLA WL . 50.22 6.92 -112.48
C14 CLA WL . 49.02 6.15 -111.96
C15 CLA WL . 50.71 6.33 -113.81
C16 CLA WL . 51.91 7.09 -114.38
C17 CLA WL . 52.51 6.39 -115.60
C18 CLA WL . 53.52 7.30 -116.29
C19 CLA WL . 54.15 6.63 -117.51
C20 CLA WL . 54.61 7.77 -115.32
MG CLA XL . 31.32 0.21 -97.56
CHA CLA XL . 27.91 0.39 -96.92
CHB CLA XL . 30.83 2.23 -100.20
CHC CLA XL . 34.67 0.31 -97.89
CHD CLA XL . 31.71 -1.61 -94.37
NA CLA XL . 29.68 1.18 -98.40
C1A CLA XL . 28.43 1.17 -98.09
C2A CLA XL . 27.51 1.93 -99.00
C3A CLA XL . 28.48 2.47 -100.03
C4A CLA XL . 29.75 1.93 -99.49
CMA CLA XL . 28.21 1.74 -101.33
CAA CLA XL . 26.75 3.14 -98.42
CBA CLA XL . 27.39 3.79 -97.21
CGA CLA XL . 26.88 5.21 -97.11
O1A CLA XL . 26.98 5.96 -98.06
O2A CLA XL . 26.28 5.70 -95.88
NB CLA XL . 32.56 1.22 -98.80
C1B CLA XL . 32.19 1.80 -99.93
C2B CLA XL . 33.26 1.91 -100.96
C3B CLA XL . 34.41 1.33 -100.26
C4B CLA XL . 33.87 0.95 -98.95
CMB CLA XL . 33.12 2.50 -102.32
CAB CLA XL . 35.82 1.13 -100.70
CBB CLA XL . 36.51 2.09 -101.29
NC CLA XL . 32.84 -0.56 -96.40
C1C CLA XL . 34.14 -0.27 -96.66
C2C CLA XL . 35.08 -0.57 -95.55
C3C CLA XL . 34.20 -1.14 -94.50
C4C CLA XL . 32.85 -1.09 -95.15
CMC CLA XL . 36.57 -0.35 -95.50
CAC CLA XL . 34.60 -1.62 -93.14
CBC CLA XL . 34.52 -0.41 -92.24
ND CLA XL . 30.22 -0.41 -95.98
C1D CLA XL . 30.36 -1.24 -94.82
C2D CLA XL . 29.08 -1.64 -94.19
C3D CLA XL . 28.12 -0.98 -95.07
C4D CLA XL . 28.84 -0.33 -96.04
CMD CLA XL . 28.58 -2.46 -93.05
CAD CLA XL . 26.68 -0.75 -95.29
OBD CLA XL . 25.75 -1.25 -94.56
CBD CLA XL . 26.52 0.10 -96.47
CGD CLA XL . 25.68 -0.65 -97.46
O1D CLA XL . 24.52 -0.90 -97.18
O2D CLA XL . 26.19 -1.07 -98.74
CED CLA XL . 25.25 -1.45 -99.76
C1 CLA XL . 26.62 7.00 -95.41
C2 CLA XL . 27.93 6.92 -94.68
C3 CLA XL . 28.01 6.64 -93.37
C4 CLA XL . 26.76 6.39 -92.57
C5 CLA XL . 29.36 6.57 -92.69
C6 CLA XL . 29.80 7.88 -92.04
C7 CLA XL . 30.27 7.65 -90.60
C8 CLA XL . 31.79 7.70 -90.50
C9 CLA XL . 32.37 6.30 -90.50
C10 CLA XL . 32.22 8.40 -89.23
C11 CLA XL . 33.67 8.89 -89.31
C12 CLA XL . 34.43 8.77 -87.99
C13 CLA XL . 34.51 10.02 -87.11
C14 CLA XL . 33.78 11.27 -87.60
C15 CLA XL . 35.96 10.39 -86.87
C16 CLA XL . 36.07 11.30 -85.65
C17 CLA XL . 37.50 11.48 -85.18
C18 CLA XL . 37.55 12.33 -83.93
C19 CLA XL . 36.97 13.72 -84.20
C20 CLA XL . 38.97 12.42 -83.38
MG CLA YL . 37.14 -32.36 -89.06
CHA CLA YL . 35.08 -33.37 -91.63
CHB CLA YL . 34.88 -33.61 -86.88
CHC CLA YL . 39.30 -31.55 -86.60
CHD CLA YL . 39.79 -31.80 -91.56
NA CLA YL . 35.34 -33.36 -89.22
C1A CLA YL . 34.61 -33.62 -90.23
C2A CLA YL . 33.25 -34.22 -89.97
C3A CLA YL . 33.21 -34.22 -88.45
C4A CLA YL . 34.57 -33.69 -88.18
CMA CLA YL . 32.19 -33.24 -87.89
CAA CLA YL . 33.31 -35.72 -90.24
CBA CLA YL . 32.58 -36.25 -91.46
CGA CLA YL . 33.45 -37.30 -92.11
O1A CLA YL . 33.04 -37.95 -93.05
O2A CLA YL . 34.80 -37.52 -91.61
NB CLA YL . 37.06 -32.51 -87.04
C1B CLA YL . 36.13 -33.13 -86.31
C2B CLA YL . 36.43 -33.32 -84.88
C3B CLA YL . 37.77 -32.70 -84.81
C4B CLA YL . 38.05 -32.23 -86.19
CMB CLA YL . 35.62 -33.97 -83.81
CAB CLA YL . 38.62 -32.57 -83.62
CBB CLA YL . 38.55 -31.44 -82.94
NC CLA YL . 39.12 -31.76 -89.10
C1C CLA YL . 39.83 -31.56 -87.98
C2C CLA YL . 41.28 -31.32 -88.20
C3C CLA YL . 41.41 -31.40 -89.67
C4C CLA YL . 40.02 -31.66 -90.10
CMC CLA YL . 42.36 -31.07 -87.18
CAC CLA YL . 42.65 -31.26 -90.52
CBC CLA YL . 42.71 -29.85 -91.09
ND CLA YL . 37.50 -32.60 -91.06
C1D CLA YL . 38.46 -32.18 -92.03
C2D CLA YL . 38.03 -32.18 -93.44
C3D CLA YL . 36.63 -32.66 -93.25
C4D CLA YL . 36.44 -32.85 -91.90
CMD CLA YL . 38.65 -31.85 -94.76
CAD CLA YL . 35.37 -33.01 -93.95
OBD CLA YL . 35.17 -32.94 -95.21
CBD CLA YL . 34.38 -33.43 -92.94
CGD CLA YL . 33.27 -32.44 -93.00
O1D CLA YL . 33.51 -31.24 -92.93
O2D CLA YL . 31.89 -32.90 -93.18
CED CLA YL . 31.07 -32.31 -94.17
C1 CLA YL . 35.38 -38.83 -91.57
C2 CLA YL . 35.30 -39.37 -90.16
C3 CLA YL . 36.41 -39.58 -89.41
C4 CLA YL . 37.78 -39.28 -89.93
MG CLA ZL . 43.67 -29.44 -74.06
CHA CLA ZL . 40.77 -29.79 -75.94
CHB CLA ZL . 41.74 -28.70 -71.41
CHC CLA ZL . 46.44 -29.77 -72.13
CHD CLA ZL . 45.56 -30.69 -76.97
NA CLA ZL . 41.63 -29.30 -73.70
C1A CLA ZL . 40.62 -29.36 -74.51
C2A CLA ZL . 39.26 -29.02 -73.91
C3A CLA ZL . 39.64 -28.70 -72.48
C4A CLA ZL . 41.11 -28.91 -72.55
CMA CLA ZL . 39.35 -27.26 -72.10
CAA CLA ZL . 38.24 -30.17 -73.81
CBA CLA ZL . 38.86 -31.49 -73.37
CGA CLA ZL . 37.78 -32.49 -73.08
O1A CLA ZL . 38.06 -33.64 -72.78
O2A CLA ZL . 36.38 -32.11 -73.17
NB CLA ZL . 44.03 -29.29 -72.05
C1B CLA ZL . 43.17 -28.85 -71.13
C2B CLA ZL . 43.73 -28.53 -69.81
C3B CLA ZL . 45.16 -28.85 -70.00
C4B CLA ZL . 45.22 -29.32 -71.43
CMB CLA ZL . 43.01 -28.01 -68.58
CAB CLA ZL . 46.22 -28.69 -68.96
CBB CLA ZL . 47.27 -29.47 -68.82
NC CLA ZL . 45.58 -30.08 -74.48
C1C CLA ZL . 46.55 -30.16 -73.55
C2C CLA ZL . 47.84 -30.71 -74.05
C3C CLA ZL . 47.57 -30.99 -75.47
C4C CLA ZL . 46.15 -30.55 -75.62
CMC CLA ZL . 49.12 -30.94 -73.30
CAC CLA ZL . 48.52 -31.54 -76.52
CBC CLA ZL . 48.22 -33.01 -76.77
ND CLA ZL . 43.36 -30.10 -75.96
C1D CLA ZL . 44.12 -30.57 -77.09
C2D CLA ZL . 43.33 -30.88 -78.31
C3D CLA ZL . 41.97 -30.53 -77.82
C4D CLA ZL . 42.08 -30.13 -76.51
CMD CLA ZL . 43.64 -31.35 -79.71
CAD CLA ZL . 40.54 -30.50 -78.18
OBD CLA ZL . 40.05 -30.79 -79.33
CBD CLA ZL . 39.77 -30.00 -77.04
CGD CLA ZL . 39.27 -28.65 -77.46
O1D CLA ZL . 39.83 -28.05 -78.36
O2D CLA ZL . 38.11 -28.03 -76.84
CED CLA ZL . 37.72 -26.72 -77.22
C1 CLA ZL . 35.35 -33.09 -73.13
C2 CLA ZL . 35.31 -33.80 -74.46
C3 CLA ZL . 34.50 -33.44 -75.48
C4 CLA ZL . 33.55 -32.29 -75.33
C5 CLA ZL . 34.56 -34.21 -76.78
C6 CLA ZL . 35.67 -35.26 -76.81
C7 CLA ZL . 36.77 -34.95 -77.81
C8 CLA ZL . 38.11 -34.93 -77.11
C9 CLA ZL . 38.35 -33.61 -76.42
C10 CLA ZL . 39.19 -35.15 -78.16
C11 CLA ZL . 39.30 -36.60 -78.59
C12 CLA ZL . 39.88 -36.70 -80.00
C13 CLA ZL . 41.41 -36.75 -80.11
C14 CLA ZL . 42.10 -37.34 -78.89
C15 CLA ZL . 42.01 -35.40 -80.48
C16 CLA ZL . 41.38 -34.75 -81.71
C17 CLA ZL . 41.65 -35.55 -82.99
C18 CLA ZL . 42.55 -34.84 -83.99
C19 CLA ZL . 44.00 -34.86 -83.57
C20 CLA ZL . 42.08 -33.41 -84.24
MG CLA AM . 48.99 -24.72 -65.29
CHA CLA AM . 50.72 -26.50 -62.88
CHB CLA AM . 49.70 -27.17 -67.48
CHC CLA AM . 46.58 -23.47 -67.29
CHD CLA AM . 48.04 -22.31 -62.65
NA CLA AM . 49.98 -26.53 -65.20
C1A CLA AM . 50.67 -27.07 -64.27
C2A CLA AM . 51.40 -28.34 -64.63
C3A CLA AM . 51.09 -28.48 -66.08
C4A CLA AM . 50.18 -27.31 -66.26
CMA CLA AM . 52.35 -28.15 -66.87
CAA CLA AM . 50.66 -29.54 -64.04
CBA CLA AM . 51.59 -30.40 -63.20
CGA CLA AM . 50.80 -31.34 -62.33
O1A CLA AM . 51.07 -31.45 -61.15
O2A CLA AM . 49.69 -32.12 -62.86
NB CLA AM . 48.21 -25.29 -67.09
C1B CLA AM . 48.77 -26.15 -67.95
C2B CLA AM . 48.36 -26.03 -69.38
C3B CLA AM . 47.42 -24.90 -69.30
C4B CLA AM . 47.40 -24.55 -67.85
CMB CLA AM . 48.76 -26.78 -70.61
CAB CLA AM . 46.67 -24.31 -70.42
CBB CLA AM . 45.38 -24.54 -70.56
NC CLA AM . 47.69 -23.13 -65.04
C1C CLA AM . 46.67 -22.98 -65.90
C2C CLA AM . 45.50 -22.26 -65.36
C3C CLA AM . 45.91 -21.91 -63.99
C4C CLA AM . 47.29 -22.48 -63.92
CMC CLA AM . 44.21 -21.97 -66.05
CAC CLA AM . 45.12 -21.15 -62.95
CBC CLA AM . 44.42 -22.20 -62.10
ND CLA AM . 49.24 -24.40 -63.29
C1D CLA AM . 48.90 -23.43 -62.28
C2D CLA AM . 49.46 -23.69 -60.93
C3D CLA AM . 50.20 -24.95 -61.20
C4D CLA AM . 50.00 -25.27 -62.53
CMD CLA AM . 49.42 -23.02 -59.57
CAD CLA AM . 51.05 -26.01 -60.61
OBD CLA AM . 51.45 -26.07 -59.40
CBD CLA AM . 51.41 -26.98 -61.65
CGD CLA AM . 52.89 -26.84 -61.83
O1D CLA AM . 53.66 -27.65 -61.36
O2D CLA AM . 53.42 -25.74 -62.61
CED CLA AM . 54.58 -25.96 -63.41
C1 CLA AM . 49.74 -33.53 -62.68
C2 CLA AM . 48.67 -34.28 -63.47
C3 CLA AM . 48.26 -35.51 -63.09
C4 CLA AM . 48.88 -36.17 -61.89
C5 CLA AM . 47.21 -36.28 -63.85
C6 CLA AM . 46.66 -35.60 -65.09
C7 CLA AM . 45.51 -36.43 -65.66
C8 CLA AM . 44.22 -36.31 -64.86
C9 CLA AM . 43.51 -37.65 -64.77
C10 CLA AM . 43.31 -35.26 -65.48
C11 CLA AM . 43.35 -33.98 -64.66
C12 CLA AM . 42.30 -32.98 -65.12
C13 CLA AM . 41.95 -32.02 -63.98
MG CLA BM . 62.01 -18.21 -97.05
CHA CLA BM . 64.38 -17.07 -99.31
CHB CLA BM . 60.70 -15.11 -96.95
CHC CLA BM . 59.51 -19.47 -95.13
CHD CLA BM . 63.20 -21.65 -97.69
NA CLA BM . 62.43 -16.41 -97.99
C1A CLA BM . 63.41 -16.06 -98.75
C2A CLA BM . 63.54 -14.57 -99.05
C3A CLA BM . 62.37 -14.00 -98.27
C4A CLA BM . 61.80 -15.26 -97.70
CMA CLA BM . 62.92 -13.15 -97.13
CAA CLA BM . 63.26 -14.20 -100.52
CBA CLA BM . 62.07 -14.93 -101.14
CGA CLA BM . 62.15 -14.90 -102.65
O1A CLA BM . 63.21 -14.70 -103.20
O2A CLA BM . 60.95 -15.12 -103.44
NB CLA BM . 60.36 -17.39 -96.15
C1B CLA BM . 59.92 -16.15 -96.27
C2B CLA BM . 58.59 -15.88 -95.66
C3B CLA BM . 58.23 -17.21 -95.11
C4B CLA BM . 59.41 -18.05 -95.47
CMB CLA BM . 57.79 -14.62 -95.62
CAB CLA BM . 57.00 -17.58 -94.37
CBB CLA BM . 56.26 -18.64 -94.65
NC CLA BM . 61.46 -20.14 -96.58
C1C CLA BM . 60.46 -20.42 -95.71
C2C CLA BM . 60.34 -21.84 -95.32
C3C CLA BM . 61.43 -22.49 -96.08
C4C CLA BM . 62.05 -21.34 -96.82
CMC CLA BM . 59.35 -22.47 -94.39
CAC CLA BM . 61.82 -23.94 -96.10
CBC CLA BM . 60.97 -24.57 -97.18
ND CLA BM . 63.36 -19.21 -98.20
C1D CLA BM . 63.87 -20.54 -98.37
C2D CLA BM . 65.06 -20.66 -99.26
C3D CLA BM . 65.25 -19.24 -99.63
C4D CLA BM . 64.25 -18.50 -99.01
CMD CLA BM . 65.93 -21.79 -99.75
CAD CLA BM . 66.07 -18.29 -100.43
OBD CLA BM . 67.09 -18.60 -101.15
CBD CLA BM . 65.56 -16.93 -100.23
CGD CLA BM . 66.64 -16.21 -99.48
O1D CLA BM . 67.38 -15.42 -100.04
O2D CLA BM . 66.78 -16.42 -98.05
CED CLA BM . 67.04 -15.31 -97.23
MG CLA CM . 65.37 -21.77 -104.62
CHA CLA CM . 67.47 -20.28 -106.92
CHB CLA CM . 63.56 -18.92 -104.55
CHC CLA CM . 63.52 -23.19 -102.18
CHD CLA CM . 67.79 -24.59 -104.38
NA CLA CM . 65.51 -19.91 -105.53
C1A CLA CM . 66.27 -19.50 -106.48
C2A CLA CM . 65.91 -18.15 -107.10
C3A CLA CM . 64.67 -17.76 -106.30
C4A CLA CM . 64.59 -18.95 -105.40
CMA CLA CM . 64.89 -16.51 -105.47
CAA CLA CM . 65.54 -18.16 -108.60
CBA CLA CM . 64.16 -18.71 -108.97
CGA CLA CM . 63.30 -17.61 -109.54
O1A CLA CM . 63.76 -16.49 -109.72
O2A CLA CM . 61.90 -17.84 -109.89
NB CLA CM . 63.74 -21.15 -103.55
C1B CLA CM . 63.21 -19.94 -103.56
C2B CLA CM . 62.21 -19.66 -102.50
C3B CLA CM . 62.18 -20.94 -101.76
C4B CLA CM . 63.18 -21.80 -102.51
CMB CLA CM . 61.44 -18.40 -102.23
CAB CLA CM . 61.33 -21.24 -100.57
CBB CLA CM . 60.90 -22.43 -100.20
NC CLA CM . 65.66 -23.49 -103.50
C1C CLA CM . 64.73 -23.93 -102.62
C2C CLA CM . 64.99 -25.28 -102.06
C3C CLA CM . 66.25 -25.68 -102.72
C4C CLA CM . 66.56 -24.50 -103.57
CMC CLA CM . 64.16 -26.05 -101.07
CAC CLA CM . 67.04 -26.96 -102.56
CBC CLA CM . 66.57 -27.91 -103.65
ND CLA CM . 67.18 -22.36 -105.35
C1D CLA CM . 68.08 -23.49 -105.30
C2D CLA CM . 69.25 -23.43 -106.22
C3D CLA CM . 68.98 -22.11 -106.86
C4D CLA CM . 67.81 -21.59 -106.32
CMD CLA CM . 70.41 -24.30 -106.56
CAD CLA CM . 69.48 -21.14 -107.88
OBD CLA CM . 70.54 -21.27 -108.59
CBD CLA CM . 68.57 -19.97 -107.89
CGD CLA CM . 69.35 -18.85 -107.28
O1D CLA CM . 70.01 -19.03 -106.26
O2D CLA CM . 69.32 -17.53 -107.89
CED CLA CM . 69.92 -16.45 -107.20
MG CLA DM . 55.07 -12.70 -87.20
CHA CLA DM . 57.45 -14.83 -88.48
CHB CLA DM . 52.75 -14.22 -89.14
CHC CLA DM . 52.87 -10.43 -86.09
CHD CLA DM . 57.81 -10.68 -85.73
NA CLA DM . 55.09 -14.21 -88.61
C1A CLA DM . 56.03 -15.02 -88.95
C2A CLA DM . 55.61 -16.16 -89.87
C3A CLA DM . 54.13 -15.92 -90.05
C4A CLA DM . 53.99 -14.70 -89.20
CMA CLA DM . 53.86 -15.52 -91.50
CAA CLA DM . 55.75 -17.60 -89.39
CBA CLA DM . 56.09 -18.41 -90.63
CGA CLA DM . 55.79 -19.87 -90.43
O1A CLA DM . 56.16 -20.44 -89.42
O2A CLA DM . 55.08 -20.62 -91.46
NB CLA DM . 53.08 -12.42 -87.51
C1B CLA DM . 52.33 -13.02 -88.43
C2B CLA DM . 51.03 -12.36 -88.73
C3B CLA DM . 51.07 -11.22 -87.79
C4B CLA DM . 52.38 -11.36 -87.11
CMB CLA DM . 49.96 -12.77 -89.68
CAB CLA DM . 50.06 -10.15 -87.60
CBB CLA DM . 50.37 -8.92 -87.95
NC CLA DM . 55.30 -10.98 -86.07
C1C CLA DM . 54.28 -10.14 -85.87
C2C CLA DM . 54.66 -8.79 -85.40
C3C CLA DM . 56.13 -8.86 -85.30
C4C CLA DM . 56.40 -10.26 -85.73
CMC CLA DM . 53.76 -7.62 -85.10
CAC CLA DM . 57.13 -7.80 -84.89
CBC CLA DM . 57.12 -7.71 -83.39
ND CLA DM . 57.09 -12.62 -87.15
C1D CLA DM . 58.13 -11.92 -86.43
C2D CLA DM . 59.46 -12.53 -86.47
C3D CLA DM . 59.17 -13.72 -87.31
C4D CLA DM . 57.82 -13.69 -87.62
CMD CLA DM . 60.80 -12.16 -85.90
CAD CLA DM . 59.74 -14.93 -87.94
OBD CLA DM . 60.96 -15.30 -87.85
CBD CLA DM . 58.68 -15.65 -88.67
CGD CLA DM . 59.05 -15.67 -90.12
O1D CLA DM . 58.93 -16.71 -90.76
O2D CLA DM . 59.51 -14.47 -90.80
CED CLA DM . 59.18 -14.27 -92.17
C1 CLA DM . 55.30 -22.01 -91.64
MG CLA EM . 51.58 -22.91 -83.63
CHA CLA EM . 54.29 -21.15 -84.85
CHB CLA EM . 49.59 -21.15 -85.67
CHC CLA EM . 49.08 -24.95 -82.66
CHD CLA EM . 53.98 -25.01 -81.72
NA CLA EM . 51.88 -21.45 -85.06
C1A CLA EM . 52.93 -20.81 -85.38
C2A CLA EM . 52.74 -19.67 -86.37
C3A CLA EM . 51.25 -19.69 -86.58
C4A CLA EM . 50.88 -20.85 -85.72
CMA CLA EM . 50.66 -18.44 -85.96
CAA CLA EM . 53.29 -19.94 -87.79
CBA CLA EM . 52.95 -21.25 -88.51
CGA CLA EM . 53.68 -22.51 -88.09
O1A CLA EM . 54.89 -22.53 -87.91
O2A CLA EM . 52.88 -23.71 -87.92
NB CLA EM . 49.62 -23.07 -84.15
C1B CLA EM . 48.93 -22.22 -84.92
C2B CLA EM . 47.46 -22.41 -84.90
C3B CLA EM . 47.31 -23.57 -83.99
C4B CLA EM . 48.72 -23.88 -83.60
CMB CLA EM . 46.39 -21.66 -85.63
CAB CLA EM . 46.08 -24.27 -83.58
CBB CLA EM . 45.89 -25.56 -83.75
NC CLA EM . 51.55 -24.60 -82.44
C1C CLA EM . 50.43 -25.28 -82.17
C2C CLA EM . 50.64 -26.55 -81.42
C3C CLA EM . 52.08 -26.52 -81.13
C4C CLA EM . 52.52 -25.28 -81.78
CMC CLA EM . 49.63 -27.56 -80.95
CAC CLA EM . 52.91 -27.53 -80.36
CBC CLA EM . 52.85 -27.10 -78.92
ND CLA EM . 53.58 -23.14 -83.32
C1D CLA EM . 54.49 -23.92 -82.53
C2D CLA EM . 55.92 -23.53 -82.60
C3D CLA EM . 55.80 -22.41 -83.57
C4D CLA EM . 54.47 -22.26 -83.91
CMD CLA EM . 57.20 -24.01 -82.00
CAD CLA EM . 56.56 -21.38 -84.29
OBD CLA EM . 57.83 -21.24 -84.21
CBD CLA EM . 55.64 -20.59 -85.14
CGD CLA EM . 55.82 -19.14 -84.84
O1D CLA EM . 55.66 -18.67 -83.73
O2D CLA EM . 56.22 -18.28 -85.94
CED CLA EM . 56.38 -16.88 -85.75
C1 CLA EM . 53.44 -24.95 -87.55
C2 CLA EM . 52.36 -26.00 -87.69
C3 CLA EM . 51.87 -26.65 -86.63
C4 CLA EM . 52.38 -26.37 -85.25
C5 CLA EM . 50.77 -27.68 -86.81
C6 CLA EM . 49.37 -27.09 -86.73
C7 CLA EM . 48.78 -27.35 -85.34
C8 CLA EM . 48.02 -28.67 -85.24
C9 CLA EM . 46.70 -28.57 -86.00
C10 CLA EM . 47.79 -28.94 -83.76
C11 CLA EM . 47.38 -30.37 -83.42
C12 CLA EM . 47.85 -30.78 -82.02
C13 CLA EM . 48.20 -32.26 -81.92
C14 CLA EM . 46.95 -33.12 -82.07
C15 CLA EM . 48.87 -32.57 -80.59
C16 CLA EM . 49.37 -34.00 -80.53
C17 CLA EM . 50.80 -34.11 -80.01
C18 CLA EM . 51.42 -35.46 -80.29
C19 CLA EM . 52.83 -35.55 -79.69
C20 CLA EM . 51.43 -35.80 -81.77
MG CLA FM . 43.53 -21.30 -90.11
CHA CLA FM . 46.55 -19.70 -90.31
CHB CLA FM . 42.19 -18.83 -91.98
CHC CLA FM . 40.77 -23.22 -90.41
CHD CLA FM . 45.26 -24.15 -88.49
NA CLA FM . 44.25 -19.59 -91.04
C1A CLA FM . 45.37 -19.00 -90.91
C2A CLA FM . 45.46 -17.58 -91.46
C3A CLA FM . 44.05 -17.37 -91.96
C4A CLA FM . 43.46 -18.69 -91.62
CMA CLA FM . 43.35 -16.28 -91.17
CAA CLA FM . 46.32 -17.39 -92.73
CBA CLA FM . 46.31 -18.63 -93.63
CGA CLA FM . 47.18 -18.44 -94.85
O1A CLA FM . 46.67 -18.26 -95.95
O2A CLA FM . 48.63 -18.48 -94.74
NB CLA FM . 41.73 -21.04 -91.01
C1B CLA FM . 41.37 -20.03 -91.81
C2B CLA FM . 40.13 -20.22 -92.58
C3B CLA FM . 39.70 -21.55 -92.11
C4B CLA FM . 40.76 -21.95 -91.15
CMB CLA FM . 39.47 -19.30 -93.57
CAB CLA FM . 38.49 -22.32 -92.51
CBB CLA FM . 38.59 -23.53 -93.05
NC CLA FM . 43.16 -23.28 -89.62
C1C CLA FM . 41.92 -23.81 -89.71
C2C CLA FM . 41.74 -25.11 -89.04
C3C CLA FM . 43.07 -25.38 -88.47
C4C CLA FM . 43.85 -24.19 -88.90
CMC CLA FM . 40.49 -25.95 -88.95
CAC CLA FM . 43.54 -26.57 -87.64
CBC CLA FM . 44.18 -27.56 -88.59
ND CLA FM . 45.39 -21.89 -89.52
C1D CLA FM . 46.05 -22.99 -88.90
C2D CLA FM . 47.52 -22.85 -88.71
C3D CLA FM . 47.69 -21.50 -89.29
C4D CLA FM . 46.46 -21.05 -89.75
CMD CLA FM . 48.63 -23.67 -88.13
CAD CLA FM . 48.67 -20.45 -89.63
OBD CLA FM . 49.91 -20.50 -89.38
CBD CLA FM . 47.99 -19.31 -90.25
CGD CLA FM . 48.04 -18.24 -89.19
O1D CLA FM . 47.41 -18.40 -88.16
O2D CLA FM . 48.82 -17.04 -89.41
CED CLA FM . 49.00 -16.10 -88.34
C1 CLA FM . 49.40 -18.97 -95.84
C2 CLA FM . 49.60 -20.46 -95.68
MG CLA GM . 15.33 19.44 -82.63
CHA CLA GM . 15.19 22.57 -84.02
CHB CLA GM . 17.62 18.59 -84.98
CHC CLA GM . 15.77 16.55 -80.98
CHD CLA GM . 13.41 20.75 -79.75
NA CLA GM . 16.29 20.41 -84.18
C1A CLA GM . 16.08 21.56 -84.69
C2A CLA GM . 16.80 21.87 -85.97
C3A CLA GM . 17.52 20.58 -86.25
C4A CLA GM . 17.10 19.80 -85.05
CMA CLA GM . 16.92 19.93 -87.49
CAA CLA GM . 17.92 22.92 -85.80
CBA CLA GM . 19.02 22.61 -84.78
CGA CLA GM . 18.78 23.42 -83.53
O1A CLA GM . 17.91 24.27 -83.50
O2A CLA GM . 19.57 23.20 -82.34
NB CLA GM . 16.46 17.78 -82.98
C1B CLA GM . 17.42 17.64 -83.89
C2B CLA GM . 18.36 16.51 -83.69
C3B CLA GM . 17.79 15.89 -82.47
C4B CLA GM . 16.63 16.76 -82.15
CMB CLA GM . 19.53 16.08 -84.52
CAB CLA GM . 18.26 14.67 -81.76
CBB CLA GM . 17.49 13.63 -81.55
NC CLA GM . 14.66 18.79 -80.80
C1C CLA GM . 15.06 17.62 -80.27
C2C CLA GM . 14.74 17.43 -78.83
C3C CLA GM . 14.03 18.68 -78.48
C4C CLA GM . 14.04 19.43 -79.77
CMC CLA GM . 15.05 16.27 -77.93
CAC CLA GM . 13.45 19.13 -77.17
CBC CLA GM . 12.06 18.56 -77.12
ND CLA GM . 14.54 21.18 -81.93
C1D CLA GM . 13.68 21.63 -80.88
C2D CLA GM . 13.10 22.99 -81.06
C3D CLA GM . 13.74 23.35 -82.36
C4D CLA GM . 14.53 22.28 -82.75
CMD CLA GM . 12.17 23.90 -80.31
CAD CLA GM . 13.87 24.41 -83.38
OBD CLA GM . 13.27 25.55 -83.35
CBD CLA GM . 14.74 23.92 -84.46
CGD CLA GM . 13.83 23.78 -85.63
O1D CLA GM . 13.34 22.70 -85.92
O2D CLA GM . 13.49 24.96 -86.41
CED CLA GM . 12.25 25.04 -87.10
C1 CLA GM . 19.76 24.24 -81.39
C2 CLA GM . 21.04 23.99 -80.64
C3 CLA GM . 21.07 23.86 -79.31
C4 CLA GM . 19.83 23.98 -78.48
C5 CLA GM . 22.37 23.61 -78.60
C6 CLA GM . 22.62 24.63 -77.51
C7 CLA GM . 23.55 25.72 -78.03
C8 CLA GM . 24.23 26.50 -76.92
C9 CLA GM . 23.46 27.79 -76.59
C10 CLA GM . 25.68 26.79 -77.29
C11 CLA GM . 25.90 27.25 -78.73
C12 CLA GM . 26.35 28.71 -78.77
C13 CLA GM . 27.74 28.86 -79.39
C14 CLA GM . 28.14 30.34 -79.38
C15 CLA GM . 27.79 28.21 -80.79
C16 CLA GM . 28.14 29.13 -81.95
C17 CLA GM . 28.89 28.36 -83.04
C18 CLA GM . 29.39 29.29 -84.14
C19 CLA GM . 30.10 28.49 -85.22
C20 CLA GM . 30.30 30.37 -83.59
MG CLA HM . 29.15 11.83 -80.30
CHA CLA HM . 28.67 11.54 -83.70
CHB CLA HM . 32.44 12.31 -80.86
CHC CLA HM . 29.44 12.65 -77.04
CHD CLA HM . 25.49 11.72 -79.86
NA CLA HM . 30.36 11.92 -81.97
C1A CLA HM . 30.08 11.77 -83.22
C2A CLA HM . 31.26 11.79 -84.17
C3A CLA HM . 32.41 12.02 -83.23
C4A CLA HM . 31.68 12.09 -81.93
CMA CLA HM . 33.22 10.74 -83.25
CAA CLA HM . 31.26 13.02 -85.09
CBA CLA HM . 30.60 14.26 -84.50
CGA CLA HM . 31.53 15.41 -84.70
O1A CLA HM . 32.62 15.39 -84.15
O2A CLA HM . 31.19 16.54 -85.56
NB CLA HM . 30.72 12.38 -79.13
C1B CLA HM . 32.00 12.47 -79.47
C2B CLA HM . 32.89 12.88 -78.35
C3B CLA HM . 31.95 12.98 -77.22
C4B CLA HM . 30.66 12.63 -77.82
CMB CLA HM . 34.36 13.14 -78.33
CAB CLA HM . 32.22 13.33 -75.79
CBB CLA HM . 31.69 14.39 -75.22
NC CLA HM . 27.75 12.16 -78.82
C1C CLA HM . 28.10 12.45 -77.56
C2C CLA HM . 27.01 12.53 -76.57
C3C CLA HM . 25.81 12.27 -77.41
C4C CLA HM . 26.42 12.02 -78.76
CMC CLA HM . 27.24 12.88 -75.13
CAC CLA HM . 24.32 12.22 -77.14
CBC CLA HM . 23.97 11.62 -75.80
ND CLA HM . 27.46 11.71 -81.40
C1D CLA HM . 26.05 11.54 -81.21
C2D CLA HM . 25.26 11.30 -82.44
C3D CLA HM . 26.37 11.25 -83.43
C4D CLA HM . 27.54 11.52 -82.77
CMD CLA HM . 23.82 11.07 -82.75
CAD CLA HM . 26.69 11.13 -84.87
OBD CLA HM . 25.83 10.86 -85.79
CBD CLA HM . 28.16 11.22 -85.05
CGD CLA HM . 28.67 9.88 -85.48
O1D CLA HM . 29.56 9.87 -86.31
O2D CLA HM . 27.89 8.67 -85.34
CED CLA HM . 28.54 7.54 -85.93
C1 CLA HM . 31.28 17.86 -85.03
C2 CLA HM . 30.01 18.36 -84.37
C3 CLA HM . 28.78 18.42 -84.93
C4 CLA HM . 28.50 18.08 -86.37
C5 CLA HM . 27.64 18.94 -84.10
C6 CLA HM . 27.90 20.32 -83.51
C7 CLA HM . 27.51 21.44 -84.46
C8 CLA HM . 27.13 22.68 -83.68
C9 CLA HM . 26.20 23.61 -84.46
C10 CLA HM . 28.36 23.44 -83.21
C11 CLA HM . 28.17 23.98 -81.79
C12 CLA HM . 27.86 22.87 -80.79
C13 CLA HM . 26.57 23.04 -79.98
C14 CLA HM . 25.55 24.01 -80.60
C15 CLA HM . 26.90 23.46 -78.56
C16 CLA HM . 25.88 22.91 -77.58
C17 CLA HM . 26.21 23.33 -76.16
C18 CLA HM . 26.10 22.19 -75.15
C19 CLA HM . 26.65 22.65 -73.81
C20 CLA HM . 26.80 20.91 -75.61
C1 PQN IM . 21.58 6.38 -76.25
O1 PQN IM . 22.40 5.82 -75.50
C2 PQN IM . 21.34 7.82 -76.18
C2M PQN IM . 22.11 8.61 -75.19
C3 PQN IM . 20.37 8.49 -77.07
C4 PQN IM . 19.61 7.69 -78.04
O4 PQN IM . 18.79 8.24 -78.79
C5 PQN IM . 19.83 6.24 -78.12
C6 PQN IM . 19.14 5.47 -79.01
C7 PQN IM . 19.40 4.11 -79.06
C8 PQN IM . 20.30 3.51 -78.19
C9 PQN IM . 21.03 4.26 -77.29
C10 PQN IM . 20.82 5.60 -77.23
C11 PQN IM . 20.15 9.97 -76.95
C12 PQN IM . 20.71 10.70 -78.13
C13 PQN IM . 19.89 11.42 -78.90
C14 PQN IM . 18.43 11.54 -78.63
C15 PQN IM . 20.47 12.16 -80.06
C16 PQN IM . 20.82 13.54 -79.54
C17 PQN IM . 22.29 13.82 -79.76
C18 PQN IM . 22.51 15.31 -79.91
C19 PQN IM . 21.76 15.84 -81.12
C20 PQN IM . 24.00 15.54 -80.04
C21 PQN IM . 24.57 14.92 -81.31
C22 PQN IM . 25.72 15.78 -81.79
C23 PQN IM . 26.87 14.93 -82.29
C24 PQN IM . 28.12 15.14 -81.45
C25 PQN IM . 27.13 15.27 -83.75
C26 PQN IM . 26.10 14.61 -84.64
C27 PQN IM . 26.11 15.24 -86.02
C28 PQN IM . 26.52 14.24 -87.09
C29 PQN IM . 25.80 14.55 -88.39
C30 PQN IM . 28.03 14.24 -87.27
C1 BCR JM . 61.66 9.93 -125.41
C2 BCR JM . 61.02 9.15 -126.54
C3 BCR JM . 59.55 9.02 -126.30
C4 BCR JM . 58.89 10.38 -126.30
C5 BCR JM . 59.67 11.38 -125.53
C6 BCR JM . 60.93 11.20 -125.09
C7 BCR JM . 61.66 12.23 -124.36
C8 BCR JM . 61.63 12.33 -123.03
C9 BCR JM . 61.31 13.56 -122.31
C10 BCR JM . 60.70 13.49 -121.13
C11 BCR JM . 59.46 12.80 -120.87
C33 BCR JM . 58.92 12.62 -125.28
C31 BCR JM . 63.08 10.21 -125.82
C32 BCR JM . 61.67 9.00 -124.22
C34 BCR JM . 61.73 14.84 -122.91
C12 BCR JM . 59.05 12.67 -119.60
C13 BCR JM . 58.00 11.80 -119.12
C14 BCR JM . 57.83 11.71 -117.80
C15 BCR JM . 56.71 11.08 -117.15
C16 BCR JM . 56.75 10.90 -115.83
C17 BCR JM . 55.64 11.34 -115.03
C18 BCR JM . 55.67 11.71 -113.75
C19 BCR JM . 54.61 11.22 -112.87
C20 BCR JM . 54.38 11.70 -111.66
C21 BCR JM . 53.25 11.22 -110.90
C22 BCR JM . 52.75 11.77 -109.79
C23 BCR JM . 53.65 12.14 -108.70
C24 BCR JM . 53.19 12.61 -107.54
C25 BCR JM . 53.97 13.15 -106.42
C26 BCR JM . 54.22 14.46 -106.32
C27 BCR JM . 54.97 15.13 -105.24
C28 BCR JM . 55.73 14.18 -104.34
C29 BCR JM . 54.99 12.89 -104.12
C30 BCR JM . 54.43 12.20 -105.35
C35 BCR JM . 57.42 10.77 -120.02
C36 BCR JM . 56.44 12.90 -113.31
C37 BCR JM . 51.33 12.17 -109.73
C38 BCR JM . 53.77 15.44 -107.32
C39 BCR JM . 53.27 11.30 -104.98
C40 BCR JM . 55.54 11.28 -105.82
C1 BCR KM . 56.02 -18.39 -101.62
C2 BCR KM . 57.55 -18.40 -101.58
C3 BCR KM . 58.14 -18.35 -100.20
C4 BCR KM . 57.43 -17.37 -99.31
C5 BCR KM . 56.00 -17.72 -99.26
C6 BCR KM . 55.32 -18.18 -100.31
C7 BCR KM . 53.91 -18.55 -100.25
C8 BCR KM . 52.90 -17.70 -100.42
C9 BCR KM . 51.50 -18.07 -100.24
C10 BCR KM . 50.60 -17.15 -99.89
C11 BCR KM . 49.26 -17.46 -99.46
C33 BCR KM . 55.38 -17.50 -97.94
C31 BCR KM . 55.61 -19.71 -102.24
C32 BCR KM . 55.66 -17.29 -102.60
C34 BCR KM . 51.13 -19.49 -100.41
C12 BCR KM . 48.30 -16.53 -99.61
C13 BCR KM . 46.90 -16.76 -99.36
C14 BCR KM . 46.10 -15.69 -99.22
C15 BCR KM . 44.83 -15.72 -98.56
C16 BCR KM . 44.12 -14.60 -98.37
C17 BCR KM . 42.88 -14.49 -99.10
C18 BCR KM . 41.86 -13.66 -98.83
C19 BCR KM . 40.58 -14.29 -98.58
C20 BCR KM . 39.47 -13.60 -98.32
C21 BCR KM . 38.19 -14.20 -98.65
C22 BCR KM . 37.32 -13.70 -99.54
C23 BCR KM . 35.94 -14.13 -99.49
C24 BCR KM . 34.92 -13.27 -99.39
C25 BCR KM . 33.67 -13.30 -100.14
C26 BCR KM . 32.61 -13.99 -99.70
C27 BCR KM . 31.29 -14.10 -100.36
C28 BCR KM . 31.26 -13.52 -101.75
C29 BCR KM . 32.18 -12.33 -101.90
C30 BCR KM . 33.59 -12.52 -101.41
C35 BCR KM . 46.34 -18.13 -99.29
C36 BCR KM . 41.88 -12.25 -99.26
C37 BCR KM . 37.69 -12.55 -100.38
C38 BCR KM . 32.61 -14.77 -98.44
C39 BCR KM . 34.29 -11.18 -101.25
C40 BCR KM . 34.31 -13.24 -102.54
C1 BCR LM . 41.64 20.01 -80.86
C2 BCR LM . 43.11 19.92 -80.52
C3 BCR LM . 43.33 18.92 -79.42
C4 BCR LM . 42.94 17.56 -79.91
C5 BCR LM . 41.66 17.56 -80.68
C6 BCR LM . 41.04 18.65 -81.11
C7 BCR LM . 39.80 18.60 -81.88
C8 BCR LM . 38.59 18.68 -81.29
C9 BCR LM . 37.39 18.05 -81.78
C10 BCR LM . 36.55 17.54 -80.89
C11 BCR LM . 35.45 16.66 -81.23
C33 BCR LM . 41.13 16.21 -80.91
C31 BCR LM . 41.51 20.90 -82.07
C32 BCR LM . 40.97 20.68 -79.68
C34 BCR LM . 37.04 18.19 -83.20
C12 BCR LM . 34.58 16.35 -80.27
C13 BCR LM . 33.15 16.43 -80.43
C14 BCR LM . 32.39 16.06 -79.39
C15 BCR LM . 30.99 16.33 -79.24
C16 BCR LM . 30.39 16.02 -78.09
C17 BCR LM . 28.97 16.21 -77.97
C18 BCR LM . 28.35 16.49 -76.83
C19 BCR LM . 26.94 16.20 -76.70
C20 BCR LM . 26.27 16.31 -75.55
C21 BCR LM . 24.85 16.03 -75.58
C22 BCR LM . 24.07 15.72 -74.54
C23 BCR LM . 22.87 14.95 -74.83
C24 BCR LM . 21.66 15.30 -74.37
C25 BCR LM . 20.41 14.59 -74.61
C26 BCR LM . 19.61 14.90 -75.62
C27 BCR LM . 18.30 14.28 -75.94
C28 BCR LM . 17.95 13.14 -75.02
C29 BCR LM . 18.53 13.33 -73.64
C30 BCR LM . 20.03 13.51 -73.66
C35 BCR LM . 32.59 17.28 -81.48
C36 BCR LM . 29.10 16.84 -75.62
C37 BCR LM . 24.11 16.55 -73.31
C38 BCR LM . 19.93 15.98 -76.57
C39 BCR LM . 20.73 12.21 -73.97
C40 BCR LM . 20.41 13.87 -72.24
C1 LMG MM . 19.93 1.26 -94.11
O1 LMG MM . 20.81 1.25 -93.03
C2 LMG MM . 19.83 -0.22 -94.53
O2 LMG MM . 21.02 -0.46 -95.21
C3 LMG MM . 18.64 -0.38 -95.54
O3 LMG MM . 18.45 -1.75 -95.69
C4 LMG MM . 17.33 0.25 -94.99
O4 LMG MM . 16.91 -0.49 -93.88
C5 LMG MM . 17.66 1.71 -94.53
O5 LMG MM . 16.19 3.52 -94.62
C6 LMG MM . 16.39 2.33 -93.92
O6 LMG MM . 18.69 1.71 -93.56
C7 LMG MM . 21.36 2.49 -92.71
C8 LMG MM . 21.76 2.38 -91.22
C9 LMG MM . 22.96 1.44 -91.12
O7 LMG MM . 22.23 3.63 -90.77
C10 LMG MM . 21.80 4.10 -89.57
O9 LMG MM . 21.02 3.41 -88.91
C11 LMG MM . 22.23 5.49 -89.28
C12 LMG MM . 23.64 5.49 -88.76
C13 LMG MM . 24.05 6.79 -88.10
C14 LMG MM . 24.89 7.56 -89.08
C15 LMG MM . 24.61 9.03 -88.89
C16 LMG MM . 25.52 9.82 -89.79
C17 LMG MM . 26.74 10.19 -88.99
C18 LMG MM . 27.33 11.42 -89.65
C19 LMG MM . 28.67 11.03 -90.23
C20 LMG MM . 29.52 12.27 -90.18
C21 LMG MM . 30.95 11.84 -90.00
C22 LMG MM . 31.75 12.82 -90.81
C23 LMG MM . 33.09 12.22 -91.10
C24 LMG MM . 32.83 11.14 -92.12
C25 LMG MM . 34.15 10.62 -92.57
C26 LMG MM . 34.67 11.61 -93.58
C27 LMG MM . 35.67 10.90 -94.44
O8 LMG MM . 24.09 2.25 -91.28
C28 LMG MM . 25.09 1.74 -92.03
O10 LMG MM . 25.14 0.54 -92.24
C29 LMG MM . 25.82 2.79 -92.79
C30 LMG MM . 27.11 2.24 -93.39
C31 LMG MM . 28.26 2.94 -92.73
C32 LMG MM . 29.18 1.88 -92.13
C33 LMG MM . 30.52 2.54 -91.91
C34 LMG MM . 30.61 3.00 -90.48
C35 LMG MM . 31.99 2.62 -89.98
C36 LMG MM . 31.89 2.50 -88.49
C37 LMG MM . 32.62 3.67 -87.88
C38 LMG MM . 33.95 3.08 -87.54
C39 LMG MM . 34.75 4.10 -86.78
C40 LMG MM . 36.13 3.90 -87.31
C41 LMG MM . 37.10 4.66 -86.46
C42 LMG MM . 37.52 5.80 -87.34
C43 LMG MM . 38.78 6.39 -86.80
C44 LMG MM . 38.80 7.85 -87.22
C45 LMG MM . 39.80 8.56 -86.36
FE1 SF4 NM . 2.86 -4.92 -84.81
FE2 SF4 NM . 0.20 -5.56 -84.70
FE3 SF4 NM . 1.89 -7.02 -86.29
FE4 SF4 NM . 1.25 -4.43 -86.97
S1 SF4 NM . -0.16 -6.21 -86.85
S2 SF4 NM . 3.31 -5.39 -86.98
S3 SF4 NM . 1.11 -3.48 -84.91
S4 SF4 NM . 1.95 -6.86 -84.01
FE1 SF4 OM . -0.48 -17.15 -88.68
FE2 SF4 OM . -2.83 -15.75 -88.41
FE3 SF4 OM . -2.27 -17.81 -86.70
FE4 SF4 OM . -2.87 -18.33 -89.32
S1 SF4 OM . -4.26 -17.40 -87.75
S2 SF4 OM . -1.18 -19.23 -88.11
S3 SF4 OM . -1.91 -16.52 -90.35
S4 SF4 OM . -1.13 -15.86 -86.92
MG CLA PM . 25.07 -28.96 -73.13
CHA CLA PM . 25.16 -32.26 -72.11
CHB CLA PM . 24.31 -28.08 -69.95
CHC CLA PM . 25.47 -25.73 -74.06
CHD CLA PM . 26.29 -30.05 -76.44
NA CLA PM . 24.82 -29.96 -71.33
C1A CLA PM . 24.80 -31.22 -71.07
C2A CLA PM . 24.42 -31.59 -69.65
C3A CLA PM . 24.12 -30.24 -69.04
C4A CLA PM . 24.44 -29.37 -70.19
CMA CLA PM . 22.61 -30.15 -68.80
CAA CLA PM . 25.61 -32.10 -68.85
CBA CLA PM . 25.25 -32.37 -67.40
CGA CLA PM . 26.54 -32.60 -66.67
O1A CLA PM . 27.57 -32.11 -67.09
O2A CLA PM . 26.60 -33.42 -65.48
NB CLA PM . 24.95 -27.18 -72.13
C1B CLA PM . 24.52 -26.99 -70.89
C2B CLA PM . 24.23 -25.58 -70.51
C3B CLA PM . 24.60 -24.88 -71.77
C4B CLA PM . 25.02 -25.98 -72.69
CMB CLA PM . 23.73 -25.00 -69.22
CAB CLA PM . 24.54 -23.43 -72.07
CBB CLA PM . 23.61 -23.01 -72.90
NC CLA PM . 25.77 -28.10 -74.88
C1C CLA PM . 25.81 -26.78 -75.06
C2C CLA PM . 26.26 -26.33 -76.39
C3C CLA PM . 26.49 -27.61 -77.11
C4C CLA PM . 26.16 -28.62 -76.07
CMC CLA PM . 26.39 -24.92 -76.89
CAC CLA PM . 26.98 -27.84 -78.52
CBC CLA PM . 25.93 -27.43 -79.54
ND CLA PM . 25.64 -30.65 -74.12
C1D CLA PM . 26.05 -31.06 -75.42
C2D CLA PM . 26.20 -32.53 -75.61
C3D CLA PM . 25.84 -33.00 -74.24
C4D CLA PM . 25.54 -31.89 -73.48
CMD CLA PM . 26.59 -33.46 -76.73
CAD CLA PM . 25.67 -34.19 -73.39
OBD CLA PM . 25.87 -35.42 -73.75
CBD CLA PM . 25.28 -33.75 -72.05
CGD CLA PM . 24.13 -34.52 -71.47
O1D CLA PM . 23.02 -34.04 -71.41
O2D CLA PM . 24.40 -35.82 -70.89
CED CLA PM . 24.00 -36.08 -69.54
C1 CLA PM . 27.70 -34.32 -65.39
C2 CLA PM . 27.18 -35.74 -65.45
C3 CLA PM . 27.74 -36.71 -64.71
C4 CLA PM . 28.91 -36.40 -63.81
C5 CLA PM . 27.19 -38.11 -64.79
C6 CLA PM . 28.03 -39.15 -64.07
C1 BCR QM . 47.33 -33.60 -68.44
C2 BCR QM . 48.68 -33.75 -67.76
C3 BCR QM . 49.14 -32.41 -67.28
C4 BCR QM . 48.19 -31.87 -66.24
C5 BCR QM . 46.77 -32.10 -66.58
C6 BCR QM . 46.34 -32.87 -67.59
C7 BCR QM . 44.92 -33.10 -67.86
C8 BCR QM . 44.17 -32.33 -68.66
C9 BCR QM . 42.77 -32.64 -68.92
C10 BCR QM . 41.87 -31.66 -69.04
C11 BCR QM . 40.44 -31.87 -69.21
C33 BCR QM . 45.84 -31.37 -65.69
C31 BCR QM . 46.86 -34.99 -68.78
C32 BCR QM . 47.57 -32.87 -69.75
C34 BCR QM . 42.35 -34.06 -68.91
C12 BCR QM . 39.61 -30.91 -68.83
C13 BCR QM . 38.27 -30.70 -69.34
C14 BCR QM . 37.80 -29.45 -69.41
C15 BCR QM . 36.45 -29.10 -69.77
C16 BCR QM . 36.18 -27.87 -70.23
C17 BCR QM . 35.50 -26.92 -69.39
C18 BCR QM . 35.19 -25.67 -69.71
C19 BCR QM . 34.15 -25.46 -70.70
C20 BCR QM . 33.52 -24.29 -70.84
C21 BCR QM . 32.93 -23.96 -72.12
C22 BCR QM . 32.93 -22.73 -72.65
C23 BCR QM . 32.34 -22.54 -73.96
C24 BCR QM . 31.32 -21.68 -74.15
C25 BCR QM . 30.59 -21.41 -75.38
C26 BCR QM . 29.59 -22.22 -75.80
C27 BCR QM . 28.77 -22.04 -77.01
C28 BCR QM . 28.90 -20.66 -77.61
C29 BCR QM . 30.35 -20.21 -77.56
C30 BCR QM . 30.90 -20.17 -76.15
C35 BCR QM . 37.37 -31.85 -69.54
C36 BCR QM . 35.99 -24.51 -69.29
C37 BCR QM . 33.40 -21.56 -71.88
C38 BCR QM . 29.18 -23.43 -75.08
C39 BCR QM . 30.35 -18.99 -75.37
C40 BCR QM . 32.39 -19.90 -76.31
C1 BCR RM . 34.93 -37.92 -81.08
C2 BCR RM . 34.47 -38.59 -79.80
C3 BCR RM . 35.60 -38.75 -78.84
C4 BCR RM . 36.72 -39.57 -79.42
C5 BCR RM . 36.99 -39.24 -80.84
C6 BCR RM . 36.21 -38.48 -81.61
C7 BCR RM . 36.53 -38.21 -83.02
C8 BCR RM . 37.27 -37.18 -83.46
C9 BCR RM . 37.45 -36.89 -84.87
C10 BCR RM . 38.45 -36.09 -85.26
C11 BCR RM . 38.57 -35.59 -86.61
C33 BCR RM . 38.26 -39.82 -81.34
C31 BCR RM . 35.02 -36.44 -80.79
C32 BCR RM . 33.83 -38.15 -82.09
C34 BCR RM . 36.49 -37.45 -85.83
C12 BCR RM . 39.77 -35.18 -87.05
C13 BCR RM . 40.10 -34.93 -88.43
C14 BCR RM . 41.39 -34.79 -88.76
C15 BCR RM . 42.48 -34.97 -87.83
C16 BCR RM . 43.71 -35.25 -88.27
C17 BCR RM . 44.82 -34.97 -87.39
C18 BCR RM . 45.65 -33.93 -87.48
C19 BCR RM . 46.30 -33.46 -86.27
C20 BCR RM . 47.35 -32.64 -86.28
C21 BCR RM . 48.55 -33.03 -85.55
C22 BCR RM . 49.72 -32.38 -85.58
C23 BCR RM . 50.69 -32.69 -84.54
C24 BCR RM . 51.97 -32.29 -84.60
C25 BCR RM . 53.06 -32.60 -83.67
C26 BCR RM . 53.75 -33.76 -83.75
C27 BCR RM . 54.87 -34.18 -82.88
C28 BCR RM . 55.37 -33.08 -81.96
C29 BCR RM . 54.20 -32.24 -81.50
C30 BCR RM . 53.44 -31.60 -82.63
C35 BCR RM . 39.11 -35.25 -89.48
C36 BCR RM . 46.03 -33.32 -88.77
C37 BCR RM . 50.13 -31.58 -86.74
C38 BCR RM . 53.47 -34.82 -84.74
C39 BCR RM . 54.26 -30.49 -83.27
C40 BCR RM . 52.26 -30.90 -81.97
MG CLA SM . 59.59 -32.57 -86.49
CHA CLA SM . 60.22 -35.88 -85.67
CHB CLA SM . 56.44 -33.51 -87.32
CHC CLA SM . 59.17 -29.51 -87.86
CHD CLA SM . 63.19 -31.87 -86.09
NA CLA SM . 58.53 -34.36 -86.54
C1A CLA SM . 58.82 -35.51 -86.07
C2A CLA SM . 57.69 -36.53 -85.99
C3A CLA SM . 56.54 -35.73 -86.56
C4A CLA SM . 57.22 -34.44 -86.82
CMA CLA SM . 56.12 -36.29 -87.92
CAA CLA SM . 57.29 -36.89 -84.56
CBA CLA SM . 56.05 -37.78 -84.51
CGA CLA SM . 56.31 -39.15 -85.08
O1A CLA SM . 56.63 -40.08 -84.37
O2A CLA SM . 56.15 -39.40 -86.52
NB CLA SM . 58.03 -31.64 -87.41
C1B CLA SM . 56.83 -32.16 -87.72
C2B CLA SM . 55.94 -31.30 -88.54
C3B CLA SM . 56.77 -30.09 -88.70
C4B CLA SM . 58.03 -30.43 -87.97
CMB CLA SM . 54.55 -31.58 -89.06
CAB CLA SM . 56.42 -28.85 -89.44
CBB CLA SM . 57.12 -28.49 -90.49
NC CLA SM . 60.92 -31.06 -86.95
C1C CLA SM . 60.51 -29.86 -87.38
C2C CLA SM . 61.55 -28.79 -87.36
C3C CLA SM . 62.73 -29.50 -86.83
C4C CLA SM . 62.24 -30.89 -86.62
CMC CLA SM . 61.41 -27.35 -87.77
CAC CLA SM . 64.11 -28.94 -86.59
CBC CLA SM . 64.83 -29.13 -87.90
ND CLA SM . 61.34 -33.54 -86.04
C1D CLA SM . 62.72 -33.25 -85.85
C2D CLA SM . 63.56 -34.39 -85.40
C3D CLA SM . 62.52 -35.46 -85.35
C4D CLA SM . 61.31 -34.88 -85.73
CMD CLA SM . 65.01 -34.63 -85.05
CAD CLA SM . 62.25 -36.89 -85.04
OBD CLA SM . 63.14 -37.75 -84.66
CBD CLA SM . 60.82 -37.18 -85.28
CGD CLA SM . 60.75 -38.10 -86.47
O1D CLA SM . 60.83 -37.66 -87.60
O2D CLA SM . 60.56 -39.53 -86.28
CED CLA SM . 60.54 -40.40 -87.41
C1 BCR TM . 39.98 22.41 -92.98
C2 BCR TM . 41.00 23.10 -93.85
C3 BCR TM . 40.62 22.96 -95.30
C4 BCR TM . 39.28 23.59 -95.57
C5 BCR TM . 38.30 23.37 -94.49
C6 BCR TM . 38.58 22.83 -93.30
C7 BCR TM . 37.56 22.66 -92.25
C8 BCR TM . 36.85 21.55 -92.07
C9 BCR TM . 35.79 21.44 -91.08
C10 BCR TM . 35.37 22.55 -90.47
C11 BCR TM . 34.20 22.60 -89.62
C33 BCR TM . 36.93 23.81 -94.84
C31 BCR TM . 40.33 22.75 -91.54
C32 BCR TM . 40.16 20.91 -93.18
C34 BCR TM . 35.27 20.11 -90.75
C12 BCR TM . 34.33 23.10 -88.39
C13 BCR TM . 33.26 23.18 -87.42
C14 BCR TM . 33.49 23.79 -86.25
C15 BCR TM . 32.44 24.13 -85.32
C16 BCR TM . 32.72 24.83 -84.21
C17 BCR TM . 31.65 25.52 -83.55
C18 BCR TM . 31.77 26.38 -82.53
C19 BCR TM . 31.10 26.06 -81.29
C20 BCR TM . 31.16 26.85 -80.21
C21 BCR TM . 30.45 26.46 -79.01
C22 BCR TM . 30.51 27.12 -77.85
C23 BCR TM . 30.22 26.39 -76.63
C24 BCR TM . 30.45 26.90 -75.41
C25 BCR TM . 30.19 26.27 -74.13
C26 BCR TM . 28.96 26.20 -73.60
C27 BCR TM . 28.64 25.57 -72.33
C28 BCR TM . 29.48 24.34 -72.13
C29 BCR TM . 30.94 24.68 -72.28
C30 BCR TM . 31.34 25.71 -73.34
C35 BCR TM . 31.92 22.65 -87.74
C36 BCR TM . 32.64 27.57 -82.60
C37 BCR TM . 31.22 28.41 -77.76
C38 BCR TM . 27.73 26.71 -74.24
C39 BCR TM . 32.44 25.17 -74.23
C40 BCR TM . 32.01 26.79 -72.51
MG CLA UM . 42.90 -36.79 -48.62
CHA CLA UM . 45.22 -38.46 -46.70
CHB CLA UM . 43.08 -39.31 -50.88
CHC CLA UM . 40.30 -35.36 -50.26
CHD CLA UM . 42.32 -34.49 -45.77
NA CLA UM . 43.91 -38.59 -48.75
C1A CLA UM . 44.84 -39.08 -48.01
C2A CLA UM . 45.53 -40.32 -48.54
C3A CLA UM . 44.85 -40.52 -49.87
C4A CLA UM . 43.89 -39.39 -49.82
CMA CLA UM . 45.83 -40.27 -51.01
CAA CLA UM . 45.27 -41.59 -47.70
CBA CLA UM . 43.84 -42.14 -47.69
CGA CLA UM . 43.01 -41.52 -46.59
O1A CLA UM . 41.80 -41.56 -46.63
O2A CLA UM . 43.65 -40.87 -45.46
NB CLA UM . 41.88 -37.25 -50.34
C1B CLA UM . 42.04 -38.33 -51.10
C2B CLA UM . 41.03 -38.50 -52.18
C3B CLA UM . 40.18 -37.30 -51.99
C4B CLA UM . 40.82 -36.61 -50.83
CMB CLA UM . 40.93 -39.61 -53.18
CAB CLA UM . 39.00 -36.88 -52.76
CBB CLA UM . 38.93 -35.69 -53.34
NC CLA UM . 41.61 -35.26 -48.11
C1C CLA UM . 40.62 -34.84 -48.92
C2C CLA UM . 39.78 -33.74 -48.38
C3C CLA UM . 40.38 -33.49 -47.06
C4C CLA UM . 41.49 -34.48 -47.00
CMC CLA UM . 38.60 -33.05 -49.02
CAC CLA UM . 39.96 -32.48 -46.02
CBC CLA UM . 38.92 -33.18 -45.17
ND CLA UM . 43.48 -36.51 -46.69
C1D CLA UM . 43.35 -35.53 -45.65
C2D CLA UM . 44.29 -35.68 -44.52
C3D CLA UM . 45.05 -36.88 -44.96
C4D CLA UM . 44.52 -37.27 -46.19
CMD CLA UM . 44.57 -34.96 -43.22
CAD CLA UM . 46.13 -37.82 -44.61
OBD CLA UM . 46.86 -37.77 -43.55
CBD CLA UM . 46.28 -38.81 -45.70
CGD CLA UM . 47.60 -38.51 -46.33
O1D CLA UM . 48.27 -39.41 -46.82
O2D CLA UM . 48.10 -37.14 -46.35
CED CLA UM . 49.31 -36.86 -47.04
C1 BCR VM . 44.46 -27.03 -63.80
C2 BCR VM . 45.50 -26.96 -64.89
C3 BCR VM . 46.66 -27.87 -64.57
C4 BCR VM . 47.31 -27.48 -63.27
C5 BCR VM . 46.34 -27.13 -62.22
C6 BCR VM . 45.02 -26.95 -62.42
C7 BCR VM . 44.08 -26.59 -61.35
C8 BCR VM . 43.50 -27.50 -60.57
C9 BCR VM . 42.06 -27.66 -60.41
C10 BCR VM . 41.35 -26.67 -59.86
C11 BCR VM . 40.34 -26.85 -58.85
C33 BCR VM . 46.96 -27.04 -60.88
C31 BCR VM . 43.70 -28.33 -64.02
C32 BCR VM . 43.53 -25.87 -64.03
C34 BCR VM . 41.58 -29.04 -60.39
C12 BCR VM . 40.04 -25.82 -58.03
C13 BCR VM . 39.56 -25.94 -56.68
C14 BCR VM . 39.26 -24.82 -56.00
C15 BCR VM . 38.24 -24.74 -55.00
C16 BCR VM . 37.78 -23.54 -54.61
C17 BCR VM . 36.44 -23.46 -54.09
C18 BCR VM . 35.88 -22.36 -53.55
C19 BCR VM . 34.89 -22.55 -52.50
C20 BCR VM . 34.65 -21.62 -51.59
C21 BCR VM . 33.35 -21.55 -50.97
C22 BCR VM . 32.82 -20.48 -50.38
C23 BCR VM . 31.42 -20.52 -49.96
C24 BCR VM . 31.05 -20.44 -48.68
C25 BCR VM . 29.68 -20.58 -48.14
C26 BCR VM . 29.11 -21.77 -47.95
C27 BCR VM . 27.75 -22.01 -47.39
C28 BCR VM . 27.15 -20.78 -46.75
C29 BCR VM . 27.48 -19.58 -47.60
C30 BCR VM . 28.97 -19.33 -47.74
C35 BCR VM . 39.21 -27.26 -56.11
C36 BCR VM . 36.34 -21.01 -53.87
C37 BCR VM . 33.56 -19.21 -50.32
C38 BCR VM . 29.73 -23.07 -48.28
C39 BCR VM . 29.53 -18.80 -46.45
C40 BCR VM . 29.10 -18.19 -48.74
C1 BCR WM . 46.76 -30.13 -48.38
C2 BCR WM . 48.07 -29.79 -47.68
C3 BCR WM . 47.90 -29.31 -46.27
C4 BCR WM . 47.12 -30.32 -45.49
C5 BCR WM . 45.81 -30.52 -46.13
C6 BCR WM . 45.61 -30.45 -47.46
C7 BCR WM . 44.29 -30.61 -48.07
C8 BCR WM . 43.74 -31.78 -48.40
C9 BCR WM . 42.68 -31.89 -49.38
C10 BCR WM . 41.79 -30.89 -49.43
C11 BCR WM . 40.88 -30.65 -50.51
C33 BCR WM . 44.74 -30.80 -45.17
C31 BCR WM . 47.05 -31.26 -49.34
C32 BCR WM . 46.40 -28.93 -49.22
C34 BCR WM . 42.93 -32.75 -50.55
C12 BCR WM . 40.18 -29.50 -50.52
C13 BCR WM . 38.85 -29.34 -51.04
C14 BCR WM . 38.25 -28.15 -50.91
C15 BCR WM . 37.36 -27.60 -51.88
C16 BCR WM . 36.30 -26.86 -51.51
C17 BCR WM . 35.15 -26.86 -52.37
C18 BCR WM . 33.94 -26.37 -52.10
C19 BCR WM . 32.87 -26.55 -53.06
C20 BCR WM . 31.66 -26.02 -52.92
C21 BCR WM . 30.58 -26.51 -53.74
C22 BCR WM . 29.36 -25.95 -53.82
C23 BCR WM . 28.27 -26.72 -54.41
C24 BCR WM . 27.04 -26.22 -54.58
C25 BCR WM . 25.78 -26.85 -54.18
C26 BCR WM . 25.23 -26.59 -52.98
C27 BCR WM . 23.96 -27.14 -52.50
C28 BCR WM . 23.03 -27.33 -53.65
C29 BCR WM . 23.69 -28.19 -54.70
C30 BCR WM . 25.08 -27.77 -55.14
C35 BCR WM . 38.31 -30.34 -51.99
C36 BCR WM . 33.68 -25.57 -50.87
C37 BCR WM . 29.15 -24.54 -53.45
C38 BCR WM . 25.84 -25.69 -52.00
C39 BCR WM . 25.06 -27.16 -56.54
C40 BCR WM . 25.82 -29.10 -55.30
C1 BCR XM . 49.17 -24.20 -77.77
C2 BCR XM . 48.28 -23.53 -78.80
C3 BCR XM . 47.38 -24.49 -79.53
C4 BCR XM . 46.64 -25.34 -78.55
C5 BCR XM . 47.63 -26.09 -77.75
C6 BCR XM . 48.80 -25.59 -77.37
C7 BCR XM . 49.78 -26.36 -76.59
C8 BCR XM . 49.80 -26.45 -75.27
C9 BCR XM . 50.93 -26.96 -74.51
C10 BCR XM . 50.73 -27.74 -73.44
C11 BCR XM . 51.78 -28.16 -72.53
C33 BCR XM . 47.20 -27.46 -77.41
C31 BCR XM . 49.16 -23.24 -76.60
C32 BCR XM . 50.57 -24.20 -78.35
C34 BCR XM . 52.28 -26.47 -74.88
C12 BCR XM . 51.49 -28.95 -71.50
C13 BCR XM . 52.41 -29.34 -70.45
C14 BCR XM . 52.10 -30.38 -69.67
C15 BCR XM . 53.06 -31.07 -68.84
C16 BCR XM . 52.65 -31.86 -67.85
C17 BCR XM . 53.55 -32.89 -67.39
C18 BCR XM . 53.21 -34.06 -66.84
C19 BCR XM . 53.98 -35.23 -67.20
C20 BCR XM . 54.11 -36.30 -66.41
C21 BCR XM . 55.23 -36.36 -65.48
C22 BCR XM . 55.27 -37.13 -64.39
C23 BCR XM . 56.40 -38.03 -64.20
C24 BCR XM . 56.48 -38.83 -63.14
C25 BCR XM . 57.67 -39.48 -62.62
C26 BCR XM . 58.00 -40.74 -62.96
C27 BCR XM . 59.17 -41.50 -62.47
C28 BCR XM . 60.08 -40.69 -61.58
C29 BCR XM . 59.31 -39.68 -60.77
C30 BCR XM . 58.52 -38.72 -61.64
C35 BCR XM . 53.77 -28.78 -70.43
C36 BCR XM . 52.32 -34.14 -65.66
C37 BCR XM . 54.24 -37.04 -63.33
C38 BCR XM . 57.19 -41.53 -63.90
C39 BCR XM . 59.44 -37.74 -62.34
C40 BCR XM . 57.66 -37.90 -60.70
MG CLA YM . 8.31 3.17 -10.05
CHA CLA YM . 7.34 5.12 -7.40
CHB CLA YM . 5.66 1.20 -9.41
CHC CLA YM . 9.54 1.01 -12.31
CHD CLA YM . 11.48 5.04 -10.15
NA CLA YM . 6.81 3.12 -8.62
C1A CLA YM . 6.42 4.03 -7.82
C2A CLA YM . 5.05 3.92 -7.24
C3A CLA YM . 4.59 2.63 -7.87
C4A CLA YM . 5.77 2.30 -8.69
CMA CLA YM . 4.46 1.55 -6.80
CAA CLA YM . 4.14 5.00 -7.82
CBA CLA YM . 2.71 4.85 -7.31
CGA CLA YM . 1.76 4.59 -8.45
O1A CLA YM . 1.34 5.52 -9.13
O2A CLA YM . 1.32 3.24 -8.73
NB CLA YM . 7.64 1.42 -10.81
C1B CLA YM . 6.68 0.66 -10.30
C2B CLA YM . 6.72 -0.78 -10.65
C3B CLA YM . 7.90 -0.82 -11.52
C4B CLA YM . 8.37 0.59 -11.56
CMB CLA YM . 5.80 -1.88 -10.23
CAB CLA YM . 8.50 -1.96 -12.24
CBB CLA YM . 8.44 -1.98 -13.56
NC CLA YM . 10.14 3.05 -10.98
C1C CLA YM . 10.39 2.13 -11.91
C2C CLA YM . 11.68 2.27 -12.61
C3C CLA YM . 12.26 3.46 -11.97
C4C CLA YM . 11.23 3.86 -10.99
CMC CLA YM . 12.23 1.38 -13.70
CAC CLA YM . 13.58 4.11 -12.26
CBC CLA YM . 13.35 4.89 -13.54
ND CLA YM . 9.27 4.68 -9.07
C1D CLA YM . 10.50 5.40 -9.12
C2D CLA YM . 10.63 6.48 -8.10
C3D CLA YM . 9.33 6.33 -7.40
C4D CLA YM . 8.66 5.29 -8.00
CMD CLA YM . 11.65 7.50 -7.71
CAD CLA YM . 8.47 6.84 -6.31
OBD CLA YM . 8.78 7.80 -5.52
CBD CLA YM . 7.22 6.06 -6.27
C1 BCR ZM . 19.11 -2.66 -14.94
C2 BCR ZM . 20.09 -3.67 -14.40
C3 BCR ZM . 19.38 -4.97 -14.16
C4 BCR ZM . 18.87 -5.54 -15.46
C5 BCR ZM . 18.33 -4.50 -16.36
C6 BCR ZM . 18.41 -3.19 -16.15
C7 BCR ZM . 17.87 -2.22 -17.10
C8 BCR ZM . 16.64 -1.73 -17.05
C9 BCR ZM . 16.07 -0.90 -18.09
C10 BCR ZM . 14.93 -1.27 -18.68
C11 BCR ZM . 14.36 -0.63 -19.83
C33 BCR ZM . 17.66 -5.08 -17.54
C31 BCR ZM . 19.90 -1.41 -15.27
C32 BCR ZM . 18.15 -2.31 -13.84
C34 BCR ZM . 16.87 0.24 -18.58
C12 BCR ZM . 13.04 -0.56 -19.97
C13 BCR ZM . 12.30 0.65 -20.24
C14 BCR ZM . 10.98 0.56 -20.44
C15 BCR ZM . 10.13 1.69 -20.70
C16 BCR ZM . 8.85 1.47 -21.03
C17 BCR ZM . 7.98 2.57 -21.30
C18 BCR ZM . 6.69 2.45 -21.63
C19 BCR ZM . 5.97 3.59 -22.16
C20 BCR ZM . 4.69 3.51 -22.50
C21 BCR ZM . 3.88 4.70 -22.48
C22 BCR ZM . 2.57 4.75 -22.75
C23 BCR ZM . 2.05 5.93 -23.40
C24 BCR ZM . 1.37 6.89 -22.77
C25 BCR ZM . 0.34 7.77 -23.32
C26 BCR ZM . 0.64 8.81 -24.12
C27 BCR ZM . -0.34 9.75 -24.70
C28 BCR ZM . -1.56 9.85 -23.84
C29 BCR ZM . -2.09 8.49 -23.49
C30 BCR ZM . -1.08 7.49 -22.96
C35 BCR ZM . 12.92 1.96 -19.92
C36 BCR ZM . 5.91 1.28 -21.22
C37 BCR ZM . 1.83 3.48 -22.93
C38 BCR ZM . 1.99 9.21 -24.54
C39 BCR ZM . -1.48 6.08 -23.35
C40 BCR ZM . -1.29 7.53 -21.45
MG CLA AN . 13.74 17.63 -19.18
CHA CLA AN . 16.72 17.45 -20.92
CHB CLA AN . 14.82 20.49 -17.80
CHC CLA AN . 10.66 18.00 -17.91
CHD CLA AN . 12.55 14.74 -21.18
NA CLA AN . 15.44 18.80 -19.36
C1A CLA AN . 16.53 18.62 -19.99
C2A CLA AN . 17.63 19.63 -19.73
C3A CLA AN . 16.99 20.56 -18.74
C4A CLA AN . 15.66 19.89 -18.63
CMA CLA AN . 17.73 20.45 -17.41
CAA CLA AN . 18.05 20.50 -20.93
CBA CLA AN . 16.94 20.82 -21.91
CGA CLA AN . 17.53 21.66 -23.02
O1A CLA AN . 18.74 21.68 -23.19
O2A CLA AN . 16.67 22.46 -23.88
NB CLA AN . 12.86 19.06 -18.04
C1B CLA AN . 13.45 20.10 -17.48
C2B CLA AN . 12.63 20.86 -16.51
C3B CLA AN . 11.37 20.10 -16.54
C4B CLA AN . 11.63 19.02 -17.53
CMB CLA AN . 13.02 22.07 -15.71
CAB CLA AN . 10.13 20.37 -15.78
CBB CLA AN . 8.95 20.53 -16.36
NC CLA AN . 12.01 16.54 -19.45
C1C CLA AN . 10.85 16.94 -18.92
C2C CLA AN . 9.65 16.22 -19.42
C3C CLA AN . 10.22 15.27 -20.39
C4C CLA AN . 11.67 15.56 -20.31
CMC CLA AN . 8.22 16.44 -19.04
CAC CLA AN . 9.51 14.26 -21.25
CBC CLA AN . 9.29 13.06 -20.37
ND CLA AN . 14.34 16.41 -20.69
C1D CLA AN . 13.90 15.22 -21.38
C2D CLA AN . 14.90 14.58 -22.25
C3D CLA AN . 16.04 15.51 -22.06
C4D CLA AN . 15.64 16.49 -21.17
CMD CLA AN . 14.96 13.38 -23.16
CAD CLA AN . 17.44 15.78 -22.42
OBD CLA AN . 18.15 15.08 -23.23
CBD CLA AN . 17.88 17.01 -21.73
CGD CLA AN . 19.13 16.78 -20.95
O1D CLA AN . 20.19 16.80 -21.52
O2D CLA AN . 19.13 16.62 -19.51
CED CLA AN . 20.28 17.06 -18.79
MG CLA BN . -12.73 9.38 -4.97
CHA CLA BN . -12.91 7.16 -2.36
CHB CLA BN . -10.33 11.06 -3.28
CHC CLA BN . -12.43 11.41 -7.65
CHD CLA BN . -14.67 7.01 -7.03
NA CLA BN . -11.74 9.14 -3.17
C1A CLA BN . -11.95 8.31 -2.21
C2A CLA BN . -11.19 8.58 -0.93
C3A CLA BN . -10.42 9.86 -1.26
C4A CLA BN . -10.87 10.02 -2.66
CMA CLA BN . -10.93 11.06 -0.50
CAA CLA BN . -10.19 7.45 -0.61
CBA CLA BN . -8.74 7.57 -1.08
CGA CLA BN . -8.51 7.20 -2.53
O1A CLA BN . -8.28 6.06 -2.86
O2A CLA BN . -8.49 8.23 -3.55
NB CLA BN . -11.61 11.04 -5.36
C1B CLA BN . -10.57 11.47 -4.65
C2B CLA BN . -9.64 12.39 -5.36
C3B CLA BN . -10.29 12.48 -6.69
C4B CLA BN . -11.50 11.62 -6.55
CMB CLA BN . -8.38 13.03 -4.84
CAB CLA BN . -9.85 13.25 -7.87
CBB CLA BN . -10.59 14.19 -8.42
NC CLA BN . -13.43 9.24 -6.90
C1C CLA BN . -13.15 10.15 -7.84
C2C CLA BN . -13.64 9.84 -9.19
C3C CLA BN . -14.30 8.53 -9.01
C4C CLA BN . -14.11 8.26 -7.56
CMC CLA BN . -13.46 10.69 -10.42
CAC CLA BN . -15.02 7.68 -10.06
CBC CLA BN . -13.99 6.99 -10.94
ND CLA BN . -13.53 7.52 -4.88
C1D CLA BN . -14.44 6.70 -5.62
C2D CLA BN . -15.09 5.59 -4.86
C3D CLA BN . -14.44 5.81 -3.53
C4D CLA BN . -13.60 6.90 -3.64
CMD CLA BN . -16.06 4.49 -5.13
CAD CLA BN . -14.33 5.31 -2.15
OBD CLA BN . -14.99 4.32 -1.65
CBD CLA BN . -13.43 6.18 -1.39
CGD CLA BN . -14.35 6.96 -0.52
O1D CLA BN . -15.53 7.06 -0.83
O2D CLA BN . -13.89 7.60 0.68
CED CLA BN . -14.86 8.10 1.60
C1 CLA BN . -7.86 7.98 -4.80
C1 BCR CN . 33.00 32.37 -80.00
C2 BCR CN . 33.51 33.09 -81.22
C3 BCR CN . 32.35 33.66 -81.98
C4 BCR CN . 31.71 34.73 -81.15
C5 BCR CN . 31.45 34.28 -79.77
C6 BCR CN . 32.01 33.19 -79.22
C7 BCR CN . 31.75 32.78 -77.83
C8 BCR CN . 30.74 31.98 -77.49
C9 BCR CN . 30.48 31.53 -76.15
C10 BCR CN . 29.32 30.92 -75.90
C11 BCR CN . 28.80 30.60 -74.60
C33 BCR CN . 30.50 35.13 -79.05
C31 BCR CN . 34.22 32.04 -79.16
C32 BCR CN . 32.36 31.08 -80.49
C34 BCR CN . 31.37 31.98 -75.05
C12 BCR CN . 27.49 30.39 -74.48
C13 BCR CN . 26.81 30.21 -73.23
C14 BCR CN . 25.47 30.21 -73.22
C15 BCR CN . 24.69 29.93 -72.05
C16 BCR CN . 23.42 29.51 -72.18
C17 BCR CN . 22.54 29.66 -71.07
C18 BCR CN . 21.32 29.14 -70.97
C19 BCR CN . 20.68 29.14 -69.67
C20 BCR CN . 19.38 28.96 -69.52
C21 BCR CN . 18.83 28.99 -68.19
C22 BCR CN . 17.54 28.95 -67.87
C23 BCR CN . 16.66 29.99 -68.38
C24 BCR CN . 15.34 29.92 -68.27
C25 BCR CN . 14.37 30.30 -69.28
C26 BCR CN . 13.82 31.52 -69.30
C27 BCR CN . 12.82 32.01 -70.25
C28 BCR CN . 12.42 30.98 -71.30
C29 BCR CN . 12.58 29.57 -70.80
C30 BCR CN . 13.98 29.29 -70.29
C35 BCR CN . 27.58 29.82 -72.04
C36 BCR CN . 20.54 28.74 -72.15
C37 BCR CN . 16.93 27.68 -67.46
C38 BCR CN . 14.16 32.56 -68.31
C39 BCR CN . 14.98 29.22 -71.42
C40 BCR CN . 13.90 27.89 -69.70
MG CLA DN . 8.56 46.50 -70.13
CHA CLA DN . 9.47 49.45 -71.67
CHB CLA DN . 11.85 45.85 -69.59
CHC CLA DN . 7.61 43.89 -68.23
CHD CLA DN . 5.04 47.65 -70.24
NA CLA DN . 10.34 47.49 -70.49
C1A CLA DN . 10.58 48.55 -71.19
C2A CLA DN . 12.04 48.85 -71.46
C3A CLA DN . 12.74 47.67 -70.80
C4A CLA DN . 11.55 46.96 -70.26
CMA CLA DN . 13.39 46.77 -71.82
CAA CLA DN . 12.59 50.13 -70.78
CBA CLA DN . 12.81 50.10 -69.26
CGA CLA DN . 11.50 50.20 -68.50
O1A CLA DN . 10.95 51.28 -68.35
O2A CLA DN . 10.90 48.99 -67.96
NB CLA DN . 9.58 45.07 -69.10
C1B CLA DN . 10.90 44.97 -68.92
C2B CLA DN . 11.35 43.91 -67.98
C3B CLA DN . 10.06 43.33 -67.57
C4B CLA DN . 9.06 44.12 -68.34
CMB CLA DN . 12.75 43.55 -67.57
CAB CLA DN . 9.77 42.21 -66.64
CBB CLA DN . 10.35 41.04 -66.81
NC CLA DN . 6.70 45.86 -69.49
C1C CLA DN . 6.60 44.90 -68.57
C2C CLA DN . 5.31 44.87 -67.83
C3C CLA DN . 4.56 45.98 -68.42
C4C CLA DN . 5.51 46.50 -69.44
CMC CLA DN . 4.89 43.93 -66.72
CAC CLA DN . 3.17 46.46 -68.09
CBC CLA DN . 3.34 47.51 -67.01
ND CLA DN . 7.45 48.11 -70.70
C1D CLA DN . 6.08 48.49 -70.83
C2D CLA DN . 5.83 49.74 -71.59
C3D CLA DN . 7.23 50.10 -71.91
C4D CLA DN . 8.07 49.14 -71.38
CMD CLA DN . 4.63 50.55 -72.00
CAD CLA DN . 8.08 51.12 -72.59
OBD CLA DN . 7.65 52.16 -73.21
CBD CLA DN . 9.49 50.71 -72.47
CGD CLA DN . 9.95 50.40 -73.86
O1D CLA DN . 9.85 49.26 -74.30
O2D CLA DN . 10.53 51.43 -74.69
CED CLA DN . 10.74 51.20 -76.08
C1 CLA DN . 9.65 49.04 -67.28
MG CLA EN . 14.82 35.05 -72.05
CHA CLA EN . 12.02 37.01 -71.50
CHB CLA EN . 16.09 36.17 -69.16
CHC CLA EN . 17.44 33.04 -72.61
CHD CLA EN . 12.91 33.30 -74.67
NA CLA EN . 14.15 36.31 -70.54
C1A CLA EN . 13.13 37.07 -70.48
C2A CLA EN . 13.08 38.06 -69.33
C3A CLA EN . 14.41 37.78 -68.66
C4A CLA EN . 14.92 36.69 -69.52
CMA CLA EN . 15.33 38.97 -68.85
CAA CLA EN . 12.02 37.71 -68.29
CBA CLA EN . 11.84 36.21 -68.09
CGA CLA EN . 11.41 35.81 -66.71
O1A CLA EN . 11.90 36.30 -65.71
O2A CLA EN . 10.36 34.81 -66.57
NB CLA EN . 16.56 34.73 -71.06
C1B CLA EN . 16.83 35.09 -69.81
C2B CLA EN . 17.91 34.36 -69.14
C3B CLA EN . 18.31 33.41 -70.20
C4B CLA EN . 17.42 33.76 -71.33
CMB CLA EN . 18.47 34.52 -67.76
CAB CLA EN . 19.38 32.39 -70.16
CBB CLA EN . 20.39 32.45 -71.00
NC CLA EN . 15.12 33.56 -73.43
C1C CLA EN . 16.20 32.77 -73.38
C2C CLA EN . 16.11 31.51 -74.14
C3C CLA EN . 14.76 31.59 -74.74
C4C CLA EN . 14.27 32.90 -74.24
CMC CLA EN . 17.12 30.40 -74.28
CAC CLA EN . 14.06 30.61 -75.63
CBC CLA EN . 13.20 29.78 -74.70
ND CLA EN . 12.95 35.00 -72.86
C1D CLA EN . 12.31 34.45 -74.00
C2D CLA EN . 11.06 35.10 -74.44
C3D CLA EN . 10.95 36.15 -73.40
C4D CLA EN . 12.06 36.02 -72.57
CMD CLA EN . 10.08 34.88 -75.55
CAD CLA EN . 10.15 37.29 -72.90
OBD CLA EN . 9.06 37.72 -73.42
CBD CLA EN . 10.82 37.87 -71.71
CGD CLA EN . 11.28 39.24 -72.09
O1D CLA EN . 12.39 39.41 -72.55
O2D CLA EN . 10.43 40.38 -71.85
CED CLA EN . 11.03 41.64 -71.56
C1 CLA EN . 10.46 33.75 -65.64
C2 CLA EN . 10.96 32.48 -66.29
C3 CLA EN . 10.16 31.69 -67.02
C4 CLA EN . 8.72 32.04 -67.24
C5 CLA EN . 10.70 30.43 -67.67
C6 CLA EN . 10.22 29.12 -67.08
C7 CLA EN . 10.25 29.04 -65.56
C8 CLA EN . 11.66 28.97 -64.99
C9 CLA EN . 12.51 27.93 -65.72
C10 CLA EN . 11.58 28.63 -63.50
C11 CLA EN . 12.78 29.19 -62.75
C12 CLA EN . 13.71 28.08 -62.25
C13 CLA EN . 15.15 28.54 -62.25
C14 CLA EN . 15.59 28.94 -63.65
C15 CLA EN . 16.04 27.44 -61.71
C16 CLA EN . 16.92 27.90 -60.55
C17 CLA EN . 18.30 28.31 -61.03
C18 CLA EN . 19.40 27.97 -60.02
C19 CLA EN . 19.26 26.56 -59.48
C20 CLA EN . 19.46 29.00 -58.90
MG CLA FN . 24.17 40.28 -64.31
CHA CLA FN . 24.17 43.55 -63.33
CHB CLA FN . 27.47 40.16 -63.61
CHC CLA FN . 24.05 36.98 -65.03
CHD CLA FN . 20.47 40.38 -64.35
NA CLA FN . 25.57 41.60 -63.54
C1A CLA FN . 25.49 42.84 -63.28
C2A CLA FN . 26.76 43.57 -62.93
C3A CLA FN . 27.77 42.45 -63.08
C4A CLA FN . 26.86 41.33 -63.44
CMA CLA FN . 28.67 42.73 -64.27
CAA CLA FN . 26.81 43.89 -61.43
NB CLA FN . 25.57 38.81 -64.38
C1B CLA FN . 26.83 38.88 -63.94
C2B CLA FN . 27.52 37.58 -63.78
C3B CLA FN . 26.48 36.63 -64.19
C4B CLA FN . 25.34 37.50 -64.56
CMB CLA FN . 28.90 37.28 -63.30
CAB CLA FN . 26.57 35.16 -64.26
CBB CLA FN . 27.32 34.59 -65.18
NC CLA FN . 22.59 38.99 -64.60
C1C CLA FN . 22.78 37.69 -64.89
C2C CLA FN . 21.52 36.93 -65.09
C3C CLA FN . 20.48 37.94 -64.90
C4C CLA FN . 21.25 39.16 -64.60
CMC CLA FN . 21.36 35.48 -65.43
CAC CLA FN . 18.99 37.78 -64.97
CBC CLA FN . 18.67 38.01 -66.43
ND CLA FN . 22.63 41.52 -63.88
C1D CLA FN . 21.22 41.61 -64.06
C2D CLA FN . 20.61 42.94 -63.93
C3D CLA FN . 21.85 43.73 -63.64
C4D CLA FN . 22.91 42.85 -63.63
CMD CLA FN . 19.23 43.53 -64.02
CAD CLA FN . 22.38 45.08 -63.33
OBD CLA FN . 21.67 46.15 -63.28
CBD CLA FN . 23.85 45.00 -63.17
CGD CLA FN . 24.41 45.75 -64.32
O1D CLA FN . 24.04 45.52 -65.46
O2D CLA FN . 25.39 46.78 -64.08
CED CLA FN . 25.12 48.08 -64.58
C1 BCR GN . 26.59 17.14 -92.46
C2 BCR GN . 26.58 16.07 -93.53
C3 BCR GN . 25.64 16.40 -94.63
C4 BCR GN . 24.23 16.57 -94.12
C5 BCR GN . 24.16 17.34 -92.87
C6 BCR GN . 25.23 17.66 -92.11
C7 BCR GN . 25.10 18.42 -90.87
C8 BCR GN . 25.18 19.75 -90.80
C9 BCR GN . 25.06 20.49 -89.55
C10 BCR GN . 24.16 21.48 -89.46
C11 BCR GN . 23.49 21.84 -88.24
C33 BCR GN . 22.81 17.80 -92.55
C31 BCR GN . 27.51 18.23 -92.97
C32 BCR GN . 27.21 16.51 -91.24
C34 BCR GN . 25.74 19.96 -88.36
C12 BCR GN . 23.46 23.13 -87.86
C13 BCR GN . 23.14 23.57 -86.53
C14 BCR GN . 22.92 24.87 -86.32
C15 BCR GN . 22.14 25.36 -85.22
C16 BCR GN . 21.03 26.08 -85.44
C17 BCR GN . 20.24 26.45 -84.30
C18 BCR GN . 19.11 27.16 -84.30
C19 BCR GN . 18.72 27.81 -83.07
C20 BCR GN . 17.59 28.47 -82.87
C21 BCR GN . 17.45 29.27 -81.67
C22 BCR GN . 16.34 29.88 -81.26
C23 BCR GN . 16.42 30.82 -80.15
C24 BCR GN . 16.07 32.10 -80.30
C25 BCR GN . 15.52 33.01 -79.31
C26 BCR GN . 14.21 33.14 -79.12
C27 BCR GN . 13.55 34.06 -78.16
C28 BCR GN . 14.51 34.93 -77.37
C29 BCR GN . 15.81 35.14 -78.08
C30 BCR GN . 16.48 33.85 -78.54
C35 BCR GN . 22.75 22.58 -85.51
C36 BCR GN . 18.10 27.01 -85.37
C37 BCR GN . 15.17 29.95 -82.14
C38 BCR GN . 13.21 32.35 -79.85
C39 BCR GN . 17.07 33.08 -77.38
C40 BCR GN . 17.64 34.30 -79.39
C1 BCR HN . 20.66 53.61 -77.00
C2 BCR HN . 21.10 54.34 -78.26
C3 BCR HN . 20.32 54.03 -79.51
C4 BCR HN . 19.81 52.61 -79.58
C5 BCR HN . 19.10 52.26 -78.34
C6 BCR HN . 19.47 52.70 -77.13
C7 BCR HN . 18.74 52.36 -75.91
C8 BCR HN . 18.96 51.25 -75.19
C9 BCR HN . 18.01 50.72 -74.24
C10 BCR HN . 18.13 49.45 -73.81
C11 BCR HN . 17.35 48.89 -72.74
C33 BCR HN . 17.94 51.39 -78.56
C31 BCR HN . 20.40 54.67 -75.95
C32 BCR HN . 21.88 52.82 -76.55
C34 BCR HN . 17.01 51.63 -73.67
C12 BCR HN . 17.70 47.70 -72.22
C13 BCR HN . 17.54 47.33 -70.83
C14 BCR HN . 16.69 46.35 -70.51
C15 BCR HN . 16.53 45.78 -69.19
C16 BCR HN . 16.52 44.44 -69.04
C17 BCR HN . 16.35 43.87 -67.74
C18 BCR HN . 16.70 42.62 -67.39
C19 BCR HN . 16.07 42.01 -66.23
C20 BCR HN . 16.31 40.76 -65.87
C21 BCR HN . 16.17 40.36 -64.49
C22 BCR HN . 15.48 39.29 -64.08
C23 BCR HN . 15.62 38.85 -62.70
C24 BCR HN . 14.75 39.20 -61.74
C25 BCR HN . 14.07 38.32 -60.78
C26 BCR HN . 14.62 38.00 -59.60
C27 BCR HN . 14.01 37.15 -58.57
C28 BCR HN . 12.51 37.34 -58.59
C29 BCR HN . 11.98 37.11 -59.97
C30 BCR HN . 12.70 37.81 -61.13
C35 BCR HN . 18.42 47.93 -69.79
C36 BCR HN . 17.94 42.01 -67.89
C37 BCR HN . 14.29 38.87 -64.84
C38 BCR HN . 15.96 38.48 -59.18
C39 BCR HN . 11.87 38.95 -61.69
C40 BCR HN . 12.74 36.75 -62.22
C1 BCR IN . 33.61 16.27 -101.53
C2 BCR IN . 32.61 15.13 -101.62
C3 BCR IN . 31.31 15.63 -102.18
C4 BCR IN . 31.49 16.22 -103.56
C5 BCR IN . 32.79 16.92 -103.73
C6 BCR IN . 33.75 16.98 -102.83
C7 BCR IN . 35.02 17.67 -103.08
C8 BCR IN . 35.30 18.91 -102.68
C9 BCR IN . 36.64 19.44 -102.69
C10 BCR IN . 37.17 19.88 -101.55
C11 BCR IN . 38.31 20.77 -101.47
C33 BCR IN . 32.91 17.59 -105.04
C31 BCR IN . 34.93 15.68 -101.06
C32 BCR IN . 33.13 17.22 -100.45
C34 BCR IN . 37.48 19.18 -103.88
C12 BCR IN . 38.08 22.08 -101.38
C13 BCR IN . 38.61 23.07 -102.30
C14 BCR IN . 38.03 24.28 -102.35
C15 BCR IN . 38.64 25.42 -102.96
C16 BCR IN . 38.39 26.66 -102.51
C17 BCR IN . 39.50 27.54 -102.35
C18 BCR IN . 39.47 28.82 -101.94
C19 BCR IN . 40.69 29.60 -102.00
C20 BCR IN . 40.81 30.80 -101.45
C21 BCR IN . 41.77 31.73 -101.98
C22 BCR IN . 41.81 33.05 -101.71
C23 BCR IN . 41.75 33.98 -102.82
C24 BCR IN . 42.77 34.14 -103.67
C25 BCR IN . 43.22 35.39 -104.31
C26 BCR IN . 42.70 35.82 -105.47
C27 BCR IN . 43.10 37.06 -106.18
C28 BCR IN . 43.99 37.96 -105.36
C29 BCR IN . 44.97 37.13 -104.57
C30 BCR IN . 44.31 36.15 -103.63
C35 BCR IN . 39.89 22.81 -102.98
C36 BCR IN . 38.26 29.41 -101.35
C37 BCR IN . 42.39 33.51 -100.42
C38 BCR IN . 41.64 35.12 -106.20
C39 BCR IN . 43.81 36.86 -102.38
C40 BCR IN . 45.43 35.22 -103.18
MG CL0 JN . 3.64 63.91 -1.56
CHA CL0 JN . 3.97 62.53 -4.73
CHB CL0 JN . 0.36 63.77 -1.95
CHC CL0 JN . 3.37 64.98 1.60
CHD CL0 JN . 7.19 63.21 -1.00
NA CL0 JN . 2.38 63.21 -3.02
C1A CL0 JN . 2.60 62.84 -4.23
C2A CL0 JN . 1.41 62.74 -5.13
C3A CL0 JN . 0.33 63.23 -4.21
C4A CL0 JN . 1.08 63.40 -2.97
CMA CL0 JN . 0.18 64.68 -4.62
CAA CL0 JN . 0.96 61.29 -5.28
CBA CL0 JN . -0.32 61.19 -6.09
CGA CL0 JN . -0.87 59.79 -5.96
O1A CL0 JN . -2.00 59.62 -5.55
O2A CL0 JN . -0.05 58.66 -6.32
NB CL0 JN . 2.06 64.36 -0.36
C1B CL0 JN . 0.81 64.09 -0.61
C2B CL0 JN . -0.13 64.15 0.51
C3B CL0 JN . 0.77 64.53 1.61
C4B CL0 JN . 2.10 64.64 0.95
CMB CL0 JN . -1.61 63.89 0.52
CAB CL0 JN . 0.33 64.75 3.01
CBB CL0 JN . 1.07 65.12 4.03
NC CL0 JN . 5.01 64.06 -0.04
C1C CL0 JN . 4.69 64.50 1.18
C2C CL0 JN . 5.80 64.50 2.14
C3C CL0 JN . 6.93 63.98 1.37
C4C CL0 JN . 6.32 63.75 0.05
CMC CL0 JN . 5.79 64.93 3.58
CAC CL0 JN . 8.36 63.74 1.79
CBC CL0 JN . 9.10 65.01 1.42
ND CL0 JN . 5.20 63.04 -2.49
C1D CL0 JN . 6.61 62.91 -2.31
C2D CL0 JN . 7.37 62.47 -3.46
C3D CL0 JN . 6.27 62.32 -4.45
C4D CL0 JN . 5.11 62.64 -3.80
CMD CL0 JN . 8.81 62.22 -3.69
CAD CL0 JN . 5.93 61.98 -5.85
OBD CL0 JN . 6.75 61.59 -6.74
CBD CL0 JN . 4.48 62.05 -6.04
CGD CL0 JN . 4.17 60.60 -6.23
O1D CL0 JN . 4.69 59.80 -5.49
O2D CL0 JN . 3.32 60.12 -7.28
CED CL0 JN . 3.16 58.71 -7.41
C1 CL0 JN . -0.45 57.34 -5.97
C2 CL0 JN . 0.34 56.86 -4.78
C3 CL0 JN . 1.30 55.93 -4.92
C4 CL0 JN . 1.61 55.34 -6.25
C5 CL0 JN . 2.06 55.47 -3.71
C6 CL0 JN . 3.54 55.26 -4.04
C7 CL0 JN . 4.35 55.18 -2.75
C8 CL0 JN . 4.52 53.74 -2.33
C9 CL0 JN . 4.79 53.63 -0.85
C10 CL0 JN . 5.67 53.16 -3.13
C11 CL0 JN . 5.69 51.66 -2.94
C12 CL0 JN . 4.44 51.03 -3.53
C13 CL0 JN . 4.60 49.52 -3.58
C14 CL0 JN . 5.58 49.13 -4.67
C15 CL0 JN . 3.25 48.87 -3.80
C16 CL0 JN . 2.34 49.57 -4.78
C17 CL0 JN . 1.13 48.68 -4.96
C18 CL0 JN . 0.10 49.16 -5.97
C19 CL0 JN . -0.67 47.96 -6.46
C20 CL0 JN . 0.69 49.92 -7.14
MG CLA KN . -2.37 53.50 -3.79
CHA CLA KN . -1.14 55.03 -1.00
CHB CLA KN . -1.28 50.60 -2.56
CHC CLA KN . -4.28 51.93 -6.10
CHD CLA KN . -3.81 56.70 -4.84
NA CLA KN . -1.41 52.90 -2.05
C1A CLA KN . -0.79 53.58 -1.18
C2A CLA KN . 0.15 52.84 -0.27
C3A CLA KN . 0.04 51.44 -0.81
C4A CLA KN . -0.94 51.67 -1.88
CMA CLA KN . 1.36 50.99 -1.42
CAA CLA KN . -0.34 52.58 1.15
CBA CLA KN . 0.79 52.67 2.17
CGA CLA KN . 1.05 51.29 2.72
O1A CLA KN . 1.23 50.34 2.00
O2A CLA KN . 1.10 51.04 4.14
NB CLA KN . -2.66 51.57 -4.31
C1B CLA KN . -2.27 50.54 -3.62
C2B CLA KN . -2.96 49.28 -3.87
C3B CLA KN . -3.88 49.65 -4.95
C4B CLA KN . -3.59 51.10 -5.12
CMB CLA KN . -2.68 48.01 -3.16
CAB CLA KN . -4.89 48.91 -5.71
CBB CLA KN . -5.10 47.62 -5.59
NC CLA KN . -3.81 54.18 -5.10
C1C CLA KN . -4.32 53.39 -6.05
C2C CLA KN . -5.00 54.10 -7.15
C3C CLA KN . -4.85 55.50 -6.78
C4C CLA KN . -4.12 55.43 -5.51
CMC CLA KN . -5.65 53.51 -8.36
CAC CLA KN . -5.34 56.71 -7.51
CBC CLA KN . -4.20 57.05 -8.42
ND CLA KN . -2.47 55.43 -3.19
C1D CLA KN . -3.13 56.63 -3.56
C2D CLA KN . -3.06 57.71 -2.57
C3D CLA KN . -2.25 57.05 -1.51
C4D CLA KN . -2.01 55.75 -1.93
CMD CLA KN . -3.58 59.11 -2.51
CAD CLA KN . -1.66 57.17 -0.18
OBD CLA KN . -1.68 58.17 0.59
CBD CLA KN . -0.96 55.93 0.16
CGD CLA KN . 0.47 56.34 0.12
O1D CLA KN . 0.79 57.27 -0.59
O2D CLA KN . 1.48 55.70 0.91
CED CLA KN . 2.76 56.29 0.90
C1 CLA KN . 1.26 49.67 4.50
C2 CLA KN . 0.02 49.18 5.20
C3 CLA KN . 0.11 48.54 6.36
C4 CLA KN . 1.43 48.24 6.99
C5 CLA KN . -1.15 48.08 7.02
C6 CLA KN . -1.76 46.93 6.28
C7 CLA KN . -2.96 46.42 7.05
C8 CLA KN . -3.66 45.32 6.27
C9 CLA KN . -4.14 45.83 4.93
C10 CLA KN . -4.83 44.83 7.10
C11 CLA KN . -4.32 44.17 8.36
C12 CLA KN . -5.48 43.96 9.34
C13 CLA KN . -5.11 44.06 10.81
C14 CLA KN . -3.66 43.73 11.10
C15 CLA KN . -5.96 43.08 11.60
C16 CLA KN . -5.83 43.28 13.10
C17 CLA KN . -6.64 42.21 13.83
C18 CLA KN . -6.73 42.53 15.32
C19 CLA KN . -7.39 41.37 16.06
C20 CLA KN . -7.52 43.81 15.53
MG CLA LN . -12.70 73.47 -2.13
CHA CLA LN . -15.16 75.89 -1.79
CHB CLA LN . -10.60 75.88 -3.05
CHC CLA LN . -10.19 71.18 -1.91
CHD CLA LN . -15.09 70.99 -0.91
NA CLA LN . -12.82 75.52 -2.33
C1A CLA LN . -13.80 76.33 -2.23
C2A CLA LN . -13.50 77.77 -2.58
C3A CLA LN . -12.09 77.68 -3.07
C4A CLA LN . -11.83 76.26 -2.80
CMA CLA LN . -12.09 77.90 -4.57
CAA CLA LN . -13.36 78.48 -1.23
CBA CLA LN . -12.70 79.86 -1.24
CGA CLA LN . -11.28 79.89 -0.68
O1A CLA LN . -11.00 79.39 0.38
O2A CLA LN . -10.23 80.48 -1.49
NB CLA LN . -10.69 73.54 -2.44
C1B CLA LN . -10.02 74.57 -2.88
C2B CLA LN . -8.57 74.38 -3.09
C3B CLA LN . -8.44 72.94 -2.75
C4B CLA LN . -9.82 72.54 -2.35
CMB CLA LN . -7.59 75.39 -3.57
CAB CLA LN . -7.22 72.11 -2.77
CBB CLA LN . -6.18 72.51 -2.08
NC CLA LN . -12.66 71.53 -1.46
C1C CLA LN . -11.57 70.75 -1.57
C2C CLA LN . -11.83 69.32 -1.35
C3C CLA LN . -13.26 69.26 -1.07
C4C CLA LN . -13.66 70.68 -1.15
CMC CLA LN . -10.86 68.18 -1.42
CAC CLA LN . -14.13 68.07 -0.74
CBC CLA LN . -14.83 67.67 -2.02
ND CLA LN . -14.60 73.37 -1.47
C1D CLA LN . -15.52 72.36 -1.05
C2D CLA LN . -16.88 72.83 -0.78
C3D CLA LN . -16.73 74.27 -1.08
C4D CLA LN . -15.41 74.49 -1.43
CMD CLA LN . -18.12 72.11 -0.35
CAD CLA LN . -17.42 75.58 -1.15
OBD CLA LN . -18.66 75.78 -0.86
CBD CLA LN . -16.45 76.61 -1.56
CGD CLA LN . -16.96 77.53 -2.63
O1D CLA LN . -16.54 77.50 -3.78
O2D CLA LN . -17.93 78.53 -2.29
CED CLA LN . -17.97 79.72 -3.08
MG CLA MN . -11.58 79.07 -26.29
CHA CLA MN . -13.22 80.68 -23.74
CHB CLA MN . -8.93 78.65 -24.22
CHC CLA MN . -9.91 77.86 -28.90
CHD CLA MN . -14.22 80.28 -28.62
NA CLA MN . -11.12 79.61 -24.36
C1A CLA MN . -11.87 80.11 -23.44
C2A CLA MN . -11.29 80.13 -22.05
C3A CLA MN . -9.93 79.48 -22.26
C4A CLA MN . -10.01 79.23 -23.72
CMA CLA MN . -8.83 80.51 -22.02
CAA CLA MN . -11.97 79.23 -21.02
CBA CLA MN . -12.43 80.06 -19.82
CGA CLA MN . -11.39 81.07 -19.42
O1A CLA MN . -10.36 80.74 -18.84
O2A CLA MN . -11.57 82.49 -19.71
NB CLA MN . -9.68 78.34 -26.51
C1B CLA MN . -8.72 78.28 -25.61
C2B CLA MN . -7.41 77.76 -26.10
C3B CLA MN . -7.70 77.52 -27.52
C4B CLA MN . -9.13 77.91 -27.65
CMB CLA MN . -6.12 77.56 -25.36
CAB CLA MN . -6.76 77.01 -28.55
CBB CLA MN . -6.67 77.47 -29.78
NC CLA MN . -12.04 79.01 -28.30
C1C CLA MN . -11.14 78.60 -29.18
C2C CLA MN . -11.40 78.95 -30.58
C3C CLA MN . -12.68 79.67 -30.52
C4C CLA MN . -12.97 79.63 -29.05
CMC CLA MN . -10.56 78.63 -31.77
CAC CLA MN . -13.49 80.26 -31.63
CBC CLA MN . -12.85 81.60 -31.97
ND CLA MN . -13.25 80.24 -26.32
C1D CLA MN . -14.33 80.58 -27.19
C2D CLA MN . -15.50 81.22 -26.55
C3D CLA MN . -15.03 81.25 -25.15
C4D CLA MN . -13.76 80.67 -25.12
CMD CLA MN . -16.84 81.75 -27.01
CAD CLA MN . -15.37 81.63 -23.77
OBD CLA MN . -16.46 82.20 -23.41
CBD CLA MN . -14.26 81.29 -22.88
CGD CLA MN . -13.77 82.61 -22.38
O1D CLA MN . -14.06 82.98 -21.27
O2D CLA MN . -12.95 83.46 -23.23
CED CLA MN . -12.12 84.44 -22.61
MG CLA NN . -8.60 73.23 -33.49
CHA CLA NN . -11.10 74.35 -35.63
CHB CLA NN . -6.94 72.10 -36.17
CHC CLA NN . -5.99 72.58 -31.42
CHD CLA NN . -10.34 74.96 -30.77
NA CLA NN . -8.92 73.26 -35.53
C1A CLA NN . -9.92 73.64 -36.23
C2A CLA NN . -9.87 73.34 -37.71
C3A CLA NN . -8.55 72.60 -37.82
C4A CLA NN . -8.11 72.65 -36.40
CMA CLA NN . -8.83 71.14 -38.13
CAA CLA NN . -9.70 74.59 -38.59
CBA CLA NN . -8.68 75.61 -38.07
CGA CLA NN . -8.44 76.68 -39.11
O1A CLA NN . -9.15 77.66 -39.15
O2A CLA NN . -7.34 76.57 -40.06
NB CLA NN . -6.74 72.45 -33.76
C1B CLA NN . -6.23 72.01 -34.90
C2B CLA NN . -4.87 71.44 -34.83
C3B CLA NN . -4.58 71.58 -33.40
C4B CLA NN . -5.80 72.23 -32.83
CMB CLA NN . -4.03 70.89 -35.93
CAB CLA NN . -3.34 71.18 -32.71
CBB CLA NN . -2.48 72.08 -32.28
NC CLA NN . -8.21 73.78 -31.55
C1C CLA NN . -7.18 73.24 -30.85
C2C CLA NN . -7.34 73.31 -29.37
C3C CLA NN . -8.61 74.01 -29.20
C4C CLA NN . -9.06 74.25 -30.59
CMC CLA NN . -6.42 72.81 -28.30
CAC CLA NN . -9.33 74.39 -27.93
CBC CLA NN . -10.22 73.21 -27.62
ND CLA NN . -10.22 74.43 -33.18
C1D CLA NN . -10.94 75.00 -32.09
C2D CLA NN . -12.28 75.58 -32.42
C3D CLA NN . -12.31 75.30 -33.86
C4D CLA NN . -11.13 74.65 -34.19
CMD CLA NN . -13.42 76.26 -31.70
CAD CLA NN . -13.12 75.43 -35.09
OBD CLA NN . -14.29 75.98 -35.16
CBD CLA NN . -12.39 74.83 -36.21
CGD CLA NN . -13.25 73.70 -36.70
O1D CLA NN . -14.35 73.91 -37.17
O2D CLA NN . -12.80 72.32 -36.63
CED CLA NN . -13.25 71.45 -37.66
MG CLA ON . -5.74 62.40 -36.16
CHA CLA ON . -3.24 60.05 -36.15
CHB CLA ON . -3.53 64.67 -35.13
CHC CLA ON . -8.31 64.51 -35.65
CHD CLA ON . -8.16 59.65 -36.65
NA CLA ON . -3.75 62.38 -35.66
C1A CLA ON . -2.86 61.47 -35.81
C2A CLA ON . -1.43 61.92 -35.64
C3A CLA ON . -1.61 63.36 -35.25
C4A CLA ON . -3.07 63.47 -35.36
CMA CLA ON . -1.23 63.48 -33.80
CAA CLA ON . -0.72 61.88 -37.01
CBA CLA ON . 0.05 63.08 -37.53
CGA CLA ON . 1.39 63.09 -36.86
O1A CLA ON . 2.00 64.13 -36.74
O2A CLA ON . 1.89 61.83 -36.35
NB CLA ON . -5.89 64.33 -35.50
C1B CLA ON . -4.91 65.12 -35.14
C2B CLA ON . -5.29 66.48 -34.74
C3B CLA ON . -6.75 66.43 -34.90
C4B CLA ON . -6.99 65.04 -35.37
CMB CLA ON . -4.44 67.63 -34.29
CAB CLA ON . -7.71 67.52 -34.64
CBB CLA ON . -8.65 67.90 -35.47
NC CLA ON . -7.78 62.12 -36.22
C1C CLA ON . -8.61 63.09 -35.86
C2C CLA ON . -10.00 62.67 -35.64
C3C CLA ON . -9.98 61.23 -35.92
C4C CLA ON . -8.55 61.02 -36.28
CMC CLA ON . -11.13 63.54 -35.22
CAC CLA ON . -11.12 60.24 -35.89
CBC CLA ON . -11.07 59.55 -34.55
ND CLA ON . -5.81 60.39 -36.30
C1D CLA ON . -6.74 59.36 -36.61
C2D CLA ON . -6.18 58.03 -36.86
C3D CLA ON . -4.74 58.33 -36.66
C4D CLA ON . -4.63 59.67 -36.36
CMD CLA ON . -6.73 56.68 -37.22
CAD CLA ON . -3.38 57.78 -36.68
OBD CLA ON . -3.09 56.56 -36.92
CBD CLA ON . -2.42 58.83 -36.36
CGD CLA ON . -1.68 58.45 -35.12
O1D CLA ON . -0.56 58.83 -34.92
O2D CLA ON . -2.28 57.57 -34.14
CED CLA ON . -1.48 57.17 -33.03
C1 CLA ON . 2.49 61.76 -35.06
C2 CLA ON . 3.91 62.25 -35.13
C3 CLA ON . 4.91 61.46 -35.49
C4 CLA ON . 4.68 60.03 -35.87
C5 CLA ON . 6.31 62.03 -35.53
C6 CLA ON . 6.37 63.28 -36.39
C7 CLA ON . 7.52 63.08 -37.36
C8 CLA ON . 8.19 64.40 -37.66
C9 CLA ON . 7.31 65.18 -38.61
C10 CLA ON . 9.54 64.07 -38.28
C11 CLA ON . 10.54 65.22 -38.17
C12 CLA ON . 11.35 65.29 -39.46
C13 CLA ON . 12.37 64.16 -39.58
C14 CLA ON . 13.54 64.40 -38.64
C15 CLA ON . 12.88 64.06 -41.00
C16 CLA ON . 11.82 64.18 -42.09
C17 CLA ON . 12.30 63.41 -43.32
C18 CLA ON . 12.27 64.24 -44.59
C19 CLA ON . 13.32 65.33 -44.52
C20 CLA ON . 10.88 64.83 -44.83
MG CLA PN . 0.09 66.17 -30.29
CHA CLA PN . -2.77 67.95 -29.70
CHB CLA PN . -1.74 63.36 -30.22
CHC CLA PN . 2.98 64.49 -30.50
CHD CLA PN . 2.00 69.32 -29.84
NA CLA PN . -1.89 65.72 -29.97
C1A CLA PN . -2.90 66.47 -29.83
C2A CLA PN . -4.24 65.79 -29.81
C3A CLA PN . -3.85 64.34 -29.93
C4A CLA PN . -2.40 64.49 -30.06
CMA CLA PN . -4.12 63.63 -28.63
CAA CLA PN . -4.99 66.00 -31.11
CBA CLA PN . -6.33 66.66 -30.84
CGA CLA PN . -7.36 65.59 -30.64
O1A CLA PN . -8.14 65.34 -31.54
O2A CLA PN . -7.45 64.84 -29.41
NB CLA PN . 0.55 64.19 -30.33
C1B CLA PN . -0.30 63.18 -30.35
C2B CLA PN . 0.31 61.85 -30.52
C3B CLA PN . 1.74 62.19 -30.60
C4B CLA PN . 1.75 63.67 -30.48
CMB CLA PN . -0.32 60.50 -30.59
CAB CLA PN . 2.88 61.26 -30.76
CBB CLA PN . 3.72 61.42 -31.76
NC CLA PN . 2.04 66.79 -30.18
C1C CLA PN . 3.06 65.94 -30.31
C2C CLA PN . 4.39 66.56 -30.25
C3C CLA PN . 4.09 67.98 -30.05
C4C CLA PN . 2.62 68.01 -30.03
CMC CLA PN . 5.71 65.85 -30.36
CAC CLA PN . 5.03 69.16 -29.92
CBC CLA PN . 5.36 69.32 -28.46
ND CLA PN . -0.19 68.13 -29.83
C1D CLA PN . 0.54 69.35 -29.76
C2D CLA PN . -0.25 70.57 -29.58
C3D CLA PN . -1.61 69.97 -29.56
C4D CLA PN . -1.47 68.61 -29.72
CMD CLA PN . 0.03 72.03 -29.45
CAD CLA PN . -3.05 70.26 -29.46
OBD CLA PN . -3.58 71.41 -29.29
CBD CLA PN . -3.81 69.00 -29.50
CGD CLA PN . -4.21 68.86 -28.08
O1D CLA PN . -3.51 69.34 -27.21
O2D CLA PN . -5.40 68.15 -27.69
CED CLA PN . -5.78 68.31 -26.33
C1 CLA PN . -8.05 65.43 -28.26
C2 CLA PN . -7.19 65.10 -27.06
C3 CLA PN . -7.67 64.47 -25.99
C4 CLA PN . -9.11 64.06 -25.96
C5 CLA PN . -6.80 64.15 -24.81
C6 CLA PN . -5.51 64.96 -24.82
C7 CLA PN . -4.31 64.04 -24.87
C8 CLA PN . -3.86 63.70 -23.47
C9 CLA PN . -3.43 64.96 -22.71
C10 CLA PN . -2.71 62.71 -23.57
C11 CLA PN . -1.51 63.38 -24.21
C12 CLA PN . -0.68 62.40 -25.02
C13 CLA PN . -0.17 63.12 -26.24
C14 CLA PN . 0.67 62.17 -27.06
C15 CLA PN . 0.66 64.35 -25.87
C16 CLA PN . 0.45 65.44 -26.91
C17 CLA PN . 1.24 66.71 -26.61
C18 CLA PN . 0.68 67.48 -25.42
C19 CLA PN . -0.81 67.75 -25.57
C20 CLA PN . 1.43 68.79 -25.26
MG CLA QN . 11.67 80.62 -28.38
CHA CLA QN . 12.99 83.25 -26.58
CHB CLA QN . 9.99 79.67 -25.61
CHC CLA QN . 10.11 78.32 -30.28
CHD CLA QN . 13.09 82.16 -31.41
NA CLA QN . 11.47 81.34 -26.45
C1A CLA QN . 12.05 82.31 -25.87
C2A CLA QN . 11.77 82.46 -24.39
C3A CLA QN . 10.86 81.28 -24.12
C4A CLA QN . 10.77 80.73 -25.50
CMA CLA QN . 11.64 80.27 -23.29
CAA CLA QN . 10.93 83.71 -24.08
CBA CLA QN . 9.57 83.86 -24.78
CGA CLA QN . 9.66 84.72 -26.02
O1A CLA QN . 10.67 85.35 -26.29
O2A CLA QN . 8.54 84.80 -26.94
NB CLA QN . 10.25 79.22 -27.99
C1B CLA QN . 9.70 78.92 -26.82
C2B CLA QN . 8.78 77.78 -26.82
C3B CLA QN . 8.80 77.39 -28.23
C4B CLA QN . 9.77 78.33 -28.85
CMB CLA QN . 7.99 77.20 -25.68
CAB CLA QN . 8.07 76.27 -28.87
CBB CLA QN . 8.77 75.27 -29.38
NC CLA QN . 11.58 80.35 -30.42
C1C CLA QN . 10.96 79.31 -30.97
C2C CLA QN . 11.17 79.17 -32.43
C3C CLA QN . 12.04 80.30 -32.76
C4C CLA QN . 12.23 80.95 -31.45
CMC CLA QN . 10.61 78.12 -33.37
CAC CLA QN . 12.62 80.70 -34.09
CBC CLA QN . 11.69 81.76 -34.66
ND CLA QN . 12.69 82.28 -28.97
C1D CLA QN . 13.36 82.78 -30.12
C2D CLA QN . 14.28 83.92 -29.91
C3D CLA QN . 14.12 84.08 -28.45
C4D CLA QN . 13.22 83.13 -28.02
CMD CLA QN . 15.18 84.76 -30.77
CAD CLA QN . 14.52 84.87 -27.26
OBD CLA QN . 15.37 85.84 -27.27
CBD CLA QN . 13.85 84.34 -26.07
CGD CLA QN . 14.91 83.74 -25.22
O1D CLA QN . 15.21 82.56 -25.35
O2D CLA QN . 15.58 84.53 -24.21
CED CLA QN . 16.62 83.94 -23.41
C1 CLA QN . 8.12 86.07 -27.44
C2 CLA QN . 6.69 86.33 -27.01
C3 CLA QN . 5.66 86.23 -27.89
C4 CLA QN . 5.90 85.85 -29.32
C5 CLA QN . 4.26 86.49 -27.42
C6 CLA QN . 3.69 87.77 -28.03
MG CLA RN . 11.02 74.85 -20.08
CHA CLA RN . 12.78 72.85 -22.28
CHB CLA RN . 9.94 76.63 -22.68
CHC CLA RN . 9.48 76.83 -17.84
CHD CLA RN . 12.82 73.22 -17.32
NA CLA RN . 11.33 74.79 -22.13
C1A CLA RN . 11.93 73.93 -22.87
C2A CLA RN . 11.77 74.11 -24.36
C3A CLA RN . 10.89 75.33 -24.41
C4A CLA RN . 10.71 75.59 -22.97
CMA CLA RN . 11.71 76.48 -24.99
CAA CLA RN . 11.11 72.95 -25.15
CBA CLA RN . 9.63 73.04 -25.52
CGA CLA RN . 8.80 72.42 -24.43
O1A CLA RN . 9.30 71.59 -23.70
O2A CLA RN . 7.41 72.81 -24.23
NB CLA RN . 9.85 76.51 -20.25
C1B CLA RN . 9.55 77.14 -21.36
C2B CLA RN . 8.75 78.38 -21.19
C3B CLA RN . 8.60 78.45 -19.72
C4B CLA RN . 9.33 77.23 -19.26
CMB CLA RN . 8.23 79.32 -22.23
CAB CLA RN . 7.87 79.52 -18.97
CBB CLA RN . 8.00 79.82 -17.69
NC CLA RN . 11.20 75.04 -18.04
C1C CLA RN . 10.38 75.81 -17.32
C2C CLA RN . 10.40 75.57 -15.86
C3C CLA RN . 11.39 74.52 -15.72
C4C CLA RN . 11.81 74.28 -17.12
CMC CLA RN . 9.60 76.24 -14.77
CAC CLA RN . 11.86 73.84 -14.47
CBC CLA RN . 13.13 74.58 -14.07
ND CLA RN . 12.47 73.47 -19.76
C1D CLA RN . 13.06 72.77 -18.68
C2D CLA RN . 13.90 71.61 -19.01
C3D CLA RN . 13.78 71.65 -20.51
C4D CLA RN . 12.94 72.71 -20.82
CMD CLA RN . 14.69 70.62 -18.21
CAD CLA RN . 14.16 71.02 -21.78
OBD CLA RN . 14.91 70.00 -21.92
CBD CLA RN . 13.57 71.76 -22.89
CGD CLA RN . 14.69 72.42 -23.62
O1D CLA RN . 14.96 73.57 -23.36
O2D CLA RN . 15.44 71.76 -24.66
CED CLA RN . 16.21 72.57 -25.54
C1 CLA RN . 6.50 71.76 -23.93
C2 CLA RN . 5.06 72.21 -23.99
C3 CLA RN . 4.18 71.84 -23.05
C4 CLA RN . 4.59 70.93 -21.92
C5 CLA RN . 2.75 72.29 -23.12
C6 CLA RN . 2.28 72.94 -21.83
C7 CLA RN . 2.22 74.47 -21.92
C8 CLA RN . 0.84 74.96 -22.37
C9 CLA RN . 0.85 75.33 -23.85
C10 CLA RN . 0.34 76.11 -21.50
C11 CLA RN . 1.18 77.39 -21.55
C12 CLA RN . 0.46 78.57 -22.22
C13 CLA RN . -0.19 79.59 -21.28
C14 CLA RN . 0.62 79.86 -20.03
C15 CLA RN . -1.60 79.14 -20.92
C16 CLA RN . -2.66 80.12 -21.42
C17 CLA RN . -3.81 79.38 -22.08
C18 CLA RN . -4.64 78.64 -21.04
C19 CLA RN . -5.46 77.54 -21.71
C20 CLA RN . -5.54 79.61 -20.29
MG CLA SN . 8.76 83.75 -15.00
CHA CLA SN . 10.36 83.02 -17.98
CHB CLA SN . 7.60 86.56 -16.44
CHC CLA SN . 6.80 84.11 -12.28
CHD CLA SN . 9.84 80.44 -13.75
NA CLA SN . 8.90 84.60 -16.88
C1A CLA SN . 9.58 84.28 -17.91
C2A CLA SN . 9.58 85.27 -19.04
C3A CLA SN . 8.75 86.38 -18.50
C4A CLA SN . 8.39 85.79 -17.18
CMA CLA SN . 9.78 87.45 -18.20
CAA CLA SN . 8.89 84.86 -20.33
CBA CLA SN . 7.75 83.89 -20.13
CGA CLA SN . 7.71 83.20 -21.46
O1A CLA SN . 8.71 82.62 -21.85
O2A CLA SN . 6.52 83.25 -22.29
NB CLA SN . 7.38 85.12 -14.46
C1B CLA SN . 7.09 86.26 -15.10
C2B CLA SN . 6.21 87.19 -14.39
C3B CLA SN . 5.96 86.45 -13.13
C4B CLA SN . 6.74 85.18 -13.29
CMB CLA SN . 5.70 88.54 -14.82
CAB CLA SN . 5.14 86.88 -11.98
CBB CLA SN . 5.64 86.97 -10.77
NC CLA SN . 8.40 82.51 -13.38
C1C CLA SN . 7.59 82.87 -12.37
C2C CLA SN . 7.53 81.88 -11.25
C3C CLA SN . 8.43 80.81 -11.70
C4C CLA SN . 8.90 81.31 -13.02
CMC CLA SN . 6.74 81.94 -9.98
CAC CLA SN . 8.77 79.52 -10.98
CBC CLA SN . 7.86 78.43 -11.49
ND CLA SN . 9.77 82.09 -15.61
C1D CLA SN . 10.25 80.86 -15.09
C2D CLA SN . 11.14 80.10 -15.99
C3D CLA SN . 11.16 81.00 -17.15
C4D CLA SN . 10.36 82.07 -16.86
CMD CLA SN . 11.89 78.82 -15.96
CAD CLA SN . 11.70 81.16 -18.52
OBD CLA SN . 12.49 80.34 -19.11
CBD CLA SN . 11.22 82.44 -19.05
CGD CLA SN . 12.45 83.26 -19.27
O1D CLA SN . 12.72 84.23 -18.59
O2D CLA SN . 13.31 82.88 -20.37
CED CLA SN . 13.48 83.83 -21.41
MG CLA TN . -0.42 66.48 -52.28
CHA CLA TN . -1.54 66.40 -55.53
CHB CLA TN . -1.59 63.38 -51.85
CHC CLA TN . 1.14 66.45 -49.30
CHD CLA TN . 1.43 69.60 -53.12
NA CLA TN . -1.34 65.08 -53.49
C1A CLA TN . -1.84 65.20 -54.66
C2A CLA TN . -2.74 64.07 -55.14
C3A CLA TN . -2.73 63.15 -53.94
C4A CLA TN . -1.82 63.93 -53.04
CMA CLA TN . -4.11 63.04 -53.33
CAA CLA TN . -2.22 63.25 -56.32
CBA CLA TN . -0.77 62.83 -56.19
CGA CLA TN . -0.57 61.54 -56.93
O1A CLA TN . -1.14 60.54 -56.57
O2A CLA TN . 0.29 61.48 -58.11
NB CLA TN . -0.30 65.13 -50.76
C1B CLA TN . -0.73 63.88 -50.78
C2B CLA TN . -0.26 63.01 -49.66
C3B CLA TN . 0.57 63.96 -48.89
C4B CLA TN . 0.46 65.22 -49.68
CMB CLA TN . -0.54 61.57 -49.35
CAB CLA TN . 1.31 63.71 -47.63
CBB CLA TN . 2.60 63.99 -47.46
NC CLA TN . 0.93 67.78 -51.41
C1C CLA TN . 1.49 67.52 -50.22
C2C CLA TN . 2.59 68.41 -49.82
C3C CLA TN . 2.67 69.34 -50.96
C4C CLA TN . 1.60 68.86 -51.86
CMC CLA TN . 3.41 68.36 -48.57
CAC CLA TN . 3.61 70.49 -51.15
CBC CLA TN . 2.86 71.68 -50.59
ND CLA TN . -0.02 67.70 -53.86
C1D CLA TN . 0.60 68.96 -54.15
C2D CLA TN . 0.33 69.53 -55.49
C3D CLA TN . -0.55 68.47 -56.02
C4D CLA TN . -0.67 67.49 -55.06
CMD CLA TN . 0.73 70.77 -56.24
CAD CLA TN . -1.31 68.03 -57.21
OBD CLA TN . -1.42 68.69 -58.30
CBD CLA TN . -1.98 66.75 -56.90
CGD CLA TN . -3.39 67.18 -56.70
O1D CLA TN . -3.68 67.87 -55.74
O2D CLA TN . -4.44 66.80 -57.63
CED CLA TN . -5.61 67.61 -57.70
MG CLA UN . -9.53 76.34 -43.10
CHA CLA UN . -12.41 74.97 -41.79
CHB CLA UN . -11.06 79.37 -43.06
CHC CLA UN . -6.56 77.73 -43.85
CHD CLA UN . -7.87 73.09 -42.56
NA CLA UN . -11.37 77.07 -42.49
C1A CLA UN . -12.40 76.45 -42.05
C2A CLA UN . -13.63 77.28 -41.84
C3A CLA UN . -13.17 78.64 -42.29
C4A CLA UN . -11.77 78.33 -42.64
CMA CLA UN . -13.91 78.99 -43.58
CAA CLA UN . -13.92 77.48 -40.35
CBA CLA UN . -12.71 77.50 -39.41
CGA CLA UN . -13.02 78.38 -38.23
O1A CLA UN . -13.70 79.36 -38.37
O2A CLA UN . -12.54 78.06 -36.90
NB CLA UN . -8.91 78.27 -43.39
C1B CLA UN . -9.65 79.36 -43.44
C2B CLA UN . -8.95 80.60 -43.84
C3B CLA UN . -7.58 80.10 -44.08
C4B CLA UN . -7.69 78.65 -43.76
CMB CLA UN . -9.47 82.00 -43.98
CAB CLA UN . -6.35 80.82 -44.50
CBB CLA UN . -5.35 80.96 -43.67
NC CLA UN . -7.64 75.53 -43.27
C1C CLA UN . -6.57 76.33 -43.42
C2C CLA UN . -5.28 75.71 -43.08
C3C CLA UN . -5.65 74.34 -42.69
C4C CLA UN . -7.13 74.35 -42.86
CMC CLA UN . -3.92 76.34 -43.11
CAC CLA UN . -4.73 73.23 -42.24
CBC CLA UN . -4.64 73.39 -40.74
ND CLA UN . -9.91 74.51 -42.32
C1D CLA UN . -9.30 73.21 -42.26
C2D CLA UN . -10.19 72.10 -41.85
C3D CLA UN . -11.46 72.84 -41.68
C4D CLA UN . -11.19 74.17 -41.96
CMD CLA UN . -10.11 70.62 -41.64
CAD CLA UN . -12.89 72.72 -41.30
OBD CLA UN . -13.49 71.64 -40.99
CBD CLA UN . -13.50 74.05 -41.36
CGD CLA UN . -14.71 73.96 -42.24
O1D CLA UN . -14.77 74.52 -43.32
O2D CLA UN . -15.83 73.18 -41.75
CED CLA UN . -16.84 72.71 -42.64
C1 CLA UN . -11.48 78.82 -36.31
C2 CLA UN . -10.51 77.85 -35.67
C3 CLA UN . -9.38 78.23 -35.08
C4 CLA UN . -8.98 79.67 -35.02
C5 CLA UN . -8.50 77.17 -34.46
C6 CLA UN . -7.06 77.23 -34.91
C7 CLA UN . -6.35 75.92 -34.57
C8 CLA UN . -5.03 75.81 -35.30
C9 CLA UN . -5.21 75.21 -36.69
C10 CLA UN . -4.05 74.98 -34.47
C11 CLA UN . -3.32 75.86 -33.48
C12 CLA UN . -3.69 75.48 -32.06
C13 CLA UN . -2.68 76.10 -31.11
C14 CLA UN . -1.40 75.27 -31.05
C15 CLA UN . -3.29 76.34 -29.75
C16 CLA UN . -3.25 75.15 -28.81
C17 CLA UN . -2.92 75.63 -27.40
C18 CLA UN . -1.53 76.24 -27.37
C19 CLA UN . -0.46 75.16 -27.36
C20 CLA UN . -1.38 77.21 -26.20
MG CLA VN . 2.90 55.92 -55.33
CHA CLA VN . -0.49 56.52 -55.65
CHB CLA VN . 2.54 53.29 -57.35
CHC CLA VN . 6.24 55.58 -55.20
CHD CLA VN . 3.19 59.21 -53.68
NA CLA VN . 1.33 55.07 -56.37
C1A CLA VN . 0.08 55.34 -56.36
C2A CLA VN . -0.82 54.39 -57.12
C3A CLA VN . 0.17 53.36 -57.59
C4A CLA VN . 1.44 53.95 -57.06
CMA CLA VN . -0.13 52.10 -56.81
CAA CLA VN . -1.45 55.01 -58.38
CBA CLA VN . -0.48 55.48 -59.47
CGA CLA VN . -0.17 56.95 -59.34
O1A CLA VN . -0.80 57.77 -59.97
O2A CLA VN . 0.90 57.41 -58.47
NB CLA VN . 4.20 54.62 -56.17
C1B CLA VN . 3.90 53.60 -56.96
C2B CLA VN . 5.06 52.79 -57.40
C3B CLA VN . 6.19 53.48 -56.74
C4B CLA VN . 5.52 54.60 -56.01
CMB CLA VN . 5.09 51.58 -58.28
CAB CLA VN . 7.62 53.13 -56.80
CBB CLA VN . 8.55 53.99 -57.14
NC CLA VN . 4.37 57.15 -54.60
C1C CLA VN . 5.67 56.82 -54.65
C2C CLA VN . 6.58 57.82 -54.08
C3C CLA VN . 5.69 58.88 -53.63
C4C CLA VN . 4.36 58.36 -53.99
CMC CLA VN . 8.08 57.77 -53.98
CAC CLA VN . 6.04 60.19 -52.97
CBC CLA VN . 6.11 61.20 -54.10
ND CLA VN . 1.76 57.53 -54.85
C1D CLA VN . 1.88 58.73 -54.08
C2D CLA VN . 0.62 59.39 -53.74
C3D CLA VN . -0.34 58.47 -54.39
C4D CLA VN . 0.39 57.47 -54.97
CMD CLA VN . 0.23 60.60 -52.97
CAD CLA VN . -1.77 58.20 -54.64
OBD CLA VN . -2.74 58.93 -54.24
CBD CLA VN . -1.90 56.98 -55.43
CGD CLA VN . -2.73 56.03 -54.62
O1D CLA VN . -2.33 54.95 -54.26
O2D CLA VN . -4.08 56.40 -54.23
CED CLA VN . -4.84 55.53 -53.41
C1 CLA VN . 1.71 58.51 -58.88
C2 CLA VN . 3.13 58.04 -59.09
C3 CLA VN . 4.15 58.58 -58.41
C4 CLA VN . 3.89 59.68 -57.43
C5 CLA VN . 5.54 58.07 -58.68
C6 CLA VN . 6.60 58.56 -57.69
C7 CLA VN . 7.48 59.65 -58.30
C8 CLA VN . 8.95 59.47 -57.92
C9 CLA VN . 9.57 58.36 -58.75
MG CLA WN . 1.19 58.88 -46.18
CHA CLA WN . -0.13 60.38 -43.40
CHB CLA WN . 4.23 59.98 -45.25
CHC CLA WN . 2.31 57.83 -49.17
CHD CLA WN . -2.28 58.16 -47.29
NA CLA WN . 1.93 60.03 -44.63
C1A CLA WN . 1.36 60.44 -43.56
C2A CLA WN . 2.27 61.05 -42.51
C3A CLA WN . 3.62 60.90 -43.17
C4A CLA WN . 3.23 60.25 -44.43
CMA CLA WN . 4.23 62.27 -43.46
CAA CLA WN . 2.36 60.29 -41.20
CBA CLA WN . 3.02 61.14 -40.12
CGA CLA WN . 4.40 60.65 -39.80
O1A CLA WN . 4.56 59.61 -39.20
O2A CLA WN . 5.57 61.40 -40.25
NB CLA WN . 3.01 58.89 -47.06
C1B CLA WN . 4.14 59.38 -46.58
C2B CLA WN . 5.30 59.33 -47.49
C3B CLA WN . 4.69 58.69 -48.67
C4B CLA WN . 3.28 58.46 -48.28
CMB CLA WN . 6.70 59.80 -47.29
CAB CLA WN . 5.33 58.33 -49.93
CBB CLA WN . 5.57 57.07 -50.19
NC CLA WN . 0.22 58.17 -47.84
C1C CLA WN . 0.87 57.80 -48.95
C2C CLA WN . -0.01 57.31 -50.03
C3C CLA WN . -1.36 57.40 -49.47
C4C CLA WN . -1.08 57.94 -48.12
CMC CLA WN . 0.38 56.84 -51.39
CAC CLA WN . -2.67 57.07 -50.09
CBC CLA WN . -2.85 55.60 -50.27
ND CLA WN . -0.74 59.17 -45.61
C1D CLA WN . -2.07 58.85 -46.03
C2D CLA WN . -3.15 59.26 -45.11
C3D CLA WN . -2.33 59.89 -44.06
C4D CLA WN . -1.00 59.80 -44.43
CMD CLA WN . -4.65 59.14 -45.08
CAD CLA WN . -2.38 60.56 -42.76
OBD CLA WN . -3.47 60.83 -42.13
CBD CLA WN . -1.01 60.92 -42.34
CGD CLA WN . -0.99 62.37 -42.53
O1D CLA WN . -0.22 63.10 -41.94
O2D CLA WN . -1.95 62.89 -43.47
CED CLA WN . -1.88 64.28 -43.71
MG CLA XN . 21.76 64.77 -43.47
CHA CLA XN . 23.40 67.67 -42.61
CHB CLA XN . 19.54 65.37 -41.01
CHC CLA XN . 19.81 62.39 -44.84
CHD CLA XN . 24.16 64.34 -46.24
NA CLA XN . 21.47 66.28 -42.09
C1A CLA XN . 22.21 67.28 -41.78
C2A CLA XN . 21.78 68.05 -40.55
C3A CLA XN . 20.57 67.26 -40.08
C4A CLA XN . 20.54 66.22 -41.14
CMA CLA XN . 20.89 66.58 -38.76
CAA CLA XN . 21.22 69.44 -40.87
CBA CLA XN . 20.31 69.50 -42.07
CGA CLA XN . 19.46 70.75 -42.01
O1A CLA XN . 19.92 71.84 -42.30
O2A CLA XN . 18.07 70.67 -41.61
NB CLA XN . 19.95 63.99 -42.98
C1B CLA XN . 19.21 64.28 -41.92
C2B CLA XN . 17.95 63.50 -41.78
C3B CLA XN . 18.06 62.62 -42.94
C4B CLA XN . 19.31 63.02 -43.61
CMB CLA XN . 16.88 63.58 -40.73
CAB CLA XN . 17.12 61.58 -43.40
CBB CLA XN . 16.38 61.94 -44.43
NC CLA XN . 21.97 63.63 -45.17
C1C CLA XN . 21.06 62.72 -45.53
C2C CLA XN . 21.36 62.00 -46.77
C3C CLA XN . 22.64 62.58 -47.20
C4C CLA XN . 22.91 63.56 -46.12
CMC CLA XN . 20.53 60.94 -47.44
CAC CLA XN . 23.46 62.24 -48.41
CBC CLA XN . 22.98 63.19 -49.48
ND CLA XN . 23.36 65.69 -44.31
C1D CLA XN . 24.28 65.53 -45.39
C2D CLA XN . 25.30 66.58 -45.52
C3D CLA XN . 24.91 67.45 -44.39
C4D CLA XN . 23.81 66.90 -43.78
CMD CLA XN . 26.44 66.90 -46.42
CAD CLA XN . 25.24 68.70 -43.68
OBD CLA XN . 26.19 69.50 -43.98
CBD CLA XN . 24.29 68.85 -42.57
CGD CLA XN . 25.05 68.80 -41.29
O1D CLA XN . 25.24 69.81 -40.64
O2D CLA XN . 25.51 67.52 -40.78
CED CLA XN . 25.84 67.44 -39.41
MG CLA YN . 26.30 56.78 -50.44
CHA CLA YN . 29.11 57.22 -52.38
CHB CLA YN . 24.89 59.38 -52.02
CHC CLA YN . 23.39 55.93 -48.98
CHD CLA YN . 27.79 53.64 -49.18
NA CLA YN . 26.87 58.06 -51.97
C1A CLA YN . 27.99 58.19 -52.58
C2A CLA YN . 28.10 59.38 -53.51
C3A CLA YN . 26.72 60.01 -53.37
C4A CLA YN . 26.13 59.08 -52.37
CMA CLA YN . 26.74 61.42 -52.81
CAA CLA YN . 28.22 59.04 -55.00
CBA CLA YN . 27.31 57.90 -55.43
CGA CLA YN . 26.69 58.26 -56.76
O1A CLA YN . 26.07 59.30 -56.89
O2A CLA YN . 26.82 57.37 -57.90
NB CLA YN . 24.42 57.54 -50.50
C1B CLA YN . 24.02 58.64 -51.12
C2B CLA YN . 22.62 59.06 -50.88
C3B CLA YN . 22.17 58.01 -49.95
C4B CLA YN . 23.36 57.13 -49.80
CMB CLA YN . 21.87 60.25 -51.42
CAB CLA YN . 20.82 57.90 -49.33
CBB CLA YN . 20.11 56.80 -49.30
NC CLA YN . 25.73 55.15 -49.33
C1C CLA YN . 24.50 54.99 -48.85
C2C CLA YN . 24.27 53.74 -48.10
C3C CLA YN . 25.57 53.06 -48.16
C4C CLA YN . 26.39 54.02 -48.93
CMC CLA YN . 23.00 53.30 -47.44
CAC CLA YN . 25.96 51.73 -47.56
CBC CLA YN . 25.68 50.67 -48.60
ND CLA YN . 27.95 55.62 -50.69
C1D CLA YN . 28.55 54.45 -50.13
C2D CLA YN . 29.94 54.17 -50.55
C3D CLA YN . 30.15 55.32 -51.46
C4D CLA YN . 28.99 56.07 -51.48
CMD CLA YN . 30.97 53.11 -50.26
CAD CLA YN . 31.09 55.97 -52.39
OBD CLA YN . 32.28 55.59 -52.64
CBD CLA YN . 30.48 57.18 -52.94
CGD CLA YN . 31.23 58.25 -52.21
O1D CLA YN . 31.44 59.34 -52.73
O2D CLA YN . 31.72 57.97 -50.87
CED CLA YN . 32.43 58.96 -50.14
MG CLA ZN . 25.59 70.96 -47.70
CHA CLA ZN . 26.91 74.00 -46.81
CHB CLA ZN . 23.11 71.48 -45.49
CHC CLA ZN . 24.16 68.09 -48.84
CHD CLA ZN . 27.96 70.86 -50.54
NA CLA ZN . 25.06 72.49 -46.41
C1A CLA ZN . 25.68 73.55 -46.08
C2A CLA ZN . 25.12 74.34 -44.91
C3A CLA ZN . 23.94 73.48 -44.52
C4A CLA ZN . 24.06 72.41 -45.54
CMA CLA ZN . 24.19 72.87 -43.15
CAA CLA ZN . 24.50 75.68 -45.31
CBA CLA ZN . 23.82 75.66 -46.67
CGA CLA ZN . 22.51 76.42 -46.72
O1A CLA ZN . 22.08 77.00 -45.74
O2A CLA ZN . 21.75 76.47 -47.96
NB CLA ZN . 23.93 69.90 -47.16
C1B CLA ZN . 22.97 70.33 -46.38
C2B CLA ZN . 21.68 69.62 -46.48
C3B CLA ZN . 21.98 68.59 -47.50
C4B CLA ZN . 23.41 68.87 -47.83
CMB CLA ZN . 20.40 69.90 -45.74
CAB CLA ZN . 21.08 67.54 -48.04
CBB CLA ZN . 21.40 66.26 -48.04
NC CLA ZN . 25.97 69.78 -49.34
C1C CLA ZN . 25.30 68.63 -49.59
C2C CLA ZN . 25.80 67.86 -50.75
C3C CLA ZN . 26.92 68.68 -51.24
C4C CLA ZN . 26.93 69.83 -50.31
CMC CLA ZN . 25.28 66.55 -51.27
CAC CLA ZN . 27.84 68.43 -52.40
CBC CLA ZN . 28.92 67.54 -51.85
ND CLA ZN . 27.02 72.09 -48.58
C1D CLA ZN . 28.02 71.98 -49.60
C2D CLA ZN . 29.05 73.03 -49.61
C3D CLA ZN . 28.58 73.84 -48.45
C4D CLA ZN . 27.44 73.24 -47.95
CMD CLA ZN . 30.27 73.37 -50.42
CAD CLA ZN . 28.86 75.05 -47.64
OBD CLA ZN . 29.84 75.86 -47.81
CBD CLA ZN . 27.83 75.16 -46.58
CGD CLA ZN . 28.54 75.01 -45.27
O1D CLA ZN . 28.49 73.98 -44.63
O2D CLA ZN . 29.28 76.14 -44.74
CED CLA ZN . 29.23 76.45 -43.34
C1 CLA ZN . 20.51 77.16 -47.97
C2 CLA ZN . 19.36 76.20 -48.20
C3 CLA ZN . 18.70 76.19 -49.36
C4 CLA ZN . 17.55 75.26 -49.61
MG CLA AO . 24.34 42.83 -43.64
CHA CLA AO . 26.81 40.90 -42.31
CHB CLA AO . 26.63 44.21 -45.69
CHC CLA AO . 21.83 44.44 -45.15
CHD CLA AO . 21.89 40.64 -41.98
NA CLA AO . 26.35 42.57 -44.00
C1A CLA AO . 27.20 41.85 -43.38
C2A CLA AO . 28.64 42.01 -43.78
C3A CLA AO . 28.53 43.10 -44.83
C4A CLA AO . 27.07 43.32 -44.82
CMA CLA AO . 29.22 44.36 -44.37
CAA CLA AO . 29.16 40.77 -44.51
CBA CLA AO . 28.25 40.20 -45.60
CGA CLA AO . 27.46 39.00 -45.12
O1A CLA AO . 28.02 37.93 -45.00
O2A CLA AO . 26.03 39.15 -44.79
NB CLA AO . 24.25 44.17 -45.16
C1B CLA AO . 25.25 44.59 -45.93
C2B CLA AO . 24.86 45.42 -47.09
C3B CLA AO . 23.40 45.49 -46.91
C4B CLA AO . 23.16 44.68 -45.70
CMB CLA AO . 25.71 46.04 -48.14
CAB CLA AO . 22.40 46.17 -47.75
CBB CLA AO . 21.55 45.45 -48.43
NC CLA AO . 22.31 42.62 -43.50
C1C CLA AO . 21.49 43.29 -44.31
C2C CLA AO . 20.12 42.78 -44.38
C3C CLA AO . 20.14 41.65 -43.45
C4C CLA AO . 21.53 41.66 -42.96
CMC CLA AO . 19.00 43.30 -45.21
CAC CLA AO . 19.03 40.71 -43.06
CBC CLA AO . 18.28 41.44 -41.98
ND CLA AO . 24.24 41.13 -42.54
C1D CLA AO . 23.30 40.44 -41.73
C2D CLA AO . 23.85 39.56 -40.69
C3D CLA AO . 25.30 39.78 -40.93
C4D CLA AO . 25.41 40.68 -41.96
CMD CLA AO . 23.29 38.66 -39.63
CAD CLA AO . 26.66 39.42 -40.52
OBD CLA AO . 26.98 38.63 -39.57
CBD CLA AO . 27.63 40.16 -41.33
CGD CLA AO . 28.18 41.19 -40.42
O1D CLA AO . 27.41 41.82 -39.70
O2D CLA AO . 29.59 41.46 -40.38
CED CLA AO . 30.10 42.41 -39.43
C1 CLA AO . 24.98 38.42 -45.43
C2 CLA AO . 24.04 39.41 -46.08
C3 CLA AO . 22.72 39.21 -46.19
C4 CLA AO . 22.10 37.96 -45.65
C5 CLA AO . 21.86 40.26 -46.87
C6 CLA AO . 20.38 39.92 -46.91
C7 CLA AO . 19.60 40.72 -47.95
C8 CLA AO . 18.19 40.19 -48.17
C9 CLA AO . 17.55 40.81 -49.42
C10 CLA AO . 17.29 40.41 -46.94
C11 CLA AO . 16.03 39.54 -46.95
C12 CLA AO . 14.77 40.40 -46.89
C13 CLA AO . 13.53 39.72 -46.31
C14 CLA AO . 13.81 39.07 -44.95
C15 CLA AO . 12.94 38.70 -47.29
C16 CLA AO . 11.42 38.63 -47.12
C17 CLA AO . 10.68 38.02 -48.32
C18 CLA AO . 10.42 36.52 -48.18
C19 CLA AO . 9.35 36.05 -49.18
C20 CLA AO . 10.04 36.12 -46.75
MG CLA BO . 18.74 46.10 -34.89
CHA CLA BO . 18.54 47.37 -31.70
CHB CLA BO . 22.08 46.58 -34.77
CHC CLA BO . 18.90 44.57 -37.87
CHD CLA BO . 15.18 45.14 -34.65
NA CLA BO . 20.09 46.80 -33.47
C1A CLA BO . 19.90 47.33 -32.33
C2A CLA BO . 21.13 47.89 -31.64
C3A CLA BO . 22.19 47.66 -32.69
C4A CLA BO . 21.38 46.96 -33.71
CMA CLA BO . 22.57 48.99 -33.28
CAA CLA BO . 21.49 47.00 -30.43
CBA CLA BO . 22.94 46.62 -30.17
CGA CLA BO . 23.11 45.15 -30.43
O1A CLA BO . 24.18 44.61 -30.30
O2A CLA BO . 21.96 44.35 -30.85
NB CLA BO . 20.28 45.66 -36.15
C1B CLA BO . 21.56 45.88 -35.94
C2B CLA BO . 22.47 45.36 -36.98
C3B CLA BO . 21.51 44.76 -37.92
C4B CLA BO . 20.18 45.00 -37.29
CMB CLA BO . 23.95 45.47 -37.05
CAB CLA BO . 21.81 44.07 -39.19
CBB CLA BO . 21.40 42.84 -39.40
NC CLA BO . 17.33 45.09 -36.00
C1C CLA BO . 17.61 44.54 -37.19
C2C CLA BO . 16.50 43.82 -37.83
C3C CLA BO . 15.39 43.99 -36.89
C4C CLA BO . 16.03 44.78 -35.81
CMC CLA BO . 16.52 43.11 -39.14
CAC CLA BO . 13.99 43.45 -36.97
CBC CLA BO . 13.05 44.51 -37.50
ND CLA BO . 17.22 46.12 -33.58
C1D CLA BO . 15.82 45.85 -33.55
C2D CLA BO . 15.11 46.32 -32.36
C3D CLA BO . 16.24 46.93 -31.61
C4D CLA BO . 17.38 46.79 -32.38
CMD CLA BO . 13.70 46.30 -31.88
CAD CLA BO . 16.61 47.65 -30.40
OBD CLA BO . 15.81 47.99 -29.46
CBD CLA BO . 18.05 47.94 -30.43
CGD CLA BO . 18.26 49.40 -30.33
O1D CLA BO . 18.65 50.05 -31.28
O2D CLA BO . 18.03 50.08 -29.08
CED CLA BO . 18.52 51.40 -28.92
C1 CLA BO . 22.14 43.29 -31.78
C2 CLA BO . 21.12 43.41 -32.88
C3 CLA BO . 20.17 42.48 -33.10
C4 CLA BO . 20.09 41.25 -32.27
C5 CLA BO . 19.19 42.69 -34.22
C6 CLA BO . 19.06 41.45 -35.10
C7 CLA BO . 17.59 41.03 -35.20
C8 CLA BO . 17.36 40.22 -36.46
C9 CLA BO . 17.02 38.79 -36.10
MG CLA CO . 16.07 54.40 -36.19
CHA CLA CO . 17.97 56.80 -34.63
CHB CLA CO . 16.90 52.28 -33.73
CHC CLA CO . 13.91 52.19 -37.53
CHD CLA CO . 14.76 56.99 -38.46
NA CLA CO . 17.19 54.52 -34.45
C1A CLA CO . 17.98 55.42 -34.03
C2A CLA CO . 18.81 55.05 -32.83
C3A CLA CO . 18.50 53.59 -32.64
C4A CLA CO . 17.47 53.47 -33.68
CMA CLA CO . 19.69 52.74 -33.06
CAA CLA CO . 18.24 55.78 -31.58
CBA CLA CO . 17.30 55.12 -30.55
CGA CLA CO . 15.87 54.94 -31.00
O1A CLA CO . 15.51 55.47 -32.04
O2A CLA CO . 14.96 54.11 -30.24
NB CLA CO . 15.53 52.49 -35.74
C1B CLA CO . 15.86 51.85 -34.65
C2B CLA CO . 15.07 50.65 -34.36
C3B CLA CO . 14.16 50.59 -35.50
C4B CLA CO . 14.55 51.79 -36.29
CMB CLA CO . 15.20 49.74 -33.21
CAB CLA CO . 13.14 49.56 -35.76
CBB CLA CO . 13.05 48.91 -36.89
NC CLA CO . 14.69 54.57 -37.70
C1C CLA CO . 13.88 53.56 -38.03
C2C CLA CO . 12.83 53.89 -39.00
C3C CLA CO . 13.06 55.31 -39.29
C4C CLA CO . 14.24 55.62 -38.42
CMC CLA CO . 11.78 53.00 -39.55
CAC CLA CO . 12.28 56.19 -40.21
CBC CLA CO . 11.09 56.66 -39.42
ND CLA CO . 16.21 56.38 -36.52
C1D CLA CO . 15.76 57.36 -37.45
C2D CLA CO . 16.35 58.69 -37.32
C3D CLA CO . 17.25 58.45 -36.15
C4D CLA CO . 17.10 57.13 -35.77
CMD CLA CO . 16.19 60.01 -38.02
CAD CLA CO . 18.23 59.06 -35.24
OBD CLA CO . 18.63 60.28 -35.27
CBD CLA CO . 18.70 58.05 -34.28
CGD CLA CO . 20.18 57.87 -34.40
O1D CLA CO . 20.76 58.05 -35.45
O2D CLA CO . 20.96 57.49 -33.25
CED CLA CO . 22.37 57.47 -33.36
C1 CLA CO . 14.68 52.77 -30.65
C2 CLA CO . 13.31 52.62 -31.26
C3 CLA CO . 12.56 51.53 -31.05
C4 CLA CO . 13.06 50.41 -30.21
C5 CLA CO . 11.20 51.42 -31.69
C6 CLA CO . 11.23 51.03 -33.15
C7 CLA CO . 10.14 51.71 -33.97
C8 CLA CO . 9.93 51.02 -35.31
C9 CLA CO . 8.85 51.71 -36.14
C10 CLA CO . 9.54 49.57 -35.05
C11 CLA CO . 9.17 48.81 -36.31
C12 CLA CO . 8.53 47.47 -35.98
C13 CLA CO . 9.51 46.32 -36.16
C14 CLA CO . 9.31 45.67 -37.51
C15 CLA CO . 9.29 45.29 -35.07
C16 CLA CO . 9.92 45.70 -33.75
C17 CLA CO . 8.83 45.89 -32.70
C18 CLA CO . 9.43 46.45 -31.42
C19 CLA CO . 10.21 47.73 -31.67
C20 CLA CO . 10.32 45.41 -30.81
MG CLA DO . 8.75 48.72 -56.10
CHA CLA DO . 5.37 48.29 -56.64
CHB CLA DO . 9.34 46.62 -58.62
CHC CLA DO . 12.00 49.58 -55.88
CHD CLA DO . 7.93 51.36 -53.64
NA CLA DO . 7.58 47.68 -57.44
C1A CLA DO . 6.31 47.48 -57.49
C2A CLA DO . 5.84 46.41 -58.46
C3A CLA DO . 7.14 45.92 -59.01
C4A CLA DO . 8.08 46.82 -58.31
CMA CLA DO . 7.43 44.54 -58.45
CAA CLA DO . 5.04 46.86 -59.69
CBA CLA DO . 5.42 48.27 -60.09
CGA CLA DO . 5.47 48.49 -61.58
O1A CLA DO . 4.74 49.31 -62.08
O2A CLA DO . 6.39 47.77 -62.43
NB CLA DO . 10.42 48.20 -57.13
C1B CLA DO . 10.52 47.30 -58.08
C2B CLA DO . 11.89 46.97 -58.53
C3B CLA DO . 12.69 47.88 -57.69
C4B CLA DO . 11.66 48.57 -56.87
CMB CLA DO . 12.32 46.00 -59.57
CAB CLA DO . 14.16 48.05 -57.67
CBB CLA DO . 14.87 47.91 -56.56
NC CLA DO . 9.73 50.14 -54.99
C1C CLA DO . 11.04 50.33 -55.08
C2C CLA DO . 11.58 51.45 -54.29
C3C CLA DO . 10.38 51.99 -53.64
C4C CLA DO . 9.30 51.09 -54.12
CMC CLA DO . 13.01 51.90 -54.22
CAC CLA DO . 10.29 53.13 -52.70
CBC CLA DO . 10.65 52.45 -51.43
ND CLA DO . 7.14 49.67 -55.30
C1D CLA DO . 6.84 50.67 -54.33
C2D CLA DO . 5.40 50.89 -54.09
C3D CLA DO . 4.82 49.92 -55.05
C4D CLA DO . 5.87 49.30 -55.69
CMD CLA DO . 4.56 51.78 -53.21
CAD CLA DO . 3.56 49.37 -55.59
OBD CLA DO . 2.38 49.71 -55.23
CBD CLA DO . 3.89 48.36 -56.60
CGD CLA DO . 3.14 47.10 -56.40
O1D CLA DO . 2.19 46.86 -57.12
O2D CLA DO . 3.46 46.12 -55.38
CED CLA DO . 2.73 44.90 -55.39
C1 CLA DO . 7.16 48.54 -63.35
C2 CLA DO . 8.16 49.36 -62.59
C3 CLA DO . 8.08 50.70 -62.41
C4 CLA DO . 6.97 51.52 -62.98
C5 CLA DO . 9.14 51.40 -61.61
C6 CLA DO . 9.39 50.75 -60.27
C7 CLA DO . 10.75 50.08 -60.23
C8 CLA DO . 11.89 51.06 -60.39
C9 CLA DO . 13.21 50.34 -60.49
C10 CLA DO . 11.87 52.01 -59.21
C11 CLA DO . 13.02 52.99 -59.26
C12 CLA DO . 13.43 53.43 -57.86
C13 CLA DO . 12.53 54.52 -57.28
C14 CLA DO . 12.17 55.60 -58.29
C15 CLA DO . 13.23 55.12 -56.07
C16 CLA DO . 12.26 55.92 -55.22
MG CLA EO . 3.54 43.76 -41.70
CHA CLA EO . 0.74 41.76 -41.66
CHB CLA EO . 1.73 46.17 -40.19
CHC CLA EO . 6.43 45.41 -41.24
CHD CLA EO . 5.46 40.83 -42.87
NA CLA EO . 1.61 43.94 -41.00
C1A CLA EO . 0.62 43.14 -41.09
C2A CLA EO . -0.69 43.62 -40.56
C3A CLA EO . -0.35 45.04 -40.15
C4A CLA EO . 1.10 45.06 -40.49
CMA CLA EO . -1.12 45.98 -41.05
CAA CLA EO . -0.99 42.94 -39.21
CBA CLA EO . 0.22 42.55 -38.35
CGA CLA EO . -0.11 41.81 -37.08
O1A CLA EO . -1.05 41.05 -37.00
O2A CLA EO . 0.77 42.02 -35.93
NB CLA EO . 4.00 45.52 -40.82
C1B CLA EO . 3.16 46.43 -40.35
C2B CLA EO . 3.78 47.69 -39.93
C3B CLA EO . 5.19 47.46 -40.25
C4B CLA EO . 5.21 46.08 -40.78
CMB CLA EO . 3.17 48.92 -39.36
CAB CLA EO . 6.31 48.39 -40.05
CBB CLA EO . 7.27 48.07 -39.24
NC CLA EO . 5.49 43.22 -42.01
C1C CLA EO . 6.51 44.04 -41.73
C2C CLA EO . 7.85 43.47 -41.93
C3C CLA EO . 7.56 42.12 -42.42
C4C CLA EO . 6.08 42.09 -42.44
CMC CLA EO . 9.17 44.13 -41.71
CAC CLA EO . 8.49 41.02 -42.82
CBC CLA EO . 8.78 41.24 -44.29
ND CLA EO . 3.29 41.79 -42.12
C1D CLA EO . 4.03 40.70 -42.67
C2D CLA EO . 3.24 39.51 -43.00
C3D CLA EO . 1.89 39.97 -42.59
C4D CLA EO . 2.02 41.25 -42.11
CMD CLA EO . 3.51 38.16 -43.59
CAD CLA EO . 0.46 39.59 -42.47
OBD CLA EO . -0.08 38.48 -42.82
CBD CLA EO . -0.28 40.70 -41.90
CGD CLA EO . -1.31 41.07 -42.88
O1D CLA EO . -1.11 40.92 -44.07
O2D CLA EO . -2.58 41.56 -42.42
CED CLA EO . -3.70 41.43 -43.28
C1 CLA EO . 0.82 41.13 -34.83
C2 CLA EO . -0.05 41.67 -33.72
C3 CLA EO . 0.45 42.29 -32.64
C4 CLA EO . 1.93 42.46 -32.48
C5 CLA EO . -0.49 42.80 -31.57
C6 CLA EO . -1.94 42.88 -32.02
C7 CLA EO . -2.81 43.83 -31.19
C8 CLA EO . -3.30 43.24 -29.87
C9 CLA EO . -3.59 41.74 -29.94
C10 CLA EO . -4.54 44.01 -29.42
C11 CLA EO . -5.17 43.38 -28.18
C12 CLA EO . -6.54 43.97 -27.87
C13 CLA EO . -7.38 43.09 -26.95
C14 CLA EO . -6.59 42.52 -25.78
C15 CLA EO . -8.05 41.98 -27.76
C16 CLA EO . -9.17 42.55 -28.61
C17 CLA EO . -10.29 43.07 -27.71
C18 CLA EO . -11.45 43.65 -28.51
C19 CLA EO . -12.27 44.60 -27.65
C20 CLA EO . -12.35 42.58 -29.07
MG CLA FO . 3.33 36.30 -50.60
CHA CLA FO . 1.96 35.73 -53.69
CHB CLA FO . 2.24 33.29 -49.64
CHC CLA FO . 4.87 36.87 -47.66
CHD CLA FO . 4.89 39.33 -51.98
NA CLA FO . 2.30 34.76 -51.51
C1A CLA FO . 1.88 34.63 -52.70
C2A CLA FO . 1.23 33.32 -53.04
C3A CLA FO . 1.27 32.60 -51.71
C4A CLA FO . 1.98 33.62 -50.90
CMA CLA FO . -0.12 32.43 -51.15
CAA CLA FO . 2.20 32.62 -54.00
CBA CLA FO . 2.24 31.09 -53.98
CGA CLA FO . 3.62 30.60 -53.62
O1A CLA FO . 4.13 30.86 -52.53
O2A CLA FO . 4.40 29.81 -54.56
NB CLA FO . 3.56 35.19 -48.92
C1B CLA FO . 2.91 34.09 -48.62
C2B CLA FO . 2.91 33.71 -47.19
C3B CLA FO . 3.71 34.80 -46.61
C4B CLA FO . 4.06 35.65 -47.77
CMB CLA FO . 2.27 32.55 -46.50
CAB CLA FO . 4.09 35.01 -45.19
CBB CLA FO . 5.36 35.03 -44.83
NC CLA FO . 4.58 37.80 -49.97
C1C CLA FO . 5.14 37.81 -48.76
C2C CLA FO . 6.12 38.89 -48.53
C3C CLA FO . 6.11 39.60 -49.82
C4C CLA FO . 5.14 38.85 -50.62
CMC CLA FO . 6.92 39.18 -47.29
CAC CLA FO . 6.89 40.80 -50.26
CBC CLA FO . 8.23 40.29 -50.71
ND CLA FO . 3.54 37.29 -52.36
C1D CLA FO . 3.96 38.58 -52.82
C2D CLA FO . 3.42 39.04 -54.10
C3D CLA FO . 2.57 37.87 -54.45
C4D CLA FO . 2.69 36.97 -53.40
CMD CLA FO . 3.58 40.28 -54.92
CAD CLA FO . 1.64 37.27 -55.44
OBD CLA FO . 1.25 37.80 -56.53
CBD CLA FO . 1.21 35.95 -54.96
CGD CLA FO . -0.26 36.05 -54.68
O1D CLA FO . -0.69 36.13 -53.55
O2D CLA FO . -1.18 36.00 -55.78
CED CLA FO . -2.49 35.52 -55.52
C1 CLA FO . 5.77 29.54 -54.34
MG CLA GO . -1.72 32.38 -42.64
CHA CLA GO . -2.10 32.68 -46.03
CHB CLA GO . -2.95 29.27 -42.86
CHC CLA GO . -0.96 32.02 -39.40
CHD CLA GO . 0.49 35.35 -42.75
NA CLA GO . -2.35 31.15 -44.18
C1A CLA GO . -2.61 31.41 -45.39
C2A CLA GO . -3.42 30.39 -46.17
C3A CLA GO . -3.67 29.34 -45.11
C4A CLA GO . -2.93 29.97 -43.97
CMA CLA GO . -5.15 29.29 -44.76
CAA CLA GO . -2.70 29.69 -47.36
CBA CLA GO . -1.52 28.79 -46.98
CGA CLA GO . -0.21 29.51 -46.85
O1A CLA GO . 0.57 29.60 -47.79
O2A CLA GO . 0.18 30.10 -45.57
NB CLA GO . -1.99 30.88 -41.30
C1B CLA GO . -2.33 29.63 -41.58
C2B CLA GO . -2.07 28.63 -40.53
C3B CLA GO . -1.45 29.46 -39.48
C4B CLA GO . -1.46 30.83 -40.08
CMB CLA GO . -2.33 27.16 -40.53
CAB CLA GO . -0.95 29.05 -38.14
CBB CLA GO . 0.30 29.30 -37.76
NC CLA GO . -0.50 33.46 -41.37
C1C CLA GO . -0.34 33.14 -40.08
C2C CLA GO . 0.57 34.02 -39.32
C3C CLA GO . 0.99 35.00 -40.32
C4C CLA GO . 0.27 34.55 -41.53
CMC CLA GO . 0.96 33.92 -37.87
CAC CLA GO . 1.92 36.16 -40.17
CBC CLA GO . 1.07 37.25 -39.57
ND CLA GO . -0.88 33.66 -43.96
C1D CLA GO . -0.16 34.89 -43.96
C2D CLA GO . -0.14 35.63 -45.23
C3D CLA GO . -0.95 34.72 -46.07
C4D CLA GO . -1.31 33.65 -45.28
CMD CLA GO . 0.46 36.92 -45.71
CAD CLA GO . -1.50 34.47 -47.41
OBD CLA GO . -1.41 35.23 -48.44
CBD CLA GO . -2.25 33.22 -47.40
CGD CLA GO . -3.68 33.59 -47.61
O1D CLA GO . -4.50 33.50 -46.73
O2D CLA GO . -4.11 34.07 -48.91
CED CLA GO . -5.51 34.23 -49.13
C1 CLA GO . 0.56 29.30 -44.46
C2 CLA GO . 0.81 30.19 -43.27
C3 CLA GO . 1.98 30.19 -42.63
C4 CLA GO . 3.08 29.26 -43.06
C5 CLA GO . 2.19 31.11 -41.45
C6 CLA GO . 3.65 31.48 -41.18
MG CLA HO . -6.67 37.57 -35.20
CHA CLA HO . -4.41 38.59 -37.58
CHB CLA HO . -4.81 34.82 -34.74
CHC CLA HO . -8.47 36.95 -32.40
CHD CLA HO . -8.33 40.82 -35.52
NA CLA HO . -4.89 36.85 -35.97
C1A CLA HO . -4.17 37.26 -36.93
C2A CLA HO . -3.06 36.34 -37.36
C3A CLA HO . -3.26 35.17 -36.46
C4A CLA HO . -4.40 35.66 -35.67
CMA CLA HO . -3.76 33.99 -37.29
CAA CLA HO . -1.65 36.84 -37.03
CBA CLA HO . -1.54 37.64 -35.73
CGA CLA HO . -0.57 36.96 -34.81
O1A CLA HO . -0.56 35.75 -34.68
O2A CLA HO . 0.38 37.71 -34.02
NB CLA HO . -6.61 36.12 -33.78
C1B CLA HO . -5.88 35.02 -33.80
C2B CLA HO . -6.20 34.02 -32.76
C3B CLA HO . -7.29 34.69 -32.05
C4B CLA HO . -7.46 35.96 -32.78
CMB CLA HO . -5.56 32.69 -32.50
CAB CLA HO . -8.09 34.21 -30.92
CBB CLA HO . -9.17 33.51 -31.18
NC CLA HO . -8.08 38.67 -34.19
C1C CLA HO . -8.69 38.23 -33.08
C2C CLA HO . -9.71 39.15 -32.52
C3C CLA HO . -9.65 40.28 -33.43
C4C CLA HO . -8.62 39.86 -34.42
CMC CLA HO . -10.58 38.99 -31.31
CAC CLA HO . -10.45 41.55 -33.40
CBC CLA HO . -11.65 41.15 -34.21
ND CLA HO . -6.49 39.32 -36.20
C1D CLA HO . -7.17 40.56 -36.35
C2D CLA HO . -6.65 41.46 -37.38
C3D CLA HO . -5.52 40.64 -37.87
C4D CLA HO . -5.49 39.48 -37.14
CMD CLA HO . -7.05 42.81 -37.89
CAD CLA HO . -4.38 40.57 -38.80
OBD CLA HO . -4.07 41.47 -39.65
CBD CLA HO . -3.68 39.28 -38.67
CGD CLA HO . -3.95 38.51 -39.91
O1D CLA HO . -4.89 37.74 -39.95
O2D CLA HO . -3.11 38.61 -41.07
CED CLA HO . -3.39 37.74 -42.16
C1 CLA HO . 0.91 37.11 -32.84
C2 CLA HO . 0.31 37.79 -31.63
MG CLA IO . -3.00 48.69 -39.38
CHA CLA IO . -0.94 51.34 -40.10
CHB CLA IO . -1.14 48.07 -36.67
CHC CLA IO . -4.94 46.03 -38.87
CHD CLA IO . -4.40 48.98 -42.79
NA CLA IO . -1.30 49.50 -38.54
C1A CLA IO . -0.70 50.60 -38.80
C2A CLA IO . 0.26 51.11 -37.75
C3A CLA IO . 0.14 50.04 -36.68
C4A CLA IO . -0.83 49.15 -37.35
CMA CLA IO . 1.41 49.32 -36.25
CAA CLA IO . -0.31 52.36 -37.11
CBA CLA IO . 0.54 52.92 -36.00
CGA CLA IO . 0.57 54.41 -36.19
O1A CLA IO . -0.35 55.08 -35.75
O2A CLA IO . 1.68 55.04 -36.88
NB CLA IO . -3.10 47.31 -37.90
C1B CLA IO . -2.11 47.04 -37.06
C2B CLA IO . -2.03 45.65 -36.56
C3B CLA IO . -3.19 45.06 -37.24
C4B CLA IO . -3.75 46.18 -38.02
CMB CLA IO . -1.06 45.00 -35.64
CAB CLA IO . -3.70 43.68 -37.18
CBB CLA IO . -3.98 43.12 -36.03
NC CLA IO . -4.32 47.70 -40.61
C1C CLA IO . -5.09 46.71 -40.16
C2C CLA IO . -6.15 46.25 -41.07
C3C CLA IO . -5.99 47.13 -42.23
C4C CLA IO . -4.84 47.97 -41.83
CMC CLA IO . -7.17 45.18 -40.86
CAC CLA IO . -6.80 47.10 -43.52
CBC CLA IO . -7.81 48.22 -43.56
ND CLA IO . -2.76 49.75 -41.08
C1D CLA IO . -3.40 49.92 -42.34
C2D CLA IO . -2.96 51.07 -43.11
C3D CLA IO . -1.96 51.64 -42.19
C4D CLA IO . -1.89 50.83 -41.09
CMD CLA IO . -3.35 51.62 -44.43
CAD CLA IO . -0.98 52.73 -41.99
OBD CLA IO . -0.76 53.67 -42.83
CBD CLA IO . -0.32 52.56 -40.69
CGD CLA IO . 1.12 52.32 -40.97
O1D CLA IO . 1.96 53.12 -40.63
O2D CLA IO . 1.54 51.14 -41.67
CED CLA IO . 2.82 51.12 -42.27
C1 CLA IO . 1.75 56.44 -37.11
C2 CLA IO . 0.73 56.90 -38.13
C3 CLA IO . 1.03 57.07 -39.41
C4 CLA IO . 2.42 56.83 -39.91
C5 CLA IO . -0.04 57.53 -40.38
C6 CLA IO . -1.41 56.93 -40.12
C7 CLA IO . -2.16 56.72 -41.43
C8 CLA IO . -3.67 56.53 -41.27
C9 CLA IO . -4.24 57.52 -40.26
C10 CLA IO . -4.00 55.11 -40.87
C11 CLA IO . -5.49 54.84 -41.01
C12 CLA IO . -5.79 53.82 -42.11
C13 CLA IO . -6.83 54.27 -43.11
C14 CLA IO . -6.50 55.66 -43.62
C15 CLA IO . -8.20 54.28 -42.44
C16 CLA IO . -9.38 54.05 -43.39
C17 CLA IO . -10.11 55.34 -43.71
C18 CLA IO . -11.58 55.31 -43.29
C19 CLA IO . -12.31 56.54 -43.82
C20 CLA IO . -11.71 55.20 -41.78
MG CLA JO . 1.32 46.46 -22.05
CHA CLA JO . 4.64 45.96 -21.33
CHB CLA JO . 1.38 43.60 -23.77
CHC CLA JO . -2.06 46.60 -22.16
CHD CLA JO . 1.36 49.30 -19.75
NA CLA JO . 2.74 45.01 -22.44
C1A CLA JO . 3.97 44.96 -22.21
C2A CLA JO . 4.72 43.79 -22.78
C3A CLA JO . 3.67 43.12 -23.59
C4A CLA JO . 2.52 43.96 -23.23
CMA CLA JO . 3.98 43.36 -25.06
CAA CLA JO . 4.82 42.81 -21.63
CBA CLA JO . 5.30 41.40 -21.97
CGA CLA JO . 5.72 40.76 -20.68
O1A CLA JO . 6.19 41.43 -19.79
O2A CLA JO . 5.53 39.34 -20.45
NB CLA JO . -0.11 45.27 -22.86
C1B CLA JO . 0.07 44.18 -23.57
C2B CLA JO . -1.13 43.52 -24.07
C3B CLA JO . -2.17 44.44 -23.59
C4B CLA JO . -1.43 45.47 -22.83
CMB CLA JO . -1.27 42.30 -24.91
CAB CLA JO . -3.61 44.31 -23.79
CBB CLA JO . -4.26 43.41 -23.10
NC CLA JO . -0.02 47.72 -21.15
C1C CLA JO . -1.35 47.57 -21.30
C2C CLA JO . -2.15 48.50 -20.50
C3C CLA JO . -1.13 49.28 -19.79
C4C CLA JO . 0.13 48.72 -20.29
CMC CLA JO . -3.64 48.62 -20.41
CAC CLA JO . -1.30 50.40 -18.81
CBC CLA JO . -1.40 51.62 -19.70
ND CLA JO . 2.58 47.44 -20.80
C1D CLA JO . 2.60 48.58 -19.96
C2D CLA JO . 3.91 48.93 -19.38
C3D CLA JO . 4.72 47.85 -19.95
C4D CLA JO . 3.90 47.06 -20.73
CMD CLA JO . 4.44 49.99 -18.47
CAD CLA JO . 6.07 47.26 -20.03
OBD CLA JO . 7.11 47.70 -19.45
CBD CLA JO . 6.05 46.08 -20.89
CGD CLA JO . 6.89 46.46 -22.03
O1D CLA JO . 6.40 46.77 -23.09
O2D CLA JO . 8.30 46.46 -21.86
CED CLA JO . 9.06 46.90 -22.98
C1 CLA JO . 6.26 38.38 -21.22
C2 CLA JO . 5.29 37.29 -21.60
C3 CLA JO . 5.63 36.01 -21.73
C4 CLA JO . 7.06 35.61 -21.52
C5 CLA JO . 4.61 34.96 -22.10
C6 CLA JO . 3.32 34.94 -21.27
C7 CLA JO . 2.16 35.70 -21.91
C8 CLA JO . 0.92 34.86 -22.18
C9 CLA JO . -0.18 35.73 -22.75
C10 CLA JO . 0.43 34.22 -20.89
MG CLA KO . 13.32 43.92 -25.74
CHA CLA KO . 10.04 43.10 -25.13
CHB CLA KO . 12.90 42.84 -28.88
CHC CLA KO . 16.64 44.25 -26.13
CHD CLA KO . 13.69 44.60 -22.14
NA CLA KO . 11.76 43.10 -26.82
C1A CLA KO . 10.54 42.92 -26.52
C2A CLA KO . 9.64 42.48 -27.62
C3A CLA KO . 10.59 42.37 -28.77
C4A CLA KO . 11.84 42.81 -28.10
CMA CLA KO . 10.77 40.90 -29.10
CAA CLA KO . 8.70 43.60 -28.03
CBA CLA KO . 7.72 43.15 -29.08
CGA CLA KO . 6.46 43.93 -28.85
O1A CLA KO . 5.74 43.65 -27.92
O2A CLA KO . 6.10 45.04 -29.71
NB CLA KO . 14.60 43.55 -27.28
C1B CLA KO . 14.26 43.22 -28.51
C2B CLA KO . 15.33 43.32 -29.51
C3B CLA KO . 16.46 43.76 -28.70
C4B CLA KO . 15.89 43.85 -27.32
CMB CLA KO . 15.30 43.06 -30.98
CAB CLA KO . 17.79 44.01 -29.23
CBB CLA KO . 18.89 43.67 -28.61
NC CLA KO . 14.83 44.30 -24.39
C1C CLA KO . 16.10 44.44 -24.76
C2C CLA KO . 17.01 44.83 -23.66
C3C CLA KO . 16.12 44.92 -22.51
C4C CLA KO . 14.82 44.59 -23.08
CMC CLA KO . 18.48 45.07 -23.71
CAC CLA KO . 16.42 45.28 -21.07
CBC CLA KO . 16.76 43.98 -20.38
ND CLA KO . 12.26 43.87 -24.02
C1D CLA KO . 12.40 44.19 -22.64
C2D CLA KO . 11.19 44.06 -21.81
C3D CLA KO . 10.26 43.61 -22.85
C4D CLA KO . 10.93 43.55 -24.05
CMD CLA KO . 10.82 44.26 -20.39
CAD CLA KO . 8.88 43.23 -23.10
OBD CLA KO . 7.99 43.21 -22.20
CBD CLA KO . 8.70 42.91 -24.52
CGD CLA KO . 8.08 41.56 -24.70
O1D CLA KO . 7.04 41.43 -25.31
O2D CLA KO . 8.68 40.34 -24.18
CED CLA KO . 8.00 39.14 -24.48
C1 CLA KO . 4.90 45.03 -30.46
C2 CLA KO . 5.25 45.54 -31.84
C3 CLA KO . 5.08 46.83 -32.17
C4 CLA KO . 4.51 47.81 -31.20
C5 CLA KO . 5.45 47.29 -33.56
C6 CLA KO . 4.43 46.86 -34.61
C7 CLA KO . 4.99 45.72 -35.45
C8 CLA KO . 3.93 44.88 -36.15
C9 CLA KO . 2.65 44.77 -35.35
C10 CLA KO . 4.51 43.50 -36.35
C11 CLA KO . 4.62 43.11 -37.81
C12 CLA KO . 4.23 41.64 -38.00
C13 CLA KO . 5.33 40.83 -38.69
C14 CLA KO . 4.95 39.36 -38.75
C15 CLA KO . 6.64 41.00 -37.96
C16 CLA KO . 7.83 41.10 -38.90
C17 CLA KO . 9.07 41.59 -38.14
C18 CLA KO . 10.27 40.72 -38.43
C19 CLA KO . 10.73 40.87 -39.87
C20 CLA KO . 9.97 39.25 -38.14
MG CLA LO . 7.88 65.06 -20.82
CHA CLA LO . 9.57 67.17 -22.95
CHB CLA LO . 10.78 64.48 -19.21
CHC CLA LO . 6.10 63.55 -18.40
CHD CLA LO . 4.75 66.01 -22.50
NA CLA LO . 9.84 65.74 -21.00
C1A CLA LO . 10.38 66.44 -21.92
C2A CLA LO . 11.89 66.50 -21.85
C3A CLA LO . 12.23 65.62 -20.66
C4A CLA LO . 10.85 65.25 -20.29
CMA CLA LO . 12.97 64.38 -21.13
CAA CLA LO . 12.43 67.90 -21.51
CBA CLA LO . 12.51 68.36 -20.07
CGA CLA LO . 11.17 68.73 -19.51
O1A CLA LO . 10.74 68.13 -18.55
O2A CLA LO . 10.38 69.80 -20.08
NB CLA LO . 8.37 64.11 -19.10
C1B CLA LO . 9.56 64.02 -18.56
C2B CLA LO . 9.63 63.53 -17.17
C3B CLA LO . 8.19 63.26 -16.93
C4B CLA LO . 7.54 63.65 -18.19
CMB CLA LO . 10.86 63.39 -16.32
CAB CLA LO . 7.46 62.73 -15.75
CBB CLA LO . 8.03 62.06 -14.77
NC CLA LO . 5.86 64.93 -20.49
C1C CLA LO . 5.37 64.12 -19.54
C2C CLA LO . 3.95 63.77 -19.72
C3C CLA LO . 3.56 64.49 -20.93
C4C CLA LO . 4.81 65.17 -21.30
CMC CLA LO . 3.08 62.89 -18.87
CAC CLA LO . 2.23 64.52 -21.61
CBC CLA LO . 1.49 65.65 -20.92
ND CLA LO . 7.23 66.26 -22.32
C1D CLA LO . 5.99 66.62 -22.94
C2D CLA LO . 6.11 67.62 -24.02
C3D CLA LO . 7.57 67.84 -24.01
C4D CLA LO . 8.11 67.07 -22.99
CMD CLA LO . 5.15 68.30 -24.94
CAD CLA LO . 8.68 68.59 -24.63
OBD CLA LO . 8.59 69.44 -25.58
CBD CLA LO . 9.92 68.21 -23.96
CGD CLA LO . 10.96 67.80 -24.95
O1D CLA LO . 10.71 67.01 -25.81
O2D CLA LO . 12.28 68.41 -24.88
CED CLA LO . 12.76 69.17 -25.98
C1 CLA LO . 9.00 69.75 -19.77
C2 CLA LO . 8.27 70.91 -20.37
C3 CLA LO . 7.85 71.92 -19.60
C4 CLA LO . 8.10 71.94 -18.11
C5 CLA LO . 7.10 73.07 -20.24
C6 CLA LO . 7.40 74.38 -19.52
C7 CLA LO . 6.24 75.38 -19.55
C8 CLA LO . 5.06 74.84 -18.75
C9 CLA LO . 3.88 75.80 -18.85
C10 CLA LO . 5.48 74.61 -17.31
C11 CLA LO . 5.73 75.90 -16.56
C12 CLA LO . 4.92 75.86 -15.27
C13 CLA LO . 4.99 77.14 -14.46
C14 CLA LO . 3.85 77.13 -13.45
C15 CLA LO . 4.90 78.37 -15.35
C16 CLA LO . 5.80 79.49 -14.85
C17 CLA LO . 4.96 80.59 -14.20
C18 CLA LO . 4.41 81.51 -15.27
C19 CLA LO . 5.40 82.61 -15.58
C20 CLA LO . 3.08 82.09 -14.83
MG CLA MO . 9.77 60.78 -27.97
CHA CLA MO . 13.17 60.92 -28.56
CHB CLA MO . 9.92 63.94 -26.83
CHC CLA MO . 6.41 60.81 -27.92
CHD CLA MO . 9.68 57.53 -29.71
NA CLA MO . 11.25 62.20 -27.79
C1A CLA MO . 12.53 62.10 -27.89
C2A CLA MO . 13.31 63.27 -27.37
C3A CLA MO . 12.23 64.16 -26.81
C4A CLA MO . 11.05 63.36 -27.16
CMA CLA MO . 12.32 64.09 -25.30
CAA CLA MO . 14.00 64.12 -28.46
CBA CLA MO . 13.10 64.58 -29.59
CGA CLA MO . 13.67 64.24 -30.94
O1A CLA MO . 13.99 65.11 -31.72
O2A CLA MO . 13.86 62.86 -31.36
NB CLA MO . 8.39 62.14 -27.38
C1B CLA MO . 8.60 63.41 -27.10
C2B CLA MO . 7.45 64.31 -27.13
C3B CLA MO . 6.39 63.37 -27.46
C4B CLA MO . 7.08 62.06 -27.58
CMB CLA MO . 7.38 65.77 -26.87
CAB CLA MO . 4.96 63.67 -27.62
CBB CLA MO . 4.08 63.10 -26.86
NC CLA MO . 8.38 59.46 -28.69
C1C CLA MO . 7.07 59.65 -28.53
C2C CLA MO . 6.20 58.56 -29.00
C3C CLA MO . 7.17 57.58 -29.52
C4C CLA MO . 8.47 58.25 -29.28
CMC CLA MO . 4.70 58.48 -28.94
CAC CLA MO . 6.88 56.25 -30.15
CBC CLA MO . 6.44 56.50 -31.57
ND CLA MO . 11.01 59.50 -28.93
C1D CLA MO . 10.95 58.23 -29.58
C2D CLA MO . 12.24 57.74 -30.07
C3D CLA MO . 13.13 58.85 -29.66
C4D CLA MO . 12.36 59.80 -29.05
CMD CLA MO . 12.71 56.52 -30.80
CAD CLA MO . 14.53 59.35 -29.67
OBD CLA MO . 15.53 58.74 -30.17
CBD CLA MO . 14.57 60.64 -29.00
CGD CLA MO . 15.62 60.64 -27.95
O1D CLA MO . 16.06 59.60 -27.50
O2D CLA MO . 16.19 61.88 -27.45
CED CLA MO . 17.43 61.85 -26.78
C1 CLA MO . 13.91 62.57 -32.76
C2 CLA MO . 13.57 61.11 -32.98
C3 CLA MO . 14.53 60.21 -33.11
C4 CLA MO . 15.98 60.58 -33.01
C5 CLA MO . 14.20 58.76 -33.32
C6 CLA MO . 13.28 58.50 -34.50
C7 CLA MO . 13.18 57.00 -34.70
C8 CLA MO . 11.75 56.54 -34.49
C9 CLA MO . 11.75 55.05 -34.24
C10 CLA MO . 10.93 56.88 -35.71
C11 CLA MO . 9.53 56.31 -35.63
C12 CLA MO . 8.64 57.12 -36.57
C13 CLA MO . 7.35 56.39 -36.90
C14 CLA MO . 6.52 57.23 -37.86
C15 CLA MO . 6.58 56.08 -35.63
C16 CLA MO . 6.25 54.60 -35.49
C17 CLA MO . 5.00 54.21 -36.26
C18 CLA MO . 4.74 52.72 -36.15
C19 CLA MO . 3.91 52.24 -37.33
C20 CLA MO . 4.02 52.40 -34.86
MG CLA NO . -9.08 60.87 -28.05
CHA CLA NO . -12.28 62.03 -27.38
CHB CLA NO . -9.26 62.41 -31.01
CHC CLA NO . -5.76 60.35 -28.35
CHD CLA NO . -8.89 59.74 -24.55
NA CLA NO . -10.48 62.07 -29.01
C1A CLA NO . -11.69 62.36 -28.72
C2A CLA NO . -12.49 63.07 -29.77
C3A CLA NO . -11.51 63.12 -30.91
C4A CLA NO . -10.32 62.50 -30.26
CMA CLA NO . -11.97 62.11 -31.94
CAA CLA NO . -12.78 64.55 -29.48
CBA CLA NO . -11.71 65.19 -28.59
CGA CLA NO . -11.73 66.69 -28.67
O1A CLA NO . -12.35 67.25 -29.55
O2A CLA NO . -11.01 67.44 -27.66
NB CLA NO . -7.71 61.32 -29.47
C1B CLA NO . -7.97 61.87 -30.63
C2B CLA NO . -6.82 61.93 -31.54
C3B CLA NO . -5.75 61.32 -30.77
C4B CLA NO . -6.43 60.98 -29.49
CMB CLA NO . -6.79 62.47 -32.91
CAB CLA NO . -4.37 61.08 -31.20
CBB CLA NO . -3.82 59.90 -31.18
NC CLA NO . -7.68 60.10 -26.75
C1C CLA NO . -6.38 60.16 -27.03
C2C CLA NO . -5.47 60.02 -25.87
C3C CLA NO . -6.38 59.87 -24.75
C4C CLA NO . -7.71 59.90 -25.41
CMC CLA NO . -3.97 60.07 -25.86
CAC CLA NO . -6.05 59.66 -23.29
CBC CLA NO . -6.22 60.98 -22.58
ND CLA NO . -10.18 60.88 -26.34
C1D CLA NO . -10.12 60.36 -25.02
C2D CLA NO . -11.34 60.50 -24.22
C3D CLA NO . -12.21 61.18 -25.21
C4D CLA NO . -11.47 61.37 -26.36
CMD CLA NO . -11.72 60.10 -22.83
CAD CLA NO . -13.54 61.76 -25.45
OBD CLA NO . -14.49 61.79 -24.63
CBD CLA NO . -13.61 62.30 -26.81
CGD CLA NO . -14.78 61.65 -27.50
O1D CLA NO . -15.91 61.81 -27.07
O2D CLA NO . -14.66 60.83 -28.67
CED CLA NO . -15.89 60.48 -29.30
C1 CLA NO . -10.83 68.85 -27.75
C2 CLA NO . -9.69 69.27 -26.87
C3 CLA NO . -9.84 69.49 -25.55
C4 CLA NO . -11.18 69.31 -24.90
C5 CLA NO . -8.65 69.92 -24.72
C6 CLA NO . -8.93 70.15 -23.25
C7 CLA NO . -7.70 69.91 -22.39
C8 CLA NO . -7.42 68.43 -22.20
C9 CLA NO . -8.63 67.75 -21.57
C10 CLA NO . -6.23 68.22 -21.28
C11 CLA NO . -5.01 68.99 -21.76
C12 CLA NO . -3.97 68.97 -20.65
C13 CLA NO . -2.72 69.72 -21.06
C14 CLA NO . -2.09 69.11 -22.30
C15 CLA NO . -1.73 69.69 -19.92
C16 CLA NO . -1.09 71.05 -19.76
C17 CLA NO . -1.90 71.91 -18.81
C18 CLA NO . -1.79 73.39 -19.17
C19 CLA NO . -2.50 74.24 -18.14
C20 CLA NO . -2.32 73.65 -20.57
MG CLA OO . -12.22 33.96 -25.20
CHA CLA OO . -13.65 32.06 -27.67
CHB CLA OO . -13.04 31.55 -22.99
CHC CLA OO . -10.42 35.62 -22.91
CHD CLA OO . -10.82 36.15 -27.83
NA CLA OO . -13.13 32.10 -25.30
C1A CLA OO . -13.71 31.51 -26.27
C2A CLA OO . -14.48 30.26 -25.90
C3A CLA OO . -14.27 30.17 -24.42
C4A CLA OO . -13.42 31.36 -24.23
CMA CLA OO . -15.59 30.47 -23.74
CAA CLA OO . -13.93 28.96 -26.49
CBA CLA OO . -12.43 29.01 -26.63
CGA CLA OO . -11.79 27.88 -25.87
O1A CLA OO . -12.13 27.63 -24.74
O2A CLA OO . -10.76 27.09 -26.51
NB CLA OO . -11.82 33.64 -23.24
C1B CLA OO . -12.19 32.63 -22.49
C2B CLA OO . -11.69 32.63 -21.11
C3B CLA OO . -10.91 33.86 -21.10
C4B CLA OO . -11.06 34.39 -22.47
CMB CLA OO . -11.91 31.66 -19.99
CAB CLA OO . -10.14 34.42 -20.00
CBB CLA OO . -8.83 34.31 -20.06
NC CLA OO . -10.92 35.53 -25.36
C1C CLA OO . -10.29 36.06 -24.31
C2C CLA OO . -9.40 37.19 -24.61
C3C CLA OO . -9.51 37.34 -26.05
C4C CLA OO . -10.48 36.28 -26.41
CMC CLA OO . -8.56 37.99 -23.66
CAC CLA OO . -8.81 38.35 -26.92
CBC CLA OO . -7.46 37.73 -27.24
ND CLA OO . -12.11 34.10 -27.22
C1D CLA OO . -11.69 35.04 -28.20
C2D CLA OO . -12.20 34.82 -29.55
C3D CLA OO . -13.01 33.60 -29.32
C4D CLA OO . -12.89 33.27 -27.99
CMD CLA OO . -12.04 35.54 -30.85
CAD CLA OO . -13.89 32.60 -29.94
OBD CLA OO . -14.22 32.58 -31.17
CBD CLA OO . -14.30 31.62 -28.92
CGD CLA OO . -15.78 31.57 -28.79
O1D CLA OO . -16.35 30.50 -28.85
O2D CLA OO . -16.55 32.75 -28.53
CED CLA OO . -17.90 32.56 -28.12
C1 CLA OO . -10.04 26.10 -25.77
C2 CLA OO . -8.70 26.63 -25.38
C3 CLA OO . -7.58 26.20 -25.96
C4 CLA OO . -7.61 25.18 -27.05
C5 CLA OO . -6.26 26.77 -25.50
MG CLA PO . -11.73 29.39 -16.15
CHA CLA PO . -14.10 28.29 -18.37
CHB CLA PO . -14.12 29.40 -13.78
CHC CLA PO . -9.30 30.04 -13.91
CHD CLA PO . -9.18 28.87 -18.75
NA CLA PO . -13.74 28.89 -16.05
C1A CLA PO . -14.55 28.58 -16.97
C2A CLA PO . -15.98 28.45 -16.55
C3A CLA PO . -15.95 28.85 -15.12
C4A CLA PO . -14.49 29.06 -14.98
CMA CLA PO . -16.60 30.22 -15.00
CAA CLA PO . -16.35 26.99 -16.42
CBA CLA PO . -17.67 26.77 -17.11
CGA CLA PO . -18.06 25.32 -16.98
O1A CLA PO . -19.18 25.02 -16.61
O2A CLA PO . -17.10 24.29 -17.34
NB CLA PO . -11.72 29.66 -14.13
C1B CLA PO . -12.77 29.69 -13.34
C2B CLA PO . -12.50 30.03 -11.94
C3B CLA PO . -11.05 30.23 -11.96
C4B CLA PO . -10.67 29.97 -13.37
CMB CLA PO . -13.48 30.13 -10.82
CAB CLA PO . -10.20 30.59 -10.82
CBB CLA PO . -9.27 29.75 -10.44
NC CLA PO . -9.68 29.41 -16.31
C1C CLA PO . -8.89 29.75 -15.30
C2C CLA PO . -7.46 29.81 -15.64
C3C CLA PO . -7.43 29.47 -17.07
C4C CLA PO . -8.86 29.25 -17.36
CMC CLA PO . -6.31 30.15 -14.75
CAC CLA PO . -6.24 29.36 -17.98
CBC CLA PO . -6.07 30.69 -18.64
ND CLA PO . -11.56 28.72 -18.05
C1D CLA PO . -10.58 28.59 -19.08
C2D CLA PO . -11.09 28.20 -20.40
C3D CLA PO . -12.54 28.09 -20.09
C4D CLA PO . -12.70 28.39 -18.75
CMD CLA PO . -10.52 27.94 -21.76
CAD CLA PO . -13.87 27.75 -20.63
OBD CLA PO . -14.13 27.43 -21.84
CBD CLA PO . -14.88 27.90 -19.57
CGD CLA PO . -15.74 29.04 -19.99
O1D CLA PO . -15.23 30.02 -20.47
O2D CLA PO . -17.17 29.02 -19.86
CED CLA PO . -17.91 30.02 -20.53
C1 CLA PO . -16.73 23.30 -16.40
C2 CLA PO . -15.31 23.57 -15.98
C3 CLA PO . -14.54 22.69 -15.34
C4 CLA PO . -15.09 21.33 -14.97
C5 CLA PO . -13.13 23.07 -14.99
C6 CLA PO . -12.33 21.99 -14.28
C7 CLA PO . -11.37 21.31 -15.24
C8 CLA PO . -10.52 20.28 -14.51
C9 CLA PO . -11.40 19.20 -13.90
C10 CLA PO . -9.71 20.96 -13.42
C11 CLA PO . -8.22 20.89 -13.73
C12 CLA PO . -7.78 22.03 -14.65
C13 CLA PO . -6.31 22.34 -14.49
C14 CLA PO . -5.45 21.12 -14.86
C15 CLA PO . -6.03 22.80 -13.07
C16 CLA PO . -4.55 23.12 -12.84
C17 CLA PO . -4.33 23.88 -11.54
C18 CLA PO . -2.89 23.77 -11.07
C19 CLA PO . -1.92 24.24 -12.13
C20 CLA PO . -2.58 22.34 -10.64
MG CLA QO . -2.67 31.74 -2.44
CHA CLA QO . -5.82 32.54 -3.50
CHB CLA QO . -3.36 33.24 0.48
CHC CLA QO . 0.22 30.51 -1.24
CHD CLA QO . -2.22 29.71 -5.49
NA CLA QO . -4.32 32.66 -1.62
C1A CLA QO . -5.40 33.05 -2.17
C2A CLA QO . -6.24 34.01 -1.37
C3A CLA QO . -5.40 34.22 -0.15
C4A CLA QO . -4.29 33.29 -0.46
CMA CLA QO . -4.79 35.60 -0.28
CAA CLA QO . -7.46 33.35 -0.75
CBA CLA QO . -8.34 34.40 -0.13
CGA CLA QO . -9.59 34.48 -0.94
O1A CLA QO . -9.72 33.80 -1.94
O2A CLA QO . -10.69 35.34 -0.56
NB CLA QO . -1.69 31.91 -0.67
C1B CLA QO . -2.16 32.42 0.44
C2B CLA QO . -1.47 32.03 1.69
C3B CLA QO . -0.39 31.21 1.15
C4B CLA QO . -0.63 31.21 -0.31
CMB CLA QO . -1.76 32.39 3.10
CAB CLA QO . 0.67 30.49 1.85
CBB CLA QO . 0.49 29.20 2.00
NC CLA QO . -1.33 30.37 -3.20
C1C CLA QO . -0.19 30.08 -2.58
C2C CLA QO . 0.74 29.21 -3.32
C3C CLA QO . 0.02 28.98 -4.57
C4C CLA QO . -1.24 29.75 -4.39
CMC CLA QO . 2.08 28.72 -2.85
CAC CLA QO . 0.45 28.16 -5.76
CBC CLA QO . 1.53 28.98 -6.46
ND CLA QO . -3.68 31.18 -4.10
C1D CLA QO . -3.48 30.42 -5.28
C2D CLA QO . -4.63 30.42 -6.21
C3D CLA QO . -5.58 31.28 -5.47
C4D CLA QO . -4.98 31.62 -4.29
CMD CLA QO . -4.94 29.81 -7.54
CAD CLA QO . -6.92 31.89 -5.48
OBD CLA QO . -7.80 31.78 -6.40
CBD CLA QO . -7.10 32.67 -4.26
CGD CLA QO . -7.28 34.08 -4.71
O1D CLA QO . -6.45 34.92 -4.50
O2D CLA QO . -8.49 34.43 -5.43
CED CLA QO . -8.56 35.70 -6.04
C1 CLA QO . -11.11 36.37 -1.45
C2 CLA QO . -11.51 37.59 -0.67
C3 CLA QO . -12.58 38.32 -1.03
C4 CLA QO . -13.38 37.96 -2.24
C5 CLA QO . -12.96 39.53 -0.22
C6 CLA QO . -13.32 39.23 1.22
C7 CLA QO . -13.40 40.52 2.02
C8 CLA QO . -13.97 40.43 3.45
C9 CLA QO . -13.01 41.03 4.47
C10 CLA QO . -14.39 39.02 3.85
C11 CLA QO . -15.47 39.00 4.92
C12 CLA QO . -16.57 40.01 4.64
C13 CLA QO . -17.92 39.38 4.80
C14 CLA QO . -18.17 38.41 3.64
C15 CLA QO . -18.96 40.47 4.85
C16 CLA QO . -20.36 39.89 4.98
C17 CLA QO . -20.92 40.01 6.38
C18 CLA QO . -22.33 40.58 6.32
C19 CLA QO . -22.30 42.07 6.61
C20 CLA QO . -23.26 39.84 7.26
MG CLA RO . 1.37 36.04 5.64
CHA CLA RO . 2.46 33.76 7.93
CHB CLA RO . 1.98 33.77 3.21
CHC CLA RO . -0.12 38.13 3.47
CHD CLA RO . 0.17 38.13 8.43
NA CLA RO . 2.04 34.09 5.56
C1A CLA RO . 2.46 33.34 6.49
C2A CLA RO . 3.00 32.00 6.07
C3A CLA RO . 2.89 32.06 4.57
C4A CLA RO . 2.27 33.41 4.44
CMA CLA RO . 4.28 32.08 3.99
CAA CLA RO . 2.05 30.89 6.48
CBA CLA RO . 0.56 31.20 6.44
CGA CLA RO . -0.15 29.90 6.28
O1A CLA RO . 0.40 28.88 6.61
O2A CLA RO . -1.48 29.79 5.71
NB CLA RO . 1.01 35.96 3.65
C1B CLA RO . 1.33 34.99 2.81
C2B CLA RO . 0.91 35.19 1.42
C3B CLA RO . 0.27 36.50 1.52
C4B CLA RO . 0.38 36.87 2.92
CMB CLA RO . 1.10 34.28 0.25
CAB CLA RO . -0.39 37.30 0.47
CBB CLA RO . -1.70 37.40 0.51
NC CLA RO . 0.29 37.76 5.90
C1C CLA RO . -0.26 38.42 4.89
C2C CLA RO . -1.10 39.57 5.27
C3C CLA RO . -1.01 39.57 6.73
C4C CLA RO . -0.13 38.42 7.01
CMC CLA RO . -1.84 40.50 4.36
CAC CLA RO . -1.66 40.51 7.70
CBC CLA RO . -0.69 41.66 7.81
ND CLA RO . 1.20 36.01 7.65
C1D CLA RO . 0.90 36.91 8.73
C2D CLA RO . 1.37 36.49 10.06
C3D CLA RO . 2.01 35.21 9.71
C4D CLA RO . 1.88 35.03 8.36
CMD CLA RO . 1.32 37.03 11.46
CAD CLA RO . 2.74 34.03 10.24
OBD CLA RO . 3.07 33.85 11.46
CBD CLA RO . 3.06 33.13 9.12
CGD CLA RO . 4.53 33.09 9.01
O1D CLA RO . 5.16 32.52 9.86
O2D CLA RO . 5.22 33.68 7.89
CED CLA RO . 6.35 32.98 7.38
C1 CLA RO . -1.83 28.54 5.15
C2 CLA RO . -2.48 28.76 3.81
C3 CLA RO . -3.42 27.93 3.33
C4 CLA RO . -3.89 26.74 4.10
C5 CLA RO . -4.05 28.20 1.99
C6 CLA RO . -3.08 28.04 0.84
C7 CLA RO . -3.77 28.42 -0.45
C8 CLA RO . -3.72 27.28 -1.43
C9 CLA RO . -2.27 26.98 -1.74
C10 CLA RO . -4.48 27.63 -2.69
C11 CLA RO . -4.41 26.49 -3.67
C12 CLA RO . -4.98 26.84 -5.03
C13 CLA RO . -4.67 25.69 -5.96
C14 CLA RO . -3.18 25.62 -6.24
C15 CLA RO . -5.48 25.83 -7.25
C16 CLA RO . -6.62 24.84 -7.35
C17 CLA RO . -6.11 23.42 -7.13
C18 CLA RO . -6.35 22.49 -8.30
C19 CLA RO . -7.80 22.51 -8.75
C20 CLA RO . -5.94 21.09 -7.89
MG CLA SO . 16.19 36.14 -26.10
CHA CLA SO . 18.57 36.70 -28.56
CHB CLA SO . 15.35 39.39 -26.32
CHC CLA SO . 13.63 35.46 -24.09
CHD CLA SO . 16.78 32.52 -26.50
NA CLA SO . 16.80 37.75 -27.27
C1A CLA SO . 17.76 37.88 -28.10
C2A CLA SO . 18.06 39.27 -28.58
C3A CLA SO . 17.06 40.07 -27.81
C4A CLA SO . 16.35 38.99 -27.08
CMA CLA SO . 17.82 40.83 -26.73
CAA CLA SO . 17.66 39.47 -30.05
CBA CLA SO . 16.43 38.68 -30.48
CGA CLA SO . 15.86 39.09 -31.82
O1A CLA SO . 16.58 39.10 -32.80
O2A CLA SO . 14.47 39.47 -31.99
NB CLA SO . 14.73 37.28 -25.27
C1B CLA SO . 14.48 38.55 -25.52
C2B CLA SO . 13.20 39.04 -25.00
C3B CLA SO . 12.66 37.87 -24.32
C4B CLA SO . 13.71 36.84 -24.56
CMB CLA SO . 12.64 40.41 -25.13
CAB CLA SO . 11.37 37.77 -23.57
CBB CLA SO . 10.54 36.75 -23.64
NC CLA SO . 15.45 34.36 -25.39
C1C CLA SO . 14.30 34.32 -24.71
C2C CLA SO . 13.66 32.99 -24.60
C3C CLA SO . 14.60 32.13 -25.33
C4C CLA SO . 15.66 33.08 -25.74
CMC CLA SO . 12.37 32.64 -23.94
CAC CLA SO . 14.53 30.64 -25.58
CBC CLA SO . 13.61 30.50 -26.78
ND CLA SO . 17.26 34.86 -27.25
C1D CLA SO . 17.58 33.46 -27.28
C2D CLA SO . 18.74 33.09 -28.12
C3D CLA SO . 19.13 34.43 -28.62
C4D CLA SO . 18.24 35.35 -28.10
CMD CLA SO . 19.44 31.81 -28.45
CAD CLA SO . 20.08 35.17 -29.48
OBD CLA SO . 21.03 34.63 -30.13
CBD CLA SO . 19.75 36.61 -29.45
CGD CLA SO . 20.89 37.33 -28.84
O1D CLA SO . 20.86 37.61 -27.66
O2D CLA SO . 22.03 37.76 -29.61
CED CLA SO . 23.01 38.55 -28.94
C1 CLA SO . 14.10 40.28 -33.12
C2 CLA SO . 12.75 40.92 -32.90
C3 CLA SO . 11.79 40.85 -33.85
C4 CLA SO . 12.03 40.16 -35.16
C5 CLA SO . 10.44 41.48 -33.64
C6 CLA SO . 9.49 40.53 -32.95
C7 CLA SO . 8.18 41.23 -32.64
C8 CLA SO . 7.40 41.47 -33.92
C9 CLA SO . 6.22 40.50 -34.01
MG CLA TO . 21.44 32.87 -34.23
CHA CLA TO . 22.96 34.94 -36.53
CHB CLA TO . 19.16 35.29 -33.68
CHC CLA TO . 19.62 30.60 -32.53
CHD CLA TO . 23.80 30.22 -35.22
NA CLA TO . 21.08 34.76 -35.00
C1A CLA TO . 21.77 35.49 -35.79
C2A CLA TO . 21.31 36.93 -35.95
C3A CLA TO . 20.14 36.98 -35.00
C4A CLA TO . 20.14 35.57 -34.52
CMA CLA TO . 20.55 37.81 -33.80
CAA CLA TO . 20.72 37.26 -37.33
CBA CLA TO . 19.55 36.39 -37.79
CGA CLA TO . 19.36 36.50 -39.28
O1A CLA TO . 20.12 35.92 -40.03
O2A CLA TO . 18.27 37.28 -39.83
NB CLA TO . 19.64 32.94 -33.25
C1B CLA TO . 18.87 34.00 -33.07
C2B CLA TO . 17.68 33.80 -32.23
C3B CLA TO . 17.81 32.38 -31.88
C4B CLA TO . 19.06 31.95 -32.57
CMB CLA TO . 16.62 34.78 -31.85
CAB CLA TO . 16.89 31.59 -31.03
CBB CLA TO . 16.38 30.44 -31.43
NC CLA TO . 21.70 30.86 -33.92
C1C CLA TO . 20.81 30.11 -33.26
C2C CLA TO . 21.08 28.66 -33.29
C3C CLA TO . 22.31 28.56 -34.07
C4C CLA TO . 22.60 29.97 -34.41
CMC CLA TO . 20.29 27.54 -32.67
CAC CLA TO . 23.08 27.32 -34.46
CBC CLA TO . 22.55 26.91 -35.80
ND CLA TO . 22.97 32.54 -35.51
C1D CLA TO . 23.91 31.51 -35.87
C2D CLA TO . 24.91 31.87 -36.91
C3D CLA TO . 24.49 33.27 -37.16
C4D CLA TO . 23.40 33.55 -36.36
CMD CLA TO . 26.06 31.22 -37.62
CAD CLA TO . 24.78 34.47 -37.95
OBD CLA TO . 25.71 34.59 -38.82
CBD CLA TO . 23.84 35.53 -37.57
CGD CLA TO . 24.69 36.53 -36.88
O1D CLA TO . 25.45 37.24 -37.49
O2D CLA TO . 24.62 36.71 -35.47
CED CLA TO . 24.78 38.06 -35.05
MG CLA UO . 11.33 43.75 -16.55
CHA CLA UO . 13.21 41.12 -17.67
CHB CLA UO . 8.63 42.29 -17.90
CHC CLA UO . 9.69 46.65 -16.05
CHD CLA UO . 14.42 45.37 -15.36
NA CLA UO . 10.98 42.01 -17.63
C1A CLA UO . 11.74 41.03 -17.91
C2A CLA UO . 11.10 39.83 -18.54
C3A CLA UO . 9.67 40.27 -18.62
C4A CLA UO . 9.77 41.62 -18.01
CMA CLA UO . 9.32 40.44 -20.07
CAA CLA UO . 11.11 38.55 -17.70
CBA CLA UO . 11.57 37.33 -18.49
CGA CLA UO . 10.45 36.44 -19.00
O1A CLA UO . 9.44 36.94 -19.47
O2A CLA UO . 10.55 34.98 -18.93
NB CLA UO . 9.46 44.39 -17.00
C1B CLA UO . 8.43 43.64 -17.34
C2B CLA UO . 7.10 44.23 -17.09
C3B CLA UO . 7.49 45.54 -16.53
C4B CLA UO . 8.94 45.51 -16.54
CMB CLA UO . 5.74 43.66 -17.34
CAB CLA UO . 6.74 46.71 -16.05
CBB CLA UO . 5.69 47.16 -16.65
NC CLA UO . 11.96 45.60 -15.92
C1C CLA UO . 11.10 46.60 -15.69
C2C CLA UO . 11.64 47.77 -15.00
C3C CLA UO . 13.05 47.40 -14.79
C4C CLA UO . 13.12 46.04 -15.39
CMC CLA UO . 10.86 49.00 -14.64
CAC CLA UO . 14.16 48.16 -14.12
CBC CLA UO . 14.51 49.30 -15.03
ND CLA UO . 13.31 43.44 -16.48
C1D CLA UO . 14.51 44.08 -16.04
C2D CLA UO . 15.74 43.32 -16.29
C3D CLA UO . 15.18 42.14 -16.95
C4D CLA UO . 13.82 42.29 -17.03
CMD CLA UO . 17.20 43.42 -16.07
CAD CLA UO . 15.54 40.86 -17.56
OBD CLA UO . 16.73 40.42 -17.66
CBD CLA UO . 14.32 40.21 -18.05
CGD CLA UO . 14.50 40.21 -19.54
O1D CLA UO . 15.44 39.68 -20.06
O2D CLA UO . 13.56 40.83 -20.42
CED CLA UO . 13.31 40.09 -21.60
C1 CLA UO . 10.10 34.16 -20.00
C2 CLA UO . 9.17 33.06 -19.52
C3 CLA UO . 9.12 31.84 -20.09
C4 CLA UO . 10.00 31.47 -21.24
C5 CLA UO . 8.15 30.82 -19.55
C6 CLA UO . 6.73 31.37 -19.42
MG CLA VO . 4.70 35.50 -12.49
CHA CLA VO . 7.79 36.24 -13.80
CHB CLA VO . 3.40 37.81 -14.57
CHC CLA VO . 1.67 34.32 -11.69
CHD CLA VO . 6.23 32.66 -10.72
NA CLA VO . 5.44 36.76 -13.95
C1A CLA VO . 6.63 37.01 -14.31
C2A CLA VO . 6.81 38.08 -15.34
C3A CLA VO . 5.41 38.59 -15.52
C4A CLA VO . 4.71 37.65 -14.61
CMA CLA VO . 5.36 39.98 -14.93
CAA CLA VO . 7.17 37.48 -16.72
CBA CLA VO . 6.35 36.30 -17.28
CGA CLA VO . 6.67 34.91 -16.77
O1A CLA VO . 7.75 34.41 -17.01
O2A CLA VO . 5.72 34.14 -15.98
NB CLA VO . 2.83 35.99 -13.05
C1B CLA VO . 2.48 36.99 -13.81
C2B CLA VO . 1.04 37.19 -13.94
C3B CLA VO . 0.49 36.15 -13.08
C4B CLA VO . 1.70 35.46 -12.60
CMB CLA VO . 0.37 38.23 -14.75
CAB CLA VO . -0.94 35.90 -12.81
CBB CLA VO . -1.45 34.70 -12.92
NC CLA VO . 4.12 33.85 -11.42
C1C CLA VO . 2.83 33.55 -11.25
C2C CLA VO . 2.58 32.29 -10.55
C3C CLA VO . 3.92 31.79 -10.26
C4C CLA VO . 4.78 32.84 -10.84
CMC CLA VO . 1.23 31.69 -10.22
CAC CLA VO . 4.33 30.54 -9.55
CBC CLA VO . 4.46 29.49 -10.62
ND CLA VO . 6.49 34.58 -12.29
C1D CLA VO . 7.08 33.53 -11.53
C2D CLA VO . 8.55 33.44 -11.61
C3D CLA VO . 8.82 34.56 -12.55
C4D CLA VO . 7.60 35.14 -12.86
CMD CLA VO . 9.62 32.59 -11.03
CAD CLA VO . 9.86 35.31 -13.27
OBD CLA VO . 11.11 35.08 -13.24
CBD CLA VO . 9.24 36.37 -14.06
CGD CLA VO . 9.85 37.67 -13.71
O1D CLA VO . 9.92 38.57 -14.53
O2D CLA VO . 10.47 37.94 -12.45
CED CLA VO . 11.14 39.18 -12.34
C1 CLA VO . 5.63 32.72 -16.05
C2 CLA VO . 4.29 32.28 -15.49
C3 CLA VO . 3.99 31.01 -15.13
C4 CLA VO . 4.97 29.89 -15.27
C5 CLA VO . 2.63 30.67 -14.58
C6 CLA VO . 1.50 31.29 -15.39
C7 CLA VO . 0.14 30.96 -14.79
C8 CLA VO . -0.30 29.54 -15.14
C9 CLA VO . -0.21 29.28 -16.64
C10 CLA VO . -1.72 29.32 -14.64
C11 CLA VO . -2.26 27.94 -15.00
MG CLA WO . -2.84 38.06 -18.59
CHA CLA WO . 0.42 38.94 -19.23
CHB CLA WO . -3.82 40.53 -20.65
CHC CLA WO . -5.93 36.92 -18.24
CHD CLA WO . -1.59 34.98 -17.00
NA CLA WO . -1.88 39.45 -19.78
C1A CLA WO . -0.65 39.76 -19.86
C2A CLA WO . -0.34 41.01 -20.66
C3A CLA WO . -1.71 41.48 -21.05
C4A CLA WO . -2.53 40.41 -20.44
CMA CLA WO . -2.00 42.70 -20.20
CAA CLA WO . 0.40 40.72 -21.96
CBA CLA WO . -0.12 39.50 -22.72
CGA CLA WO . 0.58 39.42 -24.06
O1A CLA WO . -0.06 39.19 -25.07
O2A CLA WO . 2.01 39.62 -24.19
NB CLA WO . -4.64 38.67 -19.31
C1B CLA WO . -4.86 39.62 -20.18
C2B CLA WO . -6.24 39.74 -20.70
C3B CLA WO . -6.89 38.63 -19.97
C4B CLA WO . -5.79 38.05 -19.15
CMB CLA WO . -6.83 40.69 -21.68
CAB CLA WO . -8.32 38.27 -20.11
CBB CLA WO . -9.03 37.60 -19.24
NC CLA WO . -3.57 36.33 -17.76
C1C CLA WO . -4.87 36.05 -17.76
C2C CLA WO . -5.23 34.72 -17.25
C3C CLA WO . -3.94 34.14 -16.89
C4C CLA WO . -3.01 35.23 -17.24
CMC CLA WO . -6.59 34.09 -17.14
CAC CLA WO . -3.62 32.79 -16.32
CBC CLA WO . -3.83 32.90 -14.83
ND CLA WO . -1.11 37.08 -18.24
C1D CLA WO . -0.65 35.96 -17.50
C2D CLA WO . 0.81 35.88 -17.31
C3D CLA WO . 1.21 37.10 -18.03
C4D CLA WO . 0.08 37.71 -18.50
CMD CLA WO . 1.76 34.94 -16.64
CAD CLA WO . 2.35 37.92 -18.41
OBD CLA WO . 3.55 37.63 -18.12
CBD CLA WO . 1.91 39.09 -19.16
CGD CLA WO . 2.36 40.30 -18.38
O1D CLA WO . 3.49 40.42 -17.98
O2D CLA WO . 1.51 41.41 -18.08
CED CLA WO . 2.11 42.69 -17.92
C1 CLA WO . 2.63 39.14 -25.37
C2 CLA WO . 3.68 38.12 -25.04
C3 CLA WO . 4.06 37.17 -25.92
C4 CLA WO . 3.39 37.06 -27.25
C5 CLA WO . 5.14 36.20 -25.54
MG CLA XO . -18.74 88.51 -9.38
CHA CLA XO . -19.10 87.77 -6.03
CHB CLA XO . -19.20 91.76 -8.61
CHC CLA XO . -17.75 89.27 -12.53
CHD CLA XO . -17.79 84.99 -9.97
NA CLA XO . -19.04 89.59 -7.64
C1A CLA XO . -19.21 89.21 -6.43
C2A CLA XO . -19.58 90.30 -5.45
C3A CLA XO . -19.65 91.53 -6.33
C4A CLA XO . -19.27 90.91 -7.62
CMA CLA XO . -21.09 92.00 -6.45
CAA CLA XO . -18.50 90.54 -4.36
CBA CLA XO . -17.26 91.30 -4.81
CGA CLA XO . -16.13 90.34 -5.04
O1A CLA XO . -15.35 90.11 -4.14
O2A CLA XO . -15.94 89.69 -6.32
NB CLA XO . -18.49 90.26 -10.40
C1B CLA XO . -18.84 91.46 -9.98
C2B CLA XO . -18.80 92.54 -10.99
C3B CLA XO . -18.36 91.78 -12.17
C4B CLA XO . -18.19 90.39 -11.68
CMB CLA XO . -19.14 93.99 -10.82
CAB CLA XO . -18.11 92.29 -13.54
CBB CLA XO . -16.88 92.65 -13.82
NC CLA XO . -17.97 87.36 -10.91
C1C CLA XO . -17.59 87.88 -12.09
C2C CLA XO . -16.95 86.90 -13.01
C3C CLA XO . -16.96 85.66 -12.24
C4C CLA XO . -17.62 86.05 -10.98
CMC CLA XO . -16.39 87.12 -14.40
CAC CLA XO . -16.47 84.29 -12.62
CBC CLA XO . -15.02 84.22 -12.16
ND CLA XO . -18.42 86.79 -8.36
C1D CLA XO . -18.17 85.40 -8.62
C2D CLA XO . -18.35 84.49 -7.46
C3D CLA XO . -18.73 85.48 -6.43
C4D CLA XO . -18.73 86.73 -7.01
CMD CLA XO . -18.21 83.01 -7.22
CAD CLA XO . -19.10 85.65 -5.00
OBD CLA XO . -19.19 84.71 -4.14
CBD CLA XO . -19.36 87.08 -4.75
CGD CLA XO . -20.83 87.24 -4.47
O1D CLA XO . -21.65 87.02 -5.34
O2D CLA XO . -21.24 87.72 -3.17
CED CLA XO . -22.13 88.82 -3.07
C1 CLA XO . -15.25 88.44 -6.39
C2 CLA XO . -14.02 88.46 -7.28
C3 CLA XO . -13.81 87.50 -8.19
C4 CLA XO . -14.79 86.38 -8.35
C5 CLA XO . -12.58 87.49 -9.07
C6 CLA XO . -12.69 88.30 -10.37
C7 CLA XO . -13.24 87.47 -11.52
C8 CLA XO . -12.76 87.93 -12.90
C9 CLA XO . -11.36 87.43 -13.19
C10 CLA XO . -12.85 89.44 -13.06
C11 CLA XO . -13.90 89.83 -14.08
C12 CLA XO . -13.40 90.88 -15.07
C13 CLA XO . -14.50 91.23 -16.07
C14 CLA XO . -14.87 90.05 -16.96
C15 CLA XO . -14.12 92.45 -16.88
C16 CLA XO . -15.30 92.87 -17.77
C17 CLA XO . -15.16 94.30 -18.33
C18 CLA XO . -15.76 94.46 -19.74
C19 CLA XO . -16.31 95.86 -19.95
C20 CLA XO . -16.82 93.43 -20.12
MG CLA YO . -8.05 74.12 -14.35
CHA CLA YO . -9.35 72.79 -17.23
CHB CLA YO . -4.96 73.39 -15.49
CHC CLA YO . -6.83 75.74 -11.67
CHD CLA YO . -11.39 75.51 -13.61
NA CLA YO . -7.27 73.31 -16.07
C1A CLA YO . -7.86 72.75 -17.06
C2A CLA YO . -6.97 72.04 -18.05
C3A CLA YO . -5.61 72.20 -17.42
C4A CLA YO . -5.98 73.03 -16.25
CMA CLA YO . -5.14 70.85 -16.92
CAA CLA YO . -6.96 72.79 -19.40
CBA CLA YO . -5.90 73.88 -19.65
CGA CLA YO . -6.23 75.22 -19.05
O1A CLA YO . -5.32 75.98 -18.78
O2A CLA YO . -7.60 75.64 -18.78
NB CLA YO . -6.18 74.44 -13.65
C1B CLA YO . -5.04 74.21 -14.29
C2B CLA YO . -3.84 74.88 -13.74
C3B CLA YO . -4.42 75.59 -12.59
C4B CLA YO . -5.86 75.24 -12.64
CMB CLA YO . -2.42 74.85 -14.22
CAB CLA YO . -3.76 76.46 -11.61
CBB CLA YO . -4.03 77.75 -11.63
NC CLA YO . -8.94 75.36 -12.96
C1C CLA YO . -8.26 75.91 -11.94
C2C CLA YO . -9.08 76.75 -11.03
C3C CLA YO . -10.43 76.67 -11.61
C4C CLA YO . -10.21 75.80 -12.79
CMC CLA YO . -8.63 77.50 -9.81
CAC CLA YO . -11.70 77.34 -11.15
CBC CLA YO . -12.48 76.39 -10.26
ND CLA YO . -9.89 74.28 -15.17
C1D CLA YO . -11.23 74.66 -14.78
C2D CLA YO . -12.33 74.15 -15.62
C3D CLA YO . -11.54 73.39 -16.61
C4D CLA YO . -10.20 73.51 -16.28
CMD CLA YO . -13.83 74.25 -15.65
CAD CLA YO . -11.62 72.55 -17.82
OBD CLA YO . -12.70 72.20 -18.41
CBD CLA YO . -10.26 72.14 -18.21
CGD CLA YO . -10.24 70.66 -18.00
O1D CLA YO . -9.51 70.14 -17.17
O2D CLA YO . -11.13 69.81 -18.76
CED CLA YO . -10.93 68.41 -18.66
C1 CLA YO . -7.92 77.02 -18.77
C2 CLA YO . -7.74 77.63 -17.40
C3 CLA YO . -8.76 77.75 -16.55
C4 CLA YO . -10.13 77.28 -16.92
C5 CLA YO . -8.54 78.37 -15.19
C6 CLA YO . -8.73 79.88 -15.20
C7 CLA YO . -8.22 80.52 -13.91
C8 CLA YO . -8.44 82.04 -13.84
C9 CLA YO . -9.81 82.46 -14.39
C10 CLA YO . -7.32 82.78 -14.56
C11 CLA YO . -6.85 83.97 -13.73
C12 CLA YO . -6.02 84.97 -14.55
C13 CLA YO . -6.23 86.39 -14.03
C14 CLA YO . -7.61 86.90 -14.41
C15 CLA YO . -5.14 87.29 -14.61
C16 CLA YO . -4.75 88.42 -13.66
C17 CLA YO . -4.61 89.75 -14.39
C18 CLA YO . -3.18 90.27 -14.29
C19 CLA YO . -3.06 91.49 -13.38
C20 CLA YO . -2.68 90.57 -15.68
MG CLA ZO . -17.26 34.27 -4.16
CHA CLA ZO . -15.13 34.63 -6.87
CHB CLA ZO . -17.22 30.95 -4.66
CHC CLA ZO . -18.87 33.95 -1.20
CHD CLA ZO . -16.77 37.84 -3.45
NA CLA ZO . -16.30 33.01 -5.49
C1A CLA ZO . -15.61 33.25 -6.54
C2A CLA ZO . -15.24 32.07 -7.41
C3A CLA ZO . -15.93 30.95 -6.65
C4A CLA ZO . -16.53 31.70 -5.52
CMA CLA ZO . -17.07 30.46 -7.47
CAA CLA ZO . -13.78 31.66 -7.48
CBA CLA ZO . -13.09 31.61 -6.14
CGA CLA ZO . -12.24 32.83 -6.01
O1A CLA ZO . -11.18 32.91 -6.59
O2A CLA ZO . -12.68 33.94 -5.18
NB CLA ZO . -17.96 32.67 -3.11
C1B CLA ZO . -17.88 31.40 -3.43
C2B CLA ZO . -18.47 30.46 -2.46
C3B CLA ZO . -18.97 31.37 -1.41
C4B CLA ZO . -18.58 32.71 -1.92
CMB CLA ZO . -18.58 28.98 -2.49
CAB CLA ZO . -19.68 31.00 -0.17
CBB CLA ZO . -19.29 31.40 1.03
NC CLA ZO . -17.69 35.61 -2.67
C1C CLA ZO . -18.37 35.27 -1.57
C2C CLA ZO . -18.63 36.39 -0.64
C3C CLA ZO . -18.00 37.54 -1.32
C4C CLA ZO . -17.46 36.93 -2.54
CMC CLA ZO . -19.34 36.37 0.67
CAC CLA ZO . -17.93 38.97 -0.89
CBC CLA ZO . -16.71 39.02 -0.02
ND CLA ZO . -16.23 35.87 -4.86
C1D CLA ZO . -16.09 37.26 -4.61
C2D CLA ZO . -15.27 38.02 -5.56
C3D CLA ZO . -14.89 36.92 -6.47
C4D CLA ZO . -15.46 35.76 -6.01
CMD CLA ZO . -14.83 39.44 -5.74
CAD CLA ZO . -14.13 36.59 -7.69
OBD CLA ZO . -13.46 37.43 -8.39
CBD CLA ZO . -14.24 35.17 -7.94
CGD CLA ZO . -14.67 34.95 -9.35
O1D CLA ZO . -15.32 35.79 -9.91
O2D CLA ZO . -14.21 33.78 -10.05
CED CLA ZO . -13.91 33.88 -11.44
C1 CLA ZO . -12.49 33.88 -3.77
C2 CLA ZO . -13.76 33.38 -3.13
C3 CLA ZO . -13.74 32.53 -2.10
C4 CLA ZO . -12.46 32.02 -1.52
C5 CLA ZO . -15.05 32.07 -1.51
C6 CLA ZO . -15.06 30.59 -1.19
C7 CLA ZO . -15.65 30.37 0.20
C8 CLA ZO . -14.65 29.82 1.21
C9 CLA ZO . -15.39 29.08 2.31
C10 CLA ZO . -13.79 30.95 1.78
C11 CLA ZO . -12.96 30.49 2.96
C12 CLA ZO . -11.74 29.67 2.56
C13 CLA ZO . -11.43 28.65 3.64
C14 CLA ZO . -11.17 29.31 4.99
C15 CLA ZO . -10.21 27.86 3.22
C16 CLA ZO . -10.51 26.38 3.14
C17 CLA ZO . -10.77 26.02 1.70
C18 CLA ZO . -10.66 24.52 1.52
C19 CLA ZO . -11.70 23.76 2.33
C20 CLA ZO . -9.26 24.06 1.86
MG CLA AP . -6.40 26.34 -35.29
CHA CLA AP . -7.46 23.06 -34.92
CHB CLA AP . -5.02 26.18 -32.24
CHC CLA AP . -5.05 29.42 -35.89
CHD CLA AP . -7.43 26.16 -38.81
NA CLA AP . -6.20 24.87 -33.86
C1A CLA AP . -6.72 23.69 -33.77
C2A CLA AP . -6.52 22.99 -32.47
C3A CLA AP . -5.81 24.05 -31.64
C4A CLA AP . -5.67 25.10 -32.66
CMA CLA AP . -6.84 24.57 -30.65
CAA CLA AP . -5.55 21.80 -32.63
CBA CLA AP . -4.11 21.89 -32.09
CGA CLA AP . -3.08 22.26 -33.15
O1A CLA AP . -2.82 21.47 -34.04
O2A CLA AP . -2.33 23.51 -33.06
NB CLA AP . -5.25 27.62 -34.20
C1B CLA AP . -4.71 27.37 -33.02
C2B CLA AP . -3.70 28.35 -32.56
C3B CLA AP . -3.72 29.33 -33.66
C4B CLA AP . -4.71 28.77 -34.61
CMB CLA AP . -2.90 28.36 -31.30
CAB CLA AP . -2.91 30.56 -33.78
CBB CLA AP . -2.04 30.68 -34.76
NC CLA AP . -6.34 27.53 -36.97
C1C CLA AP . -5.63 28.67 -37.01
C2C CLA AP . -5.43 29.20 -38.38
C3C CLA AP . -6.12 28.24 -39.23
C4C CLA AP . -6.65 27.27 -38.25
CMC CLA AP . -4.70 30.43 -38.79
CAC CLA AP . -6.26 28.21 -40.71
CBC CLA AP . -7.45 29.06 -41.05
ND CLA AP . -7.16 25.02 -36.63
C1D CLA AP . -7.67 25.00 -37.96
C2D CLA AP . -8.40 23.80 -38.38
C3D CLA AP . -8.30 23.01 -37.12
C4D CLA AP . -7.58 23.77 -36.20
CMD CLA AP . -9.09 23.32 -39.61
CAD CLA AP . -8.68 21.74 -36.48
OBD CLA AP . -9.33 20.80 -37.06
CBD CLA AP . -8.13 21.75 -35.11
CGD CLA AP . -8.97 21.03 -34.10
O1D CLA AP . -9.29 19.88 -34.33
O2D CLA AP . -9.45 21.58 -32.84
CED CLA AP . -9.90 20.62 -31.89
C1 CLA AP . -2.36 24.60 -33.99
C2 CLA AP . -3.17 24.34 -35.23
C3 CLA AP . -2.87 24.88 -36.42
C4 CLA AP . -1.70 25.81 -36.56
C5 CLA AP . -3.72 24.57 -37.61
C6 CLA AP . -4.09 23.10 -37.70
C7 CLA AP . -4.47 22.75 -39.13
C1 PQN BP . -17.03 71.40 -8.61
O1 PQN BP . -16.35 70.71 -7.82
C2 PQN BP . -16.83 72.87 -8.68
C2M PQN BP . -15.81 73.52 -7.79
C3 PQN BP . -17.65 73.68 -9.62
C4 PQN BP . -18.66 73.01 -10.48
O4 PQN BP . -19.35 73.68 -11.27
C5 PQN BP . -18.83 71.54 -10.41
C6 PQN BP . -19.76 70.90 -11.21
C7 PQN BP . -19.90 69.52 -11.11
C8 PQN BP . -19.14 68.78 -10.24
C9 PQN BP . -18.20 69.38 -9.41
C10 PQN BP . -18.02 70.74 -9.48
C11 PQN BP . -17.48 75.18 -9.71
C12 PQN BP . -16.35 75.57 -10.63
C13 PQN BP . -16.55 76.17 -11.81
C14 PQN BP . -17.94 76.46 -12.30
C15 PQN BP . -15.34 76.53 -12.64
C16 PQN BP . -15.63 77.71 -13.56
C17 PQN BP . -14.71 78.87 -13.23
C18 PQN BP . -13.78 79.17 -14.40
C19 PQN BP . -12.43 79.71 -13.93
C20 PQN BP . -14.49 80.11 -15.37
C21 PQN BP . -14.36 81.59 -14.98
C22 PQN BP . -15.38 82.49 -15.66
C23 PQN BP . -14.78 83.43 -16.70
C24 PQN BP . -14.34 82.68 -17.95
C25 PQN BP . -13.61 84.22 -16.11
C26 PQN BP . -13.01 85.16 -17.16
C27 PQN BP . -11.88 85.99 -16.58
C28 PQN BP . -11.22 86.85 -17.66
C29 PQN BP . -10.90 88.24 -17.13
C30 PQN BP . -9.96 86.18 -18.21
C1 BCR CP . 23.77 53.19 -52.65
C2 BCR CP . 24.44 54.53 -52.79
C3 BCR CP . 23.62 55.42 -53.68
C4 BCR CP . 22.26 55.65 -53.10
C5 BCR CP . 21.68 54.44 -52.47
C6 BCR CP . 22.34 53.30 -52.26
C7 BCR CP . 21.73 52.14 -51.61
C8 BCR CP . 21.05 51.18 -52.25
C9 BCR CP . 20.11 50.32 -51.58
C10 BCR CP . 19.00 49.90 -52.23
C11 BCR CP . 18.06 48.97 -51.67
C33 BCR CP . 20.28 54.60 -52.09
C31 BCR CP . 24.56 52.41 -51.63
C32 BCR CP . 23.91 52.48 -53.98
C34 BCR CP . 20.41 49.86 -50.22
C12 BCR CP . 17.00 48.61 -52.38
C13 BCR CP . 16.38 47.31 -52.32
C14 BCR CP . 15.19 47.14 -52.91
C15 BCR CP . 14.43 45.93 -52.86
C16 BCR CP . 13.27 45.84 -53.52
C17 BCR CP . 12.47 44.65 -53.44
C18 BCR CP . 11.43 44.39 -54.23
C19 BCR CP . 10.65 43.18 -54.02
C20 BCR CP . 9.87 42.66 -54.97
C21 BCR CP . 8.94 41.60 -54.65
C22 BCR CP . 8.46 40.68 -55.51
C23 BCR CP . 7.72 39.54 -54.98
C24 BCR CP . 7.92 38.29 -55.41
C25 BCR CP . 7.17 37.07 -55.07
C26 BCR CP . 7.38 36.39 -53.93
C27 BCR CP . 6.71 35.15 -53.49
C28 BCR CP . 5.94 34.47 -54.59
C29 BCR CP . 5.29 35.45 -55.51
C30 BCR CP . 6.20 36.54 -56.07
C35 BCR CP . 17.21 46.13 -52.00
C36 BCR CP . 11.29 45.11 -55.49
C37 BCR CP . 8.99 40.62 -56.88
C38 BCR CP . 8.34 36.81 -52.89
C39 BCR CP . 5.35 37.61 -56.74
C40 BCR CP . 6.95 35.85 -57.20
C1 BCR DP . 14.08 68.87 -41.36
C2 BCR DP . 13.49 69.63 -40.20
C3 BCR DP . 13.42 68.75 -38.99
C4 BCR DP . 14.79 68.31 -38.57
C5 BCR DP . 15.66 67.98 -39.72
C6 BCR DP . 15.36 68.20 -41.01
C7 BCR DP . 16.28 67.87 -42.10
C8 BCR DP . 16.26 66.71 -42.75
C9 BCR DP . 17.16 66.41 -43.85
C10 BCR DP . 16.92 65.34 -44.60
C11 BCR DP . 17.32 65.18 -45.98
C33 BCR DP . 16.93 67.35 -39.31
C31 BCR DP . 14.26 69.85 -42.50
C32 BCR DP . 13.04 67.85 -41.80
C34 BCR DP . 17.99 67.50 -44.35
C12 BCR DP . 16.50 64.53 -46.80
C13 BCR DP . 16.88 63.89 -48.03
C14 BCR DP . 17.11 62.58 -48.04
C15 BCR DP . 17.43 61.82 -49.22
C16 BCR DP . 17.13 60.52 -49.29
C17 BCR DP . 16.66 60.00 -50.53
C18 BCR DP . 16.42 58.72 -50.81
C19 BCR DP . 17.11 58.12 -51.94
C20 BCR DP . 16.87 56.88 -52.36
C21 BCR DP . 17.53 56.44 -53.56
C22 BCR DP . 17.49 55.22 -54.12
C23 BCR DP . 18.35 54.98 -55.26
C24 BCR DP . 18.48 53.79 -55.86
C25 BCR DP . 18.94 53.56 -57.24
C26 BCR DP . 20.23 53.50 -57.57
C27 BCR DP . 20.77 53.25 -58.93
C28 BCR DP . 19.80 52.43 -59.73
C29 BCR DP . 18.44 53.09 -59.68
C30 BCR DP . 17.87 53.33 -58.28
C35 BCR DP . 17.13 64.70 -49.24
C36 BCR DP . 15.77 57.83 -49.84
C37 BCR DP . 16.82 54.08 -53.47
C38 BCR DP . 21.34 53.69 -56.61
C39 BCR DP . 17.00 52.18 -57.84
C40 BCR DP . 16.95 54.53 -58.47
C1 BCR EP . 14.83 59.78 -55.99
C2 BCR EP . 15.52 60.75 -56.95
C3 BCR EP . 14.68 61.94 -57.28
C4 BCR EP . 14.25 62.62 -56.01
C5 BCR EP . 13.45 61.67 -55.22
C6 BCR EP . 13.71 60.36 -55.18
C7 BCR EP . 12.87 59.42 -54.41
C8 BCR EP . 13.09 59.12 -53.12
C9 BCR EP . 12.26 59.58 -52.02
C10 BCR EP . 12.82 59.76 -50.81
C11 BCR EP . 12.16 60.37 -49.68
C33 BCR EP . 12.34 62.31 -54.48
C31 BCR EP . 15.96 59.25 -55.14
C32 BCR EP . 14.31 58.63 -56.83
C34 BCR EP . 10.81 59.71 -52.24
C12 BCR EP . 12.67 60.18 -48.45
C13 BCR EP . 11.88 59.93 -47.28
C14 BCR EP . 12.48 59.92 -46.07
C15 BCR EP . 11.75 59.88 -44.84
C16 BCR EP . 12.40 59.82 -43.67
C17 BCR EP . 11.62 59.92 -42.46
C18 BCR EP . 12.13 60.05 -41.24
C19 BCR EP . 11.23 60.23 -40.11
C20 BCR EP . 11.66 60.26 -38.85
C21 BCR EP . 10.76 60.64 -37.81
C22 BCR EP . 11.12 60.99 -36.57
C23 BCR EP . 10.06 61.18 -35.59
C24 BCR EP . 10.25 61.15 -34.26
C25 BCR EP . 9.29 61.58 -33.24
C26 BCR EP . 8.25 60.81 -32.85
C27 BCR EP . 7.24 61.14 -31.84
C28 BCR EP . 7.49 62.44 -31.13
C29 BCR EP . 8.19 63.43 -32.01
C30 BCR EP . 9.48 62.89 -32.56
C35 BCR EP . 10.46 59.58 -47.38
C36 BCR EP . 13.59 60.16 -41.00
C37 BCR EP . 12.42 61.65 -36.34
C38 BCR EP . 7.94 59.48 -33.42
C39 BCR EP . 10.49 62.72 -31.44
C40 BCR EP . 10.04 63.98 -33.45
C1 BCR FP . -11.27 45.79 -32.95
C2 BCR FP . -12.29 46.90 -32.96
C3 BCR FP . -12.27 47.59 -31.63
C4 BCR FP . -10.95 48.27 -31.45
C5 BCR FP . -9.82 47.40 -31.82
C6 BCR FP . -9.94 46.25 -32.49
C7 BCR FP . -8.77 45.46 -32.85
C8 BCR FP . -8.31 44.43 -32.14
C9 BCR FP . -7.34 43.51 -32.69
C10 BCR FP . -7.12 42.33 -32.12
C11 BCR FP . -6.14 41.41 -32.64
C33 BCR FP . -8.51 47.91 -31.38
C31 BCR FP . -11.22 45.20 -34.33
C32 BCR FP . -11.84 44.74 -32.02
C34 BCR FP . -6.84 43.79 -34.04
C12 BCR FP . -6.02 40.18 -32.14
C13 BCR FP . -4.93 39.32 -32.50
C14 BCR FP . -4.77 38.17 -31.84
C15 BCR FP . -3.53 37.47 -31.75
C16 BCR FP . -3.32 36.56 -30.79
C17 BCR FP . -2.67 35.33 -31.14
C18 BCR FP . -2.52 34.28 -30.35
C19 BCR FP . -1.97 33.06 -30.89
C20 BCR FP . -1.61 32.03 -30.13
C21 BCR FP . -0.59 31.16 -30.63
C22 BCR FP . 0.22 30.38 -29.92
C23 BCR FP . 1.49 29.99 -30.52
C24 BCR FP . 1.93 28.73 -30.58
C25 BCR FP . 3.32 28.27 -30.61
C26 BCR FP . 4.03 28.09 -29.50
C27 BCR FP . 5.43 27.62 -29.40
C28 BCR FP . 5.92 27.01 -30.68
C29 BCR FP . 5.46 27.83 -31.86
C30 BCR FP . 3.94 27.95 -31.96
C35 BCR FP . -3.79 39.89 -33.24
C36 BCR FP . -3.00 34.29 -28.96
C37 BCR FP . -0.30 29.59 -28.78
C38 BCR FP . 3.50 28.36 -28.14
C39 BCR FP . 3.36 26.66 -32.50
C40 BCR FP . 3.71 28.99 -33.04
C1 BCR GP . -7.12 47.61 -24.54
C2 BCR GP . -8.56 48.00 -24.60
C3 BCR GP . -9.24 47.36 -25.78
C4 BCR GP . -8.58 47.72 -27.08
C5 BCR GP . -7.11 47.84 -26.98
C6 BCR GP . -6.42 47.77 -25.85
C7 BCR GP . -4.97 47.93 -25.81
C8 BCR GP . -4.12 46.91 -25.93
C9 BCR GP . -2.75 47.08 -26.35
C10 BCR GP . -2.23 46.17 -27.18
C11 BCR GP . -0.99 45.48 -26.90
C33 BCR GP . -6.46 48.04 -28.29
C31 BCR GP . -7.09 46.18 -24.05
C32 BCR GP . -6.48 48.48 -23.49
C34 BCR GP . -1.90 47.99 -25.58
C12 BCR GP . -0.56 44.59 -27.78
C13 BCR GP . 0.83 44.31 -28.02
C14 BCR GP . 1.15 43.05 -28.34
C15 BCR GP . 2.48 42.52 -28.32
C16 BCR GP . 2.73 41.43 -29.05
C17 BCR GP . 3.81 40.57 -28.67
C18 BCR GP . 4.39 39.70 -29.50
C19 BCR GP . 5.68 39.16 -29.13
C20 BCR GP . 6.26 38.19 -29.84
C21 BCR GP . 7.70 38.11 -29.86
C22 BCR GP . 8.38 37.18 -30.54
C23 BCR GP . 9.84 37.25 -30.47
C24 BCR GP . 10.48 36.78 -29.41
C25 BCR GP . 11.69 35.97 -29.40
C26 BCR GP . 12.88 36.52 -29.22
C27 BCR GP . 14.14 35.77 -29.17
C28 BCR GP . 13.86 34.50 -28.42
C29 BCR GP . 12.81 33.72 -29.17
C30 BCR GP . 11.55 34.49 -29.56
C35 BCR GP . 1.85 45.25 -27.56
C36 BCR GP . 3.96 39.58 -30.90
C37 BCR GP . 7.77 35.86 -30.79
C38 BCR GP . 13.08 37.96 -29.04
C39 BCR GP . 10.34 34.02 -28.78
C40 BCR GP . 11.31 34.08 -31.00
C1 BCR HP . 5.07 68.70 -16.62
C2 BCR HP . 4.82 67.33 -16.06
C3 BCR HP . 4.12 66.46 -17.07
C4 BCR HP . 2.82 67.07 -17.50
C5 BCR HP . 2.83 68.54 -17.59
C6 BCR HP . 3.82 69.33 -17.17
C7 BCR HP . 3.78 70.81 -17.29
C8 BCR HP . 3.16 71.61 -16.42
C9 BCR HP . 1.96 72.37 -16.70
C10 BCR HP . 1.32 72.97 -15.70
C11 BCR HP . 1.75 73.08 -14.33
C33 BCR HP . 1.59 69.06 -18.19
C31 BCR HP . 6.12 68.57 -17.71
C32 BCR HP . 5.68 69.47 -15.47
C34 BCR HP . 1.74 72.78 -18.09
C12 BCR HP . 1.03 73.85 -13.51
C13 BCR HP . 1.47 74.46 -12.28
C14 BCR HP . 0.78 75.51 -11.82
C15 BCR HP . 0.36 75.71 -10.45
C16 BCR HP . -0.37 76.77 -10.11
C17 BCR HP . -0.98 76.83 -8.80
C18 BCR HP . -1.39 77.93 -8.15
C19 BCR HP . -2.62 78.57 -8.56
C20 BCR HP . -3.54 78.95 -7.67
C21 BCR HP . -4.37 80.10 -7.94
C22 BCR HP . -4.06 81.34 -7.56
C23 BCR HP . -4.17 82.39 -8.55
C24 BCR HP . -3.63 83.60 -8.36
C25 BCR HP . -3.93 84.81 -9.13
C26 BCR HP . -4.86 85.67 -8.70
C27 BCR HP . -5.21 86.92 -9.39
C28 BCR HP . -3.97 87.51 -10.02
C29 BCR HP . -3.31 86.49 -10.91
C30 BCR HP . -3.15 85.07 -10.38
C35 BCR HP . 2.37 73.72 -11.38
C36 BCR HP . -0.83 78.34 -6.85
C37 BCR HP . -3.26 81.56 -6.34
C38 BCR HP . -5.64 85.46 -7.47
C39 BCR HP . -1.70 84.72 -10.17
C40 BCR HP . -3.62 84.19 -11.54
O1 LHG IP . -23.12 69.53 -26.17
C1 LHG IP . -22.05 68.64 -26.49
C2 LHG IP . -21.29 68.31 -25.23
O2 LHG IP . -19.90 68.30 -25.47
C3 LHG IP . -21.61 66.96 -24.67
O3 LHG IP . -20.90 67.03 -23.46
P LHG IP . -21.03 65.88 -22.35
O4 LHG IP . -22.06 66.33 -21.36
O5 LHG IP . -20.87 64.62 -23.13
O6 LHG IP . -19.59 66.20 -21.56
C4 LHG IP . -19.02 67.48 -21.59
C5 LHG IP . -17.58 67.29 -21.08
C6 LHG IP . -17.08 65.88 -21.30
O7 LHG IP . -16.80 68.13 -21.89
C7 LHG IP . -15.77 68.74 -21.23
O9 LHG IP . -15.01 68.18 -20.48
C8 LHG IP . -15.57 70.09 -21.76
C9 LHG IP . -14.10 70.38 -21.79
C10 LHG IP . -13.88 71.75 -22.37
O8 LHG IP . -16.46 65.92 -22.58
C23 LHG IP . -15.16 65.52 -22.66
O10 LHG IP . -14.48 65.52 -21.66
C24 LHG IP . -14.43 65.51 -23.97
C11 LHG IP . -12.54 72.12 -21.79
C12 LHG IP . -11.97 73.22 -22.60
C13 LHG IP . -10.68 73.65 -21.95
C14 LHG IP . -9.98 74.68 -22.79
C15 LHG IP . -8.59 74.76 -22.23
C16 LHG IP . -7.76 73.73 -22.91
C17 LHG IP . -6.47 74.33 -23.43
C18 LHG IP . -5.75 73.12 -23.96
C19 LHG IP . -4.73 73.45 -25.00
C20 LHG IP . -3.90 72.19 -25.05
C21 LHG IP . -2.78 72.31 -24.06
C22 LHG IP . -1.48 72.06 -24.77
C25 LHG IP . -12.96 65.78 -23.85
C26 LHG IP . -12.07 64.55 -23.84
C27 LHG IP . -11.02 64.88 -22.84
C28 LHG IP . -11.26 64.34 -21.45
C29 LHG IP . -10.20 63.30 -21.21
C30 LHG IP . -9.41 63.44 -19.94
C31 LHG IP . -8.10 64.19 -20.03
C32 LHG IP . -7.15 63.93 -18.88
C33 LHG IP . -5.74 64.07 -19.42
C34 LHG IP . -5.03 65.34 -19.05
C35 LHG IP . -3.54 65.12 -18.98
C36 LHG IP . -3.02 65.76 -17.71
C37 LHG IP . -1.66 66.30 -18.03
C38 LHG IP . -0.52 65.39 -17.61
O1 LHG JP . -7.63 31.97 -38.02
C1 LHG JP . -7.79 32.70 -36.81
C2 LHG JP . -8.65 31.92 -35.90
O2 LHG JP . -8.24 32.12 -34.58
C3 LHG JP . -8.52 30.46 -36.12
O3 LHG JP . -9.02 29.98 -34.91
P LHG JP . -8.83 28.44 -34.53
O4 LHG JP . -10.15 27.89 -34.18
O5 LHG JP . -7.78 27.97 -35.45
O6 LHG JP . -8.17 28.75 -33.08
C4 LHG JP . -8.79 29.66 -32.26
C5 LHG JP . -8.34 29.25 -30.86
C6 LHG JP . -6.84 29.09 -30.79
O7 LHG JP . -8.68 30.32 -30.02
C7 LHG JP . -9.62 30.01 -29.11
O9 LHG JP . -10.01 28.87 -28.94
C8 LHG JP . -9.86 31.14 -28.19
C9 LHG JP . -8.60 31.47 -27.46
C10 LHG JP . -8.93 32.03 -26.11
O8 LHG JP . -6.59 28.80 -29.43
C23 LHG JP . -5.82 29.68 -28.77
O10 LHG JP . -5.78 30.81 -29.18
C24 LHG JP . -4.72 29.19 -27.86
C11 LHG JP . -8.94 30.80 -25.28
C12 LHG JP . -8.75 31.16 -23.84
C13 LHG JP . -7.70 30.25 -23.24
C25 LHG JP . -4.43 30.06 -26.65
FE1 SF4 KP . -26.34 62.19 -9.53
FE2 SF4 KP . -24.75 60.29 -10.63
FE3 SF4 KP . -27.18 60.85 -11.76
FE4 SF4 KP . -27.06 59.56 -9.36
S1 SF4 KP . -26.32 58.79 -11.36
S2 SF4 KP . -28.41 61.29 -9.92
S3 SF4 KP . -25.22 60.55 -8.43
S4 SF4 KP . -25.39 62.25 -11.57
MG CLA LP . 2.10 61.29 3.97
CHA CLA LP . 0.23 62.86 6.39
CHB CLA LP . -0.70 60.93 2.09
CHC CLA LP . 4.10 60.49 1.37
CHD CLA LP . 5.12 62.14 5.92
NA CLA LP . 0.11 61.83 4.17
C1A CLA LP . -0.51 62.27 5.21
C2A CLA LP . -2.01 62.21 5.11
C3A CLA LP . -2.24 61.49 3.83
C4A CLA LP . -0.84 61.43 3.32
CMA CLA LP . -2.53 60.08 4.31
CAA CLA LP . -2.67 63.58 4.94
CBA CLA LP . -4.16 63.49 4.71
CGA CLA LP . -4.73 64.81 4.31
O1A CLA LP . -5.63 64.89 3.49
O2A CLA LP . -4.28 66.04 4.94
NB CLA LP . 1.74 60.77 2.04
C1B CLA LP . 0.58 60.73 1.39
C2B CLA LP . 0.69 60.44 -0.08
C3B CLA LP . 2.15 60.34 -0.22
C4B CLA LP . 2.66 60.48 1.14
CMB CLA LP . -0.32 60.37 -1.20
CAB CLA LP . 2.96 60.09 -1.42
CBB CLA LP . 3.31 58.86 -1.69
NC CLA LP . 4.14 61.37 3.70
C1C CLA LP . 4.74 60.87 2.61
C2C CLA LP . 6.21 60.78 2.68
C3C CLA LP . 6.50 61.27 4.03
C4C CLA LP . 5.16 61.55 4.57
CMC CLA LP . 7.16 60.29 1.63
CAC CLA LP . 7.83 61.39 4.71
CBC CLA LP . 8.02 60.08 5.41
ND CLA LP . 2.63 62.21 5.68
C1D CLA LP . 3.81 62.60 6.38
C2D CLA LP . 3.60 63.39 7.60
C3D CLA LP . 2.14 63.52 7.56
C4D CLA LP . 1.69 62.88 6.44
CMD CLA LP . 4.48 64.02 8.63
CAD CLA LP . 0.99 64.14 8.23
OBD CLA LP . 1.02 64.84 9.31
CBD CLA LP . -0.21 63.79 7.47
CGD CLA LP . -1.37 63.43 8.32
O1D CLA LP . -1.32 62.52 9.10
O2D CLA LP . -2.59 64.17 8.09
CED CLA LP . -3.45 64.67 9.10
C1 CLA LP . -4.89 67.22 4.45
C2 CLA LP . -3.97 68.24 3.84
C3 CLA LP . -3.40 69.23 4.53
C4 CLA LP . -3.64 69.41 5.99
C5 CLA LP . -2.54 70.15 3.73
C6 CLA LP . -1.81 71.24 4.51
C7 CLA LP . -0.38 70.78 4.80
C8 CLA LP . 0.75 71.81 4.75
C9 CLA LP . 2.11 71.15 4.62
C10 CLA LP . 0.82 72.80 5.91
C11 CLA LP . -0.04 74.05 5.83
C12 CLA LP . -0.91 74.27 7.06
C13 CLA LP . -1.49 75.66 7.22
C14 CLA LP . -1.98 75.84 8.65
C15 CLA LP . -2.57 75.99 6.21
C16 CLA LP . -2.10 76.86 5.05
C17 CLA LP . -3.14 77.93 4.75
C18 CLA LP . -2.93 78.50 3.35
C19 CLA LP . -3.90 79.63 3.04
C20 CLA LP . -2.87 77.41 2.30
MG CLA MP . -5.15 71.52 1.04
CHA CLA MP . -2.20 70.02 0.14
CHB CLA MP . -3.68 74.48 0.52
CHC CLA MP . -8.25 72.90 1.21
CHD CLA MP . -6.69 68.18 1.21
NA CLA MP . -3.27 72.15 0.43
C1A CLA MP . -2.18 71.51 0.27
C2A CLA MP . -0.92 72.34 0.15
C3A CLA MP . -1.43 73.74 0.37
C4A CLA MP . -2.89 73.43 0.44
CMA CLA MP . -0.98 74.21 1.74
CAA CLA MP . -0.30 72.37 -1.25
CBA CLA MP . 1.00 72.99 -1.74
CGA CLA MP . 0.98 74.46 -2.09
O1A CLA MP . -0.02 74.99 -2.53
O2A CLA MP . 2.12 75.28 -1.77
NB CLA MP . -5.85 73.41 0.96
C1B CLA MP . -5.13 74.47 0.64
C2B CLA MP . -5.92 75.69 0.30
C3B CLA MP . -7.30 75.20 0.46
C4B CLA MP . -7.13 73.80 0.97
CMB CLA MP . -5.51 77.05 -0.17
CAB CLA MP . -8.49 76.05 0.29
CBB CLA MP . -8.79 76.92 1.24
NC CLA MP . -7.05 70.70 1.11
C1C CLA MP . -8.14 71.44 1.34
C2C CLA MP . -9.34 70.65 1.69
C3C CLA MP . -8.88 69.27 1.71
C4C CLA MP . -7.45 69.42 1.34
CMC CLA MP . -10.73 71.10 2.01
CAC CLA MP . -9.68 68.03 2.01
CBC CLA MP . -9.38 67.63 3.44
ND CLA MP . -4.67 69.57 0.79
C1D CLA MP . -5.31 68.29 0.78
C2D CLA MP . -4.49 67.15 0.34
C3D CLA MP . -3.22 67.88 0.07
C4D CLA MP . -3.43 69.22 0.31
CMD CLA MP . -4.75 65.68 0.17
CAD CLA MP . -1.84 67.77 -0.44
OBD CLA MP . -1.22 66.73 -0.78
CBD CLA MP . -1.19 69.07 -0.39
CGD CLA MP . 0.03 68.96 0.45
O1D CLA MP . 1.12 69.09 -0.06
O2D CLA MP . -0.03 68.59 1.84
CED CLA MP . 1.22 68.33 2.46
C1 CLA MP . 2.22 76.65 -2.16
C2 CLA MP . 3.13 76.95 -3.34
C3 CLA MP . 2.88 76.78 -4.62
C4 CLA MP . 1.56 76.23 -5.09
C5 CLA MP . 3.96 77.16 -5.60
C6 CLA MP . 3.60 77.03 -7.08
C7 CLA MP . 3.21 78.43 -7.58
C8 CLA MP . 2.83 78.43 -9.04
C9 CLA MP . 4.06 78.15 -9.89
C10 CLA MP . 2.20 79.78 -9.39
C11 CLA MP . 1.68 79.76 -10.81
C12 CLA MP . 0.66 80.87 -11.03
C13 CLA MP . 0.32 81.05 -12.50
C14 CLA MP . -0.46 82.35 -12.74
C15 CLA MP . -0.44 79.88 -13.09
C16 CLA MP . 0.34 79.24 -14.24
C17 CLA MP . -0.61 78.69 -15.29
C18 CLA MP . 0.08 78.33 -16.60
C19 CLA MP . -0.88 77.52 -17.48
C20 CLA MP . 1.35 77.52 -16.37
MG CLA NP . -9.28 50.16 -5.99
CHA CLA NP . -10.12 47.56 -8.10
CHB CLA NP . -8.06 47.98 -3.82
CHC CLA NP . -7.66 52.73 -4.53
CHD CLA NP . -10.56 52.47 -8.55
NA CLA NP . -9.04 48.12 -5.99
C1A CLA NP . -9.47 47.21 -6.78
C2A CLA NP . -9.30 45.80 -6.30
C3A CLA NP . -8.71 46.02 -4.93
C4A CLA NP . -8.60 47.48 -4.92
CMA CLA NP . -9.72 45.59 -3.89
CAA CLA NP . -8.26 45.04 -7.14
CBA CLA NP . -8.01 43.54 -7.02
CGA CLA NP . -7.19 43.17 -5.80
O1A CLA NP . -6.04 43.50 -5.69
O2A CLA NP . -7.81 42.41 -4.73
NB CLA NP . -8.04 50.31 -4.39
C1B CLA NP . -7.74 49.37 -3.55
C2B CLA NP . -6.86 49.76 -2.45
C3B CLA NP . -6.75 51.21 -2.66
C4B CLA NP . -7.49 51.42 -3.93
CMB CLA NP . -6.31 48.91 -1.33
CAB CLA NP . -6.04 52.23 -1.89
CBB CLA NP . -4.73 52.12 -1.75
NC CLA NP . -9.12 52.14 -6.50
C1C CLA NP . -8.48 53.01 -5.72
C2C CLA NP . -8.69 54.40 -6.08
C3C CLA NP . -9.55 54.35 -7.25
C4C CLA NP . -9.80 52.90 -7.38
CMC CLA NP . -8.12 55.58 -5.42
CAC CLA NP . -10.07 55.54 -8.00
CBC CLA NP . -9.39 55.63 -9.34
ND CLA NP . -10.13 50.13 -7.83
C1D CLA NP . -10.55 51.06 -8.81
C2D CLA NP . -11.16 50.49 -10.00
C3D CLA NP . -10.92 49.06 -9.74
C4D CLA NP . -10.30 48.95 -8.50
CMD CLA NP . -11.67 51.12 -11.25
CAD CLA NP . -11.03 47.70 -10.28
OBD CLA NP . -11.53 47.38 -11.40
CBD CLA NP . -10.53 46.77 -9.29
CGD CLA NP . -11.36 45.57 -9.05
O1D CLA NP . -12.30 45.57 -8.31
O2D CLA NP . -11.01 44.36 -9.76
CED CLA NP . -11.62 43.14 -9.41
C1 CLA NP . -7.03 41.97 -3.63
C2 CLA NP . -7.05 43.05 -2.58
C3 CLA NP . -6.01 43.79 -2.15
C4 CLA NP . -4.65 43.64 -2.74
C5 CLA NP . -6.27 44.80 -1.07
C6 CLA NP . -5.31 44.67 0.10
C7 CLA NP . -5.66 43.40 0.87
C8 CLA NP . -4.59 42.97 1.87
C9 CLA NP . -3.21 42.98 1.26
C10 CLA NP . -4.97 41.60 2.41
C11 CLA NP . -5.96 41.74 3.56
C12 CLA NP . -5.34 41.53 4.93
C13 CLA NP . -6.30 40.91 5.94
C14 CLA NP . -6.69 39.49 5.58
C15 CLA NP . -7.49 41.85 5.97
C16 CLA NP . -8.60 41.56 6.96
C17 CLA NP . -8.12 41.53 8.40
C18 CLA NP . -9.28 41.39 9.36
C19 CLA NP . -8.81 40.90 10.72
C20 CLA NP . -10.44 40.53 8.87
MG CLA OP . -28.25 49.61 18.28
CHA CLA OP . -30.99 47.60 17.58
CHB CLA OP . -29.64 50.35 21.25
CHC CLA OP . -25.30 51.01 19.16
CHD CLA OP . -26.69 48.36 15.17
NA CLA OP . -29.96 49.03 19.28
C1A CLA OP . -30.98 48.34 18.89
C2A CLA OP . -32.14 48.27 19.86
C3A CLA OP . -31.67 49.19 20.97
C4A CLA OP . -30.31 49.53 20.46
CMA CLA OP . -32.55 50.42 21.06
CAA CLA OP . -32.29 46.85 20.44
CBA CLA OP . -31.05 46.31 21.16
CGA CLA OP . -30.83 44.89 20.71
O1A CLA OP . -31.57 44.38 19.89
O2A CLA OP . -29.72 44.10 21.24
NB CLA OP . -27.57 50.53 19.97
C1B CLA OP . -28.28 50.86 21.04
C2B CLA OP . -27.59 51.68 22.05
C3B CLA OP . -26.28 51.90 21.40
C4B CLA OP . -26.38 51.11 20.14
CMB CLA OP . -28.12 52.22 23.35
CAB CLA OP . -25.12 52.67 21.92
CBB CLA OP . -23.96 52.12 22.18
NC CLA OP . -26.41 49.62 17.37
C1C CLA OP . -25.35 50.28 17.88
C2C CLA OP . -24.15 50.27 17.02
C3C CLA OP . -24.57 49.49 15.86
C4C CLA OP . -25.98 49.18 16.16
CMC CLA OP . -22.81 50.88 17.28
CAC CLA OP . -23.77 49.14 14.63
CBC CLA OP . -23.91 50.36 13.74
ND CLA OP . -28.62 48.32 16.75
C1D CLA OP . -28.03 47.89 15.52
C2D CLA OP . -28.82 46.96 14.70
C3D CLA OP . -30.02 46.83 15.55
C4D CLA OP . -29.82 47.64 16.68
CMD CLA OP . -28.66 46.25 13.38
CAD CLA OP . -31.36 46.21 15.66
OBD CLA OP . -31.90 45.41 14.83
CBD CLA OP . -31.94 46.65 16.93
CGD CLA OP . -33.31 47.21 16.74
O1D CLA OP . -34.28 46.58 17.09
O2D CLA OP . -33.47 48.52 16.14
CED CLA OP . -34.36 49.45 16.74
C1 CLA OP . -29.68 42.71 20.98
C2 CLA OP . -28.82 42.03 22.02
C3 CLA OP . -27.53 41.70 21.78
C4 CLA OP . -26.90 41.99 20.44
C5 CLA OP . -26.72 41.02 22.85
C6 CLA OP . -25.90 42.01 23.67
C7 CLA OP . -24.93 41.23 24.55
C8 CLA OP . -24.12 42.16 25.44
C9 CLA OP . -23.16 41.36 26.31
MG CLA PP . -29.62 60.77 22.40
CHA CLA PP . -28.28 63.47 24.07
CHB CLA PP . -26.98 58.94 23.44
CHC CLA PP . -30.62 58.34 20.23
CHD CLA PP . -32.14 63.05 20.96
NA CLA PP . -27.91 61.13 23.52
C1A CLA PP . -27.56 62.17 24.18
C2A CLA PP . -26.39 61.99 25.13
C3A CLA PP . -25.97 60.55 24.85
C4A CLA PP . -27.05 60.18 23.89
CMA CLA PP . -24.64 60.47 24.12
CAA CLA PP . -26.86 62.09 26.61
CBA CLA PP . -26.38 61.13 27.69
CGA CLA PP . -24.96 61.52 28.10
O1A CLA PP . -24.75 62.05 29.18
O2A CLA PP . -23.84 61.27 27.24
NB CLA PP . -28.89 58.93 21.92
C1B CLA PP . -27.86 58.31 22.46
C2B CLA PP . -27.67 56.89 22.03
C3B CLA PP . -28.77 56.73 21.06
C4B CLA PP . -29.46 58.04 21.09
CMB CLA PP . -26.60 55.93 22.46
CAB CLA PP . -29.13 55.56 20.25
CBB CLA PP . -29.31 54.37 20.77
NC CLA PP . -31.06 60.73 20.92
C1C CLA PP . -31.31 59.64 20.16
C2C CLA PP . -32.37 59.82 19.14
C3C CLA PP . -32.83 61.21 19.36
C4C CLA PP . -31.99 61.65 20.51
CMC CLA PP . -32.86 58.82 18.11
CAC CLA PP . -33.91 61.97 18.61
CBC CLA PP . -33.27 62.94 17.64
ND CLA PP . -30.15 62.74 22.41
C1D CLA PP . -31.17 63.61 21.90
C2D CLA PP . -31.12 65.01 22.38
C3D CLA PP . -29.93 64.93 23.25
C4D CLA PP . -29.46 63.63 23.20
CMD CLA PP . -31.91 66.27 22.18
CAD CLA PP . -29.06 65.70 24.14
OBD CLA PP . -29.20 66.93 24.43
CBD CLA PP . -28.00 64.81 24.65
CGD CLA PP . -26.70 65.41 24.25
O1D CLA PP . -25.70 65.29 24.93
O2D CLA PP . -26.65 66.34 23.14
CED CLA PP . -25.37 66.65 22.59
C1 CLA PP . -22.94 62.30 26.84
C2 CLA PP . -23.52 63.70 26.68
C3 CLA PP . -23.11 64.71 27.47
C4 CLA PP . -22.05 64.45 28.52
C5 CLA PP . -23.62 66.13 27.34
C6 CLA PP . -24.71 66.60 28.30
C7 CLA PP . -26.08 65.95 28.09
C8 CLA PP . -27.20 66.65 28.86
C9 CLA PP . -26.81 66.96 30.28
C10 CLA PP . -28.41 65.74 28.79
C11 CLA PP . -29.36 66.24 27.71
C12 CLA PP . -30.67 65.47 27.78
C13 CLA PP . -31.75 65.99 26.86
C14 CLA PP . -32.41 67.22 27.45
C15 CLA PP . -32.73 64.84 26.67
C16 CLA PP . -33.20 64.72 25.23
C17 CLA PP . -34.57 65.31 24.88
C18 CLA PP . -35.87 64.49 25.10
C19 CLA PP . -37.09 65.41 25.17
C20 CLA PP . -35.93 63.37 26.14
MG CLA QP . -20.45 58.09 22.75
CHA CLA QP . -21.87 56.00 20.42
CHB CLA QP . -21.98 60.67 21.19
CHC CLA QP . -18.63 60.16 24.69
CHD CLA QP . -18.41 55.24 23.93
NA CLA QP . -21.70 58.31 21.10
C1A CLA QP . -22.24 57.44 20.34
C2A CLA QP . -23.28 57.97 19.39
C3A CLA QP . -23.26 59.45 19.62
C4A CLA QP . -22.24 59.47 20.72
CMA CLA QP . -22.68 60.14 18.41
CAA CLA QP . -24.69 57.55 19.80
CBA CLA QP . -25.85 58.05 18.94
CGA CLA QP . -25.80 57.62 17.50
O1A CLA QP . -26.17 56.50 17.16
O2A CLA QP . -25.36 58.54 16.49
NB CLA QP . -20.31 60.11 22.90
C1B CLA QP . -21.04 61.02 22.25
C2B CLA QP . -20.87 62.41 22.71
C3B CLA QP . -19.84 62.24 23.76
C4B CLA QP . -19.60 60.78 23.79
CMB CLA QP . -21.53 63.66 22.21
CAB CLA QP . -19.20 63.25 24.64
CBB CLA QP . -19.47 63.28 25.93
NC CLA QP . -18.86 57.75 24.01
C1C CLA QP . -18.30 58.72 24.72
C2C CLA QP . -17.24 58.29 25.66
C3C CLA QP . -17.17 56.83 25.44
C4C CLA QP . -18.23 56.62 24.42
CMC CLA QP . -16.41 59.11 26.62
CAC CLA QP . -16.29 55.81 26.09
CBC CLA QP . -15.03 55.75 25.25
ND CLA QP . -20.11 56.13 22.34
C1D CLA QP . -19.39 55.01 22.88
C2D CLA QP . -19.70 53.70 22.29
C3D CLA QP . -20.74 54.13 21.31
C4D CLA QP . -20.88 55.50 21.39
CMD CLA QP . -19.27 52.28 22.48
CAD CLA QP . -21.62 53.65 20.23
OBD CLA QP . -21.75 52.43 19.91
CBD CLA QP . -22.40 54.80 19.72
CGD CLA QP . -22.38 54.90 18.22
O1D CLA QP . -21.45 55.47 17.69
O2D CLA QP . -23.50 54.54 17.38
CED CLA QP . -23.26 54.25 16.00
C1 CLA QP . -25.26 58.16 15.12
C2 CLA QP . -23.84 57.75 14.83
C3 CLA QP . -22.98 58.60 14.28
C4 CLA QP . -23.39 60.00 13.91
C5 CLA QP . -21.59 58.11 14.04
C6 CLA QP . -20.61 59.21 13.70
C7 CLA QP . -19.74 59.40 14.93
C8 CLA QP . -18.36 59.78 14.49
C9 CLA QP . -17.68 58.49 14.12
C10 CLA QP . -17.62 60.43 15.64
C11 CLA QP . -18.24 61.71 16.15
C12 CLA QP . -17.66 62.07 17.51
C13 CLA QP . -18.58 61.71 18.70
C14 CLA QP . -18.31 62.62 19.88
C15 CLA QP . -18.52 60.24 19.08
C16 CLA QP . -17.44 59.89 20.11
C17 CLA QP . -16.37 58.96 19.57
C18 CLA QP . -16.58 57.47 19.77
C19 CLA QP . -17.44 56.81 18.70
C20 CLA QP . -17.11 57.16 21.15
MG CLA RP . -9.49 44.69 29.81
CHA CLA RP . -7.19 42.31 28.75
CHB CLA RP . -9.04 46.30 26.88
CHC CLA RP . -12.12 46.58 30.63
CHD CLA RP . -10.12 42.60 32.77
NA CLA RP . -8.34 44.37 28.12
C1A CLA RP . -7.46 43.49 27.86
C2A CLA RP . -6.67 43.68 26.59
C3A CLA RP . -7.24 44.98 26.07
C4A CLA RP . -8.28 45.23 27.10
CMA CLA RP . -6.21 46.07 26.28
CAA CLA RP . -7.00 42.68 25.47
CBA CLA RP . -8.46 42.33 25.10
CGA CLA RP . -9.07 41.42 26.13
O1A CLA RP . -8.59 40.34 26.39
O2A CLA RP . -10.21 41.92 26.89
NB CLA RP . -10.44 46.24 28.88
C1B CLA RP . -10.14 46.79 27.71
C2B CLA RP . -11.08 47.87 27.28
C3B CLA RP . -12.00 47.96 28.41
C4B CLA RP . -11.50 46.91 29.35
CMB CLA RP . -11.14 48.73 26.05
CAB CLA RP . -13.12 48.91 28.52
CBB CLA RP . -14.29 48.64 29.06
NC CLA RP . -10.85 44.55 31.34
C1C CLA RP . -11.75 45.52 31.56
C2C CLA RP . -12.46 45.46 32.86
C3C CLA RP . -11.86 44.27 33.49
C4C CLA RP . -10.91 43.80 32.45
CMC CLA RP . -13.50 46.40 33.39
CAC CLA RP . -12.14 43.67 34.85
CBC CLA RP . -13.42 42.88 34.70
ND CLA RP . -8.90 42.92 30.61
C1D CLA RP . -9.13 42.15 31.80
C2D CLA RP . -8.30 40.95 31.94
C3D CLA RP . -7.49 41.04 30.70
C4D CLA RP . -7.94 42.15 30.00
CMD CLA RP . -8.16 39.88 32.98
CAD CLA RP . -6.46 40.38 29.89
OBD CLA RP . -5.82 39.32 30.21
CBD CLA RP . -6.19 41.21 28.71
CGD CLA RP . -4.81 41.78 28.89
O1D CLA RP . -4.51 42.39 29.91
O2D CLA RP . -3.78 41.56 27.91
CED CLA RP . -2.48 42.07 28.17
C1 CLA RP . -10.75 41.08 27.89
C2 CLA RP . -11.78 41.89 28.63
C3 CLA RP . -12.30 41.44 29.79
C4 CLA RP . -11.86 40.13 30.38
C5 CLA RP . -13.32 42.27 30.50
C6 CLA RP . -13.82 43.46 29.71
C7 CLA RP . -14.99 44.06 30.48
C8 CLA RP . -15.47 45.37 29.89
C9 CLA RP . -16.27 46.21 30.88
C10 CLA RP . -16.27 45.01 28.64
C11 CLA RP . -16.62 46.24 27.82
C12 CLA RP . -17.26 45.83 26.51
C13 CLA RP . -17.58 47.04 25.64
C14 CLA RP . -18.53 47.98 26.37
C15 CLA RP . -18.20 46.53 24.34
C16 CLA RP . -18.48 47.65 23.36
C17 CLA RP . -18.52 47.10 21.94
C18 CLA RP . -19.94 46.89 21.41
C19 CLA RP . -19.91 46.71 19.90
C20 CLA RP . -20.88 48.02 21.80
MG CLA SP . -4.61 50.42 24.22
CHA CLA SP . -5.21 53.00 26.43
CHB CLA SP . -7.62 49.16 25.02
CHC CLA SP . -4.34 48.47 21.49
CHD CLA SP . -1.61 52.29 23.12
NA CLA SP . -6.17 50.99 25.46
C1A CLA SP . -6.21 51.90 26.36
C2A CLA SP . -7.48 51.95 27.17
C3A CLA SP . -8.16 50.68 26.76
C4A CLA SP . -7.25 50.24 25.66
CMA CLA SP . -8.02 49.65 27.87
CAA CLA SP . -8.48 53.06 26.65
CBA CLA SP . -8.95 53.10 25.17
CGA CLA SP . -7.81 53.48 24.25
O1A CLA SP . -7.12 54.46 24.42
O2A CLA SP . -7.55 52.51 23.20
NB CLA SP . -5.82 49.02 23.38
C1B CLA SP . -6.95 48.55 23.87
C2B CLA SP . -7.60 47.49 23.07
C3B CLA SP . -6.60 47.26 22.01
C4B CLA SP . -5.54 48.26 22.31
CMB CLA SP . -8.90 46.77 23.30
CAB CLA SP . -6.69 46.26 20.91
CBB CLA SP . -6.38 46.52 19.65
NC CLA SP . -3.30 50.42 22.65
C1C CLA SP . -3.32 49.51 21.67
C2C CLA SP . -2.23 49.62 20.69
C3C CLA SP . -1.44 50.75 21.19
C4C CLA SP . -2.16 51.11 22.42
CMC CLA SP . -1.99 48.79 19.48
CAC CLA SP . -0.17 51.37 20.67
CBC CLA SP . -0.63 52.31 19.59
ND CLA SP . -3.60 52.15 24.60
C1D CLA SP . -2.41 52.83 24.19
C2D CLA SP . -2.15 54.12 24.83
C3D CLA SP . -3.32 54.18 25.73
C4D CLA SP . -4.06 53.03 25.55
CMD CLA SP . -1.10 55.18 24.75
CAD CLA SP . -3.95 54.96 26.81
OBD CLA SP . -3.52 56.08 27.25
CBD CLA SP . -5.18 54.26 27.21
CGD CLA SP . -5.16 54.11 28.70
O1D CLA SP . -5.46 55.05 29.41
O2D CLA SP . -4.83 52.79 29.22
CED CLA SP . -5.36 52.35 30.46
C1 CLA SP . -6.45 52.65 22.30
C2 CLA SP . -6.50 51.60 21.20
C3 CLA SP . -5.73 51.74 20.11
C4 CLA SP . -4.77 52.88 19.98
C5 CLA SP . -5.74 50.73 18.99
C6 CLA SP . -7.02 50.78 18.17
C7 CLA SP . -7.92 49.60 18.48
C8 CLA SP . -9.31 49.84 17.88
C9 CLA SP . -9.21 50.16 16.41
C10 CLA SP . -10.04 50.92 18.64
C11 CLA SP . -10.44 50.34 19.98
C12 CLA SP . -11.32 51.28 20.79
C13 CLA SP . -11.18 50.95 22.26
C14 CLA SP . -11.57 49.49 22.50
C15 CLA SP . -11.92 52.00 23.08
C16 CLA SP . -13.41 51.79 23.31
C17 CLA SP . -13.78 51.27 24.70
C18 CLA SP . -15.28 51.05 24.82
C19 CLA SP . -15.62 50.43 26.18
C20 CLA SP . -15.83 50.19 23.70
MG CLA TP . -1.00 43.61 17.08
CHA CLA TP . -2.04 44.10 20.33
CHB CLA TP . -3.25 41.15 16.78
CHC CLA TP . 0.20 43.12 13.97
CHD CLA TP . 1.72 46.03 17.70
NA CLA TP . -2.40 42.74 18.33
C1A CLA TP . -2.70 43.00 19.54
C2A CLA TP . -3.81 42.16 20.10
C3A CLA TP . -4.11 41.18 19.00
C4A CLA TP . -3.20 41.74 17.97
CMA CLA TP . -3.54 39.84 19.41
CAA CLA TP . -5.12 42.91 20.35
CBA CLA TP . -6.08 42.06 21.18
CGA CLA TP . -7.41 42.72 21.00
O1A CLA TP . -7.92 43.35 21.91
O2A CLA TP . -8.11 42.62 19.76
NB CLA TP . -1.43 42.28 15.61
C1B CLA TP . -2.44 41.42 15.60
C2B CLA TP . -2.72 40.82 14.28
C3B CLA TP . -1.68 41.42 13.44
C4B CLA TP . -0.93 42.28 14.38
CMB CLA TP . -3.77 39.85 13.87
CAB CLA TP . -1.42 41.18 12.00
CBB CLA TP . -0.89 40.04 11.60
NC CLA TP . 0.61 44.41 16.10
C1C CLA TP . 0.91 44.06 14.84
C2C CLA TP . 2.07 44.77 14.27
C3C CLA TP . 2.52 45.62 15.38
C4C CLA TP . 1.53 45.32 16.43
CMC CLA TP . 2.67 44.65 12.91
CAC CLA TP . 3.65 46.59 15.44
CBC CLA TP . 4.87 45.81 15.87
ND CLA TP . -0.22 44.72 18.58
C1D CLA TP . 0.75 45.77 18.76
C2D CLA TP . 0.65 46.55 20.01
C3D CLA TP . -0.49 45.84 20.63
C4D CLA TP . -0.93 44.88 19.75
CMD CLA TP . 1.40 47.69 20.64
CAD CLA TP . -1.37 45.82 21.82
OBD CLA TP . -1.29 46.57 22.85
CBD CLA TP . -2.34 44.74 21.64
CGD CLA TP . -2.25 43.76 22.76
O1D CLA TP . -1.18 43.23 23.03
O2D CLA TP . -3.42 43.43 23.52
CED CLA TP . -3.31 42.45 24.54
C1 CLA TP . -9.42 43.16 19.76
C2 CLA TP . -9.40 44.15 18.64
C3 CLA TP . -9.90 45.37 18.73
C4 CLA TP . -10.54 45.88 19.99
C5 CLA TP . -9.82 46.25 17.52
C6 CLA TP . -10.75 45.70 16.46
C7 CLA TP . -11.81 46.76 16.22
C8 CLA TP . -12.85 46.38 15.16
C9 CLA TP . -12.21 45.68 13.96
C10 CLA TP . -13.58 47.65 14.74
C11 CLA TP . -14.99 47.28 14.29
C12 CLA TP . -15.83 46.97 15.54
C13 CLA TP . -17.22 46.48 15.17
C14 CLA TP . -18.13 46.52 16.39
C15 CLA TP . -17.08 45.07 14.62
C16 CLA TP . -16.66 44.08 15.69
C17 CLA TP . -15.96 42.87 15.08
C18 CLA TP . -15.98 41.68 16.03
C19 CLA TP . -15.28 40.49 15.40
C20 CLA TP . -17.41 41.30 16.41
MG CLA UP . -3.38 35.34 14.48
CHA CLA UP . -1.06 33.03 13.39
CHB CLA UP . -3.06 34.09 17.55
CHC CLA UP . -6.16 37.06 15.32
CHD CLA UP . -3.81 36.43 10.99
NA CLA UP . -2.28 33.80 15.32
C1A CLA UP . -1.36 33.05 14.85
C2A CLA UP . -0.64 32.18 15.85
C3A CLA UP . -1.28 32.60 17.13
C4A CLA UP . -2.31 33.52 16.62
CMA CLA UP . -2.06 31.38 17.60
CAA CLA UP . 0.88 32.27 16.10
CBA CLA UP . 1.59 31.25 17.01
CGA CLA UP . 1.42 29.81 16.67
O1A CLA UP . 0.99 29.48 15.59
O2A CLA UP . 1.82 28.72 17.52
NB CLA UP . -4.46 35.52 16.18
C1B CLA UP . -4.11 35.07 17.38
C2B CLA UP . -4.96 35.53 18.50
C3B CLA UP . -5.89 36.44 17.80
C4B CLA UP . -5.50 36.31 16.39
CMB CLA UP . -4.80 35.22 19.95
CAB CLA UP . -6.97 37.28 18.36
CBB CLA UP . -6.88 38.59 18.32
NC CLA UP . -4.70 36.45 13.36
C1C CLA UP . -5.74 37.07 13.92
C2C CLA UP . -6.54 37.89 13.01
C3C CLA UP . -5.84 37.74 11.72
C4C CLA UP . -4.71 36.84 12.07
CMC CLA UP . -7.73 38.69 13.41
CAC CLA UP . -6.16 38.31 10.36
CBC CLA UP . -5.36 39.58 10.24
ND CLA UP . -2.67 34.94 12.63
C1D CLA UP . -2.83 35.40 11.29
C2D CLA UP . -2.07 34.64 10.29
C3D CLA UP . -1.35 33.71 11.17
C4D CLA UP . -1.77 33.92 12.45
CMD CLA UP . -1.84 34.67 8.82
CAD CLA UP . -0.37 32.64 11.17
OBD CLA UP . 0.20 32.16 10.14
CBD CLA UP . -0.16 32.20 12.53
CGD CLA UP . -0.46 30.75 12.57
O1D CLA UP . 0.35 29.94 12.92
O2D CLA UP . -1.78 30.27 12.25
CED CLA UP . -2.24 29.08 12.87
C1 CLA UP . 1.97 27.47 16.86
C2 CLA UP . 0.70 26.74 17.21
C3 CLA UP . -0.21 26.32 16.33
C4 CLA UP . -0.12 26.61 14.85
C5 CLA UP . -1.41 25.60 16.86
C6 CLA UP . -2.08 26.50 17.89
C7 CLA UP . -3.53 26.12 18.17
C8 CLA UP . -4.30 26.21 16.90
C9 CLA UP . -4.49 27.67 16.52
C10 CLA UP . -5.65 25.59 17.15
C11 CLA UP . -5.60 24.07 17.29
C12 CLA UP . -6.99 23.49 17.18
C13 CLA UP . -7.89 23.80 18.36
C14 CLA UP . -8.00 22.57 19.25
C15 CLA UP . -9.28 24.22 17.88
C16 CLA UP . -9.27 25.40 16.92
C17 CLA UP . -9.11 26.72 17.64
C18 CLA UP . -10.20 27.72 17.29
C19 CLA UP . -10.05 28.98 18.13
C20 CLA UP . -11.60 27.14 17.46
MG CLA VP . -36.09 57.17 37.73
CHA CLA VP . -39.42 57.12 38.67
CHB CLA VP . -36.69 60.08 36.09
CHC CLA VP . -32.74 57.49 37.35
CHD CLA VP . -35.53 54.26 39.94
NA CLA VP . -37.72 58.41 37.46
C1A CLA VP . -38.96 58.25 37.80
C2A CLA VP . -39.93 59.28 37.27
C3A CLA VP . -39.04 60.15 36.44
C4A CLA VP . -37.72 59.50 36.69
CMA CLA VP . -39.42 59.86 35.01
CAA CLA VP . -40.46 60.29 38.30
CBA CLA VP . -39.46 60.61 39.40
CGA CLA VP . -39.84 61.90 40.07
O1A CLA VP . -40.92 62.42 39.84
O2A CLA VP . -38.90 62.55 41.00
NB CLA VP . -34.91 58.59 36.86
C1B CLA VP . -35.28 59.67 36.19
C2B CLA VP . -34.20 60.48 35.58
C3B CLA VP . -33.01 59.69 35.98
C4B CLA VP . -33.57 58.54 36.74
CMB CLA VP . -34.28 61.76 34.79
CAB CLA VP . -31.59 59.97 35.66
CBB CLA VP . -30.89 59.16 34.91
NC CLA VP . -34.51 56.12 38.51
C1C CLA VP . -33.23 56.38 38.18
C2C CLA VP . -32.22 55.46 38.78
C3C CLA VP . -33.06 54.49 39.53
C4C CLA VP . -34.43 55.00 39.28
CMC CLA VP . -30.73 55.50 38.62
CAC CLA VP . -32.66 53.30 40.37
CBC CLA VP . -32.72 52.06 39.50
ND CLA VP . -37.10 55.98 39.04
C1D CLA VP . -36.89 54.79 39.81
C2D CLA VP . -38.08 54.20 40.44
C3D CLA VP . -39.11 55.17 39.96
C4D CLA VP . -38.47 56.13 39.20
CMD CLA VP . -38.37 53.01 41.30
CAD CLA VP . -40.56 55.51 39.97
OBD CLA VP . -41.47 54.85 40.58
CBD CLA VP . -40.78 56.75 39.18
CGD CLA VP . -41.74 56.44 38.07
O1D CLA VP . -41.31 56.22 36.94
O2D CLA VP . -43.17 56.40 38.28
CED CLA VP . -44.04 56.18 37.17
MG CLA WP . -32.25 64.81 34.77
CHA CLA WP . -30.81 63.19 32.05
CHB CLA WP . -29.67 63.77 36.65
CHC CLA WP . -34.11 65.58 37.47
CHD CLA WP . -35.03 65.77 32.59
NA CLA WP . -30.57 63.66 34.43
C1A CLA WP . -30.06 63.21 33.35
C2A CLA WP . -28.68 62.61 33.46
C3A CLA WP . -28.36 62.78 34.93
C4A CLA WP . -29.62 63.45 35.36
CMA CLA WP . -28.20 61.44 35.62
CAA CLA WP . -27.67 63.45 32.68
CBA CLA WP . -26.70 62.57 31.93
CGA CLA WP . -25.35 62.65 32.62
O1A CLA WP . -25.25 62.43 33.81
O2A CLA WP . -24.16 63.00 31.86
NB CLA WP . -31.97 64.60 36.78
C1B CLA WP . -30.78 64.43 37.34
C2B CLA WP . -30.62 64.98 38.72
C3B CLA WP . -31.97 65.53 38.95
C4B CLA WP . -32.71 65.23 37.69
CMB CLA WP . -29.41 64.98 39.61
CAB CLA WP . -32.49 66.24 40.15
CBB CLA WP . -32.21 67.52 40.31
NC CLA WP . -34.17 65.59 34.95
C1C CLA WP . -34.77 65.72 36.14
C2C CLA WP . -36.24 66.02 36.07
C3C CLA WP . -36.50 66.09 34.61
C4C CLA WP . -35.14 65.81 34.05
CMC CLA WP . -37.25 66.23 37.16
CAC CLA WP . -37.83 66.34 33.94
CBC CLA WP . -37.94 67.73 33.37
ND CLA WP . -32.84 64.63 32.83
C1D CLA WP . -33.97 64.95 32.03
C2D CLA WP . -33.96 64.41 30.66
C3D CLA WP . -32.67 63.66 30.67
C4D CLA WP . -32.13 63.82 31.95
CMD CLA WP . -34.93 64.49 29.52
CAD CLA WP . -31.71 62.82 29.90
OBD CLA WP . -31.86 62.42 28.69
CBD CLA WP . -30.55 62.50 30.76
CGD CLA WP . -30.44 61.01 30.92
O1D CLA WP . -29.35 60.48 31.05
O2D CLA WP . -31.60 60.15 30.88
CED CLA WP . -31.30 58.76 30.93
C1 CLA WP . -22.99 63.39 32.56
C2 CLA WP . -22.96 64.89 32.60
C3 CLA WP . -21.83 65.58 32.63
C4 CLA WP . -20.49 64.92 32.62
C5 CLA WP . -21.92 67.09 32.66
C6 CLA WP . -22.77 67.61 31.51
C7 CLA WP . -21.90 68.00 30.34
C8 CLA WP . -21.77 69.52 30.21
C9 CLA WP . -22.31 70.00 28.87
C10 CLA WP . -20.33 69.95 30.37
C11 CLA WP . -19.85 70.04 31.82
C12 CLA WP . -18.80 68.98 32.10
C13 CLA WP . -17.68 69.54 32.97
C14 CLA WP . -16.77 70.45 32.16
C15 CLA WP . -16.93 68.36 33.58
C16 CLA WP . -16.23 67.51 32.53
C17 CLA WP . -15.83 66.15 33.09
C18 CLA WP . -14.97 65.39 32.09
C19 CLA WP . -15.80 64.70 31.01
C20 CLA WP . -14.09 64.38 32.82
MG CLA XP . -14.12 62.51 46.10
CHA CLA XP . -12.10 59.72 46.62
CHB CLA XP . -14.17 61.75 42.82
CHC CLA XP . -16.66 64.77 45.73
CHD CLA XP . -14.35 62.89 49.76
NA CLA XP . -13.33 60.99 44.93
C1A CLA XP . -12.50 60.05 45.21
C2A CLA XP . -11.96 59.25 44.06
C3A CLA XP . -12.59 59.95 42.89
C4A CLA XP . -13.41 60.97 43.60
CMA CLA XP . -11.48 60.65 42.13
CAA CLA XP . -12.53 57.82 44.00
CBA CLA XP . -13.97 57.68 44.46
CGA CLA XP . -14.29 56.20 44.55
O1A CLA XP . -14.19 55.50 43.56
O2A CLA XP . -14.69 55.62 45.82
NB CLA XP . -15.23 63.16 44.51
C1B CLA XP . -15.10 62.79 43.24
C2B CLA XP . -16.02 63.46 42.28
C3B CLA XP . -16.77 64.37 43.18
C4B CLA XP . -16.20 64.09 44.52
CMB CLA XP . -16.11 63.23 40.79
CAB CLA XP . -17.84 65.35 42.89
CBB CLA XP . -17.83 66.14 41.84
NC CLA XP . -15.20 63.62 47.46
C1C CLA XP . -16.25 64.40 47.10
C2C CLA XP . -17.05 64.93 48.24
C3C CLA XP . -16.35 64.38 49.42
C4C CLA XP . -15.24 63.60 48.82
CMC CLA XP . -18.26 65.81 48.17
CAC CLA XP . -16.67 64.54 50.89
CBC CLA XP . -16.25 65.94 51.31
ND CLA XP . -13.49 61.60 47.80
C1D CLA XP . -13.54 61.80 49.22
C2D CLA XP . -12.72 60.82 49.99
C3D CLA XP . -12.15 60.02 48.91
C4D CLA XP . -12.65 60.50 47.73
CMD CLA XP . -12.33 60.51 51.39
CAD CLA XP . -11.26 58.87 48.66
OBD CLA XP . -10.63 58.17 49.52
CBD CLA XP . -11.22 58.66 47.20
CGD CLA XP . -9.79 58.83 46.79
O1D CLA XP . -9.12 57.86 46.47
O2D CLA XP . -9.23 60.15 46.73
CED CLA XP . -8.71 60.54 45.48
C1 CLA XP . -15.45 54.40 45.86
C2 CLA XP . -16.78 54.66 46.52
C3 CLA XP . -16.98 54.43 47.84
C4 CLA XP . -15.88 53.89 48.70
C5 CLA XP . -18.33 54.70 48.46
C6 CLA XP . -19.06 55.91 47.87
C7 CLA XP . -20.26 55.47 47.04
C8 CLA XP . -21.25 56.62 46.87
C9 CLA XP . -22.21 56.66 48.05
C10 CLA XP . -22.00 56.45 45.55
C11 CLA XP . -22.05 57.78 44.80
MG CLA YP . -16.94 69.55 54.14
CHA CLA YP . -17.06 68.89 57.51
CHB CLA YP . -19.44 67.27 53.71
CHC CLA YP . -17.32 70.73 51.00
CHD CLA YP . -14.65 72.35 54.86
NA CLA YP . -18.10 68.35 55.38
C1A CLA YP . -18.00 68.11 56.63
C2A CLA YP . -18.88 67.00 57.18
C3A CLA YP . -19.60 66.51 55.93
C4A CLA YP . -18.99 67.46 54.95
CMA CLA YP . -19.19 65.09 55.62
CAA CLA YP . -20.00 67.50 58.11
CBA CLA YP . -20.51 68.89 57.78
CGA CLA YP . -21.44 69.34 58.87
O1A CLA YP . -21.86 68.52 59.68
O2A CLA YP . -21.84 70.73 58.99
NB CLA YP . -18.21 69.07 52.61
C1B CLA YP . -19.07 68.07 52.54
C2B CLA YP . -19.71 67.84 51.22
C3B CLA YP . -19.06 68.89 50.43
C4B CLA YP . -18.16 69.58 51.38
CMB CLA YP . -20.73 66.81 50.80
CAB CLA YP . -19.24 69.22 49.01
CBB CLA YP . -19.99 70.28 48.75
NC CLA YP . -16.11 71.17 53.15
C1C CLA YP . -16.48 71.52 51.91
C2C CLA YP . -15.98 72.84 51.45
C3C CLA YP . -15.18 73.32 52.59
C4C CLA YP . -15.33 72.20 53.56
CMC CLA YP . -16.22 73.52 50.13
CAC CLA YP . -14.40 74.60 52.74
CBC CLA YP . -15.28 75.61 53.44
ND CLA YP . -16.08 70.49 55.71
C1D CLA YP . -15.12 71.52 55.96
C2D CLA YP . -14.65 71.63 57.35
C3D CLA YP . -15.45 70.55 57.97
C4D CLA YP . -16.22 69.97 56.98
CMD CLA YP . -13.67 72.50 58.08
CAD CLA YP . -15.76 69.84 59.23
OBD CLA YP . -15.23 70.08 60.38
CBD CLA YP . -16.76 68.78 58.96
CGD CLA YP . -16.08 67.46 59.18
O1D CLA YP . -15.90 67.04 60.31
O2D CLA YP . -15.66 66.64 58.07
CED CLA YP . -15.78 65.24 58.22
MG CLA ZP . -15.05 83.97 47.39
CHA CLA ZP . -12.36 85.97 48.19
CHB CLA ZP . -14.84 82.55 50.45
CHC CLA ZP . -17.83 82.23 46.64
CHD CLA ZP . -15.73 86.21 44.52
NA CLA ZP . -13.86 84.25 49.07
C1A CLA ZP . -12.81 84.97 49.22
C2A CLA ZP . -12.03 84.75 50.49
C3A CLA ZP . -12.83 83.64 51.17
C4A CLA ZP . -13.91 83.47 50.16
CMA CLA ZP . -11.98 82.37 51.27
CAA CLA ZP . -12.01 85.98 51.42
CBA CLA ZP . -13.20 86.24 52.35
CGA CLA ZP . -14.35 87.01 51.72
O1A CLA ZP . -14.91 86.63 50.72
O2A CLA ZP . -14.81 88.24 52.35
NB CLA ZP . -16.12 82.54 48.38
C1B CLA ZP . -16.01 82.20 49.66
C2B CLA ZP . -17.17 81.44 50.23
C3B CLA ZP . -18.07 81.36 49.05
C4B CLA ZP . -17.30 82.06 47.98
CMB CLA ZP . -17.37 80.90 51.62
CAB CLA ZP . -19.42 80.74 48.87
CBB CLA ZP . -19.71 79.51 49.25
NC CLA ZP . -16.43 84.17 45.87
C1C CLA ZP . -17.53 83.39 45.81
C2C CLA ZP . -18.53 83.80 44.80
C3C CLA ZP . -17.92 84.98 44.17
C4C CLA ZP . -16.63 85.11 44.91
CMC CLA ZP . -19.85 83.13 44.53
CAC CLA ZP . -18.47 85.85 43.06
CBC CLA ZP . -18.34 85.06 41.77
ND CLA ZP . -14.39 85.72 46.56
C1D CLA ZP . -14.52 86.44 45.33
C2D CLA ZP . -13.40 87.35 44.98
C3D CLA ZP . -12.53 87.12 46.15
C4D CLA ZP . -13.16 86.20 46.97
CMD CLA ZP . -13.02 88.29 43.87
CAD CLA ZP . -11.25 87.51 46.79
OBD CLA ZP . -10.41 88.34 46.30
CBD CLA ZP . -11.11 86.76 48.05
CGD CLA ZP . -9.94 85.85 47.88
O1D CLA ZP . -10.09 84.65 47.74
O2D CLA ZP . -8.59 86.39 47.89
CED CLA ZP . -7.47 85.54 48.09
C1 CLA ZP . -16.08 88.24 53.03
C2 CLA ZP . -17.25 88.44 52.09
C3 CLA ZP . -18.39 89.02 52.48
C4 CLA ZP . -18.58 89.50 53.90
C5 CLA ZP . -19.51 89.18 51.46
C6 CLA ZP . -20.83 89.68 52.03
C7 CLA ZP . -21.98 88.73 51.71
C8 CLA ZP . -22.07 87.61 52.75
C9 CLA ZP . -22.98 86.49 52.28
C10 CLA ZP . -22.55 88.19 54.07
MG CLA AQ . -12.49 81.13 37.05
CHA CLA AQ . -10.54 79.74 34.56
CHB CLA AQ . -9.80 81.10 39.04
CHC CLA AQ . -14.28 83.01 39.17
CHD CLA AQ . -15.26 81.30 34.62
NA CLA AQ . -10.52 80.55 36.85
C1A CLA AQ . -9.87 80.04 35.86
C2A CLA AQ . -8.41 79.78 36.08
C3A CLA AQ . -8.22 80.18 37.52
C4A CLA AQ . -9.61 80.64 37.82
CMA CLA AQ . -7.89 78.95 38.36
CAA CLA AQ . -7.59 80.80 35.31
CBA CLA AQ . -6.09 80.67 35.60
CGA CLA AQ . -5.48 82.03 35.75
O1A CLA AQ . -4.29 82.17 35.94
O2A CLA AQ . -6.32 83.22 35.66
NB CLA AQ . -12.06 82.04 38.82
C1B CLA AQ . -11.06 81.62 39.60
C2B CLA AQ . -11.30 81.68 41.05
C3B CLA AQ . -12.67 82.26 41.09
C4B CLA AQ . -13.00 82.46 39.65
CMB CLA AQ . -10.37 81.25 42.16
CAB CLA AQ . -13.51 82.60 42.26
CBB CLA AQ . -14.00 83.82 42.46
NC CLA AQ . -14.41 81.90 36.94
C1C CLA AQ . -14.86 82.78 37.84
C2C CLA AQ . -16.04 83.59 37.42
C3C CLA AQ . -16.32 83.06 36.08
C4C CLA AQ . -15.27 82.03 35.91
CMC CLA AQ . -16.78 84.66 38.17
CAC CLA AQ . -17.39 83.46 35.09
CBC CLA AQ . -18.64 82.70 35.44
ND CLA AQ . -12.90 80.71 35.10
C1D CLA AQ . -14.00 80.69 34.20
C2D CLA AQ . -13.78 80.03 32.89
C3D CLA AQ . -12.35 79.63 33.06
C4D CLA AQ . -11.96 80.05 34.34
CMD CLA AQ . -14.61 79.77 31.66
CAD CLA AQ . -11.18 79.00 32.43
OBD CLA AQ . -11.19 78.47 31.26
CBD CLA AQ . -10.04 78.99 33.36
CGD CLA AQ . -9.91 77.54 33.77
O1D CLA AQ . -10.62 77.06 34.63
O2D CLA AQ . -8.94 76.69 33.10
CED CLA AQ . -9.09 75.27 33.15
C1 CLA AQ . -6.29 84.21 36.69
C2 CLA AQ . -7.66 84.84 36.81
C3 CLA AQ . -7.95 86.00 36.18
C4 CLA AQ . -6.94 86.69 35.32
C5 CLA AQ . -9.32 86.61 36.31
C6 CLA AQ . -10.43 85.80 35.65
C7 CLA AQ . -11.28 85.06 36.69
C8 CLA AQ . -12.76 85.43 36.61
C9 CLA AQ . -13.35 84.90 35.32
C10 CLA AQ . -12.96 86.94 36.69
C11 CLA AQ . -12.84 87.45 38.13
C12 CLA AQ . -14.08 87.10 38.95
C13 CLA AQ . -15.23 88.07 38.66
C14 CLA AQ . -16.10 88.30 39.89
MG CLA BQ . -14.61 71.64 36.62
CHA CLA BQ . -11.80 69.69 37.05
CHB CLA BQ . -12.63 74.05 35.33
CHC CLA BQ . -17.41 73.23 35.61
CHD CLA BQ . -16.66 68.70 37.57
NA CLA BQ . -12.58 71.85 36.21
C1A CLA BQ . -11.60 71.10 36.55
C2A CLA BQ . -10.22 71.69 36.29
C3A CLA BQ . -10.54 73.10 35.83
C4A CLA BQ . -12.03 72.99 35.82
CMA CLA BQ . -10.13 74.13 36.86
CAA CLA BQ . -9.54 70.98 35.09
CBA CLA BQ . -9.59 71.53 33.66
CGA CLA BQ . -10.91 71.40 32.92
O1A CLA BQ . -11.88 70.88 33.46
O2A CLA BQ . -11.04 71.93 31.60
NB CLA BQ . -14.97 73.39 35.62
C1B CLA BQ . -14.07 74.25 35.20
C2B CLA BQ . -14.59 75.46 34.56
C3B CLA BQ . -16.05 75.24 34.63
C4B CLA BQ . -16.15 73.92 35.32
CMB CLA BQ . -13.84 76.61 33.95
CAB CLA BQ . -17.07 76.18 34.10
CBB CLA BQ . -18.33 76.26 34.48
NC CLA BQ . -16.58 71.05 36.58
C1C CLA BQ . -17.57 71.88 36.17
C2C CLA BQ . -18.94 71.35 36.35
C3C CLA BQ . -18.70 70.01 36.92
C4C CLA BQ . -17.22 69.95 37.01
CMC CLA BQ . -20.24 72.01 36.00
CAC CLA BQ . -19.67 68.94 37.33
CBC CLA BQ . -19.90 68.09 36.11
ND CLA BQ . -14.41 69.69 37.15
C1D CLA BQ . -15.20 68.57 37.55
C2D CLA BQ . -14.47 67.35 37.91
C3D CLA BQ . -13.08 67.82 37.70
C4D CLA BQ . -13.14 69.13 37.26
CMD CLA BQ . -14.82 65.96 38.38
CAD CLA BQ . -11.67 67.42 37.75
OBD CLA BQ . -11.23 66.27 38.10
CBD CLA BQ . -10.84 68.58 37.36
CGD CLA BQ . -9.96 68.95 38.49
O1D CLA BQ . -10.16 69.97 39.13
O2D CLA BQ . -8.84 68.10 38.84
CED CLA BQ . -7.96 68.45 39.90
C1 CLA BQ . -11.77 73.15 31.48
C2 CLA BQ . -13.22 72.90 31.12
C3 CLA BQ . -13.88 73.76 30.34
C4 CLA BQ . -13.21 75.00 29.80
C5 CLA BQ . -15.32 73.50 29.99
C6 CLA BQ . -16.32 74.46 30.62
C7 CLA BQ . -17.66 73.75 30.71
C8 CLA BQ . -18.76 74.64 31.29
C9 CLA BQ . -19.66 73.80 32.19
C10 CLA BQ . -19.50 75.36 30.15
C11 CLA BQ . -20.95 75.73 30.46
C12 CLA BQ . -21.20 77.23 30.37
C13 CLA BQ . -22.68 77.54 30.50
C14 CLA BQ . -22.96 79.03 30.31
C15 CLA BQ . -23.20 77.07 31.85
MG CLA CQ . -16.95 77.32 16.23
CHA CLA CQ . -14.32 78.34 18.22
CHB CLA CQ . -18.36 80.35 16.72
CHC CLA CQ . -19.20 76.54 13.85
CHD CLA CQ . -15.04 74.28 15.41
NA CLA CQ . -16.42 79.06 17.23
C1A CLA CQ . -15.47 79.29 18.03
C2A CLA CQ . -15.51 80.61 18.75
C3A CLA CQ . -16.82 81.18 18.28
C4A CLA CQ . -17.22 80.11 17.34
CMA CLA CQ . -17.80 81.16 19.46
CAA CLA CQ . -14.51 81.55 18.09
CBA CLA CQ . -14.68 83.02 18.44
CGA CLA CQ . -13.33 83.66 18.26
O1A CLA CQ . -12.46 83.47 19.08
O2A CLA CQ . -13.07 84.52 17.12
NB CLA CQ . -18.56 78.30 15.42
C1B CLA CQ . -19.00 79.51 15.72
C2B CLA CQ . -20.14 80.00 14.92
C3B CLA CQ . -20.40 78.84 14.04
C4B CLA CQ . -19.35 77.85 14.46
CMB CLA CQ . -20.82 81.33 15.05
CAB CLA CQ . -21.41 78.61 12.98
CBB CLA CQ . -22.63 79.11 13.04
NC CLA CQ . -17.10 75.72 14.95
C1C CLA CQ . -18.03 75.65 14.00
C2C CLA CQ . -17.84 74.58 13.01
C3C CLA CQ . -16.62 73.91 13.48
C4C CLA CQ . -16.26 74.69 14.69
CMC CLA CQ . -18.70 74.24 11.83
CAC CLA CQ . -15.91 72.73 12.88
CBC CLA CQ . -14.99 73.33 11.83
ND CLA CQ . -15.16 76.46 16.61
C1D CLA CQ . -14.44 75.25 16.35
C2D CLA CQ . -13.16 75.08 17.07
C3D CLA CQ . -13.13 76.36 17.83
C4D CLA CQ . -14.28 77.06 17.49
CMD CLA CQ . -12.05 74.06 17.17
CAD CLA CQ . -12.34 77.18 18.78
OBD CLA CQ . -11.23 76.85 19.30
CBD CLA CQ . -13.08 78.41 19.05
CGD CLA CQ . -13.41 78.37 20.50
O1D CLA CQ . -12.52 78.47 21.33
O2D CLA CQ . -14.78 78.18 20.94
CED CLA CQ . -15.09 78.59 22.27
C1 CLA CQ . -11.88 85.31 17.14
MG CLA DQ . -10.46 81.79 27.01
CHA CLA DQ . -12.93 81.92 24.59
CHB CLA DQ . -12.76 82.74 29.28
CHC CLA DQ . -7.92 82.07 29.24
CHD CLA DQ . -7.98 81.24 24.32
NA CLA DQ . -12.48 82.27 26.96
C1A CLA DQ . -13.34 82.23 26.01
C2A CLA DQ . -14.79 82.50 26.38
C3A CLA DQ . -14.67 82.76 27.86
C4A CLA DQ . -13.20 82.55 28.04
CMA CLA DQ . -15.03 84.19 28.23
CAA CLA DQ . -15.66 81.27 26.27
CBA CLA DQ . -17.03 81.69 25.74
CGA CLA DQ . -17.84 80.52 25.23
O1A CLA DQ . -17.47 79.85 24.29
O2A CLA DQ . -19.10 80.21 25.90
NB CLA DQ . -10.36 82.36 28.96
C1B CLA DQ . -11.39 82.61 29.77
C2B CLA DQ . -11.05 82.74 31.21
C3B CLA DQ . -9.58 82.55 31.17
C4B CLA DQ . -9.28 82.34 29.73
CMB CLA DQ . -11.98 83.02 32.37
CAB CLA DQ . -8.63 82.56 32.30
CBB CLA DQ . -7.63 83.42 32.40
NC CLA DQ . -8.40 81.71 26.79
C1C CLA DQ . -7.55 81.78 27.83
C2C CLA DQ . -6.12 81.55 27.50
C3C CLA DQ . -6.15 81.31 26.05
C4C CLA DQ . -7.60 81.42 25.73
CMC CLA DQ . -4.93 81.56 28.42
CAC CLA DQ . -5.02 80.99 25.10
CBC CLA DQ . -4.46 82.30 24.60
ND CLA DQ . -10.34 81.65 24.99
C1D CLA DQ . -9.38 81.39 23.96
C2D CLA DQ . -9.92 81.22 22.60
C3D CLA DQ . -11.36 81.47 22.87
C4D CLA DQ . -11.50 81.68 24.24
CMD CLA DQ . -9.35 80.95 21.23
CAD CLA DQ . -12.71 81.54 22.26
OBD CLA DQ . -12.98 81.39 21.02
CBD CLA DQ . -13.69 81.85 23.31
CGD CLA DQ . -14.33 83.16 22.96
O1D CLA DQ . -15.47 83.43 23.31
O2D CLA DQ . -13.58 84.11 22.17
CED CLA DQ . -14.22 85.19 21.49
C1 CLA DQ . -19.87 79.03 25.65
C2 CLA DQ . -20.73 79.13 24.41
C3 CLA DQ . -21.63 78.16 24.13
C4 CLA DQ . -21.84 76.99 25.04
C5 CLA DQ . -22.47 78.23 22.88
C6 CLA DQ . -23.76 79.04 22.97
C7 CLA DQ . -24.20 79.35 21.55
C8 CLA DQ . -25.64 79.83 21.43
C9 CLA DQ . -26.59 78.95 22.22
C10 CLA DQ . -25.99 79.88 19.95
C11 CLA DQ . -26.15 81.33 19.49
C12 CLA DQ . -26.12 81.47 17.97
C13 CLA DQ . -25.29 82.69 17.58
C14 CLA DQ . -25.99 83.97 18.01
C15 CLA DQ . -25.00 82.71 16.07
C16 CLA DQ . -24.07 83.85 15.70
C17 CLA DQ . -24.39 84.36 14.30
C18 CLA DQ . -23.33 85.32 13.73
C19 CLA DQ . -23.62 85.64 12.27
C20 CLA DQ . -21.92 84.78 13.91
MG CLA EQ . -8.93 60.18 20.45
CHA CLA EQ . -8.85 57.99 23.13
CHB CLA EQ . -5.67 60.74 20.93
CHC CLA EQ . -8.96 61.91 17.54
CHD CLA EQ . -12.34 59.02 19.76
NA CLA EQ . -7.50 59.47 21.76
C1A CLA EQ . -7.60 58.77 22.83
C2A CLA EQ . -6.37 58.66 23.67
C3A CLA EQ . -5.42 59.60 22.96
C4A CLA EQ . -6.26 59.96 21.80
CMA CLA EQ . -5.20 60.85 23.80
CAA CLA EQ . -5.74 57.29 23.39
CBA CLA EQ . -4.28 57.09 23.77
CGA CLA EQ . -3.52 56.75 22.52
O1A CLA EQ . -2.35 57.10 22.41
O2A CLA EQ . -4.14 56.04 21.41
NB CLA EQ . -7.52 61.20 19.41
C1B CLA EQ . -6.23 61.29 19.70
C2B CLA EQ . -5.38 61.97 18.69
C3B CLA EQ . -6.39 62.32 17.67
C4B CLA EQ . -7.67 61.79 18.23
CMB CLA EQ . -3.90 62.22 18.68
CAB CLA EQ . -6.21 63.03 16.40
CBB CLA EQ . -5.46 62.51 15.43
NC CLA EQ . -10.32 60.33 18.94
C1C CLA EQ . -10.19 61.21 17.93
C2C CLA EQ . -11.44 61.47 17.17
C3C CLA EQ . -12.43 60.62 17.84
C4C CLA EQ . -11.62 59.96 18.90
CMC CLA EQ . -11.75 62.36 16.01
CAC CLA EQ . -13.87 60.50 17.46
CBC CLA EQ . -14.03 59.26 16.63
ND CLA EQ . -10.31 58.87 21.16
C1D CLA EQ . -11.64 58.44 20.89
C2D CLA EQ . -12.20 57.45 21.82
C3D CLA EQ . -11.04 57.27 22.71
C4D CLA EQ . -10.03 58.09 22.27
CMD CLA EQ . -13.51 56.70 21.95
CAD CLA EQ . -10.55 56.54 23.90
OBD CLA EQ . -11.22 55.69 24.58
CBD CLA EQ . -9.18 56.98 24.18
CGD CLA EQ . -9.18 57.57 25.55
O1D CLA EQ . -10.10 58.28 25.91
O2D CLA EQ . -8.10 57.28 26.47
CED CLA EQ . -8.39 57.18 27.86
C1 CLA EQ . -3.73 56.35 20.08
C2 CLA EQ . -4.80 57.13 19.35
C3 CLA EQ . -5.24 56.80 18.13
C4 CLA EQ . -4.69 55.61 17.41
C5 CLA EQ . -6.31 57.61 17.48
C6 CLA EQ . -7.58 57.62 18.31
C7 CLA EQ . -8.52 56.49 17.92
C8 CLA EQ . -8.97 55.73 19.16
C9 CLA EQ . -7.79 55.13 19.91
C10 CLA EQ . -9.93 54.64 18.76
C11 CLA EQ . -11.32 55.23 18.62
C12 CLA EQ . -12.35 54.13 18.74
C13 CLA EQ . -12.75 53.64 17.36
C14 CLA EQ . -13.65 54.65 16.68
C15 CLA EQ . -13.41 52.26 17.44
C16 CLA EQ . -14.34 52.05 18.63
C17 CLA EQ . -15.21 50.82 18.41
C18 CLA EQ . -15.70 50.23 19.72
C19 CLA EQ . -14.72 49.17 20.25
C20 CLA EQ . -17.10 49.65 19.56
MG CLA FQ . -12.60 64.32 27.19
CHA CLA FQ . -10.39 64.39 29.84
CHB CLA FQ . -11.61 61.17 26.55
CHC CLA FQ . -14.97 64.21 24.82
CHD CLA FQ . -14.07 67.47 28.47
NA CLA FQ . -11.29 62.99 28.07
C1A CLA FQ . -10.44 63.15 29.00
C2A CLA FQ . -9.48 62.00 29.24
C3A CLA FQ . -9.87 61.05 28.13
C4A CLA FQ . -11.01 61.80 27.55
CMA CLA FQ . -8.82 61.08 27.05
CAA CLA FQ . -9.73 61.27 30.59
CBA CLA FQ . -10.79 60.16 30.67
CGA CLA FQ . -12.18 60.63 31.05
O1A CLA FQ . -12.69 61.59 30.48
O2A CLA FQ . -12.95 59.96 32.09
NB CLA FQ . -13.16 62.92 25.84
C1B CLA FQ . -12.74 61.66 25.78
C2B CLA FQ . -13.53 60.75 24.91
C3B CLA FQ . -14.55 61.67 24.40
C4B CLA FQ . -14.21 62.98 25.03
CMB CLA FQ . -13.32 59.30 24.64
CAB CLA FQ . -15.63 61.34 23.44
CBB CLA FQ . -15.85 62.07 22.36
NC CLA FQ . -14.16 65.59 26.75
C1C CLA FQ . -15.03 65.34 25.76
C2C CLA FQ . -16.15 66.29 25.64
C3C CLA FQ . -15.87 67.24 26.73
C4C CLA FQ . -14.62 66.71 27.33
CMC CLA FQ . -17.28 66.28 24.66
CAC CLA FQ . -16.68 68.46 27.12
CBC CLA FQ . -17.65 67.92 28.14
ND CLA FQ . -12.44 65.60 28.76
C1D CLA FQ . -12.91 66.89 29.14
C2D CLA FQ . -12.14 67.54 30.22
C3D CLA FQ . -11.12 66.51 30.48
C4D CLA FQ . -11.37 65.46 29.63
CMD CLA FQ . -12.23 68.83 30.96
CAD CLA FQ . -9.96 66.16 31.32
OBD CLA FQ . -9.45 66.91 32.23
CBD CLA FQ . -9.47 64.83 30.92
CGD CLA FQ . -8.06 65.01 30.47
O1D CLA FQ . -7.81 65.21 29.29
O2D CLA FQ . -6.99 64.93 31.45
CED CLA FQ . -5.68 65.39 31.15
C1 CLA FQ . -14.36 59.79 31.99
C2 CLA FQ . -15.19 60.96 32.50
C3 CLA FQ . -16.39 60.78 33.08
C4 CLA FQ . -16.96 59.40 33.24
C5 CLA FQ . -17.20 61.96 33.58
C6 CLA FQ . -16.73 62.51 34.92
C7 CLA FQ . -17.79 62.43 36.01
C8 CLA FQ . -18.57 63.73 36.24
C9 CLA FQ . -17.70 64.99 36.16
C10 CLA FQ . -19.28 63.68 37.59
C11 CLA FQ . -20.58 62.89 37.51
C12 CLA FQ . -21.74 63.66 38.15
C13 CLA FQ . -22.24 63.01 39.44
C14 CLA FQ . -22.55 61.52 39.24
C15 CLA FQ . -23.48 63.75 39.96
C16 CLA FQ . -23.80 63.35 41.39
C17 CLA FQ . -24.46 64.49 42.15
C18 CLA FQ . -24.17 64.38 43.64
C19 CLA FQ . -25.17 65.18 44.48
C20 CLA FQ . -22.75 64.83 43.95
MG CLA GQ . -26.47 61.90 14.11
CHA CLA GQ . -28.22 60.35 11.53
CHB CLA GQ . -28.25 60.06 16.26
CHC CLA GQ . -24.47 63.13 16.50
CHD CLA GQ . -24.32 63.44 11.58
NA CLA GQ . -27.94 60.44 13.94
C1A CLA GQ . -28.51 59.91 12.91
C2A CLA GQ . -29.58 58.86 13.18
C3A CLA GQ . -29.58 58.84 14.68
C4A CLA GQ . -28.52 59.83 14.98
CMA CLA GQ . -30.93 59.44 15.07
CAA CLA GQ . -29.23 57.45 12.70
CBA CLA GQ . -27.74 57.14 12.68
CGA CLA GQ . -27.44 55.80 12.02
O1A CLA GQ . -27.76 54.76 12.55
O2A CLA GQ . -26.73 55.76 10.74
NB CLA GQ . -26.32 61.57 16.09
C1B CLA GQ . -27.26 60.98 16.82
C2B CLA GQ . -27.24 61.35 18.23
C3B CLA GQ . -26.10 62.29 18.33
C4B CLA GQ . -25.61 62.32 16.93
CMB CLA GQ . -28.16 60.90 19.30
CAB CLA GQ . -25.58 62.99 19.53
CBB CLA GQ . -24.33 62.93 19.92
NC CLA GQ . -24.82 63.14 14.03
C1C CLA GQ . -24.04 63.30 15.11
C2C CLA GQ . -22.62 63.66 14.85
C3C CLA GQ . -22.57 63.74 13.38
C4C CLA GQ . -23.98 63.42 13.00
CMC CLA GQ . -21.52 63.87 15.85
CAC CLA GQ . -21.39 64.08 12.50
CBC CLA GQ . -20.49 62.87 12.41
ND CLA GQ . -26.19 61.88 12.11
C1D CLA GQ . -25.47 62.64 11.16
C2D CLA GQ . -25.94 62.54 9.78
C3D CLA GQ . -27.09 61.61 9.96
C4D CLA GQ . -27.15 61.31 11.29
CMD CLA GQ . -25.58 63.09 8.46
CAD CLA GQ . -28.17 60.89 9.25
OBD CLA GQ . -28.39 60.97 7.99
CBD CLA GQ . -28.92 60.09 10.24
CGD CLA GQ . -30.36 60.47 10.14
O1D CLA GQ . -30.95 60.35 9.08
O2D CLA GQ . -31.12 60.99 11.25
CED CLA GQ . -32.54 60.91 11.17
C1 CLA GQ . -25.81 54.70 10.51
C2 CLA GQ . -24.65 54.84 11.45
C3 CLA GQ . -23.37 54.72 11.06
C4 CLA GQ . -23.03 54.44 9.64
C5 CLA GQ . -22.30 54.88 12.10
C6 CLA GQ . -21.13 53.92 11.94
C7 CLA GQ . -19.86 54.65 11.50
C8 CLA GQ . -18.68 54.21 12.34
C9 CLA GQ . -18.91 54.63 13.78
C10 CLA GQ . -17.41 54.83 11.78
C11 CLA GQ . -16.18 54.32 12.51
C12 CLA GQ . -15.20 53.73 11.52
C13 CLA GQ . -14.76 52.31 11.85
C14 CLA GQ . -15.92 51.43 12.28
C15 CLA GQ . -13.68 52.35 12.92
C16 CLA GQ . -12.95 51.02 13.01
C17 CLA GQ . -11.74 51.12 13.92
C18 CLA GQ . -10.62 51.93 13.28
C19 CLA GQ . -9.49 51.01 12.82
C20 CLA GQ . -10.12 53.02 14.20
MG CLA HQ . -23.46 93.26 2.06
CHA CLA HQ . -26.90 93.37 1.75
CHB CLA HQ . -23.22 93.76 -1.25
CHC CLA HQ . -20.11 93.56 2.49
CHD CLA HQ . -23.89 93.11 5.73
NA CLA HQ . -24.81 93.57 0.52
C1A CLA HQ . -26.09 93.60 0.50
C2A CLA HQ . -26.75 93.79 -0.86
C3A CLA HQ . -25.53 93.84 -1.76
C4A CLA HQ . -24.45 93.71 -0.75
CMA CLA HQ . -25.46 92.62 -2.68
CAA CLA HQ . -27.21 95.22 -1.12
CBA CLA HQ . -28.48 95.76 -0.49
CGA CLA HQ . -28.13 96.51 0.78
O1A CLA HQ . -29.00 96.76 1.62
O2A CLA HQ . -26.77 96.94 1.04
NB CLA HQ . -21.91 93.65 0.80
C1B CLA HQ . -21.95 93.68 -0.53
C2B CLA HQ . -20.63 93.67 -1.22
C3B CLA HQ . -19.72 93.62 -0.06
C4B CLA HQ . -20.62 93.61 1.12
CMB CLA HQ . -20.29 93.68 -2.68
CAB CLA HQ . -18.25 93.57 -0.04
CBB CLA HQ . -17.63 92.54 -0.58
NC CLA HQ . -22.28 93.28 3.75
C1C CLA HQ . -20.96 93.50 3.71
C2C CLA HQ . -20.31 93.71 5.01
C3C CLA HQ . -21.43 93.57 5.97
C4C CLA HQ . -22.58 93.30 5.07
CMC CLA HQ . -18.86 94.00 5.32
CAC CLA HQ . -21.43 93.69 7.47
CBC CLA HQ . -21.17 92.30 8.03
ND CLA HQ . -24.92 93.32 3.48
C1D CLA HQ . -25.08 93.10 4.89
C2D CLA HQ . -26.48 92.89 5.36
C3D CLA HQ . -27.19 93.00 4.06
C4D CLA HQ . -26.25 93.23 3.07
CMD CLA HQ . -27.18 92.63 6.67
CAD CLA HQ . -28.53 92.96 3.44
OBD CLA HQ . -29.63 92.76 4.05
CBD CLA HQ . -28.36 93.18 1.99
CGD CLA HQ . -29.10 92.17 1.19
O1D CLA HQ . -28.54 91.31 0.53
O2D CLA HQ . -30.55 92.25 1.22
CED CLA HQ . -31.39 91.14 0.92
C1 CLA HQ . -26.34 98.28 0.81
C2 CLA HQ . -25.41 98.28 -0.39
C3 CLA HQ . -24.45 99.20 -0.58
C4 CLA HQ . -24.26 100.34 0.38
MG CLA IQ . -7.30 91.90 -3.06
CHA CLA IQ . -10.58 91.17 -3.90
CHB CLA IQ . -6.35 90.34 -5.91
CHC CLA IQ . -4.22 93.09 -2.53
CHD CLA IQ . -8.62 94.01 -0.35
NA CLA IQ . -8.28 90.97 -4.65
C1A CLA IQ . -9.51 90.63 -4.80
C2A CLA IQ . -9.82 89.72 -5.97
C3A CLA IQ . -8.44 89.49 -6.55
C4A CLA IQ . -7.64 90.33 -5.62
CMA CLA IQ . -8.05 88.04 -6.32
CAA CLA IQ . -10.58 90.38 -7.12
CBA CLA IQ . -10.20 91.84 -7.34
CGA CLA IQ . -10.58 92.25 -8.74
O1A CLA IQ . -10.17 93.30 -9.21
O2A CLA IQ . -11.45 91.40 -9.54
NB CLA IQ . -5.52 91.70 -4.05
C1B CLA IQ . -5.32 91.09 -5.21
C2B CLA IQ . -4.00 91.25 -5.82
C3B CLA IQ . -3.32 92.09 -4.81
C4B CLA IQ . -4.37 92.30 -3.76
CMB CLA IQ . -3.48 90.70 -7.11
CAB CLA IQ . -1.90 92.54 -4.93
CBB CLA IQ . -1.29 93.45 -4.20
NC CLA IQ . -6.57 93.17 -1.63
C1C CLA IQ . -5.34 93.68 -1.76
C2C CLA IQ . -5.12 94.99 -1.09
C3C CLA IQ . -6.42 95.27 -0.46
C4C CLA IQ . -7.22 94.08 -0.84
CMC CLA IQ . -3.88 95.82 -1.08
CAC CLA IQ . -6.80 96.47 0.40
CBC CLA IQ . -7.76 97.38 -0.32
ND CLA IQ . -9.08 92.51 -2.26
C1D CLA IQ . -9.57 93.30 -1.18
C2D CLA IQ . -11.05 93.32 -1.00
C3D CLA IQ . -11.43 92.43 -2.11
C4D CLA IQ . -10.28 92.05 -2.78
CMD CLA IQ . -12.02 93.94 -0.05
CAD CLA IQ . -12.57 91.82 -2.81
OBD CLA IQ . -13.81 91.94 -2.48
CBD CLA IQ . -12.05 90.98 -3.92
CGD CLA IQ . -12.14 89.57 -3.43
O1D CLA IQ . -11.45 89.22 -2.50
O2D CLA IQ . -12.99 88.60 -4.04
CED CLA IQ . -13.45 87.54 -3.21
C1 CLA IQ . -12.54 92.02 -10.21
C2 CLA IQ . -13.49 92.52 -9.15
C3 CLA IQ . -14.71 92.01 -8.97
C4 CLA IQ . -15.23 90.89 -9.83
C5 CLA IQ . -15.61 92.57 -7.89
C6 CLA IQ . -15.32 94.04 -7.64
C7 CLA IQ . -15.31 94.31 -6.15
C8 CLA IQ . -14.03 95.03 -5.76
C9 CLA IQ . -12.86 94.07 -5.80
C10 CLA IQ . -14.23 95.60 -4.36
C11 CLA IQ . -15.22 96.75 -4.41
C12 CLA IQ . -16.21 96.72 -3.26
C13 CLA IQ . -16.07 97.93 -2.34
C14 CLA IQ . -15.87 99.24 -3.09
C15 CLA IQ . -14.93 97.71 -1.35
C16 CLA IQ . -15.10 96.42 -0.54
C17 CLA IQ . -16.24 96.57 0.46
C18 CLA IQ . -15.79 96.14 1.85
C19 CLA IQ . -14.69 97.04 2.36
C20 CLA IQ . -15.35 94.68 1.86
MG CLA JQ . 3.23 89.05 -5.05
CHA CLA JQ . 5.68 91.30 -6.02
CHB CLA JQ . 1.61 91.61 -3.57
CHC CLA JQ . 0.53 87.07 -4.88
CHD CLA JQ . 5.02 86.47 -6.92
NA CLA JQ . 3.54 91.08 -4.87
C1A CLA JQ . 4.51 91.83 -5.24
C2A CLA JQ . 4.42 93.27 -4.86
C3A CLA JQ . 3.18 93.31 -4.03
C4A CLA JQ . 2.74 91.89 -4.18
CMA CLA JQ . 3.66 93.41 -2.60
CAA CLA JQ . 3.97 94.01 -6.12
CBA CLA JQ . 4.84 95.21 -6.47
CGA CLA JQ . 4.17 95.89 -7.65
O1A CLA JQ . 4.53 95.67 -8.79
O2A CLA JQ . 3.09 96.82 -7.41
NB CLA JQ . 1.32 89.34 -4.37
C1B CLA JQ . 0.91 90.33 -3.58
C2B CLA JQ . -0.34 90.07 -2.83
C3B CLA JQ . -0.64 88.70 -3.25
C4B CLA JQ . 0.44 88.37 -4.20
CMB CLA JQ . -1.14 90.88 -1.85
CAB CLA JQ . -1.79 87.89 -2.83
CBB CLA JQ . -2.70 87.55 -3.72
NC CLA JQ . 2.90 87.12 -5.68
C1C CLA JQ . 1.68 86.59 -5.67
C2C CLA JQ . 1.50 85.41 -6.54
C3C CLA JQ . 2.83 85.24 -7.14
C4C CLA JQ . 3.60 86.34 -6.51
CMC CLA JQ . 0.25 84.60 -6.79
CAC CLA JQ . 3.30 84.21 -8.12
CBC CLA JQ . 3.03 84.79 -9.49
ND CLA JQ . 4.87 88.83 -6.21
C1D CLA JQ . 5.61 87.79 -6.87
C2D CLA JQ . 6.92 88.19 -7.45
C3D CLA JQ . 6.92 89.62 -7.09
C4D CLA JQ . 5.74 89.89 -6.41
CMD CLA JQ . 8.04 87.54 -8.21
CAD CLA JQ . 7.70 90.88 -7.16
OBD CLA JQ . 8.83 90.99 -7.74
CBD CLA JQ . 6.94 91.96 -6.48
CGD CLA JQ . 7.70 92.37 -5.25
O1D CLA JQ . 8.42 93.36 -5.25
O2D CLA JQ . 7.53 91.59 -4.05
CED CLA JQ . 7.43 92.30 -2.82
C1 CLA JQ . 2.98 98.00 -8.20
C2 CLA JQ . 1.59 98.15 -8.75
C3 CLA JQ . 1.34 98.76 -9.92
C4 CLA JQ . 2.46 99.33 -10.73
C5 CLA JQ . -0.09 98.88 -10.41
C6 CLA JQ . -0.77 97.54 -10.62
C7 CLA JQ . -1.44 97.50 -11.99
C8 CLA JQ . -2.25 96.24 -12.27
C9 CLA JQ . -2.06 95.75 -13.70
C10 CLA JQ . -3.73 96.49 -11.99
C11 CLA JQ . -4.55 95.25 -12.32
C12 CLA JQ . -5.95 95.60 -12.80
C13 CLA JQ . -6.42 94.67 -13.89
MG CLA KQ . -9.78 89.97 27.67
CHA CLA KQ . -9.64 89.94 31.11
CHB CLA KQ . -9.81 86.58 27.70
CHC CLA KQ . -9.94 90.09 24.33
CHD CLA KQ . -10.58 93.58 27.83
NA CLA KQ . -9.78 88.50 29.14
C1A CLA KQ . -9.62 88.60 30.41
C2A CLA KQ . -9.43 87.29 31.15
C3A CLA KQ . -9.45 86.28 30.02
C4A CLA KQ . -9.70 87.20 28.87
CMA CLA KQ . -8.06 85.71 29.78
CAA CLA KQ . -10.61 86.95 32.09
CBA CLA KQ . -11.94 86.60 31.41
CGA CLA KQ . -13.14 87.24 32.04
O1A CLA KQ . -13.23 88.45 32.15
O2A CLA KQ . -14.24 86.42 32.52
NB CLA KQ . -9.80 88.54 26.22
C1B CLA KQ . -10.01 87.23 26.41
C2B CLA KQ . -10.48 86.46 25.23
C3B CLA KQ . -10.53 87.53 24.20
C4B CLA KQ . -10.07 88.76 24.93
CMB CLA KQ . -10.80 85.00 25.12
CAB CLA KQ . -10.92 87.38 22.79
CBB CLA KQ . -10.16 87.80 21.80
NC CLA KQ . -10.27 91.51 26.38
C1C CLA KQ . -10.09 91.37 25.06
C2C CLA KQ . -10.06 92.63 24.28
C3C CLA KQ . -10.25 93.66 25.32
C4C CLA KQ . -10.38 92.85 26.56
CMC CLA KQ . -9.88 92.82 22.80
CAC CLA KQ . -10.31 95.15 25.14
CBC CLA KQ . -11.70 95.47 24.66
ND CLA KQ . -10.15 91.44 29.04
C1D CLA KQ . -10.28 92.87 29.08
C2D CLA KQ . -10.09 93.51 30.41
C3D CLA KQ . -9.82 92.29 31.22
C4D CLA KQ . -9.86 91.19 30.37
CMD CLA KQ . -10.12 94.90 30.98
CAD CLA KQ . -9.53 91.79 32.58
OBD CLA KQ . -9.40 92.53 33.63
CBD CLA KQ . -9.39 90.32 32.54
CGD CLA KQ . -7.98 90.03 32.94
O1D CLA KQ . -7.58 90.31 34.06
O2D CLA KQ . -7.03 89.43 32.03
CED CLA KQ . -5.72 89.19 32.52
MG CLA LQ . -5.58 81.77 18.72
CHA CLA LQ . -5.04 84.70 20.45
CHB CLA LQ . -8.70 82.80 18.11
CHC CLA LQ . -6.09 78.80 17.26
CHD CLA LQ . -2.46 80.46 20.19
NA CLA LQ . -6.70 83.42 19.24
C1A CLA LQ . -6.37 84.54 19.77
C2A CLA LQ . -7.37 85.67 19.71
C3A CLA LQ . -8.52 84.98 18.99
C4A CLA LQ . -7.92 83.65 18.75
CMA CLA LQ . -9.62 84.75 20.01
CAA CLA LQ . -6.98 86.88 18.85
CBA CLA LQ . -8.17 87.83 18.65
CGA CLA LQ . -7.82 89.20 18.12
O1A CLA LQ . -6.67 89.55 17.95
O2A CLA LQ . -8.89 90.13 17.82
NB CLA LQ . -7.16 80.94 17.77
C1B CLA LQ . -8.40 81.41 17.73
C2B CLA LQ . -9.45 80.47 17.27
C3B CLA LQ . -8.64 79.26 17.01
C4B CLA LQ . -7.25 79.68 17.35
CMB CLA LQ . -10.92 80.70 17.10
CAB CLA LQ . -9.12 77.93 16.53
CBB CLA LQ . -8.86 76.82 17.17
NC CLA LQ . -4.49 80.01 18.75
C1C CLA LQ . -4.87 78.92 18.07
C2C CLA LQ . -3.95 77.76 18.19
C3C CLA LQ . -2.88 78.26 19.04
C4C CLA LQ . -3.33 79.65 19.33
CMC CLA LQ . -4.06 76.39 17.57
CAC CLA LQ . -1.65 77.50 19.53
CBC CLA LQ . -0.45 77.93 18.74
ND CLA LQ . -4.13 82.29 20.04
C1D CLA LQ . -2.86 81.83 20.48
C2D CLA LQ . -2.04 82.79 21.22
C3D CLA LQ . -2.95 83.96 21.21
C4D CLA LQ . -4.08 83.59 20.51
CMD CLA LQ . -0.69 82.77 21.86
CAD CLA LQ . -3.10 85.37 21.61
OBD CLA LQ . -2.23 86.04 22.28
CBD CLA LQ . -4.43 85.85 21.19
CGD CLA LQ . -5.19 86.00 22.47
O1D CLA LQ . -4.88 86.88 23.26
O2D CLA LQ . -6.27 85.10 22.82
CED CLA LQ . -7.05 85.36 23.99
C1 CLA LQ . -8.74 91.53 18.08
MG CLA MQ . -7.62 89.87 9.88
CHA CLA MQ . -6.24 89.43 13.00
CHB CLA MQ . -9.91 87.50 10.65
CHC CLA MQ . -9.19 90.68 7.03
CHD CLA MQ . -5.25 92.67 9.34
NA CLA MQ . -8.02 88.69 11.53
C1A CLA MQ . -7.42 88.57 12.66
C2A CLA MQ . -8.01 87.56 13.62
C3A CLA MQ . -9.11 86.95 12.79
C4A CLA MQ . -9.00 87.78 11.56
CMA CLA MQ . -8.74 85.51 12.46
CAA CLA MQ . -8.61 88.27 14.84
CBA CLA MQ . -10.08 88.63 14.79
CGA CLA MQ . -10.05 90.09 14.33
O1A CLA MQ . -10.08 91.01 15.12
O2A CLA MQ . -9.95 90.40 12.91
NB CLA MQ . -9.29 89.17 8.97
C1B CLA MQ . -10.09 88.19 9.39
C2B CLA MQ . -11.29 87.96 8.55
C3B CLA MQ . -11.05 88.92 7.46
C4B CLA MQ . -9.78 89.59 7.81
CMB CLA MQ . -12.42 86.99 8.72
CAB CLA MQ . -11.91 89.15 6.28
CBB CLA MQ . -12.93 89.98 6.39
NC CLA MQ . -7.29 91.37 8.52
C1C CLA MQ . -8.02 91.51 7.41
C2C CLA MQ . -7.59 92.61 6.51
C3C CLA MQ . -6.43 93.19 7.21
C4C CLA MQ . -6.33 92.32 8.41
CMC CLA MQ . -8.19 93.07 5.21
CAC CLA MQ . -5.53 94.34 6.86
CBC CLA MQ . -4.34 93.85 6.10
ND CLA MQ . -6.15 90.88 10.84
C1D CLA MQ . -5.19 91.91 10.59
C2D CLA MQ . -4.22 92.17 11.68
C3D CLA MQ . -4.66 91.13 12.62
C4D CLA MQ . -5.74 90.46 12.08
CMD CLA MQ . -3.06 93.08 11.91
CAD CLA MQ . -4.40 90.55 13.95
OBD CLA MQ . -3.50 90.91 14.76
CBD CLA MQ . -5.37 89.50 14.20
CGD CLA MQ . -4.69 88.20 14.48
O1D CLA MQ . -4.04 87.66 13.62
O2D CLA MQ . -4.83 87.58 15.77
CED CLA MQ . -4.49 86.20 15.91
C1 CLA MQ . -9.55 91.66 12.37
C2 CLA MQ . -10.58 92.27 11.40
C3 CLA MQ . -10.22 93.24 10.53
C4 CLA MQ . -8.80 93.71 10.48
C5 CLA MQ . -11.16 93.93 9.55
C6 CLA MQ . -12.01 93.09 8.62
C7 CLA MQ . -11.57 93.22 7.17
C8 CLA MQ . -12.46 94.03 6.23
C9 CLA MQ . -13.88 93.51 6.21
C10 CLA MQ . -11.83 93.94 4.84
C11 CLA MQ . -11.86 95.25 4.06
C12 CLA MQ . -11.15 96.36 4.83
C13 CLA MQ . -10.23 97.23 3.99
C14 CLA MQ . -9.31 96.36 3.14
C15 CLA MQ . -9.42 98.10 4.95
C16 CLA MQ . -9.31 99.57 4.56
C17 CLA MQ . -8.40 99.91 3.38
C18 CLA MQ . -8.86 101.17 2.65
C19 CLA MQ . -7.99 101.49 1.44
C20 CLA MQ . -8.96 102.36 3.60
MG CLA NQ . -17.42 85.93 10.12
CHA CLA NQ . -15.43 85.06 12.78
CHB CLA NQ . -19.48 83.36 10.92
CHC CLA NQ . -19.54 87.08 7.78
CHD CLA NQ . -15.44 89.04 9.79
NA CLA NQ . -17.49 84.50 11.62
C1A CLA NQ . -16.63 84.19 12.51
C2A CLA NQ . -16.88 82.90 13.28
C3A CLA NQ . -18.16 82.41 12.63
C4A CLA NQ . -18.38 83.49 11.65
CMA CLA NQ . -17.91 81.09 11.93
CAA CLA NQ . -17.23 83.09 14.75
CBA CLA NQ . -18.36 84.09 15.03
CGA CLA NQ . -18.63 84.19 16.51
O1A CLA NQ . -19.75 83.98 16.94
O2A CLA NQ . -17.54 84.53 17.42
NB CLA NQ . -19.22 85.28 9.43
C1B CLA NQ . -19.96 84.29 9.89
C2B CLA NQ . -21.33 84.18 9.33
C3B CLA NQ . -21.34 85.32 8.39
C4B CLA NQ . -19.99 85.92 8.54
CMB CLA NQ . -22.42 83.19 9.64
CAB CLA NQ . -22.42 85.77 7.49
CBB CLA NQ . -22.92 86.99 7.53
NC CLA NQ . -17.48 87.69 9.06
C1C CLA NQ . -18.39 87.94 8.12
C2C CLA NQ . -18.21 89.20 7.35
C3C CLA NQ . -17.00 89.78 7.96
C4C CLA NQ . -16.63 88.76 8.99
CMC CLA NQ . -19.06 89.76 6.25
CAC CLA NQ . -16.28 91.06 7.61
CBC CLA NQ . -16.74 92.16 8.56
ND CLA NQ . -15.90 86.92 11.02
C1D CLA NQ . -15.08 88.08 10.81
C2D CLA NQ . -13.89 88.19 11.66
C3D CLA NQ . -14.05 86.95 12.46
C4D CLA NQ . -15.21 86.31 12.04
CMD CLA NQ . -12.78 89.17 11.81
CAD CLA NQ . -13.48 86.14 13.54
OBD CLA NQ . -12.39 86.43 14.15
CBD CLA NQ . -14.31 84.94 13.76
CGD CLA NQ . -13.45 83.77 13.42
O1D CLA NQ . -13.67 83.10 12.44
O2D CLA NQ . -12.33 83.42 14.26
CED CLA NQ . -11.45 82.39 13.81
C1 CLA NQ . -17.67 85.65 18.31
C2 CLA NQ . -17.16 86.91 17.62
MG CLA OQ . -22.57 37.45 -0.24
CHA CLA OQ . -22.94 34.45 1.48
CHB CLA OQ . -22.90 39.04 2.70
CHC CLA OQ . -21.54 40.25 -1.78
CHD CLA OQ . -21.74 35.50 -3.23
NA CLA OQ . -22.81 36.86 1.73
C1A CLA OQ . -23.00 35.71 2.26
C2A CLA OQ . -23.30 35.67 3.73
C3A CLA OQ . -23.30 37.14 4.05
C4A CLA OQ . -23.01 37.72 2.71
CMA CLA OQ . -24.68 37.59 4.46
CAA CLA OQ . -22.12 35.12 4.55
CBA CLA OQ . -20.73 35.74 4.30
CGA CLA OQ . -19.74 34.67 3.89
O1A CLA OQ . -20.09 33.52 3.81
O2A CLA OQ . -18.37 35.01 3.56
NB CLA OQ . -22.29 39.36 0.38
C1B CLA OQ . -22.53 39.87 1.57
C2B CLA OQ . -22.26 41.31 1.72
C3B CLA OQ . -21.83 41.66 0.36
C4B CLA OQ . -21.90 40.38 -0.37
CMB CLA OQ . -22.38 42.21 2.91
CAB CLA OQ . -21.44 43.00 -0.11
CBB CLA OQ . -22.06 43.58 -1.12
NC CLA OQ . -21.91 37.79 -2.16
C1C CLA OQ . -21.35 38.95 -2.48
C2C CLA OQ . -20.43 38.93 -3.63
C3C CLA OQ . -20.49 37.53 -4.05
C4C CLA OQ . -21.44 36.94 -3.09
CMC CLA OQ . -19.63 40.06 -4.21
CAC CLA OQ . -19.76 36.87 -5.20
CBC CLA OQ . -20.59 37.18 -6.42
ND CLA OQ . -22.32 35.52 -0.82
C1D CLA OQ . -22.11 34.78 -2.03
C2D CLA OQ . -22.29 33.32 -1.90
C3D CLA OQ . -22.63 33.21 -0.47
C4D CLA OQ . -22.62 34.49 0.04
CMD CLA OQ . -22.22 32.11 -2.80
CAD CLA OQ . -22.96 32.28 0.62
OBD CLA OQ . -23.09 31.01 0.49
CBD CLA OQ . -23.21 33.03 1.85
CGD CLA OQ . -24.67 32.86 2.10
O1D CLA OQ . -25.49 33.63 1.64
O2D CLA OQ . -25.12 31.72 2.87
CED CLA OQ . -26.49 31.35 2.72
C1 CLA OQ . -17.34 34.02 3.63
C2 CLA OQ . -16.00 34.68 3.82
C3 CLA OQ . -15.13 34.80 2.81
C4 CLA OQ . -15.43 34.27 1.45
C5 CLA OQ . -13.80 35.49 3.05
C6 CLA OQ . -12.58 34.58 2.96
C7 CLA OQ . -12.40 33.85 4.28
C8 CLA OQ . -10.93 33.85 4.69
C9 CLA OQ . -10.15 32.77 3.95
C10 CLA OQ . -10.75 33.71 6.20
C11 CLA OQ . -11.77 32.77 6.86
C12 CLA OQ . -11.13 31.79 7.84
C13 CLA OQ . -10.21 32.46 8.86
C14 CLA OQ . -9.38 31.42 9.59
C15 CLA OQ . -11.02 33.34 9.81
C16 CLA OQ . -12.07 32.60 10.64
C17 CLA OQ . -12.95 33.63 11.33
C18 CLA OQ . -13.57 33.14 12.63
C19 CLA OQ . -14.17 34.32 13.39
C20 CLA OQ . -12.57 32.39 13.51
MG CLA PQ . -12.82 48.90 4.60
CHA CLA PQ . -15.63 49.38 6.53
CHB CLA PQ . -10.96 49.26 7.38
CHC CLA PQ . -10.17 47.99 2.77
CHD CLA PQ . -15.02 47.79 1.83
NA CLA PQ . -13.22 49.21 6.62
C1A CLA PQ . -14.31 49.50 7.22
C2A CLA PQ . -14.17 49.94 8.66
C3A CLA PQ . -12.68 49.91 8.87
C4A CLA PQ . -12.26 49.43 7.52
CMA CLA PQ . -12.21 51.33 9.06
CAA CLA PQ . -14.74 48.98 9.71
CBA CLA PQ . -14.57 47.53 9.30
CGA CLA PQ . -14.10 46.73 10.50
O1A CLA PQ . -13.02 46.98 11.01
O2A CLA PQ . -14.93 45.67 11.04
NB CLA PQ . -10.84 48.70 5.01
C1B CLA PQ . -10.26 48.82 6.18
C2B CLA PQ . -8.82 48.46 6.19
C3B CLA PQ . -8.56 48.07 4.80
C4B CLA PQ . -9.89 48.26 4.17
CMB CLA PQ . -7.85 48.48 7.33
CAB CLA PQ . -7.26 47.61 4.25
CBB CLA PQ . -6.93 47.30 3.00
NC CLA PQ . -12.66 48.12 2.71
C1C CLA PQ . -11.49 47.75 2.20
C2C CLA PQ . -11.51 47.01 0.95
C3C CLA PQ . -12.95 46.94 0.66
C4C CLA PQ . -13.54 47.66 1.81
CMC CLA PQ . -10.30 46.49 0.21
CAC CLA PQ . -13.67 46.31 -0.49
CBC CLA PQ . -13.33 47.18 -1.66
ND CLA PQ . -14.77 48.56 4.20
C1D CLA PQ . -15.62 48.24 3.08
C2D CLA PQ . -17.08 48.42 3.30
C3D CLA PQ . -17.04 48.89 4.71
C4D CLA PQ . -15.73 48.92 5.13
CMD CLA PQ . -18.31 48.24 2.48
CAD CLA PQ . -17.88 49.31 5.84
OBD CLA PQ . -19.16 49.39 5.81
CBD CLA PQ . -17.01 49.65 6.99
CGD CLA PQ . -17.20 51.12 7.22
O1D CLA PQ . -16.82 51.68 8.22
O2D CLA PQ . -17.92 51.93 6.28
CED CLA PQ . -18.64 53.04 6.84
C1 CLA PQ . -14.39 44.36 11.23
C2 CLA PQ . -14.59 43.57 9.96
C3 CLA PQ . -15.66 42.77 9.79
C4 CLA PQ . -16.70 42.63 10.86
C5 CLA PQ . -15.81 41.99 8.50
C6 CLA PQ . -15.05 40.66 8.50
C7 CLA PQ . -16.00 39.53 8.90
C8 CLA PQ . -15.31 38.17 8.92
C9 CLA PQ . -16.22 37.09 9.50
C10 CLA PQ . -14.00 38.21 9.69
C11 CLA PQ . -13.24 36.91 9.40
C12 CLA PQ . -11.91 37.15 8.68
C13 CLA PQ . -12.03 37.56 7.22
C14 CLA PQ . -13.01 36.66 6.49
C15 CLA PQ . -10.64 37.51 6.57
C16 CLA PQ . -10.41 38.61 5.53
C17 CLA PQ . -10.58 38.05 4.10
C18 CLA PQ . -10.13 38.97 2.95
C19 CLA PQ . -9.19 38.23 2.01
C20 CLA PQ . -9.55 40.31 3.34
C1 PQN QQ . -16.88 50.70 -4.51
O1 PQN QQ . -15.80 51.28 -4.41
C2 PQN QQ . -16.96 49.25 -4.34
C2M PQN QQ . -15.68 48.56 -4.04
C3 PQN QQ . -18.26 48.55 -4.47
C4 PQN QQ . -19.48 49.31 -4.79
O4 PQN QQ . -20.58 48.73 -4.90
C5 PQN QQ . -19.39 50.77 -4.96
C6 PQN QQ . -20.52 51.49 -5.26
C7 PQN QQ . -20.37 52.86 -5.40
C8 PQN QQ . -19.15 53.48 -5.31
C9 PQN QQ . -18.00 52.80 -4.99
C10 PQN QQ . -18.09 51.45 -4.83
C11 PQN QQ . -18.37 47.06 -4.31
C12 PQN QQ . -18.32 46.63 -2.88
C13 PQN QQ . -18.89 45.50 -2.49
C14 PQN QQ . -19.61 44.61 -3.46
C15 PQN QQ . -18.78 45.12 -1.05
C16 PQN QQ . -17.32 45.24 -0.62
C17 PQN QQ . -17.25 44.96 0.85
C18 PQN QQ . -16.97 43.49 1.12
C19 PQN QQ . -18.17 42.79 1.73
C20 PQN QQ . -15.78 43.41 2.06
C21 PQN QQ . -16.11 44.15 3.35
C22 PQN QQ . -14.95 44.20 4.34
C23 PQN QQ . -15.30 45.19 5.43
C24 PQN QQ . -14.13 45.30 6.38
C25 PQN QQ . -16.56 44.75 6.16
C26 PQN QQ . -17.05 45.85 7.09
C27 PQN QQ . -18.37 45.49 7.76
C28 PQN QQ . -18.70 46.51 8.84
C29 PQN QQ . -20.20 46.74 8.96
C30 PQN QQ . -18.13 46.08 10.19
C1 BCR RQ . -24.26 67.41 55.15
C2 BCR RQ . -25.46 68.31 55.02
C3 BCR RQ . -26.22 67.96 53.78
C4 BCR RQ . -26.76 66.56 53.87
C5 BCR RQ . -25.74 65.61 54.38
C6 BCR RQ . -24.59 65.97 54.96
C7 BCR RQ . -23.62 64.98 55.47
C8 BCR RQ . -22.63 64.48 54.73
C9 BCR RQ . -22.47 63.06 54.44
C10 BCR RQ . -21.73 62.68 53.39
C11 BCR RQ . -21.00 63.58 52.52
C33 BCR RQ . -26.12 64.20 54.19
C31 BCR RQ . -23.71 67.64 56.54
C32 BCR RQ . -23.27 67.89 54.12
C34 BCR RQ . -23.00 62.09 55.41
C12 BCR RQ . -20.08 63.07 51.70
C13 BCR RQ . -20.18 63.06 50.26
C14 BCR RQ . -19.21 62.47 49.55
C15 BCR RQ . -19.24 62.33 48.12
C16 BCR RQ . -18.28 61.67 47.44
C17 BCR RQ . -18.40 61.76 46.01
C18 BCR RQ . -17.68 61.12 45.09
C19 BCR RQ . -18.18 61.15 43.72
C20 BCR RQ . -17.64 60.45 42.73
C21 BCR RQ . -18.40 60.22 41.53
C22 BCR RQ . -17.94 59.60 40.44
C23 BCR RQ . -16.53 59.26 40.41
C24 BCR RQ . -15.96 58.49 39.48
C25 BCR RQ . -14.61 58.66 38.96
C26 BCR RQ . -13.56 57.97 39.44
C27 BCR RQ . -12.15 58.07 38.99
C28 BCR RQ . -11.91 59.11 37.94
C29 BCR RQ . -13.12 59.36 37.08
C30 BCR RQ . -14.41 59.61 37.84
C35 BCR RQ . -21.48 63.35 49.62
C36 BCR RQ . -16.65 60.14 45.44
C37 BCR RQ . -18.72 59.59 39.18
C38 BCR RQ . -13.66 57.01 40.55
C39 BCR RQ . -15.61 59.54 36.89
C40 BCR RQ . -14.32 61.06 38.30
C1 BCR SQ . -15.91 89.15 26.87
C2 BCR SQ . -14.72 89.61 27.71
C3 BCR SQ . -13.42 88.86 27.50
C4 BCR SQ . -13.61 87.41 27.15
C5 BCR SQ . -14.57 87.28 26.03
C6 BCR SQ . -15.63 88.06 25.89
C7 BCR SQ . -16.54 87.92 24.74
C8 BCR SQ . -17.61 87.11 24.72
C9 BCR SQ . -18.48 86.98 23.57
C10 BCR SQ . -18.46 85.85 22.86
C11 BCR SQ . -19.18 85.64 21.62
C33 BCR SQ . -14.23 86.20 25.09
C31 BCR SQ . -16.43 90.38 26.17
C32 BCR SQ . -16.96 88.69 27.86
C34 BCR SQ . -19.39 88.10 23.26
C12 BCR SQ . -19.54 84.41 21.27
C13 BCR SQ . -20.70 84.05 20.48
C14 BCR SQ . -20.94 82.75 20.25
C15 BCR SQ . -21.55 82.25 19.05
C16 BCR SQ . -21.40 80.96 18.69
C17 BCR SQ . -22.52 80.32 18.05
C18 BCR SQ . -22.58 79.05 17.61
C19 BCR SQ . -23.39 78.83 16.43
C20 BCR SQ . -24.19 77.77 16.29
C21 BCR SQ . -25.40 77.94 15.54
C22 BCR SQ . -26.11 76.94 14.98
C23 BCR SQ . -27.13 77.27 14.00
C24 BCR SQ . -27.69 76.35 13.22
C25 BCR SQ . -29.10 76.25 12.85
C26 BCR SQ . -29.56 76.81 11.73
C27 BCR SQ . -30.95 76.79 11.24
C28 BCR SQ . -31.93 76.32 12.28
C29 BCR SQ . -31.37 75.20 13.11
C30 BCR SQ . -30.01 75.46 13.74
C35 BCR SQ . -21.50 85.10 19.81
C36 BCR SQ . -22.40 77.92 18.53
C37 BCR SQ . -25.82 75.52 15.31
C38 BCR SQ . -28.70 77.59 10.81
C39 BCR SQ . -29.34 74.14 14.11
C40 BCR SQ . -30.31 76.17 15.04
C1 BCR TQ . -3.60 46.33 15.69
C2 BCR TQ . -2.38 46.74 16.46
C3 BCR TQ . -1.44 47.48 15.56
C4 BCR TQ . -2.09 48.75 15.08
C5 BCR TQ . -3.52 48.58 14.75
C6 BCR TQ . -4.24 47.49 15.00
C7 BCR TQ . -5.67 47.39 14.68
C8 BCR TQ . -6.11 46.88 13.53
C9 BCR TQ . -7.39 47.21 12.94
C10 BCR TQ . -7.58 46.94 11.65
C11 BCR TQ . -8.83 46.55 11.05
C33 BCR TQ . -4.10 49.77 14.09
C31 BCR TQ . -4.54 45.69 16.68
C32 BCR TQ . -3.16 45.28 14.70
C34 BCR TQ . -8.54 47.46 13.83
C12 BCR TQ . -8.79 46.01 9.84
C13 BCR TQ . -9.93 45.52 9.09
C14 BCR TQ . -9.89 45.63 7.76
C15 BCR TQ . -10.56 44.79 6.80
C16 BCR TQ . -10.34 45.02 5.50
C17 BCR TQ . -10.69 44.00 4.54
C18 BCR TQ . -10.30 43.97 3.26
C19 BCR TQ . -11.22 43.42 2.30
C20 BCR TQ . -10.88 43.07 1.06
C21 BCR TQ . -11.91 43.17 0.05
C22 BCR TQ . -11.80 42.93 -1.25
C23 BCR TQ . -12.96 43.21 -2.06
C24 BCR TQ . -13.28 42.56 -3.17
C25 BCR TQ . -14.36 42.92 -4.09
C26 BCR TQ . -15.59 42.43 -3.94
C27 BCR TQ . -16.74 42.72 -4.83
C28 BCR TQ . -16.48 43.84 -5.78
C29 BCR TQ . -15.08 43.73 -6.32
C30 BCR TQ . -14.03 43.82 -5.22
C35 BCR TQ . -10.95 44.69 9.76
C36 BCR TQ . -8.88 44.08 2.90
C37 BCR TQ . -10.73 42.06 -1.78
C38 BCR TQ . -15.98 41.51 -2.85
C39 BCR TQ . -13.85 45.26 -4.80
C40 BCR TQ . -12.72 43.42 -5.87
C1 LMG UQ . -31.82 55.38 4.84
O1 LMG UQ . -30.57 55.35 4.20
C2 LMG UQ . -32.25 56.88 4.72
O2 LMG UQ . -31.91 57.43 5.95
C3 LMG UQ . -33.83 57.05 4.54
O3 LMG UQ . -34.00 58.24 3.80
C4 LMG UQ . -34.50 55.87 3.76
O4 LMG UQ . -34.09 55.91 2.44
C5 LMG UQ . -33.96 54.59 4.37
O5 LMG UQ . -35.55 52.92 4.75
C6 LMG UQ . -34.69 53.39 3.74
O6 LMG UQ . -32.60 54.50 4.05
C7 LMG UQ . -29.46 55.42 5.09
C8 LMG UQ . -28.20 55.17 4.23
C9 LMG UQ . -27.37 56.46 4.22
O7 LMG UQ . -27.39 54.23 4.90
C10 LMG UQ . -26.80 53.27 4.14
O9 LMG UQ . -26.66 53.45 2.94
C11 LMG UQ . -26.17 52.19 4.96
C12 LMG UQ . -25.19 52.81 5.89
C13 LMG UQ . -23.85 52.15 5.88
C14 LMG UQ . -24.02 50.87 6.66
C15 LMG UQ . -22.67 50.30 6.96
C16 LMG UQ . -21.96 51.21 7.92
C17 LMG UQ . -20.82 50.42 8.45
C18 LMG UQ . -20.25 51.17 9.62
C19 LMG UQ . -19.16 50.32 10.19
C20 LMG UQ . -19.77 49.61 11.35
C21 LMG UQ . -19.49 50.44 12.56
C22 LMG UQ . -20.23 49.74 13.67
C23 LMG UQ . -19.31 49.70 14.85
C24 LMG UQ . -19.47 51.03 15.51
C25 LMG UQ . -18.10 51.46 15.97
C26 LMG UQ . -18.32 52.47 17.06
C27 LMG UQ . -17.27 53.54 16.92
O8 LMG UQ . -26.55 56.40 5.35
C28 LMG UQ . -26.62 57.45 6.20
O10 LMG UQ . -27.08 58.51 5.81
C29 LMG UQ . -26.46 57.03 7.64
C30 LMG UQ . -26.02 58.17 8.52
C31 LMG UQ . -24.64 57.88 9.02
C32 LMG UQ . -23.81 59.14 8.77
C33 LMG UQ . -23.09 59.45 10.05
C34 LMG UQ . -21.70 58.90 9.97
C35 LMG UQ . -20.81 60.07 9.63
C36 LMG UQ . -19.54 59.50 9.06
C37 LMG UQ . -18.79 58.79 10.14
C38 LMG UQ . -17.84 59.85 10.59
C39 LMG UQ . -16.52 59.62 9.96
C40 LMG UQ . -15.96 58.54 10.83
C41 LMG UQ . -14.86 59.11 11.66
C42 LMG UQ . -14.43 57.93 12.48
C43 LMG UQ . -13.15 58.26 13.15
C44 LMG UQ . -12.74 57.04 13.96
C45 LMG UQ . -11.29 57.20 14.33
FE1 SF4 VQ . -37.68 55.35 -15.02
FE2 SF4 VQ . -39.99 54.78 -16.38
FE3 SF4 VQ . -39.84 57.01 -14.81
FE4 SF4 VQ . -39.90 54.53 -13.65
S1 SF4 VQ . -41.54 55.49 -14.88
S2 SF4 VQ . -38.51 56.27 -13.12
S3 SF4 VQ . -38.73 53.32 -15.17
S4 SF4 VQ . -38.63 56.57 -16.68
FE1 SF4 WQ . -44.76 65.49 -18.56
FE2 SF4 WQ . -46.14 63.38 -19.61
FE3 SF4 WQ . -46.07 65.75 -20.95
FE4 SF4 WQ . -47.49 65.54 -18.61
S1 SF4 WQ . -47.90 64.45 -20.58
S2 SF4 WQ . -46.08 67.22 -19.19
S3 SF4 WQ . -46.18 64.09 -17.45
S4 SF4 WQ . -44.31 64.39 -20.50
MG CLA XQ . -19.55 84.65 -16.47
CHA CLA XQ . -18.66 87.60 -18.01
CHB CLA XQ . -17.83 82.99 -18.83
CHC CLA XQ . -20.17 81.84 -14.73
CHD CLA XQ . -20.75 86.64 -13.60
NA CLA XQ . -18.39 85.19 -18.11
C1A CLA XQ . -18.21 86.32 -18.66
C2A CLA XQ . -17.51 86.30 -20.00
C3A CLA XQ . -17.29 84.84 -20.23
C4A CLA XQ . -17.88 84.31 -18.96
CMA CLA XQ . -18.13 84.36 -21.41
CAA CLA XQ . -16.11 86.86 -19.88
CBA CLA XQ . -15.68 87.56 -21.17
CGA CLA XQ . -14.48 88.39 -20.81
O1A CLA XQ . -13.85 88.16 -19.80
O2A CLA XQ . -14.03 89.48 -21.67
NB CLA XQ . -19.13 82.68 -16.79
C1B CLA XQ . -18.30 82.19 -17.71
C2B CLA XQ . -17.86 80.79 -17.51
C3B CLA XQ . -18.57 80.43 -16.26
C4B CLA XQ . -19.31 81.68 -15.92
CMB CLA XQ . -16.94 79.96 -18.37
CAB CLA XQ . -18.50 79.11 -15.57
CBB CLA XQ . -19.45 78.57 -14.83
NC CLA XQ . -20.35 84.33 -14.59
C1C CLA XQ . -20.41 83.11 -14.05
C2C CLA XQ . -20.76 83.08 -12.61
C3C CLA XQ . -20.93 84.50 -12.28
C4C CLA XQ . -20.66 85.17 -13.58
CMC CLA XQ . -20.90 81.88 -11.71
CAC CLA XQ . -21.30 85.13 -10.97
CBC CLA XQ . -22.81 85.14 -10.97
ND CLA XQ . -19.64 86.58 -15.83
C1D CLA XQ . -20.25 87.33 -14.77
C2D CLA XQ . -20.31 88.79 -14.98
C3D CLA XQ . -19.65 88.88 -16.31
C4D CLA XQ . -19.31 87.60 -16.70
CMD CLA XQ . -20.83 89.97 -14.21
CAD CLA XQ . -19.21 89.81 -17.38
OBD CLA XQ . -19.35 91.09 -17.37
CBD CLA XQ . -18.59 89.03 -18.46
CGD CLA XQ . -19.42 89.20 -19.70
O1D CLA XQ . -20.11 88.31 -20.11
O2D CLA XQ . -19.42 90.45 -20.43
CED CLA XQ . -20.49 90.67 -21.33
C1 CLA XQ . -13.04 90.34 -21.12
C2 CLA XQ . -13.40 91.81 -21.26
C3 CLA XQ . -12.62 92.64 -21.98
C4 CLA XQ . -11.41 92.08 -22.68
C5 CLA XQ . -12.96 94.10 -22.11
C6 CLA XQ . -12.08 94.88 -23.09
C1 BCR YQ . -2.42 96.56 -6.98
C2 BCR YQ . -1.08 97.15 -6.64
C3 BCR YQ . -0.11 96.05 -6.28
C4 BCR YQ . 0.09 95.11 -7.45
C5 BCR YQ . -1.18 94.80 -8.15
C6 BCR YQ . -2.34 95.42 -7.95
C7 BCR YQ . -3.56 95.08 -8.69
C8 BCR YQ . -4.44 94.17 -8.25
C9 BCR YQ . -5.57 93.71 -9.03
C10 BCR YQ . -5.42 92.64 -9.80
C11 BCR YQ . -6.21 92.38 -10.98
C33 BCR YQ . -1.05 93.69 -9.11
C31 BCR YQ . -3.28 97.69 -7.53
C32 BCR YQ . -3.01 96.10 -5.67
C34 BCR YQ . -6.69 94.64 -9.24
C12 BCR YQ . -6.23 91.16 -11.49
C13 BCR YQ . -7.41 90.37 -11.68
C14 BCR YQ . -7.74 89.49 -10.72
C15 BCR YQ . -8.77 88.50 -10.85
C16 BCR YQ . -8.44 87.20 -10.91
C17 BCR YQ . -9.15 86.29 -10.06
C18 BCR YQ . -9.39 85.00 -10.32
C19 BCR YQ . -10.76 84.53 -10.23
C20 BCR YQ . -11.07 83.25 -10.06
C21 BCR YQ . -12.46 82.90 -9.95
C22 BCR YQ . -12.94 81.93 -9.17
C23 BCR YQ . -14.36 81.63 -9.26
C24 BCR YQ . -14.82 80.37 -9.35
C25 BCR YQ . -16.02 79.81 -8.74
C26 BCR YQ . -17.23 79.95 -9.26
C27 BCR YQ . -18.49 79.41 -8.73
C28 BCR YQ . -18.25 78.29 -7.73
C29 BCR YQ . -17.15 78.71 -6.79
C30 BCR YQ . -15.84 78.98 -7.50
C35 BCR YQ . -8.30 90.60 -12.84
C36 BCR YQ . -8.30 84.00 -10.33
C37 BCR YQ . -12.04 80.97 -8.51
C38 BCR YQ . -17.50 80.72 -10.50
C39 BCR YQ . -15.15 77.69 -7.87
C40 BCR YQ . -14.96 79.63 -6.45
C1 BCR ZQ . -19.65 96.97 -7.41
C2 BCR ZQ . -19.29 97.63 -8.74
C3 BCR ZQ . -18.28 98.72 -8.54
C4 BCR ZQ . -18.75 99.77 -7.57
C5 BCR ZQ . -19.58 99.25 -6.46
C6 BCR ZQ . -19.98 97.97 -6.36
C7 BCR ZQ . -20.82 97.52 -5.24
C8 BCR ZQ . -20.35 97.05 -4.10
C9 BCR ZQ . -21.13 97.07 -2.88
C10 BCR ZQ . -20.52 97.15 -1.69
C11 BCR ZQ . -21.25 97.12 -0.45
C33 BCR ZQ . -19.92 100.27 -5.46
C31 BCR ZQ . -18.48 96.10 -7.02
C32 BCR ZQ . -20.84 96.09 -7.69
C34 BCR ZQ . -22.59 96.95 -3.00
C12 BCR ZQ . -20.62 97.29 0.71
C13 BCR ZQ . -21.28 97.20 1.99
C14 BCR ZQ . -20.54 97.00 3.10
C15 BCR ZQ . -19.20 97.44 3.29
C16 BCR ZQ . -18.74 97.55 4.54
C17 BCR ZQ . -17.32 97.65 4.79
C18 BCR ZQ . -16.72 97.48 5.97
C19 BCR ZQ . -15.28 97.58 6.05
C20 BCR ZQ . -14.58 97.05 7.05
C21 BCR ZQ . -13.30 97.61 7.41
C22 BCR ZQ . -12.52 97.22 8.43
C23 BCR ZQ . -11.09 97.39 8.29
C24 BCR ZQ . -10.39 98.18 9.11
C25 BCR ZQ . -9.18 98.92 8.80
C26 BCR ZQ . -9.21 100.15 8.28
C27 BCR ZQ . -8.03 100.97 7.97
C28 BCR ZQ . -6.96 100.69 9.00
C29 BCR ZQ . -6.67 99.21 9.04
C30 BCR ZQ . -7.87 98.27 9.11
C35 BCR ZQ . -22.73 96.91 2.03
C36 BCR ZQ . -17.45 96.98 7.15
C37 BCR ZQ . -13.07 97.12 9.80
C38 BCR ZQ . -10.46 100.88 7.97
C39 BCR ZQ . -7.93 97.54 10.43
C40 BCR ZQ . -7.53 97.21 8.06
MG CLA AR . -6.40 101.77 13.94
CHA CLA AR . -5.95 104.97 12.77
CHB CLA AR . -9.24 101.60 12.11
CHC CLA AR . -7.12 98.92 15.56
CHD CLA AR . -3.66 102.39 16.36
NA CLA AR . -7.45 103.06 12.71
C1A CLA AR . -7.08 104.17 12.19
C2A CLA AR . -7.88 104.67 11.01
C3A CLA AR . -8.93 103.59 10.86
C4A CLA AR . -8.51 102.69 11.97
CMA CLA AR . -10.31 104.14 11.18
CAA CLA AR . -7.06 104.66 9.71
CBA CLA AR . -7.85 105.29 8.56
CGA CLA AR . -8.39 106.63 8.97
O1A CLA AR . -7.65 107.59 9.12
O2A CLA AR . -9.82 106.80 9.20
NB CLA AR . -7.92 100.41 13.78
C1B CLA AR . -9.07 100.57 13.13
C2B CLA AR . -10.18 99.69 13.55
C3B CLA AR . -9.53 98.88 14.60
C4B CLA AR . -8.15 99.42 14.64
CMB CLA AR . -11.59 99.64 13.05
CAB CLA AR . -10.10 97.80 15.43
CBB CLA AR . -10.17 97.92 16.75
NC CLA AR . -5.54 100.86 15.59
C1C CLA AR . -6.01 99.71 16.10
C2C CLA AR . -5.35 99.23 17.33
C3C CLA AR . -4.32 100.27 17.56
C4C CLA AR . -4.54 101.21 16.43
CMC CLA AR . -5.65 97.99 18.13
CAC CLA AR . -3.30 100.35 18.67
CBC CLA AR . -4.00 100.96 19.86
ND CLA AR . -5.11 103.24 14.52
C1D CLA AR . -4.02 103.46 15.43
C2D CLA AR . -3.37 104.79 15.34
C3D CLA AR . -4.18 105.40 14.25
C4D CLA AR . -5.14 104.46 13.88
CMD CLA AR . -2.23 105.50 16.02
CAD CLA AR . -4.37 106.60 13.40
OBD CLA AR . -3.68 107.68 13.47
CBD CLA AR . -5.51 106.37 12.48
CGD CLA AR . -6.58 107.34 12.87
O1D CLA AR . -7.38 107.04 13.75
O2D CLA AR . -6.68 108.62 12.21
CED CLA AR . -7.73 109.52 12.53
C1 BCR BR . -12.81 44.04 23.70
C2 BCR BR . -12.80 43.82 25.20
C3 BCR BR . -14.20 43.91 25.73
C4 BCR BR . -15.07 42.83 25.14
C5 BCR BR . -14.81 42.61 23.70
C6 BCR BR . -13.80 43.15 23.02
C7 BCR BR . -13.57 42.88 21.59
C8 BCR BR . -14.12 43.61 20.62
C9 BCR BR . -13.59 43.69 19.27
C10 BCR BR . -12.82 42.71 18.78
C11 BCR BR . -12.43 42.61 17.40
C33 BCR BR . -15.81 41.71 23.07
C31 BCR BR . -11.40 43.80 23.24
C32 BCR BR . -13.17 45.50 23.48
C34 BCR BR . -14.04 44.82 18.43
C12 BCR BR . -11.84 41.49 16.98
C13 BCR BR . -11.81 41.01 15.61
C14 BCR BR . -11.71 39.70 15.41
C15 BCR BR . -11.74 39.05 14.13
C16 BCR BR . -11.25 37.83 13.96
C17 BCR BR . -10.95 37.38 12.63
C18 BCR BR . -10.16 36.36 12.28
C19 BCR BR . -9.38 36.48 11.06
C20 BCR BR . -8.45 35.61 10.68
C21 BCR BR . -8.13 35.49 9.27
C22 BCR BR . -6.99 35.03 8.75
C23 BCR BR . -6.46 35.70 7.57
C24 BCR BR . -5.89 35.07 6.53
C25 BCR BR . -5.47 35.70 5.29
C26 BCR BR . -6.31 35.97 4.28
C27 BCR BR . -5.98 36.61 3.00
C28 BCR BR . -4.64 37.29 3.04
C29 BCR BR . -3.65 36.37 3.70
C30 BCR BR . -4.02 36.04 5.12
C35 BCR BR . -11.57 41.96 14.51
C36 BCR BR . -10.05 35.14 13.08
C37 BCR BR . -6.17 34.03 9.43
C38 BCR BR . -7.75 35.67 4.31
C39 BCR BR . -3.61 37.15 6.06
C40 BCR BR . -3.15 34.85 5.44
C1 BCR CR . -22.13 44.17 12.95
C2 BCR CR . -22.68 45.45 13.53
C3 BCR CR . -23.78 45.16 14.50
C4 BCR CR . -24.90 44.37 13.87
C5 BCR CR . -24.45 43.40 12.85
C6 BCR CR . -23.19 43.27 12.43
C7 BCR CR . -22.83 42.30 11.40
C8 BCR CR . -22.34 41.10 11.67
C9 BCR CR . -21.44 40.41 10.76
C10 BCR CR . -21.52 39.09 10.64
C11 BCR CR . -20.86 38.35 9.58
C33 BCR CR . -25.54 42.56 12.33
C31 BCR CR . -21.30 43.53 14.06
C32 BCR CR . -21.19 44.57 11.84
C34 BCR CR . -20.60 41.24 9.87
C12 BCR CR . -20.68 37.04 9.74
C13 BCR CR . -19.99 36.21 8.78
C14 BCR CR . -19.77 34.93 9.10
C15 BCR CR . -19.27 33.97 8.15
C16 BCR CR . -20.12 33.29 7.38
C17 BCR CR . -19.59 32.16 6.66
C18 BCR CR . -20.29 31.26 5.97
C19 BCR CR . -19.56 30.44 5.03
C20 BCR CR . -20.08 29.43 4.35
C21 BCR CR . -19.17 28.45 3.80
C22 BCR CR . -19.34 27.79 2.66
C23 BCR CR . -18.25 26.95 2.20
C24 BCR CR . -18.11 25.71 2.66
C25 BCR CR . -17.37 24.61 2.08
C26 BCR CR . -17.94 23.73 1.25
C27 BCR CR . -17.29 22.56 0.63
C28 BCR CR . -15.83 22.41 0.98
C29 BCR CR . -15.51 23.00 2.33
C30 BCR CR . -15.95 24.43 2.47
C35 BCR CR . -19.39 36.81 7.58
C36 BCR CR . -21.75 31.38 5.82
C37 BCR CR . -20.70 27.47 2.18
C38 BCR CR . -19.36 23.84 0.84
C39 BCR CR . -15.05 25.35 1.67
C40 BCR CR . -15.73 24.80 3.93
MG CLA DR . 8.09 96.51 -23.27
CHA CLA DR . 10.60 98.88 -23.57
CHB CLA DR . 6.02 98.98 -22.23
CHC CLA DR . 5.53 94.29 -23.48
CHD CLA DR . 10.29 94.11 -24.99
NA CLA DR . 8.25 98.57 -22.99
C1A CLA DR . 9.27 99.35 -23.05
C2A CLA DR . 9.05 100.77 -22.54
C3A CLA DR . 7.60 100.73 -22.12
C4A CLA DR . 7.28 99.32 -22.47
CMA CLA DR . 7.42 100.90 -20.62
CAA CLA DR . 9.16 101.86 -23.62
CBA CLA DR . 8.35 101.58 -24.88
CGA CLA DR . 9.23 101.70 -26.10
O1A CLA DR . 8.86 101.30 -27.18
O2A CLA DR . 10.56 102.32 -25.97
NB CLA DR . 6.09 96.63 -22.90
C1B CLA DR . 5.41 97.68 -22.48
C2B CLA DR . 3.95 97.50 -22.33
C3B CLA DR . 3.81 96.09 -22.71
C4B CLA DR . 5.19 95.65 -23.04
CMB CLA DR . 2.93 98.52 -21.90
CAB CLA DR . 2.58 95.29 -22.78
CBB CLA DR . 2.13 94.95 -23.97
NC CLA DR . 7.97 94.61 -24.06
C1C CLA DR . 6.83 93.90 -24.07
C2C CLA DR . 6.92 92.59 -24.75
C3C CLA DR . 8.34 92.53 -25.18
C4C CLA DR . 8.88 93.83 -24.70
CMC CLA DR . 5.86 91.55 -24.94
CAC CLA DR . 9.06 91.44 -25.94
CBC CLA DR . 8.94 91.78 -27.41
ND CLA DR . 9.93 96.43 -24.15
C1D CLA DR . 10.81 95.45 -24.71
C2D CLA DR . 12.20 95.90 -24.96
C3D CLA DR . 12.09 97.30 -24.47
C4D CLA DR . 10.79 97.51 -24.05
CMD CLA DR . 13.47 95.29 -25.51
CAD CLA DR . 12.83 98.57 -24.30
OBD CLA DR . 14.06 98.75 -24.57
CBD CLA DR . 11.91 99.57 -23.69
CGD CLA DR . 12.43 99.80 -22.30
O1D CLA DR . 12.22 100.84 -21.69
O2D CLA DR . 13.24 98.79 -21.63
CED CLA DR . 14.16 99.20 -20.62
C1 BCR ER . 0.66 89.17 -9.66
C2 BCR ER . 0.76 89.53 -8.20
C3 BCR ER . 1.22 90.94 -7.99
C4 BCR ER . 2.47 91.29 -8.74
C5 BCR ER . 2.68 90.52 -9.99
C6 BCR ER . 1.87 89.57 -10.45
C7 BCR ER . 2.16 88.84 -11.68
C8 BCR ER . 1.62 89.13 -12.87
C9 BCR ER . 1.38 88.12 -13.88
C10 BCR ER . 2.12 87.01 -13.85
C11 BCR ER . 2.82 86.45 -14.99
C33 BCR ER . 3.89 90.92 -10.73
C31 BCR ER . -0.61 89.79 -10.17
C32 BCR ER . 0.50 87.66 -9.71
C34 BCR ER . 0.04 88.13 -14.51
C12 BCR ER . 2.24 85.51 -15.75
C13 BCR ER . 2.79 85.00 -16.97
C14 BCR ER . 2.07 84.16 -17.73
C15 BCR ER . 2.51 83.66 -19.01
C16 BCR ER . 3.04 82.43 -19.09
C17 BCR ER . 3.59 81.96 -20.34
C18 BCR ER . 4.15 80.76 -20.53
C19 BCR ER . 4.36 80.30 -21.89
C20 BCR ER . 4.58 79.03 -22.20
C21 BCR ER . 4.07 78.50 -23.44
C22 BCR ER . 4.31 77.29 -23.96
C23 BCR ER . 3.78 76.98 -25.28
C24 BCR ER . 4.50 76.40 -26.25
C25 BCR ER . 4.04 75.87 -27.54
C26 BCR ER . 3.86 76.66 -28.61
C27 BCR ER . 3.42 76.22 -29.95
C28 BCR ER . 3.62 74.75 -30.16
C29 BCR ER . 3.13 74.01 -28.94
C30 BCR ER . 3.83 74.39 -27.65
C35 BCR ER . 4.07 85.55 -17.49
C36 BCR ER . 4.30 79.80 -19.42
C37 BCR ER . 5.25 76.36 -23.31
C38 BCR ER . 4.07 78.12 -28.61
C39 BCR ER . 5.16 73.68 -27.52
C40 BCR ER . 2.95 73.81 -26.56
C1 BCR FR . 12.29 91.56 -19.99
C2 BCR FR . 13.64 92.14 -19.61
C3 BCR FR . 14.67 91.98 -20.70
C4 BCR FR . 14.15 92.59 -21.97
C5 BCR FR . 12.92 91.88 -22.36
C6 BCR FR . 12.05 91.40 -21.46
C7 BCR FR . 10.85 90.66 -21.86
C8 BCR FR . 9.68 91.20 -22.17
C9 BCR FR . 8.41 90.66 -21.72
C10 BCR FR . 8.12 89.36 -21.96
C11 BCR FR . 6.85 88.92 -22.48
C33 BCR FR . 12.76 91.74 -23.81
C31 BCR FR . 11.27 92.45 -19.32
C32 BCR FR . 12.20 90.21 -19.32
C34 BCR FR . 7.35 91.62 -21.43
C12 BCR FR . 6.01 88.25 -21.70
C13 BCR FR . 4.60 88.00 -22.00
C14 BCR FR . 4.24 86.79 -22.43
C15 BCR FR . 2.88 86.36 -22.57
C16 BCR FR . 2.60 85.07 -22.82
C17 BCR FR . 1.25 84.71 -23.12
C18 BCR FR . 0.89 83.72 -23.94
C19 BCR FR . -0.52 83.34 -24.02
C20 BCR FR . -0.94 82.31 -24.75
C21 BCR FR . -2.26 82.36 -25.36
C22 BCR FR . -2.67 81.58 -26.36
C23 BCR FR . -4.06 81.65 -26.80
C24 BCR FR . -4.65 80.77 -27.61
C25 BCR FR . -5.44 81.02 -28.83
C26 BCR FR . -4.97 80.69 -30.03
C27 BCR FR . -5.69 80.88 -31.30
C28 BCR FR . -7.17 80.68 -31.10
C29 BCR FR . -7.67 81.51 -29.95
C30 BCR FR . -6.81 81.62 -28.70
C35 BCR FR . 3.58 88.99 -21.62
C36 BCR FR . 1.86 83.06 -24.83
C37 BCR FR . -1.69 80.84 -27.19
C38 BCR FR . -3.65 80.08 -30.25
C39 BCR FR . -7.52 81.05 -27.49
C40 BCR FR . -6.74 83.12 -28.47
C1 BCR GR . -5.17 89.53 4.41
C2 BCR GR . -6.14 88.39 4.54
C3 BCR GR . -7.55 88.86 4.42
C4 BCR GR . -7.75 89.48 3.07
C5 BCR GR . -6.71 90.49 2.78
C6 BCR GR . -5.51 90.54 3.36
C7 BCR GR . -4.53 91.61 3.08
C8 BCR GR . -3.68 91.65 2.06
C9 BCR GR . -2.56 92.58 2.02
C10 BCR GR . -2.07 93.03 0.87
C11 BCR GR . -0.85 93.79 0.79
C33 BCR GR . -7.15 91.47 1.75
C31 BCR GR . -3.82 88.88 4.17
C32 BCR GR . -5.10 90.21 5.76
C34 BCR GR . -1.99 93.02 3.30
C12 BCR GR . -0.46 94.32 -0.37
C13 BCR GR . 0.86 94.83 -0.62
C14 BCR GR . 1.05 95.67 -1.64
C15 BCR GR . 2.17 96.57 -1.73
C16 BCR GR . 2.53 97.12 -2.89
C17 BCR GR . 2.96 98.49 -2.90
C18 BCR GR . 2.65 99.39 -3.83
C19 BCR GR . 3.57 100.49 -4.06
C20 BCR GR . 3.62 101.18 -5.20
C21 BCR GR . 4.82 101.90 -5.51
C22 BCR GR . 4.89 103.06 -6.17
C23 BCR GR . 6.21 103.62 -6.46
C24 BCR GR . 6.40 104.75 -7.12
C25 BCR GR . 7.31 105.83 -6.75
C26 BCR GR . 6.93 106.85 -5.99
C27 BCR GR . 7.76 108.00 -5.55
C28 BCR GR . 9.22 107.86 -5.96
C29 BCR GR . 9.35 107.14 -7.27
C30 BCR GR . 8.71 105.76 -7.25
C35 BCR GR . 1.89 94.68 0.43
C36 BCR GR . 1.67 99.07 -4.89
C37 BCR GR . 3.68 103.88 -6.39
C38 BCR GR . 5.55 107.00 -5.47
C39 BCR GR . 9.57 104.80 -6.44
C40 BCR GR . 8.76 105.28 -8.70
C1 BCR HR . -6.23 31.28 13.14
C2 BCR HR . -6.73 30.95 14.52
C3 BCR HR . -7.94 30.09 14.40
C4 BCR HR . -7.54 28.76 13.81
C5 BCR HR . -6.66 28.93 12.64
C6 BCR HR . -6.07 30.07 12.29
C7 BCR HR . -5.20 30.19 11.12
C8 BCR HR . -5.64 30.47 9.89
C9 BCR HR . -4.80 30.46 8.71
C10 BCR HR . -5.30 29.96 7.58
C11 BCR HR . -4.88 30.36 6.26
C33 BCR HR . -6.51 27.70 11.86
C31 BCR HR . -4.92 32.00 13.31
C32 BCR HR . -7.25 32.24 12.55
C34 BCR HR . -3.62 31.34 8.71
C12 BCR HR . -5.52 29.85 5.21
C13 BCR HR . -5.82 30.54 3.99
C14 BCR HR . -6.82 30.09 3.24
C15 BCR HR . -7.24 30.70 2.00
C16 BCR HR . -8.11 30.08 1.20
C17 BCR HR . -7.72 29.81 -0.16
C18 BCR HR . -8.57 29.44 -1.11
C19 BCR HR . -8.08 29.27 -2.47
C20 BCR HR . -8.90 28.99 -3.48
C21 BCR HR . -8.34 28.78 -4.78
C22 BCR HR . -8.98 28.28 -5.84
C23 BCR HR . -10.27 27.63 -5.66
C24 BCR HR . -10.90 27.03 -6.67
C25 BCR HR . -11.92 25.99 -6.57
C26 BCR HR . -11.62 24.70 -6.46
C27 BCR HR . -12.59 23.58 -6.38
C28 BCR HR . -13.98 24.08 -6.12
C29 BCR HR . -14.27 25.28 -6.96
C30 BCR HR . -13.35 26.42 -6.67
C35 BCR HR . -5.38 31.94 3.84
C36 BCR HR . -10.01 29.26 -0.86
C37 BCR HR . -8.34 28.26 -7.17
C38 BCR HR . -10.24 24.18 -6.38
C39 BCR HR . -13.77 27.16 -5.42
C40 BCR HR . -13.55 27.41 -7.82
MG CLA IR . -12.25 21.73 -2.95
CHA CLA IR . -13.26 18.75 -4.35
CHB CLA IR . -9.09 21.02 -3.86
CHC CLA IR . -11.40 24.85 -1.94
CHD CLA IR . -15.78 22.65 -2.67
NA CLA IR . -11.32 20.19 -3.97
C1A CLA IR . -11.79 19.08 -4.38
C2A CLA IR . -10.77 18.10 -4.91
C3A CLA IR . -9.48 18.86 -4.71
C4A CLA IR . -10.01 20.12 -4.12
CMA CLA IR . -8.68 18.16 -3.63
CAA CLA IR . -10.87 17.92 -6.42
CBA CLA IR . -11.22 19.21 -7.15
CGA CLA IR . -11.29 19.03 -8.64
O1A CLA IR . -10.26 18.95 -9.31
O2A CLA IR . -12.58 18.99 -9.28
NB CLA IR . -10.50 22.77 -2.90
C1B CLA IR . -9.31 22.35 -3.30
C2B CLA IR . -8.22 23.35 -3.16
C3B CLA IR . -8.94 24.49 -2.60
C4B CLA IR . -10.34 24.01 -2.47
CMB CLA IR . -6.78 23.29 -3.49
CAB CLA IR . -8.39 25.78 -2.22
CBB CLA IR . -8.27 26.07 -0.95
NC CLA IR . -13.36 23.36 -2.40
C1C CLA IR . -12.84 24.54 -2.07
C2C CLA IR . -13.80 25.62 -1.82
C3C CLA IR . -15.09 24.95 -2.03
C4C CLA IR . -14.69 23.58 -2.38
CMC CLA IR . -13.55 27.04 -1.44
CAC CLA IR . -16.47 25.50 -1.95
CBC CLA IR . -16.74 25.98 -3.35
ND CLA IR . -14.08 21.02 -3.42
C1D CLA IR . -15.45 21.33 -3.17
C2D CLA IR . -16.43 20.29 -3.45
C3D CLA IR . -15.52 19.22 -3.92
C4D CLA IR . -14.24 19.72 -3.87
CMD CLA IR . -17.92 20.20 -3.32
CAD CLA IR . -15.43 17.84 -4.44
OBD CLA IR . -16.43 17.07 -4.62
CBD CLA IR . -14.01 17.51 -4.69
CGD CLA IR . -13.68 16.36 -3.79
O1D CLA IR . -14.40 16.08 -2.86
O2D CLA IR . -12.53 15.52 -4.03
CED CLA IR . -12.59 14.14 -3.72
C1 CLA IR . -12.76 19.67 -10.51
C2 CLA IR . -12.46 21.12 -10.25
C3 CLA IR . -13.28 22.11 -10.61
C4 CLA IR . -14.58 21.84 -11.31
C5 CLA IR . -12.86 23.50 -10.28
C6 CLA IR . -13.68 24.59 -10.95
C7 CLA IR . -12.92 25.26 -12.08
C8 CLA IR . -11.48 25.56 -11.71
C9 CLA IR . -11.46 26.84 -10.89
C10 CLA IR . -10.64 25.69 -12.98
C11 CLA IR . -9.17 25.37 -12.70
C12 CLA IR . -8.30 26.60 -12.80
C13 CLA IR . -7.18 26.60 -11.77
C14 CLA IR . -7.78 26.47 -10.40
C15 CLA IR . -6.41 27.89 -11.84
C16 CLA IR . -4.91 27.67 -11.93
C17 CLA IR . -4.27 27.77 -10.56
C18 CLA IR . -3.03 28.64 -10.58
C19 CLA IR . -3.25 29.98 -11.26
C20 CLA IR . -1.88 27.88 -11.23
MG CLA JR . 0.84 20.08 0.01
CHA CLA JR . 2.15 16.94 0.41
CHB CLA JR . 3.57 21.31 1.52
CHC CLA JR . -0.26 23.14 -0.81
CHD CLA JR . -1.67 18.60 -2.24
NA CLA JR . 2.59 19.29 0.76
C1A CLA JR . 2.91 18.10 0.97
C2A CLA JR . 4.16 17.88 1.76
C3A CLA JR . 4.55 19.27 2.14
C4A CLA JR . 3.49 20.00 1.42
CMA CLA JR . 4.28 19.48 3.62
CAA CLA JR . 5.21 17.67 0.69
CBA CLA JR . 6.35 16.80 1.14
CGA CLA JR . 6.39 15.68 0.14
O1A CLA JR . 6.19 15.92 -1.04
O2A CLA JR . 6.62 14.32 0.60
NB CLA JR . 1.53 21.96 0.36
C1B CLA JR . 2.69 22.27 0.90
C2B CLA JR . 3.10 23.68 0.78
C3B CLA JR . 1.95 24.25 0.08
C4B CLA JR . 1.04 23.09 -0.12
CMB CLA JR . 4.36 24.34 1.27
CAB CLA JR . 1.78 25.66 -0.33
CBB CLA JR . 0.72 26.34 0.05
NC CLA JR . -0.68 20.70 -1.21
C1C CLA JR . -0.89 21.99 -1.45
C2C CLA JR . -1.88 22.24 -2.52
C3C CLA JR . -2.29 20.90 -2.95
C4C CLA JR . -1.48 20.04 -2.06
CMC CLA JR . -2.34 23.54 -3.05
CAC CLA JR . -3.28 20.51 -4.00
CBC CLA JR . -4.59 20.35 -3.31
ND CLA JR . 0.33 18.31 -0.82
C1D CLA JR . -0.72 17.73 -1.59
C2D CLA JR . -0.75 16.26 -1.64
C3D CLA JR . 0.43 15.97 -0.81
C4D CLA JR . 0.97 17.16 -0.41
CMD CLA JR . -1.62 15.19 -2.27
CAD CLA JR . 1.26 14.89 -0.27
OBD CLA JR . 1.05 13.65 -0.43
CBD CLA JR . 2.36 15.47 0.52
CGD CLA JR . 2.14 14.98 1.92
O1D CLA JR . 1.79 15.73 2.81
O2D CLA JR . 2.36 13.58 2.20
CED CLA JR . 2.69 13.19 3.53
C1 CLA JR . 6.78 13.25 -0.32
C2 CLA JR . 5.43 12.72 -0.77
C3 CLA JR . 4.72 11.85 -0.04
C4 CLA JR . 5.21 11.35 1.29
C5 CLA JR . 3.40 11.34 -0.57
C6 CLA JR . 3.15 9.88 -0.20
C7 CLA JR . 2.63 9.08 -1.40
C1 BCR KR . -8.77 7.37 9.23
C2 BCR KR . -9.27 7.04 10.62
C3 BCR KR . -10.71 7.41 10.88
C4 BCR KR . -11.06 8.76 10.31
C5 BCR KR . -10.76 8.75 8.87
C6 BCR KR . -9.72 8.11 8.34
C7 BCR KR . -9.47 8.08 6.89
C8 BCR KR . -8.79 9.04 6.25
C9 BCR KR . -7.66 8.82 5.37
C10 BCR KR . -7.38 9.75 4.46
C11 BCR KR . -6.23 9.73 3.59
C33 BCR KR . -11.76 9.47 8.07
C31 BCR KR . -8.38 6.05 8.61
C32 BCR KR . -7.49 8.17 9.45
C34 BCR KR . -6.64 7.83 5.78
C12 BCR KR . -5.97 10.83 2.88
C13 BCR KR . -5.48 10.85 1.52
C14 BCR KR . -5.93 11.81 0.71
C15 BCR KR . -5.33 12.16 -0.55
C16 BCR KR . -5.83 13.18 -1.26
C17 BCR KR . -5.02 13.84 -2.25
C18 BCR KR . -5.29 15.04 -2.78
C19 BCR KR . -4.71 15.38 -4.06
C20 BCR KR . -5.02 16.48 -4.75
C21 BCR KR . -4.12 16.89 -5.79
C22 BCR KR . -4.46 17.45 -6.96
C23 BCR KR . -3.40 17.78 -7.89
C24 BCR KR . -3.21 17.11 -9.03
C25 BCR KR . -2.94 17.65 -10.36
C26 BCR KR . -1.70 17.91 -10.77
C27 BCR KR . -1.34 18.43 -12.11
C28 BCR KR . -2.33 17.99 -13.14
C29 BCR KR . -3.71 18.36 -12.67
C30 BCR KR . -4.11 17.85 -11.29
C35 BCR KR . -4.77 9.68 0.99
C36 BCR KR . -6.13 16.02 -2.09
C37 BCR KR . -5.85 17.31 -7.46
C38 BCR KR . -0.50 17.71 -9.94
C39 BCR KR . -4.91 16.56 -11.37
C40 BCR KR . -5.08 18.91 -10.78
C1 BCR LR . -25.45 47.58 23.15
C2 BCR LR . -26.68 48.11 22.47
C3 BCR LR . -27.88 47.30 22.88
C4 BCR LR . -28.10 47.42 24.35
C5 BCR LR . -26.85 47.32 25.14
C6 BCR LR . -25.62 47.36 24.62
C7 BCR LR . -24.41 47.28 25.44
C8 BCR LR . -23.81 46.13 25.78
C9 BCR LR . -23.06 45.97 27.01
C10 BCR LR . -22.43 44.81 27.27
C11 BCR LR . -21.87 44.45 28.54
C33 BCR LR . -27.10 47.13 26.59
C31 BCR LR . -24.37 48.61 22.89
C32 BCR LR . -25.07 46.29 22.47
C34 BCR LR . -22.95 47.11 27.94
C12 BCR LR . -21.00 43.43 28.62
C13 BCR LR . -19.83 43.42 29.46
C14 BCR LR . -19.10 42.30 29.54
C15 BCR LR . -18.04 42.11 30.50
C16 BCR LR . -17.10 41.18 30.30
C17 BCR LR . -16.43 40.58 31.42
C18 BCR LR . -16.39 39.27 31.67
C19 BCR LR . -15.26 38.73 32.42
C20 BCR LR . -15.13 37.44 32.73
C21 BCR LR . -15.42 37.02 34.08
C22 BCR LR . -15.29 35.79 34.58
C23 BCR LR . -16.15 35.37 35.67
C24 BCR LR . -15.87 35.55 36.96
C25 BCR LR . -15.88 34.55 38.02
C26 BCR LR . -16.97 34.27 38.75
C27 BCR LR . -17.07 33.28 39.85
C28 BCR LR . -15.83 32.44 40.01
C29 BCR LR . -14.59 33.24 39.71
C30 BCR LR . -14.60 33.85 38.32
C35 BCR LR . -19.55 44.55 30.35
C36 BCR LR . -17.53 38.38 31.37
C37 BCR LR . -14.13 34.95 34.19
C38 BCR LR . -18.27 34.93 38.53
C39 BCR LR . -14.28 32.80 37.27
C40 BCR LR . -13.45 34.83 38.29
#